data_8GLT
#
_entry.id   8GLT
#
_cell.length_a   1.00
_cell.length_b   1.00
_cell.length_c   1.00
_cell.angle_alpha   90.00
_cell.angle_beta   90.00
_cell.angle_gamma   90.00
#
_symmetry.space_group_name_H-M   'P 1'
#
loop_
_entity.id
_entity.type
_entity.pdbx_description
1 polymer 'C3-comp_O32-15, polyalanine model'
2 polymer 'C2-chlorophyll-comp_O32-15_ctermHis, polyalanine model'
#
loop_
_entity_poly.entity_id
_entity_poly.type
_entity_poly.pdbx_seq_one_letter_code
_entity_poly.pdbx_strand_id
1 'polypeptide(L)'
;MSTKEKARQLAEEAKETAEKVGDPELIKLAEQASQEGDSEKAKAILLAAEAARVAKEVGAPDLIRLARIAARVGASEAAK
AILLAAEAARVAKEVGDPELERLALLAAVLGDSEKAKAILLAAEAARVAKEVGDPELIKLALEAAERGDSEKAKAILLAA
EAARVAKEVGDPELIKLALEAARRGDSEKAKAILLAAEAARVAKEVGDPELIKLALEAARRGDSRKAEAILLAAEAARIA
KEAGDPEARKKALEAARRGDRELATRILIEALLRLLKKSTAELKRATASLRAITEELKKNPSEDALVEHNRAIVEHNAII
VENNRIIAMVLEAIVRAI
;
0,2,4,6,8,A,AB,AC,AE,AF,AG,AH,C,E,G,I,K,M,O,Q,S,U,W,Y
2 'polypeptide(L)'
;MDEEFKFLATEAKMLITAAERLAGTDPRLQEMVALIKKELEQAERTFRNGDKSEAQRQLEFVLTAARAVMNVAAAANAAG
TDPLLKAMVDAILWRLKEAIRTFQNGDQEEAETQLRFVLRAAIAVAVVAAALVLAGTDPELQEMVEQIKDLLISAFMAGA
RGDKEKALTQLLFVAWAAHAVAMIAAAANLAGTDPRLQQQVKEILEKLKEAIETFQKGDEEQAFRQLAEVLAEAALVALR
AALTNLEHHHHHH
;
1,3,5,7,9,B,BA,BB,BC,BD,BE,BF,D,F,H,J,L,N,P,R,T,V,X,Z
#
# COMPACT_ATOMS: atom_id res chain seq x y z
N SER A 2 81.93 -56.01 51.78
CA SER A 2 82.90 -56.91 51.16
C SER A 2 84.01 -56.12 50.46
N THR A 3 83.92 -54.79 50.54
CA THR A 3 84.93 -53.95 49.90
C THR A 3 86.25 -53.99 50.66
N LYS A 4 86.21 -53.82 51.98
CA LYS A 4 87.43 -53.81 52.77
C LYS A 4 88.08 -55.19 52.80
N GLU A 5 87.26 -56.25 52.85
CA GLU A 5 87.82 -57.60 52.86
C GLU A 5 88.48 -57.93 51.53
N LYS A 6 87.82 -57.62 50.41
CA LYS A 6 88.42 -57.82 49.10
C LYS A 6 89.67 -56.98 48.94
N ALA A 7 89.67 -55.77 49.51
CA ALA A 7 90.85 -54.93 49.47
C ALA A 7 92.01 -55.56 50.21
N ARG A 8 91.77 -56.01 51.45
CA ARG A 8 92.83 -56.64 52.23
C ARG A 8 93.35 -57.89 51.53
N GLN A 9 92.46 -58.68 50.93
CA GLN A 9 92.89 -59.90 50.26
C GLN A 9 93.71 -59.60 49.01
N LEU A 10 93.20 -58.75 48.12
CA LEU A 10 93.94 -58.42 46.90
C LEU A 10 95.24 -57.70 47.23
N ALA A 11 95.29 -56.97 48.35
CA ALA A 11 96.52 -56.28 48.71
C ALA A 11 97.53 -57.23 49.33
N GLU A 12 97.06 -58.23 50.09
CA GLU A 12 97.96 -59.27 50.56
C GLU A 12 98.55 -60.05 49.39
N GLU A 13 97.71 -60.38 48.40
CA GLU A 13 98.22 -61.02 47.19
C GLU A 13 99.18 -60.09 46.44
N ALA A 14 98.90 -58.79 46.46
CA ALA A 14 99.80 -57.82 45.85
C ALA A 14 101.16 -57.84 46.52
N LYS A 15 101.18 -57.83 47.84
CA LYS A 15 102.44 -57.85 48.58
C LYS A 15 103.19 -59.16 48.34
N GLU A 16 102.46 -60.27 48.27
CA GLU A 16 103.10 -61.56 48.02
C GLU A 16 103.72 -61.61 46.63
N THR A 17 102.98 -61.21 45.61
CA THR A 17 103.51 -61.20 44.25
C THR A 17 104.61 -60.16 44.10
N ALA A 18 104.61 -59.14 44.96
CA ALA A 18 105.69 -58.16 44.93
C ALA A 18 106.96 -58.73 45.51
N GLU A 19 106.86 -59.38 46.67
CA GLU A 19 108.01 -60.05 47.26
C GLU A 19 108.54 -61.15 46.33
N LYS A 20 107.64 -61.82 45.62
CA LYS A 20 108.07 -62.81 44.63
C LYS A 20 108.70 -62.14 43.42
N VAL A 21 108.22 -60.96 43.05
CA VAL A 21 108.80 -60.17 41.96
C VAL A 21 110.14 -59.58 42.39
N GLY A 22 110.34 -59.43 43.69
CA GLY A 22 111.55 -58.82 44.21
C GLY A 22 111.30 -57.42 44.71
N ASP A 23 110.04 -57.10 45.01
CA ASP A 23 109.65 -55.75 45.41
C ASP A 23 109.14 -55.77 46.83
N PRO A 24 109.94 -55.34 47.81
CA PRO A 24 109.41 -55.18 49.16
C PRO A 24 108.72 -53.83 49.31
N GLU A 25 109.09 -52.89 48.44
CA GLU A 25 108.42 -51.60 48.41
C GLU A 25 106.99 -51.75 47.91
N LEU A 26 106.78 -52.50 46.84
CA LEU A 26 105.42 -52.78 46.39
C LEU A 26 104.68 -53.64 47.41
N ILE A 27 105.41 -54.47 48.15
CA ILE A 27 104.78 -55.24 49.22
C ILE A 27 104.26 -54.33 50.32
N LYS A 28 105.05 -53.31 50.69
CA LYS A 28 104.60 -52.37 51.71
C LYS A 28 103.47 -51.49 51.21
N LEU A 29 103.54 -51.06 49.94
CA LEU A 29 102.43 -50.31 49.35
C LEU A 29 101.16 -51.15 49.32
N ALA A 30 101.30 -52.46 49.11
CA ALA A 30 100.16 -53.35 49.15
C ALA A 30 99.62 -53.49 50.56
N GLU A 31 100.50 -53.62 51.54
CA GLU A 31 100.05 -53.63 52.94
C GLU A 31 99.30 -52.35 53.27
N GLN A 32 99.75 -51.23 52.71
CA GLN A 32 99.05 -49.97 52.92
C GLN A 32 97.70 -49.95 52.22
N ALA A 33 97.62 -50.53 51.03
CA ALA A 33 96.33 -50.64 50.33
C ALA A 33 95.36 -51.52 51.12
N SER A 34 95.88 -52.54 51.80
CA SER A 34 95.03 -53.37 52.65
C SER A 34 94.57 -52.59 53.88
N GLN A 35 95.50 -51.90 54.54
CA GLN A 35 95.15 -51.13 55.73
C GLN A 35 94.15 -50.02 55.42
N GLU A 36 94.25 -49.43 54.23
CA GLU A 36 93.31 -48.38 53.84
C GLU A 36 91.98 -48.96 53.40
N GLY A 37 91.98 -50.17 52.88
CA GLY A 37 90.78 -50.80 52.39
C GLY A 37 90.38 -50.44 50.97
N ASP A 38 91.34 -50.18 50.10
CA ASP A 38 91.08 -49.83 48.71
C ASP A 38 91.29 -51.06 47.83
N SER A 39 90.19 -51.68 47.41
CA SER A 39 90.28 -52.84 46.53
C SER A 39 90.87 -52.44 45.17
N GLU A 40 90.60 -51.22 44.73
CA GLU A 40 91.21 -50.73 43.51
C GLU A 40 92.73 -50.63 43.66
N LYS A 41 93.20 -49.99 44.73
CA LYS A 41 94.64 -49.89 44.97
C LYS A 41 95.24 -51.27 45.25
N ALA A 42 94.47 -52.16 45.87
CA ALA A 42 94.96 -53.50 46.14
C ALA A 42 95.19 -54.27 44.84
N LYS A 43 94.18 -54.30 43.97
CA LYS A 43 94.34 -54.97 42.68
C LYS A 43 95.38 -54.26 41.83
N ALA A 44 95.54 -52.95 42.01
CA ALA A 44 96.59 -52.22 41.30
C ALA A 44 97.96 -52.70 41.72
N ILE A 45 98.20 -52.79 43.04
CA ILE A 45 99.48 -53.28 43.52
C ILE A 45 99.67 -54.74 43.12
N LEU A 46 98.58 -55.50 43.00
CA LEU A 46 98.69 -56.89 42.58
C LEU A 46 99.10 -57.01 41.12
N LEU A 47 98.44 -56.26 40.25
CA LEU A 47 98.82 -56.26 38.83
C LEU A 47 100.21 -55.70 38.64
N ALA A 48 100.62 -54.72 39.46
CA ALA A 48 101.97 -54.18 39.36
C ALA A 48 102.99 -55.18 39.85
N ALA A 49 102.66 -55.96 40.88
CA ALA A 49 103.56 -57.00 41.36
C ALA A 49 103.71 -58.10 40.32
N GLU A 50 102.61 -58.49 39.68
CA GLU A 50 102.70 -59.44 38.58
C GLU A 50 103.50 -58.86 37.42
N ALA A 51 103.35 -57.57 37.17
CA ALA A 51 104.14 -56.90 36.14
C ALA A 51 105.62 -56.97 36.46
N ALA A 52 105.98 -56.70 37.71
CA ALA A 52 107.38 -56.76 38.12
C ALA A 52 107.92 -58.18 38.05
N ARG A 53 107.07 -59.17 38.35
CA ARG A 53 107.50 -60.55 38.21
C ARG A 53 107.76 -60.90 36.75
N VAL A 54 106.82 -60.54 35.86
CA VAL A 54 107.00 -60.83 34.45
C VAL A 54 108.16 -60.04 33.88
N ALA A 55 108.48 -58.89 34.48
CA ALA A 55 109.62 -58.11 34.04
C ALA A 55 110.93 -58.74 34.49
N LYS A 56 111.01 -59.14 35.76
CA LYS A 56 112.17 -59.88 36.24
C LYS A 56 112.37 -61.15 35.41
N GLU A 57 111.27 -61.73 34.92
CA GLU A 57 111.38 -62.82 33.96
C GLU A 57 111.87 -62.33 32.61
N VAL A 58 111.51 -61.11 32.22
CA VAL A 58 111.93 -60.54 30.95
C VAL A 58 113.26 -59.81 31.08
N GLY A 59 113.36 -58.88 32.03
CA GLY A 59 114.61 -58.21 32.30
C GLY A 59 114.66 -56.73 31.94
N ALA A 60 113.56 -56.02 32.13
CA ALA A 60 113.51 -54.59 31.84
C ALA A 60 113.29 -53.79 33.11
N PRO A 61 114.28 -53.05 33.60
CA PRO A 61 114.06 -52.26 34.82
C PRO A 61 113.15 -51.06 34.61
N ASP A 62 112.92 -50.66 33.37
CA ASP A 62 111.99 -49.56 33.10
C ASP A 62 110.58 -49.92 33.55
N LEU A 63 110.03 -51.01 33.02
CA LEU A 63 108.71 -51.45 33.45
C LEU A 63 108.73 -51.88 34.91
N ILE A 64 109.89 -52.31 35.42
CA ILE A 64 109.99 -52.68 36.83
C ILE A 64 109.74 -51.47 37.72
N ARG A 65 110.48 -50.39 37.49
CA ARG A 65 110.25 -49.17 38.26
C ARG A 65 108.88 -48.59 37.97
N LEU A 66 108.38 -48.79 36.75
CA LEU A 66 107.03 -48.33 36.42
C LEU A 66 105.98 -49.01 37.29
N ALA A 67 106.07 -50.34 37.41
CA ALA A 67 105.14 -51.07 38.27
C ALA A 67 105.38 -50.73 39.73
N ARG A 68 106.63 -50.47 40.12
CA ARG A 68 106.91 -50.06 41.49
C ARG A 68 106.19 -48.76 41.82
N ILE A 69 106.28 -47.77 40.92
CA ILE A 69 105.60 -46.51 41.16
C ILE A 69 104.09 -46.67 41.08
N ALA A 70 103.61 -47.53 40.18
CA ALA A 70 102.17 -47.75 40.06
C ALA A 70 101.62 -48.38 41.33
N ALA A 71 102.39 -49.28 41.96
CA ALA A 71 101.96 -49.87 43.23
C ALA A 71 102.06 -48.86 44.37
N ARG A 72 103.13 -48.06 44.37
CA ARG A 72 103.26 -47.02 45.39
C ARG A 72 102.12 -46.01 45.30
N VAL A 73 101.60 -45.77 44.09
CA VAL A 73 100.49 -44.84 43.94
C VAL A 73 99.16 -45.58 43.97
N GLY A 74 99.11 -46.78 43.40
CA GLY A 74 97.87 -47.52 43.33
C GLY A 74 97.15 -47.32 42.01
N ALA A 75 97.91 -47.32 40.92
CA ALA A 75 97.37 -47.10 39.57
C ALA A 75 97.05 -48.44 38.94
N SER A 76 95.76 -48.74 38.80
CA SER A 76 95.34 -50.03 38.24
C SER A 76 95.58 -50.08 36.73
N GLU A 77 95.26 -49.00 36.02
CA GLU A 77 95.50 -48.96 34.59
C GLU A 77 96.99 -49.06 34.27
N ALA A 78 97.81 -48.31 35.01
CA ALA A 78 99.25 -48.37 34.81
C ALA A 78 99.82 -49.74 35.18
N ALA A 79 99.26 -50.37 36.22
CA ALA A 79 99.74 -51.68 36.60
C ALA A 79 99.38 -52.73 35.56
N LYS A 80 98.15 -52.69 35.03
CA LYS A 80 97.76 -53.62 33.97
C LYS A 80 98.57 -53.35 32.71
N ALA A 81 98.86 -52.09 32.42
CA ALA A 81 99.71 -51.75 31.29
C ALA A 81 101.11 -52.31 31.48
N ILE A 82 101.66 -52.20 32.70
CA ILE A 82 102.98 -52.72 32.97
C ILE A 82 103.00 -54.24 32.87
N LEU A 83 101.90 -54.89 33.27
CA LEU A 83 101.83 -56.35 33.19
C LEU A 83 101.77 -56.81 31.74
N LEU A 84 100.86 -56.23 30.96
CA LEU A 84 100.77 -56.58 29.54
C LEU A 84 102.04 -56.18 28.81
N ALA A 85 102.73 -55.14 29.27
CA ALA A 85 103.96 -54.71 28.63
C ALA A 85 105.12 -55.64 29.00
N ALA A 86 105.11 -56.20 30.21
CA ALA A 86 106.11 -57.21 30.56
C ALA A 86 105.86 -58.49 29.79
N GLU A 87 104.59 -58.83 29.57
CA GLU A 87 104.27 -59.94 28.66
C GLU A 87 104.76 -59.64 27.25
N ALA A 88 104.56 -58.41 26.79
CA ALA A 88 105.06 -57.99 25.49
C ALA A 88 106.57 -58.07 25.43
N ALA A 89 107.24 -57.74 26.54
CA ALA A 89 108.70 -57.77 26.58
C ALA A 89 109.22 -59.20 26.55
N ARG A 90 108.53 -60.10 27.24
CA ARG A 90 108.88 -61.51 27.13
C ARG A 90 108.67 -62.02 25.70
N VAL A 91 107.53 -61.65 25.10
CA VAL A 91 107.23 -62.09 23.74
C VAL A 91 108.23 -61.50 22.75
N ALA A 92 108.73 -60.30 23.05
CA ALA A 92 109.70 -59.65 22.16
C ALA A 92 111.08 -60.27 22.33
N LYS A 93 111.49 -60.54 23.58
CA LYS A 93 112.73 -61.27 23.81
C LYS A 93 112.68 -62.63 23.13
N GLU A 94 111.49 -63.23 23.05
CA GLU A 94 111.32 -64.43 22.25
C GLU A 94 111.37 -64.10 20.75
N VAL A 95 110.95 -62.90 20.37
CA VAL A 95 110.94 -62.52 18.96
C VAL A 95 112.24 -61.81 18.59
N GLY A 96 112.52 -60.68 19.23
CA GLY A 96 113.75 -59.95 18.98
C GLY A 96 113.58 -58.62 18.27
N ASP A 97 112.50 -57.91 18.57
CA ASP A 97 112.22 -56.62 17.95
C ASP A 97 112.44 -55.49 18.96
N PRO A 98 113.40 -54.60 18.73
CA PRO A 98 113.63 -53.51 19.71
C PRO A 98 112.59 -52.41 19.63
N GLU A 99 112.03 -52.13 18.45
CA GLU A 99 110.95 -51.17 18.37
C GLU A 99 109.72 -51.67 19.13
N LEU A 100 109.50 -52.98 19.12
CA LEU A 100 108.44 -53.55 19.93
C LEU A 100 108.70 -53.33 21.42
N GLU A 101 109.95 -53.50 21.85
CA GLU A 101 110.29 -53.24 23.25
C GLU A 101 110.08 -51.78 23.60
N ARG A 102 110.45 -50.88 22.69
CA ARG A 102 110.21 -49.46 22.92
C ARG A 102 108.73 -49.16 23.04
N LEU A 103 107.92 -49.73 22.15
CA LEU A 103 106.48 -49.51 22.20
C LEU A 103 105.88 -50.08 23.47
N ALA A 104 106.38 -51.23 23.92
CA ALA A 104 105.87 -51.84 25.15
C ALA A 104 106.22 -50.99 26.36
N LEU A 105 107.47 -50.52 26.44
CA LEU A 105 107.87 -49.65 27.53
C LEU A 105 107.08 -48.34 27.50
N LEU A 106 106.77 -47.85 26.29
CA LEU A 106 105.99 -46.62 26.18
C LEU A 106 104.55 -46.84 26.62
N ALA A 107 103.99 -48.01 26.32
CA ALA A 107 102.65 -48.32 26.79
C ALA A 107 102.63 -48.48 28.31
N ALA A 108 103.70 -49.05 28.87
CA ALA A 108 103.78 -49.17 30.32
C ALA A 108 103.91 -47.81 30.98
N VAL A 109 104.68 -46.90 30.38
CA VAL A 109 104.87 -45.58 30.96
C VAL A 109 103.61 -44.73 30.81
N LEU A 110 102.99 -44.74 29.63
CA LEU A 110 101.74 -44.02 29.44
C LEU A 110 100.61 -44.68 30.20
N GLY A 111 100.83 -45.90 30.68
CA GLY A 111 99.81 -46.63 31.40
C GLY A 111 98.66 -47.09 30.54
N ASP A 112 98.82 -47.06 29.22
CA ASP A 112 97.77 -47.43 28.29
C ASP A 112 97.72 -48.95 28.20
N SER A 113 96.83 -49.56 28.98
CA SER A 113 96.68 -51.02 28.94
C SER A 113 96.22 -51.48 27.56
N GLU A 114 95.48 -50.63 26.84
CA GLU A 114 95.16 -50.95 25.45
C GLU A 114 96.41 -50.99 24.60
N LYS A 115 97.29 -49.98 24.73
CA LYS A 115 98.54 -49.99 24.00
C LYS A 115 99.46 -51.10 24.50
N ALA A 116 99.33 -51.49 25.77
CA ALA A 116 100.14 -52.58 26.30
C ALA A 116 99.72 -53.93 25.71
N LYS A 117 98.41 -54.17 25.64
CA LYS A 117 97.92 -55.37 24.96
C LYS A 117 98.25 -55.30 23.47
N ALA A 118 98.26 -54.10 22.89
CA ALA A 118 98.70 -53.94 21.52
C ALA A 118 100.16 -54.36 21.36
N ILE A 119 101.02 -53.97 22.30
CA ILE A 119 102.43 -54.33 22.22
C ILE A 119 102.59 -55.84 22.42
N LEU A 120 101.79 -56.43 23.30
CA LEU A 120 101.85 -57.88 23.50
C LEU A 120 101.45 -58.62 22.22
N LEU A 121 100.32 -58.24 21.63
CA LEU A 121 99.86 -58.87 20.40
C LEU A 121 100.81 -58.58 19.25
N ALA A 122 101.49 -57.42 19.27
CA ALA A 122 102.41 -57.09 18.20
C ALA A 122 103.72 -57.87 18.33
N ALA A 123 104.18 -58.10 19.57
CA ALA A 123 105.33 -58.96 19.78
C ALA A 123 105.00 -60.39 19.38
N GLU A 124 103.80 -60.85 19.73
CA GLU A 124 103.37 -62.17 19.28
C GLU A 124 103.28 -62.22 17.75
N ALA A 125 102.79 -61.15 17.13
CA ALA A 125 102.69 -61.10 15.68
C ALA A 125 104.07 -61.13 15.04
N ALA A 126 105.03 -60.40 15.60
CA ALA A 126 106.39 -60.41 15.08
C ALA A 126 107.02 -61.78 15.24
N ARG A 127 106.78 -62.44 16.37
CA ARG A 127 107.30 -63.79 16.55
C ARG A 127 106.68 -64.76 15.55
N VAL A 128 105.37 -64.67 15.36
CA VAL A 128 104.69 -65.57 14.43
C VAL A 128 105.11 -65.29 13.00
N ALA A 129 105.42 -64.03 12.68
CA ALA A 129 105.88 -63.69 11.35
C ALA A 129 107.30 -64.18 11.11
N LYS A 130 108.18 -64.02 12.10
CA LYS A 130 109.53 -64.55 11.99
C LYS A 130 109.52 -66.06 11.87
N GLU A 131 108.58 -66.72 12.57
CA GLU A 131 108.46 -68.17 12.45
C GLU A 131 107.89 -68.57 11.10
N VAL A 132 106.94 -67.80 10.57
CA VAL A 132 106.33 -68.10 9.29
C VAL A 132 107.15 -67.53 8.14
N GLY A 133 107.73 -66.34 8.33
CA GLY A 133 108.49 -65.70 7.28
C GLY A 133 107.67 -64.65 6.56
N ASP A 134 106.65 -64.13 7.23
CA ASP A 134 105.72 -63.19 6.61
C ASP A 134 106.19 -61.77 6.89
N PRO A 135 106.86 -61.11 5.94
CA PRO A 135 107.31 -59.72 6.21
C PRO A 135 106.18 -58.72 6.29
N GLU A 136 105.07 -58.94 5.58
CA GLU A 136 103.92 -58.06 5.73
C GLU A 136 103.35 -58.16 7.13
N LEU A 137 103.34 -59.36 7.71
CA LEU A 137 102.85 -59.52 9.07
C LEU A 137 103.75 -58.81 10.08
N ILE A 138 105.07 -58.91 9.91
CA ILE A 138 105.99 -58.24 10.80
C ILE A 138 105.87 -56.72 10.65
N LYS A 139 105.67 -56.25 9.42
CA LYS A 139 105.48 -54.82 9.19
C LYS A 139 104.20 -54.33 9.85
N LEU A 140 103.11 -55.08 9.72
CA LEU A 140 101.87 -54.70 10.38
C LEU A 140 102.02 -54.74 11.90
N ALA A 141 102.77 -55.70 12.41
CA ALA A 141 103.02 -55.77 13.85
C ALA A 141 103.79 -54.55 14.34
N LEU A 142 104.85 -54.16 13.61
CA LEU A 142 105.61 -52.98 14.00
C LEU A 142 104.75 -51.72 13.89
N GLU A 143 103.90 -51.64 12.86
CA GLU A 143 103.04 -50.48 12.70
C GLU A 143 102.03 -50.40 13.85
N ALA A 144 101.50 -51.54 14.27
CA ALA A 144 100.56 -51.56 15.39
C ALA A 144 101.26 -51.21 16.70
N ALA A 145 102.50 -51.68 16.88
CA ALA A 145 103.25 -51.36 18.09
C ALA A 145 103.54 -49.87 18.16
N GLU A 146 103.95 -49.27 17.05
CA GLU A 146 104.16 -47.82 17.01
C GLU A 146 102.85 -47.08 17.20
N ARG A 147 101.75 -47.63 16.68
CA ARG A 147 100.45 -46.98 16.81
C ARG A 147 99.76 -47.33 18.13
N GLY A 148 99.99 -48.54 18.63
CA GLY A 148 99.35 -48.96 19.86
C GLY A 148 97.96 -49.52 19.64
N ASP A 149 97.74 -50.10 18.47
CA ASP A 149 96.45 -50.64 18.07
C ASP A 149 96.41 -52.13 18.37
N SER A 150 95.65 -52.51 19.40
CA SER A 150 95.55 -53.92 19.77
C SER A 150 94.83 -54.72 18.69
N GLU A 151 93.83 -54.11 18.04
CA GLU A 151 93.14 -54.80 16.93
C GLU A 151 94.10 -55.05 15.78
N LYS A 152 94.91 -54.06 15.41
CA LYS A 152 95.85 -54.24 14.32
C LYS A 152 96.95 -55.24 14.67
N ALA A 153 97.40 -55.23 15.92
CA ALA A 153 98.43 -56.19 16.33
C ALA A 153 97.89 -57.60 16.36
N LYS A 154 96.67 -57.78 16.87
CA LYS A 154 96.04 -59.09 16.84
C LYS A 154 95.78 -59.54 15.41
N ALA A 155 95.45 -58.60 14.53
CA ALA A 155 95.27 -58.94 13.11
C ALA A 155 96.59 -59.38 12.49
N ILE A 156 97.68 -58.69 12.83
CA ILE A 156 98.99 -59.09 12.31
C ILE A 156 99.37 -60.47 12.84
N LEU A 157 99.04 -60.76 14.10
CA LEU A 157 99.33 -62.07 14.66
C LEU A 157 98.52 -63.16 13.97
N LEU A 158 97.21 -62.92 13.81
CA LEU A 158 96.36 -63.90 13.14
C LEU A 158 96.75 -64.06 11.68
N ALA A 159 97.23 -63.00 11.04
CA ALA A 159 97.67 -63.09 9.65
C ALA A 159 98.98 -63.85 9.53
N ALA A 160 99.90 -63.66 10.47
CA ALA A 160 101.12 -64.45 10.49
C ALA A 160 100.80 -65.92 10.73
N GLU A 161 99.85 -66.20 11.63
CA GLU A 161 99.43 -67.58 11.86
C GLU A 161 98.76 -68.18 10.63
N ALA A 162 97.94 -67.39 9.94
CA ALA A 162 97.29 -67.85 8.72
C ALA A 162 98.32 -68.11 7.63
N ALA A 163 99.33 -67.26 7.53
CA ALA A 163 100.39 -67.46 6.56
C ALA A 163 101.21 -68.70 6.89
N ARG A 164 101.44 -68.95 8.19
CA ARG A 164 102.13 -70.16 8.60
C ARG A 164 101.31 -71.40 8.23
N VAL A 165 100.01 -71.38 8.51
CA VAL A 165 99.15 -72.51 8.18
C VAL A 165 99.07 -72.70 6.67
N ALA A 166 99.13 -71.60 5.91
CA ALA A 166 99.10 -71.70 4.46
C ALA A 166 100.39 -72.28 3.91
N LYS A 167 101.54 -71.82 4.42
CA LYS A 167 102.82 -72.35 3.97
C LYS A 167 102.96 -73.82 4.35
N GLU A 168 102.46 -74.20 5.53
CA GLU A 168 102.46 -75.60 5.90
C GLU A 168 101.49 -76.41 5.06
N VAL A 169 100.39 -75.79 4.63
CA VAL A 169 99.43 -76.45 3.75
C VAL A 169 99.85 -76.32 2.29
N GLY A 170 100.40 -75.16 1.93
CA GLY A 170 100.77 -74.89 0.55
C GLY A 170 99.68 -74.12 -0.16
N ASP A 171 98.86 -73.42 0.62
CA ASP A 171 97.71 -72.70 0.08
C ASP A 171 98.10 -71.26 -0.18
N PRO A 172 98.55 -70.91 -1.39
CA PRO A 172 98.90 -69.51 -1.67
C PRO A 172 97.70 -68.59 -1.65
N GLU A 173 96.49 -69.09 -1.90
CA GLU A 173 95.30 -68.28 -1.71
C GLU A 173 95.13 -67.91 -0.24
N LEU A 174 95.39 -68.87 0.66
CA LEU A 174 95.29 -68.57 2.08
C LEU A 174 96.38 -67.60 2.52
N ILE A 175 97.59 -67.74 1.97
CA ILE A 175 98.66 -66.81 2.30
C ILE A 175 98.32 -65.42 1.79
N LYS A 176 97.73 -65.33 0.60
CA LYS A 176 97.32 -64.04 0.06
C LYS A 176 96.21 -63.41 0.90
N LEU A 177 95.25 -64.22 1.35
CA LEU A 177 94.20 -63.71 2.21
C LEU A 177 94.78 -63.22 3.54
N ALA A 178 95.78 -63.94 4.06
CA ALA A 178 96.43 -63.51 5.30
C ALA A 178 97.16 -62.20 5.11
N LEU A 179 97.87 -62.04 3.99
CA LEU A 179 98.56 -60.78 3.72
C LEU A 179 97.55 -59.64 3.54
N GLU A 180 96.43 -59.93 2.87
CA GLU A 180 95.40 -58.91 2.68
C GLU A 180 94.76 -58.51 3.99
N ALA A 181 94.56 -59.47 4.90
CA ALA A 181 94.02 -59.15 6.21
C ALA A 181 95.02 -58.37 7.05
N ALA A 182 96.31 -58.70 6.93
CA ALA A 182 97.33 -57.94 7.63
C ALA A 182 97.39 -56.51 7.13
N ARG A 183 97.32 -56.31 5.82
CA ARG A 183 97.27 -54.96 5.27
C ARG A 183 95.99 -54.25 5.67
N ARG A 184 94.88 -54.98 5.78
CA ARG A 184 93.61 -54.39 6.19
C ARG A 184 93.51 -54.28 7.70
N GLY A 185 94.25 -55.11 8.44
CA GLY A 185 94.17 -55.09 9.88
C GLY A 185 92.91 -55.78 10.37
N ASP A 186 92.36 -56.67 9.55
CA ASP A 186 91.14 -57.41 9.88
C ASP A 186 91.54 -58.73 10.53
N SER A 187 91.50 -58.77 11.86
CA SER A 187 91.79 -60.01 12.57
C SER A 187 90.77 -61.09 12.23
N GLU A 188 89.53 -60.69 11.93
CA GLU A 188 88.52 -61.66 11.52
C GLU A 188 88.89 -62.31 10.20
N LYS A 189 89.29 -61.50 9.22
CA LYS A 189 89.70 -62.05 7.93
C LYS A 189 90.96 -62.91 8.07
N ALA A 190 91.88 -62.51 8.94
CA ALA A 190 93.09 -63.28 9.13
C ALA A 190 92.80 -64.62 9.81
N LYS A 191 91.89 -64.62 10.78
CA LYS A 191 91.49 -65.88 11.41
C LYS A 191 90.73 -66.77 10.43
N ALA A 192 89.91 -66.16 9.56
CA ALA A 192 89.25 -66.92 8.52
C ALA A 192 90.26 -67.53 7.56
N ILE A 193 91.33 -66.79 7.26
CA ILE A 193 92.38 -67.32 6.39
C ILE A 193 93.12 -68.46 7.09
N LEU A 194 93.31 -68.34 8.40
CA LEU A 194 93.96 -69.42 9.15
C LEU A 194 93.10 -70.67 9.15
N LEU A 195 91.81 -70.52 9.45
CA LEU A 195 90.90 -71.66 9.42
C LEU A 195 90.79 -72.26 8.03
N ALA A 196 90.83 -71.42 6.99
CA ALA A 196 90.77 -71.92 5.63
C ALA A 196 92.04 -72.66 5.25
N ALA A 197 93.20 -72.17 5.71
CA ALA A 197 94.45 -72.88 5.46
C ALA A 197 94.47 -74.21 6.19
N GLU A 198 93.92 -74.26 7.41
CA GLU A 198 93.82 -75.52 8.12
C GLU A 198 92.89 -76.49 7.41
N ALA A 199 91.74 -75.99 6.93
CA ALA A 199 90.81 -76.84 6.20
C ALA A 199 91.42 -77.34 4.90
N ALA A 200 92.20 -76.49 4.22
CA ALA A 200 92.87 -76.91 2.99
C ALA A 200 93.97 -77.92 3.28
N ARG A 201 94.67 -77.76 4.41
CA ARG A 201 95.66 -78.75 4.81
C ARG A 201 95.00 -80.09 5.08
N VAL A 202 93.85 -80.09 5.75
CA VAL A 202 93.14 -81.34 6.02
C VAL A 202 92.63 -81.94 4.72
N ALA A 203 92.18 -81.10 3.79
CA ALA A 203 91.71 -81.61 2.50
C ALA A 203 92.83 -82.22 1.70
N LYS A 204 94.01 -81.60 1.72
CA LYS A 204 95.16 -82.15 1.01
C LYS A 204 95.64 -83.44 1.66
N GLU A 205 95.64 -83.49 3.00
CA GLU A 205 96.08 -84.71 3.68
C GLU A 205 95.09 -85.85 3.48
N VAL A 206 93.80 -85.54 3.36
CA VAL A 206 92.79 -86.55 3.09
C VAL A 206 92.63 -86.79 1.60
N GLY A 207 92.48 -85.72 0.82
CA GLY A 207 92.27 -85.86 -0.61
C GLY A 207 90.91 -85.34 -1.02
N ASP A 208 90.37 -84.39 -0.24
CA ASP A 208 89.05 -83.83 -0.51
C ASP A 208 89.22 -82.54 -1.29
N PRO A 209 89.31 -82.61 -2.62
CA PRO A 209 89.49 -81.37 -3.41
C PRO A 209 88.32 -80.41 -3.30
N GLU A 210 87.10 -80.91 -3.08
CA GLU A 210 85.99 -79.99 -2.83
C GLU A 210 86.17 -79.27 -1.51
N LEU A 211 86.74 -79.94 -0.51
CA LEU A 211 87.02 -79.28 0.76
C LEU A 211 88.09 -78.22 0.61
N ILE A 212 89.17 -78.52 -0.13
CA ILE A 212 90.20 -77.52 -0.37
C ILE A 212 89.63 -76.35 -1.18
N LYS A 213 88.71 -76.65 -2.09
CA LYS A 213 88.09 -75.60 -2.88
C LYS A 213 87.22 -74.70 -2.01
N LEU A 214 86.43 -75.28 -1.12
CA LEU A 214 85.63 -74.49 -0.20
C LEU A 214 86.52 -73.68 0.74
N ALA A 215 87.67 -74.25 1.13
CA ALA A 215 88.60 -73.52 1.98
C ALA A 215 89.18 -72.33 1.25
N LEU A 216 89.58 -72.51 -0.02
CA LEU A 216 90.08 -71.38 -0.80
C LEU A 216 88.99 -70.34 -1.01
N GLU A 217 87.74 -70.78 -1.23
CA GLU A 217 86.64 -69.84 -1.41
C GLU A 217 86.39 -69.04 -0.14
N ALA A 218 86.47 -69.70 1.02
CA ALA A 218 86.30 -68.99 2.28
C ALA A 218 87.45 -68.04 2.54
N ALA A 219 88.67 -68.44 2.17
CA ALA A 219 89.82 -67.56 2.32
C ALA A 219 89.68 -66.31 1.44
N ARG A 220 89.21 -66.50 0.22
CA ARG A 220 88.91 -65.36 -0.64
C ARG A 220 87.76 -64.52 -0.09
N ARG A 221 86.82 -65.16 0.59
CA ARG A 221 85.68 -64.44 1.17
C ARG A 221 86.01 -63.89 2.55
N GLY A 222 86.64 -64.70 3.39
CA GLY A 222 86.97 -64.28 4.75
C GLY A 222 85.92 -64.66 5.76
N ASP A 223 85.26 -65.80 5.55
CA ASP A 223 84.20 -66.28 6.43
C ASP A 223 84.80 -67.30 7.40
N SER A 224 85.07 -66.85 8.63
CA SER A 224 85.64 -67.75 9.63
C SER A 224 84.65 -68.85 10.01
N ARG A 225 83.35 -68.54 9.97
CA ARG A 225 82.35 -69.57 10.27
C ARG A 225 82.33 -70.65 9.20
N LYS A 226 82.28 -70.25 7.92
CA LYS A 226 82.30 -71.23 6.85
C LYS A 226 83.62 -71.97 6.81
N ALA A 227 84.73 -71.28 7.09
CA ALA A 227 86.02 -71.94 7.09
C ALA A 227 86.13 -72.95 8.23
N GLU A 228 85.60 -72.61 9.41
CA GLU A 228 85.59 -73.55 10.52
C GLU A 228 84.69 -74.73 10.24
N ALA A 229 83.56 -74.49 9.58
CA ALA A 229 82.68 -75.59 9.19
C ALA A 229 83.37 -76.51 8.18
N ILE A 230 84.11 -75.92 7.25
CA ILE A 230 84.84 -76.71 6.27
C ILE A 230 85.95 -77.51 6.95
N LEU A 231 86.60 -76.93 7.95
CA LEU A 231 87.62 -77.65 8.70
C LEU A 231 87.02 -78.80 9.50
N LEU A 232 85.85 -78.55 10.12
CA LEU A 232 85.17 -79.62 10.85
C LEU A 232 84.74 -80.74 9.92
N ALA A 233 84.22 -80.38 8.73
CA ALA A 233 83.84 -81.40 7.77
C ALA A 233 85.05 -82.14 7.24
N ALA A 234 86.19 -81.44 7.10
CA ALA A 234 87.41 -82.10 6.65
C ALA A 234 87.93 -83.08 7.68
N GLU A 235 87.89 -82.70 8.96
CA GLU A 235 88.27 -83.63 10.02
C GLU A 235 87.31 -84.81 10.08
N ALA A 236 86.02 -84.55 9.86
CA ALA A 236 85.04 -85.63 9.85
C ALA A 236 85.30 -86.58 8.68
N ALA A 237 85.62 -86.05 7.51
CA ALA A 237 85.91 -86.89 6.36
C ALA A 237 87.23 -87.63 6.54
N ARG A 238 88.18 -87.03 7.25
CA ARG A 238 89.42 -87.72 7.58
C ARG A 238 89.17 -88.89 8.51
N ILE A 239 88.34 -88.68 9.53
CA ILE A 239 87.95 -89.78 10.42
C ILE A 239 87.18 -90.83 9.63
N ALA A 240 86.39 -90.40 8.64
CA ALA A 240 85.64 -91.35 7.82
C ALA A 240 86.57 -92.21 6.98
N LYS A 241 87.56 -91.58 6.34
CA LYS A 241 88.54 -92.34 5.57
C LYS A 241 89.35 -93.26 6.48
N GLU A 242 89.66 -92.81 7.70
CA GLU A 242 90.32 -93.68 8.65
C GLU A 242 89.43 -94.86 9.04
N ALA A 243 88.11 -94.66 9.02
CA ALA A 243 87.17 -95.72 9.30
C ALA A 243 86.71 -96.44 8.03
N GLY A 244 86.40 -95.69 6.97
CA GLY A 244 85.93 -96.28 5.74
C GLY A 244 84.49 -95.93 5.42
N ASP A 245 84.06 -94.74 5.81
CA ASP A 245 82.69 -94.28 5.55
C ASP A 245 82.71 -93.21 4.47
N PRO A 246 82.70 -93.59 3.19
CA PRO A 246 82.73 -92.58 2.13
C PRO A 246 81.45 -91.77 2.09
N GLU A 247 80.35 -92.39 2.52
CA GLU A 247 79.10 -91.64 2.67
C GLU A 247 79.24 -90.53 3.69
N ALA A 248 79.99 -90.79 4.77
CA ALA A 248 80.25 -89.74 5.74
C ALA A 248 81.11 -88.63 5.15
N ARG A 249 82.11 -88.99 4.34
CA ARG A 249 82.92 -87.98 3.69
C ARG A 249 82.10 -87.15 2.72
N LYS A 250 81.15 -87.78 2.02
CA LYS A 250 80.30 -87.05 1.10
C LYS A 250 79.34 -86.14 1.85
N LYS A 251 78.78 -86.61 2.97
CA LYS A 251 77.93 -85.75 3.78
C LYS A 251 78.73 -84.58 4.36
N ALA A 252 79.98 -84.82 4.72
CA ALA A 252 80.84 -83.73 5.17
C ALA A 252 81.09 -82.73 4.07
N LEU A 253 81.30 -83.21 2.84
CA LEU A 253 81.46 -82.31 1.70
C LEU A 253 80.20 -81.49 1.50
N GLU A 254 79.02 -82.12 1.61
CA GLU A 254 77.76 -81.41 1.45
C GLU A 254 77.57 -80.36 2.53
N ALA A 255 77.93 -80.69 3.77
CA ALA A 255 77.79 -79.73 4.87
C ALA A 255 78.78 -78.59 4.75
N ALA A 256 80.02 -78.87 4.32
CA ALA A 256 81.00 -77.82 4.12
C ALA A 256 80.57 -76.90 2.98
N ARG A 257 79.98 -77.47 1.93
CA ARG A 257 79.39 -76.64 0.88
C ARG A 257 78.23 -75.83 1.43
N ARG A 258 77.50 -76.38 2.40
CA ARG A 258 76.45 -75.62 3.06
C ARG A 258 77.01 -74.58 4.02
N GLY A 259 78.19 -74.83 4.59
CA GLY A 259 78.83 -73.87 5.46
C GLY A 259 78.52 -74.00 6.93
N ASP A 260 77.69 -74.97 7.33
CA ASP A 260 77.39 -75.19 8.73
C ASP A 260 78.33 -76.23 9.33
N ARG A 261 78.63 -76.06 10.62
CA ARG A 261 79.49 -76.98 11.33
C ARG A 261 78.74 -77.92 12.26
N GLU A 262 77.45 -77.69 12.51
CA GLU A 262 76.69 -78.60 13.37
C GLU A 262 76.54 -79.97 12.73
N LEU A 263 76.17 -80.01 11.44
CA LEU A 263 76.06 -81.29 10.76
C LEU A 263 77.43 -81.94 10.61
N ALA A 264 78.48 -81.15 10.38
CA ALA A 264 79.82 -81.70 10.29
C ALA A 264 80.23 -82.35 11.62
N THR A 265 79.90 -81.69 12.73
CA THR A 265 80.22 -82.24 14.04
C THR A 265 79.40 -83.50 14.32
N ARG A 266 78.13 -83.51 13.91
CA ARG A 266 77.30 -84.69 14.11
C ARG A 266 77.84 -85.87 13.30
N ILE A 267 78.27 -85.61 12.07
CA ILE A 267 78.84 -86.67 11.24
C ILE A 267 80.16 -87.15 11.82
N LEU A 268 80.99 -86.23 12.31
CA LEU A 268 82.23 -86.63 12.96
C LEU A 268 81.95 -87.46 14.20
N ILE A 269 80.86 -87.14 14.91
CA ILE A 269 80.49 -87.90 16.09
C ILE A 269 80.03 -89.30 15.72
N GLU A 270 79.25 -89.42 14.65
CA GLU A 270 78.82 -90.73 14.20
C GLU A 270 80.01 -91.58 13.74
N ALA A 271 80.94 -90.96 13.01
CA ALA A 271 82.13 -91.68 12.58
C ALA A 271 82.99 -92.08 13.76
N LEU A 272 83.10 -91.20 14.76
CA LEU A 272 83.85 -91.54 15.96
C LEU A 272 83.17 -92.65 16.74
N LEU A 273 81.84 -92.69 16.72
CA LEU A 273 81.12 -93.77 17.39
C LEU A 273 81.36 -95.10 16.69
N ARG A 274 81.34 -95.10 15.36
CA ARG A 274 81.66 -96.33 14.63
C ARG A 274 83.09 -96.77 14.89
N LEU A 275 84.04 -95.83 14.82
CA LEU A 275 85.43 -96.15 15.10
C LEU A 275 85.62 -96.60 16.54
N LEU A 276 84.79 -96.08 17.45
CA LEU A 276 84.90 -96.48 18.84
C LEU A 276 84.37 -97.89 19.05
N LYS A 277 83.29 -98.25 18.37
CA LYS A 277 82.83 -99.63 18.41
C LYS A 277 83.88 -100.57 17.84
N LYS A 278 84.52 -100.16 16.74
CA LYS A 278 85.57 -100.97 16.16
C LYS A 278 86.75 -101.11 17.12
N SER A 279 87.16 -100.01 17.75
CA SER A 279 88.27 -100.05 18.70
C SER A 279 87.89 -100.86 19.93
N THR A 280 86.62 -100.86 20.31
CA THR A 280 86.18 -101.67 21.44
C THR A 280 86.25 -103.15 21.11
N ALA A 281 85.84 -103.52 19.89
CA ALA A 281 86.01 -104.91 19.46
C ALA A 281 87.48 -105.28 19.43
N GLU A 282 88.33 -104.39 18.90
CA GLU A 282 89.75 -104.67 18.84
C GLU A 282 90.36 -104.80 20.23
N LEU A 283 89.90 -103.97 21.17
CA LEU A 283 90.43 -104.02 22.53
C LEU A 283 89.96 -105.27 23.25
N LYS A 284 88.72 -105.71 23.01
CA LYS A 284 88.27 -106.97 23.57
C LYS A 284 89.07 -108.13 23.02
N ARG A 285 89.36 -108.10 21.72
CA ARG A 285 90.21 -109.14 21.12
C ARG A 285 91.61 -109.11 21.72
N ALA A 286 92.16 -107.91 21.92
CA ALA A 286 93.50 -107.79 22.49
C ALA A 286 93.53 -108.28 23.93
N THR A 287 92.47 -108.00 24.69
CA THR A 287 92.40 -108.48 26.07
C THR A 287 92.27 -110.00 26.11
N ALA A 288 91.50 -110.57 25.19
CA ALA A 288 91.41 -112.02 25.09
C ALA A 288 92.77 -112.63 24.74
N SER A 289 93.48 -111.99 23.81
CA SER A 289 94.81 -112.50 23.42
C SER A 289 95.80 -112.39 24.58
N LEU A 290 95.72 -111.29 25.34
CA LEU A 290 96.61 -111.14 26.49
C LEU A 290 96.29 -112.17 27.57
N ARG A 291 95.00 -112.43 27.82
CA ARG A 291 94.63 -113.46 28.78
C ARG A 291 95.07 -114.84 28.30
N ALA A 292 95.01 -115.08 26.99
CA ALA A 292 95.46 -116.36 26.45
C ALA A 292 96.98 -116.52 26.60
N ILE A 293 97.74 -115.45 26.33
CA ILE A 293 99.18 -115.50 26.51
C ILE A 293 99.52 -115.67 27.98
N THR A 294 98.72 -115.07 28.88
CA THR A 294 98.94 -115.25 30.30
C THR A 294 98.67 -116.68 30.73
N GLU A 295 97.61 -117.29 30.21
CA GLU A 295 97.32 -118.69 30.52
C GLU A 295 98.41 -119.60 29.95
N GLU A 296 98.97 -119.24 28.79
CA GLU A 296 100.05 -120.04 28.21
C GLU A 296 101.32 -119.94 29.06
N LEU A 297 101.66 -118.73 29.50
CA LEU A 297 102.80 -118.56 30.40
C LEU A 297 102.55 -119.23 31.74
N LYS A 298 101.28 -119.34 32.15
CA LYS A 298 100.94 -120.01 33.39
C LYS A 298 101.10 -121.53 33.26
N LYS A 299 100.65 -122.10 32.15
CA LYS A 299 100.71 -123.55 31.98
C LYS A 299 102.16 -124.04 31.84
N ASN A 300 103.02 -123.25 31.20
CA ASN A 300 104.41 -123.63 31.04
C ASN A 300 105.28 -122.36 30.98
N PRO A 301 105.71 -121.84 32.13
CA PRO A 301 106.49 -120.60 32.11
C PRO A 301 107.94 -120.85 31.72
N SER A 302 108.46 -119.95 30.90
CA SER A 302 109.82 -120.04 30.39
C SER A 302 110.21 -118.70 29.80
N GLU A 303 111.35 -118.66 29.11
CA GLU A 303 111.77 -117.44 28.45
C GLU A 303 110.76 -117.03 27.37
N ASP A 304 110.39 -117.96 26.50
CA ASP A 304 109.42 -117.65 25.45
C ASP A 304 108.05 -117.37 26.04
N ALA A 305 107.68 -118.08 27.10
CA ALA A 305 106.35 -117.88 27.70
C ALA A 305 106.23 -116.50 28.33
N LEU A 306 107.19 -116.12 29.17
CA LEU A 306 107.18 -114.78 29.76
C LEU A 306 107.32 -113.71 28.69
N VAL A 307 108.12 -113.98 27.65
CA VAL A 307 108.28 -113.04 26.54
C VAL A 307 106.94 -112.79 25.88
N GLU A 308 106.21 -113.85 25.55
CA GLU A 308 104.93 -113.71 24.87
C GLU A 308 103.90 -113.06 25.77
N HIS A 309 103.90 -113.40 27.06
CA HIS A 309 102.94 -112.79 27.98
C HIS A 309 103.19 -111.30 28.12
N ASN A 310 104.45 -110.89 28.28
CA ASN A 310 104.77 -109.48 28.38
C ASN A 310 104.50 -108.74 27.07
N ARG A 311 104.76 -109.40 25.93
CA ARG A 311 104.48 -108.79 24.64
C ARG A 311 102.98 -108.60 24.45
N ALA A 312 102.18 -109.57 24.88
CA ALA A 312 100.73 -109.43 24.78
C ALA A 312 100.22 -108.35 25.73
N ILE A 313 100.82 -108.23 26.92
CA ILE A 313 100.44 -107.17 27.83
C ILE A 313 100.76 -105.80 27.24
N VAL A 314 101.93 -105.67 26.61
CA VAL A 314 102.31 -104.40 25.98
C VAL A 314 101.42 -104.11 24.78
N GLU A 315 101.04 -105.15 24.04
CA GLU A 315 100.15 -104.96 22.90
C GLU A 315 98.77 -104.51 23.36
N HIS A 316 98.27 -105.09 24.45
CA HIS A 316 97.00 -104.66 25.00
C HIS A 316 97.10 -103.22 25.51
N ASN A 317 98.21 -102.86 26.13
CA ASN A 317 98.40 -101.49 26.58
C ASN A 317 98.44 -100.52 25.41
N ALA A 318 99.10 -100.91 24.32
CA ALA A 318 99.16 -100.05 23.14
C ALA A 318 97.81 -99.93 22.47
N ILE A 319 97.04 -101.02 22.42
CA ILE A 319 95.70 -100.95 21.85
C ILE A 319 94.80 -100.09 22.71
N ILE A 320 94.95 -100.17 24.03
CA ILE A 320 94.19 -99.31 24.92
C ILE A 320 94.59 -97.86 24.73
N VAL A 321 95.88 -97.60 24.53
CA VAL A 321 96.35 -96.25 24.27
C VAL A 321 95.77 -95.72 22.98
N GLU A 322 95.70 -96.57 21.96
CA GLU A 322 95.13 -96.15 20.68
C GLU A 322 93.64 -95.87 20.80
N ASN A 323 92.91 -96.72 21.52
CA ASN A 323 91.49 -96.50 21.73
C ASN A 323 91.27 -95.23 22.55
N ASN A 324 92.14 -94.98 23.54
CA ASN A 324 92.03 -93.76 24.32
C ASN A 324 92.35 -92.54 23.48
N ARG A 325 93.29 -92.67 22.53
CA ARG A 325 93.58 -91.56 21.63
C ARG A 325 92.40 -91.27 20.72
N ILE A 326 91.74 -92.33 20.25
CA ILE A 326 90.54 -92.14 19.43
C ILE A 326 89.45 -91.46 20.25
N ILE A 327 89.27 -91.90 21.50
CA ILE A 327 88.28 -91.29 22.36
C ILE A 327 88.63 -89.84 22.65
N ALA A 328 89.92 -89.54 22.80
CA ALA A 328 90.35 -88.18 23.05
C ALA A 328 90.11 -87.30 21.83
N MET A 329 90.35 -87.83 20.64
CA MET A 329 90.05 -87.09 19.43
C MET A 329 88.55 -86.81 19.31
N VAL A 330 87.73 -87.82 19.63
CA VAL A 330 86.28 -87.63 19.58
C VAL A 330 85.86 -86.59 20.60
N LEU A 331 86.44 -86.62 21.80
CA LEU A 331 86.10 -85.65 22.83
C LEU A 331 86.54 -84.25 22.44
N GLU A 332 87.71 -84.14 21.82
CA GLU A 332 88.17 -82.83 21.34
C GLU A 332 87.26 -82.30 20.25
N ALA A 333 86.76 -83.20 19.39
CA ALA A 333 85.78 -82.78 18.39
C ALA A 333 84.50 -82.29 19.05
N ILE A 334 84.03 -83.01 20.07
CA ILE A 334 82.83 -82.58 20.78
C ILE A 334 83.07 -81.24 21.46
N VAL A 335 84.27 -81.02 21.97
CA VAL A 335 84.58 -79.76 22.65
C VAL A 335 84.63 -78.62 21.64
N ARG A 336 85.29 -78.83 20.50
CA ARG A 336 85.31 -77.81 19.46
C ARG A 336 83.92 -77.55 18.93
N ALA A 337 83.04 -78.54 19.00
CA ALA A 337 81.65 -78.36 18.60
C ALA A 337 80.81 -77.72 19.69
N ILE A 338 80.99 -78.15 20.95
CA ILE A 338 80.22 -77.58 22.04
C ILE A 338 80.89 -76.29 22.50
N GLU B 4 102.83 -11.88 17.71
CA GLU B 4 101.48 -12.28 17.32
C GLU B 4 101.51 -13.60 16.55
N PHE B 5 100.46 -13.87 15.79
CA PHE B 5 100.33 -15.11 15.04
C PHE B 5 101.35 -15.26 13.93
N LYS B 6 101.97 -14.16 13.50
CA LYS B 6 103.10 -14.23 12.59
C LYS B 6 104.26 -13.37 13.06
N PHE B 7 104.08 -12.63 14.17
CA PHE B 7 105.14 -11.82 14.76
C PHE B 7 105.76 -12.47 15.99
N LEU B 8 105.15 -13.51 16.53
CA LEU B 8 105.78 -14.34 17.56
C LEU B 8 106.03 -15.74 17.03
N ALA B 9 105.76 -15.94 15.74
CA ALA B 9 106.08 -17.19 15.06
C ALA B 9 107.45 -17.13 14.41
N THR B 10 108.02 -15.94 14.25
CA THR B 10 109.45 -15.84 13.93
C THR B 10 110.28 -16.30 15.11
N GLU B 11 109.81 -16.03 16.33
CA GLU B 11 110.43 -16.63 17.50
C GLU B 11 110.25 -18.14 17.49
N ALA B 12 109.08 -18.63 17.09
CA ALA B 12 108.90 -20.06 16.91
C ALA B 12 109.79 -20.59 15.80
N LYS B 13 110.07 -19.77 14.78
CA LYS B 13 110.97 -20.16 13.71
C LYS B 13 112.41 -20.28 14.19
N MET B 14 112.87 -19.34 15.03
CA MET B 14 114.18 -19.49 15.64
C MET B 14 114.20 -20.71 16.56
N LEU B 15 113.09 -20.97 17.25
CA LEU B 15 113.01 -22.19 18.06
C LEU B 15 113.10 -23.43 17.19
N ILE B 16 112.44 -23.40 16.02
CA ILE B 16 112.50 -24.55 15.12
C ILE B 16 113.91 -24.74 14.58
N THR B 17 114.60 -23.64 14.30
CA THR B 17 115.98 -23.72 13.82
C THR B 17 116.90 -24.26 14.91
N ALA B 18 116.67 -23.85 16.17
CA ALA B 18 117.45 -24.40 17.27
C ALA B 18 117.21 -25.89 17.43
N ALA B 19 115.94 -26.29 17.45
CA ALA B 19 115.61 -27.70 17.67
C ALA B 19 116.10 -28.57 16.52
N GLU B 20 116.04 -28.08 15.28
CA GLU B 20 116.55 -28.84 14.16
C GLU B 20 118.05 -29.05 14.27
N ARG B 21 118.74 -28.09 14.87
CA ARG B 21 120.17 -28.19 15.10
C ARG B 21 120.52 -28.80 16.46
N LEU B 22 119.54 -29.03 17.32
CA LEU B 22 119.78 -29.60 18.64
C LEU B 22 119.15 -30.98 18.81
N ALA B 23 118.40 -31.47 17.83
CA ALA B 23 117.81 -32.80 17.86
C ALA B 23 118.38 -33.56 16.66
N GLY B 24 119.65 -33.96 16.77
CA GLY B 24 120.30 -34.73 15.73
C GLY B 24 120.14 -36.22 15.86
N THR B 25 119.54 -36.68 16.96
CA THR B 25 119.23 -38.08 17.18
C THR B 25 117.74 -38.15 17.53
N ASP B 26 117.28 -39.36 17.90
CA ASP B 26 115.87 -39.59 18.17
C ASP B 26 115.03 -39.13 16.99
N PRO B 27 115.04 -39.88 15.87
CA PRO B 27 114.23 -39.48 14.71
C PRO B 27 112.78 -39.17 15.04
N ARG B 28 112.27 -39.61 16.20
CA ARG B 28 110.97 -39.12 16.65
C ARG B 28 111.01 -37.61 16.88
N LEU B 29 112.14 -37.10 17.37
CA LEU B 29 112.28 -35.66 17.55
C LEU B 29 112.29 -34.93 16.22
N GLN B 30 113.01 -35.47 15.23
CA GLN B 30 113.01 -34.86 13.91
C GLN B 30 111.63 -34.91 13.28
N GLU B 31 110.90 -36.01 13.49
CA GLU B 31 109.55 -36.13 12.95
C GLU B 31 108.60 -35.15 13.62
N MET B 32 108.74 -34.97 14.94
CA MET B 32 107.92 -33.99 15.64
C MET B 32 108.25 -32.58 15.18
N VAL B 33 109.54 -32.30 14.94
CA VAL B 33 109.93 -30.98 14.44
C VAL B 33 109.35 -30.76 13.05
N ALA B 34 109.30 -31.81 12.23
CA ALA B 34 108.72 -31.69 10.90
C ALA B 34 107.22 -31.48 10.97
N LEU B 35 106.53 -32.21 11.86
CA LEU B 35 105.10 -32.01 12.03
C LEU B 35 104.79 -30.62 12.58
N ILE B 36 105.69 -30.08 13.40
CA ILE B 36 105.49 -28.73 13.93
C ILE B 36 105.71 -27.70 12.83
N LYS B 37 106.78 -27.85 12.04
CA LYS B 37 107.00 -26.98 10.91
C LYS B 37 105.86 -27.04 9.91
N LYS B 38 105.28 -28.21 9.69
CA LYS B 38 104.06 -28.31 8.90
C LYS B 38 102.90 -27.63 9.62
N GLU B 39 102.78 -27.87 10.93
CA GLU B 39 101.82 -27.10 11.71
C GLU B 39 102.19 -25.62 11.74
N LEU B 40 103.47 -25.29 11.80
CA LEU B 40 103.88 -23.91 11.60
C LEU B 40 103.54 -23.42 10.21
N GLU B 41 103.73 -24.26 9.20
CA GLU B 41 103.33 -23.90 7.84
C GLU B 41 101.81 -23.76 7.74
N GLN B 42 101.08 -24.64 8.41
CA GLN B 42 99.62 -24.56 8.38
C GLN B 42 99.12 -23.29 9.04
N ALA B 43 99.75 -22.89 10.15
CA ALA B 43 99.37 -21.64 10.82
C ALA B 43 99.76 -20.43 9.98
N GLU B 44 100.96 -20.44 9.39
CA GLU B 44 101.38 -19.34 8.54
C GLU B 44 100.47 -19.20 7.33
N ARG B 45 99.99 -20.32 6.78
CA ARG B 45 98.99 -20.26 5.73
C ARG B 45 97.68 -19.71 6.25
N THR B 46 97.23 -20.17 7.42
CA THR B 46 96.08 -19.57 8.07
C THR B 46 96.35 -18.13 8.49
N PHE B 47 97.61 -17.83 8.85
CA PHE B 47 97.97 -16.43 9.06
C PHE B 47 97.95 -15.66 7.76
N ARG B 48 98.26 -16.33 6.65
CA ARG B 48 98.09 -15.73 5.33
C ARG B 48 96.66 -15.85 4.83
N ASN B 49 95.88 -16.77 5.41
CA ASN B 49 94.47 -16.91 5.07
C ASN B 49 93.64 -16.03 6.01
N GLY B 50 92.32 -16.10 5.86
CA GLY B 50 91.42 -15.34 6.71
C GLY B 50 91.20 -16.01 8.04
N ASP B 51 91.85 -17.16 8.25
CA ASP B 51 91.75 -17.92 9.50
C ASP B 51 92.84 -17.38 10.43
N LYS B 52 92.70 -16.12 10.83
CA LYS B 52 93.69 -15.47 11.68
C LYS B 52 93.60 -15.93 13.13
N SER B 53 92.39 -16.15 13.64
CA SER B 53 92.26 -16.70 14.99
C SER B 53 92.69 -18.15 15.04
N GLU B 54 92.33 -18.93 14.01
CA GLU B 54 92.83 -20.30 13.91
C GLU B 54 94.34 -20.31 13.74
N ALA B 55 94.86 -19.34 12.98
CA ALA B 55 96.32 -19.22 12.86
C ALA B 55 96.96 -18.94 14.20
N GLN B 56 96.37 -18.04 14.99
CA GLN B 56 96.92 -17.73 16.30
C GLN B 56 96.86 -18.94 17.23
N ARG B 57 95.75 -19.69 17.19
CA ARG B 57 95.64 -20.87 18.03
C ARG B 57 96.65 -21.94 17.64
N GLN B 58 96.76 -22.22 16.34
CA GLN B 58 97.72 -23.22 15.88
C GLN B 58 99.15 -22.77 16.17
N LEU B 59 99.42 -21.47 16.05
CA LEU B 59 100.76 -20.96 16.34
C LEU B 59 101.07 -21.04 17.83
N GLU B 60 100.08 -20.78 18.68
CA GLU B 60 100.30 -20.93 20.11
C GLU B 60 100.53 -22.37 20.49
N PHE B 61 99.79 -23.29 19.88
CA PHE B 61 100.02 -24.71 20.13
C PHE B 61 101.40 -25.13 19.64
N VAL B 62 101.78 -24.70 18.45
CA VAL B 62 103.06 -25.08 17.88
C VAL B 62 104.20 -24.41 18.64
N LEU B 63 103.93 -23.29 19.30
CA LEU B 63 104.97 -22.65 20.11
C LEU B 63 105.30 -23.51 21.31
N THR B 64 104.27 -23.97 22.03
CA THR B 64 104.51 -24.91 23.12
C THR B 64 105.11 -26.20 22.61
N ALA B 65 104.70 -26.61 21.40
CA ALA B 65 105.26 -27.83 20.81
C ALA B 65 106.76 -27.68 20.57
N ALA B 66 107.17 -26.55 19.98
CA ALA B 66 108.57 -26.31 19.71
C ALA B 66 109.35 -26.13 21.01
N ARG B 67 108.73 -25.52 22.01
CA ARG B 67 109.39 -25.36 23.30
C ARG B 67 109.65 -26.72 23.94
N ALA B 68 108.64 -27.58 23.97
CA ALA B 68 108.81 -28.91 24.54
C ALA B 68 109.76 -29.74 23.69
N VAL B 69 109.78 -29.50 22.38
CA VAL B 69 110.69 -30.25 21.50
C VAL B 69 112.13 -29.82 21.76
N MET B 70 112.36 -28.53 21.99
CA MET B 70 113.67 -28.07 22.38
C MET B 70 114.06 -28.63 23.74
N ASN B 71 113.09 -28.72 24.66
CA ASN B 71 113.36 -29.35 25.94
C ASN B 71 113.79 -30.81 25.76
N VAL B 72 113.11 -31.53 24.87
CA VAL B 72 113.42 -32.92 24.64
C VAL B 72 114.78 -33.06 23.96
N ALA B 73 115.09 -32.16 23.03
CA ALA B 73 116.38 -32.22 22.35
C ALA B 73 117.52 -31.92 23.32
N ALA B 74 117.35 -30.92 24.18
CA ALA B 74 118.36 -30.60 25.17
C ALA B 74 118.48 -31.72 26.19
N ALA B 75 117.37 -32.39 26.51
CA ALA B 75 117.44 -33.56 27.38
C ALA B 75 118.23 -34.68 26.74
N ALA B 76 117.93 -35.00 25.48
CA ALA B 76 118.66 -36.04 24.77
C ALA B 76 120.14 -35.69 24.67
N ASN B 77 120.45 -34.40 24.50
CA ASN B 77 121.85 -33.98 24.52
C ASN B 77 122.45 -34.05 25.91
N ALA B 78 121.62 -33.99 26.95
CA ALA B 78 122.10 -34.01 28.33
C ALA B 78 121.79 -35.31 29.05
N ALA B 79 121.16 -36.26 28.36
CA ALA B 79 120.83 -37.55 28.96
C ALA B 79 121.13 -38.67 27.98
N GLY B 80 122.28 -38.57 27.30
CA GLY B 80 122.70 -39.62 26.39
C GLY B 80 123.20 -40.88 27.08
N THR B 81 123.18 -40.92 28.42
CA THR B 81 123.69 -42.06 29.15
C THR B 81 122.73 -42.62 30.20
N ASP B 82 121.55 -42.03 30.36
CA ASP B 82 120.60 -42.50 31.35
C ASP B 82 119.49 -43.28 30.65
N PRO B 83 119.42 -44.60 30.86
CA PRO B 83 118.37 -45.37 30.16
C PRO B 83 116.97 -44.99 30.60
N LEU B 84 116.77 -44.71 31.88
CA LEU B 84 115.45 -44.25 32.34
C LEU B 84 115.10 -42.92 31.69
N LEU B 85 116.08 -42.04 31.54
CA LEU B 85 115.82 -40.76 30.89
C LEU B 85 115.48 -40.95 29.41
N LYS B 86 116.22 -41.82 28.71
CA LYS B 86 115.90 -42.06 27.31
C LYS B 86 114.53 -42.71 27.17
N ALA B 87 114.17 -43.58 28.11
CA ALA B 87 112.86 -44.21 28.08
C ALA B 87 111.76 -43.19 28.30
N MET B 88 111.89 -42.35 29.32
CA MET B 88 110.91 -41.30 29.55
C MET B 88 110.88 -40.31 28.40
N VAL B 89 112.02 -40.13 27.71
CA VAL B 89 112.07 -39.22 26.58
C VAL B 89 111.31 -39.79 25.39
N ASP B 90 111.51 -41.07 25.11
CA ASP B 90 110.72 -41.70 24.05
C ASP B 90 109.24 -41.75 24.42
N ALA B 91 108.94 -41.90 25.71
CA ALA B 91 107.56 -41.88 26.17
C ALA B 91 106.94 -40.50 25.96
N ILE B 92 107.68 -39.45 26.29
CA ILE B 92 107.19 -38.10 26.06
C ILE B 92 107.09 -37.81 24.57
N LEU B 93 107.96 -38.43 23.77
CA LEU B 93 107.88 -38.28 22.32
C LEU B 93 106.61 -38.92 21.78
N TRP B 94 106.28 -40.11 22.28
CA TRP B 94 105.03 -40.76 21.87
C TRP B 94 103.82 -39.97 22.35
N ARG B 95 103.87 -39.48 23.59
CA ARG B 95 102.79 -38.66 24.11
C ARG B 95 102.66 -37.37 23.32
N LEU B 96 103.77 -36.83 22.85
CA LEU B 96 103.75 -35.61 22.05
C LEU B 96 103.20 -35.88 20.66
N LYS B 97 103.54 -37.02 20.06
CA LYS B 97 102.92 -37.40 18.80
C LYS B 97 101.42 -37.59 18.97
N GLU B 98 101.01 -38.19 20.07
CA GLU B 98 99.59 -38.37 20.34
C GLU B 98 98.89 -37.03 20.52
N ALA B 99 99.50 -36.12 21.29
CA ALA B 99 98.89 -34.82 21.49
C ALA B 99 98.91 -34.00 20.21
N ILE B 100 99.89 -34.23 19.34
CA ILE B 100 99.95 -33.54 18.06
C ILE B 100 98.86 -34.05 17.13
N ARG B 101 98.61 -35.36 17.15
CA ARG B 101 97.50 -35.91 16.39
C ARG B 101 96.17 -35.42 16.94
N THR B 102 96.08 -35.29 18.28
CA THR B 102 94.85 -34.82 18.89
C THR B 102 94.58 -33.35 18.53
N PHE B 103 95.58 -32.49 18.66
CA PHE B 103 95.42 -31.10 18.26
C PHE B 103 95.15 -30.99 16.76
N GLN B 104 95.81 -31.81 15.95
CA GLN B 104 95.48 -31.86 14.53
C GLN B 104 94.06 -32.32 14.31
N ASN B 105 93.53 -33.15 15.20
CA ASN B 105 92.11 -33.48 15.21
C ASN B 105 91.26 -32.42 15.89
N GLY B 106 91.84 -31.25 16.20
CA GLY B 106 91.12 -30.23 16.91
C GLY B 106 90.95 -30.51 18.39
N ASP B 107 91.63 -31.53 18.90
CA ASP B 107 91.55 -31.88 20.31
C ASP B 107 92.81 -31.46 21.04
N GLU B 109 91.40 -28.73 21.83
CA GLU B 109 90.65 -29.08 23.03
C GLU B 109 91.57 -29.65 24.11
N GLU B 110 91.67 -30.98 24.16
CA GLU B 110 92.56 -31.64 25.10
C GLU B 110 94.01 -31.62 24.64
N ALA B 111 94.33 -30.81 23.63
CA ALA B 111 95.72 -30.65 23.22
C ALA B 111 96.53 -30.00 24.33
N GLU B 112 96.21 -28.77 24.69
CA GLU B 112 96.83 -28.13 25.85
C GLU B 112 96.16 -28.61 27.13
N THR B 113 96.13 -29.93 27.30
CA THR B 113 95.76 -30.59 28.53
C THR B 113 96.84 -31.55 29.00
N GLN B 114 97.10 -32.61 28.23
CA GLN B 114 98.28 -33.42 28.46
C GLN B 114 99.55 -32.73 28.03
N LEU B 115 99.55 -32.12 26.85
CA LEU B 115 100.69 -31.32 26.42
C LEU B 115 100.89 -30.12 27.33
N ARG B 116 99.81 -29.60 27.91
CA ARG B 116 99.95 -28.61 28.96
C ARG B 116 100.83 -29.14 30.08
N PHE B 117 100.64 -30.39 30.46
CA PHE B 117 101.56 -31.04 31.39
C PHE B 117 102.77 -31.62 30.67
N VAL B 118 102.59 -32.11 29.44
CA VAL B 118 103.72 -32.65 28.70
C VAL B 118 104.72 -31.55 28.37
N LEU B 119 104.27 -30.29 28.29
CA LEU B 119 105.23 -29.20 28.23
C LEU B 119 106.02 -29.12 29.52
N ARG B 120 105.33 -29.11 30.67
CA ARG B 120 106.02 -29.15 31.94
C ARG B 120 106.78 -30.47 32.12
N ALA B 121 106.26 -31.54 31.52
CA ALA B 121 106.97 -32.81 31.58
C ALA B 121 108.31 -32.71 30.87
N ALA B 122 108.32 -32.16 29.65
CA ALA B 122 109.58 -31.99 28.93
C ALA B 122 110.48 -31.00 29.66
N ILE B 123 109.88 -30.01 30.32
CA ILE B 123 110.65 -29.07 31.12
C ILE B 123 111.41 -29.80 32.21
N ALA B 124 110.69 -30.54 33.05
CA ALA B 124 111.34 -31.27 34.14
C ALA B 124 112.27 -32.35 33.61
N VAL B 125 111.98 -32.88 32.42
CA VAL B 125 112.81 -33.91 31.84
C VAL B 125 114.16 -33.34 31.42
N ALA B 126 114.14 -32.22 30.69
CA ALA B 126 115.38 -31.54 30.37
C ALA B 126 116.08 -31.07 31.64
N VAL B 127 115.32 -30.75 32.68
CA VAL B 127 115.90 -30.32 33.94
C VAL B 127 116.72 -31.45 34.56
N VAL B 128 116.12 -32.63 34.66
CA VAL B 128 116.82 -33.78 35.22
C VAL B 128 117.98 -34.18 34.32
N ALA B 129 117.80 -34.04 33.01
CA ALA B 129 118.88 -34.38 32.08
C ALA B 129 120.07 -33.46 32.27
N ALA B 130 119.82 -32.17 32.43
CA ALA B 130 120.92 -31.24 32.70
C ALA B 130 121.53 -31.51 34.06
N ALA B 131 120.70 -31.87 35.04
CA ALA B 131 121.23 -32.21 36.36
C ALA B 131 122.17 -33.41 36.28
N LEU B 132 121.87 -34.36 35.39
CA LEU B 132 122.73 -35.51 35.23
C LEU B 132 123.96 -35.20 34.38
N VAL B 133 123.81 -34.33 33.37
CA VAL B 133 124.92 -34.05 32.47
C VAL B 133 125.95 -33.14 33.13
N LEU B 134 125.49 -32.13 33.87
CA LEU B 134 126.39 -31.25 34.61
C LEU B 134 126.86 -31.87 35.92
N ALA B 135 126.49 -33.12 36.18
CA ALA B 135 126.99 -33.85 37.33
C ALA B 135 128.38 -34.37 37.01
N GLY B 136 129.00 -35.04 37.98
CA GLY B 136 130.34 -35.56 37.82
C GLY B 136 130.51 -36.84 38.58
N THR B 137 131.59 -36.93 39.37
CA THR B 137 131.82 -38.13 40.17
C THR B 137 130.72 -38.30 41.21
N ASP B 138 130.60 -37.34 42.12
CA ASP B 138 129.64 -37.45 43.21
C ASP B 138 128.33 -36.76 42.84
N PRO B 139 127.36 -37.50 42.33
CA PRO B 139 126.03 -36.90 42.13
C PRO B 139 125.40 -36.52 43.45
N GLU B 140 125.43 -37.45 44.42
CA GLU B 140 124.97 -37.27 45.79
C GLU B 140 123.47 -37.02 45.89
N LEU B 141 122.79 -36.70 44.79
CA LEU B 141 121.34 -36.62 44.79
C LEU B 141 120.73 -37.16 43.51
N GLN B 142 121.54 -37.73 42.60
CA GLN B 142 120.97 -38.35 41.40
C GLN B 142 119.99 -39.45 41.77
N GLU B 143 120.21 -40.14 42.88
CA GLU B 143 119.20 -41.04 43.40
C GLU B 143 117.93 -40.26 43.72
N MET B 144 118.05 -39.21 44.53
CA MET B 144 116.93 -38.29 44.73
C MET B 144 116.44 -37.77 43.39
N VAL B 145 117.36 -37.34 42.52
CA VAL B 145 116.98 -36.92 41.17
C VAL B 145 116.32 -38.08 40.43
N GLU B 146 116.78 -39.31 40.64
CA GLU B 146 116.05 -40.45 40.11
C GLU B 146 114.72 -40.62 40.83
N GLN B 147 114.73 -40.46 42.15
CA GLN B 147 113.49 -40.41 42.91
C GLN B 147 112.58 -39.34 42.35
N ILE B 148 113.11 -38.13 42.19
CA ILE B 148 112.38 -37.08 41.48
C ILE B 148 111.99 -37.57 40.09
N LYS B 149 112.92 -38.21 39.37
CA LYS B 149 112.58 -38.85 38.11
C LYS B 149 111.46 -39.87 38.31
N ASP B 150 111.58 -40.69 39.36
CA ASP B 150 110.46 -41.52 39.76
C ASP B 150 109.25 -40.66 40.05
N LEU B 151 109.41 -39.63 40.89
CA LEU B 151 108.35 -38.66 41.07
C LEU B 151 107.92 -38.04 39.75
N LEU B 152 108.86 -37.86 38.82
CA LEU B 152 108.51 -37.45 37.47
C LEU B 152 107.76 -38.55 36.75
N ILE B 153 108.28 -39.78 36.82
CA ILE B 153 107.51 -40.92 36.33
C ILE B 153 106.17 -40.98 37.06
N SER B 154 106.19 -40.78 38.38
CA SER B 154 104.95 -40.63 39.12
C SER B 154 104.15 -39.44 38.61
N ALA B 155 104.82 -38.33 38.33
CA ALA B 155 104.15 -37.23 37.64
C ALA B 155 103.69 -37.67 36.27
N PHE B 156 104.50 -38.47 35.58
CA PHE B 156 104.07 -39.07 34.32
C PHE B 156 102.82 -39.91 34.54
N MET B 157 102.66 -40.48 35.73
CA MET B 157 101.39 -41.09 36.11
C MET B 157 100.43 -40.08 36.73
N ALA B 158 100.95 -39.07 37.42
CA ALA B 158 100.11 -38.06 38.07
C ALA B 158 99.61 -37.02 37.08
N GLY B 159 99.77 -37.28 35.79
CA GLY B 159 99.22 -36.42 34.75
C GLY B 159 97.97 -37.03 34.16
N GLU B 165 96.70 -35.48 36.64
CA GLU B 165 96.21 -34.23 37.20
C GLU B 165 96.99 -33.83 38.44
N LYS B 166 97.52 -34.83 39.15
CA LYS B 166 98.27 -34.61 40.38
C LYS B 166 99.72 -34.21 40.14
N ALA B 167 100.00 -33.56 39.00
CA ALA B 167 101.37 -33.20 38.68
C ALA B 167 101.53 -31.74 38.23
N LEU B 168 100.45 -30.96 38.16
CA LEU B 168 100.57 -29.58 37.70
C LEU B 168 101.51 -28.78 38.59
N THR B 169 101.23 -28.74 39.90
CA THR B 169 102.16 -28.10 40.82
C THR B 169 103.34 -29.01 41.13
N GLN B 170 103.16 -30.33 41.00
CA GLN B 170 104.25 -31.26 41.26
C GLN B 170 105.35 -31.12 40.20
N LEU B 171 104.97 -30.91 38.94
CA LEU B 171 105.97 -30.68 37.91
C LEU B 171 106.75 -29.40 38.18
N LEU B 172 106.05 -28.34 38.61
CA LEU B 172 106.72 -27.10 38.96
C LEU B 172 107.67 -27.29 40.13
N PHE B 173 107.23 -28.05 41.14
CA PHE B 173 108.08 -28.31 42.29
C PHE B 173 109.30 -29.14 41.91
N VAL B 174 109.13 -30.12 41.02
CA VAL B 174 110.25 -30.93 40.57
C VAL B 174 111.22 -30.09 39.77
N ALA B 175 110.71 -29.19 38.93
CA ALA B 175 111.59 -28.30 38.17
C ALA B 175 112.33 -27.35 39.09
N TRP B 176 111.67 -26.86 40.14
CA TRP B 176 112.34 -25.96 41.07
C TRP B 176 113.40 -26.69 41.88
N ALA B 177 113.13 -27.94 42.25
CA ALA B 177 114.14 -28.72 42.95
C ALA B 177 115.31 -29.05 42.05
N ALA B 178 115.05 -29.32 40.77
CA ALA B 178 116.14 -29.51 39.83
C ALA B 178 116.94 -28.24 39.65
N HIS B 179 116.27 -27.08 39.65
CA HIS B 179 116.97 -25.81 39.52
C HIS B 179 117.86 -25.55 40.74
N ALA B 180 117.36 -25.86 41.93
CA ALA B 180 118.22 -25.79 43.11
C ALA B 180 119.35 -26.81 43.02
N VAL B 181 119.10 -27.94 42.37
CA VAL B 181 120.16 -28.92 42.16
C VAL B 181 121.05 -28.50 40.99
N ALA B 182 120.46 -28.02 39.90
CA ALA B 182 121.26 -27.62 38.75
C ALA B 182 122.12 -26.40 39.06
N MET B 183 121.63 -25.50 39.91
CA MET B 183 122.47 -24.41 40.39
C MET B 183 123.63 -24.96 41.21
N ILE B 184 123.34 -25.88 42.14
CA ILE B 184 124.40 -26.50 42.93
C ILE B 184 125.31 -27.33 42.05
N ALA B 185 124.75 -28.01 41.05
CA ALA B 185 125.57 -28.82 40.15
C ALA B 185 126.52 -27.95 39.35
N ALA B 186 126.04 -26.83 38.81
CA ALA B 186 126.90 -25.93 38.05
C ALA B 186 127.92 -25.26 38.96
N ALA B 187 127.55 -25.00 40.22
CA ALA B 187 128.50 -24.41 41.16
C ALA B 187 129.63 -25.38 41.48
N ALA B 188 129.29 -26.65 41.74
CA ALA B 188 130.32 -27.64 42.01
C ALA B 188 131.11 -27.98 40.76
N ASN B 189 130.52 -27.78 39.58
CA ASN B 189 131.21 -28.10 38.33
C ASN B 189 132.40 -27.18 38.11
N LEU B 190 132.22 -25.88 38.28
CA LEU B 190 133.30 -24.91 38.14
C LEU B 190 134.11 -24.76 39.41
N ALA B 191 133.85 -25.58 40.42
CA ALA B 191 134.58 -25.54 41.68
C ALA B 191 135.59 -26.68 41.73
N GLY B 192 136.71 -26.43 42.40
CA GLY B 192 137.75 -27.42 42.54
C GLY B 192 137.80 -28.01 43.93
N PRO B 195 136.58 -24.62 47.74
CA PRO B 195 135.33 -25.33 47.99
C PRO B 195 134.27 -24.44 48.64
N ARG B 196 134.47 -23.13 48.56
CA ARG B 196 133.49 -22.20 49.11
C ARG B 196 132.15 -22.33 48.40
N LEU B 197 132.17 -22.48 47.09
CA LEU B 197 130.93 -22.70 46.35
C LEU B 197 130.28 -24.03 46.73
N GLN B 198 131.10 -25.05 46.97
CA GLN B 198 130.56 -26.34 47.39
C GLN B 198 129.92 -26.25 48.78
N GLN B 199 130.54 -25.51 49.69
CA GLN B 199 129.97 -25.35 51.02
C GLN B 199 128.71 -24.48 51.00
N GLN B 200 128.68 -23.48 50.13
CA GLN B 200 127.49 -22.65 50.01
C GLN B 200 126.34 -23.44 49.39
N VAL B 201 126.65 -24.29 48.40
CA VAL B 201 125.62 -25.15 47.81
C VAL B 201 125.23 -26.30 48.72
N LYS B 202 126.07 -26.66 49.68
CA LYS B 202 125.71 -27.73 50.61
C LYS B 202 124.64 -27.28 51.59
N GLU B 203 124.52 -25.98 51.83
CA GLU B 203 123.49 -25.46 52.70
C GLU B 203 122.17 -25.21 51.97
N ILE B 204 122.22 -24.81 50.71
CA ILE B 204 120.99 -24.70 49.93
C ILE B 204 120.47 -26.08 49.56
N LEU B 205 121.37 -27.02 49.31
CA LEU B 205 120.94 -28.40 49.04
C LEU B 205 120.34 -29.03 50.29
N GLU B 206 120.79 -28.60 51.47
CA GLU B 206 120.19 -29.10 52.71
C GLU B 206 118.71 -28.72 52.81
N LYS B 207 118.41 -27.43 52.62
CA LYS B 207 117.02 -26.99 52.64
C LYS B 207 116.24 -27.60 51.47
N LEU B 208 116.92 -27.81 50.34
CA LEU B 208 116.26 -28.44 49.20
C LEU B 208 115.82 -29.86 49.52
N LYS B 209 116.71 -30.65 50.11
CA LYS B 209 116.36 -32.02 50.49
C LYS B 209 115.33 -32.04 51.60
N GLU B 210 115.40 -31.07 52.52
CA GLU B 210 114.39 -30.99 53.57
C GLU B 210 113.01 -30.71 52.98
N ALA B 211 112.93 -29.79 52.03
CA ALA B 211 111.66 -29.52 51.38
C ALA B 211 111.20 -30.69 50.52
N ILE B 212 112.13 -31.38 49.87
CA ILE B 212 111.78 -32.53 49.05
C ILE B 212 111.17 -33.63 49.91
N GLU B 213 111.78 -33.89 51.07
CA GLU B 213 111.16 -34.79 52.03
C GLU B 213 109.81 -34.25 52.48
N THR B 214 109.71 -32.93 52.67
CA THR B 214 108.43 -32.33 52.97
C THR B 214 107.49 -32.39 51.78
N PHE B 215 108.01 -32.13 50.58
CA PHE B 215 107.21 -32.31 49.36
C PHE B 215 106.82 -33.76 49.16
N GLN B 216 107.65 -34.69 49.62
CA GLN B 216 107.28 -36.09 49.68
C GLN B 216 106.52 -36.43 50.96
N LYS B 217 106.27 -35.43 51.80
CA LYS B 217 105.44 -35.59 52.98
C LYS B 217 104.07 -34.95 52.78
N GLY B 218 103.68 -34.70 51.54
CA GLY B 218 102.37 -34.16 51.23
C GLY B 218 102.26 -32.68 51.55
N ASP B 219 103.39 -31.99 51.59
CA ASP B 219 103.42 -30.56 51.84
C ASP B 219 103.49 -29.84 50.51
N GLU B 220 102.43 -29.11 50.17
CA GLU B 220 102.30 -28.50 48.85
C GLU B 220 102.73 -27.05 48.83
N GLU B 221 102.32 -26.25 49.82
CA GLU B 221 102.72 -24.85 49.87
C GLU B 221 104.03 -24.67 50.64
N GLN B 222 104.14 -25.31 51.81
CA GLN B 222 105.32 -25.11 52.64
C GLN B 222 106.58 -25.68 51.98
N ALA B 223 106.48 -26.90 51.45
CA ALA B 223 107.64 -27.51 50.83
C ALA B 223 108.02 -26.80 49.53
N PHE B 224 107.02 -26.38 48.75
CA PHE B 224 107.32 -25.62 47.54
C PHE B 224 108.00 -24.31 47.89
N ARG B 225 107.54 -23.63 48.94
CA ARG B 225 108.17 -22.38 49.37
C ARG B 225 109.60 -22.62 49.84
N GLN B 226 109.82 -23.67 50.63
CA GLN B 226 111.16 -23.96 51.11
C GLN B 226 112.10 -24.31 49.96
N LEU B 227 111.64 -25.09 48.99
CA LEU B 227 112.49 -25.43 47.85
C LEU B 227 112.77 -24.20 46.99
N ALA B 228 111.77 -23.33 46.81
CA ALA B 228 111.97 -22.11 46.02
C ALA B 228 112.95 -21.17 46.71
N GLU B 229 112.87 -21.07 48.04
CA GLU B 229 113.81 -20.23 48.77
C GLU B 229 115.20 -20.82 48.74
N VAL B 230 115.31 -22.15 48.82
CA VAL B 230 116.62 -22.79 48.72
C VAL B 230 117.22 -22.54 47.34
N LEU B 231 116.40 -22.65 46.29
CA LEU B 231 116.87 -22.36 44.93
C LEU B 231 117.29 -20.90 44.79
N ALA B 232 116.54 -19.99 45.40
CA ALA B 232 116.91 -18.57 45.31
C ALA B 232 118.22 -18.29 46.04
N GLU B 233 118.41 -18.88 47.23
CA GLU B 233 119.67 -18.71 47.94
C GLU B 233 120.82 -19.34 47.18
N ALA B 234 120.56 -20.49 46.54
CA ALA B 234 121.59 -21.12 45.72
C ALA B 234 121.97 -20.26 44.53
N ALA B 235 120.98 -19.63 43.90
CA ALA B 235 121.26 -18.73 42.79
C ALA B 235 122.00 -17.48 43.26
N LEU B 236 121.71 -17.00 44.46
CA LEU B 236 122.43 -15.86 45.01
C LEU B 236 123.88 -16.22 45.32
N VAL B 237 124.13 -17.43 45.83
CA VAL B 237 125.50 -17.84 46.09
C VAL B 237 126.22 -18.15 44.78
N ALA B 238 125.48 -18.56 43.74
CA ALA B 238 126.09 -18.82 42.45
C ALA B 238 126.58 -17.53 41.80
N LEU B 239 125.93 -16.40 42.13
CA LEU B 239 126.40 -15.12 41.64
C LEU B 239 127.83 -14.84 42.08
N ARG B 240 128.19 -15.25 43.30
CA ARG B 240 129.56 -15.10 43.76
C ARG B 240 130.44 -16.25 43.32
N ALA B 241 129.87 -17.46 43.21
CA ALA B 241 130.65 -18.61 42.78
C ALA B 241 131.09 -18.47 41.32
N ALA B 242 130.34 -17.74 40.51
CA ALA B 242 130.71 -17.53 39.12
C ALA B 242 131.94 -16.64 38.98
N LEU B 243 132.25 -15.84 40.00
CA LEU B 243 133.46 -15.03 40.01
C LEU B 243 134.55 -15.63 40.87
N THR B 244 134.31 -16.80 41.47
CA THR B 244 135.29 -17.44 42.33
C THR B 244 136.32 -18.26 41.55
N ASN B 245 136.20 -18.32 40.23
CA ASN B 245 137.14 -19.08 39.40
C ASN B 245 137.71 -18.20 38.29
N GLU C 4 -52.29 77.59 45.79
CA GLU C 4 -52.05 76.55 44.81
C GLU C 4 -53.31 76.22 44.04
N PHE C 5 -53.36 75.03 43.44
CA PHE C 5 -54.48 74.62 42.62
C PHE C 5 -55.76 74.41 43.41
N LYS C 6 -55.67 74.26 44.74
CA LYS C 6 -56.85 74.28 45.59
C LYS C 6 -56.65 75.20 46.80
N PHE C 7 -55.46 75.80 46.95
CA PHE C 7 -55.20 76.75 48.01
C PHE C 7 -55.21 78.19 47.52
N LEU C 8 -55.22 78.43 46.22
CA LEU C 8 -55.47 79.76 45.67
C LEU C 8 -56.77 79.76 44.88
N ALA C 9 -57.50 78.65 44.94
CA ALA C 9 -58.83 78.55 44.36
C ALA C 9 -59.90 78.90 45.38
N THR C 10 -59.56 78.90 46.67
CA THR C 10 -60.44 79.51 47.65
C THR C 10 -60.49 81.01 47.46
N GLU C 11 -59.38 81.61 47.05
CA GLU C 11 -59.40 83.00 46.62
C GLU C 11 -60.25 83.16 45.37
N ALA C 12 -60.14 82.22 44.43
CA ALA C 12 -61.05 82.23 43.28
C ALA C 12 -62.49 82.03 43.71
N LYS C 13 -62.72 81.27 44.78
CA LYS C 13 -64.06 81.08 45.30
C LYS C 13 -64.62 82.34 45.91
N MET C 14 -63.80 83.10 46.66
CA MET C 14 -64.23 84.41 47.12
C MET C 14 -64.47 85.35 45.96
N LEU C 15 -63.64 85.25 44.91
CA LEU C 15 -63.88 86.04 43.71
C LEU C 15 -65.19 85.65 43.05
N ILE C 16 -65.51 84.35 43.02
CA ILE C 16 -66.77 83.90 42.43
C ILE C 16 -67.94 84.40 43.26
N THR C 17 -67.80 84.41 44.58
CA THR C 17 -68.86 84.91 45.45
C THR C 17 -69.05 86.40 45.26
N ALA C 18 -67.96 87.15 45.09
CA ALA C 18 -68.07 88.58 44.82
C ALA C 18 -68.77 88.82 43.49
N ALA C 19 -68.33 88.13 42.43
CA ALA C 19 -68.90 88.35 41.11
C ALA C 19 -70.36 87.95 41.05
N GLU C 20 -70.74 86.86 41.73
CA GLU C 20 -72.15 86.45 41.76
C GLU C 20 -73.00 87.50 42.45
N ARG C 21 -72.43 88.22 43.41
CA ARG C 21 -73.12 89.30 44.10
C ARG C 21 -72.90 90.65 43.45
N LEU C 22 -72.02 90.76 42.46
CA LEU C 22 -71.73 92.02 41.79
C LEU C 22 -72.16 92.02 40.32
N ALA C 23 -72.62 90.89 39.80
CA ALA C 23 -73.11 90.80 38.42
C ALA C 23 -74.57 90.38 38.52
N GLY C 24 -75.43 91.31 38.91
CA GLY C 24 -76.86 91.05 38.99
C GLY C 24 -77.62 91.35 37.72
N THR C 25 -76.94 91.90 36.71
CA THR C 25 -77.52 92.13 35.40
C THR C 25 -76.57 91.49 34.39
N ASP C 26 -76.85 91.71 33.10
CA ASP C 26 -76.08 91.11 32.02
C ASP C 26 -76.04 89.59 32.22
N PRO C 27 -77.14 88.88 31.97
CA PRO C 27 -77.14 87.42 32.13
C PRO C 27 -75.98 86.72 31.43
N ARG C 28 -75.31 87.37 30.48
CA ARG C 28 -74.06 86.83 29.97
C ARG C 28 -73.01 86.75 31.08
N LEU C 29 -73.02 87.73 31.99
CA LEU C 29 -72.09 87.69 33.12
C LEU C 29 -72.43 86.54 34.06
N GLN C 30 -73.71 86.33 34.34
CA GLN C 30 -74.10 85.20 35.19
C GLN C 30 -73.75 83.88 34.51
N GLU C 31 -73.93 83.79 33.20
CA GLU C 31 -73.59 82.56 32.48
C GLU C 31 -72.09 82.31 32.48
N MET C 32 -71.30 83.38 32.34
CA MET C 32 -69.85 83.23 32.41
C MET C 32 -69.42 82.82 33.81
N VAL C 33 -70.06 83.38 34.83
CA VAL C 33 -69.76 82.99 36.22
C VAL C 33 -70.11 81.53 36.44
N ALA C 34 -71.21 81.07 35.84
CA ALA C 34 -71.60 79.67 35.97
C ALA C 34 -70.62 78.76 35.24
N LEU C 35 -70.20 79.15 34.04
CA LEU C 35 -69.20 78.36 33.31
C LEU C 35 -67.87 78.34 34.03
N ILE C 36 -67.54 79.42 34.74
CA ILE C 36 -66.30 79.46 35.51
C ILE C 36 -66.40 78.56 36.72
N LYS C 37 -67.53 78.64 37.45
CA LYS C 37 -67.77 77.75 38.58
C LYS C 37 -67.76 76.29 38.15
N LYS C 38 -68.31 75.99 36.98
CA LYS C 38 -68.18 74.65 36.41
C LYS C 38 -66.73 74.35 36.06
N GLU C 39 -66.04 75.32 35.45
CA GLU C 39 -64.61 75.19 35.26
C GLU C 39 -63.87 75.17 36.58
N LEU C 40 -64.33 75.95 37.57
CA LEU C 40 -63.81 75.79 38.92
C LEU C 40 -64.12 74.42 39.48
N GLU C 41 -65.33 73.92 39.24
CA GLU C 41 -65.67 72.56 39.67
C GLU C 41 -64.84 71.53 38.92
N GLN C 42 -64.60 71.75 37.63
CA GLN C 42 -63.79 70.82 36.86
C GLN C 42 -62.35 70.79 37.36
N ALA C 43 -61.80 71.95 37.72
CA ALA C 43 -60.44 71.99 38.26
C ALA C 43 -60.38 71.37 39.65
N GLU C 44 -61.38 71.65 40.51
CA GLU C 44 -61.41 71.06 41.83
C GLU C 44 -61.55 69.55 41.75
N ARG C 45 -62.29 69.04 40.76
CA ARG C 45 -62.34 67.61 40.53
C ARG C 45 -60.99 67.09 40.05
N THR C 46 -60.36 67.80 39.11
CA THR C 46 -59.00 67.47 38.72
C THR C 46 -58.02 67.71 39.85
N PHE C 47 -58.29 68.70 40.71
CA PHE C 47 -57.50 68.83 41.94
C PHE C 47 -57.77 67.67 42.88
N ARG C 48 -58.98 67.14 42.86
CA ARG C 48 -59.29 65.91 43.58
C ARG C 48 -58.89 64.67 42.79
N ASN C 49 -58.70 64.80 41.49
CA ASN C 49 -58.23 63.70 40.67
C ASN C 49 -56.71 63.74 40.58
N GLY C 50 -56.13 62.82 39.82
CA GLY C 50 -54.69 62.79 39.64
C GLY C 50 -54.22 63.80 38.61
N ASP C 51 -55.14 64.57 38.06
CA ASP C 51 -54.84 65.61 37.07
C ASP C 51 -54.56 66.88 37.85
N LYS C 52 -53.48 66.88 38.62
CA LYS C 52 -53.11 68.01 39.46
C LYS C 52 -52.51 69.16 38.63
N SER C 53 -51.71 68.84 37.63
CA SER C 53 -51.18 69.88 36.75
C SER C 53 -52.29 70.46 35.88
N GLU C 54 -53.17 69.60 35.36
CA GLU C 54 -54.33 70.08 34.63
C GLU C 54 -55.25 70.88 35.54
N ALA C 55 -55.37 70.45 36.80
CA ALA C 55 -56.13 71.22 37.77
C ALA C 55 -55.54 72.61 37.98
N GLN C 56 -54.21 72.68 38.11
CA GLN C 56 -53.55 73.97 38.29
C GLN C 56 -53.73 74.86 37.08
N ARG C 57 -53.62 74.28 35.87
CA ARG C 57 -53.80 75.07 34.66
C ARG C 57 -55.23 75.59 34.54
N GLN C 58 -56.22 74.72 34.76
CA GLN C 58 -57.61 75.15 34.68
C GLN C 58 -57.94 76.17 35.77
N LEU C 59 -57.35 76.00 36.95
CA LEU C 59 -57.57 76.95 38.04
C LEU C 59 -56.94 78.29 37.73
N GLU C 60 -55.75 78.29 37.12
CA GLU C 60 -55.13 79.54 36.74
C GLU C 60 -55.93 80.25 35.65
N PHE C 61 -56.45 79.49 34.69
CA PHE C 61 -57.31 80.10 33.67
C PHE C 61 -58.58 80.65 34.28
N VAL C 62 -59.22 79.88 35.18
CA VAL C 62 -60.45 80.31 35.79
C VAL C 62 -60.22 81.47 36.74
N LEU C 63 -58.99 81.60 37.26
CA LEU C 63 -58.69 82.74 38.11
C LEU C 63 -58.70 84.03 37.32
N THR C 64 -58.02 84.04 36.17
CA THR C 64 -58.10 85.19 35.28
C THR C 64 -59.52 85.39 34.79
N ALA C 65 -60.25 84.30 34.57
CA ALA C 65 -61.63 84.42 34.14
C ALA C 65 -62.48 85.12 35.18
N ALA C 66 -62.35 84.71 36.44
CA ALA C 66 -63.11 85.34 37.52
C ALA C 66 -62.66 86.77 37.74
N ARG C 67 -61.37 87.05 37.57
CA ARG C 67 -60.88 88.42 37.71
C ARG C 67 -61.49 89.32 36.64
N ALA C 68 -61.45 88.87 35.39
CA ALA C 68 -62.05 89.65 34.31
C ALA C 68 -63.55 89.74 34.46
N VAL C 69 -64.18 88.71 35.03
CA VAL C 69 -65.62 88.74 35.23
C VAL C 69 -65.99 89.74 36.32
N MET C 70 -65.17 89.81 37.37
CA MET C 70 -65.37 90.84 38.38
C MET C 70 -65.14 92.23 37.78
N ASN C 71 -64.15 92.35 36.90
CA ASN C 71 -63.93 93.62 36.21
C ASN C 71 -65.16 94.01 35.40
N VAL C 72 -65.75 93.04 34.70
CA VAL C 72 -66.93 93.31 33.88
C VAL C 72 -68.13 93.65 34.75
N ALA C 73 -68.27 92.98 35.89
CA ALA C 73 -69.39 93.26 36.77
C ALA C 73 -69.26 94.64 37.40
N ALA C 74 -68.05 95.00 37.82
CA ALA C 74 -67.82 96.33 38.37
C ALA C 74 -67.99 97.40 37.29
N ALA C 75 -67.62 97.08 36.05
CA ALA C 75 -67.87 98.00 34.96
C ALA C 75 -69.36 98.21 34.75
N ALA C 76 -70.13 97.11 34.67
CA ALA C 76 -71.57 97.22 34.50
C ALA C 76 -72.20 97.98 35.65
N ASN C 77 -71.68 97.82 36.86
CA ASN C 77 -72.15 98.61 37.99
C ASN C 77 -71.70 100.06 37.90
N ALA C 78 -70.62 100.34 37.18
CA ALA C 78 -70.09 101.69 37.05
C ALA C 78 -70.32 102.28 35.67
N ALA C 79 -70.96 101.54 34.76
CA ALA C 79 -71.24 102.04 33.42
C ALA C 79 -72.66 101.68 33.01
N GLY C 80 -73.60 101.84 33.94
CA GLY C 80 -75.00 101.61 33.64
C GLY C 80 -75.64 102.67 32.77
N THR C 81 -74.89 103.68 32.35
CA THR C 81 -75.44 104.79 31.57
C THR C 81 -74.66 105.09 30.30
N ASP C 82 -73.58 104.38 30.02
CA ASP C 82 -72.79 104.63 28.82
C ASP C 82 -73.08 103.57 27.79
N PRO C 83 -73.73 103.92 26.67
CA PRO C 83 -74.05 102.89 25.68
C PRO C 83 -72.82 102.29 25.03
N LEU C 84 -71.79 103.10 24.76
CA LEU C 84 -70.55 102.55 24.23
C LEU C 84 -69.91 101.60 25.22
N LEU C 85 -69.98 101.91 26.50
CA LEU C 85 -69.43 101.02 27.51
C LEU C 85 -70.22 99.72 27.60
N LYS C 86 -71.55 99.79 27.56
CA LYS C 86 -72.35 98.57 27.58
C LYS C 86 -72.10 97.74 26.33
N ALA C 87 -71.89 98.40 25.18
CA ALA C 87 -71.59 97.68 23.95
C ALA C 87 -70.25 96.98 24.03
N MET C 88 -69.21 97.70 24.47
CA MET C 88 -67.90 97.07 24.64
C MET C 88 -67.96 95.99 25.71
N VAL C 89 -68.84 96.14 26.69
CA VAL C 89 -68.98 95.13 27.74
C VAL C 89 -69.59 93.86 27.19
N ASP C 90 -70.65 93.99 26.41
CA ASP C 90 -71.24 92.83 25.77
C ASP C 90 -70.26 92.21 24.77
N ALA C 91 -69.45 93.04 24.12
CA ALA C 91 -68.44 92.52 23.21
C ALA C 91 -67.37 91.73 23.96
N ILE C 92 -66.93 92.25 25.10
CA ILE C 92 -65.96 91.52 25.92
C ILE C 92 -66.61 90.26 26.49
N LEU C 93 -67.91 90.31 26.75
CA LEU C 93 -68.61 89.12 27.22
C LEU C 93 -68.64 88.04 26.15
N TRP C 94 -68.90 88.44 24.91
CA TRP C 94 -68.87 87.48 23.81
C TRP C 94 -67.47 86.96 23.57
N ARG C 95 -66.48 87.84 23.63
CA ARG C 95 -65.08 87.42 23.48
C ARG C 95 -64.67 86.49 24.62
N LEU C 96 -65.21 86.72 25.81
CA LEU C 96 -64.91 85.87 26.95
C LEU C 96 -65.59 84.52 26.82
N LYS C 97 -66.82 84.48 26.31
CA LYS C 97 -67.45 83.21 26.03
C LYS C 97 -66.67 82.44 24.96
N GLU C 98 -66.18 83.15 23.94
CA GLU C 98 -65.38 82.51 22.91
C GLU C 98 -64.07 81.97 23.47
N ALA C 99 -63.40 82.76 24.31
CA ALA C 99 -62.15 82.31 24.91
C ALA C 99 -62.40 81.18 25.90
N ILE C 100 -63.57 81.16 26.53
CA ILE C 100 -63.91 80.09 27.46
C ILE C 100 -64.18 78.80 26.70
N ARG C 101 -64.85 78.90 25.55
CA ARG C 101 -65.02 77.73 24.70
C ARG C 101 -63.69 77.26 24.14
N THR C 102 -62.80 78.19 23.82
CA THR C 102 -61.49 77.82 23.30
C THR C 102 -60.65 77.11 24.34
N PHE C 103 -60.58 77.67 25.56
CA PHE C 103 -59.88 77.00 26.65
C PHE C 103 -60.52 75.67 26.99
N GLN C 104 -61.85 75.60 26.97
CA GLN C 104 -62.52 74.33 27.15
C GLN C 104 -62.18 73.36 26.03
N ASN C 105 -61.89 73.88 24.85
CA ASN C 105 -61.34 73.08 23.76
C ASN C 105 -59.83 72.88 23.90
N GLY C 106 -59.25 73.25 25.03
CA GLY C 106 -57.81 73.17 25.21
C GLY C 106 -57.05 74.25 24.48
N ASP C 107 -57.75 75.24 23.93
CA ASP C 107 -57.10 76.34 23.22
C ASP C 107 -57.09 77.59 24.07
N GLU C 109 -54.20 76.82 25.12
CA GLU C 109 -53.32 77.36 24.08
C GLU C 109 -53.55 78.85 23.88
N GLU C 110 -54.38 79.19 22.91
CA GLU C 110 -54.73 80.58 22.64
C GLU C 110 -55.75 81.12 23.63
N ALA C 111 -56.01 80.40 24.72
CA ALA C 111 -56.89 80.90 25.77
C ALA C 111 -56.27 82.15 26.42
N GLU C 112 -55.13 81.98 27.08
CA GLU C 112 -54.41 83.14 27.59
C GLU C 112 -53.60 83.80 26.49
N THR C 113 -54.31 84.15 25.41
CA THR C 113 -53.80 84.99 24.33
C THR C 113 -54.70 86.19 24.09
N GLN C 114 -55.94 85.95 23.66
CA GLN C 114 -56.94 87.00 23.65
C GLN C 114 -57.44 87.33 25.04
N LEU C 115 -57.74 86.30 25.84
CA LEU C 115 -58.10 86.54 27.23
C LEU C 115 -56.95 87.13 28.01
N ARG C 116 -55.71 86.82 27.62
CA ARG C 116 -54.56 87.53 28.16
C ARG C 116 -54.72 89.03 27.96
N PHE C 117 -55.17 89.44 26.77
CA PHE C 117 -55.52 90.83 26.55
C PHE C 117 -56.95 91.13 27.01
N VAL C 118 -57.86 90.17 26.89
CA VAL C 118 -59.22 90.40 27.33
C VAL C 118 -59.27 90.57 28.84
N LEU C 119 -58.30 89.99 29.56
CA LEU C 119 -58.18 90.33 30.97
C LEU C 119 -57.80 91.80 31.13
N ARG C 120 -56.77 92.24 30.41
CA ARG C 120 -56.43 93.66 30.43
C ARG C 120 -57.53 94.50 29.81
N ALA C 121 -58.26 93.93 28.85
CA ALA C 121 -59.40 94.63 28.28
C ALA C 121 -60.46 94.90 29.33
N ALA C 122 -60.83 93.87 30.10
CA ALA C 122 -61.81 94.06 31.17
C ALA C 122 -61.25 94.99 32.24
N ILE C 123 -59.95 94.95 32.46
CA ILE C 123 -59.32 95.86 33.41
C ILE C 123 -59.55 97.30 32.98
N ALA C 124 -59.13 97.64 31.75
CA ALA C 124 -59.29 99.01 31.27
C ALA C 124 -60.77 99.37 31.13
N VAL C 125 -61.62 98.37 30.89
CA VAL C 125 -63.05 98.63 30.75
C VAL C 125 -63.65 99.04 32.08
N ALA C 126 -63.37 98.27 33.13
CA ALA C 126 -63.79 98.66 34.47
C ALA C 126 -63.15 99.98 34.87
N VAL C 127 -61.95 100.24 34.39
CA VAL C 127 -61.26 101.48 34.70
C VAL C 127 -62.03 102.66 34.12
N VAL C 128 -62.39 102.60 32.84
CA VAL C 128 -63.15 103.67 32.23
C VAL C 128 -64.54 103.76 32.84
N ALA C 129 -65.12 102.62 33.21
CA ALA C 129 -66.44 102.63 33.83
C ALA C 129 -66.40 103.34 35.17
N ALA C 130 -65.36 103.08 35.98
CA ALA C 130 -65.23 103.79 37.24
C ALA C 130 -64.93 105.27 37.01
N ALA C 131 -64.15 105.57 35.98
CA ALA C 131 -63.88 106.97 35.65
C ALA C 131 -65.16 107.70 35.31
N LEU C 132 -66.10 107.02 34.66
CA LEU C 132 -67.37 107.64 34.32
C LEU C 132 -68.32 107.68 35.50
N VAL C 133 -68.29 106.67 36.37
CA VAL C 133 -69.23 106.60 37.48
C VAL C 133 -68.83 107.57 38.58
N LEU C 134 -67.54 107.67 38.89
CA LEU C 134 -67.05 108.63 39.87
C LEU C 134 -66.93 110.03 39.30
N ALA C 135 -67.35 110.23 38.06
CA ALA C 135 -67.40 111.56 37.46
C ALA C 135 -68.66 112.28 37.95
N GLY C 136 -68.83 113.51 37.53
CA GLY C 136 -69.96 114.32 37.96
C GLY C 136 -70.41 115.24 36.86
N THR C 137 -70.58 116.52 37.19
CA THR C 137 -70.98 117.50 36.19
C THR C 137 -69.90 117.66 35.13
N ASP C 138 -68.72 118.09 35.53
CA ASP C 138 -67.63 118.35 34.59
C ASP C 138 -66.73 117.15 34.46
N PRO C 139 -66.96 116.29 33.48
CA PRO C 139 -66.00 115.21 33.22
C PRO C 139 -64.66 115.76 32.76
N GLU C 140 -64.70 116.70 31.81
CA GLU C 140 -63.55 117.43 31.29
C GLU C 140 -62.54 116.53 30.59
N LEU C 141 -62.61 115.21 30.75
CA LEU C 141 -61.79 114.31 29.96
C LEU C 141 -62.54 113.04 29.57
N GLN C 142 -63.84 112.95 29.85
CA GLN C 142 -64.62 111.80 29.39
C GLN C 142 -64.56 111.68 27.88
N GLU C 143 -64.46 112.81 27.16
CA GLU C 143 -64.17 112.74 25.74
C GLU C 143 -62.82 112.07 25.51
N MET C 144 -61.77 112.56 26.16
CA MET C 144 -60.50 111.86 26.16
C MET C 144 -60.68 110.43 26.64
N VAL C 145 -61.41 110.25 27.76
CA VAL C 145 -61.74 108.91 28.23
C VAL C 145 -62.52 108.14 27.17
N GLU C 146 -63.40 108.81 26.44
CA GLU C 146 -64.03 108.17 25.30
C GLU C 146 -63.01 107.94 24.19
N GLN C 147 -62.15 108.93 23.95
CA GLN C 147 -61.02 108.73 23.05
C GLN C 147 -60.19 107.54 23.50
N ILE C 148 -59.82 107.53 24.79
CA ILE C 148 -59.21 106.34 25.36
C ILE C 148 -60.10 105.12 25.14
N LYS C 149 -61.40 105.27 25.40
CA LYS C 149 -62.34 104.20 25.06
C LYS C 149 -62.26 103.86 23.59
N ASP C 150 -62.22 104.88 22.74
CA ASP C 150 -61.91 104.65 21.34
C ASP C 150 -60.55 103.97 21.21
N LEU C 151 -59.53 104.52 21.86
CA LEU C 151 -58.25 103.83 21.93
C LEU C 151 -58.40 102.45 22.53
N LEU C 152 -59.34 102.27 23.48
CA LEU C 152 -59.67 100.95 23.97
C LEU C 152 -60.37 100.14 22.89
N ILE C 153 -61.37 100.73 22.23
CA ILE C 153 -61.94 100.11 21.04
C ILE C 153 -60.85 99.85 20.03
N SER C 154 -59.97 100.84 19.81
CA SER C 154 -58.78 100.62 19.01
C SER C 154 -57.92 99.51 19.60
N ALA C 155 -57.75 99.50 20.92
CA ALA C 155 -57.11 98.37 21.56
C ALA C 155 -57.93 97.10 21.35
N PHE C 156 -59.27 97.22 21.40
CA PHE C 156 -60.12 96.11 21.03
C PHE C 156 -59.85 95.65 19.61
N MET C 157 -59.42 96.57 18.75
CA MET C 157 -58.91 96.19 17.44
C MET C 157 -57.42 95.91 17.48
N ALA C 158 -56.66 96.56 18.36
CA ALA C 158 -55.22 96.35 18.46
C ALA C 158 -54.89 95.10 19.25
N GLY C 159 -55.88 94.25 19.51
CA GLY C 159 -55.66 92.97 20.13
C GLY C 159 -55.71 91.85 19.12
N GLU C 165 -52.64 92.69 18.87
CA GLU C 165 -51.28 92.58 19.37
C GLU C 165 -50.73 93.94 19.78
N LYS C 166 -51.23 94.99 19.13
CA LYS C 166 -50.77 96.35 19.39
C LYS C 166 -51.45 96.98 20.59
N ALA C 167 -51.84 96.17 21.58
CA ALA C 167 -52.54 96.69 22.74
C ALA C 167 -51.98 96.18 24.07
N LEU C 168 -50.97 95.32 24.07
CA LEU C 168 -50.45 94.79 25.32
C LEU C 168 -49.93 95.89 26.23
N THR C 169 -49.01 96.72 25.73
CA THR C 169 -48.58 97.88 26.50
C THR C 169 -49.59 99.02 26.39
N GLN C 170 -50.38 99.04 25.32
CA GLN C 170 -51.38 100.08 25.17
C GLN C 170 -52.50 99.93 26.20
N LEU C 171 -52.89 98.69 26.50
CA LEU C 171 -53.89 98.48 27.55
C LEU C 171 -53.36 98.92 28.90
N LEU C 172 -52.09 98.63 29.18
CA LEU C 172 -51.48 99.08 30.43
C LEU C 172 -51.43 100.60 30.49
N PHE C 173 -51.08 101.24 29.38
CA PHE C 173 -51.03 102.70 29.34
C PHE C 173 -52.41 103.31 29.54
N VAL C 174 -53.43 102.70 28.94
CA VAL C 174 -54.78 103.20 29.08
C VAL C 174 -55.25 103.03 30.52
N ALA C 175 -54.91 101.90 31.15
CA ALA C 175 -55.27 101.69 32.54
C ALA C 175 -54.55 102.68 33.45
N TRP C 176 -53.28 102.99 33.14
CA TRP C 176 -52.55 103.95 33.96
C TRP C 176 -53.10 105.35 33.79
N ALA C 177 -53.51 105.71 32.58
CA ALA C 177 -54.13 107.01 32.36
C ALA C 177 -55.48 107.10 33.05
N ALA C 178 -56.24 106.01 33.04
CA ALA C 178 -57.49 105.99 33.79
C ALA C 178 -57.24 106.12 35.28
N HIS C 179 -56.16 105.49 35.78
CA HIS C 179 -55.82 105.59 37.19
C HIS C 179 -55.45 107.02 37.57
N ALA C 180 -54.68 107.68 36.70
CA ALA C 180 -54.41 109.10 36.92
C ALA C 180 -55.69 109.92 36.81
N VAL C 181 -56.64 109.47 35.99
CA VAL C 181 -57.92 110.15 35.92
C VAL C 181 -58.81 109.73 37.09
N ALA C 182 -58.83 108.43 37.42
CA ALA C 182 -59.68 107.96 38.51
C ALA C 182 -59.20 108.52 39.85
N MET C 183 -57.89 108.69 40.01
CA MET C 183 -57.40 109.38 41.20
C MET C 183 -57.88 110.82 41.22
N ILE C 184 -57.76 111.53 40.09
CA ILE C 184 -58.24 112.90 40.01
C ILE C 184 -59.76 112.94 40.14
N ALA C 185 -60.45 111.95 39.58
CA ALA C 185 -61.91 111.91 39.69
C ALA C 185 -62.34 111.73 41.14
N ALA C 186 -61.71 110.81 41.86
CA ALA C 186 -62.05 110.60 43.26
C ALA C 186 -61.66 111.80 44.11
N ALA C 187 -60.57 112.49 43.74
CA ALA C 187 -60.17 113.68 44.48
C ALA C 187 -61.19 114.80 44.30
N ALA C 188 -61.64 115.03 43.06
CA ALA C 188 -62.65 116.05 42.82
C ALA C 188 -64.00 115.64 43.38
N ASN C 189 -64.24 114.34 43.51
CA ASN C 189 -65.53 113.87 44.03
C ASN C 189 -65.73 114.25 45.49
N LEU C 190 -64.73 114.04 46.33
CA LEU C 190 -64.80 114.42 47.73
C LEU C 190 -64.39 115.86 47.96
N ALA C 191 -64.17 116.62 46.89
CA ALA C 191 -63.82 118.03 46.98
C ALA C 191 -65.03 118.90 46.69
N GLY C 192 -65.09 120.05 47.35
CA GLY C 192 -66.17 120.99 47.15
C GLY C 192 -65.76 122.20 46.32
N PRO C 195 -60.81 123.73 47.15
CA PRO C 195 -60.44 123.28 45.81
C PRO C 195 -58.95 122.97 45.69
N ARG C 196 -58.29 122.79 46.83
CA ARG C 196 -56.87 122.44 46.82
C ARG C 196 -56.64 121.10 46.15
N LEU C 197 -57.52 120.13 46.42
CA LEU C 197 -57.42 118.83 45.74
C LEU C 197 -57.67 118.98 44.24
N GLN C 198 -58.59 119.86 43.86
CA GLN C 198 -58.85 120.08 42.44
C GLN C 198 -57.66 120.73 41.75
N GLN C 199 -57.01 121.68 42.42
CA GLN C 199 -55.83 122.32 41.83
C GLN C 199 -54.65 121.37 41.78
N GLN C 200 -54.50 120.49 42.78
CA GLN C 200 -53.43 119.50 42.75
C GLN C 200 -53.67 118.47 41.65
N VAL C 201 -54.92 118.06 41.46
CA VAL C 201 -55.24 117.14 40.37
C VAL C 201 -55.22 117.80 39.01
N LYS C 202 -55.33 119.13 38.95
CA LYS C 202 -55.27 119.82 37.67
C LYS C 202 -53.86 119.83 37.11
N GLU C 203 -52.85 119.69 37.97
CA GLU C 203 -51.47 119.63 37.53
C GLU C 203 -51.02 118.22 37.16
N ILE C 204 -51.54 117.21 37.85
CA ILE C 204 -51.27 115.83 37.44
C ILE C 204 -52.05 115.48 36.19
N LEU C 205 -53.27 116.01 36.07
CA LEU C 205 -54.04 115.80 34.84
C LEU C 205 -53.39 116.51 33.66
N GLU C 206 -52.67 117.60 33.90
CA GLU C 206 -51.95 118.28 32.82
C GLU C 206 -50.88 117.37 32.24
N LYS C 207 -50.03 116.81 33.10
CA LYS C 207 -49.00 115.88 32.62
C LYS C 207 -49.63 114.62 32.05
N LEU C 208 -50.78 114.20 32.58
CA LEU C 208 -51.47 113.03 32.05
C LEU C 208 -51.93 113.28 30.62
N LYS C 209 -52.55 114.44 30.36
CA LYS C 209 -53.00 114.76 29.01
C LYS C 209 -51.81 114.98 28.08
N GLU C 210 -50.73 115.55 28.60
CA GLU C 210 -49.53 115.72 27.78
C GLU C 210 -48.95 114.37 27.36
N ALA C 211 -48.89 113.41 28.29
CA ALA C 211 -48.41 112.07 27.95
C ALA C 211 -49.40 111.35 27.02
N ILE C 212 -50.70 111.57 27.21
CA ILE C 212 -51.70 110.93 26.36
C ILE C 212 -51.55 111.42 24.93
N GLU C 213 -51.38 112.73 24.75
CA GLU C 213 -51.04 113.25 23.43
C GLU C 213 -49.71 112.67 22.94
N THR C 214 -48.74 112.50 23.84
CA THR C 214 -47.50 111.83 23.47
C THR C 214 -47.73 110.35 23.23
N PHE C 215 -48.56 109.70 24.05
CA PHE C 215 -48.93 108.32 23.79
C PHE C 215 -49.73 108.18 22.52
N GLN C 216 -50.49 109.22 22.16
CA GLN C 216 -51.13 109.30 20.86
C GLN C 216 -50.19 109.87 19.80
N LYS C 217 -48.95 110.18 20.18
CA LYS C 217 -47.92 110.59 19.25
C LYS C 217 -46.91 109.48 18.99
N GLY C 218 -47.27 108.24 19.32
CA GLY C 218 -46.41 107.11 19.05
C GLY C 218 -45.26 107.01 20.03
N ASP C 219 -45.42 107.61 21.22
CA ASP C 219 -44.39 107.55 22.25
C ASP C 219 -44.76 106.44 23.22
N GLU C 220 -43.94 105.40 23.25
CA GLU C 220 -44.26 104.20 24.01
C GLU C 220 -43.59 104.17 25.38
N GLU C 221 -42.32 104.55 25.47
CA GLU C 221 -41.65 104.56 26.75
C GLU C 221 -41.78 105.92 27.44
N GLN C 222 -41.56 107.01 26.69
CA GLN C 222 -41.59 108.34 27.29
C GLN C 222 -42.99 108.70 27.76
N ALA C 223 -44.00 108.47 26.93
CA ALA C 223 -45.37 108.82 27.31
C ALA C 223 -45.87 107.92 28.43
N PHE C 224 -45.52 106.64 28.40
CA PHE C 224 -45.91 105.75 29.49
C PHE C 224 -45.27 106.19 30.79
N ARG C 225 -44.00 106.59 30.74
CA ARG C 225 -43.32 107.07 31.94
C ARG C 225 -43.95 108.35 32.46
N GLN C 226 -44.26 109.29 31.56
CA GLN C 226 -44.88 110.54 31.98
C GLN C 226 -46.26 110.31 32.58
N LEU C 227 -47.06 109.42 31.99
CA LEU C 227 -48.38 109.12 32.54
C LEU C 227 -48.27 108.42 33.89
N ALA C 228 -47.30 107.51 34.02
CA ALA C 228 -47.11 106.81 35.29
C ALA C 228 -46.66 107.77 36.39
N GLU C 229 -45.79 108.71 36.04
CA GLU C 229 -45.35 109.69 37.02
C GLU C 229 -46.47 110.64 37.40
N VAL C 230 -47.31 111.01 36.43
CA VAL C 230 -48.46 111.86 36.71
C VAL C 230 -49.44 111.12 37.63
N LEU C 231 -49.66 109.84 37.37
CA LEU C 231 -50.52 109.04 38.24
C LEU C 231 -49.93 108.91 39.65
N ALA C 232 -48.60 108.75 39.75
CA ALA C 232 -47.98 108.65 41.06
C ALA C 232 -48.08 109.96 41.83
N GLU C 233 -47.86 111.08 41.16
CA GLU C 233 -48.02 112.38 41.82
C GLU C 233 -49.47 112.62 42.21
N ALA C 234 -50.40 112.19 41.37
CA ALA C 234 -51.81 112.32 41.71
C ALA C 234 -52.17 111.47 42.92
N ALA C 235 -51.62 110.26 43.01
CA ALA C 235 -51.86 109.42 44.18
C ALA C 235 -51.22 110.01 45.43
N LEU C 236 -50.07 110.67 45.28
CA LEU C 236 -49.43 111.31 46.42
C LEU C 236 -50.25 112.50 46.90
N VAL C 237 -50.83 113.28 45.98
CA VAL C 237 -51.67 114.39 46.37
C VAL C 237 -53.01 113.89 46.93
N ALA C 238 -53.46 112.72 46.48
CA ALA C 238 -54.69 112.15 47.00
C ALA C 238 -54.53 111.72 48.45
N LEU C 239 -53.30 111.37 48.84
CA LEU C 239 -53.05 111.04 50.24
C LEU C 239 -53.38 112.21 51.16
N ARG C 240 -53.12 113.44 50.70
CA ARG C 240 -53.48 114.61 51.49
C ARG C 240 -54.93 115.03 51.24
N ALA C 241 -55.42 114.81 50.02
CA ALA C 241 -56.80 115.18 49.71
C ALA C 241 -57.80 114.32 50.48
N ALA C 242 -57.41 113.08 50.83
CA ALA C 242 -58.28 112.22 51.60
C ALA C 242 -58.48 112.69 53.02
N LEU C 243 -57.57 113.52 53.54
CA LEU C 243 -57.71 114.12 54.85
C LEU C 243 -58.16 115.57 54.78
N THR C 244 -58.39 116.09 53.58
CA THR C 244 -58.83 117.48 53.41
C THR C 244 -60.32 117.66 53.61
N ASN C 245 -61.06 116.58 53.86
CA ASN C 245 -62.51 116.67 54.06
C ASN C 245 -62.92 116.02 55.37
N GLU D 4 -98.89 25.92 -17.78
CA GLU D 4 -97.79 25.07 -17.35
C GLU D 4 -98.31 23.89 -16.54
N PHE D 5 -97.42 23.30 -15.74
CA PHE D 5 -97.76 22.11 -14.95
C PHE D 5 -98.77 22.40 -13.85
N LYS D 6 -98.95 23.67 -13.48
CA LYS D 6 -100.05 24.05 -12.60
C LYS D 6 -100.80 25.26 -13.14
N PHE D 7 -100.36 25.83 -14.25
CA PHE D 7 -101.05 26.93 -14.89
C PHE D 7 -101.85 26.51 -16.12
N LEU D 8 -101.66 25.29 -16.61
CA LEU D 8 -102.53 24.72 -17.62
C LEU D 8 -103.28 23.52 -17.05
N ALA D 9 -103.12 23.28 -15.75
CA ALA D 9 -103.88 22.28 -15.02
C ALA D 9 -105.14 22.86 -14.42
N THR D 10 -105.24 24.18 -14.31
CA THR D 10 -106.53 24.80 -14.03
C THR D 10 -107.46 24.63 -15.21
N GLU D 11 -106.92 24.66 -16.42
CA GLU D 11 -107.70 24.27 -17.59
C GLU D 11 -108.09 22.81 -17.53
N ALA D 12 -107.17 21.95 -17.07
CA ALA D 12 -107.53 20.55 -16.83
C ALA D 12 -108.57 20.44 -15.73
N LYS D 13 -108.53 21.34 -14.75
CA LYS D 13 -109.53 21.34 -13.69
C LYS D 13 -110.90 21.75 -14.20
N MET D 14 -110.98 22.74 -15.08
CA MET D 14 -112.25 23.05 -15.72
C MET D 14 -112.70 21.89 -16.60
N LEU D 15 -111.76 21.21 -17.26
CA LEU D 15 -112.11 20.02 -18.01
C LEU D 15 -112.66 18.92 -17.10
N ILE D 16 -112.06 18.77 -15.92
CA ILE D 16 -112.53 17.75 -14.98
C ILE D 16 -113.92 18.12 -14.46
N THR D 17 -114.17 19.41 -14.23
CA THR D 17 -115.48 19.85 -13.80
C THR D 17 -116.53 19.64 -14.88
N ALA D 18 -116.15 19.88 -16.14
CA ALA D 18 -117.07 19.62 -17.25
C ALA D 18 -117.38 18.13 -17.35
N ALA D 19 -116.35 17.28 -17.32
CA ALA D 19 -116.56 15.85 -17.47
C ALA D 19 -117.35 15.26 -16.32
N GLU D 20 -117.12 15.75 -15.10
CA GLU D 20 -117.88 15.27 -13.95
C GLU D 20 -119.35 15.63 -14.08
N ARG D 21 -119.64 16.75 -14.74
CA ARG D 21 -121.01 17.16 -15.01
C ARG D 21 -121.54 16.66 -16.34
N LEU D 22 -120.70 16.05 -17.18
CA LEU D 22 -121.12 15.55 -18.49
C LEU D 22 -121.05 14.03 -18.59
N ALA D 23 -120.52 13.35 -17.57
CA ALA D 23 -120.47 11.90 -17.54
C ALA D 23 -121.29 11.45 -16.33
N GLY D 24 -122.61 11.53 -16.45
CA GLY D 24 -123.50 11.09 -15.40
C GLY D 24 -123.91 9.64 -15.48
N THR D 25 -123.50 8.96 -16.54
CA THR D 25 -123.71 7.52 -16.70
C THR D 25 -122.35 6.90 -17.01
N ASP D 26 -122.36 5.61 -17.32
CA ASP D 26 -121.13 4.86 -17.56
C ASP D 26 -120.20 5.03 -16.37
N PRO D 27 -120.48 4.39 -15.23
CA PRO D 27 -119.60 4.51 -14.06
C PRO D 27 -118.12 4.25 -14.37
N ARG D 28 -117.80 3.62 -15.49
CA ARG D 28 -116.41 3.58 -15.93
C ARG D 28 -115.90 4.99 -16.22
N LEU D 29 -116.76 5.86 -16.76
CA LEU D 29 -116.35 7.23 -17.00
C LEU D 29 -116.12 7.97 -15.69
N GLN D 30 -116.99 7.77 -14.70
CA GLN D 30 -116.78 8.40 -13.41
C GLN D 30 -115.52 7.88 -12.75
N GLU D 31 -115.25 6.58 -12.88
CA GLU D 31 -114.04 6.00 -12.31
C GLU D 31 -112.79 6.53 -12.99
N MET D 32 -112.84 6.71 -14.32
CA MET D 32 -111.71 7.28 -15.04
C MET D 32 -111.51 8.74 -14.64
N VAL D 33 -112.60 9.48 -14.44
CA VAL D 33 -112.50 10.87 -14.00
C VAL D 33 -111.89 10.91 -12.61
N ALA D 34 -112.24 9.96 -11.74
CA ALA D 34 -111.66 9.92 -10.41
C ALA D 34 -110.18 9.56 -10.45
N LEU D 35 -109.80 8.60 -11.29
CA LEU D 35 -108.39 8.25 -11.44
C LEU D 35 -107.60 9.40 -12.03
N ILE D 36 -108.22 10.21 -12.89
CA ILE D 36 -107.55 11.37 -13.46
C ILE D 36 -107.39 12.45 -12.42
N LYS D 37 -108.44 12.73 -11.64
CA LYS D 37 -108.34 13.68 -10.55
C LYS D 37 -107.30 13.25 -9.52
N LYS D 38 -107.20 11.95 -9.25
CA LYS D 38 -106.11 11.46 -8.42
C LYS D 38 -104.78 11.63 -9.13
N GLU D 39 -104.73 11.32 -10.43
CA GLU D 39 -103.56 11.64 -11.23
C GLU D 39 -103.35 13.15 -11.31
N LEU D 40 -104.43 13.92 -11.42
CA LEU D 40 -104.31 15.37 -11.28
C LEU D 40 -103.82 15.76 -9.90
N GLU D 41 -104.32 15.09 -8.85
CA GLU D 41 -103.82 15.34 -7.50
C GLU D 41 -102.37 14.92 -7.37
N GLN D 42 -102.00 13.80 -8.00
CA GLN D 42 -100.61 13.35 -7.93
C GLN D 42 -99.68 14.33 -8.63
N ALA D 43 -100.11 14.88 -9.76
CA ALA D 43 -99.29 15.86 -10.46
C ALA D 43 -99.22 17.18 -9.69
N GLU D 44 -100.34 17.63 -9.13
CA GLU D 44 -100.33 18.84 -8.32
C GLU D 44 -99.46 18.69 -7.09
N ARG D 45 -99.42 17.49 -6.50
CA ARG D 45 -98.49 17.23 -5.42
C ARG D 45 -97.05 17.26 -5.93
N THR D 46 -96.79 16.61 -7.07
CA THR D 46 -95.50 16.72 -7.70
C THR D 46 -95.23 18.14 -8.20
N PHE D 47 -96.28 18.86 -8.59
CA PHE D 47 -96.12 20.29 -8.87
C PHE D 47 -95.81 21.05 -7.59
N ARG D 48 -96.37 20.59 -6.47
CA ARG D 48 -95.99 21.14 -5.17
C ARG D 48 -94.71 20.52 -4.63
N ASN D 49 -94.31 19.36 -5.16
CA ASN D 49 -93.06 18.74 -4.78
C ASN D 49 -91.95 19.20 -5.72
N GLY D 50 -90.75 18.67 -5.54
CA GLY D 50 -89.63 19.02 -6.40
C GLY D 50 -89.66 18.25 -7.70
N ASP D 51 -90.68 17.41 -7.89
CA ASP D 51 -90.85 16.62 -9.11
C ASP D 51 -91.66 17.47 -10.07
N LYS D 52 -91.07 18.58 -10.52
CA LYS D 52 -91.75 19.52 -11.41
C LYS D 52 -91.82 18.98 -12.84
N SER D 53 -90.77 18.32 -13.31
CA SER D 53 -90.83 17.71 -14.64
C SER D 53 -91.76 16.51 -14.64
N GLU D 54 -91.71 15.70 -13.59
CA GLU D 54 -92.68 14.61 -13.45
C GLU D 54 -94.09 15.16 -13.31
N ALA D 55 -94.24 16.28 -12.61
CA ALA D 55 -95.55 16.93 -12.52
C ALA D 55 -96.03 17.36 -13.90
N GLN D 56 -95.15 17.95 -14.70
CA GLN D 56 -95.54 18.38 -16.04
C GLN D 56 -95.91 17.21 -16.91
N ARG D 57 -95.15 16.11 -16.82
CA ARG D 57 -95.47 14.92 -17.61
C ARG D 57 -96.80 14.32 -17.20
N GLN D 58 -97.02 14.14 -15.91
CA GLN D 58 -98.29 13.59 -15.43
C GLN D 58 -99.44 14.52 -15.77
N LEU D 59 -99.23 15.83 -15.70
CA LEU D 59 -100.28 16.78 -16.04
C LEU D 59 -100.60 16.75 -17.52
N GLU D 60 -99.57 16.60 -18.36
CA GLU D 60 -99.80 16.48 -19.80
C GLU D 60 -100.55 15.19 -20.13
N PHE D 61 -100.20 14.09 -19.47
CA PHE D 61 -100.93 12.86 -19.67
C PHE D 61 -102.37 12.99 -19.21
N VAL D 62 -102.58 13.57 -18.03
CA VAL D 62 -103.92 13.72 -17.49
C VAL D 62 -104.73 14.72 -18.29
N LEU D 63 -104.07 15.65 -18.99
CA LEU D 63 -104.78 16.57 -19.85
C LEU D 63 -105.40 15.84 -21.03
N THR D 64 -104.60 15.02 -21.70
CA THR D 64 -105.15 14.18 -22.77
C THR D 64 -106.19 13.22 -22.21
N ALA D 65 -105.98 12.73 -20.98
CA ALA D 65 -106.94 11.83 -20.36
C ALA D 65 -108.28 12.52 -20.16
N ALA D 66 -108.26 13.74 -19.63
CA ALA D 66 -109.48 14.49 -19.40
C ALA D 66 -110.13 14.89 -20.72
N ARG D 67 -109.32 15.19 -21.74
CA ARG D 67 -109.87 15.52 -23.05
C ARG D 67 -110.60 14.33 -23.64
N ALA D 68 -109.96 13.16 -23.62
CA ALA D 68 -110.61 11.95 -24.13
C ALA D 68 -111.80 11.56 -23.28
N VAL D 69 -111.75 11.86 -21.98
CA VAL D 69 -112.87 11.53 -21.11
C VAL D 69 -114.05 12.43 -21.40
N MET D 70 -113.79 13.70 -21.69
CA MET D 70 -114.85 14.60 -22.13
C MET D 70 -115.40 14.16 -23.48
N ASN D 71 -114.52 13.68 -24.37
CA ASN D 71 -114.98 13.14 -25.64
C ASN D 71 -115.91 11.95 -25.41
N VAL D 72 -115.56 11.07 -24.48
CA VAL D 72 -116.36 9.89 -24.20
C VAL D 72 -117.68 10.29 -23.55
N ALA D 73 -117.65 11.29 -22.66
CA ALA D 73 -118.88 11.72 -22.02
C ALA D 73 -119.83 12.37 -23.02
N ALA D 74 -119.28 13.21 -23.90
CA ALA D 74 -120.11 13.83 -24.94
C ALA D 74 -120.62 12.79 -25.92
N ALA D 75 -119.82 11.75 -26.17
CA ALA D 75 -120.30 10.66 -27.02
C ALA D 75 -121.46 9.93 -26.35
N ALA D 76 -121.30 9.56 -25.07
CA ALA D 76 -122.38 8.89 -24.35
C ALA D 76 -123.62 9.76 -24.29
N ASN D 77 -123.46 11.08 -24.18
CA ASN D 77 -124.59 11.98 -24.24
C ASN D 77 -125.17 12.08 -25.64
N ALA D 78 -124.37 11.80 -26.68
CA ALA D 78 -124.80 11.89 -28.06
C ALA D 78 -124.98 10.53 -28.72
N ALA D 79 -124.74 9.45 -27.98
CA ALA D 79 -124.90 8.10 -28.53
C ALA D 79 -125.60 7.21 -27.51
N GLY D 80 -126.64 7.74 -26.87
CA GLY D 80 -127.42 6.96 -25.94
C GLY D 80 -128.34 5.95 -26.58
N THR D 81 -128.32 5.83 -27.92
CA THR D 81 -129.22 4.94 -28.63
C THR D 81 -128.51 4.03 -29.62
N ASP D 82 -127.19 4.15 -29.77
CA ASP D 82 -126.46 3.31 -30.72
C ASP D 82 -125.73 2.21 -29.97
N PRO D 83 -126.14 0.94 -30.14
CA PRO D 83 -125.46 -0.12 -29.39
C PRO D 83 -124.01 -0.30 -29.80
N LEU D 84 -123.70 -0.16 -31.09
CA LEU D 84 -122.31 -0.24 -31.53
C LEU D 84 -121.50 0.89 -30.93
N LEU D 85 -122.09 2.09 -30.82
CA LEU D 85 -121.40 3.21 -30.22
C LEU D 85 -121.16 2.97 -28.73
N LYS D 86 -122.16 2.46 -28.01
CA LYS D 86 -121.98 2.18 -26.60
C LYS D 86 -120.93 1.08 -26.40
N ALA D 87 -120.91 0.11 -27.30
CA ALA D 87 -119.91 -0.95 -27.22
C ALA D 87 -118.51 -0.41 -27.45
N MET D 88 -118.33 0.38 -28.50
CA MET D 88 -117.03 0.98 -28.74
C MET D 88 -116.66 1.94 -27.62
N VAL D 89 -117.66 2.55 -26.98
CA VAL D 89 -117.38 3.46 -25.88
C VAL D 89 -116.89 2.71 -24.66
N ASP D 90 -117.53 1.60 -24.33
CA ASP D 90 -117.05 0.76 -23.23
C ASP D 90 -115.68 0.18 -23.57
N ALA D 91 -115.45 -0.13 -24.84
CA ALA D 91 -114.15 -0.64 -25.25
C ALA D 91 -113.07 0.43 -25.09
N ILE D 92 -113.38 1.67 -25.47
CA ILE D 92 -112.44 2.76 -25.28
C ILE D 92 -112.26 3.05 -23.80
N LEU D 93 -113.30 2.82 -23.00
CA LEU D 93 -113.17 2.99 -21.56
C LEU D 93 -112.23 1.95 -20.96
N TRP D 94 -112.35 0.71 -21.41
CA TRP D 94 -111.44 -0.32 -20.96
C TRP D 94 -110.01 -0.05 -21.44
N ARG D 95 -109.86 0.37 -22.69
CA ARG D 95 -108.55 0.71 -23.21
C ARG D 95 -107.97 1.91 -22.46
N LEU D 96 -108.82 2.83 -22.04
CA LEU D 96 -108.36 3.98 -21.29
C LEU D 96 -107.95 3.60 -19.87
N LYS D 97 -108.69 2.68 -19.25
CA LYS D 97 -108.27 2.17 -17.96
C LYS D 97 -106.94 1.43 -18.08
N GLU D 98 -106.77 0.67 -19.16
CA GLU D 98 -105.50 -0.02 -19.38
C GLU D 98 -104.36 0.97 -19.59
N ALA D 99 -104.59 2.00 -20.40
CA ALA D 99 -103.55 2.99 -20.64
C ALA D 99 -103.27 3.80 -19.38
N ILE D 100 -104.29 3.98 -18.53
CA ILE D 100 -104.09 4.70 -17.29
C ILE D 100 -103.27 3.87 -16.31
N ARG D 101 -103.52 2.56 -16.28
CA ARG D 101 -102.69 1.68 -15.46
C ARG D 101 -101.27 1.62 -16.02
N THR D 102 -101.13 1.66 -17.34
CA THR D 102 -99.81 1.63 -17.95
C THR D 102 -99.02 2.89 -17.64
N PHE D 103 -99.65 4.06 -17.82
CA PHE D 103 -98.99 5.32 -17.46
C PHE D 103 -98.71 5.37 -15.96
N GLN D 104 -99.63 4.89 -15.13
CA GLN D 104 -99.36 4.80 -13.72
C GLN D 104 -98.20 3.85 -13.44
N ASN D 105 -98.00 2.85 -14.30
CA ASN D 105 -96.81 2.03 -14.26
C ASN D 105 -95.62 2.69 -14.95
N GLY D 106 -95.73 3.96 -15.31
CA GLY D 106 -94.68 4.62 -16.05
C GLY D 106 -94.61 4.23 -17.50
N ASP D 107 -95.62 3.51 -18.00
CA ASP D 107 -95.65 3.09 -19.39
C ASP D 107 -96.67 3.92 -20.17
N GLU D 109 -94.34 5.90 -21.02
CA GLU D 109 -93.77 5.26 -22.19
C GLU D 109 -94.83 5.01 -23.27
N GLU D 110 -95.40 3.81 -23.27
CA GLU D 110 -96.46 3.48 -24.21
C GLU D 110 -97.81 4.05 -23.79
N ALA D 111 -97.83 4.95 -22.81
CA ALA D 111 -99.06 5.63 -22.44
C ALA D 111 -99.57 6.48 -23.60
N GLU D 112 -98.81 7.50 -23.98
CA GLU D 112 -99.16 8.27 -25.19
C GLU D 112 -98.69 7.52 -26.44
N THR D 113 -99.14 6.28 -26.55
CA THR D 113 -99.03 5.47 -27.75
C THR D 113 -100.37 4.95 -28.21
N GLN D 114 -101.02 4.11 -27.41
CA GLN D 114 -102.40 3.75 -27.64
C GLN D 114 -103.34 4.89 -27.26
N LEU D 115 -103.12 5.50 -26.11
CA LEU D 115 -103.90 6.67 -25.73
C LEU D 115 -103.64 7.83 -26.69
N ARG D 116 -102.43 7.89 -27.26
CA ARG D 116 -102.20 8.83 -28.36
C ARG D 116 -103.20 8.61 -29.47
N PHE D 117 -103.47 7.35 -29.80
CA PHE D 117 -104.56 7.05 -30.73
C PHE D 117 -105.91 6.98 -30.01
N VAL D 118 -105.93 6.51 -28.77
CA VAL D 118 -107.19 6.45 -28.03
C VAL D 118 -107.72 7.85 -27.78
N LEU D 119 -106.84 8.86 -27.73
CA LEU D 119 -107.34 10.22 -27.72
C LEU D 119 -108.04 10.54 -29.04
N ARG D 120 -107.38 10.23 -30.17
CA ARG D 120 -108.03 10.41 -31.45
C ARG D 120 -109.21 9.45 -31.60
N ALA D 121 -109.13 8.29 -30.96
CA ALA D 121 -110.26 7.36 -30.98
C ALA D 121 -111.47 7.97 -30.31
N ALA D 122 -111.29 8.53 -29.12
CA ALA D 122 -112.40 9.19 -28.44
C ALA D 122 -112.87 10.40 -29.22
N ILE D 123 -111.94 11.08 -29.90
CA ILE D 123 -112.31 12.20 -30.75
C ILE D 123 -113.28 11.74 -31.83
N ALA D 124 -112.87 10.76 -32.63
CA ALA D 124 -113.73 10.28 -33.71
C ALA D 124 -115.00 9.64 -33.15
N VAL D 125 -114.92 9.08 -31.94
CA VAL D 125 -116.09 8.45 -31.34
C VAL D 125 -117.13 9.49 -30.98
N ALA D 126 -116.72 10.56 -30.30
CA ALA D 126 -117.63 11.65 -30.03
C ALA D 126 -118.10 12.29 -31.33
N VAL D 127 -117.26 12.27 -32.36
CA VAL D 127 -117.64 12.82 -33.65
C VAL D 127 -118.79 12.04 -34.25
N VAL D 128 -118.67 10.72 -34.30
CA VAL D 128 -119.75 9.89 -34.83
C VAL D 128 -120.98 9.98 -33.93
N ALA D 129 -120.77 10.10 -32.62
CA ALA D 129 -121.90 10.20 -31.71
C ALA D 129 -122.68 11.49 -31.95
N ALA D 130 -121.97 12.59 -32.17
CA ALA D 130 -122.65 13.84 -32.50
C ALA D 130 -123.31 13.76 -33.86
N ALA D 131 -122.66 13.08 -34.82
CA ALA D 131 -123.26 12.90 -36.13
C ALA D 131 -124.58 12.13 -36.03
N LEU D 132 -124.64 11.18 -35.09
CA LEU D 132 -125.88 10.42 -34.91
C LEU D 132 -126.91 11.20 -34.11
N VAL D 133 -126.47 11.99 -33.13
CA VAL D 133 -127.42 12.70 -32.27
C VAL D 133 -128.03 13.89 -32.98
N LEU D 134 -127.23 14.64 -33.75
CA LEU D 134 -127.74 15.74 -34.54
C LEU D 134 -128.39 15.29 -35.83
N ALA D 135 -128.50 13.97 -36.04
CA ALA D 135 -129.21 13.43 -37.18
C ALA D 135 -130.70 13.46 -36.87
N GLY D 136 -131.51 13.02 -37.83
CA GLY D 136 -132.96 13.04 -37.69
C GLY D 136 -133.58 11.88 -38.40
N THR D 137 -134.60 12.14 -39.21
CA THR D 137 -135.25 11.08 -39.97
C THR D 137 -134.28 10.48 -40.98
N ASP D 138 -133.80 11.29 -41.92
CA ASP D 138 -132.94 10.79 -42.98
C ASP D 138 -131.47 10.98 -42.60
N PRO D 139 -130.84 9.96 -42.04
CA PRO D 139 -129.39 10.03 -41.83
C PRO D 139 -128.65 10.10 -43.16
N GLU D 140 -129.02 9.21 -44.08
CA GLU D 140 -128.50 9.14 -45.45
C GLU D 140 -127.01 8.83 -45.53
N LEU D 141 -126.27 8.94 -44.42
CA LEU D 141 -124.89 8.47 -44.39
C LEU D 141 -124.53 7.81 -43.07
N GLN D 142 -125.50 7.62 -42.17
CA GLN D 142 -125.22 6.88 -40.94
C GLN D 142 -124.70 5.49 -41.23
N GLU D 143 -125.15 4.87 -42.33
CA GLU D 143 -124.52 3.64 -42.79
C GLU D 143 -123.06 3.89 -43.12
N MET D 144 -122.78 4.89 -43.96
CA MET D 144 -121.40 5.32 -44.16
C MET D 144 -120.76 5.69 -42.83
N VAL D 145 -121.47 6.46 -42.01
CA VAL D 145 -120.98 6.76 -40.66
C VAL D 145 -120.78 5.48 -39.86
N GLU D 146 -121.67 4.50 -40.04
CA GLU D 146 -121.41 3.20 -39.45
C GLU D 146 -120.23 2.52 -40.13
N GLN D 147 -120.17 2.62 -41.46
CA GLN D 147 -118.99 2.18 -42.19
C GLN D 147 -117.75 2.86 -41.64
N ILE D 148 -117.81 4.20 -41.55
CA ILE D 148 -116.76 4.93 -40.84
C ILE D 148 -116.59 4.39 -39.44
N LYS D 149 -117.69 4.16 -38.72
CA LYS D 149 -117.61 3.50 -37.43
C LYS D 149 -116.94 2.15 -37.56
N ASP D 150 -117.35 1.37 -38.57
CA ASP D 150 -116.59 0.17 -38.92
C ASP D 150 -115.15 0.52 -39.21
N LEU D 151 -114.92 1.50 -40.09
CA LEU D 151 -113.57 2.02 -40.29
C LEU D 151 -112.96 2.50 -38.98
N LEU D 152 -113.78 3.04 -38.08
CA LEU D 152 -113.32 3.36 -36.74
C LEU D 152 -113.03 2.08 -35.96
N ILE D 153 -113.95 1.12 -36.00
CA ILE D 153 -113.67 -0.20 -35.46
C ILE D 153 -112.43 -0.77 -36.15
N SER D 154 -112.38 -0.64 -37.46
CA SER D 154 -111.15 -0.97 -38.19
C SER D 154 -109.99 -0.14 -37.69
N ALA D 155 -110.20 1.16 -37.48
CA ALA D 155 -109.18 1.96 -36.82
C ALA D 155 -108.92 1.44 -35.41
N PHE D 156 -109.98 1.03 -34.71
CA PHE D 156 -109.81 0.36 -33.43
C PHE D 156 -108.95 -0.89 -33.58
N MET D 157 -108.99 -1.52 -34.75
CA MET D 157 -108.03 -2.57 -35.07
C MET D 157 -106.77 -2.01 -35.71
N ALA D 158 -106.87 -0.91 -36.45
CA ALA D 158 -105.72 -0.30 -37.11
C ALA D 158 -104.88 0.53 -36.15
N GLY D 159 -105.13 0.40 -34.85
CA GLY D 159 -104.32 1.04 -33.84
C GLY D 159 -103.39 0.05 -33.20
N GLU D 165 -101.62 0.92 -35.70
CA GLU D 165 -100.69 1.88 -36.29
C GLU D 165 -101.26 2.48 -37.57
N LYS D 166 -102.12 1.72 -38.24
CA LYS D 166 -102.72 2.14 -39.51
C LYS D 166 -103.93 3.05 -39.30
N ALA D 167 -103.96 3.82 -38.22
CA ALA D 167 -105.11 4.66 -37.92
C ALA D 167 -104.73 6.09 -37.53
N LEU D 168 -103.44 6.43 -37.47
CA LEU D 168 -103.06 7.77 -37.07
C LEU D 168 -103.62 8.83 -38.00
N THR D 169 -103.34 8.71 -39.30
CA THR D 169 -103.97 9.60 -40.27
C THR D 169 -105.40 9.17 -40.57
N GLN D 170 -105.70 7.88 -40.39
CA GLN D 170 -107.05 7.40 -40.64
C GLN D 170 -108.04 7.97 -39.63
N LEU D 171 -107.62 8.08 -38.36
CA LEU D 171 -108.48 8.71 -37.37
C LEU D 171 -108.74 10.17 -37.70
N LEU D 172 -107.70 10.88 -38.14
CA LEU D 172 -107.87 12.27 -38.55
C LEU D 172 -108.81 12.37 -39.75
N PHE D 173 -108.67 11.48 -40.72
CA PHE D 173 -109.55 11.49 -41.88
C PHE D 173 -110.99 11.19 -41.49
N VAL D 174 -111.19 10.25 -40.57
CA VAL D 174 -112.54 9.91 -40.12
C VAL D 174 -113.14 11.09 -39.37
N ALA D 175 -112.35 11.77 -38.55
CA ALA D 175 -112.85 12.95 -37.84
C ALA D 175 -113.19 14.07 -38.82
N TRP D 176 -112.38 14.24 -39.87
CA TRP D 176 -112.67 15.29 -40.85
C TRP D 176 -113.91 14.96 -41.65
N ALA D 177 -114.11 13.69 -41.98
CA ALA D 177 -115.32 13.29 -42.67
C ALA D 177 -116.55 13.45 -41.79
N ALA D 178 -116.41 13.15 -40.50
CA ALA D 178 -117.51 13.41 -39.56
C ALA D 178 -117.79 14.90 -39.45
N HIS D 179 -116.74 15.73 -39.48
CA HIS D 179 -116.94 17.17 -39.42
C HIS D 179 -117.66 17.69 -40.66
N ALA D 180 -117.30 17.16 -41.84
CA ALA D 180 -118.06 17.49 -43.03
C ALA D 180 -119.48 16.95 -42.94
N VAL D 181 -119.67 15.83 -42.23
CA VAL D 181 -121.02 15.32 -42.01
C VAL D 181 -121.71 16.09 -40.89
N ALA D 182 -120.99 16.37 -39.79
CA ALA D 182 -121.59 17.08 -38.68
C ALA D 182 -121.95 18.51 -39.06
N MET D 183 -121.15 19.14 -39.93
CA MET D 183 -121.54 20.43 -40.46
C MET D 183 -122.81 20.31 -41.30
N ILE D 184 -122.87 19.31 -42.19
CA ILE D 184 -124.07 19.09 -42.98
C ILE D 184 -125.23 18.69 -42.09
N ALA D 185 -124.96 17.89 -41.05
CA ALA D 185 -126.03 17.47 -40.14
C ALA D 185 -126.62 18.67 -39.39
N ALA D 186 -125.76 19.56 -38.89
CA ALA D 186 -126.25 20.73 -38.18
C ALA D 186 -126.94 21.69 -39.14
N ALA D 187 -126.49 21.74 -40.39
CA ALA D 187 -127.14 22.60 -41.38
C ALA D 187 -128.55 22.09 -41.68
N ALA D 188 -128.69 20.78 -41.90
CA ALA D 188 -130.01 20.22 -42.16
C ALA D 188 -130.88 20.24 -40.92
N ASN D 189 -130.27 20.26 -39.73
CA ASN D 189 -131.04 20.27 -38.48
C ASN D 189 -131.81 21.57 -38.32
N LEU D 190 -131.17 22.71 -38.54
CA LEU D 190 -131.82 24.00 -38.45
C LEU D 190 -132.51 24.40 -39.75
N ALA D 191 -132.56 23.48 -40.73
CA ALA D 191 -133.21 23.73 -42.01
C ALA D 191 -134.57 23.04 -42.03
N GLY D 192 -135.51 23.66 -42.73
CA GLY D 192 -136.85 23.10 -42.87
C GLY D 192 -137.09 22.51 -44.24
N PRO D 195 -134.69 25.07 -48.13
CA PRO D 195 -133.78 23.93 -48.33
C PRO D 195 -132.46 24.34 -48.99
N ARG D 196 -132.17 25.65 -48.97
CA ARG D 196 -130.92 26.13 -49.52
C ARG D 196 -129.72 25.55 -48.79
N LEU D 197 -129.81 25.48 -47.46
CA LEU D 197 -128.75 24.86 -46.68
C LEU D 197 -128.62 23.37 -47.00
N GLN D 198 -129.75 22.70 -47.23
CA GLN D 198 -129.71 21.29 -47.59
C GLN D 198 -129.07 21.08 -48.95
N GLN D 199 -129.37 21.95 -49.91
CA GLN D 199 -128.77 21.84 -51.24
C GLN D 199 -127.29 22.19 -51.21
N GLN D 200 -126.89 23.16 -50.38
CA GLN D 200 -125.47 23.49 -50.26
C GLN D 200 -124.71 22.37 -49.58
N VAL D 201 -125.31 21.72 -48.57
CA VAL D 201 -124.67 20.58 -47.93
C VAL D 201 -124.71 19.33 -48.78
N LYS D 202 -125.62 19.26 -49.75
CA LYS D 202 -125.68 18.10 -50.63
C LYS D 202 -124.51 18.07 -51.61
N GLU D 203 -123.92 19.23 -51.89
CA GLU D 203 -122.76 19.31 -52.75
C GLU D 203 -121.44 19.09 -52.01
N ILE D 204 -121.36 19.53 -50.76
CA ILE D 204 -120.18 19.23 -49.95
C ILE D 204 -120.20 17.77 -49.52
N LEU D 205 -121.38 17.23 -49.25
CA LEU D 205 -121.49 15.81 -48.93
C LEU D 205 -121.14 14.95 -50.14
N GLU D 206 -121.39 15.46 -51.35
CA GLU D 206 -121.01 14.72 -52.55
C GLU D 206 -119.50 14.54 -52.62
N LYS D 207 -118.75 15.63 -52.48
CA LYS D 207 -117.29 15.53 -52.47
C LYS D 207 -116.80 14.74 -51.27
N LEU D 208 -117.52 14.83 -50.14
CA LEU D 208 -117.14 14.06 -48.97
C LEU D 208 -117.25 12.56 -49.23
N LYS D 209 -118.37 12.12 -49.81
CA LYS D 209 -118.53 10.71 -50.13
C LYS D 209 -117.57 10.27 -51.21
N GLU D 210 -117.27 11.15 -52.17
CA GLU D 210 -116.29 10.82 -53.21
C GLU D 210 -114.91 10.60 -52.59
N ALA D 211 -114.51 11.47 -51.67
CA ALA D 211 -113.23 11.29 -50.99
C ALA D 211 -113.24 10.06 -50.08
N ILE D 212 -114.37 9.78 -49.44
CA ILE D 212 -114.47 8.62 -48.56
C ILE D 212 -114.29 7.35 -49.37
N GLU D 213 -114.95 7.27 -50.53
CA GLU D 213 -114.68 6.16 -51.44
C GLU D 213 -113.23 6.16 -51.89
N THR D 214 -112.66 7.35 -52.12
CA THR D 214 -111.23 7.43 -52.42
C THR D 214 -110.39 7.08 -51.19
N PHE D 215 -110.79 7.56 -50.01
CA PHE D 215 -110.12 7.16 -48.78
C PHE D 215 -110.29 5.68 -48.51
N GLN D 216 -111.39 5.09 -48.96
CA GLN D 216 -111.57 3.65 -48.96
C GLN D 216 -110.98 3.01 -50.20
N LYS D 217 -110.37 3.80 -51.07
CA LYS D 217 -109.64 3.31 -52.23
C LYS D 217 -108.13 3.40 -52.02
N GLY D 218 -107.70 3.56 -50.77
CA GLY D 218 -106.28 3.60 -50.47
C GLY D 218 -105.64 4.92 -50.82
N ASP D 219 -106.44 5.98 -50.92
CA ASP D 219 -105.93 7.31 -51.23
C ASP D 219 -105.75 8.06 -49.92
N GLU D 220 -104.50 8.36 -49.59
CA GLU D 220 -104.17 8.94 -48.29
C GLU D 220 -104.03 10.45 -48.34
N GLU D 221 -103.35 10.99 -49.34
CA GLU D 221 -103.22 12.44 -49.45
C GLU D 221 -104.36 13.05 -50.25
N GLN D 222 -104.69 12.45 -51.41
CA GLN D 222 -105.72 13.03 -52.27
C GLN D 222 -107.10 12.98 -51.62
N ALA D 223 -107.46 11.84 -51.04
CA ALA D 223 -108.78 11.72 -50.42
C ALA D 223 -108.87 12.57 -49.17
N PHE D 224 -107.79 12.63 -48.38
CA PHE D 224 -107.80 13.50 -47.20
C PHE D 224 -107.96 14.95 -47.61
N ARG D 225 -107.28 15.37 -48.69
CA ARG D 225 -107.40 16.74 -49.16
C ARG D 225 -108.81 17.02 -49.66
N GLN D 226 -109.39 16.09 -50.41
CA GLN D 226 -110.74 16.29 -50.92
C GLN D 226 -111.77 16.36 -49.78
N LEU D 227 -111.62 15.50 -48.77
CA LEU D 227 -112.54 15.54 -47.64
C LEU D 227 -112.36 16.83 -46.83
N ALA D 228 -111.11 17.28 -46.66
CA ALA D 228 -110.87 18.52 -45.92
C ALA D 228 -111.43 19.72 -46.67
N GLU D 229 -111.31 19.73 -48.00
CA GLU D 229 -111.87 20.82 -48.79
C GLU D 229 -113.39 20.78 -48.76
N VAL D 230 -113.98 19.59 -48.80
CA VAL D 230 -115.43 19.47 -48.71
C VAL D 230 -115.91 19.96 -47.35
N LEU D 231 -115.19 19.62 -46.28
CA LEU D 231 -115.54 20.11 -44.95
C LEU D 231 -115.40 21.62 -44.86
N ALA D 232 -114.37 22.19 -45.49
CA ALA D 232 -114.19 23.64 -45.46
C ALA D 232 -115.30 24.35 -46.23
N GLU D 233 -115.68 23.81 -47.40
CA GLU D 233 -116.78 24.40 -48.15
C GLU D 233 -118.09 24.27 -47.39
N ALA D 234 -118.28 23.13 -46.71
CA ALA D 234 -119.48 22.95 -45.89
C ALA D 234 -119.52 23.95 -44.75
N ALA D 235 -118.37 24.20 -44.10
CA ALA D 235 -118.33 25.18 -43.04
C ALA D 235 -118.55 26.59 -43.57
N LEU D 236 -118.09 26.88 -44.79
CA LEU D 236 -118.34 28.18 -45.39
C LEU D 236 -119.82 28.36 -45.72
N VAL D 237 -120.48 27.31 -46.20
CA VAL D 237 -121.91 27.41 -46.46
C VAL D 237 -122.71 27.44 -45.17
N ALA D 238 -122.18 26.83 -44.10
CA ALA D 238 -122.86 26.88 -42.81
C ALA D 238 -122.84 28.27 -42.22
N LEU D 239 -121.84 29.08 -42.58
CA LEU D 239 -121.81 30.46 -42.14
C LEU D 239 -123.03 31.22 -42.63
N ARG D 240 -123.50 30.92 -43.84
CA ARG D 240 -124.72 31.55 -44.35
C ARG D 240 -125.96 30.81 -43.88
N ALA D 241 -125.87 29.48 -43.72
CA ALA D 241 -127.02 28.72 -43.26
C ALA D 241 -127.40 29.05 -41.83
N ALA D 242 -126.43 29.51 -41.02
CA ALA D 242 -126.71 29.90 -39.65
C ALA D 242 -127.54 31.17 -39.56
N LEU D 243 -127.54 31.99 -40.61
CA LEU D 243 -128.36 33.18 -40.69
C LEU D 243 -129.59 32.98 -41.56
N THR D 244 -129.78 31.79 -42.11
CA THR D 244 -130.92 31.50 -42.97
C THR D 244 -132.18 31.16 -42.18
N ASN D 245 -132.10 31.11 -40.85
CA ASN D 245 -133.26 30.78 -40.02
C ASN D 245 -133.49 31.85 -38.96
N GLU E 4 -45.53 90.08 26.65
CA GLU E 4 -44.55 89.00 26.73
C GLU E 4 -43.35 89.43 27.56
N PHE E 5 -42.22 88.75 27.36
CA PHE E 5 -41.01 89.01 28.12
C PHE E 5 -40.40 90.37 27.84
N LYS E 6 -40.76 90.99 26.72
CA LYS E 6 -40.39 92.39 26.47
C LYS E 6 -41.59 93.20 26.02
N PHE E 7 -42.75 92.57 25.84
CA PHE E 7 -43.98 93.28 25.48
C PHE E 7 -44.92 93.46 26.66
N LEU E 8 -44.68 92.80 27.78
CA LEU E 8 -45.38 93.10 29.02
C LEU E 8 -44.40 93.64 30.06
N ALA E 9 -43.16 93.87 29.64
CA ALA E 9 -42.16 94.54 30.46
C ALA E 9 -42.16 96.04 30.25
N THR E 10 -42.76 96.51 29.16
CA THR E 10 -43.06 97.93 29.06
C THR E 10 -44.11 98.34 30.06
N GLU E 11 -45.07 97.44 30.33
CA GLU E 11 -45.98 97.65 31.44
C GLU E 11 -45.23 97.63 32.77
N ALA E 12 -44.26 96.73 32.91
CA ALA E 12 -43.41 96.76 34.10
C ALA E 12 -42.59 98.04 34.14
N LYS E 13 -42.22 98.57 32.98
CA LYS E 13 -41.50 99.83 32.93
C LYS E 13 -42.34 101.01 33.36
N MET E 14 -43.62 101.04 32.94
CA MET E 14 -44.54 102.05 33.47
C MET E 14 -44.74 101.86 34.97
N LEU E 15 -44.80 100.61 35.43
CA LEU E 15 -44.88 100.35 36.85
C LEU E 15 -43.64 100.85 37.57
N ILE E 16 -42.46 100.67 36.97
CA ILE E 16 -41.23 101.14 37.59
C ILE E 16 -41.22 102.67 37.64
N THR E 17 -41.73 103.31 36.59
CA THR E 17 -41.81 104.76 36.57
C THR E 17 -42.79 105.28 37.62
N ALA E 18 -43.91 104.59 37.80
CA ALA E 18 -44.86 104.96 38.84
C ALA E 18 -44.23 104.81 40.23
N ALA E 19 -43.60 103.66 40.49
CA ALA E 19 -43.03 103.41 41.81
C ALA E 19 -41.88 104.36 42.12
N GLU E 20 -41.07 104.70 41.11
CA GLU E 20 -39.98 105.64 41.33
C GLU E 20 -40.53 107.02 41.69
N ARG E 21 -41.70 107.36 41.17
CA ARG E 21 -42.36 108.61 41.48
C ARG E 21 -43.32 108.50 42.66
N LEU E 22 -43.57 107.29 43.17
CA LEU E 22 -44.48 107.09 44.30
C LEU E 22 -43.78 106.59 45.55
N ALA E 23 -42.48 106.29 45.46
CA ALA E 23 -41.70 105.86 46.63
C ALA E 23 -40.59 106.88 46.80
N GLY E 24 -40.96 108.05 47.31
CA GLY E 24 -39.99 109.10 47.59
C GLY E 24 -39.38 109.05 48.97
N THR E 25 -39.86 108.14 49.81
CA THR E 25 -39.29 107.89 51.13
C THR E 25 -39.00 106.40 51.22
N ASP E 26 -38.61 105.95 52.42
CA ASP E 26 -38.22 104.56 52.64
C ASP E 26 -37.15 104.16 51.62
N PRO E 27 -35.91 104.64 51.79
CA PRO E 27 -34.84 104.27 50.84
C PRO E 27 -34.72 102.78 50.59
N ARG E 28 -35.30 101.93 51.45
CA ARG E 28 -35.41 100.52 51.11
C ARG E 28 -36.29 100.33 49.88
N LEU E 29 -37.34 101.15 49.74
CA LEU E 29 -38.17 101.08 48.55
C LEU E 29 -37.41 101.51 47.30
N GLN E 30 -36.63 102.58 47.41
CA GLN E 30 -35.82 103.00 46.27
C GLN E 30 -34.78 101.94 45.91
N GLU E 31 -34.19 101.30 46.92
CA GLU E 31 -33.21 100.26 46.67
C GLU E 31 -33.86 99.03 46.02
N MET E 32 -35.06 98.68 46.46
CA MET E 32 -35.78 97.58 45.83
C MET E 32 -36.16 97.92 44.40
N VAL E 33 -36.56 99.17 44.15
CA VAL E 33 -36.87 99.60 42.80
C VAL E 33 -35.61 99.54 41.92
N ALA E 34 -34.47 99.89 42.49
CA ALA E 34 -33.22 99.81 41.73
C ALA E 34 -32.83 98.37 41.44
N LEU E 35 -32.98 97.48 42.43
CA LEU E 35 -32.69 96.08 42.21
C LEU E 35 -33.66 95.46 41.20
N ILE E 36 -34.90 95.95 41.16
CA ILE E 36 -35.86 95.46 40.18
C ILE E 36 -35.50 95.95 38.79
N LYS E 37 -35.17 97.24 38.67
CA LYS E 37 -34.72 97.78 37.39
C LYS E 37 -33.47 97.08 36.90
N LYS E 38 -32.55 96.73 37.80
CA LYS E 38 -31.42 95.90 37.42
C LYS E 38 -31.89 94.50 37.04
N GLU E 39 -32.81 93.93 37.83
CA GLU E 39 -33.46 92.70 37.43
C GLU E 39 -34.26 92.88 36.15
N LEU E 40 -34.93 94.03 36.00
CA LEU E 40 -35.54 94.35 34.71
C LEU E 40 -34.48 94.48 33.62
N GLU E 41 -33.35 95.11 33.93
CA GLU E 41 -32.26 95.19 32.96
C GLU E 41 -31.69 93.81 32.67
N GLN E 42 -31.58 92.96 33.68
CA GLN E 42 -31.06 91.62 33.48
C GLN E 42 -32.01 90.80 32.59
N ALA E 43 -33.32 90.94 32.79
CA ALA E 43 -34.28 90.23 31.95
C ALA E 43 -34.28 90.78 30.53
N GLU E 44 -34.23 92.11 30.38
CA GLU E 44 -34.17 92.71 29.05
C GLU E 44 -32.91 92.29 28.30
N ARG E 45 -31.80 92.14 29.02
CA ARG E 45 -30.59 91.59 28.41
C ARG E 45 -30.80 90.13 28.03
N THR E 46 -31.38 89.34 28.93
CA THR E 46 -31.76 87.98 28.59
C THR E 46 -32.86 87.96 27.53
N PHE E 47 -33.74 88.95 27.52
CA PHE E 47 -34.67 89.09 26.41
C PHE E 47 -33.93 89.46 25.13
N ARG E 48 -32.85 90.23 25.26
CA ARG E 48 -31.97 90.47 24.12
C ARG E 48 -30.99 89.33 23.89
N ASN E 49 -30.77 88.49 24.89
CA ASN E 49 -29.93 87.32 24.74
C ASN E 49 -30.78 86.12 24.32
N GLY E 50 -30.15 84.96 24.19
CA GLY E 50 -30.87 83.76 23.82
C GLY E 50 -31.58 83.13 25.00
N ASP E 51 -31.47 83.76 26.17
CA ASP E 51 -32.11 83.30 27.39
C ASP E 51 -33.51 83.93 27.43
N LYS E 52 -34.35 83.54 26.47
CA LYS E 52 -35.69 84.09 26.36
C LYS E 52 -36.64 83.53 27.42
N SER E 53 -36.53 82.23 27.73
CA SER E 53 -37.33 81.68 28.80
C SER E 53 -36.88 82.19 30.16
N GLU E 54 -35.56 82.29 30.37
CA GLU E 54 -35.05 82.92 31.58
C GLU E 54 -35.44 84.39 31.64
N ALA E 55 -35.46 85.06 30.49
CA ALA E 55 -35.93 86.44 30.45
C ALA E 55 -37.39 86.53 30.86
N GLN E 56 -38.23 85.62 30.36
CA GLN E 56 -39.64 85.63 30.72
C GLN E 56 -39.83 85.35 32.21
N ARG E 57 -39.07 84.41 32.76
CA ARG E 57 -39.18 84.10 34.18
C ARG E 57 -38.75 85.28 35.03
N GLN E 58 -37.60 85.88 34.72
CA GLN E 58 -37.13 87.03 35.48
C GLN E 58 -38.08 88.21 35.34
N LEU E 59 -38.66 88.38 34.15
CA LEU E 59 -39.60 89.48 33.94
C LEU E 59 -40.89 89.24 34.71
N GLU E 60 -41.35 87.99 34.77
CA GLU E 60 -42.53 87.69 35.56
C GLU E 60 -42.28 87.91 37.04
N PHE E 61 -41.10 87.51 37.52
CA PHE E 61 -40.76 87.77 38.91
C PHE E 61 -40.68 89.27 39.19
N VAL E 62 -40.02 90.01 38.30
CA VAL E 62 -39.86 91.44 38.49
C VAL E 62 -41.19 92.17 38.33
N LEU E 63 -42.13 91.58 37.61
CA LEU E 63 -43.45 92.19 37.50
C LEU E 63 -44.17 92.14 38.83
N THR E 64 -44.19 90.97 39.47
CA THR E 64 -44.74 90.88 40.81
C THR E 64 -43.95 91.75 41.78
N ALA E 65 -42.63 91.84 41.59
CA ALA E 65 -41.81 92.69 42.44
C ALA E 65 -42.22 94.14 42.33
N ALA E 66 -42.38 94.64 41.10
CA ALA E 66 -42.79 96.01 40.89
C ALA E 66 -44.21 96.25 41.37
N ARG E 67 -45.08 95.25 41.22
CA ARG E 67 -46.44 95.40 41.72
C ARG E 67 -46.46 95.53 43.24
N ALA E 68 -45.73 94.66 43.93
CA ALA E 68 -45.66 94.74 45.39
C ALA E 68 -44.94 96.00 45.83
N VAL E 69 -43.98 96.47 45.02
CA VAL E 69 -43.26 97.70 45.37
C VAL E 69 -44.17 98.90 45.23
N MET E 70 -45.02 98.90 44.20
CA MET E 70 -46.02 99.95 44.08
C MET E 70 -47.03 99.87 45.23
N ASN E 71 -47.38 98.65 45.64
CA ASN E 71 -48.25 98.50 46.80
C ASN E 71 -47.61 99.09 48.04
N VAL E 72 -46.31 98.84 48.23
CA VAL E 72 -45.60 99.35 49.40
C VAL E 72 -45.48 100.86 49.33
N ALA E 73 -45.24 101.41 48.14
CA ALA E 73 -45.12 102.85 48.00
C ALA E 73 -46.46 103.54 48.26
N ALA E 74 -47.54 102.98 47.73
CA ALA E 74 -48.87 103.53 47.99
C ALA E 74 -49.24 103.38 49.46
N ALA E 75 -48.80 102.29 50.09
CA ALA E 75 -49.01 102.15 51.53
C ALA E 75 -48.28 103.23 52.30
N ALA E 76 -46.99 103.42 52.01
CA ALA E 76 -46.21 104.46 52.67
C ALA E 76 -46.82 105.83 52.45
N ASN E 77 -47.37 106.07 51.25
CA ASN E 77 -48.08 107.31 51.00
C ASN E 77 -49.41 107.38 51.74
N ALA E 78 -49.99 106.23 52.08
CA ALA E 78 -51.28 106.18 52.76
C ALA E 78 -51.16 105.75 54.21
N ALA E 79 -49.95 105.50 54.69
CA ALA E 79 -49.74 105.10 56.08
C ALA E 79 -48.55 105.84 56.67
N GLY E 80 -48.46 107.13 56.38
CA GLY E 80 -47.40 107.94 56.94
C GLY E 80 -47.57 108.28 58.41
N THR E 81 -48.64 107.78 59.05
CA THR E 81 -48.92 108.11 60.43
C THR E 81 -49.18 106.89 61.30
N ASP E 82 -49.15 105.68 60.75
CA ASP E 82 -49.40 104.47 61.53
C ASP E 82 -48.08 103.78 61.83
N PRO E 83 -47.64 103.75 63.08
CA PRO E 83 -46.35 103.10 63.37
C PRO E 83 -46.36 101.61 63.11
N LEU E 84 -47.48 100.93 63.41
CA LEU E 84 -47.57 99.51 63.09
C LEU E 84 -47.51 99.28 61.60
N LEU E 85 -48.13 100.17 60.83
CA LEU E 85 -48.08 100.05 59.38
C LEU E 85 -46.67 100.28 58.86
N LYS E 86 -45.97 101.29 59.37
CA LYS E 86 -44.60 101.53 58.93
C LYS E 86 -43.70 100.37 59.33
N ALA E 87 -43.95 99.77 60.50
CA ALA E 87 -43.17 98.62 60.92
C ALA E 87 -43.41 97.42 60.03
N MET E 88 -44.68 97.12 59.75
CA MET E 88 -44.98 96.02 58.83
C MET E 88 -44.46 96.32 57.42
N VAL E 89 -44.39 97.61 57.06
CA VAL E 89 -43.89 97.98 55.74
C VAL E 89 -42.40 97.74 55.66
N ASP E 90 -41.65 98.15 56.69
CA ASP E 90 -40.23 97.85 56.71
C ASP E 90 -39.98 96.36 56.78
N ALA E 91 -40.86 95.62 57.47
CA ALA E 91 -40.73 94.18 57.53
C ALA E 91 -40.96 93.55 56.17
N ILE E 92 -41.97 94.02 55.44
CA ILE E 92 -42.21 93.53 54.09
C ILE E 92 -41.08 93.95 53.18
N LEU E 93 -40.46 95.10 53.44
CA LEU E 93 -39.32 95.53 52.65
C LEU E 93 -38.13 94.61 52.86
N TRP E 94 -37.88 94.22 54.12
CA TRP E 94 -36.82 93.27 54.40
C TRP E 94 -37.13 91.90 53.82
N ARG E 95 -38.38 91.45 53.94
CA ARG E 95 -38.77 90.18 53.34
C ARG E 95 -38.66 90.23 51.83
N LEU E 96 -38.91 91.39 51.23
CA LEU E 96 -38.80 91.55 49.79
C LEU E 96 -37.34 91.56 49.36
N LYS E 97 -36.46 92.19 50.14
CA LYS E 97 -35.04 92.11 49.84
C LYS E 97 -34.55 90.67 49.97
N GLU E 98 -35.04 89.95 50.98
CA GLU E 98 -34.67 88.55 51.12
C GLU E 98 -35.16 87.70 49.96
N ALA E 99 -36.41 87.91 49.54
CA ALA E 99 -36.95 87.17 48.41
C ALA E 99 -36.26 87.56 47.12
N ILE E 100 -35.80 88.81 47.02
CA ILE E 100 -35.09 89.25 45.83
C ILE E 100 -33.71 88.63 45.78
N ARG E 101 -33.05 88.51 46.93
CA ARG E 101 -31.78 87.80 46.98
C ARG E 101 -31.98 86.31 46.68
N THR E 102 -33.09 85.75 47.15
CA THR E 102 -33.36 84.34 46.90
C THR E 102 -33.62 84.08 45.43
N PHE E 103 -34.48 84.89 44.79
CA PHE E 103 -34.70 84.76 43.36
C PHE E 103 -33.44 85.03 42.57
N GLN E 104 -32.64 86.01 43.00
CA GLN E 104 -31.34 86.23 42.37
C GLN E 104 -30.43 85.02 42.55
N ASN E 105 -30.61 84.29 43.65
CA ASN E 105 -29.95 83.00 43.83
C ASN E 105 -30.69 81.87 43.11
N GLY E 106 -31.66 82.19 42.26
CA GLY E 106 -32.44 81.17 41.61
C GLY E 106 -33.47 80.51 42.51
N ASP E 107 -33.67 81.05 43.71
CA ASP E 107 -34.64 80.49 44.64
C ASP E 107 -35.88 81.37 44.71
N GLU E 109 -37.24 79.52 42.51
CA GLU E 109 -37.80 78.43 43.30
C GLU E 109 -38.76 78.95 44.37
N GLU E 110 -38.24 79.15 45.58
CA GLU E 110 -39.03 79.69 46.67
C GLU E 110 -39.19 81.20 46.56
N ALA E 111 -38.83 81.79 45.43
CA ALA E 111 -39.08 83.21 45.21
C ALA E 111 -40.57 83.51 45.21
N GLU E 112 -41.30 82.97 44.24
CA GLU E 112 -42.76 83.07 44.25
C GLU E 112 -43.35 82.03 45.19
N THR E 113 -42.89 82.07 46.43
CA THR E 113 -43.47 81.33 47.55
C THR E 113 -43.81 82.25 48.71
N GLN E 114 -42.81 82.88 49.32
CA GLN E 114 -43.05 83.96 50.25
C GLN E 114 -43.47 85.23 49.55
N LEU E 115 -42.77 85.60 48.47
CA LEU E 115 -43.18 86.74 47.67
C LEU E 115 -44.54 86.49 47.04
N ARG E 116 -44.86 85.23 46.73
CA ARG E 116 -46.22 84.89 46.34
C ARG E 116 -47.21 85.35 47.38
N PHE E 117 -46.89 85.15 48.66
CA PHE E 117 -47.69 85.73 49.72
C PHE E 117 -47.28 87.16 50.02
N VAL E 118 -45.99 87.49 49.89
CA VAL E 118 -45.55 88.86 50.14
C VAL E 118 -46.14 89.80 49.10
N LEU E 119 -46.47 89.30 47.91
CA LEU E 119 -47.26 90.11 46.99
C LEU E 119 -48.64 90.37 47.56
N ARG E 120 -49.32 89.32 48.01
CA ARG E 120 -50.60 89.51 48.68
C ARG E 120 -50.43 90.27 49.99
N ALA E 121 -49.28 90.10 50.64
CA ALA E 121 -49.02 90.86 51.86
C ALA E 121 -48.95 92.35 51.55
N ALA E 122 -48.21 92.74 50.53
CA ALA E 122 -48.15 94.14 50.15
C ALA E 122 -49.51 94.63 49.67
N ILE E 123 -50.28 93.74 49.04
CA ILE E 123 -51.63 94.09 48.63
C ILE E 123 -52.48 94.47 49.84
N ALA E 124 -52.58 93.57 50.82
CA ALA E 124 -53.37 93.85 52.00
C ALA E 124 -52.79 95.01 52.80
N VAL E 125 -51.48 95.21 52.71
CA VAL E 125 -50.84 96.29 53.45
C VAL E 125 -51.24 97.63 52.87
N ALA E 126 -51.14 97.77 51.54
CA ALA E 126 -51.63 98.98 50.90
C ALA E 126 -53.13 99.14 51.12
N VAL E 127 -53.84 98.01 51.23
CA VAL E 127 -55.29 98.07 51.46
C VAL E 127 -55.57 98.70 52.82
N VAL E 128 -54.91 98.22 53.86
CA VAL E 128 -55.12 98.79 55.20
C VAL E 128 -54.61 100.22 55.25
N ALA E 129 -53.53 100.51 54.52
CA ALA E 129 -53.00 101.88 54.49
C ALA E 129 -54.01 102.83 53.86
N ALA E 130 -54.64 102.42 52.76
CA ALA E 130 -55.67 103.25 52.16
C ALA E 130 -56.88 103.36 53.06
N ALA E 131 -57.22 102.27 53.75
CA ALA E 131 -58.34 102.33 54.69
C ALA E 131 -58.08 103.33 55.80
N LEU E 132 -56.81 103.46 56.22
CA LEU E 132 -56.48 104.43 57.25
C LEU E 132 -56.36 105.84 56.69
N VAL E 133 -55.88 105.99 55.46
CA VAL E 133 -55.67 107.32 54.90
C VAL E 133 -56.98 107.95 54.48
N LEU E 134 -57.88 107.17 53.87
CA LEU E 134 -59.20 107.66 53.50
C LEU E 134 -60.16 107.68 54.67
N ALA E 135 -59.68 107.36 55.86
CA ALA E 135 -60.48 107.47 57.07
C ALA E 135 -60.49 108.93 57.52
N GLY E 136 -61.20 109.21 58.60
CA GLY E 136 -61.32 110.57 59.11
C GLY E 136 -61.44 110.57 60.60
N THR E 137 -62.43 111.29 61.13
CA THR E 137 -62.63 111.33 62.57
C THR E 137 -63.01 109.95 63.10
N ASP E 138 -64.14 109.42 62.65
CA ASP E 138 -64.63 108.15 63.13
C ASP E 138 -64.17 107.00 62.25
N PRO E 139 -63.06 106.35 62.60
CA PRO E 139 -62.69 105.14 61.86
C PRO E 139 -63.72 104.04 62.07
N GLU E 140 -64.10 103.80 63.32
CA GLU E 140 -65.13 102.87 63.74
C GLU E 140 -64.79 101.41 63.44
N LEU E 141 -63.79 101.15 62.59
CA LEU E 141 -63.30 99.79 62.40
C LEU E 141 -61.79 99.74 62.25
N GLN E 142 -61.08 100.87 62.42
CA GLN E 142 -59.62 100.83 62.39
C GLN E 142 -59.07 99.89 63.45
N GLU E 143 -59.76 99.77 64.58
CA GLU E 143 -59.41 98.71 65.53
C GLU E 143 -59.56 97.35 64.87
N MET E 144 -60.74 97.08 64.31
CA MET E 144 -60.91 95.88 63.48
C MET E 144 -59.88 95.85 62.37
N VAL E 145 -59.69 96.99 61.68
CA VAL E 145 -58.63 97.08 60.68
C VAL E 145 -57.27 96.83 61.31
N GLU E 146 -57.06 97.30 62.54
CA GLU E 146 -55.85 96.92 63.25
C GLU E 146 -55.88 95.44 63.61
N GLN E 147 -57.05 94.96 64.07
CA GLN E 147 -57.23 93.53 64.26
C GLN E 147 -56.93 92.79 62.97
N ILE E 148 -57.54 93.23 61.87
CA ILE E 148 -57.15 92.72 60.56
C ILE E 148 -55.65 92.89 60.34
N LYS E 149 -55.12 94.07 60.67
CA LYS E 149 -53.67 94.27 60.63
C LYS E 149 -52.99 93.25 61.53
N ASP E 150 -53.51 93.06 62.75
CA ASP E 150 -53.06 91.95 63.57
C ASP E 150 -53.24 90.64 62.83
N LEU E 151 -54.46 90.40 62.30
CA LEU E 151 -54.66 89.25 61.42
C LEU E 151 -53.71 89.28 60.25
N LEU E 152 -53.36 90.47 59.75
CA LEU E 152 -52.31 90.59 58.76
C LEU E 152 -50.95 90.25 59.35
N ILE E 153 -50.65 90.82 60.52
CA ILE E 153 -49.47 90.39 61.26
C ILE E 153 -49.55 88.89 61.51
N SER E 154 -50.73 88.42 61.93
CA SER E 154 -50.96 86.98 62.02
C SER E 154 -50.78 86.32 60.67
N ALA E 155 -51.29 86.94 59.60
CA ALA E 155 -50.98 86.46 58.26
C ALA E 155 -49.49 86.57 57.99
N PHE E 156 -48.86 87.65 58.47
CA PHE E 156 -47.41 87.74 58.41
C PHE E 156 -46.76 86.59 59.14
N MET E 157 -47.42 86.05 60.16
CA MET E 157 -46.99 84.81 60.76
C MET E 157 -47.62 83.60 60.07
N ALA E 158 -48.83 83.73 59.53
CA ALA E 158 -49.49 82.63 58.85
C ALA E 158 -48.97 82.43 57.43
N GLY E 159 -47.86 83.06 57.10
CA GLY E 159 -47.20 82.85 55.82
C GLY E 159 -45.98 81.95 55.99
N GLU E 165 -48.26 79.75 55.61
CA GLU E 165 -49.09 78.97 54.72
C GLU E 165 -50.57 79.21 54.99
N LYS E 166 -50.89 79.55 56.23
CA LYS E 166 -52.27 79.77 56.65
C LYS E 166 -52.77 81.17 56.31
N ALA E 167 -52.24 81.78 55.24
CA ALA E 167 -52.63 83.13 54.90
C ALA E 167 -52.97 83.32 53.42
N LEU E 168 -52.88 82.27 52.60
CA LEU E 168 -53.16 82.42 51.18
C LEU E 168 -54.58 82.89 50.94
N THR E 169 -55.57 82.16 51.47
CA THR E 169 -56.94 82.64 51.39
C THR E 169 -57.21 83.71 52.44
N GLN E 170 -56.45 83.69 53.54
CA GLN E 170 -56.64 84.70 54.58
C GLN E 170 -56.23 86.09 54.08
N LEU E 171 -55.17 86.17 53.29
CA LEU E 171 -54.78 87.46 52.72
C LEU E 171 -55.86 87.96 51.76
N LEU E 172 -56.43 87.06 50.95
CA LEU E 172 -57.51 87.45 50.06
C LEU E 172 -58.73 87.93 50.84
N PHE E 173 -59.05 87.22 51.94
CA PHE E 173 -60.19 87.62 52.76
C PHE E 173 -59.95 88.98 53.41
N VAL E 174 -58.73 89.22 53.87
CA VAL E 174 -58.39 90.49 54.49
C VAL E 174 -58.47 91.61 53.47
N ALA E 175 -58.00 91.35 52.26
CA ALA E 175 -58.08 92.36 51.19
C ALA E 175 -59.54 92.64 50.82
N TRP E 176 -60.38 91.59 50.80
CA TRP E 176 -61.78 91.80 50.47
C TRP E 176 -62.51 92.57 51.57
N ALA E 177 -62.15 92.29 52.83
CA ALA E 177 -62.74 93.04 53.94
C ALA E 177 -62.27 94.49 53.91
N ALA E 178 -61.01 94.73 53.57
CA ALA E 178 -60.54 96.10 53.41
C ALA E 178 -61.26 96.79 52.26
N HIS E 179 -61.53 96.06 51.17
CA HIS E 179 -62.26 96.65 50.05
C HIS E 179 -63.67 97.01 50.44
N ALA E 180 -64.34 96.15 51.20
CA ALA E 180 -65.65 96.51 51.74
C ALA E 180 -65.52 97.69 52.71
N VAL E 181 -64.40 97.79 53.40
CA VAL E 181 -64.17 98.95 54.26
C VAL E 181 -63.73 100.15 53.45
N ALA E 182 -62.83 99.95 52.48
CA ALA E 182 -62.35 101.06 51.67
C ALA E 182 -63.47 101.64 50.82
N MET E 183 -64.39 100.79 50.35
CA MET E 183 -65.57 101.32 49.67
C MET E 183 -66.42 102.14 50.62
N ILE E 184 -66.66 101.63 51.83
CA ILE E 184 -67.42 102.37 52.82
C ILE E 184 -66.65 103.63 53.25
N ALA E 185 -65.33 103.52 53.36
CA ALA E 185 -64.53 104.68 53.75
C ALA E 185 -64.59 105.77 52.69
N ALA E 186 -64.49 105.41 51.41
CA ALA E 186 -64.58 106.41 50.35
C ALA E 186 -65.99 106.96 50.25
N ALA E 187 -67.01 106.14 50.55
CA ALA E 187 -68.38 106.64 50.53
C ALA E 187 -68.61 107.66 51.63
N ALA E 188 -68.15 107.36 52.84
CA ALA E 188 -68.29 108.31 53.94
C ALA E 188 -67.39 109.53 53.75
N ASN E 189 -66.31 109.38 52.98
CA ASN E 189 -65.39 110.50 52.77
C ASN E 189 -66.05 111.60 51.95
N LEU E 190 -66.71 111.25 50.86
CA LEU E 190 -67.41 112.22 50.03
C LEU E 190 -68.82 112.50 50.53
N ALA E 191 -69.18 111.98 51.70
CA ALA E 191 -70.49 112.19 52.29
C ALA E 191 -70.38 113.22 53.41
N GLY E 192 -71.45 114.00 53.57
CA GLY E 192 -71.50 115.00 54.61
C GLY E 192 -72.39 114.60 55.78
N PRO E 195 -76.58 111.79 54.35
CA PRO E 195 -76.01 110.60 55.00
C PRO E 195 -76.57 109.31 54.41
N ARG E 196 -77.16 109.40 53.22
CA ARG E 196 -77.68 108.21 52.56
C ARG E 196 -76.55 107.22 52.24
N LEU E 197 -75.41 107.74 51.79
CA LEU E 197 -74.26 106.87 51.54
C LEU E 197 -73.75 106.26 52.83
N GLN E 198 -73.80 107.01 53.93
CA GLN E 198 -73.36 106.48 55.22
C GLN E 198 -74.30 105.38 55.70
N GLN E 199 -75.61 105.56 55.51
CA GLN E 199 -76.56 104.54 55.91
C GLN E 199 -76.47 103.31 55.03
N GLN E 200 -76.19 103.49 53.73
CA GLN E 200 -76.04 102.35 52.84
C GLN E 200 -74.77 101.57 53.16
N VAL E 201 -73.69 102.29 53.51
CA VAL E 201 -72.45 101.63 53.92
C VAL E 201 -72.53 101.05 55.32
N LYS E 202 -73.47 101.52 56.14
CA LYS E 202 -73.62 100.96 57.48
C LYS E 202 -74.24 99.57 57.44
N GLU E 203 -74.97 99.25 56.37
CA GLU E 203 -75.54 97.92 56.20
C GLU E 203 -74.59 96.94 55.54
N ILE E 204 -73.75 97.40 54.63
CA ILE E 204 -72.72 96.54 54.08
C ILE E 204 -71.61 96.31 55.08
N LEU E 205 -71.30 97.32 55.89
CA LEU E 205 -70.32 97.14 56.95
C LEU E 205 -70.84 96.20 58.03
N GLU E 206 -72.16 96.14 58.22
CA GLU E 206 -72.73 95.20 59.17
C GLU E 206 -72.45 93.76 58.75
N LYS E 207 -72.76 93.42 57.49
CA LYS E 207 -72.47 92.08 56.98
C LYS E 207 -70.97 91.83 56.93
N LEU E 208 -70.18 92.88 56.67
CA LEU E 208 -68.73 92.74 56.65
C LEU E 208 -68.21 92.35 58.04
N LYS E 209 -68.66 93.04 59.09
CA LYS E 209 -68.23 92.71 60.44
C LYS E 209 -68.76 91.34 60.86
N GLU E 210 -69.97 91.00 60.43
CA GLU E 210 -70.50 89.67 60.74
C GLU E 210 -69.65 88.57 60.10
N ALA E 211 -69.24 88.77 58.84
CA ALA E 211 -68.38 87.78 58.20
C ALA E 211 -66.98 87.78 58.82
N ILE E 212 -66.48 88.94 59.24
CA ILE E 212 -65.16 89.02 59.86
C ILE E 212 -65.16 88.24 61.16
N GLU E 213 -66.21 88.42 61.97
CA GLU E 213 -66.37 87.57 63.15
C GLU E 213 -66.50 86.11 62.76
N THR E 214 -67.21 85.83 61.66
CA THR E 214 -67.26 84.46 61.15
C THR E 214 -65.92 84.03 60.57
N PHE E 215 -65.23 84.93 59.86
CA PHE E 215 -63.88 84.63 59.40
C PHE E 215 -62.92 84.48 60.57
N GLN E 216 -63.18 85.17 61.67
CA GLN E 216 -62.46 84.94 62.92
C GLN E 216 -63.09 83.81 63.72
N LYS E 217 -64.13 83.18 63.19
CA LYS E 217 -64.72 81.99 63.79
C LYS E 217 -64.35 80.72 63.03
N GLY E 218 -63.31 80.80 62.19
CA GLY E 218 -62.84 79.65 61.47
C GLY E 218 -63.71 79.30 60.29
N ASP E 219 -64.47 80.27 59.78
CA ASP E 219 -65.32 80.06 58.63
C ASP E 219 -64.58 80.55 57.39
N GLU E 220 -64.24 79.63 56.50
CA GLU E 220 -63.38 79.92 55.36
C GLU E 220 -64.18 80.18 54.10
N GLU E 221 -65.20 79.37 53.81
CA GLU E 221 -66.00 79.60 52.62
C GLU E 221 -67.19 80.52 52.91
N GLN E 222 -67.90 80.26 54.01
CA GLN E 222 -69.10 81.05 54.31
C GLN E 222 -68.75 82.50 54.63
N ALA E 223 -67.74 82.72 55.47
CA ALA E 223 -67.38 84.08 55.83
C ALA E 223 -66.77 84.83 54.66
N PHE E 224 -65.96 84.14 53.84
CA PHE E 224 -65.42 84.78 52.64
C PHE E 224 -66.54 85.17 51.69
N ARG E 225 -67.54 84.30 51.53
CA ARG E 225 -68.66 84.62 50.66
C ARG E 225 -69.46 85.80 51.20
N GLN E 226 -69.72 85.81 52.51
CA GLN E 226 -70.46 86.91 53.10
C GLN E 226 -69.71 88.24 52.98
N LEU E 227 -68.40 88.23 53.19
CA LEU E 227 -67.61 89.45 53.05
C LEU E 227 -67.57 89.91 51.60
N ALA E 228 -67.45 88.97 50.66
CA ALA E 228 -67.42 89.32 49.24
C ALA E 228 -68.76 89.89 48.80
N GLU E 229 -69.86 89.34 49.30
CA GLU E 229 -71.17 89.87 48.96
C GLU E 229 -71.40 91.24 49.59
N VAL E 230 -70.91 91.43 50.81
CA VAL E 230 -71.01 92.74 51.45
C VAL E 230 -70.20 93.77 50.68
N LEU E 231 -69.00 93.40 50.22
CA LEU E 231 -68.19 94.29 49.40
C LEU E 231 -68.87 94.60 48.07
N ALA E 232 -69.52 93.61 47.47
CA ALA E 232 -70.20 93.84 46.20
C ALA E 232 -71.40 94.77 46.38
N GLU E 233 -72.17 94.57 47.46
CA GLU E 233 -73.30 95.47 47.73
C GLU E 233 -72.79 96.87 48.06
N ALA E 234 -71.67 96.97 48.76
CA ALA E 234 -71.09 98.28 49.06
C ALA E 234 -70.64 98.98 47.78
N ALA E 235 -70.04 98.23 46.85
CA ALA E 235 -69.64 98.82 45.58
C ALA E 235 -70.85 99.21 44.75
N LEU E 236 -71.94 98.46 44.84
CA LEU E 236 -73.16 98.83 44.13
C LEU E 236 -73.77 100.10 44.70
N VAL E 237 -73.75 100.25 46.03
CA VAL E 237 -74.26 101.47 46.64
C VAL E 237 -73.31 102.64 46.38
N ALA E 238 -72.02 102.36 46.22
CA ALA E 238 -71.06 103.42 45.92
C ALA E 238 -71.29 103.98 44.53
N LEU E 239 -71.83 103.16 43.63
CA LEU E 239 -72.16 103.66 42.29
C LEU E 239 -73.17 104.81 42.37
N ARG E 240 -74.11 104.74 43.31
CA ARG E 240 -75.06 105.83 43.50
C ARG E 240 -74.50 106.91 44.41
N ALA E 241 -73.66 106.54 45.38
CA ALA E 241 -73.08 107.52 46.27
C ALA E 241 -72.10 108.43 45.55
N ALA E 242 -71.50 107.96 44.46
CA ALA E 242 -70.58 108.79 43.69
C ALA E 242 -71.31 109.90 42.93
N LEU E 243 -72.61 109.75 42.70
CA LEU E 243 -73.42 110.80 42.09
C LEU E 243 -74.26 111.56 43.11
N THR E 244 -74.14 111.22 44.39
CA THR E 244 -74.90 111.89 45.45
C THR E 244 -74.27 113.20 45.90
N ASN E 245 -73.12 113.56 45.35
CA ASN E 245 -72.45 114.80 45.73
C ASN E 245 -72.13 115.65 44.50
N GLU F 4 20.50 -70.94 73.01
CA GLU F 4 20.81 -69.99 71.94
C GLU F 4 22.31 -69.70 71.88
N PHE F 5 22.68 -68.58 71.28
CA PHE F 5 24.08 -68.21 71.10
C PHE F 5 24.78 -67.89 72.41
N LYS F 6 24.04 -67.62 73.48
CA LYS F 6 24.63 -67.53 74.82
C LYS F 6 23.83 -68.33 75.83
N PHE F 7 22.71 -68.94 75.42
CA PHE F 7 21.93 -69.80 76.29
C PHE F 7 22.14 -71.28 76.02
N LEU F 8 22.80 -71.64 74.93
CA LEU F 8 23.26 -73.01 74.71
C LEU F 8 24.78 -73.05 74.70
N ALA F 9 25.42 -71.91 74.99
CA ALA F 9 26.85 -71.84 75.17
C ALA F 9 27.27 -72.05 76.61
N THR F 10 26.32 -71.94 77.55
CA THR F 10 26.57 -72.42 78.90
C THR F 10 26.68 -73.94 78.91
N GLU F 11 25.91 -74.60 78.05
CA GLU F 11 26.10 -76.02 77.83
C GLU F 11 27.46 -76.29 77.18
N ALA F 12 27.87 -75.44 76.24
CA ALA F 12 29.23 -75.54 75.71
C ALA F 12 30.27 -75.25 76.78
N LYS F 13 29.93 -74.39 77.74
CA LYS F 13 30.84 -74.12 78.84
C LYS F 13 30.99 -75.31 79.78
N MET F 14 29.89 -76.00 80.07
CA MET F 14 29.99 -77.25 80.82
C MET F 14 30.76 -78.29 80.03
N LEU F 15 30.57 -78.31 78.71
CA LEU F 15 31.37 -79.20 77.87
C LEU F 15 32.85 -78.84 77.93
N ILE F 16 33.16 -77.55 77.94
CA ILE F 16 34.56 -77.12 78.02
C ILE F 16 35.14 -77.50 79.37
N THR F 17 34.35 -77.39 80.43
CA THR F 17 34.82 -77.77 81.76
C THR F 17 35.04 -79.28 81.85
N ALA F 18 34.17 -80.06 81.21
CA ALA F 18 34.37 -81.51 81.17
C ALA F 18 35.64 -81.86 80.41
N ALA F 19 35.81 -81.29 79.22
CA ALA F 19 36.96 -81.62 78.39
C ALA F 19 38.27 -81.18 79.03
N GLU F 20 38.27 -80.03 79.71
CA GLU F 20 39.48 -79.58 80.39
C GLU F 20 39.85 -80.52 81.52
N ARG F 21 38.85 -81.16 82.13
CA ARG F 21 39.08 -82.15 83.17
C ARG F 21 39.18 -83.57 82.63
N LEU F 22 38.91 -83.79 81.34
CA LEU F 22 38.98 -85.12 80.75
C LEU F 22 40.08 -85.25 79.71
N ALA F 23 40.77 -84.16 79.38
CA ALA F 23 41.89 -84.19 78.44
C ALA F 23 43.12 -83.71 79.22
N GLY F 24 43.64 -84.58 80.08
CA GLY F 24 44.84 -84.28 80.84
C GLY F 24 46.12 -84.67 80.15
N THR F 25 46.03 -85.33 79.01
CA THR F 25 47.19 -85.67 78.18
C THR F 25 46.89 -85.16 76.77
N ASP F 26 47.77 -85.50 75.84
CA ASP F 26 47.68 -85.01 74.47
C ASP F 26 47.57 -83.49 74.47
N PRO F 27 48.67 -82.78 74.74
CA PRO F 27 48.62 -81.31 74.74
C PRO F 27 47.98 -80.71 73.49
N ARG F 28 47.88 -81.46 72.39
CA ARG F 28 47.05 -81.01 71.27
C ARG F 28 45.60 -80.86 71.69
N LEU F 29 45.12 -81.75 72.57
CA LEU F 29 43.75 -81.62 73.07
C LEU F 29 43.60 -80.39 73.94
N GLN F 30 44.57 -80.11 74.81
CA GLN F 30 44.51 -78.90 75.61
C GLN F 30 44.58 -77.66 74.74
N GLU F 31 45.40 -77.69 73.69
CA GLU F 31 45.50 -76.55 72.78
C GLU F 31 44.21 -76.34 72.01
N MET F 32 43.56 -77.44 71.59
CA MET F 32 42.28 -77.31 70.90
C MET F 32 41.21 -76.79 71.85
N VAL F 33 41.24 -77.23 73.11
CA VAL F 33 40.30 -76.72 74.10
C VAL F 33 40.53 -75.23 74.33
N ALA F 34 41.78 -74.81 74.33
CA ALA F 34 42.08 -73.39 74.50
C ALA F 34 41.63 -72.58 73.29
N LEU F 35 41.85 -73.09 72.08
CA LEU F 35 41.39 -72.41 70.88
C LEU F 35 39.87 -72.36 70.82
N ILE F 36 39.20 -73.38 71.37
CA ILE F 36 37.74 -73.37 71.41
C ILE F 36 37.24 -72.35 72.43
N LYS F 37 37.85 -72.34 73.62
CA LYS F 37 37.50 -71.34 74.61
C LYS F 37 37.75 -69.92 74.11
N LYS F 38 38.82 -69.72 73.35
CA LYS F 38 39.02 -68.44 72.67
C LYS F 38 37.96 -68.23 71.61
N GLU F 39 37.66 -69.27 70.83
CA GLU F 39 36.51 -69.20 69.93
C GLU F 39 35.21 -69.06 70.71
N LEU F 40 35.08 -69.73 71.85
CA LEU F 40 33.95 -69.47 72.73
C LEU F 40 33.99 -68.03 73.24
N GLU F 41 35.16 -67.53 73.60
CA GLU F 41 35.28 -66.13 74.01
C GLU F 41 34.96 -65.20 72.85
N GLN F 42 35.39 -65.55 71.64
CA GLN F 42 35.10 -64.71 70.47
C GLN F 42 33.61 -64.68 70.18
N ALA F 43 32.93 -65.81 70.33
CA ALA F 43 31.48 -65.85 70.11
C ALA F 43 30.74 -65.09 71.21
N GLU F 44 31.16 -65.27 72.47
CA GLU F 44 30.54 -64.55 73.56
C GLU F 44 30.74 -63.04 73.42
N ARG F 45 31.89 -62.62 72.90
CA ARG F 45 32.08 -61.21 72.59
C ARG F 45 31.16 -60.78 71.44
N THR F 46 31.08 -61.60 70.39
CA THR F 46 30.11 -61.34 69.33
C THR F 46 28.69 -61.50 69.84
N PHE F 47 28.46 -62.39 70.82
CA PHE F 47 27.17 -62.43 71.48
C PHE F 47 26.94 -61.18 72.30
N ARG F 48 28.02 -60.61 72.86
CA ARG F 48 27.94 -59.31 73.51
C ARG F 48 28.02 -58.17 72.51
N ASN F 49 28.51 -58.43 71.31
CA ASN F 49 28.55 -57.42 70.26
C ASN F 49 27.28 -57.53 69.42
N GLY F 50 27.19 -56.69 68.38
CA GLY F 50 26.04 -56.72 67.50
C GLY F 50 26.11 -57.84 66.49
N ASP F 51 27.19 -58.63 66.55
CA ASP F 51 27.40 -59.76 65.65
C ASP F 51 26.73 -60.97 66.30
N LYS F 52 25.40 -60.92 66.42
CA LYS F 52 24.65 -61.98 67.05
C LYS F 52 24.51 -63.21 66.16
N SER F 53 24.33 -63.02 64.86
CA SER F 53 24.29 -64.15 63.95
C SER F 53 25.68 -64.78 63.81
N GLU F 54 26.71 -63.95 63.72
CA GLU F 54 28.07 -64.47 63.73
C GLU F 54 28.39 -65.15 65.05
N ALA F 55 27.87 -64.60 66.16
CA ALA F 55 28.02 -65.25 67.45
C ALA F 55 27.37 -66.62 67.45
N GLN F 56 26.15 -66.72 66.91
CA GLN F 56 25.47 -68.00 66.85
C GLN F 56 26.22 -69.00 65.99
N ARG F 57 26.74 -68.54 64.85
CA ARG F 57 27.49 -69.44 63.97
C ARG F 57 28.77 -69.93 64.63
N GLN F 58 29.53 -69.01 65.23
CA GLN F 58 30.77 -69.41 65.91
C GLN F 58 30.47 -70.31 67.11
N LEU F 59 29.36 -70.05 67.81
CA LEU F 59 29.00 -70.88 68.95
C LEU F 59 28.56 -72.27 68.50
N GLU F 60 27.86 -72.36 67.38
CA GLU F 60 27.48 -73.66 66.85
C GLU F 60 28.70 -74.44 66.39
N PHE F 61 29.65 -73.76 65.75
CA PHE F 61 30.89 -74.43 65.37
C PHE F 61 31.67 -74.89 66.59
N VAL F 62 31.79 -74.02 67.60
CA VAL F 62 32.54 -74.35 68.80
C VAL F 62 31.82 -75.43 69.60
N LEU F 63 30.50 -75.55 69.45
CA LEU F 63 29.77 -76.61 70.14
C LEU F 63 30.16 -77.96 69.58
N THR F 64 30.15 -78.09 68.25
CA THR F 64 30.64 -79.32 67.64
C THR F 64 32.11 -79.54 67.95
N ALA F 65 32.88 -78.45 68.02
CA ALA F 65 34.29 -78.56 68.36
C ALA F 65 34.48 -79.15 69.75
N ALA F 66 33.74 -78.63 70.73
CA ALA F 66 33.83 -79.12 72.10
C ALA F 66 33.30 -80.54 72.20
N ARG F 67 32.27 -80.87 71.42
CA ARG F 67 31.75 -82.23 71.44
C ARG F 67 32.78 -83.21 70.91
N ALA F 68 33.40 -82.88 69.78
CA ALA F 68 34.43 -83.75 69.23
C ALA F 68 35.66 -83.79 70.12
N VAL F 69 35.93 -82.69 70.82
CA VAL F 69 37.07 -82.65 71.73
C VAL F 69 36.82 -83.53 72.93
N MET F 70 35.59 -83.53 73.45
CA MET F 70 35.23 -84.46 74.50
C MET F 70 35.29 -85.89 74.01
N ASN F 71 34.88 -86.13 72.77
CA ASN F 71 35.01 -87.46 72.18
C ASN F 71 36.47 -87.89 72.15
N VAL F 72 37.36 -86.98 71.76
CA VAL F 72 38.78 -87.30 71.67
C VAL F 72 39.38 -87.52 73.05
N ALA F 73 38.94 -86.73 74.04
CA ALA F 73 39.45 -86.90 75.39
C ALA F 73 38.98 -88.21 75.99
N ALA F 74 37.72 -88.57 75.78
CA ALA F 74 37.21 -89.85 76.26
C ALA F 74 37.88 -91.00 75.53
N ALA F 75 38.20 -90.81 74.25
CA ALA F 75 38.94 -91.83 73.52
C ALA F 75 40.33 -92.02 74.11
N ALA F 76 41.05 -90.91 74.32
CA ALA F 76 42.38 -90.99 74.92
C ALA F 76 42.33 -91.62 76.29
N ASN F 77 41.27 -91.36 77.05
CA ASN F 77 41.08 -92.02 78.33
C ASN F 77 40.72 -93.49 78.17
N ALA F 78 40.14 -93.86 77.03
CA ALA F 78 39.72 -95.23 76.78
C ALA F 78 40.60 -95.95 75.77
N ALA F 79 41.62 -95.28 75.25
CA ALA F 79 42.52 -95.90 74.28
C ALA F 79 43.97 -95.54 74.62
N GLY F 80 44.31 -95.60 75.90
CA GLY F 80 45.67 -95.34 76.32
C GLY F 80 46.64 -96.47 76.00
N THR F 81 46.17 -97.54 75.36
CA THR F 81 47.02 -98.69 75.08
C THR F 81 46.99 -99.13 73.62
N ASP F 82 46.20 -98.48 72.76
CA ASP F 82 46.12 -98.87 71.36
C ASP F 82 46.92 -97.91 70.52
N PRO F 83 48.03 -98.35 69.93
CA PRO F 83 48.83 -97.41 69.13
C PRO F 83 48.11 -96.91 67.90
N LEU F 84 47.34 -97.77 67.23
CA LEU F 84 46.55 -97.30 66.10
C LEU F 84 45.52 -96.27 66.53
N LEU F 85 44.93 -96.47 67.70
CA LEU F 85 43.97 -95.50 68.21
C LEU F 85 44.63 -94.18 68.54
N LYS F 86 45.80 -94.22 69.19
CA LYS F 86 46.51 -92.98 69.49
C LYS F 86 46.94 -92.27 68.21
N ALA F 87 47.33 -93.04 67.19
CA ALA F 87 47.70 -92.46 65.92
C ALA F 87 46.51 -91.79 65.24
N MET F 88 45.39 -92.49 65.16
CA MET F 88 44.19 -91.89 64.59
C MET F 88 43.72 -90.71 65.42
N VAL F 89 43.99 -90.73 66.73
CA VAL F 89 43.59 -89.63 67.60
C VAL F 89 44.43 -88.40 67.32
N ASP F 90 45.75 -88.58 67.19
CA ASP F 90 46.60 -87.46 66.82
C ASP F 90 46.26 -86.96 65.42
N ALA F 91 45.88 -87.87 64.53
CA ALA F 91 45.47 -87.48 63.19
C ALA F 91 44.20 -86.65 63.22
N ILE F 92 43.22 -87.07 64.03
CA ILE F 92 42.00 -86.30 64.17
C ILE F 92 42.29 -84.97 64.86
N LEU F 93 43.30 -84.95 65.75
CA LEU F 93 43.69 -83.71 66.39
C LEU F 93 44.28 -82.74 65.38
N TRP F 94 45.13 -83.24 64.48
CA TRP F 94 45.67 -82.39 63.44
C TRP F 94 44.59 -81.94 62.47
N ARG F 95 43.68 -82.84 62.10
CA ARG F 95 42.57 -82.46 61.25
C ARG F 95 41.66 -81.46 61.93
N LEU F 96 41.52 -81.55 63.25
CA LEU F 96 40.71 -80.60 63.98
C LEU F 96 41.39 -79.25 64.08
N LYS F 97 42.70 -79.23 64.26
CA LYS F 97 43.42 -77.97 64.21
C LYS F 97 43.31 -77.33 62.83
N GLU F 98 43.39 -78.15 61.78
CA GLU F 98 43.22 -77.64 60.42
C GLU F 98 41.83 -77.08 60.21
N ALA F 99 40.80 -77.80 60.66
CA ALA F 99 39.44 -77.33 60.50
C ALA F 99 39.18 -76.11 61.36
N ILE F 100 39.87 -76.00 62.49
CA ILE F 100 39.72 -74.84 63.35
C ILE F 100 40.36 -73.62 62.72
N ARG F 101 41.52 -73.81 62.07
CA ARG F 101 42.14 -72.72 61.32
C ARG F 101 41.28 -72.34 60.12
N THR F 102 40.63 -73.32 59.49
CA THR F 102 39.79 -73.04 58.35
C THR F 102 38.55 -72.26 58.76
N PHE F 103 37.86 -72.70 59.82
CA PHE F 103 36.72 -71.95 60.34
C PHE F 103 37.14 -70.57 60.82
N GLN F 104 38.30 -70.47 61.47
CA GLN F 104 38.82 -69.16 61.84
C GLN F 104 39.10 -68.32 60.61
N ASN F 105 39.44 -68.96 59.49
CA ASN F 105 39.52 -68.28 58.21
C ASN F 105 38.16 -68.11 57.55
N GLY F 106 37.08 -68.39 58.27
CA GLY F 106 35.76 -68.33 57.68
C GLY F 106 35.44 -69.50 56.78
N ASP F 107 36.29 -70.52 56.76
CA ASP F 107 36.06 -71.70 55.93
C ASP F 107 35.59 -72.87 56.78
N GLU F 109 32.59 -72.08 56.15
CA GLU F 109 32.34 -72.74 54.86
C GLU F 109 32.61 -74.23 54.95
N GLU F 110 33.81 -74.64 54.57
CA GLU F 110 34.20 -76.04 54.65
C GLU F 110 34.57 -76.45 56.07
N ALA F 111 34.27 -75.62 57.06
CA ALA F 111 34.49 -76.00 58.44
C ALA F 111 33.60 -77.19 58.83
N GLU F 112 32.29 -76.99 58.80
CA GLU F 112 31.37 -78.13 58.99
C GLU F 112 31.23 -78.91 57.69
N THR F 113 32.36 -79.34 57.16
CA THR F 113 32.45 -80.29 56.06
C THR F 113 33.31 -81.49 56.42
N GLN F 114 34.61 -81.26 56.65
CA GLN F 114 35.45 -82.28 57.24
C GLN F 114 35.18 -82.45 58.72
N LEU F 115 35.06 -81.34 59.46
CA LEU F 115 34.68 -81.44 60.86
C LEU F 115 33.27 -81.99 61.01
N ARG F 116 32.40 -81.74 60.02
CA ARG F 116 31.12 -82.44 59.97
C ARG F 116 31.32 -83.94 60.02
N PHE F 117 32.29 -84.44 59.27
CA PHE F 117 32.69 -85.84 59.40
C PHE F 117 33.67 -86.05 60.52
N VAL F 118 34.55 -85.09 60.79
CA VAL F 118 35.49 -85.24 61.89
C VAL F 118 34.77 -85.25 63.22
N LEU F 119 33.59 -84.65 63.30
CA LEU F 119 32.76 -84.85 64.48
C LEU F 119 32.32 -86.30 64.56
N ARG F 120 31.78 -86.85 63.48
CA ARG F 120 31.44 -88.26 63.45
C ARG F 120 32.68 -89.13 63.56
N ALA F 121 33.82 -88.63 63.04
CA ALA F 121 35.07 -89.36 63.20
C ALA F 121 35.46 -89.48 64.66
N ALA F 122 35.41 -88.38 65.41
CA ALA F 122 35.70 -88.44 66.83
C ALA F 122 34.67 -89.28 67.56
N ILE F 123 33.42 -89.25 67.09
CA ILE F 123 32.38 -90.09 67.68
C ILE F 123 32.76 -91.56 67.56
N ALA F 124 33.01 -92.02 66.33
CA ALA F 124 33.37 -93.42 66.13
C ALA F 124 34.70 -93.76 66.80
N VAL F 125 35.59 -92.76 66.92
CA VAL F 125 36.88 -93.00 67.54
C VAL F 125 36.72 -93.25 69.03
N ALA F 126 35.96 -92.40 69.71
CA ALA F 126 35.65 -92.64 71.11
C ALA F 126 34.86 -93.93 71.27
N VAL F 127 34.06 -94.27 70.26
CA VAL F 127 33.29 -95.51 70.31
C VAL F 127 34.21 -96.71 70.32
N VAL F 128 35.16 -96.76 69.39
CA VAL F 128 36.10 -97.87 69.34
C VAL F 128 36.99 -97.86 70.58
N ALA F 129 37.33 -96.67 71.08
CA ALA F 129 38.15 -96.58 72.28
C ALA F 129 37.43 -97.17 73.48
N ALA F 130 36.14 -96.86 73.63
CA ALA F 130 35.37 -97.45 74.71
C ALA F 130 35.20 -98.95 74.50
N ALA F 131 35.03 -99.37 73.25
CA ALA F 131 34.93 -100.80 72.97
C ALA F 131 36.19 -101.53 73.39
N LEU F 132 37.35 -100.87 73.24
CA LEU F 132 38.60 -101.49 73.65
C LEU F 132 38.82 -101.40 75.16
N VAL F 133 38.40 -100.30 75.77
CA VAL F 133 38.64 -100.11 77.20
C VAL F 133 37.72 -100.98 78.05
N LEU F 134 36.45 -101.09 77.66
CA LEU F 134 35.51 -101.96 78.35
C LEU F 134 35.65 -103.42 77.94
N ALA F 135 36.64 -103.73 77.10
CA ALA F 135 36.95 -105.09 76.73
C ALA F 135 37.77 -105.73 77.86
N GLY F 136 38.11 -106.99 77.71
CA GLY F 136 38.85 -107.72 78.72
C GLY F 136 39.76 -108.73 78.09
N THR F 137 39.71 -109.97 78.59
CA THR F 137 40.54 -111.02 78.02
C THR F 137 40.15 -111.32 76.58
N ASP F 138 38.90 -111.75 76.38
CA ASP F 138 38.44 -112.12 75.05
C ASP F 138 37.75 -110.95 74.36
N PRO F 139 38.46 -110.20 73.55
CA PRO F 139 37.80 -109.17 72.74
C PRO F 139 36.85 -109.80 71.73
N GLU F 140 37.34 -110.81 71.02
CA GLU F 140 36.59 -111.63 70.07
C GLU F 140 36.09 -110.84 68.87
N LEU F 141 36.11 -109.51 68.92
CA LEU F 141 35.81 -108.70 67.74
C LEU F 141 36.69 -107.46 67.65
N GLN F 142 37.68 -107.31 68.55
CA GLN F 142 38.60 -106.19 68.43
C GLN F 142 39.32 -106.22 67.10
N GLU F 143 39.57 -107.40 66.54
CA GLU F 143 40.04 -107.47 65.16
C GLU F 143 39.01 -106.87 64.22
N MET F 144 37.76 -107.33 64.31
CA MET F 144 36.68 -106.66 63.59
C MET F 144 36.62 -105.19 63.96
N VAL F 145 36.70 -104.89 65.26
CA VAL F 145 36.77 -103.50 65.71
C VAL F 145 37.99 -102.82 65.12
N GLU F 146 39.12 -103.53 65.00
CA GLU F 146 40.25 -102.98 64.27
C GLU F 146 39.93 -102.88 62.78
N GLN F 147 39.28 -103.92 62.24
CA GLN F 147 38.76 -103.83 60.88
C GLN F 147 37.85 -102.63 60.74
N ILE F 148 36.88 -102.51 61.65
CA ILE F 148 36.09 -101.29 61.72
C ILE F 148 37.00 -100.08 61.87
N LYS F 149 37.99 -100.15 62.76
CA LYS F 149 39.00 -99.10 62.84
C LYS F 149 39.68 -98.90 61.50
N ASP F 150 40.06 -100.00 60.85
CA ASP F 150 40.49 -99.92 59.46
C ASP F 150 39.40 -99.29 58.61
N LEU F 151 38.18 -99.80 58.69
CA LEU F 151 37.05 -99.14 58.06
C LEU F 151 36.92 -97.70 58.52
N LEU F 152 37.25 -97.42 59.78
CA LEU F 152 37.33 -96.05 60.24
C LEU F 152 38.49 -95.32 59.59
N ILE F 153 39.67 -95.95 59.58
CA ILE F 153 40.78 -95.42 58.79
C ILE F 153 40.35 -95.29 57.34
N SER F 154 39.69 -96.32 56.82
CA SER F 154 39.06 -96.21 55.50
C SER F 154 38.05 -95.07 55.46
N ALA F 155 37.24 -94.95 56.52
CA ALA F 155 36.39 -93.77 56.63
C ALA F 155 37.24 -92.51 56.73
N PHE F 156 38.36 -92.60 57.47
CA PHE F 156 39.30 -91.49 57.48
C PHE F 156 39.80 -91.19 56.08
N MET F 157 39.85 -92.20 55.21
CA MET F 157 40.07 -91.95 53.79
C MET F 157 38.77 -91.70 53.04
N ALA F 158 37.66 -92.30 53.48
CA ALA F 158 36.37 -92.12 52.82
C ALA F 158 35.71 -90.80 53.21
N GLY F 159 36.45 -89.90 53.85
CA GLY F 159 35.98 -88.58 54.16
C GLY F 159 36.56 -87.57 53.19
N GLU F 165 34.02 -88.50 51.52
CA GLU F 165 32.59 -88.38 51.26
C GLU F 165 31.88 -89.72 51.46
N LYS F 166 32.60 -90.82 51.26
CA LYS F 166 32.05 -92.16 51.38
C LYS F 166 32.01 -92.65 52.81
N ALA F 167 31.88 -91.73 53.79
CA ALA F 167 31.88 -92.12 55.18
C ALA F 167 30.75 -91.51 55.99
N LEU F 168 29.89 -90.68 55.40
CA LEU F 168 28.82 -90.05 56.17
C LEU F 168 27.90 -91.07 56.79
N THR F 169 27.34 -91.97 55.98
CA THR F 169 26.55 -93.06 56.53
C THR F 169 27.45 -94.17 57.07
N GLN F 170 28.67 -94.28 56.54
CA GLN F 170 29.58 -95.30 57.01
C GLN F 170 30.03 -95.02 58.45
N LEU F 171 30.26 -93.75 58.78
CA LEU F 171 30.59 -93.40 60.16
C LEU F 171 29.43 -93.73 61.10
N LEU F 172 28.20 -93.45 60.67
CA LEU F 172 27.04 -93.80 61.49
C LEU F 172 26.92 -95.30 61.66
N PHE F 173 27.17 -96.06 60.59
CA PHE F 173 27.11 -97.51 60.67
C PHE F 173 28.19 -98.05 61.59
N VAL F 174 29.38 -97.48 61.52
CA VAL F 174 30.48 -97.93 62.39
C VAL F 174 30.15 -97.61 63.84
N ALA F 175 29.58 -96.44 64.10
CA ALA F 175 29.19 -96.09 65.46
C ALA F 175 28.08 -97.01 65.97
N TRP F 176 27.14 -97.38 65.10
CA TRP F 176 26.07 -98.27 65.52
C TRP F 176 26.59 -99.68 65.79
N ALA F 177 27.55 -100.13 64.98
CA ALA F 177 28.17 -101.42 65.23
C ALA F 177 28.99 -101.42 66.51
N ALA F 178 29.67 -100.31 66.79
CA ALA F 178 30.37 -100.18 68.05
C ALA F 178 29.40 -100.17 69.23
N HIS F 179 28.24 -99.53 69.05
CA HIS F 179 27.23 -99.51 70.11
C HIS F 179 26.68 -100.90 70.37
N ALA F 180 26.43 -101.67 69.31
CA ALA F 180 26.07 -103.07 69.50
C ALA F 180 27.20 -103.86 70.13
N VAL F 181 28.44 -103.46 69.86
CA VAL F 181 29.58 -104.10 70.51
C VAL F 181 29.77 -103.55 71.91
N ALA F 182 29.65 -102.23 72.09
CA ALA F 182 29.83 -101.63 73.40
C ALA F 182 28.74 -102.07 74.37
N MET F 183 27.53 -102.27 73.87
CA MET F 183 26.48 -102.85 74.70
C MET F 183 26.86 -104.28 75.10
N ILE F 184 27.30 -105.08 74.13
CA ILE F 184 27.73 -106.45 74.45
C ILE F 184 28.96 -106.43 75.33
N ALA F 185 29.87 -105.48 75.11
CA ALA F 185 31.07 -105.39 75.93
C ALA F 185 30.74 -105.05 77.37
N ALA F 186 29.83 -104.10 77.58
CA ALA F 186 29.43 -103.74 78.93
C ALA F 186 28.63 -104.87 79.58
N ALA F 187 27.87 -105.62 78.78
CA ALA F 187 27.12 -106.74 79.33
C ALA F 187 28.07 -107.85 79.80
N ALA F 188 29.06 -108.18 78.99
CA ALA F 188 30.04 -109.19 79.38
C ALA F 188 30.94 -108.69 80.50
N ASN F 189 31.11 -107.37 80.62
CA ASN F 189 31.97 -106.82 81.65
C ASN F 189 31.40 -107.06 83.05
N LEU F 190 30.12 -106.79 83.25
CA LEU F 190 29.46 -107.03 84.51
C LEU F 190 28.97 -108.46 84.65
N ALA F 191 29.30 -109.33 83.70
CA ALA F 191 28.90 -110.73 83.74
C ALA F 191 30.08 -111.59 84.19
N GLY F 192 29.77 -112.67 84.87
CA GLY F 192 30.79 -113.60 85.35
C GLY F 192 30.81 -114.88 84.55
N PRO F 195 26.09 -116.47 82.92
CA PRO F 195 26.46 -116.17 81.53
C PRO F 195 25.24 -115.91 80.66
N ARG F 196 24.10 -115.64 81.28
CA ARG F 196 22.88 -115.33 80.53
C ARG F 196 23.07 -114.06 79.71
N LEU F 197 23.70 -113.05 80.28
CA LEU F 197 23.99 -111.83 79.53
C LEU F 197 24.96 -112.10 78.38
N GLN F 198 25.92 -113.00 78.60
CA GLN F 198 26.87 -113.34 77.54
C GLN F 198 26.17 -114.08 76.40
N GLN F 199 25.23 -114.98 76.74
CA GLN F 199 24.50 -115.71 75.71
C GLN F 199 23.53 -114.80 74.98
N GLN F 200 22.93 -113.84 75.68
CA GLN F 200 22.04 -112.89 75.01
C GLN F 200 22.81 -111.96 74.09
N VAL F 201 24.01 -111.54 74.51
CA VAL F 201 24.86 -110.71 73.66
C VAL F 201 25.51 -111.50 72.54
N LYS F 202 25.60 -112.83 72.67
CA LYS F 202 26.18 -113.64 71.61
C LYS F 202 25.24 -113.74 70.42
N GLU F 203 23.94 -113.55 70.64
CA GLU F 203 22.97 -113.57 69.55
C GLU F 203 22.81 -112.21 68.88
N ILE F 204 22.93 -111.12 69.64
CA ILE F 204 22.93 -109.80 69.01
C ILE F 204 24.24 -109.55 68.29
N LEU F 205 25.35 -110.05 68.85
CA LEU F 205 26.63 -109.95 68.17
C LEU F 205 26.65 -110.78 66.89
N GLU F 206 25.88 -111.86 66.85
CA GLU F 206 25.79 -112.66 65.63
C GLU F 206 25.17 -111.85 64.50
N LYS F 207 24.01 -111.22 64.75
CA LYS F 207 23.40 -110.38 63.74
C LYS F 207 24.26 -109.16 63.44
N LEU F 208 24.99 -108.66 64.44
CA LEU F 208 25.88 -107.53 64.21
C LEU F 208 27.00 -107.90 63.24
N LYS F 209 27.64 -109.06 63.44
CA LYS F 209 28.70 -109.49 62.54
C LYS F 209 28.13 -109.83 61.16
N GLU F 210 26.92 -110.38 61.11
CA GLU F 210 26.29 -110.66 59.83
C GLU F 210 26.04 -109.37 59.05
N ALA F 211 25.55 -108.34 59.73
CA ALA F 211 25.35 -107.05 59.06
C ALA F 211 26.66 -106.39 58.69
N ILE F 212 27.69 -106.55 59.54
CA ILE F 212 28.99 -105.96 59.24
C ILE F 212 29.58 -106.60 57.98
N GLU F 213 29.48 -107.92 57.87
CA GLU F 213 29.85 -108.57 56.62
C GLU F 213 28.97 -108.08 55.48
N THR F 214 27.67 -107.86 55.74
CA THR F 214 26.80 -107.26 54.73
C THR F 214 27.17 -105.80 54.50
N PHE F 215 27.48 -105.05 55.57
CA PHE F 215 27.96 -103.69 55.39
C PHE F 215 29.31 -103.66 54.69
N GLN F 216 30.11 -104.70 54.86
CA GLN F 216 31.31 -104.89 54.07
C GLN F 216 31.02 -105.58 52.75
N LYS F 217 29.75 -105.88 52.49
CA LYS F 217 29.32 -106.42 51.20
C LYS F 217 28.61 -105.37 50.36
N GLY F 218 28.79 -104.09 50.71
CA GLY F 218 28.20 -103.01 49.94
C GLY F 218 26.71 -102.86 50.19
N ASP F 219 26.24 -103.34 51.33
CA ASP F 219 24.84 -103.21 51.70
C ASP F 219 24.70 -102.01 52.62
N GLU F 220 23.99 -100.98 52.14
CA GLU F 220 23.91 -99.70 52.83
C GLU F 220 22.66 -99.57 53.67
N GLU F 221 21.50 -99.96 53.13
CA GLU F 221 20.27 -99.88 53.90
C GLU F 221 20.01 -101.17 54.68
N GLN F 222 20.17 -102.32 54.04
CA GLN F 222 19.86 -103.59 54.70
C GLN F 222 20.82 -103.86 55.85
N ALA F 223 22.13 -103.68 55.61
CA ALA F 223 23.10 -103.96 56.66
C ALA F 223 23.00 -102.95 57.80
N PHE F 224 22.74 -101.68 57.47
CA PHE F 224 22.55 -100.68 58.52
C PHE F 224 21.33 -101.02 59.35
N ARG F 225 20.24 -101.46 58.71
CA ARG F 225 19.04 -101.84 59.45
C ARG F 225 19.30 -103.04 60.33
N GLN F 226 20.00 -104.05 59.81
CA GLN F 226 20.29 -105.24 60.60
C GLN F 226 21.18 -104.91 61.79
N LEU F 227 22.20 -104.06 61.60
CA LEU F 227 23.06 -103.68 62.71
C LEU F 227 22.30 -102.85 63.74
N ALA F 228 21.43 -101.96 63.28
CA ALA F 228 20.64 -101.14 64.20
C ALA F 228 19.68 -102.00 65.01
N GLU F 229 19.07 -103.00 64.36
CA GLU F 229 18.17 -103.90 65.08
C GLU F 229 18.93 -104.78 66.06
N VAL F 230 20.13 -105.22 65.67
CA VAL F 230 20.97 -106.00 66.59
C VAL F 230 21.35 -105.16 67.80
N LEU F 231 21.72 -103.89 67.56
CA LEU F 231 22.04 -102.98 68.67
C LEU F 231 20.82 -102.75 69.56
N ALA F 232 19.63 -102.62 68.97
CA ALA F 232 18.44 -102.40 69.77
C ALA F 232 18.10 -103.63 70.61
N GLU F 233 18.23 -104.82 70.03
CA GLU F 233 18.00 -106.05 70.80
C GLU F 233 19.05 -106.21 71.89
N ALA F 234 20.29 -105.83 71.60
CA ALA F 234 21.34 -105.89 72.62
C ALA F 234 21.04 -104.92 73.76
N ALA F 235 20.56 -103.72 73.43
CA ALA F 235 20.20 -102.77 74.48
C ALA F 235 19.00 -103.25 75.29
N LEU F 236 18.07 -103.95 74.64
CA LEU F 236 16.93 -104.51 75.36
C LEU F 236 17.36 -105.62 76.30
N VAL F 237 18.31 -106.46 75.87
CA VAL F 237 18.81 -107.52 76.75
C VAL F 237 19.69 -106.92 77.84
N ALA F 238 20.34 -105.79 77.58
CA ALA F 238 21.16 -105.14 78.59
C ALA F 238 20.30 -104.57 79.70
N LEU F 239 19.05 -104.22 79.40
CA LEU F 239 18.13 -103.76 80.43
C LEU F 239 17.93 -104.84 81.50
N ARG F 240 17.90 -106.11 81.10
CA ARG F 240 17.79 -107.19 82.07
C ARG F 240 19.16 -107.60 82.62
N ALA F 241 20.21 -107.48 81.80
CA ALA F 241 21.54 -107.83 82.27
C ALA F 241 22.04 -106.87 83.35
N ALA F 242 21.55 -105.63 83.34
CA ALA F 242 21.94 -104.66 84.35
C ALA F 242 21.38 -104.99 85.73
N LEU F 243 20.32 -105.79 85.78
CA LEU F 243 19.75 -106.26 87.04
C LEU F 243 20.15 -107.70 87.35
N THR F 244 20.94 -108.33 86.48
CA THR F 244 21.37 -109.70 86.69
C THR F 244 22.56 -109.83 87.63
N ASN F 245 23.10 -108.71 88.12
CA ASN F 245 24.25 -108.74 89.02
C ASN F 245 23.96 -107.95 90.29
N GLU G 4 34.42 -14.31 -97.82
CA GLU G 4 34.27 -13.62 -96.54
C GLU G 4 35.32 -12.52 -96.40
N PHE G 5 35.58 -12.11 -95.16
CA PHE G 5 36.51 -11.02 -94.89
C PHE G 5 37.95 -11.36 -95.23
N LYS G 6 38.28 -12.65 -95.38
CA LYS G 6 39.57 -13.05 -95.92
C LYS G 6 39.42 -14.09 -97.01
N PHE G 7 38.20 -14.55 -97.27
CA PHE G 7 37.93 -15.50 -98.35
C PHE G 7 37.33 -14.85 -99.58
N LEU G 8 36.89 -13.59 -99.50
CA LEU G 8 36.53 -12.81 -100.66
C LEU G 8 37.48 -11.64 -100.84
N ALA G 9 38.52 -11.59 -100.01
CA ALA G 9 39.60 -10.62 -100.14
C ALA G 9 40.73 -11.17 -101.00
N THR G 10 40.79 -12.48 -101.22
CA THR G 10 41.65 -13.02 -102.26
C THR G 10 41.14 -12.60 -103.63
N GLU G 11 39.82 -12.52 -103.79
CA GLU G 11 39.25 -11.91 -104.99
C GLU G 11 39.61 -10.45 -105.07
N ALA G 12 39.58 -9.73 -103.94
CA ALA G 12 40.06 -8.35 -103.93
C ALA G 12 41.55 -8.30 -104.23
N LYS G 13 42.30 -9.32 -103.84
CA LYS G 13 43.72 -9.38 -104.15
C LYS G 13 43.98 -9.59 -105.63
N MET G 14 43.19 -10.44 -106.28
CA MET G 14 43.28 -10.56 -107.74
C MET G 14 42.85 -9.25 -108.40
N LEU G 15 41.84 -8.58 -107.83
CA LEU G 15 41.47 -7.27 -108.34
C LEU G 15 42.60 -6.26 -108.18
N ILE G 16 43.31 -6.32 -107.05
CA ILE G 16 44.43 -5.40 -106.84
C ILE G 16 45.55 -5.70 -107.81
N THR G 17 45.79 -6.98 -108.09
CA THR G 17 46.81 -7.36 -109.05
C THR G 17 46.43 -6.91 -110.47
N ALA G 18 45.15 -7.01 -110.81
CA ALA G 18 44.71 -6.53 -112.12
C ALA G 18 44.88 -5.01 -112.22
N ALA G 19 44.43 -4.28 -111.20
CA ALA G 19 44.50 -2.83 -111.25
C ALA G 19 45.93 -2.33 -111.25
N GLU G 20 46.83 -2.99 -110.51
CA GLU G 20 48.23 -2.60 -110.51
C GLU G 20 48.85 -2.81 -111.89
N ARG G 21 48.36 -3.80 -112.63
CA ARG G 21 48.82 -4.05 -113.99
C ARG G 21 47.99 -3.33 -115.04
N LEU G 22 46.88 -2.70 -114.66
CA LEU G 22 46.01 -1.99 -115.60
C LEU G 22 45.99 -0.48 -115.37
N ALA G 23 46.63 0.00 -114.31
CA ALA G 23 46.73 1.43 -114.04
C ALA G 23 48.21 1.79 -114.05
N GLY G 24 48.79 1.84 -115.25
CA GLY G 24 50.18 2.21 -115.43
C GLY G 24 50.41 3.69 -115.59
N THR G 25 49.34 4.47 -115.69
CA THR G 25 49.41 5.93 -115.74
C THR G 25 48.50 6.46 -114.65
N ASP G 26 48.31 7.79 -114.63
CA ASP G 26 47.53 8.44 -113.60
C ASP G 26 48.05 8.03 -112.22
N PRO G 27 49.21 8.54 -111.80
CA PRO G 27 49.74 8.19 -110.48
C PRO G 27 48.74 8.35 -109.34
N ARG G 28 47.65 9.10 -109.54
CA ARG G 28 46.56 9.07 -108.58
C ARG G 28 45.95 7.68 -108.48
N LEU G 29 45.88 6.96 -109.61
CA LEU G 29 45.37 5.59 -109.59
C LEU G 29 46.32 4.68 -108.83
N GLN G 30 47.63 4.82 -109.05
CA GLN G 30 48.59 4.01 -108.31
C GLN G 30 48.53 4.33 -106.82
N GLU G 31 48.36 5.60 -106.47
CA GLU G 31 48.26 5.99 -105.07
C GLU G 31 46.99 5.44 -104.43
N MET G 32 45.88 5.45 -105.17
CA MET G 32 44.65 4.87 -104.65
C MET G 32 44.78 3.36 -104.50
N VAL G 33 45.47 2.71 -105.43
CA VAL G 33 45.70 1.27 -105.31
C VAL G 33 46.58 0.99 -104.10
N ALA G 34 47.55 1.84 -103.82
CA ALA G 34 48.39 1.66 -102.66
C ALA G 34 47.62 1.89 -101.37
N LEU G 35 46.77 2.91 -101.33
CA LEU G 35 45.94 3.14 -100.16
C LEU G 35 44.94 2.02 -99.95
N ILE G 36 44.48 1.40 -101.03
CA ILE G 36 43.56 0.27 -100.91
C ILE G 36 44.30 -0.96 -100.39
N LYS G 37 45.48 -1.24 -100.95
CA LYS G 37 46.31 -2.33 -100.45
C LYS G 37 46.67 -2.14 -98.98
N LYS G 38 46.94 -0.90 -98.57
CA LYS G 38 47.12 -0.62 -97.15
C LYS G 38 45.80 -0.81 -96.40
N GLU G 39 44.70 -0.34 -96.98
CA GLU G 39 43.39 -0.66 -96.42
C GLU G 39 43.12 -2.15 -96.50
N LEU G 40 43.53 -2.81 -97.59
CA LEU G 40 43.49 -4.27 -97.63
C LEU G 40 44.38 -4.87 -96.57
N GLU G 41 45.58 -4.30 -96.37
CA GLU G 41 46.46 -4.78 -95.31
C GLU G 41 45.85 -4.51 -93.94
N GLN G 42 45.20 -3.36 -93.78
CA GLN G 42 44.56 -3.04 -92.50
C GLN G 42 43.42 -4.00 -92.19
N ALA G 43 42.64 -4.36 -93.21
CA ALA G 43 41.55 -5.31 -93.01
C ALA G 43 42.08 -6.71 -92.75
N GLU G 44 43.12 -7.13 -93.49
CA GLU G 44 43.72 -8.44 -93.26
C GLU G 44 44.32 -8.53 -91.86
N ARG G 45 44.89 -7.43 -91.37
CA ARG G 45 45.34 -7.40 -89.98
C ARG G 45 44.16 -7.48 -89.02
N THR G 46 43.11 -6.72 -89.28
CA THR G 46 41.88 -6.86 -88.51
C THR G 46 41.23 -8.21 -88.74
N PHE G 47 41.38 -8.79 -89.93
CA PHE G 47 40.97 -10.18 -90.14
C PHE G 47 41.85 -11.12 -89.36
N ARG G 48 43.13 -10.77 -89.19
CA ARG G 48 44.00 -11.51 -88.30
C ARG G 48 43.84 -11.09 -86.85
N ASN G 49 43.27 -9.91 -86.60
CA ASN G 49 42.98 -9.45 -85.25
C ASN G 49 41.57 -9.89 -84.86
N GLY G 50 41.14 -9.50 -83.66
CA GLY G 50 39.81 -9.83 -83.20
C GLY G 50 38.76 -8.89 -83.77
N ASP G 51 39.18 -7.96 -84.61
CA ASP G 51 38.30 -6.99 -85.25
C ASP G 51 37.84 -7.64 -86.56
N LYS G 52 37.07 -8.72 -86.44
CA LYS G 52 36.59 -9.46 -87.60
C LYS G 52 35.45 -8.75 -88.31
N SER G 53 34.54 -8.12 -87.56
CA SER G 53 33.48 -7.34 -88.18
C SER G 53 34.05 -6.07 -88.80
N GLU G 54 34.98 -5.41 -88.11
CA GLU G 54 35.67 -4.27 -88.71
C GLU G 54 36.47 -4.71 -89.92
N ALA G 55 37.09 -5.89 -89.86
CA ALA G 55 37.78 -6.42 -91.02
C ALA G 55 36.84 -6.62 -92.19
N GLN G 56 35.65 -7.19 -91.93
CA GLN G 56 34.69 -7.40 -93.00
C GLN G 56 34.21 -6.09 -93.58
N ARG G 57 33.97 -5.08 -92.73
CA ARG G 57 33.53 -3.78 -93.23
C ARG G 57 34.61 -3.11 -94.07
N GLN G 58 35.86 -3.10 -93.58
CA GLN G 58 36.94 -2.50 -94.34
C GLN G 58 37.19 -3.26 -95.63
N LEU G 59 37.05 -4.60 -95.60
CA LEU G 59 37.24 -5.38 -96.80
C LEU G 59 36.14 -5.13 -97.81
N GLU G 60 34.90 -4.97 -97.35
CA GLU G 60 33.81 -4.65 -98.26
C GLU G 60 34.00 -3.26 -98.87
N PHE G 61 34.45 -2.29 -98.07
CA PHE G 61 34.74 -0.98 -98.62
C PHE G 61 35.88 -1.04 -99.63
N VAL G 62 36.95 -1.76 -99.29
CA VAL G 62 38.10 -1.85 -100.19
C VAL G 62 37.76 -2.66 -101.43
N LEU G 63 36.76 -3.54 -101.35
CA LEU G 63 36.33 -4.28 -102.53
C LEU G 63 35.70 -3.34 -103.54
N THR G 64 34.76 -2.52 -103.09
CA THR G 64 34.20 -1.50 -103.96
C THR G 64 35.27 -0.52 -104.43
N ALA G 65 36.24 -0.23 -103.56
CA ALA G 65 37.32 0.66 -103.94
C ALA G 65 38.15 0.07 -105.07
N ALA G 66 38.52 -1.21 -104.96
CA ALA G 66 39.29 -1.86 -106.00
C ALA G 66 38.47 -2.02 -107.27
N ARG G 67 37.16 -2.26 -107.14
CA ARG G 67 36.31 -2.37 -108.31
C ARG G 67 36.26 -1.04 -109.06
N ALA G 68 36.03 0.05 -108.34
CA ALA G 68 36.00 1.37 -108.98
C ALA G 68 37.37 1.75 -109.51
N VAL G 69 38.43 1.29 -108.85
CA VAL G 69 39.78 1.59 -109.32
C VAL G 69 40.08 0.84 -110.61
N MET G 70 39.61 -0.40 -110.70
CA MET G 70 39.73 -1.13 -111.96
C MET G 70 38.89 -0.47 -113.04
N ASN G 71 37.71 0.04 -112.69
CA ASN G 71 36.90 0.79 -113.64
C ASN G 71 37.65 2.01 -114.14
N VAL G 72 38.32 2.73 -113.23
CA VAL G 72 39.06 3.93 -113.61
C VAL G 72 40.27 3.57 -114.47
N ALA G 73 40.94 2.46 -114.14
CA ALA G 73 42.10 2.05 -114.92
C ALA G 73 41.69 1.63 -116.32
N ALA G 74 40.60 0.87 -116.44
CA ALA G 74 40.10 0.47 -117.74
C ALA G 74 39.60 1.68 -118.53
N ALA G 75 39.04 2.67 -117.83
CA ALA G 75 38.65 3.89 -118.49
C ALA G 75 39.86 4.63 -119.05
N ALA G 76 40.89 4.81 -118.21
CA ALA G 76 42.11 5.46 -118.66
C ALA G 76 42.74 4.72 -119.83
N ASN G 77 42.67 3.39 -119.81
CA ASN G 77 43.14 2.60 -120.94
C ASN G 77 42.23 2.74 -122.15
N ALA G 78 40.96 3.08 -121.95
CA ALA G 78 40.00 3.22 -123.03
C ALA G 78 39.61 4.66 -123.32
N ALA G 79 40.19 5.61 -122.60
CA ALA G 79 39.90 7.03 -122.81
C ALA G 79 41.19 7.84 -122.76
N GLY G 80 42.24 7.31 -123.40
CA GLY G 80 43.50 8.04 -123.48
C GLY G 80 43.48 9.21 -124.45
N THR G 81 42.34 9.49 -125.09
CA THR G 81 42.26 10.55 -126.08
C THR G 81 41.11 11.52 -125.85
N ASP G 82 40.29 11.31 -124.82
CA ASP G 82 39.16 12.18 -124.55
C ASP G 82 39.49 13.11 -123.39
N PRO G 83 39.65 14.42 -123.64
CA PRO G 83 40.00 15.30 -122.53
C PRO G 83 38.91 15.40 -121.47
N LEU G 84 37.64 15.41 -121.88
CA LEU G 84 36.56 15.42 -120.90
C LEU G 84 36.58 14.15 -120.08
N LEU G 85 36.90 13.02 -120.71
CA LEU G 85 36.98 11.77 -119.97
C LEU G 85 38.14 11.78 -118.99
N LYS G 86 39.31 12.28 -119.40
CA LYS G 86 40.43 12.36 -118.48
C LYS G 86 40.15 13.32 -117.34
N ALA G 87 39.42 14.41 -117.63
CA ALA G 87 39.06 15.35 -116.59
C ALA G 87 38.09 14.72 -115.59
N MET G 88 37.05 14.07 -116.08
CA MET G 88 36.12 13.38 -115.19
C MET G 88 36.82 12.25 -114.44
N VAL G 89 37.84 11.66 -115.05
CA VAL G 89 38.58 10.58 -114.40
C VAL G 89 39.42 11.13 -113.25
N ASP G 90 40.12 12.24 -113.48
CA ASP G 90 40.85 12.87 -112.39
C ASP G 90 39.90 13.37 -111.31
N ALA G 91 38.71 13.81 -111.72
CA ALA G 91 37.72 14.26 -110.74
C ALA G 91 37.23 13.08 -109.89
N ILE G 92 36.98 11.95 -110.53
CA ILE G 92 36.58 10.75 -109.79
C ILE G 92 37.73 10.27 -108.92
N LEU G 93 38.97 10.47 -109.38
CA LEU G 93 40.12 10.10 -108.57
C LEU G 93 40.22 10.96 -107.32
N TRP G 94 39.98 12.26 -107.47
CA TRP G 94 39.97 13.14 -106.30
C TRP G 94 38.80 12.81 -105.38
N ARG G 95 37.63 12.55 -105.95
CA ARG G 95 36.48 12.16 -105.13
C ARG G 95 36.73 10.83 -104.44
N LEU G 96 37.47 9.94 -105.08
CA LEU G 96 37.81 8.66 -104.48
C LEU G 96 38.83 8.82 -103.37
N LYS G 97 39.81 9.70 -103.54
CA LYS G 97 40.73 10.01 -102.45
C LYS G 97 39.98 10.63 -101.28
N GLU G 98 39.02 11.50 -101.57
CA GLU G 98 38.22 12.10 -100.50
C GLU G 98 37.38 11.06 -99.79
N ALA G 99 36.74 10.16 -100.54
CA ALA G 99 35.93 9.13 -99.92
C ALA G 99 36.81 8.13 -99.17
N ILE G 100 38.04 7.93 -99.62
CA ILE G 100 38.97 7.04 -98.93
C ILE G 100 39.42 7.65 -97.63
N ARG G 101 39.68 8.97 -97.63
CA ARG G 101 39.99 9.65 -96.38
C ARG G 101 38.79 9.66 -95.44
N THR G 102 37.59 9.78 -96.00
CA THR G 102 36.38 9.78 -95.17
C THR G 102 36.17 8.42 -94.53
N PHE G 103 36.24 7.35 -95.32
CA PHE G 103 36.14 6.00 -94.77
C PHE G 103 37.25 5.71 -93.78
N GLN G 104 38.47 6.18 -94.07
CA GLN G 104 39.56 6.05 -93.11
C GLN G 104 39.25 6.84 -91.85
N ASN G 105 38.49 7.93 -91.97
CA ASN G 105 37.96 8.63 -90.81
C ASN G 105 36.72 7.96 -90.25
N GLY G 106 36.37 6.76 -90.71
CA GLY G 106 35.16 6.11 -90.28
C GLY G 106 33.90 6.69 -90.91
N ASP G 107 34.05 7.56 -91.90
CA ASP G 107 32.90 8.15 -92.58
C ASP G 107 32.72 7.53 -93.95
N GLU G 109 30.66 5.48 -92.69
CA GLU G 109 29.40 6.21 -92.70
C GLU G 109 29.05 6.69 -94.11
N GLU G 110 29.42 7.93 -94.42
CA GLU G 110 29.19 8.48 -95.75
C GLU G 110 30.21 7.98 -96.77
N ALA G 111 30.98 6.95 -96.42
CA ALA G 111 31.90 6.35 -97.39
C ALA G 111 31.12 5.71 -98.53
N GLU G 112 30.33 4.68 -98.22
CA GLU G 112 29.43 4.12 -99.23
C GLU G 112 28.17 4.98 -99.36
N THR G 113 28.39 6.26 -99.62
CA THR G 113 27.36 7.21 -100.01
C THR G 113 27.70 7.90 -101.32
N GLN G 114 28.78 8.69 -101.34
CA GLN G 114 29.32 9.19 -102.59
C GLN G 114 30.05 8.10 -103.35
N LEU G 115 30.88 7.32 -102.67
CA LEU G 115 31.52 6.19 -103.31
C LEU G 115 30.50 5.16 -103.75
N ARG G 116 29.38 5.05 -103.01
CA ARG G 116 28.25 4.26 -103.50
C ARG G 116 27.85 4.71 -104.89
N PHE G 117 27.78 6.02 -105.11
CA PHE G 117 27.59 6.54 -106.45
C PHE G 117 28.88 6.64 -107.23
N VAL G 118 30.00 6.93 -106.55
CA VAL G 118 31.27 7.00 -107.24
C VAL G 118 31.68 5.64 -107.77
N LEU G 119 31.20 4.57 -107.14
CA LEU G 119 31.36 3.26 -107.76
C LEU G 119 30.58 3.18 -109.06
N ARG G 120 29.30 3.57 -109.03
CA ARG G 120 28.52 3.63 -110.27
C ARG G 120 29.06 4.70 -111.19
N ALA G 121 29.65 5.76 -110.63
CA ALA G 121 30.28 6.78 -111.46
C ALA G 121 31.44 6.20 -112.25
N ALA G 122 32.33 5.47 -111.58
CA ALA G 122 33.45 4.82 -112.27
C ALA G 122 32.93 3.76 -113.24
N ILE G 123 31.82 3.11 -112.90
CA ILE G 123 31.23 2.15 -113.81
C ILE G 123 30.83 2.82 -115.11
N ALA G 124 30.00 3.86 -115.02
CA ALA G 124 29.56 4.56 -116.23
C ALA G 124 30.74 5.24 -116.93
N VAL G 125 31.76 5.61 -116.18
CA VAL G 125 32.92 6.27 -116.77
C VAL G 125 33.70 5.28 -117.63
N ALA G 126 34.00 4.11 -117.08
CA ALA G 126 34.62 3.06 -117.89
C ALA G 126 33.72 2.66 -119.03
N VAL G 127 32.40 2.73 -118.83
CA VAL G 127 31.46 2.39 -119.89
C VAL G 127 31.60 3.34 -121.07
N VAL G 128 31.59 4.65 -120.79
CA VAL G 128 31.75 5.63 -121.85
C VAL G 128 33.13 5.54 -122.46
N ALA G 129 34.14 5.23 -121.64
CA ALA G 129 35.49 5.10 -122.16
C ALA G 129 35.59 3.94 -123.13
N ALA G 130 34.98 2.80 -122.80
CA ALA G 130 34.97 1.68 -123.72
C ALA G 130 34.15 2.00 -124.95
N ALA G 131 33.04 2.73 -124.79
CA ALA G 131 32.25 3.14 -125.94
C ALA G 131 33.07 4.01 -126.89
N LEU G 132 33.97 4.83 -126.35
CA LEU G 132 34.81 5.67 -127.19
C LEU G 132 35.98 4.88 -127.78
N VAL G 133 36.53 3.94 -127.02
CA VAL G 133 37.71 3.21 -127.49
C VAL G 133 37.33 2.17 -128.55
N LEU G 134 36.22 1.48 -128.37
CA LEU G 134 35.73 0.53 -129.36
C LEU G 134 34.99 1.20 -130.49
N ALA G 135 34.96 2.53 -130.50
CA ALA G 135 34.40 3.29 -131.61
C ALA G 135 35.42 3.36 -132.74
N GLY G 136 35.06 3.99 -133.84
CA GLY G 136 35.93 4.08 -135.00
C GLY G 136 35.71 5.38 -135.72
N THR G 137 35.53 5.30 -137.03
CA THR G 137 35.29 6.52 -137.81
C THR G 137 33.96 7.16 -137.41
N ASP G 138 32.86 6.44 -137.60
CA ASP G 138 31.54 7.00 -137.33
C ASP G 138 31.10 6.63 -135.92
N PRO G 139 31.32 7.51 -134.95
CA PRO G 139 30.74 7.28 -133.62
C PRO G 139 29.22 7.32 -133.67
N GLU G 140 28.68 8.35 -134.32
CA GLU G 140 27.26 8.55 -134.56
C GLU G 140 26.44 8.74 -133.28
N LEU G 141 27.00 8.43 -132.11
CA LEU G 141 26.34 8.75 -130.86
C LEU G 141 27.33 9.20 -129.79
N GLN G 142 28.60 9.36 -130.13
CA GLN G 142 29.56 9.90 -129.17
C GLN G 142 29.13 11.27 -128.67
N GLU G 143 28.48 12.05 -129.52
CA GLU G 143 27.84 13.27 -129.03
C GLU G 143 26.79 12.94 -127.98
N MET G 144 25.85 12.04 -128.32
CA MET G 144 24.94 11.52 -127.31
C MET G 144 25.71 10.92 -126.15
N VAL G 145 26.74 10.12 -126.45
CA VAL G 145 27.61 9.60 -125.40
C VAL G 145 28.27 10.74 -124.64
N GLU G 146 28.65 11.81 -125.35
CA GLU G 146 29.11 13.00 -124.63
C GLU G 146 27.96 13.65 -123.87
N GLN G 147 26.79 13.72 -124.51
CA GLN G 147 25.58 14.15 -123.81
C GLN G 147 25.36 13.28 -122.58
N ILE G 148 25.39 11.96 -122.77
CA ILE G 148 25.40 11.05 -121.63
C ILE G 148 26.54 11.39 -120.69
N LYS G 149 27.74 11.61 -121.24
CA LYS G 149 28.85 12.09 -120.42
C LYS G 149 28.48 13.39 -119.73
N ASP G 150 27.87 14.31 -120.47
CA ASP G 150 27.26 15.48 -119.84
C ASP G 150 26.25 15.04 -118.80
N LEU G 151 25.32 14.18 -119.19
CA LEU G 151 24.42 13.58 -118.21
C LEU G 151 25.18 12.87 -117.11
N LEU G 152 26.35 12.29 -117.43
CA LEU G 152 27.23 11.76 -116.40
C LEU G 152 27.83 12.89 -115.58
N ILE G 153 28.34 13.92 -116.25
CA ILE G 153 28.74 15.13 -115.54
C ILE G 153 27.55 15.67 -114.76
N SER G 154 26.38 15.71 -115.39
CA SER G 154 25.15 16.03 -114.67
C SER G 154 24.92 15.04 -113.55
N ALA G 155 25.13 13.75 -113.80
CA ALA G 155 25.11 12.77 -112.72
C ALA G 155 26.22 13.08 -111.71
N PHE G 156 27.38 13.49 -112.20
CA PHE G 156 28.43 13.97 -111.31
C PHE G 156 27.94 15.13 -110.48
N MET G 157 27.01 15.93 -111.01
CA MET G 157 26.31 16.92 -110.21
C MET G 157 25.07 16.34 -109.53
N ALA G 158 24.41 15.35 -110.15
CA ALA G 158 23.22 14.74 -109.59
C ALA G 158 23.55 13.71 -108.52
N GLY G 159 24.80 13.69 -108.06
CA GLY G 159 25.21 12.85 -106.95
C GLY G 159 25.33 13.67 -105.69
N GLU G 165 22.23 12.98 -105.57
CA GLU G 165 21.17 12.03 -105.22
C GLU G 165 20.34 11.65 -106.43
N LYS G 166 20.26 12.57 -107.40
CA LYS G 166 19.46 12.37 -108.60
C LYS G 166 20.20 11.56 -109.66
N ALA G 167 21.09 10.67 -109.25
CA ALA G 167 21.87 9.89 -110.21
C ALA G 167 21.93 8.40 -109.89
N LEU G 168 21.28 7.94 -108.81
CA LEU G 168 21.34 6.52 -108.48
C LEU G 168 20.76 5.66 -109.58
N THR G 169 19.52 5.92 -109.99
CA THR G 169 18.96 5.22 -111.13
C THR G 169 19.47 5.82 -112.43
N GLN G 170 19.86 7.09 -112.41
CA GLN G 170 20.39 7.72 -113.63
C GLN G 170 21.72 7.11 -114.03
N LEU G 171 22.58 6.79 -113.06
CA LEU G 171 23.83 6.13 -113.38
C LEU G 171 23.57 4.75 -113.97
N LEU G 172 22.61 4.02 -113.42
CA LEU G 172 22.26 2.72 -113.97
C LEU G 172 21.73 2.85 -115.39
N PHE G 173 20.88 3.86 -115.63
CA PHE G 173 20.34 4.07 -116.96
C PHE G 173 21.44 4.44 -117.95
N VAL G 174 22.39 5.27 -117.52
CA VAL G 174 23.49 5.65 -118.38
C VAL G 174 24.37 4.45 -118.70
N ALA G 175 24.61 3.59 -117.71
CA ALA G 175 25.39 2.39 -117.95
C ALA G 175 24.66 1.44 -118.89
N TRP G 176 23.33 1.34 -118.76
CA TRP G 176 22.58 0.46 -119.64
C TRP G 176 22.57 1.01 -121.06
N ALA G 177 22.47 2.32 -121.21
CA ALA G 177 22.54 2.91 -122.54
C ALA G 177 23.91 2.75 -123.16
N ALA G 178 24.96 2.86 -122.35
CA ALA G 178 26.30 2.58 -122.85
C ALA G 178 26.44 1.12 -123.25
N HIS G 179 25.83 0.21 -122.49
CA HIS G 179 25.89 -1.20 -122.83
C HIS G 179 25.16 -1.48 -124.14
N ALA G 180 24.01 -0.85 -124.36
CA ALA G 180 23.36 -0.94 -125.65
C ALA G 180 24.21 -0.30 -126.74
N VAL G 181 24.98 0.73 -126.39
CA VAL G 181 25.90 1.33 -127.35
C VAL G 181 27.16 0.48 -127.47
N ALA G 182 27.71 0.00 -126.36
CA ALA G 182 28.92 -0.80 -126.41
C ALA G 182 28.69 -2.12 -127.11
N MET G 183 27.50 -2.70 -126.97
CA MET G 183 27.15 -3.87 -127.75
C MET G 183 27.11 -3.53 -129.24
N ILE G 184 26.45 -2.42 -129.59
CA ILE G 184 26.40 -1.99 -130.98
C ILE G 184 27.80 -1.61 -131.47
N ALA G 185 28.59 -0.99 -130.59
CA ALA G 185 29.95 -0.59 -130.98
C ALA G 185 30.81 -1.81 -131.27
N ALA G 186 30.74 -2.84 -130.41
CA ALA G 186 31.51 -4.05 -130.65
C ALA G 186 30.98 -4.81 -131.86
N ALA G 187 29.67 -4.74 -132.11
CA ALA G 187 29.13 -5.39 -133.30
C ALA G 187 29.62 -4.72 -134.57
N ALA G 188 29.60 -3.39 -134.61
CA ALA G 188 30.10 -2.69 -135.78
C ALA G 188 31.61 -2.80 -135.90
N ASN G 189 32.31 -3.02 -134.78
CA ASN G 189 33.76 -3.13 -134.81
C ASN G 189 34.22 -4.36 -135.58
N LEU G 190 33.62 -5.52 -135.30
CA LEU G 190 33.95 -6.74 -136.01
C LEU G 190 33.17 -6.90 -137.30
N ALA G 191 32.42 -5.87 -137.70
CA ALA G 191 31.65 -5.88 -138.94
C ALA G 191 32.38 -5.08 -140.01
N GLY G 192 32.23 -5.51 -141.26
CA GLY G 192 32.84 -4.83 -142.38
C GLY G 192 31.83 -4.03 -143.19
N PRO G 195 27.10 -6.26 -143.48
CA PRO G 195 26.53 -5.19 -142.64
C PRO G 195 25.26 -5.63 -141.92
N ARG G 196 25.05 -6.95 -141.84
CA ARG G 196 23.89 -7.47 -141.13
C ARG G 196 23.94 -7.10 -139.65
N LEU G 197 25.12 -7.19 -139.04
CA LEU G 197 25.28 -6.78 -137.66
C LEU G 197 25.04 -5.28 -137.50
N GLN G 198 25.47 -4.48 -138.48
CA GLN G 198 25.24 -3.04 -138.42
C GLN G 198 23.76 -2.72 -138.53
N GLN G 199 23.03 -3.43 -139.40
CA GLN G 199 21.60 -3.19 -139.54
C GLN G 199 20.84 -3.67 -138.32
N GLN G 200 21.28 -4.77 -137.70
CA GLN G 200 20.63 -5.25 -136.48
C GLN G 200 20.88 -4.29 -135.32
N VAL G 201 22.09 -3.75 -135.23
CA VAL G 201 22.40 -2.76 -134.20
C VAL G 201 21.77 -1.40 -134.49
N LYS G 202 21.42 -1.12 -135.75
CA LYS G 202 20.77 0.15 -136.06
C LYS G 202 19.34 0.19 -135.56
N GLU G 203 18.72 -0.97 -135.36
CA GLU G 203 17.37 -1.03 -134.82
C GLU G 203 17.34 -1.03 -133.30
N ILE G 204 18.34 -1.64 -132.66
CA ILE G 204 18.44 -1.55 -131.21
C ILE G 204 18.91 -0.17 -130.79
N LEU G 205 19.80 0.44 -131.58
CA LEU G 205 20.21 1.81 -131.31
C LEU G 205 19.06 2.79 -131.51
N GLU G 206 18.12 2.46 -132.39
CA GLU G 206 16.95 3.32 -132.57
C GLU G 206 16.12 3.37 -131.30
N LYS G 207 15.78 2.20 -130.74
CA LYS G 207 15.03 2.17 -129.49
C LYS G 207 15.86 2.75 -128.34
N LEU G 208 17.18 2.58 -128.39
CA LEU G 208 18.04 3.14 -127.37
C LEU G 208 17.99 4.67 -127.38
N LYS G 209 18.08 5.28 -128.56
CA LYS G 209 18.01 6.73 -128.66
C LYS G 209 16.60 7.22 -128.32
N GLU G 210 15.58 6.46 -128.69
CA GLU G 210 14.21 6.83 -128.32
C GLU G 210 14.03 6.84 -126.81
N ALA G 211 14.56 5.83 -126.13
CA ALA G 211 14.48 5.80 -124.67
C ALA G 211 15.35 6.88 -124.04
N ILE G 212 16.51 7.18 -124.63
CA ILE G 212 17.37 8.22 -124.11
C ILE G 212 16.68 9.57 -124.18
N GLU G 213 16.03 9.86 -125.31
CA GLU G 213 15.19 11.05 -125.39
C GLU G 213 14.07 10.98 -124.38
N THR G 214 13.49 9.79 -124.18
CA THR G 214 12.50 9.62 -123.13
C THR G 214 13.12 9.72 -121.74
N PHE G 215 14.32 9.13 -121.56
CA PHE G 215 15.05 9.30 -120.31
C PHE G 215 15.46 10.76 -120.10
N GLN G 216 15.69 11.49 -121.18
CA GLN G 216 15.88 12.93 -121.13
C GLN G 216 14.56 13.66 -121.15
N LYS G 217 13.44 12.94 -121.19
CA LYS G 217 12.10 13.52 -121.08
C LYS G 217 11.50 13.27 -119.70
N GLY G 218 12.33 12.91 -118.73
CA GLY G 218 11.86 12.70 -117.37
C GLY G 218 11.13 11.39 -117.19
N ASP G 219 11.39 10.43 -118.08
CA ASP G 219 10.77 9.11 -118.00
C ASP G 219 11.76 8.18 -117.29
N GLU G 220 11.37 7.72 -116.10
CA GLU G 220 12.26 6.96 -115.25
C GLU G 220 12.05 5.46 -115.38
N GLU G 221 10.81 4.99 -115.39
CA GLU G 221 10.55 3.57 -115.54
C GLU G 221 10.41 3.17 -117.00
N GLN G 222 9.65 3.94 -117.78
CA GLN G 222 9.39 3.57 -119.17
C GLN G 222 10.66 3.67 -120.01
N ALA G 223 11.42 4.75 -119.86
CA ALA G 223 12.64 4.90 -120.64
C ALA G 223 13.71 3.91 -120.22
N PHE G 224 13.82 3.64 -118.92
CA PHE G 224 14.76 2.63 -118.46
C PHE G 224 14.40 1.27 -119.00
N ARG G 225 13.10 0.94 -119.02
CA ARG G 225 12.67 -0.34 -119.57
C ARG G 225 12.95 -0.43 -121.06
N GLN G 226 12.67 0.64 -121.80
CA GLN G 226 12.92 0.63 -123.24
C GLN G 226 14.41 0.50 -123.54
N LEU G 227 15.27 1.20 -122.79
CA LEU G 227 16.71 1.09 -123.00
C LEU G 227 17.21 -0.29 -122.63
N ALA G 228 16.69 -0.88 -121.55
CA ALA G 228 17.10 -2.21 -121.15
C ALA G 228 16.68 -3.25 -122.18
N GLU G 229 15.47 -3.09 -122.74
CA GLU G 229 15.03 -4.02 -123.77
C GLU G 229 15.83 -3.85 -125.05
N VAL G 230 16.19 -2.62 -125.39
CA VAL G 230 17.03 -2.38 -126.56
C VAL G 230 18.40 -3.01 -126.36
N LEU G 231 18.96 -2.87 -125.17
CA LEU G 231 20.24 -3.50 -124.86
C LEU G 231 20.14 -5.02 -124.92
N ALA G 232 19.03 -5.59 -124.44
CA ALA G 232 18.87 -7.03 -124.48
C ALA G 232 18.74 -7.54 -125.91
N GLU G 233 17.97 -6.83 -126.74
CA GLU G 233 17.87 -7.20 -128.15
C GLU G 233 19.20 -7.05 -128.87
N ALA G 234 19.96 -6.01 -128.51
CA ALA G 234 21.29 -5.83 -129.09
C ALA G 234 22.22 -6.96 -128.70
N ALA G 235 22.16 -7.39 -127.44
CA ALA G 235 22.98 -8.52 -126.99
C ALA G 235 22.55 -9.82 -127.67
N LEU G 236 21.24 -9.97 -127.92
CA LEU G 236 20.78 -11.16 -128.63
C LEU G 236 21.25 -11.17 -130.09
N VAL G 237 21.26 -10.00 -130.74
CA VAL G 237 21.75 -9.93 -132.10
C VAL G 237 23.27 -10.06 -132.13
N ALA G 238 23.95 -9.65 -131.05
CA ALA G 238 25.40 -9.80 -130.98
C ALA G 238 25.79 -11.27 -130.88
N LEU G 239 24.92 -12.10 -130.32
CA LEU G 239 25.18 -13.53 -130.28
C LEU G 239 25.35 -14.11 -131.67
N ARG G 240 24.58 -13.61 -132.64
CA ARG G 240 24.73 -14.04 -134.02
C ARG G 240 25.82 -13.26 -134.74
N ALA G 241 26.01 -11.99 -134.38
CA ALA G 241 27.04 -11.19 -135.03
C ALA G 241 28.44 -11.69 -134.67
N ALA G 242 28.60 -12.32 -133.51
CA ALA G 242 29.89 -12.85 -133.11
C ALA G 242 30.30 -14.05 -133.95
N LEU G 243 29.35 -14.72 -134.59
CA LEU G 243 29.63 -15.82 -135.51
C LEU G 243 29.55 -15.40 -136.97
N THR G 244 29.24 -14.13 -137.23
CA THR G 244 29.13 -13.63 -138.60
C THR G 244 30.48 -13.29 -139.22
N ASN G 245 31.57 -13.41 -138.48
CA ASN G 245 32.89 -13.11 -139.00
C ASN G 245 33.85 -14.27 -138.81
N GLU H 4 -67.82 -68.73 39.87
CA GLU H 4 -67.15 -67.98 38.83
C GLU H 4 -67.44 -68.58 37.45
N PHE H 5 -66.58 -68.28 36.48
CA PHE H 5 -66.75 -68.73 35.12
C PHE H 5 -66.62 -70.24 34.96
N LYS H 6 -66.00 -70.92 35.92
CA LYS H 6 -66.01 -72.37 35.96
C LYS H 6 -66.37 -72.89 37.35
N PHE H 7 -66.57 -72.00 38.32
CA PHE H 7 -67.00 -72.39 39.66
C PHE H 7 -68.48 -72.12 39.90
N LEU H 8 -69.15 -71.38 39.03
CA LEU H 8 -70.59 -71.26 39.05
C LEU H 8 -71.20 -71.88 37.80
N ALA H 9 -70.35 -72.51 36.99
CA ALA H 9 -70.78 -73.28 35.83
C ALA H 9 -71.00 -74.74 36.17
N THR H 10 -70.48 -75.20 37.32
CA THR H 10 -70.91 -76.49 37.86
C THR H 10 -72.34 -76.41 38.32
N GLU H 11 -72.75 -75.25 38.85
CA GLU H 11 -74.17 -75.03 39.11
C GLU H 11 -74.96 -75.00 37.81
N ALA H 12 -74.41 -74.39 36.76
CA ALA H 12 -75.04 -74.46 35.45
C ALA H 12 -75.06 -75.90 34.94
N LYS H 13 -74.05 -76.69 35.29
CA LYS H 13 -74.03 -78.09 34.90
C LYS H 13 -75.11 -78.90 35.61
N MET H 14 -75.33 -78.65 36.90
CA MET H 14 -76.46 -79.27 37.58
C MET H 14 -77.78 -78.79 36.99
N LEU H 15 -77.84 -77.51 36.60
CA LEU H 15 -79.03 -77.02 35.92
C LEU H 15 -79.23 -77.72 34.59
N ILE H 16 -78.14 -77.97 33.85
CA ILE H 16 -78.25 -78.66 32.57
C ILE H 16 -78.70 -80.10 32.79
N THR H 17 -78.21 -80.73 33.85
CA THR H 17 -78.62 -82.10 34.16
C THR H 17 -80.10 -82.15 34.56
N ALA H 18 -80.56 -81.15 35.31
CA ALA H 18 -81.97 -81.09 35.65
C ALA H 18 -82.83 -80.89 34.41
N ALA H 19 -82.47 -79.93 33.56
CA ALA H 19 -83.27 -79.65 32.38
C ALA H 19 -83.28 -80.81 31.39
N GLU H 20 -82.15 -81.51 31.25
CA GLU H 20 -82.11 -82.67 30.37
C GLU H 20 -83.03 -83.77 30.89
N ARG H 21 -83.21 -83.85 32.20
CA ARG H 21 -84.11 -84.82 32.82
C ARG H 21 -85.52 -84.26 33.02
N LEU H 22 -85.73 -82.96 32.78
CA LEU H 22 -87.04 -82.34 32.97
C LEU H 22 -87.66 -81.85 31.67
N ALA H 23 -86.93 -81.93 30.56
CA ALA H 23 -87.45 -81.56 29.25
C ALA H 23 -87.38 -82.81 28.37
N GLY H 24 -88.30 -83.73 28.62
CA GLY H 24 -88.39 -84.95 27.83
C GLY H 24 -89.28 -84.84 26.62
N THR H 25 -89.97 -83.72 26.46
CA THR H 25 -90.77 -83.43 25.28
C THR H 25 -90.32 -82.08 24.74
N ASP H 26 -91.03 -81.56 23.73
CA ASP H 26 -90.67 -80.32 23.07
C ASP H 26 -89.22 -80.41 22.60
N PRO H 27 -88.93 -81.17 21.54
CA PRO H 27 -87.55 -81.27 21.04
C PRO H 27 -86.87 -79.92 20.83
N ARG H 28 -87.62 -78.82 20.74
CA ARG H 28 -87.00 -77.50 20.79
C ARG H 28 -86.29 -77.28 22.11
N LEU H 29 -86.87 -77.81 23.21
CA LEU H 29 -86.21 -77.69 24.51
C LEU H 29 -84.93 -78.51 24.54
N GLN H 30 -84.95 -79.72 24.00
CA GLN H 30 -83.74 -80.53 23.94
C GLN H 30 -82.68 -79.86 23.07
N GLU H 31 -83.11 -79.26 21.95
CA GLU H 31 -82.17 -78.58 21.07
C GLU H 31 -81.58 -77.34 21.75
N MET H 32 -82.39 -76.61 22.50
CA MET H 32 -81.87 -75.47 23.24
C MET H 32 -80.91 -75.92 24.33
N VAL H 33 -81.21 -77.03 25.00
CA VAL H 33 -80.31 -77.56 26.01
C VAL H 33 -79.00 -77.98 25.37
N ALA H 34 -79.07 -78.55 24.16
CA ALA H 34 -77.85 -78.95 23.47
C ALA H 34 -77.03 -77.73 23.05
N LEU H 35 -77.70 -76.69 22.54
CA LEU H 35 -76.99 -75.46 22.18
C LEU H 35 -76.39 -74.78 23.39
N ILE H 36 -77.05 -74.91 24.55
CA ILE H 36 -76.51 -74.33 25.78
C ILE H 36 -75.29 -75.12 26.24
N LYS H 37 -75.40 -76.46 26.24
CA LYS H 37 -74.26 -77.30 26.57
C LYS H 37 -73.08 -77.06 25.64
N LYS H 38 -73.35 -76.83 24.35
CA LYS H 38 -72.30 -76.41 23.44
C LYS H 38 -71.80 -75.02 23.79
N GLU H 39 -72.73 -74.11 24.10
CA GLU H 39 -72.32 -72.82 24.65
C GLU H 39 -71.66 -72.98 26.00
N LEU H 40 -72.13 -73.91 26.84
CA LEU H 40 -71.40 -74.25 28.05
C LEU H 40 -70.04 -74.84 27.72
N GLU H 41 -69.96 -75.70 26.70
CA GLU H 41 -68.67 -76.23 26.27
C GLU H 41 -67.79 -75.13 25.70
N GLN H 42 -68.38 -74.19 24.95
CA GLN H 42 -67.60 -73.08 24.40
C GLN H 42 -67.05 -72.19 25.50
N ALA H 43 -67.84 -71.95 26.55
CA ALA H 43 -67.36 -71.13 27.67
C ALA H 43 -66.31 -71.89 28.47
N GLU H 44 -66.51 -73.18 28.71
CA GLU H 44 -65.51 -73.97 29.43
C GLU H 44 -64.21 -74.05 28.66
N ARG H 45 -64.27 -74.10 27.33
CA ARG H 45 -63.06 -74.00 26.52
C ARG H 45 -62.43 -72.62 26.65
N THR H 46 -63.25 -71.56 26.57
CA THR H 46 -62.75 -70.23 26.85
C THR H 46 -62.33 -70.07 28.30
N PHE H 47 -62.99 -70.78 29.21
CA PHE H 47 -62.50 -70.84 30.59
C PHE H 47 -61.19 -71.60 30.66
N ARG H 48 -61.01 -72.59 29.79
CA ARG H 48 -59.72 -73.25 29.65
C ARG H 48 -58.77 -72.48 28.74
N ASN H 49 -59.30 -71.57 27.92
CA ASN H 49 -58.47 -70.73 27.08
C ASN H 49 -58.17 -69.42 27.83
N GLY H 50 -57.46 -68.51 27.16
CA GLY H 50 -57.14 -67.24 27.76
C GLY H 50 -58.29 -66.26 27.68
N ASP H 51 -59.41 -66.69 27.12
CA ASP H 51 -60.61 -65.88 26.98
C ASP H 51 -61.43 -66.10 28.24
N LYS H 52 -60.89 -65.64 29.37
CA LYS H 52 -61.55 -65.81 30.66
C LYS H 52 -62.71 -64.86 30.85
N SER H 53 -62.58 -63.62 30.38
CA SER H 53 -63.70 -62.69 30.45
C SER H 53 -64.80 -63.09 29.46
N GLU H 54 -64.41 -63.51 28.27
CA GLU H 54 -65.39 -64.05 27.33
C GLU H 54 -66.02 -65.32 27.88
N ALA H 55 -65.22 -66.15 28.56
CA ALA H 55 -65.78 -67.32 29.22
C ALA H 55 -66.81 -66.94 30.26
N GLN H 56 -66.50 -65.93 31.08
CA GLN H 56 -67.44 -65.50 32.10
C GLN H 56 -68.72 -64.94 31.48
N ARG H 57 -68.59 -64.16 30.40
CA ARG H 57 -69.76 -63.61 29.74
C ARG H 57 -70.63 -64.71 29.14
N GLN H 58 -70.01 -65.65 28.42
CA GLN H 58 -70.77 -66.75 27.83
C GLN H 58 -71.39 -67.63 28.90
N LEU H 59 -70.68 -67.82 30.01
CA LEU H 59 -71.23 -68.64 31.09
C LEU H 59 -72.38 -67.93 31.77
N GLU H 60 -72.31 -66.61 31.93
CA GLU H 60 -73.42 -65.87 32.49
C GLU H 60 -74.63 -65.91 31.58
N PHE H 61 -74.41 -65.78 30.27
CA PHE H 61 -75.51 -65.91 29.33
C PHE H 61 -76.11 -67.30 29.36
N VAL H 62 -75.27 -68.33 29.37
CA VAL H 62 -75.75 -69.71 29.37
C VAL H 62 -76.41 -70.04 30.69
N LEU H 63 -76.05 -69.34 31.77
CA LEU H 63 -76.71 -69.58 33.04
C LEU H 63 -78.15 -69.12 32.99
N THR H 64 -78.39 -67.91 32.49
CA THR H 64 -79.76 -67.45 32.28
C THR H 64 -80.47 -68.33 31.26
N ALA H 65 -79.74 -68.82 30.26
CA ALA H 65 -80.33 -69.71 29.26
C ALA H 65 -80.81 -70.99 29.92
N ALA H 66 -79.98 -71.61 30.74
CA ALA H 66 -80.35 -72.84 31.42
C ALA H 66 -81.46 -72.61 32.43
N ARG H 67 -81.46 -71.44 33.08
CA ARG H 67 -82.53 -71.13 34.02
C ARG H 67 -83.87 -71.00 33.29
N ALA H 68 -83.89 -70.26 32.19
CA ALA H 68 -85.11 -70.12 31.42
C ALA H 68 -85.51 -71.45 30.78
N VAL H 69 -84.53 -72.29 30.45
CA VAL H 69 -84.84 -73.59 29.86
C VAL H 69 -85.46 -74.50 30.90
N MET H 70 -84.96 -74.44 32.14
CA MET H 70 -85.59 -75.18 33.23
C MET H 70 -86.99 -74.64 33.49
N ASN H 71 -87.17 -73.32 33.39
CA ASN H 71 -88.51 -72.75 33.54
C ASN H 71 -89.44 -73.29 32.46
N VAL H 72 -88.96 -73.38 31.23
CA VAL H 72 -89.77 -73.87 30.13
C VAL H 72 -90.07 -75.35 30.30
N ALA H 73 -89.09 -76.12 30.78
CA ALA H 73 -89.32 -77.55 30.98
C ALA H 73 -90.33 -77.79 32.11
N ALA H 74 -90.20 -77.04 33.19
CA ALA H 74 -91.17 -77.16 34.29
C ALA H 74 -92.55 -76.68 33.85
N ALA H 75 -92.59 -75.67 32.98
CA ALA H 75 -93.87 -75.24 32.42
C ALA H 75 -94.50 -76.35 31.59
N ALA H 76 -93.73 -76.93 30.67
CA ALA H 76 -94.23 -78.02 29.85
C ALA H 76 -94.68 -79.19 30.70
N ASN H 77 -93.98 -79.46 31.80
CA ASN H 77 -94.42 -80.48 32.73
C ASN H 77 -95.66 -80.07 33.51
N ALA H 78 -95.89 -78.76 33.65
CA ALA H 78 -97.03 -78.25 34.40
C ALA H 78 -98.10 -77.64 33.50
N ALA H 79 -97.90 -77.65 32.19
CA ALA H 79 -98.89 -77.11 31.26
C ALA H 79 -99.05 -78.05 30.07
N GLY H 80 -99.12 -79.35 30.35
CA GLY H 80 -99.34 -80.32 29.30
C GLY H 80 -100.77 -80.35 28.77
N THR H 81 -101.65 -79.49 29.28
CA THR H 81 -103.05 -79.49 28.89
C THR H 81 -103.57 -78.13 28.47
N ASP H 82 -102.76 -77.07 28.52
CA ASP H 82 -103.21 -75.74 28.16
C ASP H 82 -102.68 -75.40 26.77
N PRO H 83 -103.55 -75.29 25.76
CA PRO H 83 -103.04 -74.99 24.41
C PRO H 83 -102.42 -73.61 24.32
N LEU H 84 -102.98 -72.61 24.99
CA LEU H 84 -102.37 -71.29 25.00
C LEU H 84 -101.00 -71.33 25.66
N LEU H 85 -100.86 -72.13 26.71
CA LEU H 85 -99.57 -72.26 27.38
C LEU H 85 -98.56 -72.95 26.48
N LYS H 86 -98.97 -74.02 25.79
CA LYS H 86 -98.05 -74.69 24.88
C LYS H 86 -97.67 -73.77 23.72
N ALA H 87 -98.61 -72.95 23.26
CA ALA H 87 -98.31 -72.00 22.20
C ALA H 87 -97.32 -70.95 22.65
N MET H 88 -97.57 -70.35 23.82
CA MET H 88 -96.62 -69.38 24.34
C MET H 88 -95.28 -70.03 24.65
N VAL H 89 -95.28 -71.32 24.99
CA VAL H 89 -94.05 -72.03 25.28
C VAL H 89 -93.24 -72.23 24.01
N ASP H 90 -93.90 -72.65 22.93
CA ASP H 90 -93.20 -72.77 21.66
C ASP H 90 -92.74 -71.40 21.17
N ALA H 91 -93.52 -70.36 21.46
CA ALA H 91 -93.12 -69.00 21.08
C ALA H 91 -91.89 -68.57 21.84
N ILE H 92 -91.85 -68.85 23.14
CA ILE H 92 -90.68 -68.54 23.94
C ILE H 92 -89.50 -69.39 23.51
N LEU H 93 -89.76 -70.62 23.04
CA LEU H 93 -88.69 -71.46 22.52
C LEU H 93 -88.10 -70.88 21.26
N TRP H 94 -88.96 -70.38 20.36
CA TRP H 94 -88.46 -69.72 19.15
C TRP H 94 -87.71 -68.44 19.48
N ARG H 95 -88.26 -67.65 20.42
CA ARG H 95 -87.58 -66.43 20.84
C ARG H 95 -86.25 -66.75 21.51
N LEU H 96 -86.18 -67.87 22.21
CA LEU H 96 -84.94 -68.28 22.86
C LEU H 96 -83.92 -68.76 21.84
N LYS H 97 -84.37 -69.48 20.80
CA LYS H 97 -83.47 -69.84 19.72
C LYS H 97 -82.96 -68.60 19.01
N GLU H 98 -83.83 -67.61 18.81
CA GLU H 98 -83.42 -66.36 18.18
C GLU H 98 -82.41 -65.62 19.05
N ALA H 99 -82.67 -65.54 20.36
CA ALA H 99 -81.75 -64.86 21.25
C ALA H 99 -80.44 -65.64 21.38
N ILE H 100 -80.49 -66.96 21.23
CA ILE H 100 -79.28 -67.76 21.30
C ILE H 100 -78.45 -67.55 20.04
N ARG H 101 -79.10 -67.45 18.89
CA ARG H 101 -78.38 -67.11 17.66
C ARG H 101 -77.82 -65.70 17.73
N THR H 102 -78.56 -64.79 18.36
CA THR H 102 -78.08 -63.41 18.49
C THR H 102 -76.87 -63.32 19.40
N PHE H 103 -76.94 -63.96 20.57
CA PHE H 103 -75.78 -64.01 21.47
C PHE H 103 -74.62 -64.73 20.82
N GLN H 104 -74.89 -65.82 20.09
CA GLN H 104 -73.83 -66.48 19.34
C GLN H 104 -73.26 -65.55 18.27
N ASN H 105 -74.08 -64.63 17.76
CA ASN H 105 -73.59 -63.57 16.90
C ASN H 105 -72.99 -62.41 17.69
N GLY H 106 -72.79 -62.59 18.99
CA GLY H 106 -72.30 -61.50 19.83
C GLY H 106 -73.34 -60.46 20.14
N ASP H 107 -74.61 -60.71 19.81
CA ASP H 107 -75.68 -59.77 20.08
C ASP H 107 -76.53 -60.25 21.25
N GLU H 109 -74.75 -58.48 23.19
CA GLU H 109 -75.38 -57.16 23.10
C GLU H 109 -76.85 -57.23 23.46
N GLU H 110 -77.71 -57.35 22.45
CA GLU H 110 -79.15 -57.48 22.67
C GLU H 110 -79.54 -58.88 23.11
N ALA H 111 -78.57 -59.73 23.47
CA ALA H 111 -78.88 -61.04 24.01
C ALA H 111 -79.63 -60.91 25.34
N GLU H 112 -78.98 -60.34 26.35
CA GLU H 112 -79.66 -60.04 27.61
C GLU H 112 -80.45 -58.75 27.47
N THR H 113 -81.31 -58.70 26.46
CA THR H 113 -82.32 -57.67 26.28
C THR H 113 -83.71 -58.27 26.14
N GLN H 114 -83.95 -59.04 25.08
CA GLN H 114 -85.16 -59.85 25.01
C GLN H 114 -85.09 -61.05 25.92
N LEU H 115 -83.96 -61.76 25.92
CA LEU H 115 -83.78 -62.86 26.86
C LEU H 115 -83.76 -62.34 28.29
N ARG H 116 -83.31 -61.12 28.50
CA ARG H 116 -83.48 -60.47 29.81
C ARG H 116 -84.95 -60.48 30.21
N PHE H 117 -85.84 -60.17 29.28
CA PHE H 117 -87.26 -60.34 29.51
C PHE H 117 -87.72 -61.76 29.25
N VAL H 118 -87.12 -62.44 28.28
CA VAL H 118 -87.51 -63.82 28.01
C VAL H 118 -87.14 -64.72 29.17
N LEU H 119 -86.14 -64.34 29.96
CA LEU H 119 -85.93 -65.04 31.22
C LEU H 119 -87.11 -64.82 32.15
N ARG H 120 -87.51 -63.56 32.34
CA ARG H 120 -88.70 -63.28 33.14
C ARG H 120 -89.95 -63.84 32.46
N ALA H 121 -89.94 -63.89 31.12
CA ALA H 121 -91.06 -64.49 30.42
C ALA H 121 -91.19 -65.96 30.76
N ALA H 122 -90.09 -66.71 30.70
CA ALA H 122 -90.13 -68.12 31.08
C ALA H 122 -90.46 -68.28 32.55
N ILE H 123 -90.02 -67.33 33.37
CA ILE H 123 -90.37 -67.35 34.78
C ILE H 123 -91.88 -67.29 34.96
N ALA H 124 -92.50 -66.25 34.42
CA ALA H 124 -93.96 -66.10 34.55
C ALA H 124 -94.70 -67.23 33.84
N VAL H 125 -94.09 -67.79 32.79
CA VAL H 125 -94.72 -68.88 32.06
C VAL H 125 -94.77 -70.13 32.91
N ALA H 126 -93.63 -70.51 33.51
CA ALA H 126 -93.64 -71.62 34.44
C ALA H 126 -94.53 -71.32 35.64
N VAL H 127 -94.64 -70.05 36.02
CA VAL H 127 -95.50 -69.67 37.13
C VAL H 127 -96.96 -69.97 36.81
N VAL H 128 -97.42 -69.53 35.65
CA VAL H 128 -98.80 -69.79 35.25
C VAL H 128 -99.01 -71.28 35.02
N ALA H 129 -97.99 -71.97 34.51
CA ALA H 129 -98.10 -73.41 34.31
C ALA H 129 -98.28 -74.14 35.63
N ALA H 130 -97.51 -73.76 36.64
CA ALA H 130 -97.68 -74.36 37.95
C ALA H 130 -99.01 -73.99 38.56
N ALA H 131 -99.46 -72.75 38.33
CA ALA H 131 -100.78 -72.34 38.82
C ALA H 131 -101.87 -73.19 38.20
N LEU H 132 -101.71 -73.59 36.95
CA LEU H 132 -102.70 -74.44 36.30
C LEU H 132 -102.55 -75.90 36.72
N VAL H 133 -101.33 -76.37 36.94
CA VAL H 133 -101.13 -77.78 37.26
C VAL H 133 -101.52 -78.08 38.70
N LEU H 134 -101.19 -77.19 39.63
CA LEU H 134 -101.59 -77.35 41.02
C LEU H 134 -103.03 -76.92 41.26
N ALA H 135 -103.74 -76.55 40.20
CA ALA H 135 -105.17 -76.24 40.29
C ALA H 135 -105.94 -77.55 40.32
N GLY H 136 -107.27 -77.45 40.43
CA GLY H 136 -108.13 -78.63 40.51
C GLY H 136 -109.44 -78.35 39.86
N THR H 137 -110.53 -78.69 40.56
CA THR H 137 -111.86 -78.43 40.02
C THR H 137 -112.11 -76.94 39.85
N ASP H 138 -112.07 -76.20 40.95
CA ASP H 138 -112.37 -74.78 40.93
C ASP H 138 -111.09 -73.96 40.78
N PRO H 139 -110.72 -73.59 39.57
CA PRO H 139 -109.60 -72.66 39.41
C PRO H 139 -109.93 -71.30 40.01
N GLU H 140 -111.11 -70.78 39.68
CA GLU H 140 -111.67 -69.53 40.19
C GLU H 140 -110.86 -68.30 39.82
N LEU H 141 -109.62 -68.47 39.33
CA LEU H 141 -108.87 -67.34 38.79
C LEU H 141 -108.05 -67.73 37.57
N GLN H 142 -108.19 -68.97 37.07
CA GLN H 142 -107.50 -69.34 35.84
C GLN H 142 -107.90 -68.43 34.69
N GLU H 143 -109.14 -67.94 34.68
CA GLU H 143 -109.50 -66.89 33.75
C GLU H 143 -108.64 -65.65 33.98
N MET H 144 -108.61 -65.16 35.23
CA MET H 144 -107.66 -64.12 35.59
C MET H 144 -106.24 -64.55 35.25
N VAL H 145 -105.87 -65.78 35.61
CA VAL H 145 -104.58 -66.33 35.23
C VAL H 145 -104.44 -66.36 33.72
N GLU H 146 -105.52 -66.68 33.01
CA GLU H 146 -105.48 -66.53 31.55
C GLU H 146 -105.40 -65.06 31.16
N GLN H 147 -106.18 -64.22 31.85
CA GLN H 147 -106.04 -62.78 31.68
C GLN H 147 -104.59 -62.36 31.94
N ILE H 148 -104.05 -62.79 33.08
CA ILE H 148 -102.62 -62.62 33.31
C ILE H 148 -101.82 -63.23 32.18
N LYS H 149 -102.17 -64.44 31.76
CA LYS H 149 -101.56 -65.03 30.57
C LYS H 149 -101.74 -64.11 29.37
N ASP H 150 -102.96 -63.60 29.19
CA ASP H 150 -103.15 -62.53 28.22
C ASP H 150 -102.25 -61.36 28.52
N LEU H 151 -102.27 -60.89 29.77
CA LEU H 151 -101.30 -59.89 30.20
C LEU H 151 -99.88 -60.36 29.98
N LEU H 152 -99.64 -61.66 30.12
CA LEU H 152 -98.34 -62.22 29.74
C LEU H 152 -98.15 -62.19 28.25
N ILE H 153 -99.17 -62.62 27.50
CA ILE H 153 -99.15 -62.41 26.05
C ILE H 153 -99.00 -60.93 25.75
N SER H 154 -99.76 -60.10 26.46
CA SER H 154 -99.54 -58.65 26.38
C SER H 154 -98.12 -58.30 26.79
N ALA H 155 -97.61 -58.91 27.86
CA ALA H 155 -96.20 -58.76 28.19
C ALA H 155 -95.33 -59.30 27.07
N PHE H 156 -95.76 -60.43 26.47
CA PHE H 156 -95.08 -60.93 25.27
C PHE H 156 -95.10 -59.89 24.17
N MET H 157 -96.13 -59.05 24.14
CA MET H 157 -96.11 -57.88 23.27
C MET H 157 -95.46 -56.68 23.94
N ALA H 158 -95.57 -56.56 25.27
CA ALA H 158 -94.99 -55.44 26.00
C ALA H 158 -93.50 -55.62 26.23
N GLY H 159 -92.88 -56.58 25.55
CA GLY H 159 -91.45 -56.76 25.59
C GLY H 159 -90.81 -56.22 24.33
N GLU H 165 -90.90 -53.57 26.09
CA GLU H 165 -90.29 -52.74 27.11
C GLU H 165 -91.25 -52.52 28.28
N LYS H 166 -92.55 -52.54 28.00
CA LYS H 166 -93.58 -52.31 28.99
C LYS H 166 -93.89 -53.56 29.81
N ALA H 167 -92.92 -54.45 30.00
CA ALA H 167 -93.15 -55.69 30.72
C ALA H 167 -92.10 -56.00 31.77
N LEU H 168 -91.07 -55.16 31.93
CA LEU H 168 -90.02 -55.46 32.91
C LEU H 168 -90.59 -55.55 34.32
N THR H 169 -91.28 -54.50 34.78
CA THR H 169 -91.96 -54.59 36.06
C THR H 169 -93.27 -55.36 35.94
N GLN H 170 -93.87 -55.38 34.74
CA GLN H 170 -95.11 -56.12 34.55
C GLN H 170 -94.88 -57.62 34.68
N LEU H 171 -93.75 -58.12 34.17
CA LEU H 171 -93.44 -59.54 34.36
C LEU H 171 -93.24 -59.87 35.83
N LEU H 172 -92.57 -58.99 36.56
CA LEU H 172 -92.39 -59.20 37.99
C LEU H 172 -93.74 -59.19 38.72
N PHE H 173 -94.62 -58.27 38.34
CA PHE H 173 -95.93 -58.20 38.96
C PHE H 173 -96.75 -59.44 38.65
N VAL H 174 -96.66 -59.93 37.41
CA VAL H 174 -97.39 -61.13 37.03
C VAL H 174 -96.86 -62.34 37.79
N ALA H 175 -95.54 -62.42 37.95
CA ALA H 175 -94.96 -63.52 38.72
C ALA H 175 -95.37 -63.44 40.18
N TRP H 176 -95.44 -62.23 40.74
CA TRP H 176 -95.84 -62.08 42.13
C TRP H 176 -97.31 -62.44 42.32
N ALA H 177 -98.15 -62.07 41.35
CA ALA H 177 -99.55 -62.45 41.42
C ALA H 177 -99.73 -63.95 41.28
N ALA H 178 -98.93 -64.59 40.42
CA ALA H 178 -98.95 -66.04 40.32
C ALA H 178 -98.50 -66.68 41.61
N HIS H 179 -97.50 -66.09 42.27
CA HIS H 179 -97.01 -66.62 43.53
C HIS H 179 -98.07 -66.51 44.62
N ALA H 180 -98.79 -65.39 44.66
CA ALA H 180 -99.94 -65.29 45.56
C ALA H 180 -101.02 -66.27 45.17
N VAL H 181 -101.14 -66.59 43.88
CA VAL H 181 -102.09 -67.60 43.44
C VAL H 181 -101.53 -69.00 43.67
N ALA H 182 -100.25 -69.21 43.36
CA ALA H 182 -99.64 -70.52 43.54
C ALA H 182 -99.57 -70.90 45.01
N MET H 183 -99.36 -69.92 45.88
CA MET H 183 -99.44 -70.19 47.31
C MET H 183 -100.86 -70.59 47.69
N ILE H 184 -101.86 -69.84 47.22
CA ILE H 184 -103.25 -70.19 47.49
C ILE H 184 -103.61 -71.51 46.83
N ALA H 185 -103.07 -71.77 45.63
CA ALA H 185 -103.37 -73.02 44.95
C ALA H 185 -102.80 -74.21 45.71
N ALA H 186 -101.56 -74.09 46.20
CA ALA H 186 -100.97 -75.18 46.96
C ALA H 186 -101.67 -75.34 48.31
N ALA H 187 -102.15 -74.24 48.89
CA ALA H 187 -102.88 -74.33 50.15
C ALA H 187 -104.20 -75.06 49.97
N ALA H 188 -104.94 -74.71 48.91
CA ALA H 188 -106.20 -75.39 48.65
C ALA H 188 -105.98 -76.82 48.18
N ASN H 189 -104.80 -77.11 47.60
CA ASN H 189 -104.52 -78.46 47.12
C ASN H 189 -104.41 -79.46 48.26
N LEU H 190 -103.67 -79.12 49.31
CA LEU H 190 -103.55 -79.97 50.48
C LEU H 190 -104.68 -79.77 51.48
N ALA H 191 -105.69 -78.98 51.12
CA ALA H 191 -106.84 -78.73 51.97
C ALA H 191 -108.03 -79.56 51.50
N GLY H 192 -108.86 -79.97 52.45
CA GLY H 192 -110.04 -80.75 52.14
C GLY H 192 -111.31 -79.93 52.25
N PRO H 195 -111.21 -76.34 56.08
CA PRO H 195 -111.18 -75.27 55.08
C PRO H 195 -110.57 -73.98 55.62
N ARG H 196 -109.84 -74.10 56.74
CA ARG H 196 -109.19 -72.93 57.31
C ARG H 196 -108.15 -72.37 56.36
N LEU H 197 -107.39 -73.24 55.70
CA LEU H 197 -106.43 -72.77 54.70
C LEU H 197 -107.15 -72.11 53.52
N GLN H 198 -108.30 -72.65 53.12
CA GLN H 198 -109.05 -72.06 52.03
C GLN H 198 -109.58 -70.68 52.41
N GLN H 199 -110.05 -70.52 53.65
CA GLN H 199 -110.54 -69.23 54.09
C GLN H 199 -109.42 -68.23 54.27
N GLN H 200 -108.24 -68.68 54.70
CA GLN H 200 -107.10 -67.78 54.82
C GLN H 200 -106.59 -67.36 53.45
N VAL H 201 -106.60 -68.28 52.47
CA VAL H 201 -106.22 -67.93 51.10
C VAL H 201 -107.29 -67.12 50.39
N LYS H 202 -108.54 -67.18 50.85
CA LYS H 202 -109.60 -66.39 50.23
C LYS H 202 -109.45 -64.91 50.54
N GLU H 203 -108.77 -64.58 51.65
CA GLU H 203 -108.54 -63.19 52.00
C GLU H 203 -107.28 -62.62 51.35
N ILE H 204 -106.24 -63.45 51.17
CA ILE H 204 -105.07 -62.99 50.43
C ILE H 204 -105.39 -62.92 48.94
N LEU H 205 -106.21 -63.84 48.45
CA LEU H 205 -106.63 -63.77 47.05
C LEU H 205 -107.52 -62.55 46.80
N GLU H 206 -108.26 -62.11 47.83
CA GLU H 206 -109.06 -60.90 47.69
C GLU H 206 -108.18 -59.68 47.43
N LYS H 207 -107.16 -59.48 48.26
CA LYS H 207 -106.23 -58.37 48.04
C LYS H 207 -105.45 -58.56 46.75
N LEU H 208 -105.17 -59.81 46.38
CA LEU H 208 -104.47 -60.07 45.13
C LEU H 208 -105.30 -59.64 43.93
N LYS H 209 -106.58 -59.99 43.91
CA LYS H 209 -107.46 -59.58 42.81
C LYS H 209 -107.68 -58.07 42.82
N GLU H 210 -107.76 -57.48 44.02
CA GLU H 210 -107.89 -56.03 44.10
C GLU H 210 -106.68 -55.33 43.52
N ALA H 211 -105.47 -55.81 43.83
CA ALA H 211 -104.27 -55.23 43.25
C ALA H 211 -104.18 -55.51 41.75
N ILE H 212 -104.62 -56.69 41.31
CA ILE H 212 -104.58 -57.01 39.89
C ILE H 212 -105.49 -56.08 39.10
N GLU H 213 -106.69 -55.83 39.62
CA GLU H 213 -107.54 -54.79 39.04
C GLU H 213 -106.85 -53.43 39.11
N THR H 214 -106.16 -53.14 40.21
CA THR H 214 -105.37 -51.92 40.29
C THR H 214 -104.17 -51.98 39.36
N PHE H 215 -103.50 -53.13 39.28
CA PHE H 215 -102.42 -53.30 38.30
C PHE H 215 -102.95 -53.22 36.88
N GLN H 216 -104.20 -53.63 36.66
CA GLN H 216 -104.88 -53.40 35.39
C GLN H 216 -105.52 -52.03 35.34
N LYS H 217 -105.37 -51.23 36.40
CA LYS H 217 -105.82 -49.85 36.41
C LYS H 217 -104.65 -48.88 36.27
N GLY H 218 -103.51 -49.37 35.80
CA GLY H 218 -102.36 -48.51 35.57
C GLY H 218 -101.64 -48.13 36.84
N ASP H 219 -101.82 -48.92 37.90
CA ASP H 219 -101.16 -48.68 39.18
C ASP H 219 -99.91 -49.55 39.23
N GLU H 220 -98.75 -48.90 39.24
CA GLU H 220 -97.48 -49.60 39.13
C GLU H 220 -96.82 -49.83 40.47
N GLU H 221 -96.81 -48.83 41.35
CA GLU H 221 -96.21 -49.02 42.67
C GLU H 221 -97.24 -49.52 43.68
N GLN H 222 -98.43 -48.90 43.70
CA GLN H 222 -99.43 -49.27 44.70
C GLN H 222 -99.94 -50.69 44.48
N ALA H 223 -100.27 -51.03 43.24
CA ALA H 223 -100.79 -52.37 42.97
C ALA H 223 -99.72 -53.44 43.16
N PHE H 224 -98.48 -53.14 42.77
CA PHE H 224 -97.40 -54.09 43.00
C PHE H 224 -97.18 -54.30 44.50
N ARG H 225 -97.25 -53.22 45.28
CA ARG H 225 -97.10 -53.35 46.73
C ARG H 225 -98.24 -54.16 47.33
N GLN H 226 -99.48 -53.91 46.90
CA GLN H 226 -100.61 -54.65 47.42
C GLN H 226 -100.53 -56.13 47.06
N LEU H 227 -100.14 -56.44 45.83
CA LEU H 227 -99.99 -57.84 45.44
C LEU H 227 -98.86 -58.52 46.19
N ALA H 228 -97.75 -57.81 46.40
CA ALA H 228 -96.63 -58.38 47.15
C ALA H 228 -97.01 -58.63 48.60
N GLU H 229 -97.77 -57.72 49.20
CA GLU H 229 -98.21 -57.91 50.57
C GLU H 229 -99.22 -59.05 50.67
N VAL H 230 -100.10 -59.17 49.68
CA VAL H 230 -101.04 -60.29 49.65
C VAL H 230 -100.30 -61.61 49.53
N LEU H 231 -99.28 -61.65 48.66
CA LEU H 231 -98.46 -62.85 48.52
C LEU H 231 -97.72 -63.18 49.82
N ALA H 232 -97.22 -62.15 50.51
CA ALA H 232 -96.51 -62.39 51.77
C ALA H 232 -97.46 -62.91 52.85
N GLU H 233 -98.66 -62.34 52.94
CA GLU H 233 -99.64 -62.83 53.89
C GLU H 233 -100.08 -64.25 53.54
N ALA H 234 -100.21 -64.54 52.25
CA ALA H 234 -100.55 -65.89 51.82
C ALA H 234 -99.46 -66.88 52.19
N ALA H 235 -98.19 -66.49 52.02
CA ALA H 235 -97.09 -67.36 52.41
C ALA H 235 -97.03 -67.53 53.92
N LEU H 236 -97.39 -66.51 54.68
CA LEU H 236 -97.42 -66.63 56.13
C LEU H 236 -98.54 -67.58 56.57
N VAL H 237 -99.70 -67.52 55.92
CA VAL H 237 -100.78 -68.44 56.26
C VAL H 237 -100.46 -69.84 55.76
N ALA H 238 -99.67 -69.96 54.69
CA ALA H 238 -99.27 -71.28 54.20
C ALA H 238 -98.34 -71.97 55.18
N LEU H 239 -97.58 -71.19 55.96
CA LEU H 239 -96.74 -71.79 56.99
C LEU H 239 -97.56 -72.58 57.99
N ARG H 240 -98.77 -72.10 58.32
CA ARG H 240 -99.65 -72.85 59.21
C ARG H 240 -100.47 -73.88 58.46
N ALA H 241 -100.82 -73.60 57.19
CA ALA H 241 -101.60 -74.56 56.42
C ALA H 241 -100.79 -75.81 56.09
N ALA H 242 -99.46 -75.69 56.04
CA ALA H 242 -98.62 -76.86 55.79
C ALA H 242 -98.60 -77.83 56.96
N LEU H 243 -98.95 -77.37 58.16
CA LEU H 243 -99.07 -78.24 59.32
C LEU H 243 -100.53 -78.56 59.65
N THR H 244 -101.47 -78.07 58.86
CA THR H 244 -102.89 -78.32 59.09
C THR H 244 -103.35 -79.66 58.54
N ASN H 245 -102.47 -80.42 57.89
CA ASN H 245 -102.84 -81.72 57.33
C ASN H 245 -101.88 -82.81 57.81
N GLU I 4 -36.68 0.11 97.39
CA GLU I 4 -36.32 0.69 96.11
C GLU I 4 -36.91 2.09 95.95
N PHE I 5 -37.03 2.54 94.70
CA PHE I 5 -37.52 3.88 94.41
C PHE I 5 -38.98 4.08 94.77
N LYS I 6 -39.74 2.99 94.93
CA LYS I 6 -41.09 3.08 95.47
C LYS I 6 -41.31 2.05 96.57
N PHE I 7 -40.32 1.20 96.85
CA PHE I 7 -40.40 0.23 97.94
C PHE I 7 -39.59 0.65 99.17
N LEU I 8 -38.76 1.67 99.06
CA LEU I 8 -38.12 2.29 100.22
C LEU I 8 -38.61 3.72 100.38
N ALA I 9 -39.58 4.12 99.55
CA ALA I 9 -40.24 5.40 99.67
C ALA I 9 -41.49 5.31 100.53
N THR I 10 -41.99 4.10 100.77
CA THR I 10 -42.99 3.91 101.81
C THR I 10 -42.36 4.13 103.18
N GLU I 11 -41.10 3.75 103.33
CA GLU I 11 -40.35 4.14 104.53
C GLU I 11 -40.17 5.64 104.59
N ALA I 12 -39.90 6.29 103.45
CA ALA I 12 -39.87 7.74 103.42
C ALA I 12 -41.24 8.32 103.72
N LYS I 13 -42.30 7.62 103.34
CA LYS I 13 -43.65 8.07 103.65
C LYS I 13 -43.95 7.98 105.14
N MET I 14 -43.52 6.91 105.80
CA MET I 14 -43.62 6.86 107.26
C MET I 14 -42.77 7.93 107.90
N LEU I 15 -41.60 8.21 107.33
CA LEU I 15 -40.78 9.31 107.81
C LEU I 15 -41.49 10.64 107.64
N ILE I 16 -42.17 10.82 106.51
CA ILE I 16 -42.90 12.07 106.29
C ILE I 16 -44.06 12.20 107.27
N THR I 17 -44.72 11.08 107.57
CA THR I 17 -45.81 11.10 108.53
C THR I 17 -45.30 11.40 109.93
N ALA I 18 -44.13 10.87 110.29
CA ALA I 18 -43.54 11.18 111.58
C ALA I 18 -43.17 12.66 111.66
N ALA I 19 -42.49 13.18 110.64
CA ALA I 19 -42.05 14.56 110.67
C ALA I 19 -43.23 15.53 110.66
N GLU I 20 -44.30 15.21 109.93
CA GLU I 20 -45.47 16.07 109.93
C GLU I 20 -46.11 16.12 111.30
N ARG I 21 -46.00 15.02 112.06
CA ARG I 21 -46.52 14.97 113.42
C ARG I 21 -45.48 15.36 114.46
N LEU I 22 -44.21 15.57 114.07
CA LEU I 22 -43.15 15.93 115.00
C LEU I 22 -42.61 17.34 114.75
N ALA I 23 -43.05 18.00 113.69
CA ALA I 23 -42.64 19.38 113.40
C ALA I 23 -43.91 20.23 113.41
N GLY I 24 -44.43 20.48 114.61
CA GLY I 24 -45.59 21.32 114.77
C GLY I 24 -45.30 22.80 114.93
N THR I 25 -44.02 23.16 115.01
CA THR I 25 -43.58 24.54 115.04
C THR I 25 -42.53 24.71 113.94
N ASP I 26 -41.91 25.89 113.90
CA ASP I 26 -40.95 26.21 112.85
C ASP I 26 -41.58 25.99 111.49
N PRO I 27 -42.50 26.87 111.06
CA PRO I 27 -43.13 26.70 109.74
C PRO I 27 -42.14 26.49 108.61
N ARG I 28 -40.85 26.82 108.79
CA ARG I 28 -39.84 26.40 107.83
C ARG I 28 -39.77 24.88 107.75
N LEU I 29 -39.94 24.21 108.89
CA LEU I 29 -39.94 22.74 108.89
C LEU I 29 -41.16 22.20 108.16
N GLN I 30 -42.33 22.80 108.37
CA GLN I 30 -43.51 22.36 107.63
C GLN I 30 -43.36 22.62 106.14
N GLU I 31 -42.75 23.76 105.78
CA GLU I 31 -42.53 24.06 104.37
C GLU I 31 -41.54 23.10 103.73
N MET I 32 -40.49 22.73 104.48
CA MET I 32 -39.54 21.75 103.97
C MET I 32 -40.20 20.39 103.82
N VAL I 33 -41.06 20.02 104.77
CA VAL I 33 -41.78 18.76 104.67
C VAL I 33 -42.71 18.77 103.47
N ALA I 34 -43.32 19.92 103.18
CA ALA I 34 -44.18 20.02 102.02
C ALA I 34 -43.38 19.94 100.73
N LEU I 35 -42.23 20.60 100.67
CA LEU I 35 -41.38 20.52 99.49
C LEU I 35 -40.84 19.11 99.30
N ILE I 36 -40.61 18.38 100.39
CA ILE I 36 -40.15 17.01 100.28
C ILE I 36 -41.27 16.11 99.78
N LYS I 37 -42.48 16.26 100.34
CA LYS I 37 -43.63 15.52 99.86
C LYS I 37 -43.92 15.81 98.39
N LYS I 38 -43.74 17.06 97.96
CA LYS I 38 -43.81 17.37 96.54
C LYS I 38 -42.66 16.72 95.79
N GLU I 39 -41.45 16.79 96.36
CA GLU I 39 -40.34 16.02 95.81
C GLU I 39 -40.60 14.52 95.91
N LEU I 40 -41.22 14.06 97.01
CA LEU I 40 -41.68 12.69 97.07
C LEU I 40 -42.74 12.42 96.01
N GLU I 41 -43.66 13.36 95.81
CA GLU I 41 -44.66 13.22 94.76
C GLU I 41 -44.00 13.24 93.38
N GLN I 42 -42.98 14.09 93.20
CA GLN I 42 -42.29 14.14 91.91
C GLN I 42 -41.56 12.84 91.63
N ALA I 43 -40.94 12.24 92.65
CA ALA I 43 -40.26 10.98 92.47
C ALA I 43 -41.25 9.85 92.22
N GLU I 44 -42.36 9.83 92.97
CA GLU I 44 -43.38 8.81 92.76
C GLU I 44 -43.98 8.91 91.37
N ARG I 45 -44.14 10.14 90.85
CA ARG I 45 -44.56 10.31 89.47
C ARG I 45 -43.49 9.81 88.51
N THR I 46 -42.22 10.15 88.75
CA THR I 46 -41.13 9.58 87.98
C THR I 46 -41.00 8.09 88.23
N PHE I 47 -41.33 7.62 89.44
CA PHE I 47 -41.43 6.18 89.66
C PHE I 47 -42.59 5.59 88.89
N ARG I 48 -43.66 6.36 88.72
CA ARG I 48 -44.75 5.97 87.84
C ARG I 48 -44.45 6.29 86.38
N ASN I 49 -43.50 7.18 86.13
CA ASN I 49 -43.09 7.49 84.77
C ASN I 49 -41.92 6.59 84.37
N GLY I 50 -41.38 6.79 83.17
CA GLY I 50 -40.25 6.02 82.71
C GLY I 50 -38.95 6.53 83.27
N ASP I 51 -39.01 7.57 84.09
CA ASP I 51 -37.84 8.17 84.73
C ASP I 51 -37.62 7.42 86.04
N LYS I 52 -37.29 6.14 85.93
CA LYS I 52 -37.09 5.29 87.11
C LYS I 52 -35.76 5.57 87.80
N SER I 53 -34.71 5.82 87.04
CA SER I 53 -33.43 6.20 87.65
C SER I 53 -33.51 7.59 88.26
N GLU I 54 -34.16 8.52 87.56
CA GLU I 54 -34.40 9.84 88.14
C GLU I 54 -35.31 9.74 89.35
N ALA I 55 -36.29 8.83 89.31
CA ALA I 55 -37.12 8.59 90.48
C ALA I 55 -36.30 8.09 91.65
N GLN I 56 -35.39 7.15 91.40
CA GLN I 56 -34.55 6.62 92.47
C GLN I 56 -33.64 7.70 93.04
N ARG I 57 -33.08 8.54 92.17
CA ARG I 57 -32.21 9.61 92.65
C ARG I 57 -32.98 10.63 93.49
N GLN I 58 -34.15 11.07 92.99
CA GLN I 58 -34.95 12.02 93.75
C GLN I 58 -35.45 11.41 95.05
N LEU I 59 -35.77 10.11 95.04
CA LEU I 59 -36.22 9.45 96.26
C LEU I 59 -35.10 9.31 97.26
N GLU I 60 -33.88 9.03 96.78
CA GLU I 60 -32.74 8.96 97.69
C GLU I 60 -32.44 10.33 98.29
N PHE I 61 -32.52 11.38 97.48
CA PHE I 61 -32.33 12.73 98.00
C PHE I 61 -33.41 13.07 99.02
N VAL I 62 -34.67 12.78 98.69
CA VAL I 62 -35.77 13.10 99.59
C VAL I 62 -35.73 12.24 100.84
N LEU I 63 -35.10 11.07 100.78
CA LEU I 63 -34.96 10.24 101.96
C LEU I 63 -34.03 10.91 102.97
N THR I 64 -32.86 11.35 102.49
CA THR I 64 -31.97 12.12 103.36
C THR I 64 -32.65 13.41 103.81
N ALA I 65 -33.45 14.02 102.94
CA ALA I 65 -34.16 15.24 103.30
C ALA I 65 -35.12 14.98 104.45
N ALA I 66 -35.91 13.91 104.35
CA ALA I 66 -36.86 13.58 105.40
C ALA I 66 -36.14 13.15 106.68
N ARG I 67 -35.00 12.48 106.55
CA ARG I 67 -34.24 12.10 107.72
C ARG I 67 -33.72 13.33 108.45
N ALA I 68 -33.13 14.27 107.71
CA ALA I 68 -32.64 15.49 108.33
C ALA I 68 -33.79 16.34 108.86
N VAL I 69 -34.95 16.27 108.20
CA VAL I 69 -36.10 17.03 108.67
C VAL I 69 -36.63 16.45 109.97
N MET I 70 -36.64 15.12 110.08
CA MET I 70 -36.99 14.49 111.35
C MET I 70 -35.97 14.84 112.42
N ASN I 71 -34.69 14.90 112.05
CA ASN I 71 -33.66 15.33 113.00
C ASN I 71 -33.94 16.74 113.48
N VAL I 72 -34.32 17.63 112.57
CA VAL I 72 -34.59 19.02 112.94
C VAL I 72 -35.84 19.13 113.79
N ALA I 73 -36.86 18.32 113.48
CA ALA I 73 -38.08 18.35 114.27
C ALA I 73 -37.84 17.82 115.67
N ALA I 74 -37.09 16.73 115.79
CA ALA I 74 -36.75 16.20 117.11
C ALA I 74 -35.85 17.17 117.87
N ALA I 75 -34.98 17.89 117.16
CA ALA I 75 -34.18 18.91 117.81
C ALA I 75 -35.06 20.03 118.35
N ALA I 76 -35.97 20.55 117.52
CA ALA I 76 -36.88 21.59 117.96
C ALA I 76 -37.73 21.13 119.13
N ASN I 77 -38.12 19.85 119.14
CA ASN I 77 -38.82 19.30 120.28
C ASN I 77 -37.92 19.13 121.50
N ALA I 78 -36.62 19.00 121.29
CA ALA I 78 -35.66 18.80 122.36
C ALA I 78 -34.80 20.04 122.62
N ALA I 79 -35.01 21.12 121.89
CA ALA I 79 -34.24 22.34 122.09
C ALA I 79 -35.17 23.55 122.03
N GLY I 80 -36.33 23.43 122.67
CA GLY I 80 -37.25 24.55 122.74
C GLY I 80 -36.83 25.66 123.69
N THR I 81 -35.66 25.53 124.32
CA THR I 81 -35.21 26.51 125.30
C THR I 81 -33.79 27.00 125.05
N ASP I 82 -33.10 26.51 124.03
CA ASP I 82 -31.73 26.94 123.75
C ASP I 82 -31.73 27.90 122.58
N PRO I 83 -31.42 29.18 122.81
CA PRO I 83 -31.45 30.14 121.69
C PRO I 83 -30.40 29.83 120.63
N LEU I 84 -29.21 29.41 121.04
CA LEU I 84 -28.20 29.02 120.07
C LEU I 84 -28.66 27.82 119.25
N LEU I 85 -29.35 26.88 119.90
CA LEU I 85 -29.86 25.72 119.17
C LEU I 85 -30.95 26.13 118.19
N LYS I 86 -31.88 27.01 118.61
CA LYS I 86 -32.90 27.46 117.69
C LYS I 86 -32.30 28.25 116.53
N ALA I 87 -31.25 29.02 116.80
CA ALA I 87 -30.58 29.76 115.75
C ALA I 87 -29.91 28.83 114.76
N MET I 88 -29.14 27.85 115.25
CA MET I 88 -28.53 26.88 114.37
C MET I 88 -29.58 26.05 113.64
N VAL I 89 -30.75 25.87 114.26
CA VAL I 89 -31.81 25.11 113.63
C VAL I 89 -32.41 25.89 112.47
N ASP I 90 -32.68 27.17 112.69
CA ASP I 90 -33.16 28.01 111.59
C ASP I 90 -32.09 28.14 110.50
N ALA I 91 -30.82 28.15 110.89
CA ALA I 91 -29.74 28.20 109.92
C ALA I 91 -29.70 26.92 109.09
N ILE I 92 -29.85 25.77 109.74
CA ILE I 92 -29.90 24.52 109.01
C ILE I 92 -31.16 24.44 108.16
N LEU I 93 -32.25 25.07 108.60
CA LEU I 93 -33.46 25.12 107.80
C LEU I 93 -33.25 25.94 106.55
N TRP I 94 -32.56 27.07 106.66
CA TRP I 94 -32.26 27.88 105.50
C TRP I 94 -31.29 27.16 104.57
N ARG I 95 -30.28 26.50 105.14
CA ARG I 95 -29.34 25.72 104.34
C ARG I 95 -30.05 24.56 103.65
N LEU I 96 -31.05 23.99 104.31
CA LEU I 96 -31.81 22.90 103.73
C LEU I 96 -32.72 23.40 102.62
N LYS I 97 -33.32 24.57 102.79
CA LYS I 97 -34.09 25.15 101.69
C LYS I 97 -33.18 25.46 100.51
N GLU I 98 -31.96 25.96 100.78
CA GLU I 98 -31.01 26.23 99.72
C GLU I 98 -30.60 24.95 99.01
N ALA I 99 -30.31 23.89 99.77
CA ALA I 99 -29.92 22.63 99.17
C ALA I 99 -31.08 21.99 98.42
N ILE I 100 -32.32 22.25 98.88
CA ILE I 100 -33.49 21.72 98.21
C ILE I 100 -33.71 22.45 96.89
N ARG I 101 -33.50 23.76 96.87
CA ARG I 101 -33.56 24.50 95.62
C ARG I 101 -32.44 24.08 94.68
N THR I 102 -31.26 23.77 95.24
CA THR I 102 -30.14 23.34 94.40
C THR I 102 -30.40 21.98 93.78
N PHE I 103 -30.86 21.01 94.59
CA PHE I 103 -31.23 19.70 94.06
C PHE I 103 -32.38 19.81 93.07
N GLN I 104 -33.35 20.68 93.36
CA GLN I 104 -34.42 20.93 92.40
C GLN I 104 -33.87 21.54 91.13
N ASN I 105 -32.77 22.30 91.24
CA ASN I 105 -32.04 22.75 90.07
C ASN I 105 -31.10 21.69 89.51
N GLY I 106 -31.21 20.46 89.99
CA GLY I 106 -30.29 19.41 89.57
C GLY I 106 -28.92 19.51 90.18
N ASP I 107 -28.75 20.40 91.17
CA ASP I 107 -27.46 20.56 91.83
C ASP I 107 -27.49 19.94 93.21
N GLU I 109 -26.28 17.28 91.99
CA GLU I 109 -24.85 17.53 91.99
C GLU I 109 -24.34 17.87 93.38
N GLU I 110 -24.26 19.16 93.69
CA GLU I 110 -23.84 19.62 94.99
C GLU I 110 -24.97 19.51 96.02
N ALA I 111 -26.05 18.83 95.69
CA ALA I 111 -27.12 18.59 96.66
C ALA I 111 -26.60 17.73 97.82
N GLU I 112 -26.22 16.49 97.53
CA GLU I 112 -25.57 15.66 98.54
C GLU I 112 -24.10 16.02 98.66
N THR I 113 -23.86 17.31 98.90
CA THR I 113 -22.55 17.84 99.27
C THR I 113 -22.62 18.63 100.57
N GLN I 114 -23.35 19.74 100.58
CA GLN I 114 -23.68 20.42 101.82
C GLN I 114 -24.74 19.66 102.61
N LEU I 115 -25.80 19.22 101.94
CA LEU I 115 -26.79 18.38 102.60
C LEU I 115 -26.19 17.06 103.04
N ARG I 116 -25.19 16.57 102.31
CA ARG I 116 -24.41 15.44 102.81
C ARG I 116 -23.85 15.73 104.19
N PHE I 117 -23.33 16.94 104.39
CA PHE I 117 -22.96 17.38 105.72
C PHE I 117 -24.14 17.93 106.50
N VAL I 118 -25.08 18.59 105.82
CA VAL I 118 -26.25 19.11 106.52
C VAL I 118 -27.11 17.98 107.06
N LEU I 119 -27.03 16.79 106.45
CA LEU I 119 -27.64 15.64 107.09
C LEU I 119 -26.92 15.31 108.39
N ARG I 120 -25.59 15.22 108.34
CA ARG I 120 -24.83 15.03 109.58
C ARG I 120 -24.97 16.23 110.49
N ALA I 121 -25.15 17.42 109.92
CA ALA I 121 -25.38 18.60 110.74
C ALA I 121 -26.66 18.47 111.53
N ALA I 122 -27.76 18.08 110.87
CA ALA I 122 -29.02 17.89 111.57
C ALA I 122 -28.91 16.73 112.56
N ILE I 123 -28.10 15.72 112.22
CA ILE I 123 -27.86 14.63 113.15
C ILE I 123 -27.25 15.14 114.44
N ALA I 124 -26.11 15.82 114.34
CA ALA I 124 -25.45 16.34 115.53
C ALA I 124 -26.31 17.39 116.23
N VAL I 125 -27.15 18.09 115.47
CA VAL I 125 -28.00 19.12 116.06
C VAL I 125 -29.06 18.48 116.93
N ALA I 126 -29.76 17.48 116.40
CA ALA I 126 -30.71 16.72 117.21
C ALA I 126 -29.99 16.04 118.36
N VAL I 127 -28.73 15.65 118.16
CA VAL I 127 -27.97 15.01 119.23
C VAL I 127 -27.77 15.97 120.38
N VAL I 128 -27.30 17.18 120.09
CA VAL I 128 -27.09 18.18 121.14
C VAL I 128 -28.43 18.58 121.76
N ALA I 129 -29.48 18.63 120.94
CA ALA I 129 -30.79 18.98 121.46
C ALA I 129 -31.29 17.95 122.45
N ALA I 130 -31.11 16.66 122.14
CA ALA I 130 -31.47 15.62 123.07
C ALA I 130 -30.60 15.65 124.31
N ALA I 131 -29.30 15.95 124.12
CA ALA I 131 -28.41 16.07 125.27
C ALA I 131 -28.87 17.18 126.21
N LEU I 132 -29.42 18.25 125.65
CA LEU I 132 -29.92 19.34 126.48
C LEU I 132 -31.28 19.03 127.08
N VAL I 133 -32.14 18.32 126.34
CA VAL I 133 -33.49 18.06 126.82
C VAL I 133 -33.50 16.98 127.89
N LEU I 134 -32.70 15.92 127.71
CA LEU I 134 -32.56 14.87 128.72
C LEU I 134 -31.63 15.28 129.85
N ALA I 135 -31.13 16.50 129.84
CA ALA I 135 -30.34 17.04 130.93
C ALA I 135 -31.27 17.47 132.05
N GLY I 136 -30.70 17.94 133.15
CA GLY I 136 -31.48 18.35 134.31
C GLY I 136 -30.82 19.50 135.01
N THR I 137 -30.67 19.39 136.33
CA THR I 137 -30.01 20.44 137.09
C THR I 137 -28.56 20.58 136.69
N ASP I 138 -27.78 19.52 136.88
CA ASP I 138 -26.35 19.58 136.59
C ASP I 138 -26.06 19.07 135.19
N PRO I 139 -25.97 19.95 134.21
CA PRO I 139 -25.51 19.51 132.89
C PRO I 139 -24.07 19.03 132.93
N GLU I 140 -23.20 19.81 133.57
CA GLU I 140 -21.80 19.50 133.80
C GLU I 140 -20.98 19.38 132.53
N LEU I 141 -21.61 19.26 131.36
CA LEU I 141 -20.88 19.32 130.10
C LEU I 141 -21.66 20.08 129.02
N GLN I 142 -22.81 20.68 129.36
CA GLN I 142 -23.51 21.50 128.39
C GLN I 142 -22.65 22.64 127.87
N GLU I 143 -21.74 23.14 128.71
CA GLU I 143 -20.72 24.06 128.22
C GLU I 143 -19.86 23.37 127.17
N MET I 144 -19.30 22.21 127.52
CA MET I 144 -18.63 21.39 126.52
C MET I 144 -19.57 21.08 125.36
N VAL I 145 -20.81 20.69 125.68
CA VAL I 145 -21.81 20.50 124.63
C VAL I 145 -22.04 21.79 123.86
N GLU I 146 -22.01 22.94 124.54
CA GLU I 146 -22.03 24.20 123.82
C GLU I 146 -20.74 24.40 123.05
N GLN I 147 -19.61 24.07 123.68
CA GLN I 147 -18.34 24.04 122.97
C GLN I 147 -18.44 23.12 121.76
N ILE I 148 -18.92 21.90 121.97
CA ILE I 148 -19.25 21.03 120.85
C ILE I 148 -20.21 21.73 119.90
N LYS I 149 -21.25 22.37 120.44
CA LYS I 149 -22.13 23.20 119.62
C LYS I 149 -21.33 24.28 118.91
N ASP I 150 -20.44 24.94 119.63
CA ASP I 150 -19.47 25.81 118.99
C ASP I 150 -18.68 25.04 117.96
N LEU I 151 -18.09 23.90 118.36
CA LEU I 151 -17.47 23.01 117.38
C LEU I 151 -18.44 22.60 116.29
N LEU I 152 -19.73 22.47 116.63
CA LEU I 152 -20.75 22.26 115.60
C LEU I 152 -20.92 23.52 114.76
N ILE I 153 -21.04 24.68 115.42
CA ILE I 153 -20.99 25.95 114.70
C ILE I 153 -19.69 26.02 113.90
N SER I 154 -18.58 25.67 114.54
CA SER I 154 -17.33 25.52 113.81
C SER I 154 -17.46 24.50 112.70
N ALA I 155 -18.10 23.36 112.98
CA ALA I 155 -18.43 22.43 111.91
C ALA I 155 -19.36 23.09 110.90
N PHE I 156 -20.31 23.90 111.39
CA PHE I 156 -21.14 24.70 110.48
C PHE I 156 -20.27 25.61 109.63
N MET I 157 -19.12 26.03 110.16
CA MET I 157 -18.13 26.70 109.34
C MET I 157 -17.17 25.71 108.68
N ALA I 158 -16.89 24.58 109.30
CA ALA I 158 -15.99 23.58 108.75
C ALA I 158 -16.67 22.71 107.69
N GLY I 159 -17.84 23.13 107.23
CA GLY I 159 -18.52 22.47 106.14
C GLY I 159 -18.37 23.26 104.86
N GLU I 165 -15.69 21.53 104.76
CA GLU I 165 -15.04 20.26 104.42
C GLU I 165 -14.39 19.64 105.63
N LYS I 166 -13.98 20.48 106.58
CA LYS I 166 -13.30 20.03 107.79
C LYS I 166 -14.27 19.55 108.87
N ALA I 167 -15.43 19.02 108.46
CA ALA I 167 -16.42 18.57 109.43
C ALA I 167 -16.98 17.19 109.14
N LEU I 168 -16.55 16.52 108.06
CA LEU I 168 -17.11 15.21 107.74
C LEU I 168 -16.86 14.20 108.86
N THR I 169 -15.60 14.03 109.26
CA THR I 169 -15.32 13.19 110.42
C THR I 169 -15.57 13.94 111.72
N GLN I 170 -15.49 15.28 111.68
CA GLN I 170 -15.76 16.05 112.89
C GLN I 170 -17.23 15.97 113.29
N LEU I 171 -18.14 15.95 112.32
CA LEU I 171 -19.55 15.77 112.65
C LEU I 171 -19.79 14.39 113.27
N LEU I 172 -19.15 13.36 112.73
CA LEU I 172 -19.27 12.02 113.30
C LEU I 172 -18.71 11.98 114.71
N PHE I 173 -17.57 12.64 114.93
CA PHE I 173 -16.97 12.67 116.27
C PHE I 173 -17.87 13.41 117.24
N VAL I 174 -18.48 14.51 116.81
CA VAL I 174 -19.37 15.28 117.67
C VAL I 174 -20.61 14.45 118.01
N ALA I 175 -21.14 13.73 117.01
CA ALA I 175 -22.29 12.87 117.28
C ALA I 175 -21.93 11.74 118.23
N TRP I 176 -20.73 11.18 118.11
CA TRP I 176 -20.32 10.10 119.00
C TRP I 176 -20.11 10.62 120.41
N ALA I 177 -19.56 11.83 120.55
CA ALA I 177 -19.41 12.43 121.87
C ALA I 177 -20.75 12.76 122.49
N ALA I 178 -21.70 13.21 121.68
CA ALA I 178 -23.05 13.43 122.17
C ALA I 178 -23.69 12.12 122.60
N HIS I 179 -23.44 11.04 121.85
CA HIS I 179 -23.98 9.74 122.21
C HIS I 179 -23.40 9.24 123.53
N ALA I 180 -22.09 9.43 123.73
CA ALA I 180 -21.50 9.14 125.03
C ALA I 180 -22.08 10.05 126.10
N VAL I 181 -22.44 11.28 125.74
CA VAL I 181 -23.09 12.17 126.69
C VAL I 181 -24.57 11.82 126.83
N ALA I 182 -25.25 11.54 125.72
CA ALA I 182 -26.67 11.22 125.78
C ALA I 182 -26.91 9.90 126.50
N MET I 183 -25.99 8.95 126.36
CA MET I 183 -26.08 7.74 127.17
C MET I 183 -25.90 8.06 128.65
N ILE I 184 -24.89 8.87 128.98
CA ILE I 184 -24.70 9.28 130.37
C ILE I 184 -25.86 10.14 130.85
N ALA I 185 -26.40 10.99 129.97
CA ALA I 185 -27.53 11.83 130.36
C ALA I 185 -28.77 10.99 130.66
N ALA I 186 -29.05 10.00 129.82
CA ALA I 186 -30.20 9.13 130.06
C ALA I 186 -29.97 8.26 131.29
N ALA I 187 -28.72 7.87 131.54
CA ALA I 187 -28.42 7.08 132.74
C ALA I 187 -28.65 7.90 134.00
N ALA I 188 -28.16 9.14 134.02
CA ALA I 188 -28.38 9.99 135.19
C ALA I 188 -29.84 10.42 135.30
N ASN I 189 -30.57 10.42 134.19
CA ASN I 189 -31.97 10.84 134.23
C ASN I 189 -32.82 9.85 135.01
N LEU I 190 -32.67 8.55 134.75
CA LEU I 190 -33.40 7.52 135.47
C LEU I 190 -32.71 7.13 136.76
N ALA I 191 -31.65 7.84 137.16
CA ALA I 191 -30.93 7.57 138.38
C ALA I 191 -31.32 8.59 139.44
N GLY I 192 -31.32 8.15 140.70
CA GLY I 192 -31.65 9.02 141.82
C GLY I 192 -30.43 9.41 142.62
N PRO I 195 -26.76 5.68 142.93
CA PRO I 195 -25.87 6.47 142.08
C PRO I 195 -24.85 5.61 141.35
N ARG I 196 -25.09 4.31 141.30
CA ARG I 196 -24.19 3.40 140.59
C ARG I 196 -24.12 3.75 139.11
N LEU I 197 -25.27 4.07 138.51
CA LEU I 197 -25.27 4.49 137.11
C LEU I 197 -24.53 5.80 136.94
N GLN I 198 -24.65 6.72 137.90
CA GLN I 198 -23.93 7.99 137.82
C GLN I 198 -22.43 7.78 137.93
N GLN I 199 -22.00 6.87 138.81
CA GLN I 199 -20.57 6.59 138.94
C GLN I 199 -20.03 5.85 137.73
N GLN I 200 -20.83 4.98 137.13
CA GLN I 200 -20.39 4.29 135.91
C GLN I 200 -20.31 5.25 134.74
N VAL I 201 -21.25 6.19 134.65
CA VAL I 201 -21.19 7.21 133.60
C VAL I 201 -20.12 8.27 133.86
N LYS I 202 -19.69 8.42 135.12
CA LYS I 202 -18.65 9.38 135.42
C LYS I 202 -17.29 8.92 134.91
N GLU I 203 -17.11 7.62 134.73
CA GLU I 203 -15.88 7.08 134.19
C GLU I 203 -15.86 7.04 132.67
N ILE I 204 -17.01 6.82 132.04
CA ILE I 204 -17.08 6.91 130.58
C ILE I 204 -17.04 8.37 130.15
N LEU I 205 -17.65 9.26 130.94
CA LEU I 205 -17.56 10.69 130.65
C LEU I 205 -16.15 11.21 130.82
N GLU I 206 -15.37 10.58 131.72
CA GLU I 206 -13.98 10.98 131.88
C GLU I 206 -13.19 10.72 130.61
N LYS I 207 -13.28 9.50 130.07
CA LYS I 207 -12.60 9.20 128.81
C LYS I 207 -13.18 10.01 127.66
N LEU I 208 -14.48 10.31 127.71
CA LEU I 208 -15.09 11.13 126.69
C LEU I 208 -14.50 12.54 126.68
N LYS I 209 -14.38 13.17 127.85
CA LYS I 209 -13.79 14.50 127.93
C LYS I 209 -12.31 14.46 127.58
N GLU I 210 -11.62 13.39 127.95
CA GLU I 210 -10.21 13.26 127.58
C GLU I 210 -10.04 13.19 126.07
N ALA I 211 -10.90 12.41 125.40
CA ALA I 211 -10.84 12.35 123.94
C ALA I 211 -11.27 13.65 123.31
N ILE I 212 -12.26 14.34 123.89
CA ILE I 212 -12.71 15.61 123.35
C ILE I 212 -11.58 16.64 123.41
N GLU I 213 -10.88 16.70 124.54
CA GLU I 213 -9.67 17.51 124.59
C GLU I 213 -8.65 17.04 123.59
N THR I 214 -8.52 15.72 123.39
CA THR I 214 -7.65 15.21 122.35
C THR I 214 -8.22 15.51 120.96
N PHE I 215 -9.54 15.37 120.79
CA PHE I 215 -10.16 15.77 119.53
C PHE I 215 -10.05 17.27 119.30
N GLN I 216 -10.01 18.05 120.38
CA GLN I 216 -9.68 19.46 120.30
C GLN I 216 -8.18 19.70 120.31
N LYS I 217 -7.38 18.63 120.37
CA LYS I 217 -5.94 18.70 120.25
C LYS I 217 -5.47 18.24 118.87
N GLY I 218 -6.38 18.17 117.90
CA GLY I 218 -6.01 17.80 116.56
C GLY I 218 -5.79 16.31 116.40
N ASP I 219 -6.36 15.52 117.29
CA ASP I 219 -6.25 14.06 117.23
C ASP I 219 -7.49 13.52 116.54
N GLU I 220 -7.30 12.94 115.36
CA GLU I 220 -8.41 12.53 114.51
C GLU I 220 -8.74 11.06 114.66
N GLU I 221 -7.73 10.19 114.68
CA GLU I 221 -7.99 8.76 114.84
C GLU I 221 -7.98 8.36 116.31
N GLN I 222 -6.99 8.82 117.08
CA GLN I 222 -6.88 8.42 118.48
C GLN I 222 -8.03 8.95 119.31
N ALA I 223 -8.36 10.22 119.15
CA ALA I 223 -9.44 10.81 119.93
C ALA I 223 -10.79 10.23 119.52
N PHE I 224 -11.00 10.01 118.22
CA PHE I 224 -12.24 9.40 117.78
C PHE I 224 -12.37 7.99 118.34
N ARG I 225 -11.27 7.23 118.36
CA ARG I 225 -11.30 5.89 118.93
C ARG I 225 -11.59 5.92 120.42
N GLN I 226 -10.96 6.85 121.15
CA GLN I 226 -11.19 6.94 122.58
C GLN I 226 -12.63 7.34 122.89
N LEU I 227 -13.19 8.29 122.12
CA LEU I 227 -14.57 8.69 122.34
C LEU I 227 -15.54 7.57 122.00
N ALA I 228 -15.25 6.81 120.92
CA ALA I 228 -16.11 5.70 120.53
C ALA I 228 -16.07 4.59 121.58
N GLU I 229 -14.89 4.33 122.14
CA GLU I 229 -14.78 3.31 123.19
C GLU I 229 -15.47 3.77 124.46
N VAL I 230 -15.37 5.06 124.79
CA VAL I 230 -16.07 5.58 125.95
C VAL I 230 -17.57 5.48 125.76
N LEU I 231 -18.06 5.79 124.56
CA LEU I 231 -19.48 5.64 124.27
C LEU I 231 -19.92 4.18 124.34
N ALA I 232 -19.08 3.27 123.87
CA ALA I 232 -19.43 1.85 123.93
C ALA I 232 -19.48 1.35 125.37
N GLU I 233 -18.51 1.76 126.19
CA GLU I 233 -18.53 1.39 127.61
C GLU I 233 -19.72 2.00 128.32
N ALA I 234 -20.08 3.24 127.95
CA ALA I 234 -21.25 3.87 128.54
C ALA I 234 -22.52 3.13 128.15
N ALA I 235 -22.62 2.70 126.90
CA ALA I 235 -23.78 1.92 126.48
C ALA I 235 -23.83 0.56 127.17
N LEU I 236 -22.66 -0.03 127.43
CA LEU I 236 -22.64 -1.30 128.15
C LEU I 236 -23.07 -1.12 129.59
N VAL I 237 -22.67 -0.02 130.23
CA VAL I 237 -23.11 0.23 131.60
C VAL I 237 -24.57 0.64 131.63
N ALA I 238 -25.07 1.24 130.55
CA ALA I 238 -26.48 1.61 130.49
C ALA I 238 -27.36 0.38 130.40
N LEU I 239 -26.83 -0.71 129.84
CA LEU I 239 -27.58 -1.96 129.82
C LEU I 239 -27.93 -2.43 131.23
N ARG I 240 -27.02 -2.22 132.19
CA ARG I 240 -27.33 -2.56 133.57
C ARG I 240 -28.07 -1.44 134.29
N ALA I 241 -27.80 -0.18 133.91
CA ALA I 241 -28.49 0.94 134.54
C ALA I 241 -29.97 0.96 134.19
N ALA I 242 -30.35 0.41 133.04
CA ALA I 242 -31.75 0.35 132.65
C ALA I 242 -32.55 -0.62 133.51
N LEU I 243 -31.87 -1.57 134.17
CA LEU I 243 -32.53 -2.49 135.09
C LEU I 243 -32.29 -2.11 136.55
N THR I 244 -31.56 -1.02 136.80
CA THR I 244 -31.26 -0.57 138.15
C THR I 244 -32.41 0.23 138.77
N ASN I 245 -33.48 0.47 138.04
CA ASN I 245 -34.61 1.24 138.55
C ASN I 245 -35.91 0.47 138.37
N GLU J 4 23.96 -85.43 54.63
CA GLU J 4 23.09 -84.40 54.09
C GLU J 4 21.62 -84.78 54.26
N PHE J 5 20.76 -84.16 53.46
CA PHE J 5 19.32 -84.38 53.55
C PHE J 5 18.91 -85.78 53.14
N LYS J 6 19.76 -86.50 52.41
CA LYS J 6 19.54 -87.93 52.16
C LYS J 6 20.79 -88.74 52.44
N PHE J 7 21.90 -88.10 52.81
CA PHE J 7 23.12 -88.79 53.17
C PHE J 7 23.36 -88.83 54.66
N LEU J 8 22.61 -88.07 55.45
CA LEU J 8 22.59 -88.22 56.90
C LEU J 8 21.23 -88.69 57.37
N ALA J 9 20.35 -89.01 56.42
CA ALA J 9 19.06 -89.61 56.70
C ALA J 9 19.13 -91.13 56.67
N THR J 10 20.19 -91.69 56.07
CA THR J 10 20.47 -93.10 56.27
C THR J 10 20.89 -93.38 57.70
N GLU J 11 21.59 -92.43 58.31
CA GLU J 11 21.83 -92.49 59.74
C GLU J 11 20.53 -92.36 60.51
N ALA J 12 19.63 -91.49 60.07
CA ALA J 12 18.31 -91.43 60.68
C ALA J 12 17.54 -92.72 60.44
N LYS J 13 17.79 -93.39 59.31
CA LYS J 13 17.16 -94.67 59.03
C LYS J 13 17.66 -95.77 59.95
N MET J 14 18.97 -95.80 60.22
CA MET J 14 19.49 -96.72 61.23
C MET J 14 18.94 -96.38 62.61
N LEU J 15 18.78 -95.09 62.89
CA LEU J 15 18.15 -94.68 64.14
C LEU J 15 16.71 -95.16 64.21
N ILE J 16 15.99 -95.08 63.09
CA ILE J 16 14.60 -95.53 63.07
C ILE J 16 14.54 -97.05 63.25
N THR J 17 15.49 -97.77 62.67
CA THR J 17 15.53 -99.22 62.83
C THR J 17 15.86 -99.60 64.27
N ALA J 18 16.76 -98.84 64.91
CA ALA J 18 17.05 -99.09 66.32
C ALA J 18 15.84 -98.83 67.18
N ALA J 19 15.18 -97.68 66.99
CA ALA J 19 14.04 -97.32 67.82
C ALA J 19 12.87 -98.27 67.61
N GLU J 20 12.65 -98.73 66.38
CA GLU J 20 11.58 -99.69 66.13
C GLU J 20 11.84 -101.01 66.85
N ARG J 21 13.12 -101.35 67.01
CA ARG J 21 13.51 -102.55 67.73
C ARG J 21 13.76 -102.30 69.21
N LEU J 22 13.75 -101.04 69.65
CA LEU J 22 14.00 -100.70 71.06
C LEU J 22 12.78 -100.09 71.74
N ALA J 23 11.70 -99.84 71.00
CA ALA J 23 10.45 -99.33 71.56
C ALA J 23 9.37 -100.37 71.27
N GLY J 24 9.42 -101.48 72.01
CA GLY J 24 8.43 -102.52 71.88
C GLY J 24 7.22 -102.36 72.77
N THR J 25 7.23 -101.35 73.64
CA THR J 25 6.09 -101.00 74.47
C THR J 25 5.82 -99.52 74.27
N ASP J 26 4.90 -98.96 75.06
CA ASP J 26 4.47 -97.57 74.91
C ASP J 26 4.05 -97.32 73.47
N PRO J 27 2.89 -97.82 73.05
CA PRO J 27 2.44 -97.58 71.67
C PRO J 27 2.49 -96.11 71.24
N ARG J 28 2.57 -95.17 72.18
CA ARG J 28 2.87 -93.79 71.80
C ARG J 28 4.25 -93.70 71.15
N LEU J 29 5.21 -94.50 71.63
CA LEU J 29 6.52 -94.51 71.01
C LEU J 29 6.47 -95.09 69.60
N GLN J 30 5.72 -96.17 69.41
CA GLN J 30 5.57 -96.72 68.07
C GLN J 30 4.86 -95.74 67.15
N GLU J 31 3.86 -95.02 67.66
CA GLU J 31 3.16 -94.04 66.85
C GLU J 31 4.06 -92.87 66.49
N MET J 32 4.90 -92.43 67.43
CA MET J 32 5.85 -91.37 67.13
C MET J 32 6.89 -91.83 66.11
N VAL J 33 7.33 -93.09 66.22
CA VAL J 33 8.26 -93.64 65.25
C VAL J 33 7.61 -93.70 63.87
N ALA J 34 6.33 -94.03 63.83
CA ALA J 34 5.62 -94.08 62.55
C ALA J 34 5.45 -92.68 61.96
N LEU J 35 5.12 -91.70 62.80
CA LEU J 35 5.00 -90.32 62.33
C LEU J 35 6.34 -89.78 61.86
N ILE J 36 7.43 -90.23 62.49
CA ILE J 36 8.76 -89.80 62.07
C ILE J 36 9.13 -90.44 60.74
N LYS J 37 8.88 -91.75 60.60
CA LYS J 37 9.10 -92.42 59.34
C LYS J 37 8.27 -91.82 58.22
N LYS J 38 7.04 -91.41 58.51
CA LYS J 38 6.26 -90.65 57.55
C LYS J 38 6.87 -89.28 57.31
N GLU J 39 7.30 -88.62 58.38
CA GLU J 39 8.08 -87.41 58.22
C GLU J 39 9.42 -87.69 57.54
N LEU J 40 10.05 -88.82 57.85
CA LEU J 40 11.21 -89.25 57.08
C LEU J 40 10.83 -89.51 55.62
N GLU J 41 9.68 -90.14 55.40
CA GLU J 41 9.21 -90.36 54.04
C GLU J 41 8.89 -89.03 53.36
N GLN J 42 8.30 -88.09 54.10
CA GLN J 42 7.98 -86.79 53.53
C GLN J 42 9.25 -86.03 53.14
N ALA J 43 10.29 -86.11 53.98
CA ALA J 43 11.55 -85.46 53.66
C ALA J 43 12.25 -86.14 52.49
N GLU J 44 12.25 -87.48 52.47
CA GLU J 44 12.85 -88.20 51.35
C GLU J 44 12.13 -87.90 50.04
N ARG J 45 10.81 -87.72 50.10
CA ARG J 45 10.09 -87.27 48.91
C ARG J 45 10.47 -85.85 48.55
N THR J 46 10.55 -84.95 49.53
CA THR J 46 11.08 -83.62 49.28
C THR J 46 12.55 -83.66 48.90
N PHE J 47 13.30 -84.63 49.43
CA PHE J 47 14.66 -84.85 48.96
C PHE J 47 14.65 -85.37 47.53
N ARG J 48 13.62 -86.14 47.16
CA ARG J 48 13.42 -86.53 45.78
C ARG J 48 12.70 -85.45 44.99
N ASN J 49 12.04 -84.52 45.65
CA ASN J 49 11.39 -83.40 44.99
C ASN J 49 12.37 -82.23 44.93
N GLY J 50 11.91 -81.10 44.39
CA GLY J 50 12.74 -79.91 44.30
C GLY J 50 12.78 -79.15 45.61
N ASP J 51 12.10 -79.67 46.63
CA ASP J 51 12.06 -79.07 47.95
C ASP J 51 13.25 -79.64 48.74
N LYS J 52 14.46 -79.32 48.29
CA LYS J 52 15.67 -79.84 48.91
C LYS J 52 15.98 -79.15 50.23
N SER J 53 15.75 -77.84 50.32
CA SER J 53 15.93 -77.15 51.60
C SER J 53 14.85 -77.55 52.58
N GLU J 54 13.61 -77.67 52.12
CA GLU J 54 12.55 -78.19 52.98
C GLU J 54 12.84 -79.64 53.38
N ALA J 55 13.40 -80.42 52.46
CA ALA J 55 13.81 -81.78 52.79
C ALA J 55 14.86 -81.77 53.89
N GLN J 56 15.86 -80.89 53.77
CA GLN J 56 16.91 -80.82 54.78
C GLN J 56 16.34 -80.39 56.13
N ARG J 57 15.43 -79.42 56.13
CA ARG J 57 14.83 -78.98 57.39
C ARG J 57 14.01 -80.08 58.03
N GLN J 58 13.15 -80.75 57.25
CA GLN J 58 12.35 -81.84 57.79
C GLN J 58 13.22 -82.99 58.26
N LEU J 59 14.31 -83.26 57.54
CA LEU J 59 15.21 -84.34 57.93
C LEU J 59 15.96 -83.98 59.21
N GLU J 60 16.35 -82.72 59.36
CA GLU J 60 16.99 -82.30 60.60
C GLU J 60 16.04 -82.38 61.78
N PHE J 61 14.78 -81.98 61.57
CA PHE J 61 13.79 -82.12 62.62
C PHE J 61 13.55 -83.58 62.97
N VAL J 62 13.40 -84.43 61.95
CA VAL J 62 13.14 -85.84 62.18
C VAL J 62 14.36 -86.53 62.77
N LEU J 63 15.55 -85.99 62.56
CA LEU J 63 16.74 -86.55 63.18
C LEU J 63 16.71 -86.36 64.67
N THR J 64 16.43 -85.14 65.12
CA THR J 64 16.25 -84.89 66.55
C THR J 64 15.07 -85.70 67.08
N ALA J 65 14.02 -85.85 66.27
CA ALA J 65 12.86 -86.63 66.69
C ALA J 65 13.25 -88.07 66.94
N ALA J 66 13.99 -88.67 66.01
CA ALA J 66 14.42 -90.06 66.16
C ALA J 66 15.41 -90.20 67.30
N ARG J 67 16.26 -89.20 67.51
CA ARG J 67 17.19 -89.25 68.63
C ARG J 67 16.45 -89.23 69.96
N ALA J 68 15.50 -88.31 70.10
CA ALA J 68 14.72 -88.26 71.34
C ALA J 68 13.84 -89.50 71.49
N VAL J 69 13.40 -90.07 70.36
CA VAL J 69 12.58 -91.28 70.43
C VAL J 69 13.42 -92.46 70.89
N MET J 70 14.67 -92.54 70.42
CA MET J 70 15.58 -93.56 70.92
C MET J 70 15.88 -93.33 72.39
N ASN J 71 16.02 -92.07 72.80
CA ASN J 71 16.20 -91.77 74.22
C ASN J 71 15.01 -92.27 75.03
N VAL J 72 13.79 -92.04 74.53
CA VAL J 72 12.59 -92.47 75.24
C VAL J 72 12.48 -93.98 75.27
N ALA J 73 12.86 -94.65 74.18
CA ALA J 73 12.80 -96.10 74.14
C ALA J 73 13.81 -96.71 75.10
N ALA J 74 15.03 -96.17 75.12
CA ALA J 74 16.04 -96.65 76.06
C ALA J 74 15.65 -96.34 77.49
N ALA J 75 14.97 -95.21 77.71
CA ALA J 75 14.45 -94.93 79.04
C ALA J 75 13.40 -95.95 79.45
N ALA J 76 12.43 -96.21 78.58
CA ALA J 76 11.41 -97.21 78.88
C ALA J 76 12.02 -98.58 79.12
N ASN J 77 13.08 -98.91 78.40
CA ASN J 77 13.80 -100.15 78.64
C ASN J 77 14.59 -100.09 79.94
N ALA J 78 14.95 -98.91 80.41
CA ALA J 78 15.74 -98.74 81.63
C ALA J 78 14.92 -98.17 82.78
N ALA J 79 13.63 -97.92 82.58
CA ALA J 79 12.78 -97.40 83.63
C ALA J 79 11.44 -98.12 83.63
N GLY J 80 11.47 -99.44 83.45
CA GLY J 80 10.26 -100.23 83.50
C GLY J 80 9.67 -100.40 84.89
N THR J 81 10.30 -99.81 85.91
CA THR J 81 9.85 -99.99 87.29
C THR J 81 9.66 -98.68 88.04
N ASP J 82 9.93 -97.54 87.43
CA ASP J 82 9.79 -96.25 88.11
C ASP J 82 8.52 -95.58 87.64
N PRO J 83 7.51 -95.45 88.50
CA PRO J 83 6.26 -94.82 88.05
C PRO J 83 6.43 -93.36 87.68
N LEU J 84 7.25 -92.61 88.42
CA LEU J 84 7.51 -91.23 88.06
C LEU J 84 8.22 -91.15 86.71
N LEU J 85 9.12 -92.09 86.43
CA LEU J 85 9.79 -92.11 85.14
C LEU J 85 8.82 -92.44 84.02
N LYS J 86 7.94 -93.42 84.22
CA LYS J 86 6.96 -93.74 83.19
C LYS J 86 6.00 -92.58 82.97
N ALA J 87 5.66 -91.86 84.05
CA ALA J 87 4.78 -90.70 83.92
C ALA J 87 5.47 -89.59 83.14
N MET J 88 6.71 -89.27 83.49
CA MET J 88 7.44 -88.26 82.74
C MET J 88 7.69 -88.71 81.31
N VAL J 89 7.77 -90.02 81.08
CA VAL J 89 8.00 -90.54 79.74
C VAL J 89 6.74 -90.36 78.90
N ASP J 90 5.58 -90.69 79.45
CA ASP J 90 4.33 -90.45 78.74
C ASP J 90 4.11 -88.95 78.54
N ALA J 91 4.55 -88.14 79.49
CA ALA J 91 4.43 -86.69 79.34
C ALA J 91 5.31 -86.19 78.21
N ILE J 92 6.54 -86.70 78.13
CA ILE J 92 7.43 -86.33 77.03
C ILE J 92 6.90 -86.88 75.72
N LEU J 93 6.21 -88.01 75.76
CA LEU J 93 5.60 -88.56 74.55
C LEU J 93 4.47 -87.66 74.06
N TRP J 94 3.65 -87.16 74.98
CA TRP J 94 2.59 -86.22 74.61
C TRP J 94 3.18 -84.91 74.11
N ARG J 95 4.22 -84.41 74.80
CA ARG J 95 4.88 -83.19 74.35
C ARG J 95 5.53 -83.38 72.98
N LEU J 96 6.02 -84.59 72.72
CA LEU J 96 6.64 -84.88 71.43
C LEU J 96 5.58 -84.99 70.35
N LYS J 97 4.42 -85.57 70.64
CA LYS J 97 3.33 -85.57 69.68
C LYS J 97 2.88 -84.14 69.40
N GLU J 98 2.82 -83.31 70.43
CA GLU J 98 2.43 -81.91 70.24
C GLU J 98 3.46 -81.18 69.40
N ALA J 99 4.75 -81.38 69.68
CA ALA J 99 5.79 -80.72 68.89
C ALA J 99 5.83 -81.27 67.46
N ILE J 100 5.46 -82.53 67.28
CA ILE J 100 5.41 -83.11 65.95
C ILE J 100 4.25 -82.53 65.15
N ARG J 101 3.11 -82.34 65.81
CA ARG J 101 1.99 -81.66 65.15
C ARG J 101 2.34 -80.22 64.85
N THR J 102 3.09 -79.57 65.74
CA THR J 102 3.48 -78.18 65.53
C THR J 102 4.43 -78.06 64.35
N PHE J 103 5.47 -78.89 64.31
CA PHE J 103 6.38 -78.90 63.18
C PHE J 103 5.66 -79.28 61.90
N GLN J 104 4.75 -80.24 61.96
CA GLN J 104 3.92 -80.56 60.80
C GLN J 104 3.07 -79.37 60.40
N ASN J 105 2.70 -78.53 61.35
CA ASN J 105 2.06 -77.26 61.06
C ASN J 105 3.07 -76.18 60.68
N GLY J 106 4.33 -76.55 60.47
CA GLY J 106 5.35 -75.57 60.19
C GLY J 106 5.81 -74.79 61.41
N ASP J 107 5.38 -75.20 62.60
CA ASP J 107 5.78 -74.53 63.83
C ASP J 107 6.81 -75.36 64.58
N GLU J 109 9.11 -73.68 63.17
CA GLU J 109 9.23 -72.50 64.01
C GLU J 109 9.51 -72.89 65.47
N GLU J 110 8.46 -72.98 66.27
CA GLU J 110 8.60 -73.38 67.66
C GLU J 110 8.77 -74.89 67.81
N ALA J 111 9.01 -75.60 66.70
CA ALA J 111 9.30 -77.03 66.78
C ALA J 111 10.59 -77.28 67.54
N GLU J 112 11.72 -76.81 67.01
CA GLU J 112 12.97 -76.86 67.75
C GLU J 112 13.05 -75.71 68.75
N THR J 113 12.02 -75.65 69.59
CA THR J 113 11.99 -74.79 70.78
C THR J 113 11.70 -75.58 72.03
N GLN J 114 10.51 -76.17 72.13
CA GLN J 114 10.24 -77.15 73.16
C GLN J 114 10.93 -78.48 72.89
N LEU J 115 10.84 -78.97 71.66
CA LEU J 115 11.58 -80.16 71.28
C LEU J 115 13.08 -79.93 71.38
N ARG J 116 13.53 -78.70 71.15
CA ARG J 116 14.91 -78.34 71.44
C ARG J 116 15.25 -78.68 72.88
N PHE J 117 14.35 -78.37 73.81
CA PHE J 117 14.50 -78.81 75.18
C PHE J 117 13.97 -80.23 75.38
N VAL J 118 12.91 -80.60 74.66
CA VAL J 118 12.39 -81.95 74.79
C VAL J 118 13.39 -82.98 74.29
N LEU J 119 14.27 -82.58 73.36
CA LEU J 119 15.39 -83.45 73.05
C LEU J 119 16.31 -83.61 74.25
N ARG J 120 16.70 -82.49 74.87
CA ARG J 120 17.48 -82.58 76.10
C ARG J 120 16.67 -83.20 77.23
N ALA J 121 15.35 -83.01 77.20
CA ALA J 121 14.50 -83.66 78.19
C ALA J 121 14.57 -85.18 78.05
N ALA J 122 14.42 -85.70 76.83
CA ALA J 122 14.54 -87.13 76.62
C ALA J 122 15.94 -87.61 76.93
N ILE J 123 16.94 -86.76 76.68
CA ILE J 123 18.31 -87.11 77.03
C ILE J 123 18.44 -87.34 78.53
N ALA J 124 18.06 -86.34 79.32
CA ALA J 124 18.16 -86.48 80.77
C ALA J 124 17.24 -87.57 81.29
N VAL J 125 16.13 -87.82 80.59
CA VAL J 125 15.19 -88.85 81.02
C VAL J 125 15.80 -90.23 80.85
N ALA J 126 16.37 -90.50 79.67
CA ALA J 126 17.09 -91.74 79.47
C ALA J 126 18.28 -91.83 80.41
N VAL J 127 18.87 -90.69 80.75
CA VAL J 127 20.01 -90.67 81.68
C VAL J 127 19.58 -91.16 83.05
N VAL J 128 18.49 -90.60 83.58
CA VAL J 128 18.00 -91.03 84.89
C VAL J 128 17.51 -92.46 84.82
N ALA J 129 16.93 -92.86 83.69
CA ALA J 129 16.46 -94.24 83.54
C ALA J 129 17.62 -95.21 83.59
N ALA J 130 18.72 -94.90 82.92
CA ALA J 130 19.89 -95.75 82.98
C ALA J 130 20.50 -95.72 84.38
N ALA J 131 20.49 -94.56 85.03
CA ALA J 131 20.98 -94.48 86.40
C ALA J 131 20.19 -95.39 87.32
N LEU J 132 18.88 -95.51 87.08
CA LEU J 132 18.06 -96.39 87.90
C LEU J 132 18.21 -97.85 87.50
N VAL J 133 18.39 -98.14 86.22
CA VAL J 133 18.46 -99.52 85.76
C VAL J 133 19.81 -100.15 86.10
N LEU J 134 20.89 -99.40 85.94
CA LEU J 134 22.22 -99.87 86.32
C LEU J 134 22.48 -99.75 87.82
N ALA J 135 21.47 -99.33 88.58
CA ALA J 135 21.56 -99.30 90.03
C ALA J 135 21.32 -100.71 90.57
N GLY J 136 21.40 -100.86 91.88
CA GLY J 136 21.24 -102.16 92.52
C GLY J 136 20.59 -102.00 93.86
N THR J 137 21.17 -102.65 94.87
CA THR J 137 20.64 -102.54 96.22
C THR J 137 20.74 -101.10 96.74
N ASP J 138 21.95 -100.58 96.84
CA ASP J 138 22.16 -99.24 97.38
C ASP J 138 22.22 -98.21 96.28
N PRO J 139 21.10 -97.57 95.96
CA PRO J 139 21.16 -96.44 95.03
C PRO J 139 21.98 -95.29 95.60
N GLU J 140 21.69 -94.94 96.85
CA GLU J 140 22.40 -93.92 97.63
C GLU J 140 22.27 -92.52 97.05
N LEU J 141 21.83 -92.37 95.80
CA LEU J 141 21.53 -91.05 95.25
C LEU J 141 20.28 -91.07 94.37
N GLN J 142 19.57 -92.20 94.28
CA GLN J 142 18.32 -92.21 93.53
C GLN J 142 17.33 -91.20 94.08
N GLU J 143 17.37 -90.93 95.39
CA GLU J 143 16.62 -89.80 95.92
C GLU J 143 17.11 -88.50 95.30
N MET J 144 18.42 -88.25 95.36
CA MET J 144 18.99 -87.14 94.62
C MET J 144 18.65 -87.25 93.14
N VAL J 145 18.80 -88.45 92.57
CA VAL J 145 18.38 -88.68 91.19
C VAL J 145 16.88 -88.41 91.04
N GLU J 146 16.08 -88.77 92.04
CA GLU J 146 14.68 -88.37 92.02
C GLU J 146 14.56 -86.86 92.20
N GLN J 147 15.36 -86.30 93.12
CA GLN J 147 15.45 -84.85 93.24
C GLN J 147 15.84 -84.24 91.89
N ILE J 148 16.90 -84.77 91.28
CA ILE J 148 17.23 -84.40 89.91
C ILE J 148 16.03 -84.64 89.01
N LYS J 149 15.39 -85.81 89.14
CA LYS J 149 14.14 -86.05 88.41
C LYS J 149 13.11 -84.97 88.75
N ASP J 150 12.98 -84.65 90.04
CA ASP J 150 12.20 -83.49 90.42
C ASP J 150 12.76 -82.24 89.74
N LEU J 151 14.06 -82.02 89.85
CA LEU J 151 14.70 -80.95 89.08
C LEU J 151 14.45 -81.13 87.60
N LEU J 152 14.37 -82.37 87.12
CA LEU J 152 13.96 -82.62 85.75
C LEU J 152 12.49 -82.27 85.56
N ILE J 153 11.64 -82.73 86.47
CA ILE J 153 10.26 -82.27 86.48
C ILE J 153 10.23 -80.75 86.60
N SER J 154 11.05 -80.21 87.50
CA SER J 154 11.23 -78.77 87.54
C SER J 154 11.76 -78.24 86.22
N ALA J 155 12.72 -78.94 85.61
CA ALA J 155 13.12 -78.60 84.26
C ALA J 155 11.95 -78.78 83.30
N PHE J 156 11.16 -79.83 83.50
CA PHE J 156 9.92 -79.98 82.75
C PHE J 156 9.02 -78.79 82.94
N MET J 157 9.09 -78.14 84.10
CA MET J 157 8.45 -76.85 84.28
C MET J 157 9.35 -75.69 83.86
N ALA J 158 10.67 -75.84 84.00
CA ALA J 158 11.61 -74.79 83.64
C ALA J 158 11.87 -74.75 82.14
N GLY J 159 11.05 -75.44 81.36
CA GLY J 159 11.11 -75.37 79.92
C GLY J 159 9.99 -74.51 79.38
N GLU J 165 12.19 -72.28 79.95
CA GLU J 165 13.38 -71.56 79.51
C GLU J 165 14.52 -71.72 80.49
N LYS J 166 14.18 -71.93 81.76
CA LYS J 166 15.17 -72.06 82.83
C LYS J 166 15.74 -73.47 82.92
N ALA J 167 15.80 -74.19 81.81
CA ALA J 167 16.28 -75.56 81.82
C ALA J 167 17.30 -75.87 80.73
N LEU J 168 17.65 -74.92 79.87
CA LEU J 168 18.60 -75.19 78.80
C LEU J 168 19.95 -75.64 79.34
N THR J 169 20.56 -74.83 80.22
CA THR J 169 21.78 -75.27 80.88
C THR J 169 21.47 -76.22 82.03
N GLN J 170 20.27 -76.12 82.60
CA GLN J 170 19.90 -77.02 83.69
C GLN J 170 19.77 -78.46 83.20
N LEU J 171 19.22 -78.66 82.00
CA LEU J 171 19.16 -80.00 81.44
C LEU J 171 20.55 -80.56 81.20
N LEU J 172 21.46 -79.73 80.70
CA LEU J 172 22.84 -80.17 80.50
C LEU J 172 23.50 -80.52 81.82
N PHE J 173 23.26 -79.70 82.85
CA PHE J 173 23.83 -79.98 84.16
C PHE J 173 23.27 -81.27 84.75
N VAL J 174 21.96 -81.50 84.56
CA VAL J 174 21.35 -82.73 85.06
C VAL J 174 21.90 -83.94 84.33
N ALA J 175 22.10 -83.82 83.02
CA ALA J 175 22.68 -84.92 82.26
C ALA J 175 24.12 -85.17 82.68
N TRP J 176 24.88 -84.12 82.97
CA TRP J 176 26.26 -84.31 83.39
C TRP J 176 26.33 -84.93 84.78
N ALA J 177 25.41 -84.56 85.67
CA ALA J 177 25.35 -85.17 86.98
C ALA J 177 24.93 -86.63 86.89
N ALA J 178 24.00 -86.95 85.99
CA ALA J 178 23.65 -88.34 85.75
C ALA J 178 24.83 -89.12 85.18
N HIS J 179 25.62 -88.49 84.31
CA HIS J 179 26.79 -89.16 83.75
C HIS J 179 27.82 -89.43 84.83
N ALA J 180 28.04 -88.47 85.73
CA ALA J 180 28.90 -88.75 86.88
C ALA J 180 28.30 -89.82 87.77
N VAL J 181 26.97 -89.90 87.83
CA VAL J 181 26.32 -90.97 88.57
C VAL J 181 26.32 -92.26 87.77
N ALA J 182 26.03 -92.18 86.47
CA ALA J 182 25.99 -93.39 85.65
C ALA J 182 27.38 -94.01 85.51
N MET J 183 28.42 -93.18 85.48
CA MET J 183 29.77 -93.72 85.53
C MET J 183 30.02 -94.43 86.86
N ILE J 184 29.64 -93.78 87.97
CA ILE J 184 29.79 -94.41 89.27
C ILE J 184 28.90 -95.64 89.39
N ALA J 185 27.69 -95.57 88.81
CA ALA J 185 26.78 -96.71 88.87
C ALA J 185 27.34 -97.90 88.11
N ALA J 186 27.89 -97.66 86.91
CA ALA J 186 28.48 -98.76 86.14
C ALA J 186 29.75 -99.27 86.81
N ALA J 187 30.49 -98.39 87.48
CA ALA J 187 31.68 -98.83 88.19
C ALA J 187 31.32 -99.74 89.37
N ALA J 188 30.32 -99.35 90.14
CA ALA J 188 29.89 -100.18 91.26
C ALA J 188 29.18 -101.44 90.78
N ASN J 189 28.61 -101.40 89.57
CA ASN J 189 27.90 -102.57 89.05
C ASN J 189 28.86 -103.72 88.77
N LEU J 190 29.98 -103.46 88.12
CA LEU J 190 30.98 -104.48 87.84
C LEU J 190 31.95 -104.66 89.00
N ALA J 191 31.70 -104.01 90.13
CA ALA J 191 32.54 -104.12 91.32
C ALA J 191 31.88 -105.04 92.33
N GLY J 192 32.70 -105.76 93.08
CA GLY J 192 32.22 -106.67 94.11
C GLY J 192 32.42 -106.12 95.51
N PRO J 195 36.83 -103.33 96.07
CA PRO J 195 36.04 -102.10 96.22
C PRO J 195 36.83 -100.85 95.86
N ARG J 196 37.93 -101.04 95.14
CA ARG J 196 38.73 -99.90 94.69
C ARG J 196 37.93 -98.99 93.77
N LEU J 197 37.15 -99.58 92.87
CA LEU J 197 36.29 -98.79 92.00
C LEU J 197 35.22 -98.06 92.81
N GLN J 198 34.70 -98.71 93.84
CA GLN J 198 33.69 -98.06 94.69
C GLN J 198 34.30 -96.90 95.46
N GLN J 199 35.52 -97.05 95.96
CA GLN J 199 36.17 -95.96 96.67
C GLN J 199 36.56 -94.82 95.74
N GLN J 200 36.95 -95.14 94.51
CA GLN J 200 37.27 -94.10 93.54
C GLN J 200 36.02 -93.34 93.12
N VAL J 201 34.90 -94.05 92.96
CA VAL J 201 33.64 -93.40 92.63
C VAL J 201 33.04 -92.67 93.82
N LYS J 202 33.43 -93.03 95.05
CA LYS J 202 32.90 -92.35 96.22
C LYS J 202 33.50 -90.94 96.35
N GLU J 203 34.66 -90.71 95.75
CA GLU J 203 35.27 -89.39 95.76
C GLU J 203 34.79 -88.50 94.62
N ILE J 204 34.49 -89.08 93.47
CA ILE J 204 33.89 -88.30 92.38
C ILE J 204 32.44 -88.01 92.69
N LEU J 205 31.75 -88.97 93.33
CA LEU J 205 30.37 -88.72 93.75
C LEU J 205 30.31 -87.65 94.84
N GLU J 206 31.37 -87.54 95.65
CA GLU J 206 31.41 -86.48 96.66
C GLU J 206 31.41 -85.10 96.01
N LYS J 207 32.30 -84.88 95.04
CA LYS J 207 32.32 -83.60 94.33
C LYS J 207 31.05 -83.41 93.52
N LEU J 208 30.47 -84.51 93.01
CA LEU J 208 29.23 -84.41 92.27
C LEU J 208 28.09 -83.92 93.16
N LYS J 209 27.95 -84.47 94.36
CA LYS J 209 26.91 -84.03 95.28
C LYS J 209 27.19 -82.62 95.77
N GLU J 210 28.47 -82.27 95.96
CA GLU J 210 28.80 -80.91 96.35
C GLU J 210 28.39 -79.91 95.28
N ALA J 211 28.66 -80.22 94.01
CA ALA J 211 28.24 -79.35 92.93
C ALA J 211 26.73 -79.33 92.77
N ILE J 212 26.06 -80.47 93.00
CA ILE J 212 24.61 -80.51 92.89
C ILE J 212 23.97 -79.62 93.95
N GLU J 213 24.48 -79.68 95.17
CA GLU J 213 24.05 -78.73 96.19
C GLU J 213 24.39 -77.30 95.76
N THR J 214 25.56 -77.10 95.14
CA THR J 214 25.88 -75.79 94.58
C THR J 214 25.00 -75.47 93.39
N PHE J 215 24.75 -76.45 92.52
CA PHE J 215 23.80 -76.25 91.43
C PHE J 215 22.39 -76.01 91.94
N GLN J 216 22.05 -76.58 93.09
CA GLN J 216 20.83 -76.26 93.80
C GLN J 216 20.99 -75.03 94.68
N LYS J 217 22.17 -74.42 94.67
CA LYS J 217 22.42 -73.17 95.37
C LYS J 217 22.49 -72.00 94.40
N GLY J 218 22.00 -72.19 93.17
CA GLY J 218 21.96 -71.12 92.20
C GLY J 218 23.31 -70.86 91.57
N ASP J 219 24.20 -71.85 91.61
CA ASP J 219 25.52 -71.73 91.02
C ASP J 219 25.47 -72.35 89.63
N GLU J 220 25.64 -71.52 88.60
CA GLU J 220 25.46 -71.96 87.22
C GLU J 220 26.78 -72.32 86.55
N GLU J 221 27.82 -71.51 86.72
CA GLU J 221 29.10 -71.83 86.11
C GLU J 221 29.97 -72.67 87.04
N GLN J 222 30.05 -72.29 88.32
CA GLN J 222 30.92 -73.00 89.24
C GLN J 222 30.44 -74.42 89.50
N ALA J 223 29.14 -74.59 89.75
CA ALA J 223 28.62 -75.92 90.01
C ALA J 223 28.66 -76.80 88.77
N PHE J 224 28.37 -76.22 87.60
CA PHE J 224 28.48 -76.98 86.36
C PHE J 224 29.91 -77.44 86.13
N ARG J 225 30.88 -76.55 86.40
CA ARG J 225 32.28 -76.91 86.24
C ARG J 225 32.68 -78.00 87.22
N GLN J 226 32.25 -77.89 88.48
CA GLN J 226 32.60 -78.90 89.46
C GLN J 226 31.98 -80.26 89.12
N LEU J 227 30.73 -80.27 88.66
CA LEU J 227 30.10 -81.53 88.27
C LEU J 227 30.76 -82.12 87.04
N ALA J 228 31.14 -81.28 86.07
CA ALA J 228 31.82 -81.77 84.88
C ALA J 228 33.18 -82.34 85.21
N GLU J 229 33.90 -81.70 86.14
CA GLU J 229 35.20 -82.22 86.54
C GLU J 229 35.06 -83.51 87.32
N VAL J 230 34.02 -83.60 88.16
CA VAL J 230 33.77 -84.83 88.90
C VAL J 230 33.43 -85.97 87.93
N LEU J 231 32.62 -85.67 86.91
CA LEU J 231 32.31 -86.68 85.89
C LEU J 231 33.55 -87.09 85.11
N ALA J 232 34.44 -86.14 84.80
CA ALA J 232 35.65 -86.47 84.07
C ALA J 232 36.58 -87.34 84.92
N GLU J 233 36.73 -87.01 86.20
CA GLU J 233 37.54 -87.84 87.09
C GLU J 233 36.93 -89.22 87.26
N ALA J 234 35.60 -89.29 87.33
CA ALA J 234 34.92 -90.57 87.42
C ALA J 234 35.16 -91.41 86.17
N ALA J 235 35.11 -90.78 84.99
CA ALA J 235 35.38 -91.50 83.76
C ALA J 235 36.83 -91.93 83.68
N LEU J 236 37.75 -91.13 84.22
CA LEU J 236 39.15 -91.54 84.24
C LEU J 236 39.37 -92.72 85.18
N VAL J 237 38.69 -92.74 86.32
CA VAL J 237 38.81 -93.89 87.22
C VAL J 237 38.10 -95.10 86.65
N ALA J 238 37.05 -94.88 85.85
CA ALA J 238 36.36 -95.99 85.22
C ALA J 238 37.23 -96.68 84.18
N LEU J 239 38.16 -95.94 83.59
CA LEU J 239 39.11 -96.56 82.66
C LEU J 239 39.92 -97.65 83.34
N ARG J 240 40.28 -97.45 84.61
CA ARG J 240 40.98 -98.50 85.34
C ARG J 240 40.02 -99.50 85.97
N ALA J 241 38.82 -99.06 86.34
CA ALA J 241 37.85 -99.98 86.93
C ALA J 241 37.35 -100.99 85.91
N ALA J 242 37.38 -100.64 84.63
CA ALA J 242 36.95 -101.57 83.59
C ALA J 242 37.93 -102.72 83.41
N LEU J 243 39.17 -102.56 83.84
CA LEU J 243 40.16 -103.63 83.82
C LEU J 243 40.37 -104.25 85.18
N THR J 244 39.65 -103.80 86.20
CA THR J 244 39.77 -104.33 87.55
C THR J 244 38.97 -105.61 87.77
N ASN J 245 38.23 -106.07 86.75
CA ASN J 245 37.44 -107.29 86.88
C ASN J 245 37.76 -108.27 85.75
N GLU K 4 57.56 57.16 65.20
CA GLU K 4 56.41 56.37 64.77
C GLU K 4 55.55 55.98 65.97
N PHE K 5 54.73 54.94 65.79
CA PHE K 5 53.81 54.50 66.83
C PHE K 5 54.51 53.92 68.05
N LYS K 6 55.78 53.54 67.93
CA LYS K 6 56.58 53.18 69.08
C LYS K 6 57.93 53.88 69.06
N PHE K 7 58.23 54.63 68.00
CA PHE K 7 59.47 55.39 67.92
C PHE K 7 59.27 56.88 68.18
N LEU K 8 58.04 57.36 68.24
CA LEU K 8 57.74 58.70 68.72
C LEU K 8 56.93 58.62 70.01
N ALA K 9 56.74 57.41 70.52
CA ALA K 9 56.11 57.19 71.81
C ALA K 9 57.14 57.12 72.93
N THR K 10 58.42 56.94 72.59
CA THR K 10 59.47 57.18 73.57
C THR K 10 59.56 58.67 73.90
N GLU K 11 59.32 59.52 72.91
CA GLU K 11 59.15 60.94 73.18
C GLU K 11 57.93 61.19 74.04
N ALA K 12 56.83 60.48 73.77
CA ALA K 12 55.69 60.55 74.66
C ALA K 12 56.02 60.02 76.05
N LYS K 13 56.91 59.04 76.12
CA LYS K 13 57.34 58.51 77.41
C LYS K 13 58.16 59.52 78.20
N MET K 14 59.06 60.24 77.53
CA MET K 14 59.76 61.35 78.19
C MET K 14 58.78 62.44 78.59
N LEU K 15 57.76 62.68 77.76
CA LEU K 15 56.73 63.63 78.14
C LEU K 15 55.96 63.15 79.37
N ILE K 16 55.68 61.85 79.43
CA ILE K 16 54.97 61.31 80.60
C ILE K 16 55.83 61.42 81.84
N THR K 17 57.14 61.20 81.70
CA THR K 17 58.05 61.32 82.82
C THR K 17 58.15 62.77 83.29
N ALA K 18 58.16 63.72 82.35
CA ALA K 18 58.16 65.12 82.72
C ALA K 18 56.87 65.50 83.45
N ALA K 19 55.72 65.11 82.90
CA ALA K 19 54.44 65.48 83.50
C ALA K 19 54.26 64.84 84.86
N GLU K 20 54.71 63.59 85.04
CA GLU K 20 54.61 62.94 86.35
C GLU K 20 55.46 63.66 87.38
N ARG K 21 56.56 64.27 86.95
CA ARG K 21 57.41 65.05 87.82
C ARG K 21 57.05 66.53 87.85
N LEU K 22 56.13 66.97 87.00
CA LEU K 22 55.71 68.38 86.95
C LEU K 22 54.27 68.59 87.37
N ALA K 23 53.52 67.52 87.62
CA ALA K 23 52.13 67.61 88.10
C ALA K 23 52.09 66.91 89.46
N GLY K 24 52.64 67.59 90.46
CA GLY K 24 52.61 67.07 91.82
C GLY K 24 51.40 67.46 92.63
N THR K 25 50.54 68.31 92.07
CA THR K 25 49.27 68.68 92.66
C THR K 25 48.19 68.43 91.62
N ASP K 26 46.96 68.85 91.94
CA ASP K 26 45.81 68.59 91.07
C ASP K 26 45.72 67.11 90.75
N PRO K 27 45.30 66.28 91.71
CA PRO K 27 45.18 64.84 91.44
C PRO K 27 44.40 64.50 90.18
N ARG K 28 43.61 65.44 89.64
CA ARG K 28 43.06 65.24 88.31
C ARG K 28 44.16 65.13 87.27
N LEU K 29 45.25 65.90 87.45
CA LEU K 29 46.37 65.81 86.53
C LEU K 29 47.07 64.45 86.64
N GLN K 30 47.25 63.97 87.88
CA GLN K 30 47.85 62.65 88.05
C GLN K 30 46.96 61.56 87.47
N GLU K 31 45.65 61.71 87.64
CA GLU K 31 44.72 60.72 87.08
C GLU K 31 44.73 60.74 85.56
N MET K 32 44.81 61.95 84.96
CA MET K 32 44.91 62.04 83.51
C MET K 32 46.22 61.46 83.02
N VAL K 33 47.31 61.67 83.75
CA VAL K 33 48.60 61.10 83.38
C VAL K 33 48.53 59.57 83.47
N ALA K 34 47.81 59.05 84.45
CA ALA K 34 47.66 57.61 84.58
C ALA K 34 46.80 57.05 83.46
N LEU K 35 45.72 57.74 83.11
CA LEU K 35 44.89 57.28 82.00
C LEU K 35 45.63 57.37 80.68
N ILE K 36 46.55 58.33 80.54
CA ILE K 36 47.34 58.44 79.33
C ILE K 36 48.37 57.32 79.27
N LYS K 37 49.06 57.05 80.39
CA LYS K 37 49.99 55.93 80.46
C LYS K 37 49.29 54.61 80.19
N LYS K 38 48.06 54.45 80.67
CA LYS K 38 47.27 53.29 80.30
C LYS K 38 46.90 53.33 78.83
N GLU K 39 46.51 54.51 78.34
CA GLU K 39 46.34 54.68 76.90
C GLU K 39 47.67 54.52 76.17
N LEU K 40 48.77 55.01 76.75
CA LEU K 40 50.08 54.69 76.21
C LEU K 40 50.36 53.19 76.27
N GLU K 41 49.99 52.55 77.37
CA GLU K 41 50.14 51.09 77.47
C GLU K 41 49.24 50.39 76.45
N GLN K 42 48.02 50.89 76.27
CA GLN K 42 47.12 50.28 75.30
C GLN K 42 47.65 50.42 73.88
N ALA K 43 48.24 51.57 73.55
CA ALA K 43 48.82 51.75 72.22
C ALA K 43 50.07 50.89 72.04
N GLU K 44 50.93 50.83 73.07
CA GLU K 44 52.12 49.98 73.00
C GLU K 44 51.75 48.52 72.85
N ARG K 45 50.66 48.09 73.50
CA ARG K 45 50.15 46.74 73.28
C ARG K 45 49.63 46.58 71.86
N THR K 46 48.87 47.55 71.38
CA THR K 46 48.46 47.56 69.98
C THR K 46 49.66 47.74 69.06
N PHE K 47 50.68 48.47 69.50
CA PHE K 47 51.93 48.51 68.75
C PHE K 47 52.63 47.17 68.80
N ARG K 48 52.47 46.43 69.90
CA ARG K 48 52.94 45.06 69.97
C ARG K 48 51.94 44.08 69.35
N ASN K 49 50.68 44.50 69.19
CA ASN K 49 49.68 43.68 68.54
C ASN K 49 49.66 44.01 67.05
N GLY K 50 48.76 43.37 66.31
CA GLY K 50 48.62 43.63 64.89
C GLY K 50 47.82 44.88 64.60
N ASP K 51 47.40 45.57 65.66
CA ASP K 51 46.64 46.81 65.55
C ASP K 51 47.65 47.95 65.51
N LYS K 52 48.44 47.98 64.44
CA LYS K 52 49.49 48.99 64.28
C LYS K 52 48.93 50.35 63.91
N SER K 53 47.90 50.40 63.05
CA SER K 53 47.26 51.66 62.73
C SER K 53 46.47 52.18 63.92
N GLU K 54 45.77 51.30 64.63
CA GLU K 54 45.11 51.70 65.87
C GLU K 54 46.13 52.12 66.91
N ALA K 55 47.28 51.45 66.95
CA ALA K 55 48.35 51.87 67.84
C ALA K 55 48.82 53.27 67.51
N GLN K 56 49.02 53.55 66.22
CA GLN K 56 49.47 54.88 65.80
C GLN K 56 48.44 55.94 66.14
N ARG K 57 47.16 55.64 65.93
CA ARG K 57 46.11 56.60 66.25
C ARG K 57 46.04 56.88 67.75
N GLN K 58 46.05 55.81 68.56
CA GLN K 58 46.00 55.99 70.01
C GLN K 58 47.26 56.71 70.51
N LEU K 59 48.42 56.43 69.90
CA LEU K 59 49.64 57.08 70.30
C LEU K 59 49.63 58.56 69.91
N GLU K 60 49.07 58.88 68.75
CA GLU K 60 48.95 60.28 68.37
C GLU K 60 47.99 61.03 69.28
N PHE K 61 46.88 60.39 69.65
CA PHE K 61 45.97 61.01 70.61
C PHE K 61 46.63 61.20 71.96
N VAL K 62 47.34 60.17 72.44
CA VAL K 62 47.99 60.25 73.74
C VAL K 62 49.15 61.23 73.72
N LEU K 63 49.73 61.48 72.54
CA LEU K 63 50.79 62.46 72.44
C LEU K 63 50.25 63.86 72.69
N THR K 64 49.15 64.21 72.02
CA THR K 64 48.48 65.47 72.30
C THR K 64 47.99 65.51 73.74
N ALA K 65 47.56 64.38 74.27
CA ALA K 65 47.10 64.32 75.65
C ALA K 65 48.23 64.65 76.61
N ALA K 66 49.40 64.04 76.41
CA ALA K 66 50.55 64.29 77.26
C ALA K 66 51.05 65.71 77.08
N ARG K 67 50.98 66.25 75.86
CA ARG K 67 51.39 67.63 75.64
C ARG K 67 50.49 68.59 76.39
N ALA K 68 49.19 68.41 76.28
CA ALA K 68 48.25 69.27 77.00
C ALA K 68 48.37 69.05 78.50
N VAL K 69 48.71 67.84 78.93
CA VAL K 69 48.86 67.57 80.35
C VAL K 69 50.10 68.26 80.89
N MET K 70 51.19 68.27 80.11
CA MET K 70 52.36 69.04 80.49
C MET K 70 52.05 70.52 80.51
N ASN K 71 51.24 71.00 79.55
CA ASN K 71 50.80 72.39 79.58
C ASN K 71 50.04 72.70 80.86
N VAL K 72 49.16 71.79 81.27
CA VAL K 72 48.36 72.01 82.47
C VAL K 72 49.24 71.95 83.72
N ALA K 73 50.22 71.05 83.73
CA ALA K 73 51.12 70.96 84.88
C ALA K 73 51.99 72.19 85.00
N ALA K 74 52.52 72.68 83.87
CA ALA K 74 53.31 73.90 83.89
C ALA K 74 52.46 75.10 84.25
N ALA K 75 51.19 75.09 83.83
CA ALA K 75 50.27 76.15 84.25
C ALA K 75 50.05 76.13 85.75
N ALA K 76 49.74 74.95 86.30
CA ALA K 76 49.55 74.82 87.75
C ALA K 76 50.81 75.23 88.51
N ASN K 77 51.98 74.93 87.95
CA ASN K 77 53.22 75.39 88.56
C ASN K 77 53.43 76.89 88.38
N ALA K 78 52.81 77.49 87.37
CA ALA K 78 52.96 78.91 87.09
C ALA K 78 51.71 79.71 87.43
N ALA K 79 50.65 79.06 87.93
CA ALA K 79 49.43 79.74 88.30
C ALA K 79 48.91 79.23 89.63
N GLY K 80 49.82 79.04 90.59
CA GLY K 80 49.42 78.62 91.91
C GLY K 80 48.76 79.69 92.74
N THR K 81 48.56 80.90 92.19
CA THR K 81 48.00 82.00 92.93
C THR K 81 46.83 82.69 92.23
N ASP K 82 46.46 82.25 91.02
CA ASP K 82 45.35 82.86 90.29
C ASP K 82 44.12 81.98 90.39
N PRO K 83 43.08 82.42 91.10
CA PRO K 83 41.90 81.57 91.23
C PRO K 83 41.19 81.33 89.91
N LEU K 84 41.12 82.34 89.04
CA LEU K 84 40.52 82.14 87.72
C LEU K 84 41.33 81.14 86.91
N LEU K 85 42.66 81.18 87.05
CA LEU K 85 43.51 80.23 86.34
C LEU K 85 43.30 78.81 86.87
N LYS K 86 43.23 78.66 88.20
CA LYS K 86 42.99 77.34 88.76
C LYS K 86 41.62 76.82 88.36
N ALA K 87 40.63 77.70 88.28
CA ALA K 87 39.30 77.31 87.87
C ALA K 87 39.29 76.86 86.42
N MET K 88 39.89 77.65 85.52
CA MET K 88 39.98 77.24 84.13
C MET K 88 40.82 75.98 83.98
N VAL K 89 41.78 75.78 84.88
CA VAL K 89 42.62 74.58 84.82
C VAL K 89 41.82 73.35 85.20
N ASP K 90 41.03 73.45 86.27
CA ASP K 90 40.16 72.33 86.63
C ASP K 90 39.11 72.10 85.55
N ALA K 91 38.66 73.18 84.91
CA ALA K 91 37.69 73.04 83.82
C ALA K 91 38.32 72.32 82.63
N ILE K 92 39.54 72.67 82.29
CA ILE K 92 40.25 71.98 81.21
C ILE K 92 40.55 70.56 81.61
N LEU K 93 40.77 70.31 82.90
CA LEU K 93 40.98 68.94 83.37
C LEU K 93 39.71 68.11 83.21
N TRP K 94 38.56 68.68 83.54
CA TRP K 94 37.30 67.98 83.34
C TRP K 94 37.03 67.77 81.86
N ARG K 95 37.29 68.79 81.04
CA ARG K 95 37.10 68.66 79.60
C ARG K 95 38.06 67.62 79.03
N LEU K 96 39.25 67.51 79.61
CA LEU K 96 40.22 66.52 79.15
C LEU K 96 39.81 65.13 79.56
N LYS K 97 39.26 64.97 80.77
CA LYS K 97 38.71 63.67 81.16
C LYS K 97 37.55 63.29 80.26
N GLU K 98 36.71 64.26 79.90
CA GLU K 98 35.59 63.98 79.00
C GLU K 98 36.10 63.58 77.62
N ALA K 99 37.09 64.31 77.10
CA ALA K 99 37.63 63.97 75.79
C ALA K 99 38.38 62.65 75.82
N ILE K 100 38.96 62.31 76.97
CA ILE K 100 39.65 61.03 77.10
C ILE K 100 38.65 59.89 77.14
N ARG K 101 37.52 60.08 77.82
CA ARG K 101 36.45 59.09 77.78
C ARG K 101 35.86 58.98 76.39
N THR K 102 35.76 60.10 75.68
CA THR K 102 35.22 60.08 74.32
C THR K 102 36.14 59.33 73.37
N PHE K 103 37.44 59.65 73.40
CA PHE K 103 38.41 58.93 72.59
C PHE K 103 38.46 57.46 72.98
N GLN K 104 38.39 57.16 74.27
CA GLN K 104 38.30 55.77 74.70
C GLN K 104 37.03 55.12 74.19
N ASN K 105 35.97 55.90 74.00
CA ASN K 105 34.79 55.44 73.31
C ASN K 105 34.93 55.48 71.79
N GLY K 106 36.13 55.73 71.29
CA GLY K 106 36.32 55.87 69.86
C GLY K 106 35.84 57.19 69.30
N ASP K 107 35.49 58.13 70.17
CA ASP K 107 35.01 59.44 69.74
C ASP K 107 36.09 60.49 69.96
N GLU K 109 37.06 60.07 66.97
CA GLU K 109 36.17 60.93 66.20
C GLU K 109 36.25 62.37 66.70
N GLU K 110 35.33 62.75 67.58
CA GLU K 110 35.33 64.07 68.18
C GLU K 110 36.37 64.22 69.28
N ALA K 111 37.29 63.26 69.40
CA ALA K 111 38.39 63.39 70.35
C ALA K 111 39.28 64.58 69.98
N GLU K 112 39.93 64.50 68.82
CA GLU K 112 40.69 65.64 68.33
C GLU K 112 39.75 66.63 67.65
N THR K 113 38.74 67.06 68.40
CA THR K 113 37.86 68.17 68.07
C THR K 113 37.82 69.21 69.16
N GLN K 114 37.31 68.84 70.34
CA GLN K 114 37.47 69.69 71.52
C GLN K 114 38.88 69.64 72.06
N LEU K 115 39.45 68.44 72.17
CA LEU K 115 40.84 68.34 72.57
C LEU K 115 41.76 68.96 71.54
N ARG K 116 41.36 68.95 70.27
CA ARG K 116 42.06 69.74 69.27
C ARG K 116 42.15 71.20 69.70
N PHE K 117 41.05 71.73 70.21
CA PHE K 117 41.09 73.05 70.82
C PHE K 117 41.54 73.01 72.26
N VAL K 118 41.21 71.94 72.99
CA VAL K 118 41.65 71.84 74.37
C VAL K 118 43.15 71.69 74.45
N LEU K 119 43.79 71.17 73.39
CA LEU K 119 45.24 71.25 73.33
C LEU K 119 45.69 72.71 73.22
N ARG K 120 45.10 73.46 72.29
CA ARG K 120 45.40 74.88 72.21
C ARG K 120 44.91 75.61 73.45
N ALA K 121 43.84 75.11 74.07
CA ALA K 121 43.37 75.72 75.32
C ALA K 121 44.42 75.57 76.41
N ALA K 122 44.96 74.37 76.59
CA ALA K 122 46.02 74.17 77.57
C ALA K 122 47.26 74.95 77.20
N ILE K 123 47.52 75.11 75.90
CA ILE K 123 48.64 75.91 75.46
C ILE K 123 48.49 77.35 75.94
N ALA K 124 47.37 77.98 75.59
CA ALA K 124 47.15 79.37 76.00
C ALA K 124 47.03 79.48 77.52
N VAL K 125 46.57 78.41 78.18
CA VAL K 125 46.44 78.44 79.63
C VAL K 125 47.80 78.46 80.29
N ALA K 126 48.69 77.57 79.87
CA ALA K 126 50.06 77.61 80.37
C ALA K 126 50.73 78.92 79.97
N VAL K 127 50.34 79.48 78.83
CA VAL K 127 50.91 80.75 78.39
C VAL K 127 50.55 81.86 79.36
N VAL K 128 49.26 81.98 79.70
CA VAL K 128 48.84 83.00 80.64
C VAL K 128 49.41 82.72 82.02
N ALA K 129 49.54 81.44 82.39
CA ALA K 129 50.11 81.10 83.68
C ALA K 129 51.56 81.53 83.77
N ALA K 130 52.33 81.31 82.71
CA ALA K 130 53.71 81.77 82.70
C ALA K 130 53.77 83.29 82.68
N ALA K 131 52.85 83.93 81.96
CA ALA K 131 52.81 85.39 81.95
C ALA K 131 52.56 85.93 83.35
N LEU K 132 51.76 85.22 84.15
CA LEU K 132 51.50 85.67 85.51
C LEU K 132 52.64 85.32 86.46
N VAL K 133 53.29 84.16 86.24
CA VAL K 133 54.34 83.73 87.15
C VAL K 133 55.62 84.52 86.93
N LEU K 134 55.98 84.79 85.68
CA LEU K 134 57.14 85.61 85.37
C LEU K 134 56.86 87.09 85.50
N ALA K 135 55.67 87.45 85.95
CA ALA K 135 55.33 88.84 86.25
C ALA K 135 55.90 89.21 87.61
N GLY K 136 55.72 90.46 88.01
CA GLY K 136 56.26 90.95 89.27
C GLY K 136 55.34 91.97 89.87
N THR K 137 55.90 93.10 90.28
CA THR K 137 55.09 94.17 90.84
C THR K 137 54.11 94.73 89.81
N ASP K 138 54.64 95.28 88.73
CA ASP K 138 53.80 95.91 87.71
C ASP K 138 53.47 94.93 86.61
N PRO K 139 52.34 94.24 86.68
CA PRO K 139 51.90 93.42 85.54
C PRO K 139 51.62 94.29 84.32
N GLU K 140 50.86 95.36 84.52
CA GLU K 140 50.52 96.38 83.53
C GLU K 140 49.69 95.83 82.37
N LEU K 141 49.60 94.51 82.21
CA LEU K 141 48.68 93.94 81.23
C LEU K 141 48.04 92.66 81.74
N GLN K 142 48.25 92.29 83.01
CA GLN K 142 47.55 91.13 83.56
C GLN K 142 46.04 91.31 83.49
N GLU K 143 45.56 92.55 83.59
CA GLU K 143 44.16 92.81 83.29
C GLU K 143 43.85 92.45 81.85
N MET K 144 44.62 92.99 80.92
CA MET K 144 44.53 92.54 79.53
C MET K 144 44.74 91.03 79.44
N VAL K 145 45.76 90.52 80.13
CA VAL K 145 45.96 89.08 80.21
C VAL K 145 44.75 88.39 80.83
N GLU K 146 44.14 89.03 81.84
CA GLU K 146 42.87 88.51 82.33
C GLU K 146 41.77 88.69 81.28
N GLN K 147 41.75 89.85 80.62
CA GLN K 147 40.87 90.03 79.48
C GLN K 147 41.12 88.95 78.45
N ILE K 148 42.38 88.75 78.08
CA ILE K 148 42.75 87.60 77.26
C ILE K 148 42.27 86.32 77.92
N LYS K 149 42.51 86.17 79.22
CA LYS K 149 41.95 85.04 79.96
C LYS K 149 40.43 85.00 79.81
N ASP K 150 39.79 86.16 79.96
CA ASP K 150 38.39 86.27 79.61
C ASP K 150 38.17 85.87 78.16
N LEU K 151 38.95 86.47 77.25
CA LEU K 151 38.93 86.01 75.86
C LEU K 151 39.26 84.54 75.76
N LEU K 152 40.11 84.03 76.65
CA LEU K 152 40.33 82.58 76.74
C LEU K 152 39.10 81.89 77.27
N ILE K 153 38.53 82.41 78.36
CA ILE K 153 37.23 81.93 78.82
C ILE K 153 36.22 82.08 77.69
N SER K 154 36.23 83.23 77.03
CA SER K 154 35.43 83.38 75.80
C SER K 154 35.83 82.35 74.76
N ALA K 155 37.14 82.12 74.59
CA ALA K 155 37.56 81.02 73.75
C ALA K 155 37.09 79.69 74.33
N PHE K 156 37.12 79.56 75.66
CA PHE K 156 36.52 78.40 76.31
C PHE K 156 35.04 78.29 75.96
N MET K 157 34.39 79.42 75.70
CA MET K 157 33.05 79.40 75.13
C MET K 157 33.08 79.37 73.61
N ALA K 158 34.10 79.97 72.99
CA ALA K 158 34.21 80.00 71.54
C ALA K 158 34.76 78.70 70.97
N GLY K 159 34.81 77.66 71.80
CA GLY K 159 35.19 76.34 71.34
C GLY K 159 33.97 75.46 71.19
N GLU K 165 34.00 76.86 68.32
CA GLU K 165 34.52 76.89 66.97
C GLU K 165 35.20 78.23 66.67
N LYS K 166 34.74 79.28 67.35
CA LYS K 166 35.26 80.62 67.15
C LYS K 166 36.55 80.87 67.92
N ALA K 167 37.35 79.83 68.17
CA ALA K 167 38.56 79.99 68.95
C ALA K 167 39.78 79.33 68.32
N LEU K 168 39.65 78.69 67.15
CA LEU K 168 40.80 78.02 66.55
C LEU K 168 41.92 79.01 66.24
N THR K 169 41.62 80.07 65.48
CA THR K 169 42.61 81.12 65.27
C THR K 169 42.69 82.04 66.47
N GLN K 170 41.61 82.14 67.25
CA GLN K 170 41.63 83.00 68.43
C GLN K 170 42.58 82.45 69.49
N LEU K 171 42.62 81.12 69.66
CA LEU K 171 43.58 80.54 70.59
C LEU K 171 45.00 80.81 70.15
N LEU K 172 45.27 80.69 68.84
CA LEU K 172 46.60 81.00 68.33
C LEU K 172 46.95 82.46 68.55
N PHE K 173 45.99 83.35 68.33
CA PHE K 173 46.24 84.78 68.54
C PHE K 173 46.49 85.08 70.01
N VAL K 174 45.74 84.43 70.91
CA VAL K 174 45.95 84.64 72.34
C VAL K 174 47.32 84.12 72.76
N ALA K 175 47.72 82.96 72.22
CA ALA K 175 49.04 82.43 72.54
C ALA K 175 50.14 83.34 72.00
N TRP K 176 49.95 83.92 70.81
CA TRP K 176 50.96 84.82 70.26
C TRP K 176 51.04 86.12 71.06
N ALA K 177 49.89 86.61 71.52
CA ALA K 177 49.91 87.80 72.37
C ALA K 177 50.55 87.52 73.72
N ALA K 178 50.31 86.32 74.27
CA ALA K 178 51.00 85.94 75.49
C ALA K 178 52.50 85.82 75.26
N HIS K 179 52.91 85.31 74.10
CA HIS K 179 54.32 85.20 73.78
C HIS K 179 54.97 86.57 73.66
N ALA K 180 54.29 87.52 73.03
CA ALA K 180 54.77 88.89 73.03
C ALA K 180 54.78 89.47 74.43
N VAL K 181 53.85 89.03 75.28
CA VAL K 181 53.87 89.46 76.67
C VAL K 181 54.90 88.67 77.46
N ALA K 182 54.98 87.35 77.25
CA ALA K 182 55.93 86.54 77.99
C ALA K 182 57.37 86.90 77.63
N MET K 183 57.60 87.27 76.37
CA MET K 183 58.93 87.80 76.01
C MET K 183 59.20 89.10 76.75
N ILE K 184 58.23 90.02 76.75
CA ILE K 184 58.39 91.27 77.48
C ILE K 184 58.49 91.02 78.98
N ALA K 185 57.72 90.05 79.49
CA ALA K 185 57.77 89.73 80.90
C ALA K 185 59.14 89.19 81.31
N ALA K 186 59.69 88.28 80.50
CA ALA K 186 61.03 87.75 80.80
C ALA K 186 62.10 88.81 80.63
N ALA K 187 61.90 89.74 79.69
CA ALA K 187 62.86 90.82 79.52
C ALA K 187 62.86 91.75 80.72
N ALA K 188 61.68 92.13 81.20
CA ALA K 188 61.61 92.98 82.38
C ALA K 188 62.02 92.24 83.64
N ASN K 189 61.91 90.91 83.63
CA ASN K 189 62.27 90.13 84.81
C ASN K 189 63.77 90.18 85.08
N LEU K 190 64.59 89.99 84.05
CA LEU K 190 66.03 90.07 84.19
C LEU K 190 66.55 91.50 84.05
N ALA K 191 65.65 92.48 83.99
CA ALA K 191 66.02 93.88 83.88
C ALA K 191 65.87 94.56 85.24
N GLY K 192 66.72 95.53 85.50
CA GLY K 192 66.67 96.28 86.74
C GLY K 192 66.11 97.68 86.55
N PRO K 195 67.37 99.89 81.96
CA PRO K 195 65.98 99.78 81.52
C PRO K 195 65.86 99.77 80.01
N ARG K 196 66.97 99.49 79.31
CA ARG K 196 66.94 99.40 77.86
C ARG K 196 66.03 98.28 77.40
N LEU K 197 66.08 97.13 78.07
CA LEU K 197 65.18 96.04 77.75
C LEU K 197 63.72 96.42 78.01
N GLN K 198 63.48 97.18 79.08
CA GLN K 198 62.13 97.62 79.39
C GLN K 198 61.61 98.59 78.33
N GLN K 199 62.47 99.50 77.86
CA GLN K 199 62.06 100.43 76.82
C GLN K 199 61.87 99.74 75.48
N GLN K 200 62.68 98.73 75.19
CA GLN K 200 62.50 97.97 73.94
C GLN K 200 61.23 97.15 73.98
N VAL K 201 60.91 96.57 75.15
CA VAL K 201 59.66 95.83 75.30
C VAL K 201 58.45 96.73 75.39
N LYS K 202 58.64 98.00 75.76
CA LYS K 202 57.51 98.94 75.82
C LYS K 202 57.02 99.30 74.43
N GLU K 203 57.87 99.18 73.42
CA GLU K 203 57.47 99.45 72.04
C GLU K 203 56.85 98.25 71.36
N ILE K 204 57.31 97.03 71.68
CA ILE K 204 56.67 95.84 71.16
C ILE K 204 55.35 95.60 71.86
N LEU K 205 55.28 95.92 73.16
CA LEU K 205 54.01 95.82 73.88
C LEU K 205 53.01 96.84 73.36
N GLU K 206 53.49 97.98 72.86
CA GLU K 206 52.58 98.97 72.28
C GLU K 206 51.88 98.40 71.06
N LYS K 207 52.63 97.84 70.12
CA LYS K 207 52.02 97.22 68.94
C LYS K 207 51.20 96.01 69.33
N LEU K 208 51.61 95.30 70.39
CA LEU K 208 50.84 94.15 70.85
C LEU K 208 49.47 94.58 71.36
N LYS K 209 49.41 95.64 72.18
CA LYS K 209 48.13 96.12 72.67
C LYS K 209 47.30 96.72 71.54
N GLU K 210 47.95 97.37 70.58
CA GLU K 210 47.23 97.91 69.44
C GLU K 210 46.58 96.79 68.62
N ALA K 211 47.31 95.69 68.40
CA ALA K 211 46.74 94.56 67.69
C ALA K 211 45.66 93.86 68.51
N ILE K 212 45.84 93.80 69.84
CA ILE K 212 44.85 93.17 70.69
C ILE K 212 43.54 93.95 70.64
N GLU K 213 43.62 95.28 70.71
CA GLU K 213 42.44 96.10 70.48
C GLU K 213 41.89 95.86 69.08
N THR K 214 42.77 95.71 68.08
CA THR K 214 42.33 95.35 66.74
C THR K 214 41.79 93.92 66.71
N PHE K 215 42.46 92.99 67.39
CA PHE K 215 41.93 91.65 67.51
C PHE K 215 40.63 91.62 68.28
N GLN K 216 40.44 92.55 69.20
CA GLN K 216 39.16 92.77 69.86
C GLN K 216 38.26 93.68 69.04
N LYS K 217 38.73 94.13 67.87
CA LYS K 217 37.93 94.90 66.94
C LYS K 217 37.50 94.06 65.75
N GLY K 218 37.58 92.73 65.87
CA GLY K 218 37.13 91.84 64.82
C GLY K 218 38.11 91.77 63.67
N ASP K 219 39.38 92.09 63.92
CA ASP K 219 40.42 92.01 62.91
C ASP K 219 41.15 90.69 63.07
N GLU K 220 41.01 89.82 62.08
CA GLU K 220 41.51 88.46 62.17
C GLU K 220 42.88 88.30 61.51
N GLU K 221 43.07 88.86 60.32
CA GLU K 221 44.36 88.75 59.66
C GLU K 221 45.29 89.90 60.04
N GLN K 222 44.77 91.14 60.02
CA GLN K 222 45.61 92.29 60.29
C GLN K 222 46.09 92.32 61.74
N ALA K 223 45.19 92.06 62.69
CA ALA K 223 45.59 92.09 64.09
C ALA K 223 46.50 90.92 64.42
N PHE K 224 46.24 89.74 63.86
CA PHE K 224 47.13 88.60 64.07
C PHE K 224 48.52 88.89 63.51
N ARG K 225 48.58 89.52 62.34
CA ARG K 225 49.87 89.87 61.76
C ARG K 225 50.60 90.90 62.61
N GLN K 226 49.89 91.92 63.09
CA GLN K 226 50.52 92.94 63.92
C GLN K 226 51.02 92.35 65.24
N LEU K 227 50.24 91.46 65.87
CA LEU K 227 50.68 90.83 67.10
C LEU K 227 51.87 89.91 66.87
N ALA K 228 51.86 89.18 65.75
CA ALA K 228 52.98 88.29 65.44
C ALA K 228 54.25 89.08 65.16
N GLU K 229 54.12 90.22 64.47
CA GLU K 229 55.29 91.06 64.22
C GLU K 229 55.80 91.69 65.49
N VAL K 230 54.88 92.10 66.39
CA VAL K 230 55.29 92.65 67.67
C VAL K 230 56.02 91.59 68.50
N LEU K 231 55.52 90.36 68.48
CA LEU K 231 56.19 89.26 69.18
C LEU K 231 57.55 88.98 68.58
N ALA K 232 57.68 89.04 67.26
CA ALA K 232 58.97 88.80 66.62
C ALA K 232 59.97 89.89 66.96
N GLU K 233 59.53 91.16 66.94
CA GLU K 233 60.42 92.24 67.33
C GLU K 233 60.80 92.15 68.80
N ALA K 234 59.86 91.72 69.65
CA ALA K 234 60.17 91.53 71.06
C ALA K 234 61.19 90.42 71.24
N ALA K 235 61.06 89.33 70.49
CA ALA K 235 62.04 88.26 70.57
C ALA K 235 63.40 88.69 70.04
N LEU K 236 63.42 89.56 69.02
CA LEU K 236 64.68 90.08 68.52
C LEU K 236 65.35 90.99 69.54
N VAL K 237 64.57 91.81 70.24
CA VAL K 237 65.15 92.66 71.28
C VAL K 237 65.55 91.83 72.49
N ALA K 238 64.87 90.70 72.73
CA ALA K 238 65.23 89.84 73.85
C ALA K 238 66.57 89.17 73.60
N LEU K 239 66.94 88.97 72.33
CA LEU K 239 68.25 88.43 72.02
C LEU K 239 69.37 89.32 72.55
N ARG K 240 69.17 90.64 72.52
CA ARG K 240 70.15 91.56 73.10
C ARG K 240 69.93 91.75 74.59
N ALA K 241 68.67 91.69 75.05
CA ALA K 241 68.40 91.86 76.47
C ALA K 241 68.95 90.69 77.29
N ALA K 242 69.08 89.51 76.68
CA ALA K 242 69.64 88.37 77.38
C ALA K 242 71.12 88.52 77.65
N LEU K 243 71.81 89.38 76.91
CA LEU K 243 73.21 89.68 77.15
C LEU K 243 73.41 91.01 77.86
N THR K 244 72.32 91.70 78.19
CA THR K 244 72.40 93.00 78.87
C THR K 244 72.57 92.86 80.38
N ASN K 245 72.59 91.65 80.90
CA ASN K 245 72.76 91.43 82.34
C ASN K 245 73.90 90.47 82.63
N GLU L 4 -83.54 -51.72 33.66
CA GLU L 4 -82.32 -50.93 33.78
C GLU L 4 -82.17 -50.39 35.20
N PHE L 5 -81.37 -49.33 35.33
CA PHE L 5 -81.08 -48.74 36.64
C PHE L 5 -82.29 -48.09 37.28
N LYS L 6 -83.33 -47.78 36.49
CA LYS L 6 -84.59 -47.34 37.06
C LYS L 6 -85.76 -48.09 36.43
N PHE L 7 -85.50 -48.96 35.45
CA PHE L 7 -86.53 -49.79 34.84
C PHE L 7 -86.52 -51.22 35.34
N LEU L 8 -85.47 -51.64 36.05
CA LEU L 8 -85.47 -52.92 36.77
C LEU L 8 -85.41 -52.67 38.27
N ALA L 9 -85.49 -51.41 38.67
CA ALA L 9 -85.60 -51.03 40.07
C ALA L 9 -87.05 -50.91 40.51
N THR L 10 -87.98 -50.82 39.56
CA THR L 10 -89.39 -51.00 39.91
C THR L 10 -89.64 -52.45 40.31
N GLU L 11 -88.94 -53.39 39.67
CA GLU L 11 -88.95 -54.77 40.13
C GLU L 11 -88.32 -54.87 41.52
N ALA L 12 -87.23 -54.14 41.76
CA ALA L 12 -86.68 -54.08 43.10
C ALA L 12 -87.66 -53.42 44.07
N LYS L 13 -88.46 -52.48 43.59
CA LYS L 13 -89.47 -51.85 44.42
C LYS L 13 -90.59 -52.81 44.79
N MET L 14 -91.03 -53.64 43.84
CA MET L 14 -91.98 -54.69 44.19
C MET L 14 -91.35 -55.70 45.14
N LEU L 15 -90.05 -55.99 44.96
CA LEU L 15 -89.35 -56.84 45.90
C LEU L 15 -89.30 -56.20 47.29
N ILE L 16 -89.07 -54.89 47.35
CA ILE L 16 -89.03 -54.21 48.64
C ILE L 16 -90.41 -54.23 49.29
N THR L 17 -91.46 -54.08 48.49
CA THR L 17 -92.82 -54.14 49.02
C THR L 17 -93.15 -55.54 49.53
N ALA L 18 -92.69 -56.58 48.83
CA ALA L 18 -92.90 -57.94 49.30
C ALA L 18 -92.16 -58.18 50.60
N ALA L 19 -90.88 -57.80 50.67
CA ALA L 19 -90.08 -58.04 51.85
C ALA L 19 -90.59 -57.26 53.06
N GLU L 20 -91.05 -56.02 52.84
CA GLU L 20 -91.61 -55.25 53.94
C GLU L 20 -92.88 -55.91 54.48
N ARG L 21 -93.61 -56.60 53.63
CA ARG L 21 -94.80 -57.33 54.05
C ARG L 21 -94.51 -58.78 54.42
N LEU L 22 -93.29 -59.26 54.19
CA LEU L 22 -92.92 -60.64 54.50
C LEU L 22 -91.88 -60.74 55.61
N ALA L 23 -91.35 -59.62 56.08
CA ALA L 23 -90.39 -59.60 57.19
C ALA L 23 -91.03 -58.77 58.30
N GLY L 24 -92.01 -59.37 58.98
CA GLY L 24 -92.67 -58.72 60.10
C GLY L 24 -92.02 -58.97 61.43
N THR L 25 -91.00 -59.83 61.48
CA THR L 25 -90.21 -60.08 62.66
C THR L 25 -88.75 -59.88 62.28
N ASP L 26 -87.84 -60.22 63.21
CA ASP L 26 -86.42 -60.00 63.01
C ASP L 26 -86.16 -58.56 62.61
N PRO L 27 -86.27 -57.61 63.57
CA PRO L 27 -86.02 -56.20 63.23
C PRO L 27 -84.71 -55.95 62.50
N ARG L 28 -83.76 -56.90 62.53
CA ARG L 28 -82.62 -56.80 61.64
C ARG L 28 -83.06 -56.85 60.18
N LEU L 29 -84.09 -57.65 59.88
CA LEU L 29 -84.60 -57.70 58.52
C LEU L 29 -85.25 -56.38 58.13
N GLN L 30 -86.02 -55.79 59.04
CA GLN L 30 -86.62 -54.49 58.74
C GLN L 30 -85.54 -53.42 58.57
N GLU L 31 -84.49 -53.48 59.38
CA GLU L 31 -83.40 -52.51 59.27
C GLU L 31 -82.64 -52.69 57.95
N MET L 32 -82.43 -53.94 57.53
CA MET L 32 -81.80 -54.18 56.24
C MET L 32 -82.67 -53.71 55.10
N VAL L 33 -83.99 -53.91 55.22
CA VAL L 33 -84.91 -53.42 54.19
C VAL L 33 -84.88 -51.90 54.13
N ALA L 34 -84.75 -51.26 55.29
CA ALA L 34 -84.66 -49.80 55.31
C ALA L 34 -83.36 -49.31 54.71
N LEU L 35 -82.25 -49.98 55.03
CA LEU L 35 -80.96 -49.61 54.44
C LEU L 35 -80.96 -49.85 52.94
N ILE L 36 -81.69 -50.87 52.48
CA ILE L 36 -81.78 -51.13 51.05
C ILE L 36 -82.62 -50.07 50.36
N LYS L 37 -83.77 -49.73 50.95
CA LYS L 37 -84.60 -48.65 50.42
C LYS L 37 -83.86 -47.32 50.40
N LYS L 38 -83.03 -47.06 51.41
CA LYS L 38 -82.15 -45.91 51.36
C LYS L 38 -81.09 -46.08 50.27
N GLU L 39 -80.52 -47.28 50.18
CA GLU L 39 -79.66 -47.59 49.04
C GLU L 39 -80.44 -47.56 47.74
N LEU L 40 -81.69 -48.03 47.74
CA LEU L 40 -82.55 -47.84 46.58
C LEU L 40 -82.81 -46.36 46.34
N GLU L 41 -83.02 -45.59 47.40
CA GLU L 41 -83.19 -44.14 47.25
C GLU L 41 -81.91 -43.50 46.75
N GLN L 42 -80.75 -43.97 47.25
CA GLN L 42 -79.48 -43.41 46.81
C GLN L 42 -79.23 -43.70 45.33
N ALA L 43 -79.60 -44.91 44.87
CA ALA L 43 -79.44 -45.24 43.46
C ALA L 43 -80.42 -44.47 42.59
N GLU L 44 -81.67 -44.34 43.05
CA GLU L 44 -82.65 -43.57 42.30
C GLU L 44 -82.25 -42.11 42.21
N ARG L 45 -81.63 -41.57 43.26
CA ARG L 45 -81.07 -40.23 43.17
C ARG L 45 -79.91 -40.18 42.19
N THR L 46 -79.01 -41.16 42.26
CA THR L 46 -77.96 -41.28 41.25
C THR L 46 -78.54 -41.62 39.89
N PHE L 47 -79.65 -42.35 39.83
CA PHE L 47 -80.36 -42.52 38.58
C PHE L 47 -80.97 -41.21 38.12
N ARG L 48 -81.38 -40.36 39.07
CA ARG L 48 -81.80 -39.01 38.75
C ARG L 48 -80.63 -38.06 38.61
N ASN L 49 -79.46 -38.43 39.15
CA ASN L 49 -78.26 -37.63 38.98
C ASN L 49 -77.49 -38.10 37.76
N GLY L 50 -76.34 -37.50 37.51
CA GLY L 50 -75.51 -37.89 36.38
C GLY L 50 -74.69 -39.13 36.66
N ASP L 51 -74.86 -39.69 37.86
CA ASP L 51 -74.15 -40.90 38.28
C ASP L 51 -75.02 -42.09 37.86
N LYS L 52 -75.18 -42.26 36.55
CA LYS L 52 -76.01 -43.32 36.01
C LYS L 52 -75.36 -44.69 36.11
N SER L 53 -74.03 -44.77 35.89
CA SER L 53 -73.33 -46.03 36.07
C SER L 53 -73.26 -46.40 37.54
N GLU L 54 -72.99 -45.41 38.40
CA GLU L 54 -73.04 -45.66 39.84
C GLU L 54 -74.45 -46.02 40.27
N ALA L 55 -75.45 -45.40 39.67
CA ALA L 55 -76.84 -45.78 39.94
C ALA L 55 -77.09 -47.23 39.57
N GLN L 56 -76.61 -47.65 38.40
CA GLN L 56 -76.82 -49.02 37.96
C GLN L 56 -76.10 -50.00 38.88
N ARG L 57 -74.88 -49.66 39.30
CA ARG L 57 -74.13 -50.54 40.21
C ARG L 57 -74.83 -50.65 41.56
N GLN L 58 -75.24 -49.53 42.14
CA GLN L 58 -75.93 -49.56 43.42
C GLN L 58 -77.28 -50.28 43.31
N LEU L 59 -77.96 -50.11 42.18
CA LEU L 59 -79.24 -50.78 41.98
C LEU L 59 -79.05 -52.28 41.81
N GLU L 60 -77.97 -52.69 41.13
CA GLU L 60 -77.70 -54.12 41.01
C GLU L 60 -77.33 -54.72 42.35
N PHE L 61 -76.56 -54.00 43.16
CA PHE L 61 -76.24 -54.48 44.49
C PHE L 61 -77.50 -54.57 45.35
N VAL L 62 -78.33 -53.54 45.31
CA VAL L 62 -79.55 -53.51 46.11
C VAL L 62 -80.55 -54.53 45.61
N LEU L 63 -80.47 -54.92 44.35
CA LEU L 63 -81.35 -55.96 43.83
C LEU L 63 -81.02 -57.30 44.47
N THR L 64 -79.74 -57.66 44.48
CA THR L 64 -79.32 -58.87 45.19
C THR L 64 -79.61 -58.74 46.68
N ALA L 65 -79.48 -57.54 47.23
CA ALA L 65 -79.77 -57.33 48.64
C ALA L 65 -81.24 -57.61 48.94
N ALA L 66 -82.14 -57.07 48.11
CA ALA L 66 -83.56 -57.30 48.30
C ALA L 66 -83.93 -58.75 48.05
N ARG L 67 -83.26 -59.40 47.10
CA ARG L 67 -83.52 -60.81 46.84
C ARG L 67 -83.13 -61.66 48.05
N ALA L 68 -81.93 -61.43 48.59
CA ALA L 68 -81.50 -62.17 49.76
C ALA L 68 -82.35 -61.81 50.98
N VAL L 69 -82.85 -60.58 51.04
CA VAL L 69 -83.69 -60.17 52.15
C VAL L 69 -85.04 -60.87 52.07
N MET L 70 -85.58 -61.01 50.86
CA MET L 70 -86.79 -61.78 50.68
C MET L 70 -86.56 -63.25 51.02
N ASN L 71 -85.37 -63.76 50.66
CA ASN L 71 -85.03 -65.13 51.04
C ASN L 71 -85.01 -65.27 52.55
N VAL L 72 -84.44 -64.30 53.25
CA VAL L 72 -84.36 -64.36 54.71
C VAL L 72 -85.74 -64.23 55.33
N ALA L 73 -86.59 -63.37 54.76
CA ALA L 73 -87.93 -63.19 55.30
C ALA L 73 -88.76 -64.46 55.10
N ALA L 74 -88.67 -65.07 53.91
CA ALA L 74 -89.37 -66.32 53.67
C ALA L 74 -88.81 -67.44 54.53
N ALA L 75 -87.51 -67.42 54.80
CA ALA L 75 -86.94 -68.39 55.73
C ALA L 75 -87.50 -68.21 57.13
N ALA L 76 -87.50 -66.96 57.63
CA ALA L 76 -88.06 -66.69 58.96
C ALA L 76 -89.52 -67.08 59.03
N ASN L 77 -90.26 -66.88 57.94
CA ASN L 77 -91.65 -67.34 57.89
C ASN L 77 -91.75 -68.85 57.81
N ALA L 78 -90.71 -69.53 57.30
CA ALA L 78 -90.71 -70.98 57.15
C ALA L 78 -89.80 -71.68 58.14
N ALA L 79 -89.15 -70.93 59.02
CA ALA L 79 -88.26 -71.53 60.03
C ALA L 79 -88.48 -70.85 61.38
N GLY L 80 -89.75 -70.61 61.72
CA GLY L 80 -90.06 -70.04 63.02
C GLY L 80 -89.91 -71.00 64.18
N THR L 81 -89.48 -72.24 63.92
CA THR L 81 -89.36 -73.24 64.97
C THR L 81 -88.01 -73.93 65.02
N ASP L 82 -87.08 -73.59 64.13
CA ASP L 82 -85.77 -74.24 64.11
C ASP L 82 -84.74 -73.29 64.71
N PRO L 83 -84.20 -73.61 65.90
CA PRO L 83 -83.22 -72.69 66.50
C PRO L 83 -81.95 -72.56 65.69
N LEU L 84 -81.47 -73.64 65.09
CA LEU L 84 -80.30 -73.55 64.23
C LEU L 84 -80.58 -72.67 63.02
N LEU L 85 -81.79 -72.76 62.48
CA LEU L 85 -82.16 -71.92 61.35
C LEU L 85 -82.24 -70.45 61.76
N LYS L 86 -82.84 -70.16 62.91
CA LYS L 86 -82.90 -68.78 63.37
C LYS L 86 -81.51 -68.24 63.65
N ALA L 87 -80.63 -69.09 64.18
CA ALA L 87 -79.25 -68.68 64.45
C ALA L 87 -78.52 -68.37 63.15
N MET L 88 -78.60 -69.27 62.17
CA MET L 88 -77.98 -69.01 60.88
C MET L 88 -78.62 -67.82 60.19
N VAL L 89 -79.90 -67.56 60.47
CA VAL L 89 -80.58 -66.42 59.86
C VAL L 89 -80.06 -65.12 60.46
N ASP L 90 -79.92 -65.07 61.78
CA ASP L 90 -79.34 -63.89 62.41
C ASP L 90 -77.89 -63.72 61.99
N ALA L 91 -77.18 -64.83 61.77
CA ALA L 91 -75.80 -64.75 61.29
C ALA L 91 -75.74 -64.18 59.89
N ILE L 92 -76.64 -64.63 59.01
CA ILE L 92 -76.69 -64.09 57.67
C ILE L 92 -77.14 -62.63 57.71
N LEU L 93 -77.97 -62.27 58.68
CA LEU L 93 -78.39 -60.88 58.83
C LEU L 93 -77.21 -60.01 59.23
N TRP L 94 -76.38 -60.49 60.15
CA TRP L 94 -75.18 -59.75 60.53
C TRP L 94 -74.19 -59.68 59.36
N ARG L 95 -74.01 -60.79 58.65
CA ARG L 95 -73.14 -60.79 57.48
C ARG L 95 -73.67 -59.85 56.40
N LEU L 96 -74.99 -59.75 56.29
CA LEU L 96 -75.59 -58.86 55.31
C LEU L 96 -75.43 -57.40 55.72
N LYS L 97 -75.56 -57.11 57.01
CA LYS L 97 -75.27 -55.76 57.48
C LYS L 97 -73.81 -55.41 57.24
N GLU L 98 -72.91 -56.37 57.47
CA GLU L 98 -71.49 -56.14 57.21
C GLU L 98 -71.23 -55.90 55.72
N ALA L 99 -71.83 -56.72 54.86
CA ALA L 99 -71.65 -56.54 53.43
C ALA L 99 -72.30 -55.25 52.94
N ILE L 100 -73.37 -54.82 53.60
CA ILE L 100 -74.02 -53.57 53.24
C ILE L 100 -73.16 -52.39 53.65
N ARG L 101 -72.53 -52.47 54.82
CA ARG L 101 -71.58 -51.43 55.20
C ARG L 101 -70.36 -51.43 54.28
N THR L 102 -69.93 -52.61 53.85
CA THR L 102 -68.79 -52.70 52.95
C THR L 102 -69.10 -52.09 51.59
N PHE L 103 -70.24 -52.47 51.01
CA PHE L 103 -70.67 -51.87 49.75
C PHE L 103 -70.90 -50.37 49.89
N GLN L 104 -71.48 -49.95 51.01
CA GLN L 104 -71.60 -48.52 51.27
C GLN L 104 -70.23 -47.86 51.39
N ASN L 105 -69.24 -48.62 51.84
CA ASN L 105 -67.85 -48.16 51.79
C ASN L 105 -67.22 -48.36 50.42
N GLY L 106 -68.02 -48.72 49.41
CA GLY L 106 -67.47 -49.01 48.10
C GLY L 106 -66.79 -50.35 48.01
N ASP L 107 -66.91 -51.18 49.04
CA ASP L 107 -66.31 -52.51 49.04
C ASP L 107 -67.36 -53.58 48.81
N GLU L 109 -66.71 -53.49 45.70
CA GLU L 109 -65.56 -54.39 45.58
C GLU L 109 -65.89 -55.78 46.13
N GLU L 110 -65.54 -56.01 47.39
CA GLU L 110 -65.85 -57.28 48.03
C GLU L 110 -67.30 -57.36 48.49
N ALA L 111 -68.14 -56.44 48.03
CA ALA L 111 -69.58 -56.53 48.32
C ALA L 111 -70.18 -57.77 47.68
N GLU L 112 -70.17 -57.85 46.35
CA GLU L 112 -70.58 -59.07 45.67
C GLU L 112 -69.43 -60.08 45.67
N THR L 113 -68.94 -60.37 46.87
CA THR L 113 -68.02 -61.48 47.13
C THR L 113 -68.54 -62.40 48.21
N GLN L 114 -68.69 -61.90 49.43
CA GLN L 114 -69.42 -62.63 50.46
C GLN L 114 -70.91 -62.60 50.22
N LEU L 115 -71.46 -61.42 49.90
CA LEU L 115 -72.87 -61.33 49.54
C LEU L 115 -73.15 -62.11 48.27
N ARG L 116 -72.16 -62.20 47.37
CA ARG L 116 -72.28 -63.12 46.24
C ARG L 116 -72.57 -64.53 46.72
N PHE L 117 -71.89 -64.96 47.77
CA PHE L 117 -72.23 -66.22 48.42
C PHE L 117 -73.36 -66.04 49.43
N VAL L 118 -73.42 -64.89 50.11
CA VAL L 118 -74.49 -64.68 51.07
C VAL L 118 -75.84 -64.59 50.36
N LEU L 119 -75.85 -64.21 49.09
CA LEU L 119 -77.07 -64.37 48.31
C LEU L 119 -77.42 -65.84 48.16
N ARG L 120 -76.46 -66.65 47.73
CA ARG L 120 -76.68 -68.09 47.67
C ARG L 120 -76.89 -68.67 49.06
N ALA L 121 -76.27 -68.06 50.07
CA ALA L 121 -76.49 -68.51 51.44
C ALA L 121 -77.95 -68.31 51.84
N ALA L 122 -78.50 -67.12 51.59
CA ALA L 122 -79.89 -66.88 51.90
C ALA L 122 -80.80 -67.75 51.04
N ILE L 123 -80.37 -68.04 49.81
CA ILE L 123 -81.13 -68.94 48.95
C ILE L 123 -81.24 -70.31 49.61
N ALA L 124 -80.11 -70.93 49.93
CA ALA L 124 -80.14 -72.25 50.54
C ALA L 124 -80.79 -72.21 51.92
N VAL L 125 -80.73 -71.06 52.60
CA VAL L 125 -81.33 -70.94 53.92
C VAL L 125 -82.84 -70.96 53.81
N ALA L 126 -83.40 -70.15 52.91
CA ALA L 126 -84.83 -70.21 52.66
C ALA L 126 -85.22 -71.58 52.13
N VAL L 127 -84.32 -72.24 51.40
CA VAL L 127 -84.61 -73.56 50.88
C VAL L 127 -84.79 -74.56 52.01
N VAL L 128 -83.84 -74.58 52.95
CA VAL L 128 -83.95 -75.48 54.09
C VAL L 128 -85.14 -75.09 54.96
N ALA L 129 -85.42 -73.80 55.07
CA ALA L 129 -86.56 -73.36 55.86
C ALA L 129 -87.87 -73.85 55.27
N ALA L 130 -88.00 -73.76 53.94
CA ALA L 130 -89.20 -74.28 53.30
C ALA L 130 -89.26 -75.80 53.41
N ALA L 131 -88.10 -76.46 53.32
CA ALA L 131 -88.07 -77.91 53.50
C ALA L 131 -88.56 -78.31 54.88
N LEU L 132 -88.26 -77.48 55.89
CA LEU L 132 -88.72 -77.78 57.24
C LEU L 132 -90.18 -77.38 57.44
N VAL L 133 -90.63 -76.29 56.81
CA VAL L 133 -91.98 -75.82 57.03
C VAL L 133 -93.00 -76.69 56.28
N LEU L 134 -92.68 -77.10 55.06
CA LEU L 134 -93.54 -77.99 54.30
C LEU L 134 -93.38 -79.44 54.72
N ALA L 135 -92.57 -79.70 55.74
CA ALA L 135 -92.44 -81.03 56.30
C ALA L 135 -93.62 -81.30 57.24
N GLY L 136 -93.68 -82.48 57.81
CA GLY L 136 -94.77 -82.88 58.68
C GLY L 136 -94.29 -83.79 59.76
N THR L 137 -94.99 -84.91 59.96
CA THR L 137 -94.58 -85.87 60.97
C THR L 137 -93.23 -86.48 60.63
N ASP L 138 -93.14 -87.16 59.49
CA ASP L 138 -91.92 -87.85 59.10
C ASP L 138 -91.06 -86.97 58.20
N PRO L 139 -90.11 -86.23 58.76
CA PRO L 139 -89.16 -85.50 57.90
C PRO L 139 -88.32 -86.47 57.10
N GLU L 140 -87.77 -87.48 57.76
CA GLU L 140 -86.99 -88.57 57.19
C GLU L 140 -85.69 -88.10 56.55
N LEU L 141 -85.51 -86.81 56.30
CA LEU L 141 -84.23 -86.30 55.86
C LEU L 141 -83.90 -84.94 56.48
N GLN L 142 -84.72 -84.45 57.42
CA GLN L 142 -84.38 -83.22 58.13
C GLN L 142 -83.05 -83.34 58.82
N GLU L 143 -82.69 -84.54 59.30
CA GLU L 143 -81.33 -84.76 59.77
C GLU L 143 -80.34 -84.52 58.64
N MET L 144 -80.54 -85.20 57.50
CA MET L 144 -79.76 -84.88 56.31
C MET L 144 -79.88 -83.40 55.97
N VAL L 145 -81.11 -82.87 56.00
CA VAL L 145 -81.31 -81.43 55.81
C VAL L 145 -80.56 -80.65 56.87
N GLU L 146 -80.54 -81.14 58.11
CA GLU L 146 -79.68 -80.52 59.12
C GLU L 146 -78.21 -80.75 58.78
N GLN L 147 -77.88 -81.97 58.34
CA GLN L 147 -76.54 -82.22 57.82
C GLN L 147 -76.23 -81.26 56.69
N ILE L 148 -77.14 -81.15 55.72
CA ILE L 148 -77.03 -80.11 54.71
C ILE L 148 -76.93 -78.74 55.37
N LYS L 149 -77.80 -78.48 56.36
CA LYS L 149 -77.67 -77.26 57.15
C LYS L 149 -76.27 -77.17 57.78
N ASP L 150 -75.82 -78.28 58.35
CA ASP L 150 -74.42 -78.36 58.76
C ASP L 150 -73.51 -78.10 57.57
N LEU L 151 -73.73 -78.81 56.47
CA LEU L 151 -73.02 -78.50 55.24
C LEU L 151 -73.24 -77.05 54.83
N LEU L 152 -74.42 -76.50 55.11
CA LEU L 152 -74.64 -75.06 54.93
C LEU L 152 -73.83 -74.26 55.92
N ILE L 153 -73.89 -74.65 57.20
CA ILE L 153 -72.99 -74.07 58.19
C ILE L 153 -71.55 -74.27 57.74
N SER L 154 -71.23 -75.49 57.28
CA SER L 154 -69.94 -75.73 56.65
C SER L 154 -69.75 -74.83 55.44
N ALA L 155 -70.78 -74.67 54.62
CA ALA L 155 -70.73 -73.67 53.56
C ALA L 155 -70.59 -72.28 54.15
N PHE L 156 -71.28 -72.02 55.27
CA PHE L 156 -71.08 -70.77 55.99
C PHE L 156 -69.62 -70.63 56.42
N MET L 157 -68.95 -71.75 56.65
CA MET L 157 -67.50 -71.72 56.83
C MET L 157 -66.76 -71.84 55.50
N ALA L 158 -67.34 -72.56 54.52
CA ALA L 158 -66.70 -72.73 53.22
C ALA L 158 -66.89 -71.52 52.32
N GLY L 159 -67.33 -70.40 52.89
CA GLY L 159 -67.43 -69.16 52.16
C GLY L 159 -66.29 -68.23 52.54
N GLU L 165 -64.89 -69.91 50.22
CA GLU L 165 -64.66 -70.10 48.79
C GLU L 165 -65.11 -71.49 48.35
N LYS L 166 -65.07 -72.45 49.27
CA LYS L 166 -65.44 -73.83 48.99
C LYS L 166 -66.95 -74.06 49.04
N ALA L 167 -67.74 -73.04 48.74
CA ALA L 167 -69.19 -73.17 48.81
C ALA L 167 -69.92 -72.65 47.60
N LEU L 168 -69.22 -72.10 46.59
CA LEU L 168 -69.91 -71.56 45.43
C LEU L 168 -70.73 -72.63 44.71
N THR L 169 -70.10 -73.73 44.33
CA THR L 169 -70.86 -74.84 43.76
C THR L 169 -71.54 -75.65 44.86
N GLN L 170 -70.99 -75.62 46.08
CA GLN L 170 -71.61 -76.35 47.17
C GLN L 170 -72.96 -75.75 47.56
N LEU L 171 -73.06 -74.42 47.54
CA LEU L 171 -74.36 -73.79 47.80
C LEU L 171 -75.37 -74.17 46.73
N LEU L 172 -74.95 -74.19 45.47
CA LEU L 172 -75.84 -74.60 44.40
C LEU L 172 -76.28 -76.05 44.57
N PHE L 173 -75.34 -76.92 44.96
CA PHE L 173 -75.67 -78.32 45.17
C PHE L 173 -76.63 -78.49 46.34
N VAL L 174 -76.43 -77.72 47.41
CA VAL L 174 -77.32 -77.80 48.56
C VAL L 174 -78.71 -77.30 48.19
N ALA L 175 -78.78 -76.23 47.40
CA ALA L 175 -80.08 -75.74 46.95
C ALA L 175 -80.77 -76.74 46.05
N TRP L 176 -80.01 -77.43 45.18
CA TRP L 176 -80.62 -78.42 44.30
C TRP L 176 -81.10 -79.63 45.08
N ALA L 177 -80.35 -80.02 46.11
CA ALA L 177 -80.79 -81.13 46.96
C ALA L 177 -82.02 -80.74 47.77
N ALA L 178 -82.08 -79.49 48.24
CA ALA L 178 -83.28 -79.02 48.89
C ALA L 178 -84.47 -78.99 47.94
N HIS L 179 -84.22 -78.61 46.68
CA HIS L 179 -85.30 -78.59 45.69
C HIS L 179 -85.81 -79.99 45.42
N ALA L 180 -84.90 -80.98 45.32
CA ALA L 180 -85.34 -82.36 45.22
C ALA L 180 -86.06 -82.80 46.48
N VAL L 181 -85.68 -82.23 47.63
CA VAL L 181 -86.39 -82.53 48.86
C VAL L 181 -87.67 -81.72 48.95
N ALA L 182 -87.62 -80.43 48.58
CA ALA L 182 -88.82 -79.59 48.66
C ALA L 182 -89.88 -80.05 47.67
N MET L 183 -89.45 -80.56 46.51
CA MET L 183 -90.42 -81.17 45.60
C MET L 183 -91.05 -82.41 46.24
N ILE L 184 -90.22 -83.28 46.82
CA ILE L 184 -90.73 -84.46 47.50
C ILE L 184 -91.56 -84.06 48.71
N ALA L 185 -91.14 -83.01 49.43
CA ALA L 185 -91.90 -82.56 50.60
C ALA L 185 -93.27 -82.05 50.19
N ALA L 186 -93.35 -81.24 49.13
CA ALA L 186 -94.64 -80.75 48.67
C ALA L 186 -95.49 -81.87 48.10
N ALA L 187 -94.86 -82.87 47.49
CA ALA L 187 -95.62 -84.01 46.98
C ALA L 187 -96.23 -84.82 48.12
N ALA L 188 -95.45 -85.09 49.16
CA ALA L 188 -95.98 -85.82 50.30
C ALA L 188 -96.96 -84.98 51.10
N ASN L 189 -96.85 -83.65 51.02
CA ASN L 189 -97.74 -82.78 51.76
C ASN L 189 -99.17 -82.88 51.25
N LEU L 190 -99.37 -82.82 49.93
CA LEU L 190 -100.69 -82.95 49.34
C LEU L 190 -101.08 -84.41 49.12
N ALA L 191 -100.28 -85.35 49.61
CA ALA L 191 -100.57 -86.77 49.49
C ALA L 191 -101.10 -87.30 50.81
N GLY L 192 -102.00 -88.29 50.71
CA GLY L 192 -102.58 -88.91 51.89
C GLY L 192 -102.00 -90.29 52.16
N PRO L 195 -100.84 -93.00 47.83
CA PRO L 195 -99.41 -92.87 48.12
C PRO L 195 -98.54 -92.99 46.87
N ARG L 196 -99.15 -92.84 45.70
CA ARG L 196 -98.40 -92.90 44.45
C ARG L 196 -97.37 -91.79 44.39
N LEU L 197 -97.74 -90.58 44.83
CA LEU L 197 -96.78 -89.48 44.87
C LEU L 197 -95.66 -89.78 45.87
N GLN L 198 -95.99 -90.41 46.99
CA GLN L 198 -94.97 -90.76 47.97
C GLN L 198 -94.01 -91.80 47.43
N GLN L 199 -94.52 -92.78 46.69
CA GLN L 199 -93.66 -93.80 46.11
C GLN L 199 -92.82 -93.23 44.97
N GLN L 200 -93.36 -92.29 44.20
CA GLN L 200 -92.58 -91.66 43.14
C GLN L 200 -91.49 -90.77 43.73
N VAL L 201 -91.79 -90.07 44.82
CA VAL L 201 -90.78 -89.26 45.50
C VAL L 201 -89.79 -90.10 46.28
N LYS L 202 -90.15 -91.33 46.63
CA LYS L 202 -89.22 -92.19 47.34
C LYS L 202 -88.09 -92.67 46.44
N GLU L 203 -88.32 -92.70 45.12
CA GLU L 203 -87.28 -93.08 44.18
C GLU L 203 -86.40 -91.92 43.76
N ILE L 204 -86.96 -90.71 43.67
CA ILE L 204 -86.12 -89.54 43.42
C ILE L 204 -85.32 -89.17 44.67
N LEU L 205 -85.91 -89.36 45.85
CA LEU L 205 -85.18 -89.13 47.08
C LEU L 205 -84.07 -90.16 47.25
N GLU L 206 -84.24 -91.36 46.71
CA GLU L 206 -83.17 -92.35 46.77
C GLU L 206 -81.94 -91.88 46.00
N LYS L 207 -82.12 -91.45 44.75
CA LYS L 207 -81.01 -90.92 43.98
C LYS L 207 -80.47 -89.63 44.60
N LEU L 208 -81.34 -88.85 45.22
CA LEU L 208 -80.90 -87.62 45.88
C LEU L 208 -79.97 -87.94 47.04
N LYS L 209 -80.35 -88.90 47.89
CA LYS L 209 -79.48 -89.28 49.01
C LYS L 209 -78.20 -89.95 48.52
N GLU L 210 -78.29 -90.73 47.43
CA GLU L 210 -77.10 -91.33 46.86
C GLU L 210 -76.13 -90.27 46.37
N ALA L 211 -76.63 -89.25 45.70
CA ALA L 211 -75.76 -88.16 45.24
C ALA L 211 -75.25 -87.33 46.42
N ILE L 212 -76.06 -87.16 47.46
CA ILE L 212 -75.63 -86.39 48.63
C ILE L 212 -74.49 -87.11 49.32
N GLU L 213 -74.59 -88.42 49.48
CA GLU L 213 -73.46 -89.20 49.95
C GLU L 213 -72.28 -89.09 48.99
N THR L 214 -72.55 -89.08 47.68
CA THR L 214 -71.49 -88.83 46.71
C THR L 214 -70.99 -87.40 46.79
N PHE L 215 -71.91 -86.43 46.95
CA PHE L 215 -71.49 -85.05 47.17
C PHE L 215 -70.75 -84.90 48.48
N GLN L 216 -71.06 -85.72 49.47
CA GLN L 216 -70.28 -85.82 50.69
C GLN L 216 -69.10 -86.76 50.53
N LYS L 217 -68.94 -87.35 49.35
CA LYS L 217 -67.77 -88.17 49.01
C LYS L 217 -66.79 -87.42 48.12
N GLY L 218 -66.91 -86.11 48.04
CA GLY L 218 -66.00 -85.30 47.26
C GLY L 218 -66.27 -85.38 45.78
N ASP L 219 -67.49 -85.73 45.41
CA ASP L 219 -67.89 -85.81 44.01
C ASP L 219 -68.59 -84.51 43.64
N GLU L 220 -67.97 -83.73 42.76
CA GLU L 220 -68.43 -82.40 42.43
C GLU L 220 -69.28 -82.36 41.17
N GLU L 221 -68.85 -83.05 40.11
CA GLU L 221 -69.65 -83.07 38.89
C GLU L 221 -70.65 -84.21 38.89
N GLN L 222 -70.20 -85.41 39.26
CA GLN L 222 -71.07 -86.58 39.20
C GLN L 222 -72.22 -86.49 40.20
N ALA L 223 -71.91 -86.10 41.44
CA ALA L 223 -72.96 -86.00 42.45
C ALA L 223 -73.91 -84.85 42.16
N PHE L 224 -73.38 -83.73 41.67
CA PHE L 224 -74.24 -82.61 41.29
C PHE L 224 -75.18 -83.02 40.15
N ARG L 225 -74.64 -83.76 39.18
CA ARG L 225 -75.47 -84.22 38.07
C ARG L 225 -76.55 -85.20 38.56
N GLN L 226 -76.18 -86.13 39.43
CA GLN L 226 -77.15 -87.08 39.94
C GLN L 226 -78.23 -86.39 40.76
N LEU L 227 -77.87 -85.42 41.60
CA LEU L 227 -78.87 -84.69 42.37
C LEU L 227 -79.76 -83.86 41.48
N ALA L 228 -79.19 -83.23 40.44
CA ALA L 228 -79.99 -82.43 39.51
C ALA L 228 -80.97 -83.31 38.74
N GLU L 229 -80.51 -84.50 38.33
CA GLU L 229 -81.41 -85.41 37.62
C GLU L 229 -82.50 -85.95 38.54
N VAL L 230 -82.15 -86.22 39.80
CA VAL L 230 -83.15 -86.65 40.76
C VAL L 230 -84.18 -85.55 40.99
N LEU L 231 -83.73 -84.31 41.10
CA LEU L 231 -84.65 -83.18 41.25
C LEU L 231 -85.54 -83.02 40.02
N ALA L 232 -84.97 -83.22 38.82
CA ALA L 232 -85.77 -83.10 37.60
C ALA L 232 -86.81 -84.20 37.52
N GLU L 233 -86.44 -85.44 37.85
CA GLU L 233 -87.42 -86.53 37.87
C GLU L 233 -88.48 -86.30 38.93
N ALA L 234 -88.09 -85.75 40.08
CA ALA L 234 -89.06 -85.42 41.12
C ALA L 234 -90.02 -84.35 40.65
N ALA L 235 -89.53 -83.34 39.95
CA ALA L 235 -90.40 -82.31 39.41
C ALA L 235 -91.32 -82.85 38.33
N LEU L 236 -90.83 -83.81 37.55
CA LEU L 236 -91.68 -84.44 36.54
C LEU L 236 -92.78 -85.28 37.18
N VAL L 237 -92.47 -85.99 38.27
CA VAL L 237 -93.49 -86.76 38.95
C VAL L 237 -94.44 -85.83 39.72
N ALA L 238 -93.96 -84.66 40.13
CA ALA L 238 -94.82 -83.71 40.81
C ALA L 238 -95.85 -83.12 39.86
N LEU L 239 -95.53 -83.07 38.57
CA LEU L 239 -96.51 -82.63 37.59
C LEU L 239 -97.76 -83.52 37.59
N ARG L 240 -97.57 -84.82 37.81
CA ARG L 240 -98.71 -85.71 37.92
C ARG L 240 -99.28 -85.75 39.33
N ALA L 241 -98.43 -85.59 40.34
CA ALA L 241 -98.89 -85.60 41.72
C ALA L 241 -99.77 -84.38 42.02
N ALA L 242 -99.57 -83.28 41.31
CA ALA L 242 -100.39 -82.09 41.51
C ALA L 242 -101.81 -82.29 41.01
N LEU L 243 -102.05 -83.25 40.13
CA LEU L 243 -103.39 -83.59 39.67
C LEU L 243 -103.91 -84.85 40.33
N THR L 244 -103.14 -85.47 41.23
CA THR L 244 -103.57 -86.68 41.92
C THR L 244 -104.47 -86.41 43.11
N ASN L 245 -104.74 -85.14 43.42
CA ASN L 245 -105.60 -84.80 44.55
C ASN L 245 -106.72 -83.87 44.12
N GLU M 4 -16.06 11.06 102.29
CA GLU M 4 -15.76 10.34 101.04
C GLU M 4 -15.21 8.96 101.35
N PHE M 5 -14.52 8.38 100.36
CA PHE M 5 -13.99 7.03 100.48
C PHE M 5 -12.88 6.91 101.53
N LYS M 6 -12.27 8.02 101.94
CA LYS M 6 -11.37 8.02 103.08
C LYS M 6 -11.69 9.15 104.04
N PHE M 7 -12.67 10.02 103.71
CA PHE M 7 -13.10 11.08 104.59
C PHE M 7 -14.41 10.77 105.30
N LEU M 8 -15.12 9.72 104.90
CA LEU M 8 -16.26 9.21 105.65
C LEU M 8 -15.95 7.82 106.17
N ALA M 9 -14.71 7.36 105.96
CA ALA M 9 -14.23 6.11 106.53
C ALA M 9 -13.56 6.32 107.87
N THR M 10 -13.21 7.56 108.21
CA THR M 10 -12.85 7.88 109.59
C THR M 10 -14.07 7.78 110.48
N GLU M 11 -15.25 8.14 109.95
CA GLU M 11 -16.49 7.87 110.65
C GLU M 11 -16.72 6.36 110.77
N ALA M 12 -16.41 5.61 109.71
CA ALA M 12 -16.46 4.15 109.82
C ALA M 12 -15.43 3.64 110.81
N LYS M 13 -14.30 4.32 110.93
CA LYS M 13 -13.29 3.94 111.91
C LYS M 13 -13.75 4.19 113.34
N MET M 14 -14.44 5.30 113.60
CA MET M 14 -15.05 5.51 114.90
C MET M 14 -16.14 4.48 115.14
N LEU M 15 -16.89 4.12 114.09
CA LEU M 15 -17.88 3.06 114.22
C LEU M 15 -17.21 1.73 114.55
N ILE M 16 -16.06 1.45 113.94
CA ILE M 16 -15.35 0.21 114.22
C ILE M 16 -14.83 0.21 115.65
N THR M 17 -14.37 1.36 116.13
CA THR M 17 -13.89 1.47 117.50
C THR M 17 -15.04 1.29 118.49
N ALA M 18 -16.21 1.84 118.18
CA ALA M 18 -17.37 1.63 119.03
C ALA M 18 -17.77 0.17 119.06
N ALA M 19 -17.88 -0.47 117.90
CA ALA M 19 -18.31 -1.86 117.83
C ALA M 19 -17.32 -2.80 118.50
N GLU M 20 -16.02 -2.52 118.36
CA GLU M 20 -15.01 -3.35 119.02
C GLU M 20 -15.13 -3.24 120.54
N ARG M 21 -15.57 -2.08 121.03
CA ARG M 21 -15.79 -1.88 122.45
C ARG M 21 -17.22 -2.19 122.89
N LEU M 22 -18.13 -2.46 121.94
CA LEU M 22 -19.52 -2.76 122.27
C LEU M 22 -19.92 -4.19 121.92
N ALA M 23 -19.02 -4.95 121.28
CA ALA M 23 -19.28 -6.36 120.96
C ALA M 23 -18.20 -7.17 121.68
N GLY M 24 -18.35 -7.29 123.00
CA GLY M 24 -17.44 -8.08 123.80
C GLY M 24 -17.81 -9.54 123.93
N THR M 25 -18.97 -9.92 123.41
CA THR M 25 -19.41 -11.31 123.36
C THR M 25 -19.78 -11.61 121.91
N ASP M 26 -20.35 -12.80 121.69
CA ASP M 26 -20.69 -13.25 120.35
C ASP M 26 -19.45 -13.15 119.45
N PRO M 27 -18.47 -14.05 119.61
CA PRO M 27 -17.27 -13.99 118.77
C PRO M 27 -17.57 -13.93 117.27
N ARG M 28 -18.78 -14.26 116.84
CA ARG M 28 -19.18 -13.96 115.47
C ARG M 28 -19.16 -12.46 115.22
N LEU M 29 -19.55 -11.67 116.22
CA LEU M 29 -19.52 -10.22 116.08
C LEU M 29 -18.08 -9.72 115.97
N GLN M 30 -17.18 -10.27 116.79
CA GLN M 30 -15.77 -9.88 116.70
C GLN M 30 -15.18 -10.30 115.36
N GLU M 31 -15.57 -11.47 114.86
CA GLU M 31 -15.08 -11.92 113.56
C GLU M 31 -15.60 -11.05 112.43
N MET M 32 -16.87 -10.64 112.52
CA MET M 32 -17.42 -9.73 111.51
C MET M 32 -16.74 -8.37 111.58
N VAL M 33 -16.44 -7.90 112.78
CA VAL M 33 -15.73 -6.63 112.93
C VAL M 33 -14.33 -6.74 112.34
N ALA M 34 -13.69 -7.90 112.51
CA ALA M 34 -12.36 -8.10 111.93
C ALA M 34 -12.43 -8.17 110.42
N LEU M 35 -13.43 -8.86 109.88
CA LEU M 35 -13.58 -8.92 108.42
C LEU M 35 -13.92 -7.55 107.85
N ILE M 36 -14.63 -6.72 108.61
CA ILE M 36 -14.94 -5.37 108.16
C ILE M 36 -13.70 -4.50 108.19
N LYS M 37 -12.92 -4.57 109.28
CA LYS M 37 -11.66 -3.85 109.35
C LYS M 37 -10.70 -4.28 108.26
N LYS M 38 -10.69 -5.57 107.91
CA LYS M 38 -9.94 -6.02 106.75
C LYS M 38 -10.55 -5.48 105.47
N GLU M 39 -11.88 -5.51 105.38
CA GLU M 39 -12.55 -4.83 104.28
C GLU M 39 -12.34 -3.33 104.36
N LEU M 40 -12.32 -2.75 105.56
CA LEU M 40 -11.92 -1.36 105.70
C LEU M 40 -10.46 -1.18 105.28
N GLU M 41 -9.59 -2.12 105.65
CA GLU M 41 -8.20 -2.05 105.21
C GLU M 41 -8.10 -2.22 103.69
N GLN M 42 -8.91 -3.11 103.13
CA GLN M 42 -8.89 -3.31 101.68
C GLN M 42 -9.36 -2.07 100.95
N ALA M 43 -10.38 -1.38 101.47
CA ALA M 43 -10.84 -0.15 100.85
C ALA M 43 -9.83 0.97 101.01
N GLU M 44 -9.23 1.09 102.19
CA GLU M 44 -8.20 2.11 102.41
C GLU M 44 -6.99 1.88 101.52
N ARG M 45 -6.65 0.61 101.27
CA ARG M 45 -5.61 0.32 100.29
C ARG M 45 -6.05 0.69 98.89
N THR M 46 -7.29 0.34 98.52
CA THR M 46 -7.85 0.80 97.26
C THR M 46 -8.05 2.31 97.27
N PHE M 47 -8.33 2.91 98.42
CA PHE M 47 -8.32 4.37 98.52
C PHE M 47 -6.90 4.90 98.36
N ARG M 48 -5.91 4.14 98.82
CA ARG M 48 -4.52 4.47 98.55
C ARG M 48 -4.08 4.00 97.17
N ASN M 49 -4.80 3.07 96.57
CA ASN M 49 -4.50 2.60 95.23
C ASN M 49 -5.30 3.44 94.24
N GLY M 50 -5.18 3.11 92.95
CA GLY M 50 -5.92 3.81 91.91
C GLY M 50 -7.35 3.32 91.80
N ASP M 51 -7.73 2.37 92.65
CA ASP M 51 -9.07 1.82 92.69
C ASP M 51 -9.89 2.68 93.64
N LYS M 52 -10.09 3.94 93.26
CA LYS M 52 -10.81 4.90 94.09
C LYS M 52 -12.32 4.65 94.08
N SER M 53 -12.87 4.30 92.92
CA SER M 53 -14.29 3.95 92.87
C SER M 53 -14.56 2.64 93.57
N GLU M 54 -13.68 1.64 93.37
CA GLU M 54 -13.79 0.41 94.12
C GLU M 54 -13.59 0.66 95.60
N ALA M 55 -12.70 1.57 95.96
CA ALA M 55 -12.52 1.95 97.35
C ALA M 55 -13.81 2.54 97.92
N GLN M 56 -14.45 3.43 97.16
CA GLN M 56 -15.69 4.04 97.62
C GLN M 56 -16.80 3.01 97.77
N ARG M 57 -16.89 2.07 96.83
CA ARG M 57 -17.90 1.03 96.92
C ARG M 57 -17.68 0.12 98.13
N GLN M 58 -16.43 -0.33 98.32
CA GLN M 58 -16.12 -1.19 99.45
C GLN M 58 -16.31 -0.44 100.77
N LEU M 59 -15.99 0.86 100.78
CA LEU M 59 -16.17 1.65 102.00
C LEU M 59 -17.64 1.86 102.30
N GLU M 60 -18.46 2.06 101.26
CA GLU M 60 -19.89 2.19 101.48
C GLU M 60 -20.49 0.89 101.98
N PHE M 61 -20.06 -0.24 101.43
CA PHE M 61 -20.52 -1.53 101.93
C PHE M 61 -20.08 -1.75 103.37
N VAL M 62 -18.82 -1.45 103.68
CA VAL M 62 -18.31 -1.66 105.03
C VAL M 62 -18.94 -0.68 106.00
N LEU M 63 -19.41 0.46 105.52
CA LEU M 63 -20.09 1.40 106.40
C LEU M 63 -21.42 0.82 106.87
N THR M 64 -22.21 0.30 105.94
CA THR M 64 -23.43 -0.40 106.33
C THR M 64 -23.11 -1.62 107.17
N ALA M 65 -22.00 -2.29 106.87
CA ALA M 65 -21.60 -3.45 107.65
C ALA M 65 -21.31 -3.06 109.10
N ALA M 66 -20.55 -1.98 109.29
CA ALA M 66 -20.22 -1.53 110.64
C ALA M 66 -21.46 -1.00 111.35
N ARG M 67 -22.37 -0.36 110.60
CA ARG M 67 -23.61 0.12 111.21
C ARG M 67 -24.45 -1.05 111.71
N ALA M 68 -24.63 -2.08 110.87
CA ALA M 68 -25.40 -3.24 111.29
C ALA M 68 -24.67 -4.00 112.39
N VAL M 69 -23.34 -3.97 112.39
CA VAL M 69 -22.58 -4.65 113.43
C VAL M 69 -22.75 -3.93 114.76
N MET M 70 -22.77 -2.60 114.73
CA MET M 70 -23.06 -1.84 115.94
C MET M 70 -24.48 -2.10 116.40
N ASN M 71 -25.42 -2.23 115.46
CA ASN M 71 -26.78 -2.59 115.81
C ASN M 71 -26.82 -3.94 116.51
N VAL M 72 -26.08 -4.91 115.99
CA VAL M 72 -26.06 -6.24 116.58
C VAL M 72 -25.38 -6.22 117.95
N ALA M 73 -24.32 -5.43 118.10
CA ALA M 73 -23.65 -5.35 119.38
C ALA M 73 -24.53 -4.70 120.43
N ALA M 74 -25.22 -3.62 120.05
CA ALA M 74 -26.14 -2.97 120.97
C ALA M 74 -27.32 -3.87 121.29
N ALA M 75 -27.75 -4.68 120.32
CA ALA M 75 -28.80 -5.65 120.59
C ALA M 75 -28.33 -6.69 121.60
N ALA M 76 -27.15 -7.27 121.38
CA ALA M 76 -26.59 -8.24 122.30
C ALA M 76 -26.41 -7.64 123.69
N ASN M 77 -26.05 -6.36 123.76
CA ASN M 77 -25.98 -5.68 125.05
C ASN M 77 -27.35 -5.41 125.63
N ALA M 78 -28.39 -5.34 124.80
CA ALA M 78 -29.73 -5.05 125.24
C ALA M 78 -30.66 -6.27 125.17
N ALA M 79 -30.14 -7.42 124.74
CA ALA M 79 -30.94 -8.63 124.66
C ALA M 79 -30.13 -9.82 125.19
N GLY M 80 -29.43 -9.62 126.30
CA GLY M 80 -28.70 -10.69 126.92
C GLY M 80 -29.57 -11.71 127.64
N THR M 81 -30.89 -11.54 127.61
CA THR M 81 -31.79 -12.43 128.33
C THR M 81 -32.93 -12.98 127.47
N ASP M 82 -33.01 -12.61 126.20
CA ASP M 82 -34.07 -13.10 125.33
C ASP M 82 -33.53 -14.17 124.40
N PRO M 83 -33.94 -15.44 124.58
CA PRO M 83 -33.40 -16.49 123.71
C PRO M 83 -33.78 -16.32 122.26
N LEU M 84 -35.01 -15.88 121.98
CA LEU M 84 -35.40 -15.63 120.60
C LEU M 84 -34.58 -14.50 120.01
N LEU M 85 -34.26 -13.48 120.81
CA LEU M 85 -33.42 -12.40 120.32
C LEU M 85 -32.00 -12.88 120.05
N LYS M 86 -31.43 -13.68 120.94
CA LYS M 86 -30.09 -14.21 120.71
C LYS M 86 -30.08 -15.11 119.49
N ALA M 87 -31.15 -15.87 119.28
CA ALA M 87 -31.24 -16.74 118.11
C ALA M 87 -31.31 -15.93 116.83
N MET M 88 -32.19 -14.92 116.79
CA MET M 88 -32.26 -14.05 115.63
C MET M 88 -30.96 -13.28 115.43
N VAL M 89 -30.25 -13.00 116.52
CA VAL M 89 -28.98 -12.29 116.42
C VAL M 89 -27.92 -13.17 115.79
N ASP M 90 -27.83 -14.42 116.23
CA ASP M 90 -26.90 -15.35 115.59
C ASP M 90 -27.29 -15.61 114.15
N ALA M 91 -28.60 -15.61 113.86
CA ALA M 91 -29.06 -15.79 112.49
C ALA M 91 -28.66 -14.60 111.63
N ILE M 92 -28.80 -13.38 112.15
CA ILE M 92 -28.37 -12.21 111.42
C ILE M 92 -26.85 -12.19 111.29
N LEU M 93 -26.15 -12.75 112.28
CA LEU M 93 -24.70 -12.85 112.19
C LEU M 93 -24.28 -13.80 111.07
N TRP M 94 -24.97 -14.93 110.96
CA TRP M 94 -24.69 -15.86 109.87
C TRP M 94 -25.05 -15.25 108.53
N ARG M 95 -26.20 -14.56 108.46
CA ARG M 95 -26.60 -13.90 107.23
C ARG M 95 -25.61 -12.79 106.86
N LEU M 96 -25.05 -12.13 107.88
CA LEU M 96 -24.07 -11.08 107.62
C LEU M 96 -22.75 -11.67 107.16
N LYS M 97 -22.33 -12.80 107.72
CA LYS M 97 -21.16 -13.48 107.20
C LYS M 97 -21.37 -13.93 105.77
N GLU M 98 -22.58 -14.42 105.46
CA GLU M 98 -22.89 -14.82 104.09
C GLU M 98 -22.86 -13.63 103.15
N ALA M 99 -23.46 -12.50 103.56
CA ALA M 99 -23.47 -11.32 102.72
C ALA M 99 -22.07 -10.74 102.60
N ILE M 100 -21.24 -10.91 103.62
CA ILE M 100 -19.86 -10.42 103.56
C ILE M 100 -19.04 -11.27 102.61
N ARG M 101 -19.27 -12.58 102.61
CA ARG M 101 -18.62 -13.44 101.63
C ARG M 101 -19.12 -13.14 100.23
N THR M 102 -20.41 -12.81 100.09
CA THR M 102 -20.97 -12.49 98.79
C THR M 102 -20.38 -11.19 98.24
N PHE M 103 -20.36 -10.14 99.07
CA PHE M 103 -19.74 -8.89 98.66
C PHE M 103 -18.26 -9.07 98.38
N GLN M 104 -17.57 -9.87 99.20
CA GLN M 104 -16.18 -10.19 98.92
C GLN M 104 -16.05 -10.95 97.60
N ASN M 105 -17.08 -11.71 97.23
CA ASN M 105 -17.16 -12.31 95.90
C ASN M 105 -17.67 -11.32 94.86
N GLY M 106 -17.78 -10.04 95.20
CA GLY M 106 -18.34 -9.07 94.29
C GLY M 106 -19.85 -9.14 94.15
N ASP M 107 -20.51 -9.93 95.00
CA ASP M 107 -21.95 -10.05 94.96
C ASP M 107 -22.59 -9.30 96.11
N GLU M 109 -22.96 -6.80 94.20
CA GLU M 109 -24.21 -7.09 93.52
C GLU M 109 -25.35 -7.29 94.52
N GLU M 110 -25.61 -8.56 94.86
CA GLU M 110 -26.63 -8.89 95.84
C GLU M 110 -26.16 -8.65 97.27
N ALA M 111 -25.02 -7.98 97.45
CA ALA M 111 -24.57 -7.61 98.78
C ALA M 111 -25.55 -6.66 99.45
N GLU M 112 -25.71 -5.46 98.88
CA GLU M 112 -26.75 -4.55 99.36
C GLU M 112 -28.10 -4.93 98.78
N THR M 113 -28.47 -6.19 99.00
CA THR M 113 -29.81 -6.72 98.73
C THR M 113 -30.41 -7.37 99.97
N GLN M 114 -29.80 -8.46 100.44
CA GLN M 114 -30.14 -9.00 101.74
C GLN M 114 -29.59 -8.15 102.87
N LEU M 115 -28.32 -7.74 102.76
CA LEU M 115 -27.76 -6.83 103.74
C LEU M 115 -28.46 -5.47 103.70
N ARG M 116 -28.97 -5.08 102.53
CA ARG M 116 -29.85 -3.93 102.46
C ARG M 116 -31.02 -4.10 103.42
N PHE M 117 -31.60 -5.30 103.45
CA PHE M 117 -32.60 -5.60 104.47
C PHE M 117 -31.97 -6.05 105.78
N VAL M 118 -30.83 -6.75 105.71
CA VAL M 118 -30.17 -7.17 106.94
C VAL M 118 -29.66 -5.97 107.72
N LEU M 119 -29.38 -4.85 107.04
CA LEU M 119 -29.14 -3.62 107.78
C LEU M 119 -30.39 -3.18 108.51
N ARG M 120 -31.52 -3.14 107.82
CA ARG M 120 -32.79 -2.83 108.49
C ARG M 120 -33.15 -3.94 109.47
N ALA M 121 -32.75 -5.17 109.18
CA ALA M 121 -32.99 -6.25 110.12
C ALA M 121 -32.24 -6.02 111.42
N ALA M 122 -30.96 -5.68 111.34
CA ALA M 122 -30.20 -5.38 112.56
C ALA M 122 -30.75 -4.13 113.24
N ILE M 123 -31.27 -3.18 112.46
CA ILE M 123 -31.89 -2.01 113.03
C ILE M 123 -33.07 -2.40 113.90
N ALA M 124 -34.03 -3.12 113.32
CA ALA M 124 -35.21 -3.53 114.08
C ALA M 124 -34.84 -4.48 115.20
N VAL M 125 -33.75 -5.24 115.03
CA VAL M 125 -33.32 -6.17 116.06
C VAL M 125 -32.81 -5.43 117.27
N ALA M 126 -31.91 -4.47 117.05
CA ALA M 126 -31.47 -3.62 118.15
C ALA M 126 -32.64 -2.84 118.73
N VAL M 127 -33.62 -2.50 117.89
CA VAL M 127 -34.79 -1.78 118.38
C VAL M 127 -35.57 -2.62 119.37
N VAL M 128 -35.86 -3.87 119.01
CA VAL M 128 -36.59 -4.75 119.92
C VAL M 128 -35.74 -5.06 121.14
N ALA M 129 -34.42 -5.18 120.96
CA ALA M 129 -33.54 -5.44 122.09
C ALA M 129 -33.56 -4.30 123.09
N ALA M 130 -33.53 -3.06 122.59
CA ALA M 130 -33.63 -1.92 123.49
C ALA M 130 -35.01 -1.84 124.12
N ALA M 131 -36.05 -2.20 123.37
CA ALA M 131 -37.40 -2.22 123.93
C ALA M 131 -37.49 -3.21 125.09
N LEU M 132 -36.77 -4.32 124.98
CA LEU M 132 -36.78 -5.31 126.05
C LEU M 132 -35.87 -4.91 127.21
N VAL M 133 -34.75 -4.26 126.91
CA VAL M 133 -33.80 -3.92 127.96
C VAL M 133 -34.29 -2.73 128.79
N LEU M 134 -34.86 -1.72 128.14
CA LEU M 134 -35.44 -0.58 128.84
C LEU M 134 -36.82 -0.89 129.40
N ALA M 135 -37.28 -2.13 129.27
CA ALA M 135 -38.53 -2.56 129.87
C ALA M 135 -38.27 -2.86 131.35
N GLY M 136 -39.32 -3.23 132.07
CA GLY M 136 -39.23 -3.50 133.49
C GLY M 136 -40.19 -4.60 133.88
N THR M 137 -40.95 -4.35 134.94
CA THR M 137 -41.93 -5.34 135.38
C THR M 137 -43.01 -5.56 134.33
N ASP M 138 -43.75 -4.51 134.01
CA ASP M 138 -44.86 -4.61 133.07
C ASP M 138 -44.40 -4.26 131.67
N PRO M 139 -44.03 -5.24 130.85
CA PRO M 139 -43.75 -4.95 129.44
C PRO M 139 -45.02 -4.49 128.73
N GLU M 140 -46.11 -5.23 128.93
CA GLU M 140 -47.45 -4.93 128.41
C GLU M 140 -47.53 -4.95 126.90
N LEU M 141 -46.40 -4.95 126.18
CA LEU M 141 -46.42 -5.14 124.74
C LEU M 141 -45.24 -5.98 124.27
N GLN M 142 -44.42 -6.52 125.18
CA GLN M 142 -43.34 -7.42 124.77
C GLN M 142 -43.89 -8.61 124.00
N GLU M 143 -45.10 -9.07 124.34
CA GLU M 143 -45.77 -10.06 123.50
C GLU M 143 -45.99 -9.49 122.10
N MET M 144 -46.61 -8.31 122.01
CA MET M 144 -46.68 -7.60 120.74
C MET M 144 -45.29 -7.40 120.16
N VAL M 145 -44.35 -6.95 121.00
CA VAL M 145 -42.95 -6.84 120.58
C VAL M 145 -42.42 -8.19 120.16
N GLU M 146 -42.81 -9.26 120.85
CA GLU M 146 -42.47 -10.59 120.35
C GLU M 146 -43.24 -10.89 119.07
N GLN M 147 -44.52 -10.53 119.03
CA GLN M 147 -45.27 -10.60 117.78
C GLN M 147 -44.56 -9.82 116.70
N ILE M 148 -44.21 -8.57 116.99
CA ILE M 148 -43.35 -7.81 116.10
C ILE M 148 -42.07 -8.59 115.82
N LYS M 149 -41.44 -9.14 116.87
CA LYS M 149 -40.30 -10.01 116.67
C LYS M 149 -40.68 -11.18 115.76
N ASP M 150 -41.84 -11.80 116.02
CA ASP M 150 -42.38 -12.75 115.07
C ASP M 150 -42.55 -12.10 113.71
N LEU M 151 -43.22 -10.94 113.66
CA LEU M 151 -43.26 -10.17 112.43
C LEU M 151 -41.87 -9.85 111.92
N LEU M 152 -40.90 -9.65 112.82
CA LEU M 152 -39.51 -9.53 112.42
C LEU M 152 -38.99 -10.86 111.90
N ILE M 153 -39.23 -11.94 112.64
CA ILE M 153 -38.95 -13.27 112.11
C ILE M 153 -39.70 -13.46 110.80
N SER M 154 -40.97 -13.07 110.77
CA SER M 154 -41.70 -13.03 109.50
C SER M 154 -41.02 -12.12 108.50
N ALA M 155 -40.56 -10.95 108.96
CA ALA M 155 -39.72 -10.12 108.09
C ALA M 155 -38.43 -10.85 107.74
N PHE M 156 -37.86 -11.58 108.71
CA PHE M 156 -36.73 -12.44 108.41
C PHE M 156 -37.10 -13.46 107.34
N MET M 157 -38.37 -13.85 107.28
CA MET M 157 -38.85 -14.62 106.14
C MET M 157 -39.32 -13.74 105.01
N ALA M 158 -39.84 -12.54 105.30
CA ALA M 158 -40.33 -11.63 104.28
C ALA M 158 -39.19 -10.86 103.61
N GLY M 159 -37.96 -11.30 103.83
CA GLY M 159 -36.82 -10.73 103.15
C GLY M 159 -36.34 -11.65 102.04
N GLU M 165 -38.57 -9.99 100.47
CA GLU M 165 -38.93 -8.79 99.73
C GLU M 165 -40.08 -8.06 100.41
N LYS M 166 -40.93 -8.81 101.11
CA LYS M 166 -42.10 -8.27 101.78
C LYS M 166 -41.77 -7.65 103.13
N ALA M 167 -40.55 -7.13 103.30
CA ALA M 167 -40.14 -6.57 104.58
C ALA M 167 -39.46 -5.21 104.47
N LEU M 168 -39.29 -4.66 103.26
CA LEU M 168 -38.62 -3.37 103.13
C LEU M 168 -39.36 -2.27 103.87
N THR M 169 -40.64 -2.09 103.58
CA THR M 169 -41.44 -1.15 104.37
C THR M 169 -41.87 -1.76 105.69
N GLN M 170 -41.96 -3.09 105.76
CA GLN M 170 -42.34 -3.74 107.01
C GLN M 170 -41.27 -3.57 108.06
N LEU M 171 -39.99 -3.64 107.67
CA LEU M 171 -38.92 -3.38 108.64
C LEU M 171 -38.98 -1.96 109.14
N LEU M 172 -39.24 -1.00 108.26
CA LEU M 172 -39.37 0.39 108.68
C LEU M 172 -40.56 0.56 109.63
N PHE M 173 -41.68 -0.10 109.32
CA PHE M 173 -42.84 -0.01 110.19
C PHE M 173 -42.57 -0.63 111.55
N VAL M 174 -41.86 -1.75 111.58
CA VAL M 174 -41.53 -2.39 112.84
C VAL M 174 -40.59 -1.51 113.65
N ALA M 175 -39.62 -0.89 112.99
CA ALA M 175 -38.72 0.02 113.69
C ALA M 175 -39.47 1.23 114.24
N TRP M 176 -40.43 1.75 113.47
CA TRP M 176 -41.20 2.90 113.94
C TRP M 176 -42.10 2.52 115.11
N ALA M 177 -42.66 1.31 115.08
CA ALA M 177 -43.47 0.85 116.21
C ALA M 177 -42.61 0.62 117.43
N ALA M 178 -41.40 0.10 117.24
CA ALA M 178 -40.48 -0.02 118.36
C ALA M 178 -40.08 1.33 118.91
N HIS M 179 -39.91 2.33 118.03
CA HIS M 179 -39.58 3.68 118.49
C HIS M 179 -40.72 4.28 119.29
N ALA M 180 -41.96 4.08 118.84
CA ALA M 180 -43.09 4.50 119.66
C ALA M 180 -43.16 3.71 120.95
N VAL M 181 -42.69 2.46 120.93
CA VAL M 181 -42.62 1.69 122.16
C VAL M 181 -41.39 2.07 122.97
N ALA M 182 -40.25 2.26 122.32
CA ALA M 182 -39.03 2.62 123.04
C ALA M 182 -39.14 4.01 123.65
N MET M 183 -39.84 4.92 122.99
CA MET M 183 -40.13 6.21 123.60
C MET M 183 -41.01 6.02 124.83
N ILE M 184 -42.08 5.23 124.71
CA ILE M 184 -42.94 4.95 125.85
C ILE M 184 -42.19 4.18 126.93
N ALA M 185 -41.31 3.26 126.52
CA ALA M 185 -40.55 2.49 127.48
C ALA M 185 -39.60 3.39 128.27
N ALA M 186 -38.90 4.30 127.58
CA ALA M 186 -38.00 5.21 128.28
C ALA M 186 -38.77 6.20 129.14
N ALA M 187 -39.98 6.57 128.71
CA ALA M 187 -40.79 7.47 129.51
C ALA M 187 -41.25 6.80 130.80
N ALA M 188 -41.72 5.55 130.71
CA ALA M 188 -42.12 4.83 131.90
C ALA M 188 -40.93 4.45 132.76
N ASN M 189 -39.74 4.34 132.16
CA ASN M 189 -38.55 3.97 132.91
C ASN M 189 -38.15 5.06 133.91
N LEU M 190 -38.13 6.31 133.48
CA LEU M 190 -37.81 7.43 134.36
C LEU M 190 -39.04 7.94 135.11
N ALA M 191 -40.17 7.24 134.99
CA ALA M 191 -41.40 7.62 135.68
C ALA M 191 -41.60 6.71 136.89
N GLY M 192 -42.21 7.28 137.93
CA GLY M 192 -42.49 6.53 139.14
C GLY M 192 -43.96 6.19 139.28
N PRO M 195 -47.20 9.85 137.39
CA PRO M 195 -47.58 8.95 136.29
C PRO M 195 -48.10 9.71 135.07
N ARG M 196 -47.82 11.01 135.01
CA ARG M 196 -48.22 11.82 133.87
C ARG M 196 -47.57 11.33 132.59
N LEU M 197 -46.29 10.97 132.67
CA LEU M 197 -45.61 10.41 131.50
C LEU M 197 -46.21 9.07 131.11
N GLN M 198 -46.61 8.26 132.10
CA GLN M 198 -47.23 6.98 131.80
C GLN M 198 -48.58 7.16 131.14
N GLN M 199 -49.36 8.15 131.60
CA GLN M 199 -50.66 8.39 130.99
C GLN M 199 -50.52 9.00 129.60
N GLN M 200 -49.50 9.83 129.38
CA GLN M 200 -49.26 10.38 128.04
C GLN M 200 -48.80 9.30 127.08
N VAL M 201 -47.96 8.38 127.56
CA VAL M 201 -47.52 7.26 126.72
C VAL M 201 -48.60 6.21 126.54
N LYS M 202 -49.61 6.18 127.43
CA LYS M 202 -50.69 5.22 127.27
C LYS M 202 -51.61 5.60 126.12
N GLU M 203 -51.64 6.88 125.74
CA GLU M 203 -52.44 7.32 124.61
C GLU M 203 -51.70 7.21 123.28
N ILE M 204 -50.39 7.40 123.28
CA ILE M 204 -49.62 7.16 122.07
C ILE M 204 -49.48 5.66 121.81
N LEU M 205 -49.35 4.87 122.89
CA LEU M 205 -49.33 3.42 122.73
C LEU M 205 -50.67 2.90 122.25
N GLU M 206 -51.76 3.58 122.58
CA GLU M 206 -53.06 3.17 122.07
C GLU M 206 -53.12 3.29 120.55
N LYS M 207 -52.75 4.44 120.01
CA LYS M 207 -52.71 4.60 118.55
C LYS M 207 -51.66 3.69 117.93
N LEU M 208 -50.57 3.43 118.64
CA LEU M 208 -49.55 2.52 118.13
C LEU M 208 -50.10 1.11 117.98
N LYS M 209 -50.80 0.60 118.99
CA LYS M 209 -51.39 -0.73 118.90
C LYS M 209 -52.50 -0.77 117.87
N GLU M 210 -53.27 0.32 117.75
CA GLU M 210 -54.31 0.38 116.72
C GLU M 210 -53.71 0.30 115.32
N ALA M 211 -52.61 1.02 115.09
CA ALA M 211 -51.94 0.95 113.79
C ALA M 211 -51.29 -0.41 113.58
N ILE M 212 -50.75 -1.01 114.64
CA ILE M 212 -50.12 -2.33 114.52
C ILE M 212 -51.15 -3.37 114.12
N GLU M 213 -52.33 -3.33 114.75
CA GLU M 213 -53.43 -4.16 114.30
C GLU M 213 -53.81 -3.82 112.86
N THR M 214 -53.80 -2.53 112.51
CA THR M 214 -54.02 -2.14 111.13
C THR M 214 -52.85 -2.56 110.24
N PHE M 215 -51.62 -2.41 110.72
CA PHE M 215 -50.47 -2.92 109.99
C PHE M 215 -50.50 -4.44 109.88
N GLN M 216 -51.09 -5.11 110.86
CA GLN M 216 -51.37 -6.53 110.78
C GLN M 216 -52.69 -6.79 110.07
N LYS M 217 -53.38 -5.74 109.62
CA LYS M 217 -54.58 -5.87 108.81
C LYS M 217 -54.30 -5.55 107.35
N GLY M 218 -53.04 -5.57 106.95
CA GLY M 218 -52.68 -5.34 105.57
C GLY M 218 -52.76 -3.88 105.17
N ASP M 219 -52.67 -2.98 106.15
CA ASP M 219 -52.70 -1.55 105.90
C ASP M 219 -51.27 -1.05 105.85
N GLU M 220 -50.83 -0.60 104.68
CA GLU M 220 -49.44 -0.24 104.45
C GLU M 220 -49.18 1.25 104.59
N GLU M 221 -50.04 2.09 104.03
CA GLU M 221 -49.86 3.53 104.16
C GLU M 221 -50.57 4.08 105.39
N GLN M 222 -51.82 3.67 105.61
CA GLN M 222 -52.60 4.21 106.72
C GLN M 222 -52.02 3.79 108.06
N ALA M 223 -51.68 2.51 108.22
CA ALA M 223 -51.15 2.04 109.48
C ALA M 223 -49.76 2.60 109.73
N PHE M 224 -48.93 2.69 108.69
CA PHE M 224 -47.62 3.30 108.85
C PHE M 224 -47.74 4.75 109.26
N ARG M 225 -48.68 5.48 108.67
CA ARG M 225 -48.89 6.88 109.04
C ARG M 225 -49.38 7.00 110.48
N GLN M 226 -50.31 6.14 110.88
CA GLN M 226 -50.82 6.19 112.26
C GLN M 226 -49.73 5.86 113.27
N LEU M 227 -48.89 4.86 112.97
CA LEU M 227 -47.81 4.51 113.88
C LEU M 227 -46.76 5.61 113.94
N ALA M 228 -46.46 6.24 112.80
CA ALA M 228 -45.50 7.33 112.77
C ALA M 228 -46.01 8.54 113.54
N GLU M 229 -47.31 8.83 113.43
CA GLU M 229 -47.88 9.93 114.17
C GLU M 229 -47.92 9.64 115.67
N VAL M 230 -48.21 8.38 116.03
CA VAL M 230 -48.19 7.99 117.43
C VAL M 230 -46.78 8.12 117.99
N LEU M 231 -45.77 7.70 117.22
CA LEU M 231 -44.38 7.85 117.65
C LEU M 231 -44.00 9.31 117.79
N ALA M 232 -44.47 10.17 116.88
CA ALA M 232 -44.16 11.59 116.96
C ALA M 232 -44.80 12.22 118.19
N GLU M 233 -46.07 11.88 118.46
CA GLU M 233 -46.73 12.40 119.66
C GLU M 233 -46.05 11.87 120.92
N ALA M 234 -45.61 10.62 120.90
CA ALA M 234 -44.89 10.07 122.04
C ALA M 234 -43.57 10.80 122.26
N ALA M 235 -42.86 11.12 121.19
CA ALA M 235 -41.62 11.87 121.31
C ALA M 235 -41.87 13.29 121.79
N LEU M 236 -43.00 13.88 121.39
CA LEU M 236 -43.34 15.21 121.88
C LEU M 236 -43.68 15.19 123.36
N VAL M 237 -44.38 14.15 123.82
CA VAL M 237 -44.67 14.04 125.25
C VAL M 237 -43.41 13.68 126.03
N ALA M 238 -42.47 12.98 125.40
CA ALA M 238 -41.22 12.64 126.07
C ALA M 238 -40.38 13.88 126.30
N LEU M 239 -40.53 14.90 125.46
CA LEU M 239 -39.84 16.15 125.68
C LEU M 239 -40.21 16.77 127.03
N ARG M 240 -41.47 16.63 127.44
CA ARG M 240 -41.89 17.12 128.75
C ARG M 240 -41.62 16.09 129.84
N ALA M 241 -41.71 14.80 129.51
CA ALA M 241 -41.45 13.77 130.51
C ALA M 241 -39.99 13.74 130.93
N ALA M 242 -39.08 14.20 130.07
CA ALA M 242 -37.66 14.24 130.41
C ALA M 242 -37.37 15.31 131.45
N LEU M 243 -38.24 16.31 131.59
CA LEU M 243 -38.10 17.33 132.63
C LEU M 243 -39.04 17.08 133.80
N THR M 244 -39.82 16.01 133.77
CA THR M 244 -40.76 15.70 134.84
C THR M 244 -40.09 14.98 136.02
N ASN M 245 -38.80 14.69 135.93
CA ASN M 245 -38.09 14.02 137.01
C ASN M 245 -36.85 14.79 137.42
N GLU N 4 75.12 67.29 -27.36
CA GLU N 4 73.81 66.65 -27.42
C GLU N 4 72.85 67.48 -28.26
N PHE N 5 71.55 67.27 -28.05
CA PHE N 5 70.52 67.95 -28.82
C PHE N 5 70.45 69.44 -28.54
N LYS N 6 71.02 69.90 -27.43
CA LYS N 6 71.19 71.33 -27.19
C LYS N 6 72.61 71.66 -26.74
N PHE N 7 73.46 70.64 -26.56
CA PHE N 7 74.86 70.84 -26.20
C PHE N 7 75.80 70.67 -27.37
N LEU N 8 75.34 70.13 -28.50
CA LEU N 8 76.09 70.14 -29.74
C LEU N 8 75.38 71.00 -30.78
N ALA N 9 74.32 71.68 -30.37
CA ALA N 9 73.62 72.65 -31.19
C ALA N 9 74.16 74.05 -30.99
N THR N 10 74.91 74.28 -29.90
CA THR N 10 75.71 75.49 -29.80
C THR N 10 76.84 75.47 -30.80
N GLU N 11 77.40 74.28 -31.07
CA GLU N 11 78.31 74.14 -32.18
C GLU N 11 77.62 74.39 -33.50
N ALA N 12 76.38 73.90 -33.65
CA ALA N 12 75.59 74.24 -34.83
C ALA N 12 75.30 75.73 -34.89
N LYS N 13 75.16 76.37 -33.73
CA LYS N 13 74.95 77.82 -33.68
C LYS N 13 76.17 78.59 -34.13
N MET N 14 77.37 78.16 -33.71
CA MET N 14 78.59 78.75 -34.24
C MET N 14 78.71 78.48 -35.74
N LEU N 15 78.29 77.30 -36.18
CA LEU N 15 78.29 77.02 -37.61
C LEU N 15 77.31 77.95 -38.34
N ILE N 16 76.15 78.21 -37.74
CA ILE N 16 75.18 79.11 -38.36
C ILE N 16 75.74 80.52 -38.42
N THR N 17 76.44 80.94 -37.37
CA THR N 17 77.05 82.26 -37.36
C THR N 17 78.15 82.38 -38.41
N ALA N 18 78.93 81.31 -38.59
CA ALA N 18 79.95 81.31 -39.62
C ALA N 18 79.32 81.39 -41.01
N ALA N 19 78.31 80.56 -41.26
CA ALA N 19 77.68 80.53 -42.58
C ALA N 19 76.96 81.83 -42.90
N GLU N 20 76.32 82.45 -41.90
CA GLU N 20 75.68 83.73 -42.12
C GLU N 20 76.68 84.80 -42.49
N ARG N 21 77.90 84.69 -41.97
CA ARG N 21 78.98 85.62 -42.29
C ARG N 21 79.82 85.16 -43.47
N LEU N 22 79.61 83.93 -43.97
CA LEU N 22 80.38 83.40 -45.09
C LEU N 22 79.54 83.19 -46.34
N ALA N 23 78.22 83.38 -46.26
CA ALA N 23 77.34 83.27 -47.41
C ALA N 23 76.68 84.63 -47.60
N GLY N 24 77.45 85.58 -48.12
CA GLY N 24 76.94 86.91 -48.40
C GLY N 24 76.35 87.07 -49.78
N THR N 25 76.47 86.04 -50.62
CA THR N 25 75.83 86.02 -51.94
C THR N 25 75.02 84.74 -52.02
N ASP N 26 74.49 84.45 -53.21
CA ASP N 26 73.62 83.30 -53.42
C ASP N 26 72.48 83.34 -52.40
N PRO N 27 71.51 84.23 -52.57
CA PRO N 27 70.38 84.29 -51.63
C PRO N 27 69.71 82.95 -51.36
N ARG N 28 69.93 81.95 -52.22
CA ARG N 28 69.53 80.59 -51.87
C ARG N 28 70.28 80.10 -50.64
N LEU N 29 71.54 80.49 -50.51
CA LEU N 29 72.31 80.12 -49.32
C LEU N 29 71.75 80.80 -48.07
N GLN N 30 71.41 82.08 -48.19
CA GLN N 30 70.82 82.78 -47.05
C GLN N 30 69.47 82.18 -46.69
N GLU N 31 68.68 81.79 -47.70
CA GLU N 31 67.38 81.18 -47.43
C GLU N 31 67.54 79.81 -46.78
N MET N 32 68.53 79.04 -47.22
CA MET N 32 68.79 77.75 -46.58
C MET N 32 69.27 77.93 -45.15
N VAL N 33 70.10 78.96 -44.91
CA VAL N 33 70.54 79.24 -43.55
C VAL N 33 69.37 79.65 -42.68
N ALA N 34 68.42 80.40 -43.25
CA ALA N 34 67.24 80.79 -42.50
C ALA N 34 66.34 79.60 -42.20
N LEU N 35 66.16 78.71 -43.18
CA LEU N 35 65.38 77.51 -42.95
C LEU N 35 66.04 76.58 -41.94
N ILE N 36 67.38 76.59 -41.90
CA ILE N 36 68.09 75.78 -40.92
C ILE N 36 67.94 76.37 -39.53
N LYS N 37 68.11 77.70 -39.41
CA LYS N 37 67.89 78.37 -38.15
C LYS N 37 66.47 78.19 -37.64
N LYS N 38 65.49 78.19 -38.55
CA LYS N 38 64.12 77.83 -38.17
C LYS N 38 64.05 76.36 -37.78
N GLU N 39 64.70 75.50 -38.55
CA GLU N 39 64.84 74.12 -38.14
C GLU N 39 65.66 73.99 -36.87
N LEU N 40 66.70 74.81 -36.72
CA LEU N 40 67.39 74.90 -35.43
C LEU N 40 66.46 75.41 -34.35
N GLU N 41 65.63 76.41 -34.66
CA GLU N 41 64.66 76.89 -33.70
C GLU N 41 63.62 75.82 -33.39
N GLN N 42 63.20 75.07 -34.42
CA GLN N 42 62.23 74.01 -34.19
C GLN N 42 62.80 72.90 -33.31
N ALA N 43 64.07 72.56 -33.50
CA ALA N 43 64.71 71.55 -32.67
C ALA N 43 64.91 72.07 -31.24
N GLU N 44 65.35 73.32 -31.10
CA GLU N 44 65.52 73.90 -29.77
C GLU N 44 64.20 73.99 -29.03
N ARG N 45 63.11 74.25 -29.74
CA ARG N 45 61.79 74.18 -29.13
C ARG N 45 61.44 72.76 -28.74
N THR N 46 61.69 71.80 -29.63
CA THR N 46 61.54 70.39 -29.29
C THR N 46 62.55 69.98 -28.23
N PHE N 47 63.74 70.59 -28.22
CA PHE N 47 64.67 70.37 -27.11
C PHE N 47 64.13 71.00 -25.83
N ARG N 48 63.38 72.11 -25.96
CA ARG N 48 62.67 72.66 -24.83
C ARG N 48 61.34 71.97 -24.60
N ASN N 49 60.82 71.25 -25.59
CA ASN N 49 59.60 70.48 -25.43
C ASN N 49 59.96 69.06 -25.00
N GLY N 50 58.94 68.21 -24.87
CA GLY N 50 59.17 66.83 -24.50
C GLY N 50 59.60 65.97 -25.67
N ASP N 51 59.73 66.60 -26.84
CA ASP N 51 60.15 65.92 -28.06
C ASP N 51 61.68 65.99 -28.11
N LYS N 52 62.32 65.33 -27.14
CA LYS N 52 63.77 65.34 -27.04
C LYS N 52 64.44 64.48 -28.08
N SER N 53 63.86 63.31 -28.40
CA SER N 53 64.40 62.48 -29.47
C SER N 53 64.17 63.13 -30.82
N GLU N 54 62.98 63.70 -31.03
CA GLU N 54 62.73 64.46 -32.25
C GLU N 54 63.64 65.69 -32.31
N ALA N 55 63.91 66.32 -31.17
CA ALA N 55 64.85 67.42 -31.13
C ALA N 55 66.23 66.97 -31.55
N GLN N 56 66.69 65.82 -31.05
CA GLN N 56 68.00 65.31 -31.40
C GLN N 56 68.07 64.97 -32.88
N ARG N 57 67.01 64.36 -33.43
CA ARG N 57 67.01 64.03 -34.86
C ARG N 57 67.04 65.29 -35.72
N GLN N 58 66.19 66.26 -35.40
CA GLN N 58 66.17 67.50 -36.17
C GLN N 58 67.49 68.25 -36.03
N LEU N 59 68.10 68.21 -34.85
CA LEU N 59 69.37 68.87 -34.64
C LEU N 59 70.49 68.17 -35.41
N GLU N 60 70.45 66.85 -35.46
CA GLU N 60 71.45 66.13 -36.25
C GLU N 60 71.29 66.41 -37.73
N PHE N 61 70.05 66.48 -38.21
CA PHE N 61 69.82 66.84 -39.60
C PHE N 61 70.28 68.25 -39.89
N VAL N 62 69.95 69.20 -39.00
CA VAL N 62 70.33 70.59 -39.21
C VAL N 62 71.83 70.77 -39.05
N LEU N 63 72.49 69.87 -38.32
CA LEU N 63 73.95 69.96 -38.21
C LEU N 63 74.60 69.65 -39.55
N THR N 64 74.18 68.55 -40.18
CA THR N 64 74.66 68.25 -41.52
C THR N 64 74.24 69.35 -42.50
N ALA N 65 73.06 69.92 -42.29
CA ALA N 65 72.59 71.00 -43.16
C ALA N 65 73.52 72.21 -43.05
N ALA N 66 73.85 72.61 -41.83
CA ALA N 66 74.73 73.75 -41.62
C ALA N 66 76.14 73.44 -42.10
N ARG N 67 76.58 72.19 -41.96
CA ARG N 67 77.90 71.82 -42.46
C ARG N 67 77.97 71.93 -43.97
N ALA N 68 76.97 71.38 -44.66
CA ALA N 68 76.93 71.48 -46.11
C ALA N 68 76.72 72.91 -46.57
N VAL N 69 76.00 73.71 -45.76
CA VAL N 69 75.79 75.10 -46.12
C VAL N 69 77.08 75.90 -45.98
N MET N 70 77.87 75.59 -44.95
CA MET N 70 79.19 76.19 -44.84
C MET N 70 80.09 75.75 -45.99
N ASN N 71 79.98 74.48 -46.38
CA ASN N 71 80.72 74.01 -47.55
C ASN N 71 80.34 74.79 -48.80
N VAL N 72 79.04 75.03 -48.97
CA VAL N 72 78.57 75.76 -50.15
C VAL N 72 79.01 77.22 -50.09
N ALA N 73 78.99 77.82 -48.90
CA ALA N 73 79.41 79.21 -48.77
C ALA N 73 80.91 79.35 -49.03
N ALA N 74 81.71 78.43 -48.51
CA ALA N 74 83.15 78.46 -48.76
C ALA N 74 83.43 78.17 -50.23
N ALA N 75 82.62 77.32 -50.86
CA ALA N 75 82.76 77.09 -52.29
C ALA N 75 82.48 78.36 -53.07
N ALA N 76 81.35 79.02 -52.78
CA ALA N 76 81.01 80.27 -53.45
C ALA N 76 82.08 81.33 -53.24
N ASN N 77 82.69 81.35 -52.04
CA ASN N 77 83.80 82.24 -51.80
C ASN N 77 85.06 81.82 -52.53
N ALA N 78 85.18 80.53 -52.87
CA ALA N 78 86.36 80.00 -53.54
C ALA N 78 86.09 79.64 -54.99
N ALA N 79 84.87 79.85 -55.48
CA ALA N 79 84.53 79.55 -56.86
C ALA N 79 83.68 80.67 -57.45
N GLY N 80 84.07 81.91 -57.16
CA GLY N 80 83.38 83.06 -57.73
C GLY N 80 83.67 83.29 -59.21
N THR N 81 84.47 82.43 -59.84
CA THR N 81 84.86 82.63 -61.23
C THR N 81 84.65 81.39 -62.10
N ASP N 82 84.18 80.28 -61.54
CA ASP N 82 83.96 79.06 -62.31
C ASP N 82 82.48 78.90 -62.60
N PRO N 83 82.05 79.03 -63.86
CA PRO N 83 80.62 78.90 -64.15
C PRO N 83 80.09 77.51 -63.87
N LEU N 84 80.86 76.47 -64.17
CA LEU N 84 80.43 75.12 -63.85
C LEU N 84 80.29 74.93 -62.35
N LEU N 85 81.20 75.54 -61.58
CA LEU N 85 81.11 75.45 -60.13
C LEU N 85 79.89 76.19 -59.61
N LYS N 86 79.61 77.39 -60.13
CA LYS N 86 78.42 78.11 -59.70
C LYS N 86 77.15 77.36 -60.09
N ALA N 87 77.17 76.71 -61.25
CA ALA N 87 76.02 75.92 -61.68
C ALA N 87 75.80 74.72 -60.76
N MET N 88 76.86 73.97 -60.48
CA MET N 88 76.74 72.84 -59.56
C MET N 88 76.38 73.33 -58.17
N VAL N 89 76.78 74.54 -57.81
CA VAL N 89 76.46 75.08 -56.49
C VAL N 89 74.99 75.42 -56.41
N ASP N 90 74.44 76.05 -57.43
CA ASP N 90 73.01 76.31 -57.46
C ASP N 90 72.23 75.01 -57.53
N ALA N 91 72.78 74.01 -58.20
CA ALA N 91 72.12 72.71 -58.26
C ALA N 91 72.10 72.04 -56.89
N ILE N 92 73.22 72.12 -56.17
CA ILE N 92 73.26 71.58 -54.81
C ILE N 92 72.37 72.38 -53.90
N LEU N 93 72.22 73.68 -54.17
CA LEU N 93 71.30 74.51 -53.38
C LEU N 93 69.86 74.09 -53.60
N TRP N 94 69.49 73.81 -54.84
CA TRP N 94 68.15 73.32 -55.13
C TRP N 94 67.93 71.94 -54.53
N ARG N 95 68.93 71.06 -54.65
CA ARG N 95 68.84 69.74 -54.05
C ARG N 95 68.75 69.84 -52.53
N LEU N 96 69.42 70.82 -51.94
CA LEU N 96 69.37 71.01 -50.51
C LEU N 96 68.02 71.56 -50.07
N LYS N 97 67.44 72.47 -50.85
CA LYS N 97 66.08 72.92 -50.56
C LYS N 97 65.09 71.76 -50.68
N GLU N 98 65.28 70.90 -51.68
CA GLU N 98 64.42 69.73 -51.83
C GLU N 98 64.57 68.78 -50.65
N ALA N 99 65.81 68.52 -50.23
CA ALA N 99 66.04 67.63 -49.10
C ALA N 99 65.54 68.26 -47.81
N ILE N 100 65.58 69.58 -47.73
CA ILE N 100 65.08 70.26 -46.53
C ILE N 100 63.56 70.19 -46.48
N ARG N 101 62.90 70.33 -47.63
CA ARG N 101 61.47 70.13 -47.67
C ARG N 101 61.10 68.67 -47.37
N THR N 102 61.92 67.73 -47.84
CA THR N 102 61.67 66.33 -47.58
C THR N 102 61.81 66.00 -46.10
N PHE N 103 62.90 66.44 -45.47
CA PHE N 103 63.08 66.25 -44.05
C PHE N 103 61.99 66.97 -43.26
N GLN N 104 61.61 68.16 -43.69
CA GLN N 104 60.49 68.84 -43.05
C GLN N 104 59.20 68.06 -43.23
N ASN N 105 59.09 67.31 -44.33
CA ASN N 105 58.01 66.35 -44.50
C ASN N 105 58.27 65.04 -43.78
N GLY N 106 59.30 64.98 -42.93
CA GLY N 106 59.66 63.75 -42.27
C GLY N 106 60.36 62.75 -43.17
N ASP N 107 60.74 63.17 -44.37
CA ASP N 107 61.44 62.29 -45.30
C ASP N 107 62.92 62.65 -45.37
N GLU N 109 63.50 60.44 -43.17
CA GLU N 109 63.62 59.21 -43.94
C GLU N 109 64.70 59.35 -45.01
N GLU N 110 64.28 59.71 -46.22
CA GLU N 110 65.22 59.92 -47.32
C GLU N 110 65.93 61.26 -47.23
N ALA N 111 65.81 61.95 -46.08
CA ALA N 111 66.57 63.18 -45.88
C ALA N 111 68.06 62.90 -45.87
N GLU N 112 68.54 62.14 -44.91
CA GLU N 112 69.93 61.71 -44.92
C GLU N 112 70.10 60.51 -45.85
N THR N 113 69.68 60.71 -47.10
CA THR N 113 69.95 59.81 -48.21
C THR N 113 70.61 60.53 -49.37
N GLN N 114 69.90 61.48 -49.98
CA GLN N 114 70.52 62.39 -50.92
C GLN N 114 71.38 63.42 -50.23
N LEU N 115 70.87 64.03 -49.15
CA LEU N 115 71.68 64.94 -48.36
C LEU N 115 72.84 64.21 -47.72
N ARG N 116 72.68 62.92 -47.41
CA ARG N 116 73.82 62.10 -47.02
C ARG N 116 74.91 62.17 -48.06
N PHE N 117 74.54 62.09 -49.33
CA PHE N 117 75.50 62.33 -50.40
C PHE N 117 75.64 63.82 -50.70
N VAL N 118 74.56 64.59 -50.58
CA VAL N 118 74.66 66.02 -50.83
C VAL N 118 75.55 66.69 -49.80
N LEU N 119 75.67 66.10 -48.60
CA LEU N 119 76.70 66.58 -47.70
C LEU N 119 78.09 66.31 -48.27
N ARG N 120 78.34 65.07 -48.71
CA ARG N 120 79.59 64.77 -49.37
C ARG N 120 79.71 65.54 -50.69
N ALA N 121 78.58 65.79 -51.34
CA ALA N 121 78.61 66.60 -52.55
C ALA N 121 79.10 68.01 -52.28
N ALA N 122 78.56 68.66 -51.25
CA ALA N 122 79.03 69.99 -50.87
C ALA N 122 80.47 69.93 -50.40
N ILE N 123 80.86 68.83 -49.76
CA ILE N 123 82.25 68.66 -49.36
C ILE N 123 83.17 68.70 -50.56
N ALA N 124 82.92 67.82 -51.53
CA ALA N 124 83.76 67.78 -52.72
C ALA N 124 83.64 69.06 -53.53
N VAL N 125 82.49 69.73 -53.45
CA VAL N 125 82.30 70.97 -54.18
C VAL N 125 83.17 72.07 -53.61
N ALA N 126 83.13 72.25 -52.29
CA ALA N 126 84.04 73.20 -51.65
C ALA N 126 85.48 72.78 -51.86
N VAL N 127 85.73 71.48 -51.97
CA VAL N 127 87.10 71.00 -52.20
C VAL N 127 87.59 71.47 -53.56
N VAL N 128 86.80 71.27 -54.60
CA VAL N 128 87.20 71.70 -55.94
C VAL N 128 87.25 73.23 -56.00
N ALA N 129 86.36 73.90 -55.27
CA ALA N 129 86.37 75.35 -55.25
C ALA N 129 87.65 75.88 -54.63
N ALA N 130 88.09 75.27 -53.53
CA ALA N 130 89.35 75.67 -52.93
C ALA N 130 90.52 75.33 -53.83
N ALA N 131 90.44 74.18 -54.51
CA ALA N 131 91.50 73.81 -55.45
C ALA N 131 91.62 74.84 -56.57
N LEU N 132 90.49 75.42 -56.98
CA LEU N 132 90.53 76.44 -58.03
C LEU N 132 90.95 77.80 -57.47
N VAL N 133 90.55 78.12 -56.25
CA VAL N 133 90.85 79.44 -55.69
C VAL N 133 92.30 79.54 -55.26
N LEU N 134 92.86 78.50 -54.66
CA LEU N 134 94.26 78.46 -54.28
C LEU N 134 95.16 78.12 -55.46
N ALA N 135 94.59 77.99 -56.65
CA ALA N 135 95.37 77.79 -57.86
C ALA N 135 95.91 79.14 -58.32
N GLY N 136 96.68 79.15 -59.40
CA GLY N 136 97.30 80.36 -59.91
C GLY N 136 97.39 80.30 -61.41
N THR N 137 98.59 80.61 -61.94
CA THR N 137 98.79 80.57 -63.38
C THR N 137 98.64 79.14 -63.90
N ASP N 138 99.48 78.23 -63.44
CA ASP N 138 99.47 76.86 -63.93
C ASP N 138 98.62 75.98 -63.03
N PRO N 139 97.36 75.77 -63.38
CA PRO N 139 96.56 74.78 -62.64
C PRO N 139 97.11 73.39 -62.84
N GLU N 140 97.38 73.02 -64.09
CA GLU N 140 98.00 71.76 -64.51
C GLU N 140 97.14 70.54 -64.19
N LEU N 141 96.11 70.67 -63.35
CA LEU N 141 95.16 69.59 -63.15
C LEU N 141 93.74 70.11 -63.00
N GLN N 142 93.50 71.40 -63.17
CA GLN N 142 92.13 71.91 -63.15
C GLN N 142 91.27 71.23 -64.20
N GLU N 143 91.85 70.85 -65.33
CA GLU N 143 91.14 70.00 -66.27
C GLU N 143 90.80 68.68 -65.60
N MET N 144 91.79 68.00 -65.03
CA MET N 144 91.51 66.83 -64.21
C MET N 144 90.53 67.19 -63.10
N VAL N 145 90.77 68.31 -62.41
CA VAL N 145 89.83 68.80 -61.41
C VAL N 145 88.47 69.06 -62.04
N GLU N 146 88.44 69.57 -63.27
CA GLU N 146 87.17 69.66 -63.99
C GLU N 146 86.66 68.27 -64.35
N GLN N 147 87.56 67.40 -64.79
CA GLN N 147 87.21 66.00 -64.97
C GLN N 147 86.66 65.42 -63.68
N ILE N 148 87.39 65.61 -62.59
CA ILE N 148 86.85 65.28 -61.27
C ILE N 148 85.52 66.00 -61.05
N LYS N 149 85.46 67.29 -61.39
CA LYS N 149 84.18 68.00 -61.35
C LYS N 149 83.17 67.31 -62.24
N ASP N 150 83.59 66.94 -63.45
CA ASP N 150 82.76 66.06 -64.27
C ASP N 150 82.45 64.78 -63.53
N LEU N 151 83.48 64.11 -63.00
CA LEU N 151 83.25 62.98 -62.12
C LEU N 151 82.38 63.36 -60.94
N LEU N 152 82.49 64.60 -60.46
CA LEU N 152 81.56 65.10 -59.45
C LEU N 152 80.18 65.28 -60.05
N ILE N 153 80.10 65.92 -61.21
CA ILE N 153 78.84 65.94 -61.95
C ILE N 153 78.36 64.53 -62.20
N SER N 154 79.29 63.65 -62.63
CA SER N 154 78.97 62.23 -62.70
C SER N 154 78.57 61.68 -61.35
N ALA N 155 79.27 62.08 -60.29
CA ALA N 155 78.81 61.76 -58.94
C ALA N 155 77.46 62.40 -58.68
N PHE N 156 77.28 63.64 -59.15
CA PHE N 156 75.96 64.26 -59.10
C PHE N 156 74.92 63.42 -59.82
N MET N 157 75.35 62.68 -60.85
CA MET N 157 74.49 61.66 -61.44
C MET N 157 74.62 60.32 -60.75
N ALA N 158 75.79 60.00 -60.19
CA ALA N 158 76.02 58.73 -59.50
C ALA N 158 75.46 58.75 -58.09
N GLY N 159 74.65 59.75 -57.76
CA GLY N 159 73.97 59.81 -56.49
C GLY N 159 72.51 59.42 -56.65
N GLU N 165 73.81 56.53 -56.26
CA GLU N 165 74.29 55.50 -55.36
C GLU N 165 75.76 55.18 -55.63
N LYS N 166 76.18 55.36 -56.88
CA LYS N 166 77.55 55.06 -57.30
C LYS N 166 78.52 56.19 -56.96
N ALA N 167 78.27 56.95 -55.90
CA ALA N 167 79.11 58.07 -55.56
C ALA N 167 79.50 58.12 -54.09
N LEU N 168 79.02 57.18 -53.25
CA LEU N 168 79.35 57.23 -51.83
C LEU N 168 80.85 57.14 -51.59
N THR N 169 81.50 56.10 -52.12
CA THR N 169 82.95 56.04 -52.05
C THR N 169 83.59 56.93 -53.11
N GLN N 170 82.88 57.19 -54.20
CA GLN N 170 83.43 58.06 -55.24
C GLN N 170 83.57 59.49 -54.75
N LEU N 171 82.60 59.97 -53.97
CA LEU N 171 82.72 61.30 -53.40
C LEU N 171 83.90 61.38 -52.44
N LEU N 172 84.11 60.34 -51.64
CA LEU N 172 85.26 60.32 -50.74
C LEU N 172 86.56 60.30 -51.53
N PHE N 173 86.61 59.52 -52.61
CA PHE N 173 87.81 59.47 -53.44
C PHE N 173 88.07 60.82 -54.10
N VAL N 174 87.02 61.49 -54.57
CA VAL N 174 87.19 62.79 -55.19
C VAL N 174 87.67 63.81 -54.17
N ALA N 175 87.14 63.76 -52.96
CA ALA N 175 87.60 64.65 -51.90
C ALA N 175 89.04 64.39 -51.54
N TRP N 176 89.45 63.11 -51.51
CA TRP N 176 90.83 62.78 -51.17
C TRP N 176 91.78 63.22 -52.28
N ALA N 177 91.35 63.09 -53.53
CA ALA N 177 92.17 63.57 -54.64
C ALA N 177 92.27 65.09 -54.64
N ALA N 178 91.18 65.77 -54.29
CA ALA N 178 91.25 67.22 -54.13
C ALA N 178 92.18 67.61 -52.99
N HIS N 179 92.17 66.83 -51.91
CA HIS N 179 93.05 67.11 -50.78
C HIS N 179 94.51 66.93 -51.17
N ALA N 180 94.81 65.88 -51.93
CA ALA N 180 96.15 65.74 -52.47
C ALA N 180 96.48 66.86 -53.44
N VAL N 181 95.46 67.37 -54.14
CA VAL N 181 95.67 68.53 -55.01
C VAL N 181 95.71 69.82 -54.20
N ALA N 182 94.80 69.96 -53.22
CA ALA N 182 94.77 71.18 -52.43
C ALA N 182 96.02 71.31 -51.56
N MET N 183 96.56 70.19 -51.09
CA MET N 183 97.85 70.23 -50.42
C MET N 183 98.94 70.69 -51.38
N ILE N 184 98.98 70.11 -52.59
CA ILE N 184 99.96 70.53 -53.58
C ILE N 184 99.70 71.97 -54.02
N ALA N 185 98.44 72.36 -54.12
CA ALA N 185 98.11 73.73 -54.51
C ALA N 185 98.58 74.73 -53.47
N ALA N 186 98.35 74.43 -52.19
CA ALA N 186 98.81 75.33 -51.13
C ALA N 186 100.33 75.33 -51.03
N ALA N 187 100.97 74.19 -51.33
CA ALA N 187 102.43 74.14 -51.31
C ALA N 187 103.01 75.00 -52.42
N ALA N 188 102.47 74.89 -53.63
CA ALA N 188 102.95 75.72 -54.73
C ALA N 188 102.57 77.18 -54.55
N ASN N 189 101.50 77.45 -53.79
CA ASN N 189 101.07 78.83 -53.58
C ASN N 189 102.08 79.62 -52.76
N LEU N 190 102.57 79.06 -51.66
CA LEU N 190 103.58 79.70 -50.84
C LEU N 190 104.99 79.44 -51.34
N ALA N 191 105.13 78.81 -52.50
CA ALA N 191 106.43 78.53 -53.10
C ALA N 191 106.71 79.51 -54.22
N GLY N 192 107.99 79.84 -54.39
CA GLY N 192 108.39 80.75 -55.44
C GLY N 192 109.08 80.05 -56.59
N PRO N 195 111.95 75.90 -55.16
CA PRO N 195 110.98 75.00 -55.79
C PRO N 195 111.01 73.59 -55.20
N ARG N 196 111.60 73.47 -54.01
CA ARG N 196 111.65 72.17 -53.34
C ARG N 196 110.24 71.67 -53.02
N LEU N 197 109.37 72.57 -52.57
CA LEU N 197 107.98 72.19 -52.31
C LEU N 197 107.28 71.80 -53.61
N GLN N 198 107.58 72.48 -54.71
CA GLN N 198 106.99 72.14 -55.99
C GLN N 198 107.46 70.77 -56.47
N GLN N 199 108.74 70.46 -56.28
CA GLN N 199 109.25 69.15 -56.68
C GLN N 199 108.72 68.04 -55.78
N GLN N 200 108.53 68.33 -54.50
CA GLN N 200 107.96 67.32 -53.59
C GLN N 200 106.49 67.08 -53.92
N VAL N 201 105.75 68.14 -54.26
CA VAL N 201 104.36 67.98 -54.67
C VAL N 201 104.23 67.39 -56.07
N LYS N 202 105.26 67.48 -56.90
CA LYS N 202 105.19 66.90 -58.23
C LYS N 202 105.25 65.38 -58.17
N GLU N 203 105.82 64.82 -57.10
CA GLU N 203 105.87 63.37 -56.94
C GLU N 203 104.62 62.82 -56.27
N ILE N 204 104.01 63.57 -55.35
CA ILE N 204 102.74 63.14 -54.79
C ILE N 204 101.62 63.33 -55.81
N LEU N 205 101.70 64.39 -56.62
CA LEU N 205 100.72 64.57 -57.69
C LEU N 205 100.86 63.49 -58.75
N GLU N 206 102.07 62.96 -58.94
CA GLU N 206 102.24 61.86 -59.89
C GLU N 206 101.46 60.63 -59.45
N LYS N 207 101.63 60.21 -58.19
CA LYS N 207 100.86 59.07 -57.69
C LYS N 207 99.37 59.40 -57.63
N LEU N 208 99.03 60.67 -57.37
CA LEU N 208 97.62 61.07 -57.36
C LEU N 208 96.99 60.89 -58.73
N LYS N 209 97.67 61.36 -59.79
CA LYS N 209 97.14 61.20 -61.13
C LYS N 209 97.12 59.74 -61.56
N GLU N 210 98.13 58.96 -61.12
CA GLU N 210 98.14 57.54 -61.42
C GLU N 210 96.94 56.84 -60.79
N ALA N 211 96.63 57.17 -59.53
CA ALA N 211 95.47 56.57 -58.88
C ALA N 211 94.17 57.08 -59.50
N ILE N 212 94.13 58.35 -59.92
CA ILE N 212 92.93 58.89 -60.54
C ILE N 212 92.64 58.17 -61.85
N GLU N 213 93.68 57.94 -62.65
CA GLU N 213 93.51 57.09 -63.83
C GLU N 213 93.10 55.69 -63.43
N THR N 214 93.66 55.17 -62.33
CA THR N 214 93.20 53.89 -61.80
C THR N 214 91.80 53.99 -61.23
N PHE N 215 91.49 55.07 -60.52
CA PHE N 215 90.12 55.30 -60.06
C PHE N 215 89.17 55.50 -61.23
N GLN N 216 89.67 56.04 -62.35
CA GLN N 216 88.91 56.08 -63.59
C GLN N 216 89.07 54.80 -64.38
N LYS N 217 89.82 53.83 -63.84
CA LYS N 217 89.94 52.51 -64.43
C LYS N 217 89.12 51.48 -63.67
N GLY N 218 88.18 51.93 -62.84
CA GLY N 218 87.31 51.03 -62.10
C GLY N 218 88.00 50.39 -60.92
N ASP N 219 89.06 51.02 -60.42
CA ASP N 219 89.78 50.52 -59.26
C ASP N 219 89.28 51.26 -58.04
N GLU N 220 88.63 50.52 -57.14
CA GLU N 220 87.94 51.11 -56.00
C GLU N 220 88.78 51.08 -54.74
N GLU N 221 89.43 49.95 -54.45
CA GLU N 221 90.26 49.87 -53.25
C GLU N 221 91.69 50.30 -53.55
N GLN N 222 92.27 49.78 -54.64
CA GLN N 222 93.66 50.07 -54.95
C GLN N 222 93.88 51.54 -55.28
N ALA N 223 93.02 52.12 -56.12
CA ALA N 223 93.18 53.52 -56.49
C ALA N 223 92.90 54.43 -55.32
N PHE N 224 91.89 54.10 -54.50
CA PHE N 224 91.62 54.90 -53.31
C PHE N 224 92.81 54.86 -52.35
N ARG N 225 93.41 53.69 -52.19
CA ARG N 225 94.58 53.56 -51.32
C ARG N 225 95.76 54.37 -51.87
N GLN N 226 96.00 54.28 -53.18
CA GLN N 226 97.09 55.03 -53.77
C GLN N 226 96.89 56.54 -53.65
N LEU N 227 95.66 57.01 -53.88
CA LEU N 227 95.38 58.44 -53.74
C LEU N 227 95.50 58.89 -52.29
N ALA N 228 95.05 58.05 -51.34
CA ALA N 228 95.17 58.41 -49.93
C ALA N 228 96.62 58.45 -49.49
N GLU N 229 97.43 57.53 -49.99
CA GLU N 229 98.85 57.54 -49.65
C GLU N 229 99.55 58.72 -50.28
N VAL N 230 99.18 59.08 -51.51
CA VAL N 230 99.75 60.25 -52.16
C VAL N 230 99.38 61.52 -51.38
N LEU N 231 98.13 61.60 -50.93
CA LEU N 231 97.70 62.75 -50.11
C LEU N 231 98.45 62.79 -48.80
N ALA N 232 98.69 61.63 -48.18
CA ALA N 232 99.42 61.60 -46.91
C ALA N 232 100.87 62.03 -47.10
N GLU N 233 101.52 61.54 -48.17
CA GLU N 233 102.89 61.97 -48.45
C GLU N 233 102.94 63.45 -48.79
N ALA N 234 101.93 63.96 -49.49
CA ALA N 234 101.87 65.39 -49.79
C ALA N 234 101.71 66.21 -48.52
N ALA N 235 100.88 65.74 -47.59
CA ALA N 235 100.73 66.43 -46.32
C ALA N 235 102.00 66.37 -45.49
N LEU N 236 102.73 65.26 -45.57
CA LEU N 236 104.01 65.16 -44.86
C LEU N 236 105.05 66.11 -45.45
N VAL N 237 105.07 66.26 -46.77
CA VAL N 237 106.00 67.20 -47.39
C VAL N 237 105.55 68.64 -47.14
N ALA N 238 104.24 68.86 -46.98
CA ALA N 238 103.74 70.19 -46.68
C ALA N 238 104.16 70.64 -45.29
N LEU N 239 104.37 69.68 -44.38
CA LEU N 239 104.87 70.03 -43.05
C LEU N 239 106.22 70.72 -43.14
N ARG N 240 107.07 70.31 -44.08
CA ARG N 240 108.35 70.97 -44.27
C ARG N 240 108.22 72.18 -45.19
N ALA N 241 107.31 72.13 -46.15
CA ALA N 241 107.13 73.26 -47.05
C ALA N 241 106.56 74.48 -46.34
N ALA N 242 105.83 74.26 -45.24
CA ALA N 242 105.28 75.37 -44.47
C ALA N 242 106.36 76.14 -43.73
N LEU N 243 107.52 75.53 -43.50
CA LEU N 243 108.66 76.20 -42.89
C LEU N 243 109.71 76.60 -43.92
N THR N 244 109.48 76.31 -45.20
CA THR N 244 110.43 76.65 -46.24
C THR N 244 110.32 78.10 -46.71
N ASN N 245 109.38 78.87 -46.17
CA ASN N 245 109.22 80.26 -46.56
C ASN N 245 109.24 81.18 -45.33
N GLU O 4 -33.41 73.84 -66.88
CA GLU O 4 -32.61 72.71 -66.42
C GLU O 4 -31.91 72.03 -67.60
N PHE O 5 -31.51 70.78 -67.40
CA PHE O 5 -30.78 70.03 -68.41
C PHE O 5 -31.61 69.72 -69.65
N LYS O 6 -32.94 69.80 -69.56
CA LYS O 6 -33.79 69.74 -70.73
C LYS O 6 -34.83 70.85 -70.74
N PHE O 7 -34.87 71.68 -69.69
CA PHE O 7 -35.76 72.83 -69.64
C PHE O 7 -35.05 74.15 -69.91
N LEU O 8 -33.72 74.16 -69.93
CA LEU O 8 -32.97 75.31 -70.40
C LEU O 8 -32.20 74.95 -71.67
N ALA O 9 -32.44 73.74 -72.18
CA ALA O 9 -31.91 73.30 -73.46
C ALA O 9 -32.86 73.59 -74.60
N THR O 10 -34.13 73.87 -74.29
CA THR O 10 -35.01 74.45 -75.30
C THR O 10 -34.58 75.86 -75.63
N GLU O 11 -34.07 76.59 -74.62
CA GLU O 11 -33.42 77.86 -74.90
C GLU O 11 -32.16 77.66 -75.73
N ALA O 12 -31.39 76.61 -75.44
CA ALA O 12 -30.26 76.27 -76.30
C ALA O 12 -30.72 75.87 -77.69
N LYS O 13 -31.91 75.27 -77.79
CA LYS O 13 -32.46 74.92 -79.09
C LYS O 13 -32.87 76.14 -79.89
N MET O 14 -33.47 77.14 -79.24
CA MET O 14 -33.73 78.40 -79.92
C MET O 14 -32.42 79.08 -80.30
N LEU O 15 -31.40 78.97 -79.44
CA LEU O 15 -30.09 79.50 -79.80
C LEU O 15 -29.51 78.77 -81.00
N ILE O 16 -29.70 77.45 -81.07
CA ILE O 16 -29.20 76.69 -82.21
C ILE O 16 -29.95 77.07 -83.48
N THR O 17 -31.25 77.32 -83.36
CA THR O 17 -32.03 77.74 -84.51
C THR O 17 -31.61 79.13 -84.99
N ALA O 18 -31.31 80.03 -84.05
CA ALA O 18 -30.81 81.34 -84.42
C ALA O 18 -29.47 81.25 -85.12
N ALA O 19 -28.53 80.49 -84.54
CA ALA O 19 -27.19 80.38 -85.11
C ALA O 19 -27.21 79.70 -86.47
N GLU O 20 -28.07 78.69 -86.65
CA GLU O 20 -28.17 78.04 -87.95
C GLU O 20 -28.69 78.99 -89.00
N ARG O 21 -29.52 79.95 -88.60
CA ARG O 21 -30.03 80.98 -89.50
C ARG O 21 -29.16 82.23 -89.52
N LEU O 22 -28.16 82.33 -88.65
CA LEU O 22 -27.29 83.50 -88.59
C LEU O 22 -25.85 83.19 -88.98
N ALA O 23 -25.53 81.93 -89.21
CA ALA O 23 -24.19 81.53 -89.65
C ALA O 23 -24.36 80.85 -91.00
N GLY O 24 -24.61 81.66 -92.04
CA GLY O 24 -24.74 81.16 -93.38
C GLY O 24 -23.45 81.09 -94.16
N THR O 25 -22.36 81.59 -93.58
CA THR O 25 -21.02 81.49 -94.15
C THR O 25 -20.12 80.89 -93.08
N ASP O 26 -18.82 80.86 -93.37
CA ASP O 26 -17.84 80.23 -92.48
C ASP O 26 -18.29 78.81 -92.16
N PRO O 27 -18.16 77.87 -93.11
CA PRO O 27 -18.56 76.48 -92.82
C PRO O 27 -17.97 75.91 -91.54
N ARG O 28 -16.92 76.51 -90.99
CA ARG O 28 -16.49 76.15 -89.64
C ARG O 28 -17.59 76.45 -88.63
N LEU O 29 -18.34 77.53 -88.83
CA LEU O 29 -19.45 77.85 -87.94
C LEU O 29 -20.57 76.83 -88.08
N GLN O 30 -20.88 76.42 -89.30
CA GLN O 30 -21.90 75.40 -89.50
C GLN O 30 -21.45 74.07 -88.89
N GLU O 31 -20.17 73.75 -89.03
CA GLU O 31 -19.65 72.50 -88.45
C GLU O 31 -19.69 72.55 -86.93
N MET O 32 -19.36 73.70 -86.34
CA MET O 32 -19.45 73.84 -84.89
C MET O 32 -20.89 73.76 -84.42
N VAL O 33 -21.82 74.33 -85.19
CA VAL O 33 -23.23 74.23 -84.85
C VAL O 33 -23.70 72.78 -84.92
N ALA O 34 -23.19 72.04 -85.90
CA ALA O 34 -23.55 70.63 -86.02
C ALA O 34 -22.97 69.82 -84.87
N LEU O 35 -21.71 70.08 -84.50
CA LEU O 35 -21.11 69.39 -83.37
C LEU O 35 -21.82 69.74 -82.07
N ILE O 36 -22.34 70.96 -81.95
CA ILE O 36 -23.08 71.35 -80.76
C ILE O 36 -24.43 70.66 -80.73
N LYS O 37 -25.15 70.64 -81.86
CA LYS O 37 -26.40 69.91 -81.95
C LYS O 37 -26.22 68.43 -81.67
N LYS O 38 -25.10 67.84 -82.12
CA LYS O 38 -24.77 66.48 -81.73
C LYS O 38 -24.45 66.41 -80.24
N GLU O 39 -23.69 67.38 -79.75
CA GLU O 39 -23.51 67.50 -78.30
C GLU O 39 -24.81 67.82 -77.60
N LEU O 40 -25.67 68.66 -78.21
CA LEU O 40 -27.02 68.82 -77.69
C LEU O 40 -27.80 67.51 -77.77
N GLU O 41 -27.65 66.76 -78.86
CA GLU O 41 -28.30 65.46 -78.96
C GLU O 41 -27.73 64.50 -77.92
N GLN O 42 -26.41 64.55 -77.70
CA GLN O 42 -25.79 63.66 -76.71
C GLN O 42 -26.28 63.99 -75.31
N ALA O 43 -26.44 65.27 -75.00
CA ALA O 43 -26.95 65.66 -73.68
C ALA O 43 -28.43 65.30 -73.54
N GLU O 44 -29.23 65.52 -74.59
CA GLU O 44 -30.63 65.14 -74.53
C GLU O 44 -30.80 63.64 -74.38
N ARG O 45 -29.92 62.86 -75.00
CA ARG O 45 -29.92 61.43 -74.77
C ARG O 45 -29.52 61.11 -73.34
N THR O 46 -28.46 61.76 -72.83
CA THR O 46 -28.12 61.63 -71.42
C THR O 46 -29.20 62.22 -70.53
N PHE O 47 -29.89 63.27 -71.00
CA PHE O 47 -31.06 63.74 -70.28
C PHE O 47 -32.19 62.71 -70.34
N ARG O 48 -32.27 61.97 -71.44
CA ARG O 48 -33.18 60.84 -71.52
C ARG O 48 -32.61 59.59 -70.88
N ASN O 49 -31.29 59.54 -70.69
CA ASN O 49 -30.65 58.43 -70.00
C ASN O 49 -30.54 58.74 -68.52
N GLY O 50 -29.93 57.84 -67.76
CA GLY O 50 -29.75 58.05 -66.34
C GLY O 50 -28.57 58.95 -66.04
N ASP O 51 -27.91 59.44 -67.08
CA ASP O 51 -26.77 60.34 -66.96
C ASP O 51 -27.32 61.75 -66.94
N LYS O 52 -28.08 62.07 -65.88
CA LYS O 52 -28.71 63.38 -65.76
C LYS O 52 -27.72 64.47 -65.37
N SER O 53 -26.76 64.16 -64.49
CA SER O 53 -25.73 65.12 -64.16
C SER O 53 -24.77 65.34 -65.34
N GLU O 54 -24.42 64.25 -66.02
CA GLU O 54 -23.62 64.39 -67.24
C GLU O 54 -24.41 65.13 -68.31
N ALA O 55 -25.72 64.89 -68.38
CA ALA O 55 -26.56 65.65 -69.29
C ALA O 55 -26.53 67.14 -68.96
N GLN O 56 -26.64 67.48 -67.68
CA GLN O 56 -26.61 68.88 -67.28
C GLN O 56 -25.26 69.51 -67.60
N ARG O 57 -24.17 68.79 -67.36
CA ARG O 57 -22.85 69.32 -67.66
C ARG O 57 -22.66 69.54 -69.15
N GLN O 58 -23.02 68.55 -69.97
CA GLN O 58 -22.88 68.69 -71.41
C GLN O 58 -23.80 69.78 -71.94
N LEU O 59 -24.99 69.93 -71.36
CA LEU O 59 -25.91 70.97 -71.78
C LEU O 59 -25.38 72.35 -71.40
N GLU O 60 -24.77 72.47 -70.22
CA GLU O 60 -24.18 73.74 -69.84
C GLU O 60 -23.01 74.10 -70.74
N PHE O 61 -22.18 73.11 -71.08
CA PHE O 61 -21.09 73.36 -72.01
C PHE O 61 -21.62 73.77 -73.38
N VAL O 62 -22.63 73.04 -73.88
CA VAL O 62 -23.17 73.33 -75.20
C VAL O 62 -23.92 74.65 -75.19
N LEU O 63 -24.40 75.09 -74.03
CA LEU O 63 -25.07 76.38 -73.97
C LEU O 63 -24.07 77.51 -74.20
N THR O 64 -22.93 77.45 -73.50
CA THR O 64 -21.86 78.41 -73.78
C THR O 64 -21.35 78.26 -75.20
N ALA O 65 -21.32 77.03 -75.71
CA ALA O 65 -20.88 76.81 -77.09
C ALA O 65 -21.81 77.51 -78.07
N ALA O 66 -23.12 77.34 -77.89
CA ALA O 66 -24.09 77.97 -78.78
C ALA O 66 -24.07 79.49 -78.61
N ARG O 67 -23.84 79.97 -77.39
CA ARG O 67 -23.75 81.41 -77.17
C ARG O 67 -22.56 82.00 -77.92
N ALA O 68 -21.40 81.36 -77.77
CA ALA O 68 -20.22 81.85 -78.47
C ALA O 68 -20.36 81.67 -79.97
N VAL O 69 -21.09 80.65 -80.40
CA VAL O 69 -21.30 80.43 -81.83
C VAL O 69 -22.22 81.50 -82.40
N MET O 70 -23.23 81.89 -81.64
CA MET O 70 -24.07 83.02 -82.05
C MET O 70 -23.26 84.31 -82.07
N ASN O 71 -22.35 84.47 -81.10
CA ASN O 71 -21.46 85.62 -81.11
C ASN O 71 -20.61 85.64 -82.37
N VAL O 72 -20.08 84.48 -82.76
CA VAL O 72 -19.24 84.40 -83.95
C VAL O 72 -20.06 84.64 -85.20
N ALA O 73 -21.29 84.14 -85.25
CA ALA O 73 -22.13 84.34 -86.41
C ALA O 73 -22.52 85.81 -86.56
N ALA O 74 -22.88 86.45 -85.45
CA ALA O 74 -23.19 87.87 -85.49
C ALA O 74 -21.96 88.70 -85.82
N ALA O 75 -20.79 88.26 -85.38
CA ALA O 75 -19.55 88.93 -85.77
C ALA O 75 -19.32 88.82 -87.27
N ALA O 76 -19.43 87.60 -87.82
CA ALA O 76 -19.27 87.40 -89.25
C ALA O 76 -20.28 88.22 -90.04
N ASN O 77 -21.50 88.35 -89.51
CA ASN O 77 -22.49 89.20 -90.14
C ASN O 77 -22.16 90.67 -89.99
N ALA O 78 -21.39 91.03 -88.96
CA ALA O 78 -21.04 92.42 -88.68
C ALA O 78 -19.58 92.73 -88.99
N ALA O 79 -18.82 91.75 -89.46
CA ALA O 79 -17.42 91.96 -89.80
C ALA O 79 -17.09 91.28 -91.12
N GLY O 80 -17.98 91.42 -92.09
CA GLY O 80 -17.73 90.87 -93.42
C GLY O 80 -16.71 91.64 -94.23
N THR O 81 -16.12 92.71 -93.67
CA THR O 81 -15.19 93.54 -94.39
C THR O 81 -13.88 93.78 -93.67
N ASP O 82 -13.70 93.25 -92.46
CA ASP O 82 -12.48 93.45 -91.70
C ASP O 82 -11.62 92.19 -91.77
N PRO O 83 -10.48 92.24 -92.46
CA PRO O 83 -9.66 91.03 -92.55
C PRO O 83 -9.11 90.57 -91.22
N LEU O 84 -8.71 91.50 -90.35
CA LEU O 84 -8.26 91.12 -89.02
C LEU O 84 -9.38 90.47 -88.23
N LEU O 85 -10.61 90.97 -88.39
CA LEU O 85 -11.74 90.38 -87.71
C LEU O 85 -12.03 88.97 -88.24
N LYS O 86 -12.00 88.80 -89.56
CA LYS O 86 -12.22 87.46 -90.10
C LYS O 86 -11.12 86.51 -89.68
N ALA O 87 -9.89 87.00 -89.58
CA ALA O 87 -8.78 86.16 -89.13
C ALA O 87 -8.96 85.75 -87.68
N MET O 88 -9.27 86.71 -86.80
CA MET O 88 -9.53 86.38 -85.40
C MET O 88 -10.76 85.49 -85.27
N VAL O 89 -11.71 85.62 -86.20
CA VAL O 89 -12.91 84.80 -86.15
C VAL O 89 -12.58 83.36 -86.51
N ASP O 90 -11.79 83.15 -87.56
CA ASP O 90 -11.36 81.81 -87.90
C ASP O 90 -10.47 81.23 -86.80
N ALA O 91 -9.68 82.09 -86.15
CA ALA O 91 -8.86 81.63 -85.03
C ALA O 91 -9.71 81.19 -83.87
N ILE O 92 -10.75 81.96 -83.55
CA ILE O 92 -11.67 81.57 -82.49
C ILE O 92 -12.44 80.32 -82.89
N LEU O 93 -12.71 80.15 -84.19
CA LEU O 93 -13.37 78.94 -84.67
C LEU O 93 -12.48 77.73 -84.47
N TRP O 94 -11.19 77.86 -84.77
CA TRP O 94 -10.26 76.76 -84.54
C TRP O 94 -10.10 76.49 -83.06
N ARG O 95 -10.01 77.54 -82.24
CA ARG O 95 -9.92 77.36 -80.80
C ARG O 95 -11.19 76.73 -80.25
N LEU O 96 -12.33 77.04 -80.85
CA LEU O 96 -13.59 76.45 -80.42
C LEU O 96 -13.69 75.00 -80.83
N LYS O 97 -13.20 74.65 -82.02
CA LYS O 97 -13.14 73.24 -82.39
C LYS O 97 -12.20 72.48 -81.46
N GLU O 98 -11.08 73.10 -81.09
CA GLU O 98 -10.15 72.47 -80.15
C GLU O 98 -10.79 72.28 -78.78
N ALA O 99 -11.48 73.31 -78.29
CA ALA O 99 -12.12 73.20 -76.99
C ALA O 99 -13.28 72.22 -77.04
N ILE O 100 -13.93 72.08 -78.20
CA ILE O 100 -15.02 71.13 -78.35
C ILE O 100 -14.47 69.71 -78.36
N ARG O 101 -13.34 69.49 -79.02
CA ARG O 101 -12.68 68.19 -78.96
C ARG O 101 -12.20 67.89 -77.55
N THR O 102 -11.73 68.92 -76.84
CA THR O 102 -11.25 68.71 -75.46
C THR O 102 -12.40 68.35 -74.54
N PHE O 103 -13.51 69.10 -74.60
CA PHE O 103 -14.68 68.77 -73.81
C PHE O 103 -15.24 67.40 -74.19
N GLN O 104 -15.24 67.09 -75.49
CA GLN O 104 -15.63 65.76 -75.92
C GLN O 104 -14.69 64.70 -75.36
N ASN O 105 -13.42 65.07 -75.15
CA ASN O 105 -12.49 64.22 -74.44
C ASN O 105 -12.64 64.33 -72.92
N GLY O 106 -13.69 64.99 -72.45
CA GLY O 106 -13.85 65.20 -71.03
C GLY O 106 -12.95 66.28 -70.46
N ASP O 107 -12.27 67.03 -71.32
CA ASP O 107 -11.39 68.10 -70.87
C ASP O 107 -12.02 69.45 -71.13
N GLU O 109 -13.15 69.42 -68.16
CA GLU O 109 -12.03 69.93 -67.37
C GLU O 109 -11.60 71.30 -67.87
N GLU O 110 -10.58 71.32 -68.73
CA GLU O 110 -10.11 72.56 -69.33
C GLU O 110 -11.01 73.05 -70.45
N ALA O 111 -12.19 72.47 -70.60
CA ALA O 111 -13.16 72.97 -71.57
C ALA O 111 -13.59 74.39 -71.22
N GLU O 112 -14.26 74.55 -70.09
CA GLU O 112 -14.58 75.90 -69.60
C GLU O 112 -13.37 76.51 -68.91
N THR O 113 -12.25 76.54 -69.64
CA THR O 113 -11.06 77.27 -69.28
C THR O 113 -10.63 78.23 -70.38
N GLN O 114 -10.26 77.70 -71.55
CA GLN O 114 -10.08 78.53 -72.73
C GLN O 114 -11.41 78.97 -73.31
N LEU O 115 -12.36 78.05 -73.43
CA LEU O 115 -13.69 78.43 -73.87
C LEU O 115 -14.36 79.35 -72.86
N ARG O 116 -14.01 79.21 -71.58
CA ARG O 116 -14.42 80.20 -70.59
C ARG O 116 -13.98 81.59 -71.02
N PHE O 117 -12.76 81.72 -71.51
CA PHE O 117 -12.32 82.96 -72.12
C PHE O 117 -12.73 83.06 -73.58
N VAL O 118 -12.77 81.94 -74.29
CA VAL O 118 -13.19 81.97 -75.69
C VAL O 118 -14.64 82.37 -75.80
N LEU O 119 -15.45 82.11 -74.76
CA LEU O 119 -16.78 82.69 -74.73
C LEU O 119 -16.70 84.21 -74.63
N ARG O 120 -15.91 84.72 -73.69
CA ARG O 120 -15.69 86.16 -73.62
C ARG O 120 -14.95 86.66 -74.85
N ALA O 121 -14.11 85.82 -75.44
CA ALA O 121 -13.44 86.21 -76.67
C ALA O 121 -14.44 86.42 -77.79
N ALA O 122 -15.36 85.48 -77.98
CA ALA O 122 -16.40 85.65 -78.99
C ALA O 122 -17.31 86.83 -78.65
N ILE O 123 -17.51 87.07 -77.36
CA ILE O 123 -18.29 88.22 -76.94
C ILE O 123 -17.64 89.50 -77.43
N ALA O 124 -16.38 89.72 -77.05
CA ALA O 124 -15.68 90.94 -77.46
C ALA O 124 -15.50 90.98 -78.97
N VAL O 125 -15.43 89.82 -79.61
CA VAL O 125 -15.26 89.79 -81.06
C VAL O 125 -16.52 90.27 -81.76
N ALA O 126 -17.67 89.75 -81.36
CA ALA O 126 -18.93 90.26 -81.88
C ALA O 126 -19.11 91.72 -81.51
N VAL O 127 -18.58 92.12 -80.35
CA VAL O 127 -18.68 93.52 -79.93
C VAL O 127 -17.93 94.43 -80.90
N VAL O 128 -16.68 94.08 -81.20
CA VAL O 128 -15.91 94.88 -82.14
C VAL O 128 -16.51 94.81 -83.53
N ALA O 129 -17.06 93.65 -83.89
CA ALA O 129 -17.69 93.51 -85.20
C ALA O 129 -18.89 94.43 -85.33
N ALA O 130 -19.72 94.50 -84.29
CA ALA O 130 -20.85 95.41 -84.31
C ALA O 130 -20.38 96.86 -84.29
N ALA O 131 -19.31 97.14 -83.55
CA ALA O 131 -18.76 98.49 -83.54
C ALA O 131 -18.31 98.91 -84.94
N LEU O 132 -17.79 97.95 -85.72
CA LEU O 132 -17.36 98.26 -87.07
C LEU O 132 -18.53 98.32 -88.04
N VAL O 133 -19.54 97.47 -87.84
CA VAL O 133 -20.66 97.42 -88.78
C VAL O 133 -21.60 98.61 -88.59
N LEU O 134 -21.87 99.00 -87.35
CA LEU O 134 -22.68 100.18 -87.06
C LEU O 134 -21.89 101.47 -87.20
N ALA O 135 -20.63 101.38 -87.62
CA ALA O 135 -19.83 102.56 -87.91
C ALA O 135 -20.22 103.09 -89.29
N GLY O 136 -19.59 104.19 -89.68
CA GLY O 136 -19.90 104.83 -90.95
C GLY O 136 -18.67 105.47 -91.54
N THR O 137 -18.80 106.73 -91.95
CA THR O 137 -17.66 107.44 -92.51
C THR O 137 -16.57 107.63 -91.45
N ASP O 138 -16.89 108.34 -90.38
CA ASP O 138 -15.91 108.65 -89.35
C ASP O 138 -15.97 107.62 -88.23
N PRO O 139 -15.13 106.58 -88.27
CA PRO O 139 -15.04 105.68 -87.12
C PRO O 139 -14.50 106.40 -85.91
N GLU O 140 -13.41 107.14 -86.08
CA GLU O 140 -12.77 107.98 -85.08
C GLU O 140 -12.21 107.19 -83.91
N LEU O 141 -12.58 105.93 -83.73
CA LEU O 141 -11.95 105.08 -82.73
C LEU O 141 -11.76 103.66 -83.23
N GLN O 142 -12.08 103.36 -84.50
CA GLN O 142 -11.81 102.04 -85.04
C GLN O 142 -10.33 101.68 -84.93
N GLU O 143 -9.45 102.67 -85.03
CA GLU O 143 -8.05 102.43 -84.69
C GLU O 143 -7.92 101.99 -83.24
N MET O 144 -8.47 102.78 -82.32
CA MET O 144 -8.57 102.34 -80.94
C MET O 144 -9.29 101.00 -80.86
N VAL O 145 -10.41 100.87 -81.56
CA VAL O 145 -11.10 99.58 -81.64
C VAL O 145 -10.19 98.52 -82.24
N GLU O 146 -9.37 98.89 -83.23
CA GLU O 146 -8.35 97.96 -83.69
C GLU O 146 -7.28 97.76 -82.63
N GLN O 147 -6.88 98.84 -81.96
CA GLN O 147 -6.01 98.72 -80.79
C GLN O 147 -6.65 97.80 -79.76
N ILE O 148 -7.91 98.05 -79.43
CA ILE O 148 -8.66 97.11 -78.61
C ILE O 148 -8.65 95.73 -79.26
N LYS O 149 -8.90 95.67 -80.57
CA LYS O 149 -8.75 94.41 -81.29
C LYS O 149 -7.35 93.85 -81.10
N ASP O 150 -6.33 94.71 -81.25
CA ASP O 150 -4.99 94.33 -80.86
C ASP O 150 -4.96 93.89 -79.40
N LEU O 151 -5.50 94.72 -78.51
CA LEU O 151 -5.68 94.31 -77.13
C LEU O 151 -6.50 93.04 -77.03
N LEU O 152 -7.46 92.84 -77.94
CA LEU O 152 -8.16 91.58 -78.04
C LEU O 152 -7.23 90.49 -78.54
N ILE O 153 -6.49 90.77 -79.62
CA ILE O 153 -5.43 89.87 -80.04
C ILE O 153 -4.46 89.65 -78.89
N SER O 154 -4.08 90.74 -78.21
CA SER O 154 -3.32 90.63 -76.99
C SER O 154 -4.07 89.81 -75.95
N ALA O 155 -5.37 90.04 -75.80
CA ALA O 155 -6.19 89.16 -74.98
C ALA O 155 -6.18 87.75 -75.54
N PHE O 156 -6.23 87.63 -76.87
CA PHE O 156 -6.06 86.33 -77.50
C PHE O 156 -4.72 85.71 -77.12
N MET O 157 -3.71 86.55 -76.86
CA MET O 157 -2.49 86.06 -76.25
C MET O 157 -2.55 86.06 -74.73
N ALA O 158 -3.31 86.99 -74.13
CA ALA O 158 -3.44 87.08 -72.68
C ALA O 158 -4.41 86.05 -72.13
N GLY O 159 -4.81 85.08 -72.95
CA GLY O 159 -5.64 83.98 -72.51
C GLY O 159 -4.81 82.73 -72.32
N GLU O 165 -4.40 84.07 -69.46
CA GLU O 165 -4.91 84.31 -68.11
C GLU O 165 -5.09 85.80 -67.84
N LYS O 166 -4.28 86.62 -68.51
CA LYS O 166 -4.31 88.06 -68.32
C LYS O 166 -5.41 88.74 -69.13
N ALA O 167 -6.51 88.04 -69.40
CA ALA O 167 -7.59 88.60 -70.20
C ALA O 167 -8.97 88.42 -69.59
N LEU O 168 -9.10 87.78 -68.43
CA LEU O 168 -10.42 87.56 -67.85
C LEU O 168 -11.13 88.87 -67.57
N THR O 169 -10.49 89.77 -66.81
CA THR O 169 -11.07 91.10 -66.62
C THR O 169 -10.79 91.98 -67.83
N GLN O 170 -9.72 91.70 -68.58
CA GLN O 170 -9.42 92.49 -69.76
C GLN O 170 -10.46 92.29 -70.84
N LEU O 171 -10.97 91.07 -71.01
CA LEU O 171 -12.05 90.84 -71.97
C LEU O 171 -13.30 91.60 -71.55
N LEU O 172 -13.62 91.59 -70.26
CA LEU O 172 -14.77 92.34 -69.77
C LEU O 172 -14.59 93.84 -70.00
N PHE O 173 -13.38 94.35 -69.76
CA PHE O 173 -13.11 95.76 -69.98
C PHE O 173 -13.22 96.12 -71.46
N VAL O 174 -12.73 95.24 -72.34
CA VAL O 174 -12.81 95.49 -73.76
C VAL O 174 -14.26 95.47 -74.22
N ALA O 175 -15.06 94.55 -73.69
CA ALA O 175 -16.47 94.50 -74.04
C ALA O 175 -17.19 95.74 -73.53
N TRP O 176 -16.84 96.23 -72.35
CA TRP O 176 -17.49 97.42 -71.81
C TRP O 176 -17.10 98.66 -72.62
N ALA O 177 -15.84 98.72 -73.06
CA ALA O 177 -15.41 99.84 -73.90
C ALA O 177 -16.09 99.78 -75.26
N ALA O 178 -16.27 98.57 -75.81
CA ALA O 178 -17.03 98.44 -77.05
C ALA O 178 -18.48 98.85 -76.85
N HIS O 179 -19.05 98.53 -75.70
CA HIS O 179 -20.43 98.92 -75.41
C HIS O 179 -20.56 100.43 -75.31
N ALA O 180 -19.60 101.09 -74.67
CA ALA O 180 -19.59 102.54 -74.67
C ALA O 180 -19.36 103.08 -76.08
N VAL O 181 -18.62 102.33 -76.91
CA VAL O 181 -18.46 102.73 -78.30
C VAL O 181 -19.69 102.35 -79.12
N ALA O 182 -20.22 101.13 -78.91
CA ALA O 182 -21.38 100.70 -79.67
C ALA O 182 -22.61 101.54 -79.34
N MET O 183 -22.74 101.99 -78.09
CA MET O 183 -23.78 102.93 -77.76
C MET O 183 -23.58 104.25 -78.51
N ILE O 184 -22.36 104.77 -78.49
CA ILE O 184 -22.06 105.99 -79.22
C ILE O 184 -22.20 105.78 -80.72
N ALA O 185 -21.81 104.59 -81.20
CA ALA O 185 -21.93 104.30 -82.63
C ALA O 185 -23.39 104.27 -83.06
N ALA O 186 -24.25 103.62 -82.27
CA ALA O 186 -25.67 103.58 -82.60
C ALA O 186 -26.31 104.95 -82.45
N ALA O 187 -25.83 105.76 -81.51
CA ALA O 187 -26.35 107.10 -81.36
C ALA O 187 -26.01 107.96 -82.56
N ALA O 188 -24.75 107.91 -83.01
CA ALA O 188 -24.36 108.67 -84.19
C ALA O 188 -24.97 108.11 -85.46
N ASN O 189 -25.33 106.82 -85.46
CA ASN O 189 -25.92 106.20 -86.64
C ASN O 189 -27.29 106.77 -86.95
N LEU O 190 -28.16 106.88 -85.94
CA LEU O 190 -29.48 107.46 -86.11
C LEU O 190 -29.47 108.98 -85.98
N ALA O 191 -28.29 109.59 -85.90
CA ALA O 191 -28.15 111.03 -85.81
C ALA O 191 -27.74 111.60 -87.15
N GLY O 192 -28.20 112.81 -87.44
CA GLY O 192 -27.86 113.49 -88.68
C GLY O 192 -26.85 114.59 -88.47
N PRO O 195 -27.38 117.15 -83.93
CA PRO O 195 -26.11 116.57 -83.45
C PRO O 195 -26.03 116.53 -81.93
N ARG O 196 -27.19 116.67 -81.27
CA ARG O 196 -27.22 116.59 -79.81
C ARG O 196 -26.77 115.22 -79.32
N LEU O 197 -27.20 114.15 -80.00
CA LEU O 197 -26.74 112.82 -79.65
C LEU O 197 -25.25 112.67 -79.89
N GLN O 198 -24.73 113.29 -80.95
CA GLN O 198 -23.29 113.22 -81.22
C GLN O 198 -22.50 113.97 -80.15
N GLN O 199 -23.00 115.12 -79.70
CA GLN O 199 -22.31 115.86 -78.66
C GLN O 199 -22.40 115.16 -77.32
N GLN O 200 -23.52 114.49 -77.03
CA GLN O 200 -23.65 113.74 -75.79
C GLN O 200 -22.73 112.52 -75.80
N VAL O 201 -22.62 111.85 -76.95
CA VAL O 201 -21.70 110.72 -77.08
C VAL O 201 -20.25 111.15 -77.14
N LYS O 202 -19.97 112.41 -77.51
CA LYS O 202 -18.60 112.89 -77.54
C LYS O 202 -18.03 113.07 -76.14
N GLU O 203 -18.89 113.26 -75.15
CA GLU O 203 -18.46 113.39 -73.77
C GLU O 203 -18.32 112.05 -73.07
N ILE O 204 -19.17 111.08 -73.40
CA ILE O 204 -18.99 109.73 -72.86
C ILE O 204 -17.81 109.05 -73.54
N LEU O 205 -17.60 109.31 -74.83
CA LEU O 205 -16.44 108.77 -75.52
C LEU O 205 -15.16 109.39 -74.99
N GLU O 206 -15.22 110.62 -74.49
CA GLU O 206 -14.04 111.24 -73.89
C GLU O 206 -13.59 110.47 -72.65
N LYS O 207 -14.53 110.22 -71.73
CA LYS O 207 -14.20 109.44 -70.54
C LYS O 207 -13.84 108.01 -70.91
N LEU O 208 -14.45 107.47 -71.97
CA LEU O 208 -14.11 106.13 -72.42
C LEU O 208 -12.66 106.05 -72.89
N LYS O 209 -12.23 107.01 -73.71
CA LYS O 209 -10.85 107.02 -74.18
C LYS O 209 -9.89 107.31 -73.03
N GLU O 210 -10.30 108.15 -72.08
CA GLU O 210 -9.45 108.41 -70.92
C GLU O 210 -9.26 107.14 -70.09
N ALA O 211 -10.33 106.37 -69.88
CA ALA O 211 -10.19 105.11 -69.16
C ALA O 211 -9.41 104.08 -69.95
N ILE O 212 -9.58 104.08 -71.28
CA ILE O 212 -8.84 103.13 -72.12
C ILE O 212 -7.35 103.40 -72.04
N GLU O 213 -6.96 104.67 -72.10
CA GLU O 213 -5.58 105.03 -71.84
C GLU O 213 -5.17 104.64 -70.43
N THR O 214 -6.07 104.81 -69.46
CA THR O 214 -5.81 104.33 -68.11
C THR O 214 -5.81 102.81 -68.06
N PHE O 215 -6.74 102.16 -68.76
CA PHE O 215 -6.72 100.71 -68.86
C PHE O 215 -5.48 100.23 -69.60
N GLN O 216 -4.96 101.03 -70.52
CA GLN O 216 -3.66 100.77 -71.13
C GLN O 216 -2.53 101.33 -70.30
N LYS O 217 -2.84 101.92 -69.14
CA LYS O 217 -1.85 102.37 -68.19
C LYS O 217 -1.76 101.45 -66.99
N GLY O 218 -2.30 100.24 -67.12
CA GLY O 218 -2.21 99.26 -66.06
C GLY O 218 -3.18 99.53 -64.92
N ASP O 219 -4.24 100.28 -65.22
CA ASP O 219 -5.27 100.58 -64.23
C ASP O 219 -6.41 99.59 -64.40
N GLU O 220 -6.60 98.74 -63.40
CA GLU O 220 -7.55 97.63 -63.50
C GLU O 220 -8.89 97.96 -62.87
N GLU O 221 -8.91 98.57 -61.69
CA GLU O 221 -10.18 98.92 -61.06
C GLU O 221 -10.63 100.32 -61.46
N GLN O 222 -9.72 101.29 -61.43
CA GLN O 222 -10.09 102.68 -61.73
C GLN O 222 -10.51 102.84 -63.19
N ALA O 223 -9.73 102.29 -64.11
CA ALA O 223 -10.06 102.43 -65.53
C ALA O 223 -11.32 101.65 -65.88
N PHE O 224 -11.49 100.46 -65.31
CA PHE O 224 -12.72 99.71 -65.54
C PHE O 224 -13.93 100.46 -65.01
N ARG O 225 -13.80 101.09 -63.85
CA ARG O 225 -14.90 101.87 -63.30
C ARG O 225 -15.21 103.08 -64.17
N GLN O 226 -14.17 103.78 -64.63
CA GLN O 226 -14.39 104.94 -65.48
C GLN O 226 -15.04 104.56 -66.80
N LEU O 227 -14.61 103.44 -67.41
CA LEU O 227 -15.21 103.00 -68.66
C LEU O 227 -16.65 102.55 -68.44
N ALA O 228 -16.92 101.87 -67.33
CA ALA O 228 -18.29 101.43 -67.04
C ALA O 228 -19.20 102.62 -66.80
N GLU O 229 -18.71 103.65 -66.11
CA GLU O 229 -19.51 104.84 -65.89
C GLU O 229 -19.73 105.60 -67.18
N VAL O 230 -18.72 105.65 -68.05
CA VAL O 230 -18.89 106.30 -69.34
C VAL O 230 -19.92 105.56 -70.18
N LEU O 231 -19.87 104.22 -70.16
CA LEU O 231 -20.87 103.42 -70.87
C LEU O 231 -22.26 103.64 -70.31
N ALA O 232 -22.38 103.76 -68.97
CA ALA O 232 -23.68 103.98 -68.37
C ALA O 232 -24.24 105.35 -68.73
N GLU O 233 -23.39 106.38 -68.71
CA GLU O 233 -23.83 107.71 -69.12
C GLU O 233 -24.20 107.73 -70.59
N ALA O 234 -23.45 107.00 -71.42
CA ALA O 234 -23.77 106.91 -72.84
C ALA O 234 -25.11 106.23 -73.05
N ALA O 235 -25.38 105.16 -72.29
CA ALA O 235 -26.68 104.50 -72.39
C ALA O 235 -27.80 105.39 -71.90
N LEU O 236 -27.54 106.22 -70.88
CA LEU O 236 -28.56 107.14 -70.41
C LEU O 236 -28.85 108.22 -71.45
N VAL O 237 -27.81 108.71 -72.14
CA VAL O 237 -28.03 109.70 -73.18
C VAL O 237 -28.67 109.05 -74.41
N ALA O 238 -28.43 107.76 -74.63
CA ALA O 238 -29.04 107.06 -75.75
C ALA O 238 -30.54 106.90 -75.53
N LEU O 239 -30.97 106.86 -74.27
CA LEU O 239 -32.40 106.81 -73.99
C LEU O 239 -33.12 108.03 -74.55
N ARG O 240 -32.48 109.19 -74.52
CA ARG O 240 -33.06 110.39 -75.12
C ARG O 240 -32.76 110.48 -76.60
N ALA O 241 -31.59 109.99 -77.04
CA ALA O 241 -31.25 110.03 -78.45
C ALA O 241 -32.14 109.12 -79.28
N ALA O 242 -32.70 108.07 -78.68
CA ALA O 242 -33.60 107.17 -79.39
C ALA O 242 -34.93 107.83 -79.70
N LEU O 243 -35.29 108.89 -78.97
CA LEU O 243 -36.50 109.66 -79.24
C LEU O 243 -36.20 110.97 -79.96
N THR O 244 -34.93 111.24 -80.26
CA THR O 244 -34.54 112.47 -80.94
C THR O 244 -34.72 112.39 -82.45
N ASN O 245 -35.15 111.25 -82.98
CA ASN O 245 -35.35 111.09 -84.42
C ASN O 245 -36.75 110.59 -84.74
N GLU P 4 18.64 3.11 -102.88
CA GLU P 4 18.13 2.56 -101.63
C GLU P 4 17.12 1.44 -101.90
N PHE P 5 16.28 1.15 -100.91
CA PHE P 5 15.30 0.07 -101.01
C PHE P 5 14.22 0.34 -102.04
N LYS P 6 14.03 1.58 -102.46
CA LYS P 6 13.17 1.89 -103.59
C LYS P 6 13.86 2.83 -104.57
N PHE P 7 15.07 3.30 -104.26
CA PHE P 7 15.84 4.14 -105.16
C PHE P 7 16.95 3.39 -105.88
N LEU P 8 17.27 2.16 -105.46
CA LEU P 8 18.13 1.28 -106.23
C LEU P 8 17.35 0.07 -106.72
N ALA P 9 16.04 0.08 -106.50
CA ALA P 9 15.14 -0.92 -107.03
C ALA P 9 14.57 -0.51 -108.38
N THR P 10 14.67 0.77 -108.73
CA THR P 10 14.42 1.18 -110.11
C THR P 10 15.52 0.65 -111.01
N GLU P 11 16.76 0.59 -110.50
CA GLU P 11 17.81 -0.11 -111.21
C GLU P 11 17.50 -1.60 -111.31
N ALA P 12 16.97 -2.19 -110.24
CA ALA P 12 16.50 -3.57 -110.32
C ALA P 12 15.35 -3.71 -111.31
N LYS P 13 14.53 -2.67 -111.43
CA LYS P 13 13.43 -2.68 -112.39
C LYS P 13 13.93 -2.62 -113.82
N MET P 14 14.96 -1.82 -114.10
CA MET P 14 15.59 -1.86 -115.41
C MET P 14 16.25 -3.20 -115.65
N LEU P 15 16.83 -3.78 -114.61
CA LEU P 15 17.39 -5.13 -114.74
C LEU P 15 16.29 -6.15 -115.05
N ILE P 16 15.13 -6.01 -114.41
CA ILE P 16 14.03 -6.92 -114.67
C ILE P 16 13.52 -6.75 -116.10
N THR P 17 13.49 -5.51 -116.58
CA THR P 17 13.06 -5.25 -117.95
C THR P 17 14.06 -5.82 -118.95
N ALA P 18 15.35 -5.73 -118.64
CA ALA P 18 16.36 -6.33 -119.52
C ALA P 18 16.22 -7.84 -119.53
N ALA P 19 16.12 -8.46 -118.36
CA ALA P 19 16.04 -9.91 -118.29
C ALA P 19 14.77 -10.45 -118.94
N GLU P 20 13.64 -9.74 -118.78
CA GLU P 20 12.41 -10.18 -119.43
C GLU P 20 12.54 -10.13 -120.94
N ARG P 21 13.35 -9.20 -121.46
CA ARG P 21 13.61 -9.09 -122.87
C ARG P 21 14.83 -9.89 -123.32
N LEU P 22 15.61 -10.45 -122.38
CA LEU P 22 16.79 -11.22 -122.72
C LEU P 22 16.67 -12.69 -122.36
N ALA P 23 15.58 -13.10 -121.70
CA ALA P 23 15.33 -14.50 -121.37
C ALA P 23 14.03 -14.88 -122.06
N GLY P 24 14.11 -15.07 -123.38
CA GLY P 24 12.97 -15.50 -124.16
C GLY P 24 12.80 -17.00 -124.28
N THR P 25 13.78 -17.76 -123.77
CA THR P 25 13.70 -19.21 -123.70
C THR P 25 13.97 -19.60 -122.26
N ASP P 26 14.09 -20.92 -122.02
CA ASP P 26 14.25 -21.45 -120.67
C ASP P 26 13.15 -20.92 -119.76
N PRO P 27 11.92 -21.41 -119.91
CA PRO P 27 10.82 -20.94 -119.05
C PRO P 27 11.15 -20.96 -117.56
N ARG P 28 12.17 -21.70 -117.13
CA ARG P 28 12.66 -21.55 -115.77
C ARG P 28 13.18 -20.14 -115.54
N LEU P 29 13.80 -19.54 -116.56
CA LEU P 29 14.27 -18.16 -116.43
C LEU P 29 13.10 -17.19 -116.32
N GLN P 30 12.06 -17.39 -117.13
CA GLN P 30 10.88 -16.54 -117.03
C GLN P 30 10.20 -16.71 -115.67
N GLU P 31 10.16 -17.94 -115.16
CA GLU P 31 9.55 -18.18 -113.85
C GLU P 31 10.37 -17.55 -112.74
N MET P 32 11.70 -17.59 -112.85
CA MET P 32 12.54 -16.93 -111.86
C MET P 32 12.37 -15.42 -111.93
N VAL P 33 12.25 -14.88 -113.14
CA VAL P 33 12.02 -13.44 -113.30
C VAL P 33 10.68 -13.06 -112.70
N ALA P 34 9.68 -13.92 -112.84
CA ALA P 34 8.37 -13.64 -112.26
C ALA P 34 8.42 -13.72 -110.74
N LEU P 35 9.13 -14.71 -110.19
CA LEU P 35 9.27 -14.80 -108.74
C LEU P 35 10.07 -13.64 -108.19
N ILE P 36 11.01 -13.11 -108.97
CA ILE P 36 11.78 -11.96 -108.53
C ILE P 36 10.92 -10.71 -108.56
N LYS P 37 10.16 -10.51 -109.65
CA LYS P 37 9.22 -9.40 -109.71
C LYS P 37 8.19 -9.45 -108.60
N LYS P 38 7.72 -10.65 -108.25
CA LYS P 38 6.88 -10.80 -107.07
C LYS P 38 7.67 -10.50 -105.80
N GLU P 39 8.90 -10.99 -105.72
CA GLU P 39 9.79 -10.58 -104.65
C GLU P 39 10.11 -9.10 -104.73
N LEU P 40 10.28 -8.57 -105.94
CA LEU P 40 10.37 -7.12 -106.10
C LEU P 40 9.09 -6.44 -105.66
N GLU P 41 7.94 -7.02 -106.01
CA GLU P 41 6.67 -6.46 -105.56
C GLU P 41 6.53 -6.58 -104.05
N GLN P 42 6.99 -7.69 -103.48
CA GLN P 42 6.92 -7.86 -102.03
C GLN P 42 7.80 -6.84 -101.31
N ALA P 43 8.99 -6.57 -101.86
CA ALA P 43 9.86 -5.57 -101.25
C ALA P 43 9.30 -4.16 -101.42
N GLU P 44 8.76 -3.85 -102.60
CA GLU P 44 8.15 -2.54 -102.82
C GLU P 44 6.95 -2.33 -101.91
N ARG P 45 6.19 -3.39 -101.64
CA ARG P 45 5.13 -3.29 -100.65
C ARG P 45 5.70 -3.10 -99.26
N THR P 46 6.73 -3.85 -98.89
CA THR P 46 7.43 -3.59 -97.65
C THR P 46 8.14 -2.25 -97.66
N PHE P 47 8.60 -1.80 -98.84
CA PHE P 47 9.09 -0.43 -98.96
C PHE P 47 7.96 0.56 -98.79
N ARG P 48 6.75 0.20 -99.23
CA ARG P 48 5.58 1.00 -98.96
C ARG P 48 5.01 0.72 -97.57
N ASN P 49 5.37 -0.41 -96.96
CA ASN P 49 4.95 -0.72 -95.60
C ASN P 49 6.01 -0.22 -94.63
N GLY P 50 5.80 -0.47 -93.34
CA GLY P 50 6.74 -0.06 -92.32
C GLY P 50 7.91 -1.02 -92.21
N ASP P 51 7.92 -2.05 -93.06
CA ASP P 51 9.00 -3.03 -93.09
C ASP P 51 10.05 -2.53 -94.07
N LYS P 52 10.68 -1.41 -93.71
CA LYS P 52 11.68 -0.77 -94.56
C LYS P 52 13.00 -1.52 -94.55
N SER P 53 13.41 -2.04 -93.39
CA SER P 53 14.63 -2.85 -93.36
C SER P 53 14.41 -4.20 -94.03
N GLU P 54 13.24 -4.81 -93.83
CA GLU P 54 12.90 -6.01 -94.56
C GLU P 54 12.79 -5.73 -96.05
N ALA P 55 12.25 -4.56 -96.40
CA ALA P 55 12.22 -4.15 -97.80
C ALA P 55 13.61 -4.05 -98.38
N GLN P 56 14.54 -3.44 -97.64
CA GLN P 56 15.90 -3.29 -98.12
C GLN P 56 16.57 -4.66 -98.28
N ARG P 57 16.35 -5.56 -97.32
CA ARG P 57 16.95 -6.89 -97.41
C ARG P 57 16.40 -7.67 -98.60
N GLN P 58 15.07 -7.67 -98.76
CA GLN P 58 14.46 -8.36 -99.90
C GLN P 58 14.89 -7.74 -101.22
N LEU P 59 15.04 -6.41 -101.25
CA LEU P 59 15.46 -5.75 -102.47
C LEU P 59 16.92 -6.06 -102.79
N GLU P 60 17.77 -6.15 -101.77
CA GLU P 60 19.15 -6.54 -102.00
C GLU P 60 19.26 -7.97 -102.49
N PHE P 61 18.46 -8.87 -101.92
CA PHE P 61 18.43 -10.24 -102.41
C PHE P 61 17.93 -10.31 -103.84
N VAL P 62 16.85 -9.59 -104.14
CA VAL P 62 16.27 -9.62 -105.47
C VAL P 62 17.19 -8.92 -106.48
N LEU P 63 18.05 -8.02 -106.01
CA LEU P 63 18.99 -7.38 -106.91
C LEU P 63 20.02 -8.39 -107.38
N THR P 64 20.61 -9.16 -106.45
CA THR P 64 21.50 -10.23 -106.84
C THR P 64 20.76 -11.28 -107.67
N ALA P 65 19.49 -11.52 -107.36
CA ALA P 65 18.70 -12.47 -108.12
C ALA P 65 18.54 -12.02 -109.56
N ALA P 66 18.20 -10.74 -109.76
CA ALA P 66 18.04 -10.21 -111.11
C ALA P 66 19.37 -10.15 -111.84
N ARG P 67 20.46 -9.87 -111.11
CA ARG P 67 21.78 -9.86 -111.74
C ARG P 67 22.15 -11.25 -112.23
N ALA P 68 21.97 -12.26 -111.38
CA ALA P 68 22.29 -13.63 -111.79
C ALA P 68 21.33 -14.09 -112.87
N VAL P 69 20.09 -13.60 -112.86
CA VAL P 69 19.12 -13.98 -113.89
C VAL P 69 19.51 -13.38 -115.23
N MET P 70 19.99 -12.14 -115.22
CA MET P 70 20.52 -11.54 -116.44
C MET P 70 21.75 -12.29 -116.91
N ASN P 71 22.60 -12.72 -115.97
CA ASN P 71 23.75 -13.54 -116.33
C ASN P 71 23.31 -14.83 -117.02
N VAL P 72 22.27 -15.46 -116.48
CA VAL P 72 21.78 -16.72 -117.04
C VAL P 72 21.15 -16.48 -118.40
N ALA P 73 20.43 -15.37 -118.56
CA ALA P 73 19.79 -15.07 -119.84
C ALA P 73 20.84 -14.77 -120.90
N ALA P 74 21.86 -13.99 -120.54
CA ALA P 74 22.95 -13.72 -121.49
C ALA P 74 23.73 -14.98 -121.80
N ALA P 75 23.86 -15.87 -120.83
CA ALA P 75 24.51 -17.15 -121.10
C ALA P 75 23.69 -17.97 -122.09
N ALA P 76 22.38 -18.09 -121.84
CA ALA P 76 21.51 -18.83 -122.75
C ALA P 76 21.54 -18.21 -124.15
N ASN P 77 21.63 -16.89 -124.23
CA ASN P 77 21.79 -16.23 -125.52
C ASN P 77 23.16 -16.46 -126.13
N ALA P 78 24.17 -16.75 -125.30
CA ALA P 78 25.54 -16.96 -125.77
C ALA P 78 25.96 -18.42 -125.68
N ALA P 79 25.09 -19.31 -125.23
CA ALA P 79 25.42 -20.73 -125.14
C ALA P 79 24.25 -21.57 -125.64
N GLY P 80 23.65 -21.14 -126.75
CA GLY P 80 22.57 -21.91 -127.36
C GLY P 80 23.02 -23.17 -128.08
N THR P 81 24.32 -23.47 -128.05
CA THR P 81 24.85 -24.62 -128.77
C THR P 81 25.72 -25.53 -127.91
N ASP P 82 25.95 -25.20 -126.65
CA ASP P 82 26.79 -26.01 -125.78
C ASP P 82 25.92 -26.83 -124.84
N PRO P 83 25.86 -28.15 -125.01
CA PRO P 83 25.00 -28.94 -124.12
C PRO P 83 25.44 -28.90 -122.67
N LEU P 84 26.75 -28.92 -122.42
CA LEU P 84 27.23 -28.80 -121.04
C LEU P 84 26.84 -27.45 -120.44
N LEU P 85 26.89 -26.40 -121.27
CA LEU P 85 26.49 -25.08 -120.78
C LEU P 85 25.00 -25.03 -120.49
N LYS P 86 24.17 -25.60 -121.37
CA LYS P 86 22.73 -25.62 -121.11
C LYS P 86 22.42 -26.46 -119.88
N ALA P 87 23.17 -27.54 -119.68
CA ALA P 87 22.96 -28.37 -118.49
C ALA P 87 23.33 -27.62 -117.22
N MET P 88 24.50 -26.98 -117.21
CA MET P 88 24.88 -26.19 -116.05
C MET P 88 23.95 -25.01 -115.85
N VAL P 89 23.36 -24.51 -116.95
CA VAL P 89 22.42 -23.40 -116.84
C VAL P 89 21.13 -23.85 -116.19
N ASP P 90 20.60 -25.00 -116.61
CA ASP P 90 19.42 -25.54 -115.96
C ASP P 90 19.71 -25.91 -114.51
N ALA P 91 20.94 -26.36 -114.24
CA ALA P 91 21.33 -26.67 -112.87
C ALA P 91 21.37 -25.41 -112.02
N ILE P 92 21.93 -24.34 -112.56
CA ILE P 92 21.94 -23.06 -111.84
C ILE P 92 20.53 -22.52 -111.69
N LEU P 93 19.66 -22.81 -112.67
CA LEU P 93 18.26 -22.39 -112.55
C LEU P 93 17.56 -23.13 -111.43
N TRP P 94 17.82 -24.44 -111.30
CA TRP P 94 17.24 -25.19 -110.20
C TRP P 94 17.82 -24.74 -108.87
N ARG P 95 19.13 -24.50 -108.82
CA ARG P 95 19.75 -24.00 -107.60
C ARG P 95 19.22 -22.62 -107.25
N LEU P 96 18.90 -21.81 -108.26
CA LEU P 96 18.35 -20.49 -108.02
C LEU P 96 16.92 -20.56 -107.53
N LYS P 97 16.12 -21.49 -108.07
CA LYS P 97 14.79 -21.71 -107.53
C LYS P 97 14.86 -22.19 -106.10
N GLU P 98 15.82 -23.07 -105.79
CA GLU P 98 15.99 -23.54 -104.42
C GLU P 98 16.40 -22.40 -103.49
N ALA P 99 17.35 -21.57 -103.93
CA ALA P 99 17.77 -20.45 -103.10
C ALA P 99 16.67 -19.42 -102.97
N ILE P 100 15.81 -19.29 -103.98
CA ILE P 100 14.70 -18.36 -103.92
C ILE P 100 13.65 -18.86 -102.94
N ARG P 101 13.39 -20.18 -102.93
CA ARG P 101 12.50 -20.75 -101.94
C ARG P 101 13.10 -20.62 -100.54
N THR P 102 14.42 -20.77 -100.43
CA THR P 102 15.07 -20.65 -99.12
C THR P 102 14.98 -19.23 -98.60
N PHE P 103 15.33 -18.24 -99.43
CA PHE P 103 15.18 -16.84 -99.04
C PHE P 103 13.73 -16.49 -98.74
N GLN P 104 12.80 -17.01 -99.54
CA GLN P 104 11.39 -16.83 -99.24
C GLN P 104 11.02 -17.47 -97.91
N ASN P 105 11.72 -18.55 -97.54
CA ASN P 105 11.62 -19.12 -96.21
C ASN P 105 12.44 -18.37 -95.18
N GLY P 106 13.00 -17.21 -95.54
CA GLY P 106 13.87 -16.49 -94.65
C GLY P 106 15.25 -17.07 -94.54
N ASP P 107 15.59 -18.05 -95.37
CA ASP P 107 16.90 -18.68 -95.35
C ASP P 107 17.74 -18.19 -96.52
N GLU P 109 18.99 -15.96 -94.63
CA GLU P 109 20.08 -16.66 -93.96
C GLU P 109 21.05 -17.27 -94.96
N GLU P 110 20.85 -18.54 -95.29
CA GLU P 110 21.68 -19.21 -96.28
C GLU P 110 21.29 -18.84 -97.71
N ALA P 111 20.46 -17.81 -97.89
CA ALA P 111 20.15 -17.33 -99.22
C ALA P 111 21.40 -16.78 -99.91
N GLU P 112 21.97 -15.71 -99.36
CA GLU P 112 23.25 -15.23 -99.85
C GLU P 112 24.39 -16.06 -99.28
N THR P 113 24.30 -17.36 -99.49
CA THR P 113 25.37 -18.31 -99.24
C THR P 113 25.69 -19.14 -100.47
N GLN P 114 24.73 -19.96 -100.92
CA GLN P 114 24.85 -20.60 -102.21
C GLN P 114 24.61 -19.61 -103.34
N LEU P 115 23.57 -18.79 -103.23
CA LEU P 115 23.35 -17.74 -104.22
C LEU P 115 24.47 -16.72 -104.20
N ARG P 116 25.10 -16.53 -103.04
CA ARG P 116 26.34 -15.75 -102.99
C ARG P 116 27.36 -16.33 -103.96
N PHE P 117 27.48 -17.65 -103.99
CA PHE P 117 28.30 -18.29 -105.01
C PHE P 117 27.53 -18.50 -106.30
N VAL P 118 26.23 -18.75 -106.22
CA VAL P 118 25.45 -18.94 -107.44
C VAL P 118 25.37 -17.64 -108.23
N LEU P 119 25.52 -16.49 -107.56
CA LEU P 119 25.70 -15.26 -108.30
C LEU P 119 27.02 -15.29 -109.06
N ARG P 120 28.11 -15.64 -108.37
CA ARG P 120 29.39 -15.80 -109.07
C ARG P 120 29.34 -16.97 -110.03
N ALA P 121 28.53 -17.99 -109.72
CA ALA P 121 28.37 -19.09 -110.65
C ALA P 121 27.74 -18.62 -111.95
N ALA P 122 26.64 -17.85 -111.87
CA ALA P 122 26.03 -17.31 -113.07
C ALA P 122 26.96 -16.35 -113.78
N ILE P 123 27.78 -15.64 -113.01
CA ILE P 123 28.78 -14.75 -113.61
C ILE P 123 29.73 -15.54 -114.48
N ALA P 124 30.39 -16.54 -113.90
CA ALA P 124 31.34 -17.34 -114.66
C ALA P 124 30.64 -18.11 -115.77
N VAL P 125 29.36 -18.44 -115.58
CA VAL P 125 28.63 -19.19 -116.60
C VAL P 125 28.39 -18.31 -117.81
N ALA P 126 27.89 -17.10 -117.60
CA ALA P 126 27.75 -16.16 -118.70
C ALA P 126 29.11 -15.83 -119.30
N VAL P 127 30.16 -15.86 -118.48
CA VAL P 127 31.51 -15.59 -118.99
C VAL P 127 31.92 -16.66 -119.98
N VAL P 128 31.77 -17.93 -119.61
CA VAL P 128 32.13 -19.02 -120.51
C VAL P 128 31.21 -19.03 -121.72
N ALA P 129 29.94 -18.67 -121.52
CA ALA P 129 29.01 -18.62 -122.64
C ALA P 129 29.42 -17.57 -123.65
N ALA P 130 29.82 -16.39 -123.17
CA ALA P 130 30.30 -15.36 -124.08
C ALA P 130 31.61 -15.78 -124.74
N ALA P 131 32.47 -16.47 -123.98
CA ALA P 131 33.72 -16.96 -124.56
C ALA P 131 33.45 -17.94 -125.69
N LEU P 132 32.38 -18.72 -125.57
CA LEU P 132 32.03 -19.66 -126.63
C LEU P 132 31.31 -18.98 -127.78
N VAL P 133 30.48 -17.97 -127.48
CA VAL P 133 29.69 -17.33 -128.53
C VAL P 133 30.55 -16.40 -129.38
N LEU P 134 31.46 -15.65 -128.75
CA LEU P 134 32.39 -14.79 -129.47
C LEU P 134 33.57 -15.57 -130.03
N ALA P 135 33.57 -16.89 -129.90
CA ALA P 135 34.58 -17.73 -130.51
C ALA P 135 34.22 -17.93 -131.97
N GLY P 136 35.06 -18.66 -132.69
CA GLY P 136 34.87 -18.89 -134.12
C GLY P 136 35.36 -20.24 -134.51
N THR P 137 36.16 -20.30 -135.58
CA THR P 137 36.72 -21.57 -136.02
C THR P 137 37.67 -22.13 -134.97
N ASP P 138 38.74 -21.41 -134.67
CA ASP P 138 39.75 -21.89 -133.74
C ASP P 138 39.47 -21.39 -132.33
N PRO P 139 38.78 -22.17 -131.50
CA PRO P 139 38.66 -21.79 -130.09
C PRO P 139 40.00 -21.79 -129.40
N GLU P 140 40.77 -22.86 -129.59
CA GLU P 140 42.13 -23.04 -129.10
C GLU P 140 42.22 -23.09 -127.58
N LEU P 141 41.18 -22.68 -126.86
CA LEU P 141 41.14 -22.85 -125.42
C LEU P 141 39.75 -23.23 -124.93
N GLN P 142 38.79 -23.45 -125.82
CA GLN P 142 37.47 -23.92 -125.39
C GLN P 142 37.57 -25.22 -124.61
N GLU P 143 38.55 -26.07 -124.95
CA GLU P 143 38.84 -27.22 -124.10
C GLU P 143 39.26 -26.76 -122.72
N MET P 144 40.26 -25.88 -122.65
CA MET P 144 40.58 -25.23 -121.39
C MET P 144 39.36 -24.54 -120.81
N VAL P 145 38.62 -23.79 -121.65
CA VAL P 145 37.37 -23.20 -121.20
C VAL P 145 36.39 -24.28 -120.75
N GLU P 146 36.38 -25.43 -121.43
CA GLU P 146 35.60 -26.55 -120.92
C GLU P 146 36.23 -27.09 -119.64
N GLN P 147 37.56 -27.19 -119.62
CA GLN P 147 38.26 -27.52 -118.39
C GLN P 147 37.89 -26.53 -117.29
N ILE P 148 37.98 -25.23 -117.61
CA ILE P 148 37.45 -24.21 -116.71
C ILE P 148 35.99 -24.49 -116.41
N LYS P 149 35.20 -24.80 -117.44
CA LYS P 149 33.81 -25.23 -117.22
C LYS P 149 33.78 -26.43 -116.31
N ASP P 150 34.64 -27.41 -116.57
CA ASP P 150 34.83 -28.49 -115.61
C ASP P 150 35.24 -27.94 -114.25
N LEU P 151 36.26 -27.08 -114.23
CA LEU P 151 36.59 -26.36 -113.02
C LEU P 151 35.41 -25.57 -112.50
N LEU P 152 34.56 -25.06 -113.39
CA LEU P 152 33.31 -24.45 -112.97
C LEU P 152 32.35 -25.51 -112.44
N ILE P 153 32.20 -26.62 -113.16
CA ILE P 153 31.48 -27.76 -112.62
C ILE P 153 32.13 -28.19 -111.31
N SER P 154 33.46 -28.27 -111.29
CA SER P 154 34.18 -28.47 -110.04
C SER P 154 33.86 -27.37 -109.05
N ALA P 155 33.84 -26.12 -109.50
CA ALA P 155 33.35 -25.04 -108.65
C ALA P 155 31.90 -25.28 -108.27
N PHE P 156 31.09 -25.77 -109.22
CA PHE P 156 29.74 -26.18 -108.90
C PHE P 156 29.74 -27.25 -107.82
N MET P 157 30.79 -28.06 -107.77
CA MET P 157 30.98 -28.94 -106.63
C MET P 157 31.76 -28.27 -105.50
N ALA P 158 32.65 -27.33 -105.82
CA ALA P 158 33.45 -26.64 -104.82
C ALA P 158 32.66 -25.52 -104.15
N GLY P 159 31.35 -25.49 -104.35
CA GLY P 159 30.48 -24.56 -103.67
C GLY P 159 29.73 -25.25 -102.54
N GLU P 165 32.42 -24.46 -101.01
CA GLU P 165 33.19 -23.45 -100.29
C GLU P 165 34.51 -23.17 -100.99
N LYS P 166 35.04 -24.18 -101.69
CA LYS P 166 36.31 -24.07 -102.38
C LYS P 166 36.20 -23.39 -103.73
N ALA P 167 35.23 -22.49 -103.89
CA ALA P 167 35.03 -21.84 -105.18
C ALA P 167 34.87 -20.32 -105.08
N LEU P 168 34.92 -19.74 -103.88
CA LEU P 168 34.74 -18.29 -103.76
C LEU P 168 35.80 -17.53 -104.52
N THR P 169 37.09 -17.80 -104.24
CA THR P 169 38.14 -17.20 -105.05
C THR P 169 38.32 -17.93 -106.36
N GLN P 170 37.93 -19.21 -106.42
CA GLN P 170 38.05 -19.97 -107.66
C GLN P 170 37.08 -19.45 -108.72
N LEU P 171 35.87 -19.05 -108.31
CA LEU P 171 34.94 -18.46 -109.27
C LEU P 171 35.48 -17.14 -109.80
N LEU P 172 36.08 -16.33 -108.91
CA LEU P 172 36.68 -15.07 -109.36
C LEU P 172 37.84 -15.34 -110.32
N PHE P 173 38.66 -16.34 -110.02
CA PHE P 173 39.77 -16.67 -110.90
C PHE P 173 39.29 -17.16 -112.25
N VAL P 174 38.22 -17.97 -112.25
CA VAL P 174 37.67 -18.48 -113.51
C VAL P 174 37.09 -17.33 -114.32
N ALA P 175 36.41 -16.39 -113.65
CA ALA P 175 35.87 -15.24 -114.36
C ALA P 175 36.99 -14.36 -114.93
N TRP P 176 38.09 -14.22 -114.19
CA TRP P 176 39.20 -13.41 -114.68
C TRP P 176 39.89 -14.08 -115.85
N ALA P 177 40.01 -15.41 -115.81
CA ALA P 177 40.58 -16.13 -116.93
C ALA P 177 39.68 -16.07 -118.14
N ALA P 178 38.36 -16.12 -117.93
CA ALA P 178 37.44 -15.93 -119.04
C ALA P 178 37.55 -14.53 -119.61
N HIS P 179 37.75 -13.53 -118.75
CA HIS P 179 37.89 -12.16 -119.21
C HIS P 179 39.15 -11.99 -120.03
N ALA P 180 40.25 -12.60 -119.60
CA ALA P 180 41.46 -12.62 -120.42
C ALA P 180 41.22 -13.39 -121.71
N VAL P 181 40.35 -14.40 -121.68
CA VAL P 181 40.00 -15.12 -122.90
C VAL P 181 38.98 -14.32 -123.69
N ALA P 182 37.97 -13.75 -123.03
CA ALA P 182 36.94 -12.99 -123.75
C ALA P 182 37.52 -11.73 -124.38
N MET P 183 38.51 -11.12 -123.72
CA MET P 183 39.22 -10.01 -124.37
C MET P 183 39.96 -10.51 -125.60
N ILE P 184 40.69 -11.62 -125.48
CA ILE P 184 41.39 -12.19 -126.62
C ILE P 184 40.40 -12.66 -127.68
N ALA P 185 39.26 -13.22 -127.25
CA ALA P 185 38.26 -13.68 -128.21
C ALA P 185 37.67 -12.51 -128.99
N ALA P 186 37.35 -11.41 -128.31
CA ALA P 186 36.81 -10.25 -129.01
C ALA P 186 37.87 -9.59 -129.89
N ALA P 187 39.14 -9.66 -129.47
CA ALA P 187 40.21 -9.11 -130.30
C ALA P 187 40.38 -9.91 -131.58
N ALA P 188 40.38 -11.24 -131.47
CA ALA P 188 40.49 -12.08 -132.66
C ALA P 188 39.23 -12.02 -133.50
N ASN P 189 38.09 -11.70 -132.88
CA ASN P 189 36.83 -11.64 -133.63
C ASN P 189 36.83 -10.50 -134.64
N LEU P 190 37.25 -9.30 -134.22
CA LEU P 190 37.33 -8.16 -135.11
C LEU P 190 38.65 -8.12 -135.88
N ALA P 191 39.46 -9.16 -135.77
CA ALA P 191 40.74 -9.25 -136.48
C ALA P 191 40.60 -10.18 -137.67
N GLY P 192 41.35 -9.86 -138.72
CA GLY P 192 41.34 -10.66 -139.92
C GLY P 192 42.60 -11.51 -140.07
N PRO P 195 46.93 -9.19 -138.26
CA PRO P 195 46.99 -10.15 -137.15
C PRO P 195 47.76 -9.61 -135.95
N ARG P 196 47.95 -8.28 -135.90
CA ARG P 196 48.63 -7.67 -134.78
C ARG P 196 47.86 -7.90 -133.49
N LEU P 197 46.53 -7.77 -133.54
CA LEU P 197 45.71 -8.06 -132.37
C LEU P 197 45.81 -9.52 -131.96
N GLN P 198 45.89 -10.42 -132.95
CA GLN P 198 46.03 -11.84 -132.64
C GLN P 198 47.38 -12.14 -131.99
N GLN P 199 48.44 -11.49 -132.47
CA GLN P 199 49.76 -11.70 -131.87
C GLN P 199 49.85 -11.08 -130.49
N GLN P 200 49.19 -9.93 -130.27
CA GLN P 200 49.19 -9.32 -128.95
C GLN P 200 48.38 -10.16 -127.96
N VAL P 201 47.26 -10.74 -128.42
CA VAL P 201 46.48 -11.64 -127.57
C VAL P 201 47.13 -12.99 -127.38
N LYS P 202 48.04 -13.38 -128.28
CA LYS P 202 48.73 -14.66 -128.11
C LYS P 202 49.73 -14.61 -126.98
N GLU P 203 50.21 -13.42 -126.62
CA GLU P 203 51.13 -13.27 -125.50
C GLU P 203 50.42 -13.12 -124.17
N ILE P 204 49.25 -12.47 -124.15
CA ILE P 204 48.46 -12.42 -122.93
C ILE P 204 47.81 -13.77 -122.65
N LEU P 205 47.41 -14.47 -123.72
CA LEU P 205 46.88 -15.83 -123.54
C LEU P 205 47.96 -16.78 -123.06
N GLU P 206 49.22 -16.52 -123.41
CA GLU P 206 50.31 -17.36 -122.91
C GLU P 206 50.42 -17.26 -121.39
N LYS P 207 50.48 -16.04 -120.87
CA LYS P 207 50.51 -15.86 -119.42
C LYS P 207 49.23 -16.35 -118.76
N LEU P 208 48.10 -16.21 -119.47
CA LEU P 208 46.84 -16.71 -118.94
C LEU P 208 46.86 -18.23 -118.77
N LYS P 209 47.33 -18.95 -119.78
CA LYS P 209 47.42 -20.40 -119.68
C LYS P 209 48.46 -20.82 -118.66
N GLU P 210 49.56 -20.06 -118.56
CA GLU P 210 50.57 -20.36 -117.54
C GLU P 210 49.99 -20.22 -116.14
N ALA P 211 49.22 -19.15 -115.90
CA ALA P 211 48.59 -18.98 -114.60
C ALA P 211 47.50 -20.03 -114.36
N ILE P 212 46.78 -20.41 -115.41
CA ILE P 212 45.73 -21.42 -115.27
C ILE P 212 46.35 -22.75 -114.86
N GLU P 213 47.45 -23.13 -115.51
CA GLU P 213 48.20 -24.29 -115.05
C GLU P 213 48.69 -24.09 -113.62
N THR P 214 49.13 -22.88 -113.29
CA THR P 214 49.49 -22.57 -111.91
C THR P 214 48.27 -22.56 -111.01
N PHE P 215 47.15 -21.99 -111.48
CA PHE P 215 45.91 -22.06 -110.73
C PHE P 215 45.42 -23.49 -110.61
N GLN P 216 45.72 -24.34 -111.59
CA GLN P 216 45.49 -25.77 -111.49
C GLN P 216 46.64 -26.47 -110.79
N LYS P 217 47.65 -25.72 -110.35
CA LYS P 217 48.75 -26.24 -109.56
C LYS P 217 48.62 -25.83 -108.10
N GLY P 218 47.44 -25.41 -107.69
CA GLY P 218 47.20 -25.06 -106.30
C GLY P 218 47.78 -23.71 -105.92
N ASP P 219 48.00 -22.85 -106.92
CA ASP P 219 48.53 -21.51 -106.68
C ASP P 219 47.37 -20.54 -106.63
N GLU P 220 47.13 -19.96 -105.46
CA GLU P 220 45.96 -19.14 -105.22
C GLU P 220 46.23 -17.66 -105.38
N GLU P 221 47.35 -17.17 -104.83
CA GLU P 221 47.67 -15.76 -104.99
C GLU P 221 48.51 -15.50 -106.22
N GLN P 222 49.54 -16.32 -106.45
CA GLN P 222 50.43 -16.09 -107.57
C GLN P 222 49.73 -16.30 -108.91
N ALA P 223 48.97 -17.38 -109.04
CA ALA P 223 48.29 -17.65 -110.30
C ALA P 223 47.16 -16.64 -110.54
N PHE P 224 46.44 -16.25 -109.49
CA PHE P 224 45.42 -15.23 -109.65
C PHE P 224 46.04 -13.91 -110.08
N ARG P 225 47.19 -13.55 -109.50
CA ARG P 225 47.86 -12.32 -109.90
C ARG P 225 48.33 -12.39 -111.33
N GLN P 226 48.91 -13.52 -111.74
CA GLN P 226 49.38 -13.66 -113.12
C GLN P 226 48.22 -13.60 -114.12
N LEU P 227 47.10 -14.25 -113.80
CA LEU P 227 45.95 -14.21 -114.69
C LEU P 227 45.35 -12.80 -114.75
N ALA P 228 45.30 -12.10 -113.62
CA ALA P 228 44.78 -10.73 -113.60
C ALA P 228 45.68 -9.80 -114.39
N GLU P 229 46.99 -9.97 -114.29
CA GLU P 229 47.91 -9.14 -115.06
C GLU P 229 47.82 -9.45 -116.54
N VAL P 230 47.65 -10.73 -116.90
CA VAL P 230 47.47 -11.10 -118.29
C VAL P 230 46.19 -10.50 -118.85
N LEU P 231 45.11 -10.53 -118.06
CA LEU P 231 43.86 -9.91 -118.47
C LEU P 231 44.01 -8.40 -118.63
N ALA P 232 44.76 -7.76 -117.73
CA ALA P 232 44.96 -6.32 -117.83
C ALA P 232 45.78 -5.96 -119.06
N GLU P 233 46.83 -6.73 -119.35
CA GLU P 233 47.61 -6.48 -120.56
C GLU P 233 46.78 -6.74 -121.81
N ALA P 234 45.93 -7.77 -121.76
CA ALA P 234 45.05 -8.04 -122.89
C ALA P 234 44.07 -6.91 -123.11
N ALA P 235 43.53 -6.35 -122.03
CA ALA P 235 42.62 -5.22 -122.16
C ALA P 235 43.35 -3.97 -122.66
N LEU P 236 44.61 -3.81 -122.27
CA LEU P 236 45.40 -2.69 -122.78
C LEU P 236 45.68 -2.83 -124.27
N VAL P 237 45.97 -4.05 -124.72
CA VAL P 237 46.19 -4.27 -126.15
C VAL P 237 44.87 -4.18 -126.92
N ALA P 238 43.75 -4.50 -126.27
CA ALA P 238 42.46 -4.39 -126.92
C ALA P 238 42.09 -2.93 -127.16
N LEU P 239 42.61 -2.02 -126.34
CA LEU P 239 42.39 -0.61 -126.57
C LEU P 239 42.93 -0.17 -127.92
N ARG P 240 44.06 -0.74 -128.34
CA ARG P 240 44.61 -0.45 -129.66
C ARG P 240 43.98 -1.32 -130.74
N ALA P 241 43.61 -2.56 -130.39
CA ALA P 241 43.00 -3.45 -131.37
C ALA P 241 41.62 -2.96 -131.78
N ALA P 242 40.93 -2.22 -130.91
CA ALA P 242 39.62 -1.69 -131.24
C ALA P 242 39.69 -0.58 -132.29
N LEU P 243 40.85 0.05 -132.46
CA LEU P 243 41.07 1.04 -133.50
C LEU P 243 41.85 0.48 -134.69
N THR P 244 42.21 -0.81 -134.64
CA THR P 244 42.96 -1.44 -135.72
C THR P 244 42.08 -1.88 -136.89
N ASN P 245 40.77 -1.71 -136.78
CA ASN P 245 39.84 -2.11 -137.85
C ASN P 245 38.94 -0.95 -138.26
N GLU Q 4 59.66 -79.30 -33.23
CA GLU Q 4 58.79 -78.15 -33.36
C GLU Q 4 58.80 -77.61 -34.79
N PHE Q 5 58.40 -76.35 -34.95
CA PHE Q 5 58.32 -75.72 -36.26
C PHE Q 5 59.67 -75.53 -36.93
N LYS Q 6 60.76 -75.58 -36.17
CA LYS Q 6 62.09 -75.62 -36.74
C LYS Q 6 62.95 -76.72 -36.11
N PHE Q 7 62.42 -77.43 -35.11
CA PHE Q 7 63.11 -78.54 -34.49
C PHE Q 7 62.60 -79.89 -34.95
N LEU Q 8 61.47 -79.94 -35.64
CA LEU Q 8 61.01 -81.15 -36.32
C LEU Q 8 61.01 -80.94 -37.82
N ALA Q 9 61.52 -79.78 -38.26
CA ALA Q 9 61.72 -79.49 -39.67
C ALA Q 9 63.11 -79.89 -40.13
N THR Q 10 64.04 -80.11 -39.20
CA THR Q 10 65.29 -80.77 -39.54
C THR Q 10 65.03 -82.22 -39.90
N GLU Q 11 64.06 -82.85 -39.24
CA GLU Q 11 63.59 -84.16 -39.67
C GLU Q 11 62.93 -84.06 -41.04
N ALA Q 12 62.16 -83.01 -41.29
CA ALA Q 12 61.64 -82.79 -42.63
C ALA Q 12 62.76 -82.53 -43.63
N LYS Q 13 63.85 -81.91 -43.17
CA LYS Q 13 65.00 -81.69 -44.04
C LYS Q 13 65.72 -82.98 -44.39
N MET Q 14 65.87 -83.89 -43.44
CA MET Q 14 66.38 -85.21 -43.75
C MET Q 14 65.43 -85.96 -44.67
N LEU Q 15 64.13 -85.78 -44.47
CA LEU Q 15 63.15 -86.37 -45.39
C LEU Q 15 63.30 -85.78 -46.78
N ILE Q 16 63.53 -84.48 -46.88
CA ILE Q 16 63.71 -83.85 -48.18
C ILE Q 16 64.98 -84.35 -48.85
N THR Q 17 66.04 -84.56 -48.06
CA THR Q 17 67.29 -85.09 -48.61
C THR Q 17 67.11 -86.52 -49.09
N ALA Q 18 66.34 -87.32 -48.34
CA ALA Q 18 66.05 -88.68 -48.79
C ALA Q 18 65.25 -88.68 -50.08
N ALA Q 19 64.18 -87.88 -50.13
CA ALA Q 19 63.32 -87.87 -51.32
C ALA Q 19 64.05 -87.33 -52.54
N GLU Q 20 64.92 -86.34 -52.35
CA GLU Q 20 65.69 -85.82 -53.48
C GLU Q 20 66.63 -86.87 -54.02
N ARG Q 21 67.11 -87.77 -53.16
CA ARG Q 21 67.97 -88.87 -53.56
C ARG Q 21 67.19 -90.14 -53.89
N LEU Q 22 65.87 -90.17 -53.65
CA LEU Q 22 65.06 -91.35 -53.91
C LEU Q 22 64.03 -91.10 -55.01
N ALA Q 23 63.90 -89.88 -55.51
CA ALA Q 23 62.99 -89.55 -56.60
C ALA Q 23 63.85 -89.02 -57.74
N GLY Q 24 64.56 -89.93 -58.42
CA GLY Q 24 65.37 -89.57 -59.55
C GLY Q 24 64.66 -89.61 -60.88
N THR Q 25 63.41 -90.07 -60.89
CA THR Q 25 62.56 -90.06 -62.07
C THR Q 25 61.25 -89.36 -61.68
N ASP Q 26 60.28 -89.39 -62.58
CA ASP Q 26 59.02 -88.68 -62.38
C ASP Q 26 59.28 -87.23 -62.02
N PRO Q 27 59.70 -86.40 -62.99
CA PRO Q 27 59.95 -84.98 -62.70
C PRO Q 27 58.81 -84.29 -61.96
N ARG Q 28 57.61 -84.85 -61.96
CA ARG Q 28 56.57 -84.35 -61.06
C ARG Q 28 56.99 -84.52 -59.60
N LEU Q 29 57.69 -85.61 -59.29
CA LEU Q 29 58.19 -85.81 -57.93
C LEU Q 29 59.25 -84.78 -57.58
N GLN Q 30 60.16 -84.51 -58.51
CA GLN Q 30 61.18 -83.49 -58.26
C GLN Q 30 60.53 -82.11 -58.10
N GLU Q 31 59.50 -81.82 -58.91
CA GLU Q 31 58.82 -80.54 -58.80
C GLU Q 31 58.07 -80.42 -57.48
N MET Q 32 57.45 -81.51 -57.03
CA MET Q 32 56.79 -81.50 -55.73
C MET Q 32 57.80 -81.34 -54.60
N VAL Q 33 58.96 -81.97 -54.72
CA VAL Q 33 60.01 -81.80 -53.72
C VAL Q 33 60.50 -80.37 -53.70
N ALA Q 34 60.58 -79.74 -54.87
CA ALA Q 34 61.00 -78.35 -54.93
C ALA Q 34 59.95 -77.42 -54.34
N LEU Q 35 58.68 -77.68 -54.62
CA LEU Q 35 57.61 -76.87 -54.03
C LEU Q 35 57.55 -77.07 -52.52
N ILE Q 36 57.89 -78.26 -52.04
CA ILE Q 36 57.92 -78.50 -50.60
C ILE Q 36 59.08 -77.79 -49.96
N LYS Q 37 60.26 -77.87 -50.57
CA LYS Q 37 61.42 -77.14 -50.07
C LYS Q 37 61.17 -75.64 -50.08
N LYS Q 38 60.47 -75.13 -51.09
CA LYS Q 38 60.04 -73.74 -51.06
C LYS Q 38 59.02 -73.52 -49.97
N GLU Q 39 58.06 -74.45 -49.83
CA GLU Q 39 57.17 -74.41 -48.68
C GLU Q 39 57.93 -74.63 -47.38
N LEU Q 40 58.95 -75.50 -47.38
CA LEU Q 40 59.84 -75.59 -46.23
C LEU Q 40 60.59 -74.29 -46.03
N GLU Q 41 61.05 -73.66 -47.12
CA GLU Q 41 61.70 -72.35 -47.01
C GLU Q 41 60.72 -71.30 -46.51
N GLN Q 42 59.48 -71.36 -46.99
CA GLN Q 42 58.48 -70.38 -46.55
C GLN Q 42 58.16 -70.55 -45.06
N ALA Q 43 58.10 -71.79 -44.58
CA ALA Q 43 57.86 -72.03 -43.16
C ALA Q 43 59.07 -71.62 -42.32
N GLU Q 44 60.27 -71.94 -42.79
CA GLU Q 44 61.48 -71.53 -42.06
C GLU Q 44 61.60 -70.01 -42.01
N ARG Q 45 61.19 -69.32 -43.06
CA ARG Q 45 61.12 -67.86 -43.01
C ARG Q 45 60.06 -67.40 -42.03
N THR Q 46 58.87 -68.02 -42.06
CA THR Q 46 57.87 -67.75 -41.04
C THR Q 46 58.32 -68.22 -39.67
N PHE Q 47 59.11 -69.30 -39.61
CA PHE Q 47 59.74 -69.67 -38.35
C PHE Q 47 60.78 -68.63 -37.94
N ARG Q 48 61.43 -68.01 -38.91
CA ARG Q 48 62.31 -66.88 -38.63
C ARG Q 48 61.52 -65.58 -38.51
N ASN Q 49 60.30 -65.53 -39.03
CA ASN Q 49 59.44 -64.37 -38.87
C ASN Q 49 58.58 -64.53 -37.62
N GLY Q 50 57.71 -63.56 -37.38
CA GLY Q 50 56.82 -63.62 -36.23
C GLY Q 50 55.62 -64.51 -36.48
N ASP Q 51 55.56 -65.11 -37.67
CA ASP Q 51 54.48 -66.02 -38.04
C ASP Q 51 54.89 -67.42 -37.60
N LYS Q 52 55.00 -67.60 -36.29
CA LYS Q 52 55.43 -68.88 -35.73
C LYS Q 52 54.35 -69.94 -35.79
N SER Q 53 53.09 -69.55 -35.55
CA SER Q 53 51.99 -70.50 -35.70
C SER Q 53 51.76 -70.85 -37.16
N GLU Q 54 51.83 -69.85 -38.05
CA GLU Q 54 51.78 -70.13 -39.47
C GLU Q 54 52.96 -70.97 -39.91
N ALA Q 55 54.13 -70.72 -39.33
CA ALA Q 55 55.29 -71.55 -39.61
C ALA Q 55 55.05 -72.99 -39.20
N GLN Q 56 54.47 -73.20 -38.00
CA GLN Q 56 54.19 -74.55 -37.54
C GLN Q 56 53.17 -75.24 -38.42
N ARG Q 57 52.13 -74.51 -38.85
CA ARG Q 57 51.13 -75.10 -39.73
C ARG Q 57 51.71 -75.48 -41.07
N GLN Q 58 52.48 -74.57 -41.69
CA GLN Q 58 53.09 -74.87 -42.98
C GLN Q 58 54.11 -75.99 -42.86
N LEU Q 59 54.82 -76.05 -41.74
CA LEU Q 59 55.80 -77.11 -41.53
C LEU Q 59 55.10 -78.46 -41.33
N GLU Q 60 53.98 -78.47 -40.62
CA GLU Q 60 53.22 -79.70 -40.47
C GLU Q 60 52.66 -80.17 -41.79
N PHE Q 61 52.15 -79.25 -42.61
CA PHE Q 61 51.67 -79.62 -43.93
C PHE Q 61 52.82 -80.15 -44.79
N VAL Q 62 53.95 -79.47 -44.78
CA VAL Q 62 55.09 -79.88 -45.60
C VAL Q 62 55.68 -81.17 -45.08
N LEU Q 63 55.50 -81.49 -43.80
CA LEU Q 63 55.98 -82.75 -43.27
C LEU Q 63 55.19 -83.91 -43.87
N THR Q 64 53.86 -83.81 -43.86
CA THR Q 64 53.05 -84.81 -44.54
C THR Q 64 53.34 -84.82 -46.03
N ALA Q 65 53.62 -83.66 -46.61
CA ALA Q 65 53.95 -83.59 -48.02
C ALA Q 65 55.22 -84.36 -48.32
N ALA Q 66 56.27 -84.16 -47.52
CA ALA Q 66 57.52 -84.86 -47.72
C ALA Q 66 57.37 -86.35 -47.43
N ARG Q 67 56.53 -86.70 -46.46
CA ARG Q 67 56.30 -88.11 -46.17
C ARG Q 67 55.62 -88.80 -47.35
N ALA Q 68 54.57 -88.18 -47.89
CA ALA Q 68 53.88 -88.76 -49.03
C ALA Q 68 54.79 -88.74 -50.27
N VAL Q 69 55.67 -87.75 -50.37
CA VAL Q 69 56.58 -87.68 -51.50
C VAL Q 69 57.62 -88.79 -51.41
N MET Q 70 58.10 -89.09 -50.20
CA MET Q 70 58.98 -90.23 -50.02
C MET Q 70 58.24 -91.52 -50.32
N ASN Q 71 56.96 -91.61 -49.93
CA ASN Q 71 56.16 -92.77 -50.27
C ASN Q 71 56.07 -92.94 -51.78
N VAL Q 72 55.86 -91.84 -52.50
CA VAL Q 72 55.73 -91.89 -53.95
C VAL Q 72 57.07 -92.26 -54.59
N ALA Q 73 58.17 -91.74 -54.05
CA ALA Q 73 59.48 -92.05 -54.60
C ALA Q 73 59.83 -93.51 -54.38
N ALA Q 74 59.55 -94.03 -53.18
CA ALA Q 74 59.78 -95.44 -52.91
C ALA Q 74 58.87 -96.32 -53.74
N ALA Q 75 57.65 -95.85 -54.00
CA ALA Q 75 56.76 -96.59 -54.89
C ALA Q 75 57.32 -96.64 -56.30
N ALA Q 76 57.73 -95.49 -56.84
CA ALA Q 76 58.33 -95.45 -58.17
C ALA Q 76 59.58 -96.31 -58.25
N ASN Q 77 60.36 -96.37 -57.16
CA ASN Q 77 61.50 -97.26 -57.11
C ASN Q 77 61.08 -98.72 -57.00
N ALA Q 78 59.88 -98.98 -56.47
CA ALA Q 78 59.39 -100.33 -56.27
C ALA Q 78 58.27 -100.71 -57.25
N ALA Q 79 57.90 -99.80 -58.14
CA ALA Q 79 56.85 -100.08 -59.11
C ALA Q 79 57.26 -99.54 -60.48
N GLY Q 80 58.53 -99.76 -60.85
CA GLY Q 80 59.00 -99.37 -62.16
C GLY Q 80 58.51 -100.24 -63.30
N THR Q 81 57.68 -101.25 -63.01
CA THR Q 81 57.21 -102.17 -64.02
C THR Q 81 55.70 -102.36 -64.04
N ASP Q 82 54.96 -101.70 -63.15
CA ASP Q 82 53.51 -101.85 -63.11
C ASP Q 82 52.86 -100.63 -63.72
N PRO Q 83 52.22 -100.77 -64.89
CA PRO Q 83 51.61 -99.59 -65.52
C PRO Q 83 50.48 -99.00 -64.69
N LEU Q 84 49.65 -99.84 -64.06
CA LEU Q 84 48.60 -99.34 -63.19
C LEU Q 84 49.19 -98.58 -62.01
N LEU Q 85 50.31 -99.07 -61.48
CA LEU Q 85 50.96 -98.38 -60.37
C LEU Q 85 51.54 -97.05 -60.82
N LYS Q 86 52.18 -97.01 -61.99
CA LYS Q 86 52.70 -95.73 -62.48
C LYS Q 86 51.58 -94.75 -62.77
N ALA Q 87 50.44 -95.26 -63.26
CA ALA Q 87 49.29 -94.40 -63.52
C ALA Q 87 48.73 -93.84 -62.24
N MET Q 88 48.52 -94.69 -61.23
CA MET Q 88 48.04 -94.20 -59.94
C MET Q 88 49.07 -93.28 -59.29
N VAL Q 89 50.35 -93.49 -59.59
CA VAL Q 89 51.39 -92.65 -59.02
C VAL Q 89 51.34 -91.26 -59.64
N ASP Q 90 51.20 -91.19 -60.96
CA ASP Q 90 51.05 -89.89 -61.61
C ASP Q 90 49.76 -89.23 -61.18
N ALA Q 91 48.71 -90.02 -60.93
CA ALA Q 91 47.45 -89.47 -60.45
C ALA Q 91 47.61 -88.89 -59.06
N ILE Q 92 48.32 -89.60 -58.18
CA ILE Q 92 48.59 -89.08 -56.85
C ILE Q 92 49.50 -87.87 -56.92
N LEU Q 93 50.39 -87.84 -57.92
CA LEU Q 93 51.25 -86.66 -58.10
C LEU Q 93 50.43 -85.44 -58.52
N TRP Q 94 49.47 -85.64 -59.41
CA TRP Q 94 48.59 -84.54 -59.80
C TRP Q 94 47.71 -84.11 -58.64
N ARG Q 95 47.18 -85.08 -57.89
CA ARG Q 95 46.37 -84.75 -56.72
C ARG Q 95 47.21 -84.03 -55.67
N LEU Q 96 48.49 -84.39 -55.57
CA LEU Q 96 49.37 -83.74 -54.62
C LEU Q 96 49.72 -82.33 -55.06
N LYS Q 97 49.91 -82.12 -56.37
CA LYS Q 97 50.10 -80.76 -56.87
C LYS Q 97 48.86 -79.92 -56.62
N GLU Q 98 47.67 -80.52 -56.81
CA GLU Q 98 46.43 -79.81 -56.55
C GLU Q 98 46.29 -79.47 -55.08
N ALA Q 99 46.59 -80.42 -54.19
CA ALA Q 99 46.50 -80.17 -52.76
C ALA Q 99 47.56 -79.16 -52.32
N ILE Q 100 48.70 -79.15 -53.00
CA ILE Q 100 49.75 -78.19 -52.68
C ILE Q 100 49.34 -76.78 -53.10
N ARG Q 101 48.70 -76.67 -54.26
CA ARG Q 101 48.16 -75.38 -54.67
C ARG Q 101 47.03 -74.94 -53.74
N THR Q 102 46.23 -75.90 -53.27
CA THR Q 102 45.13 -75.56 -52.36
C THR Q 102 45.67 -75.08 -51.02
N PHE Q 103 46.61 -75.81 -50.43
CA PHE Q 103 47.24 -75.37 -49.19
C PHE Q 103 47.97 -74.04 -49.38
N GLN Q 104 48.64 -73.87 -50.51
CA GLN Q 104 49.25 -72.57 -50.82
C GLN Q 104 48.19 -71.49 -50.94
N ASN Q 105 46.98 -71.85 -51.37
CA ASN Q 105 45.84 -70.96 -51.31
C ASN Q 105 45.20 -70.90 -49.93
N GLY Q 106 45.84 -71.48 -48.92
CA GLY Q 106 45.25 -71.54 -47.60
C GLY Q 106 44.15 -72.57 -47.46
N ASP Q 107 43.97 -73.42 -48.47
CA ASP Q 107 42.94 -74.45 -48.43
C ASP Q 107 43.57 -75.82 -48.18
N GLU Q 109 43.04 -75.44 -45.08
CA GLU Q 109 41.65 -75.89 -44.92
C GLU Q 109 41.48 -77.31 -45.43
N GLU Q 110 41.05 -77.44 -46.69
CA GLU Q 110 40.89 -78.75 -47.30
C GLU Q 110 42.22 -79.34 -47.76
N ALA Q 111 43.34 -78.75 -47.34
CA ALA Q 111 44.65 -79.33 -47.63
C ALA Q 111 44.78 -80.69 -46.97
N GLU Q 112 44.78 -80.73 -45.64
CA GLU Q 112 44.75 -82.01 -44.93
C GLU Q 112 43.34 -82.56 -44.89
N THR Q 113 42.75 -82.70 -46.08
CA THR Q 113 41.51 -83.41 -46.30
C THR Q 113 41.67 -84.49 -47.37
N GLN Q 114 41.96 -84.09 -48.60
CA GLN Q 114 42.37 -85.05 -49.61
C GLN Q 114 43.79 -85.53 -49.39
N LEU Q 115 44.71 -84.60 -49.11
CA LEU Q 115 46.06 -84.99 -48.76
C LEU Q 115 46.09 -85.79 -47.47
N ARG Q 116 45.15 -85.52 -46.56
CA ARG Q 116 44.96 -86.40 -45.41
C ARG Q 116 44.75 -87.83 -45.86
N PHE Q 117 43.93 -88.03 -46.89
CA PHE Q 117 43.82 -89.34 -47.50
C PHE Q 117 44.92 -89.59 -48.54
N VAL Q 118 45.35 -88.55 -49.24
CA VAL Q 118 46.42 -88.73 -50.22
C VAL Q 118 47.72 -89.09 -49.52
N LEU Q 119 47.88 -88.72 -48.26
CA LEU Q 119 49.00 -89.26 -47.50
C LEU Q 119 48.83 -90.76 -47.31
N ARG Q 120 47.64 -91.19 -46.85
CA ARG Q 120 47.37 -92.61 -46.75
C ARG Q 120 47.35 -93.27 -48.12
N ALA Q 121 46.94 -92.50 -49.14
CA ALA Q 121 46.98 -93.03 -50.50
C ALA Q 121 48.40 -93.35 -50.93
N ALA Q 122 49.33 -92.41 -50.72
CA ALA Q 122 50.73 -92.67 -51.04
C ALA Q 122 51.29 -93.78 -50.16
N ILE Q 123 50.81 -93.88 -48.93
CA ILE Q 123 51.23 -94.97 -48.05
C ILE Q 123 50.86 -96.31 -48.67
N ALA Q 124 49.58 -96.51 -48.97
CA ALA Q 124 49.14 -97.77 -49.55
C ALA Q 124 49.75 -97.99 -50.93
N VAL Q 125 50.05 -96.90 -51.64
CA VAL Q 125 50.64 -97.02 -52.97
C VAL Q 125 52.06 -97.56 -52.87
N ALA Q 126 52.87 -96.96 -52.00
CA ALA Q 126 54.20 -97.50 -51.75
C ALA Q 126 54.11 -98.92 -51.19
N VAL Q 127 53.06 -99.20 -50.43
CA VAL Q 127 52.87 -100.54 -49.89
C VAL Q 127 52.69 -101.56 -51.00
N VAL Q 128 51.78 -101.28 -51.92
CA VAL Q 128 51.55 -102.19 -53.04
C VAL Q 128 52.78 -102.26 -53.94
N ALA Q 129 53.49 -101.13 -54.08
CA ALA Q 129 54.70 -101.12 -54.89
C ALA Q 129 55.76 -102.02 -54.30
N ALA Q 130 55.94 -101.96 -52.97
CA ALA Q 130 56.90 -102.84 -52.32
C ALA Q 130 56.43 -104.29 -52.41
N ALA Q 131 55.12 -104.51 -52.29
CA ALA Q 131 54.59 -105.87 -52.42
C ALA Q 131 54.90 -106.44 -53.80
N LEU Q 132 54.87 -105.58 -54.83
CA LEU Q 132 55.19 -106.05 -56.17
C LEU Q 132 56.69 -106.19 -56.40
N VAL Q 133 57.49 -105.31 -55.80
CA VAL Q 133 58.93 -105.33 -56.04
C VAL Q 133 59.59 -106.47 -55.28
N LEU Q 134 59.18 -106.72 -54.05
CA LEU Q 134 59.69 -107.85 -53.27
C LEU Q 134 59.03 -109.16 -53.65
N ALA Q 135 58.16 -109.15 -54.66
CA ALA Q 135 57.57 -110.36 -55.19
C ALA Q 135 58.58 -111.03 -56.12
N GLY Q 136 58.22 -112.18 -56.67
CA GLY Q 136 59.09 -112.94 -57.53
C GLY Q 136 58.31 -113.66 -58.59
N THR Q 137 58.58 -114.95 -58.76
CA THR Q 137 57.85 -115.74 -59.73
C THR Q 137 56.37 -115.83 -59.37
N ASP Q 138 56.08 -116.42 -58.21
CA ASP Q 138 54.70 -116.64 -57.80
C ASP Q 138 54.22 -115.50 -56.92
N PRO Q 139 53.56 -114.49 -57.49
CA PRO Q 139 52.94 -113.47 -56.64
C PRO Q 139 51.82 -114.07 -55.80
N GLU Q 140 50.95 -114.85 -56.44
CA GLU Q 140 49.86 -115.59 -55.82
C GLU Q 140 48.80 -114.69 -55.18
N LEU Q 141 49.09 -113.40 -54.97
CA LEU Q 141 48.07 -112.47 -54.53
C LEU Q 141 48.22 -111.11 -55.19
N GLN Q 142 49.14 -110.95 -56.15
CA GLN Q 142 49.23 -109.69 -56.87
C GLN Q 142 47.92 -109.36 -57.57
N GLU Q 143 47.17 -110.37 -58.00
CA GLU Q 143 45.80 -110.13 -58.45
C GLU Q 143 44.97 -109.53 -57.32
N MET Q 144 44.95 -110.21 -56.17
CA MET Q 144 44.35 -109.62 -54.98
C MET Q 144 44.98 -108.26 -54.68
N VAL Q 145 46.32 -108.18 -54.73
CA VAL Q 145 46.99 -106.90 -54.58
C VAL Q 145 46.54 -105.93 -55.66
N GLU Q 146 46.33 -106.42 -56.88
CA GLU Q 146 45.72 -105.57 -57.89
C GLU Q 146 44.27 -105.26 -57.54
N GLN Q 147 43.55 -106.29 -57.07
CA GLN Q 147 42.21 -106.05 -56.52
C GLN Q 147 42.27 -105.01 -55.43
N ILE Q 148 43.18 -105.21 -54.46
CA ILE Q 148 43.45 -104.17 -53.47
C ILE Q 148 43.82 -102.87 -54.18
N LYS Q 149 44.69 -102.94 -55.18
CA LYS Q 149 44.98 -101.77 -56.00
C LYS Q 149 43.70 -101.22 -56.61
N ASP Q 150 42.87 -102.11 -57.16
CA ASP Q 150 41.53 -101.71 -57.55
C ASP Q 150 40.78 -101.13 -56.37
N LEU Q 151 40.76 -101.86 -55.24
CA LEU Q 151 40.22 -101.29 -54.01
C LEU Q 151 40.93 -100.00 -53.64
N LEU Q 152 42.23 -99.89 -53.95
CA LEU Q 152 42.93 -98.62 -53.80
C LEU Q 152 42.43 -97.61 -54.81
N ILE Q 153 42.33 -98.01 -56.08
CA ILE Q 153 41.66 -97.18 -57.07
C ILE Q 153 40.25 -96.88 -56.61
N SER Q 154 39.55 -97.89 -56.12
CA SER Q 154 38.26 -97.66 -55.47
C SER Q 154 38.41 -96.72 -54.29
N ALA Q 155 39.45 -96.92 -53.47
CA ALA Q 155 39.77 -95.94 -52.44
C ALA Q 155 40.10 -94.59 -53.07
N PHE Q 156 40.82 -94.62 -54.20
CA PHE Q 156 41.04 -93.39 -54.96
C PHE Q 156 39.72 -92.76 -55.37
N MET Q 157 38.69 -93.59 -55.56
CA MET Q 157 37.34 -93.06 -55.73
C MET Q 157 36.63 -92.90 -54.39
N ALA Q 158 36.94 -93.74 -53.40
CA ALA Q 158 36.31 -93.67 -52.09
C ALA Q 158 36.91 -92.58 -51.22
N GLY Q 159 37.70 -91.69 -51.82
CA GLY Q 159 38.23 -90.53 -51.14
C GLY Q 159 37.47 -89.28 -51.53
N GLU Q 165 35.63 -90.33 -49.15
CA GLU Q 165 35.37 -90.40 -47.72
C GLU Q 165 35.33 -91.85 -47.24
N LYS Q 166 34.93 -92.76 -48.13
CA LYS Q 166 34.81 -94.18 -47.82
C LYS Q 166 36.15 -94.90 -47.88
N ALA Q 167 37.25 -94.21 -47.62
CA ALA Q 167 38.56 -94.84 -47.70
C ALA Q 167 39.45 -94.57 -46.50
N LEU Q 168 38.99 -93.80 -45.51
CA LEU Q 168 39.85 -93.50 -44.36
C LEU Q 168 40.26 -94.76 -43.62
N THR Q 169 39.30 -95.59 -43.21
CA THR Q 169 39.65 -96.87 -42.62
C THR Q 169 39.99 -97.89 -43.70
N GLN Q 170 39.46 -97.70 -44.91
CA GLN Q 170 39.77 -98.62 -46.00
C GLN Q 170 41.24 -98.52 -46.40
N LEU Q 171 41.79 -97.31 -46.42
CA LEU Q 171 43.22 -97.17 -46.72
C LEU Q 171 44.07 -97.85 -45.65
N LEU Q 172 43.68 -97.69 -44.38
CA LEU Q 172 44.40 -98.37 -43.31
C LEU Q 172 44.30 -99.88 -43.44
N PHE Q 173 43.12 -100.38 -43.80
CA PHE Q 173 42.95 -101.83 -43.97
C PHE Q 173 43.77 -102.34 -45.15
N VAL Q 174 43.83 -101.57 -46.23
CA VAL Q 174 44.62 -101.97 -47.39
C VAL Q 174 46.09 -101.97 -47.05
N ALA Q 175 46.55 -100.97 -46.28
CA ALA Q 175 47.94 -100.94 -45.87
C ALA Q 175 48.26 -102.11 -44.94
N TRP Q 176 47.34 -102.47 -44.05
CA TRP Q 176 47.58 -103.59 -43.15
C TRP Q 176 47.60 -104.91 -43.91
N ALA Q 177 46.75 -105.05 -44.92
CA ALA Q 177 46.77 -106.25 -45.74
C ALA Q 177 48.04 -106.32 -46.56
N ALA Q 178 48.52 -105.18 -47.07
CA ALA Q 178 49.80 -105.17 -47.75
C ALA Q 178 50.93 -105.52 -46.80
N HIS Q 179 50.86 -105.07 -45.55
CA HIS Q 179 51.88 -105.40 -44.57
C HIS Q 179 51.90 -106.88 -44.27
N ALA Q 180 50.71 -107.48 -44.14
CA ALA Q 180 50.65 -108.94 -44.01
C ALA Q 180 51.15 -109.62 -45.27
N VAL Q 181 50.96 -108.99 -46.43
CA VAL Q 181 51.51 -109.53 -47.66
C VAL Q 181 53.00 -109.21 -47.77
N ALA Q 182 53.39 -107.98 -47.44
CA ALA Q 182 54.80 -107.60 -47.55
C ALA Q 182 55.66 -108.37 -46.57
N MET Q 183 55.11 -108.68 -45.37
CA MET Q 183 55.82 -109.57 -44.47
C MET Q 183 55.97 -110.97 -45.07
N ILE Q 184 54.88 -111.51 -45.63
CA ILE Q 184 54.95 -112.81 -46.28
C ILE Q 184 55.84 -112.74 -47.52
N ALA Q 185 55.80 -111.63 -48.25
CA ALA Q 185 56.64 -111.48 -49.44
C ALA Q 185 58.12 -111.46 -49.06
N ALA Q 186 58.48 -110.72 -48.02
CA ALA Q 186 59.87 -110.68 -47.59
C ALA Q 186 60.30 -112.02 -46.99
N ALA Q 187 59.36 -112.74 -46.35
CA ALA Q 187 59.70 -114.05 -45.82
C ALA Q 187 59.98 -115.04 -46.94
N ALA Q 188 59.13 -115.05 -47.96
CA ALA Q 188 59.36 -115.95 -49.09
C ALA Q 188 60.56 -115.51 -49.92
N ASN Q 189 60.91 -114.22 -49.87
CA ASN Q 189 62.04 -113.72 -50.65
C ASN Q 189 63.36 -114.29 -50.15
N LEU Q 190 63.58 -114.29 -48.83
CA LEU Q 190 64.79 -114.85 -48.25
C LEU Q 190 64.66 -116.34 -48.00
N ALA Q 191 63.57 -116.97 -48.45
CA ALA Q 191 63.37 -118.39 -48.30
C ALA Q 191 63.66 -119.11 -49.61
N GLY Q 192 64.15 -120.34 -49.49
CA GLY Q 192 64.47 -121.15 -50.65
C GLY Q 192 63.46 -122.25 -50.88
N PRO Q 195 61.50 -124.29 -46.47
CA PRO Q 195 60.20 -123.69 -46.76
C PRO Q 195 59.36 -123.49 -45.50
N ARG Q 196 60.01 -123.53 -44.35
CA ARG Q 196 59.31 -123.30 -43.08
C ARG Q 196 58.72 -121.90 -43.04
N LEU Q 197 59.48 -120.90 -43.51
CA LEU Q 197 58.95 -119.54 -43.58
C LEU Q 197 57.79 -119.45 -44.55
N GLN Q 198 57.86 -120.18 -45.67
CA GLN Q 198 56.77 -120.18 -46.63
C GLN Q 198 55.51 -120.83 -46.05
N GLN Q 199 55.67 -121.91 -45.29
CA GLN Q 199 54.52 -122.55 -44.67
C GLN Q 199 53.94 -121.71 -43.54
N GLN Q 200 54.79 -121.00 -42.81
CA GLN Q 200 54.29 -120.11 -41.76
C GLN Q 200 53.56 -118.91 -42.36
N VAL Q 201 54.07 -118.38 -43.47
CA VAL Q 201 53.39 -117.28 -44.15
C VAL Q 201 52.15 -117.75 -44.90
N LYS Q 202 52.06 -119.05 -45.22
CA LYS Q 202 50.87 -119.54 -45.91
C LYS Q 202 49.66 -119.59 -44.98
N GLU Q 203 49.90 -119.66 -43.67
CA GLU Q 203 48.81 -119.65 -42.71
C GLU Q 203 48.38 -118.25 -42.31
N ILE Q 204 49.32 -117.29 -42.27
CA ILE Q 204 48.95 -115.91 -42.03
C ILE Q 204 48.29 -115.32 -43.28
N LEU Q 205 48.77 -115.72 -44.45
CA LEU Q 205 48.13 -115.28 -45.70
C LEU Q 205 46.74 -115.86 -45.83
N GLU Q 206 46.50 -117.04 -45.25
CA GLU Q 206 45.15 -117.61 -45.27
C GLU Q 206 44.17 -116.72 -44.51
N LYS Q 207 44.52 -116.36 -43.27
CA LYS Q 207 43.66 -115.46 -42.50
C LYS Q 207 43.59 -114.08 -43.16
N LEU Q 208 44.67 -113.66 -43.80
CA LEU Q 208 44.66 -112.37 -44.49
C LEU Q 208 43.65 -112.37 -45.64
N LYS Q 209 43.66 -113.42 -46.46
CA LYS Q 209 42.70 -113.51 -47.57
C LYS Q 209 41.28 -113.68 -47.05
N GLU Q 210 41.12 -114.42 -45.94
CA GLU Q 210 39.80 -114.57 -45.35
C GLU Q 210 39.26 -113.22 -44.88
N ALA Q 211 40.10 -112.42 -44.22
CA ALA Q 211 39.66 -111.09 -43.80
C ALA Q 211 39.44 -110.17 -44.99
N ILE Q 212 40.25 -110.30 -46.04
CA ILE Q 212 40.08 -109.46 -47.23
C ILE Q 212 38.75 -109.76 -47.89
N GLU Q 213 38.40 -111.03 -48.01
CA GLU Q 213 37.06 -111.39 -48.46
C GLU Q 213 36.01 -110.85 -47.50
N THR Q 214 36.29 -110.90 -46.18
CA THR Q 214 35.40 -110.29 -45.21
C THR Q 214 35.42 -108.77 -45.33
N PHE Q 215 36.60 -108.18 -45.51
CA PHE Q 215 36.69 -106.75 -45.77
C PHE Q 215 36.01 -106.37 -47.07
N GLN Q 216 36.00 -107.28 -48.05
CA GLN Q 216 35.21 -107.12 -49.26
C GLN Q 216 33.79 -107.61 -49.06
N LYS Q 217 33.45 -108.07 -47.86
CA LYS Q 217 32.09 -108.44 -47.50
C LYS Q 217 31.45 -107.39 -46.61
N GLY Q 218 32.01 -106.18 -46.57
CA GLY Q 218 31.44 -105.10 -45.81
C GLY Q 218 31.69 -105.23 -44.32
N ASP Q 219 32.72 -105.98 -43.95
CA ASP Q 219 33.09 -106.15 -42.55
C ASP Q 219 34.20 -105.17 -42.23
N GLU Q 220 33.89 -104.21 -41.36
CA GLU Q 220 34.80 -103.10 -41.07
C GLU Q 220 35.63 -103.33 -39.82
N GLU Q 221 35.02 -103.81 -38.74
CA GLU Q 221 35.77 -104.08 -37.52
C GLU Q 221 36.31 -105.50 -37.50
N GLN Q 222 35.48 -106.49 -37.84
CA GLN Q 222 35.90 -107.88 -37.75
C GLN Q 222 36.99 -108.19 -38.77
N ALA Q 223 36.82 -107.76 -40.01
CA ALA Q 223 37.81 -108.04 -41.04
C ALA Q 223 39.10 -107.27 -40.78
N PHE Q 224 39.00 -106.03 -40.32
CA PHE Q 224 40.20 -105.28 -39.97
C PHE Q 224 40.96 -105.95 -38.84
N ARG Q 225 40.22 -106.45 -37.84
CA ARG Q 225 40.86 -107.15 -36.73
C ARG Q 225 41.53 -108.44 -37.20
N GLN Q 226 40.85 -109.20 -38.05
CA GLN Q 226 41.43 -110.44 -38.54
C GLN Q 226 42.66 -110.19 -39.39
N LEU Q 227 42.64 -109.16 -40.24
CA LEU Q 227 43.82 -108.84 -41.05
C LEU Q 227 44.96 -108.34 -40.18
N ALA Q 228 44.65 -107.54 -39.15
CA ALA Q 228 45.69 -107.05 -38.26
C ALA Q 228 46.32 -108.19 -37.46
N GLU Q 229 45.50 -109.14 -37.02
CA GLU Q 229 46.03 -110.28 -36.30
C GLU Q 229 46.86 -111.17 -37.21
N VAL Q 230 46.42 -111.35 -38.46
CA VAL Q 230 47.20 -112.12 -39.42
C VAL Q 230 48.54 -111.44 -39.69
N LEU Q 231 48.54 -110.12 -39.83
CA LEU Q 231 49.79 -109.38 -40.01
C LEU Q 231 50.69 -109.51 -38.79
N ALA Q 232 50.12 -109.48 -37.59
CA ALA Q 232 50.93 -109.61 -36.38
C ALA Q 232 51.53 -111.01 -36.27
N GLU Q 233 50.76 -112.04 -36.58
CA GLU Q 233 51.29 -113.39 -36.57
C GLU Q 233 52.35 -113.57 -37.65
N ALA Q 234 52.15 -112.95 -38.81
CA ALA Q 234 53.15 -113.00 -39.87
C ALA Q 234 54.44 -112.32 -39.43
N ALA Q 235 54.33 -111.18 -38.75
CA ALA Q 235 55.52 -110.50 -38.26
C ALA Q 235 56.21 -111.31 -37.16
N LEU Q 236 55.44 -112.02 -36.35
CA LEU Q 236 56.04 -112.88 -35.33
C LEU Q 236 56.77 -114.06 -35.96
N VAL Q 237 56.21 -114.64 -37.02
CA VAL Q 237 56.90 -115.73 -37.70
C VAL Q 237 58.10 -115.20 -38.50
N ALA Q 238 58.04 -113.95 -38.94
CA ALA Q 238 59.16 -113.36 -39.65
C ALA Q 238 60.35 -113.15 -38.73
N LEU Q 239 60.09 -112.96 -37.43
CA LEU Q 239 61.17 -112.86 -36.47
C LEU Q 239 62.04 -114.11 -36.47
N ARG Q 240 61.42 -115.28 -36.64
CA ARG Q 240 62.18 -116.52 -36.73
C ARG Q 240 62.67 -116.77 -38.15
N ALA Q 241 61.91 -116.35 -39.15
CA ALA Q 241 62.33 -116.55 -40.54
C ALA Q 241 63.55 -115.72 -40.89
N ALA Q 242 63.76 -114.60 -40.19
CA ALA Q 242 64.93 -113.77 -40.44
C ALA Q 242 66.21 -114.43 -39.95
N LEU Q 243 66.11 -115.39 -39.04
CA LEU Q 243 67.26 -116.16 -38.59
C LEU Q 243 67.32 -117.55 -39.22
N THR Q 244 66.37 -117.88 -40.09
CA THR Q 244 66.34 -119.18 -40.75
C THR Q 244 67.26 -119.25 -41.96
N ASN Q 245 67.94 -118.17 -42.31
CA ASN Q 245 68.85 -118.17 -43.46
C ASN Q 245 70.23 -117.67 -43.06
N GLU R 4 77.57 53.13 -46.51
CA GLU R 4 76.95 52.26 -45.51
C GLU R 4 78.02 51.53 -44.71
N PHE R 5 77.63 50.41 -44.09
CA PHE R 5 78.53 49.64 -43.24
C PHE R 5 79.66 48.97 -44.00
N LYS R 6 79.53 48.83 -45.33
CA LYS R 6 80.64 48.40 -46.16
C LYS R 6 80.79 49.30 -47.38
N PHE R 7 79.89 50.28 -47.57
CA PHE R 7 80.00 51.23 -48.65
C PHE R 7 80.52 52.59 -48.21
N LEU R 8 80.60 52.85 -46.91
CA LEU R 8 81.30 54.01 -46.38
C LEU R 8 82.52 53.57 -45.58
N ALA R 9 82.80 52.27 -45.59
CA ALA R 9 84.01 51.72 -44.99
C ALA R 9 85.14 51.63 -46.00
N THR R 10 84.84 51.72 -47.29
CA THR R 10 85.89 51.94 -48.28
C THR R 10 86.47 53.34 -48.11
N GLU R 11 85.63 54.30 -47.74
CA GLU R 11 86.14 55.61 -47.35
C GLU R 11 86.98 55.50 -46.08
N ALA R 12 86.55 54.67 -45.12
CA ALA R 12 87.38 54.40 -43.96
C ALA R 12 88.66 53.68 -44.36
N LYS R 13 88.61 52.86 -45.40
CA LYS R 13 89.81 52.19 -45.89
C LYS R 13 90.78 53.16 -46.53
N MET R 14 90.29 54.13 -47.30
CA MET R 14 91.17 55.19 -47.79
C MET R 14 91.71 56.01 -46.64
N LEU R 15 90.90 56.24 -45.61
CA LEU R 15 91.38 56.92 -44.42
C LEU R 15 92.47 56.11 -43.74
N ILE R 16 92.30 54.79 -43.67
CA ILE R 16 93.32 53.94 -43.05
C ILE R 16 94.60 53.96 -43.86
N THR R 17 94.47 53.98 -45.20
CA THR R 17 95.65 54.05 -46.05
C THR R 17 96.36 55.38 -45.89
N ALA R 18 95.61 56.47 -45.75
CA ALA R 18 96.22 57.77 -45.52
C ALA R 18 96.95 57.80 -44.17
N ALA R 19 96.28 57.34 -43.12
CA ALA R 19 96.89 57.37 -41.79
C ALA R 19 98.10 56.47 -41.69
N GLU R 20 98.07 55.31 -42.35
CA GLU R 20 99.23 54.42 -42.34
C GLU R 20 100.42 55.08 -43.03
N ARG R 21 100.15 55.93 -44.03
CA ARG R 21 101.19 56.66 -44.73
C ARG R 21 101.46 58.03 -44.11
N LEU R 22 100.66 58.46 -43.14
CA LEU R 22 100.84 59.76 -42.50
C LEU R 22 101.23 59.66 -41.03
N ALA R 23 101.26 58.45 -40.47
CA ALA R 23 101.67 58.23 -39.09
C ALA R 23 102.89 57.31 -39.14
N GLY R 24 104.02 57.86 -39.54
CA GLY R 24 105.26 57.11 -39.59
C GLY R 24 106.07 57.14 -38.32
N THR R 25 105.63 57.93 -37.34
CA THR R 25 106.23 57.97 -36.02
C THR R 25 105.11 57.74 -35.01
N ASP R 26 105.45 57.89 -33.72
CA ASP R 26 104.50 57.62 -32.64
C ASP R 26 103.92 56.22 -32.81
N PRO R 27 104.70 55.17 -32.53
CA PRO R 27 104.18 53.80 -32.65
C PRO R 27 102.84 53.58 -31.96
N ARG R 28 102.43 54.45 -31.03
CA ARG R 28 101.07 54.40 -30.54
C ARG R 28 100.08 54.67 -31.66
N LEU R 29 100.43 55.57 -32.59
CA LEU R 29 99.57 55.83 -33.73
C LEU R 29 99.47 54.61 -34.64
N GLN R 30 100.60 53.95 -34.90
CA GLN R 30 100.57 52.74 -35.70
C GLN R 30 99.77 51.64 -35.01
N GLU R 31 99.90 51.52 -33.69
CA GLU R 31 99.14 50.52 -32.95
C GLU R 31 97.65 50.83 -32.97
N MET R 32 97.28 52.11 -32.86
CA MET R 32 95.88 52.48 -32.97
C MET R 32 95.34 52.22 -34.36
N VAL R 33 96.15 52.48 -35.39
CA VAL R 33 95.73 52.19 -36.76
C VAL R 33 95.55 50.69 -36.94
N ALA R 34 96.40 49.88 -36.32
CA ALA R 34 96.27 48.44 -36.41
C ALA R 34 95.02 47.96 -35.68
N LEU R 35 94.75 48.51 -34.49
CA LEU R 35 93.54 48.14 -33.76
C LEU R 35 92.28 48.59 -34.51
N ILE R 36 92.37 49.68 -35.24
CA ILE R 36 91.23 50.14 -36.03
C ILE R 36 91.02 49.23 -37.24
N LYS R 37 92.10 48.89 -37.94
CA LYS R 37 92.02 47.95 -39.03
C LYS R 37 91.49 46.59 -38.58
N LYS R 38 91.89 46.14 -37.39
CA LYS R 38 91.28 44.95 -36.80
C LYS R 38 89.81 45.21 -36.47
N GLU R 39 89.52 46.37 -35.89
CA GLU R 39 88.13 46.77 -35.72
C GLU R 39 87.45 46.97 -37.05
N LEU R 40 88.15 47.52 -38.05
CA LEU R 40 87.62 47.52 -39.41
C LEU R 40 87.43 46.10 -39.93
N GLU R 41 88.38 45.21 -39.66
CA GLU R 41 88.23 43.82 -40.05
C GLU R 41 87.07 43.16 -39.29
N GLN R 42 86.92 43.49 -38.01
CA GLN R 42 85.82 42.93 -37.24
C GLN R 42 84.46 43.40 -37.76
N ALA R 43 84.37 44.67 -38.15
CA ALA R 43 83.13 45.19 -38.72
C ALA R 43 82.86 44.59 -40.09
N GLU R 44 83.90 44.48 -40.93
CA GLU R 44 83.72 43.87 -42.24
C GLU R 44 83.31 42.41 -42.13
N ARG R 45 83.82 41.70 -41.13
CA ARG R 45 83.34 40.35 -40.86
C ARG R 45 81.90 40.37 -40.39
N THR R 46 81.56 41.27 -39.47
CA THR R 46 80.17 41.46 -39.10
C THR R 46 79.35 42.01 -40.25
N PHE R 47 79.95 42.80 -41.14
CA PHE R 47 79.28 43.18 -42.37
C PHE R 47 79.11 41.97 -43.28
N ARG R 48 80.06 41.04 -43.23
CA ARG R 48 79.91 39.77 -43.92
C ARG R 48 79.09 38.78 -43.12
N ASN R 49 78.95 39.00 -41.82
CA ASN R 49 78.11 38.16 -40.97
C ASN R 49 76.71 38.75 -40.92
N GLY R 50 75.83 38.12 -40.14
CA GLY R 50 74.48 38.61 -39.98
C GLY R 50 74.38 39.75 -39.00
N ASP R 51 75.52 40.15 -38.44
CA ASP R 51 75.60 41.25 -37.48
C ASP R 51 75.80 42.52 -38.29
N LYS R 52 74.79 42.89 -39.08
CA LYS R 52 74.86 44.06 -39.95
C LYS R 52 74.71 45.35 -39.16
N SER R 53 73.83 45.37 -38.16
CA SER R 53 73.71 46.56 -37.33
C SER R 53 74.94 46.72 -36.44
N GLU R 54 75.45 45.62 -35.89
CA GLU R 54 76.70 45.68 -35.15
C GLU R 54 77.85 46.08 -36.07
N ALA R 55 77.82 45.60 -37.31
CA ALA R 55 78.82 46.01 -38.29
C ALA R 55 78.76 47.52 -38.53
N GLN R 56 77.54 48.05 -38.69
CA GLN R 56 77.39 49.48 -38.91
C GLN R 56 77.87 50.29 -37.71
N ARG R 57 77.55 49.82 -36.50
CA ARG R 57 77.99 50.53 -35.30
C ARG R 57 79.51 50.51 -35.16
N GLN R 58 80.13 49.34 -35.35
CA GLN R 58 81.57 49.24 -35.26
C GLN R 58 82.24 50.05 -36.36
N LEU R 59 81.64 50.07 -37.56
CA LEU R 59 82.21 50.84 -38.66
C LEU R 59 82.09 52.33 -38.39
N GLU R 60 80.98 52.78 -37.80
CA GLU R 60 80.84 54.18 -37.45
C GLU R 60 81.83 54.58 -36.37
N PHE R 61 82.04 53.71 -35.38
CA PHE R 61 83.05 53.99 -34.36
C PHE R 61 84.44 54.04 -34.97
N VAL R 62 84.76 53.07 -35.83
CA VAL R 62 86.09 53.02 -36.43
C VAL R 62 86.28 54.16 -37.42
N LEU R 63 85.20 54.70 -37.96
CA LEU R 63 85.31 55.86 -38.85
C LEU R 63 85.79 57.07 -38.07
N THR R 64 85.14 57.35 -36.94
CA THR R 64 85.61 58.42 -36.08
C THR R 64 87.01 58.12 -35.56
N ALA R 65 87.30 56.85 -35.31
CA ALA R 65 88.64 56.47 -34.84
C ALA R 65 89.68 56.81 -35.90
N ALA R 66 89.43 56.43 -37.15
CA ALA R 66 90.37 56.71 -38.23
C ALA R 66 90.46 58.21 -38.49
N ARG R 67 89.35 58.94 -38.35
CA ARG R 67 89.39 60.38 -38.53
C ARG R 67 90.27 61.03 -37.47
N ALA R 68 90.06 60.66 -36.20
CA ALA R 68 90.89 61.21 -35.14
C ALA R 68 92.34 60.76 -35.26
N VAL R 69 92.56 59.56 -35.80
CA VAL R 69 93.91 59.06 -35.97
C VAL R 69 94.62 59.83 -37.07
N MET R 70 93.90 60.16 -38.14
CA MET R 70 94.46 61.03 -39.17
C MET R 70 94.73 62.42 -38.62
N ASN R 71 93.84 62.91 -37.75
CA ASN R 71 94.08 64.19 -37.09
C ASN R 71 95.36 64.13 -36.27
N VAL R 72 95.57 63.04 -35.54
CA VAL R 72 96.76 62.91 -34.70
C VAL R 72 98.00 62.77 -35.56
N ALA R 73 97.90 62.05 -36.68
CA ALA R 73 99.06 61.89 -37.56
C ALA R 73 99.44 63.22 -38.22
N ALA R 74 98.43 63.97 -38.67
CA ALA R 74 98.70 65.28 -39.24
C ALA R 74 99.23 66.25 -38.19
N ALA R 75 98.77 66.11 -36.95
CA ALA R 75 99.32 66.91 -35.87
C ALA R 75 100.79 66.57 -35.64
N ALA R 76 101.10 65.28 -35.52
CA ALA R 76 102.49 64.87 -35.34
C ALA R 76 103.36 65.33 -36.49
N ASN R 77 102.83 65.33 -37.71
CA ASN R 77 103.55 65.87 -38.84
C ASN R 77 103.65 67.39 -38.79
N ALA R 78 102.74 68.05 -38.09
CA ALA R 78 102.72 69.50 -38.01
C ALA R 78 103.14 70.01 -36.63
N ALA R 79 103.47 69.12 -35.70
CA ALA R 79 103.89 69.52 -34.36
C ALA R 79 105.09 68.69 -33.93
N GLY R 80 106.04 68.48 -34.84
CA GLY R 80 107.25 67.77 -34.50
C GLY R 80 108.22 68.56 -33.66
N THR R 81 107.88 69.79 -33.27
CA THR R 81 108.79 70.64 -32.51
C THR R 81 108.16 71.23 -31.26
N ASP R 82 106.88 70.97 -30.98
CA ASP R 82 106.23 71.51 -29.80
C ASP R 82 106.11 70.44 -28.74
N PRO R 83 106.84 70.58 -27.63
CA PRO R 83 106.77 69.53 -26.59
C PRO R 83 105.39 69.43 -25.96
N LEU R 84 104.72 70.55 -25.73
CA LEU R 84 103.36 70.49 -25.20
C LEU R 84 102.43 69.81 -26.17
N LEU R 85 102.62 70.05 -27.47
CA LEU R 85 101.80 69.38 -28.48
C LEU R 85 102.07 67.88 -28.50
N LYS R 86 103.34 67.47 -28.45
CA LYS R 86 103.64 66.05 -28.43
C LYS R 86 103.10 65.39 -27.17
N ALA R 87 103.14 66.11 -26.04
CA ALA R 87 102.60 65.58 -24.80
C ALA R 87 101.09 65.40 -24.89
N MET R 88 100.38 66.44 -25.36
CA MET R 88 98.94 66.31 -25.54
C MET R 88 98.61 65.26 -26.58
N VAL R 89 99.49 65.04 -27.55
CA VAL R 89 99.26 64.03 -28.58
C VAL R 89 99.39 62.64 -27.99
N ASP R 90 100.42 62.41 -27.18
CA ASP R 90 100.54 61.12 -26.51
C ASP R 90 99.40 60.92 -25.52
N ALA R 91 98.93 62.01 -24.91
CA ALA R 91 97.79 61.92 -23.99
C ALA R 91 96.53 61.54 -24.75
N ILE R 92 96.31 62.14 -25.91
CA ILE R 92 95.16 61.78 -26.73
C ILE R 92 95.31 60.37 -27.26
N LEU R 93 96.54 59.93 -27.50
CA LEU R 93 96.77 58.56 -27.94
C LEU R 93 96.42 57.57 -26.83
N TRP R 94 96.79 57.88 -25.59
CA TRP R 94 96.41 57.02 -24.47
C TRP R 94 94.91 57.05 -24.25
N ARG R 95 94.29 58.23 -24.34
CA ARG R 95 92.85 58.33 -24.22
C ARG R 95 92.14 57.58 -25.33
N LEU R 96 92.74 57.58 -26.52
CA LEU R 96 92.17 56.85 -27.65
C LEU R 96 92.31 55.35 -27.48
N LYS R 97 93.44 54.90 -26.94
CA LYS R 97 93.57 53.48 -26.62
C LYS R 97 92.57 53.08 -25.55
N GLU R 98 92.35 53.95 -24.56
CA GLU R 98 91.36 53.66 -23.52
C GLU R 98 89.96 53.61 -24.10
N ALA R 99 89.61 54.57 -24.96
CA ALA R 99 88.29 54.57 -25.58
C ALA R 99 88.12 53.40 -26.53
N ILE R 100 89.23 52.95 -27.14
CA ILE R 100 89.17 51.80 -28.04
C ILE R 100 88.95 50.53 -27.25
N ARG R 101 89.61 50.41 -26.09
CA ARG R 101 89.34 49.28 -25.21
C ARG R 101 87.92 49.32 -24.67
N THR R 102 87.42 50.53 -24.38
CA THR R 102 86.06 50.66 -23.87
C THR R 102 85.04 50.27 -24.93
N PHE R 103 85.18 50.78 -26.14
CA PHE R 103 84.30 50.38 -27.23
C PHE R 103 84.42 48.90 -27.53
N GLN R 104 85.64 48.36 -27.49
CA GLN R 104 85.81 46.92 -27.63
C GLN R 104 85.13 46.17 -26.49
N ASN R 105 85.05 46.79 -25.32
CA ASN R 105 84.23 46.27 -24.23
C ASN R 105 82.75 46.62 -24.39
N GLY R 106 82.35 47.14 -25.55
CA GLY R 106 80.98 47.57 -25.74
C GLY R 106 80.65 48.87 -25.05
N ASP R 107 81.64 49.57 -24.52
CA ASP R 107 81.42 50.84 -23.84
C ASP R 107 81.88 52.00 -24.72
N GLU R 109 78.91 52.28 -25.79
CA GLU R 109 78.26 53.12 -24.79
C GLU R 109 79.02 54.44 -24.61
N GLU R 110 79.90 54.48 -23.63
CA GLU R 110 80.72 55.66 -23.40
C GLU R 110 81.88 55.79 -24.38
N ALA R 111 81.87 54.98 -25.45
CA ALA R 111 82.89 55.12 -26.49
C ALA R 111 82.76 56.47 -27.19
N GLU R 112 81.64 56.71 -27.85
CA GLU R 112 81.38 58.03 -28.42
C GLU R 112 80.86 58.97 -27.32
N THR R 113 81.63 59.08 -26.25
CA THR R 113 81.45 60.06 -25.21
C THR R 113 82.71 60.87 -24.97
N GLN R 114 83.78 60.22 -24.52
CA GLN R 114 85.09 60.85 -24.50
C GLN R 114 85.68 60.93 -25.90
N LEU R 115 85.61 59.85 -26.67
CA LEU R 115 86.04 59.90 -28.05
C LEU R 115 85.19 60.86 -28.87
N ARG R 116 83.91 61.01 -28.49
CA ARG R 116 83.09 62.06 -29.07
C ARG R 116 83.77 63.41 -28.90
N PHE R 117 84.33 63.67 -27.71
CA PHE R 117 85.16 64.84 -27.52
C PHE R 117 86.60 64.61 -27.96
N VAL R 118 87.10 63.38 -27.80
CA VAL R 118 88.47 63.11 -28.23
C VAL R 118 88.58 63.20 -29.74
N LEU R 119 87.48 62.99 -30.46
CA LEU R 119 87.50 63.31 -31.88
C LEU R 119 87.67 64.82 -32.08
N ARG R 120 86.86 65.61 -31.39
CA ARG R 120 87.04 67.07 -31.44
C ARG R 120 88.37 67.47 -30.82
N ALA R 121 88.84 66.70 -29.85
CA ALA R 121 90.15 66.98 -29.27
C ALA R 121 91.24 66.80 -30.31
N ALA R 122 91.23 65.69 -31.05
CA ALA R 122 92.22 65.50 -32.09
C ALA R 122 92.05 66.52 -33.20
N ILE R 123 90.80 66.95 -33.44
CA ILE R 123 90.56 68.01 -34.42
C ILE R 123 91.28 69.28 -34.02
N ALA R 124 91.00 69.77 -32.82
CA ALA R 124 91.64 71.01 -32.36
C ALA R 124 93.14 70.82 -32.20
N VAL R 125 93.58 69.59 -31.92
CA VAL R 125 95.01 69.34 -31.76
C VAL R 125 95.72 69.47 -33.09
N ALA R 126 95.19 68.81 -34.13
CA ALA R 126 95.75 68.99 -35.46
C ALA R 126 95.62 70.44 -35.92
N VAL R 127 94.57 71.12 -35.45
CA VAL R 127 94.40 72.53 -35.80
C VAL R 127 95.53 73.38 -35.25
N VAL R 128 95.83 73.22 -33.96
CA VAL R 128 96.91 73.97 -33.34
C VAL R 128 98.24 73.54 -33.94
N ALA R 129 98.38 72.26 -34.27
CA ALA R 129 99.62 71.78 -34.87
C ALA R 129 99.85 72.42 -36.23
N ALA R 130 98.81 72.52 -37.05
CA ALA R 130 98.94 73.20 -38.33
C ALA R 130 99.19 74.69 -38.13
N ALA R 131 98.55 75.28 -37.12
CA ALA R 131 98.80 76.69 -36.84
C ALA R 131 100.26 76.93 -36.49
N LEU R 132 100.88 75.96 -35.80
CA LEU R 132 102.29 76.11 -35.46
C LEU R 132 103.21 75.78 -36.63
N VAL R 133 102.82 74.81 -37.46
CA VAL R 133 103.68 74.40 -38.56
C VAL R 133 103.67 75.41 -39.70
N LEU R 134 102.50 75.96 -40.02
CA LEU R 134 102.39 77.00 -41.03
C LEU R 134 102.77 78.37 -40.49
N ALA R 135 103.23 78.43 -39.25
CA ALA R 135 103.74 79.67 -38.69
C ALA R 135 105.17 79.88 -39.17
N GLY R 136 105.78 80.98 -38.77
CA GLY R 136 107.13 81.33 -39.21
C GLY R 136 107.85 82.05 -38.12
N THR R 137 108.48 83.17 -38.47
CA THR R 137 109.20 83.98 -37.49
C THR R 137 108.24 84.54 -36.45
N ASP R 138 107.28 85.36 -36.88
CA ASP R 138 106.37 86.02 -35.97
C ASP R 138 105.08 85.21 -35.83
N PRO R 139 104.99 84.35 -34.81
CA PRO R 139 103.70 83.70 -34.55
C PRO R 139 102.65 84.71 -34.13
N GLU R 140 103.01 85.58 -33.20
CA GLU R 140 102.19 86.70 -32.72
C GLU R 140 100.92 86.24 -32.01
N LEU R 141 100.52 84.98 -32.14
CA LEU R 141 99.41 84.45 -31.35
C LEU R 141 99.66 83.01 -30.91
N GLN R 142 100.85 82.45 -31.17
CA GLN R 142 101.15 81.11 -30.67
C GLN R 142 101.06 81.06 -29.16
N GLU R 143 101.36 82.16 -28.47
CA GLU R 143 101.05 82.25 -27.05
C GLU R 143 99.55 82.10 -26.83
N MET R 144 98.75 82.93 -27.51
CA MET R 144 97.31 82.72 -27.51
C MET R 144 96.97 81.30 -27.97
N VAL R 145 97.60 80.85 -29.06
CA VAL R 145 97.43 79.47 -29.49
C VAL R 145 97.87 78.51 -28.41
N GLU R 146 98.94 78.83 -27.67
CA GLU R 146 99.28 78.03 -26.51
C GLU R 146 98.24 78.21 -25.42
N GLN R 147 97.79 79.46 -25.21
CA GLN R 147 96.66 79.70 -24.33
C GLN R 147 95.46 78.87 -24.77
N ILE R 148 95.12 78.96 -26.06
CA ILE R 148 94.13 78.05 -26.61
C ILE R 148 94.52 76.60 -26.35
N LYS R 149 95.80 76.26 -26.59
CA LYS R 149 96.29 74.94 -26.22
C LYS R 149 96.07 74.70 -24.74
N ASP R 150 96.41 75.69 -23.91
CA ASP R 150 96.02 75.63 -22.51
C ASP R 150 94.51 75.46 -22.39
N LEU R 151 93.75 76.33 -23.06
CA LEU R 151 92.31 76.14 -23.14
C LEU R 151 91.97 74.78 -23.72
N LEU R 152 92.79 74.26 -24.64
CA LEU R 152 92.63 72.89 -25.09
C LEU R 152 92.98 71.91 -23.98
N ILE R 153 94.12 72.13 -23.32
CA ILE R 153 94.42 71.37 -22.11
C ILE R 153 93.30 71.54 -21.11
N SER R 154 92.84 72.79 -20.93
CA SER R 154 91.63 73.03 -20.14
C SER R 154 90.45 72.28 -20.72
N ALA R 155 90.29 72.30 -22.04
CA ALA R 155 89.29 71.45 -22.67
C ALA R 155 89.61 69.99 -22.41
N PHE R 156 90.89 69.63 -22.45
CA PHE R 156 91.30 68.28 -22.04
C PHE R 156 90.87 67.99 -20.61
N MET R 157 90.79 69.03 -19.78
CA MET R 157 90.16 68.89 -18.48
C MET R 157 88.67 69.15 -18.53
N ALA R 158 88.21 70.02 -19.44
CA ALA R 158 86.79 70.33 -19.56
C ALA R 158 86.03 69.26 -20.33
N GLY R 159 86.65 68.10 -20.55
CA GLY R 159 85.99 66.97 -21.15
C GLY R 159 85.63 65.94 -20.11
N GLU R 165 83.06 67.82 -19.93
CA GLU R 165 81.76 68.18 -20.46
C GLU R 165 81.74 69.64 -20.90
N LYS R 166 82.56 70.47 -20.27
CA LYS R 166 82.63 71.90 -20.56
C LYS R 166 83.49 72.21 -21.78
N ALA R 167 83.59 71.29 -22.73
CA ALA R 167 84.43 71.49 -23.90
C ALA R 167 83.75 71.17 -25.22
N LEU R 168 82.49 70.73 -25.22
CA LEU R 168 81.82 70.38 -26.47
C LEU R 168 81.74 71.58 -27.41
N THR R 169 81.17 72.70 -26.94
CA THR R 169 81.19 73.91 -27.75
C THR R 169 82.54 74.60 -27.66
N GLN R 170 83.27 74.38 -26.56
CA GLN R 170 84.59 75.00 -26.42
C GLN R 170 85.58 74.43 -27.43
N LEU R 171 85.50 73.12 -27.69
CA LEU R 171 86.37 72.55 -28.71
C LEU R 171 86.04 73.12 -30.08
N LEU R 172 84.75 73.29 -30.38
CA LEU R 172 84.36 73.89 -31.65
C LEU R 172 84.85 75.33 -31.75
N PHE R 173 84.74 76.08 -30.66
CA PHE R 173 85.22 77.46 -30.66
C PHE R 173 86.72 77.53 -30.84
N VAL R 174 87.45 76.61 -30.20
CA VAL R 174 88.90 76.59 -30.34
C VAL R 174 89.29 76.23 -31.77
N ALA R 175 88.58 75.28 -32.37
CA ALA R 175 88.85 74.92 -33.76
C ALA R 175 88.54 76.08 -34.69
N TRP R 176 87.46 76.83 -34.43
CA TRP R 176 87.12 77.96 -35.27
C TRP R 176 88.14 79.08 -35.13
N ALA R 177 88.63 79.30 -33.91
CA ALA R 177 89.67 80.29 -33.70
C ALA R 177 90.98 79.88 -34.37
N ALA R 178 91.30 78.59 -34.33
CA ALA R 178 92.46 78.10 -35.06
C ALA R 178 92.28 78.27 -36.56
N HIS R 179 91.07 78.06 -37.06
CA HIS R 179 90.80 78.23 -38.48
C HIS R 179 90.95 79.69 -38.89
N ALA R 180 90.46 80.62 -38.06
CA ALA R 180 90.72 82.02 -38.31
C ALA R 180 92.20 82.33 -38.21
N VAL R 181 92.93 81.60 -37.35
CA VAL R 181 94.37 81.77 -37.28
C VAL R 181 95.05 81.04 -38.42
N ALA R 182 94.62 79.80 -38.72
CA ALA R 182 95.25 79.04 -39.78
C ALA R 182 95.02 79.69 -41.15
N MET R 183 93.85 80.32 -41.34
CA MET R 183 93.65 81.10 -42.54
C MET R 183 94.62 82.28 -42.59
N ILE R 184 94.74 83.01 -41.48
CA ILE R 184 95.68 84.12 -41.42
C ILE R 184 97.11 83.62 -41.54
N ALA R 185 97.41 82.46 -40.94
CA ALA R 185 98.75 81.90 -41.02
C ALA R 185 99.12 81.53 -42.45
N ALA R 186 98.19 80.89 -43.17
CA ALA R 186 98.45 80.54 -44.56
C ALA R 186 98.52 81.77 -45.44
N ALA R 187 97.74 82.81 -45.10
CA ALA R 187 97.81 84.05 -45.88
C ALA R 187 99.15 84.73 -45.70
N ALA R 188 99.64 84.82 -44.46
CA ALA R 188 100.94 85.42 -44.23
C ALA R 188 102.07 84.54 -44.75
N ASN R 189 101.83 83.23 -44.85
CA ASN R 189 102.86 82.32 -45.33
C ASN R 189 103.21 82.57 -46.80
N LEU R 190 102.19 82.69 -47.65
CA LEU R 190 102.41 82.99 -49.06
C LEU R 190 102.55 84.48 -49.33
N ALA R 191 102.61 85.30 -48.29
CA ALA R 191 102.78 86.74 -48.41
C ALA R 191 104.22 87.12 -48.11
N GLY R 192 104.69 88.16 -48.80
CA GLY R 192 106.03 88.65 -48.61
C GLY R 192 106.07 89.95 -47.82
N PRO R 195 102.00 93.13 -48.77
CA PRO R 195 101.49 92.88 -47.42
C PRO R 195 99.99 93.12 -47.31
N ARG R 196 99.31 93.16 -48.46
CA ARG R 196 97.86 93.34 -48.47
C ARG R 196 97.17 92.18 -47.77
N LEU R 197 97.64 90.95 -48.00
CA LEU R 197 97.09 89.81 -47.30
C LEU R 197 97.35 89.89 -45.80
N GLN R 198 98.52 90.40 -45.42
CA GLN R 198 98.84 90.54 -44.00
C GLN R 198 97.95 91.59 -43.35
N GLN R 199 97.68 92.70 -44.05
CA GLN R 199 96.82 93.73 -43.50
C GLN R 199 95.36 93.27 -43.44
N GLN R 200 94.93 92.47 -44.41
CA GLN R 200 93.57 91.93 -44.39
C GLN R 200 93.41 90.92 -43.27
N VAL R 201 94.43 90.09 -43.03
CA VAL R 201 94.40 89.13 -41.93
C VAL R 201 94.60 89.81 -40.59
N LYS R 202 95.19 91.01 -40.56
CA LYS R 202 95.36 91.71 -39.29
C LYS R 202 94.04 92.23 -38.75
N GLU R 203 93.06 92.44 -39.62
CA GLU R 203 91.74 92.89 -39.20
C GLU R 203 90.82 91.75 -38.81
N ILE R 204 90.95 90.59 -39.47
CA ILE R 204 90.19 89.42 -39.04
C ILE R 204 90.79 88.84 -37.77
N LEU R 205 92.12 88.90 -37.62
CA LEU R 205 92.75 88.48 -36.39
C LEU R 205 92.38 89.39 -35.23
N GLU R 206 92.12 90.67 -35.52
CA GLU R 206 91.67 91.58 -34.46
C GLU R 206 90.34 91.14 -33.88
N LYS R 207 89.35 90.89 -34.74
CA LYS R 207 88.06 90.40 -34.26
C LYS R 207 88.19 89.01 -33.65
N LEU R 208 89.12 88.21 -34.16
CA LEU R 208 89.35 86.89 -33.58
C LEU R 208 89.85 86.98 -32.15
N LYS R 209 90.84 87.85 -31.91
CA LYS R 209 91.36 88.02 -30.55
C LYS R 209 90.32 88.67 -29.65
N GLU R 210 89.51 89.59 -30.20
CA GLU R 210 88.45 90.19 -29.41
C GLU R 210 87.42 89.15 -28.97
N ALA R 211 87.04 88.25 -29.88
CA ALA R 211 86.12 87.18 -29.51
C ALA R 211 86.77 86.19 -28.56
N ILE R 212 88.06 85.92 -28.73
CA ILE R 212 88.76 84.99 -27.84
C ILE R 212 88.78 85.53 -26.43
N GLU R 213 89.08 86.82 -26.28
CA GLU R 213 88.94 87.46 -24.98
C GLU R 213 87.50 87.40 -24.50
N THR R 214 86.54 87.58 -25.41
CA THR R 214 85.14 87.40 -25.05
C THR R 214 84.82 85.94 -24.76
N PHE R 215 85.36 85.02 -25.56
CA PHE R 215 85.22 83.60 -25.27
C PHE R 215 85.91 83.22 -23.98
N GLN R 216 86.98 83.93 -23.62
CA GLN R 216 87.60 83.81 -22.31
C GLN R 216 86.92 84.71 -21.29
N LYS R 217 85.87 85.43 -21.69
CA LYS R 217 85.05 86.21 -20.79
C LYS R 217 83.72 85.54 -20.52
N GLY R 218 83.61 84.24 -20.82
CA GLY R 218 82.39 83.51 -20.55
C GLY R 218 81.30 83.79 -21.54
N ASP R 219 81.67 84.27 -22.73
CA ASP R 219 80.70 84.55 -23.78
C ASP R 219 80.65 83.36 -24.73
N GLU R 220 79.51 82.68 -24.75
CA GLU R 220 79.39 81.41 -25.47
C GLU R 220 78.77 81.59 -26.85
N GLU R 221 77.71 82.39 -26.96
CA GLU R 221 77.10 82.62 -28.27
C GLU R 221 77.72 83.82 -28.97
N GLN R 222 77.89 84.93 -28.25
CA GLN R 222 78.40 86.15 -28.89
C GLN R 222 79.84 85.97 -29.34
N ALA R 223 80.69 85.41 -28.49
CA ALA R 223 82.10 85.25 -28.86
C ALA R 223 82.26 84.21 -29.94
N PHE R 224 81.48 83.12 -29.89
CA PHE R 224 81.53 82.13 -30.96
C PHE R 224 81.10 82.74 -32.28
N ARG R 225 80.05 83.57 -32.25
CA ARG R 225 79.60 84.22 -33.48
C ARG R 225 80.66 85.18 -34.01
N GLN R 226 81.27 85.97 -33.13
CA GLN R 226 82.30 86.90 -33.57
C GLN R 226 83.52 86.18 -34.15
N LEU R 227 83.93 85.08 -33.51
CA LEU R 227 85.06 84.32 -34.04
C LEU R 227 84.72 83.66 -35.36
N ALA R 228 83.49 83.15 -35.51
CA ALA R 228 83.08 82.52 -36.75
C ALA R 228 83.01 83.56 -37.88
N GLU R 229 82.52 84.76 -37.57
CA GLU R 229 82.47 85.81 -38.59
C GLU R 229 83.87 86.28 -38.96
N VAL R 230 84.77 86.36 -37.99
CA VAL R 230 86.15 86.73 -38.27
C VAL R 230 86.81 85.68 -39.16
N LEU R 231 86.55 84.39 -38.87
CA LEU R 231 87.07 83.31 -39.70
C LEU R 231 86.49 83.37 -41.11
N ALA R 232 85.21 83.70 -41.23
CA ALA R 232 84.59 83.78 -42.56
C ALA R 232 85.16 84.95 -43.35
N GLU R 233 85.35 86.10 -42.71
CA GLU R 233 85.96 87.23 -43.39
C GLU R 233 87.41 86.94 -43.77
N ALA R 234 88.13 86.21 -42.90
CA ALA R 234 89.49 85.82 -43.21
C ALA R 234 89.53 84.88 -44.41
N ALA R 235 88.58 83.94 -44.47
CA ALA R 235 88.52 83.04 -45.63
C ALA R 235 88.13 83.78 -46.89
N LEU R 236 87.29 84.81 -46.77
CA LEU R 236 86.94 85.61 -47.94
C LEU R 236 88.13 86.42 -48.44
N VAL R 237 88.93 86.96 -47.52
CA VAL R 237 90.13 87.69 -47.93
C VAL R 237 91.20 86.73 -48.45
N ALA R 238 91.20 85.49 -47.96
CA ALA R 238 92.16 84.50 -48.45
C ALA R 238 91.85 84.12 -49.90
N LEU R 239 90.59 84.22 -50.30
CA LEU R 239 90.25 83.97 -51.69
C LEU R 239 90.98 84.91 -52.63
N ARG R 240 91.17 86.16 -52.21
CA ARG R 240 91.94 87.11 -53.01
C ARG R 240 93.44 87.00 -52.74
N ALA R 241 93.82 86.65 -51.52
CA ALA R 241 95.23 86.50 -51.20
C ALA R 241 95.86 85.32 -51.93
N ALA R 242 95.06 84.31 -52.27
CA ALA R 242 95.57 83.15 -52.99
C ALA R 242 95.93 83.49 -54.43
N LEU R 243 95.38 84.57 -54.97
CA LEU R 243 95.73 85.05 -56.30
C LEU R 243 96.68 86.25 -56.25
N THR R 244 97.07 86.69 -55.06
CA THR R 244 97.97 87.82 -54.91
C THR R 244 99.44 87.46 -55.08
N ASN R 245 99.74 86.18 -55.31
CA ASN R 245 101.12 85.75 -55.48
C ASN R 245 101.28 84.94 -56.77
N GLU S 4 -53.65 -72.15 -53.58
CA GLU S 4 -52.47 -71.48 -53.07
C GLU S 4 -51.24 -72.35 -53.23
N PHE S 5 -50.20 -72.07 -52.44
CA PHE S 5 -48.94 -72.80 -52.52
C PHE S 5 -49.04 -74.25 -52.10
N LYS S 6 -50.10 -74.62 -51.36
CA LYS S 6 -50.39 -76.02 -51.10
C LYS S 6 -51.86 -76.35 -51.37
N PHE S 7 -52.67 -75.35 -51.74
CA PHE S 7 -54.06 -75.56 -52.09
C PHE S 7 -54.30 -75.54 -53.59
N LEU S 8 -53.33 -75.09 -54.38
CA LEU S 8 -53.38 -75.25 -55.83
C LEU S 8 -52.28 -76.19 -56.30
N ALA S 9 -51.56 -76.78 -55.34
CA ALA S 9 -50.57 -77.81 -55.62
C ALA S 9 -51.18 -79.21 -55.57
N THR S 10 -52.36 -79.35 -54.97
CA THR S 10 -53.13 -80.57 -55.14
C THR S 10 -53.61 -80.68 -56.58
N GLU S 11 -53.95 -79.54 -57.20
CA GLU S 11 -54.21 -79.53 -58.63
C GLU S 11 -52.95 -79.90 -59.41
N ALA S 12 -51.79 -79.39 -58.98
CA ALA S 12 -50.53 -79.81 -59.58
C ALA S 12 -50.28 -81.29 -59.33
N LYS S 13 -50.74 -81.81 -58.20
CA LYS S 13 -50.61 -83.23 -57.91
C LYS S 13 -51.48 -84.08 -58.82
N MET S 14 -52.71 -83.65 -59.08
CA MET S 14 -53.52 -84.34 -60.08
C MET S 14 -52.90 -84.22 -61.46
N LEU S 15 -52.29 -83.08 -61.76
CA LEU S 15 -51.57 -82.93 -63.02
C LEU S 15 -50.39 -83.90 -63.08
N ILE S 16 -49.67 -84.06 -61.97
CA ILE S 16 -48.54 -84.98 -61.94
C ILE S 16 -49.02 -86.42 -62.11
N THR S 17 -50.16 -86.75 -61.51
CA THR S 17 -50.72 -88.09 -61.66
C THR S 17 -51.16 -88.34 -63.09
N ALA S 18 -51.74 -87.32 -63.74
CA ALA S 18 -52.11 -87.46 -65.15
C ALA S 18 -50.89 -87.66 -66.02
N ALA S 19 -49.86 -86.81 -65.83
CA ALA S 19 -48.68 -86.90 -66.67
C ALA S 19 -47.91 -88.20 -66.46
N GLU S 20 -47.87 -88.70 -65.22
CA GLU S 20 -47.21 -89.97 -64.96
C GLU S 20 -47.94 -91.11 -65.67
N ARG S 21 -49.25 -90.99 -65.82
CA ARG S 21 -50.04 -91.97 -66.54
C ARG S 21 -50.19 -91.65 -68.02
N LEU S 22 -49.74 -90.48 -68.47
CA LEU S 22 -49.85 -90.09 -69.88
C LEU S 22 -48.51 -89.96 -70.57
N ALA S 23 -47.40 -90.12 -69.84
CA ALA S 23 -46.06 -90.08 -70.41
C ALA S 23 -45.42 -91.42 -70.11
N GLY S 24 -45.86 -92.45 -70.84
CA GLY S 24 -45.30 -93.78 -70.70
C GLY S 24 -44.12 -94.07 -71.58
N THR S 25 -43.78 -93.13 -72.48
CA THR S 25 -42.59 -93.22 -73.31
C THR S 25 -41.81 -91.92 -73.11
N ASP S 26 -40.76 -91.74 -73.92
CA ASP S 26 -39.88 -90.58 -73.78
C ASP S 26 -39.38 -90.48 -72.35
N PRO S 27 -38.46 -91.36 -71.91
CA PRO S 27 -37.95 -91.28 -70.54
C PRO S 27 -37.47 -89.90 -70.13
N ARG S 28 -37.22 -88.99 -71.08
CA ARG S 28 -37.01 -87.59 -70.71
C ARG S 28 -38.26 -87.02 -70.07
N LEU S 29 -39.44 -87.43 -70.53
CA LEU S 29 -40.68 -86.96 -69.91
C LEU S 29 -40.82 -87.50 -68.49
N GLN S 30 -40.49 -88.78 -68.30
CA GLN S 30 -40.55 -89.34 -66.95
C GLN S 30 -39.54 -88.66 -66.03
N GLU S 31 -38.35 -88.36 -66.56
CA GLU S 31 -37.34 -87.68 -65.76
C GLU S 31 -37.76 -86.26 -65.41
N MET S 32 -38.40 -85.56 -66.35
CA MET S 32 -38.91 -84.23 -66.06
C MET S 32 -40.03 -84.29 -65.04
N VAL S 33 -40.89 -85.31 -65.13
CA VAL S 33 -41.95 -85.47 -64.14
C VAL S 33 -41.36 -85.76 -62.78
N ALA S 34 -40.28 -86.52 -62.73
CA ALA S 34 -39.63 -86.81 -61.45
C ALA S 34 -38.97 -85.55 -60.88
N LEU S 35 -38.31 -84.77 -61.73
CA LEU S 35 -37.71 -83.51 -61.28
C LEU S 35 -38.78 -82.53 -60.81
N ILE S 36 -39.96 -82.56 -61.43
CA ILE S 36 -41.04 -81.69 -61.02
C ILE S 36 -41.60 -82.14 -59.69
N LYS S 37 -41.84 -83.45 -59.53
CA LYS S 37 -42.28 -83.99 -58.25
C LYS S 37 -41.28 -83.71 -57.14
N LYS S 38 -39.98 -83.77 -57.44
CA LYS S 38 -38.98 -83.34 -56.48
C LYS S 38 -39.07 -81.83 -56.26
N GLU S 39 -39.24 -81.06 -57.34
CA GLU S 39 -39.54 -79.65 -57.19
C GLU S 39 -40.88 -79.44 -56.50
N LEU S 40 -41.87 -80.27 -56.80
CA LEU S 40 -43.11 -80.25 -56.02
C LEU S 40 -42.84 -80.63 -54.57
N GLU S 41 -41.99 -81.63 -54.33
CA GLU S 41 -41.61 -81.98 -52.97
C GLU S 41 -40.84 -80.84 -52.31
N GLN S 42 -39.96 -80.18 -53.06
CA GLN S 42 -39.20 -79.07 -52.50
C GLN S 42 -40.11 -77.91 -52.13
N ALA S 43 -41.11 -77.63 -52.95
CA ALA S 43 -42.07 -76.56 -52.64
C ALA S 43 -42.95 -76.94 -51.46
N GLU S 44 -43.42 -78.19 -51.42
CA GLU S 44 -44.24 -78.64 -50.30
C GLU S 44 -43.45 -78.61 -49.00
N ARG S 45 -42.15 -78.91 -49.05
CA ARG S 45 -41.31 -78.74 -47.88
C ARG S 45 -41.16 -77.27 -47.53
N THR S 46 -40.92 -76.41 -48.52
CA THR S 46 -40.94 -74.98 -48.29
C THR S 46 -42.33 -74.49 -47.90
N PHE S 47 -43.39 -75.13 -48.42
CA PHE S 47 -44.73 -74.85 -47.93
C PHE S 47 -44.89 -75.33 -46.49
N ARG S 48 -44.21 -76.41 -46.13
CA ARG S 48 -44.15 -76.83 -44.75
C ARG S 48 -43.10 -76.07 -43.96
N ASN S 49 -42.14 -75.45 -44.65
CA ASN S 49 -41.14 -74.62 -43.99
C ASN S 49 -41.64 -73.18 -43.93
N GLY S 50 -40.79 -72.28 -43.41
CA GLY S 50 -41.14 -70.88 -43.34
C GLY S 50 -40.93 -70.16 -44.65
N ASP S 51 -40.49 -70.90 -45.66
CA ASP S 51 -40.25 -70.35 -47.00
C ASP S 51 -41.55 -70.49 -47.78
N LYS S 52 -42.56 -69.75 -47.32
CA LYS S 52 -43.89 -69.81 -47.94
C LYS S 52 -43.94 -69.06 -49.27
N SER S 53 -43.26 -67.92 -49.37
CA SER S 53 -43.19 -67.22 -50.65
C SER S 53 -42.33 -67.99 -51.64
N GLU S 54 -41.21 -68.54 -51.18
CA GLU S 54 -40.42 -69.42 -52.03
C GLU S 54 -41.20 -70.66 -52.42
N ALA S 55 -41.99 -71.18 -51.48
CA ALA S 55 -42.86 -72.32 -51.81
C ALA S 55 -43.84 -71.94 -52.89
N GLN S 56 -44.47 -70.77 -52.80
CA GLN S 56 -45.43 -70.34 -53.80
C GLN S 56 -44.76 -70.15 -55.15
N ARG S 57 -43.56 -69.57 -55.16
CA ARG S 57 -42.85 -69.37 -56.43
C ARG S 57 -42.47 -70.70 -57.06
N GLN S 58 -41.91 -71.63 -56.28
CA GLN S 58 -41.54 -72.93 -56.81
C GLN S 58 -42.77 -73.71 -57.25
N LEU S 59 -43.88 -73.56 -56.53
CA LEU S 59 -45.10 -74.25 -56.91
C LEU S 59 -45.69 -73.67 -58.19
N GLU S 60 -45.60 -72.35 -58.36
CA GLU S 60 -46.07 -71.74 -59.60
C GLU S 60 -45.21 -72.17 -60.77
N PHE S 61 -43.89 -72.24 -60.58
CA PHE S 61 -43.02 -72.72 -61.64
C PHE S 61 -43.31 -74.18 -61.96
N VAL S 62 -43.47 -75.01 -60.94
CA VAL S 62 -43.73 -76.43 -61.16
C VAL S 62 -45.12 -76.64 -61.74
N LEU S 63 -46.04 -75.71 -61.53
CA LEU S 63 -47.36 -75.83 -62.13
C LEU S 63 -47.27 -75.67 -63.64
N THR S 64 -46.57 -74.63 -64.10
CA THR S 64 -46.32 -74.48 -65.53
C THR S 64 -45.50 -75.64 -66.05
N ALA S 65 -44.58 -76.16 -65.23
CA ALA S 65 -43.78 -77.30 -65.65
C ALA S 65 -44.65 -78.53 -65.88
N ALA S 66 -45.56 -78.81 -64.95
CA ALA S 66 -46.44 -79.96 -65.09
C ALA S 66 -47.43 -79.75 -66.23
N ARG S 67 -47.87 -78.51 -66.45
CA ARG S 67 -48.77 -78.23 -67.56
C ARG S 67 -48.07 -78.49 -68.89
N ALA S 68 -46.85 -77.97 -69.05
CA ALA S 68 -46.12 -78.21 -70.28
C ALA S 68 -45.74 -79.68 -70.42
N VAL S 69 -45.52 -80.37 -69.30
CA VAL S 69 -45.19 -81.79 -69.35
C VAL S 69 -46.39 -82.60 -69.79
N MET S 70 -47.58 -82.23 -69.32
CA MET S 70 -48.79 -82.86 -69.81
C MET S 70 -49.01 -82.55 -71.28
N ASN S 71 -48.69 -81.33 -71.70
CA ASN S 71 -48.75 -80.99 -73.12
C ASN S 71 -47.83 -81.88 -73.93
N VAL S 72 -46.61 -82.11 -73.43
CA VAL S 72 -45.65 -82.93 -74.14
C VAL S 72 -46.09 -84.39 -74.16
N ALA S 73 -46.66 -84.86 -73.06
CA ALA S 73 -47.12 -86.24 -73.01
C ALA S 73 -48.29 -86.46 -73.96
N ALA S 74 -49.24 -85.52 -73.98
CA ALA S 74 -50.36 -85.62 -74.92
C ALA S 74 -49.89 -85.49 -76.35
N ALA S 75 -48.85 -84.68 -76.58
CA ALA S 75 -48.28 -84.60 -77.92
C ALA S 75 -47.67 -85.93 -78.32
N ALA S 76 -46.84 -86.52 -77.46
CA ALA S 76 -46.24 -87.82 -77.74
C ALA S 76 -47.30 -88.88 -77.97
N ASN S 77 -48.41 -88.80 -77.23
CA ASN S 77 -49.52 -89.71 -77.47
C ASN S 77 -50.24 -89.40 -78.77
N ALA S 78 -50.16 -88.16 -79.25
CA ALA S 78 -50.85 -87.74 -80.46
C ALA S 78 -49.90 -87.51 -81.63
N ALA S 79 -48.60 -87.73 -81.42
CA ALA S 79 -47.62 -87.55 -82.49
C ALA S 79 -46.61 -88.69 -82.47
N GLY S 80 -47.11 -89.91 -82.28
CA GLY S 80 -46.26 -91.08 -82.33
C GLY S 80 -45.79 -91.47 -83.72
N THR S 81 -46.17 -90.71 -84.74
CA THR S 81 -45.83 -91.04 -86.12
C THR S 81 -45.19 -89.89 -86.89
N ASP S 82 -45.02 -88.72 -86.29
CA ASP S 82 -44.44 -87.58 -86.98
C ASP S 82 -43.01 -87.39 -86.52
N PRO S 83 -42.02 -87.64 -87.39
CA PRO S 83 -40.63 -87.49 -86.94
C PRO S 83 -40.27 -86.06 -86.59
N LEU S 84 -40.77 -85.08 -87.34
CA LEU S 84 -40.54 -83.68 -86.99
C LEU S 84 -41.15 -83.36 -85.64
N LEU S 85 -42.33 -83.91 -85.35
CA LEU S 85 -42.96 -83.68 -84.06
C LEU S 85 -42.16 -84.32 -82.94
N LYS S 86 -41.68 -85.55 -83.13
CA LYS S 86 -40.87 -86.20 -82.10
C LYS S 86 -39.57 -85.44 -81.90
N ALA S 87 -39.00 -84.90 -82.97
CA ALA S 87 -37.77 -84.14 -82.87
C ALA S 87 -38.01 -82.85 -82.09
N MET S 88 -39.06 -82.10 -82.44
CA MET S 88 -39.38 -80.89 -81.69
C MET S 88 -39.76 -81.21 -80.26
N VAL S 89 -40.31 -82.41 -80.02
CA VAL S 89 -40.69 -82.80 -78.67
C VAL S 89 -39.44 -83.08 -77.84
N ASP S 90 -38.47 -83.80 -78.40
CA ASP S 90 -37.22 -84.01 -77.69
C ASP S 90 -36.48 -82.69 -77.50
N ALA S 91 -36.61 -81.78 -78.46
CA ALA S 91 -35.98 -80.46 -78.32
C ALA S 91 -36.63 -79.67 -77.20
N ILE S 92 -37.96 -79.71 -77.11
CA ILE S 92 -38.65 -79.04 -76.01
C ILE S 92 -38.34 -79.74 -74.69
N LEU S 93 -38.10 -81.04 -74.72
CA LEU S 93 -37.70 -81.76 -73.51
C LEU S 93 -36.33 -81.31 -73.03
N TRP S 94 -35.40 -81.14 -73.97
CA TRP S 94 -34.08 -80.64 -73.60
C TRP S 94 -34.16 -79.19 -73.12
N ARG S 95 -34.95 -78.37 -73.80
CA ARG S 95 -35.13 -76.99 -73.36
C ARG S 95 -35.81 -76.94 -71.99
N LEU S 96 -36.69 -77.88 -71.72
CA LEU S 96 -37.36 -77.93 -70.43
C LEU S 96 -36.41 -78.39 -69.34
N LYS S 97 -35.54 -79.35 -69.64
CA LYS S 97 -34.51 -79.72 -68.68
C LYS S 97 -33.57 -78.55 -68.41
N GLU S 98 -33.23 -77.80 -69.46
CA GLU S 98 -32.37 -76.62 -69.28
C GLU S 98 -33.07 -75.56 -68.43
N ALA S 99 -34.35 -75.31 -68.70
CA ALA S 99 -35.08 -74.32 -67.93
C ALA S 99 -35.30 -74.80 -66.50
N ILE S 100 -35.40 -76.11 -66.31
CA ILE S 100 -35.56 -76.65 -64.97
C ILE S 100 -34.27 -76.52 -64.18
N ARG S 101 -33.13 -76.75 -64.84
CA ARG S 101 -31.84 -76.51 -64.19
C ARG S 101 -31.65 -75.03 -63.90
N THR S 102 -32.13 -74.16 -64.80
CA THR S 102 -31.99 -72.73 -64.60
C THR S 102 -32.84 -72.26 -63.42
N PHE S 103 -34.11 -72.67 -63.37
CA PHE S 103 -34.96 -72.34 -62.24
C PHE S 103 -34.41 -72.95 -60.95
N GLN S 104 -33.90 -74.17 -61.01
CA GLN S 104 -33.24 -74.76 -59.85
C GLN S 104 -32.01 -73.94 -59.45
N ASN S 105 -31.36 -73.30 -60.42
CA ASN S 105 -30.32 -72.33 -60.14
C ASN S 105 -30.88 -70.96 -59.77
N GLY S 106 -32.19 -70.86 -59.55
CA GLY S 106 -32.80 -69.57 -59.29
C GLY S 106 -32.95 -68.70 -60.51
N ASP S 107 -32.71 -69.24 -61.69
CA ASP S 107 -32.84 -68.48 -62.93
C ASP S 107 -34.10 -68.89 -63.67
N GLU S 109 -35.65 -66.51 -62.27
CA GLU S 109 -35.34 -65.36 -63.14
C GLU S 109 -35.76 -65.64 -64.58
N GLU S 110 -34.81 -66.10 -65.38
CA GLU S 110 -35.09 -66.45 -66.77
C GLU S 110 -35.79 -67.80 -66.90
N ALA S 111 -36.26 -68.37 -65.79
CA ALA S 111 -37.04 -69.60 -65.84
C ALA S 111 -38.34 -69.38 -66.60
N GLU S 112 -39.21 -68.53 -66.07
CA GLU S 112 -40.42 -68.15 -66.81
C GLU S 112 -40.09 -67.05 -67.83
N THR S 113 -39.11 -67.36 -68.68
CA THR S 113 -38.78 -66.58 -69.86
C THR S 113 -38.79 -67.44 -71.12
N GLN S 114 -37.90 -68.42 -71.20
CA GLN S 114 -38.00 -69.44 -72.23
C GLN S 114 -39.11 -70.42 -71.94
N LEU S 115 -39.19 -70.90 -70.70
CA LEU S 115 -40.31 -71.75 -70.33
C LEU S 115 -41.62 -71.01 -70.41
N ARG S 116 -41.60 -69.68 -70.18
CA ARG S 116 -42.78 -68.88 -70.49
C ARG S 116 -43.22 -69.08 -71.92
N PHE S 117 -42.27 -69.11 -72.85
CA PHE S 117 -42.59 -69.50 -74.22
C PHE S 117 -42.59 -71.00 -74.41
N VAL S 118 -41.73 -71.72 -73.69
CA VAL S 118 -41.72 -73.18 -73.81
C VAL S 118 -43.01 -73.77 -73.29
N LEU S 119 -43.69 -73.07 -72.37
CA LEU S 119 -45.05 -73.49 -72.04
C LEU S 119 -45.96 -73.32 -73.24
N ARG S 120 -45.94 -72.15 -73.87
CA ARG S 120 -46.70 -71.96 -75.09
C ARG S 120 -46.18 -72.85 -76.21
N ALA S 121 -44.88 -73.13 -76.19
CA ALA S 121 -44.32 -74.04 -77.18
C ALA S 121 -44.92 -75.44 -77.03
N ALA S 122 -44.96 -75.96 -75.81
CA ALA S 122 -45.57 -77.27 -75.58
C ALA S 122 -47.06 -77.21 -75.88
N ILE S 123 -47.69 -76.07 -75.64
CA ILE S 123 -49.10 -75.91 -75.97
C ILE S 123 -49.30 -76.09 -77.47
N ALA S 124 -48.61 -75.30 -78.28
CA ALA S 124 -48.76 -75.41 -79.73
C ALA S 124 -48.28 -76.76 -80.24
N VAL S 125 -47.33 -77.38 -79.53
CA VAL S 125 -46.82 -78.68 -79.95
C VAL S 125 -47.88 -79.75 -79.77
N ALA S 126 -48.50 -79.79 -78.59
CA ALA S 126 -49.62 -80.70 -78.38
C ALA S 126 -50.76 -80.36 -79.32
N VAL S 127 -50.91 -79.08 -79.66
CA VAL S 127 -51.97 -78.68 -80.58
C VAL S 127 -51.75 -79.30 -81.95
N VAL S 128 -50.55 -79.16 -82.49
CA VAL S 128 -50.24 -79.74 -83.79
C VAL S 128 -50.29 -81.27 -83.72
N ALA S 129 -49.89 -81.84 -82.58
CA ALA S 129 -49.93 -83.28 -82.43
C ALA S 129 -51.37 -83.79 -82.46
N ALA S 130 -52.27 -83.10 -81.78
CA ALA S 130 -53.68 -83.47 -81.84
C ALA S 130 -54.24 -83.24 -83.23
N ALA S 131 -53.81 -82.18 -83.90
CA ALA S 131 -54.27 -81.94 -85.26
C ALA S 131 -53.85 -83.07 -86.18
N LEU S 132 -52.68 -83.66 -85.93
CA LEU S 132 -52.22 -84.77 -86.75
C LEU S 132 -52.88 -86.08 -86.35
N VAL S 133 -53.14 -86.27 -85.05
CA VAL S 133 -53.70 -87.54 -84.59
C VAL S 133 -55.18 -87.65 -84.91
N LEU S 134 -55.93 -86.56 -84.76
CA LEU S 134 -57.34 -86.53 -85.14
C LEU S 134 -57.54 -86.34 -86.63
N ALA S 135 -56.46 -86.31 -87.40
CA ALA S 135 -56.53 -86.26 -88.85
C ALA S 135 -56.81 -87.66 -89.37
N GLY S 136 -56.95 -87.80 -90.68
CA GLY S 136 -57.26 -89.07 -91.30
C GLY S 136 -56.61 -89.18 -92.65
N THR S 137 -57.39 -89.57 -93.65
CA THR S 137 -56.86 -89.66 -95.01
C THR S 137 -56.44 -88.30 -95.54
N ASP S 138 -57.40 -87.38 -95.65
CA ASP S 138 -57.12 -86.06 -96.20
C ASP S 138 -56.80 -85.07 -95.10
N PRO S 139 -55.53 -84.86 -94.79
CA PRO S 139 -55.18 -83.78 -93.87
C PRO S 139 -55.53 -82.42 -94.46
N GLU S 140 -55.15 -82.20 -95.71
CA GLU S 140 -55.46 -81.00 -96.49
C GLU S 140 -54.84 -79.73 -95.93
N LEU S 141 -54.36 -79.74 -94.68
CA LEU S 141 -53.61 -78.61 -94.15
C LEU S 141 -52.45 -79.06 -93.27
N GLN S 142 -52.17 -80.37 -93.18
CA GLN S 142 -51.01 -80.82 -92.43
C GLN S 142 -49.73 -80.22 -92.98
N GLU S 143 -49.68 -79.98 -94.29
CA GLU S 143 -48.58 -79.20 -94.85
C GLU S 143 -48.57 -77.80 -94.23
N MET S 144 -49.70 -77.10 -94.29
CA MET S 144 -49.85 -75.85 -93.56
C MET S 144 -49.55 -76.06 -92.08
N VAL S 145 -50.12 -77.12 -91.50
CA VAL S 145 -49.79 -77.48 -90.12
C VAL S 145 -48.31 -77.75 -89.97
N GLU S 146 -47.69 -78.38 -90.97
CA GLU S 146 -46.24 -78.50 -90.96
C GLU S 146 -45.59 -77.14 -91.16
N GLN S 147 -46.14 -76.34 -92.08
CA GLN S 147 -45.71 -74.95 -92.21
C GLN S 147 -45.86 -74.24 -90.88
N ILE S 148 -47.03 -74.34 -90.26
CA ILE S 148 -47.20 -73.87 -88.89
C ILE S 148 -46.16 -74.51 -87.98
N LYS S 149 -45.97 -75.84 -88.10
CA LYS S 149 -44.89 -76.49 -87.38
C LYS S 149 -43.55 -75.86 -87.73
N ASP S 150 -43.31 -75.62 -89.02
CA ASP S 150 -42.18 -74.81 -89.42
C ASP S 150 -42.25 -73.44 -88.75
N LEU S 151 -43.39 -72.77 -88.86
CA LEU S 151 -43.60 -71.54 -88.10
C LEU S 151 -43.43 -71.78 -86.61
N LEU S 152 -43.79 -72.97 -86.12
CA LEU S 152 -43.49 -73.33 -84.75
C LEU S 152 -41.99 -73.53 -84.57
N ILE S 153 -41.36 -74.27 -85.48
CA ILE S 153 -39.90 -74.33 -85.49
C ILE S 153 -39.34 -72.92 -85.62
N SER S 154 -39.92 -72.13 -86.53
CA SER S 154 -39.58 -70.71 -86.59
C SER S 154 -39.87 -70.02 -85.27
N ALA S 155 -41.02 -70.33 -84.66
CA ALA S 155 -41.27 -69.86 -83.29
C ALA S 155 -40.24 -70.43 -82.34
N PHE S 156 -39.87 -71.71 -82.54
CA PHE S 156 -38.76 -72.27 -81.78
C PHE S 156 -37.48 -71.48 -81.99
N MET S 157 -37.34 -70.86 -83.16
CA MET S 157 -36.27 -69.88 -83.35
C MET S 157 -36.71 -68.47 -82.95
N ALA S 158 -37.99 -68.14 -83.09
CA ALA S 158 -38.50 -66.83 -82.73
C ALA S 158 -38.72 -66.68 -81.23
N GLY S 159 -38.19 -67.62 -80.44
CA GLY S 159 -38.22 -67.53 -79.00
C GLY S 159 -36.86 -67.11 -78.47
N GLU S 165 -38.12 -64.24 -79.06
CA GLU S 165 -38.98 -63.14 -78.62
C GLU S 165 -40.11 -62.90 -79.60
N LYS S 166 -39.87 -63.22 -80.88
CA LYS S 166 -40.85 -63.01 -81.94
C LYS S 166 -41.88 -64.12 -82.01
N ALA S 167 -42.19 -64.77 -80.88
CA ALA S 167 -43.13 -65.88 -80.89
C ALA S 167 -44.18 -65.79 -79.80
N LEU S 168 -44.17 -64.76 -78.95
CA LEU S 168 -45.14 -64.69 -77.87
C LEU S 168 -46.57 -64.62 -78.40
N THR S 169 -46.86 -63.66 -79.29
CA THR S 169 -48.15 -63.64 -79.94
C THR S 169 -48.21 -64.65 -81.08
N GLN S 170 -47.06 -64.99 -81.66
CA GLN S 170 -47.04 -65.97 -82.74
C GLN S 170 -47.43 -67.36 -82.23
N LEU S 171 -46.97 -67.72 -81.03
CA LEU S 171 -47.38 -69.00 -80.46
C LEU S 171 -48.89 -69.03 -80.21
N LEU S 172 -49.44 -67.92 -79.71
CA LEU S 172 -50.88 -67.84 -79.50
C LEU S 172 -51.63 -67.95 -80.82
N PHE S 173 -51.12 -67.29 -81.86
CA PHE S 173 -51.77 -67.35 -83.17
C PHE S 173 -51.70 -68.76 -83.74
N VAL S 174 -50.56 -69.44 -83.57
CA VAL S 174 -50.43 -70.81 -84.05
C VAL S 174 -51.38 -71.73 -83.30
N ALA S 175 -51.50 -71.54 -81.99
CA ALA S 175 -52.44 -72.35 -81.22
C ALA S 175 -53.87 -72.09 -81.64
N TRP S 176 -54.21 -70.84 -81.93
CA TRP S 176 -55.57 -70.52 -82.35
C TRP S 176 -55.86 -71.10 -83.73
N ALA S 177 -54.88 -71.08 -84.62
CA ALA S 177 -55.05 -71.69 -85.93
C ALA S 177 -55.18 -73.20 -85.83
N ALA S 178 -54.41 -73.81 -84.92
CA ALA S 178 -54.57 -75.23 -84.68
C ALA S 178 -55.95 -75.54 -84.10
N HIS S 179 -56.46 -74.67 -83.23
CA HIS S 179 -57.79 -74.87 -82.66
C HIS S 179 -58.86 -74.77 -83.73
N ALA S 180 -58.73 -73.81 -84.64
CA ALA S 180 -59.63 -73.77 -85.79
C ALA S 180 -59.45 -74.99 -86.67
N VAL S 181 -58.24 -75.54 -86.73
CA VAL S 181 -58.02 -76.77 -87.46
C VAL S 181 -58.48 -77.98 -86.64
N ALA S 182 -58.16 -78.00 -85.35
CA ALA S 182 -58.55 -79.13 -84.51
C ALA S 182 -60.06 -79.21 -84.38
N MET S 183 -60.74 -78.07 -84.34
CA MET S 183 -62.20 -78.10 -84.38
C MET S 183 -62.69 -78.68 -85.71
N ILE S 184 -62.13 -78.22 -86.83
CA ILE S 184 -62.49 -78.77 -88.13
C ILE S 184 -62.09 -80.23 -88.23
N ALA S 185 -60.94 -80.58 -87.65
CA ALA S 185 -60.49 -81.98 -87.70
C ALA S 185 -61.43 -82.89 -86.92
N ALA S 186 -61.85 -82.46 -85.73
CA ALA S 186 -62.78 -83.26 -84.95
C ALA S 186 -64.16 -83.31 -85.61
N ALA S 187 -64.54 -82.22 -86.30
CA ALA S 187 -65.82 -82.22 -86.99
C ALA S 187 -65.82 -83.21 -88.15
N ALA S 188 -64.74 -83.20 -88.95
CA ALA S 188 -64.64 -84.14 -90.05
C ALA S 188 -64.42 -85.56 -89.56
N ASN S 189 -63.87 -85.73 -88.35
CA ASN S 189 -63.62 -87.05 -87.82
C ASN S 189 -64.92 -87.79 -87.54
N LEU S 190 -65.88 -87.14 -86.87
CA LEU S 190 -67.18 -87.74 -86.59
C LEU S 190 -68.15 -87.58 -87.74
N ALA S 191 -67.69 -87.07 -88.88
CA ALA S 191 -68.52 -86.89 -90.06
C ALA S 191 -68.23 -87.99 -91.07
N GLY S 192 -69.27 -88.37 -91.81
CA GLY S 192 -69.13 -89.40 -92.83
C GLY S 192 -69.14 -88.83 -94.24
N PRO S 195 -72.27 -84.65 -94.81
CA PRO S 195 -71.09 -83.80 -94.98
C PRO S 195 -71.38 -82.35 -94.63
N ARG S 196 -72.49 -82.12 -93.90
CA ARG S 196 -72.83 -80.77 -93.47
C ARG S 196 -71.75 -80.19 -92.56
N LEU S 197 -71.23 -81.01 -91.64
CA LEU S 197 -70.14 -80.57 -90.79
C LEU S 197 -68.88 -80.27 -91.60
N GLN S 198 -68.63 -81.08 -92.64
CA GLN S 198 -67.46 -80.84 -93.49
C GLN S 198 -67.62 -79.54 -94.28
N GLN S 199 -68.82 -79.26 -94.77
CA GLN S 199 -69.05 -78.01 -95.50
C GLN S 199 -69.00 -76.80 -94.57
N GLN S 200 -69.47 -76.95 -93.34
CA GLN S 200 -69.40 -75.85 -92.38
C GLN S 200 -67.95 -75.59 -91.96
N VAL S 201 -67.17 -76.65 -91.80
CA VAL S 201 -65.75 -76.48 -91.48
C VAL S 201 -64.93 -76.03 -92.68
N LYS S 202 -65.44 -76.24 -93.90
CA LYS S 202 -64.70 -75.79 -95.08
C LYS S 202 -64.76 -74.27 -95.22
N GLU S 203 -65.76 -73.63 -94.62
CA GLU S 203 -65.87 -72.18 -94.65
C GLU S 203 -65.09 -71.51 -93.52
N ILE S 204 -65.02 -72.15 -92.35
CA ILE S 204 -64.18 -71.63 -91.28
C ILE S 204 -62.71 -71.87 -91.60
N LEU S 205 -62.40 -73.01 -92.23
CA LEU S 205 -61.04 -73.27 -92.66
C LEU S 205 -60.60 -72.30 -93.75
N GLU S 206 -61.56 -71.83 -94.56
CA GLU S 206 -61.23 -70.83 -95.58
C GLU S 206 -60.72 -69.55 -94.94
N LYS S 207 -61.48 -69.01 -93.99
CA LYS S 207 -61.04 -67.81 -93.29
C LYS S 207 -59.78 -68.07 -92.47
N LEU S 208 -59.64 -69.30 -91.96
CA LEU S 208 -58.42 -69.64 -91.22
C LEU S 208 -57.20 -69.59 -92.11
N LYS S 209 -57.27 -70.18 -93.31
CA LYS S 209 -56.15 -70.14 -94.24
C LYS S 209 -55.90 -68.72 -94.74
N GLU S 210 -56.97 -67.94 -94.93
CA GLU S 210 -56.81 -66.55 -95.34
C GLU S 210 -56.06 -65.76 -94.27
N ALA S 211 -56.43 -65.95 -93.00
CA ALA S 211 -55.71 -65.26 -91.93
C ALA S 211 -54.29 -65.78 -91.78
N ILE S 212 -54.08 -67.08 -92.00
CA ILE S 212 -52.73 -67.65 -91.89
C ILE S 212 -51.83 -67.04 -92.96
N GLU S 213 -52.33 -66.94 -94.19
CA GLU S 213 -51.60 -66.19 -95.21
C GLU S 213 -51.41 -64.74 -94.80
N THR S 214 -52.42 -64.14 -94.17
CA THR S 214 -52.26 -62.79 -93.63
C THR S 214 -51.31 -62.80 -92.43
N PHE S 215 -51.41 -63.79 -91.56
CA PHE S 215 -50.45 -63.94 -90.47
C PHE S 215 -49.06 -64.21 -90.99
N GLN S 216 -48.95 -64.88 -92.14
CA GLN S 216 -47.69 -65.02 -92.85
C GLN S 216 -47.41 -63.82 -93.74
N LYS S 217 -48.31 -62.83 -93.75
CA LYS S 217 -48.09 -61.58 -94.45
C LYS S 217 -47.74 -60.44 -93.48
N GLY S 218 -47.34 -60.79 -92.27
CA GLY S 218 -46.93 -59.79 -91.29
C GLY S 218 -48.09 -59.06 -90.67
N ASP S 219 -49.27 -59.67 -90.70
CA ASP S 219 -50.46 -59.09 -90.09
C ASP S 219 -50.63 -59.68 -88.71
N GLU S 220 -50.48 -58.84 -87.69
CA GLU S 220 -50.45 -59.29 -86.31
C GLU S 220 -51.81 -59.16 -85.62
N GLU S 221 -52.50 -58.03 -85.80
CA GLU S 221 -53.81 -57.87 -85.19
C GLU S 221 -54.93 -58.36 -86.11
N GLN S 222 -54.88 -57.98 -87.39
CA GLN S 222 -55.95 -58.35 -88.31
C GLN S 222 -56.00 -59.84 -88.54
N ALA S 223 -54.85 -60.47 -88.80
CA ALA S 223 -54.83 -61.91 -89.05
C ALA S 223 -55.18 -62.70 -87.79
N PHE S 224 -54.70 -62.25 -86.64
CA PHE S 224 -55.06 -62.92 -85.39
C PHE S 224 -56.56 -62.82 -85.14
N ARG S 225 -57.15 -61.65 -85.42
CA ARG S 225 -58.59 -61.50 -85.26
C ARG S 225 -59.37 -62.38 -86.22
N GLN S 226 -58.92 -62.43 -87.48
CA GLN S 226 -59.61 -63.28 -88.46
C GLN S 226 -59.51 -64.75 -88.11
N LEU S 227 -58.34 -65.21 -87.65
CA LEU S 227 -58.20 -66.60 -87.25
C LEU S 227 -59.02 -66.91 -86.00
N ALA S 228 -59.07 -65.98 -85.05
CA ALA S 228 -59.87 -66.19 -83.85
C ALA S 228 -61.36 -66.24 -84.18
N GLU S 229 -61.80 -65.39 -85.10
CA GLU S 229 -63.20 -65.42 -85.50
C GLU S 229 -63.53 -66.69 -86.27
N VAL S 230 -62.60 -67.15 -87.12
CA VAL S 230 -62.81 -68.40 -87.83
C VAL S 230 -62.89 -69.56 -86.85
N LEU S 231 -62.03 -69.58 -85.84
CA LEU S 231 -62.08 -70.61 -84.81
C LEU S 231 -63.38 -70.55 -84.03
N ALA S 232 -63.87 -69.34 -83.72
CA ALA S 232 -65.12 -69.21 -82.99
C ALA S 232 -66.31 -69.70 -83.82
N GLU S 233 -66.33 -69.36 -85.11
CA GLU S 233 -67.39 -69.85 -85.98
C GLU S 233 -67.31 -71.36 -86.16
N ALA S 234 -66.09 -71.90 -86.22
CA ALA S 234 -65.91 -73.35 -86.30
C ALA S 234 -66.42 -74.03 -85.04
N ALA S 235 -66.15 -73.44 -83.87
CA ALA S 235 -66.65 -74.01 -82.63
C ALA S 235 -68.16 -73.90 -82.53
N LEU S 236 -68.74 -72.83 -83.08
CA LEU S 236 -70.19 -72.71 -83.10
C LEU S 236 -70.82 -73.75 -84.02
N VAL S 237 -70.21 -74.02 -85.17
CA VAL S 237 -70.73 -75.05 -86.06
C VAL S 237 -70.49 -76.43 -85.48
N ALA S 238 -69.44 -76.60 -84.68
CA ALA S 238 -69.17 -77.88 -84.04
C ALA S 238 -70.23 -78.21 -82.99
N LEU S 239 -70.83 -77.17 -82.40
CA LEU S 239 -71.93 -77.40 -81.47
C LEU S 239 -73.08 -78.15 -82.12
N ARG S 240 -73.34 -77.85 -83.40
CA ARG S 240 -74.38 -78.58 -84.13
C ARG S 240 -73.85 -79.86 -84.73
N ALA S 241 -72.57 -79.88 -85.13
CA ALA S 241 -71.99 -81.09 -85.71
C ALA S 241 -71.88 -82.20 -84.68
N ALA S 242 -71.77 -81.86 -83.40
CA ALA S 242 -71.69 -82.86 -82.35
C ALA S 242 -73.01 -83.59 -82.15
N LEU S 243 -74.12 -83.00 -82.59
CA LEU S 243 -75.42 -83.65 -82.55
C LEU S 243 -75.85 -84.18 -83.91
N THR S 244 -75.02 -84.02 -84.93
CA THR S 244 -75.33 -84.49 -86.28
C THR S 244 -75.04 -85.97 -86.48
N ASN S 245 -74.51 -86.65 -85.47
CA ASN S 245 -74.20 -88.06 -85.58
C ASN S 245 -74.83 -88.86 -84.45
N GLU T 4 -11.84 83.08 -61.87
CA GLU T 4 -12.06 82.26 -60.70
C GLU T 4 -12.75 83.05 -59.60
N PHE T 5 -12.63 82.57 -58.36
CA PHE T 5 -13.28 83.20 -57.22
C PHE T 5 -12.71 84.58 -56.89
N LYS T 6 -11.52 84.90 -57.37
CA LYS T 6 -11.01 86.26 -57.29
C LYS T 6 -10.47 86.74 -58.63
N PHE T 7 -10.45 85.88 -59.65
CA PHE T 7 -10.03 86.25 -60.99
C PHE T 7 -11.19 86.47 -61.95
N LEU T 8 -12.41 86.09 -61.57
CA LEU T 8 -13.61 86.47 -62.31
C LEU T 8 -14.48 87.38 -61.45
N ALA T 9 -13.97 87.76 -60.28
CA ALA T 9 -14.61 88.74 -59.43
C ALA T 9 -14.12 90.16 -59.71
N THR T 10 -13.00 90.29 -60.41
CA THR T 10 -12.64 91.58 -60.98
C THR T 10 -13.61 91.96 -62.09
N GLU T 11 -14.07 90.96 -62.84
CA GLU T 11 -15.17 91.19 -63.77
C GLU T 11 -16.44 91.56 -63.03
N ALA T 12 -16.71 90.91 -61.90
CA ALA T 12 -17.82 91.33 -61.06
C ALA T 12 -17.60 92.72 -60.50
N LYS T 13 -16.35 93.10 -60.26
CA LYS T 13 -16.03 94.44 -59.80
C LYS T 13 -16.28 95.50 -60.87
N MET T 14 -15.93 95.20 -62.12
CA MET T 14 -16.30 96.10 -63.21
C MET T 14 -17.81 96.14 -63.38
N LEU T 15 -18.48 95.02 -63.18
CA LEU T 15 -19.95 95.02 -63.19
C LEU T 15 -20.50 95.88 -62.07
N ILE T 16 -19.90 95.82 -60.88
CA ILE T 16 -20.36 96.63 -59.77
C ILE T 16 -20.13 98.11 -60.06
N THR T 17 -19.01 98.43 -60.68
CA THR T 17 -18.72 99.82 -61.05
C THR T 17 -19.70 100.32 -62.11
N ALA T 18 -20.06 99.47 -63.06
CA ALA T 18 -21.05 99.85 -64.06
C ALA T 18 -22.40 100.09 -63.41
N ALA T 19 -22.85 99.15 -62.57
CA ALA T 19 -24.16 99.26 -61.95
C ALA T 19 -24.24 100.45 -61.00
N GLU T 20 -23.16 100.75 -60.28
CA GLU T 20 -23.15 101.91 -59.40
C GLU T 20 -23.28 103.20 -60.20
N ARG T 21 -22.75 103.20 -61.42
CA ARG T 21 -22.87 104.34 -62.32
C ARG T 21 -24.08 104.28 -63.23
N LEU T 22 -24.82 103.16 -63.23
CA LEU T 22 -26.00 103.00 -64.08
C LEU T 22 -27.29 102.88 -63.28
N ALA T 23 -27.21 102.82 -61.95
CA ALA T 23 -28.39 102.78 -61.09
C ALA T 23 -28.33 104.01 -60.21
N GLY T 24 -28.63 105.17 -60.78
CA GLY T 24 -28.67 106.42 -60.05
C GLY T 24 -30.01 106.74 -59.43
N THR T 25 -31.02 105.93 -59.71
CA THR T 25 -32.33 106.05 -59.10
C THR T 25 -32.69 104.69 -58.53
N ASP T 26 -33.93 104.55 -58.05
CA ASP T 26 -34.37 103.33 -57.39
C ASP T 26 -33.41 102.97 -56.26
N PRO T 27 -33.43 103.69 -55.14
CA PRO T 27 -32.52 103.37 -54.03
C PRO T 27 -32.54 101.90 -53.62
N ARG T 28 -33.57 101.13 -54.00
CA ARG T 28 -33.50 99.69 -53.85
C ARG T 28 -32.36 99.11 -54.68
N LEU T 29 -32.12 99.68 -55.87
CA LEU T 29 -31.00 99.22 -56.68
C LEU T 29 -29.67 99.55 -56.03
N GLN T 30 -29.54 100.75 -55.46
CA GLN T 30 -28.30 101.10 -54.77
C GLN T 30 -28.11 100.21 -53.54
N GLU T 31 -29.19 99.90 -52.83
CA GLU T 31 -29.09 99.03 -51.66
C GLU T 31 -28.70 97.61 -52.06
N MET T 32 -29.26 97.12 -53.17
CA MET T 32 -28.87 95.80 -53.66
C MET T 32 -27.42 95.78 -54.11
N VAL T 33 -26.96 96.86 -54.75
CA VAL T 33 -25.57 96.96 -55.15
C VAL T 33 -24.66 96.98 -53.92
N ALA T 34 -25.11 97.65 -52.85
CA ALA T 34 -24.32 97.67 -51.62
C ALA T 34 -24.29 96.30 -50.95
N LEU T 35 -25.43 95.60 -50.92
CA LEU T 35 -25.45 94.26 -50.36
C LEU T 35 -24.62 93.29 -51.20
N ILE T 36 -24.54 93.51 -52.51
CA ILE T 36 -23.71 92.67 -53.36
C ILE T 36 -22.24 92.96 -53.11
N LYS T 37 -21.87 94.24 -53.05
CA LYS T 37 -20.50 94.61 -52.72
C LYS T 37 -20.09 94.08 -51.36
N LYS T 38 -21.00 94.08 -50.38
CA LYS T 38 -20.73 93.43 -49.11
C LYS T 38 -20.64 91.93 -49.30
N GLU T 39 -21.55 91.35 -50.09
CA GLU T 39 -21.40 89.96 -50.47
C GLU T 39 -20.15 89.74 -51.32
N LEU T 40 -19.82 90.69 -52.20
CA LEU T 40 -18.52 90.65 -52.86
C LEU T 40 -17.38 90.76 -51.87
N GLU T 41 -17.52 91.64 -50.87
CA GLU T 41 -16.52 91.75 -49.83
C GLU T 41 -16.44 90.47 -49.01
N GLN T 42 -17.61 89.87 -48.72
CA GLN T 42 -17.62 88.64 -47.95
C GLN T 42 -16.95 87.50 -48.72
N ALA T 43 -17.17 87.43 -50.03
CA ALA T 43 -16.52 86.40 -50.83
C ALA T 43 -15.03 86.66 -50.96
N GLU T 44 -14.63 87.92 -51.16
CA GLU T 44 -13.21 88.25 -51.24
C GLU T 44 -12.50 87.96 -49.93
N ARG T 45 -13.18 88.16 -48.80
CA ARG T 45 -12.63 87.75 -47.51
C ARG T 45 -12.53 86.23 -47.43
N THR T 46 -13.59 85.52 -47.85
CA THR T 46 -13.52 84.07 -47.95
C THR T 46 -12.53 83.64 -49.03
N PHE T 47 -12.37 84.44 -50.09
CA PHE T 47 -11.29 84.19 -51.03
C PHE T 47 -9.94 84.45 -50.40
N ARG T 48 -9.88 85.41 -49.48
CA ARG T 48 -8.68 85.61 -48.68
C ARG T 48 -8.62 84.65 -47.50
N ASN T 49 -9.75 84.07 -47.11
CA ASN T 49 -9.77 83.07 -46.04
C ASN T 49 -9.62 81.68 -46.65
N GLY T 50 -9.67 80.65 -45.81
CA GLY T 50 -9.57 79.29 -46.27
C GLY T 50 -10.87 78.76 -46.84
N ASP T 51 -11.90 79.62 -46.84
CA ASP T 51 -13.22 79.27 -47.38
C ASP T 51 -13.20 79.62 -48.87
N LYS T 52 -12.37 78.90 -49.63
CA LYS T 52 -12.21 79.16 -51.05
C LYS T 52 -13.40 78.63 -51.86
N SER T 53 -13.93 77.47 -51.49
CA SER T 53 -15.13 76.98 -52.18
C SER T 53 -16.34 77.82 -51.81
N GLU T 54 -16.47 78.21 -50.55
CA GLU T 54 -17.53 79.14 -50.15
C GLU T 54 -17.33 80.49 -50.84
N ALA T 55 -16.08 80.92 -50.98
CA ALA T 55 -15.80 82.15 -51.72
C ALA T 55 -16.27 82.03 -53.16
N GLN T 56 -15.97 80.89 -53.81
CA GLN T 56 -16.39 80.71 -55.20
C GLN T 56 -17.90 80.68 -55.31
N ARG T 57 -18.58 80.02 -54.37
CA ARG T 57 -20.04 79.96 -54.42
C ARG T 57 -20.66 81.35 -54.22
N GLN T 58 -20.18 82.09 -53.22
CA GLN T 58 -20.69 83.43 -52.98
C GLN T 58 -20.37 84.36 -54.14
N LEU T 59 -19.21 84.19 -54.76
CA LEU T 59 -18.85 85.02 -55.89
C LEU T 59 -19.70 84.69 -57.10
N GLU T 60 -20.01 83.41 -57.31
CA GLU T 60 -20.89 83.04 -58.40
C GLU T 60 -22.30 83.58 -58.19
N PHE T 61 -22.78 83.51 -56.95
CA PHE T 61 -24.09 84.09 -56.65
C PHE T 61 -24.08 85.60 -56.87
N VAL T 62 -23.04 86.28 -56.38
CA VAL T 62 -22.96 87.72 -56.50
C VAL T 62 -22.73 88.14 -57.94
N LEU T 63 -22.17 87.25 -58.76
CA LEU T 63 -22.00 87.56 -60.17
C LEU T 63 -23.35 87.63 -60.87
N THR T 64 -24.21 86.62 -60.65
CA THR T 64 -25.56 86.68 -61.16
C THR T 64 -26.32 87.85 -60.55
N ALA T 65 -26.05 88.16 -59.28
CA ALA T 65 -26.70 89.28 -58.64
C ALA T 65 -26.34 90.59 -59.32
N ALA T 66 -25.06 90.80 -59.59
CA ALA T 66 -24.60 92.01 -60.26
C ALA T 66 -25.10 92.06 -61.70
N ARG T 67 -25.18 90.91 -62.35
CA ARG T 67 -25.70 90.87 -63.71
C ARG T 67 -27.17 91.29 -63.74
N ALA T 68 -27.98 90.71 -62.85
CA ALA T 68 -29.38 91.08 -62.79
C ALA T 68 -29.56 92.52 -62.33
N VAL T 69 -28.63 93.00 -61.49
CA VAL T 69 -28.72 94.38 -61.02
C VAL T 69 -28.40 95.34 -62.16
N MET T 70 -27.43 95.00 -62.99
CA MET T 70 -27.17 95.78 -64.18
C MET T 70 -28.34 95.73 -65.14
N ASN T 71 -28.98 94.57 -65.25
CA ASN T 71 -30.20 94.47 -66.06
C ASN T 71 -31.28 95.39 -65.54
N VAL T 72 -31.45 95.44 -64.22
CA VAL T 72 -32.48 96.29 -63.62
C VAL T 72 -32.13 97.76 -63.80
N ALA T 73 -30.84 98.10 -63.68
CA ALA T 73 -30.44 99.49 -63.84
C ALA T 73 -30.63 99.94 -65.28
N ALA T 74 -30.25 99.09 -66.25
CA ALA T 74 -30.47 99.42 -67.65
C ALA T 74 -31.96 99.48 -67.98
N ALA T 75 -32.76 98.64 -67.32
CA ALA T 75 -34.20 98.73 -67.50
C ALA T 75 -34.74 100.05 -66.98
N ALA T 76 -34.35 100.43 -65.76
CA ALA T 76 -34.78 101.71 -65.19
C ALA T 76 -34.34 102.87 -66.07
N ASN T 77 -33.15 102.77 -66.66
CA ASN T 77 -32.70 103.79 -67.61
C ASN T 77 -33.47 103.73 -68.92
N ALA T 78 -34.04 102.58 -69.26
CA ALA T 78 -34.76 102.40 -70.51
C ALA T 78 -36.27 102.29 -70.30
N ALA T 79 -36.74 102.37 -69.06
CA ALA T 79 -38.17 102.29 -68.77
C ALA T 79 -38.55 103.33 -67.73
N GLY T 80 -38.02 104.54 -67.90
CA GLY T 80 -38.39 105.64 -67.02
C GLY T 80 -39.78 106.20 -67.25
N THR T 81 -40.54 105.64 -68.19
CA THR T 81 -41.86 106.15 -68.52
C THR T 81 -42.95 105.10 -68.53
N ASP T 82 -42.62 103.84 -68.26
CA ASP T 82 -43.62 102.77 -68.26
C ASP T 82 -43.98 102.41 -66.83
N PRO T 83 -45.20 102.71 -66.39
CA PRO T 83 -45.55 102.39 -64.99
C PRO T 83 -45.55 100.90 -64.72
N LEU T 84 -46.04 100.09 -65.66
CA LEU T 84 -45.99 98.64 -65.48
C LEU T 84 -44.56 98.15 -65.39
N LEU T 85 -43.66 98.74 -66.17
CA LEU T 85 -42.25 98.36 -66.11
C LEU T 85 -41.63 98.76 -64.78
N LYS T 86 -41.93 99.97 -64.29
CA LYS T 86 -41.40 100.37 -62.99
C LYS T 86 -41.96 99.50 -61.88
N ALA T 87 -43.22 99.09 -62.01
CA ALA T 87 -43.83 98.23 -61.01
C ALA T 87 -43.17 96.85 -61.02
N MET T 88 -43.00 96.26 -62.19
CA MET T 88 -42.32 94.98 -62.28
C MET T 88 -40.86 95.10 -61.85
N VAL T 89 -40.27 96.28 -62.03
CA VAL T 89 -38.88 96.50 -61.63
C VAL T 89 -38.78 96.54 -60.11
N ASP T 90 -39.68 97.26 -59.46
CA ASP T 90 -39.69 97.26 -58.00
C ASP T 90 -40.03 95.87 -57.47
N ALA T 91 -40.88 95.13 -58.18
CA ALA T 91 -41.21 93.77 -57.76
C ALA T 91 -39.99 92.87 -57.87
N ILE T 92 -39.23 93.00 -58.97
CA ILE T 92 -38.01 92.22 -59.11
C ILE T 92 -36.97 92.67 -58.10
N LEU T 93 -37.00 93.94 -57.71
CA LEU T 93 -36.09 94.43 -56.68
C LEU T 93 -36.43 93.81 -55.33
N TRP T 94 -37.72 93.71 -55.01
CA TRP T 94 -38.12 93.07 -53.76
C TRP T 94 -37.81 91.58 -53.80
N ARG T 95 -38.06 90.93 -54.94
CA ARG T 95 -37.73 89.51 -55.09
C ARG T 95 -36.23 89.29 -54.99
N LEU T 96 -35.45 90.25 -55.48
CA LEU T 96 -33.99 90.16 -55.41
C LEU T 96 -33.50 90.37 -53.98
N LYS T 97 -34.11 91.29 -53.25
CA LYS T 97 -33.79 91.43 -51.83
C LYS T 97 -34.14 90.16 -51.07
N GLU T 98 -35.28 89.56 -51.39
CA GLU T 98 -35.67 88.31 -50.75
C GLU T 98 -34.70 87.19 -51.08
N ALA T 99 -34.31 87.07 -52.35
CA ALA T 99 -33.37 86.03 -52.73
C ALA T 99 -31.99 86.30 -52.15
N ILE T 100 -31.64 87.57 -51.95
CA ILE T 100 -30.36 87.92 -51.34
C ILE T 100 -30.37 87.56 -49.86
N ARG T 101 -31.48 87.80 -49.18
CA ARG T 101 -31.60 87.37 -47.80
C ARG T 101 -31.61 85.84 -47.71
N THR T 102 -32.21 85.16 -48.68
CA THR T 102 -32.23 83.71 -48.67
C THR T 102 -30.85 83.14 -48.88
N PHE T 103 -30.12 83.63 -49.89
CA PHE T 103 -28.75 83.20 -50.11
C PHE T 103 -27.86 83.55 -48.91
N GLN T 104 -28.07 84.73 -48.32
CA GLN T 104 -27.36 85.07 -47.10
C GLN T 104 -27.72 84.12 -45.97
N ASN T 105 -28.93 83.58 -45.99
CA ASN T 105 -29.32 82.50 -45.10
C ASN T 105 -28.86 81.14 -45.59
N GLY T 106 -28.01 81.10 -46.61
CA GLY T 106 -27.59 79.84 -47.19
C GLY T 106 -28.63 79.18 -48.06
N ASP T 107 -29.73 79.88 -48.35
CA ASP T 107 -30.79 79.34 -49.19
C ASP T 107 -30.74 79.95 -50.58
N GLU T 109 -28.99 77.50 -51.55
CA GLU T 109 -29.98 76.49 -51.89
C GLU T 109 -30.98 77.01 -52.92
N GLU T 110 -32.11 77.52 -52.44
CA GLU T 110 -33.11 78.10 -53.31
C GLU T 110 -32.74 79.50 -53.77
N ALA T 111 -31.50 79.92 -53.55
CA ALA T 111 -31.03 81.21 -54.07
C ALA T 111 -31.04 81.21 -55.59
N GLU T 112 -30.22 80.36 -56.21
CA GLU T 112 -30.28 80.19 -57.66
C GLU T 112 -31.42 79.25 -58.03
N THR T 113 -32.62 79.60 -57.57
CA THR T 113 -33.87 79.00 -57.98
C THR T 113 -34.86 80.03 -58.48
N GLN T 114 -35.29 80.94 -57.62
CA GLN T 114 -36.02 82.12 -58.07
C GLN T 114 -35.12 83.12 -58.73
N LEU T 115 -33.96 83.41 -58.14
CA LEU T 115 -32.99 84.28 -58.77
C LEU T 115 -32.47 83.66 -60.05
N ARG T 116 -32.42 82.32 -60.12
CA ARG T 116 -32.15 81.65 -61.39
C ARG T 116 -33.14 82.12 -62.45
N PHE T 117 -34.41 82.23 -62.08
CA PHE T 117 -35.38 82.83 -62.98
C PHE T 117 -35.39 84.35 -62.86
N VAL T 118 -35.15 84.88 -61.65
CA VAL T 118 -35.12 86.33 -61.49
C VAL T 118 -33.95 86.93 -62.26
N LEU T 119 -32.90 86.16 -62.49
CA LEU T 119 -31.88 86.62 -63.43
C LEU T 119 -32.45 86.71 -64.83
N ARG T 120 -33.12 85.65 -65.30
CA ARG T 120 -33.79 85.71 -66.58
C ARG T 120 -34.93 86.72 -66.55
N ALA T 121 -35.55 86.90 -65.39
CA ALA T 121 -36.59 87.91 -65.27
C ALA T 121 -36.03 89.30 -65.50
N ALA T 122 -34.91 89.64 -64.86
CA ALA T 122 -34.28 90.93 -65.09
C ALA T 122 -33.78 91.04 -66.52
N ILE T 123 -33.36 89.92 -67.10
CA ILE T 123 -32.95 89.92 -68.51
C ILE T 123 -34.11 90.35 -69.39
N ALA T 124 -35.23 89.65 -69.31
CA ALA T 124 -36.38 89.98 -70.14
C ALA T 124 -36.93 91.36 -69.78
N VAL T 125 -36.75 91.79 -68.54
CA VAL T 125 -37.24 93.10 -68.12
C VAL T 125 -36.45 94.20 -68.78
N ALA T 126 -35.12 94.11 -68.72
CA ALA T 126 -34.29 95.06 -69.44
C ALA T 126 -34.54 94.96 -70.94
N VAL T 127 -34.87 93.76 -71.42
CA VAL T 127 -35.16 93.58 -72.84
C VAL T 127 -36.39 94.39 -73.24
N VAL T 128 -37.48 94.25 -72.49
CA VAL T 128 -38.69 95.00 -72.80
C VAL T 128 -38.45 96.50 -72.58
N ALA T 129 -37.64 96.85 -71.58
CA ALA T 129 -37.34 98.25 -71.34
C ALA T 129 -36.59 98.87 -72.51
N ALA T 130 -35.61 98.14 -73.06
CA ALA T 130 -34.91 98.63 -74.22
C ALA T 130 -35.83 98.68 -75.44
N ALA T 131 -36.72 97.69 -75.55
CA ALA T 131 -37.68 97.70 -76.65
C ALA T 131 -38.57 98.93 -76.59
N LEU T 132 -38.90 99.37 -75.37
CA LEU T 132 -39.73 100.57 -75.23
C LEU T 132 -38.92 101.84 -75.40
N VAL T 133 -37.67 101.85 -74.95
CA VAL T 133 -36.87 103.06 -75.02
C VAL T 133 -36.38 103.33 -76.43
N LEU T 134 -35.96 102.30 -77.16
CA LEU T 134 -35.58 102.44 -78.55
C LEU T 134 -36.76 102.50 -79.49
N ALA T 135 -37.98 102.50 -78.95
CA ALA T 135 -39.18 102.69 -79.74
C ALA T 135 -39.35 104.18 -80.04
N GLY T 136 -40.39 104.52 -80.78
CA GLY T 136 -40.64 105.90 -81.18
C GLY T 136 -42.11 106.15 -81.27
N THR T 137 -42.54 106.75 -82.38
CA THR T 137 -43.96 107.03 -82.58
C THR T 137 -44.75 105.73 -82.68
N ASP T 138 -44.45 104.92 -83.68
CA ASP T 138 -45.20 103.68 -83.91
C ASP T 138 -44.51 102.51 -83.24
N PRO T 139 -44.91 102.15 -82.02
CA PRO T 139 -44.41 100.91 -81.42
C PRO T 139 -44.85 99.70 -82.21
N GLU T 140 -46.15 99.64 -82.53
CA GLU T 140 -46.78 98.62 -83.36
C GLU T 140 -46.72 97.23 -82.73
N LEU T 141 -45.90 97.01 -81.71
CA LEU T 141 -45.95 95.76 -80.96
C LEU T 141 -45.74 95.98 -79.47
N GLN T 142 -45.66 97.23 -79.01
CA GLN T 142 -45.58 97.46 -77.57
C GLN T 142 -46.76 96.87 -76.83
N GLU T 143 -47.93 96.83 -77.48
CA GLU T 143 -49.03 96.05 -76.92
C GLU T 143 -48.65 94.58 -76.81
N MET T 144 -48.20 93.99 -77.91
CA MET T 144 -47.62 92.65 -77.85
C MET T 144 -46.48 92.61 -76.83
N VAL T 145 -45.59 93.60 -76.87
CA VAL T 145 -44.54 93.72 -75.86
C VAL T 145 -45.15 93.85 -74.48
N GLU T 146 -46.26 94.58 -74.35
CA GLU T 146 -46.98 94.58 -73.08
C GLU T 146 -47.61 93.22 -72.83
N GLN T 147 -48.19 92.62 -73.86
CA GLN T 147 -48.65 91.25 -73.76
C GLN T 147 -47.51 90.34 -73.33
N ILE T 148 -46.36 90.44 -74.02
CA ILE T 148 -45.15 89.78 -73.56
C ILE T 148 -44.85 90.19 -72.12
N LYS T 149 -44.92 91.50 -71.83
CA LYS T 149 -44.80 91.95 -70.45
C LYS T 149 -45.83 91.27 -69.56
N ASP T 150 -47.08 91.22 -70.04
CA ASP T 150 -48.07 90.39 -69.38
C ASP T 150 -47.60 88.95 -69.30
N LEU T 151 -47.18 88.39 -70.44
CA LEU T 151 -46.54 87.09 -70.42
C LEU T 151 -45.33 87.07 -69.50
N LEU T 152 -44.61 88.20 -69.40
CA LEU T 152 -43.56 88.32 -68.40
C LEU T 152 -44.15 88.37 -67.00
N ILE T 153 -45.18 89.20 -66.81
CA ILE T 153 -45.93 89.14 -65.56
C ILE T 153 -46.46 87.74 -65.34
N SER T 154 -47.02 87.13 -66.40
CA SER T 154 -47.37 85.72 -66.34
C SER T 154 -46.16 84.87 -66.04
N ALA T 155 -45.02 85.16 -66.68
CA ALA T 155 -43.78 84.51 -66.29
C ALA T 155 -43.44 84.84 -64.85
N PHE T 156 -43.67 86.10 -64.44
CA PHE T 156 -43.53 86.46 -63.03
C PHE T 156 -44.43 85.61 -62.17
N MET T 157 -45.57 85.17 -62.71
CA MET T 157 -46.37 84.15 -62.03
C MET T 157 -45.94 82.74 -62.41
N ALA T 158 -45.42 82.54 -63.62
CA ALA T 158 -44.99 81.21 -64.08
C ALA T 158 -43.61 80.86 -63.53
N GLY T 159 -43.12 81.61 -62.56
CA GLY T 159 -41.88 81.31 -61.88
C GLY T 159 -42.15 80.70 -60.52
N GLU T 165 -42.30 78.07 -62.31
CA GLU T 165 -41.59 76.99 -62.98
C GLU T 165 -41.88 76.99 -64.48
N LYS T 166 -43.05 77.48 -64.85
CA LYS T 166 -43.48 77.52 -66.24
C LYS T 166 -42.91 78.70 -67.01
N ALA T 167 -41.73 79.18 -66.62
CA ALA T 167 -41.15 80.35 -67.27
C ALA T 167 -39.69 80.18 -67.64
N LEU T 168 -39.07 79.04 -67.35
CA LEU T 168 -37.66 78.86 -67.67
C LEU T 168 -37.40 78.99 -69.17
N THR T 169 -38.10 78.21 -69.98
CA THR T 169 -38.00 78.38 -71.43
C THR T 169 -38.84 79.55 -71.89
N GLN T 170 -39.89 79.90 -71.14
CA GLN T 170 -40.73 81.03 -71.52
C GLN T 170 -39.97 82.34 -71.39
N LEU T 171 -39.14 82.49 -70.36
CA LEU T 171 -38.31 83.69 -70.25
C LEU T 171 -37.33 83.79 -71.41
N LEU T 172 -36.73 82.66 -71.80
CA LEU T 172 -35.83 82.66 -72.94
C LEU T 172 -36.57 83.03 -74.22
N PHE T 173 -37.77 82.49 -74.40
CA PHE T 173 -38.56 82.81 -75.58
C PHE T 173 -38.95 84.29 -75.61
N VAL T 174 -39.30 84.84 -74.45
CA VAL T 174 -39.66 86.25 -74.37
C VAL T 174 -38.45 87.12 -74.68
N ALA T 175 -37.29 86.74 -74.17
CA ALA T 175 -36.08 87.48 -74.47
C ALA T 175 -35.72 87.41 -75.94
N TRP T 176 -35.93 86.24 -76.56
CA TRP T 176 -35.62 86.11 -77.98
C TRP T 176 -36.60 86.91 -78.83
N ALA T 177 -37.87 86.95 -78.43
CA ALA T 177 -38.83 87.77 -79.14
C ALA T 177 -38.53 89.25 -78.97
N ALA T 178 -38.09 89.66 -77.78
CA ALA T 178 -37.66 91.04 -77.60
C ALA T 178 -36.44 91.35 -78.44
N HIS T 179 -35.53 90.39 -78.57
CA HIS T 179 -34.34 90.60 -79.41
C HIS T 179 -34.72 90.75 -80.87
N ALA T 180 -35.66 89.94 -81.34
CA ALA T 180 -36.18 90.14 -82.69
C ALA T 180 -36.91 91.47 -82.80
N VAL T 181 -37.52 91.92 -81.71
CA VAL T 181 -38.15 93.24 -81.70
C VAL T 181 -37.10 94.34 -81.52
N ALA T 182 -36.15 94.12 -80.60
CA ALA T 182 -35.13 95.14 -80.37
C ALA T 182 -34.22 95.32 -81.57
N MET T 183 -33.97 94.24 -82.31
CA MET T 183 -33.26 94.39 -83.57
C MET T 183 -34.08 95.21 -84.56
N ILE T 184 -35.37 94.89 -84.69
CA ILE T 184 -36.24 95.65 -85.58
C ILE T 184 -36.40 97.08 -85.07
N ALA T 185 -36.46 97.26 -83.75
CA ALA T 185 -36.60 98.60 -83.18
C ALA T 185 -35.36 99.44 -83.48
N ALA T 186 -34.17 98.86 -83.32
CA ALA T 186 -32.95 99.61 -83.61
C ALA T 186 -32.81 99.86 -85.11
N ALA T 187 -33.30 98.93 -85.92
CA ALA T 187 -33.25 99.13 -87.37
C ALA T 187 -34.16 100.28 -87.79
N ALA T 188 -35.38 100.32 -87.27
CA ALA T 188 -36.29 101.41 -87.59
C ALA T 188 -35.84 102.71 -86.96
N ASN T 189 -35.07 102.64 -85.87
CA ASN T 189 -34.61 103.86 -85.20
C ASN T 189 -33.64 104.64 -86.05
N LEU T 190 -32.65 103.97 -86.64
CA LEU T 190 -31.69 104.61 -87.53
C LEU T 190 -32.19 104.69 -88.96
N ALA T 191 -33.45 104.34 -89.21
CA ALA T 191 -34.05 104.41 -90.52
C ALA T 191 -34.96 105.63 -90.61
N GLY T 192 -35.02 106.20 -91.81
CA GLY T 192 -35.87 107.37 -92.05
C GLY T 192 -37.11 107.02 -92.84
N PRO T 195 -36.42 103.24 -96.40
CA PRO T 195 -37.25 102.32 -95.61
C PRO T 195 -36.93 100.87 -95.90
N ARG T 196 -35.77 100.62 -96.51
CA ARG T 196 -35.36 99.24 -96.79
C ARG T 196 -35.18 98.45 -95.49
N LEU T 197 -34.58 99.07 -94.48
CA LEU T 197 -34.46 98.43 -93.18
C LEU T 197 -35.82 98.17 -92.55
N GLN T 198 -36.76 99.09 -92.74
CA GLN T 198 -38.10 98.90 -92.20
C GLN T 198 -38.82 97.76 -92.89
N GLN T 199 -38.65 97.65 -94.21
CA GLN T 199 -39.28 96.55 -94.94
C GLN T 199 -38.63 95.21 -94.62
N GLN T 200 -37.32 95.20 -94.40
CA GLN T 200 -36.64 93.97 -94.02
C GLN T 200 -37.04 93.53 -92.62
N VAL T 201 -37.20 94.49 -91.70
CA VAL T 201 -37.68 94.17 -90.36
C VAL T 201 -39.16 93.85 -90.31
N LYS T 202 -39.92 94.28 -91.32
CA LYS T 202 -41.35 93.97 -91.34
C LYS T 202 -41.59 92.50 -91.68
N GLU T 203 -40.62 91.85 -92.33
CA GLU T 203 -40.74 90.43 -92.64
C GLU T 203 -40.23 89.55 -91.52
N ILE T 204 -39.20 89.98 -90.79
CA ILE T 204 -38.77 89.24 -89.61
C ILE T 204 -39.76 89.42 -88.47
N LEU T 205 -40.35 90.62 -88.37
CA LEU T 205 -41.39 90.83 -87.36
C LEU T 205 -42.63 90.02 -87.68
N GLU T 206 -42.89 89.75 -88.97
CA GLU T 206 -44.02 88.91 -89.32
C GLU T 206 -43.86 87.50 -88.77
N LYS T 207 -42.70 86.87 -89.02
CA LYS T 207 -42.44 85.54 -88.47
C LYS T 207 -42.36 85.59 -86.96
N LEU T 208 -41.88 86.70 -86.39
CA LEU T 208 -41.83 86.84 -84.94
C LEU T 208 -43.23 86.83 -84.34
N LYS T 209 -44.15 87.60 -84.91
CA LYS T 209 -45.53 87.61 -84.41
C LYS T 209 -46.21 86.29 -84.65
N GLU T 210 -45.90 85.63 -85.78
CA GLU T 210 -46.47 84.31 -86.04
C GLU T 210 -46.02 83.31 -84.99
N ALA T 211 -44.73 83.32 -84.64
CA ALA T 211 -44.24 82.42 -83.60
C ALA T 211 -44.78 82.80 -82.23
N ILE T 212 -44.96 84.10 -81.97
CA ILE T 212 -45.50 84.54 -80.69
C ILE T 212 -46.92 84.04 -80.52
N GLU T 213 -47.73 84.16 -81.57
CA GLU T 213 -49.05 83.54 -81.56
C GLU T 213 -48.94 82.03 -81.40
N THR T 214 -47.94 81.42 -82.05
CA THR T 214 -47.69 80.00 -81.83
C THR T 214 -47.15 79.73 -80.44
N PHE T 215 -46.25 80.59 -79.94
CA PHE T 215 -45.80 80.48 -78.56
C PHE T 215 -46.93 80.74 -77.58
N GLN T 216 -47.90 81.56 -77.96
CA GLN T 216 -49.14 81.71 -77.21
C GLN T 216 -50.16 80.65 -77.59
N LYS T 217 -49.80 79.74 -78.50
CA LYS T 217 -50.63 78.60 -78.85
C LYS T 217 -50.09 77.31 -78.23
N GLY T 218 -49.23 77.42 -77.23
CA GLY T 218 -48.70 76.27 -76.54
C GLY T 218 -47.64 75.54 -77.34
N ASP T 219 -47.00 76.24 -78.28
CA ASP T 219 -45.94 75.66 -79.08
C ASP T 219 -44.61 76.03 -78.46
N GLU T 220 -43.89 75.04 -77.95
CA GLU T 220 -42.68 75.26 -77.18
C GLU T 220 -41.42 75.13 -78.01
N GLU T 221 -41.32 74.10 -78.86
CA GLU T 221 -40.15 73.95 -79.70
C GLU T 221 -40.32 74.66 -81.04
N GLN T 222 -41.48 74.48 -81.69
CA GLN T 222 -41.68 75.07 -83.02
C GLN T 222 -41.72 76.58 -82.96
N ALA T 223 -42.46 77.16 -82.00
CA ALA T 223 -42.54 78.61 -81.91
C ALA T 223 -41.23 79.22 -81.46
N PHE T 224 -40.52 78.55 -80.54
CA PHE T 224 -39.20 79.05 -80.15
C PHE T 224 -38.24 79.04 -81.32
N ARG T 225 -38.29 77.97 -82.13
CA ARG T 225 -37.43 77.89 -83.31
C ARG T 225 -37.77 78.98 -84.32
N GLN T 226 -39.07 79.20 -84.56
CA GLN T 226 -39.48 80.23 -85.51
C GLN T 226 -39.08 81.61 -85.04
N LEU T 227 -39.24 81.90 -83.75
CA LEU T 227 -38.84 83.21 -83.22
C LEU T 227 -37.33 83.38 -83.27
N ALA T 228 -36.58 82.32 -82.98
CA ALA T 228 -35.12 82.40 -83.03
C ALA T 228 -34.64 82.62 -84.46
N GLU T 229 -35.28 81.96 -85.43
CA GLU T 229 -34.90 82.15 -86.82
C GLU T 229 -35.28 83.54 -87.30
N VAL T 230 -36.43 84.06 -86.85
CA VAL T 230 -36.82 85.42 -87.20
C VAL T 230 -35.83 86.43 -86.61
N LEU T 231 -35.41 86.20 -85.37
CA LEU T 231 -34.40 87.07 -84.76
C LEU T 231 -33.07 86.98 -85.50
N ALA T 232 -32.68 85.79 -85.94
CA ALA T 232 -31.43 85.64 -86.68
C ALA T 232 -31.49 86.35 -88.02
N GLU T 233 -32.60 86.21 -88.74
CA GLU T 233 -32.76 86.91 -90.00
C GLU T 233 -32.80 88.41 -89.80
N ALA T 234 -33.43 88.86 -88.71
CA ALA T 234 -33.45 90.28 -88.39
C ALA T 234 -32.05 90.80 -88.11
N ALA T 235 -31.25 90.02 -87.37
CA ALA T 235 -29.88 90.43 -87.10
C ALA T 235 -29.04 90.42 -88.37
N LEU T 236 -29.32 89.50 -89.30
CA LEU T 236 -28.61 89.50 -90.56
C LEU T 236 -28.97 90.71 -91.42
N VAL T 237 -30.24 91.11 -91.41
CA VAL T 237 -30.63 92.30 -92.15
C VAL T 237 -30.13 93.56 -91.46
N ALA T 238 -29.96 93.51 -90.14
CA ALA T 238 -29.43 94.65 -89.40
C ALA T 238 -27.97 94.89 -89.74
N LEU T 239 -27.25 93.83 -90.13
CA LEU T 239 -25.87 93.99 -90.56
C LEU T 239 -25.78 94.91 -91.77
N ARG T 240 -26.75 94.84 -92.67
CA ARG T 240 -26.79 95.75 -93.82
C ARG T 240 -27.45 97.07 -93.47
N ALA T 241 -28.44 97.05 -92.57
CA ALA T 241 -29.11 98.28 -92.18
C ALA T 241 -28.19 99.22 -91.41
N ALA T 242 -27.18 98.67 -90.74
CA ALA T 242 -26.22 99.49 -90.01
C ALA T 242 -25.31 100.28 -90.94
N LEU T 243 -25.18 99.85 -92.19
CA LEU T 243 -24.42 100.59 -93.19
C LEU T 243 -25.32 101.35 -94.16
N THR T 244 -26.63 101.28 -93.97
CA THR T 244 -27.58 101.97 -94.84
C THR T 244 -27.75 103.44 -94.48
N ASN T 245 -27.10 103.92 -93.42
CA ASN T 245 -27.22 105.31 -93.01
C ASN T 245 -25.84 105.95 -92.88
N GLU U 4 94.95 -24.88 36.47
CA GLU U 4 93.80 -24.01 36.21
C GLU U 4 93.89 -22.73 37.02
N PHE U 5 92.74 -22.08 37.22
CA PHE U 5 92.68 -20.81 37.93
C PHE U 5 93.02 -20.94 39.41
N LYS U 6 92.96 -22.14 39.97
CA LYS U 6 93.47 -22.39 41.31
C LYS U 6 94.35 -23.62 41.36
N PHE U 7 94.50 -24.34 40.23
CA PHE U 7 95.39 -25.49 40.14
C PHE U 7 96.69 -25.18 39.43
N LEU U 8 96.80 -24.03 38.77
CA LEU U 8 98.08 -23.55 38.26
C LEU U 8 98.48 -22.28 38.99
N ALA U 9 97.71 -21.90 40.01
CA ALA U 9 98.04 -20.79 40.89
C ALA U 9 98.83 -21.25 42.10
N THR U 10 98.82 -22.55 42.39
CA THR U 10 99.79 -23.10 43.34
C THR U 10 101.19 -23.03 42.76
N GLU U 11 101.31 -23.22 41.44
CA GLU U 11 102.58 -22.95 40.77
C GLU U 11 102.92 -21.47 40.86
N ALA U 12 101.93 -20.59 40.70
CA ALA U 12 102.16 -19.17 40.92
C ALA U 12 102.53 -18.89 42.38
N LYS U 13 101.99 -19.68 43.31
CA LYS U 13 102.33 -19.54 44.71
C LYS U 13 103.77 -19.95 44.99
N MET U 14 104.24 -21.04 44.38
CA MET U 14 105.65 -21.39 44.48
C MET U 14 106.52 -20.32 43.82
N LEU U 15 106.03 -19.75 42.71
CA LEU U 15 106.75 -18.64 42.09
C LEU U 15 106.80 -17.43 43.02
N ILE U 16 105.70 -17.16 43.73
CA ILE U 16 105.69 -16.03 44.67
C ILE U 16 106.64 -16.29 45.82
N THR U 17 106.70 -17.54 46.29
CA THR U 17 107.62 -17.89 47.37
C THR U 17 109.07 -17.77 46.92
N ALA U 18 109.36 -18.16 45.67
CA ALA U 18 110.70 -17.99 45.14
C ALA U 18 111.07 -16.53 45.03
N ALA U 19 110.18 -15.71 44.45
CA ALA U 19 110.48 -14.30 44.25
C ALA U 19 110.62 -13.56 45.58
N GLU U 20 109.80 -13.91 46.58
CA GLU U 20 109.92 -13.28 47.89
C GLU U 20 111.25 -13.61 48.53
N ARG U 21 111.81 -14.78 48.23
CA ARG U 21 113.11 -15.18 48.72
C ARG U 21 114.24 -14.82 47.77
N LEU U 22 113.93 -14.34 46.56
CA LEU U 22 114.95 -13.98 45.58
C LEU U 22 114.98 -12.48 45.29
N ALA U 23 114.06 -11.71 45.83
CA ALA U 23 114.03 -10.26 45.67
C ALA U 23 114.16 -9.65 47.06
N GLY U 24 115.37 -9.71 47.62
CA GLY U 24 115.64 -9.14 48.92
C GLY U 24 116.07 -7.68 48.88
N THR U 25 116.26 -7.13 47.68
CA THR U 25 116.57 -5.73 47.48
C THR U 25 115.56 -5.19 46.48
N ASP U 26 115.76 -3.94 46.06
CA ASP U 26 114.83 -3.26 45.18
C ASP U 26 113.42 -3.32 45.76
N PRO U 27 113.14 -2.55 46.81
CA PRO U 27 111.79 -2.56 47.40
C PRO U 27 110.66 -2.39 46.38
N ARG U 28 110.94 -1.89 45.18
CA ARG U 28 109.96 -1.95 44.12
C ARG U 28 109.61 -3.39 43.78
N LEU U 29 110.59 -4.29 43.84
CA LEU U 29 110.32 -5.70 43.59
C LEU U 29 109.45 -6.30 44.69
N GLN U 30 109.73 -5.95 45.94
CA GLN U 30 108.90 -6.43 47.04
C GLN U 30 107.48 -5.87 46.92
N GLU U 31 107.36 -4.61 46.52
CA GLU U 31 106.03 -4.01 46.36
C GLU U 31 105.27 -4.65 45.21
N MET U 32 105.96 -4.98 44.11
CA MET U 32 105.31 -5.66 43.01
C MET U 32 104.90 -7.07 43.42
N VAL U 33 105.74 -7.75 44.21
CA VAL U 33 105.38 -9.07 44.71
C VAL U 33 104.16 -8.99 45.61
N ALA U 34 104.08 -7.94 46.42
CA ALA U 34 102.92 -7.75 47.29
C ALA U 34 101.66 -7.45 46.48
N LEU U 35 101.78 -6.60 45.45
CA LEU U 35 100.63 -6.32 44.60
C LEU U 35 100.20 -7.56 43.83
N ILE U 36 101.15 -8.43 43.49
CA ILE U 36 100.80 -9.66 42.79
C ILE U 36 100.10 -10.63 43.74
N LYS U 37 100.64 -10.79 44.96
CA LYS U 37 99.99 -11.61 45.96
C LYS U 37 98.60 -11.10 46.30
N LYS U 38 98.41 -9.78 46.33
CA LYS U 38 97.07 -9.23 46.45
C LYS U 38 96.25 -9.52 45.20
N GLU U 39 96.86 -9.36 44.03
CA GLU U 39 96.21 -9.81 42.81
C GLU U 39 96.04 -11.33 42.80
N LEU U 40 97.00 -12.07 43.33
CA LEU U 40 96.79 -13.50 43.54
C LEU U 40 95.67 -13.73 44.54
N GLU U 41 95.61 -12.94 45.61
CA GLU U 41 94.52 -13.04 46.57
C GLU U 41 93.19 -12.67 45.92
N GLN U 42 93.20 -11.63 45.08
CA GLN U 42 91.98 -11.22 44.39
C GLN U 42 91.48 -12.30 43.45
N ALA U 43 92.39 -12.96 42.74
CA ALA U 43 92.00 -14.05 41.85
C ALA U 43 91.52 -15.26 42.62
N GLU U 44 92.21 -15.61 43.72
CA GLU U 44 91.77 -16.72 44.55
C GLU U 44 90.40 -16.46 45.16
N ARG U 45 90.12 -15.21 45.52
CA ARG U 45 88.78 -14.85 45.96
C ARG U 45 87.79 -14.98 44.82
N THR U 46 88.15 -14.47 43.64
CA THR U 46 87.32 -14.70 42.46
C THR U 46 87.28 -16.16 42.07
N PHE U 47 88.37 -16.90 42.33
CA PHE U 47 88.32 -18.35 42.17
C PHE U 47 87.41 -18.98 43.21
N ARG U 48 87.35 -18.38 44.40
CA ARG U 48 86.37 -18.78 45.40
C ARG U 48 85.01 -18.15 45.16
N ASN U 49 84.96 -17.07 44.39
CA ASN U 49 83.70 -16.45 44.03
C ASN U 49 83.18 -17.04 42.72
N GLY U 50 82.06 -16.54 42.23
CA GLY U 50 81.50 -17.00 40.98
C GLY U 50 82.19 -16.39 39.77
N ASP U 51 83.19 -15.55 40.03
CA ASP U 51 83.96 -14.90 38.98
C ASP U 51 85.12 -15.83 38.63
N LYS U 52 84.79 -17.00 38.08
CA LYS U 52 85.79 -18.01 37.75
C LYS U 52 86.57 -17.64 36.49
N SER U 53 85.90 -17.07 35.48
CA SER U 53 86.62 -16.61 34.29
C SER U 53 87.47 -15.39 34.61
N GLU U 54 86.93 -14.46 35.41
CA GLU U 54 87.74 -13.34 35.87
C GLU U 54 88.89 -13.82 36.76
N ALA U 55 88.64 -14.86 37.57
CA ALA U 55 89.72 -15.45 38.35
C ALA U 55 90.80 -16.02 37.46
N GLN U 56 90.41 -16.73 36.40
CA GLN U 56 91.39 -17.30 35.48
C GLN U 56 92.18 -16.21 34.78
N ARG U 57 91.50 -15.14 34.35
CA ARG U 57 92.20 -14.04 33.69
C ARG U 57 93.18 -13.35 34.62
N GLN U 58 92.75 -13.03 35.84
CA GLN U 58 93.63 -12.39 36.80
C GLN U 58 94.79 -13.30 37.19
N LEU U 59 94.52 -14.61 37.28
CA LEU U 59 95.57 -15.56 37.62
C LEU U 59 96.57 -15.69 36.48
N GLU U 60 96.10 -15.67 35.24
CA GLU U 60 97.01 -15.70 34.10
C GLU U 60 97.86 -14.45 34.04
N PHE U 61 97.26 -13.29 34.30
CA PHE U 61 98.03 -12.06 34.34
C PHE U 61 99.05 -12.09 35.47
N VAL U 62 98.64 -12.53 36.66
CA VAL U 62 99.54 -12.57 37.80
C VAL U 62 100.61 -13.63 37.62
N LEU U 63 100.34 -14.65 36.79
CA LEU U 63 101.37 -15.65 36.52
C LEU U 63 102.50 -15.04 35.72
N THR U 64 102.17 -14.32 34.64
CA THR U 64 103.19 -13.59 33.91
C THR U 64 103.84 -12.54 34.78
N ALA U 65 103.08 -11.93 35.68
CA ALA U 65 103.63 -10.93 36.58
C ALA U 65 104.69 -11.55 37.49
N ALA U 66 104.36 -12.70 38.09
CA ALA U 66 105.31 -13.39 38.97
C ALA U 66 106.50 -13.91 38.19
N ARG U 67 106.28 -14.35 36.95
CA ARG U 67 107.39 -14.82 36.13
C ARG U 67 108.36 -13.68 35.83
N ALA U 68 107.83 -12.52 35.41
CA ALA U 68 108.68 -11.37 35.14
C ALA U 68 109.31 -10.85 36.41
N VAL U 69 108.62 -10.99 37.55
CA VAL U 69 109.18 -10.53 38.81
C VAL U 69 110.33 -11.43 39.24
N MET U 70 110.19 -12.74 39.01
CA MET U 70 111.31 -13.64 39.26
C MET U 70 112.46 -13.34 38.32
N ASN U 71 112.16 -12.99 37.06
CA ASN U 71 113.19 -12.58 36.13
C ASN U 71 113.93 -11.35 36.65
N VAL U 72 113.18 -10.38 37.17
CA VAL U 72 113.79 -9.15 37.67
C VAL U 72 114.61 -9.43 38.92
N ALA U 73 114.12 -10.32 39.79
CA ALA U 73 114.85 -10.65 41.00
C ALA U 73 116.14 -11.38 40.67
N ALA U 74 116.08 -12.33 39.75
CA ALA U 74 117.29 -13.04 39.32
C ALA U 74 118.25 -12.09 38.61
N ALA U 75 117.71 -11.12 37.88
CA ALA U 75 118.56 -10.11 37.26
C ALA U 75 119.27 -9.28 38.33
N ALA U 76 118.52 -8.78 39.31
CA ALA U 76 119.12 -8.00 40.39
C ALA U 76 120.15 -8.82 41.14
N ASN U 77 119.92 -10.12 41.30
CA ASN U 77 120.91 -10.98 41.92
C ASN U 77 122.09 -11.23 40.99
N ALA U 78 121.92 -11.08 39.67
CA ALA U 78 122.97 -11.32 38.70
C ALA U 78 123.48 -10.04 38.08
N ALA U 79 122.95 -8.89 38.46
CA ALA U 79 123.40 -7.60 37.92
C ALA U 79 123.54 -6.59 39.04
N GLY U 80 124.11 -7.01 40.17
CA GLY U 80 124.35 -6.10 41.26
C GLY U 80 125.50 -5.14 41.04
N THR U 81 126.14 -5.19 39.86
CA THR U 81 127.29 -4.34 39.59
C THR U 81 127.19 -3.57 38.28
N ASP U 82 126.12 -3.75 37.51
CA ASP U 82 125.97 -3.05 36.24
C ASP U 82 125.00 -1.89 36.40
N PRO U 83 125.47 -0.65 36.33
CA PRO U 83 124.54 0.47 36.50
C PRO U 83 123.49 0.56 35.42
N LEU U 84 123.86 0.27 34.17
CA LEU U 84 122.86 0.25 33.11
C LEU U 84 121.81 -0.84 33.35
N LEU U 85 122.25 -1.98 33.87
CA LEU U 85 121.32 -3.05 34.18
C LEU U 85 120.38 -2.65 35.33
N LYS U 86 120.93 -2.03 36.38
CA LYS U 86 120.07 -1.59 37.48
C LYS U 86 119.10 -0.52 37.01
N ALA U 87 119.55 0.35 36.11
CA ALA U 87 118.68 1.38 35.57
C ALA U 87 117.55 0.78 34.74
N MET U 88 117.89 -0.14 33.84
CA MET U 88 116.85 -0.80 33.06
C MET U 88 115.95 -1.64 33.96
N VAL U 89 116.48 -2.14 35.07
CA VAL U 89 115.68 -2.94 36.00
C VAL U 89 114.67 -2.05 36.71
N ASP U 90 115.12 -0.89 37.19
CA ASP U 90 114.17 0.03 37.80
C ASP U 90 113.17 0.54 36.78
N ALA U 91 113.60 0.69 35.53
CA ALA U 91 112.68 1.10 34.48
C ALA U 91 111.64 0.04 34.21
N ILE U 92 112.05 -1.22 34.16
CA ILE U 92 111.10 -2.32 34.00
C ILE U 92 110.21 -2.44 35.22
N LEU U 93 110.73 -2.09 36.40
CA LEU U 93 109.91 -2.10 37.60
C LEU U 93 108.83 -1.03 37.53
N TRP U 94 109.18 0.16 37.06
CA TRP U 94 108.20 1.22 36.89
C TRP U 94 107.19 0.85 35.81
N ARG U 95 107.66 0.27 34.70
CA ARG U 95 106.76 -0.16 33.65
C ARG U 95 105.85 -1.28 34.14
N LEU U 96 106.35 -2.12 35.03
CA LEU U 96 105.56 -3.20 35.58
C LEU U 96 104.53 -2.67 36.56
N LYS U 97 104.88 -1.67 37.37
CA LYS U 97 103.89 -1.02 38.22
C LYS U 97 102.83 -0.35 37.38
N GLU U 98 103.23 0.28 36.27
CA GLU U 98 102.25 0.90 35.37
C GLU U 98 101.33 -0.13 34.75
N ALA U 99 101.90 -1.25 34.28
CA ALA U 99 101.09 -2.29 33.67
C ALA U 99 100.20 -2.96 34.72
N ILE U 100 100.66 -3.01 35.97
CA ILE U 100 99.86 -3.59 37.04
C ILE U 100 98.69 -2.68 37.39
N ARG U 101 98.93 -1.36 37.39
CA ARG U 101 97.83 -0.42 37.58
C ARG U 101 96.87 -0.47 36.40
N THR U 102 97.39 -0.67 35.19
CA THR U 102 96.54 -0.74 34.01
C THR U 102 95.67 -1.99 34.04
N PHE U 103 96.27 -3.15 34.32
CA PHE U 103 95.49 -4.38 34.45
C PHE U 103 94.50 -4.28 35.60
N GLN U 104 94.91 -3.67 36.73
CA GLN U 104 93.97 -3.42 37.81
C GLN U 104 92.86 -2.49 37.37
N ASN U 105 93.14 -1.60 36.42
CA ASN U 105 92.11 -0.81 35.77
C ASN U 105 91.40 -1.58 34.67
N GLY U 106 91.63 -2.88 34.55
CA GLY U 106 91.05 -3.66 33.48
C GLY U 106 91.73 -3.45 32.15
N ASP U 107 92.86 -2.74 32.12
CA ASP U 107 93.59 -2.49 30.89
C ASP U 107 94.83 -3.36 30.82
N GLU U 109 93.17 -5.50 29.17
CA GLU U 109 93.26 -5.02 27.79
C GLU U 109 94.72 -4.86 27.37
N GLU U 110 95.25 -3.66 27.50
CA GLU U 110 96.65 -3.39 27.17
C GLU U 110 97.60 -3.88 28.26
N ALA U 111 97.11 -4.66 29.22
CA ALA U 111 97.98 -5.26 30.22
C ALA U 111 98.96 -6.21 29.57
N GLU U 112 98.47 -7.30 28.97
CA GLU U 112 99.33 -8.18 28.20
C GLU U 112 99.56 -7.60 26.81
N THR U 113 100.05 -6.36 26.79
CA THR U 113 100.56 -5.70 25.59
C THR U 113 101.98 -5.19 25.80
N GLN U 114 102.16 -4.24 26.71
CA GLN U 114 103.49 -3.88 27.16
C GLN U 114 104.09 -4.93 28.06
N LEU U 115 103.31 -5.42 29.03
CA LEU U 115 103.78 -6.52 29.87
C LEU U 115 103.99 -7.77 29.05
N ARG U 116 103.22 -7.95 27.97
CA ARG U 116 103.51 -9.00 27.02
C ARG U 116 104.95 -8.88 26.52
N PHE U 117 105.39 -7.67 26.22
CA PHE U 117 106.79 -7.43 25.92
C PHE U 117 107.61 -7.24 27.19
N VAL U 118 107.03 -6.64 28.23
CA VAL U 118 107.78 -6.46 29.47
C VAL U 118 108.06 -7.80 30.11
N LEU U 119 107.26 -8.82 29.84
CA LEU U 119 107.64 -10.16 30.24
C LEU U 119 108.89 -10.60 29.48
N ARG U 120 108.88 -10.45 28.15
CA ARG U 120 110.07 -10.74 27.38
C ARG U 120 111.19 -9.78 27.72
N ALA U 121 110.84 -8.55 28.10
CA ALA U 121 111.86 -7.60 28.53
C ALA U 121 112.58 -8.09 29.78
N ALA U 122 111.82 -8.51 30.78
CA ALA U 122 112.43 -9.06 31.99
C ALA U 122 113.18 -10.34 31.68
N ILE U 123 112.69 -11.11 30.72
CA ILE U 123 113.40 -12.31 30.30
C ILE U 123 114.79 -11.96 29.78
N ALA U 124 114.85 -11.08 28.78
CA ALA U 124 116.15 -10.70 28.22
C ALA U 124 116.99 -9.96 29.24
N VAL U 125 116.35 -9.28 30.19
CA VAL U 125 117.09 -8.54 31.21
C VAL U 125 117.79 -9.50 32.14
N ALA U 126 117.07 -10.49 32.65
CA ALA U 126 117.69 -11.53 33.46
C ALA U 126 118.72 -12.30 32.64
N VAL U 127 118.49 -12.41 31.33
CA VAL U 127 119.45 -13.11 30.47
C VAL U 127 120.76 -12.36 30.43
N VAL U 128 120.72 -11.05 30.18
CA VAL U 128 121.94 -10.26 30.15
C VAL U 128 122.57 -10.21 31.54
N ALA U 129 121.75 -10.18 32.58
CA ALA U 129 122.27 -10.16 33.94
C ALA U 129 123.05 -11.43 34.25
N ALA U 130 122.50 -12.58 33.85
CA ALA U 130 123.22 -13.83 34.04
C ALA U 130 124.46 -13.89 33.17
N ALA U 131 124.38 -13.34 31.96
CA ALA U 131 125.56 -13.29 31.10
C ALA U 131 126.67 -12.48 31.74
N LEU U 132 126.31 -11.42 32.48
CA LEU U 132 127.31 -10.60 33.14
C LEU U 132 127.79 -11.26 34.44
N VAL U 133 126.90 -11.94 35.15
CA VAL U 133 127.28 -12.52 36.44
C VAL U 133 128.13 -13.77 36.26
N LEU U 134 127.79 -14.62 35.30
CA LEU U 134 128.59 -15.80 34.99
C LEU U 134 129.80 -15.47 34.13
N ALA U 135 130.04 -14.18 33.86
CA ALA U 135 131.23 -13.75 33.17
C ALA U 135 132.39 -13.70 34.17
N GLY U 136 133.57 -13.35 33.69
CA GLY U 136 134.76 -13.30 34.52
C GLY U 136 135.68 -12.22 34.07
N THR U 137 136.96 -12.54 33.92
CA THR U 137 137.93 -11.56 33.44
C THR U 137 137.60 -11.09 32.04
N ASP U 138 137.63 -12.03 31.08
CA ASP U 138 137.40 -11.68 29.68
C ASP U 138 135.94 -11.87 29.31
N PRO U 139 135.14 -10.80 29.37
CA PRO U 139 133.78 -10.91 28.84
C PRO U 139 133.78 -11.14 27.34
N GLU U 140 134.58 -10.36 26.62
CA GLU U 140 134.80 -10.46 25.19
C GLU U 140 133.55 -10.20 24.35
N LEU U 141 132.36 -10.20 24.96
CA LEU U 141 131.16 -9.78 24.26
C LEU U 141 130.22 -8.98 25.14
N GLN U 142 130.63 -8.65 26.38
CA GLN U 142 129.79 -7.80 27.22
C GLN U 142 129.53 -6.46 26.55
N GLU U 143 130.48 -5.96 25.75
CA GLU U 143 130.19 -4.82 24.90
C GLU U 143 129.07 -5.14 23.93
N MET U 144 129.21 -6.23 23.18
CA MET U 144 128.11 -6.73 22.38
C MET U 144 126.88 -6.98 23.25
N VAL U 145 127.07 -7.61 24.41
CA VAL U 145 125.97 -7.78 25.36
C VAL U 145 125.45 -6.43 25.80
N GLU U 146 126.33 -5.44 25.97
CA GLU U 146 125.85 -4.08 26.21
C GLU U 146 125.19 -3.52 24.97
N GLN U 147 125.78 -3.77 23.80
CA GLN U 147 125.12 -3.46 22.55
C GLN U 147 123.76 -4.13 22.48
N ILE U 148 123.71 -5.43 22.75
CA ILE U 148 122.44 -6.11 22.92
C ILE U 148 121.61 -5.41 23.99
N LYS U 149 122.23 -5.08 25.12
CA LYS U 149 121.55 -4.27 26.14
C LYS U 149 121.07 -2.96 25.53
N ASP U 150 121.94 -2.31 24.76
CA ASP U 150 121.50 -1.17 23.96
C ASP U 150 120.36 -1.60 23.04
N LEU U 151 120.57 -2.68 22.28
CA LEU U 151 119.47 -3.25 21.51
C LEU U 151 118.29 -3.60 22.39
N LEU U 152 118.55 -4.01 23.64
CA LEU U 152 117.48 -4.18 24.61
C LEU U 152 116.88 -2.83 24.99
N ILE U 153 117.73 -1.86 25.31
CA ILE U 153 117.25 -0.50 25.47
C ILE U 153 116.53 -0.05 24.21
N SER U 154 117.13 -0.33 23.05
CA SER U 154 116.43 -0.11 21.79
C SER U 154 115.14 -0.92 21.74
N ALA U 155 115.18 -2.18 22.18
CA ALA U 155 113.95 -2.93 22.34
C ALA U 155 113.04 -2.27 23.37
N PHE U 156 113.64 -1.74 24.44
CA PHE U 156 112.88 -0.93 25.39
C PHE U 156 112.24 0.25 24.70
N MET U 157 112.88 0.75 23.64
CA MET U 157 112.23 1.73 22.78
C MET U 157 111.43 1.06 21.66
N ALA U 158 111.84 -0.12 21.20
CA ALA U 158 111.15 -0.83 20.14
C ALA U 158 109.92 -1.57 20.65
N GLY U 159 109.51 -1.28 21.88
CA GLY U 159 108.29 -1.83 22.43
C GLY U 159 107.18 -0.80 22.42
N GLU U 165 106.85 -2.01 19.48
CA GLU U 165 106.31 -3.05 18.63
C GLU U 165 107.41 -3.78 17.87
N LYS U 166 108.52 -3.08 17.62
CA LYS U 166 109.64 -3.62 16.87
C LYS U 166 110.57 -4.46 17.74
N ALA U 167 110.04 -5.09 18.78
CA ALA U 167 110.86 -5.87 19.69
C ALA U 167 110.31 -7.25 20.02
N LEU U 168 109.15 -7.62 19.47
CA LEU U 168 108.57 -8.92 19.80
C LEU U 168 109.49 -10.06 19.37
N THR U 169 109.89 -10.10 18.10
CA THR U 169 110.88 -11.07 17.68
C THR U 169 112.29 -10.64 18.06
N GLN U 170 112.51 -9.32 18.22
CA GLN U 170 113.82 -8.84 18.62
C GLN U 170 114.16 -9.25 20.04
N LEU U 171 113.17 -9.24 20.94
CA LEU U 171 113.42 -9.72 22.30
C LEU U 171 113.75 -11.20 22.30
N LEU U 172 113.05 -11.99 21.49
CA LEU U 172 113.36 -13.41 21.38
C LEU U 172 114.76 -13.63 20.82
N PHE U 173 115.13 -12.84 19.81
CA PHE U 173 116.48 -12.96 19.24
C PHE U 173 117.54 -12.57 20.25
N VAL U 174 117.30 -11.52 21.04
CA VAL U 174 118.25 -11.11 22.05
C VAL U 174 118.38 -12.17 23.12
N ALA U 175 117.27 -12.77 23.52
CA ALA U 175 117.32 -13.85 24.50
C ALA U 175 118.06 -15.07 23.96
N TRP U 176 117.88 -15.38 22.68
CA TRP U 176 118.57 -16.52 22.09
C TRP U 176 120.06 -16.25 21.97
N ALA U 177 120.43 -15.01 21.65
CA ALA U 177 121.84 -14.66 21.59
C ALA U 177 122.47 -14.68 22.98
N ALA U 178 121.72 -14.25 23.99
CA ALA U 178 122.21 -14.36 25.36
C ALA U 178 122.37 -15.82 25.77
N HIS U 179 121.44 -16.68 25.33
CA HIS U 179 121.53 -18.10 25.64
C HIS U 179 122.75 -18.73 24.98
N ALA U 180 123.03 -18.36 23.73
CA ALA U 180 124.27 -18.79 23.10
C ALA U 180 125.48 -18.21 23.83
N VAL U 181 125.34 -17.01 24.39
CA VAL U 181 126.42 -16.44 25.19
C VAL U 181 126.44 -17.04 26.58
N ALA U 182 125.27 -17.22 27.21
CA ALA U 182 125.22 -17.78 28.55
C ALA U 182 125.68 -19.23 28.56
N MET U 183 125.40 -19.98 27.49
CA MET U 183 125.96 -21.32 27.36
C MET U 183 127.49 -21.24 27.26
N ILE U 184 127.99 -20.36 26.40
CA ILE U 184 129.44 -20.19 26.28
C ILE U 184 130.03 -19.64 27.58
N ALA U 185 129.31 -18.75 28.25
CA ALA U 185 129.81 -18.21 29.51
C ALA U 185 129.91 -19.28 30.58
N ALA U 186 128.88 -20.13 30.69
CA ALA U 186 128.93 -21.21 31.67
C ALA U 186 129.97 -22.24 31.30
N ALA U 187 130.19 -22.46 30.00
CA ALA U 187 131.23 -23.40 29.57
C ALA U 187 132.61 -22.89 29.94
N ALA U 188 132.88 -21.61 29.67
CA ALA U 188 134.17 -21.03 30.03
C ALA U 188 134.32 -20.89 31.55
N ASN U 189 133.21 -20.80 32.26
CA ASN U 189 133.26 -20.64 33.71
C ASN U 189 133.82 -21.89 34.39
N LEU U 190 133.33 -23.06 34.01
CA LEU U 190 133.83 -24.32 34.56
C LEU U 190 135.05 -24.84 33.81
N ALA U 191 135.60 -24.04 32.89
CA ALA U 191 136.79 -24.41 32.14
C ALA U 191 138.00 -23.69 32.70
N GLY U 192 139.15 -24.35 32.62
CA GLY U 192 140.39 -23.78 33.09
C GLY U 192 141.30 -23.33 31.97
N PRO U 195 141.03 -26.39 27.71
CA PRO U 195 140.38 -25.31 26.96
C PRO U 195 139.54 -25.83 25.81
N ARG U 196 139.24 -27.14 25.83
CA ARG U 196 138.41 -27.72 24.78
C ARG U 196 137.02 -27.09 24.77
N LEU U 197 136.44 -26.87 25.96
CA LEU U 197 135.15 -26.20 26.04
C LEU U 197 135.25 -24.76 25.52
N GLN U 198 136.37 -24.09 25.80
CA GLN U 198 136.54 -22.72 25.31
C GLN U 198 136.66 -22.69 23.79
N GLN U 199 137.37 -23.66 23.21
CA GLN U 199 137.50 -23.71 21.76
C GLN U 199 136.18 -24.10 21.10
N GLN U 200 135.40 -24.98 21.74
CA GLN U 200 134.10 -25.34 21.18
C GLN U 200 133.13 -24.17 21.26
N VAL U 201 133.19 -23.40 22.35
CA VAL U 201 132.35 -22.22 22.47
C VAL U 201 132.84 -21.06 21.61
N LYS U 202 134.11 -21.08 21.21
CA LYS U 202 134.62 -20.02 20.35
C LYS U 202 134.08 -20.15 18.93
N GLU U 203 133.67 -21.35 18.53
CA GLU U 203 133.08 -21.56 17.21
C GLU U 203 131.58 -21.30 17.19
N ILE U 204 130.87 -21.60 18.28
CA ILE U 204 129.46 -21.24 18.37
C ILE U 204 129.31 -19.74 18.58
N LEU U 205 130.23 -19.13 19.33
CA LEU U 205 130.20 -17.68 19.50
C LEU U 205 130.53 -16.98 18.19
N GLU U 206 131.32 -17.62 17.32
CA GLU U 206 131.60 -17.03 16.01
C GLU U 206 130.32 -16.91 15.19
N LYS U 207 129.56 -18.00 15.07
CA LYS U 207 128.30 -17.94 14.35
C LYS U 207 127.30 -17.04 15.05
N LEU U 208 127.37 -16.98 16.39
CA LEU U 208 126.48 -16.09 17.13
C LEU U 208 126.76 -14.62 16.80
N LYS U 209 128.03 -14.22 16.78
CA LYS U 209 128.37 -12.85 16.43
C LYS U 209 128.07 -12.56 14.97
N GLU U 210 128.27 -13.56 14.10
CA GLU U 210 127.92 -13.37 12.69
C GLU U 210 126.43 -13.13 12.52
N ALA U 211 125.60 -13.90 13.21
CA ALA U 211 124.16 -13.68 13.15
C ALA U 211 123.75 -12.37 13.80
N ILE U 212 124.43 -11.98 14.88
CA ILE U 212 124.12 -10.72 15.55
C ILE U 212 124.41 -9.55 14.62
N GLU U 213 125.55 -9.59 13.93
CA GLU U 213 125.79 -8.61 12.89
C GLU U 213 124.75 -8.69 11.79
N THR U 214 124.32 -9.92 11.44
CA THR U 214 123.22 -10.07 10.50
C THR U 214 121.91 -9.62 11.11
N PHE U 215 121.66 -9.94 12.38
CA PHE U 215 120.49 -9.43 13.06
C PHE U 215 120.55 -7.92 13.20
N GLN U 216 121.74 -7.35 13.30
CA GLN U 216 121.94 -5.91 13.23
C GLN U 216 122.04 -5.44 11.78
N LYS U 217 121.93 -6.35 10.82
CA LYS U 217 121.87 -6.01 9.40
C LYS U 217 120.45 -6.13 8.86
N GLY U 218 119.46 -6.16 9.74
CA GLY U 218 118.07 -6.20 9.32
C GLY U 218 117.65 -7.58 8.84
N ASP U 219 118.36 -8.61 9.27
CA ASP U 219 118.03 -9.98 8.91
C ASP U 219 117.21 -10.58 10.04
N GLU U 220 115.95 -10.89 9.75
CA GLU U 220 115.01 -11.31 10.77
C GLU U 220 114.87 -12.82 10.84
N GLU U 221 114.76 -13.50 9.69
CA GLU U 221 114.66 -14.96 9.71
C GLU U 221 116.02 -15.62 9.64
N GLN U 222 116.90 -15.15 8.74
CA GLN U 222 118.20 -15.79 8.56
C GLN U 222 119.07 -15.62 9.79
N ALA U 223 119.14 -14.41 10.33
CA ALA U 223 119.99 -14.18 11.50
C ALA U 223 119.43 -14.88 12.74
N PHE U 224 118.10 -14.89 12.89
CA PHE U 224 117.50 -15.62 14.01
C PHE U 224 117.80 -17.11 13.90
N ARG U 225 117.72 -17.65 12.68
CA ARG U 225 118.02 -19.07 12.48
C ARG U 225 119.49 -19.36 12.78
N GLN U 226 120.39 -18.50 12.32
CA GLN U 226 121.81 -18.72 12.57
C GLN U 226 122.14 -18.63 14.05
N LEU U 227 121.54 -17.67 14.76
CA LEU U 227 121.78 -17.55 16.19
C LEU U 227 121.20 -18.74 16.95
N ALA U 228 120.02 -19.20 16.54
CA ALA U 228 119.41 -20.36 17.19
C ALA U 228 120.23 -21.62 16.96
N GLU U 229 120.77 -21.78 15.76
CA GLU U 229 121.61 -22.94 15.48
C GLU U 229 122.93 -22.86 16.24
N VAL U 230 123.49 -21.65 16.35
CA VAL U 230 124.71 -21.48 17.14
C VAL U 230 124.44 -21.81 18.60
N LEU U 231 123.31 -21.36 19.13
CA LEU U 231 122.94 -21.69 20.51
C LEU U 231 122.73 -23.19 20.69
N ALA U 232 122.13 -23.85 19.71
CA ALA U 232 121.92 -25.29 19.81
C ALA U 232 123.24 -26.05 19.77
N GLU U 233 124.15 -25.64 18.88
CA GLU U 233 125.47 -26.27 18.84
C GLU U 233 126.25 -26.01 20.13
N ALA U 234 126.10 -24.80 20.69
CA ALA U 234 126.76 -24.50 21.95
C ALA U 234 126.20 -25.35 23.08
N ALA U 235 124.87 -25.56 23.09
CA ALA U 235 124.28 -26.42 24.11
C ALA U 235 124.70 -27.88 23.92
N LEU U 236 124.89 -28.31 22.67
CA LEU U 236 125.37 -29.66 22.43
C LEU U 236 126.80 -29.83 22.89
N VAL U 237 127.65 -28.82 22.68
CA VAL U 237 129.03 -28.90 23.16
C VAL U 237 129.08 -28.77 24.67
N ALA U 238 128.12 -28.06 25.26
CA ALA U 238 128.06 -27.93 26.71
C ALA U 238 127.73 -29.27 27.37
N LEU U 239 126.99 -30.12 26.66
CA LEU U 239 126.72 -31.46 27.19
C LEU U 239 128.00 -32.23 27.45
N ARG U 240 129.02 -32.06 26.60
CA ARG U 240 130.30 -32.69 26.83
C ARG U 240 131.19 -31.86 27.76
N ALA U 241 131.06 -30.54 27.71
CA ALA U 241 131.86 -29.69 28.59
C ALA U 241 131.48 -29.85 30.05
N ALA U 242 130.23 -30.24 30.32
CA ALA U 242 129.79 -30.46 31.69
C ALA U 242 130.42 -31.69 32.31
N LEU U 243 130.91 -32.62 31.49
CA LEU U 243 131.63 -33.79 31.98
C LEU U 243 133.14 -33.66 31.80
N THR U 244 133.61 -32.53 31.27
CA THR U 244 135.03 -32.30 31.07
C THR U 244 135.75 -31.83 32.32
N ASN U 245 135.04 -31.63 33.43
CA ASN U 245 135.65 -31.18 34.67
C ASN U 245 135.29 -32.11 35.83
N GLU V 4 -97.19 10.66 -36.24
CA GLU V 4 -95.81 11.05 -35.97
C GLU V 4 -95.43 12.28 -36.79
N PHE V 5 -94.12 12.48 -36.97
CA PHE V 5 -93.61 13.64 -37.68
C PHE V 5 -93.95 13.64 -39.16
N LYS V 6 -94.33 12.48 -39.73
CA LYS V 6 -94.87 12.43 -41.07
C LYS V 6 -96.14 11.59 -41.12
N PHE V 7 -96.54 10.99 -40.00
CA PHE V 7 -97.78 10.23 -39.92
C PHE V 7 -98.89 10.98 -39.22
N LEU V 8 -98.60 12.10 -38.56
CA LEU V 8 -99.62 13.01 -38.06
C LEU V 8 -99.53 14.35 -38.80
N ALA V 9 -98.68 14.41 -39.81
CA ALA V 9 -98.58 15.56 -40.69
C ALA V 9 -99.47 15.41 -41.91
N THR V 10 -99.93 14.20 -42.20
CA THR V 10 -101.01 14.03 -43.15
C THR V 10 -102.30 14.59 -42.59
N GLU V 11 -102.50 14.46 -41.27
CA GLU V 11 -103.59 15.18 -40.62
C GLU V 11 -103.38 16.67 -40.70
N ALA V 12 -102.14 17.14 -40.54
CA ALA V 12 -101.85 18.55 -40.76
C ALA V 12 -102.08 18.93 -42.22
N LYS V 13 -101.85 18.00 -43.14
CA LYS V 13 -102.10 18.26 -44.55
C LYS V 13 -103.59 18.38 -44.85
N MET V 14 -104.43 17.54 -44.24
CA MET V 14 -105.86 17.72 -44.35
C MET V 14 -106.29 19.03 -43.70
N LEU V 15 -105.65 19.40 -42.58
CA LEU V 15 -105.93 20.69 -41.98
C LEU V 15 -105.54 21.82 -42.91
N ILE V 16 -104.41 21.69 -43.60
CA ILE V 16 -103.98 22.73 -44.53
C ILE V 16 -104.96 22.83 -45.70
N THR V 17 -105.46 21.68 -46.17
CA THR V 17 -106.42 21.68 -47.26
C THR V 17 -107.75 22.31 -46.82
N ALA V 18 -108.16 22.05 -45.58
CA ALA V 18 -109.36 22.69 -45.06
C ALA V 18 -109.19 24.19 -44.95
N ALA V 19 -108.07 24.64 -44.36
CA ALA V 19 -107.85 26.06 -44.17
C ALA V 19 -107.69 26.80 -45.50
N GLU V 20 -107.04 26.17 -46.49
CA GLU V 20 -106.92 26.80 -47.79
C GLU V 20 -108.28 26.97 -48.45
N ARG V 21 -109.21 26.07 -48.16
CA ARG V 21 -110.57 26.16 -48.67
C ARG V 21 -111.51 26.91 -47.73
N LEU V 22 -111.06 27.25 -46.51
CA LEU V 22 -111.89 27.96 -45.55
C LEU V 22 -111.39 29.36 -45.24
N ALA V 23 -110.24 29.76 -45.78
CA ALA V 23 -109.70 31.10 -45.62
C ALA V 23 -109.59 31.70 -47.02
N GLY V 24 -110.74 32.09 -47.58
CA GLY V 24 -110.78 32.72 -48.88
C GLY V 24 -110.66 34.23 -48.85
N THR V 25 -110.66 34.81 -47.65
CA THR V 25 -110.44 36.23 -47.45
C THR V 25 -109.31 36.38 -46.45
N ASP V 26 -109.05 37.63 -46.03
CA ASP V 26 -107.95 37.93 -45.13
C ASP V 26 -106.65 37.37 -45.70
N PRO V 27 -106.09 37.98 -46.75
CA PRO V 27 -104.83 37.48 -47.33
C PRO V 27 -103.73 37.24 -46.30
N ARG V 28 -103.83 37.82 -45.10
CA ARG V 28 -102.94 37.41 -44.02
C ARG V 28 -103.13 35.94 -43.68
N LEU V 29 -104.37 35.46 -43.75
CA LEU V 29 -104.62 34.04 -43.50
C LEU V 29 -104.02 33.18 -44.58
N GLN V 30 -104.15 33.59 -45.85
CA GLN V 30 -103.53 32.84 -46.93
C GLN V 30 -102.01 32.85 -46.81
N GLU V 31 -101.44 33.99 -46.41
CA GLU V 31 -99.99 34.08 -46.23
C GLU V 31 -99.52 33.21 -45.08
N MET V 32 -100.29 33.16 -43.98
CA MET V 32 -99.94 32.28 -42.87
C MET V 32 -100.06 30.82 -43.29
N VAL V 33 -101.07 30.48 -44.08
CA VAL V 33 -101.20 29.12 -44.57
C VAL V 33 -100.04 28.76 -45.47
N ALA V 34 -99.57 29.72 -46.27
CA ALA V 34 -98.42 29.47 -47.13
C ALA V 34 -97.14 29.30 -46.32
N LEU V 35 -96.96 30.13 -45.29
CA LEU V 35 -95.79 29.99 -44.42
C LEU V 35 -95.83 28.68 -43.65
N ILE V 36 -97.03 28.20 -43.31
CA ILE V 36 -97.16 26.93 -42.62
C ILE V 36 -96.85 25.79 -43.56
N LYS V 37 -97.40 25.82 -44.78
CA LYS V 37 -97.07 24.82 -45.78
C LYS V 37 -95.58 24.79 -46.09
N LYS V 38 -94.94 25.96 -46.13
CA LYS V 38 -93.48 26.01 -46.24
C LYS V 38 -92.84 25.44 -44.99
N GLU V 39 -93.35 25.81 -43.82
CA GLU V 39 -92.93 25.16 -42.59
C GLU V 39 -93.30 23.69 -42.58
N LEU V 40 -94.47 23.33 -43.12
CA LEU V 40 -94.77 21.92 -43.33
C LEU V 40 -93.80 21.30 -44.32
N GLU V 41 -93.46 22.02 -45.39
CA GLU V 41 -92.46 21.52 -46.34
C GLU V 41 -91.10 21.40 -45.67
N GLN V 42 -90.75 22.38 -44.83
CA GLN V 42 -89.46 22.33 -44.14
C GLN V 42 -89.39 21.14 -43.18
N ALA V 43 -90.49 20.85 -42.48
CA ALA V 43 -90.51 19.70 -41.59
C ALA V 43 -90.49 18.39 -42.37
N GLU V 44 -91.25 18.31 -43.47
CA GLU V 44 -91.24 17.10 -44.29
C GLU V 44 -89.86 16.86 -44.89
N ARG V 45 -89.15 17.93 -45.25
CA ARG V 45 -87.77 17.78 -45.68
C ARG V 45 -86.89 17.32 -44.52
N THR V 46 -87.05 17.91 -43.35
CA THR V 46 -86.36 17.42 -42.16
C THR V 46 -86.87 16.04 -41.77
N PHE V 47 -88.14 15.74 -42.04
CA PHE V 47 -88.62 14.36 -41.88
C PHE V 47 -87.98 13.45 -42.92
N ARG V 48 -87.70 13.98 -44.11
CA ARG V 48 -86.92 13.26 -45.09
C ARG V 48 -85.43 13.37 -44.84
N ASN V 49 -85.00 14.35 -44.06
CA ASN V 49 -83.59 14.49 -43.69
C ASN V 49 -83.36 13.75 -42.38
N GLY V 50 -82.12 13.83 -41.88
CA GLY V 50 -81.78 13.19 -40.63
C GLY V 50 -82.21 14.00 -39.42
N ASP V 51 -82.84 15.15 -39.68
CA ASP V 51 -83.34 16.04 -38.63
C ASP V 51 -84.75 15.58 -38.30
N LYS V 52 -84.88 14.38 -37.75
CA LYS V 52 -86.17 13.80 -37.43
C LYS V 52 -86.78 14.42 -36.18
N SER V 53 -85.96 14.72 -35.17
CA SER V 53 -86.48 15.41 -33.99
C SER V 53 -86.83 16.85 -34.32
N GLU V 54 -85.99 17.52 -35.11
CA GLU V 54 -86.34 18.86 -35.58
C GLU V 54 -87.57 18.81 -36.47
N ALA V 55 -87.70 17.76 -37.27
CA ALA V 55 -88.91 17.58 -38.07
C ALA V 55 -90.13 17.44 -37.19
N GLN V 56 -90.04 16.65 -36.12
CA GLN V 56 -91.17 16.47 -35.22
C GLN V 56 -91.52 17.77 -34.52
N ARG V 57 -90.51 18.53 -34.09
CA ARG V 57 -90.77 19.80 -33.43
C ARG V 57 -91.44 20.80 -34.37
N GLN V 58 -90.89 20.93 -35.59
CA GLN V 58 -91.49 21.85 -36.56
C GLN V 58 -92.88 21.41 -36.96
N LEU V 59 -93.11 20.09 -37.05
CA LEU V 59 -94.42 19.59 -37.39
C LEU V 59 -95.42 19.82 -36.27
N GLU V 60 -94.98 19.67 -35.02
CA GLU V 60 -95.85 19.97 -33.90
C GLU V 60 -96.21 21.45 -33.84
N PHE V 61 -95.22 22.31 -34.10
CA PHE V 61 -95.50 23.75 -34.15
C PHE V 61 -96.46 24.07 -35.28
N VAL V 62 -96.22 23.51 -36.46
CA VAL V 62 -97.06 23.78 -37.62
C VAL V 62 -98.45 23.18 -37.44
N LEU V 63 -98.57 22.14 -36.62
CA LEU V 63 -99.88 21.57 -36.35
C LEU V 63 -100.73 22.55 -35.56
N THR V 64 -100.18 23.10 -34.48
CA THR V 64 -100.88 24.15 -33.75
C THR V 64 -101.10 25.37 -34.64
N ALA V 65 -100.15 25.66 -35.52
CA ALA V 65 -100.32 26.79 -36.43
C ALA V 65 -101.51 26.58 -37.35
N ALA V 66 -101.62 25.38 -37.95
CA ALA V 66 -102.73 25.08 -38.84
C ALA V 66 -104.04 25.02 -38.07
N ARG V 67 -104.01 24.54 -36.82
CA ARG V 67 -105.22 24.50 -36.01
C ARG V 67 -105.71 25.92 -35.73
N ALA V 68 -104.81 26.80 -35.30
CA ALA V 68 -105.19 28.18 -35.04
C ALA V 68 -105.58 28.89 -36.33
N VAL V 69 -104.98 28.51 -37.44
CA VAL V 69 -105.33 29.13 -38.72
C VAL V 69 -106.71 28.70 -39.16
N MET V 70 -107.07 27.44 -38.93
CA MET V 70 -108.42 26.99 -39.18
C MET V 70 -109.40 27.69 -38.25
N ASN V 71 -109.00 27.90 -36.99
CA ASN V 71 -109.83 28.66 -36.07
C ASN V 71 -110.07 30.07 -36.59
N VAL V 72 -109.03 30.71 -37.11
CA VAL V 72 -109.15 32.07 -37.62
C VAL V 72 -110.00 32.09 -38.88
N ALA V 73 -109.86 31.10 -39.74
CA ALA V 73 -110.65 31.04 -40.96
C ALA V 73 -112.12 30.82 -40.65
N ALA V 74 -112.41 29.92 -39.71
CA ALA V 74 -113.79 29.70 -39.31
C ALA V 74 -114.36 30.92 -38.60
N ALA V 75 -113.51 31.64 -37.85
CA ALA V 75 -113.96 32.89 -37.26
C ALA V 75 -114.31 33.91 -38.32
N ALA V 76 -113.42 34.12 -39.30
CA ALA V 76 -113.70 35.05 -40.39
C ALA V 76 -114.95 34.65 -41.15
N ASN V 77 -115.18 33.35 -41.31
CA ASN V 77 -116.41 32.90 -41.92
C ASN V 77 -117.62 33.10 -41.02
N ALA V 78 -117.41 33.17 -39.71
CA ALA V 78 -118.48 33.33 -38.74
C ALA V 78 -118.51 34.71 -38.11
N ALA V 79 -117.60 35.59 -38.49
CA ALA V 79 -117.57 36.96 -37.96
C ALA V 79 -117.32 37.95 -39.08
N GLY V 80 -118.00 37.75 -40.21
CA GLY V 80 -117.89 38.69 -41.31
C GLY V 80 -118.63 40.00 -41.10
N THR V 81 -119.25 40.19 -39.93
CA THR V 81 -120.02 41.38 -39.66
C THR V 81 -119.67 42.07 -38.35
N ASP V 82 -118.74 41.53 -37.57
CA ASP V 82 -118.36 42.13 -36.30
C ASP V 82 -117.04 42.86 -36.45
N PRO V 83 -117.04 44.20 -36.38
CA PRO V 83 -115.76 44.92 -36.55
C PRO V 83 -114.75 44.61 -35.46
N LEU V 84 -115.21 44.48 -34.21
CA LEU V 84 -114.29 44.11 -33.14
C LEU V 84 -113.71 42.72 -33.38
N LEU V 85 -114.53 41.81 -33.89
CA LEU V 85 -114.02 40.48 -34.20
C LEU V 85 -113.01 40.51 -35.33
N LYS V 86 -113.28 41.27 -36.39
CA LYS V 86 -112.32 41.38 -37.48
C LYS V 86 -111.04 42.04 -37.01
N ALA V 87 -111.14 43.01 -36.10
CA ALA V 87 -109.96 43.67 -35.56
C ALA V 87 -109.14 42.70 -34.73
N MET V 88 -109.78 41.97 -33.82
CA MET V 88 -109.06 40.98 -33.03
C MET V 88 -108.52 39.88 -33.92
N VAL V 89 -109.19 39.60 -35.04
CA VAL V 89 -108.71 38.57 -35.96
C VAL V 89 -107.45 39.02 -36.66
N ASP V 90 -107.44 40.26 -37.15
CA ASP V 90 -106.23 40.80 -37.76
C ASP V 90 -105.12 40.91 -36.72
N ALA V 91 -105.47 41.21 -35.47
CA ALA V 91 -104.48 41.27 -34.40
C ALA V 91 -103.88 39.90 -34.13
N ILE V 92 -104.72 38.87 -34.09
CA ILE V 92 -104.23 37.51 -33.92
C ILE V 92 -103.43 37.07 -35.13
N LEU V 93 -103.78 37.58 -36.31
CA LEU V 93 -103.01 37.28 -37.51
C LEU V 93 -101.62 37.89 -37.43
N TRP V 94 -101.54 39.13 -36.96
CA TRP V 94 -100.23 39.76 -36.79
C TRP V 94 -99.43 39.06 -35.70
N ARG V 95 -100.09 38.70 -34.59
CA ARG V 95 -99.41 37.96 -33.53
C ARG V 95 -98.96 36.60 -34.01
N LEU V 96 -99.73 35.99 -34.91
CA LEU V 96 -99.35 34.69 -35.46
C LEU V 96 -98.19 34.82 -36.42
N LYS V 97 -98.17 35.88 -37.23
CA LYS V 97 -97.00 36.13 -38.06
C LYS V 97 -95.76 36.38 -37.22
N GLU V 98 -95.92 37.11 -36.12
CA GLU V 98 -94.80 37.35 -35.21
C GLU V 98 -94.33 36.06 -34.57
N ALA V 99 -95.25 35.23 -34.11
CA ALA V 99 -94.87 33.96 -33.50
C ALA V 99 -94.27 33.02 -34.53
N ILE V 100 -94.71 33.12 -35.79
CA ILE V 100 -94.16 32.29 -36.85
C ILE V 100 -92.74 32.72 -37.18
N ARG V 101 -92.49 34.04 -37.19
CA ARG V 101 -91.13 34.52 -37.37
C ARG V 101 -90.26 34.14 -36.18
N THR V 102 -90.83 34.15 -34.97
CA THR V 102 -90.07 33.77 -33.79
C THR V 102 -89.69 32.30 -33.81
N PHE V 103 -90.67 31.43 -34.10
CA PHE V 103 -90.38 30.00 -34.23
C PHE V 103 -89.41 29.74 -35.37
N GLN V 104 -89.57 30.45 -36.49
CA GLN V 104 -88.60 30.35 -37.57
C GLN V 104 -87.23 30.82 -37.12
N ASN V 105 -87.18 31.75 -36.18
CA ASN V 105 -85.94 32.12 -35.52
C ASN V 105 -85.55 31.15 -34.40
N GLY V 106 -86.24 30.02 -34.30
CA GLY V 106 -85.99 29.09 -33.20
C GLY V 106 -86.56 29.53 -31.88
N ASP V 107 -87.36 30.60 -31.88
CA ASP V 107 -87.97 31.10 -30.64
C ASP V 107 -89.44 30.72 -30.59
N GLU V 109 -88.66 28.13 -28.92
CA GLU V 109 -88.59 28.63 -27.55
C GLU V 109 -89.89 29.29 -27.13
N GLU V 110 -89.96 30.62 -27.27
CA GLU V 110 -91.17 31.35 -26.96
C GLU V 110 -92.22 31.25 -28.05
N ALA V 111 -92.04 30.33 -29.00
CA ALA V 111 -93.06 30.08 -30.02
C ALA V 111 -94.33 29.55 -29.38
N GLU V 112 -94.25 28.36 -28.78
CA GLU V 112 -95.38 27.84 -28.01
C GLU V 112 -95.41 28.48 -26.61
N THR V 113 -95.42 29.80 -26.60
CA THR V 113 -95.67 30.61 -25.41
C THR V 113 -96.81 31.59 -25.64
N GLN V 114 -96.64 32.53 -26.55
CA GLN V 114 -97.75 33.36 -27.01
C GLN V 114 -98.68 32.58 -27.92
N LEU V 115 -98.11 31.85 -28.88
CA LEU V 115 -98.93 30.99 -29.72
C LEU V 115 -99.58 29.88 -28.90
N ARG V 116 -98.93 29.45 -27.82
CA ARG V 116 -99.60 28.58 -26.86
C ARG V 116 -100.90 29.20 -26.39
N PHE V 117 -100.88 30.50 -26.09
CA PHE V 117 -102.10 31.22 -25.81
C PHE V 117 -102.80 31.69 -27.07
N VAL V 118 -102.03 32.04 -28.11
CA VAL V 118 -102.65 32.47 -29.35
C VAL V 118 -103.39 31.32 -30.00
N LEU V 119 -103.00 30.08 -29.73
CA LEU V 119 -103.84 28.95 -30.13
C LEU V 119 -105.17 28.99 -29.38
N ARG V 120 -105.12 29.13 -28.06
CA ARG V 120 -106.34 29.29 -27.29
C ARG V 120 -107.05 30.60 -27.64
N ALA V 121 -106.27 31.62 -28.01
CA ALA V 121 -106.88 32.87 -28.45
C ALA V 121 -107.70 32.66 -29.71
N ALA V 122 -107.14 31.98 -30.71
CA ALA V 122 -107.90 31.69 -31.93
C ALA V 122 -109.06 30.76 -31.62
N ILE V 123 -108.89 29.87 -30.66
CA ILE V 123 -109.99 29.00 -30.24
C ILE V 123 -111.16 29.84 -29.74
N ALA V 124 -110.92 30.68 -28.74
CA ALA V 124 -111.99 31.50 -28.19
C ALA V 124 -112.50 32.49 -29.22
N VAL V 125 -111.65 32.90 -30.16
CA VAL V 125 -112.07 33.84 -31.19
C VAL V 125 -113.06 33.19 -32.13
N ALA V 126 -112.73 32.00 -32.63
CA ALA V 126 -113.69 31.26 -33.45
C ALA V 126 -114.92 30.92 -32.64
N VAL V 127 -114.76 30.72 -31.32
CA VAL V 127 -115.91 30.42 -30.47
C VAL V 127 -116.88 31.59 -30.44
N VAL V 128 -116.37 32.80 -30.19
CA VAL V 128 -117.23 33.98 -30.18
C VAL V 128 -117.78 34.25 -31.57
N ALA V 129 -117.00 33.97 -32.61
CA ALA V 129 -117.47 34.18 -33.97
C ALA V 129 -118.64 33.26 -34.29
N ALA V 130 -118.54 32.00 -33.88
CA ALA V 130 -119.65 31.08 -34.08
C ALA V 130 -120.85 31.48 -33.23
N ALA V 131 -120.59 31.97 -32.01
CA ALA V 131 -121.68 32.44 -31.16
C ALA V 131 -122.43 33.59 -31.81
N LEU V 132 -121.70 34.45 -32.54
CA LEU V 132 -122.34 35.56 -33.22
C LEU V 132 -123.01 35.12 -34.53
N VAL V 133 -122.42 34.17 -35.23
CA VAL V 133 -122.96 33.76 -36.52
C VAL V 133 -124.20 32.90 -36.35
N LEU V 134 -124.20 31.99 -35.39
CA LEU V 134 -125.37 31.17 -35.08
C LEU V 134 -126.39 31.91 -34.23
N ALA V 135 -126.16 33.19 -33.96
CA ALA V 135 -127.13 34.03 -33.29
C ALA V 135 -128.18 34.49 -34.29
N GLY V 136 -129.16 35.24 -33.83
CA GLY V 136 -130.25 35.71 -34.67
C GLY V 136 -130.72 37.05 -34.23
N THR V 137 -132.03 37.20 -34.08
CA THR V 137 -132.59 38.47 -33.63
C THR V 137 -132.14 38.79 -32.20
N ASP V 138 -132.50 37.93 -31.26
CA ASP V 138 -132.18 38.17 -29.85
C ASP V 138 -130.88 37.48 -29.47
N PRO V 139 -129.75 38.19 -29.52
CA PRO V 139 -128.52 37.62 -28.98
C PRO V 139 -128.62 37.39 -27.48
N GLU V 140 -129.09 38.42 -26.77
CA GLU V 140 -129.35 38.41 -25.33
C GLU V 140 -128.10 38.20 -24.49
N LEU V 141 -126.98 37.77 -25.08
CA LEU V 141 -125.72 37.73 -24.36
C LEU V 141 -124.54 38.15 -25.25
N GLN V 142 -124.79 38.59 -26.48
CA GLN V 142 -123.70 39.10 -27.31
C GLN V 142 -122.99 40.25 -26.65
N GLU V 143 -123.71 41.05 -25.86
CA GLU V 143 -123.04 42.03 -25.00
C GLU V 143 -122.11 41.32 -24.03
N MET V 144 -122.64 40.36 -23.27
CA MET V 144 -121.79 39.49 -22.46
C MET V 144 -120.72 38.84 -23.32
N VAL V 145 -121.12 38.29 -24.48
CA VAL V 145 -120.15 37.75 -25.42
C VAL V 145 -119.17 38.83 -25.87
N GLU V 146 -119.64 40.06 -26.04
CA GLU V 146 -118.71 41.16 -26.28
C GLU V 146 -117.90 41.44 -25.02
N GLN V 147 -118.55 41.43 -23.86
CA GLN V 147 -117.83 41.50 -22.59
C GLN V 147 -116.80 40.38 -22.53
N ILE V 148 -117.23 39.14 -22.80
CA ILE V 148 -116.28 38.05 -22.95
C ILE V 148 -115.24 38.41 -24.00
N LYS V 149 -115.69 38.93 -25.15
CA LYS V 149 -114.75 39.43 -26.15
C LYS V 149 -113.84 40.50 -25.54
N ASP V 150 -114.43 41.43 -24.78
CA ASP V 150 -113.61 42.32 -23.98
C ASP V 150 -112.72 41.52 -23.04
N LEU V 151 -113.31 40.59 -22.29
CA LEU V 151 -112.50 39.67 -21.51
C LEU V 151 -111.51 38.92 -22.38
N LEU V 152 -111.88 38.63 -23.63
CA LEU V 152 -110.94 38.08 -24.58
C LEU V 152 -109.89 39.11 -24.96
N ILE V 153 -110.34 40.33 -25.28
CA ILE V 153 -109.40 41.43 -25.45
C ILE V 153 -108.57 41.60 -24.18
N SER V 154 -109.24 41.56 -23.02
CA SER V 154 -108.53 41.50 -21.76
C SER V 154 -107.62 40.29 -21.69
N ALA V 155 -108.10 39.13 -22.15
CA ALA V 155 -107.22 37.99 -22.29
C ALA V 155 -106.13 38.28 -23.31
N PHE V 156 -106.48 38.99 -24.39
CA PHE V 156 -105.47 39.46 -25.33
C PHE V 156 -104.46 40.35 -24.63
N MET V 157 -104.88 41.04 -23.57
CA MET V 157 -103.93 41.72 -22.70
C MET V 157 -103.44 40.81 -21.58
N ALA V 158 -104.25 39.87 -21.12
CA ALA V 158 -103.86 38.96 -20.05
C ALA V 158 -102.98 37.83 -20.56
N GLY V 159 -102.48 37.94 -21.79
CA GLY V 159 -101.54 36.99 -22.32
C GLY V 159 -100.13 37.56 -22.30
N GLU V 165 -100.28 36.32 -19.36
CA GLU V 165 -100.15 35.15 -18.51
C GLU V 165 -101.46 34.87 -17.76
N LYS V 166 -102.23 35.92 -17.52
CA LYS V 166 -103.49 35.82 -16.78
C LYS V 166 -104.64 35.37 -17.66
N ALA V 167 -104.36 34.59 -18.70
CA ALA V 167 -105.41 34.16 -19.61
C ALA V 167 -105.37 32.66 -19.93
N LEU V 168 -104.42 31.90 -19.38
CA LEU V 168 -104.35 30.48 -19.70
C LEU V 168 -105.62 29.74 -19.28
N THR V 169 -106.02 29.86 -18.02
CA THR V 169 -107.31 29.30 -17.60
C THR V 169 -108.45 30.22 -18.00
N GLN V 170 -108.19 31.51 -18.16
CA GLN V 170 -109.24 32.44 -18.57
C GLN V 170 -109.69 32.17 -19.99
N LEU V 171 -108.75 31.82 -20.89
CA LEU V 171 -109.14 31.46 -22.24
C LEU V 171 -109.98 30.19 -22.25
N LEU V 172 -109.62 29.21 -21.42
CA LEU V 172 -110.41 28.00 -21.32
C LEU V 172 -111.81 28.30 -20.78
N PHE V 173 -111.89 29.17 -19.77
CA PHE V 173 -113.18 29.54 -19.21
C PHE V 173 -114.04 30.27 -20.23
N VAL V 174 -113.42 31.16 -21.01
CA VAL V 174 -114.16 31.89 -22.03
C VAL V 174 -114.66 30.94 -23.12
N ALA V 175 -113.82 29.98 -23.50
CA ALA V 175 -114.25 28.99 -24.49
C ALA V 175 -115.38 28.13 -23.96
N TRP V 176 -115.33 27.77 -22.66
CA TRP V 176 -116.39 26.95 -22.08
C TRP V 176 -117.69 27.74 -21.97
N ALA V 177 -117.60 29.03 -21.66
CA ALA V 177 -118.79 29.86 -21.61
C ALA V 177 -119.36 30.06 -23.01
N ALA V 178 -118.51 30.20 -24.02
CA ALA V 178 -118.99 30.26 -25.39
C ALA V 178 -119.65 28.95 -25.80
N HIS V 179 -119.10 27.82 -25.34
CA HIS V 179 -119.69 26.52 -25.67
C HIS V 179 -121.07 26.38 -25.02
N ALA V 180 -121.20 26.83 -23.77
CA ALA V 180 -122.52 26.87 -23.15
C ALA V 180 -123.43 27.84 -23.88
N VAL V 181 -122.86 28.90 -24.46
CA VAL V 181 -123.66 29.82 -25.25
C VAL V 181 -123.89 29.26 -26.65
N ALA V 182 -122.85 28.67 -27.27
CA ALA V 182 -122.99 28.13 -28.61
C ALA V 182 -123.94 26.94 -28.62
N MET V 183 -123.95 26.15 -27.55
CA MET V 183 -124.96 25.10 -27.43
C MET V 183 -126.36 25.70 -27.34
N ILE V 184 -126.52 26.72 -26.49
CA ILE V 184 -127.82 27.40 -26.38
C ILE V 184 -128.16 28.11 -27.68
N ALA V 185 -127.16 28.69 -28.34
CA ALA V 185 -127.41 29.37 -29.61
C ALA V 185 -127.89 28.40 -30.68
N ALA V 186 -127.23 27.24 -30.79
CA ALA V 186 -127.65 26.24 -31.77
C ALA V 186 -129.01 25.65 -31.40
N ALA V 187 -129.30 25.54 -30.10
CA ALA V 187 -130.60 25.03 -29.69
C ALA V 187 -131.71 26.00 -30.06
N ALA V 188 -131.51 27.29 -29.81
CA ALA V 188 -132.51 28.29 -30.18
C ALA V 188 -132.58 28.47 -31.69
N ASN V 189 -131.50 28.16 -32.40
CA ASN V 189 -131.49 28.32 -33.84
C ASN V 189 -132.44 27.36 -34.53
N LEU V 190 -132.41 26.08 -34.14
CA LEU V 190 -133.31 25.08 -34.70
C LEU V 190 -134.65 25.04 -33.96
N ALA V 191 -134.89 25.98 -33.05
CA ALA V 191 -136.13 26.07 -32.31
C ALA V 191 -137.00 27.17 -32.88
N GLY V 192 -138.31 26.96 -32.82
CA GLY V 192 -139.26 27.94 -33.30
C GLY V 192 -139.96 28.68 -32.18
N PRO V 195 -140.84 25.75 -27.92
CA PRO V 195 -139.85 26.52 -27.17
C PRO V 195 -139.27 25.74 -26.00
N ARG V 196 -139.45 24.42 -26.03
CA ARG V 196 -138.89 23.57 -24.97
C ARG V 196 -137.38 23.66 -24.95
N LEU V 197 -136.75 23.67 -26.12
CA LEU V 197 -135.30 23.83 -26.18
C LEU V 197 -134.88 25.20 -25.67
N GLN V 198 -135.67 26.24 -25.96
CA GLN V 198 -135.36 27.57 -25.48
C GLN V 198 -135.48 27.65 -23.96
N GLN V 199 -136.49 27.00 -23.40
CA GLN V 199 -136.64 27.00 -21.94
C GLN V 199 -135.57 26.16 -21.26
N GLN V 200 -135.14 25.07 -21.90
CA GLN V 200 -134.06 24.26 -21.33
C GLN V 200 -132.73 25.01 -21.40
N VAL V 201 -132.49 25.74 -22.49
CA VAL V 201 -131.29 26.56 -22.60
C VAL V 201 -131.34 27.80 -21.74
N LYS V 202 -132.54 28.25 -21.35
CA LYS V 202 -132.65 29.42 -20.49
C LYS V 202 -132.20 29.12 -19.07
N GLU V 203 -132.25 27.85 -18.66
CA GLU V 203 -131.78 27.44 -17.35
C GLU V 203 -130.29 27.16 -17.32
N ILE V 204 -129.73 26.62 -18.40
CA ILE V 204 -128.28 26.45 -18.47
C ILE V 204 -127.61 27.79 -18.68
N LEU V 205 -128.24 28.68 -19.44
CA LEU V 205 -127.70 30.03 -19.60
C LEU V 205 -127.76 30.81 -18.29
N GLU V 206 -128.73 30.49 -17.44
CA GLU V 206 -128.79 31.15 -16.13
C GLU V 206 -127.57 30.81 -15.30
N LYS V 207 -127.25 29.52 -15.17
CA LYS V 207 -126.05 29.13 -14.43
C LYS V 207 -124.79 29.61 -15.13
N LEU V 208 -124.82 29.69 -16.46
CA LEU V 208 -123.67 30.20 -17.21
C LEU V 208 -123.40 31.66 -16.86
N LYS V 209 -124.45 32.50 -16.86
CA LYS V 209 -124.28 33.90 -16.52
C LYS V 209 -123.91 34.06 -15.05
N GLU V 210 -124.45 33.20 -14.18
CA GLU V 210 -124.09 33.26 -12.77
C GLU V 210 -122.61 32.95 -12.59
N ALA V 211 -122.10 31.94 -13.27
CA ALA V 211 -120.67 31.62 -13.19
C ALA V 211 -119.82 32.71 -13.84
N ILE V 212 -120.31 33.31 -14.94
CA ILE V 212 -119.56 34.37 -15.60
C ILE V 212 -119.42 35.57 -14.67
N GLU V 213 -120.49 35.94 -13.99
CA GLU V 213 -120.39 36.95 -12.95
C GLU V 213 -119.45 36.50 -11.84
N THR V 214 -119.50 35.21 -11.49
CA THR V 214 -118.53 34.66 -10.53
C THR V 214 -117.14 34.62 -11.13
N PHE V 215 -117.02 34.23 -12.40
CA PHE V 215 -115.73 34.29 -13.08
C PHE V 215 -115.24 35.72 -13.22
N GLN V 216 -116.15 36.67 -13.33
CA GLN V 216 -115.82 38.09 -13.25
C GLN V 216 -115.76 38.57 -11.81
N LYS V 217 -115.99 37.68 -10.84
CA LYS V 217 -115.82 37.98 -9.43
C LYS V 217 -114.55 37.37 -8.87
N GLY V 218 -113.62 36.99 -9.75
CA GLY V 218 -112.36 36.45 -9.31
C GLY V 218 -112.45 35.02 -8.83
N ASP V 219 -113.48 34.31 -9.26
CA ASP V 219 -113.67 32.91 -8.90
C ASP V 219 -113.11 32.04 -10.02
N GLU V 220 -112.04 31.31 -9.73
CA GLU V 220 -111.31 30.57 -10.74
C GLU V 220 -111.72 29.11 -10.80
N GLU V 221 -111.87 28.45 -9.65
CA GLU V 221 -112.28 27.05 -9.67
C GLU V 221 -113.80 26.92 -9.61
N GLN V 222 -114.45 27.67 -8.72
CA GLN V 222 -115.89 27.54 -8.55
C GLN V 222 -116.65 28.01 -9.80
N ALA V 223 -116.27 29.17 -10.34
CA ALA V 223 -116.97 29.67 -11.51
C ALA V 223 -116.68 28.82 -12.74
N PHE V 224 -115.45 28.33 -12.88
CA PHE V 224 -115.15 27.44 -14.00
C PHE V 224 -115.95 26.15 -13.89
N ARG V 225 -116.08 25.62 -12.67
CA ARG V 225 -116.87 24.41 -12.48
C ARG V 225 -118.34 24.65 -12.79
N GLN V 226 -118.89 25.79 -12.32
CA GLN V 226 -120.29 26.09 -12.59
C GLN V 226 -120.55 26.28 -14.08
N LEU V 227 -119.64 26.97 -14.79
CA LEU V 227 -119.81 27.16 -16.22
C LEU V 227 -119.68 25.83 -16.98
N ALA V 228 -118.75 24.98 -16.55
CA ALA V 228 -118.59 23.69 -17.20
C ALA V 228 -119.81 22.80 -16.98
N GLU V 229 -120.38 22.84 -15.77
CA GLU V 229 -121.59 22.06 -15.50
C GLU V 229 -122.78 22.60 -16.27
N VAL V 230 -122.87 23.93 -16.40
CA VAL V 230 -123.94 24.52 -17.19
C VAL V 230 -123.80 24.12 -18.66
N LEU V 231 -122.58 24.13 -19.18
CA LEU V 231 -122.33 23.69 -20.55
C LEU V 231 -122.67 22.22 -20.73
N ALA V 232 -122.36 21.38 -19.74
CA ALA V 232 -122.67 19.97 -19.84
C ALA V 232 -124.17 19.73 -19.81
N GLU V 233 -124.89 20.44 -18.94
CA GLU V 233 -126.35 20.31 -18.91
C GLU V 233 -126.97 20.84 -20.19
N ALA V 234 -126.40 21.91 -20.75
CA ALA V 234 -126.88 22.43 -22.03
C ALA V 234 -126.66 21.42 -23.15
N ALA V 235 -125.50 20.76 -23.15
CA ALA V 235 -125.25 19.74 -24.16
C ALA V 235 -126.16 18.53 -23.98
N LEU V 236 -126.50 18.20 -22.73
CA LEU V 236 -127.44 17.11 -22.49
C LEU V 236 -128.83 17.46 -22.97
N VAL V 237 -129.26 18.70 -22.76
CA VAL V 237 -130.58 19.11 -23.26
C VAL V 237 -130.56 19.25 -24.78
N ALA V 238 -129.40 19.57 -25.35
CA ALA V 238 -129.30 19.68 -26.81
C ALA V 238 -129.44 18.31 -27.46
N LEU V 239 -129.09 17.25 -26.74
CA LEU V 239 -129.30 15.90 -27.27
C LEU V 239 -130.77 15.63 -27.54
N ARG V 240 -131.65 16.16 -26.70
CA ARG V 240 -133.09 16.03 -26.94
C ARG V 240 -133.60 17.11 -27.88
N ALA V 241 -133.02 18.31 -27.83
CA ALA V 241 -133.45 19.38 -28.71
C ALA V 241 -133.13 19.09 -30.17
N ALA V 242 -132.11 18.28 -30.43
CA ALA V 242 -131.76 17.92 -31.80
C ALA V 242 -132.79 16.99 -32.42
N LEU V 243 -133.59 16.30 -31.60
CA LEU V 243 -134.67 15.46 -32.10
C LEU V 243 -136.04 16.12 -31.94
N THR V 244 -136.07 17.35 -31.42
CA THR V 244 -137.33 18.07 -31.23
C THR V 244 -137.82 18.76 -32.49
N ASN V 245 -137.07 18.69 -33.58
CA ASN V 245 -137.47 19.32 -34.84
C ASN V 245 -137.45 18.32 -35.98
N GLU W 4 -45.61 -59.92 -72.68
CA GLU W 4 -45.55 -58.92 -71.61
C GLU W 4 -46.85 -58.13 -71.54
N PHE W 5 -46.78 -56.95 -70.93
CA PHE W 5 -47.96 -56.11 -70.73
C PHE W 5 -48.53 -55.57 -72.02
N LYS W 6 -47.76 -55.57 -73.11
CA LYS W 6 -48.30 -55.27 -74.43
C LYS W 6 -47.85 -56.30 -75.46
N PHE W 7 -47.02 -57.27 -75.07
CA PHE W 7 -46.60 -58.35 -75.94
C PHE W 7 -47.32 -59.66 -75.66
N LEU W 8 -48.04 -59.77 -74.55
CA LEU W 8 -48.95 -60.88 -74.32
C LEU W 8 -50.38 -60.39 -74.28
N ALA W 9 -50.58 -59.10 -74.58
CA ALA W 9 -51.91 -58.52 -74.72
C ALA W 9 -52.39 -58.58 -76.16
N THR W 10 -51.48 -58.81 -77.11
CA THR W 10 -51.91 -59.17 -78.46
C THR W 10 -52.55 -60.55 -78.46
N GLU W 11 -52.04 -61.45 -77.60
CA GLU W 11 -52.73 -62.71 -77.37
C GLU W 11 -54.08 -62.48 -76.71
N ALA W 12 -54.14 -61.53 -75.76
CA ALA W 12 -55.44 -61.16 -75.20
C ALA W 12 -56.32 -60.53 -76.26
N LYS W 13 -55.73 -59.83 -77.23
CA LYS W 13 -56.51 -59.25 -78.33
C LYS W 13 -57.08 -60.31 -79.25
N MET W 14 -56.30 -61.35 -79.57
CA MET W 14 -56.85 -62.48 -80.30
C MET W 14 -57.93 -63.18 -79.48
N LEU W 15 -57.72 -63.27 -78.17
CA LEU W 15 -58.76 -63.83 -77.31
C LEU W 15 -60.03 -62.98 -77.35
N ILE W 16 -59.87 -61.65 -77.36
CA ILE W 16 -61.03 -60.77 -77.42
C ILE W 16 -61.73 -60.91 -78.76
N THR W 17 -60.97 -61.08 -79.84
CA THR W 17 -61.57 -61.28 -81.16
C THR W 17 -62.31 -62.61 -81.23
N ALA W 18 -61.76 -63.64 -80.60
CA ALA W 18 -62.45 -64.93 -80.56
C ALA W 18 -63.75 -64.82 -79.77
N ALA W 19 -63.67 -64.23 -78.57
CA ALA W 19 -64.86 -64.13 -77.73
C ALA W 19 -65.94 -63.25 -78.35
N GLU W 20 -65.54 -62.17 -79.03
CA GLU W 20 -66.53 -61.32 -79.70
C GLU W 20 -67.24 -62.08 -80.81
N ARG W 21 -66.54 -63.03 -81.44
CA ARG W 21 -67.12 -63.87 -82.47
C ARG W 21 -67.70 -65.16 -81.92
N LEU W 22 -67.50 -65.47 -80.64
CA LEU W 22 -68.02 -66.69 -80.04
C LEU W 22 -69.08 -66.43 -78.97
N ALA W 23 -69.34 -65.17 -78.64
CA ALA W 23 -70.38 -64.80 -77.69
C ALA W 23 -71.38 -63.92 -78.43
N GLY W 24 -72.18 -64.55 -79.28
CA GLY W 24 -73.21 -63.84 -80.03
C GLY W 24 -74.54 -63.75 -79.32
N THR W 25 -74.67 -64.41 -78.17
CA THR W 25 -75.85 -64.32 -77.32
C THR W 25 -75.38 -63.95 -75.93
N ASP W 26 -76.31 -63.97 -74.97
CA ASP W 26 -76.02 -63.54 -73.60
C ASP W 26 -75.38 -62.16 -73.61
N PRO W 27 -76.17 -61.11 -73.87
CA PRO W 27 -75.59 -59.75 -73.88
C PRO W 27 -74.78 -59.40 -72.64
N ARG W 28 -74.92 -60.15 -71.55
CA ARG W 28 -73.97 -60.02 -70.44
C ARG W 28 -72.56 -60.39 -70.89
N LEU W 29 -72.45 -61.38 -71.77
CA LEU W 29 -71.13 -61.75 -72.29
C LEU W 29 -70.56 -60.64 -73.17
N GLN W 30 -71.39 -60.05 -74.02
CA GLN W 30 -70.93 -58.93 -74.83
C GLN W 30 -70.53 -57.74 -73.97
N GLU W 31 -71.29 -57.48 -72.90
CA GLU W 31 -70.98 -56.39 -72.00
C GLU W 31 -69.67 -56.65 -71.25
N MET W 32 -69.45 -57.90 -70.82
CA MET W 32 -68.20 -58.24 -70.17
C MET W 32 -67.03 -58.13 -71.15
N VAL W 33 -67.24 -58.52 -72.39
CA VAL W 33 -66.19 -58.37 -73.40
C VAL W 33 -65.89 -56.90 -73.64
N ALA W 34 -66.92 -56.06 -73.61
CA ALA W 34 -66.70 -54.63 -73.79
C ALA W 34 -65.97 -54.03 -72.59
N LEU W 35 -66.33 -54.43 -71.38
CA LEU W 35 -65.64 -53.96 -70.19
C LEU W 35 -64.19 -54.44 -70.16
N ILE W 36 -63.94 -55.63 -70.71
CA ILE W 36 -62.57 -56.14 -70.77
C ILE W 36 -61.77 -55.36 -71.80
N LYS W 37 -62.35 -55.13 -72.99
CA LYS W 37 -61.69 -54.31 -73.99
C LYS W 37 -61.42 -52.91 -73.49
N LYS W 38 -62.33 -52.34 -72.71
CA LYS W 38 -62.07 -51.08 -72.04
C LYS W 38 -60.97 -51.24 -70.99
N GLU W 39 -61.04 -52.33 -70.22
CA GLU W 39 -59.93 -52.67 -69.34
C GLU W 39 -58.68 -53.00 -70.14
N LEU W 40 -58.82 -53.67 -71.28
CA LEU W 40 -57.68 -53.82 -72.18
C LEU W 40 -57.21 -52.47 -72.69
N GLU W 41 -58.14 -51.57 -73.03
CA GLU W 41 -57.77 -50.23 -73.44
C GLU W 41 -57.12 -49.47 -72.29
N GLN W 42 -57.63 -49.64 -71.08
CA GLN W 42 -57.05 -48.96 -69.93
C GLN W 42 -55.63 -49.46 -69.66
N ALA W 43 -55.39 -50.75 -69.81
CA ALA W 43 -54.05 -51.30 -69.62
C ALA W 43 -53.11 -50.85 -70.73
N GLU W 44 -53.59 -50.87 -71.98
CA GLU W 44 -52.76 -50.40 -73.10
C GLU W 44 -52.42 -48.93 -72.96
N ARG W 45 -53.34 -48.13 -72.42
CA ARG W 45 -53.01 -46.75 -72.11
C ARG W 45 -51.99 -46.67 -70.98
N THR W 46 -52.18 -47.46 -69.93
CA THR W 46 -51.17 -47.56 -68.88
C THR W 46 -49.89 -48.21 -69.42
N PHE W 47 -50.01 -49.12 -70.39
CA PHE W 47 -48.82 -49.61 -71.07
C PHE W 47 -48.19 -48.51 -71.92
N ARG W 48 -49.01 -47.61 -72.45
CA ARG W 48 -48.50 -46.42 -73.10
C ARG W 48 -48.15 -45.33 -72.11
N ASN W 49 -48.69 -45.39 -70.90
CA ASN W 49 -48.35 -44.44 -69.86
C ASN W 49 -47.18 -44.98 -69.04
N GLY W 50 -46.78 -44.25 -68.00
CA GLY W 50 -45.70 -44.67 -67.14
C GLY W 50 -46.14 -45.69 -66.12
N ASP W 51 -47.42 -46.06 -66.16
CA ASP W 51 -48.00 -47.04 -65.26
C ASP W 51 -47.81 -48.40 -65.90
N LYS W 52 -46.56 -48.82 -66.05
CA LYS W 52 -46.23 -50.09 -66.70
C LYS W 52 -46.52 -51.29 -65.80
N SER W 53 -46.25 -51.17 -64.50
CA SER W 53 -46.62 -52.25 -63.59
C SER W 53 -48.13 -52.35 -63.42
N GLU W 54 -48.80 -51.20 -63.32
CA GLU W 54 -50.26 -51.21 -63.30
C GLU W 54 -50.81 -51.74 -64.62
N ALA W 55 -50.15 -51.40 -65.73
CA ALA W 55 -50.55 -51.96 -67.02
C ALA W 55 -50.42 -53.48 -67.02
N GLN W 56 -49.31 -54.00 -66.50
CA GLN W 56 -49.12 -55.44 -66.46
C GLN W 56 -50.15 -56.11 -65.57
N ARG W 57 -50.46 -55.50 -64.42
CA ARG W 57 -51.46 -56.08 -63.52
C ARG W 57 -52.85 -56.09 -64.17
N GLN W 58 -53.25 -54.96 -64.76
CA GLN W 58 -54.55 -54.89 -65.41
C GLN W 58 -54.61 -55.83 -66.61
N LEU W 59 -53.50 -55.98 -67.33
CA LEU W 59 -53.47 -56.88 -68.47
C LEU W 59 -53.54 -58.33 -68.02
N GLU W 60 -52.89 -58.67 -66.92
CA GLU W 60 -52.99 -60.02 -66.38
C GLU W 60 -54.40 -60.33 -65.90
N PHE W 61 -55.04 -59.36 -65.25
CA PHE W 61 -56.42 -59.55 -64.84
C PHE W 61 -57.33 -59.71 -66.05
N VAL W 62 -57.16 -58.85 -67.06
CA VAL W 62 -58.00 -58.89 -68.24
C VAL W 62 -57.72 -60.15 -69.06
N LEU W 63 -56.52 -60.72 -68.93
CA LEU W 63 -56.23 -61.97 -69.62
C LEU W 63 -57.06 -63.10 -69.05
N THR W 64 -57.07 -63.23 -67.73
CA THR W 64 -57.95 -64.22 -67.10
C THR W 64 -59.41 -63.90 -67.38
N ALA W 65 -59.75 -62.61 -67.45
CA ALA W 65 -61.12 -62.22 -67.76
C ALA W 65 -61.52 -62.70 -69.15
N ALA W 66 -60.66 -62.47 -70.14
CA ALA W 66 -60.95 -62.89 -71.50
C ALA W 66 -60.95 -64.41 -71.61
N ARG W 67 -60.09 -65.08 -70.85
CA ARG W 67 -60.08 -66.54 -70.86
C ARG W 67 -61.38 -67.09 -70.32
N ALA W 68 -61.82 -66.58 -69.17
CA ALA W 68 -63.09 -67.03 -68.60
C ALA W 68 -64.26 -66.62 -69.48
N VAL W 69 -64.14 -65.50 -70.18
CA VAL W 69 -65.22 -65.06 -71.06
C VAL W 69 -65.31 -65.98 -72.27
N MET W 70 -64.16 -66.41 -72.79
CA MET W 70 -64.17 -67.40 -73.86
C MET W 70 -64.73 -68.72 -73.36
N ASN W 71 -64.40 -69.09 -72.12
CA ASN W 71 -64.98 -70.28 -71.53
C ASN W 71 -66.50 -70.17 -71.47
N VAL W 72 -67.00 -69.01 -71.06
CA VAL W 72 -68.44 -68.81 -70.95
C VAL W 72 -69.10 -68.81 -72.32
N ALA W 73 -68.43 -68.22 -73.32
CA ALA W 73 -68.99 -68.19 -74.66
C ALA W 73 -69.04 -69.59 -75.26
N ALA W 74 -67.97 -70.37 -75.07
CA ALA W 74 -67.96 -71.75 -75.55
C ALA W 74 -68.97 -72.59 -74.80
N ALA W 75 -69.18 -72.30 -73.52
CA ALA W 75 -70.22 -73.00 -72.77
C ALA W 75 -71.59 -72.68 -73.33
N ALA W 76 -71.89 -71.40 -73.54
CA ALA W 76 -73.17 -71.00 -74.12
C ALA W 76 -73.37 -71.61 -75.50
N ASN W 77 -72.29 -71.73 -76.27
CA ASN W 77 -72.38 -72.41 -77.54
C ASN W 77 -72.54 -73.91 -77.39
N ALA W 78 -72.12 -74.47 -76.26
CA ALA W 78 -72.20 -75.90 -76.01
C ALA W 78 -73.25 -76.27 -74.98
N ALA W 79 -73.97 -75.29 -74.44
CA ALA W 79 -75.02 -75.55 -73.46
C ALA W 79 -76.24 -74.70 -73.76
N GLY W 80 -76.61 -74.63 -75.05
CA GLY W 80 -77.80 -73.91 -75.44
C GLY W 80 -79.10 -74.62 -75.10
N THR W 81 -79.03 -75.79 -74.46
CA THR W 81 -80.21 -76.58 -74.16
C THR W 81 -80.31 -77.01 -72.71
N ASP W 82 -79.34 -76.68 -71.87
CA ASP W 82 -79.37 -77.08 -70.47
C ASP W 82 -79.77 -75.89 -69.61
N PRO W 83 -80.96 -75.91 -69.00
CA PRO W 83 -81.37 -74.75 -68.20
C PRO W 83 -80.49 -74.54 -66.98
N LEU W 84 -80.05 -75.61 -66.32
CA LEU W 84 -79.14 -75.46 -65.19
C LEU W 84 -77.81 -74.86 -65.65
N LEU W 85 -77.35 -75.25 -66.84
CA LEU W 85 -76.11 -74.68 -67.37
C LEU W 85 -76.28 -73.20 -67.69
N LYS W 86 -77.40 -72.82 -68.32
CA LYS W 86 -77.63 -71.42 -68.61
C LYS W 86 -77.77 -70.60 -67.33
N ALA W 87 -78.38 -71.19 -66.31
CA ALA W 87 -78.51 -70.51 -65.02
C ALA W 87 -77.16 -70.31 -64.37
N MET W 88 -76.33 -71.36 -64.31
CA MET W 88 -74.99 -71.22 -63.76
C MET W 88 -74.16 -70.28 -64.61
N VAL W 89 -74.44 -70.21 -65.91
CA VAL W 89 -73.69 -69.32 -66.78
C VAL W 89 -74.05 -67.86 -66.50
N ASP W 90 -75.34 -67.57 -66.35
CA ASP W 90 -75.73 -66.22 -65.97
C ASP W 90 -75.22 -65.88 -64.57
N ALA W 91 -75.17 -66.88 -63.69
CA ALA W 91 -74.63 -66.64 -62.36
C ALA W 91 -73.14 -66.32 -62.42
N ILE W 92 -72.39 -67.06 -63.24
CA ILE W 92 -70.98 -66.76 -63.41
C ILE W 92 -70.80 -65.42 -64.10
N LEU W 93 -71.74 -65.04 -64.97
CA LEU W 93 -71.67 -63.74 -65.61
C LEU W 93 -71.88 -62.62 -64.60
N TRP W 94 -72.82 -62.80 -63.68
CA TRP W 94 -73.02 -61.82 -62.62
C TRP W 94 -71.84 -61.77 -61.69
N ARG W 95 -71.29 -62.93 -61.32
CA ARG W 95 -70.10 -62.98 -60.48
C ARG W 95 -68.91 -62.34 -61.18
N LEU W 96 -68.84 -62.49 -62.51
CA LEU W 96 -67.76 -61.88 -63.27
C LEU W 96 -67.92 -60.37 -63.36
N LYS W 97 -69.15 -59.89 -63.51
CA LYS W 97 -69.39 -58.45 -63.46
C LYS W 97 -69.03 -57.91 -62.08
N GLU W 98 -69.36 -58.65 -61.02
CA GLU W 98 -69.01 -58.22 -59.68
C GLU W 98 -67.50 -58.20 -59.48
N ALA W 99 -66.81 -59.24 -59.96
CA ALA W 99 -65.36 -59.27 -59.82
C ALA W 99 -64.70 -58.21 -60.69
N ILE W 100 -65.33 -57.87 -61.81
CA ILE W 100 -64.79 -56.82 -62.68
C ILE W 100 -64.97 -55.47 -62.04
N ARG W 101 -66.10 -55.24 -61.38
CA ARG W 101 -66.28 -54.00 -60.62
C ARG W 101 -65.32 -53.95 -59.43
N THR W 102 -65.05 -55.10 -58.81
CA THR W 102 -64.14 -55.13 -57.68
C THR W 102 -62.71 -54.84 -58.12
N PHE W 103 -62.25 -55.49 -59.18
CA PHE W 103 -60.92 -55.19 -59.72
C PHE W 103 -60.83 -53.75 -60.20
N GLN W 104 -61.90 -53.25 -60.84
CA GLN W 104 -61.94 -51.85 -61.21
C GLN W 104 -61.88 -50.95 -59.98
N ASN W 105 -62.41 -51.43 -58.85
CA ASN W 105 -62.23 -50.76 -57.57
C ASN W 105 -60.87 -51.08 -56.94
N GLY W 106 -59.97 -51.73 -57.68
CA GLY W 106 -58.71 -52.14 -57.11
C GLY W 106 -58.80 -53.35 -56.21
N ASP W 107 -59.95 -54.01 -56.16
CA ASP W 107 -60.14 -55.19 -55.33
C ASP W 107 -60.13 -56.45 -56.19
N GLU W 109 -57.03 -56.77 -55.61
CA GLU W 109 -56.99 -57.47 -54.33
C GLU W 109 -57.78 -58.78 -54.40
N GLU W 110 -59.04 -58.74 -53.99
CA GLU W 110 -59.90 -59.91 -54.06
C GLU W 110 -60.42 -60.17 -55.47
N ALA W 111 -59.86 -59.49 -56.47
CA ALA W 111 -60.22 -59.76 -57.86
C ALA W 111 -59.82 -61.19 -58.24
N GLU W 112 -58.52 -61.47 -58.24
CA GLU W 112 -58.07 -62.85 -58.44
C GLU W 112 -58.17 -63.63 -57.15
N THR W 113 -59.39 -63.64 -56.59
CA THR W 113 -59.77 -64.50 -55.48
C THR W 113 -61.02 -65.31 -55.82
N GLN W 114 -62.14 -64.64 -56.04
CA GLN W 114 -63.31 -65.30 -56.61
C GLN W 114 -63.14 -65.57 -58.09
N LEU W 115 -62.65 -64.57 -58.83
CA LEU W 115 -62.35 -64.78 -60.24
C LEU W 115 -61.23 -65.80 -60.41
N ARG W 116 -60.31 -65.87 -59.43
CA ARG W 116 -59.35 -66.97 -59.40
C ARG W 116 -60.08 -68.31 -59.45
N PHE W 117 -61.15 -68.44 -58.67
CA PHE W 117 -62.00 -69.61 -58.79
C PHE W 117 -63.02 -69.47 -59.91
N VAL W 118 -63.51 -68.25 -60.15
CA VAL W 118 -64.47 -68.06 -61.23
C VAL W 118 -63.82 -68.32 -62.58
N LEU W 119 -62.50 -68.17 -62.68
CA LEU W 119 -61.82 -68.65 -63.87
C LEU W 119 -61.92 -70.17 -63.97
N ARG W 120 -61.59 -70.86 -62.88
CA ARG W 120 -61.76 -72.31 -62.85
C ARG W 120 -63.23 -72.68 -62.93
N ALA W 121 -64.11 -71.81 -62.41
CA ALA W 121 -65.54 -72.07 -62.54
C ALA W 121 -65.97 -72.05 -63.98
N ALA W 122 -65.56 -71.02 -64.74
CA ALA W 122 -65.89 -70.97 -66.16
C ALA W 122 -65.22 -72.11 -66.91
N ILE W 123 -64.03 -72.54 -66.46
CA ILE W 123 -63.37 -73.68 -67.06
C ILE W 123 -64.24 -74.92 -66.92
N ALA W 124 -64.62 -75.27 -65.69
CA ALA W 124 -65.43 -76.46 -65.48
C ALA W 124 -66.81 -76.30 -66.11
N VAL W 125 -67.28 -75.06 -66.23
CA VAL W 125 -68.59 -74.82 -66.82
C VAL W 125 -68.56 -75.12 -68.32
N ALA W 126 -67.57 -74.58 -69.02
CA ALA W 126 -67.39 -74.91 -70.42
C ALA W 126 -67.10 -76.40 -70.58
N VAL W 127 -66.45 -77.01 -69.58
CA VAL W 127 -66.16 -78.43 -69.64
C VAL W 127 -67.45 -79.24 -69.63
N VAL W 128 -68.34 -78.95 -68.68
CA VAL W 128 -69.62 -79.65 -68.62
C VAL W 128 -70.46 -79.33 -69.84
N ALA W 129 -70.37 -78.10 -70.34
CA ALA W 129 -71.13 -77.73 -71.52
C ALA W 129 -70.68 -78.53 -72.74
N ALA W 130 -69.37 -78.69 -72.91
CA ALA W 130 -68.87 -79.51 -74.00
C ALA W 130 -69.23 -80.97 -73.79
N ALA W 131 -69.20 -81.44 -72.54
CA ALA W 131 -69.61 -82.81 -72.26
C ALA W 131 -71.06 -83.04 -72.65
N LEU W 132 -71.90 -82.03 -72.48
CA LEU W 132 -73.30 -82.17 -72.86
C LEU W 132 -73.50 -82.00 -74.37
N VAL W 133 -72.72 -81.12 -75.00
CA VAL W 133 -72.91 -80.86 -76.42
C VAL W 133 -72.37 -81.99 -77.28
N LEU W 134 -71.21 -82.54 -76.92
CA LEU W 134 -70.65 -83.68 -77.61
C LEU W 134 -71.29 -84.99 -77.19
N ALA W 135 -72.31 -84.94 -76.34
CA ALA W 135 -73.08 -86.11 -75.97
C ALA W 135 -74.08 -86.41 -77.07
N GLY W 136 -74.85 -87.48 -76.91
CA GLY W 136 -75.81 -87.90 -77.91
C GLY W 136 -77.00 -88.53 -77.26
N THR W 137 -77.41 -89.70 -77.75
CA THR W 137 -78.54 -90.40 -77.17
C THR W 137 -78.24 -90.81 -75.72
N ASP W 138 -77.23 -91.65 -75.54
CA ASP W 138 -76.91 -92.17 -74.22
C ASP W 138 -75.84 -91.32 -73.55
N PRO W 139 -76.23 -90.36 -72.73
CA PRO W 139 -75.22 -89.63 -71.94
C PRO W 139 -74.55 -90.57 -70.95
N GLU W 140 -75.35 -91.34 -70.22
CA GLU W 140 -74.92 -92.36 -69.27
C GLU W 140 -74.15 -91.80 -68.08
N LEU W 141 -73.69 -90.55 -68.14
CA LEU W 141 -73.11 -89.91 -66.97
C LEU W 141 -73.50 -88.43 -66.88
N GLN W 142 -74.39 -87.94 -67.76
CA GLN W 142 -74.86 -86.57 -67.62
C GLN W 142 -75.52 -86.34 -66.28
N GLU W 143 -76.16 -87.36 -65.71
CA GLU W 143 -76.60 -87.27 -64.32
C GLU W 143 -75.40 -87.06 -63.41
N MET W 144 -74.40 -87.94 -63.51
CA MET W 144 -73.13 -87.70 -62.82
C MET W 144 -72.57 -86.33 -63.20
N VAL W 145 -72.56 -86.03 -64.50
CA VAL W 145 -72.15 -84.70 -64.94
C VAL W 145 -73.05 -83.62 -64.34
N GLU W 146 -74.34 -83.90 -64.20
CA GLU W 146 -75.19 -82.98 -63.46
C GLU W 146 -74.84 -83.01 -61.98
N GLN W 147 -74.60 -84.21 -61.44
CA GLN W 147 -74.05 -84.32 -60.08
C GLN W 147 -72.77 -83.52 -59.97
N ILE W 148 -71.84 -83.73 -60.89
CA ILE W 148 -70.66 -82.87 -60.99
C ILE W 148 -71.10 -81.42 -61.12
N LYS W 149 -72.07 -81.14 -61.99
CA LYS W 149 -72.64 -79.80 -62.07
C LYS W 149 -73.18 -79.38 -60.71
N ASP W 150 -73.91 -80.27 -60.05
CA ASP W 150 -74.27 -80.04 -58.66
C ASP W 150 -73.01 -79.84 -57.83
N LEU W 151 -72.05 -80.75 -57.93
CA LEU W 151 -70.75 -80.53 -57.30
C LEU W 151 -70.13 -79.23 -57.78
N LEU W 152 -70.36 -78.84 -59.04
CA LEU W 152 -69.95 -77.53 -59.51
C LEU W 152 -70.79 -76.44 -58.84
N ILE W 153 -72.10 -76.61 -58.80
CA ILE W 153 -72.94 -75.74 -58.00
C ILE W 153 -72.47 -75.77 -56.55
N SER W 154 -72.20 -76.97 -56.04
CA SER W 154 -71.55 -77.09 -54.73
C SER W 154 -70.21 -76.37 -54.73
N ALA W 155 -69.42 -76.54 -55.78
CA ALA W 155 -68.21 -75.74 -55.93
C ALA W 155 -68.57 -74.26 -56.02
N PHE W 156 -69.65 -73.95 -56.73
CA PHE W 156 -70.16 -72.58 -56.73
C PHE W 156 -70.49 -72.12 -55.32
N MET W 157 -70.87 -73.05 -54.45
CA MET W 157 -70.97 -72.75 -53.03
C MET W 157 -69.65 -72.97 -52.31
N ALA W 158 -68.83 -73.91 -52.76
CA ALA W 158 -67.55 -74.20 -52.13
C ALA W 158 -66.47 -73.20 -52.54
N GLY W 159 -66.87 -72.10 -53.16
CA GLY W 159 -65.96 -71.03 -53.49
C GLY W 159 -66.13 -69.87 -52.52
N GLU W 165 -64.06 -71.65 -50.88
CA GLU W 165 -62.67 -72.04 -50.64
C GLU W 165 -62.48 -73.53 -50.85
N LYS W 166 -63.54 -74.31 -50.63
CA LYS W 166 -63.50 -75.76 -50.75
C LYS W 166 -63.66 -76.23 -52.19
N ALA W 167 -63.23 -75.42 -53.17
CA ALA W 167 -63.39 -75.79 -54.56
C ALA W 167 -62.14 -75.60 -55.40
N LEU W 168 -61.02 -75.12 -54.82
CA LEU W 168 -59.81 -74.91 -55.61
C LEU W 168 -59.31 -76.19 -56.24
N THR W 169 -59.09 -77.24 -55.43
CA THR W 169 -58.75 -78.54 -56.00
C THR W 169 -59.99 -79.25 -56.51
N GLN W 170 -61.16 -78.93 -55.96
CA GLN W 170 -62.40 -79.55 -56.42
C GLN W 170 -62.73 -79.13 -57.84
N LEU W 171 -62.49 -77.87 -58.18
CA LEU W 171 -62.72 -77.43 -59.56
C LEU W 171 -61.77 -78.14 -60.51
N LEU W 172 -60.51 -78.31 -60.11
CA LEU W 172 -59.56 -79.05 -60.94
C LEU W 172 -59.98 -80.49 -61.11
N PHE W 173 -60.46 -81.12 -60.03
CA PHE W 173 -60.91 -82.50 -60.10
C PHE W 173 -62.14 -82.62 -61.00
N VAL W 174 -63.06 -81.67 -60.92
CA VAL W 174 -64.24 -81.70 -61.76
C VAL W 174 -63.86 -81.51 -63.23
N ALA W 175 -62.91 -80.62 -63.49
CA ALA W 175 -62.45 -80.43 -64.86
C ALA W 175 -61.75 -81.68 -65.38
N TRP W 176 -60.97 -82.35 -64.54
CA TRP W 176 -60.29 -83.57 -64.97
C TRP W 176 -61.28 -84.69 -65.22
N ALA W 177 -62.33 -84.79 -64.40
CA ALA W 177 -63.36 -85.79 -64.63
C ALA W 177 -64.14 -85.48 -65.89
N ALA W 178 -64.41 -84.20 -66.16
CA ALA W 178 -65.04 -83.84 -67.42
C ALA W 178 -64.14 -84.17 -68.60
N HIS W 179 -62.83 -83.98 -68.45
CA HIS W 179 -61.90 -84.31 -69.53
C HIS W 179 -61.87 -85.80 -69.79
N ALA W 180 -61.90 -86.61 -68.73
CA ALA W 180 -62.04 -88.05 -68.92
C ALA W 180 -63.40 -88.38 -69.53
N VAL W 181 -64.42 -87.58 -69.23
CA VAL W 181 -65.71 -87.78 -69.87
C VAL W 181 -65.72 -87.20 -71.28
N ALA W 182 -65.15 -86.00 -71.46
CA ALA W 182 -65.14 -85.38 -72.77
C ALA W 182 -64.29 -86.17 -73.75
N MET W 183 -63.21 -86.78 -73.26
CA MET W 183 -62.45 -87.69 -74.13
C MET W 183 -63.31 -88.90 -74.51
N ILE W 184 -63.99 -89.50 -73.53
CA ILE W 184 -64.88 -90.63 -73.82
C ILE W 184 -66.04 -90.17 -74.70
N ALA W 185 -66.56 -88.96 -74.45
CA ALA W 185 -67.66 -88.46 -75.26
C ALA W 185 -67.25 -88.26 -76.71
N ALA W 186 -66.07 -87.67 -76.93
CA ALA W 186 -65.60 -87.49 -78.30
C ALA W 186 -65.25 -88.82 -78.95
N ALA W 187 -64.79 -89.78 -78.17
CA ALA W 187 -64.50 -91.10 -78.72
C ALA W 187 -65.78 -91.80 -79.17
N ALA W 188 -66.82 -91.77 -78.34
CA ALA W 188 -68.09 -92.37 -78.71
C ALA W 188 -68.78 -91.58 -79.81
N ASN W 189 -68.47 -90.29 -79.93
CA ASN W 189 -69.11 -89.47 -80.95
C ASN W 189 -68.68 -89.89 -82.36
N LEU W 190 -67.39 -90.09 -82.57
CA LEU W 190 -66.88 -90.54 -83.86
C LEU W 190 -66.92 -92.06 -83.99
N ALA W 191 -67.52 -92.75 -83.04
CA ALA W 191 -67.64 -94.21 -83.07
C ALA W 191 -69.05 -94.60 -83.49
N GLY W 192 -69.16 -95.72 -84.19
CA GLY W 192 -70.44 -96.22 -84.64
C GLY W 192 -70.90 -97.42 -83.84
N PRO W 195 -67.01 -100.57 -82.28
CA PRO W 195 -67.22 -100.16 -80.89
C PRO W 195 -65.98 -100.34 -80.03
N ARG W 196 -64.82 -100.49 -80.68
CA ARG W 196 -63.57 -100.62 -79.95
C ARG W 196 -63.28 -99.38 -79.12
N LEU W 197 -63.53 -98.20 -79.69
CA LEU W 197 -63.36 -96.96 -78.94
C LEU W 197 -64.34 -96.89 -77.78
N GLN W 198 -65.57 -97.38 -77.98
CA GLN W 198 -66.54 -97.37 -76.90
C GLN W 198 -66.13 -98.32 -75.77
N GLN W 199 -65.59 -99.49 -76.12
CA GLN W 199 -65.13 -100.42 -75.10
C GLN W 199 -63.89 -99.92 -74.38
N GLN W 200 -63.00 -99.22 -75.10
CA GLN W 200 -61.82 -98.66 -74.45
C GLN W 200 -62.20 -97.51 -73.53
N VAL W 201 -63.18 -96.69 -73.93
CA VAL W 201 -63.68 -95.63 -73.07
C VAL W 201 -64.53 -96.14 -71.93
N LYS W 202 -65.09 -97.35 -72.06
CA LYS W 202 -65.90 -97.90 -70.98
C LYS W 202 -65.03 -98.33 -69.81
N GLU W 203 -63.76 -98.60 -70.05
CA GLU W 203 -62.84 -98.97 -68.98
C GLU W 203 -62.20 -97.76 -68.32
N ILE W 204 -61.94 -96.69 -69.07
CA ILE W 204 -61.46 -95.45 -68.46
C ILE W 204 -62.60 -94.76 -67.73
N LEU W 205 -63.81 -94.85 -68.26
CA LEU W 205 -64.97 -94.29 -67.55
C LEU W 205 -65.25 -95.07 -66.27
N GLU W 206 -64.92 -96.36 -66.24
CA GLU W 206 -65.09 -97.13 -65.02
C GLU W 206 -64.20 -96.59 -63.90
N LYS W 207 -62.91 -96.42 -64.17
CA LYS W 207 -62.01 -95.84 -63.17
C LYS W 207 -62.38 -94.40 -62.86
N LEU W 208 -62.91 -93.68 -63.86
CA LEU W 208 -63.35 -92.30 -63.62
C LEU W 208 -64.50 -92.25 -62.63
N LYS W 209 -65.51 -93.11 -62.81
CA LYS W 209 -66.65 -93.15 -61.89
C LYS W 209 -66.21 -93.66 -60.52
N GLU W 210 -65.27 -94.61 -60.49
CA GLU W 210 -64.75 -95.09 -59.22
C GLU W 210 -64.06 -93.98 -58.45
N ALA W 211 -63.24 -93.18 -59.14
CA ALA W 211 -62.58 -92.06 -58.48
C ALA W 211 -63.58 -90.97 -58.10
N ILE W 212 -64.62 -90.75 -58.92
CA ILE W 212 -65.62 -89.75 -58.60
C ILE W 212 -66.37 -90.13 -57.34
N GLU W 213 -66.74 -91.41 -57.22
CA GLU W 213 -67.29 -91.89 -55.95
C GLU W 213 -66.28 -91.74 -54.83
N THR W 214 -64.99 -91.99 -55.12
CA THR W 214 -63.96 -91.73 -54.13
C THR W 214 -63.78 -90.24 -53.89
N PHE W 215 -63.81 -89.43 -54.96
CA PHE W 215 -63.79 -87.99 -54.79
C PHE W 215 -65.02 -87.49 -54.06
N GLN W 216 -66.15 -88.18 -54.20
CA GLN W 216 -67.33 -87.93 -53.40
C GLN W 216 -67.27 -88.69 -52.08
N LYS W 217 -66.19 -89.42 -51.83
CA LYS W 217 -65.95 -90.07 -50.56
C LYS W 217 -64.90 -89.34 -49.73
N GLY W 218 -64.62 -88.08 -50.09
CA GLY W 218 -63.68 -87.28 -49.34
C GLY W 218 -62.24 -87.65 -49.61
N ASP W 219 -61.98 -88.26 -50.76
CA ASP W 219 -60.63 -88.64 -51.15
C ASP W 219 -60.09 -87.56 -52.08
N GLU W 220 -59.07 -86.85 -51.61
CA GLU W 220 -58.55 -85.68 -52.31
C GLU W 220 -57.34 -86.00 -53.16
N GLU W 221 -56.39 -86.77 -52.65
CA GLU W 221 -55.22 -87.12 -53.45
C GLU W 221 -55.45 -88.42 -54.22
N GLN W 222 -55.99 -89.44 -53.57
CA GLN W 222 -56.16 -90.74 -54.23
C GLN W 222 -57.18 -90.67 -55.36
N ALA W 223 -58.33 -90.03 -55.10
CA ALA W 223 -59.35 -89.95 -56.13
C ALA W 223 -58.92 -89.04 -57.28
N PHE W 224 -58.24 -87.94 -56.95
CA PHE W 224 -57.72 -87.07 -58.02
C PHE W 224 -56.70 -87.81 -58.87
N ARG W 225 -55.84 -88.61 -58.24
CA ARG W 225 -54.86 -89.38 -59.00
C ARG W 225 -55.54 -90.42 -59.87
N GLN W 226 -56.54 -91.12 -59.32
CA GLN W 226 -57.24 -92.13 -60.11
C GLN W 226 -57.99 -91.51 -61.29
N LEU W 227 -58.64 -90.36 -61.09
CA LEU W 227 -59.32 -89.69 -62.18
C LEU W 227 -58.34 -89.18 -63.22
N ALA W 228 -57.19 -88.65 -62.79
CA ALA W 228 -56.20 -88.17 -63.73
C ALA W 228 -55.61 -89.31 -64.54
N GLU W 229 -55.38 -90.46 -63.90
CA GLU W 229 -54.87 -91.62 -64.63
C GLU W 229 -55.91 -92.16 -65.60
N VAL W 230 -57.18 -92.15 -65.19
CA VAL W 230 -58.25 -92.59 -66.10
C VAL W 230 -58.34 -91.66 -67.30
N LEU W 231 -58.23 -90.35 -67.06
CA LEU W 231 -58.23 -89.39 -68.16
C LEU W 231 -57.03 -89.59 -69.08
N ALA W 232 -55.86 -89.89 -68.50
CA ALA W 232 -54.68 -90.11 -69.33
C ALA W 232 -54.81 -91.38 -70.18
N GLU W 233 -55.34 -92.44 -69.58
CA GLU W 233 -55.56 -93.67 -70.35
C GLU W 233 -56.62 -93.46 -71.43
N ALA W 234 -57.65 -92.66 -71.11
CA ALA W 234 -58.66 -92.35 -72.11
C ALA W 234 -58.07 -91.54 -73.25
N ALA W 235 -57.19 -90.59 -72.95
CA ALA W 235 -56.54 -89.83 -74.00
C ALA W 235 -55.59 -90.70 -74.82
N LEU W 236 -54.95 -91.68 -74.19
CA LEU W 236 -54.10 -92.60 -74.93
C LEU W 236 -54.91 -93.49 -75.87
N VAL W 237 -56.08 -93.94 -75.41
CA VAL W 237 -56.94 -94.75 -76.27
C VAL W 237 -57.59 -93.88 -77.36
N ALA W 238 -57.78 -92.59 -77.08
CA ALA W 238 -58.33 -91.69 -78.09
C ALA W 238 -57.35 -91.47 -79.22
N LEU W 239 -56.05 -91.58 -78.93
CA LEU W 239 -55.05 -91.48 -79.99
C LEU W 239 -55.25 -92.54 -81.06
N ARG W 240 -55.67 -93.74 -80.65
CA ARG W 240 -55.97 -94.79 -81.61
C ARG W 240 -57.40 -94.69 -82.14
N ALA W 241 -58.33 -94.22 -81.31
CA ALA W 241 -59.71 -94.07 -81.75
C ALA W 241 -59.86 -92.99 -82.82
N ALA W 242 -58.96 -92.01 -82.83
CA ALA W 242 -59.01 -90.96 -83.84
C ALA W 242 -58.62 -91.47 -85.22
N LEU W 243 -57.90 -92.59 -85.29
CA LEU W 243 -57.57 -93.23 -86.55
C LEU W 243 -58.45 -94.43 -86.85
N THR W 244 -59.39 -94.75 -85.97
CA THR W 244 -60.29 -95.89 -86.16
C THR W 244 -61.46 -95.58 -87.09
N ASN W 245 -61.58 -94.34 -87.56
CA ASN W 245 -62.68 -93.97 -88.45
C ASN W 245 -62.15 -93.32 -89.72
N GLU X 4 38.53 -89.16 -38.86
CA GLU X 4 38.17 -88.20 -37.83
C GLU X 4 38.21 -88.85 -36.45
N PHE X 5 37.51 -88.24 -35.49
CA PHE X 5 37.52 -88.71 -34.11
C PHE X 5 36.84 -90.07 -33.94
N LYS X 6 36.02 -90.49 -34.90
CA LYS X 6 35.51 -91.85 -34.93
C LYS X 6 35.67 -92.48 -36.30
N PHE X 7 36.18 -91.74 -37.29
CA PHE X 7 36.45 -92.28 -38.61
C PHE X 7 37.92 -92.55 -38.86
N LEU X 8 38.81 -92.09 -37.98
CA LEU X 8 40.21 -92.50 -37.99
C LEU X 8 40.54 -93.28 -36.73
N ALA X 9 39.52 -93.56 -35.92
CA ALA X 9 39.65 -94.42 -34.75
C ALA X 9 39.33 -95.87 -35.08
N THR X 10 38.68 -96.12 -36.22
CA THR X 10 38.62 -97.47 -36.73
C THR X 10 39.99 -97.93 -37.20
N GLU X 11 40.79 -97.00 -37.73
CA GLU X 11 42.19 -97.29 -37.97
C GLU X 11 42.93 -97.54 -36.67
N ALA X 12 42.63 -96.75 -35.63
CA ALA X 12 43.19 -97.04 -34.32
C ALA X 12 42.69 -98.38 -33.79
N LYS X 13 41.47 -98.76 -34.15
CA LYS X 13 40.94 -100.07 -33.74
C LYS X 13 41.66 -101.21 -34.43
N MET X 14 41.96 -101.07 -35.72
CA MET X 14 42.80 -102.06 -36.40
C MET X 14 44.20 -102.07 -35.79
N LEU X 15 44.72 -100.91 -35.42
CA LEU X 15 46.00 -100.86 -34.73
C LEU X 15 45.93 -101.58 -33.39
N ILE X 16 44.82 -101.40 -32.66
CA ILE X 16 44.67 -102.07 -31.37
C ILE X 16 44.58 -103.58 -31.57
N THR X 17 43.89 -104.01 -32.63
CA THR X 17 43.80 -105.44 -32.93
C THR X 17 45.15 -106.02 -33.31
N ALA X 18 45.95 -105.26 -34.07
CA ALA X 18 47.29 -105.71 -34.40
C ALA X 18 48.16 -105.82 -33.16
N ALA X 19 48.15 -104.78 -32.31
CA ALA X 19 48.99 -104.78 -31.13
C ALA X 19 48.59 -105.87 -30.14
N GLU X 20 47.29 -106.11 -29.99
CA GLU X 20 46.83 -107.18 -29.10
C GLU X 20 47.29 -108.54 -29.59
N ARG X 21 47.43 -108.69 -30.91
CA ARG X 21 47.94 -109.92 -31.50
C ARG X 21 49.45 -109.90 -31.71
N LEU X 22 50.11 -108.77 -31.48
CA LEU X 22 51.55 -108.66 -31.66
C LEU X 22 52.30 -108.41 -30.36
N ALA X 23 51.59 -108.22 -29.25
CA ALA X 23 52.20 -108.03 -27.93
C ALA X 23 51.68 -109.17 -27.05
N GLY X 24 52.21 -110.36 -27.29
CA GLY X 24 51.86 -111.51 -26.49
C GLY X 24 52.72 -111.73 -25.27
N THR X 25 53.77 -110.92 -25.11
CA THR X 25 54.61 -110.91 -23.93
C THR X 25 54.67 -109.49 -23.40
N ASP X 26 55.52 -109.25 -22.41
CA ASP X 26 55.61 -107.95 -21.75
C ASP X 26 54.23 -107.51 -21.29
N PRO X 27 53.69 -108.11 -20.23
CA PRO X 27 52.37 -107.70 -19.74
C PRO X 27 52.22 -106.20 -19.54
N ARG X 28 53.31 -105.44 -19.46
CA ARG X 28 53.20 -103.99 -19.52
C ARG X 28 52.62 -103.54 -20.86
N LEU X 29 52.98 -104.25 -21.93
CA LEU X 29 52.41 -103.93 -23.24
C LEU X 29 50.92 -104.23 -23.28
N GLN X 30 50.51 -105.36 -22.72
CA GLN X 30 49.09 -105.68 -22.68
C GLN X 30 48.34 -104.67 -21.82
N GLU X 31 48.94 -104.25 -20.70
CA GLU X 31 48.31 -103.26 -19.84
C GLU X 31 48.20 -101.91 -20.53
N MET X 32 49.21 -101.51 -21.29
CA MET X 32 49.15 -100.28 -22.04
C MET X 32 48.10 -100.36 -23.13
N VAL X 33 47.99 -101.52 -23.79
CA VAL X 33 46.96 -101.71 -24.80
C VAL X 33 45.58 -101.63 -24.18
N ALA X 34 45.43 -102.16 -22.96
CA ALA X 34 44.14 -102.08 -22.27
C ALA X 34 43.82 -100.65 -21.86
N LEU X 35 44.81 -99.91 -21.37
CA LEU X 35 44.59 -98.51 -21.02
C LEU X 35 44.29 -97.68 -22.25
N ILE X 36 44.85 -98.05 -23.40
CA ILE X 36 44.56 -97.33 -24.64
C ILE X 36 43.15 -97.64 -25.11
N LYS X 37 42.77 -98.92 -25.09
CA LYS X 37 41.41 -99.30 -25.43
C LYS X 37 40.39 -98.64 -24.50
N LYS X 38 40.71 -98.51 -23.21
CA LYS X 38 39.87 -97.73 -22.32
C LYS X 38 39.91 -96.25 -22.69
N GLU X 39 41.10 -95.73 -23.00
CA GLU X 39 41.20 -94.40 -23.56
C GLU X 39 40.51 -94.32 -24.92
N LEU X 40 40.63 -95.38 -25.74
CA LEU X 40 39.83 -95.45 -26.95
C LEU X 40 38.34 -95.51 -26.63
N GLU X 41 37.96 -96.26 -25.60
CA GLU X 41 36.57 -96.30 -25.17
C GLU X 41 36.14 -94.94 -24.63
N GLN X 42 37.02 -94.26 -23.89
CA GLN X 42 36.69 -92.95 -23.35
C GLN X 42 36.49 -91.93 -24.47
N ALA X 43 37.33 -91.99 -25.51
CA ALA X 43 37.18 -91.09 -26.65
C ALA X 43 35.92 -91.42 -27.44
N GLU X 44 35.66 -92.70 -27.68
CA GLU X 44 34.45 -93.09 -28.39
C GLU X 44 33.20 -92.69 -27.63
N ARG X 45 33.24 -92.74 -26.30
CA ARG X 45 32.13 -92.21 -25.51
C ARG X 45 32.05 -90.70 -25.64
N THR X 46 33.18 -90.01 -25.57
CA THR X 46 33.20 -88.58 -25.86
C THR X 46 32.87 -88.30 -27.32
N PHE X 47 33.23 -89.21 -28.23
CA PHE X 47 32.76 -89.10 -29.60
C PHE X 47 31.27 -89.34 -29.68
N ARG X 48 30.74 -90.20 -28.80
CA ARG X 48 29.29 -90.35 -28.66
C ARG X 48 28.69 -89.27 -27.78
N ASN X 49 29.50 -88.61 -26.96
CA ASN X 49 29.03 -87.51 -26.13
C ASN X 49 29.20 -86.20 -26.90
N GLY X 50 28.87 -85.08 -26.25
CA GLY X 50 29.03 -83.78 -26.86
C GLY X 50 30.46 -83.28 -26.77
N ASP X 51 31.35 -84.09 -26.19
CA ASP X 51 32.76 -83.75 -26.06
C ASP X 51 33.45 -84.26 -27.31
N LYS X 52 33.11 -83.66 -28.45
CA LYS X 52 33.67 -84.07 -29.73
C LYS X 52 35.11 -83.60 -29.92
N SER X 53 35.43 -82.38 -29.47
CA SER X 53 36.80 -81.92 -29.54
C SER X 53 37.68 -82.68 -28.54
N GLU X 54 37.16 -82.92 -27.33
CA GLU X 54 37.87 -83.76 -26.38
C GLU X 54 38.01 -85.18 -26.91
N ALA X 55 36.97 -85.67 -27.60
CA ALA X 55 37.07 -86.98 -28.24
C ALA X 55 38.18 -87.01 -29.27
N GLN X 56 38.26 -85.96 -30.10
CA GLN X 56 39.29 -85.90 -31.12
C GLN X 56 40.68 -85.84 -30.49
N ARG X 57 40.83 -85.05 -29.43
CA ARG X 57 42.13 -84.96 -28.77
C ARG X 57 42.54 -86.28 -28.14
N GLN X 58 41.62 -86.93 -27.42
CA GLN X 58 41.93 -88.21 -26.80
C GLN X 58 42.20 -89.28 -27.86
N LEU X 59 41.47 -89.22 -28.98
CA LEU X 59 41.69 -90.18 -30.06
C LEU X 59 43.03 -89.95 -30.73
N GLU X 60 43.43 -88.69 -30.90
CA GLU X 60 44.74 -88.40 -31.47
C GLU X 60 45.86 -88.86 -30.54
N PHE X 61 45.69 -88.65 -29.23
CA PHE X 61 46.67 -89.14 -28.28
C PHE X 61 46.73 -90.67 -28.29
N VAL X 62 45.57 -91.32 -28.29
CA VAL X 62 45.53 -92.77 -28.27
C VAL X 62 46.03 -93.35 -29.60
N LEU X 63 45.96 -92.58 -30.68
CA LEU X 63 46.49 -93.05 -31.95
C LEU X 63 48.00 -93.13 -31.88
N THR X 64 48.65 -92.08 -31.40
CA THR X 64 50.09 -92.15 -31.17
C THR X 64 50.43 -93.21 -30.14
N ALA X 65 49.57 -93.39 -29.15
CA ALA X 65 49.81 -94.41 -28.13
C ALA X 65 49.80 -95.80 -28.76
N ALA X 66 48.80 -96.09 -29.60
CA ALA X 66 48.71 -97.39 -30.25
C ALA X 66 49.83 -97.56 -31.25
N ARG X 67 50.25 -96.48 -31.92
CA ARG X 67 51.36 -96.59 -32.85
C ARG X 67 52.65 -96.95 -32.12
N ALA X 68 52.94 -96.24 -31.02
CA ALA X 68 54.13 -96.55 -30.24
C ALA X 68 54.03 -97.92 -29.59
N VAL X 69 52.81 -98.35 -29.26
CA VAL X 69 52.63 -99.67 -28.65
C VAL X 69 52.88 -100.76 -29.68
N MET X 70 52.45 -100.53 -30.92
CA MET X 70 52.78 -101.46 -31.99
C MET X 70 54.28 -101.46 -32.25
N ASN X 71 54.91 -100.30 -32.17
CA ASN X 71 56.37 -100.24 -32.30
C ASN X 71 57.04 -101.07 -31.22
N VAL X 72 56.55 -100.96 -29.98
CA VAL X 72 57.13 -101.70 -28.87
C VAL X 72 56.88 -103.19 -29.03
N ALA X 73 55.70 -103.57 -29.51
CA ALA X 73 55.40 -104.98 -29.70
C ALA X 73 56.26 -105.58 -30.81
N ALA X 74 56.42 -104.85 -31.91
CA ALA X 74 57.28 -105.32 -32.98
C ALA X 74 58.73 -105.36 -32.54
N ALA X 75 59.13 -104.42 -31.68
CA ALA X 75 60.48 -104.48 -31.13
C ALA X 75 60.67 -105.72 -30.27
N ALA X 76 59.73 -105.97 -29.35
CA ALA X 76 59.81 -107.16 -28.51
C ALA X 76 59.81 -108.43 -29.35
N ASN X 77 59.06 -108.44 -30.45
CA ASN X 77 59.11 -109.56 -31.37
C ASN X 77 60.42 -109.63 -32.14
N ALA X 78 61.11 -108.50 -32.30
CA ALA X 78 62.35 -108.43 -33.04
C ALA X 78 63.57 -108.25 -32.14
N ALA X 79 63.38 -108.17 -30.83
CA ALA X 79 64.48 -108.01 -29.90
C ALA X 79 64.30 -108.92 -28.70
N GLY X 80 63.89 -110.17 -28.96
CA GLY X 80 63.75 -111.14 -27.90
C GLY X 80 65.07 -111.67 -27.36
N THR X 81 66.20 -111.18 -27.87
CA THR X 81 67.50 -111.69 -27.46
C THR X 81 68.48 -110.60 -27.05
N ASP X 82 68.09 -109.33 -27.13
CA ASP X 82 68.99 -108.24 -26.76
C ASP X 82 68.62 -107.70 -25.39
N PRO X 83 69.46 -107.91 -24.37
CA PRO X 83 69.09 -107.42 -23.04
C PRO X 83 69.00 -105.92 -22.95
N LEU X 84 69.89 -105.19 -23.64
CA LEU X 84 69.79 -103.74 -23.66
C LEU X 84 68.50 -103.29 -24.34
N LEU X 85 68.10 -104.00 -25.39
CA LEU X 85 66.84 -103.67 -26.05
C LEU X 85 65.65 -103.94 -25.15
N LYS X 86 65.64 -105.08 -24.45
CA LYS X 86 64.54 -105.36 -23.54
C LYS X 86 64.50 -104.36 -22.40
N ALA X 87 65.68 -103.93 -21.94
CA ALA X 87 65.74 -102.92 -20.88
C ALA X 87 65.19 -101.58 -21.36
N MET X 88 65.64 -101.13 -22.53
CA MET X 88 65.11 -99.89 -23.08
C MET X 88 63.62 -100.02 -23.39
N VAL X 89 63.17 -101.23 -23.71
CA VAL X 89 61.76 -101.45 -24.00
C VAL X 89 60.93 -101.33 -22.75
N ASP X 90 61.38 -101.95 -21.66
CA ASP X 90 60.69 -101.79 -20.39
C ASP X 90 60.75 -100.35 -19.91
N ALA X 91 61.85 -99.66 -20.20
CA ALA X 91 61.96 -98.24 -19.85
C ALA X 91 60.97 -97.40 -20.63
N ILE X 92 60.83 -97.67 -21.93
CA ILE X 92 59.86 -96.96 -22.74
C ILE X 92 58.45 -97.34 -22.30
N LEU X 93 58.26 -98.57 -21.82
CA LEU X 93 56.96 -98.96 -21.31
C LEU X 93 56.59 -98.20 -20.05
N TRP X 94 57.57 -98.02 -19.15
CA TRP X 94 57.34 -97.22 -17.95
C TRP X 94 57.11 -95.76 -18.31
N ARG X 95 57.90 -95.23 -19.24
CA ARG X 95 57.71 -93.86 -19.68
C ARG X 95 56.36 -93.69 -20.35
N LEU X 96 55.88 -94.72 -21.05
CA LEU X 96 54.59 -94.66 -21.70
C LEU X 96 53.46 -94.74 -20.69
N LYS X 97 53.62 -95.55 -19.65
CA LYS X 97 52.65 -95.56 -18.56
C LYS X 97 52.61 -94.20 -17.87
N GLU X 98 53.78 -93.59 -17.67
CA GLU X 98 53.83 -92.27 -17.06
C GLU X 98 53.17 -91.22 -17.94
N ALA X 99 53.44 -91.26 -19.25
CA ALA X 99 52.82 -90.30 -20.16
C ALA X 99 51.33 -90.56 -20.29
N ILE X 100 50.90 -91.81 -20.14
CA ILE X 100 49.48 -92.14 -20.19
C ILE X 100 48.78 -91.62 -18.95
N ARG X 101 49.42 -91.74 -17.79
CA ARG X 101 48.86 -91.15 -16.57
C ARG X 101 48.84 -89.63 -16.67
N THR X 102 49.86 -89.06 -17.30
CA THR X 102 49.91 -87.60 -17.44
C THR X 102 48.81 -87.11 -18.37
N PHE X 103 48.65 -87.74 -19.53
CA PHE X 103 47.56 -87.37 -20.43
C PHE X 103 46.21 -87.63 -19.79
N GLN X 104 46.07 -88.72 -19.05
CA GLN X 104 44.85 -88.96 -18.29
C GLN X 104 44.64 -87.88 -17.25
N ASN X 105 45.72 -87.30 -16.73
CA ASN X 105 45.64 -86.12 -15.89
C ASN X 105 45.51 -84.84 -16.70
N GLY X 106 45.27 -84.94 -18.01
CA GLY X 106 45.21 -83.77 -18.85
C GLY X 106 46.56 -83.17 -19.16
N ASP X 107 47.64 -83.86 -18.81
CA ASP X 107 48.98 -83.37 -19.09
C ASP X 107 49.61 -84.13 -20.24
N GLU X 109 48.60 -81.86 -22.21
CA GLU X 109 49.65 -80.86 -22.14
C GLU X 109 51.00 -81.45 -22.48
N GLU X 110 51.76 -81.87 -21.46
CA GLU X 110 53.05 -82.50 -21.67
C GLU X 110 52.91 -83.95 -22.09
N ALA X 111 51.72 -84.40 -22.45
CA ALA X 111 51.54 -85.74 -22.98
C ALA X 111 52.29 -85.90 -24.30
N GLU X 112 51.87 -85.16 -25.33
CA GLU X 112 52.64 -85.14 -26.58
C GLU X 112 53.83 -84.21 -26.44
N THR X 113 54.65 -84.47 -25.43
CA THR X 113 55.96 -83.86 -25.25
C THR X 113 57.05 -84.92 -25.09
N GLN X 114 56.99 -85.71 -24.03
CA GLN X 114 57.82 -86.89 -23.93
C GLN X 114 57.34 -88.00 -24.84
N LEU X 115 56.03 -88.26 -24.84
CA LEU X 115 55.46 -89.23 -25.77
C LEU X 115 55.64 -88.77 -27.21
N ARG X 116 55.66 -87.46 -27.43
CA ARG X 116 56.06 -86.94 -28.74
C ARG X 116 57.42 -87.47 -29.13
N PHE X 117 58.36 -87.49 -28.19
CA PHE X 117 59.63 -88.16 -28.42
C PHE X 117 59.56 -89.65 -28.13
N VAL X 118 58.75 -90.06 -27.15
CA VAL X 118 58.61 -91.48 -26.86
C VAL X 118 57.96 -92.20 -28.03
N LEU X 119 57.16 -91.50 -28.83
CA LEU X 119 56.72 -92.10 -30.08
C LEU X 119 57.90 -92.33 -31.02
N ARG X 120 58.72 -91.29 -31.21
CA ARG X 120 59.95 -91.46 -31.99
C ARG X 120 60.90 -92.42 -31.31
N ALA X 121 60.87 -92.46 -29.97
CA ALA X 121 61.70 -93.40 -29.25
C ALA X 121 61.30 -94.83 -29.57
N ALA X 122 60.01 -95.13 -29.51
CA ALA X 122 59.54 -96.47 -29.87
C ALA X 122 59.79 -96.75 -31.34
N ILE X 123 59.73 -95.72 -32.18
CA ILE X 123 60.05 -95.89 -33.59
C ILE X 123 61.48 -96.37 -33.75
N ALA X 124 62.44 -95.62 -33.21
CA ALA X 124 63.84 -96.00 -33.33
C ALA X 124 64.12 -97.30 -32.61
N VAL X 125 63.34 -97.61 -31.56
CA VAL X 125 63.55 -98.83 -30.81
C VAL X 125 63.16 -100.04 -31.65
N ALA X 126 61.96 -99.99 -32.25
CA ALA X 126 61.57 -101.04 -33.18
C ALA X 126 62.51 -101.09 -34.37
N VAL X 127 63.08 -99.94 -34.76
CA VAL X 127 64.02 -99.91 -35.87
C VAL X 127 65.27 -100.71 -35.53
N VAL X 128 65.86 -100.45 -34.37
CA VAL X 128 67.04 -101.19 -33.95
C VAL X 128 66.70 -102.66 -33.71
N ALA X 129 65.50 -102.93 -33.21
CA ALA X 129 65.10 -104.31 -32.98
C ALA X 129 65.00 -105.07 -34.29
N ALA X 130 64.42 -104.45 -35.32
CA ALA X 130 64.37 -105.09 -36.63
C ALA X 130 65.76 -105.22 -37.22
N ALA X 131 66.62 -104.22 -37.00
CA ALA X 131 67.99 -104.32 -37.49
C ALA X 131 68.71 -105.50 -36.86
N LEU X 132 68.40 -105.80 -35.60
CA LEU X 132 69.02 -106.93 -34.93
C LEU X 132 68.38 -108.25 -35.33
N VAL X 133 67.06 -108.26 -35.55
CA VAL X 133 66.37 -109.51 -35.86
C VAL X 133 66.64 -109.94 -37.29
N LEU X 134 66.64 -109.01 -38.24
CA LEU X 134 66.98 -109.32 -39.63
C LEU X 134 68.47 -109.43 -39.86
N ALA X 135 69.26 -109.33 -38.80
CA ALA X 135 70.70 -109.55 -38.88
C ALA X 135 70.96 -111.06 -38.88
N GLY X 136 72.23 -111.44 -38.99
CA GLY X 136 72.62 -112.84 -39.05
C GLY X 136 73.94 -113.05 -38.39
N THR X 137 74.84 -113.76 -39.07
CA THR X 137 76.16 -113.99 -38.53
C THR X 137 76.94 -112.69 -38.38
N ASP X 138 77.17 -112.00 -39.49
CA ASP X 138 77.96 -110.77 -39.47
C ASP X 138 77.05 -109.55 -39.34
N PRO X 139 76.83 -109.06 -38.13
CA PRO X 139 76.12 -107.78 -37.99
C PRO X 139 76.91 -106.64 -38.60
N GLU X 140 78.20 -106.58 -38.26
CA GLU X 140 79.17 -105.62 -38.79
C GLU X 140 78.86 -104.18 -38.43
N LEU X 141 77.64 -103.88 -37.96
CA LEU X 141 77.34 -102.55 -37.44
C LEU X 141 76.44 -102.61 -36.21
N GLN X 142 76.12 -103.81 -35.70
CA GLN X 142 75.33 -103.89 -34.47
C GLN X 142 76.02 -103.18 -33.33
N GLU X 143 77.35 -103.16 -33.32
CA GLU X 143 78.07 -102.29 -32.39
C GLU X 143 77.71 -100.83 -32.64
N MET X 144 77.86 -100.38 -33.89
CA MET X 144 77.35 -99.07 -34.27
C MET X 144 75.87 -98.96 -33.94
N VAL X 145 75.08 -99.99 -34.30
CA VAL X 145 73.68 -100.03 -33.92
C VAL X 145 73.53 -99.99 -32.41
N GLU X 146 74.42 -100.66 -31.68
CA GLU X 146 74.43 -100.49 -30.23
C GLU X 146 74.88 -99.10 -29.86
N GLN X 147 75.92 -98.59 -30.54
CA GLN X 147 76.29 -97.19 -30.39
C GLN X 147 75.11 -96.28 -30.67
N ILE X 148 74.44 -96.50 -31.80
CA ILE X 148 73.17 -95.84 -32.06
C ILE X 148 72.20 -96.11 -30.92
N LYS X 149 72.10 -97.37 -30.48
CA LYS X 149 71.30 -97.68 -29.30
C LYS X 149 71.80 -96.87 -28.11
N ASP X 150 73.12 -96.82 -27.92
CA ASP X 150 73.68 -95.89 -26.95
C ASP X 150 73.25 -94.47 -27.29
N LEU X 151 73.45 -94.05 -28.53
CA LEU X 151 72.91 -92.77 -28.97
C LEU X 151 71.41 -92.70 -28.77
N LEU X 152 70.71 -93.83 -28.90
CA LEU X 152 69.30 -93.89 -28.53
C LEU X 152 69.13 -93.77 -27.03
N ILE X 153 69.92 -94.53 -26.26
CA ILE X 153 69.97 -94.31 -24.82
C ILE X 153 70.36 -92.88 -24.54
N SER X 154 71.37 -92.37 -25.25
CA SER X 154 71.68 -90.95 -25.19
C SER X 154 70.49 -90.11 -25.61
N ALA X 155 69.80 -90.52 -26.68
CA ALA X 155 68.54 -89.87 -27.02
C ALA X 155 67.53 -90.06 -25.90
N PHE X 156 67.52 -91.25 -25.29
CA PHE X 156 66.71 -91.47 -24.10
C PHE X 156 67.09 -90.48 -23.01
N MET X 157 68.35 -90.07 -22.98
CA MET X 157 68.75 -88.96 -22.11
C MET X 157 68.57 -87.62 -22.80
N ALA X 158 68.73 -87.56 -24.13
CA ALA X 158 68.60 -86.31 -24.88
C ALA X 158 67.14 -85.95 -25.12
N GLY X 159 66.21 -86.62 -24.44
CA GLY X 159 64.81 -86.28 -24.48
C GLY X 159 64.40 -85.53 -23.24
N GLU X 165 65.45 -83.10 -25.01
CA GLU X 165 65.17 -82.12 -26.06
C GLU X 165 66.16 -82.27 -27.22
N LYS X 166 67.35 -82.76 -26.92
CA LYS X 166 68.41 -82.93 -27.92
C LYS X 166 68.25 -84.22 -28.72
N ALA X 167 67.02 -84.69 -28.90
CA ALA X 167 66.82 -85.95 -29.61
C ALA X 167 65.72 -85.87 -30.67
N LEU X 168 65.06 -84.72 -30.85
CA LEU X 168 63.98 -84.64 -31.83
C LEU X 168 64.48 -84.93 -33.23
N THR X 169 65.50 -84.21 -33.69
CA THR X 169 66.11 -84.56 -34.97
C THR X 169 67.05 -85.74 -34.83
N GLN X 170 67.60 -85.96 -33.63
CA GLN X 170 68.49 -87.10 -33.43
C GLN X 170 67.75 -88.41 -33.54
N LEU X 171 66.51 -88.47 -33.03
CA LEU X 171 65.72 -89.68 -33.20
C LEU X 171 65.42 -89.95 -34.67
N LEU X 172 65.10 -88.89 -35.43
CA LEU X 172 64.88 -89.05 -36.86
C LEU X 172 66.13 -89.52 -37.57
N PHE X 173 67.29 -88.97 -37.19
CA PHE X 173 68.54 -89.38 -37.80
C PHE X 173 68.86 -90.84 -37.47
N VAL X 174 68.59 -91.25 -36.23
CA VAL X 174 68.85 -92.62 -35.83
C VAL X 174 67.92 -93.57 -36.59
N ALA X 175 66.66 -93.18 -36.76
CA ALA X 175 65.73 -94.00 -37.52
C ALA X 175 66.14 -94.09 -38.98
N TRP X 176 66.65 -93.00 -39.55
CA TRP X 176 67.07 -93.02 -40.94
C TRP X 176 68.33 -93.87 -41.11
N ALA X 177 69.23 -93.83 -40.14
CA ALA X 177 70.41 -94.68 -40.19
C ALA X 177 70.04 -96.15 -40.04
N ALA X 178 69.07 -96.44 -39.17
CA ALA X 178 68.57 -97.80 -39.06
C ALA X 178 67.90 -98.25 -40.35
N HIS X 179 67.19 -97.34 -41.02
CA HIS X 179 66.55 -97.69 -42.29
C HIS X 179 67.59 -97.98 -43.36
N ALA X 180 68.66 -97.19 -43.41
CA ALA X 180 69.77 -97.52 -44.30
C ALA X 180 70.43 -98.83 -43.89
N VAL X 181 70.42 -99.14 -42.59
CA VAL X 181 70.94 -100.42 -42.14
C VAL X 181 69.92 -101.52 -42.36
N ALA X 182 68.64 -101.25 -42.06
CA ALA X 182 67.62 -102.28 -42.23
C ALA X 182 67.41 -102.62 -43.69
N MET X 183 67.56 -101.64 -44.58
CA MET X 183 67.56 -101.94 -46.01
C MET X 183 68.74 -102.82 -46.38
N ILE X 184 69.93 -102.47 -45.90
CA ILE X 184 71.12 -103.30 -46.15
C ILE X 184 70.97 -104.66 -45.47
N ALA X 185 70.38 -104.68 -44.27
CA ALA X 185 70.20 -105.96 -43.58
C ALA X 185 69.25 -106.87 -44.33
N ALA X 186 68.14 -106.33 -44.83
CA ALA X 186 67.20 -107.14 -45.60
C ALA X 186 67.79 -107.55 -46.94
N ALA X 187 68.65 -106.71 -47.52
CA ALA X 187 69.30 -107.06 -48.78
C ALA X 187 70.27 -108.22 -48.56
N ALA X 188 71.08 -108.15 -47.52
CA ALA X 188 72.02 -109.24 -47.23
C ALA X 188 71.28 -110.48 -46.76
N ASN X 189 70.09 -110.32 -46.19
CA ASN X 189 69.33 -111.47 -45.69
C ASN X 189 68.89 -112.38 -46.82
N LEU X 190 68.33 -111.81 -47.89
CA LEU X 190 67.90 -112.58 -49.04
C LEU X 190 69.04 -112.81 -50.04
N ALA X 191 70.26 -112.43 -49.68
CA ALA X 191 71.43 -112.62 -50.52
C ALA X 191 72.24 -113.81 -50.03
N GLY X 192 72.87 -114.51 -50.96
CA GLY X 192 73.70 -115.65 -50.64
C GLY X 192 75.17 -115.35 -50.74
N PRO X 195 76.38 -112.01 -54.61
CA PRO X 195 76.73 -110.98 -53.62
C PRO X 195 76.63 -109.57 -54.18
N ARG X 196 75.92 -109.43 -55.30
CA ARG X 196 75.72 -108.11 -55.90
C ARG X 196 74.95 -107.19 -54.95
N LEU X 197 73.92 -107.73 -54.28
CA LEU X 197 73.19 -106.95 -53.31
C LEU X 197 74.08 -106.58 -52.12
N GLN X 198 74.98 -107.48 -51.72
CA GLN X 198 75.89 -107.18 -50.62
C GLN X 198 76.88 -106.09 -51.01
N GLN X 199 77.38 -106.13 -52.25
CA GLN X 199 78.30 -105.10 -52.69
C GLN X 199 77.61 -103.76 -52.89
N GLN X 200 76.35 -103.77 -53.34
CA GLN X 200 75.60 -102.52 -53.47
C GLN X 200 75.28 -101.93 -52.11
N VAL X 201 74.96 -102.78 -51.12
CA VAL X 201 74.72 -102.29 -49.76
C VAL X 201 76.00 -101.92 -49.04
N LYS X 202 77.14 -102.43 -49.50
CA LYS X 202 78.41 -102.06 -48.86
C LYS X 202 78.81 -100.64 -49.20
N GLU X 203 78.30 -100.09 -50.31
CA GLU X 203 78.58 -98.72 -50.68
C GLU X 203 77.61 -97.73 -50.06
N ILE X 204 76.35 -98.12 -49.87
CA ILE X 204 75.41 -97.27 -49.15
C ILE X 204 75.73 -97.30 -47.66
N LEU X 205 76.16 -98.45 -47.14
CA LEU X 205 76.58 -98.52 -45.75
C LEU X 205 77.83 -97.69 -45.51
N GLU X 206 78.68 -97.56 -46.53
CA GLU X 206 79.87 -96.72 -46.38
C GLU X 206 79.49 -95.26 -46.15
N LYS X 207 78.61 -94.71 -46.99
CA LYS X 207 78.13 -93.35 -46.79
C LYS X 207 77.33 -93.22 -45.51
N LEU X 208 76.62 -94.29 -45.13
CA LEU X 208 75.86 -94.27 -43.88
C LEU X 208 76.80 -94.14 -42.68
N LYS X 209 77.87 -94.93 -42.64
CA LYS X 209 78.82 -94.85 -41.54
C LYS X 209 79.57 -93.53 -41.57
N GLU X 210 79.86 -93.01 -42.77
CA GLU X 210 80.51 -91.71 -42.86
C GLU X 210 79.62 -90.61 -42.29
N ALA X 211 78.33 -90.63 -42.61
CA ALA X 211 77.41 -89.66 -42.05
C ALA X 211 77.21 -89.86 -40.55
N ILE X 212 77.21 -91.11 -40.10
CA ILE X 212 77.05 -91.39 -38.67
C ILE X 212 78.22 -90.83 -37.89
N GLU X 213 79.44 -91.03 -38.40
CA GLU X 213 80.59 -90.36 -37.82
C GLU X 213 80.45 -88.84 -37.90
N THR X 214 79.90 -88.34 -39.02
CA THR X 214 79.61 -86.93 -39.11
C THR X 214 78.47 -86.53 -38.19
N PHE X 215 77.42 -87.36 -38.10
CA PHE X 215 76.36 -87.12 -37.14
C PHE X 215 76.87 -87.23 -35.71
N GLN X 216 77.88 -88.04 -35.48
CA GLN X 216 78.59 -88.08 -34.21
C GLN X 216 79.69 -87.02 -34.16
N LYS X 217 79.83 -86.23 -35.23
CA LYS X 217 80.75 -85.10 -35.25
C LYS X 217 80.01 -83.78 -35.12
N GLY X 218 78.76 -83.82 -34.67
CA GLY X 218 78.00 -82.61 -34.45
C GLY X 218 77.47 -82.01 -35.74
N ASP X 219 77.35 -82.83 -36.78
CA ASP X 219 76.83 -82.38 -38.06
C ASP X 219 75.36 -82.74 -38.12
N GLU X 220 74.50 -81.72 -38.15
CA GLU X 220 73.06 -81.91 -38.04
C GLU X 220 72.38 -81.91 -39.39
N GLU X 221 72.73 -80.99 -40.28
CA GLU X 221 72.11 -80.96 -41.60
C GLU X 221 72.90 -81.81 -42.60
N GLN X 222 74.23 -81.66 -42.61
CA GLN X 222 75.04 -82.37 -43.60
C GLN X 222 75.01 -83.87 -43.37
N ALA X 223 75.18 -84.30 -42.11
CA ALA X 223 75.19 -85.74 -41.83
C ALA X 223 73.80 -86.35 -42.02
N PHE X 224 72.75 -85.62 -41.64
CA PHE X 224 71.40 -86.11 -41.87
C PHE X 224 71.13 -86.26 -43.36
N ARG X 225 71.58 -85.29 -44.17
CA ARG X 225 71.41 -85.37 -45.61
C ARG X 225 72.18 -86.55 -46.19
N GLN X 226 73.42 -86.74 -45.74
CA GLN X 226 74.23 -87.85 -46.26
C GLN X 226 73.61 -89.19 -45.89
N LEU X 227 73.12 -89.34 -44.65
CA LEU X 227 72.50 -90.58 -44.25
C LEU X 227 71.19 -90.82 -45.00
N ALA X 228 70.41 -89.76 -45.23
CA ALA X 228 69.17 -89.91 -45.98
C ALA X 228 69.44 -90.29 -47.43
N GLU X 229 70.48 -89.72 -48.03
CA GLU X 229 70.82 -90.08 -49.40
C GLU X 229 71.36 -91.50 -49.48
N VAL X 230 72.13 -91.91 -48.47
CA VAL X 230 72.61 -93.30 -48.43
C VAL X 230 71.45 -94.26 -48.29
N LEU X 231 70.47 -93.93 -47.44
CA LEU X 231 69.28 -94.75 -47.30
C LEU X 231 68.48 -94.80 -48.60
N ALA X 232 68.38 -93.68 -49.31
CA ALA X 232 67.64 -93.66 -50.57
C ALA X 232 68.34 -94.50 -51.63
N GLU X 233 69.67 -94.39 -51.72
CA GLU X 233 70.41 -95.22 -52.67
C GLU X 233 70.31 -96.69 -52.30
N ALA X 234 70.32 -97.00 -50.99
CA ALA X 234 70.15 -98.38 -50.55
C ALA X 234 68.78 -98.91 -50.92
N ALA X 235 67.74 -98.09 -50.76
CA ALA X 235 66.41 -98.51 -51.16
C ALA X 235 66.28 -98.68 -52.66
N LEU X 236 67.00 -97.85 -53.43
CA LEU X 236 66.99 -98.00 -54.88
C LEU X 236 67.69 -99.29 -55.31
N VAL X 237 68.79 -99.64 -54.64
CA VAL X 237 69.48 -100.89 -54.95
C VAL X 237 68.67 -102.08 -54.45
N ALA X 238 67.88 -101.89 -53.39
CA ALA X 238 67.05 -102.97 -52.88
C ALA X 238 65.93 -103.30 -53.86
N LEU X 239 65.51 -102.31 -54.66
CA LEU X 239 64.52 -102.58 -55.69
C LEU X 239 65.01 -103.62 -56.68
N ARG X 240 66.30 -103.61 -57.00
CA ARG X 240 66.86 -104.64 -57.88
C ARG X 240 67.25 -105.89 -57.11
N ALA X 241 67.67 -105.74 -55.85
CA ALA X 241 68.05 -106.90 -55.05
C ALA X 241 66.85 -107.77 -54.73
N ALA X 242 65.64 -107.19 -54.69
CA ALA X 242 64.44 -107.97 -54.42
C ALA X 242 64.08 -108.89 -55.59
N LEU X 243 64.58 -108.60 -56.79
CA LEU X 243 64.39 -109.46 -57.94
C LEU X 243 65.63 -110.29 -58.26
N THR X 244 66.68 -110.16 -57.46
CA THR X 244 67.92 -110.91 -57.68
C THR X 244 67.86 -112.32 -57.11
N ASN X 245 66.77 -112.70 -56.46
CA ASN X 245 66.64 -114.03 -55.89
C ASN X 245 65.37 -114.72 -56.37
N GLU Y 4 41.15 73.84 60.85
CA GLU Y 4 41.05 72.98 59.69
C GLU Y 4 41.98 73.45 58.58
N PHE Y 5 41.69 73.03 57.35
CA PHE Y 5 42.53 73.36 56.21
C PHE Y 5 42.51 74.84 55.86
N LYS Y 6 41.52 75.60 56.33
CA LYS Y 6 41.55 77.05 56.22
C LYS Y 6 41.21 77.70 57.56
N PHE Y 7 40.89 76.92 58.59
CA PHE Y 7 40.63 77.44 59.92
C PHE Y 7 41.78 77.23 60.88
N LEU Y 8 42.78 76.43 60.51
CA LEU Y 8 44.04 76.35 61.25
C LEU Y 8 45.18 76.86 60.38
N ALA Y 9 44.84 77.39 59.21
CA ALA Y 9 45.82 78.06 58.35
C ALA Y 9 45.87 79.55 58.61
N THR Y 10 44.87 80.11 59.30
CA THR Y 10 45.02 81.45 59.85
C THR Y 10 46.04 81.45 60.96
N GLU Y 11 46.11 80.37 61.74
CA GLU Y 11 47.22 80.20 62.66
C GLU Y 11 48.55 80.07 61.92
N ALA Y 12 48.55 79.34 60.80
CA ALA Y 12 49.74 79.31 59.96
C ALA Y 12 50.05 80.69 59.39
N LYS Y 13 49.02 81.49 59.13
CA LYS Y 13 49.22 82.84 58.65
C LYS Y 13 49.83 83.75 59.71
N MET Y 14 49.40 83.62 60.97
CA MET Y 14 50.06 84.33 62.04
C MET Y 14 51.49 83.83 62.21
N LEU Y 15 51.71 82.53 62.03
CA LEU Y 15 53.07 81.99 62.06
C LEU Y 15 53.90 82.58 60.93
N ILE Y 16 53.32 82.72 59.74
CA ILE Y 16 54.05 83.29 58.62
C ILE Y 16 54.37 84.76 58.89
N THR Y 17 53.44 85.48 59.51
CA THR Y 17 53.69 86.87 59.85
C THR Y 17 54.78 87.00 60.91
N ALA Y 18 54.80 86.09 61.88
CA ALA Y 18 55.86 86.10 62.87
C ALA Y 18 57.21 85.80 62.23
N ALA Y 19 57.28 84.76 61.40
CA ALA Y 19 58.54 84.37 60.79
C ALA Y 19 59.06 85.44 59.84
N GLU Y 20 58.16 86.10 59.09
CA GLU Y 20 58.59 87.18 58.20
C GLU Y 20 59.17 88.33 58.99
N ARG Y 21 58.68 88.55 60.21
CA ARG Y 21 59.21 89.58 61.09
C ARG Y 21 60.31 89.09 62.00
N LEU Y 22 60.59 87.77 62.03
CA LEU Y 22 61.62 87.21 62.88
C LEU Y 22 62.78 86.62 62.09
N ALA Y 23 62.69 86.58 60.77
CA ALA Y 23 63.77 86.09 59.91
C ALA Y 23 64.17 87.25 59.01
N GLY Y 24 64.87 88.22 59.58
CA GLY Y 24 65.37 89.35 58.83
C GLY Y 24 66.73 89.15 58.21
N THR Y 25 67.38 88.04 58.51
CA THR Y 25 68.64 87.65 57.90
C THR Y 25 68.47 86.25 57.35
N ASP Y 26 69.58 85.66 56.87
CA ASP Y 26 69.55 84.35 56.23
C ASP Y 26 68.51 84.36 55.11
N PRO Y 27 68.80 85.01 53.98
CA PRO Y 27 67.83 85.02 52.87
C PRO Y 27 67.31 83.65 52.47
N ARG Y 28 67.99 82.56 52.87
CA ARG Y 28 67.40 81.23 52.74
C ARG Y 28 66.12 81.13 53.57
N LEU Y 29 66.11 81.76 54.74
CA LEU Y 29 64.90 81.76 55.57
C LEU Y 29 63.78 82.54 54.90
N GLN Y 30 64.10 83.70 54.32
CA GLN Y 30 63.09 84.47 53.61
C GLN Y 30 62.57 83.69 52.39
N GLU Y 31 63.47 83.00 51.69
CA GLU Y 31 63.05 82.20 50.53
C GLU Y 31 62.18 81.03 50.95
N MET Y 32 62.50 80.39 52.07
CA MET Y 32 61.66 79.31 52.58
C MET Y 32 60.31 79.83 53.01
N VAL Y 33 60.28 81.02 53.63
CA VAL Y 33 59.01 81.63 54.03
C VAL Y 33 58.18 81.96 52.79
N ALA Y 34 58.84 82.40 51.71
CA ALA Y 34 58.12 82.69 50.49
C ALA Y 34 57.59 81.42 49.83
N LEU Y 35 58.39 80.36 49.83
CA LEU Y 35 57.92 79.09 49.28
C LEU Y 35 56.79 78.51 50.12
N ILE Y 36 56.80 78.76 51.43
CA ILE Y 36 55.72 78.29 52.28
C ILE Y 36 54.46 79.09 52.03
N LYS Y 37 54.58 80.42 51.94
CA LYS Y 37 53.44 81.25 51.61
C LYS Y 37 52.86 80.91 50.24
N LYS Y 38 53.71 80.57 49.27
CA LYS Y 38 53.23 80.03 48.01
C LYS Y 38 52.58 78.66 48.21
N GLU Y 39 53.22 77.81 49.01
CA GLU Y 39 52.57 76.57 49.43
C GLU Y 39 51.34 76.84 50.26
N LEU Y 40 51.37 77.86 51.13
CA LEU Y 40 50.15 78.30 51.78
C LEU Y 40 49.13 78.82 50.78
N GLU Y 41 49.58 79.57 49.78
CA GLU Y 41 48.69 80.03 48.72
C GLU Y 41 48.15 78.85 47.91
N GLN Y 42 49.01 77.86 47.64
CA GLN Y 42 48.57 76.69 46.88
C GLN Y 42 47.53 75.89 47.66
N ALA Y 43 47.71 75.77 48.98
CA ALA Y 43 46.72 75.06 49.80
C ALA Y 43 45.43 75.85 49.91
N GLU Y 44 45.53 77.17 50.09
CA GLU Y 44 44.33 78.00 50.15
C GLU Y 44 43.55 77.97 48.84
N ARG Y 45 44.27 77.89 47.72
CA ARG Y 45 43.60 77.69 46.44
C ARG Y 45 42.96 76.31 46.38
N THR Y 46 43.68 75.28 46.80
CA THR Y 46 43.08 73.95 46.93
C THR Y 46 42.01 73.93 48.00
N PHE Y 47 42.15 74.74 49.05
CA PHE Y 47 41.05 74.91 50.00
C PHE Y 47 39.89 75.64 49.35
N ARG Y 48 40.18 76.55 48.42
CA ARG Y 48 39.14 77.16 47.60
C ARG Y 48 38.73 76.28 46.43
N ASN Y 49 39.58 75.32 46.06
CA ASN Y 49 39.23 74.37 45.02
C ASN Y 49 38.57 73.14 45.63
N GLY Y 50 38.26 72.15 44.80
CA GLY Y 50 37.66 70.93 45.29
C GLY Y 50 38.68 69.97 45.87
N ASP Y 51 39.94 70.38 45.88
CA ASP Y 51 41.04 69.59 46.42
C ASP Y 51 41.15 69.95 47.89
N LYS Y 52 40.11 69.60 48.67
CA LYS Y 52 40.06 69.90 50.09
C LYS Y 52 40.97 68.99 50.90
N SER Y 53 41.05 67.71 50.56
CA SER Y 53 41.97 66.82 51.25
C SER Y 53 43.43 67.16 50.89
N GLU Y 54 43.67 67.45 49.61
CA GLU Y 54 45.00 67.92 49.22
C GLU Y 54 45.31 69.26 49.88
N ALA Y 55 44.31 70.12 50.01
CA ALA Y 55 44.50 71.37 50.73
C ALA Y 55 44.89 71.11 52.18
N GLN Y 56 44.20 70.18 52.84
CA GLN Y 56 44.51 69.88 54.23
C GLN Y 56 45.92 69.29 54.36
N ARG Y 57 46.30 68.42 53.43
CA ARG Y 57 47.64 67.83 53.48
C ARG Y 57 48.72 68.89 53.28
N GLN Y 58 48.56 69.74 52.25
CA GLN Y 58 49.52 70.80 52.00
C GLN Y 58 49.56 71.79 53.15
N LEU Y 59 48.41 72.07 53.76
CA LEU Y 59 48.38 72.99 54.88
C LEU Y 59 49.05 72.40 56.11
N GLU Y 60 48.87 71.09 56.33
CA GLU Y 60 49.56 70.44 57.44
C GLU Y 60 51.06 70.42 57.22
N PHE Y 61 51.49 70.16 55.99
CA PHE Y 61 52.92 70.21 55.69
C PHE Y 61 53.46 71.62 55.88
N VAL Y 62 52.75 72.63 55.37
CA VAL Y 62 53.20 74.01 55.48
C VAL Y 62 53.14 74.50 56.92
N LEU Y 63 52.29 73.89 57.75
CA LEU Y 63 52.25 74.26 59.16
C LEU Y 63 53.53 73.84 59.86
N THR Y 64 53.95 72.58 59.65
CA THR Y 64 55.24 72.15 60.17
C THR Y 64 56.37 72.95 59.55
N ALA Y 65 56.23 73.31 58.28
CA ALA Y 65 57.26 74.12 57.62
C ALA Y 65 57.39 75.48 58.29
N ALA Y 66 56.27 76.15 58.54
CA ALA Y 66 56.30 77.45 59.19
C ALA Y 66 56.78 77.33 60.63
N ARG Y 67 56.43 76.24 61.31
CA ARG Y 67 56.90 76.04 62.67
C ARG Y 67 58.42 75.88 62.71
N ALA Y 68 58.95 75.04 61.82
CA ALA Y 68 60.40 74.86 61.77
C ALA Y 68 61.09 76.13 61.29
N VAL Y 69 60.42 76.91 60.43
CA VAL Y 69 61.00 78.15 59.95
C VAL Y 69 61.06 79.17 61.07
N MET Y 70 60.02 79.22 61.91
CA MET Y 70 60.07 80.08 63.09
C MET Y 70 61.15 79.60 64.05
N ASN Y 71 61.31 78.28 64.18
CA ASN Y 71 62.40 77.76 65.00
C ASN Y 71 63.74 78.22 64.47
N VAL Y 72 63.93 78.18 63.15
CA VAL Y 72 65.19 78.58 62.55
C VAL Y 72 65.40 80.08 62.70
N ALA Y 73 64.34 80.87 62.57
CA ALA Y 73 64.47 82.31 62.73
C ALA Y 73 64.81 82.68 64.16
N ALA Y 74 64.16 82.05 65.13
CA ALA Y 74 64.47 82.29 66.53
C ALA Y 74 65.87 81.80 66.86
N ALA Y 75 66.31 80.72 66.22
CA ALA Y 75 67.69 80.27 66.41
C ALA Y 75 68.68 81.30 65.87
N ALA Y 76 68.45 81.78 64.64
CA ALA Y 76 69.32 82.80 64.06
C ALA Y 76 69.34 84.06 64.92
N ASN Y 77 68.19 84.41 65.51
CA ASN Y 77 68.14 85.53 66.43
C ASN Y 77 68.84 85.22 67.75
N ALA Y 78 68.95 83.94 68.11
CA ALA Y 78 69.56 83.53 69.37
C ALA Y 78 70.91 82.87 69.17
N ALA Y 79 71.39 82.75 67.93
CA ALA Y 79 72.68 82.15 67.65
C ALA Y 79 73.43 82.97 66.61
N GLY Y 80 73.38 84.29 66.75
CA GLY Y 80 74.12 85.16 65.85
C GLY Y 80 75.61 85.18 66.09
N THR Y 81 76.11 84.39 67.04
CA THR Y 81 77.53 84.39 67.38
C THR Y 81 78.16 83.02 67.39
N ASP Y 82 77.40 81.94 67.15
CA ASP Y 82 77.94 80.59 67.17
C ASP Y 82 78.13 80.11 65.75
N PRO Y 83 79.38 79.93 65.30
CA PRO Y 83 79.58 79.48 63.92
C PRO Y 83 79.05 78.09 63.66
N LEU Y 84 79.20 77.18 64.62
CA LEU Y 84 78.63 75.84 64.45
C LEU Y 84 77.11 75.91 64.36
N LEU Y 85 76.49 76.80 65.13
CA LEU Y 85 75.05 76.97 65.07
C LEU Y 85 74.62 77.54 63.73
N LYS Y 86 75.34 78.55 63.23
CA LYS Y 86 74.99 79.11 61.92
C LYS Y 86 75.19 78.08 60.82
N ALA Y 87 76.23 77.23 60.96
CA ALA Y 87 76.46 76.18 59.97
C ALA Y 87 75.35 75.15 59.99
N MET Y 88 74.97 74.67 61.18
CA MET Y 88 73.87 73.74 61.27
C MET Y 88 72.56 74.38 60.83
N VAL Y 89 72.44 75.69 61.01
CA VAL Y 89 71.23 76.39 60.58
C VAL Y 89 71.15 76.45 59.07
N ASP Y 90 72.25 76.79 58.41
CA ASP Y 90 72.27 76.76 56.95
C ASP Y 90 72.07 75.34 56.44
N ALA Y 91 72.59 74.35 57.17
CA ALA Y 91 72.39 72.96 56.77
C ALA Y 91 70.93 72.57 56.89
N ILE Y 92 70.27 72.98 57.98
CA ILE Y 92 68.84 72.70 58.12
C ILE Y 92 68.05 73.49 57.09
N LEU Y 93 68.54 74.66 56.70
CA LEU Y 93 67.87 75.42 55.65
C LEU Y 93 67.96 74.72 54.31
N TRP Y 94 69.13 74.15 54.00
CA TRP Y 94 69.26 73.38 52.77
C TRP Y 94 68.43 72.11 52.82
N ARG Y 95 68.43 71.43 53.97
CA ARG Y 95 67.60 70.24 54.13
C ARG Y 95 66.12 70.58 54.03
N LEU Y 96 65.74 71.77 54.50
CA LEU Y 96 64.35 72.21 54.42
C LEU Y 96 63.98 72.56 52.99
N LYS Y 97 64.89 73.18 52.25
CA LYS Y 97 64.63 73.42 50.83
C LYS Y 97 64.50 72.10 50.08
N GLU Y 98 65.34 71.12 50.43
CA GLU Y 98 65.25 69.80 49.80
C GLU Y 98 63.93 69.13 50.14
N ALA Y 99 63.52 69.18 51.41
CA ALA Y 99 62.26 68.56 51.80
C ALA Y 99 61.08 69.31 51.21
N ILE Y 100 61.22 70.62 50.98
CA ILE Y 100 60.16 71.40 50.37
C ILE Y 100 60.03 71.05 48.89
N ARG Y 101 61.16 70.85 48.21
CA ARG Y 101 61.12 70.37 46.84
C ARG Y 101 60.55 68.96 46.76
N THR Y 102 60.87 68.13 47.75
CA THR Y 102 60.36 66.77 47.76
C THR Y 102 58.86 66.74 47.97
N PHE Y 103 58.36 67.49 48.96
CA PHE Y 103 56.93 67.58 49.17
C PHE Y 103 56.24 68.21 47.98
N GLN Y 104 56.86 69.23 47.37
CA GLN Y 104 56.32 69.79 46.14
C GLN Y 104 56.31 68.76 45.03
N ASN Y 105 57.25 67.81 45.06
CA ASN Y 105 57.21 66.65 44.18
C ASN Y 105 56.28 65.57 44.69
N GLY Y 106 55.47 65.86 45.71
CA GLY Y 106 54.62 64.84 46.30
C GLY Y 106 55.35 63.86 47.18
N ASP Y 107 56.63 64.12 47.48
CA ASP Y 107 57.41 63.23 48.32
C ASP Y 107 57.60 63.85 49.70
N GLU Y 109 55.06 62.22 50.70
CA GLU Y 109 55.61 60.91 51.06
C GLU Y 109 56.73 61.06 52.08
N GLU Y 110 57.97 61.10 51.60
CA GLU Y 110 59.12 61.29 52.48
C GLU Y 110 59.29 62.74 52.92
N ALA Y 111 58.29 63.59 52.68
CA ALA Y 111 58.33 64.95 53.18
C ALA Y 111 58.34 64.96 54.70
N GLU Y 112 57.26 64.49 55.32
CA GLU Y 112 57.24 64.33 56.78
C GLU Y 112 57.97 63.04 57.16
N THR Y 113 59.20 62.93 56.71
CA THR Y 113 60.15 61.91 57.14
C THR Y 113 61.44 62.52 57.64
N GLN Y 114 62.19 63.20 56.76
CA GLN Y 114 63.30 64.02 57.20
C GLN Y 114 62.82 65.30 57.85
N LEU Y 115 61.85 65.98 57.23
CA LEU Y 115 61.27 67.16 57.86
C LEU Y 115 60.55 66.78 59.14
N ARG Y 116 60.01 65.57 59.22
CA ARG Y 116 59.52 65.06 60.50
C ARG Y 116 60.61 65.15 61.56
N PHE Y 117 61.83 64.77 61.20
CA PHE Y 117 62.95 64.99 62.09
C PHE Y 117 63.53 66.40 61.95
N VAL Y 118 63.50 66.97 60.75
CA VAL Y 118 64.00 68.33 60.56
C VAL Y 118 63.14 69.31 61.32
N LEU Y 119 61.87 68.99 61.56
CA LEU Y 119 61.08 69.80 62.48
C LEU Y 119 61.65 69.70 63.88
N ARG Y 120 61.89 68.48 64.37
CA ARG Y 120 62.54 68.31 65.65
C ARG Y 120 63.97 68.82 65.62
N ALA Y 121 64.61 68.74 64.46
CA ALA Y 121 65.95 69.31 64.32
C ALA Y 121 65.93 70.81 64.55
N ALA Y 122 65.01 71.51 63.88
CA ALA Y 122 64.91 72.96 64.10
C ALA Y 122 64.48 73.26 65.52
N ILE Y 123 63.68 72.39 66.12
CA ILE Y 123 63.30 72.56 67.52
C ILE Y 123 64.53 72.55 68.40
N ALA Y 124 65.31 71.48 68.33
CA ALA Y 124 66.51 71.38 69.17
C ALA Y 124 67.52 72.46 68.79
N VAL Y 125 67.52 72.90 67.54
CA VAL Y 125 68.45 73.93 67.11
C VAL Y 125 68.11 75.26 67.76
N ALA Y 126 66.84 75.66 67.69
CA ALA Y 126 66.41 76.86 68.39
C ALA Y 126 66.61 76.70 69.89
N VAL Y 127 66.49 75.46 70.39
CA VAL Y 127 66.69 75.22 71.81
C VAL Y 127 68.12 75.52 72.22
N VAL Y 128 69.09 74.98 71.47
CA VAL Y 128 70.49 75.24 71.78
C VAL Y 128 70.82 76.71 71.54
N ALA Y 129 70.20 77.32 70.53
CA ALA Y 129 70.43 78.73 70.27
C ALA Y 129 69.95 79.60 71.43
N ALA Y 130 68.79 79.29 71.98
CA ALA Y 130 68.31 80.02 73.14
C ALA Y 130 69.18 79.73 74.35
N ALA Y 131 69.64 78.50 74.49
CA ALA Y 131 70.54 78.17 75.59
C ALA Y 131 71.82 78.98 75.51
N LEU Y 132 72.29 79.26 74.29
CA LEU Y 132 73.50 80.06 74.14
C LEU Y 132 73.22 81.55 74.28
N VAL Y 133 72.05 82.01 73.84
CA VAL Y 133 71.74 83.44 73.88
C VAL Y 133 71.40 83.89 75.29
N LEU Y 134 70.63 83.08 76.03
CA LEU Y 134 70.32 83.39 77.42
C LEU Y 134 71.44 83.01 78.36
N ALA Y 135 72.58 82.57 77.82
CA ALA Y 135 73.77 82.31 78.63
C ALA Y 135 74.47 83.64 78.90
N GLY Y 136 75.56 83.58 79.64
CA GLY Y 136 76.30 84.77 80.02
C GLY Y 136 77.76 84.47 80.12
N THR Y 137 78.38 84.89 81.22
CA THR Y 137 79.80 84.63 81.43
C THR Y 137 80.07 83.13 81.55
N ASP Y 138 79.48 82.50 82.56
CA ASP Y 138 79.73 81.09 82.82
C ASP Y 138 78.65 80.23 82.15
N PRO Y 139 78.90 79.74 80.94
CA PRO Y 139 77.97 78.77 80.36
C PRO Y 139 77.94 77.49 81.16
N GLU Y 140 79.12 76.96 81.49
CA GLU Y 140 79.34 75.79 82.34
C GLU Y 140 78.77 74.51 81.73
N LEU Y 141 77.93 74.59 80.70
CA LEU Y 141 77.51 73.40 79.97
C LEU Y 141 77.40 73.65 78.48
N GLN Y 142 77.79 74.84 77.99
CA GLN Y 142 77.80 75.07 76.55
C GLN Y 142 78.68 74.07 75.83
N GLU Y 143 79.76 73.61 76.47
CA GLU Y 143 80.50 72.48 75.94
C GLU Y 143 79.60 71.25 75.84
N MET Y 144 78.96 70.88 76.95
CA MET Y 144 77.93 69.85 76.90
C MET Y 144 76.86 70.22 75.88
N VAL Y 145 76.40 71.47 75.91
CA VAL Y 145 75.46 71.94 74.90
C VAL Y 145 76.08 71.82 73.51
N GLU Y 146 77.38 72.10 73.38
CA GLU Y 146 78.05 71.81 72.12
C GLU Y 146 78.13 70.32 71.88
N GLN Y 147 78.46 69.55 72.93
CA GLN Y 147 78.37 68.10 72.86
C GLN Y 147 76.98 67.68 72.42
N ILE Y 148 75.96 68.20 73.10
CA ILE Y 148 74.59 68.02 72.63
C ILE Y 148 74.46 68.50 71.20
N LYS Y 149 75.01 69.68 70.89
CA LYS Y 149 75.06 70.13 69.50
C LYS Y 149 75.77 69.10 68.64
N ASP Y 150 76.91 68.61 69.11
CA ASP Y 150 77.54 67.46 68.47
C ASP Y 150 76.57 66.30 68.40
N LEU Y 151 75.97 65.94 69.55
CA LEU Y 151 74.89 64.96 69.54
C LEU Y 151 73.76 65.38 68.62
N LEU Y 152 73.51 66.69 68.50
CA LEU Y 152 72.58 67.17 67.50
C LEU Y 152 73.14 66.99 66.10
N ILE Y 153 74.40 67.37 65.90
CA ILE Y 153 75.09 67.03 64.65
C ILE Y 153 75.06 65.53 64.45
N SER Y 154 75.36 64.78 65.52
CA SER Y 154 75.17 63.34 65.49
C SER Y 154 73.73 62.97 65.19
N ALA Y 155 72.78 63.67 65.81
CA ALA Y 155 71.39 63.52 65.43
C ALA Y 155 71.19 63.94 63.98
N PHE Y 156 71.87 65.01 63.56
CA PHE Y 156 71.87 65.38 62.15
C PHE Y 156 72.40 64.25 61.30
N MET Y 157 73.29 63.42 61.85
CA MET Y 157 73.67 62.18 61.19
C MET Y 157 72.75 61.03 61.59
N ALA Y 158 72.19 61.04 62.80
CA ALA Y 158 71.31 59.98 63.26
C ALA Y 158 69.89 60.15 62.72
N GLY Y 159 69.71 61.02 61.74
CA GLY Y 159 68.44 61.17 61.06
C GLY Y 159 68.48 60.49 59.70
N GLU Y 165 67.64 58.02 61.52
CA GLU Y 165 66.59 57.28 62.21
C GLU Y 165 66.85 57.20 63.71
N LYS Y 166 68.13 57.23 64.09
CA LYS Y 166 68.54 57.12 65.47
C LYS Y 166 68.45 58.44 66.22
N ALA Y 167 67.53 59.33 65.82
CA ALA Y 167 67.41 60.63 66.44
C ALA Y 167 65.99 61.01 66.82
N LEU Y 168 65.00 60.17 66.53
CA LEU Y 168 63.62 60.53 66.85
C LEU Y 168 63.42 60.77 68.34
N THR Y 169 63.78 59.79 69.18
CA THR Y 169 63.76 60.01 70.61
C THR Y 169 64.97 60.80 71.07
N GLN Y 170 66.07 60.73 70.32
CA GLN Y 170 67.26 61.48 70.69
C GLN Y 170 67.04 62.98 70.54
N LEU Y 171 66.32 63.40 69.51
CA LEU Y 171 65.99 64.81 69.37
C LEU Y 171 65.12 65.29 70.52
N LEU Y 172 64.14 64.47 70.92
CA LEU Y 172 63.31 64.81 72.07
C LEU Y 172 64.13 64.90 73.34
N PHE Y 173 65.06 63.97 73.53
CA PHE Y 173 65.90 63.99 74.71
C PHE Y 173 66.80 65.22 74.72
N VAL Y 174 67.34 65.59 73.55
CA VAL Y 174 68.19 66.77 73.46
C VAL Y 174 67.38 68.02 73.76
N ALA Y 175 66.16 68.08 73.25
CA ALA Y 175 65.30 69.23 73.52
C ALA Y 175 64.94 69.31 75.00
N TRP Y 176 64.70 68.16 75.63
CA TRP Y 176 64.37 68.16 77.06
C TRP Y 176 65.58 68.57 77.90
N ALA Y 177 66.77 68.13 77.50
CA ALA Y 177 67.97 68.55 78.21
C ALA Y 177 68.24 70.03 78.02
N ALA Y 178 67.98 70.55 76.82
CA ALA Y 178 68.08 71.99 76.62
C ALA Y 178 67.06 72.74 77.45
N HIS Y 179 65.85 72.19 77.60
CA HIS Y 179 64.83 72.83 78.40
C HIS Y 179 65.23 72.86 79.87
N ALA Y 180 65.81 71.76 80.37
CA ALA Y 180 66.37 71.78 81.72
C ALA Y 180 67.53 72.75 81.81
N VAL Y 181 68.27 72.93 80.71
CA VAL Y 181 69.34 73.92 80.70
C VAL Y 181 68.77 75.32 80.49
N ALA Y 182 67.80 75.47 79.58
CA ALA Y 182 67.23 76.78 79.32
C ALA Y 182 66.46 77.30 80.52
N MET Y 183 65.81 76.40 81.27
CA MET Y 183 65.20 76.81 82.53
C MET Y 183 66.27 77.28 83.51
N ILE Y 184 67.35 76.51 83.65
CA ILE Y 184 68.45 76.92 84.52
C ILE Y 184 69.11 78.18 84.01
N ALA Y 185 69.24 78.30 82.68
CA ALA Y 185 69.86 79.49 82.10
C ALA Y 185 69.02 80.74 82.38
N ALA Y 186 67.70 80.64 82.21
CA ALA Y 186 66.84 81.78 82.49
C ALA Y 186 66.79 82.08 83.98
N ALA Y 187 66.91 81.05 84.82
CA ALA Y 187 66.94 81.29 86.26
C ALA Y 187 68.20 82.02 86.67
N ALA Y 188 69.36 81.60 86.16
CA ALA Y 188 70.60 82.29 86.47
C ALA Y 188 70.66 83.66 85.81
N ASN Y 189 69.92 83.86 84.72
CA ASN Y 189 69.94 85.15 84.04
C ASN Y 189 69.32 86.24 84.88
N LEU Y 190 68.16 85.99 85.46
CA LEU Y 190 67.50 86.95 86.34
C LEU Y 190 68.00 86.87 87.78
N ALA Y 191 69.03 86.07 88.03
CA ALA Y 191 69.62 85.94 89.35
C ALA Y 191 70.91 86.75 89.44
N GLY Y 192 71.18 87.27 90.63
CA GLY Y 192 72.39 88.05 90.85
C GLY Y 192 73.43 87.28 91.65
N PRO Y 195 71.38 84.07 95.27
CA PRO Y 195 71.82 82.91 94.49
C PRO Y 195 70.99 81.66 94.79
N ARG Y 196 69.82 81.86 95.39
CA ARG Y 196 68.94 80.74 95.69
C ARG Y 196 68.48 80.05 94.41
N LEU Y 197 68.16 80.84 93.38
CA LEU Y 197 67.79 80.26 92.09
C LEU Y 197 68.97 79.52 91.48
N GLN Y 198 70.19 80.04 91.65
CA GLN Y 198 71.36 79.36 91.11
C GLN Y 198 71.61 78.05 91.83
N GLN Y 199 71.41 78.02 93.15
CA GLN Y 199 71.60 76.78 93.90
C GLN Y 199 70.50 75.76 93.59
N GLN Y 200 69.27 76.24 93.37
CA GLN Y 200 68.20 75.32 92.99
C GLN Y 200 68.42 74.76 91.60
N VAL Y 201 68.91 75.57 90.68
CA VAL Y 201 69.23 75.09 89.33
C VAL Y 201 70.49 74.24 89.30
N LYS Y 202 71.37 74.38 90.31
CA LYS Y 202 72.57 73.56 90.35
C LYS Y 202 72.26 72.12 90.70
N GLU Y 203 71.13 71.88 91.36
CA GLU Y 203 70.71 70.51 91.68
C GLU Y 203 69.91 69.86 90.57
N ILE Y 204 69.12 70.64 89.83
CA ILE Y 204 68.44 70.08 88.66
C ILE Y 204 69.43 69.88 87.52
N LEU Y 205 70.42 70.76 87.40
CA LEU Y 205 71.47 70.58 86.40
C LEU Y 205 72.33 69.36 86.74
N GLU Y 206 72.47 69.04 88.03
CA GLU Y 206 73.21 67.85 88.40
C GLU Y 206 72.53 66.59 87.88
N LYS Y 207 71.23 66.44 88.12
CA LYS Y 207 70.51 65.29 87.59
C LYS Y 207 70.45 65.34 86.07
N LEU Y 208 70.41 66.54 85.49
CA LEU Y 208 70.41 66.66 84.04
C LEU Y 208 71.71 66.13 83.44
N LYS Y 209 72.86 66.52 84.02
CA LYS Y 209 74.14 66.02 83.52
C LYS Y 209 74.29 64.53 83.78
N GLU Y 210 73.76 64.06 84.92
CA GLU Y 210 73.80 62.63 85.19
C GLU Y 210 73.01 61.83 84.17
N ALA Y 211 71.83 62.32 83.80
CA ALA Y 211 71.04 61.66 82.77
C ALA Y 211 71.68 61.79 81.40
N ILE Y 212 72.32 62.93 81.12
CA ILE Y 212 72.98 63.11 79.84
C ILE Y 212 74.13 62.14 79.68
N GLU Y 213 74.92 61.96 80.75
CA GLU Y 213 75.92 60.90 80.75
C GLU Y 213 75.26 59.54 80.60
N THR Y 214 74.11 59.34 81.26
CA THR Y 214 73.36 58.11 81.05
C THR Y 214 72.76 58.05 79.65
N PHE Y 215 72.24 59.16 79.15
CA PHE Y 215 71.78 59.21 77.77
C PHE Y 215 72.93 59.02 76.78
N GLN Y 216 74.13 59.42 77.17
CA GLN Y 216 75.34 59.10 76.42
C GLN Y 216 75.90 57.75 76.81
N LYS Y 217 75.23 57.05 77.73
CA LYS Y 217 75.58 55.69 78.10
C LYS Y 217 74.61 54.68 77.50
N GLY Y 218 73.84 55.09 76.50
CA GLY Y 218 72.93 54.20 75.82
C GLY Y 218 71.68 53.92 76.61
N ASP Y 219 71.34 54.81 77.54
CA ASP Y 219 70.14 54.67 78.35
C ASP Y 219 69.04 55.51 77.71
N GLU Y 220 68.00 54.83 77.22
CA GLU Y 220 66.97 55.48 76.44
C GLU Y 220 65.74 55.83 77.27
N GLU Y 221 65.28 54.92 78.12
CA GLU Y 221 64.13 55.22 78.96
C GLU Y 221 64.54 55.84 80.29
N GLN Y 222 65.56 55.25 80.95
CA GLN Y 222 65.96 55.75 82.26
C GLN Y 222 66.55 57.14 82.19
N ALA Y 223 67.44 57.38 81.22
CA ALA Y 223 68.06 58.70 81.12
C ALA Y 223 67.06 59.74 80.66
N PHE Y 224 66.15 59.38 79.74
CA PHE Y 224 65.12 60.31 79.33
C PHE Y 224 64.22 60.67 80.50
N ARG Y 225 63.86 59.67 81.33
CA ARG Y 225 63.03 59.94 82.49
C ARG Y 225 63.76 60.83 83.50
N GLN Y 226 65.04 60.57 83.74
CA GLN Y 226 65.80 61.39 84.68
C GLN Y 226 65.94 62.81 84.19
N LEU Y 227 66.20 63.00 82.89
CA LEU Y 227 66.30 64.35 82.34
C LEU Y 227 64.96 65.08 82.39
N ALA Y 228 63.87 64.36 82.10
CA ALA Y 228 62.55 64.97 82.15
C ALA Y 228 62.17 65.36 83.57
N GLU Y 229 62.53 64.53 84.55
CA GLU Y 229 62.25 64.87 85.94
C GLU Y 229 63.11 66.04 86.40
N VAL Y 230 64.36 66.09 85.95
CA VAL Y 230 65.23 67.21 86.29
C VAL Y 230 64.68 68.50 85.69
N LEU Y 231 64.20 68.44 84.45
CA LEU Y 231 63.58 69.60 83.81
C LEU Y 231 62.32 70.02 84.54
N ALA Y 232 61.52 69.06 85.00
CA ALA Y 232 60.29 69.39 85.72
C ALA Y 232 60.61 70.04 87.07
N GLU Y 233 61.60 69.52 87.79
CA GLU Y 233 62.00 70.12 89.05
C GLU Y 233 62.59 71.51 88.82
N ALA Y 234 63.35 71.68 87.73
CA ALA Y 234 63.88 72.99 87.40
C ALA Y 234 62.77 73.98 87.10
N ALA Y 235 61.74 73.54 86.37
CA ALA Y 235 60.61 74.41 86.09
C ALA Y 235 59.82 74.74 87.35
N LEU Y 236 59.75 73.79 88.29
CA LEU Y 236 59.08 74.06 89.55
C LEU Y 236 59.85 75.07 90.39
N VAL Y 237 61.18 74.97 90.39
CA VAL Y 237 61.99 75.95 91.11
C VAL Y 237 61.98 77.29 90.40
N ALA Y 238 61.81 77.30 89.08
CA ALA Y 238 61.74 78.55 88.33
C ALA Y 238 60.47 79.31 88.66
N LEU Y 239 59.41 78.58 89.05
CA LEU Y 239 58.19 79.25 89.47
C LEU Y 239 58.44 80.16 90.67
N ARG Y 240 59.32 79.74 91.58
CA ARG Y 240 59.68 80.59 92.71
C ARG Y 240 60.79 81.57 92.35
N ALA Y 241 61.70 81.18 91.46
CA ALA Y 241 62.78 82.07 91.07
C ALA Y 241 62.26 83.28 90.28
N ALA Y 242 61.12 83.12 89.60
CA ALA Y 242 60.53 84.23 88.85
C ALA Y 242 59.98 85.31 89.77
N LEU Y 243 59.69 84.98 91.03
CA LEU Y 243 59.25 85.95 92.02
C LEU Y 243 60.37 86.34 92.97
N THR Y 244 61.57 85.80 92.79
CA THR Y 244 62.70 86.11 93.66
C THR Y 244 63.40 87.40 93.28
N ASN Y 245 62.97 88.07 92.22
CA ASN Y 245 63.58 89.31 91.78
C ASN Y 245 62.55 90.42 91.64
N SER Z 2 -46.89 98.31 -12.33
CA SER Z 2 -48.30 98.69 -12.25
C SER Z 2 -48.78 98.74 -10.80
N THR Z 3 -47.86 98.45 -9.88
CA THR Z 3 -48.22 98.46 -8.46
C THR Z 3 -48.42 99.87 -7.94
N LYS Z 4 -47.48 100.77 -8.23
CA LYS Z 4 -47.59 102.15 -7.75
C LYS Z 4 -48.74 102.88 -8.42
N GLU Z 5 -48.97 102.62 -9.71
CA GLU Z 5 -50.08 103.27 -10.40
C GLU Z 5 -51.43 102.79 -9.85
N LYS Z 6 -51.59 101.48 -9.68
CA LYS Z 6 -52.81 100.96 -9.09
C LYS Z 6 -52.99 101.47 -7.66
N ALA Z 7 -51.89 101.63 -6.93
CA ALA Z 7 -51.97 102.18 -5.58
C ALA Z 7 -52.48 103.61 -5.61
N ARG Z 8 -51.87 104.45 -6.45
CA ARG Z 8 -52.31 105.85 -6.54
C ARG Z 8 -53.77 105.94 -6.96
N GLN Z 9 -54.19 105.09 -7.90
CA GLN Z 9 -55.57 105.14 -8.37
C GLN Z 9 -56.56 104.69 -7.30
N LEU Z 10 -56.32 103.53 -6.69
CA LEU Z 10 -57.22 103.05 -5.64
C LEU Z 10 -57.21 103.98 -4.44
N ALA Z 11 -56.09 104.67 -4.18
CA ALA Z 11 -56.03 105.58 -3.05
C ALA Z 11 -56.74 106.89 -3.37
N GLU Z 12 -56.67 107.36 -4.62
CA GLU Z 12 -57.47 108.51 -5.01
C GLU Z 12 -58.96 108.20 -4.90
N GLU Z 13 -59.35 107.01 -5.35
CA GLU Z 13 -60.74 106.58 -5.17
C GLU Z 13 -61.10 106.46 -3.69
N ALA Z 14 -60.14 106.01 -2.88
CA ALA Z 14 -60.34 105.94 -1.44
C ALA Z 14 -60.61 107.31 -0.85
N LYS Z 15 -59.80 108.30 -1.22
CA LYS Z 15 -59.98 109.66 -0.72
C LYS Z 15 -61.30 110.25 -1.20
N GLU Z 16 -61.69 109.96 -2.44
CA GLU Z 16 -62.95 110.46 -2.96
C GLU Z 16 -64.13 109.87 -2.22
N THR Z 17 -64.15 108.54 -2.04
CA THR Z 17 -65.24 107.90 -1.32
C THR Z 17 -65.22 108.26 0.16
N ALA Z 18 -64.05 108.68 0.67
CA ALA Z 18 -63.98 109.15 2.05
C ALA Z 18 -64.60 110.53 2.19
N GLU Z 19 -64.25 111.45 1.29
CA GLU Z 19 -64.87 112.76 1.29
C GLU Z 19 -66.37 112.67 1.04
N LYS Z 20 -66.80 111.70 0.22
CA LYS Z 20 -68.23 111.47 0.03
C LYS Z 20 -68.86 110.85 1.28
N VAL Z 21 -68.11 110.02 1.98
CA VAL Z 21 -68.57 109.44 3.23
C VAL Z 21 -68.59 110.48 4.35
N GLY Z 22 -67.80 111.53 4.19
CA GLY Z 22 -67.69 112.57 5.19
C GLY Z 22 -66.39 112.47 5.96
N ASP Z 23 -65.40 111.80 5.36
CA ASP Z 23 -64.13 111.54 6.04
C ASP Z 23 -63.01 112.27 5.29
N PRO Z 24 -62.54 113.41 5.80
CA PRO Z 24 -61.35 114.02 5.21
C PRO Z 24 -60.08 113.39 5.77
N GLU Z 25 -60.21 112.80 6.96
CA GLU Z 25 -59.10 112.06 7.54
C GLU Z 25 -58.79 110.80 6.74
N LEU Z 26 -59.83 110.04 6.37
CA LEU Z 26 -59.61 108.90 5.49
C LEU Z 26 -59.15 109.35 4.11
N ILE Z 27 -59.57 110.55 3.69
CA ILE Z 27 -59.10 111.09 2.42
C ILE Z 27 -57.60 111.36 2.48
N LYS Z 28 -57.12 111.92 3.60
CA LYS Z 28 -55.70 112.17 3.74
C LYS Z 28 -54.91 110.88 3.88
N LEU Z 29 -55.45 109.91 4.62
CA LEU Z 29 -54.80 108.60 4.71
C LEU Z 29 -54.73 107.94 3.35
N ALA Z 30 -55.74 108.15 2.51
CA ALA Z 30 -55.72 107.63 1.16
C ALA Z 30 -54.67 108.34 0.31
N GLU Z 31 -54.58 109.66 0.43
CA GLU Z 31 -53.52 110.40 -0.26
C GLU Z 31 -52.15 109.88 0.17
N GLN Z 32 -52.01 109.52 1.44
CA GLN Z 32 -50.75 108.96 1.93
C GLN Z 32 -50.51 107.56 1.34
N ALA Z 33 -51.57 106.75 1.22
CA ALA Z 33 -51.44 105.44 0.59
C ALA Z 33 -51.02 105.58 -0.87
N SER Z 34 -51.51 106.62 -1.54
CA SER Z 34 -51.09 106.88 -2.91
C SER Z 34 -49.63 107.31 -2.96
N GLN Z 35 -49.24 108.25 -2.10
CA GLN Z 35 -47.86 108.72 -2.08
C GLN Z 35 -46.88 107.62 -1.74
N GLU Z 36 -47.29 106.68 -0.88
CA GLU Z 36 -46.41 105.56 -0.53
C GLU Z 36 -46.39 104.51 -1.61
N GLY Z 37 -47.47 104.39 -2.36
CA GLY Z 37 -47.58 103.38 -3.41
C GLY Z 37 -48.02 102.02 -2.94
N ASP Z 38 -48.87 101.95 -1.92
CA ASP Z 38 -49.37 100.68 -1.40
C ASP Z 38 -50.77 100.44 -1.93
N SER Z 39 -50.88 99.55 -2.92
CA SER Z 39 -52.20 99.21 -3.47
C SER Z 39 -53.06 98.52 -2.43
N GLU Z 40 -52.43 97.75 -1.53
CA GLU Z 40 -53.18 97.16 -0.43
C GLU Z 40 -53.77 98.22 0.48
N LYS Z 41 -52.94 99.17 0.91
CA LYS Z 41 -53.43 100.26 1.76
C LYS Z 41 -54.41 101.15 1.01
N ALA Z 42 -54.20 101.30 -0.31
CA ALA Z 42 -55.11 102.10 -1.11
C ALA Z 42 -56.50 101.47 -1.17
N LYS Z 43 -56.57 100.18 -1.52
CA LYS Z 43 -57.85 99.49 -1.55
C LYS Z 43 -58.44 99.37 -0.15
N ALA Z 44 -57.59 99.33 0.88
CA ALA Z 44 -58.08 99.33 2.25
C ALA Z 44 -58.79 100.65 2.58
N ILE Z 45 -58.15 101.78 2.25
CA ILE Z 45 -58.79 103.06 2.49
C ILE Z 45 -60.04 103.20 1.63
N LEU Z 46 -60.05 102.57 0.45
CA LEU Z 46 -61.23 102.63 -0.41
C LEU Z 46 -62.40 101.86 0.19
N LEU Z 47 -62.15 100.62 0.61
CA LEU Z 47 -63.19 99.84 1.25
C LEU Z 47 -63.64 100.49 2.56
N ALA Z 48 -62.73 101.12 3.29
CA ALA Z 48 -63.11 101.81 4.51
C ALA Z 48 -63.93 103.06 4.23
N ALA Z 49 -63.61 103.76 3.13
CA ALA Z 49 -64.41 104.91 2.73
C ALA Z 49 -65.81 104.49 2.31
N GLU Z 50 -65.90 103.39 1.56
CA GLU Z 50 -67.22 102.84 1.22
C GLU Z 50 -67.96 102.39 2.47
N ALA Z 51 -67.23 101.83 3.43
CA ALA Z 51 -67.83 101.44 4.70
C ALA Z 51 -68.39 102.65 5.43
N ALA Z 52 -67.64 103.75 5.46
CA ALA Z 52 -68.11 104.96 6.13
C ALA Z 52 -69.30 105.57 5.39
N ARG Z 53 -69.31 105.45 4.06
CA ARG Z 53 -70.47 105.92 3.31
C ARG Z 53 -71.71 105.09 3.63
N VAL Z 54 -71.57 103.77 3.63
CA VAL Z 54 -72.71 102.90 3.93
C VAL Z 54 -73.13 103.07 5.39
N ALA Z 55 -72.20 103.47 6.25
CA ALA Z 55 -72.54 103.72 7.65
C ALA Z 55 -73.29 105.03 7.80
N LYS Z 56 -72.80 106.10 7.17
CA LYS Z 56 -73.54 107.36 7.15
C LYS Z 56 -74.93 107.15 6.56
N GLU Z 57 -75.06 106.21 5.62
CA GLU Z 57 -76.38 105.81 5.16
C GLU Z 57 -77.14 105.03 6.22
N VAL Z 58 -76.44 104.25 7.04
CA VAL Z 58 -77.07 103.47 8.09
C VAL Z 58 -77.19 104.28 9.38
N GLY Z 59 -76.08 104.83 9.85
CA GLY Z 59 -76.10 105.70 11.02
C GLY Z 59 -75.43 105.15 12.26
N ALA Z 60 -74.31 104.42 12.10
CA ALA Z 60 -73.58 103.87 13.23
C ALA Z 60 -72.21 104.49 13.32
N PRO Z 61 -71.92 105.33 14.31
CA PRO Z 61 -70.57 105.92 14.42
C PRO Z 61 -69.51 104.92 14.85
N ASP Z 62 -69.91 103.76 15.38
CA ASP Z 62 -68.94 102.74 15.74
C ASP Z 62 -68.20 102.24 14.52
N LEU Z 63 -68.93 101.72 13.53
CA LEU Z 63 -68.31 101.28 12.29
C LEU Z 63 -67.69 102.45 11.54
N ILE Z 64 -68.20 103.66 11.76
CA ILE Z 64 -67.63 104.84 11.11
C ILE Z 64 -66.21 105.07 11.61
N ARG Z 65 -66.04 105.15 12.93
CA ARG Z 65 -64.69 105.31 13.47
C ARG Z 65 -63.84 104.08 13.19
N LEU Z 66 -64.46 102.90 13.10
CA LEU Z 66 -63.72 101.69 12.77
C LEU Z 66 -63.11 101.79 11.38
N ALA Z 67 -63.91 102.22 10.39
CA ALA Z 67 -63.38 102.41 9.05
C ALA Z 67 -62.39 103.56 9.01
N ARG Z 68 -62.60 104.60 9.82
CA ARG Z 68 -61.64 105.69 9.88
C ARG Z 68 -60.27 105.19 10.34
N ILE Z 69 -60.26 104.38 11.39
CA ILE Z 69 -58.99 103.85 11.89
C ILE Z 69 -58.41 102.85 10.90
N ALA Z 70 -59.26 102.05 10.24
CA ALA Z 70 -58.78 101.09 9.26
C ALA Z 70 -58.12 101.80 8.08
N ALA Z 71 -58.67 102.94 7.68
CA ALA Z 71 -58.05 103.72 6.60
C ALA Z 71 -56.78 104.40 7.08
N ARG Z 72 -56.78 104.93 8.31
CA ARG Z 72 -55.58 105.53 8.86
C ARG Z 72 -54.45 104.51 8.98
N VAL Z 73 -54.79 103.25 9.21
CA VAL Z 73 -53.77 102.21 9.32
C VAL Z 73 -53.56 101.53 7.97
N GLY Z 74 -54.63 101.34 7.20
CA GLY Z 74 -54.54 100.64 5.94
C GLY Z 74 -54.87 99.17 6.06
N ALA Z 75 -55.90 98.86 6.83
CA ALA Z 75 -56.33 97.49 7.09
C ALA Z 75 -57.41 97.10 6.08
N SER Z 76 -57.04 96.22 5.14
CA SER Z 76 -57.98 95.82 4.10
C SER Z 76 -59.05 94.89 4.63
N GLU Z 77 -58.66 93.92 5.48
CA GLU Z 77 -59.63 93.02 6.07
C GLU Z 77 -60.61 93.78 6.97
N ALA Z 78 -60.09 94.70 7.80
CA ALA Z 78 -60.96 95.48 8.67
C ALA Z 78 -61.85 96.42 7.86
N ALA Z 79 -61.34 96.95 6.75
CA ALA Z 79 -62.16 97.82 5.91
C ALA Z 79 -63.28 97.05 5.22
N LYS Z 80 -62.97 95.87 4.69
CA LYS Z 80 -64.01 95.04 4.09
C LYS Z 80 -65.02 94.58 5.13
N ALA Z 81 -64.54 94.29 6.34
CA ALA Z 81 -65.44 93.93 7.43
C ALA Z 81 -66.35 95.10 7.78
N ILE Z 82 -65.80 96.31 7.82
CA ILE Z 82 -66.61 97.49 8.13
C ILE Z 82 -67.62 97.75 7.02
N LEU Z 83 -67.25 97.48 5.77
CA LEU Z 83 -68.17 97.68 4.65
C LEU Z 83 -69.32 96.68 4.70
N LEU Z 84 -68.99 95.39 4.84
CA LEU Z 84 -70.03 94.38 4.95
C LEU Z 84 -70.85 94.57 6.21
N ALA Z 85 -70.25 95.13 7.26
CA ALA Z 85 -70.99 95.38 8.49
C ALA Z 85 -71.90 96.59 8.37
N ALA Z 86 -71.50 97.59 7.58
CA ALA Z 86 -72.40 98.70 7.30
C ALA Z 86 -73.55 98.25 6.42
N GLU Z 87 -73.28 97.35 5.48
CA GLU Z 87 -74.36 96.72 4.73
C GLU Z 87 -75.28 95.94 5.67
N ALA Z 88 -74.70 95.20 6.62
CA ALA Z 88 -75.48 94.49 7.61
C ALA Z 88 -76.30 95.44 8.46
N ALA Z 89 -75.74 96.61 8.77
CA ALA Z 89 -76.44 97.59 9.59
C ALA Z 89 -77.60 98.20 8.82
N ARG Z 90 -77.41 98.46 7.53
CA ARG Z 90 -78.54 98.91 6.71
C ARG Z 90 -79.61 97.84 6.64
N VAL Z 91 -79.20 96.58 6.43
CA VAL Z 91 -80.17 95.49 6.33
C VAL Z 91 -80.88 95.29 7.66
N ALA Z 92 -80.20 95.56 8.76
CA ALA Z 92 -80.82 95.41 10.08
C ALA Z 92 -81.76 96.56 10.38
N LYS Z 93 -81.37 97.79 10.04
CA LYS Z 93 -82.29 98.91 10.15
C LYS Z 93 -83.53 98.68 9.29
N GLU Z 94 -83.36 97.98 8.18
CA GLU Z 94 -84.53 97.54 7.42
C GLU Z 94 -85.26 96.42 8.13
N VAL Z 95 -84.54 95.59 8.91
CA VAL Z 95 -85.17 94.48 9.61
C VAL Z 95 -85.58 94.90 11.01
N GLY Z 96 -84.62 95.30 11.84
CA GLY Z 96 -84.92 95.76 13.18
C GLY Z 96 -84.44 94.86 14.30
N ASP Z 97 -83.29 94.22 14.11
CA ASP Z 97 -82.73 93.31 15.10
C ASP Z 97 -81.53 93.94 15.77
N PRO Z 98 -81.56 94.22 17.08
CA PRO Z 98 -80.41 94.85 17.73
C PRO Z 98 -79.26 93.88 17.98
N GLU Z 99 -79.54 92.60 18.22
CA GLU Z 99 -78.46 91.62 18.33
C GLU Z 99 -77.71 91.50 17.02
N LEU Z 100 -78.43 91.63 15.89
CA LEU Z 100 -77.76 91.65 14.59
C LEU Z 100 -76.85 92.87 14.46
N GLU Z 101 -77.29 94.02 14.96
CA GLU Z 101 -76.44 95.22 14.92
C GLU Z 101 -75.21 95.03 15.80
N ARG Z 102 -75.39 94.40 16.96
CA ARG Z 102 -74.25 94.12 17.82
C ARG Z 102 -73.27 93.18 17.14
N LEU Z 103 -73.78 92.12 16.51
CA LEU Z 103 -72.90 91.18 15.82
C LEU Z 103 -72.20 91.85 14.65
N ALA Z 104 -72.88 92.75 13.95
CA ALA Z 104 -72.25 93.44 12.83
C ALA Z 104 -71.16 94.38 13.31
N LEU Z 105 -71.42 95.15 14.37
CA LEU Z 105 -70.39 96.02 14.92
C LEU Z 105 -69.23 95.20 15.46
N LEU Z 106 -69.51 94.02 16.01
CA LEU Z 106 -68.44 93.16 16.51
C LEU Z 106 -67.60 92.60 15.37
N ALA Z 107 -68.24 92.26 14.25
CA ALA Z 107 -67.49 91.81 13.08
C ALA Z 107 -66.65 92.94 12.50
N ALA Z 108 -67.17 94.17 12.52
CA ALA Z 108 -66.41 95.31 12.05
C ALA Z 108 -65.21 95.58 12.96
N VAL Z 109 -65.40 95.45 14.28
CA VAL Z 109 -64.31 95.71 15.21
C VAL Z 109 -63.26 94.60 15.14
N LEU Z 110 -63.69 93.34 15.14
CA LEU Z 110 -62.75 92.24 15.00
C LEU Z 110 -62.14 92.21 13.60
N GLY Z 111 -62.72 92.96 12.68
CA GLY Z 111 -62.23 92.98 11.32
C GLY Z 111 -62.48 91.70 10.55
N ASP Z 112 -63.34 90.84 11.06
CA ASP Z 112 -63.65 89.56 10.44
C ASP Z 112 -64.63 89.79 9.30
N SER Z 113 -64.10 89.90 8.09
CA SER Z 113 -64.95 90.09 6.91
C SER Z 113 -65.85 88.89 6.70
N GLU Z 114 -65.41 87.70 7.12
CA GLU Z 114 -66.29 86.54 7.12
C GLU Z 114 -67.46 86.75 8.07
N LYS Z 115 -67.17 87.19 9.30
CA LYS Z 115 -68.24 87.47 10.26
C LYS Z 115 -69.07 88.67 9.81
N ALA Z 116 -68.48 89.59 9.06
CA ALA Z 116 -69.23 90.73 8.56
C ALA Z 116 -70.21 90.32 7.47
N LYS Z 117 -69.77 89.48 6.54
CA LYS Z 117 -70.71 88.92 5.56
C LYS Z 117 -71.74 88.04 6.24
N ALA Z 118 -71.34 87.36 7.33
CA ALA Z 118 -72.30 86.61 8.12
C ALA Z 118 -73.37 87.51 8.70
N ILE Z 119 -72.97 88.67 9.22
CA ILE Z 119 -73.93 89.61 9.79
C ILE Z 119 -74.82 90.18 8.70
N LEU Z 120 -74.26 90.44 7.52
CA LEU Z 120 -75.07 90.93 6.41
C LEU Z 120 -76.12 89.90 6.00
N LEU Z 121 -75.69 88.65 5.80
CA LEU Z 121 -76.62 87.59 5.42
C LEU Z 121 -77.60 87.29 6.54
N ALA Z 122 -77.20 87.50 7.80
CA ALA Z 122 -78.10 87.25 8.92
C ALA Z 122 -79.14 88.36 9.05
N ALA Z 123 -78.75 89.61 8.79
CA ALA Z 123 -79.72 90.68 8.76
C ALA Z 123 -80.69 90.50 7.60
N GLU Z 124 -80.18 90.07 6.44
CA GLU Z 124 -81.06 89.73 5.33
C GLU Z 124 -81.99 88.57 5.69
N ALA Z 125 -81.47 87.59 6.40
CA ALA Z 125 -82.27 86.45 6.82
C ALA Z 125 -83.36 86.87 7.79
N ALA Z 126 -83.03 87.75 8.74
CA ALA Z 126 -84.01 88.25 9.68
C ALA Z 126 -85.07 89.07 8.98
N ARG Z 127 -84.67 89.88 8.00
CA ARG Z 127 -85.65 90.64 7.24
C ARG Z 127 -86.57 89.72 6.44
N VAL Z 128 -86.00 88.69 5.80
CA VAL Z 128 -86.79 87.78 5.00
C VAL Z 128 -87.71 86.94 5.88
N ALA Z 129 -87.26 86.64 7.10
CA ALA Z 129 -88.09 85.89 8.03
C ALA Z 129 -89.23 86.74 8.56
N LYS Z 130 -88.95 88.00 8.91
CA LYS Z 130 -90.00 88.91 9.34
C LYS Z 130 -91.02 89.14 8.22
N GLU Z 131 -90.54 89.19 6.98
CA GLU Z 131 -91.46 89.33 5.85
C GLU Z 131 -92.26 88.05 5.61
N VAL Z 132 -91.64 86.89 5.80
CA VAL Z 132 -92.32 85.61 5.60
C VAL Z 132 -93.07 85.19 6.86
N GLY Z 133 -92.49 85.45 8.03
CA GLY Z 133 -93.10 85.04 9.28
C GLY Z 133 -92.50 83.75 9.79
N ASP Z 134 -91.26 83.47 9.39
CA ASP Z 134 -90.60 82.22 9.73
C ASP Z 134 -89.78 82.42 11.00
N PRO Z 135 -90.27 82.02 12.18
CA PRO Z 135 -89.48 82.20 13.39
C PRO Z 135 -88.24 81.32 13.46
N GLU Z 136 -88.28 80.13 12.86
CA GLU Z 136 -87.08 79.31 12.80
C GLU Z 136 -86.00 79.99 11.97
N LEU Z 137 -86.39 80.66 10.90
CA LEU Z 137 -85.42 81.37 10.07
C LEU Z 137 -84.80 82.54 10.83
N ILE Z 138 -85.61 83.29 11.58
CA ILE Z 138 -85.08 84.40 12.37
C ILE Z 138 -84.17 83.89 13.48
N LYS Z 139 -84.54 82.75 14.08
CA LYS Z 139 -83.70 82.16 15.12
C LYS Z 139 -82.36 81.71 14.54
N LEU Z 140 -82.38 81.07 13.37
CA LEU Z 140 -81.13 80.67 12.73
C LEU Z 140 -80.30 81.87 12.35
N ALA Z 141 -80.96 82.95 11.90
CA ALA Z 141 -80.24 84.17 11.57
C ALA Z 141 -79.56 84.77 12.79
N LEU Z 142 -80.27 84.84 13.91
CA LEU Z 142 -79.67 85.35 15.15
C LEU Z 142 -78.53 84.46 15.62
N GLU Z 143 -78.70 83.14 15.50
CA GLU Z 143 -77.65 82.21 15.90
C GLU Z 143 -76.41 82.38 15.03
N ALA Z 144 -76.60 82.59 13.73
CA ALA Z 144 -75.47 82.81 12.84
C ALA Z 144 -74.80 84.14 13.11
N ALA Z 145 -75.59 85.18 13.43
CA ALA Z 145 -75.00 86.47 13.75
C ALA Z 145 -74.17 86.40 15.03
N GLU Z 146 -74.69 85.73 16.05
CA GLU Z 146 -73.90 85.53 17.27
C GLU Z 146 -72.68 84.65 17.01
N ARG Z 147 -72.81 83.68 16.10
CA ARG Z 147 -71.70 82.79 15.78
C ARG Z 147 -70.78 83.39 14.73
N GLY Z 148 -71.32 84.17 13.81
CA GLY Z 148 -70.53 84.75 12.75
C GLY Z 148 -70.34 83.80 11.57
N ASP Z 149 -71.31 82.92 11.36
CA ASP Z 149 -71.26 81.91 10.30
C ASP Z 149 -71.98 82.43 9.07
N SER Z 150 -71.22 82.77 8.04
CA SER Z 150 -71.82 83.27 6.80
C SER Z 150 -72.63 82.19 6.10
N GLU Z 151 -72.17 80.93 6.17
CA GLU Z 151 -72.94 79.83 5.58
C GLU Z 151 -74.27 79.67 6.30
N LYS Z 152 -74.27 79.71 7.63
CA LYS Z 152 -75.51 79.55 8.37
C LYS Z 152 -76.45 80.73 8.15
N ALA Z 153 -75.90 81.94 8.05
CA ALA Z 153 -76.74 83.11 7.82
C ALA Z 153 -77.35 83.08 6.43
N LYS Z 154 -76.55 82.70 5.42
CA LYS Z 154 -77.07 82.56 4.07
C LYS Z 154 -78.11 81.44 4.01
N ALA Z 155 -77.90 80.38 4.79
CA ALA Z 155 -78.89 79.30 4.85
C ALA Z 155 -80.19 79.78 5.49
N ILE Z 156 -80.09 80.60 6.53
CA ILE Z 156 -81.29 81.16 7.16
C ILE Z 156 -82.01 82.08 6.18
N LEU Z 157 -81.25 82.85 5.41
CA LEU Z 157 -81.87 83.73 4.41
C LEU Z 157 -82.56 82.93 3.33
N LEU Z 158 -81.89 81.91 2.79
CA LEU Z 158 -82.50 81.09 1.76
C LEU Z 158 -83.68 80.29 2.30
N ALA Z 159 -83.64 79.92 3.57
CA ALA Z 159 -84.77 79.21 4.17
C ALA Z 159 -85.95 80.12 4.40
N ALA Z 160 -85.70 81.37 4.81
CA ALA Z 160 -86.79 82.34 4.92
C ALA Z 160 -87.39 82.63 3.56
N GLU Z 161 -86.55 82.72 2.52
CA GLU Z 161 -87.07 82.92 1.17
C GLU Z 161 -87.87 81.72 0.70
N ALA Z 162 -87.39 80.51 1.01
CA ALA Z 162 -88.12 79.30 0.64
C ALA Z 162 -89.45 79.22 1.38
N ALA Z 163 -89.47 79.62 2.65
CA ALA Z 163 -90.71 79.64 3.41
C ALA Z 163 -91.67 80.68 2.86
N ARG Z 164 -91.14 81.83 2.41
CA ARG Z 164 -91.99 82.83 1.78
C ARG Z 164 -92.59 82.30 0.49
N VAL Z 165 -91.77 81.66 -0.34
CA VAL Z 165 -92.25 81.10 -1.60
C VAL Z 165 -93.25 79.99 -1.34
N ALA Z 166 -93.07 79.24 -0.25
CA ALA Z 166 -94.00 78.17 0.09
C ALA Z 166 -95.33 78.74 0.57
N LYS Z 167 -95.29 79.74 1.45
CA LYS Z 167 -96.52 80.36 1.93
C LYS Z 167 -97.27 81.05 0.80
N GLU Z 168 -96.54 81.67 -0.14
CA GLU Z 168 -97.19 82.25 -1.31
C GLU Z 168 -97.73 81.16 -2.24
N VAL Z 169 -97.08 80.01 -2.29
CA VAL Z 169 -97.56 78.89 -3.07
C VAL Z 169 -98.57 78.06 -2.30
N GLY Z 170 -98.35 77.90 -1.00
CA GLY Z 170 -99.20 77.08 -0.17
C GLY Z 170 -98.63 75.69 -0.01
N ASP Z 171 -97.31 75.57 -0.20
CA ASP Z 171 -96.64 74.29 -0.17
C ASP Z 171 -96.08 74.04 1.22
N PRO Z 172 -96.83 73.37 2.11
CA PRO Z 172 -96.30 73.09 3.45
C PRO Z 172 -95.13 72.14 3.44
N GLU Z 173 -95.01 71.27 2.42
CA GLU Z 173 -93.80 70.47 2.28
C GLU Z 173 -92.59 71.35 2.00
N LEU Z 174 -92.75 72.38 1.17
CA LEU Z 174 -91.66 73.30 0.92
C LEU Z 174 -91.31 74.11 2.15
N ILE Z 175 -92.32 74.53 2.92
CA ILE Z 175 -92.07 75.26 4.16
C ILE Z 175 -91.35 74.37 5.16
N LYS Z 176 -91.73 73.10 5.23
CA LYS Z 176 -91.06 72.17 6.13
C LYS Z 176 -89.62 71.92 5.70
N LEU Z 177 -89.38 71.81 4.40
CA LEU Z 177 -88.02 71.65 3.91
C LEU Z 177 -87.19 72.89 4.20
N ALA Z 178 -87.80 74.08 4.10
CA ALA Z 178 -87.09 75.31 4.43
C ALA Z 178 -86.74 75.35 5.91
N LEU Z 179 -87.67 74.97 6.78
CA LEU Z 179 -87.39 74.94 8.21
C LEU Z 179 -86.31 73.92 8.53
N GLU Z 180 -86.34 72.77 7.84
CA GLU Z 180 -85.33 71.74 8.07
C GLU Z 180 -83.96 72.20 7.61
N ALA Z 181 -83.91 72.94 6.50
CA ALA Z 181 -82.64 73.48 6.02
C ALA Z 181 -82.13 74.58 6.95
N ALA Z 182 -83.04 75.39 7.50
CA ALA Z 182 -82.64 76.40 8.45
C ALA Z 182 -82.06 75.78 9.72
N ARG Z 183 -82.72 74.72 10.22
CA ARG Z 183 -82.19 74.00 11.36
C ARG Z 183 -80.87 73.31 11.03
N ARG Z 184 -80.72 72.83 9.80
CA ARG Z 184 -79.49 72.19 9.38
C ARG Z 184 -78.45 73.20 8.95
N GLY Z 185 -78.88 74.39 8.54
CA GLY Z 185 -77.94 75.39 8.06
C GLY Z 185 -77.45 75.10 6.66
N ASP Z 186 -78.24 74.31 5.92
CA ASP Z 186 -77.90 73.94 4.55
C ASP Z 186 -78.52 74.94 3.60
N SER Z 187 -77.72 75.91 3.15
CA SER Z 187 -78.20 76.88 2.17
C SER Z 187 -78.58 76.20 0.86
N GLU Z 188 -77.92 75.09 0.52
CA GLU Z 188 -78.28 74.35 -0.67
C GLU Z 188 -79.67 73.76 -0.55
N LYS Z 189 -79.97 73.13 0.59
CA LYS Z 189 -81.29 72.56 0.80
C LYS Z 189 -82.36 73.66 0.85
N ALA Z 190 -82.02 74.81 1.43
CA ALA Z 190 -82.98 75.91 1.50
C ALA Z 190 -83.25 76.50 0.12
N LYS Z 191 -82.21 76.61 -0.71
CA LYS Z 191 -82.41 77.09 -2.07
C LYS Z 191 -83.20 76.07 -2.90
N ALA Z 192 -82.95 74.77 -2.66
CA ALA Z 192 -83.75 73.75 -3.31
C ALA Z 192 -85.20 73.84 -2.90
N ILE Z 193 -85.45 74.14 -1.61
CA ILE Z 193 -86.82 74.30 -1.13
C ILE Z 193 -87.46 75.53 -1.76
N LEU Z 194 -86.68 76.60 -1.96
CA LEU Z 194 -87.21 77.79 -2.61
C LEU Z 194 -87.57 77.51 -4.06
N LEU Z 195 -86.66 76.85 -4.79
CA LEU Z 195 -86.95 76.50 -6.17
C LEU Z 195 -88.13 75.53 -6.28
N ALA Z 196 -88.25 74.62 -5.31
CA ALA Z 196 -89.37 73.69 -5.32
C ALA Z 196 -90.68 74.39 -5.01
N ALA Z 197 -90.66 75.37 -4.10
CA ALA Z 197 -91.86 76.15 -3.83
C ALA Z 197 -92.26 76.98 -5.04
N GLU Z 198 -91.27 77.52 -5.76
CA GLU Z 198 -91.57 78.26 -6.98
C GLU Z 198 -92.16 77.34 -8.05
N ALA Z 199 -91.59 76.14 -8.20
CA ALA Z 199 -92.11 75.19 -9.17
C ALA Z 199 -93.52 74.74 -8.79
N ALA Z 200 -93.78 74.56 -7.50
CA ALA Z 200 -95.11 74.18 -7.05
C ALA Z 200 -96.11 75.32 -7.25
N ARG Z 201 -95.65 76.56 -7.06
CA ARG Z 201 -96.51 77.72 -7.35
C ARG Z 201 -96.87 77.77 -8.82
N VAL Z 202 -95.88 77.53 -9.69
CA VAL Z 202 -96.15 77.51 -11.13
C VAL Z 202 -97.07 76.37 -11.50
N ALA Z 203 -96.91 75.22 -10.84
CA ALA Z 203 -97.77 74.08 -11.12
C ALA Z 203 -99.20 74.35 -10.68
N LYS Z 204 -99.38 74.99 -9.53
CA LYS Z 204 -100.71 75.34 -9.06
C LYS Z 204 -101.35 76.40 -9.94
N GLU Z 205 -100.57 77.39 -10.38
CA GLU Z 205 -101.11 78.43 -11.25
C GLU Z 205 -101.47 77.88 -12.62
N VAL Z 206 -100.72 76.89 -13.10
CA VAL Z 206 -101.02 76.26 -14.38
C VAL Z 206 -102.01 75.12 -14.22
N GLY Z 207 -101.75 74.23 -13.26
CA GLY Z 207 -102.61 73.07 -13.06
C GLY Z 207 -101.87 71.79 -13.35
N ASP Z 208 -100.55 71.80 -13.18
CA ASP Z 208 -99.71 70.63 -13.46
C ASP Z 208 -99.47 69.89 -12.15
N PRO Z 209 -100.38 68.99 -11.75
CA PRO Z 209 -100.17 68.27 -10.48
C PRO Z 209 -98.94 67.39 -10.47
N GLU Z 210 -98.52 66.86 -11.63
CA GLU Z 210 -97.25 66.13 -11.68
C GLU Z 210 -96.07 67.06 -11.41
N LEU Z 211 -96.17 68.31 -11.88
CA LEU Z 211 -95.11 69.27 -11.61
C LEU Z 211 -95.07 69.63 -10.12
N ILE Z 212 -96.22 69.85 -9.50
CA ILE Z 212 -96.25 70.13 -8.07
C ILE Z 212 -95.75 68.92 -7.29
N LYS Z 213 -96.04 67.72 -7.78
CA LYS Z 213 -95.57 66.51 -7.11
C LYS Z 213 -94.06 66.40 -7.20
N LEU Z 214 -93.49 66.66 -8.38
CA LEU Z 214 -92.04 66.65 -8.52
C LEU Z 214 -91.40 67.74 -7.68
N ALA Z 215 -92.07 68.89 -7.56
CA ALA Z 215 -91.55 69.96 -6.70
C ALA Z 215 -91.54 69.54 -5.24
N LEU Z 216 -92.61 68.91 -4.77
CA LEU Z 216 -92.63 68.42 -3.40
C LEU Z 216 -91.59 67.33 -3.18
N GLU Z 217 -91.39 66.47 -4.19
CA GLU Z 217 -90.38 65.42 -4.07
C GLU Z 217 -88.99 66.02 -4.00
N ALA Z 218 -88.72 67.06 -4.79
CA ALA Z 218 -87.42 67.72 -4.74
C ALA Z 218 -87.23 68.45 -3.42
N ALA Z 219 -88.30 69.06 -2.89
CA ALA Z 219 -88.21 69.72 -1.60
C ALA Z 219 -87.91 68.72 -0.49
N ARG Z 220 -88.55 67.55 -0.54
CA ARG Z 220 -88.22 66.49 0.41
C ARG Z 220 -86.80 65.98 0.20
N ARG Z 221 -86.32 65.99 -1.05
CA ARG Z 221 -84.97 65.53 -1.33
C ARG Z 221 -83.94 66.64 -1.15
N GLY Z 222 -84.23 67.84 -1.64
CA GLY Z 222 -83.31 68.95 -1.53
C GLY Z 222 -82.40 69.09 -2.74
N ASP Z 223 -82.92 68.76 -3.92
CA ASP Z 223 -82.17 68.82 -5.17
C ASP Z 223 -82.50 70.13 -5.87
N SER Z 224 -81.60 71.10 -5.75
CA SER Z 224 -81.83 72.39 -6.39
C SER Z 224 -81.78 72.27 -7.90
N ARG Z 225 -80.99 71.34 -8.43
CA ARG Z 225 -80.96 71.12 -9.88
C ARG Z 225 -82.29 70.56 -10.37
N LYS Z 226 -82.79 69.51 -9.72
CA LYS Z 226 -84.06 68.94 -10.13
C LYS Z 226 -85.21 69.93 -9.90
N ALA Z 227 -85.13 70.71 -8.82
CA ALA Z 227 -86.18 71.69 -8.56
C ALA Z 227 -86.16 72.81 -9.60
N GLU Z 228 -84.97 73.24 -9.99
CA GLU Z 228 -84.88 74.27 -11.03
C GLU Z 228 -85.34 73.73 -12.38
N ALA Z 229 -85.05 72.46 -12.66
CA ALA Z 229 -85.54 71.84 -13.89
C ALA Z 229 -87.06 71.74 -13.88
N ILE Z 230 -87.63 71.42 -12.71
CA ILE Z 230 -89.08 71.34 -12.60
C ILE Z 230 -89.70 72.73 -12.75
N LEU Z 231 -89.03 73.76 -12.23
CA LEU Z 231 -89.53 75.12 -12.40
C LEU Z 231 -89.45 75.55 -13.85
N LEU Z 232 -88.37 75.20 -14.54
CA LEU Z 232 -88.24 75.52 -15.95
C LEU Z 232 -89.30 74.81 -16.77
N ALA Z 233 -89.55 73.53 -16.46
CA ALA Z 233 -90.59 72.79 -17.16
C ALA Z 233 -91.98 73.35 -16.84
N ALA Z 234 -92.17 73.84 -15.62
CA ALA Z 234 -93.45 74.43 -15.25
C ALA Z 234 -93.67 75.74 -16.00
N GLU Z 235 -92.64 76.57 -16.11
CA GLU Z 235 -92.75 77.79 -16.90
C GLU Z 235 -92.99 77.46 -18.37
N ALA Z 236 -92.34 76.41 -18.87
CA ALA Z 236 -92.54 76.00 -20.25
C ALA Z 236 -93.97 75.51 -20.47
N ALA Z 237 -94.52 74.75 -19.53
CA ALA Z 237 -95.89 74.28 -19.65
C ALA Z 237 -96.88 75.42 -19.49
N ARG Z 238 -96.52 76.43 -18.69
CA ARG Z 238 -97.37 77.62 -18.58
C ARG Z 238 -97.39 78.38 -19.89
N ILE Z 239 -96.24 78.55 -20.52
CA ILE Z 239 -96.19 79.18 -21.84
C ILE Z 239 -96.95 78.33 -22.86
N ALA Z 240 -96.90 77.01 -22.70
CA ALA Z 240 -97.63 76.13 -23.60
C ALA Z 240 -99.13 76.30 -23.45
N LYS Z 241 -99.62 76.34 -22.21
CA LYS Z 241 -101.04 76.57 -21.98
C LYS Z 241 -101.45 77.95 -22.46
N GLU Z 242 -100.58 78.94 -22.30
CA GLU Z 242 -100.86 80.27 -22.86
C GLU Z 242 -100.92 80.23 -24.38
N ALA Z 243 -100.17 79.32 -25.00
CA ALA Z 243 -100.20 79.13 -26.44
C ALA Z 243 -101.19 78.06 -26.86
N GLY Z 244 -101.22 76.92 -26.16
CA GLY Z 244 -102.12 75.85 -26.52
C GLY Z 244 -101.40 74.60 -27.01
N ASP Z 245 -100.20 74.35 -26.48
CA ASP Z 245 -99.42 73.19 -26.86
C ASP Z 245 -99.43 72.19 -25.72
N PRO Z 246 -100.43 71.32 -25.63
CA PRO Z 246 -100.47 70.34 -24.53
C PRO Z 246 -99.37 69.30 -24.66
N GLU Z 247 -98.95 69.04 -25.91
CA GLU Z 247 -97.79 68.18 -26.11
C GLU Z 247 -96.54 68.79 -25.50
N ALA Z 248 -96.41 70.12 -25.59
CA ALA Z 248 -95.29 70.79 -24.93
C ALA Z 248 -95.38 70.66 -23.42
N ARG Z 249 -96.58 70.80 -22.86
CA ARG Z 249 -96.74 70.62 -21.42
C ARG Z 249 -96.41 69.20 -20.99
N LYS Z 250 -96.78 68.22 -21.81
CA LYS Z 250 -96.47 66.83 -21.49
C LYS Z 250 -94.98 66.56 -21.59
N LYS Z 251 -94.32 67.12 -22.60
CA LYS Z 251 -92.86 66.98 -22.70
C LYS Z 251 -92.18 67.66 -21.53
N ALA Z 252 -92.72 68.79 -21.08
CA ALA Z 252 -92.17 69.45 -19.89
C ALA Z 252 -92.35 68.59 -18.66
N LEU Z 253 -93.51 67.94 -18.53
CA LEU Z 253 -93.71 67.01 -17.42
C LEU Z 253 -92.70 65.86 -17.48
N GLU Z 254 -92.47 65.32 -18.68
CA GLU Z 254 -91.52 64.24 -18.83
C GLU Z 254 -90.10 64.69 -18.48
N ALA Z 255 -89.72 65.90 -18.90
CA ALA Z 255 -88.39 66.40 -18.59
C ALA Z 255 -88.23 66.71 -17.10
N ALA Z 256 -89.27 67.26 -16.47
CA ALA Z 256 -89.21 67.51 -15.04
C ALA Z 256 -89.14 66.21 -14.25
N ARG Z 257 -89.84 65.18 -14.72
CA ARG Z 257 -89.69 63.86 -14.13
C ARG Z 257 -88.28 63.33 -14.36
N ARG Z 258 -87.66 63.70 -15.49
CA ARG Z 258 -86.29 63.33 -15.74
C ARG Z 258 -85.31 64.17 -14.91
N GLY Z 259 -85.70 65.41 -14.58
CA GLY Z 259 -84.88 66.25 -13.74
C GLY Z 259 -83.90 67.16 -14.47
N ASP Z 260 -83.87 67.11 -15.79
CA ASP Z 260 -82.99 67.99 -16.55
C ASP Z 260 -83.73 69.26 -16.96
N ARG Z 261 -82.98 70.37 -17.04
CA ARG Z 261 -83.54 71.64 -17.45
C ARG Z 261 -83.20 72.04 -18.88
N GLU Z 262 -82.27 71.34 -19.53
CA GLU Z 262 -81.94 71.66 -20.92
C GLU Z 262 -83.11 71.39 -21.84
N LEU Z 263 -83.74 70.22 -21.72
CA LEU Z 263 -84.91 69.92 -22.52
C LEU Z 263 -86.07 70.84 -22.18
N ALA Z 264 -86.23 71.18 -20.89
CA ALA Z 264 -87.27 72.11 -20.50
C ALA Z 264 -87.06 73.47 -21.14
N THR Z 265 -85.81 73.94 -21.16
CA THR Z 265 -85.51 75.22 -21.79
C THR Z 265 -85.72 75.16 -23.30
N ARG Z 266 -85.36 74.04 -23.92
CA ARG Z 266 -85.57 73.91 -25.36
C ARG Z 266 -87.07 73.91 -25.69
N ILE Z 267 -87.87 73.24 -24.88
CA ILE Z 267 -89.31 73.23 -25.09
C ILE Z 267 -89.90 74.61 -24.86
N LEU Z 268 -89.43 75.30 -23.82
CA LEU Z 268 -89.88 76.67 -23.60
C LEU Z 268 -89.51 77.57 -24.75
N ILE Z 269 -88.35 77.32 -25.36
CA ILE Z 269 -87.91 78.11 -26.51
C ILE Z 269 -88.79 77.83 -27.71
N GLU Z 270 -89.14 76.57 -27.93
CA GLU Z 270 -90.03 76.25 -29.04
C GLU Z 270 -91.41 76.86 -28.85
N ALA Z 271 -91.93 76.80 -27.62
CA ALA Z 271 -93.21 77.40 -27.32
C ALA Z 271 -93.16 78.92 -27.48
N LEU Z 272 -92.05 79.53 -27.07
CA LEU Z 272 -91.89 80.97 -27.23
C LEU Z 272 -91.76 81.34 -28.70
N LEU Z 273 -91.17 80.47 -29.50
CA LEU Z 273 -91.08 80.71 -30.94
C LEU Z 273 -92.46 80.65 -31.59
N ARG Z 274 -93.25 79.67 -31.20
CA ARG Z 274 -94.62 79.59 -31.72
C ARG Z 274 -95.43 80.81 -31.29
N LEU Z 275 -95.35 81.17 -30.01
CA LEU Z 275 -96.06 82.34 -29.51
C LEU Z 275 -95.55 83.61 -30.17
N LEU Z 276 -94.27 83.63 -30.54
CA LEU Z 276 -93.71 84.81 -31.19
C LEU Z 276 -94.20 84.92 -32.63
N LYS Z 277 -94.32 83.80 -33.33
CA LYS Z 277 -94.93 83.82 -34.65
C LYS Z 277 -96.38 84.29 -34.57
N LYS Z 278 -97.11 83.81 -33.56
CA LYS Z 278 -98.49 84.24 -33.37
C LYS Z 278 -98.56 85.73 -33.08
N SER Z 279 -97.69 86.23 -32.19
CA SER Z 279 -97.67 87.64 -31.87
C SER Z 279 -97.24 88.48 -33.06
N THR Z 280 -96.38 87.93 -33.92
CA THR Z 280 -95.98 88.65 -35.12
C THR Z 280 -97.15 88.77 -36.09
N ALA Z 281 -97.92 87.69 -36.26
CA ALA Z 281 -99.12 87.78 -37.06
C ALA Z 281 -100.10 88.79 -36.48
N GLU Z 282 -100.27 88.77 -35.15
CA GLU Z 282 -101.18 89.70 -34.51
C GLU Z 282 -100.70 91.14 -34.66
N LEU Z 283 -99.39 91.35 -34.60
CA LEU Z 283 -98.85 92.70 -34.73
C LEU Z 283 -98.95 93.19 -36.16
N LYS Z 284 -98.76 92.31 -37.14
CA LYS Z 284 -99.00 92.69 -38.53
C LYS Z 284 -100.45 93.06 -38.76
N ARG Z 285 -101.37 92.29 -38.18
CA ARG Z 285 -102.79 92.61 -38.28
C ARG Z 285 -103.09 93.96 -37.62
N ALA Z 286 -102.49 94.21 -36.46
CA ALA Z 286 -102.71 95.47 -35.76
C ALA Z 286 -102.14 96.65 -36.53
N THR Z 287 -100.99 96.46 -37.17
CA THR Z 287 -100.41 97.51 -37.99
C THR Z 287 -101.27 97.79 -39.21
N ALA Z 288 -101.81 96.74 -39.83
CA ALA Z 288 -102.74 96.92 -40.94
C ALA Z 288 -103.99 97.67 -40.49
N SER Z 289 -104.51 97.32 -39.32
CA SER Z 289 -105.70 98.00 -38.81
C SER Z 289 -105.41 99.46 -38.48
N LEU Z 290 -104.23 99.74 -37.93
CA LEU Z 290 -103.86 101.12 -37.65
C LEU Z 290 -103.69 101.93 -38.92
N ARG Z 291 -103.07 101.33 -39.95
CA ARG Z 291 -102.95 102.01 -41.24
C ARG Z 291 -104.31 102.24 -41.86
N ALA Z 292 -105.24 101.29 -41.69
CA ALA Z 292 -106.59 101.47 -42.23
C ALA Z 292 -107.31 102.59 -41.51
N ILE Z 293 -107.19 102.65 -40.18
CA ILE Z 293 -107.82 103.73 -39.43
C ILE Z 293 -107.19 105.07 -39.79
N THR Z 294 -105.88 105.08 -40.07
CA THR Z 294 -105.21 106.29 -40.51
C THR Z 294 -105.73 106.75 -41.87
N GLU Z 295 -105.90 105.80 -42.80
CA GLU Z 295 -106.45 106.14 -44.10
C GLU Z 295 -107.89 106.63 -43.99
N GLU Z 296 -108.65 106.06 -43.04
CA GLU Z 296 -110.02 106.50 -42.83
C GLU Z 296 -110.05 107.93 -42.27
N LEU Z 297 -109.20 108.21 -41.29
CA LEU Z 297 -109.10 109.57 -40.76
C LEU Z 297 -108.57 110.53 -41.82
N LYS Z 298 -107.77 110.03 -42.76
CA LYS Z 298 -107.27 110.87 -43.84
C LYS Z 298 -108.37 111.21 -44.84
N LYS Z 299 -109.19 110.22 -45.21
CA LYS Z 299 -110.23 110.45 -46.21
C LYS Z 299 -111.32 111.38 -45.69
N ASN Z 300 -111.64 111.30 -44.40
CA ASN Z 300 -112.64 112.18 -43.82
C ASN Z 300 -112.32 112.42 -42.35
N PRO Z 301 -111.50 113.42 -42.04
CA PRO Z 301 -111.13 113.65 -40.64
C PRO Z 301 -112.22 114.36 -39.86
N SER Z 302 -112.41 113.90 -38.63
CA SER Z 302 -113.45 114.43 -37.75
C SER Z 302 -113.15 113.96 -36.34
N GLU Z 303 -114.10 114.19 -35.44
CA GLU Z 303 -113.97 113.71 -34.07
C GLU Z 303 -113.86 112.18 -34.04
N ASP Z 304 -114.81 111.50 -34.69
CA ASP Z 304 -114.78 110.04 -34.71
C ASP Z 304 -113.58 109.52 -35.48
N ALA Z 305 -113.19 110.21 -36.55
CA ALA Z 305 -112.06 109.75 -37.35
C ALA Z 305 -110.76 109.84 -36.57
N LEU Z 306 -110.47 111.00 -35.97
CA LEU Z 306 -109.27 111.13 -35.16
C LEU Z 306 -109.33 110.22 -33.95
N VAL Z 307 -110.52 110.02 -33.38
CA VAL Z 307 -110.69 109.12 -32.24
C VAL Z 307 -110.30 107.71 -32.64
N GLU Z 308 -110.81 107.22 -33.77
CA GLU Z 308 -110.51 105.87 -34.21
C GLU Z 308 -109.04 105.72 -34.60
N HIS Z 309 -108.46 106.74 -35.23
CA HIS Z 309 -107.06 106.67 -35.61
C HIS Z 309 -106.16 106.61 -34.38
N ASN Z 310 -106.44 107.45 -33.38
CA ASN Z 310 -105.64 107.43 -32.16
C ASN Z 310 -105.86 106.13 -31.38
N ARG Z 311 -107.09 105.62 -31.39
CA ARG Z 311 -107.35 104.35 -30.70
C ARG Z 311 -106.63 103.20 -31.38
N ALA Z 312 -106.58 103.21 -32.71
CA ALA Z 312 -105.84 102.18 -33.43
C ALA Z 312 -104.34 102.31 -33.19
N ILE Z 313 -103.84 103.54 -33.11
CA ILE Z 313 -102.42 103.73 -32.81
C ILE Z 313 -102.10 103.20 -31.41
N VAL Z 314 -102.97 103.48 -30.44
CA VAL Z 314 -102.74 103.00 -29.09
C VAL Z 314 -102.87 101.48 -29.03
N GLU Z 315 -103.79 100.91 -29.80
CA GLU Z 315 -103.94 99.47 -29.83
C GLU Z 315 -102.71 98.80 -30.45
N HIS Z 316 -102.16 99.41 -31.51
CA HIS Z 316 -100.92 98.90 -32.08
C HIS Z 316 -99.77 99.02 -31.11
N ASN Z 317 -99.71 100.13 -30.36
CA ASN Z 317 -98.66 100.28 -29.36
C ASN Z 317 -98.80 99.25 -28.25
N ALA Z 318 -100.04 98.95 -27.84
CA ALA Z 318 -100.26 97.95 -26.80
C ALA Z 318 -99.92 96.55 -27.30
N ILE Z 319 -100.26 96.26 -28.56
CA ILE Z 319 -99.92 94.96 -29.12
C ILE Z 319 -98.41 94.81 -29.25
N ILE Z 320 -97.73 95.90 -29.62
CA ILE Z 320 -96.28 95.88 -29.69
C ILE Z 320 -95.68 95.69 -28.31
N VAL Z 321 -96.28 96.31 -27.29
CA VAL Z 321 -95.81 96.15 -25.93
C VAL Z 321 -96.01 94.70 -25.48
N GLU Z 322 -97.12 94.10 -25.85
CA GLU Z 322 -97.36 92.70 -25.49
C GLU Z 322 -96.38 91.77 -26.19
N ASN Z 323 -96.13 92.01 -27.47
CA ASN Z 323 -95.16 91.19 -28.20
C ASN Z 323 -93.76 91.38 -27.62
N ASN Z 324 -93.43 92.60 -27.23
CA ASN Z 324 -92.14 92.85 -26.60
C ASN Z 324 -92.05 92.18 -25.23
N ARG Z 325 -93.16 92.12 -24.51
CA ARG Z 325 -93.17 91.42 -23.23
C ARG Z 325 -92.98 89.93 -23.43
N ILE Z 326 -93.60 89.38 -24.47
CA ILE Z 326 -93.39 87.96 -24.79
C ILE Z 326 -91.95 87.71 -25.17
N ILE Z 327 -91.37 88.60 -25.97
CA ILE Z 327 -89.97 88.46 -26.36
C ILE Z 327 -89.07 88.59 -25.14
N ALA Z 328 -89.42 89.47 -24.21
CA ALA Z 328 -88.63 89.64 -23.00
C ALA Z 328 -88.70 88.40 -22.11
N MET Z 329 -89.88 87.80 -22.03
CA MET Z 329 -90.01 86.56 -21.28
C MET Z 329 -89.19 85.45 -21.92
N VAL Z 330 -89.22 85.36 -23.25
CA VAL Z 330 -88.42 84.35 -23.95
C VAL Z 330 -86.94 84.59 -23.71
N LEU Z 331 -86.52 85.86 -23.75
CA LEU Z 331 -85.11 86.19 -23.54
C LEU Z 331 -84.69 85.89 -22.11
N GLU Z 332 -85.58 86.17 -21.14
CA GLU Z 332 -85.28 85.83 -19.75
C GLU Z 332 -85.18 84.33 -19.56
N ALA Z 333 -86.01 83.58 -20.28
CA ALA Z 333 -85.89 82.12 -20.24
C ALA Z 333 -84.56 81.66 -20.82
N ILE Z 334 -84.16 82.25 -21.94
CA ILE Z 334 -82.86 81.91 -22.53
C ILE Z 334 -81.73 82.27 -21.58
N VAL Z 335 -81.87 83.38 -20.87
CA VAL Z 335 -80.82 83.81 -19.94
C VAL Z 335 -80.74 82.86 -18.75
N ARG Z 336 -81.90 82.51 -18.18
CA ARG Z 336 -81.91 81.54 -17.09
C ARG Z 336 -81.40 80.19 -17.55
N ALA Z 337 -81.55 79.88 -18.83
CA ALA Z 337 -81.00 78.65 -19.38
C ALA Z 337 -79.52 78.78 -19.73
N ILE Z 338 -79.10 79.89 -20.32
CA ILE Z 338 -77.71 80.09 -20.67
C ILE Z 338 -76.94 80.57 -19.46
N SER AA 2 -96.54 -22.85 -51.14
CA SER AA 2 -97.77 -23.33 -50.52
C SER AA 2 -98.53 -22.20 -49.85
N THR AA 3 -97.98 -20.98 -49.95
CA THR AA 3 -98.63 -19.83 -49.32
C THR AA 3 -99.88 -19.42 -50.09
N LYS AA 4 -99.77 -19.29 -51.41
CA LYS AA 4 -100.92 -18.87 -52.20
C LYS AA 4 -102.01 -19.93 -52.22
N GLU AA 5 -101.62 -21.21 -52.26
CA GLU AA 5 -102.61 -22.28 -52.24
C GLU AA 5 -103.35 -22.32 -50.90
N LYS AA 6 -102.61 -22.25 -49.80
CA LYS AA 6 -103.26 -22.21 -48.48
C LYS AA 6 -104.14 -20.98 -48.34
N ALA AA 7 -103.70 -19.86 -48.93
CA ALA AA 7 -104.51 -18.65 -48.90
C ALA AA 7 -105.82 -18.85 -49.65
N ARG AA 8 -105.76 -19.37 -50.88
CA ARG AA 8 -106.97 -19.61 -51.65
C ARG AA 8 -107.89 -20.58 -50.94
N GLN AA 9 -107.34 -21.62 -50.31
CA GLN AA 9 -108.18 -22.61 -49.64
C GLN AA 9 -108.84 -22.02 -48.40
N LEU AA 10 -108.06 -21.39 -47.51
CA LEU AA 10 -108.63 -20.80 -46.31
C LEU AA 10 -109.60 -19.68 -46.65
N ALA AA 11 -109.39 -18.99 -47.77
CA ALA AA 11 -110.29 -17.91 -48.16
C ALA AA 11 -111.57 -18.46 -48.77
N GLU AA 12 -111.49 -19.57 -49.51
CA GLU AA 12 -112.71 -20.23 -49.97
C GLU AA 12 -113.52 -20.73 -48.79
N GLU AA 13 -112.85 -21.33 -47.80
CA GLU AA 13 -113.55 -21.73 -46.58
C GLU AA 13 -114.13 -20.52 -45.84
N ALA AA 14 -113.41 -19.39 -45.88
CA ALA AA 14 -113.91 -18.15 -45.29
C ALA AA 14 -115.19 -17.71 -45.97
N LYS AA 15 -115.20 -17.70 -47.30
CA LYS AA 15 -116.39 -17.30 -48.04
C LYS AA 15 -117.55 -18.25 -47.79
N GLU AA 16 -117.25 -19.56 -47.68
CA GLU AA 16 -118.31 -20.53 -47.42
C GLU AA 16 -118.91 -20.34 -46.04
N THR AA 17 -118.07 -20.20 -45.01
CA THR AA 17 -118.57 -19.99 -43.66
C THR AA 17 -119.23 -18.62 -43.53
N ALA AA 18 -118.87 -17.68 -44.40
CA ALA AA 18 -119.53 -16.38 -44.39
C ALA AA 18 -120.93 -16.47 -44.98
N GLU AA 19 -121.07 -17.15 -46.13
CA GLU AA 19 -122.38 -17.38 -46.71
C GLU AA 19 -123.26 -18.21 -45.78
N LYS AA 20 -122.65 -19.14 -45.04
CA LYS AA 20 -123.41 -19.90 -44.04
C LYS AA 20 -123.77 -19.02 -42.84
N VAL AA 21 -122.89 -18.08 -42.49
CA VAL AA 21 -123.16 -17.13 -41.42
C VAL AA 21 -124.20 -16.11 -41.85
N GLY AA 22 -124.34 -15.91 -43.17
CA GLY AA 22 -125.26 -14.93 -43.71
C GLY AA 22 -124.53 -13.72 -44.22
N ASP AA 23 -123.24 -13.87 -44.51
CA ASP AA 23 -122.40 -12.75 -44.92
C ASP AA 23 -121.93 -12.97 -46.35
N PRO AA 24 -122.53 -12.30 -47.34
CA PRO AA 24 -121.98 -12.35 -48.70
C PRO AA 24 -120.85 -11.34 -48.85
N GLU AA 25 -120.87 -10.32 -48.00
CA GLU AA 25 -119.78 -9.34 -47.98
C GLU AA 25 -118.50 -9.98 -47.48
N LEU AA 26 -118.57 -10.74 -46.39
CA LEU AA 26 -117.40 -11.47 -45.93
C LEU AA 26 -117.01 -12.55 -46.94
N ILE AA 27 -117.98 -13.08 -47.67
CA ILE AA 27 -117.67 -14.04 -48.73
C ILE AA 27 -116.86 -13.38 -49.84
N LYS AA 28 -117.23 -12.16 -50.22
CA LYS AA 28 -116.49 -11.45 -51.26
C LYS AA 28 -115.12 -11.02 -50.75
N LEU AA 29 -115.03 -10.58 -49.50
CA LEU AA 29 -113.73 -10.25 -48.92
C LEU AA 29 -112.84 -11.49 -48.87
N ALA AA 30 -113.44 -12.66 -48.63
CA ALA AA 30 -112.68 -13.90 -48.66
C ALA AA 30 -112.21 -14.24 -50.06
N GLU AA 31 -113.09 -14.07 -51.06
CA GLU AA 31 -112.67 -14.26 -52.44
C GLU AA 31 -111.51 -13.33 -52.79
N GLN AA 32 -111.54 -12.11 -52.25
CA GLN AA 32 -110.45 -11.18 -52.47
C GLN AA 32 -109.17 -11.63 -51.77
N ALA AA 33 -109.30 -12.18 -50.57
CA ALA AA 33 -108.14 -12.73 -49.86
C ALA AA 33 -107.53 -13.90 -50.63
N SER AA 34 -108.38 -14.69 -51.29
CA SER AA 34 -107.88 -15.77 -52.13
C SER AA 34 -107.17 -15.23 -53.37
N GLN AA 35 -107.80 -14.27 -54.05
CA GLN AA 35 -107.21 -13.69 -55.25
C GLN AA 35 -105.88 -12.99 -54.95
N GLU AA 36 -105.76 -12.39 -53.77
CA GLU AA 36 -104.51 -11.73 -53.38
C GLU AA 36 -103.46 -12.74 -52.93
N GLY AA 37 -103.90 -13.87 -52.38
CA GLY AA 37 -103.00 -14.87 -51.89
C GLY AA 37 -102.50 -14.65 -50.48
N ASP AA 38 -103.31 -14.05 -49.60
CA ASP AA 38 -102.93 -13.80 -48.22
C ASP AA 38 -103.56 -14.85 -47.33
N SER AA 39 -102.75 -15.82 -46.90
CA SER AA 39 -103.25 -16.86 -45.99
C SER AA 39 -103.66 -16.25 -44.65
N GLU AA 40 -102.97 -15.20 -44.22
CA GLU AA 40 -103.38 -14.50 -43.01
C GLU AA 40 -104.76 -13.88 -43.16
N LYS AA 41 -104.97 -13.14 -44.26
CA LYS AA 41 -106.28 -12.55 -44.50
C LYS AA 41 -107.33 -13.61 -44.77
N ALA AA 42 -106.93 -14.73 -45.37
CA ALA AA 42 -107.86 -15.82 -45.62
C ALA AA 42 -108.34 -16.44 -44.32
N LYS AA 43 -107.41 -16.80 -43.44
CA LYS AA 43 -107.79 -17.36 -42.15
C LYS AA 43 -108.52 -16.32 -41.30
N ALA AA 44 -108.21 -15.04 -41.51
CA ALA AA 44 -108.93 -13.98 -40.81
C ALA AA 44 -110.38 -13.95 -41.24
N ILE AA 45 -110.63 -13.97 -42.54
CA ILE AA 45 -112.01 -13.99 -43.02
C ILE AA 45 -112.71 -15.28 -42.61
N LEU AA 46 -111.95 -16.37 -42.47
CA LEU AA 46 -112.53 -17.63 -42.03
C LEU AA 46 -112.97 -17.57 -40.57
N LEU AA 47 -112.09 -17.10 -39.70
CA LEU AA 47 -112.44 -16.93 -38.30
C LEU AA 47 -113.55 -15.92 -38.12
N ALA AA 48 -113.58 -14.87 -38.95
CA ALA AA 48 -114.65 -13.88 -38.87
C ALA AA 48 -115.98 -14.46 -39.35
N ALA AA 49 -115.92 -15.33 -40.37
CA ALA AA 49 -117.13 -15.99 -40.83
C ALA AA 49 -117.67 -16.95 -39.79
N GLU AA 50 -116.78 -17.69 -39.13
CA GLU AA 50 -117.19 -18.54 -38.01
C GLU AA 50 -117.74 -17.70 -36.87
N ALA AA 51 -117.14 -16.53 -36.63
CA ALA AA 51 -117.64 -15.61 -35.62
C ALA AA 51 -119.05 -15.16 -35.94
N ALA AA 52 -119.30 -14.81 -37.21
CA ALA AA 52 -120.62 -14.38 -37.61
C ALA AA 52 -121.63 -15.51 -37.53
N ARG AA 53 -121.19 -16.75 -37.82
CA ARG AA 53 -122.07 -17.89 -37.66
C ARG AA 53 -122.44 -18.10 -36.20
N VAL AA 54 -121.44 -18.08 -35.31
CA VAL AA 54 -121.71 -18.26 -33.88
C VAL AA 54 -122.52 -17.10 -33.33
N ALA AA 55 -122.41 -15.92 -33.96
CA ALA AA 55 -123.20 -14.79 -33.53
C ALA AA 55 -124.65 -14.91 -33.98
N LYS AA 56 -124.86 -15.29 -35.25
CA LYS AA 56 -126.21 -15.59 -35.72
C LYS AA 56 -126.84 -16.69 -34.87
N GLU AA 57 -126.02 -17.61 -34.36
CA GLU AA 57 -126.51 -18.57 -33.39
C GLU AA 57 -126.79 -17.92 -32.05
N VAL AA 58 -126.02 -16.90 -31.69
CA VAL AA 58 -126.22 -16.20 -30.41
C VAL AA 58 -127.21 -15.05 -30.57
N GLY AA 59 -126.97 -14.16 -31.53
CA GLY AA 59 -127.91 -13.09 -31.81
C GLY AA 59 -127.43 -11.69 -31.48
N ALA AA 60 -126.15 -11.40 -31.68
CA ALA AA 60 -125.60 -10.09 -31.40
C ALA AA 60 -125.10 -9.45 -32.69
N PRO AA 61 -125.78 -8.40 -33.20
CA PRO AA 61 -125.30 -7.76 -34.43
C PRO AA 61 -124.03 -6.95 -34.23
N ASP AA 62 -123.66 -6.64 -32.98
CA ASP AA 62 -122.41 -5.94 -32.73
C ASP AA 62 -121.21 -6.77 -33.17
N LEU AA 63 -121.08 -7.98 -32.62
CA LEU AA 63 -120.00 -8.87 -33.04
C LEU AA 63 -120.17 -9.29 -34.50
N ILE AA 64 -121.41 -9.28 -34.99
CA ILE AA 64 -121.64 -9.62 -36.40
C ILE AA 64 -120.98 -8.59 -37.31
N ARG AA 65 -121.29 -7.31 -37.10
CA ARG AA 65 -120.65 -6.27 -37.89
C ARG AA 65 -119.15 -6.20 -37.60
N LEU AA 66 -118.75 -6.55 -36.38
CA LEU AA 66 -117.33 -6.58 -36.05
C LEU AA 66 -116.59 -7.61 -36.90
N ALA AA 67 -117.14 -8.82 -36.99
CA ALA AA 67 -116.53 -9.83 -37.84
C ALA AA 67 -116.63 -9.46 -39.31
N ARG AA 68 -117.72 -8.78 -39.71
CA ARG AA 68 -117.83 -8.32 -41.08
C ARG AA 68 -116.70 -7.36 -41.43
N ILE AA 69 -116.43 -6.40 -40.55
CA ILE AA 69 -115.35 -5.44 -40.79
C ILE AA 69 -113.99 -6.14 -40.71
N ALA AA 70 -113.85 -7.09 -39.80
CA ALA AA 70 -112.59 -7.82 -39.67
C ALA AA 70 -112.29 -8.61 -40.92
N ALA AA 71 -113.33 -9.18 -41.55
CA ALA AA 71 -113.13 -9.91 -42.79
C ALA AA 71 -112.87 -8.95 -43.95
N ARG AA 72 -113.59 -7.83 -43.99
CA ARG AA 72 -113.34 -6.82 -45.01
C ARG AA 72 -111.92 -6.29 -44.93
N VAL AA 73 -111.35 -6.21 -43.73
CA VAL AA 73 -109.98 -5.73 -43.57
C VAL AA 73 -109.00 -6.89 -43.58
N GLY AA 74 -109.37 -8.03 -43.00
CA GLY AA 74 -108.47 -9.16 -42.91
C GLY AA 74 -107.73 -9.20 -41.59
N ALA AA 75 -108.44 -8.91 -40.50
CA ALA AA 75 -107.86 -8.88 -39.16
C ALA AA 75 -108.04 -10.24 -38.51
N SER AA 76 -106.93 -10.97 -38.35
CA SER AA 76 -106.99 -12.31 -37.77
C SER AA 76 -107.23 -12.26 -36.27
N GLU AA 77 -106.55 -11.34 -35.57
CA GLU AA 77 -106.77 -11.21 -34.14
C GLU AA 77 -108.19 -10.76 -33.84
N ALA AA 78 -108.70 -9.78 -34.60
CA ALA AA 78 -110.07 -9.33 -34.38
C ALA AA 78 -111.08 -10.41 -34.74
N ALA AA 79 -110.78 -11.21 -35.76
CA ALA AA 79 -111.68 -12.30 -36.13
C ALA AA 79 -111.72 -13.38 -35.07
N LYS AA 80 -110.55 -13.77 -34.54
CA LYS AA 80 -110.53 -14.75 -33.47
C LYS AA 80 -111.19 -14.21 -32.21
N ALA AA 81 -111.01 -12.90 -31.95
CA ALA AA 81 -111.69 -12.28 -30.82
C ALA AA 81 -113.19 -12.31 -31.01
N ILE AA 82 -113.66 -12.03 -32.23
CA ILE AA 82 -115.10 -12.06 -32.51
C ILE AA 82 -115.64 -13.48 -32.39
N LEU AA 83 -114.84 -14.47 -32.77
CA LEU AA 83 -115.29 -15.86 -32.67
C LEU AA 83 -115.39 -16.30 -31.21
N LEU AA 84 -114.33 -16.07 -30.43
CA LEU AA 84 -114.37 -16.40 -29.01
C LEU AA 84 -115.42 -15.57 -28.29
N ALA AA 85 -115.70 -14.36 -28.77
CA ALA AA 85 -116.71 -13.51 -28.14
C ALA AA 85 -118.11 -13.98 -28.50
N ALA AA 86 -118.30 -14.53 -29.71
CA ALA AA 86 -119.58 -15.12 -30.04
C ALA AA 86 -119.81 -16.40 -29.26
N GLU AA 87 -118.74 -17.17 -29.03
CA GLU AA 87 -118.83 -18.29 -28.11
C GLU AA 87 -119.19 -17.82 -26.70
N ALA AA 88 -118.56 -16.73 -26.25
CA ALA AA 88 -118.88 -16.15 -24.96
C ALA AA 88 -120.33 -15.68 -24.91
N ALA AA 89 -120.84 -15.16 -26.03
CA ALA AA 89 -122.21 -14.67 -26.08
C ALA AA 89 -123.20 -15.83 -26.02
N ARG AA 90 -122.88 -16.93 -26.70
CA ARG AA 90 -123.71 -18.13 -26.57
C ARG AA 90 -123.68 -18.65 -25.14
N VAL AA 91 -122.49 -18.70 -24.53
CA VAL AA 91 -122.37 -19.19 -23.16
C VAL AA 91 -123.09 -18.26 -22.19
N ALA AA 92 -123.13 -16.98 -22.50
CA ALA AA 92 -123.82 -16.02 -21.64
C ALA AA 92 -125.33 -16.10 -21.80
N LYS AA 93 -125.80 -16.24 -23.04
CA LYS AA 93 -127.22 -16.49 -23.27
C LYS AA 93 -127.66 -17.77 -22.57
N GLU AA 94 -126.75 -18.75 -22.48
CA GLU AA 94 -127.01 -19.92 -21.65
C GLU AA 94 -126.95 -19.57 -20.16
N VAL AA 95 -126.12 -18.59 -19.80
CA VAL AA 95 -125.99 -18.22 -18.39
C VAL AA 95 -126.96 -17.09 -18.04
N GLY AA 96 -126.81 -15.94 -18.69
CA GLY AA 96 -127.71 -14.82 -18.46
C GLY AA 96 -127.08 -13.62 -17.78
N ASP AA 97 -125.82 -13.34 -18.08
CA ASP AA 97 -125.10 -12.22 -17.48
C ASP AA 97 -124.91 -11.11 -18.50
N PRO AA 98 -125.51 -9.93 -18.30
CA PRO AA 98 -125.33 -8.85 -19.29
C PRO AA 98 -123.97 -8.18 -19.23
N GLU AA 99 -123.35 -8.10 -18.04
CA GLU AA 99 -121.99 -7.58 -17.97
C GLU AA 99 -121.02 -8.49 -18.71
N LEU AA 100 -121.28 -9.79 -18.68
CA LEU AA 100 -120.48 -10.72 -19.48
C LEU AA 100 -120.65 -10.44 -20.97
N GLU AA 101 -121.89 -10.16 -21.41
CA GLU AA 101 -122.11 -9.83 -22.82
C GLU AA 101 -121.41 -8.53 -23.19
N ARG AA 102 -121.43 -7.55 -22.30
CA ARG AA 102 -120.71 -6.31 -22.54
C ARG AA 102 -119.21 -6.55 -22.65
N LEU AA 103 -118.65 -7.35 -21.75
CA LEU AA 103 -117.23 -7.65 -21.80
C LEU AA 103 -116.87 -8.43 -23.06
N ALA AA 104 -117.75 -9.32 -23.49
CA ALA AA 104 -117.48 -10.09 -24.71
C ALA AA 104 -117.52 -9.20 -25.94
N LEU AA 105 -118.52 -8.32 -26.03
CA LEU AA 105 -118.58 -7.38 -27.14
C LEU AA 105 -117.38 -6.44 -27.12
N LEU AA 106 -116.91 -6.07 -25.92
CA LEU AA 106 -115.76 -5.19 -25.82
C LEU AA 106 -114.49 -5.91 -26.25
N ALA AA 107 -114.37 -7.19 -25.93
CA ALA AA 107 -113.23 -7.97 -26.39
C ALA AA 107 -113.26 -8.14 -27.90
N ALA AA 108 -114.46 -8.31 -28.47
CA ALA AA 108 -114.59 -8.42 -29.92
C ALA AA 108 -114.23 -7.11 -30.60
N VAL AA 109 -114.63 -5.98 -30.01
CA VAL AA 109 -114.34 -4.68 -30.61
C VAL AA 109 -112.87 -4.34 -30.47
N LEU AA 110 -112.29 -4.53 -29.28
CA LEU AA 110 -110.86 -4.30 -29.09
C LEU AA 110 -110.04 -5.33 -29.84
N GLY AA 111 -110.68 -6.41 -30.31
CA GLY AA 111 -109.98 -7.46 -31.01
C GLY AA 111 -109.06 -8.27 -30.14
N ASP AA 112 -109.19 -8.17 -28.82
CA ASP AA 112 -108.35 -8.88 -27.87
C ASP AA 112 -108.84 -10.31 -27.75
N SER AA 113 -108.22 -11.21 -28.53
CA SER AA 113 -108.59 -12.62 -28.47
C SER AA 113 -108.32 -13.20 -27.08
N GLU AA 114 -107.33 -12.65 -26.37
CA GLU AA 114 -107.14 -13.04 -24.98
C GLU AA 114 -108.33 -12.62 -24.13
N LYS AA 115 -108.78 -11.37 -24.28
CA LYS AA 115 -109.98 -10.93 -23.55
C LYS AA 115 -111.22 -11.66 -24.04
N ALA AA 116 -111.23 -12.08 -25.31
CA ALA AA 116 -112.38 -12.82 -25.82
C ALA AA 116 -112.45 -14.22 -25.21
N LYS AA 117 -111.32 -14.92 -25.13
CA LYS AA 117 -111.29 -16.19 -24.43
C LYS AA 117 -111.57 -16.00 -22.95
N ALA AA 118 -111.16 -14.86 -22.39
CA ALA AA 118 -111.52 -14.52 -21.02
C ALA AA 118 -113.02 -14.41 -20.86
N ILE AA 119 -113.68 -13.75 -21.81
CA ILE AA 119 -115.14 -13.60 -21.73
C ILE AA 119 -115.82 -14.95 -21.92
N LEU AA 120 -115.28 -15.80 -22.78
CA LEU AA 120 -115.84 -17.13 -22.95
C LEU AA 120 -115.73 -17.95 -21.67
N LEU AA 121 -114.53 -17.99 -21.08
CA LEU AA 121 -114.33 -18.72 -19.83
C LEU AA 121 -115.12 -18.10 -18.68
N ALA AA 122 -115.34 -16.78 -18.73
CA ALA AA 122 -116.10 -16.13 -17.67
C ALA AA 122 -117.59 -16.40 -17.80
N ALA AA 123 -118.09 -16.46 -19.03
CA ALA AA 123 -119.48 -16.87 -19.23
C ALA AA 123 -119.68 -18.31 -18.82
N GLU AA 124 -118.72 -19.17 -19.15
CA GLU AA 124 -118.76 -20.56 -18.68
C GLU AA 124 -118.71 -20.62 -17.16
N ALA AA 125 -117.88 -19.76 -16.55
CA ALA AA 125 -117.77 -19.73 -15.10
C ALA AA 125 -119.07 -19.26 -14.45
N ALA AA 126 -119.71 -18.25 -15.04
CA ALA AA 126 -120.98 -17.78 -14.52
C ALA AA 126 -122.06 -18.84 -14.67
N ARG AA 127 -122.06 -19.56 -15.79
CA ARG AA 127 -123.03 -20.64 -15.96
C ARG AA 127 -122.78 -21.75 -14.94
N VAL AA 128 -121.53 -22.13 -14.73
CA VAL AA 128 -121.21 -23.20 -13.80
C VAL AA 128 -121.50 -22.76 -12.36
N ALA AA 129 -121.35 -21.48 -12.07
CA ALA AA 129 -121.66 -20.97 -10.74
C ALA AA 129 -123.16 -20.92 -10.51
N LYS AA 130 -123.92 -20.47 -11.50
CA LYS AA 130 -125.38 -20.50 -11.39
C LYS AA 130 -125.90 -21.92 -11.26
N GLU AA 131 -125.26 -22.87 -11.94
CA GLU AA 131 -125.65 -24.27 -11.79
C GLU AA 131 -125.26 -24.83 -10.44
N VAL AA 132 -124.10 -24.43 -9.92
CA VAL AA 132 -123.63 -24.89 -8.62
C VAL AA 132 -124.20 -24.06 -7.48
N GLY AA 133 -124.32 -22.76 -7.69
CA GLY AA 133 -124.81 -21.86 -6.67
C GLY AA 133 -123.67 -21.17 -5.95
N ASP AA 134 -122.53 -21.04 -6.62
CA ASP AA 134 -121.34 -20.47 -6.01
C ASP AA 134 -121.28 -18.99 -6.32
N PRO AA 135 -121.67 -18.12 -5.38
CA PRO AA 135 -121.60 -16.68 -5.66
C PRO AA 135 -120.19 -16.13 -5.76
N GLU AA 136 -119.24 -16.72 -5.03
CA GLU AA 136 -117.84 -16.30 -5.19
C GLU AA 136 -117.34 -16.62 -6.59
N LEU AA 137 -117.76 -17.75 -7.15
CA LEU AA 137 -117.36 -18.10 -8.51
C LEU AA 137 -117.94 -17.13 -9.53
N ILE AA 138 -119.22 -16.76 -9.37
CA ILE AA 138 -119.84 -15.82 -10.28
C ILE AA 138 -119.19 -14.44 -10.14
N LYS AA 139 -118.84 -14.05 -8.92
CA LYS AA 139 -118.17 -12.77 -8.71
C LYS AA 139 -116.79 -12.77 -9.37
N LEU AA 140 -116.04 -13.86 -9.23
CA LEU AA 140 -114.74 -13.95 -9.88
C LEU AA 140 -114.89 -13.95 -11.40
N ALA AA 141 -115.95 -14.60 -11.90
CA ALA AA 141 -116.20 -14.60 -13.34
C ALA AA 141 -116.49 -13.20 -13.85
N LEU AA 142 -117.34 -12.45 -13.14
CA LEU AA 142 -117.63 -11.08 -13.54
C LEU AA 142 -116.39 -10.20 -13.45
N GLU AA 143 -115.58 -10.40 -12.42
CA GLU AA 143 -114.35 -9.62 -12.28
C GLU AA 143 -113.38 -9.92 -13.41
N ALA AA 144 -113.28 -11.20 -13.82
CA ALA AA 144 -112.41 -11.54 -14.94
C ALA AA 144 -112.94 -11.00 -16.25
N ALA AA 145 -114.27 -11.02 -16.43
CA ALA AA 145 -114.85 -10.47 -17.65
C ALA AA 145 -114.60 -8.97 -17.74
N GLU AA 146 -114.78 -8.24 -16.64
CA GLU AA 146 -114.47 -6.82 -16.64
C GLU AA 146 -112.97 -6.58 -16.82
N ARG AA 147 -112.13 -7.48 -16.28
CA ARG AA 147 -110.69 -7.33 -16.41
C ARG AA 147 -110.18 -7.91 -17.73
N GLY AA 148 -110.81 -8.97 -18.21
CA GLY AA 148 -110.37 -9.61 -19.44
C GLY AA 148 -109.26 -10.62 -19.20
N ASP AA 149 -109.26 -11.23 -18.01
CA ASP AA 149 -108.23 -12.18 -17.61
C ASP AA 149 -108.74 -13.60 -17.89
N SER AA 150 -108.15 -14.23 -18.91
CA SER AA 150 -108.55 -15.59 -19.24
C SER AA 150 -108.16 -16.58 -18.15
N GLU AA 151 -107.01 -16.36 -17.50
CA GLU AA 151 -106.61 -17.21 -16.39
C GLU AA 151 -107.60 -17.11 -15.24
N LYS AA 152 -108.00 -15.88 -14.89
CA LYS AA 152 -108.95 -15.70 -13.79
C LYS AA 152 -110.33 -16.26 -14.14
N ALA AA 153 -110.75 -16.11 -15.40
CA ALA AA 153 -112.05 -16.65 -15.79
C ALA AA 153 -112.04 -18.17 -15.81
N LYS AA 154 -110.96 -18.77 -16.31
CA LYS AA 154 -110.83 -20.21 -16.24
C LYS AA 154 -110.74 -20.71 -14.81
N ALA AA 155 -110.11 -19.93 -13.94
CA ALA AA 155 -110.06 -20.29 -12.52
C ALA AA 155 -111.44 -20.23 -11.90
N ILE AA 156 -112.23 -19.21 -12.25
CA ILE AA 156 -113.59 -19.11 -11.75
C ILE AA 156 -114.43 -20.28 -12.24
N LEU AA 157 -114.22 -20.67 -13.50
CA LEU AA 157 -114.96 -21.81 -14.04
C LEU AA 157 -114.58 -23.11 -13.34
N LEU AA 158 -113.28 -23.34 -13.16
CA LEU AA 158 -112.82 -24.54 -12.48
C LEU AA 158 -113.25 -24.53 -11.02
N ALA AA 159 -113.33 -23.35 -10.39
CA ALA AA 159 -113.76 -23.27 -9.01
C ALA AA 159 -115.25 -23.52 -8.88
N ALA AA 160 -116.04 -23.03 -9.84
CA ALA AA 160 -117.47 -23.35 -9.84
C ALA AA 160 -117.69 -24.83 -10.07
N GLU AA 161 -116.89 -25.45 -10.95
CA GLU AA 161 -117.00 -26.88 -11.16
C GLU AA 161 -116.58 -27.66 -9.91
N ALA AA 162 -115.52 -27.21 -9.23
CA ALA AA 162 -115.08 -27.85 -8.01
C ALA AA 162 -116.13 -27.71 -6.92
N ALA AA 163 -116.79 -26.55 -6.83
CA ALA AA 163 -117.85 -26.35 -5.86
C ALA AA 163 -119.05 -27.23 -6.19
N ARG AA 164 -119.35 -27.41 -7.48
CA ARG AA 164 -120.43 -28.31 -7.87
C ARG AA 164 -120.10 -29.74 -7.48
N VAL AA 165 -118.87 -30.18 -7.76
CA VAL AA 165 -118.46 -31.54 -7.40
C VAL AA 165 -118.46 -31.72 -5.90
N ALA AA 166 -118.13 -30.66 -5.15
CA ALA AA 166 -118.13 -30.75 -3.70
C ALA AA 166 -119.54 -30.82 -3.15
N LYS AA 167 -120.45 -29.99 -3.67
CA LYS AA 167 -121.84 -30.04 -3.22
C LYS AA 167 -122.50 -31.36 -3.58
N GLU AA 168 -122.16 -31.92 -4.75
CA GLU AA 168 -122.66 -33.24 -5.11
C GLU AA 168 -122.03 -34.32 -4.24
N VAL AA 169 -120.78 -34.13 -3.82
CA VAL AA 169 -120.12 -35.06 -2.92
C VAL AA 169 -120.45 -34.76 -1.47
N GLY AA 170 -120.56 -33.49 -1.12
CA GLY AA 170 -120.82 -33.08 0.25
C GLY AA 170 -119.53 -32.73 0.94
N ASP AA 171 -118.50 -32.38 0.17
CA ASP AA 171 -117.18 -32.10 0.71
C ASP AA 171 -117.04 -30.60 0.94
N PRO AA 172 -117.35 -30.10 2.14
CA PRO AA 172 -117.17 -28.67 2.40
C PRO AA 172 -115.72 -28.23 2.37
N GLU AA 173 -114.77 -29.13 2.64
CA GLU AA 173 -113.36 -28.78 2.44
C GLU AA 173 -113.08 -28.53 0.97
N LEU AA 174 -113.65 -29.34 0.08
CA LEU AA 174 -113.46 -29.12 -1.35
C LEU AA 174 -114.14 -27.83 -1.80
N ILE AA 175 -115.32 -27.53 -1.26
CA ILE AA 175 -116.00 -26.29 -1.61
C ILE AA 175 -115.19 -25.09 -1.12
N LYS AA 176 -114.60 -25.21 0.07
CA LYS AA 176 -113.77 -24.13 0.60
C LYS AA 176 -112.51 -23.95 -0.24
N LEU AA 177 -111.90 -25.04 -0.68
CA LEU AA 177 -110.74 -24.94 -1.54
C LEU AA 177 -111.10 -24.32 -2.88
N ALA AA 178 -112.29 -24.64 -3.39
CA ALA AA 178 -112.75 -24.04 -4.64
C ALA AA 178 -112.97 -22.54 -4.47
N LEU AA 179 -113.58 -22.12 -3.37
CA LEU AA 179 -113.77 -20.70 -3.12
C LEU AA 179 -112.44 -19.99 -2.94
N GLU AA 180 -111.48 -20.65 -2.28
CA GLU AA 180 -110.17 -20.05 -2.08
C GLU AA 180 -109.42 -19.92 -3.40
N ALA AA 181 -109.58 -20.90 -4.29
CA ALA AA 181 -108.95 -20.81 -5.60
C ALA AA 181 -109.61 -19.75 -6.46
N ALA AA 182 -110.94 -19.60 -6.34
CA ALA AA 182 -111.64 -18.54 -7.06
C ALA AA 182 -111.18 -17.17 -6.59
N ARG AA 183 -111.05 -16.99 -5.27
CA ARG AA 183 -110.53 -15.73 -4.75
C ARG AA 183 -109.08 -15.53 -5.16
N ARG AA 184 -108.30 -16.60 -5.24
CA ARG AA 184 -106.90 -16.50 -5.65
C ARG AA 184 -106.77 -16.46 -7.17
N GLY AA 185 -107.75 -16.98 -7.89
CA GLY AA 185 -107.66 -17.03 -9.33
C GLY AA 185 -106.74 -18.12 -9.81
N ASP AA 186 -106.53 -19.12 -8.97
CA ASP AA 186 -105.65 -20.25 -9.29
C ASP AA 186 -106.49 -21.35 -9.92
N SER AA 187 -106.47 -21.44 -11.25
CA SER AA 187 -107.18 -22.51 -11.94
C SER AA 187 -106.61 -23.87 -11.58
N GLU AA 188 -105.31 -23.92 -11.28
CA GLU AA 188 -104.70 -25.18 -10.85
C GLU AA 188 -105.27 -25.64 -9.52
N LYS AA 189 -105.36 -24.72 -8.55
CA LYS AA 189 -105.94 -25.07 -7.26
C LYS AA 189 -107.42 -25.44 -7.39
N ALA AA 190 -108.14 -24.75 -8.27
CA ALA AA 190 -109.56 -25.05 -8.46
C ALA AA 190 -109.74 -26.42 -9.12
N LYS AA 191 -108.89 -26.77 -10.08
CA LYS AA 191 -108.96 -28.08 -10.69
C LYS AA 191 -108.55 -29.17 -9.70
N ALA AA 192 -107.58 -28.87 -8.84
CA ALA AA 192 -107.23 -29.81 -7.77
C ALA AA 192 -108.40 -30.00 -6.82
N ILE AA 193 -109.12 -28.93 -6.52
CA ILE AA 193 -110.30 -29.04 -5.66
C ILE AA 193 -111.39 -29.85 -6.34
N LEU AA 194 -111.53 -29.69 -7.66
CA LEU AA 194 -112.52 -30.49 -8.39
C LEU AA 194 -112.16 -31.96 -8.38
N LEU AA 195 -110.89 -32.28 -8.66
CA LEU AA 195 -110.45 -33.67 -8.62
C LEU AA 195 -110.56 -34.25 -7.22
N ALA AA 196 -110.30 -33.44 -6.19
CA ALA AA 196 -110.42 -33.90 -4.82
C ALA AA 196 -111.86 -34.14 -4.44
N ALA AA 197 -112.77 -33.28 -4.91
CA ALA AA 197 -114.19 -33.50 -4.66
C ALA AA 197 -114.68 -34.76 -5.37
N GLU AA 198 -114.18 -35.01 -6.58
CA GLU AA 198 -114.54 -36.24 -7.28
C GLU AA 198 -114.01 -37.47 -6.55
N ALA AA 199 -112.75 -37.39 -6.07
CA ALA AA 199 -112.18 -38.50 -5.32
C ALA AA 199 -112.94 -38.74 -4.02
N ALA AA 200 -113.36 -37.66 -3.35
CA ALA AA 200 -114.14 -37.79 -2.12
C ALA AA 200 -115.51 -38.36 -2.40
N ARG AA 201 -116.11 -37.98 -3.54
CA ARG AA 201 -117.40 -38.56 -3.93
C ARG AA 201 -117.25 -40.06 -4.17
N VAL AA 202 -116.17 -40.47 -4.85
CA VAL AA 202 -115.94 -41.89 -5.09
C VAL AA 202 -115.68 -42.62 -3.77
N ALA AA 203 -114.97 -41.97 -2.85
CA ALA AA 203 -114.70 -42.58 -1.56
C ALA AA 203 -115.97 -42.76 -0.75
N LYS AA 204 -116.85 -41.76 -0.77
CA LYS AA 204 -118.12 -41.86 -0.08
C LYS AA 204 -119.03 -42.91 -0.71
N GLU AA 205 -119.05 -42.98 -2.04
CA GLU AA 205 -119.88 -43.97 -2.72
C GLU AA 205 -119.35 -45.38 -2.49
N VAL AA 206 -118.04 -45.54 -2.36
CA VAL AA 206 -117.44 -46.85 -2.08
C VAL AA 206 -117.38 -47.10 -0.58
N GLY AA 207 -116.87 -46.14 0.18
CA GLY AA 207 -116.72 -46.32 1.62
C GLY AA 207 -115.27 -46.30 2.02
N ASP AA 208 -114.43 -45.62 1.24
CA ASP AA 208 -113.00 -45.56 1.50
C ASP AA 208 -112.69 -44.28 2.26
N PRO AA 209 -112.81 -44.29 3.60
CA PRO AA 209 -112.54 -43.06 4.36
C PRO AA 209 -111.11 -42.57 4.23
N GLU AA 210 -110.14 -43.46 4.04
CA GLU AA 210 -108.78 -43.01 3.78
C GLU AA 210 -108.69 -42.28 2.45
N LEU AA 211 -109.47 -42.73 1.46
CA LEU AA 211 -109.49 -42.03 0.18
C LEU AA 211 -110.12 -40.65 0.30
N ILE AA 212 -111.23 -40.55 1.04
CA ILE AA 212 -111.85 -39.24 1.26
C ILE AA 212 -110.91 -38.35 2.05
N LYS AA 213 -110.15 -38.93 2.98
CA LYS AA 213 -109.19 -38.16 3.76
C LYS AA 213 -108.07 -37.63 2.88
N LEU AA 214 -107.53 -38.47 1.99
CA LEU AA 214 -106.50 -38.02 1.07
C LEU AA 214 -107.05 -36.97 0.11
N ALA AA 215 -108.33 -37.10 -0.28
CA ALA AA 215 -108.95 -36.11 -1.13
C ALA AA 215 -109.07 -34.77 -0.42
N LEU AA 216 -109.50 -34.78 0.83
CA LEU AA 216 -109.58 -33.54 1.60
C LEU AA 216 -108.18 -32.95 1.81
N GLU AA 217 -107.18 -33.79 2.03
CA GLU AA 217 -105.82 -33.31 2.21
C GLU AA 217 -105.29 -32.66 0.93
N ALA AA 218 -105.60 -33.27 -0.23
CA ALA AA 218 -105.19 -32.68 -1.50
C ALA AA 218 -105.94 -31.39 -1.77
N ALA AA 219 -107.23 -31.33 -1.41
CA ALA AA 219 -107.99 -30.09 -1.57
C ALA AA 219 -107.42 -28.98 -0.71
N ARG AA 220 -107.04 -29.29 0.52
CA ARG AA 220 -106.36 -28.31 1.36
C ARG AA 220 -105.00 -27.94 0.80
N ARG AA 221 -104.33 -28.89 0.14
CA ARG AA 221 -103.02 -28.62 -0.44
C ARG AA 221 -103.14 -28.01 -1.84
N GLY AA 222 -104.00 -28.57 -2.67
CA GLY AA 222 -104.17 -28.07 -4.03
C GLY AA 222 -103.31 -28.81 -5.03
N ASP AA 223 -103.10 -30.10 -4.81
CA ASP AA 223 -102.29 -30.94 -5.68
C ASP AA 223 -103.19 -31.71 -6.63
N SER AA 224 -103.29 -31.22 -7.87
CA SER AA 224 -104.15 -31.87 -8.86
C SER AA 224 -103.60 -33.24 -9.22
N ARG AA 225 -102.28 -33.42 -9.18
CA ARG AA 225 -101.70 -34.73 -9.45
C ARG AA 225 -102.06 -35.73 -8.37
N LYS AA 226 -101.87 -35.35 -7.10
CA LYS AA 226 -102.23 -36.25 -6.00
C LYS AA 226 -103.73 -36.48 -5.96
N ALA AA 227 -104.53 -35.45 -6.26
CA ALA AA 227 -105.98 -35.61 -6.25
C ALA AA 227 -106.43 -36.54 -7.38
N GLU AA 228 -105.82 -36.43 -8.56
CA GLU AA 228 -106.15 -37.32 -9.66
C GLU AA 228 -105.71 -38.74 -9.36
N ALA AA 229 -104.57 -38.91 -8.69
CA ALA AA 229 -104.14 -40.24 -8.28
C ALA AA 229 -105.09 -40.84 -7.26
N ILE AA 230 -105.59 -40.01 -6.34
CA ILE AA 230 -106.55 -40.48 -5.36
C ILE AA 230 -107.86 -40.85 -6.03
N LEU AA 231 -108.27 -40.09 -7.05
CA LEU AA 231 -109.48 -40.43 -7.78
C LEU AA 231 -109.31 -41.72 -8.57
N LEU AA 232 -108.14 -41.92 -9.18
CA LEU AA 232 -107.87 -43.16 -9.89
C LEU AA 232 -107.88 -44.34 -8.94
N ALA AA 233 -107.26 -44.18 -7.77
CA ALA AA 233 -107.26 -45.25 -6.78
C ALA AA 233 -108.66 -45.50 -6.24
N ALA AA 234 -109.48 -44.45 -6.14
CA ALA AA 234 -110.85 -44.62 -5.68
C ALA AA 234 -111.68 -45.38 -6.70
N GLU AA 235 -111.52 -45.05 -7.98
CA GLU AA 235 -112.20 -45.81 -9.02
C GLU AA 235 -111.71 -47.25 -9.06
N ALA AA 236 -110.41 -47.46 -8.85
CA ALA AA 236 -109.88 -48.81 -8.80
C ALA AA 236 -110.45 -49.59 -7.63
N ALA AA 237 -110.56 -48.96 -6.46
CA ALA AA 237 -111.14 -49.63 -5.30
C ALA AA 237 -112.63 -49.86 -5.48
N ARG AA 238 -113.31 -48.98 -6.21
CA ARG AA 238 -114.72 -49.19 -6.53
C ARG AA 238 -114.88 -50.40 -7.44
N ILE AA 239 -114.03 -50.50 -8.46
CA ILE AA 239 -114.06 -51.69 -9.33
C ILE AA 239 -113.70 -52.93 -8.53
N ALA AA 240 -112.82 -52.79 -7.54
CA ALA AA 240 -112.45 -53.92 -6.70
C ALA AA 240 -113.62 -54.39 -5.85
N LYS AA 241 -114.33 -53.45 -5.23
CA LYS AA 241 -115.51 -53.79 -4.45
C LYS AA 241 -116.59 -54.39 -5.35
N GLU AA 242 -116.73 -53.87 -6.57
CA GLU AA 242 -117.66 -54.48 -7.52
C GLU AA 242 -117.23 -55.89 -7.88
N ALA AA 243 -115.93 -56.17 -7.87
CA ALA AA 243 -115.42 -57.51 -8.12
C ALA AA 243 -115.24 -58.32 -6.84
N GLY AA 244 -114.69 -57.70 -5.79
CA GLY AA 244 -114.45 -58.41 -4.55
C GLY AA 244 -112.99 -58.58 -4.22
N ASP AA 245 -112.15 -57.62 -4.63
CA ASP AA 245 -110.72 -57.67 -4.37
C ASP AA 245 -110.36 -56.65 -3.31
N PRO AA 246 -110.49 -56.99 -2.03
CA PRO AA 246 -110.16 -56.02 -0.97
C PRO AA 246 -108.68 -55.70 -0.94
N GLU AA 247 -107.86 -56.67 -1.36
CA GLU AA 247 -106.43 -56.42 -1.51
C GLU AA 247 -106.17 -55.35 -2.55
N ALA AA 248 -106.96 -55.34 -3.62
CA ALA AA 248 -106.84 -54.28 -4.63
C ALA AA 248 -107.25 -52.94 -4.04
N ARG AA 249 -108.32 -52.90 -3.24
CA ARG AA 249 -108.72 -51.66 -2.60
C ARG AA 249 -107.65 -51.16 -1.64
N LYS AA 250 -106.99 -52.07 -0.93
CA LYS AA 250 -105.93 -51.68 -0.02
C LYS AA 250 -104.71 -51.17 -0.77
N LYS AA 251 -104.37 -51.82 -1.88
CA LYS AA 251 -103.26 -51.33 -2.70
C LYS AA 251 -103.59 -49.97 -3.29
N ALA AA 252 -104.86 -49.75 -3.66
CA ALA AA 252 -105.28 -48.44 -4.13
C ALA AA 252 -105.16 -47.40 -3.05
N LEU AA 253 -105.53 -47.75 -1.81
CA LEU AA 253 -105.34 -46.84 -0.70
C LEU AA 253 -103.88 -46.50 -0.50
N GLU AA 254 -103.01 -47.52 -0.59
CA GLU AA 254 -101.58 -47.29 -0.43
C GLU AA 254 -101.03 -46.39 -1.53
N ALA AA 255 -101.47 -46.60 -2.77
CA ALA AA 255 -101.01 -45.77 -3.88
C ALA AA 255 -101.54 -44.35 -3.78
N ALA AA 256 -102.80 -44.17 -3.36
CA ALA AA 256 -103.34 -42.83 -3.17
C ALA AA 256 -102.62 -42.11 -2.04
N ARG AA 257 -102.27 -42.83 -0.98
CA ARG AA 257 -101.42 -42.25 0.06
C ARG AA 257 -100.05 -41.91 -0.49
N ARG AA 258 -99.57 -42.69 -1.46
CA ARG AA 258 -98.31 -42.37 -2.12
C ARG AA 258 -98.47 -41.21 -3.10
N GLY AA 259 -99.66 -41.04 -3.68
CA GLY AA 259 -99.93 -39.92 -4.56
C GLY AA 259 -99.67 -40.18 -6.03
N ASP AA 260 -99.25 -41.39 -6.40
CA ASP AA 260 -99.04 -41.72 -7.80
C ASP AA 260 -100.28 -42.37 -8.40
N ARG AA 261 -100.51 -42.13 -9.68
CA ARG AA 261 -101.64 -42.70 -10.38
C ARG AA 261 -101.26 -43.86 -11.30
N GLU AA 262 -99.97 -44.10 -11.54
CA GLU AA 262 -99.59 -45.23 -12.38
C GLU AA 262 -99.93 -46.55 -11.72
N LEU AA 263 -99.59 -46.70 -10.44
CA LEU AA 263 -99.95 -47.92 -9.73
C LEU AA 263 -101.45 -48.05 -9.59
N ALA AA 264 -102.16 -46.93 -9.37
CA ALA AA 264 -103.61 -46.98 -9.29
C ALA AA 264 -104.21 -47.46 -10.60
N THR AA 265 -103.68 -46.98 -11.72
CA THR AA 265 -104.17 -47.40 -13.03
C THR AA 265 -103.85 -48.87 -13.28
N ARG AA 266 -102.66 -49.31 -12.86
CA ARG AA 266 -102.31 -50.72 -13.04
C ARG AA 266 -103.22 -51.63 -12.22
N ILE AA 267 -103.55 -51.21 -10.99
CA ILE AA 267 -104.44 -52.00 -10.15
C ILE AA 267 -105.85 -51.99 -10.74
N LEU AA 268 -106.30 -50.84 -11.24
CA LEU AA 268 -107.60 -50.78 -11.90
C LEU AA 268 -107.62 -51.68 -13.12
N ILE AA 269 -106.49 -51.78 -13.82
CA ILE AA 269 -106.42 -52.63 -15.00
C ILE AA 269 -106.48 -54.10 -14.59
N GLU AA 270 -105.79 -54.47 -13.52
CA GLU AA 270 -105.85 -55.85 -13.04
C GLU AA 270 -107.26 -56.21 -12.58
N ALA AA 271 -107.91 -55.29 -11.87
CA ALA AA 271 -109.28 -55.53 -11.43
C ALA AA 271 -110.23 -55.64 -12.62
N LEU AA 272 -110.02 -54.79 -13.63
CA LEU AA 272 -110.84 -54.86 -14.83
C LEU AA 272 -110.59 -56.15 -15.59
N LEU AA 273 -109.36 -56.65 -15.55
CA LEU AA 273 -109.07 -57.93 -16.20
C LEU AA 273 -109.77 -59.08 -15.50
N ARG AA 274 -109.75 -59.06 -14.16
CA ARG AA 274 -110.47 -60.09 -13.41
C ARG AA 274 -111.97 -60.00 -13.68
N LEU AA 275 -112.52 -58.79 -13.63
CA LEU AA 275 -113.94 -58.60 -13.90
C LEU AA 275 -114.28 -58.98 -15.33
N LEU AA 276 -113.33 -58.81 -16.25
CA LEU AA 276 -113.56 -59.16 -17.64
C LEU AA 276 -113.56 -60.66 -17.83
N LYS AA 277 -112.67 -61.37 -17.13
CA LYS AA 277 -112.73 -62.83 -17.15
C LYS AA 277 -114.05 -63.32 -16.57
N LYS AA 278 -114.50 -62.70 -15.48
CA LYS AA 278 -115.77 -63.08 -14.89
C LYS AA 278 -116.93 -62.82 -15.86
N SER AA 279 -116.92 -61.65 -16.51
CA SER AA 279 -117.97 -61.32 -17.46
C SER AA 279 -117.91 -62.22 -18.68
N THR AA 280 -116.71 -62.68 -19.05
CA THR AA 280 -116.59 -63.60 -20.16
C THR AA 280 -117.18 -64.95 -19.81
N ALA AA 281 -116.92 -65.43 -18.59
CA ALA AA 281 -117.57 -66.66 -18.14
C ALA AA 281 -119.08 -66.50 -18.11
N GLU AA 282 -119.56 -65.36 -17.61
CA GLU AA 282 -121.00 -65.11 -17.54
C GLU AA 282 -121.60 -65.04 -18.93
N LEU AA 283 -120.88 -64.45 -19.88
CA LEU AA 283 -121.40 -64.34 -21.24
C LEU AA 283 -121.40 -65.68 -21.95
N LYS AA 284 -120.39 -66.51 -21.69
CA LYS AA 284 -120.41 -67.87 -22.23
C LYS AA 284 -121.57 -68.66 -21.66
N ARG AA 285 -121.84 -68.51 -20.36
CA ARG AA 285 -122.99 -69.18 -19.76
C ARG AA 285 -124.30 -68.66 -20.35
N ALA AA 286 -124.39 -67.35 -20.58
CA ALA AA 286 -125.60 -66.79 -21.16
C ALA AA 286 -125.80 -67.25 -22.60
N THR AA 287 -124.70 -67.36 -23.36
CA THR AA 287 -124.81 -67.87 -24.72
C THR AA 287 -125.23 -69.33 -24.74
N ALA AA 288 -124.70 -70.12 -23.81
CA ALA AA 288 -125.13 -71.51 -23.70
C ALA AA 288 -126.61 -71.59 -23.34
N SER AA 289 -127.06 -70.73 -22.42
CA SER AA 289 -128.47 -70.73 -22.04
C SER AA 289 -129.36 -70.30 -23.20
N LEU AA 290 -128.91 -69.32 -23.98
CA LEU AA 290 -129.68 -68.87 -25.14
C LEU AA 290 -129.75 -69.97 -26.20
N ARG AA 291 -128.64 -70.67 -26.42
CA ARG AA 291 -128.65 -71.78 -27.37
C ARG AA 291 -129.55 -72.91 -26.88
N ALA AA 292 -129.58 -73.14 -25.56
CA ALA AA 292 -130.46 -74.16 -25.02
C ALA AA 292 -131.92 -73.78 -25.18
N ILE AA 293 -132.25 -72.51 -24.92
CA ILE AA 293 -133.63 -72.06 -25.10
C ILE AA 293 -134.01 -72.12 -26.58
N THR AA 294 -133.05 -71.85 -27.47
CA THR AA 294 -133.31 -71.96 -28.89
C THR AA 294 -133.57 -73.40 -29.29
N GLU AA 295 -132.78 -74.34 -28.76
CA GLU AA 295 -133.02 -75.75 -29.04
C GLU AA 295 -134.35 -76.21 -28.48
N GLU AA 296 -134.75 -75.66 -27.33
CA GLU AA 296 -136.03 -76.02 -26.74
C GLU AA 296 -137.18 -75.49 -27.60
N LEU AA 297 -137.08 -74.25 -28.06
CA LEU AA 297 -138.08 -73.71 -28.96
C LEU AA 297 -138.09 -74.45 -30.30
N LYS AA 298 -136.94 -74.99 -30.69
CA LYS AA 298 -136.88 -75.76 -31.92
C LYS AA 298 -137.55 -77.12 -31.77
N LYS AA 299 -137.34 -77.80 -30.64
CA LYS AA 299 -137.90 -79.13 -30.46
C LYS AA 299 -139.41 -79.08 -30.32
N ASN AA 300 -139.95 -78.03 -29.70
CA ASN AA 300 -141.39 -77.88 -29.55
C ASN AA 300 -141.75 -76.40 -29.51
N PRO AA 301 -141.97 -75.78 -30.66
CA PRO AA 301 -142.26 -74.35 -30.66
C PRO AA 301 -143.72 -74.06 -30.28
N SER AA 302 -143.88 -73.02 -29.48
CA SER AA 302 -145.19 -72.62 -28.97
C SER AA 302 -145.07 -71.22 -28.41
N GLU AA 303 -146.13 -70.77 -27.73
CA GLU AA 303 -146.09 -69.47 -27.08
C GLU AA 303 -145.01 -69.42 -26.01
N ASP AA 304 -144.99 -70.42 -25.11
CA ASP AA 304 -143.97 -70.44 -24.06
C ASP AA 304 -142.58 -70.67 -24.65
N ALA AA 305 -142.48 -71.48 -25.70
CA ALA AA 305 -141.18 -71.77 -26.29
C ALA AA 305 -140.58 -70.53 -26.94
N LEU AA 306 -141.35 -69.85 -27.80
CA LEU AA 306 -140.86 -68.61 -28.41
C LEU AA 306 -140.62 -67.54 -27.35
N VAL AA 307 -141.46 -67.51 -26.32
CA VAL AA 307 -141.28 -66.55 -25.23
C VAL AA 307 -139.94 -66.78 -24.55
N GLU AA 308 -139.63 -68.03 -24.20
CA GLU AA 308 -138.38 -68.34 -23.51
C GLU AA 308 -137.18 -68.10 -24.43
N HIS AA 309 -137.31 -68.44 -25.72
CA HIS AA 309 -136.19 -68.22 -26.63
C HIS AA 309 -135.90 -66.74 -26.79
N ASN AA 310 -136.94 -65.91 -26.96
CA ASN AA 310 -136.73 -64.48 -27.09
C ASN AA 310 -136.23 -63.87 -25.79
N ARG AA 311 -136.71 -64.37 -24.65
CA ARG AA 311 -136.22 -63.88 -23.36
C ARG AA 311 -134.75 -64.22 -23.17
N ALA AA 312 -134.34 -65.43 -23.58
CA ALA AA 312 -132.94 -65.80 -23.48
C ALA AA 312 -132.08 -64.97 -24.44
N ILE AA 313 -132.61 -64.68 -25.63
CA ILE AA 313 -131.87 -63.83 -26.56
C ILE AA 313 -131.69 -62.43 -25.98
N VAL AA 314 -132.74 -61.89 -25.36
CA VAL AA 314 -132.65 -60.56 -24.76
C VAL AA 314 -131.72 -60.58 -23.55
N GLU AA 315 -131.73 -61.68 -22.79
CA GLU AA 315 -130.82 -61.78 -21.65
C GLU AA 315 -129.38 -61.86 -22.11
N HIS AA 316 -129.12 -62.60 -23.19
CA HIS AA 316 -127.78 -62.65 -23.75
C HIS AA 316 -127.35 -61.28 -24.27
N ASN AA 317 -128.28 -60.56 -24.91
CA ASN AA 317 -127.96 -59.22 -25.38
C ASN AA 317 -127.66 -58.28 -24.22
N ALA AA 318 -128.42 -58.40 -23.12
CA ALA AA 318 -128.18 -57.55 -21.97
C ALA AA 318 -126.86 -57.90 -21.28
N ILE AA 319 -126.53 -59.19 -21.22
CA ILE AA 319 -125.26 -59.59 -20.64
C ILE AA 319 -124.10 -59.11 -21.51
N ILE AA 320 -124.28 -59.15 -22.82
CA ILE AA 320 -123.25 -58.63 -23.73
C ILE AA 320 -123.13 -57.13 -23.56
N VAL AA 321 -124.25 -56.43 -23.36
CA VAL AA 321 -124.20 -54.99 -23.14
C VAL AA 321 -123.47 -54.68 -21.84
N GLU AA 322 -123.70 -55.49 -20.81
CA GLU AA 322 -123.02 -55.27 -19.53
C GLU AA 322 -121.53 -55.53 -19.66
N ASN AA 323 -121.15 -56.61 -20.36
CA ASN AA 323 -119.74 -56.89 -20.57
C ASN AA 323 -119.08 -55.80 -21.40
N ASN AA 324 -119.81 -55.28 -22.39
CA ASN AA 324 -119.29 -54.18 -23.20
C ASN AA 324 -119.16 -52.92 -22.37
N ARG AA 325 -120.07 -52.69 -21.43
CA ARG AA 325 -119.96 -51.54 -20.55
C ARG AA 325 -118.76 -51.68 -19.63
N ILE AA 326 -118.50 -52.89 -19.14
CA ILE AA 326 -117.32 -53.12 -18.33
C ILE AA 326 -116.06 -52.88 -19.14
N ILE AA 327 -116.04 -53.37 -20.39
CA ILE AA 327 -114.90 -53.17 -21.26
C ILE AA 327 -114.72 -51.69 -21.57
N ALA AA 328 -115.83 -50.97 -21.72
CA ALA AA 328 -115.75 -49.54 -21.99
C ALA AA 328 -115.22 -48.77 -20.79
N MET AA 329 -115.62 -49.18 -19.59
CA MET AA 329 -115.08 -48.57 -18.39
C MET AA 329 -113.59 -48.84 -18.27
N VAL AA 330 -113.16 -50.07 -18.56
CA VAL AA 330 -111.75 -50.40 -18.52
C VAL AA 330 -110.97 -49.59 -19.55
N LEU AA 331 -111.54 -49.43 -20.75
CA LEU AA 331 -110.88 -48.67 -21.79
C LEU AA 331 -110.81 -47.19 -21.43
N GLU AA 332 -111.86 -46.67 -20.81
CA GLU AA 332 -111.83 -45.28 -20.35
C GLU AA 332 -110.79 -45.09 -19.27
N ALA AA 333 -110.63 -46.09 -18.40
CA ALA AA 333 -109.58 -46.02 -17.40
C ALA AA 333 -108.20 -46.03 -18.05
N ILE AA 334 -108.01 -46.89 -19.05
CA ILE AA 334 -106.73 -46.91 -19.77
C ILE AA 334 -106.48 -45.58 -20.46
N VAL AA 335 -107.54 -44.95 -20.99
CA VAL AA 335 -107.38 -43.68 -21.68
C VAL AA 335 -107.02 -42.58 -20.70
N ARG AA 336 -107.72 -42.53 -19.56
CA ARG AA 336 -107.38 -41.55 -18.54
C ARG AA 336 -105.98 -41.79 -17.99
N ALA AA 337 -105.51 -43.03 -18.05
CA ALA AA 337 -104.14 -43.33 -17.64
C ALA AA 337 -103.13 -43.06 -18.75
N ILE AA 338 -103.45 -43.41 -19.99
CA ILE AA 338 -102.54 -43.16 -21.09
C ILE AA 338 -102.70 -41.73 -21.58
N SER BA 2 -46.80 61.73 78.54
CA SER BA 2 -46.27 62.93 79.20
C SER BA 2 -46.47 64.16 78.33
N THR BA 3 -47.10 63.97 77.17
CA THR BA 3 -47.33 65.09 76.26
C THR BA 3 -48.42 66.01 76.78
N LYS BA 4 -49.56 65.43 77.20
CA LYS BA 4 -50.67 66.25 77.68
C LYS BA 4 -50.33 66.92 79.00
N GLU BA 5 -49.59 66.23 79.87
CA GLU BA 5 -49.21 66.81 81.15
C GLU BA 5 -48.23 67.97 80.95
N LYS BA 6 -47.22 67.77 80.10
CA LYS BA 6 -46.28 68.85 79.80
C LYS BA 6 -47.00 70.01 79.13
N ALA BA 7 -48.00 69.71 78.29
CA ALA BA 7 -48.78 70.76 77.67
C ALA BA 7 -49.55 71.57 78.70
N ARG BA 8 -50.26 70.90 79.60
CA ARG BA 8 -51.01 71.61 80.63
C ARG BA 8 -50.10 72.44 81.50
N GLN BA 9 -48.91 71.90 81.84
CA GLN BA 9 -47.99 72.64 82.71
C GLN BA 9 -47.42 73.86 82.00
N LEU BA 10 -46.88 73.69 80.79
CA LEU BA 10 -46.32 74.81 80.06
C LEU BA 10 -47.39 75.84 79.71
N ALA BA 11 -48.63 75.41 79.54
CA ALA BA 11 -49.70 76.34 79.24
C ALA BA 11 -50.17 77.08 80.48
N GLU BA 12 -50.17 76.43 81.63
CA GLU BA 12 -50.44 77.14 82.88
C GLU BA 12 -49.36 78.19 83.14
N GLU BA 13 -48.09 77.83 82.91
CA GLU BA 13 -47.02 78.80 83.01
C GLU BA 13 -47.17 79.92 81.99
N ALA BA 14 -47.67 79.58 80.80
CA ALA BA 14 -47.94 80.57 79.78
C ALA BA 14 -49.00 81.56 80.25
N LYS BA 15 -50.09 81.06 80.80
CA LYS BA 15 -51.15 81.93 81.30
C LYS BA 15 -50.66 82.79 82.46
N GLU BA 16 -49.83 82.23 83.33
CA GLU BA 16 -49.29 82.99 84.45
C GLU BA 16 -48.38 84.12 83.98
N THR BA 17 -47.45 83.80 83.07
CA THR BA 17 -46.55 84.83 82.55
C THR BA 17 -47.30 85.83 81.68
N ALA BA 18 -48.45 85.42 81.15
CA ALA BA 18 -49.28 86.36 80.39
C ALA BA 18 -49.99 87.34 81.31
N GLU BA 19 -50.59 86.84 82.39
CA GLU BA 19 -51.21 87.71 83.37
C GLU BA 19 -50.17 88.62 84.02
N LYS BA 20 -48.94 88.12 84.20
CA LYS BA 20 -47.87 88.97 84.72
C LYS BA 20 -47.42 89.99 83.66
N VAL BA 21 -47.47 89.60 82.39
CA VAL BA 21 -47.15 90.51 81.30
C VAL BA 21 -48.26 91.53 81.10
N GLY BA 22 -49.47 91.20 81.56
CA GLY BA 22 -50.62 92.07 81.39
C GLY BA 22 -51.55 91.55 80.32
N ASP BA 23 -51.45 90.26 80.00
CA ASP BA 23 -52.22 89.66 78.93
C ASP BA 23 -53.19 88.63 79.50
N PRO BA 24 -54.47 88.95 79.64
CA PRO BA 24 -55.45 87.93 80.01
C PRO BA 24 -55.89 87.15 78.78
N GLU BA 25 -55.75 87.77 77.61
CA GLU BA 25 -56.04 87.09 76.36
C GLU BA 25 -55.04 85.97 76.11
N LEU BA 26 -53.75 86.25 76.29
CA LEU BA 26 -52.74 85.20 76.19
C LEU BA 26 -52.91 84.17 77.30
N ILE BA 27 -53.43 84.60 78.45
CA ILE BA 27 -53.72 83.66 79.54
C ILE BA 27 -54.83 82.70 79.12
N LYS BA 28 -55.86 83.20 78.47
CA LYS BA 28 -56.94 82.33 78.01
C LYS BA 28 -56.49 81.44 76.87
N LEU BA 29 -55.68 81.97 75.95
CA LEU BA 29 -55.12 81.14 74.89
C LEU BA 29 -54.24 80.03 75.47
N ALA BA 30 -53.54 80.33 76.57
CA ALA BA 30 -52.74 79.32 77.24
C ALA BA 30 -53.63 78.28 77.91
N GLU BA 31 -54.70 78.71 78.56
CA GLU BA 31 -55.65 77.75 79.12
C GLU BA 31 -56.20 76.85 78.03
N GLN BA 32 -56.43 77.41 76.84
CA GLN BA 32 -56.89 76.61 75.71
C GLN BA 32 -55.83 75.64 75.24
N ALA BA 33 -54.56 76.07 75.23
CA ALA BA 33 -53.46 75.17 74.87
C ALA BA 33 -53.35 74.03 75.87
N SER BA 34 -53.63 74.30 77.15
CA SER BA 34 -53.64 73.25 78.16
C SER BA 34 -54.80 72.29 77.94
N GLN BA 35 -56.01 72.84 77.70
CA GLN BA 35 -57.18 72.00 77.50
C GLN BA 35 -57.04 71.14 76.25
N GLU BA 36 -56.38 71.65 75.21
CA GLU BA 36 -56.17 70.88 73.99
C GLU BA 36 -55.05 69.86 74.17
N GLY BA 37 -54.09 70.15 75.02
CA GLY BA 37 -52.96 69.28 75.23
C GLY BA 37 -51.82 69.45 74.25
N ASP BA 38 -51.58 70.65 73.76
CA ASP BA 38 -50.51 70.92 72.81
C ASP BA 38 -49.34 71.55 73.55
N SER BA 39 -48.30 70.74 73.80
CA SER BA 39 -47.10 71.25 74.46
C SER BA 39 -46.41 72.30 73.60
N GLU BA 40 -46.49 72.14 72.27
CA GLU BA 40 -45.93 73.15 71.38
C GLU BA 40 -46.68 74.47 71.54
N LYS BA 41 -48.01 74.45 71.50
CA LYS BA 41 -48.79 75.67 71.69
C LYS BA 41 -48.64 76.20 73.11
N ALA BA 42 -48.47 75.30 74.08
CA ALA BA 42 -48.27 75.74 75.45
C ALA BA 42 -46.96 76.50 75.62
N LYS BA 43 -45.85 75.93 75.14
CA LYS BA 43 -44.58 76.61 75.20
C LYS BA 43 -44.58 77.86 74.32
N ALA BA 44 -45.38 77.85 73.25
CA ALA BA 44 -45.52 79.04 72.42
C ALA BA 44 -46.18 80.18 73.20
N ILE BA 45 -47.28 79.88 73.87
CA ILE BA 45 -47.94 80.90 74.67
C ILE BA 45 -47.04 81.33 75.83
N LEU BA 46 -46.19 80.42 76.32
CA LEU BA 46 -45.28 80.77 77.40
C LEU BA 46 -44.20 81.73 76.93
N LEU BA 47 -43.56 81.42 75.80
CA LEU BA 47 -42.56 82.32 75.24
C LEU BA 47 -43.19 83.65 74.83
N ALA BA 48 -44.44 83.62 74.34
CA ALA BA 48 -45.10 84.87 73.98
C ALA BA 48 -45.45 85.69 75.21
N ALA BA 49 -45.81 85.02 76.31
CA ALA BA 49 -46.08 85.73 77.55
C ALA BA 49 -44.81 86.35 78.11
N GLU BA 50 -43.70 85.61 78.04
CA GLU BA 50 -42.41 86.19 78.43
C GLU BA 50 -42.04 87.34 77.52
N ALA BA 51 -42.34 87.22 76.23
CA ALA BA 51 -42.10 88.30 75.29
C ALA BA 51 -42.89 89.54 75.66
N ALA BA 52 -44.16 89.36 76.01
CA ALA BA 52 -45.00 90.50 76.40
C ALA BA 52 -44.52 91.10 77.71
N ARG BA 53 -44.01 90.27 78.63
CA ARG BA 53 -43.44 90.81 79.85
C ARG BA 53 -42.20 91.64 79.57
N VAL BA 54 -41.29 91.11 78.75
CA VAL BA 54 -40.06 91.84 78.42
C VAL BA 54 -40.40 93.09 77.60
N ALA BA 55 -41.52 93.06 76.88
CA ALA BA 55 -41.93 94.23 76.13
C ALA BA 55 -42.52 95.30 77.04
N LYS BA 56 -43.40 94.90 77.96
CA LYS BA 56 -43.90 95.83 78.97
C LYS BA 56 -42.75 96.41 79.77
N GLU BA 57 -41.66 95.64 79.94
CA GLU BA 57 -40.45 96.19 80.52
C GLU BA 57 -39.75 97.13 79.55
N VAL BA 58 -39.85 96.87 78.25
CA VAL BA 58 -39.21 97.73 77.25
C VAL BA 58 -40.15 98.85 76.82
N GLY BA 59 -41.37 98.50 76.40
CA GLY BA 59 -42.36 99.50 76.06
C GLY BA 59 -42.74 99.59 74.60
N ALA BA 60 -42.80 98.46 73.90
CA ALA BA 60 -43.17 98.43 72.49
C ALA BA 60 -44.48 97.68 72.32
N PRO BA 61 -45.59 98.35 71.98
CA PRO BA 61 -46.85 97.62 71.77
C PRO BA 61 -46.87 96.80 70.50
N ASP BA 62 -45.93 97.04 69.57
CA ASP BA 62 -45.87 96.22 68.37
C ASP BA 62 -45.53 94.77 68.71
N LEU BA 63 -44.40 94.54 69.39
CA LEU BA 63 -44.06 93.19 69.81
C LEU BA 63 -45.07 92.66 70.83
N ILE BA 64 -45.73 93.56 71.56
CA ILE BA 64 -46.74 93.13 72.52
C ILE BA 64 -47.91 92.48 71.80
N ARG BA 65 -48.49 93.17 70.82
CA ARG BA 65 -49.56 92.58 70.04
C ARG BA 65 -49.07 91.39 69.22
N LEU BA 66 -47.80 91.42 68.82
CA LEU BA 66 -47.23 90.28 68.10
C LEU BA 66 -47.24 89.03 68.96
N ALA BA 67 -46.77 89.15 70.21
CA ALA BA 67 -46.80 88.01 71.11
C ALA BA 67 -48.24 87.63 71.47
N ARG BA 68 -49.13 88.61 71.55
CA ARG BA 68 -50.54 88.31 71.81
C ARG BA 68 -51.11 87.43 70.71
N ILE BA 69 -50.84 87.79 69.45
CA ILE BA 69 -51.34 87.00 68.33
C ILE BA 69 -50.64 85.66 68.26
N ALA BA 70 -49.34 85.63 68.59
CA ALA BA 70 -48.60 84.37 68.57
C ALA BA 70 -49.14 83.40 69.61
N ALA BA 71 -49.55 83.92 70.77
CA ALA BA 71 -50.15 83.07 71.79
C ALA BA 71 -51.57 82.65 71.39
N ARG BA 72 -52.34 83.57 70.82
CA ARG BA 72 -53.67 83.23 70.34
C ARG BA 72 -53.61 82.15 69.26
N VAL BA 73 -52.55 82.13 68.46
CA VAL BA 73 -52.41 81.12 67.43
C VAL BA 73 -51.61 79.93 67.94
N GLY BA 74 -50.59 80.18 68.76
CA GLY BA 74 -49.73 79.12 69.24
C GLY BA 74 -48.47 78.97 68.41
N ALA BA 75 -47.87 80.09 68.02
CA ALA BA 75 -46.68 80.11 67.19
C ALA BA 75 -45.45 80.16 68.08
N SER BA 76 -44.71 79.05 68.13
CA SER BA 76 -43.54 78.96 68.99
C SER BA 76 -42.37 79.77 68.41
N GLU BA 77 -42.16 79.69 67.09
CA GLU BA 77 -41.09 80.46 66.47
C GLU BA 77 -41.36 81.96 66.60
N ALA BA 78 -42.61 82.38 66.36
CA ALA BA 78 -42.96 83.79 66.49
C ALA BA 78 -42.87 84.25 67.94
N ALA BA 79 -43.21 83.37 68.89
CA ALA BA 79 -43.13 83.75 70.29
C ALA BA 79 -41.67 83.90 70.73
N LYS BA 80 -40.81 82.96 70.32
CA LYS BA 80 -39.39 83.09 70.65
C LYS BA 80 -38.79 84.31 69.97
N ALA BA 81 -39.23 84.60 68.74
CA ALA BA 81 -38.77 85.81 68.06
C ALA BA 81 -39.21 87.06 68.80
N ILE BA 82 -40.45 87.07 69.29
CA ILE BA 82 -40.94 88.22 70.04
C ILE BA 82 -40.19 88.36 71.36
N LEU BA 83 -39.82 87.24 71.98
CA LEU BA 83 -39.08 87.30 73.24
C LEU BA 83 -37.67 87.84 73.02
N LEU BA 84 -36.95 87.27 72.06
CA LEU BA 84 -35.62 87.77 71.75
C LEU BA 84 -35.67 89.21 71.23
N ALA BA 85 -36.77 89.58 70.57
CA ALA BA 85 -36.91 90.95 70.07
C ALA BA 85 -37.23 91.92 71.19
N ALA BA 86 -37.96 91.47 72.22
CA ALA BA 86 -38.18 92.31 73.39
C ALA BA 86 -36.88 92.47 74.18
N GLU BA 87 -36.07 91.41 74.24
CA GLU BA 87 -34.74 91.55 74.79
C GLU BA 87 -33.90 92.52 73.97
N ALA BA 88 -34.00 92.44 72.65
CA ALA BA 88 -33.32 93.39 71.78
C ALA BA 88 -33.81 94.80 72.00
N ALA BA 89 -35.10 94.97 72.27
CA ALA BA 89 -35.67 96.29 72.49
C ALA BA 89 -35.21 96.87 73.81
N ARG BA 90 -35.12 96.03 74.85
CA ARG BA 90 -34.54 96.48 76.10
C ARG BA 90 -33.07 96.88 75.91
N VAL BA 91 -32.31 96.05 75.18
CA VAL BA 91 -30.90 96.33 74.95
C VAL BA 91 -30.74 97.60 74.12
N ALA BA 92 -31.69 97.86 73.22
CA ALA BA 92 -31.63 99.06 72.39
C ALA BA 92 -32.01 100.30 73.18
N LYS BA 93 -33.06 100.20 74.01
CA LYS BA 93 -33.40 101.30 74.91
C LYS BA 93 -32.22 101.61 75.83
N GLU BA 94 -31.45 100.58 76.19
CA GLU BA 94 -30.18 100.82 76.88
C GLU BA 94 -29.14 101.43 75.96
N VAL BA 95 -29.20 101.12 74.67
CA VAL BA 95 -28.22 101.64 73.72
C VAL BA 95 -28.73 102.94 73.09
N GLY BA 96 -29.86 102.87 72.38
CA GLY BA 96 -30.45 104.04 71.77
C GLY BA 96 -30.39 104.08 70.25
N ASP BA 97 -30.54 102.93 69.62
CA ASP BA 97 -30.50 102.83 68.16
C ASP BA 97 -31.90 102.56 67.62
N PRO BA 98 -32.48 103.48 66.85
CA PRO BA 98 -33.83 103.23 66.32
C PRO BA 98 -33.87 102.23 65.17
N GLU BA 99 -32.83 102.17 64.34
CA GLU BA 99 -32.77 101.14 63.32
C GLU BA 99 -32.71 99.76 63.94
N LEU BA 100 -32.04 99.64 65.08
CA LEU BA 100 -32.04 98.37 65.81
C LEU BA 100 -33.44 98.03 66.29
N GLU BA 101 -34.19 99.01 66.78
CA GLU BA 101 -35.57 98.76 67.20
C GLU BA 101 -36.43 98.34 66.02
N ARG BA 102 -36.23 98.97 64.86
CA ARG BA 102 -36.96 98.58 63.67
C ARG BA 102 -36.63 97.15 63.27
N LEU BA 103 -35.34 96.79 63.29
CA LEU BA 103 -34.94 95.44 62.94
C LEU BA 103 -35.49 94.42 63.93
N ALA BA 104 -35.54 94.78 65.22
CA ALA BA 104 -36.08 93.87 66.22
C ALA BA 104 -37.57 93.67 66.04
N LEU BA 105 -38.31 94.75 65.80
CA LEU BA 105 -39.74 94.62 65.54
C LEU BA 105 -39.99 93.83 64.26
N LEU BA 106 -39.12 93.99 63.27
CA LEU BA 106 -39.27 93.24 62.02
C LEU BA 106 -38.99 91.76 62.23
N ALA BA 107 -38.01 91.43 63.08
CA ALA BA 107 -37.75 90.04 63.40
C ALA BA 107 -38.90 89.44 64.20
N ALA BA 108 -39.52 90.23 65.08
CA ALA BA 108 -40.67 89.75 65.82
C ALA BA 108 -41.86 89.52 64.91
N VAL BA 109 -42.07 90.41 63.93
CA VAL BA 109 -43.19 90.27 63.02
C VAL BA 109 -42.97 89.11 62.05
N LEU BA 110 -41.78 89.02 61.46
CA LEU BA 110 -41.46 87.89 60.58
C LEU BA 110 -41.36 86.60 61.38
N GLY BA 111 -41.29 86.69 62.70
CA GLY BA 111 -41.17 85.52 63.54
C GLY BA 111 -39.83 84.83 63.44
N ASP BA 112 -38.83 85.49 62.86
CA ASP BA 112 -37.51 84.92 62.67
C ASP BA 112 -36.74 85.02 63.97
N SER BA 113 -36.77 83.93 64.75
CA SER BA 113 -36.04 83.90 66.01
C SER BA 113 -34.54 84.05 65.79
N GLU BA 114 -34.05 83.59 64.63
CA GLU BA 114 -32.66 83.86 64.26
C GLU BA 114 -32.43 85.35 64.09
N LYS BA 115 -33.31 86.03 63.34
CA LYS BA 115 -33.18 87.47 63.20
C LYS BA 115 -33.45 88.19 64.51
N ALA BA 116 -34.26 87.59 65.39
CA ALA BA 116 -34.51 88.21 66.69
C ALA BA 116 -33.27 88.13 67.59
N LYS BA 117 -32.62 86.97 67.62
CA LYS BA 117 -31.35 86.88 68.34
C LYS BA 117 -30.29 87.76 67.69
N ALA BA 118 -30.37 87.92 66.36
CA ALA BA 118 -29.49 88.85 65.67
C ALA BA 118 -29.71 90.28 66.16
N ILE BA 119 -30.98 90.67 66.31
CA ILE BA 119 -31.28 92.02 66.78
C ILE BA 119 -30.84 92.19 68.23
N LEU BA 120 -30.99 91.15 69.04
CA LEU BA 120 -30.53 91.21 70.43
C LEU BA 120 -29.02 91.40 70.49
N LEU BA 121 -28.28 90.56 69.76
CA LEU BA 121 -26.83 90.68 69.73
C LEU BA 121 -26.38 91.97 69.10
N ALA BA 122 -27.16 92.51 68.15
CA ALA BA 122 -26.78 93.77 67.51
C ALA BA 122 -27.05 94.95 68.42
N ALA BA 123 -28.13 94.90 69.20
CA ALA BA 123 -28.34 95.94 70.20
C ALA BA 123 -27.26 95.88 71.28
N GLU BA 124 -26.89 94.68 71.70
CA GLU BA 124 -25.77 94.54 72.63
C GLU BA 124 -24.47 95.05 72.01
N ALA BA 125 -24.27 94.79 70.72
CA ALA BA 125 -23.07 95.27 70.04
C ALA BA 125 -23.06 96.78 69.95
N ALA BA 126 -24.21 97.39 69.66
CA ALA BA 126 -24.29 98.85 69.60
C ALA BA 126 -24.05 99.45 70.97
N ARG BA 127 -24.59 98.83 72.03
CA ARG BA 127 -24.34 99.32 73.38
C ARG BA 127 -22.86 99.21 73.73
N VAL BA 128 -22.24 98.07 73.41
CA VAL BA 128 -20.82 97.87 73.74
C VAL BA 128 -19.95 98.80 72.92
N ALA BA 129 -20.37 99.12 71.69
CA ALA BA 129 -19.61 100.05 70.87
C ALA BA 129 -19.73 101.48 71.37
N LYS BA 130 -20.94 101.89 71.76
CA LYS BA 130 -21.13 103.21 72.35
C LYS BA 130 -20.36 103.34 73.65
N GLU BA 131 -20.28 102.25 74.43
CA GLU BA 131 -19.49 102.28 75.66
C GLU BA 131 -18.00 102.31 75.38
N VAL BA 132 -17.55 101.60 74.34
CA VAL BA 132 -16.15 101.56 73.97
C VAL BA 132 -15.78 102.73 73.07
N GLY BA 133 -16.68 103.10 72.16
CA GLY BA 133 -16.41 104.17 71.22
C GLY BA 133 -15.97 103.63 69.88
N ASP BA 134 -16.36 102.40 69.58
CA ASP BA 134 -15.92 101.73 68.35
C ASP BA 134 -16.96 101.96 67.27
N PRO BA 135 -16.74 102.90 66.34
CA PRO BA 135 -17.72 103.13 65.28
C PRO BA 135 -17.82 101.99 64.28
N GLU BA 136 -16.72 101.27 64.03
CA GLU BA 136 -16.80 100.09 63.17
C GLU BA 136 -17.68 99.02 63.80
N LEU BA 137 -17.62 98.87 65.12
CA LEU BA 137 -18.45 97.89 65.80
C LEU BA 137 -19.93 98.28 65.70
N ILE BA 138 -20.25 99.56 65.88
CA ILE BA 138 -21.63 100.01 65.77
C ILE BA 138 -22.13 99.86 64.33
N LYS BA 139 -21.26 100.13 63.36
CA LYS BA 139 -21.64 99.96 61.97
C LYS BA 139 -21.92 98.50 61.64
N LEU BA 140 -21.06 97.60 62.14
CA LEU BA 140 -21.29 96.16 61.92
C LEU BA 140 -22.56 95.71 62.63
N ALA BA 141 -22.84 96.27 63.82
CA ALA BA 141 -24.07 95.94 64.52
C ALA BA 141 -25.30 96.37 63.74
N LEU BA 142 -25.28 97.60 63.21
CA LEU BA 142 -26.40 98.07 62.40
C LEU BA 142 -26.56 97.24 61.12
N GLU BA 143 -25.44 96.87 60.51
CA GLU BA 143 -25.49 96.05 59.30
C GLU BA 143 -26.07 94.67 59.60
N ALA BA 144 -25.71 94.09 60.75
CA ALA BA 144 -26.27 92.80 61.12
C ALA BA 144 -27.74 92.91 61.47
N ALA BA 145 -28.14 94.01 62.11
CA ALA BA 145 -29.55 94.19 62.43
C ALA BA 145 -30.39 94.34 61.17
N GLU BA 146 -29.91 95.12 60.20
CA GLU BA 146 -30.60 95.22 58.93
C GLU BA 146 -30.57 93.90 58.17
N ARG BA 147 -29.50 93.13 58.31
CA ARG BA 147 -29.40 91.84 57.62
C ARG BA 147 -30.06 90.72 58.43
N GLY BA 148 -30.02 90.81 59.75
CA GLY BA 148 -30.59 89.78 60.59
C GLY BA 148 -29.64 88.62 60.82
N ASP BA 149 -28.34 88.92 60.81
CA ASP BA 149 -27.29 87.91 60.97
C ASP BA 149 -26.86 87.86 62.42
N SER BA 150 -27.24 86.78 63.11
CA SER BA 150 -26.87 86.63 64.51
C SER BA 150 -25.36 86.45 64.68
N GLU BA 151 -24.73 85.75 63.73
CA GLU BA 151 -23.28 85.60 63.78
C GLU BA 151 -22.58 86.95 63.64
N LYS BA 152 -23.03 87.78 62.69
CA LYS BA 152 -22.41 89.07 62.49
C LYS BA 152 -22.67 90.00 63.67
N ALA BA 153 -23.86 89.93 64.26
CA ALA BA 153 -24.17 90.78 65.40
C ALA BA 153 -23.36 90.36 66.63
N LYS BA 154 -23.23 89.05 66.86
CA LYS BA 154 -22.38 88.57 67.94
C LYS BA 154 -20.92 88.93 67.69
N ALA BA 155 -20.50 88.91 66.43
CA ALA BA 155 -19.14 89.32 66.10
C ALA BA 155 -18.93 90.79 66.37
N ILE BA 156 -19.92 91.63 66.05
CA ILE BA 156 -19.83 93.05 66.35
C ILE BA 156 -19.78 93.28 67.85
N LEU BA 157 -20.56 92.51 68.61
CA LEU BA 157 -20.54 92.64 70.06
C LEU BA 157 -19.19 92.23 70.63
N LEU BA 158 -18.67 91.09 70.20
CA LEU BA 158 -17.36 90.63 70.67
C LEU BA 158 -16.26 91.57 70.23
N ALA BA 159 -16.39 92.20 69.07
CA ALA BA 159 -15.38 93.14 68.60
C ALA BA 159 -15.45 94.44 69.39
N ALA BA 160 -16.65 94.90 69.74
CA ALA BA 160 -16.77 96.07 70.60
C ALA BA 160 -16.20 95.78 71.99
N GLU BA 161 -16.44 94.57 72.50
CA GLU BA 161 -15.86 94.19 73.79
C GLU BA 161 -14.34 94.09 73.71
N ALA BA 162 -13.82 93.55 72.60
CA ALA BA 162 -12.37 93.47 72.42
C ALA BA 162 -11.76 94.85 72.31
N ALA BA 163 -12.44 95.77 71.61
CA ALA BA 163 -11.96 97.14 71.50
C ALA BA 163 -12.01 97.84 72.86
N ARG BA 164 -13.02 97.55 73.67
CA ARG BA 164 -13.08 98.11 75.01
C ARG BA 164 -11.93 97.58 75.87
N VAL BA 165 -11.67 96.28 75.80
CA VAL BA 165 -10.58 95.69 76.57
C VAL BA 165 -9.24 96.23 76.08
N ALA BA 166 -9.13 96.50 74.77
CA ALA BA 166 -7.90 97.04 74.23
C ALA BA 166 -7.68 98.49 74.67
N LYS BA 167 -8.73 99.31 74.62
CA LYS BA 167 -8.62 100.69 75.05
C LYS BA 167 -8.32 100.77 76.54
N GLU BA 168 -8.92 99.88 77.33
CA GLU BA 168 -8.60 99.83 78.76
C GLU BA 168 -7.19 99.31 79.00
N VAL BA 169 -6.71 98.43 78.13
CA VAL BA 169 -5.33 97.94 78.21
C VAL BA 169 -4.37 98.88 77.52
N GLY BA 170 -4.79 99.45 76.40
CA GLY BA 170 -3.93 100.32 75.61
C GLY BA 170 -3.29 99.55 74.47
N ASP BA 171 -3.91 98.44 74.08
CA ASP BA 171 -3.36 97.56 73.07
C ASP BA 171 -3.94 97.92 71.72
N PRO BA 172 -3.28 98.79 70.93
CA PRO BA 172 -3.81 99.13 69.60
C PRO BA 172 -3.78 97.96 68.64
N GLU BA 173 -2.89 96.98 68.85
CA GLU BA 173 -2.96 95.75 68.05
C GLU BA 173 -4.24 94.99 68.34
N LEU BA 174 -4.65 94.94 69.61
CA LEU BA 174 -5.91 94.28 69.95
C LEU BA 174 -7.10 95.04 69.40
N ILE BA 175 -7.06 96.38 69.44
CA ILE BA 175 -8.14 97.17 68.87
C ILE BA 175 -8.22 96.98 67.36
N LYS BA 176 -7.06 96.89 66.71
CA LYS BA 176 -7.05 96.64 65.27
C LYS BA 176 -7.58 95.26 64.94
N LEU BA 177 -7.22 94.26 65.73
CA LEU BA 177 -7.76 92.92 65.53
C LEU BA 177 -9.26 92.89 65.74
N ALA BA 178 -9.75 93.65 66.72
CA ALA BA 178 -11.19 93.74 66.96
C ALA BA 178 -11.90 94.39 65.78
N LEU BA 179 -11.33 95.48 65.25
CA LEU BA 179 -11.93 96.12 64.08
C LEU BA 179 -11.90 95.21 62.87
N GLU BA 180 -10.82 94.45 62.70
CA GLU BA 180 -10.71 93.52 61.58
C GLU BA 180 -11.72 92.39 61.72
N ALA BA 181 -11.95 91.92 62.94
CA ALA BA 181 -12.96 90.88 63.15
C ALA BA 181 -14.36 91.42 62.94
N ALA BA 182 -14.60 92.67 63.34
CA ALA BA 182 -15.90 93.30 63.09
C ALA BA 182 -16.16 93.44 61.60
N ARG BA 183 -15.15 93.89 60.85
CA ARG BA 183 -15.28 93.96 59.40
C ARG BA 183 -15.44 92.59 58.78
N ARG BA 184 -14.78 91.57 59.34
CA ARG BA 184 -14.90 90.21 58.84
C ARG BA 184 -16.14 89.52 59.39
N GLY BA 185 -16.64 89.96 60.53
CA GLY BA 185 -17.79 89.32 61.13
C GLY BA 185 -17.42 88.02 61.82
N ASP BA 186 -16.14 87.89 62.18
CA ASP BA 186 -15.63 86.69 62.83
C ASP BA 186 -15.72 86.90 64.34
N SER BA 187 -16.76 86.33 64.95
CA SER BA 187 -16.90 86.41 66.40
C SER BA 187 -15.76 85.67 67.09
N GLU BA 188 -15.23 84.63 66.46
CA GLU BA 188 -14.08 83.92 67.03
C GLU BA 188 -12.86 84.82 67.08
N LYS BA 189 -12.57 85.52 65.98
CA LYS BA 189 -11.44 86.44 65.97
C LYS BA 189 -11.64 87.59 66.95
N ALA BA 190 -12.88 88.07 67.07
CA ALA BA 190 -13.15 89.16 68.00
C ALA BA 190 -13.00 88.71 69.45
N LYS BA 191 -13.44 87.49 69.76
CA LYS BA 191 -13.24 86.96 71.11
C LYS BA 191 -11.77 86.70 71.38
N ALA BA 192 -11.02 86.25 70.38
CA ALA BA 192 -9.58 86.10 70.52
C ALA BA 192 -8.92 87.46 70.78
N ILE BA 193 -9.40 88.50 70.11
CA ILE BA 193 -8.86 89.84 70.33
C ILE BA 193 -9.20 90.31 71.74
N LEU BA 194 -10.40 89.98 72.24
CA LEU BA 194 -10.77 90.35 73.59
C LEU BA 194 -9.90 89.63 74.62
N LEU BA 195 -9.70 88.33 74.45
CA LEU BA 195 -8.84 87.58 75.35
C LEU BA 195 -7.40 88.06 75.28
N ALA BA 196 -6.95 88.45 74.08
CA ALA BA 196 -5.59 88.96 73.93
C ALA BA 196 -5.44 90.33 74.59
N ALA BA 197 -6.47 91.17 74.48
CA ALA BA 197 -6.42 92.46 75.16
C ALA BA 197 -6.43 92.29 76.67
N GLU BA 198 -7.20 91.30 77.17
CA GLU BA 198 -7.17 91.01 78.60
C GLU BA 198 -5.82 90.50 79.04
N ALA BA 199 -5.22 89.61 78.25
CA ALA BA 199 -3.89 89.10 78.58
C ALA BA 199 -2.85 90.20 78.54
N ALA BA 200 -2.96 91.11 77.58
CA ALA BA 200 -2.03 92.24 77.51
C ALA BA 200 -2.23 93.20 78.67
N ARG BA 201 -3.49 93.40 79.09
CA ARG BA 201 -3.74 94.21 80.28
C ARG BA 201 -3.12 93.59 81.51
N VAL BA 202 -3.24 92.26 81.65
CA VAL BA 202 -2.63 91.58 82.80
C VAL BA 202 -1.12 91.67 82.72
N ALA BA 203 -0.56 91.57 81.51
CA ALA BA 203 0.88 91.67 81.35
C ALA BA 203 1.39 93.06 81.69
N LYS BA 204 0.65 94.09 81.28
CA LYS BA 204 1.04 95.46 81.62
C LYS BA 204 0.90 95.73 83.11
N GLU BA 205 -0.17 95.22 83.74
CA GLU BA 205 -0.35 95.42 85.16
C GLU BA 205 0.70 94.66 85.97
N VAL BA 206 1.15 93.51 85.48
CA VAL BA 206 2.19 92.76 86.15
C VAL BA 206 3.58 93.21 85.71
N GLY BA 207 3.79 93.31 84.40
CA GLY BA 207 5.08 93.69 83.88
C GLY BA 207 5.70 92.56 83.07
N ASP BA 208 4.86 91.71 82.50
CA ASP BA 208 5.33 90.56 81.72
C ASP BA 208 5.33 90.93 80.25
N PRO BA 209 6.40 91.54 79.75
CA PRO BA 209 6.44 91.93 78.33
C PRO BA 209 6.35 90.76 77.37
N GLU BA 210 6.85 89.58 77.76
CA GLU BA 210 6.68 88.40 76.92
C GLU BA 210 5.20 88.01 76.86
N LEU BA 211 4.47 88.19 77.96
CA LEU BA 211 3.05 87.90 77.95
C LEU BA 211 2.28 88.88 77.06
N ILE BA 212 2.61 90.17 77.14
CA ILE BA 212 1.98 91.15 76.28
C ILE BA 212 2.33 90.87 74.83
N LYS BA 213 3.56 90.40 74.57
CA LYS BA 213 3.97 90.06 73.22
C LYS BA 213 3.18 88.87 72.68
N LEU BA 214 3.02 87.83 73.50
CA LEU BA 214 2.22 86.69 73.09
C LEU BA 214 0.76 87.09 72.88
N ALA BA 215 0.27 88.02 73.70
CA ALA BA 215 -1.10 88.50 73.53
C ALA BA 215 -1.26 89.25 72.21
N LEU BA 216 -0.30 90.11 71.87
CA LEU BA 216 -0.35 90.80 70.59
C LEU BA 216 -0.23 89.82 69.43
N GLU BA 217 0.62 88.80 69.58
CA GLU BA 217 0.77 87.80 68.53
C GLU BA 217 -0.53 87.01 68.34
N ALA BA 218 -1.21 86.68 69.43
CA ALA BA 218 -2.49 85.98 69.33
C ALA BA 218 -3.55 86.87 68.72
N ALA BA 219 -3.53 88.17 69.07
CA ALA BA 219 -4.48 89.10 68.48
C ALA BA 219 -4.27 89.23 66.98
N ARG BA 220 -3.00 89.29 66.56
CA ARG BA 220 -2.71 89.29 65.13
C ARG BA 220 -3.10 87.96 64.48
N ARG BA 221 -3.00 86.86 65.23
CA ARG BA 221 -3.36 85.55 64.69
C ARG BA 221 -4.85 85.27 64.85
N GLY BA 222 -5.41 85.58 66.02
CA GLY BA 222 -6.83 85.33 66.25
C GLY BA 222 -7.09 83.98 66.91
N ASP BA 223 -6.16 83.54 67.75
CA ASP BA 223 -6.26 82.25 68.44
C ASP BA 223 -6.82 82.49 69.84
N SER BA 224 -8.12 82.22 70.01
CA SER BA 224 -8.75 82.41 71.30
C SER BA 224 -8.21 81.42 72.33
N ARG BA 225 -7.82 80.23 71.88
CA ARG BA 225 -7.23 79.26 72.80
C ARG BA 225 -5.87 79.73 73.31
N LYS BA 226 -5.00 80.16 72.39
CA LYS BA 226 -3.69 80.66 72.81
C LYS BA 226 -3.83 81.94 73.61
N ALA BA 227 -4.78 82.80 73.26
CA ALA BA 227 -4.98 84.03 74.00
C ALA BA 227 -5.50 83.75 75.41
N GLU BA 228 -6.40 82.78 75.54
CA GLU BA 228 -6.89 82.40 76.87
C GLU BA 228 -5.80 81.76 77.70
N ALA BA 229 -4.94 80.96 77.05
CA ALA BA 229 -3.80 80.38 77.77
C ALA BA 229 -2.84 81.46 78.23
N ILE BA 230 -2.62 82.47 77.39
CA ILE BA 230 -1.75 83.58 77.77
C ILE BA 230 -2.37 84.38 78.91
N LEU BA 231 -3.69 84.54 78.90
CA LEU BA 231 -4.35 85.23 79.99
C LEU BA 231 -4.27 84.43 81.28
N LEU BA 232 -4.44 83.12 81.20
CA LEU BA 232 -4.30 82.27 82.38
C LEU BA 232 -2.88 82.32 82.93
N ALA BA 233 -1.89 82.27 82.04
CA ALA BA 233 -0.50 82.37 82.48
C ALA BA 233 -0.20 83.75 83.06
N ALA BA 234 -0.83 84.79 82.52
CA ALA BA 234 -0.64 86.14 83.06
C ALA BA 234 -1.24 86.27 84.45
N GLU BA 235 -2.44 85.72 84.66
CA GLU BA 235 -3.02 85.70 85.99
C GLU BA 235 -2.18 84.88 86.95
N ALA BA 236 -1.63 83.76 86.47
CA ALA BA 236 -0.77 82.94 87.31
C ALA BA 236 0.50 83.69 87.69
N ALA BA 237 1.10 84.41 86.73
CA ALA BA 237 2.29 85.19 87.04
C ALA BA 237 1.97 86.37 87.93
N ARG BA 238 0.77 86.93 87.82
CA ARG BA 238 0.34 87.98 88.73
C ARG BA 238 0.20 87.46 90.15
N ILE BA 239 -0.42 86.28 90.30
CA ILE BA 239 -0.50 85.65 91.61
C ILE BA 239 0.90 85.31 92.13
N ALA BA 240 1.81 84.96 91.23
CA ALA BA 240 3.18 84.65 91.62
C ALA BA 240 3.89 85.88 92.14
N LYS BA 241 3.76 87.00 91.43
CA LYS BA 241 4.35 88.26 91.89
C LYS BA 241 3.72 88.71 93.20
N GLU BA 242 2.41 88.49 93.36
CA GLU BA 242 1.77 88.78 94.64
C GLU BA 242 2.32 87.88 95.74
N ALA BA 243 2.74 86.67 95.39
CA ALA BA 243 3.35 85.76 96.35
C ALA BA 243 4.86 85.88 96.39
N GLY BA 244 5.51 85.96 95.22
CA GLY BA 244 6.95 86.05 95.17
C GLY BA 244 7.60 84.83 94.54
N ASP BA 245 6.92 84.20 93.59
CA ASP BA 245 7.44 83.03 92.91
C ASP BA 245 7.84 83.40 91.49
N PRO BA 246 9.05 83.91 91.27
CA PRO BA 246 9.45 84.29 89.92
C PRO BA 246 9.62 83.07 89.01
N GLU BA 247 9.94 81.94 89.62
CA GLU BA 247 9.98 80.69 88.86
C GLU BA 247 8.59 80.34 88.33
N ALA BA 248 7.55 80.62 89.12
CA ALA BA 248 6.19 80.42 88.64
C ALA BA 248 5.86 81.37 87.48
N ARG BA 249 6.30 82.62 87.58
CA ARG BA 249 6.06 83.56 86.49
C ARG BA 249 6.80 83.12 85.23
N LYS BA 250 8.01 82.58 85.39
CA LYS BA 250 8.76 82.10 84.23
C LYS BA 250 8.11 80.87 83.62
N LYS BA 251 7.61 79.95 84.45
CA LYS BA 251 6.90 78.80 83.93
C LYS BA 251 5.61 79.22 83.24
N ALA BA 252 4.95 80.25 83.76
CA ALA BA 252 3.77 80.78 83.09
C ALA BA 252 4.13 81.39 81.74
N LEU BA 253 5.26 82.10 81.67
CA LEU BA 253 5.72 82.62 80.39
C LEU BA 253 6.01 81.49 79.41
N GLU BA 254 6.64 80.42 79.89
CA GLU BA 254 6.93 79.27 79.03
C GLU BA 254 5.66 78.61 78.54
N ALA BA 255 4.65 78.47 79.42
CA ALA BA 255 3.40 77.85 79.01
C ALA BA 255 2.62 78.74 78.06
N ALA BA 256 2.62 80.05 78.28
CA ALA BA 256 1.94 80.96 77.36
C ALA BA 256 2.62 80.96 76.01
N ARG BA 257 3.95 80.87 75.98
CA ARG BA 257 4.66 80.69 74.72
C ARG BA 257 4.30 79.35 74.09
N ARG BA 258 4.02 78.34 74.92
CA ARG BA 258 3.56 77.07 74.40
C ARG BA 258 2.10 77.13 73.95
N GLY BA 259 1.29 78.00 74.56
CA GLY BA 259 -0.08 78.20 74.16
C GLY BA 259 -1.10 77.33 74.86
N ASP BA 260 -0.67 76.49 75.81
CA ASP BA 260 -1.61 75.67 76.57
C ASP BA 260 -1.98 76.36 77.86
N ARG BA 261 -3.22 76.13 78.31
CA ARG BA 261 -3.72 76.70 79.55
C ARG BA 261 -3.77 75.71 80.70
N GLU BA 262 -3.58 74.41 80.44
CA GLU BA 262 -3.59 73.43 81.53
C GLU BA 262 -2.41 73.64 82.46
N LEU BA 263 -1.21 73.80 81.90
CA LEU BA 263 -0.05 74.06 82.73
C LEU BA 263 -0.15 75.41 83.42
N ALA BA 264 -0.71 76.41 82.74
CA ALA BA 264 -0.91 77.71 83.36
C ALA BA 264 -1.85 77.61 84.55
N THR BA 265 -2.93 76.84 84.41
CA THR BA 265 -3.86 76.65 85.50
C THR BA 265 -3.22 75.88 86.65
N ARG BA 266 -2.41 74.87 86.33
CA ARG BA 266 -1.73 74.11 87.37
C ARG BA 266 -0.75 74.99 88.13
N ILE BA 267 -0.03 75.86 87.43
CA ILE BA 267 0.89 76.77 88.10
C ILE BA 267 0.13 77.78 88.94
N LEU BA 268 -0.98 78.30 88.42
CA LEU BA 268 -1.81 79.20 89.21
C LEU BA 268 -2.33 78.50 90.45
N ILE BA 269 -2.64 77.22 90.34
CA ILE BA 269 -3.13 76.46 91.48
C ILE BA 269 -2.02 76.28 92.51
N GLU BA 270 -0.80 75.99 92.07
CA GLU BA 270 0.31 75.86 93.00
C GLU BA 270 0.60 77.18 93.70
N ALA BA 271 0.56 78.28 92.94
CA ALA BA 271 0.79 79.60 93.54
C ALA BA 271 -0.32 79.93 94.52
N LEU BA 272 -1.56 79.58 94.18
CA LEU BA 272 -2.68 79.83 95.09
C LEU BA 272 -2.56 78.97 96.33
N LEU BA 273 -2.01 77.76 96.20
CA LEU BA 273 -1.81 76.91 97.36
C LEU BA 273 -0.75 77.49 98.29
N ARG BA 274 0.35 78.00 97.71
CA ARG BA 274 1.36 78.65 98.52
C ARG BA 274 0.80 79.89 99.21
N LEU BA 275 0.08 80.73 98.45
CA LEU BA 275 -0.52 81.92 99.02
C LEU BA 275 -1.56 81.55 100.07
N LEU BA 276 -2.22 80.41 99.91
CA LEU BA 276 -3.22 79.99 100.88
C LEU BA 276 -2.56 79.51 102.15
N LYS BA 277 -1.44 78.81 102.05
CA LYS BA 277 -0.69 78.45 103.25
C LYS BA 277 -0.21 79.71 103.97
N LYS BA 278 0.27 80.69 103.21
CA LYS BA 278 0.70 81.95 103.80
C LYS BA 278 -0.46 82.66 104.50
N SER BA 279 -1.62 82.72 103.83
CA SER BA 279 -2.78 83.37 104.42
C SER BA 279 -3.29 82.59 105.62
N THR BA 280 -3.12 81.27 105.63
CA THR BA 280 -3.51 80.48 106.79
C THR BA 280 -2.61 80.77 107.97
N ALA BA 281 -1.30 80.89 107.74
CA ALA BA 281 -0.40 81.31 108.80
C ALA BA 281 -0.77 82.70 109.31
N GLU BA 282 -1.06 83.62 108.39
CA GLU BA 282 -1.41 84.98 108.78
C GLU BA 282 -2.73 84.99 109.56
N LEU BA 283 -3.68 84.14 109.19
CA LEU BA 283 -4.95 84.10 109.88
C LEU BA 283 -4.81 83.46 111.26
N LYS BA 284 -3.96 82.46 111.38
CA LYS BA 284 -3.68 81.90 112.70
C LYS BA 284 -3.02 82.94 113.59
N ARG BA 285 -2.08 83.72 113.05
CA ARG BA 285 -1.46 84.79 113.82
C ARG BA 285 -2.49 85.84 114.22
N ALA BA 286 -3.39 86.19 113.30
CA ALA BA 286 -4.42 87.19 113.61
C ALA BA 286 -5.39 86.68 114.66
N THR BA 287 -5.74 85.39 114.61
CA THR BA 287 -6.60 84.81 115.63
C THR BA 287 -5.92 84.78 116.98
N ALA BA 288 -4.62 84.47 117.00
CA ALA BA 288 -3.87 84.52 118.25
C ALA BA 288 -3.82 85.94 118.81
N SER BA 289 -3.62 86.92 117.93
CA SER BA 289 -3.59 88.31 118.37
C SER BA 289 -4.95 88.77 118.89
N LEU BA 290 -6.02 88.33 118.24
CA LEU BA 290 -7.37 88.69 118.70
C LEU BA 290 -7.66 88.04 120.05
N ARG BA 291 -7.26 86.78 120.22
CA ARG BA 291 -7.44 86.12 121.52
C ARG BA 291 -6.61 86.81 122.59
N ALA BA 292 -5.41 87.29 122.24
CA ALA BA 292 -4.58 87.99 123.21
C ALA BA 292 -5.20 89.32 123.59
N ILE BA 293 -5.74 90.06 122.62
CA ILE BA 293 -6.41 91.32 122.92
C ILE BA 293 -7.67 91.07 123.75
N THR BA 294 -8.35 89.95 123.50
CA THR BA 294 -9.51 89.59 124.29
C THR BA 294 -9.12 89.28 125.73
N GLU BA 295 -8.03 88.54 125.92
CA GLU BA 295 -7.55 88.26 127.27
C GLU BA 295 -7.10 89.53 127.97
N GLU BA 296 -6.53 90.48 127.22
CA GLU BA 296 -6.12 91.75 127.81
C GLU BA 296 -7.32 92.56 128.24
N LEU BA 297 -8.35 92.63 127.39
CA LEU BA 297 -9.58 93.31 127.77
C LEU BA 297 -10.27 92.60 128.92
N LYS BA 298 -10.08 91.29 129.03
CA LYS BA 298 -10.67 90.54 130.14
C LYS BA 298 -9.95 90.83 131.45
N LYS BA 299 -8.63 90.90 131.43
CA LYS BA 299 -7.87 91.11 132.66
C LYS BA 299 -8.08 92.52 133.21
N ASN BA 300 -8.24 93.51 132.34
CA ASN BA 300 -8.48 94.88 132.77
C ASN BA 300 -9.31 95.60 131.72
N PRO BA 301 -10.63 95.53 131.80
CA PRO BA 301 -11.46 96.17 130.78
C PRO BA 301 -11.59 97.66 131.01
N SER BA 302 -11.52 98.41 129.91
CA SER BA 302 -11.58 99.86 129.94
C SER BA 302 -11.84 100.35 128.52
N GLU BA 303 -11.73 101.67 128.34
CA GLU BA 303 -11.88 102.24 127.01
C GLU BA 303 -10.82 101.70 126.06
N ASP BA 304 -9.55 101.77 126.47
CA ASP BA 304 -8.47 101.28 125.61
C ASP BA 304 -8.55 99.77 125.45
N ALA BA 305 -8.96 99.05 126.50
CA ALA BA 305 -9.04 97.60 126.42
C ALA BA 305 -10.12 97.15 125.44
N LEU BA 306 -11.33 97.67 125.58
CA LEU BA 306 -12.40 97.35 124.65
C LEU BA 306 -12.05 97.82 123.24
N VAL BA 307 -11.39 98.98 123.14
CA VAL BA 307 -10.97 99.49 121.84
C VAL BA 307 -10.03 98.51 121.16
N GLU BA 308 -9.02 98.05 121.88
CA GLU BA 308 -8.04 97.12 121.30
C GLU BA 308 -8.68 95.77 120.99
N HIS BA 309 -9.58 95.31 121.84
CA HIS BA 309 -10.23 94.02 121.59
C HIS BA 309 -11.10 94.10 120.34
N ASN BA 310 -11.89 95.17 120.19
CA ASN BA 310 -12.72 95.33 119.01
C ASN BA 310 -11.87 95.55 117.77
N ARG BA 311 -10.76 96.28 117.89
CA ARG BA 311 -9.88 96.48 116.76
C ARG BA 311 -9.23 95.17 116.32
N ALA BA 312 -8.85 94.33 117.27
CA ALA BA 312 -8.30 93.02 116.94
C ALA BA 312 -9.35 92.12 116.31
N ILE BA 313 -10.59 92.20 116.79
CA ILE BA 313 -11.66 91.42 116.19
C ILE BA 313 -11.90 91.86 114.75
N VAL BA 314 -11.89 93.17 114.51
CA VAL BA 314 -12.09 93.68 113.15
C VAL BA 314 -10.91 93.32 112.26
N GLU BA 315 -9.69 93.33 112.82
CA GLU BA 315 -8.53 92.94 112.05
C GLU BA 315 -8.56 91.47 111.68
N HIS BA 316 -9.01 90.63 112.62
CA HIS BA 316 -9.18 89.21 112.31
C HIS BA 316 -10.26 89.01 111.26
N ASN BA 317 -11.35 89.76 111.34
CA ASN BA 317 -12.39 89.67 110.33
C ASN BA 317 -11.88 90.10 108.96
N ALA BA 318 -11.07 91.16 108.92
CA ALA BA 318 -10.52 91.63 107.65
C ALA BA 318 -9.52 90.64 107.08
N ILE BA 319 -8.71 90.02 107.95
CA ILE BA 319 -7.77 89.02 107.48
C ILE BA 319 -8.50 87.79 106.96
N ILE BA 320 -9.61 87.42 107.63
CA ILE BA 320 -10.41 86.32 107.15
C ILE BA 320 -11.07 86.66 105.82
N VAL BA 321 -11.49 87.91 105.66
CA VAL BA 321 -12.07 88.35 104.40
C VAL BA 321 -11.02 88.30 103.29
N GLU BA 322 -9.79 88.68 103.60
CA GLU BA 322 -8.73 88.64 102.61
C GLU BA 322 -8.39 87.20 102.23
N ASN BA 323 -8.32 86.31 103.23
CA ASN BA 323 -8.06 84.90 102.93
C ASN BA 323 -9.20 84.30 102.13
N ASN BA 324 -10.44 84.69 102.43
CA ASN BA 324 -11.58 84.21 101.67
C ASN BA 324 -11.56 84.76 100.26
N ARG BA 325 -11.08 85.99 100.07
CA ARG BA 325 -10.96 86.55 98.73
C ARG BA 325 -9.89 85.80 97.94
N ILE BA 326 -8.78 85.44 98.59
CA ILE BA 326 -7.76 84.65 97.93
C ILE BA 326 -8.31 83.29 97.54
N ILE BA 327 -9.07 82.66 98.45
CA ILE BA 327 -9.66 81.37 98.17
C ILE BA 327 -10.66 81.49 97.03
N ALA BA 328 -11.40 82.59 96.99
CA ALA BA 328 -12.38 82.81 95.93
C ALA BA 328 -11.69 83.01 94.59
N MET BA 329 -10.57 83.72 94.58
CA MET BA 329 -9.80 83.88 93.35
C MET BA 329 -9.26 82.53 92.88
N VAL BA 330 -8.77 81.72 93.81
CA VAL BA 330 -8.27 80.39 93.45
C VAL BA 330 -9.40 79.53 92.90
N LEU BA 331 -10.57 79.61 93.52
CA LEU BA 331 -11.71 78.82 93.06
C LEU BA 331 -12.19 79.30 91.70
N GLU BA 332 -12.17 80.60 91.46
CA GLU BA 332 -12.54 81.13 90.16
C GLU BA 332 -11.54 80.69 89.10
N ALA BA 333 -10.26 80.61 89.47
CA ALA BA 333 -9.26 80.08 88.54
C ALA BA 333 -9.53 78.62 88.24
N ILE BA 334 -9.86 77.83 89.26
CA ILE BA 334 -10.17 76.43 89.04
C ILE BA 334 -11.41 76.29 88.16
N VAL BA 335 -12.38 77.18 88.32
CA VAL BA 335 -13.60 77.12 87.53
C VAL BA 335 -13.31 77.48 86.08
N ARG BA 336 -12.55 78.55 85.87
CA ARG BA 336 -12.16 78.91 84.51
C ARG BA 336 -11.31 77.83 83.87
N ALA BA 337 -10.59 77.05 84.68
CA ALA BA 337 -9.83 75.93 84.17
C ALA BA 337 -10.68 74.68 83.98
N ILE BA 338 -11.58 74.39 84.91
CA ILE BA 338 -12.43 73.21 84.80
C ILE BA 338 -13.63 73.56 83.92
N SER CA 2 42.97 -98.44 26.36
CA SER CA 2 44.21 -98.71 27.07
C SER CA 2 44.01 -98.60 28.58
N THR CA 3 42.78 -98.27 28.99
CA THR CA 3 42.49 -98.13 30.42
C THR CA 3 42.47 -99.48 31.12
N LYS CA 4 41.75 -100.45 30.55
CA LYS CA 4 41.66 -101.76 31.18
C LYS CA 4 43.00 -102.49 31.16
N GLU CA 5 43.76 -102.35 30.08
CA GLU CA 5 45.07 -102.99 30.00
C GLU CA 5 46.03 -102.39 31.01
N LYS CA 6 46.09 -101.06 31.09
CA LYS CA 6 46.94 -100.42 32.09
C LYS CA 6 46.50 -100.78 33.50
N ALA CA 7 45.18 -100.93 33.70
CA ALA CA 7 44.68 -101.36 35.01
C ALA CA 7 45.16 -102.76 35.36
N ARG CA 8 45.00 -103.70 34.43
CA ARG CA 8 45.44 -105.06 34.68
C ARG CA 8 46.94 -105.12 34.94
N GLN CA 9 47.72 -104.33 34.19
CA GLN CA 9 49.17 -104.36 34.37
C GLN CA 9 49.58 -103.76 35.71
N LEU CA 10 49.09 -102.55 36.02
CA LEU CA 10 49.44 -101.93 37.30
C LEU CA 10 48.93 -102.74 38.47
N ALA CA 11 47.82 -103.46 38.29
CA ALA CA 11 47.29 -104.27 39.38
C ALA CA 11 48.07 -105.56 39.55
N GLU CA 12 48.55 -106.15 38.45
CA GLU CA 12 49.45 -107.28 38.57
C GLU CA 12 50.74 -106.88 39.27
N GLU CA 13 51.29 -105.71 38.91
CA GLU CA 13 52.46 -105.20 39.61
C GLU CA 13 52.14 -104.92 41.08
N ALA CA 14 50.92 -104.46 41.35
CA ALA CA 14 50.48 -104.24 42.72
C ALA CA 14 50.47 -105.53 43.51
N LYS CA 15 49.91 -106.59 42.94
CA LYS CA 15 49.88 -107.88 43.61
C LYS CA 15 51.28 -108.44 43.81
N GLU CA 16 52.16 -108.24 42.83
CA GLU CA 16 53.53 -108.72 42.96
C GLU CA 16 54.27 -107.99 44.07
N THR CA 17 54.20 -106.66 44.09
CA THR CA 17 54.86 -105.89 45.14
C THR CA 17 54.20 -106.12 46.49
N ALA CA 18 52.94 -106.55 46.49
CA ALA CA 18 52.28 -106.89 47.75
C ALA CA 18 52.79 -108.21 48.30
N GLU CA 19 52.88 -109.23 47.44
CA GLU CA 19 53.45 -110.51 47.85
C GLU CA 19 54.91 -110.34 48.26
N LYS CA 20 55.64 -109.44 47.61
CA LYS CA 20 57.01 -109.15 48.02
C LYS CA 20 57.04 -108.38 49.33
N VAL CA 21 56.05 -107.52 49.56
CA VAL CA 21 55.92 -106.81 50.82
C VAL CA 21 55.47 -107.73 51.93
N GLY CA 22 54.83 -108.85 51.57
CA GLY CA 22 54.30 -109.78 52.54
C GLY CA 22 52.80 -109.68 52.65
N ASP CA 23 52.16 -109.13 51.63
CA ASP CA 23 50.73 -108.89 51.65
C ASP CA 23 50.04 -109.75 50.59
N PRO CA 24 49.41 -110.86 50.96
CA PRO CA 24 48.60 -111.59 49.98
C PRO CA 24 47.21 -110.98 49.88
N GLU CA 25 46.81 -110.27 50.94
CA GLU CA 25 45.54 -109.55 50.91
C GLU CA 25 45.60 -108.38 49.92
N LEU CA 26 46.68 -107.61 49.95
CA LEU CA 26 46.85 -106.57 48.94
C LEU CA 26 47.05 -107.16 47.56
N ILE CA 27 47.62 -108.37 47.49
CA ILE CA 27 47.74 -109.06 46.21
C ILE CA 27 46.37 -109.41 45.65
N LYS CA 28 45.46 -109.89 46.50
CA LYS CA 28 44.11 -110.21 46.05
C LYS CA 28 43.33 -108.95 45.70
N LEU CA 29 43.49 -107.89 46.49
CA LEU CA 29 42.85 -106.61 46.15
C LEU CA 29 43.36 -106.09 44.83
N ALA CA 30 44.64 -106.32 44.53
CA ALA CA 30 45.21 -105.93 43.25
C ALA CA 30 44.63 -106.78 42.12
N GLU CA 31 44.51 -108.09 42.33
CA GLU CA 31 43.86 -108.93 41.34
C GLU CA 31 42.43 -108.46 41.07
N GLN CA 32 41.75 -107.99 42.13
CA GLN CA 32 40.41 -107.45 41.96
C GLN CA 32 40.42 -106.14 41.18
N ALA CA 33 41.43 -105.29 41.44
CA ALA CA 33 41.57 -104.06 40.67
C ALA CA 33 41.82 -104.35 39.20
N SER CA 34 42.56 -105.41 38.91
CA SER CA 34 42.77 -105.83 37.53
C SER CA 34 41.49 -106.34 36.90
N GLN CA 35 40.77 -107.21 37.62
CA GLN CA 35 39.53 -107.77 37.09
C GLN CA 35 38.49 -106.69 36.86
N GLU CA 36 38.46 -105.65 37.70
CA GLU CA 36 37.51 -104.56 37.53
C GLU CA 36 37.95 -103.61 36.43
N GLY CA 37 39.26 -103.50 36.20
CA GLY CA 37 39.79 -102.60 35.20
C GLY CA 37 39.97 -101.16 35.67
N ASP CA 38 40.30 -100.95 36.94
CA ASP CA 38 40.50 -99.61 37.48
C ASP CA 38 42.00 -99.34 37.59
N SER CA 39 42.53 -98.55 36.64
CA SER CA 39 43.94 -98.20 36.67
C SER CA 39 44.26 -97.35 37.90
N GLU CA 40 43.30 -96.55 38.36
CA GLU CA 40 43.50 -95.81 39.59
C GLU CA 40 43.64 -96.75 40.78
N LYS CA 41 42.71 -97.71 40.92
CA LYS CA 41 42.81 -98.67 42.02
C LYS CA 41 44.03 -99.57 41.85
N ALA CA 42 44.41 -99.86 40.60
CA ALA CA 42 45.59 -100.68 40.36
C ALA CA 42 46.85 -99.98 40.82
N LYS CA 43 47.05 -98.73 40.40
CA LYS CA 43 48.21 -97.96 40.85
C LYS CA 43 48.14 -97.70 42.35
N ALA CA 44 46.93 -97.61 42.89
CA ALA CA 44 46.78 -97.45 44.34
C ALA CA 44 47.28 -98.68 45.08
N ILE CA 45 46.87 -99.87 44.64
CA ILE CA 45 47.35 -101.09 45.26
C ILE CA 45 48.85 -101.24 45.04
N LEU CA 46 49.36 -100.72 43.92
CA LEU CA 46 50.79 -100.80 43.66
C LEU CA 46 51.59 -99.91 44.61
N LEU CA 47 51.16 -98.65 44.76
CA LEU CA 47 51.82 -97.75 45.69
C LEU CA 47 51.67 -98.25 47.12
N ALA CA 48 50.54 -98.88 47.46
CA ALA CA 48 50.35 -99.41 48.80
C ALA CA 48 51.24 -100.63 49.02
N ALA CA 49 51.44 -101.45 47.99
CA ALA CA 49 52.33 -102.59 48.10
C ALA CA 49 53.78 -102.14 48.26
N GLU CA 50 54.17 -101.10 47.51
CA GLU CA 50 55.49 -100.52 47.71
C GLU CA 50 55.62 -99.91 49.10
N ALA CA 51 54.54 -99.30 49.60
CA ALA CA 51 54.52 -98.76 50.95
C ALA CA 51 54.74 -99.87 51.97
N ALA CA 52 54.06 -101.00 51.80
CA ALA CA 52 54.20 -102.11 52.73
C ALA CA 52 55.59 -102.72 52.64
N ARG CA 53 56.19 -102.73 51.43
CA ARG CA 53 57.56 -103.21 51.31
C ARG CA 53 58.53 -102.28 52.04
N VAL CA 54 58.39 -100.97 51.84
CA VAL CA 54 59.28 -100.02 52.50
C VAL CA 54 59.03 -100.03 54.01
N ALA CA 55 57.82 -100.39 54.42
CA ALA CA 55 57.53 -100.49 55.85
C ALA CA 55 58.15 -101.74 56.46
N LYS CA 56 58.00 -102.88 55.79
CA LYS CA 56 58.68 -104.10 56.23
C LYS CA 56 60.19 -103.87 56.28
N GLU CA 57 60.70 -103.01 55.38
CA GLU CA 57 62.09 -102.58 55.49
C GLU CA 57 62.31 -101.67 56.68
N VAL CA 58 61.31 -100.86 57.04
CA VAL CA 58 61.43 -99.95 58.17
C VAL CA 58 60.98 -100.62 59.46
N GLY CA 59 59.77 -101.19 59.47
CA GLY CA 59 59.30 -101.94 60.62
C GLY CA 59 58.16 -101.31 61.38
N ALA CA 60 57.21 -100.67 60.69
CA ALA CA 60 56.06 -100.06 61.33
C ALA CA 60 54.79 -100.74 60.88
N PRO CA 61 54.10 -101.51 61.74
CA PRO CA 61 52.85 -102.15 61.32
C PRO CA 61 51.70 -101.17 61.15
N ASP CA 62 51.82 -99.96 61.68
CA ASP CA 62 50.77 -98.96 61.47
C ASP CA 62 50.64 -98.61 59.99
N LEU CA 63 51.72 -98.16 59.36
CA LEU CA 63 51.68 -97.86 57.94
C LEU CA 63 51.46 -99.14 57.13
N ILE CA 64 51.85 -100.29 57.67
CA ILE CA 64 51.62 -101.55 56.97
C ILE CA 64 50.12 -101.82 56.84
N ARG CA 65 49.39 -101.79 57.96
CA ARG CA 65 47.95 -101.97 57.89
C ARG CA 65 47.29 -100.82 57.14
N LEU CA 66 47.89 -99.62 57.20
CA LEU CA 66 47.34 -98.49 56.44
C LEU CA 66 47.39 -98.76 54.95
N ALA CA 67 48.54 -99.23 54.46
CA ALA CA 67 48.65 -99.57 53.05
C ALA CA 67 47.78 -100.78 52.70
N ARG CA 68 47.63 -101.72 53.64
CA ARG CA 68 46.75 -102.85 53.40
C ARG CA 68 45.32 -102.39 53.18
N ILE CA 69 44.84 -101.49 54.02
CA ILE CA 69 43.49 -100.97 53.87
C ILE CA 69 43.37 -100.11 52.63
N ALA CA 70 44.43 -99.34 52.31
CA ALA CA 70 44.39 -98.51 51.12
C ALA CA 70 44.31 -99.35 49.86
N ALA CA 71 44.99 -100.50 49.85
CA ALA CA 71 44.92 -101.40 48.71
C ALA CA 71 43.56 -102.10 48.66
N ARG CA 72 43.05 -102.51 49.83
CA ARG CA 72 41.73 -103.13 49.87
C ARG CA 72 40.65 -102.17 49.38
N VAL CA 73 40.83 -100.87 49.60
CA VAL CA 73 39.86 -99.89 49.14
C VAL CA 73 40.25 -99.35 47.77
N GLY CA 74 41.55 -99.18 47.52
CA GLY CA 74 42.00 -98.60 46.28
C GLY CA 74 42.23 -97.10 46.37
N ALA CA 75 42.83 -96.67 47.47
CA ALA CA 75 43.09 -95.26 47.73
C ALA CA 75 44.49 -94.91 47.24
N SER CA 76 44.56 -94.14 46.15
CA SER CA 76 45.85 -93.79 45.58
C SER CA 76 46.57 -92.75 46.42
N GLU CA 77 45.85 -91.74 46.90
CA GLU CA 77 46.46 -90.74 47.75
C GLU CA 77 46.96 -91.35 49.06
N ALA CA 78 46.14 -92.21 49.67
CA ALA CA 78 46.56 -92.86 50.91
C ALA CA 78 47.72 -93.81 50.67
N ALA CA 79 47.75 -94.47 49.51
CA ALA CA 79 48.86 -95.38 49.21
C ALA CA 79 50.16 -94.60 48.99
N LYS CA 80 50.09 -93.50 48.25
CA LYS CA 80 51.29 -92.67 48.06
C LYS CA 80 51.73 -92.07 49.38
N ALA CA 81 50.78 -91.68 50.23
CA ALA CA 81 51.12 -91.19 51.55
C ALA CA 81 51.79 -92.26 52.39
N ILE CA 82 51.30 -93.49 52.31
CA ILE CA 82 51.91 -94.59 53.06
C ILE CA 82 53.30 -94.89 52.53
N LEU CA 83 53.50 -94.76 51.22
CA LEU CA 83 54.81 -95.02 50.64
C LEU CA 83 55.83 -93.95 51.06
N LEU CA 84 55.46 -92.67 50.90
CA LEU CA 84 56.33 -91.59 51.34
C LEU CA 84 56.54 -91.62 52.85
N ALA CA 85 55.54 -92.12 53.59
CA ALA CA 85 55.68 -92.21 55.04
C ALA CA 85 56.57 -93.37 55.45
N ALA CA 86 56.55 -94.46 54.68
CA ALA CA 86 57.50 -95.54 54.94
C ALA CA 86 58.91 -95.12 54.60
N GLU CA 87 59.06 -94.32 53.53
CA GLU CA 87 60.36 -93.70 53.26
C GLU CA 87 60.78 -92.78 54.41
N ALA CA 88 59.83 -92.00 54.93
CA ALA CA 88 60.10 -91.15 56.08
C ALA CA 88 60.48 -91.97 57.30
N ALA CA 89 59.86 -93.14 57.46
CA ALA CA 89 60.14 -94.00 58.60
C ALA CA 89 61.53 -94.61 58.48
N ARG CA 90 61.92 -95.01 57.28
CA ARG CA 90 63.28 -95.46 57.06
C ARG CA 90 64.28 -94.34 57.33
N VAL CA 91 63.99 -93.14 56.83
CA VAL CA 91 64.89 -92.01 57.04
C VAL CA 91 64.97 -91.64 58.52
N ALA CA 92 63.87 -91.85 59.26
CA ALA CA 92 63.86 -91.54 60.68
C ALA CA 92 64.60 -92.60 61.48
N LYS CA 93 64.40 -93.87 61.14
CA LYS CA 93 65.19 -94.93 61.75
C LYS CA 93 66.67 -94.71 61.49
N GLU CA 94 67.01 -94.13 60.34
CA GLU CA 94 68.38 -93.69 60.11
C GLU CA 94 68.72 -92.47 60.95
N VAL CA 95 67.72 -91.63 61.24
CA VAL CA 95 67.98 -90.42 62.02
C VAL CA 95 67.75 -90.68 63.51
N GLY CA 96 66.52 -91.05 63.88
CA GLY CA 96 66.23 -91.37 65.26
C GLY CA 96 65.31 -90.38 65.96
N ASP CA 97 64.33 -89.84 65.23
CA ASP CA 97 63.39 -88.86 65.77
C ASP CA 97 62.02 -89.51 65.93
N PRO CA 98 61.50 -89.66 67.16
CA PRO CA 98 60.18 -90.28 67.31
C PRO CA 98 59.03 -89.36 66.93
N GLU CA 99 59.16 -88.05 67.13
CA GLU CA 99 58.13 -87.13 66.66
C GLU CA 99 58.02 -87.17 65.14
N LEU CA 100 59.15 -87.37 64.46
CA LEU CA 100 59.11 -87.55 63.01
C LEU CA 100 58.36 -88.82 62.64
N GLU CA 101 58.56 -89.90 63.40
CA GLU CA 101 57.83 -91.14 63.12
C GLU CA 101 56.34 -90.94 63.36
N ARG CA 102 55.98 -90.19 64.41
CA ARG CA 102 54.58 -89.90 64.67
C ARG CA 102 53.97 -89.08 63.54
N LEU CA 103 54.70 -88.06 63.08
CA LEU CA 103 54.20 -87.24 61.98
C LEU CA 103 54.06 -88.05 60.69
N ALA CA 104 55.00 -88.98 60.45
CA ALA CA 104 54.93 -89.80 59.26
C ALA CA 104 53.74 -90.76 59.33
N LEU CA 105 53.54 -91.40 60.47
CA LEU CA 105 52.37 -92.27 60.63
C LEU CA 105 51.08 -91.48 60.51
N LEU CA 106 51.08 -90.23 61.00
CA LEU CA 106 49.89 -89.40 60.90
C LEU CA 106 49.62 -88.99 59.46
N ALA CA 107 50.68 -88.73 58.69
CA ALA CA 107 50.51 -88.43 57.27
C ALA CA 107 50.02 -89.65 56.50
N ALA CA 108 50.48 -90.84 56.89
CA ALA CA 108 50.01 -92.07 56.27
C ALA CA 108 48.54 -92.32 56.59
N VAL CA 109 48.14 -92.05 57.83
CA VAL CA 109 46.76 -92.28 58.24
C VAL CA 109 45.82 -91.25 57.61
N LEU CA 110 46.20 -89.97 57.65
CA LEU CA 110 45.40 -88.94 57.00
C LEU CA 110 45.46 -89.07 55.49
N GLY CA 111 46.39 -89.87 54.98
CA GLY CA 111 46.54 -90.05 53.55
C GLY CA 111 47.08 -88.84 52.85
N ASP CA 112 47.63 -87.88 53.58
CA ASP CA 112 48.16 -86.64 53.01
C ASP CA 112 49.53 -86.92 52.44
N SER CA 113 49.58 -87.20 51.12
CA SER CA 113 50.86 -87.44 50.47
C SER CA 113 51.76 -86.21 50.53
N GLU CA 114 51.16 -85.01 50.59
CA GLU CA 114 51.95 -83.82 50.84
C GLU CA 114 52.58 -83.85 52.22
N LYS CA 115 51.80 -84.20 53.25
CA LYS CA 115 52.36 -84.34 54.59
C LYS CA 115 53.31 -85.51 54.67
N ALA CA 116 53.10 -86.54 53.84
CA ALA CA 116 54.01 -87.68 53.84
C ALA CA 116 55.37 -87.32 53.25
N LYS CA 117 55.37 -86.59 52.12
CA LYS CA 117 56.63 -86.07 51.59
C LYS CA 117 57.25 -85.07 52.55
N ALA CA 118 56.42 -84.32 53.27
CA ALA CA 118 56.93 -83.44 54.32
C ALA CA 118 57.65 -84.23 55.39
N ILE CA 119 57.08 -85.35 55.82
CA ILE CA 119 57.70 -86.18 56.84
C ILE CA 119 58.99 -86.81 56.30
N LEU CA 120 58.99 -87.20 55.04
CA LEU CA 120 60.21 -87.74 54.43
C LEU CA 120 61.32 -86.70 54.41
N LEU CA 121 61.01 -85.50 53.90
CA LEU CA 121 62.00 -84.44 53.86
C LEU CA 121 62.41 -83.98 55.25
N ALA CA 122 61.50 -84.08 56.22
CA ALA CA 122 61.83 -83.68 57.59
C ALA CA 122 62.71 -84.72 58.27
N ALA CA 123 62.49 -86.00 58.00
CA ALA CA 123 63.39 -87.03 58.51
C ALA CA 123 64.77 -86.89 57.87
N GLU CA 124 64.80 -86.60 56.56
CA GLU CA 124 66.08 -86.33 55.90
C GLU CA 124 66.74 -85.09 56.50
N ALA CA 125 65.95 -84.06 56.81
CA ALA CA 125 66.49 -82.84 57.40
C ALA CA 125 67.05 -83.11 58.79
N ALA CA 126 66.35 -83.92 59.59
CA ALA CA 126 66.84 -84.27 60.91
C ALA CA 126 68.11 -85.10 60.83
N ARG CA 127 68.18 -86.02 59.87
CA ARG CA 127 69.40 -86.79 59.68
C ARG CA 127 70.55 -85.89 59.26
N VAL CA 128 70.31 -84.98 58.33
CA VAL CA 128 71.37 -84.09 57.85
C VAL CA 128 71.79 -83.12 58.94
N ALA CA 129 70.86 -82.74 59.81
CA ALA CA 129 71.20 -81.85 60.92
C ALA CA 129 72.01 -82.59 61.98
N LYS CA 130 71.62 -83.82 62.31
CA LYS CA 130 72.39 -84.62 63.25
C LYS CA 130 73.80 -84.90 62.70
N GLU CA 131 73.91 -85.09 61.39
CA GLU CA 131 75.22 -85.29 60.78
C GLU CA 131 76.03 -84.00 60.77
N VAL CA 132 75.38 -82.86 60.55
CA VAL CA 132 76.06 -81.57 60.53
C VAL CA 132 76.19 -80.99 61.93
N GLY CA 133 75.17 -81.17 62.75
CA GLY CA 133 75.18 -80.61 64.09
C GLY CA 133 74.40 -79.31 64.16
N ASP CA 134 73.46 -79.14 63.24
CA ASP CA 134 72.69 -77.90 63.13
C ASP CA 134 71.41 -78.03 63.93
N PRO CA 135 71.34 -77.49 65.16
CA PRO CA 135 70.10 -77.61 65.93
C PRO CA 135 68.95 -76.80 65.36
N GLU CA 136 69.23 -75.67 64.72
CA GLU CA 136 68.17 -74.92 64.06
C GLU CA 136 67.55 -75.73 62.93
N LEU CA 137 68.38 -76.48 62.19
CA LEU CA 137 67.87 -77.33 61.11
C LEU CA 137 66.99 -78.44 61.66
N ILE CA 138 67.40 -79.07 62.76
CA ILE CA 138 66.60 -80.14 63.36
C ILE CA 138 65.30 -79.57 63.91
N LYS CA 139 65.35 -78.36 64.48
CA LYS CA 139 64.14 -77.73 64.99
C LYS CA 139 63.18 -77.41 63.86
N LEU CA 140 63.69 -76.88 62.75
CA LEU CA 140 62.85 -76.61 61.59
C LEU CA 140 62.28 -77.90 61.01
N ALA CA 141 63.06 -78.97 61.03
CA ALA CA 141 62.58 -80.26 60.55
C ALA CA 141 61.44 -80.78 61.42
N LEU CA 142 61.59 -80.70 62.74
CA LEU CA 142 60.53 -81.14 63.64
C LEU CA 142 59.29 -80.27 63.48
N GLU CA 143 59.48 -78.95 63.30
CA GLU CA 143 58.35 -78.06 63.10
C GLU CA 143 57.61 -78.37 61.82
N ALA CA 144 58.34 -78.69 60.75
CA ALA CA 144 57.71 -79.05 59.49
C ALA CA 144 57.00 -80.39 59.60
N ALA CA 145 57.59 -81.34 60.32
CA ALA CA 145 56.94 -82.64 60.52
C ALA CA 145 55.63 -82.50 61.29
N GLU CA 146 55.64 -81.70 62.36
CA GLU CA 146 54.41 -81.43 63.09
C GLU CA 146 53.42 -80.65 62.24
N ARG CA 147 53.91 -79.76 61.37
CA ARG CA 147 53.04 -78.97 60.52
C ARG CA 147 52.67 -79.72 59.24
N GLY CA 148 53.57 -80.55 58.73
CA GLY CA 148 53.31 -81.26 57.50
C GLY CA 148 53.64 -80.45 56.27
N ASP CA 149 54.60 -79.54 56.39
CA ASP CA 149 54.99 -78.63 55.32
C ASP CA 149 56.19 -79.22 54.58
N SER CA 150 55.95 -79.70 53.35
CA SER CA 150 57.04 -80.28 52.57
C SER CA 150 58.05 -79.22 52.17
N GLU CA 151 57.60 -78.00 51.90
CA GLU CA 151 58.53 -76.92 51.58
C GLU CA 151 59.43 -76.61 52.77
N LYS CA 152 58.85 -76.52 53.97
CA LYS CA 152 59.65 -76.23 55.15
C LYS CA 152 60.60 -77.37 55.49
N ALA CA 153 60.16 -78.61 55.29
CA ALA CA 153 61.03 -79.75 55.57
C ALA CA 153 62.18 -79.83 54.57
N LYS CA 154 61.89 -79.58 53.29
CA LYS CA 154 62.95 -79.54 52.29
C LYS CA 154 63.89 -78.37 52.56
N ALA CA 155 63.36 -77.25 53.05
CA ALA CA 155 64.21 -76.12 53.42
C ALA CA 155 65.11 -76.47 54.59
N ILE CA 156 64.57 -77.19 55.58
CA ILE CA 156 65.39 -77.62 56.71
C ILE CA 156 66.47 -78.58 56.24
N LEU CA 157 66.14 -79.46 55.30
CA LEU CA 157 67.13 -80.39 54.78
C LEU CA 157 68.23 -79.67 54.02
N LEU CA 158 67.84 -78.75 53.14
CA LEU CA 158 68.82 -77.98 52.37
C LEU CA 158 69.64 -77.08 53.29
N ALA CA 159 69.06 -76.59 54.38
CA ALA CA 159 69.80 -75.75 55.31
C ALA CA 159 70.78 -76.58 56.13
N ALA CA 160 70.39 -77.80 56.52
CA ALA CA 160 71.32 -78.69 57.19
C ALA CA 160 72.47 -79.08 56.26
N GLU CA 161 72.17 -79.31 54.98
CA GLU CA 161 73.21 -79.61 54.01
C GLU CA 161 74.13 -78.40 53.80
N ALA CA 162 73.55 -77.21 53.74
CA ALA CA 162 74.35 -75.99 53.59
C ALA CA 162 75.23 -75.78 54.81
N ALA CA 163 74.70 -76.05 56.00
CA ALA CA 163 75.50 -75.93 57.23
C ALA CA 163 76.61 -76.96 57.26
N ARG CA 164 76.34 -78.18 56.75
CA ARG CA 164 77.38 -79.19 56.65
C ARG CA 164 78.48 -78.75 55.69
N VAL CA 165 78.09 -78.22 54.53
CA VAL CA 165 79.07 -77.76 53.55
C VAL CA 165 79.85 -76.58 54.09
N ALA CA 166 79.20 -75.74 54.90
CA ALA CA 166 79.88 -74.60 55.49
C ALA CA 166 80.88 -75.03 56.56
N LYS CA 167 80.47 -75.97 57.43
CA LYS CA 167 81.38 -76.47 58.46
C LYS CA 167 82.56 -77.21 57.83
N GLU CA 168 82.31 -77.94 56.75
CA GLU CA 168 83.41 -78.60 56.05
C GLU CA 168 84.29 -77.58 55.33
N VAL CA 169 83.71 -76.48 54.88
CA VAL CA 169 84.47 -75.40 54.25
C VAL CA 169 85.03 -74.45 55.30
N GLY CA 170 84.27 -74.18 56.35
CA GLY CA 170 84.67 -73.24 57.37
C GLY CA 170 84.07 -71.88 57.11
N ASP CA 171 82.96 -71.85 56.37
CA ASP CA 171 82.33 -70.61 55.97
C ASP CA 171 81.23 -70.26 56.96
N PRO CA 172 81.51 -69.47 58.00
CA PRO CA 172 80.45 -69.10 58.93
C PRO CA 172 79.38 -68.22 58.32
N GLU CA 173 79.72 -67.46 57.26
CA GLU CA 173 78.68 -66.74 56.54
C GLU CA 173 77.71 -67.72 55.87
N LEU CA 174 78.23 -68.81 55.30
CA LEU CA 174 77.36 -69.81 54.70
C LEU CA 174 76.53 -70.52 55.75
N ILE CA 175 77.11 -70.80 56.92
CA ILE CA 175 76.35 -71.44 58.00
C ILE CA 175 75.26 -70.50 58.49
N LYS CA 176 75.56 -69.20 58.57
CA LYS CA 176 74.56 -68.23 58.99
C LYS CA 176 73.44 -68.11 57.97
N LEU CA 177 73.79 -68.13 56.68
CA LEU CA 177 72.77 -68.09 55.64
C LEU CA 177 71.91 -69.35 55.69
N ALA CA 178 72.51 -70.50 55.98
CA ALA CA 178 71.75 -71.73 56.12
C ALA CA 178 70.79 -71.66 57.29
N LEU CA 179 71.26 -71.14 58.43
CA LEU CA 179 70.38 -71.00 59.59
C LEU CA 179 69.26 -70.01 59.30
N GLU CA 180 69.56 -68.92 58.58
CA GLU CA 180 68.55 -67.94 58.25
C GLU CA 180 67.52 -68.52 57.29
N ALA CA 181 67.96 -69.36 56.35
CA ALA CA 181 67.02 -70.01 55.44
C ALA CA 181 66.18 -71.04 56.16
N ALA CA 182 66.77 -71.76 57.14
CA ALA CA 182 66.00 -72.70 57.94
C ALA CA 182 64.94 -71.98 58.76
N ARG CA 183 65.30 -70.86 59.37
CA ARG CA 183 64.32 -70.06 60.10
C ARG CA 183 63.27 -69.48 59.16
N ARG CA 184 63.66 -69.13 57.93
CA ARG CA 184 62.73 -68.59 56.96
C ARG CA 184 61.97 -69.71 56.23
N GLY CA 185 62.56 -70.90 56.18
CA GLY CA 185 61.93 -71.99 55.47
C GLY CA 185 62.09 -71.85 53.97
N ASP CA 186 63.11 -71.10 53.55
CA ASP CA 186 63.40 -70.87 52.14
C ASP CA 186 64.38 -71.93 51.66
N SER CA 187 63.86 -72.97 51.00
CA SER CA 187 64.73 -74.00 50.46
C SER CA 187 65.62 -73.43 49.36
N GLU CA 188 65.15 -72.40 48.66
CA GLU CA 188 65.99 -71.75 47.66
C GLU CA 188 67.19 -71.07 48.29
N LYS CA 189 66.96 -70.32 49.38
CA LYS CA 189 68.06 -69.67 50.07
C LYS CA 189 69.00 -70.70 50.69
N ALA CA 190 68.47 -71.81 51.20
CA ALA CA 190 69.31 -72.84 51.80
C ALA CA 190 70.16 -73.53 50.73
N LYS CA 191 69.58 -73.78 49.55
CA LYS CA 191 70.36 -74.37 48.47
C LYS CA 191 71.41 -73.39 47.95
N ALA CA 192 71.07 -72.10 47.92
CA ALA CA 192 72.07 -71.09 47.56
C ALA CA 192 73.19 -71.06 48.58
N ILE CA 193 72.87 -71.22 49.86
CA ILE CA 193 73.90 -71.27 50.89
C ILE CA 193 74.76 -72.51 50.74
N LEU CA 194 74.15 -73.63 50.35
CA LEU CA 194 74.92 -74.85 50.12
C LEU CA 194 75.87 -74.69 48.94
N LEU CA 195 75.37 -74.15 47.83
CA LEU CA 195 76.22 -73.91 46.67
C LEU CA 195 77.31 -72.90 46.98
N ALA CA 196 77.00 -71.89 47.79
CA ALA CA 196 78.00 -70.90 48.17
C ALA CA 196 79.06 -71.50 49.08
N ALA CA 197 78.65 -72.39 50.00
CA ALA CA 197 79.62 -73.07 50.84
C ALA CA 197 80.52 -73.99 50.01
N GLU CA 198 79.94 -74.65 49.01
CA GLU CA 198 80.76 -75.48 48.12
C GLU CA 198 81.73 -74.63 47.32
N ALA CA 199 81.27 -73.49 46.79
CA ALA CA 199 82.15 -72.60 46.05
C ALA CA 199 83.25 -72.04 46.94
N ALA CA 200 82.93 -71.72 48.20
CA ALA CA 200 83.93 -71.23 49.13
C ALA CA 200 84.92 -72.33 49.50
N ARG CA 201 84.44 -73.57 49.61
CA ARG CA 201 85.35 -74.70 49.84
C ARG CA 201 86.31 -74.87 48.68
N VAL CA 202 85.80 -74.76 47.45
CA VAL CA 202 86.66 -74.87 46.27
C VAL CA 202 87.65 -73.72 46.22
N ALA CA 203 87.20 -72.52 46.61
CA ALA CA 203 88.09 -71.36 46.61
C ALA CA 203 89.18 -71.50 47.64
N LYS CA 204 88.85 -72.02 48.83
CA LYS CA 204 89.86 -72.26 49.85
C LYS CA 204 90.82 -73.37 49.45
N GLU CA 205 90.32 -74.43 48.83
CA GLU CA 205 91.20 -75.52 48.40
C GLU CA 205 92.10 -75.08 47.25
N VAL CA 206 91.63 -74.19 46.40
CA VAL CA 206 92.45 -73.65 45.31
C VAL CA 206 93.26 -72.45 45.76
N GLY CA 207 92.60 -71.49 46.41
CA GLY CA 207 93.26 -70.28 46.83
C GLY CA 207 92.72 -69.06 46.12
N ASP CA 208 91.45 -69.13 45.71
CA ASP CA 208 90.81 -68.05 44.97
C ASP CA 208 90.01 -67.20 45.95
N PRO CA 209 90.65 -66.22 46.60
CA PRO CA 209 89.91 -65.39 47.57
C PRO CA 209 88.79 -64.59 46.96
N GLU CA 210 88.90 -64.20 45.69
CA GLU CA 210 87.78 -63.55 45.03
C GLU CA 210 86.61 -64.51 44.86
N LEU CA 211 86.91 -65.79 44.61
CA LEU CA 211 85.85 -66.78 44.51
C LEU CA 211 85.16 -67.00 45.86
N ILE CA 212 85.95 -67.10 46.94
CA ILE CA 212 85.36 -67.23 48.26
C ILE CA 212 84.55 -65.99 48.62
N LYS CA 213 85.02 -64.82 48.18
CA LYS CA 213 84.29 -63.58 48.43
C LYS CA 213 82.96 -63.56 47.70
N LEU CA 214 82.96 -63.98 46.42
CA LEU CA 214 81.71 -64.05 45.68
C LEU CA 214 80.78 -65.10 46.28
N ALA CA 215 81.35 -66.19 46.80
CA ALA CA 215 80.53 -67.20 47.46
C ALA CA 215 79.87 -66.65 48.72
N LEU CA 216 80.63 -65.92 49.53
CA LEU CA 216 80.05 -65.30 50.73
C LEU CA 216 79.01 -64.26 50.35
N GLU CA 217 79.25 -63.51 49.27
CA GLU CA 217 78.29 -62.52 48.82
C GLU CA 217 77.00 -63.18 48.35
N ALA CA 218 77.12 -64.30 47.64
CA ALA CA 218 75.92 -65.03 47.21
C ALA CA 218 75.19 -65.65 48.39
N ALA CA 219 75.94 -66.14 49.38
CA ALA CA 219 75.31 -66.68 50.59
C ALA CA 219 74.54 -65.60 51.33
N ARG CA 220 75.13 -64.40 51.44
CA ARG CA 220 74.41 -63.28 52.03
C ARG CA 220 73.22 -62.87 51.18
N ARG CA 221 73.32 -63.03 49.86
CA ARG CA 221 72.22 -62.66 48.97
C ARG CA 221 71.23 -63.81 48.82
N GLY CA 222 71.72 -65.03 48.63
CA GLY CA 222 70.85 -66.18 48.45
C GLY CA 222 70.55 -66.48 47.00
N ASP CA 223 71.53 -66.24 46.12
CA ASP CA 223 71.39 -66.45 44.69
C ASP CA 223 72.01 -67.80 44.34
N SER CA 224 71.15 -68.81 44.18
CA SER CA 224 71.64 -70.15 43.84
C SER CA 224 72.26 -70.17 42.45
N ARG CA 225 71.76 -69.33 41.53
CA ARG CA 225 72.35 -69.26 40.20
C ARG CA 225 73.76 -68.68 40.26
N LYS CA 226 73.92 -67.54 40.94
CA LYS CA 226 75.25 -66.93 41.07
C LYS CA 226 76.17 -67.83 41.86
N ALA CA 227 75.66 -68.51 42.89
CA ALA CA 227 76.49 -69.40 43.68
C ALA CA 227 76.94 -70.61 42.86
N GLU CA 228 76.05 -71.16 42.04
CA GLU CA 228 76.42 -72.27 41.18
C GLU CA 228 77.41 -71.83 40.12
N ALA CA 229 77.25 -70.61 39.59
CA ALA CA 229 78.23 -70.09 38.64
C ALA CA 229 79.59 -69.90 39.30
N ILE CA 230 79.60 -69.43 40.55
CA ILE CA 230 80.86 -69.27 41.26
C ILE CA 230 81.49 -70.63 41.54
N LEU CA 231 80.68 -71.64 41.83
CA LEU CA 231 81.21 -72.98 42.04
C LEU CA 231 81.78 -73.56 40.75
N LEU CA 232 81.09 -73.33 39.63
CA LEU CA 232 81.60 -73.79 38.34
C LEU CA 232 82.90 -73.09 38.00
N ALA CA 233 82.97 -71.78 38.24
CA ALA CA 233 84.21 -71.05 37.98
C ALA CA 233 85.32 -71.50 38.92
N ALA CA 234 84.97 -71.86 40.15
CA ALA CA 234 85.98 -72.35 41.09
C ALA CA 234 86.51 -73.70 40.66
N GLU CA 235 85.64 -74.60 40.21
CA GLU CA 235 86.10 -75.87 39.67
C GLU CA 235 86.94 -75.67 38.42
N ALA CA 236 86.55 -74.72 37.58
CA ALA CA 236 87.33 -74.41 36.39
C ALA CA 236 88.71 -73.87 36.74
N ALA CA 237 88.78 -73.00 37.75
CA ALA CA 237 90.08 -72.46 38.18
C ALA CA 237 90.91 -73.54 38.87
N ARG CA 238 90.25 -74.48 39.54
CA ARG CA 238 90.98 -75.60 40.13
C ARG CA 238 91.58 -76.49 39.05
N ILE CA 239 90.81 -76.78 38.00
CA ILE CA 239 91.34 -77.53 36.87
C ILE CA 239 92.46 -76.75 36.20
N ALA CA 240 92.33 -75.41 36.17
CA ALA CA 240 93.37 -74.58 35.57
C ALA CA 240 94.66 -74.64 36.37
N LYS CA 241 94.56 -74.55 37.69
CA LYS CA 241 95.75 -74.67 38.54
C LYS CA 241 96.35 -76.07 38.43
N GLU CA 242 95.50 -77.09 38.30
CA GLU CA 242 96.00 -78.43 38.07
C GLU CA 242 96.71 -78.54 36.73
N ALA CA 243 96.29 -77.73 35.75
CA ALA CA 243 96.94 -77.69 34.45
C ALA CA 243 98.01 -76.60 34.38
N GLY CA 244 97.73 -75.41 34.89
CA GLY CA 244 98.68 -74.32 34.84
C GLY CA 244 98.22 -73.17 33.97
N ASP CA 245 96.92 -72.93 33.90
CA ASP CA 245 96.35 -71.86 33.09
C ASP CA 245 95.87 -70.75 34.01
N PRO CA 246 96.72 -69.82 34.43
CA PRO CA 246 96.28 -68.76 35.33
C PRO CA 246 95.32 -67.80 34.62
N GLU CA 247 95.48 -67.67 33.30
CA GLU CA 247 94.52 -66.90 32.52
C GLU CA 247 93.13 -67.52 32.61
N ALA CA 248 93.06 -68.85 32.62
CA ALA CA 248 91.77 -69.52 32.80
C ALA CA 248 91.19 -69.25 34.17
N ARG CA 249 92.04 -69.26 35.21
CA ARG CA 249 91.57 -68.95 36.55
C ARG CA 249 91.07 -67.51 36.64
N LYS CA 250 91.75 -66.59 35.95
CA LYS CA 250 91.32 -65.20 35.96
C LYS CA 250 90.01 -65.02 35.21
N LYS CA 251 89.85 -65.72 34.07
CA LYS CA 251 88.60 -65.66 33.35
C LYS CA 251 87.47 -66.27 34.17
N ALA CA 252 87.78 -67.32 34.94
CA ALA CA 252 86.78 -67.90 35.83
C ALA CA 252 86.40 -66.92 36.93
N LEU CA 253 87.38 -66.19 37.46
CA LEU CA 253 87.07 -65.15 38.44
C LEU CA 253 86.18 -64.08 37.83
N GLU CA 254 86.48 -63.67 36.60
CA GLU CA 254 85.67 -62.65 35.93
C GLU CA 254 84.25 -63.15 35.70
N ALA CA 255 84.09 -64.40 35.29
CA ALA CA 255 82.77 -64.96 35.05
C ALA CA 255 81.99 -65.13 36.35
N ALA CA 256 82.65 -65.56 37.42
CA ALA CA 256 81.98 -65.69 38.71
C ALA CA 256 81.57 -64.32 39.24
N ARG CA 257 82.40 -63.30 39.02
CA ARG CA 257 81.99 -61.94 39.34
C ARG CA 257 80.81 -61.51 38.47
N ARG CA 258 80.75 -62.03 37.23
CA ARG CA 258 79.61 -61.76 36.37
C ARG CA 258 78.38 -62.57 36.79
N GLY CA 259 78.60 -63.75 37.38
CA GLY CA 259 77.50 -64.56 37.88
C GLY CA 259 76.94 -65.57 36.91
N ASP CA 260 77.50 -65.66 35.70
CA ASP CA 260 77.04 -66.66 34.74
C ASP CA 260 77.89 -67.92 34.83
N ARG CA 261 77.27 -69.05 34.55
CA ARG CA 261 77.96 -70.33 34.56
C ARG CA 261 78.27 -70.88 33.18
N GLU CA 262 77.71 -70.29 32.12
CA GLU CA 262 78.01 -70.77 30.78
C GLU CA 262 79.47 -70.52 30.42
N LEU CA 263 79.96 -69.31 30.67
CA LEU CA 263 81.37 -69.02 30.41
C LEU CA 263 82.28 -69.84 31.33
N ALA CA 264 81.87 -70.05 32.58
CA ALA CA 264 82.65 -70.88 33.48
C ALA CA 264 82.75 -72.30 32.97
N THR CA 265 81.64 -72.84 32.46
CA THR CA 265 81.65 -74.18 31.91
C THR CA 265 82.49 -74.26 30.65
N ARG CA 266 82.42 -73.22 29.80
CA ARG CA 266 83.24 -73.21 28.59
C ARG CA 266 84.73 -73.17 28.93
N ILE CA 267 85.09 -72.38 29.94
CA ILE CA 267 86.49 -72.30 30.35
C ILE CA 267 86.93 -73.62 30.97
N LEU CA 268 86.06 -74.24 31.77
CA LEU CA 268 86.38 -75.55 32.32
C LEU CA 268 86.55 -76.58 31.22
N ILE CA 269 85.76 -76.45 30.15
CA ILE CA 269 85.88 -77.36 29.02
C ILE CA 269 87.19 -77.15 28.28
N GLU CA 270 87.59 -75.90 28.10
CA GLU CA 270 88.87 -75.63 27.44
C GLU CA 270 90.04 -76.15 28.28
N ALA CA 271 89.97 -75.93 29.60
CA ALA CA 271 91.01 -76.44 30.48
C ALA CA 271 91.04 -77.96 30.48
N LEU CA 272 89.87 -78.60 30.44
CA LEU CA 272 89.81 -80.05 30.38
C LEU CA 272 90.34 -80.56 29.06
N LEU CA 273 90.14 -79.80 27.98
CA LEU CA 273 90.68 -80.20 26.69
C LEU CA 273 92.19 -80.11 26.68
N ARG CA 274 92.75 -79.04 27.27
CA ARG CA 274 94.20 -78.95 27.38
C ARG CA 274 94.76 -80.08 28.24
N LEU CA 275 94.13 -80.32 29.39
CA LEU CA 275 94.57 -81.39 30.27
C LEU CA 275 94.41 -82.75 29.61
N LEU CA 276 93.42 -82.87 28.72
CA LEU CA 276 93.21 -84.14 28.02
C LEU CA 276 94.27 -84.36 26.96
N LYS CA 277 94.67 -83.30 26.27
CA LYS CA 277 95.79 -83.41 25.35
C LYS CA 277 97.06 -83.79 26.09
N LYS CA 278 97.27 -83.17 27.25
CA LYS CA 278 98.45 -83.50 28.06
C LYS CA 278 98.40 -84.96 28.51
N SER CA 279 97.24 -85.41 28.99
CA SER CA 279 97.10 -86.79 29.44
C SER CA 279 97.22 -87.76 28.26
N THR CA 280 96.83 -87.35 27.07
CA THR CA 280 96.99 -88.19 25.90
C THR CA 280 98.46 -88.33 25.54
N ALA CA 281 99.21 -87.23 25.60
CA ALA CA 281 100.65 -87.33 25.40
C ALA CA 281 101.29 -88.23 26.46
N GLU CA 282 100.87 -88.07 27.72
CA GLU CA 282 101.42 -88.89 28.79
C GLU CA 282 101.07 -90.36 28.60
N LEU CA 283 99.86 -90.65 28.12
CA LEU CA 283 99.44 -92.02 27.91
C LEU CA 283 100.17 -92.64 26.72
N LYS CA 284 100.41 -91.86 25.67
CA LYS CA 284 101.22 -92.36 24.57
C LYS CA 284 102.64 -92.66 25.03
N ARG CA 285 103.20 -91.79 25.85
CA ARG CA 285 104.53 -92.05 26.40
C ARG CA 285 104.54 -93.30 27.28
N ALA CA 286 103.48 -93.48 28.09
CA ALA CA 286 103.40 -94.65 28.95
C ALA CA 286 103.24 -95.93 28.14
N THR CA 287 102.47 -95.86 27.05
CA THR CA 287 102.32 -97.03 26.19
C THR CA 287 103.63 -97.36 25.49
N ALA CA 288 104.37 -96.34 25.05
CA ALA CA 288 105.68 -96.58 24.47
C ALA CA 288 106.62 -97.21 25.49
N SER CA 289 106.59 -96.72 26.73
CA SER CA 289 107.45 -97.29 27.77
C SER CA 289 107.06 -98.73 28.09
N LEU CA 290 105.76 -99.02 28.11
CA LEU CA 290 105.31 -100.38 28.36
C LEU CA 290 105.71 -101.31 27.22
N ARG CA 291 105.60 -100.85 25.97
CA ARG CA 291 106.04 -101.65 24.85
C ARG CA 291 107.55 -101.86 24.89
N ALA CA 292 108.30 -100.86 25.33
CA ALA CA 292 109.75 -101.01 25.46
C ALA CA 292 110.11 -102.01 26.53
N ILE CA 293 109.42 -101.96 27.68
CA ILE CA 293 109.68 -102.93 28.74
C ILE CA 293 109.28 -104.32 28.29
N THR CA 294 108.22 -104.42 27.48
CA THR CA 294 107.82 -105.71 26.93
C THR CA 294 108.88 -106.26 25.98
N GLU CA 295 109.43 -105.40 25.12
CA GLU CA 295 110.49 -105.83 24.22
C GLU CA 295 111.74 -106.22 25.00
N GLU CA 296 112.01 -105.53 26.10
CA GLU CA 296 113.16 -105.88 26.93
C GLU CA 296 112.97 -107.23 27.60
N LEU CA 297 111.77 -107.47 28.14
CA LEU CA 297 111.47 -108.78 28.73
C LEU CA 297 111.47 -109.86 27.66
N LYS CA 298 111.14 -109.50 26.42
CA LYS CA 298 111.17 -110.46 25.33
C LYS CA 298 112.59 -110.83 24.93
N LYS CA 299 113.49 -109.84 24.85
CA LYS CA 299 114.85 -110.10 24.42
C LYS CA 299 115.62 -110.92 25.45
N ASN CA 300 115.35 -110.70 26.73
CA ASN CA 300 116.02 -111.45 27.79
C ASN CA 300 115.09 -111.58 28.98
N PRO CA 301 114.23 -112.59 29.03
CA PRO CA 301 113.29 -112.71 30.15
C PRO CA 301 113.95 -113.28 31.39
N SER CA 302 113.59 -112.70 32.52
CA SER CA 302 114.15 -113.08 33.81
C SER CA 302 113.26 -112.50 34.91
N GLU CA 303 113.74 -112.59 36.15
CA GLU CA 303 113.02 -111.99 37.26
C GLU CA 303 112.90 -110.48 37.09
N ASP CA 304 114.02 -109.81 36.83
CA ASP CA 304 113.99 -108.36 36.65
C ASP CA 304 113.23 -107.98 35.38
N ALA CA 305 113.34 -108.80 34.33
CA ALA CA 305 112.67 -108.47 33.07
C ALA CA 305 111.16 -108.56 33.23
N LEU CA 306 110.66 -109.68 33.76
CA LEU CA 306 109.23 -109.80 34.00
C LEU CA 306 108.74 -108.76 35.01
N VAL CA 307 109.58 -108.47 36.01
CA VAL CA 307 109.22 -107.45 36.99
C VAL CA 307 109.02 -106.10 36.32
N GLU CA 308 109.97 -105.69 35.48
CA GLU CA 308 109.87 -104.40 34.81
C GLU CA 308 108.72 -104.37 33.81
N HIS CA 309 108.48 -105.48 33.11
CA HIS CA 309 107.38 -105.53 32.16
C HIS CA 309 106.03 -105.40 32.86
N ASN CA 310 105.86 -106.13 33.97
CA ASN CA 310 104.61 -106.04 34.72
C ASN CA 310 104.46 -104.67 35.37
N ARG CA 311 105.57 -104.08 35.85
CA ARG CA 311 105.50 -102.76 36.44
C ARG CA 311 105.13 -101.72 35.39
N ALA CA 312 105.66 -101.84 34.18
CA ALA CA 312 105.29 -100.93 33.11
C ALA CA 312 103.84 -101.12 32.70
N ILE CA 313 103.36 -102.36 32.68
CA ILE CA 313 101.96 -102.61 32.37
C ILE CA 313 101.05 -101.97 33.43
N VAL CA 314 101.42 -102.11 34.70
CA VAL CA 314 100.63 -101.51 35.76
C VAL CA 314 100.70 -99.99 35.71
N GLU CA 315 101.86 -99.45 35.34
CA GLU CA 315 101.99 -98.00 35.22
C GLU CA 315 101.14 -97.47 34.07
N HIS CA 316 101.11 -98.20 32.95
CA HIS CA 316 100.24 -97.82 31.84
C HIS CA 316 98.78 -97.91 32.25
N ASN CA 317 98.41 -98.95 33.01
CA ASN CA 317 97.03 -99.07 33.47
C ASN CA 317 96.67 -97.92 34.41
N ALA CA 318 97.60 -97.52 35.29
CA ALA CA 318 97.34 -96.42 36.21
C ALA CA 318 97.25 -95.09 35.46
N ILE CA 319 98.09 -94.90 34.44
CA ILE CA 319 98.02 -93.68 33.65
C ILE CA 319 96.71 -93.64 32.87
N ILE CA 320 96.26 -94.79 32.36
CA ILE CA 320 94.98 -94.85 31.68
C ILE CA 320 93.85 -94.57 32.64
N VAL CA 321 93.96 -95.06 33.88
CA VAL CA 321 92.94 -94.79 34.89
C VAL CA 321 92.90 -93.31 35.22
N GLU CA 322 94.08 -92.67 35.29
CA GLU CA 322 94.11 -91.24 35.57
C GLU CA 322 93.52 -90.44 34.42
N ASN CA 323 93.85 -90.81 33.18
CA ASN CA 323 93.28 -90.12 32.03
C ASN CA 323 91.77 -90.33 31.97
N ASN CA 324 91.31 -91.53 32.32
CA ASN CA 324 89.88 -91.79 32.35
C ASN CA 324 89.21 -91.00 33.47
N ARG CA 325 89.90 -90.82 34.58
CA ARG CA 325 89.35 -89.99 35.66
C ARG CA 325 89.24 -88.54 35.23
N ILE CA 326 90.25 -88.05 34.50
CA ILE CA 326 90.19 -86.69 33.98
C ILE CA 326 89.04 -86.55 32.99
N ILE CA 327 88.87 -87.55 32.12
CA ILE CA 327 87.79 -87.52 31.16
C ILE CA 327 86.44 -87.59 31.87
N ALA CA 328 86.36 -88.35 32.95
CA ALA CA 328 85.13 -88.45 33.72
C ALA CA 328 84.81 -87.15 34.41
N MET CA 329 85.83 -86.46 34.93
CA MET CA 329 85.61 -85.15 35.53
C MET CA 329 85.13 -84.15 34.49
N VAL CA 330 85.72 -84.19 33.29
CA VAL CA 330 85.30 -83.30 32.22
C VAL CA 330 83.87 -83.60 31.81
N LEU CA 331 83.52 -84.89 31.73
CA LEU CA 331 82.16 -85.27 31.36
C LEU CA 331 81.16 -84.87 32.44
N GLU CA 332 81.54 -84.99 33.71
CA GLU CA 332 80.67 -84.56 34.79
C GLU CA 332 80.48 -83.06 34.75
N ALA CA 333 81.53 -82.32 34.38
CA ALA CA 333 81.39 -80.88 34.21
C ALA CA 333 80.43 -80.56 33.08
N ILE CA 334 80.56 -81.27 31.96
CA ILE CA 334 79.66 -81.05 30.84
C ILE CA 334 78.22 -81.39 31.24
N VAL CA 335 78.04 -82.42 32.07
CA VAL CA 335 76.70 -82.82 32.50
C VAL CA 335 76.12 -81.76 33.42
N ARG CA 336 76.91 -81.29 34.39
CA ARG CA 336 76.44 -80.23 35.27
C ARG CA 336 76.16 -78.96 34.49
N ALA CA 337 76.85 -78.76 33.36
CA ALA CA 337 76.57 -77.62 32.50
C ALA CA 337 75.40 -77.87 31.57
N ILE CA 338 75.29 -79.05 30.99
CA ILE CA 338 74.18 -79.36 30.10
C ILE CA 338 72.97 -79.77 30.91
N SER DA 2 8.25 37.89 -103.69
CA SER DA 2 9.42 38.43 -104.37
C SER DA 2 10.31 37.30 -104.89
N THR DA 3 9.88 36.06 -104.68
CA THR DA 3 10.67 34.91 -105.12
C THR DA 3 10.60 34.75 -106.64
N LYS DA 4 9.39 34.80 -107.20
CA LYS DA 4 9.24 34.63 -108.64
C LYS DA 4 9.84 35.80 -109.40
N GLU DA 5 9.70 37.02 -108.88
CA GLU DA 5 10.28 38.18 -109.54
C GLU DA 5 11.80 38.13 -109.53
N LYS DA 6 12.39 37.82 -108.37
CA LYS DA 6 13.84 37.68 -108.30
C LYS DA 6 14.32 36.54 -109.20
N ALA DA 7 13.53 35.48 -109.30
CA ALA DA 7 13.88 34.38 -110.19
C ALA DA 7 13.89 34.83 -111.64
N ARG DA 8 12.82 35.50 -112.08
CA ARG DA 8 12.77 35.98 -113.45
C ARG DA 8 13.91 36.95 -113.75
N GLN DA 9 14.23 37.83 -112.79
CA GLN DA 9 15.31 38.80 -113.02
C GLN DA 9 16.67 38.12 -113.09
N LEU DA 10 17.01 37.29 -112.10
CA LEU DA 10 18.29 36.60 -112.12
C LEU DA 10 18.42 35.67 -113.31
N ALA DA 11 17.30 35.12 -113.78
CA ALA DA 11 17.34 34.22 -114.92
C ALA DA 11 17.48 34.99 -116.23
N GLU DA 12 16.87 36.17 -116.33
CA GLU DA 12 17.11 37.03 -117.47
C GLU DA 12 18.58 37.45 -117.53
N GLU DA 13 19.14 37.82 -116.37
CA GLU DA 13 20.56 38.13 -116.32
C GLU DA 13 21.40 36.91 -116.68
N ALA DA 14 20.95 35.73 -116.27
CA ALA DA 14 21.62 34.49 -116.61
C ALA DA 14 21.65 34.28 -118.13
N LYS DA 15 20.51 34.46 -118.78
CA LYS DA 15 20.43 34.30 -120.22
C LYS DA 15 21.28 35.35 -120.94
N GLU DA 16 21.31 36.58 -120.41
CA GLU DA 16 22.12 37.62 -121.03
C GLU DA 16 23.60 37.31 -120.92
N THR DA 17 24.07 36.94 -119.72
CA THR DA 17 25.47 36.60 -119.54
C THR DA 17 25.83 35.32 -120.27
N ALA DA 18 24.83 34.47 -120.55
CA ALA DA 18 25.08 33.26 -121.33
C ALA DA 18 25.27 33.60 -122.80
N GLU DA 19 24.39 34.44 -123.35
CA GLU DA 19 24.56 34.90 -124.72
C GLU DA 19 25.85 35.68 -124.89
N LYS DA 20 26.25 36.44 -123.86
CA LYS DA 20 27.54 37.12 -123.90
C LYS DA 20 28.69 36.14 -123.78
N VAL DA 21 28.51 35.07 -123.02
CA VAL DA 21 29.50 34.01 -122.90
C VAL DA 21 29.58 33.19 -124.17
N GLY DA 22 28.50 33.20 -124.95
CA GLY DA 22 28.43 32.41 -126.17
C GLY DA 22 27.54 31.19 -126.00
N ASP DA 23 26.67 31.24 -125.00
CA ASP DA 23 25.82 30.10 -124.67
C ASP DA 23 24.36 30.45 -124.92
N PRO DA 24 23.76 30.00 -126.01
CA PRO DA 24 22.32 30.18 -126.17
C PRO DA 24 21.56 29.08 -125.45
N GLU DA 25 22.24 27.95 -125.23
CA GLU DA 25 21.66 26.86 -124.46
C GLU DA 25 21.49 27.27 -123.00
N LEU DA 26 22.51 27.88 -122.41
CA LEU DA 26 22.37 28.40 -121.06
C LEU DA 26 21.38 29.55 -121.02
N ILE DA 27 21.26 30.29 -122.13
CA ILE DA 27 20.26 31.35 -122.21
C ILE DA 27 18.85 30.76 -122.15
N LYS DA 28 18.62 29.65 -122.86
CA LYS DA 28 17.31 29.01 -122.84
C LYS DA 28 17.05 28.36 -121.48
N LEU DA 29 18.06 27.74 -120.89
CA LEU DA 29 17.90 27.19 -119.54
C LEU DA 29 17.58 28.29 -118.54
N ALA DA 30 18.15 29.48 -118.75
CA ALA DA 30 17.84 30.61 -117.89
C ALA DA 30 16.40 31.09 -118.11
N GLU DA 31 15.97 31.16 -119.37
CA GLU DA 31 14.58 31.49 -119.64
C GLU DA 31 13.64 30.49 -118.98
N GLN DA 32 14.05 29.23 -118.94
CA GLN DA 32 13.25 28.21 -118.27
C GLN DA 32 13.26 28.41 -116.75
N ALA DA 33 14.40 28.80 -116.19
CA ALA DA 33 14.47 29.10 -114.76
C ALA DA 33 13.57 30.29 -114.42
N SER DA 34 13.47 31.26 -115.32
CA SER DA 34 12.56 32.39 -115.12
C SER DA 34 11.12 31.94 -115.20
N GLN DA 35 10.77 31.15 -116.22
CA GLN DA 35 9.40 30.68 -116.39
C GLN DA 35 8.96 29.80 -115.21
N GLU DA 36 9.89 29.03 -114.65
CA GLU DA 36 9.56 28.19 -113.51
C GLU DA 36 9.49 28.99 -112.21
N GLY DA 37 10.25 30.08 -112.14
CA GLY DA 37 10.30 30.89 -110.95
C GLY DA 37 11.26 30.42 -109.89
N ASP DA 38 12.38 29.81 -110.26
CA ASP DA 38 13.37 29.32 -109.31
C ASP DA 38 14.53 30.32 -109.26
N SER DA 39 14.56 31.11 -108.18
CA SER DA 39 15.65 32.07 -108.00
C SER DA 39 16.98 31.34 -107.81
N GLU DA 40 16.95 30.15 -107.19
CA GLU DA 40 18.16 29.36 -107.07
C GLU DA 40 18.66 28.93 -108.44
N LYS DA 41 17.78 28.37 -109.27
CA LYS DA 41 18.19 27.97 -110.63
C LYS DA 41 18.54 29.19 -111.46
N ALA DA 42 17.88 30.32 -111.22
CA ALA DA 42 18.19 31.53 -111.96
C ALA DA 42 19.61 32.02 -111.65
N LYS DA 43 19.93 32.15 -110.36
CA LYS DA 43 21.27 32.56 -109.98
C LYS DA 43 22.30 31.50 -110.37
N ALA DA 44 21.89 30.24 -110.42
CA ALA DA 44 22.77 29.18 -110.88
C ALA DA 44 23.13 29.37 -112.35
N ILE DA 45 22.12 29.61 -113.19
CA ILE DA 45 22.39 29.85 -114.60
C ILE DA 45 23.17 31.14 -114.78
N LEU DA 46 22.99 32.10 -113.88
CA LEU DA 46 23.74 33.36 -113.95
C LEU DA 46 25.21 33.14 -113.65
N LEU DA 47 25.51 32.45 -112.54
CA LEU DA 47 26.88 32.15 -112.20
C LEU DA 47 27.52 31.25 -113.24
N ALA DA 48 26.75 30.33 -113.84
CA ALA DA 48 27.30 29.48 -114.89
C ALA DA 48 27.57 30.28 -116.16
N ALA DA 49 26.72 31.26 -116.46
CA ALA DA 49 26.96 32.11 -117.62
C ALA DA 49 28.19 32.98 -117.41
N GLU DA 50 28.36 33.52 -116.21
CA GLU DA 50 29.58 34.24 -115.88
C GLU DA 50 30.80 33.32 -115.94
N ALA DA 51 30.62 32.07 -115.51
CA ALA DA 51 31.70 31.08 -115.62
C ALA DA 51 32.09 30.85 -117.06
N ALA DA 52 31.09 30.70 -117.94
CA ALA DA 52 31.37 30.48 -119.35
C ALA DA 52 32.01 31.71 -119.97
N ARG DA 53 31.62 32.90 -119.53
CA ARG DA 53 32.27 34.11 -120.02
C ARG DA 53 33.74 34.17 -119.60
N VAL DA 54 34.00 33.90 -118.32
CA VAL DA 54 35.38 33.92 -117.83
C VAL DA 54 36.19 32.80 -118.46
N ALA DA 55 35.52 31.71 -118.86
CA ALA DA 55 36.21 30.62 -119.53
C ALA DA 55 36.55 30.99 -120.97
N LYS DA 56 35.58 31.55 -121.71
CA LYS DA 56 35.86 32.06 -123.04
C LYS DA 56 36.98 33.10 -122.99
N GLU DA 57 37.06 33.85 -121.89
CA GLU DA 57 38.20 34.71 -121.68
C GLU DA 57 39.47 33.92 -121.38
N VAL DA 58 39.35 32.77 -120.72
CA VAL DA 58 40.50 31.94 -120.39
C VAL DA 58 40.78 30.94 -121.52
N GLY DA 59 39.78 30.17 -121.92
CA GLY DA 59 39.92 29.26 -123.04
C GLY DA 59 39.89 27.79 -122.71
N ALA DA 60 39.07 27.39 -121.75
CA ALA DA 60 38.95 25.99 -121.37
C ALA DA 60 37.55 25.47 -121.67
N PRO DA 61 37.38 24.59 -122.67
CA PRO DA 61 36.03 24.08 -122.95
C PRO DA 61 35.52 23.12 -121.90
N ASP DA 62 36.40 22.59 -121.05
CA ASP DA 62 35.95 21.71 -119.97
C ASP DA 62 35.04 22.46 -119.01
N LEU DA 63 35.52 23.57 -118.42
CA LEU DA 63 34.68 24.36 -117.54
C LEU DA 63 33.53 25.00 -118.32
N ILE DA 64 33.71 25.21 -119.62
CA ILE DA 64 32.62 25.76 -120.44
C ILE DA 64 31.45 24.79 -120.48
N ARG DA 65 31.70 23.54 -120.86
CA ARG DA 65 30.63 22.55 -120.87
C ARG DA 65 30.15 22.26 -119.45
N LEU DA 66 31.02 22.40 -118.46
CA LEU DA 66 30.60 22.22 -117.08
C LEU DA 66 29.56 23.26 -116.67
N ALA DA 67 29.83 24.53 -116.98
CA ALA DA 67 28.85 25.58 -116.70
C ALA DA 67 27.61 25.42 -117.56
N ARG DA 68 27.77 24.93 -118.79
CA ARG DA 68 26.61 24.69 -119.63
C ARG DA 68 25.68 23.65 -118.99
N ILE DA 69 26.24 22.56 -118.50
CA ILE DA 69 25.44 21.53 -117.85
C ILE DA 69 24.89 22.04 -116.53
N ALA DA 70 25.67 22.84 -115.79
CA ALA DA 70 25.20 23.38 -114.53
C ALA DA 70 24.00 24.31 -114.74
N ALA DA 71 24.02 25.08 -115.83
CA ALA DA 71 22.89 25.94 -116.14
C ALA DA 71 21.70 25.12 -116.63
N ARG DA 72 21.96 24.10 -117.45
CA ARG DA 72 20.88 23.23 -117.91
C ARG DA 72 20.21 22.52 -116.74
N VAL DA 73 20.97 22.23 -115.69
CA VAL DA 73 20.39 21.58 -114.51
C VAL DA 73 19.96 22.60 -113.48
N GLY DA 74 20.72 23.68 -113.33
CA GLY DA 74 20.43 24.68 -112.32
C GLY DA 74 21.21 24.45 -111.03
N ALA DA 75 22.48 24.10 -111.17
CA ALA DA 75 23.36 23.81 -110.04
C ALA DA 75 24.10 25.08 -109.64
N SER DA 76 23.73 25.65 -108.49
CA SER DA 76 24.34 26.89 -108.04
C SER DA 76 25.76 26.66 -107.53
N GLU DA 77 25.97 25.59 -106.77
CA GLU DA 77 27.31 25.28 -106.29
C GLU DA 77 28.24 24.97 -107.44
N ALA DA 78 27.79 24.17 -108.41
CA ALA DA 78 28.62 23.85 -109.57
C ALA DA 78 28.87 25.08 -110.42
N ALA DA 79 27.90 25.98 -110.51
CA ALA DA 79 28.09 27.20 -111.30
C ALA DA 79 29.09 28.12 -110.63
N LYS DA 80 28.99 28.29 -109.31
CA LYS DA 80 29.98 29.11 -108.60
C LYS DA 80 31.36 28.47 -108.66
N ALA DA 81 31.41 27.14 -108.59
CA ALA DA 81 32.68 26.46 -108.75
C ALA DA 81 33.27 26.68 -110.13
N ILE DA 82 32.43 26.63 -111.17
CA ILE DA 82 32.91 26.86 -112.52
C ILE DA 82 33.37 28.31 -112.70
N LEU DA 83 32.71 29.25 -112.03
CA LEU DA 83 33.10 30.65 -112.13
C LEU DA 83 34.44 30.89 -111.44
N LEU DA 84 34.58 30.43 -110.19
CA LEU DA 84 35.85 30.56 -109.49
C LEU DA 84 36.94 29.77 -110.19
N ALA DA 85 36.59 28.67 -110.86
CA ALA DA 85 37.58 27.88 -111.58
C ALA DA 85 37.99 28.55 -112.88
N ALA DA 86 37.08 29.28 -113.52
CA ALA DA 86 37.45 30.05 -114.69
C ALA DA 86 38.34 31.23 -114.29
N GLU DA 87 38.05 31.83 -113.13
CA GLU DA 87 38.96 32.82 -112.57
C GLU DA 87 40.33 32.21 -112.28
N ALA DA 88 40.33 31.00 -111.72
CA ALA DA 88 41.58 30.28 -111.47
C ALA DA 88 42.31 29.99 -112.78
N ALA DA 89 41.56 29.68 -113.84
CA ALA DA 89 42.17 29.37 -115.11
C ALA DA 89 42.78 30.61 -115.75
N ARG DA 90 42.11 31.75 -115.62
CA ARG DA 90 42.70 33.01 -116.06
C ARG DA 90 43.96 33.32 -115.26
N VAL DA 91 43.90 33.15 -113.94
CA VAL DA 91 45.06 33.43 -113.09
C VAL DA 91 46.20 32.48 -113.40
N ALA DA 92 45.86 31.24 -113.81
CA ALA DA 92 46.90 30.26 -114.13
C ALA DA 92 47.51 30.56 -115.50
N LYS DA 93 46.68 30.91 -116.48
CA LYS DA 93 47.21 31.35 -117.77
C LYS DA 93 48.10 32.56 -117.60
N GLU DA 94 47.79 33.41 -116.61
CA GLU DA 94 48.71 34.48 -116.24
C GLU DA 94 49.95 33.93 -115.53
N VAL DA 95 49.80 32.81 -114.80
CA VAL DA 95 50.92 32.23 -114.08
C VAL DA 95 51.63 31.18 -114.93
N GLY DA 96 50.92 30.12 -115.32
CA GLY DA 96 51.50 29.11 -116.17
C GLY DA 96 51.71 27.76 -115.50
N ASP DA 97 50.80 27.37 -114.61
CA ASP DA 97 50.89 26.11 -113.89
C ASP DA 97 49.84 25.13 -114.41
N PRO DA 98 50.24 24.02 -115.02
CA PRO DA 98 49.23 23.07 -115.52
C PRO DA 98 48.57 22.25 -114.44
N GLU DA 99 49.27 21.93 -113.35
CA GLU DA 99 48.64 21.25 -112.23
C GLU DA 99 47.57 22.13 -111.61
N LEU DA 100 47.80 23.45 -111.59
CA LEU DA 100 46.77 24.36 -111.13
C LEU DA 100 45.56 24.33 -112.04
N GLU DA 101 45.77 24.25 -113.36
CA GLU DA 101 44.64 24.14 -114.29
C GLU DA 101 43.88 22.84 -114.08
N ARG DA 102 44.61 21.75 -113.82
CA ARG DA 102 43.95 20.48 -113.55
C ARG DA 102 43.13 20.56 -112.27
N LEU DA 103 43.69 21.17 -111.22
CA LEU DA 103 42.96 21.29 -109.96
C LEU DA 103 41.74 22.19 -110.13
N ALA DA 104 41.85 23.24 -110.94
CA ALA DA 104 40.72 24.12 -111.17
C ALA DA 104 39.62 23.42 -111.94
N LEU DA 105 39.98 22.69 -112.99
CA LEU DA 105 38.98 21.92 -113.74
C LEU DA 105 38.35 20.85 -112.85
N LEU DA 106 39.13 20.27 -111.95
CA LEU DA 106 38.60 19.26 -111.04
C LEU DA 106 37.64 19.87 -110.03
N ALA DA 107 37.94 21.08 -109.57
CA ALA DA 107 37.03 21.78 -108.67
C ALA DA 107 35.74 22.17 -109.40
N ALA DA 108 35.86 22.54 -110.68
CA ALA DA 108 34.66 22.86 -111.46
C ALA DA 108 33.82 21.63 -111.70
N VAL DA 109 34.46 20.48 -111.96
CA VAL DA 109 33.71 19.25 -112.21
C VAL DA 109 33.08 18.73 -110.94
N LEU DA 110 33.83 18.69 -109.83
CA LEU DA 110 33.28 18.27 -108.56
C LEU DA 110 32.28 19.29 -108.03
N GLY DA 111 32.27 20.48 -108.62
CA GLY DA 111 31.37 21.53 -108.17
C GLY DA 111 31.73 22.11 -106.83
N ASP DA 112 32.93 21.85 -106.34
CA ASP DA 112 33.37 22.31 -105.03
C ASP DA 112 33.81 23.76 -105.15
N SER DA 113 32.89 24.68 -104.84
CA SER DA 113 33.21 26.10 -104.89
C SER DA 113 34.32 26.45 -103.90
N GLU DA 114 34.41 25.70 -102.80
CA GLU DA 114 35.55 25.86 -101.89
C GLU DA 114 36.85 25.47 -102.59
N LYS DA 115 36.86 24.32 -103.26
CA LYS DA 115 38.05 23.93 -104.01
C LYS DA 115 38.29 24.85 -105.19
N ALA DA 116 37.23 25.44 -105.73
CA ALA DA 116 37.40 26.38 -106.84
C ALA DA 116 38.06 27.67 -106.38
N LYS DA 117 37.60 28.21 -105.25
CA LYS DA 117 38.28 29.37 -104.67
C LYS DA 117 39.69 29.01 -104.24
N ALA DA 118 39.90 27.76 -103.80
CA ALA DA 118 41.23 27.29 -103.51
C ALA DA 118 42.12 27.33 -104.74
N ILE DA 119 41.59 26.88 -105.89
CA ILE DA 119 42.36 26.90 -107.13
C ILE DA 119 42.62 28.33 -107.57
N LEU DA 120 41.66 29.22 -107.38
CA LEU DA 120 41.88 30.62 -107.72
C LEU DA 120 42.98 31.23 -106.86
N LEU DA 121 42.90 31.05 -105.54
CA LEU DA 121 43.93 31.57 -104.66
C LEU DA 121 45.27 30.89 -104.88
N ALA DA 122 45.26 29.63 -105.31
CA ALA DA 122 46.51 28.92 -105.57
C ALA DA 122 47.16 29.39 -106.87
N ALA DA 123 46.35 29.67 -107.89
CA ALA DA 123 46.89 30.27 -109.11
C ALA DA 123 47.43 31.66 -108.84
N GLU DA 124 46.72 32.44 -108.02
CA GLU DA 124 47.24 33.74 -107.61
C GLU DA 124 48.53 33.59 -106.82
N ALA DA 125 48.60 32.56 -105.95
CA ALA DA 125 49.79 32.31 -105.17
C ALA DA 125 50.96 31.92 -106.05
N ALA DA 126 50.71 31.08 -107.05
CA ALA DA 126 51.76 30.69 -107.98
C ALA DA 126 52.24 31.87 -108.81
N ARG DA 127 51.32 32.74 -109.23
CA ARG DA 127 51.71 33.94 -109.95
C ARG DA 127 52.55 34.87 -109.06
N VAL DA 128 52.13 35.06 -107.82
CA VAL DA 128 52.85 35.95 -106.91
C VAL DA 128 54.20 35.35 -106.55
N ALA DA 129 54.30 34.02 -106.49
CA ALA DA 129 55.57 33.38 -106.21
C ALA DA 129 56.52 33.48 -107.40
N LYS DA 130 56.00 33.26 -108.61
CA LYS DA 130 56.83 33.44 -109.81
C LYS DA 130 57.29 34.88 -109.95
N GLU DA 131 56.44 35.83 -109.56
CA GLU DA 131 56.85 37.24 -109.60
C GLU DA 131 57.87 37.56 -108.51
N VAL DA 132 57.71 36.95 -107.33
CA VAL DA 132 58.64 37.18 -106.22
C VAL DA 132 59.85 36.27 -106.32
N GLY DA 133 59.64 35.03 -106.74
CA GLY DA 133 60.73 34.06 -106.82
C GLY DA 133 60.74 33.15 -105.61
N ASP DA 134 59.58 32.99 -104.97
CA ASP DA 134 59.48 32.21 -103.75
C ASP DA 134 59.09 30.78 -104.09
N PRO DA 135 60.04 29.84 -104.13
CA PRO DA 135 59.68 28.45 -104.45
C PRO DA 135 58.86 27.77 -103.38
N GLU DA 136 59.05 28.13 -102.10
CA GLU DA 136 58.20 27.59 -101.05
C GLU DA 136 56.76 28.03 -101.24
N LEU DA 137 56.55 29.27 -101.68
CA LEU DA 137 55.19 29.76 -101.92
C LEU DA 137 54.54 29.02 -103.08
N ILE DA 138 55.29 28.78 -104.16
CA ILE DA 138 54.75 28.04 -105.30
C ILE DA 138 54.46 26.60 -104.91
N LYS DA 139 55.32 26.00 -104.08
CA LYS DA 139 55.08 24.64 -103.62
C LYS DA 139 53.83 24.56 -102.76
N LEU DA 140 53.64 25.53 -101.85
CA LEU DA 140 52.44 25.57 -101.03
C LEU DA 140 51.21 25.79 -101.89
N ALA DA 141 51.33 26.62 -102.93
CA ALA DA 141 50.21 26.85 -103.83
C ALA DA 141 49.83 25.57 -104.58
N LEU DA 142 50.81 24.84 -105.08
CA LEU DA 142 50.53 23.57 -105.76
C LEU DA 142 49.93 22.55 -104.80
N GLU DA 143 50.43 22.52 -103.56
CA GLU DA 143 49.90 21.60 -102.57
C GLU DA 143 48.46 21.93 -102.24
N ALA DA 144 48.13 23.22 -102.13
CA ALA DA 144 46.76 23.62 -101.86
C ALA DA 144 45.85 23.33 -103.05
N ALA DA 145 46.35 23.52 -104.27
CA ALA DA 145 45.56 23.21 -105.45
C ALA DA 145 45.26 21.72 -105.53
N GLU DA 146 46.25 20.88 -105.28
CA GLU DA 146 46.01 19.45 -105.24
C GLU DA 146 45.10 19.07 -104.08
N ARG DA 147 45.19 19.78 -102.96
CA ARG DA 147 44.36 19.47 -101.80
C ARG DA 147 43.01 20.17 -101.89
N GLY DA 148 42.97 21.36 -102.50
CA GLY DA 148 41.73 22.11 -102.59
C GLY DA 148 41.45 22.93 -101.35
N ASP DA 149 42.51 23.37 -100.68
CA ASP DA 149 42.41 24.14 -99.44
C ASP DA 149 42.51 25.62 -99.76
N SER DA 150 41.38 26.32 -99.64
CA SER DA 150 41.37 27.76 -99.92
C SER DA 150 42.18 28.53 -98.90
N GLU DA 151 42.17 28.08 -97.63
CA GLU DA 151 42.98 28.73 -96.61
C GLU DA 151 44.47 28.58 -96.92
N LYS DA 152 44.89 27.37 -97.32
CA LYS DA 152 46.30 27.15 -97.63
C LYS DA 152 46.71 27.90 -98.88
N ALA DA 153 45.82 27.98 -99.88
CA ALA DA 153 46.16 28.71 -101.09
C ALA DA 153 46.24 30.21 -100.84
N LYS DA 154 45.31 30.74 -100.04
CA LYS DA 154 45.38 32.15 -99.67
C LYS DA 154 46.62 32.43 -98.82
N ALA DA 155 47.01 31.46 -97.98
CA ALA DA 155 48.23 31.62 -97.20
C ALA DA 155 49.46 31.63 -98.10
N ILE DA 156 49.47 30.76 -99.12
CA ILE DA 156 50.59 30.76 -100.06
C ILE DA 156 50.64 32.07 -100.83
N LEU DA 157 49.48 32.61 -101.19
CA LEU DA 157 49.44 33.89 -101.89
C LEU DA 157 49.95 35.03 -101.01
N LEU DA 158 49.47 35.08 -99.76
CA LEU DA 158 49.92 36.11 -98.84
C LEU DA 158 51.39 35.95 -98.50
N ALA DA 159 51.89 34.72 -98.47
CA ALA DA 159 53.30 34.50 -98.19
C ALA DA 159 54.16 34.90 -99.38
N ALA DA 160 53.71 34.64 -100.60
CA ALA DA 160 54.42 35.11 -101.77
C ALA DA 160 54.44 36.63 -101.83
N GLU DA 161 53.32 37.26 -101.45
CA GLU DA 161 53.28 38.72 -101.40
C GLU DA 161 54.19 39.26 -100.31
N ALA DA 162 54.22 38.60 -99.16
CA ALA DA 162 55.12 39.01 -98.08
C ALA DA 162 56.58 38.85 -98.48
N ALA DA 163 56.89 37.77 -99.20
CA ALA DA 163 58.25 37.57 -99.68
C ALA DA 163 58.61 38.62 -100.73
N ARG DA 164 57.65 38.99 -101.58
CA ARG DA 164 57.91 40.07 -102.54
C ARG DA 164 58.17 41.39 -101.83
N VAL DA 165 57.35 41.71 -100.83
CA VAL DA 165 57.55 42.95 -100.07
C VAL DA 165 58.87 42.92 -99.31
N ALA DA 166 59.27 41.74 -98.85
CA ALA DA 166 60.54 41.62 -98.14
C ALA DA 166 61.72 41.79 -99.08
N LYS DA 167 61.66 41.15 -100.25
CA LYS DA 167 62.74 41.29 -101.23
C LYS DA 167 62.85 42.72 -101.73
N GLU DA 168 61.70 43.39 -101.91
CA GLU DA 168 61.72 44.80 -102.29
C GLU DA 168 62.23 45.67 -101.15
N VAL DA 169 61.97 45.27 -99.91
CA VAL DA 169 62.47 45.98 -98.74
C VAL DA 169 63.88 45.54 -98.40
N GLY DA 170 64.15 44.25 -98.54
CA GLY DA 170 65.44 43.69 -98.17
C GLY DA 170 65.38 43.09 -96.78
N ASP DA 171 64.18 42.74 -96.33
CA ASP DA 171 63.97 42.24 -94.98
C ASP DA 171 64.01 40.72 -95.00
N PRO DA 172 65.17 40.09 -94.77
CA PRO DA 172 65.22 38.63 -94.74
C PRO DA 172 64.44 38.03 -93.58
N GLU DA 173 64.26 38.76 -92.48
CA GLU DA 173 63.37 38.29 -91.42
C GLU DA 173 61.93 38.21 -91.92
N LEU DA 174 61.50 39.20 -92.71
CA LEU DA 174 60.16 39.16 -93.27
C LEU DA 174 60.02 38.03 -94.28
N ILE DA 175 61.06 37.80 -95.10
CA ILE DA 175 61.00 36.70 -96.06
C ILE DA 175 60.96 35.36 -95.32
N LYS DA 176 61.71 35.24 -94.23
CA LYS DA 176 61.68 34.02 -93.44
C LYS DA 176 60.32 33.81 -92.80
N LEU DA 177 59.71 34.88 -92.29
CA LEU DA 177 58.37 34.76 -91.71
C LEU DA 177 57.35 34.37 -92.78
N ALA DA 178 57.52 34.91 -94.00
CA ALA DA 178 56.63 34.52 -95.09
C ALA DA 178 56.79 33.06 -95.45
N LEU DA 179 58.03 32.57 -95.52
CA LEU DA 179 58.25 31.16 -95.81
C LEU DA 179 57.70 30.28 -94.70
N GLU DA 180 57.84 30.72 -93.44
CA GLU DA 180 57.32 29.95 -92.32
C GLU DA 180 55.79 29.92 -92.33
N ALA DA 181 55.16 31.03 -92.73
CA ALA DA 181 53.71 31.06 -92.84
C ALA DA 181 53.23 30.20 -94.00
N ALA DA 182 53.98 30.19 -95.11
CA ALA DA 182 53.64 29.33 -96.23
C ALA DA 182 53.73 27.86 -95.85
N ARG DA 183 54.80 27.48 -95.12
CA ARG DA 183 54.92 26.12 -94.64
C ARG DA 183 53.83 25.80 -93.62
N ARG DA 184 53.44 26.78 -92.81
CA ARG DA 184 52.38 26.58 -91.82
C ARG DA 184 51.00 26.72 -92.44
N GLY DA 185 50.90 27.47 -93.54
CA GLY DA 185 49.61 27.70 -94.16
C GLY DA 185 48.80 28.73 -93.41
N ASP DA 186 49.49 29.58 -92.65
CA ASP DA 186 48.84 30.62 -91.86
C ASP DA 186 48.79 31.90 -92.69
N SER DA 187 47.63 32.15 -93.31
CA SER DA 187 47.45 33.38 -94.07
C SER DA 187 47.56 34.61 -93.17
N GLU DA 188 47.18 34.47 -91.90
CA GLU DA 188 47.33 35.58 -90.96
C GLU DA 188 48.80 35.91 -90.73
N LYS DA 189 49.63 34.89 -90.51
CA LYS DA 189 51.05 35.12 -90.32
C LYS DA 189 51.69 35.66 -91.58
N ALA DA 190 51.25 35.19 -92.75
CA ALA DA 190 51.81 35.69 -94.01
C ALA DA 190 51.42 37.14 -94.26
N LYS DA 191 50.18 37.51 -93.93
CA LYS DA 191 49.76 38.90 -94.06
C LYS DA 191 50.50 39.79 -93.05
N ALA DA 192 50.73 39.26 -91.85
CA ALA DA 192 51.55 39.99 -90.88
C ALA DA 192 52.96 40.19 -91.39
N ILE DA 193 53.52 39.18 -92.06
CA ILE DA 193 54.85 39.30 -92.63
C ILE DA 193 54.85 40.33 -93.76
N LEU DA 194 53.77 40.37 -94.54
CA LEU DA 194 53.68 41.36 -95.61
C LEU DA 194 53.61 42.77 -95.05
N LEU DA 195 52.76 42.98 -94.04
CA LEU DA 195 52.65 44.28 -93.40
C LEU DA 195 53.96 44.67 -92.72
N ALA DA 196 54.66 43.70 -92.14
CA ALA DA 196 55.94 43.99 -91.51
C ALA DA 196 57.00 44.34 -92.54
N ALA DA 197 56.99 43.66 -93.68
CA ALA DA 197 57.92 44.00 -94.75
C ALA DA 197 57.63 45.40 -95.30
N GLU DA 198 56.36 45.76 -95.41
CA GLU DA 198 56.01 47.10 -95.84
C GLU DA 198 56.45 48.14 -94.82
N ALA DA 199 56.24 47.86 -93.53
CA ALA DA 199 56.67 48.79 -92.49
C ALA DA 199 58.19 48.92 -92.48
N ALA DA 200 58.91 47.82 -92.70
CA ALA DA 200 60.37 47.87 -92.75
C ALA DA 200 60.85 48.62 -93.99
N ARG DA 201 60.14 48.48 -95.11
CA ARG DA 201 60.46 49.25 -96.30
C ARG DA 201 60.28 50.75 -96.04
N VAL DA 202 59.19 51.11 -95.36
CA VAL DA 202 58.95 52.52 -95.04
C VAL DA 202 60.00 53.03 -94.06
N ALA DA 203 60.41 52.17 -93.12
CA ALA DA 203 61.44 52.58 -92.16
C ALA DA 203 62.78 52.78 -92.83
N LYS DA 204 63.13 51.90 -93.79
CA LYS DA 204 64.37 52.05 -94.52
C LYS DA 204 64.33 53.28 -95.43
N GLU DA 205 63.20 53.54 -96.07
CA GLU DA 205 63.09 54.70 -96.94
C GLU DA 205 63.12 55.99 -96.14
N VAL DA 206 62.58 55.98 -94.93
CA VAL DA 206 62.62 57.15 -94.06
C VAL DA 206 63.90 57.20 -93.25
N GLY DA 207 64.25 56.09 -92.59
CA GLY DA 207 65.42 56.04 -91.75
C GLY DA 207 65.06 55.81 -90.30
N ASP DA 208 63.92 55.15 -90.08
CA ASP DA 208 63.43 54.88 -88.72
C ASP DA 208 63.86 53.48 -88.31
N PRO DA 209 65.07 53.32 -87.77
CA PRO DA 209 65.52 51.98 -87.38
C PRO DA 209 64.68 51.35 -86.29
N GLU DA 210 64.08 52.14 -85.40
CA GLU DA 210 63.15 51.57 -84.42
C GLU DA 210 61.91 51.03 -85.12
N LEU DA 211 61.46 51.70 -86.19
CA LEU DA 211 60.32 51.19 -86.94
C LEU DA 211 60.66 49.88 -87.65
N ILE DA 212 61.84 49.81 -88.27
CA ILE DA 212 62.25 48.57 -88.92
C ILE DA 212 62.43 47.47 -87.88
N LYS DA 213 62.89 47.82 -86.68
CA LYS DA 213 63.03 46.85 -85.62
C LYS DA 213 61.68 46.32 -85.16
N LEU DA 214 60.70 47.21 -84.98
CA LEU DA 214 59.36 46.77 -84.61
C LEU DA 214 58.74 45.94 -85.73
N ALA DA 215 59.05 46.27 -86.98
CA ALA DA 215 58.54 45.47 -88.11
C ALA DA 215 59.13 44.07 -88.09
N LEU DA 216 60.44 43.96 -87.86
CA LEU DA 216 61.06 42.65 -87.76
C LEU DA 216 60.51 41.87 -86.57
N GLU DA 217 60.27 42.55 -85.45
CA GLU DA 217 59.71 41.89 -84.28
C GLU DA 217 58.30 41.38 -84.55
N ALA DA 218 57.50 42.17 -85.26
CA ALA DA 218 56.16 41.72 -85.62
C ALA DA 218 56.20 40.57 -86.61
N ALA DA 219 57.15 40.61 -87.56
CA ALA DA 219 57.31 39.52 -88.50
C ALA DA 219 57.70 38.23 -87.79
N ARG DA 220 58.60 38.32 -86.81
CA ARG DA 220 58.93 37.16 -85.99
C ARG DA 220 57.75 36.72 -85.15
N ARG DA 221 56.90 37.66 -84.74
CA ARG DA 221 55.73 37.33 -83.93
C ARG DA 221 54.54 36.94 -84.80
N GLY DA 222 54.29 37.70 -85.86
CA GLY DA 222 53.16 37.41 -86.73
C GLY DA 222 51.92 38.19 -86.36
N ASP DA 223 52.09 39.40 -85.84
CA ASP DA 223 50.98 40.25 -85.42
C ASP DA 223 50.66 41.23 -86.54
N SER DA 224 49.60 40.94 -87.30
CA SER DA 224 49.20 41.82 -88.39
C SER DA 224 48.71 43.15 -87.86
N ARG DA 225 48.11 43.17 -86.68
CA ARG DA 225 47.66 44.43 -86.09
C ARG DA 225 48.85 45.31 -85.72
N LYS DA 226 49.82 44.74 -85.01
CA LYS DA 226 51.01 45.51 -84.64
C LYS DA 226 51.80 45.90 -85.88
N ALA DA 227 51.88 45.02 -86.87
CA ALA DA 227 52.60 45.35 -88.09
C ALA DA 227 51.92 46.47 -88.86
N GLU DA 228 50.58 46.45 -88.91
CA GLU DA 228 49.85 47.52 -89.58
C GLU DA 228 49.98 48.83 -88.82
N ALA DA 229 50.00 48.77 -87.49
CA ALA DA 229 50.22 49.97 -86.70
C ALA DA 229 51.62 50.52 -86.94
N ILE DA 230 52.61 49.64 -87.06
CA ILE DA 230 53.97 50.09 -87.33
C ILE DA 230 54.06 50.69 -88.72
N LEU DA 231 53.33 50.13 -89.69
CA LEU DA 231 53.32 50.71 -91.03
C LEU DA 231 52.64 52.06 -91.04
N LEU DA 232 51.54 52.20 -90.29
CA LEU DA 232 50.87 53.50 -90.20
C LEU DA 232 51.77 54.54 -89.54
N ALA DA 233 52.47 54.14 -88.48
CA ALA DA 233 53.40 55.05 -87.82
C ALA DA 233 54.57 55.39 -88.72
N ALA DA 234 55.01 54.44 -89.55
CA ALA DA 234 56.09 54.70 -90.49
C ALA DA 234 55.67 55.69 -91.56
N GLU DA 235 54.45 55.51 -92.09
CA GLU DA 235 53.94 56.48 -93.05
C GLU DA 235 53.75 57.85 -92.41
N ALA DA 236 53.31 57.88 -91.15
CA ALA DA 236 53.17 59.14 -90.44
C ALA DA 236 54.52 59.82 -90.24
N ALA DA 237 55.54 59.05 -89.88
CA ALA DA 237 56.88 59.61 -89.70
C ALA DA 237 57.47 60.03 -91.03
N ARG DA 238 57.11 59.34 -92.12
CA ARG DA 238 57.56 59.77 -93.45
C ARG DA 238 56.92 61.09 -93.83
N ILE DA 239 55.62 61.24 -93.57
CA ILE DA 239 54.96 62.52 -93.81
C ILE DA 239 55.56 63.59 -92.91
N ALA DA 240 55.97 63.22 -91.70
CA ALA DA 240 56.58 64.18 -90.78
C ALA DA 240 57.93 64.65 -91.30
N LYS DA 241 58.76 63.72 -91.78
CA LYS DA 241 60.04 64.09 -92.36
C LYS DA 241 59.84 64.92 -93.62
N GLU DA 242 58.81 64.60 -94.41
CA GLU DA 242 58.48 65.44 -95.57
C GLU DA 242 58.05 66.84 -95.14
N ALA DA 243 57.44 66.95 -93.96
CA ALA DA 243 57.05 68.24 -93.41
C ALA DA 243 58.12 68.83 -92.51
N GLY DA 244 58.72 68.03 -91.63
CA GLY DA 244 59.72 68.51 -90.71
C GLY DA 244 59.29 68.47 -89.26
N ASP DA 245 58.47 67.49 -88.92
CA ASP DA 245 57.98 67.34 -87.55
C ASP DA 245 58.66 66.14 -86.90
N PRO DA 246 59.85 66.32 -86.32
CA PRO DA 246 60.54 65.18 -85.71
C PRO DA 246 59.82 64.69 -84.47
N GLU DA 247 59.10 65.61 -83.80
CA GLU DA 247 58.26 65.22 -82.68
C GLU DA 247 57.15 64.27 -83.14
N ALA DA 248 56.61 64.51 -84.35
CA ALA DA 248 55.62 63.59 -84.90
C ALA DA 248 56.24 62.23 -85.20
N ARG DA 249 57.47 62.21 -85.73
CA ARG DA 249 58.13 60.95 -85.99
C ARG DA 249 58.41 60.20 -84.69
N LYS DA 250 58.76 60.93 -83.62
CA LYS DA 250 59.00 60.29 -82.34
C LYS DA 250 57.71 59.75 -81.74
N LYS DA 251 56.62 60.50 -81.87
CA LYS DA 251 55.33 60.00 -81.40
C LYS DA 251 54.89 58.79 -82.19
N ALA DA 252 55.20 58.78 -83.49
CA ALA DA 252 54.90 57.61 -84.31
C ALA DA 252 55.72 56.41 -83.85
N LEU DA 253 56.99 56.63 -83.52
CA LEU DA 253 57.82 55.55 -82.98
C LEU DA 253 57.23 55.03 -81.68
N GLU DA 254 56.79 55.94 -80.80
CA GLU DA 254 56.21 55.53 -79.54
C GLU DA 254 54.93 54.73 -79.74
N ALA DA 255 54.09 55.15 -80.69
CA ALA DA 255 52.84 54.44 -80.96
C ALA DA 255 53.10 53.08 -81.60
N ALA DA 256 54.08 53.00 -82.52
CA ALA DA 256 54.42 51.72 -83.12
C ALA DA 256 55.00 50.77 -82.08
N ARG DA 257 55.79 51.29 -81.14
CA ARG DA 257 56.23 50.48 -80.02
C ARG DA 257 55.06 50.06 -79.15
N ARG DA 258 54.02 50.90 -79.07
CA ARG DA 258 52.81 50.54 -78.36
C ARG DA 258 51.96 49.55 -79.17
N GLY DA 259 52.04 49.60 -80.49
CA GLY DA 259 51.34 48.65 -81.34
C GLY DA 259 49.96 49.08 -81.78
N ASP DA 260 49.51 50.27 -81.39
CA ASP DA 260 48.21 50.76 -81.83
C ASP DA 260 48.36 51.63 -83.07
N ARG DA 261 47.33 51.60 -83.92
CA ARG DA 261 47.32 52.38 -85.14
C ARG DA 261 46.42 53.61 -85.07
N GLU DA 262 45.58 53.73 -84.04
CA GLU DA 262 44.73 54.91 -83.91
C GLU DA 262 45.56 56.16 -83.67
N LEU DA 263 46.51 56.09 -82.74
CA LEU DA 263 47.38 57.24 -82.49
C LEU DA 263 48.26 57.53 -83.70
N ALA DA 264 48.72 56.48 -84.38
CA ALA DA 264 49.52 56.68 -85.59
C ALA DA 264 48.71 57.39 -86.66
N THR DA 265 47.45 57.02 -86.82
CA THR DA 265 46.59 57.67 -87.80
C THR DA 265 46.30 59.11 -87.39
N ARG DA 266 46.10 59.36 -86.10
CA ARG DA 266 45.86 60.72 -85.64
C ARG DA 266 47.08 61.60 -85.88
N ILE DA 267 48.27 61.06 -85.64
CA ILE DA 267 49.50 61.82 -85.88
C ILE DA 267 49.69 62.07 -87.36
N LEU DA 268 49.41 61.06 -88.19
CA LEU DA 268 49.48 61.24 -89.64
C LEU DA 268 48.49 62.30 -90.09
N ILE DA 269 47.33 62.36 -89.45
CA ILE DA 269 46.33 63.36 -89.80
C ILE DA 269 46.80 64.74 -89.41
N GLU DA 270 47.42 64.88 -88.23
CA GLU DA 270 47.93 66.18 -87.83
C GLU DA 270 49.06 66.64 -88.77
N ALA DA 271 49.95 65.71 -89.13
CA ALA DA 271 51.02 66.05 -90.06
C ALA DA 271 50.47 66.42 -91.43
N LEU DA 272 49.43 65.70 -91.87
CA LEU DA 272 48.80 66.02 -93.14
C LEU DA 272 48.10 67.38 -93.08
N LEU DA 273 47.55 67.73 -91.92
CA LEU DA 273 46.93 69.04 -91.76
C LEU DA 273 47.96 70.15 -91.83
N ARG DA 274 49.10 69.95 -91.17
CA ARG DA 274 50.18 70.94 -91.27
C ARG DA 274 50.68 71.06 -92.69
N LEU DA 275 50.92 69.92 -93.36
CA LEU DA 275 51.38 69.95 -94.73
C LEU DA 275 50.33 70.56 -95.65
N LEU DA 276 49.05 70.40 -95.31
CA LEU DA 276 47.99 70.96 -96.12
C LEU DA 276 47.92 72.47 -95.95
N LYS DA 277 48.13 72.97 -94.73
CA LYS DA 277 48.23 74.40 -94.55
C LYS DA 277 49.42 74.97 -95.31
N LYS DA 278 50.54 74.26 -95.28
CA LYS DA 278 51.71 74.70 -96.04
C LYS DA 278 51.44 74.70 -97.53
N SER DA 279 50.80 73.65 -98.04
CA SER DA 279 50.47 73.57 -99.45
C SER DA 279 49.44 74.61 -99.84
N THR DA 280 48.55 74.98 -98.90
CA THR DA 280 47.58 76.03 -99.18
C THR DA 280 48.27 77.39 -99.29
N ALA DA 281 49.23 77.65 -98.40
CA ALA DA 281 50.02 78.88 -98.53
C ALA DA 281 50.79 78.89 -99.85
N GLU DA 282 51.38 77.75 -100.21
CA GLU DA 282 52.14 77.67 -101.46
C GLU DA 282 51.22 77.85 -102.67
N LEU DA 283 50.01 77.33 -102.60
CA LEU DA 283 49.07 77.45 -103.72
C LEU DA 283 48.55 78.88 -103.82
N LYS DA 284 48.32 79.54 -102.69
CA LYS DA 284 47.96 80.96 -102.74
C LYS DA 284 49.08 81.79 -103.34
N ARG DA 285 50.32 81.50 -102.96
CA ARG DA 285 51.46 82.20 -103.56
C ARG DA 285 51.55 81.93 -105.05
N ALA DA 286 51.32 80.68 -105.46
CA ALA DA 286 51.38 80.34 -106.88
C ALA DA 286 50.27 81.02 -107.66
N THR DA 287 49.08 81.11 -107.07
CA THR DA 287 47.97 81.81 -107.72
C THR DA 287 48.26 83.30 -107.84
N ALA DA 288 48.86 83.89 -106.81
CA ALA DA 288 49.26 85.29 -106.90
C ALA DA 288 50.31 85.49 -107.99
N SER DA 289 51.27 84.57 -108.08
CA SER DA 289 52.31 84.68 -109.10
C SER DA 289 51.71 84.52 -110.50
N LEU DA 290 50.75 83.61 -110.66
CA LEU DA 290 50.10 83.43 -111.95
C LEU DA 290 49.29 84.65 -112.33
N ARG DA 291 48.58 85.24 -111.37
CA ARG DA 291 47.84 86.47 -111.65
C ARG DA 291 48.78 87.61 -112.00
N ALA DA 292 49.94 87.66 -111.35
CA ALA DA 292 50.93 88.70 -111.66
C ALA DA 292 51.49 88.51 -113.06
N ILE DA 293 51.80 87.27 -113.44
CA ILE DA 293 52.29 87.01 -114.79
C ILE DA 293 51.20 87.32 -115.81
N THR DA 294 49.94 87.06 -115.46
CA THR DA 294 48.84 87.40 -116.35
C THR DA 294 48.72 88.91 -116.52
N GLU DA 295 48.84 89.66 -115.43
CA GLU DA 295 48.80 91.11 -115.53
C GLU DA 295 49.98 91.64 -116.33
N GLU DA 296 51.14 91.00 -116.21
CA GLU DA 296 52.31 91.41 -116.98
C GLU DA 296 52.10 91.15 -118.47
N LEU DA 297 51.58 89.97 -118.81
CA LEU DA 297 51.27 89.68 -120.21
C LEU DA 297 50.15 90.59 -120.72
N LYS DA 298 49.28 91.05 -119.84
CA LYS DA 298 48.22 91.97 -120.23
C LYS DA 298 48.77 93.36 -120.52
N LYS DA 299 49.69 93.85 -119.67
CA LYS DA 299 50.22 95.20 -119.85
C LYS DA 299 51.08 95.30 -121.09
N ASN DA 300 51.81 94.25 -121.43
CA ASN DA 300 52.65 94.25 -122.62
C ASN DA 300 52.77 92.84 -123.16
N PRO DA 301 51.85 92.39 -124.01
CA PRO DA 301 51.90 91.03 -124.52
C PRO DA 301 52.93 90.86 -125.62
N SER DA 302 53.65 89.75 -125.55
CA SER DA 302 54.70 89.43 -126.50
C SER DA 302 55.05 87.95 -126.37
N GLU DA 303 56.13 87.55 -127.03
CA GLU DA 303 56.60 86.17 -126.91
C GLU DA 303 56.97 85.86 -125.46
N ASP DA 304 57.81 86.70 -124.85
CA ASP DA 304 58.21 86.47 -123.46
C ASP DA 304 57.04 86.62 -122.51
N ALA DA 305 56.12 87.55 -122.79
CA ALA DA 305 54.98 87.76 -121.91
C ALA DA 305 54.04 86.56 -121.91
N LEU DA 306 53.64 86.10 -123.11
CA LEU DA 306 52.80 84.92 -123.18
C LEU DA 306 53.52 83.69 -122.64
N VAL DA 307 54.84 83.61 -122.88
CA VAL DA 307 55.62 82.50 -122.36
C VAL DA 307 55.56 82.47 -120.84
N GLU DA 308 55.79 83.61 -120.20
CA GLU DA 308 55.79 83.67 -118.75
C GLU DA 308 54.39 83.43 -118.19
N HIS DA 309 53.36 83.95 -118.86
CA HIS DA 309 52.00 83.74 -118.39
C HIS DA 309 51.61 82.27 -118.45
N ASN DA 310 51.94 81.60 -119.57
CA ASN DA 310 51.63 80.18 -119.70
C ASN DA 310 52.46 79.35 -118.74
N ARG DA 311 53.73 79.74 -118.52
CA ARG DA 311 54.57 79.01 -117.56
C ARG DA 311 54.03 79.16 -116.15
N ALA DA 312 53.55 80.36 -115.79
CA ALA DA 312 52.96 80.55 -114.47
C ALA DA 312 51.66 79.77 -114.33
N ILE DA 313 50.87 79.70 -115.40
CA ILE DA 313 49.64 78.91 -115.36
C ILE DA 313 49.96 77.44 -115.16
N VAL DA 314 50.98 76.94 -115.87
CA VAL DA 314 51.37 75.53 -115.73
C VAL DA 314 51.96 75.28 -114.34
N GLU DA 315 52.69 76.26 -113.79
CA GLU DA 315 53.24 76.10 -112.46
C GLU DA 315 52.13 76.07 -111.41
N HIS DA 316 51.11 76.92 -111.59
CA HIS DA 316 49.96 76.88 -110.69
C HIS DA 316 49.22 75.56 -110.80
N ASN DA 317 49.08 75.05 -112.03
CA ASN DA 317 48.43 73.76 -112.22
C ASN DA 317 49.23 72.63 -111.56
N ALA DA 318 50.56 72.69 -111.66
CA ALA DA 318 51.39 71.66 -111.04
C ALA DA 318 51.35 71.76 -109.52
N ILE DA 319 51.32 72.99 -108.98
CA ILE DA 319 51.22 73.16 -107.55
C ILE DA 319 49.86 72.67 -107.05
N ILE DA 320 48.81 72.91 -107.83
CA ILE DA 320 47.49 72.41 -107.47
C ILE DA 320 47.47 70.89 -107.53
N VAL DA 321 48.16 70.31 -108.51
CA VAL DA 321 48.24 68.86 -108.61
C VAL DA 321 48.99 68.29 -107.42
N GLU DA 322 50.05 68.97 -106.98
CA GLU DA 322 50.80 68.50 -105.82
C GLU DA 322 49.96 68.60 -104.55
N ASN DA 323 49.24 69.71 -104.38
CA ASN DA 323 48.37 69.86 -103.22
C ASN DA 323 47.26 68.82 -103.24
N ASN DA 324 46.73 68.53 -104.43
CA ASN DA 324 45.70 67.50 -104.55
C ASN DA 324 46.27 66.12 -104.25
N ARG DA 325 47.53 65.88 -104.63
CA ARG DA 325 48.16 64.61 -104.30
C ARG DA 325 48.36 64.48 -102.81
N ILE DA 326 48.75 65.57 -102.14
CA ILE DA 326 48.87 65.55 -100.69
C ILE DA 326 47.53 65.28 -100.04
N ILE DA 327 46.48 65.93 -100.55
CA ILE DA 327 45.14 65.72 -100.01
C ILE DA 327 44.69 64.29 -100.25
N ALA DA 328 45.06 63.72 -101.41
CA ALA DA 328 44.69 62.34 -101.70
C ALA DA 328 45.43 61.38 -100.80
N MET DA 329 46.69 61.65 -100.51
CA MET DA 329 47.43 60.82 -99.56
C MET DA 329 46.81 60.89 -98.18
N VAL DA 330 46.41 62.10 -97.75
CA VAL DA 330 45.78 62.26 -96.45
C VAL DA 330 44.45 61.51 -96.42
N LEU DA 331 43.68 61.59 -97.51
CA LEU DA 331 42.40 60.91 -97.56
C LEU DA 331 42.59 59.40 -97.58
N GLU DA 332 43.61 58.91 -98.27
CA GLU DA 332 43.90 57.48 -98.27
C GLU DA 332 44.32 57.02 -96.88
N ALA DA 333 45.05 57.87 -96.16
CA ALA DA 333 45.39 57.55 -94.78
C ALA DA 333 44.14 57.48 -93.91
N ILE DA 334 43.23 58.43 -94.08
CA ILE DA 334 41.99 58.42 -93.32
C ILE DA 334 41.17 57.17 -93.67
N VAL DA 335 41.20 56.75 -94.93
CA VAL DA 335 40.45 55.58 -95.35
C VAL DA 335 41.05 54.32 -94.76
N ARG DA 336 42.37 54.19 -94.82
CA ARG DA 336 43.03 53.05 -94.20
C ARG DA 336 42.83 53.04 -92.70
N ALA DA 337 42.63 54.22 -92.10
CA ALA DA 337 42.31 54.30 -90.68
C ALA DA 337 40.84 54.07 -90.39
N ILE DA 338 39.95 54.62 -91.20
CA ILE DA 338 38.52 54.43 -90.99
C ILE DA 338 38.10 53.10 -91.59
N SER EA 2 4.48 89.19 63.86
CA SER EA 2 4.59 89.29 65.31
C SER EA 2 6.01 88.96 65.77
N THR EA 3 6.89 88.66 64.81
CA THR EA 3 8.27 88.33 65.15
C THR EA 3 9.05 89.56 65.59
N LYS EA 4 8.96 90.65 64.83
CA LYS EA 4 9.70 91.86 65.18
C LYS EA 4 9.16 92.50 66.46
N GLU EA 5 7.83 92.45 66.65
CA GLU EA 5 7.25 93.02 67.86
C GLU EA 5 7.67 92.23 69.09
N LYS EA 6 7.57 90.89 69.02
CA LYS EA 6 8.02 90.06 70.13
C LYS EA 6 9.51 90.24 70.38
N ALA EA 7 10.29 90.44 69.32
CA ALA EA 7 11.71 90.70 69.48
C ALA EA 7 11.95 92.00 70.23
N ARG EA 8 11.31 93.09 69.80
CA ARG EA 8 11.48 94.36 70.47
C ARG EA 8 11.04 94.29 71.94
N GLN EA 9 9.94 93.57 72.21
CA GLN EA 9 9.46 93.47 73.58
C GLN EA 9 10.41 92.66 74.46
N LEU EA 10 10.78 91.45 74.01
CA LEU EA 10 11.69 90.62 74.80
C LEU EA 10 13.05 91.29 74.94
N ALA EA 11 13.46 92.10 73.97
CA ALA EA 11 14.75 92.77 74.06
C ALA EA 11 14.68 93.97 74.99
N GLU EA 12 13.55 94.68 75.02
CA GLU EA 12 13.36 95.73 76.01
C GLU EA 12 13.37 95.14 77.42
N GLU EA 13 12.69 94.01 77.61
CA GLU EA 13 12.74 93.32 78.89
C GLU EA 13 14.17 92.85 79.20
N ALA EA 14 14.91 92.43 78.18
CA ALA EA 14 16.29 92.04 78.35
C ALA EA 14 17.14 93.20 78.85
N LYS EA 15 16.98 94.38 78.22
CA LYS EA 15 17.73 95.55 78.64
C LYS EA 15 17.34 95.98 80.05
N GLU EA 16 16.05 95.88 80.38
CA GLU EA 16 15.61 96.24 81.73
C GLU EA 16 16.20 95.31 82.78
N THR EA 17 16.11 94.00 82.55
CA THR EA 17 16.66 93.04 83.52
C THR EA 17 18.18 93.12 83.54
N ALA EA 18 18.79 93.63 82.47
CA ALA EA 18 20.24 93.81 82.46
C ALA EA 18 20.63 95.01 83.31
N GLU EA 19 19.93 96.13 83.14
CA GLU EA 19 20.17 97.29 84.00
C GLU EA 19 19.89 96.98 85.45
N LYS EA 20 18.88 96.13 85.71
CA LYS EA 20 18.61 95.70 87.08
C LYS EA 20 19.69 94.75 87.57
N VAL EA 21 20.25 93.93 86.69
CA VAL EA 21 21.35 93.05 87.03
C VAL EA 21 22.64 93.83 87.22
N GLY EA 22 22.71 95.03 86.63
CA GLY EA 22 23.90 95.84 86.69
C GLY EA 22 24.66 95.82 85.38
N ASP EA 23 23.98 95.48 84.29
CA ASP EA 23 24.61 95.33 83.00
C ASP EA 23 24.06 96.36 82.03
N PRO EA 24 24.78 97.45 81.76
CA PRO EA 24 24.35 98.36 80.70
C PRO EA 24 24.81 97.86 79.35
N GLU EA 25 25.86 97.04 79.36
CA GLU EA 25 26.32 96.40 78.13
C GLU EA 25 25.29 95.41 77.60
N LEU EA 26 24.76 94.56 78.49
CA LEU EA 26 23.69 93.67 78.08
C LEU EA 26 22.43 94.45 77.73
N ILE EA 27 22.24 95.61 78.36
CA ILE EA 27 21.11 96.47 78.00
C ILE EA 27 21.26 96.98 76.57
N LYS EA 28 22.47 97.38 76.19
CA LYS EA 28 22.70 97.86 74.83
C LYS EA 28 22.61 96.72 73.82
N LEU EA 29 23.14 95.55 74.18
CA LEU EA 29 22.98 94.38 73.31
C LEU EA 29 21.52 94.02 73.13
N ALA EA 30 20.72 94.21 74.18
CA ALA EA 30 19.28 93.98 74.07
C ALA EA 30 18.62 95.01 73.17
N GLU EA 31 19.00 96.29 73.32
CA GLU EA 31 18.49 97.31 72.42
C GLU EA 31 18.84 96.97 70.97
N GLN EA 32 20.02 96.40 70.75
CA GLN EA 32 20.43 95.98 69.41
C GLN EA 32 19.59 94.80 68.94
N ALA EA 33 19.28 93.85 69.84
CA ALA EA 33 18.41 92.74 69.48
C ALA EA 33 17.02 93.22 69.10
N SER EA 34 16.56 94.28 69.77
CA SER EA 34 15.27 94.88 69.42
C SER EA 34 15.33 95.56 68.07
N GLN EA 35 16.38 96.36 67.83
CA GLN EA 35 16.51 97.06 66.57
C GLN EA 35 16.67 96.09 65.39
N GLU EA 36 17.32 94.95 65.62
CA GLU EA 36 17.48 93.96 64.56
C GLU EA 36 16.20 93.15 64.36
N GLY EA 37 15.41 92.99 65.42
CA GLY EA 37 14.20 92.21 65.35
C GLY EA 37 14.38 90.72 65.54
N ASP EA 38 15.34 90.31 66.35
CA ASP EA 38 15.59 88.89 66.61
C ASP EA 38 14.99 88.52 67.96
N SER EA 39 13.84 87.84 67.92
CA SER EA 39 13.20 87.38 69.16
C SER EA 39 14.07 86.36 69.87
N GLU EA 40 14.81 85.56 69.12
CA GLU EA 40 15.75 84.63 69.73
C GLU EA 40 16.85 85.38 70.49
N LYS EA 41 17.48 86.36 69.84
CA LYS EA 41 18.50 87.14 70.51
C LYS EA 41 17.91 87.99 71.63
N ALA EA 42 16.66 88.42 71.47
CA ALA EA 42 16.00 89.19 72.52
C ALA EA 42 15.79 88.34 73.77
N LYS EA 43 15.19 87.16 73.61
CA LYS EA 43 15.00 86.27 74.74
C LYS EA 43 16.33 85.79 75.29
N ALA EA 44 17.35 85.71 74.44
CA ALA EA 44 18.68 85.35 74.91
C ALA EA 44 19.23 86.42 75.84
N ILE EA 45 19.16 87.68 75.42
CA ILE EA 45 19.62 88.77 76.28
C ILE EA 45 18.78 88.86 77.53
N LEU EA 46 17.50 88.47 77.44
CA LEU EA 46 16.63 88.49 78.62
C LEU EA 46 17.04 87.43 79.62
N LEU EA 47 17.23 86.20 79.16
CA LEU EA 47 17.68 85.13 80.05
C LEU EA 47 19.07 85.41 80.59
N ALA EA 48 19.94 86.05 79.79
CA ALA EA 48 21.26 86.41 80.28
C ALA EA 48 21.20 87.52 81.30
N ALA EA 49 20.27 88.47 81.14
CA ALA EA 49 20.09 89.52 82.13
C ALA EA 49 19.54 88.95 83.43
N GLU EA 50 18.60 88.02 83.34
CA GLU EA 50 18.13 87.32 84.53
C GLU EA 50 19.24 86.51 85.17
N ALA EA 51 20.10 85.92 84.35
CA ALA EA 51 21.25 85.18 84.86
C ALA EA 51 22.18 86.10 85.62
N ALA EA 52 22.45 87.29 85.07
CA ALA EA 52 23.32 88.25 85.74
C ALA EA 52 22.69 88.77 87.02
N ARG EA 53 21.36 88.91 87.03
CA ARG EA 53 20.69 89.31 88.26
C ARG EA 53 20.81 88.24 89.33
N VAL EA 54 20.56 86.98 88.97
CA VAL EA 54 20.65 85.89 89.92
C VAL EA 54 22.10 85.69 90.36
N ALA EA 55 23.05 86.07 89.50
CA ALA EA 55 24.46 85.97 89.87
C ALA EA 55 24.85 87.08 90.84
N LYS EA 56 24.44 88.32 90.55
CA LYS EA 56 24.65 89.40 91.50
C LYS EA 56 24.00 89.08 92.84
N GLU EA 57 22.90 88.33 92.81
CA GLU EA 57 22.32 87.80 94.04
C GLU EA 57 23.20 86.71 94.64
N VAL EA 58 23.87 85.92 93.81
CA VAL EA 58 24.73 84.85 94.29
C VAL EA 58 26.15 85.36 94.52
N GLY EA 59 26.75 85.99 93.52
CA GLY EA 59 28.06 86.59 93.68
C GLY EA 59 29.20 85.94 92.92
N ALA EA 60 28.92 85.47 91.70
CA ALA EA 60 29.94 84.84 90.87
C ALA EA 60 30.17 85.66 89.62
N PRO EA 61 31.32 86.33 89.48
CA PRO EA 61 31.58 87.11 88.26
C PRO EA 61 31.83 86.25 87.03
N ASP EA 62 32.13 84.97 87.22
CA ASP EA 62 32.31 84.08 86.07
C ASP EA 62 31.02 83.96 85.27
N LEU EA 63 29.93 83.53 85.91
CA LEU EA 63 28.65 83.46 85.22
C LEU EA 63 28.16 84.84 84.83
N ILE EA 64 28.59 85.87 85.55
CA ILE EA 64 28.20 87.23 85.20
C ILE EA 64 28.77 87.62 83.84
N ARG EA 65 30.08 87.47 83.67
CA ARG EA 65 30.69 87.75 82.37
C ARG EA 65 30.19 86.77 81.32
N LEU EA 66 29.86 85.54 81.72
CA LEU EA 66 29.31 84.57 80.78
C LEU EA 66 27.99 85.06 80.21
N ALA EA 67 27.09 85.51 81.07
CA ALA EA 67 25.82 86.05 80.61
C ALA EA 67 26.02 87.34 79.84
N ARG EA 68 27.01 88.15 80.22
CA ARG EA 68 27.32 89.36 79.47
C ARG EA 68 27.70 89.03 78.04
N ILE EA 69 28.58 88.04 77.86
CA ILE EA 69 28.99 87.64 76.52
C ILE EA 69 27.84 86.98 75.78
N ALA EA 70 27.02 86.20 76.48
CA ALA EA 70 25.88 85.55 75.84
C ALA EA 70 24.88 86.57 75.33
N ALA EA 71 24.70 87.67 76.08
CA ALA EA 71 23.81 88.73 75.62
C ALA EA 71 24.43 89.52 74.48
N ARG EA 72 25.75 89.78 74.57
CA ARG EA 72 26.43 90.47 73.48
C ARG EA 72 26.38 89.67 72.20
N VAL EA 73 26.36 88.34 72.30
CA VAL EA 73 26.28 87.49 71.11
C VAL EA 73 24.83 87.14 70.79
N GLY EA 74 24.02 86.93 71.82
CA GLY EA 74 22.65 86.51 71.62
C GLY EA 74 22.47 85.01 71.69
N ALA EA 75 23.14 84.38 72.65
CA ALA EA 75 23.12 82.93 72.82
C ALA EA 75 22.02 82.56 73.82
N SER EA 76 20.94 81.97 73.31
CA SER EA 76 19.81 81.61 74.18
C SER EA 76 20.14 80.42 75.05
N GLU EA 77 20.79 79.40 74.49
CA GLU EA 77 21.17 78.23 75.29
C GLU EA 77 22.17 78.62 76.36
N ALA EA 78 23.17 79.43 76.02
CA ALA EA 78 24.16 79.87 77.00
C ALA EA 78 23.52 80.77 78.05
N ALA EA 79 22.55 81.59 77.66
CA ALA EA 79 21.88 82.45 78.62
C ALA EA 79 21.02 81.64 79.59
N LYS EA 80 20.28 80.66 79.09
CA LYS EA 80 19.50 79.79 79.96
C LYS EA 80 20.41 78.98 80.86
N ALA EA 81 21.56 78.54 80.33
CA ALA EA 81 22.53 77.83 81.14
C ALA EA 81 23.08 78.72 82.25
N ILE EA 82 23.36 79.99 81.92
CA ILE EA 82 23.87 80.92 82.92
C ILE EA 82 22.81 81.21 83.97
N LEU EA 83 21.53 81.25 83.57
CA LEU EA 83 20.46 81.51 84.52
C LEU EA 83 20.29 80.32 85.47
N LEU EA 84 20.17 79.11 84.92
CA LEU EA 84 20.06 77.94 85.77
C LEU EA 84 21.32 77.73 86.59
N ALA EA 85 22.47 78.17 86.10
CA ALA EA 85 23.71 78.03 86.85
C ALA EA 85 23.80 79.07 87.96
N ALA EA 86 23.23 80.26 87.75
CA ALA EA 86 23.15 81.22 88.83
C ALA EA 86 22.17 80.76 89.90
N GLU EA 87 21.08 80.12 89.48
CA GLU EA 87 20.20 79.47 90.44
C GLU EA 87 20.94 78.37 91.20
N ALA EA 88 21.74 77.58 90.48
CA ALA EA 88 22.56 76.56 91.13
C ALA EA 88 23.55 77.17 92.09
N ALA EA 89 24.10 78.34 91.74
CA ALA EA 89 25.08 78.99 92.60
C ALA EA 89 24.42 79.53 93.86
N ARG EA 90 23.21 80.07 93.74
CA ARG EA 90 22.46 80.47 94.93
C ARG EA 90 22.15 79.26 95.79
N VAL EA 91 21.71 78.15 95.16
CA VAL EA 91 21.37 76.95 95.92
C VAL EA 91 22.62 76.37 96.57
N ALA EA 92 23.78 76.54 95.95
CA ALA EA 92 25.02 76.03 96.51
C ALA EA 92 25.51 76.91 97.64
N LYS EA 93 25.43 78.23 97.49
CA LYS EA 93 25.73 79.13 98.58
C LYS EA 93 24.82 78.86 99.77
N GLU EA 94 23.58 78.43 99.50
CA GLU EA 94 22.73 77.95 100.57
C GLU EA 94 23.20 76.59 101.09
N VAL EA 95 23.81 75.78 100.22
CA VAL EA 95 24.27 74.45 100.63
C VAL EA 95 25.72 74.51 101.10
N GLY EA 96 26.63 74.91 100.22
CA GLY EA 96 28.03 75.03 100.59
C GLY EA 96 28.95 74.02 99.94
N ASP EA 97 28.68 73.65 98.70
CA ASP EA 97 29.49 72.68 97.97
C ASP EA 97 30.30 73.38 96.89
N PRO EA 98 31.64 73.38 96.97
CA PRO EA 98 32.43 74.05 95.94
C PRO EA 98 32.51 73.27 94.63
N GLU EA 99 32.49 71.94 94.68
CA GLU EA 99 32.44 71.17 93.44
C GLU EA 99 31.14 71.43 92.69
N LEU EA 100 30.05 71.66 93.43
CA LEU EA 100 28.80 72.05 92.80
C LEU EA 100 28.93 73.41 92.11
N GLU EA 101 29.63 74.35 92.75
CA GLU EA 101 29.84 75.66 92.13
C GLU EA 101 30.70 75.53 90.88
N ARG EA 102 31.71 74.66 90.92
CA ARG EA 102 32.53 74.42 89.75
C ARG EA 102 31.71 73.82 88.62
N LEU EA 103 30.86 72.83 88.94
CA LEU EA 103 30.03 72.21 87.92
C LEU EA 103 29.03 73.21 87.34
N ALA EA 104 28.50 74.09 88.19
CA ALA EA 104 27.55 75.09 87.71
C ALA EA 104 28.23 76.10 86.79
N LEU EA 105 29.41 76.58 87.18
CA LEU EA 105 30.15 77.50 86.32
C LEU EA 105 30.54 76.81 85.02
N LEU EA 106 30.85 75.51 85.07
CA LEU EA 106 31.20 74.77 83.87
C LEU EA 106 29.99 74.61 82.96
N ALA EA 107 28.81 74.39 83.53
CA ALA EA 107 27.61 74.31 82.73
C ALA EA 107 27.27 75.66 82.11
N ALA EA 108 27.53 76.74 82.84
CA ALA EA 108 27.30 78.08 82.30
C ALA EA 108 28.27 78.37 81.15
N VAL EA 109 29.53 77.96 81.30
CA VAL EA 109 30.53 78.21 80.27
C VAL EA 109 30.27 77.35 79.05
N LEU EA 110 30.01 76.05 79.24
CA LEU EA 110 29.69 75.18 78.12
C LEU EA 110 28.33 75.53 77.53
N GLY EA 111 27.55 76.34 78.25
CA GLY EA 111 26.23 76.71 77.78
C GLY EA 111 25.24 75.58 77.81
N ASP EA 112 25.54 74.50 78.50
CA ASP EA 112 24.67 73.32 78.57
C ASP EA 112 23.58 73.60 79.59
N SER EA 113 22.42 74.05 79.10
CA SER EA 113 21.29 74.31 79.99
C SER EA 113 20.82 73.03 80.67
N GLU EA 114 21.02 71.88 80.01
CA GLU EA 114 20.76 70.61 80.68
C GLU EA 114 21.71 70.41 81.85
N LYS EA 115 23.01 70.64 81.63
CA LYS EA 115 23.97 70.54 82.73
C LYS EA 115 23.75 71.64 83.76
N ALA EA 116 23.20 72.79 83.34
CA ALA EA 116 22.92 73.85 84.29
C ALA EA 116 21.75 73.49 85.20
N LYS EA 117 20.67 72.94 84.62
CA LYS EA 117 19.58 72.43 85.46
C LYS EA 117 20.05 71.26 86.31
N ALA EA 118 21.00 70.47 85.79
CA ALA EA 118 21.60 69.41 86.58
C ALA EA 118 22.32 69.99 87.79
N ILE EA 119 23.08 71.08 87.60
CA ILE EA 119 23.79 71.69 88.70
C ILE EA 119 22.81 72.31 89.69
N LEU EA 120 21.71 72.88 89.20
CA LEU EA 120 20.70 73.43 90.09
C LEU EA 120 20.07 72.33 90.95
N LEU EA 121 19.64 71.24 90.30
CA LEU EA 121 19.05 70.13 91.03
C LEU EA 121 20.06 69.45 91.95
N ALA EA 122 21.34 69.47 91.57
CA ALA EA 122 22.36 68.85 92.41
C ALA EA 122 22.68 69.71 93.61
N ALA EA 123 22.67 71.04 93.45
CA ALA EA 123 22.83 71.92 94.60
C ALA EA 123 21.64 71.79 95.54
N GLU EA 124 20.43 71.70 94.98
CA GLU EA 124 19.25 71.44 95.80
C GLU EA 124 19.36 70.09 96.50
N ALA EA 125 19.88 69.08 95.79
CA ALA EA 125 20.04 67.75 96.39
C ALA EA 125 21.06 67.78 97.52
N ALA EA 126 22.16 68.51 97.33
CA ALA EA 126 23.16 68.62 98.39
C ALA EA 126 22.60 69.37 99.59
N ARG EA 127 21.81 70.42 99.34
CA ARG EA 127 21.18 71.12 100.45
C ARG EA 127 20.21 70.23 101.20
N VAL EA 128 19.38 69.48 100.46
CA VAL EA 128 18.40 68.61 101.09
C VAL EA 128 19.08 67.47 101.83
N ALA EA 129 20.24 67.01 101.32
CA ALA EA 129 20.97 65.95 102.00
C ALA EA 129 21.64 66.48 103.27
N LYS EA 130 22.23 67.67 103.20
CA LYS EA 130 22.80 68.27 104.41
C LYS EA 130 21.73 68.54 105.45
N GLU EA 131 20.52 68.91 105.01
CA GLU EA 131 19.42 69.11 105.95
C GLU EA 131 18.91 67.78 106.51
N VAL EA 132 18.89 66.73 105.69
CA VAL EA 132 18.44 65.43 106.13
C VAL EA 132 19.56 64.64 106.79
N GLY EA 133 20.78 64.76 106.25
CA GLY EA 133 21.91 64.01 106.76
C GLY EA 133 22.18 62.77 105.94
N ASP EA 134 21.76 62.79 104.68
CA ASP EA 134 21.87 61.64 103.80
C ASP EA 134 23.16 61.74 103.01
N PRO EA 135 24.23 61.03 103.42
CA PRO EA 135 25.49 61.11 102.65
C PRO EA 135 25.41 60.46 101.29
N GLU EA 136 24.59 59.42 101.12
CA GLU EA 136 24.39 58.85 99.79
C GLU EA 136 23.75 59.86 98.86
N LEU EA 137 22.80 60.65 99.37
CA LEU EA 137 22.17 61.67 98.55
C LEU EA 137 23.15 62.76 98.13
N ILE EA 138 24.01 63.19 99.06
CA ILE EA 138 25.02 64.20 98.72
C ILE EA 138 26.03 63.65 97.73
N LYS EA 139 26.40 62.37 97.89
CA LYS EA 139 27.31 61.75 96.95
C LYS EA 139 26.70 61.66 95.55
N LEU EA 140 25.42 61.27 95.47
CA LEU EA 140 24.75 61.22 94.18
C LEU EA 140 24.62 62.62 93.58
N ALA EA 141 24.39 63.62 94.42
CA ALA EA 141 24.31 64.99 93.93
C ALA EA 141 25.65 65.45 93.36
N LEU EA 142 26.75 65.17 94.06
CA LEU EA 142 28.07 65.53 93.54
C LEU EA 142 28.38 64.78 92.26
N GLU EA 143 28.01 63.50 92.20
CA GLU EA 143 28.24 62.71 90.99
C GLU EA 143 27.46 63.26 89.81
N ALA EA 144 26.21 63.69 90.05
CA ALA EA 144 25.41 64.27 88.98
C ALA EA 144 25.95 65.63 88.56
N ALA EA 145 26.45 66.42 89.51
CA ALA EA 145 27.03 67.71 89.17
C ALA EA 145 28.29 67.54 88.33
N GLU EA 146 29.16 66.59 88.70
CA GLU EA 146 30.33 66.30 87.88
C GLU EA 146 29.93 65.72 86.53
N ARG EA 147 28.85 64.93 86.49
CA ARG EA 147 28.39 64.34 85.24
C ARG EA 147 27.50 65.28 84.45
N GLY EA 148 26.73 66.12 85.14
CA GLY EA 148 25.83 67.03 84.47
C GLY EA 148 24.50 66.37 84.12
N ASP EA 149 24.08 65.40 84.93
CA ASP EA 149 22.87 64.64 84.70
C ASP EA 149 21.74 65.26 85.52
N SER EA 150 20.80 65.92 84.85
CA SER EA 150 19.68 66.54 85.53
C SER EA 150 18.76 65.49 86.15
N GLU EA 151 18.59 64.34 85.47
CA GLU EA 151 17.78 63.27 86.03
C GLU EA 151 18.41 62.73 87.31
N LYS EA 152 19.73 62.50 87.30
CA LYS EA 152 20.40 61.99 88.50
C LYS EA 152 20.39 63.00 89.62
N ALA EA 153 20.55 64.30 89.30
CA ALA EA 153 20.52 65.31 90.34
C ALA EA 153 19.13 65.46 90.93
N LYS EA 154 18.10 65.43 90.10
CA LYS EA 154 16.73 65.46 90.61
C LYS EA 154 16.42 64.22 91.43
N ALA EA 155 16.99 63.07 91.03
CA ALA EA 155 16.81 61.85 91.80
C ALA EA 155 17.50 61.96 93.16
N ILE EA 156 18.69 62.56 93.20
CA ILE EA 156 19.38 62.76 94.47
C ILE EA 156 18.58 63.71 95.35
N LEU EA 157 17.99 64.75 94.75
CA LEU EA 157 17.17 65.68 95.52
C LEU EA 157 15.94 65.00 96.08
N LEU EA 158 15.22 64.24 95.25
CA LEU EA 158 14.03 63.53 95.70
C LEU EA 158 14.38 62.46 96.72
N ALA EA 159 15.56 61.86 96.61
CA ALA EA 159 15.98 60.85 97.57
C ALA EA 159 16.35 61.49 98.90
N ALA EA 160 17.00 62.65 98.87
CA ALA EA 160 17.27 63.37 100.10
C ALA EA 160 15.98 63.82 100.78
N GLU EA 161 14.99 64.25 99.98
CA GLU EA 161 13.70 64.62 100.53
C GLU EA 161 12.98 63.41 101.10
N ALA EA 162 13.07 62.27 100.42
CA ALA EA 162 12.45 61.04 100.93
C ALA EA 162 13.13 60.59 102.22
N ALA EA 163 14.45 60.72 102.29
CA ALA EA 163 15.17 60.38 103.51
C ALA EA 163 14.81 61.33 104.65
N ARG EA 164 14.61 62.60 104.33
CA ARG EA 164 14.16 63.55 105.35
C ARG EA 164 12.77 63.19 105.86
N VAL EA 165 11.85 62.87 104.94
CA VAL EA 165 10.50 62.49 105.33
C VAL EA 165 10.50 61.19 106.12
N ALA EA 166 11.43 60.29 105.80
CA ALA EA 166 11.54 59.03 106.52
C ALA EA 166 12.09 59.24 107.93
N LYS EA 167 13.14 60.05 108.05
CA LYS EA 167 13.70 60.34 109.36
C LYS EA 167 12.70 61.09 110.24
N GLU EA 168 11.93 62.00 109.64
CA GLU EA 168 10.87 62.67 110.40
C GLU EA 168 9.74 61.72 110.75
N VAL EA 169 9.49 60.73 109.90
CA VAL EA 169 8.48 59.71 110.18
C VAL EA 169 9.07 58.58 111.02
N GLY EA 170 10.32 58.22 110.75
CA GLY EA 170 10.94 57.11 111.44
C GLY EA 170 10.84 55.84 110.62
N ASP EA 171 10.67 55.99 109.32
CA ASP EA 171 10.46 54.87 108.42
C ASP EA 171 11.79 54.45 107.82
N PRO EA 172 12.52 53.51 108.44
CA PRO EA 172 13.78 53.06 107.84
C PRO EA 172 13.62 52.34 106.51
N GLU EA 173 12.45 51.75 106.26
CA GLU EA 173 12.20 51.20 104.93
C GLU EA 173 12.14 52.32 103.90
N LEU EA 174 11.51 53.45 104.25
CA LEU EA 174 11.46 54.58 103.34
C LEU EA 174 12.84 55.18 103.13
N ILE EA 175 13.65 55.26 104.19
CA ILE EA 175 15.01 55.77 104.06
C ILE EA 175 15.85 54.83 103.18
N LYS EA 176 15.65 53.53 103.34
CA LYS EA 176 16.37 52.57 102.50
C LYS EA 176 15.94 52.68 101.05
N LEU EA 177 14.64 52.86 100.80
CA LEU EA 177 14.17 53.04 99.43
C LEU EA 177 14.72 54.33 98.83
N ALA EA 178 14.83 55.38 99.65
CA ALA EA 178 15.41 56.63 99.17
C ALA EA 178 16.89 56.45 98.81
N LEU EA 179 17.63 55.75 99.66
CA LEU EA 179 19.04 55.49 99.36
C LEU EA 179 19.18 54.63 98.11
N GLU EA 180 18.30 53.64 97.94
CA GLU EA 180 18.34 52.78 96.77
C GLU EA 180 18.01 53.56 95.51
N ALA EA 181 17.07 54.50 95.60
CA ALA EA 181 16.73 55.34 94.45
C ALA EA 181 17.87 56.31 94.13
N ALA EA 182 18.53 56.82 95.16
CA ALA EA 182 19.69 57.69 94.94
C ALA EA 182 20.82 56.93 94.26
N ARG EA 183 21.09 55.70 94.71
CA ARG EA 183 22.09 54.88 94.05
C ARG EA 183 21.66 54.51 92.63
N ARG EA 184 20.36 54.31 92.42
CA ARG EA 184 19.85 53.99 91.09
C ARG EA 184 19.65 55.24 90.24
N GLY EA 185 19.47 56.39 90.89
CA GLY EA 185 19.23 57.62 90.14
C GLY EA 185 17.81 57.69 89.63
N ASP EA 186 16.91 56.95 90.27
CA ASP EA 186 15.51 56.90 89.88
C ASP EA 186 14.75 57.95 90.68
N SER EA 187 14.51 59.11 90.07
CA SER EA 187 13.73 60.16 90.72
C SER EA 187 12.31 59.69 90.99
N GLU EA 188 11.78 58.81 90.14
CA GLU EA 188 10.45 58.26 90.38
C GLU EA 188 10.41 57.42 91.64
N LYS EA 189 11.40 56.54 91.81
CA LYS EA 189 11.47 55.72 93.02
C LYS EA 189 11.70 56.58 94.25
N ALA EA 190 12.50 57.63 94.12
CA ALA EA 190 12.76 58.51 95.26
C ALA EA 190 11.51 59.29 95.64
N LYS EA 191 10.75 59.75 94.65
CA LYS EA 191 9.50 60.45 94.95
C LYS EA 191 8.47 59.48 95.54
N ALA EA 192 8.47 58.24 95.07
CA ALA EA 192 7.61 57.23 95.67
C ALA EA 192 7.99 56.98 97.13
N ILE EA 193 9.31 56.98 97.40
CA ILE EA 193 9.77 56.80 98.78
C ILE EA 193 9.37 58.00 99.63
N LEU EA 194 9.41 59.20 99.06
CA LEU EA 194 9.00 60.39 99.79
C LEU EA 194 7.50 60.33 100.11
N LEU EA 195 6.68 60.00 99.11
CA LEU EA 195 5.25 59.88 99.35
C LEU EA 195 4.93 58.76 100.32
N ALA EA 196 5.70 57.67 100.28
CA ALA EA 196 5.48 56.58 101.22
C ALA EA 196 5.88 56.97 102.63
N ALA EA 197 6.97 57.73 102.77
CA ALA EA 197 7.36 58.22 104.09
C ALA EA 197 6.33 59.19 104.64
N GLU EA 198 5.75 60.02 103.77
CA GLU EA 198 4.68 60.93 104.21
C GLU EA 198 3.44 60.14 104.64
N ALA EA 199 3.08 59.12 103.86
CA ALA EA 199 1.93 58.29 104.21
C ALA EA 199 2.17 57.54 105.51
N ALA EA 200 3.40 57.07 105.73
CA ALA EA 200 3.73 56.38 106.97
C ALA EA 200 3.73 57.35 108.15
N ARG EA 201 4.18 58.58 107.93
CA ARG EA 201 4.10 59.60 108.98
C ARG EA 201 2.65 59.88 109.35
N VAL EA 202 1.77 59.98 108.35
CA VAL EA 202 0.35 60.22 108.62
C VAL EA 202 -0.25 59.02 109.34
N ALA EA 203 0.16 57.81 108.96
CA ALA EA 203 -0.34 56.60 109.61
C ALA EA 203 0.10 56.53 111.07
N LYS EA 204 1.36 56.90 111.34
CA LYS EA 204 1.84 56.91 112.71
C LYS EA 204 1.17 57.99 113.53
N GLU EA 205 0.96 59.17 112.95
CA GLU EA 205 0.29 60.24 113.67
C GLU EA 205 -1.17 59.93 113.94
N VAL EA 206 -1.82 59.20 113.03
CA VAL EA 206 -3.20 58.79 113.23
C VAL EA 206 -3.28 57.47 114.00
N GLY EA 207 -2.52 56.47 113.57
CA GLY EA 207 -2.56 55.17 114.20
C GLY EA 207 -3.08 54.11 113.26
N ASP EA 208 -2.87 54.32 111.96
CA ASP EA 208 -3.35 53.40 110.93
C ASP EA 208 -2.22 52.47 110.55
N PRO EA 209 -2.01 51.37 111.28
CA PRO EA 209 -0.91 50.46 110.93
C PRO EA 209 -1.04 49.82 109.56
N GLU EA 210 -2.27 49.61 109.07
CA GLU EA 210 -2.42 49.13 107.70
C GLU EA 210 -1.95 50.19 106.70
N LEU EA 211 -2.17 51.47 107.02
CA LEU EA 211 -1.68 52.54 106.14
C LEU EA 211 -0.16 52.60 106.15
N ILE EA 212 0.45 52.48 107.32
CA ILE EA 212 1.92 52.47 107.38
C ILE EA 212 2.46 51.24 106.67
N LYS EA 213 1.75 50.12 106.75
CA LYS EA 213 2.17 48.91 106.06
C LYS EA 213 2.10 49.08 104.55
N LEU EA 214 1.01 49.67 104.05
CA LEU EA 214 0.91 49.94 102.62
C LEU EA 214 1.96 50.94 102.17
N ALA EA 215 2.29 51.91 103.04
CA ALA EA 215 3.34 52.87 102.72
C ALA EA 215 4.70 52.18 102.61
N LEU EA 216 5.01 51.29 103.55
CA LEU EA 216 6.26 50.55 103.47
C LEU EA 216 6.28 49.64 102.25
N GLU EA 217 5.15 49.04 101.91
CA GLU EA 217 5.07 48.18 100.73
C GLU EA 217 5.30 48.98 99.46
N ALA EA 218 4.73 50.19 99.39
CA ALA EA 218 4.94 51.05 98.23
C ALA EA 218 6.39 51.53 98.16
N ALA EA 219 6.99 51.82 99.31
CA ALA EA 219 8.40 52.23 99.34
C ALA EA 219 9.29 51.10 98.85
N ARG EA 220 9.00 49.87 99.28
CA ARG EA 220 9.73 48.72 98.76
C ARG EA 220 9.46 48.52 97.27
N ARG EA 221 8.25 48.85 96.81
CA ARG EA 221 7.92 48.70 95.40
C ARG EA 221 8.34 49.92 94.58
N GLY EA 222 8.08 51.12 95.09
CA GLY EA 222 8.43 52.32 94.37
C GLY EA 222 7.30 52.86 93.52
N ASP EA 223 6.07 52.68 93.98
CA ASP EA 223 4.88 53.12 93.27
C ASP EA 223 4.43 54.46 93.83
N SER EA 224 4.76 55.54 93.13
CA SER EA 224 4.38 56.87 93.58
C SER EA 224 2.87 57.05 93.53
N ARG EA 225 2.19 56.40 92.59
CA ARG EA 225 0.73 56.48 92.53
C ARG EA 225 0.10 55.80 93.74
N LYS EA 226 0.52 54.57 94.04
CA LYS EA 226 -0.02 53.88 95.20
C LYS EA 226 0.36 54.59 96.50
N ALA EA 227 1.58 55.13 96.56
CA ALA EA 227 2.01 55.84 97.76
C ALA EA 227 1.20 57.12 97.95
N GLU EA 228 0.92 57.84 96.85
CA GLU EA 228 0.10 59.04 96.95
C GLU EA 228 -1.32 58.70 97.33
N ALA EA 229 -1.85 57.59 96.81
CA ALA EA 229 -3.19 57.15 97.20
C ALA EA 229 -3.23 56.78 98.68
N ILE EA 230 -2.17 56.13 99.18
CA ILE EA 230 -2.10 55.79 100.59
C ILE EA 230 -2.01 57.05 101.44
N LEU EA 231 -1.27 58.05 100.96
CA LEU EA 231 -1.19 59.31 101.70
C LEU EA 231 -2.52 60.03 101.72
N LEU EA 232 -3.24 60.02 100.59
CA LEU EA 232 -4.57 60.63 100.53
C LEU EA 232 -5.53 59.91 101.47
N ALA EA 233 -5.47 58.58 101.48
CA ALA EA 233 -6.33 57.81 102.38
C ALA EA 233 -5.95 58.04 103.84
N ALA EA 234 -4.66 58.25 104.11
CA ALA EA 234 -4.22 58.52 105.47
C ALA EA 234 -4.70 59.89 105.92
N GLU EA 235 -4.62 60.89 105.05
CA GLU EA 235 -5.17 62.21 105.39
C GLU EA 235 -6.68 62.14 105.58
N ALA EA 236 -7.35 61.33 104.75
CA ALA EA 236 -8.79 61.16 104.89
C ALA EA 236 -9.14 60.50 106.22
N ALA EA 237 -8.37 59.47 106.61
CA ALA EA 237 -8.62 58.80 107.88
C ALA EA 237 -8.26 59.71 109.05
N ARG EA 238 -7.28 60.58 108.88
CA ARG EA 238 -6.96 61.56 109.91
C ARG EA 238 -8.10 62.55 110.09
N ILE EA 239 -8.66 63.04 108.99
CA ILE EA 239 -9.82 63.91 109.07
C ILE EA 239 -11.01 63.17 109.67
N ALA EA 240 -11.10 61.86 109.39
CA ALA EA 240 -12.18 61.06 109.96
C ALA EA 240 -12.04 60.93 111.47
N LYS EA 241 -10.83 60.63 111.94
CA LYS EA 241 -10.58 60.57 113.37
C LYS EA 241 -10.81 61.91 114.04
N GLU EA 242 -10.44 63.00 113.35
CA GLU EA 242 -10.73 64.33 113.86
C GLU EA 242 -12.24 64.58 113.94
N ALA EA 243 -13.00 63.96 113.03
CA ALA EA 243 -14.45 64.05 113.05
C ALA EA 243 -15.10 62.93 113.83
N GLY EA 244 -14.64 61.69 113.66
CA GLY EA 244 -15.21 60.56 114.35
C GLY EA 244 -15.91 59.59 113.43
N ASP EA 245 -15.41 59.46 112.20
CA ASP EA 245 -16.00 58.54 111.22
C ASP EA 245 -15.08 57.34 111.04
N PRO EA 246 -15.18 56.32 111.88
CA PRO EA 246 -14.30 55.16 111.73
C PRO EA 246 -14.59 54.38 110.47
N GLU EA 247 -15.85 54.44 110.01
CA GLU EA 247 -16.20 53.86 108.73
C GLU EA 247 -15.45 54.54 107.59
N ALA EA 248 -15.27 55.86 107.70
CA ALA EA 248 -14.47 56.57 106.71
C ALA EA 248 -13.01 56.13 106.76
N ARG EA 249 -12.46 55.95 107.97
CA ARG EA 249 -11.09 55.48 108.08
C ARG EA 249 -10.94 54.07 107.50
N LYS EA 250 -11.95 53.23 107.69
CA LYS EA 250 -11.90 51.87 107.14
C LYS EA 250 -12.00 51.90 105.62
N LYS EA 251 -12.87 52.76 105.09
CA LYS EA 251 -12.96 52.89 103.64
C LYS EA 251 -11.66 53.45 103.07
N ALA EA 252 -11.01 54.35 103.79
CA ALA EA 252 -9.71 54.86 103.36
C ALA EA 252 -8.67 53.74 103.38
N LEU EA 253 -8.70 52.88 104.40
CA LEU EA 253 -7.80 51.74 104.42
C LEU EA 253 -8.05 50.82 103.23
N GLU EA 254 -9.33 50.58 102.92
CA GLU EA 254 -9.66 49.73 101.78
C GLU EA 254 -9.20 50.34 100.47
N ALA EA 255 -9.36 51.66 100.31
CA ALA EA 255 -8.92 52.32 99.09
C ALA EA 255 -7.40 52.35 98.97
N ALA EA 256 -6.69 52.57 100.08
CA ALA EA 256 -5.25 52.56 100.06
C ALA EA 256 -4.72 51.15 99.75
N ARG EA 257 -5.40 50.12 100.27
CA ARG EA 257 -5.07 48.76 99.87
C ARG EA 257 -5.38 48.54 98.39
N ARG EA 258 -6.38 49.23 97.87
CA ARG EA 258 -6.67 49.17 96.44
C ARG EA 258 -5.67 49.99 95.63
N GLY EA 259 -5.11 51.05 96.21
CA GLY EA 259 -4.10 51.84 95.56
C GLY EA 259 -4.61 53.02 94.76
N ASP EA 260 -5.93 53.26 94.75
CA ASP EA 260 -6.47 54.40 94.04
C ASP EA 260 -6.65 55.58 95.00
N ARG EA 261 -6.50 56.79 94.45
CA ARG EA 261 -6.66 58.01 95.23
C ARG EA 261 -7.98 58.73 94.97
N GLU EA 262 -8.74 58.34 93.95
CA GLU EA 262 -10.02 58.98 93.70
C GLU EA 262 -11.01 58.70 94.82
N LEU EA 263 -11.12 57.43 95.22
CA LEU EA 263 -12.01 57.09 96.33
C LEU EA 263 -11.52 57.71 97.62
N ALA EA 264 -10.20 57.76 97.83
CA ALA EA 264 -9.65 58.40 99.02
C ALA EA 264 -10.01 59.87 99.06
N THR EA 265 -9.91 60.55 97.92
CA THR EA 265 -10.27 61.96 97.85
C THR EA 265 -11.76 62.15 98.07
N ARG EA 266 -12.59 61.27 97.51
CA ARG EA 266 -14.03 61.38 97.71
C ARG EA 266 -14.39 61.19 99.18
N ILE EA 267 -13.73 60.24 99.86
CA ILE EA 267 -13.99 60.02 101.27
C ILE EA 267 -13.51 61.20 102.10
N LEU EA 268 -12.35 61.75 101.75
CA LEU EA 268 -11.86 62.94 102.43
C LEU EA 268 -12.83 64.10 102.23
N ILE EA 269 -13.44 64.19 101.05
CA ILE EA 269 -14.39 65.25 100.77
C ILE EA 269 -15.65 65.06 101.61
N GLU EA 270 -16.12 63.83 101.73
CA GLU EA 270 -17.31 63.58 102.55
C GLU EA 270 -17.03 63.89 104.02
N ALA EA 271 -15.85 63.50 104.50
CA ALA EA 271 -15.48 63.79 105.88
C ALA EA 271 -15.34 65.30 106.09
N LEU EA 272 -14.77 66.00 105.10
CA LEU EA 272 -14.65 67.44 105.21
C LEU EA 272 -16.02 68.10 105.17
N LEU EA 273 -16.96 67.53 104.42
CA LEU EA 273 -18.32 68.07 104.39
C LEU EA 273 -19.00 67.89 105.74
N ARG EA 274 -18.84 66.73 106.36
CA ARG EA 274 -19.39 66.52 107.69
C ARG EA 274 -18.75 67.47 108.70
N LEU EA 275 -17.42 67.57 108.67
CA LEU EA 275 -16.73 68.48 109.58
C LEU EA 275 -17.12 69.92 109.30
N LEU EA 276 -17.44 70.25 108.06
CA LEU EA 276 -17.84 71.60 107.72
C LEU EA 276 -19.24 71.91 108.24
N LYS EA 277 -20.14 70.94 108.15
CA LYS EA 277 -21.45 71.12 108.77
C LYS EA 277 -21.32 71.29 110.28
N LYS EA 278 -20.44 70.50 110.91
CA LYS EA 278 -20.21 70.64 112.34
C LYS EA 278 -19.63 72.01 112.68
N SER EA 279 -18.65 72.46 111.89
CA SER EA 279 -18.04 73.78 112.13
C SER EA 279 -19.03 74.90 111.85
N THR EA 280 -19.97 74.68 110.92
CA THR EA 280 -21.01 75.67 110.67
C THR EA 280 -21.96 75.78 111.84
N ALA EA 281 -22.35 74.63 112.41
CA ALA EA 281 -23.16 74.66 113.63
C ALA EA 281 -22.41 75.35 114.76
N GLU EA 282 -21.12 75.04 114.92
CA GLU EA 282 -20.33 75.66 115.97
C GLU EA 282 -20.19 77.16 115.75
N LEU EA 283 -20.05 77.58 114.50
CA LEU EA 283 -19.90 79.01 114.21
C LEU EA 283 -21.22 79.75 114.41
N LYS EA 284 -22.34 79.11 114.08
CA LYS EA 284 -23.64 79.71 114.38
C LYS EA 284 -23.83 79.86 115.89
N ARG EA 285 -23.43 78.84 116.66
CA ARG EA 285 -23.51 78.93 118.11
C ARG EA 285 -22.60 80.03 118.64
N ALA EA 286 -21.39 80.16 118.07
CA ALA EA 286 -20.47 81.19 118.51
C ALA EA 286 -20.99 82.58 118.17
N THR EA 287 -21.62 82.73 117.01
CA THR EA 287 -22.20 84.01 116.64
C THR EA 287 -23.38 84.36 117.54
N ALA EA 288 -24.19 83.38 117.90
CA ALA EA 288 -25.27 83.61 118.84
C ALA EA 288 -24.72 84.02 120.21
N SER EA 289 -23.65 83.36 120.66
CA SER EA 289 -23.04 83.71 121.94
C SER EA 289 -22.44 85.11 121.91
N LEU EA 290 -21.82 85.48 120.79
CA LEU EA 290 -21.25 86.82 120.66
C LEU EA 290 -22.35 87.87 120.64
N ARG EA 291 -23.46 87.61 119.94
CA ARG EA 291 -24.57 88.54 119.95
C ARG EA 291 -25.19 88.64 121.35
N ALA EA 292 -25.22 87.53 122.09
CA ALA EA 292 -25.75 87.57 123.45
C ALA EA 292 -24.84 88.38 124.37
N ILE EA 293 -23.53 88.21 124.24
CA ILE EA 293 -22.60 88.99 125.04
C ILE EA 293 -22.68 90.46 124.66
N THR EA 294 -22.92 90.75 123.37
CA THR EA 294 -23.09 92.12 122.94
C THR EA 294 -24.35 92.74 123.54
N GLU EA 295 -25.45 91.98 123.56
CA GLU EA 295 -26.68 92.47 124.16
C GLU EA 295 -26.51 92.66 125.66
N GLU EA 296 -25.71 91.80 126.30
CA GLU EA 296 -25.45 91.94 127.73
C GLU EA 296 -24.63 93.20 128.01
N LEU EA 297 -23.59 93.43 127.21
CA LEU EA 297 -22.80 94.65 127.35
C LEU EA 297 -23.64 95.89 127.02
N LYS EA 298 -24.64 95.72 126.15
CA LYS EA 298 -25.51 96.84 125.82
C LYS EA 298 -26.48 97.16 126.96
N LYS EA 299 -27.04 96.14 127.60
CA LYS EA 299 -28.00 96.38 128.67
C LYS EA 299 -27.34 96.98 129.90
N ASN EA 300 -26.11 96.60 130.19
CA ASN EA 300 -25.38 97.14 131.33
C ASN EA 300 -23.88 97.15 131.04
N PRO EA 301 -23.37 98.20 130.41
CA PRO EA 301 -21.94 98.21 130.07
C PRO EA 301 -21.07 98.55 131.26
N SER EA 302 -19.96 97.83 131.36
CA SER EA 302 -19.02 97.98 132.46
C SER EA 302 -17.72 97.31 132.08
N GLU EA 303 -16.82 97.19 133.05
CA GLU EA 303 -15.56 96.48 132.82
C GLU EA 303 -15.82 95.03 132.45
N ASP EA 304 -16.62 94.33 133.26
CA ASP EA 304 -16.91 92.92 132.97
C ASP EA 304 -17.74 92.79 131.70
N ALA EA 305 -18.65 93.73 131.45
CA ALA EA 305 -19.50 93.65 130.26
C ALA EA 305 -18.68 93.80 128.98
N LEU EA 306 -17.87 94.86 128.91
CA LEU EA 306 -17.01 95.04 127.75
C LEU EA 306 -16.00 93.90 127.63
N VAL EA 307 -15.50 93.40 128.76
CA VAL EA 307 -14.58 92.28 128.75
C VAL EA 307 -15.23 91.05 128.11
N GLU EA 308 -16.45 90.72 128.55
CA GLU EA 308 -17.14 89.55 128.01
C GLU EA 308 -17.50 89.74 126.56
N HIS EA 309 -17.92 90.95 126.17
CA HIS EA 309 -18.26 91.20 124.78
C HIS EA 309 -17.05 91.06 123.87
N ASN EA 310 -15.92 91.63 124.28
CA ASN EA 310 -14.70 91.51 123.48
C ASN EA 310 -14.19 90.08 123.46
N ARG EA 311 -14.32 89.36 124.58
CA ARG EA 311 -13.91 87.97 124.61
C ARG EA 311 -14.78 87.11 123.70
N ALA EA 312 -16.08 87.39 123.66
CA ALA EA 312 -16.96 86.66 122.76
C ALA EA 312 -16.67 87.01 121.31
N ILE EA 313 -16.33 88.26 121.03
CA ILE EA 313 -15.96 88.64 119.67
C ILE EA 313 -14.70 87.92 119.24
N VAL EA 314 -13.71 87.84 120.14
CA VAL EA 314 -12.47 87.15 119.82
C VAL EA 314 -12.70 85.65 119.67
N GLU EA 315 -13.60 85.09 120.49
CA GLU EA 315 -13.92 83.68 120.36
C GLU EA 315 -14.62 83.38 119.04
N HIS EA 316 -15.52 84.26 118.63
CA HIS EA 316 -16.16 84.11 117.32
C HIS EA 316 -15.15 84.23 116.20
N ASN EA 317 -14.20 85.17 116.33
CA ASN EA 317 -13.16 85.30 115.32
C ASN EA 317 -12.28 84.06 115.26
N ALA EA 318 -11.96 83.48 116.42
CA ALA EA 318 -11.14 82.28 116.45
C ALA EA 318 -11.90 81.08 115.88
N ILE EA 319 -13.19 80.98 116.17
CA ILE EA 319 -13.99 79.90 115.61
C ILE EA 319 -14.11 80.05 114.10
N ILE EA 320 -14.24 81.29 113.63
CA ILE EA 320 -14.28 81.54 112.19
C ILE EA 320 -12.94 81.19 111.56
N VAL EA 321 -11.85 81.49 112.26
CA VAL EA 321 -10.52 81.14 111.74
C VAL EA 321 -10.37 79.63 111.68
N GLU EA 322 -10.89 78.91 112.67
CA GLU EA 322 -10.81 77.46 112.66
C GLU EA 322 -11.65 76.87 111.54
N ASN EA 323 -12.86 77.40 111.34
CA ASN EA 323 -13.69 76.93 110.24
C ASN EA 323 -13.06 77.24 108.90
N ASN EA 324 -12.42 78.40 108.78
CA ASN EA 324 -11.73 78.74 107.55
C ASN EA 324 -10.52 77.84 107.33
N ARG EA 325 -9.85 77.45 108.41
CA ARG EA 325 -8.73 76.53 108.28
C ARG EA 325 -9.22 75.15 107.83
N ILE EA 326 -10.36 74.72 108.35
CA ILE EA 326 -10.94 73.45 107.90
C ILE EA 326 -11.32 73.54 106.43
N ILE EA 327 -11.92 74.66 106.03
CA ILE EA 327 -12.30 74.84 104.64
C ILE EA 327 -11.06 74.89 103.75
N ALA EA 328 -9.98 75.49 104.25
CA ALA EA 328 -8.74 75.56 103.49
C ALA EA 328 -8.11 74.18 103.34
N MET EA 329 -8.18 73.37 104.40
CA MET EA 329 -7.69 72.00 104.29
C MET EA 329 -8.51 71.20 103.29
N VAL EA 330 -9.82 71.38 103.32
CA VAL EA 330 -10.68 70.68 102.36
C VAL EA 330 -10.38 71.13 100.94
N LEU EA 331 -10.16 72.43 100.75
CA LEU EA 331 -9.85 72.95 99.43
C LEU EA 331 -8.49 72.46 98.96
N GLU EA 332 -7.51 72.38 99.86
CA GLU EA 332 -6.20 71.85 99.49
C GLU EA 332 -6.31 70.38 99.12
N ALA EA 333 -7.18 69.63 99.81
CA ALA EA 333 -7.41 68.25 99.44
C ALA EA 333 -8.04 68.15 98.06
N ILE EA 334 -9.02 69.02 97.77
CA ILE EA 334 -9.63 69.02 96.45
C ILE EA 334 -8.60 69.38 95.39
N VAL EA 335 -7.68 70.29 95.70
CA VAL EA 335 -6.67 70.70 94.75
C VAL EA 335 -5.69 69.57 94.49
N ARG EA 336 -5.23 68.92 95.55
CA ARG EA 336 -4.34 67.77 95.39
C ARG EA 336 -5.04 66.64 94.64
N ALA EA 337 -6.37 66.57 94.75
CA ALA EA 337 -7.14 65.59 93.99
C ALA EA 337 -7.41 66.04 92.57
N ILE EA 338 -7.76 67.30 92.37
CA ILE EA 338 -8.03 67.80 91.03
C ILE EA 338 -6.72 68.17 90.35
N SER FA 2 -106.19 -31.28 7.76
CA SER FA 2 -106.80 -32.50 7.25
C SER FA 2 -106.39 -33.70 8.11
N THR FA 3 -105.60 -33.44 9.15
CA THR FA 3 -105.15 -34.52 10.02
C THR FA 3 -106.28 -35.03 10.92
N LYS FA 4 -107.01 -34.10 11.57
CA LYS FA 4 -108.09 -34.51 12.45
C LYS FA 4 -109.25 -35.13 11.68
N GLU FA 5 -109.54 -34.60 10.48
CA GLU FA 5 -110.62 -35.17 9.67
C GLU FA 5 -110.27 -36.57 9.20
N LYS FA 6 -109.05 -36.76 8.68
CA LYS FA 6 -108.62 -38.08 8.27
C LYS FA 6 -108.59 -39.04 9.46
N ALA FA 7 -108.22 -38.53 10.63
CA ALA FA 7 -108.24 -39.35 11.83
C ALA FA 7 -109.65 -39.81 12.17
N ARG FA 8 -110.60 -38.87 12.20
CA ARG FA 8 -111.98 -39.23 12.52
C ARG FA 8 -112.53 -40.21 11.49
N GLN FA 9 -112.20 -40.03 10.21
CA GLN FA 9 -112.72 -40.91 9.17
C GLN FA 9 -112.13 -42.32 9.30
N LEU FA 10 -110.79 -42.41 9.36
CA LEU FA 10 -110.16 -43.72 9.49
C LEU FA 10 -110.55 -44.41 10.78
N ALA FA 11 -110.84 -43.65 11.83
CA ALA FA 11 -111.23 -44.25 13.09
C ALA FA 11 -112.68 -44.71 13.06
N GLU FA 12 -113.56 -43.97 12.37
CA GLU FA 12 -114.91 -44.46 12.16
C GLU FA 12 -114.90 -45.75 11.36
N GLU FA 13 -114.08 -45.80 10.30
CA GLU FA 13 -113.92 -47.03 9.54
C GLU FA 13 -113.34 -48.15 10.42
N ALA FA 14 -112.42 -47.78 11.32
CA ALA FA 14 -111.87 -48.74 12.26
C ALA FA 14 -112.95 -49.34 13.14
N LYS FA 15 -113.80 -48.49 13.71
CA LYS FA 15 -114.88 -48.96 14.57
C LYS FA 15 -115.87 -49.82 13.78
N GLU FA 16 -116.15 -49.44 12.54
CA GLU FA 16 -117.07 -50.22 11.72
C GLU FA 16 -116.50 -51.60 11.41
N THR FA 17 -115.24 -51.66 10.97
CA THR FA 17 -114.63 -52.95 10.68
C THR FA 17 -114.40 -53.76 11.95
N ALA FA 18 -114.34 -53.09 13.10
CA ALA FA 18 -114.23 -53.80 14.36
C ALA FA 18 -115.56 -54.44 14.75
N GLU FA 19 -116.65 -53.68 14.65
CA GLU FA 19 -117.98 -54.25 14.89
C GLU FA 19 -118.29 -55.36 13.90
N LYS FA 20 -117.81 -55.23 12.66
CA LYS FA 20 -117.99 -56.30 11.69
C LYS FA 20 -117.09 -57.49 12.03
N VAL FA 21 -115.92 -57.24 12.58
CA VAL FA 21 -115.02 -58.30 13.04
C VAL FA 21 -115.55 -58.96 14.30
N GLY FA 22 -116.40 -58.24 15.03
CA GLY FA 22 -116.94 -58.74 16.28
C GLY FA 22 -116.29 -58.08 17.47
N ASP FA 23 -115.70 -56.91 17.26
CA ASP FA 23 -114.96 -56.21 18.29
C ASP FA 23 -115.64 -54.90 18.62
N PRO FA 24 -116.39 -54.81 19.72
CA PRO FA 24 -116.91 -53.51 20.15
C PRO FA 24 -115.86 -52.74 20.94
N GLU FA 25 -114.91 -53.49 21.51
CA GLU FA 25 -113.78 -52.87 22.20
C GLU FA 25 -112.89 -52.13 21.23
N LEU FA 26 -112.55 -52.76 20.10
CA LEU FA 26 -111.80 -52.06 19.06
C LEU FA 26 -112.63 -50.93 18.46
N ILE FA 27 -113.95 -51.08 18.44
CA ILE FA 27 -114.82 -50.01 17.98
C ILE FA 27 -114.73 -48.80 18.90
N LYS FA 28 -114.71 -49.04 20.21
CA LYS FA 28 -114.59 -47.93 21.16
C LYS FA 28 -113.20 -47.31 21.11
N LEU FA 29 -112.16 -48.15 20.97
CA LEU FA 29 -110.81 -47.62 20.81
C LEU FA 29 -110.69 -46.77 19.55
N ALA FA 30 -111.42 -47.16 18.50
CA ALA FA 30 -111.46 -46.38 17.28
C ALA FA 30 -112.18 -45.06 17.49
N GLU FA 31 -113.32 -45.10 18.19
CA GLU FA 31 -114.00 -43.86 18.52
C GLU FA 31 -113.09 -42.93 19.32
N GLN FA 32 -112.26 -43.50 20.20
CA GLN FA 32 -111.31 -42.71 20.95
C GLN FA 32 -110.21 -42.15 20.05
N ALA FA 33 -109.76 -42.93 19.07
CA ALA FA 33 -108.78 -42.43 18.11
C ALA FA 33 -109.35 -41.29 17.29
N SER FA 34 -110.65 -41.34 16.99
CA SER FA 34 -111.31 -40.25 16.29
C SER FA 34 -111.41 -39.01 17.18
N GLN FA 35 -111.84 -39.20 18.43
CA GLN FA 35 -111.98 -38.08 19.35
C GLN FA 35 -110.65 -37.41 19.63
N GLU FA 36 -109.57 -38.19 19.66
CA GLU FA 36 -108.25 -37.63 19.90
C GLU FA 36 -107.69 -36.97 18.64
N GLY FA 37 -108.09 -37.45 17.47
CA GLY FA 37 -107.59 -36.94 16.23
C GLY FA 37 -106.27 -37.52 15.76
N ASP FA 38 -106.00 -38.79 16.06
CA ASP FA 38 -104.77 -39.45 15.64
C ASP FA 38 -105.05 -40.32 14.43
N SER FA 39 -104.65 -39.83 13.25
CA SER FA 39 -104.82 -40.61 12.02
C SER FA 39 -103.99 -41.89 12.07
N GLU FA 40 -102.84 -41.84 12.73
CA GLU FA 40 -102.04 -43.05 12.90
C GLU FA 40 -102.79 -44.08 13.75
N LYS FA 41 -103.31 -43.65 14.90
CA LYS FA 41 -104.07 -44.57 15.74
C LYS FA 41 -105.37 -44.99 15.06
N ALA FA 42 -105.96 -44.10 14.26
CA ALA FA 42 -107.17 -44.45 13.54
C ALA FA 42 -106.91 -45.55 12.51
N LYS FA 43 -105.89 -45.37 11.66
CA LYS FA 43 -105.54 -46.40 10.69
C LYS FA 43 -105.06 -47.65 11.39
N ALA FA 44 -104.46 -47.51 12.57
CA ALA FA 44 -104.05 -48.68 13.35
C ALA FA 44 -105.25 -49.49 13.78
N ILE FA 45 -106.26 -48.82 14.35
CA ILE FA 45 -107.48 -49.52 14.75
C ILE FA 45 -108.18 -50.10 13.52
N LEU FA 46 -108.05 -49.44 12.37
CA LEU FA 46 -108.68 -49.94 11.16
C LEU FA 46 -108.01 -51.22 10.67
N LEU FA 47 -106.68 -51.21 10.59
CA LEU FA 47 -105.95 -52.41 10.21
C LEU FA 47 -106.14 -53.52 11.22
N ALA FA 48 -106.26 -53.18 12.51
CA ALA FA 48 -106.50 -54.20 13.53
C ALA FA 48 -107.92 -54.77 13.42
N ALA FA 49 -108.88 -53.93 13.05
CA ALA FA 49 -110.24 -54.41 12.85
C ALA FA 49 -110.32 -55.32 11.64
N GLU FA 50 -109.62 -54.95 10.56
CA GLU FA 50 -109.54 -55.83 9.41
C GLU FA 50 -108.81 -57.13 9.77
N ALA FA 51 -107.80 -57.03 10.62
CA ALA FA 51 -107.11 -58.23 11.09
C ALA FA 51 -108.04 -59.14 11.86
N ALA FA 52 -108.86 -58.56 12.74
CA ALA FA 52 -109.81 -59.36 13.51
C ALA FA 52 -110.88 -59.96 12.61
N ARG FA 53 -111.27 -59.24 11.56
CA ARG FA 53 -112.23 -59.80 10.61
C ARG FA 53 -111.62 -60.98 9.87
N VAL FA 54 -110.39 -60.83 9.37
CA VAL FA 54 -109.74 -61.91 8.65
C VAL FA 54 -109.44 -63.07 9.59
N ALA FA 55 -109.28 -62.79 10.87
CA ALA FA 55 -109.05 -63.85 11.85
C ALA FA 55 -110.35 -64.61 12.15
N LYS FA 56 -111.44 -63.88 12.38
CA LYS FA 56 -112.74 -64.52 12.52
C LYS FA 56 -113.07 -65.35 11.29
N GLU FA 57 -112.59 -64.91 10.12
CA GLU FA 57 -112.68 -65.73 8.92
C GLU FA 57 -111.75 -66.94 9.00
N VAL FA 58 -110.59 -66.77 9.63
CA VAL FA 58 -109.63 -67.87 9.76
C VAL FA 58 -109.90 -68.69 11.01
N GLY FA 59 -109.98 -68.05 12.17
CA GLY FA 59 -110.34 -68.74 13.39
C GLY FA 59 -109.23 -68.85 14.43
N ALA FA 60 -108.41 -67.81 14.56
CA ALA FA 60 -107.33 -67.81 15.55
C ALA FA 60 -107.56 -66.73 16.58
N PRO FA 61 -107.89 -67.06 17.83
CA PRO FA 61 -108.10 -66.02 18.85
C PRO FA 61 -106.81 -65.34 19.28
N ASP FA 62 -105.66 -65.94 18.98
CA ASP FA 62 -104.39 -65.29 19.31
C ASP FA 62 -104.24 -63.98 18.56
N LEU FA 63 -104.29 -64.03 17.22
CA LEU FA 63 -104.22 -62.80 16.43
C LEU FA 63 -105.43 -61.92 16.69
N ILE FA 64 -106.56 -62.51 17.10
CA ILE FA 64 -107.73 -61.70 17.42
C ILE FA 64 -107.46 -60.81 18.61
N ARG FA 65 -107.01 -61.39 19.73
CA ARG FA 65 -106.65 -60.58 20.89
C ARG FA 65 -105.47 -59.67 20.59
N LEU FA 66 -104.57 -60.11 19.70
CA LEU FA 66 -103.45 -59.27 19.31
C LEU FA 66 -103.93 -57.99 18.64
N ALA FA 67 -104.85 -58.12 17.68
CA ALA FA 67 -105.42 -56.95 17.02
C ALA FA 67 -106.26 -56.14 17.99
N ARG FA 68 -106.94 -56.80 18.92
CA ARG FA 68 -107.70 -56.07 19.93
C ARG FA 68 -106.79 -55.17 20.75
N ILE FA 69 -105.65 -55.71 21.21
CA ILE FA 69 -104.72 -54.91 21.99
C ILE FA 69 -104.06 -53.84 21.13
N ALA FA 70 -103.78 -54.17 19.86
CA ALA FA 70 -103.17 -53.19 18.97
C ALA FA 70 -104.11 -52.02 18.72
N ALA FA 71 -105.41 -52.28 18.64
CA ALA FA 71 -106.38 -51.20 18.48
C ALA FA 71 -106.54 -50.43 19.77
N ARG FA 72 -106.57 -51.12 20.92
CA ARG FA 72 -106.66 -50.45 22.20
C ARG FA 72 -105.45 -49.54 22.42
N VAL FA 73 -104.29 -49.91 21.89
CA VAL FA 73 -103.10 -49.08 22.04
C VAL FA 73 -102.94 -48.14 20.85
N GLY FA 74 -103.28 -48.60 19.65
CA GLY FA 74 -103.10 -47.80 18.46
C GLY FA 74 -101.80 -48.10 17.76
N ALA FA 75 -101.45 -49.39 17.67
CA ALA FA 75 -100.20 -49.84 17.05
C ALA FA 75 -100.46 -50.15 15.59
N SER FA 76 -99.94 -49.31 14.70
CA SER FA 76 -100.17 -49.50 13.27
C SER FA 76 -99.35 -50.67 12.72
N GLU FA 77 -98.07 -50.77 13.15
CA GLU FA 77 -97.25 -51.88 12.70
C GLU FA 77 -97.80 -53.21 13.20
N ALA FA 78 -98.21 -53.27 14.47
CA ALA FA 78 -98.78 -54.49 15.01
C ALA FA 78 -100.12 -54.83 14.35
N ALA FA 79 -100.90 -53.80 14.01
CA ALA FA 79 -102.18 -54.05 13.34
C ALA FA 79 -101.97 -54.58 11.93
N LYS FA 80 -101.03 -53.99 11.18
CA LYS FA 80 -100.74 -54.49 9.84
C LYS FA 80 -100.14 -55.90 9.91
N ALA FA 81 -99.33 -56.16 10.93
CA ALA FA 81 -98.80 -57.49 11.13
C ALA FA 81 -99.91 -58.48 11.44
N ILE FA 82 -100.88 -58.08 12.26
CA ILE FA 82 -101.99 -58.97 12.58
C ILE FA 82 -102.86 -59.21 11.35
N LEU FA 83 -102.99 -58.20 10.49
CA LEU FA 83 -103.79 -58.36 9.27
C LEU FA 83 -103.11 -59.30 8.28
N LEU FA 84 -101.82 -59.06 8.01
CA LEU FA 84 -101.09 -59.96 7.13
C LEU FA 84 -100.97 -61.35 7.73
N ALA FA 85 -100.96 -61.45 9.06
CA ALA FA 85 -100.88 -62.75 9.71
C ALA FA 85 -102.21 -63.48 9.67
N ALA FA 86 -103.32 -62.74 9.71
CA ALA FA 86 -104.63 -63.37 9.52
C ALA FA 86 -104.79 -63.84 8.08
N GLU FA 87 -104.26 -63.06 7.13
CA GLU FA 87 -104.20 -63.53 5.75
C GLU FA 87 -103.35 -64.79 5.65
N ALA FA 88 -102.20 -64.79 6.34
CA ALA FA 88 -101.35 -65.98 6.37
C ALA FA 88 -102.07 -67.16 7.00
N ALA FA 89 -102.89 -66.90 8.02
CA ALA FA 89 -103.62 -67.97 8.68
C ALA FA 89 -104.70 -68.54 7.78
N ARG FA 90 -105.39 -67.68 7.03
CA ARG FA 90 -106.33 -68.17 6.04
C ARG FA 90 -105.62 -68.98 4.97
N VAL FA 91 -104.47 -68.50 4.49
CA VAL FA 91 -103.73 -69.20 3.46
C VAL FA 91 -103.20 -70.53 3.99
N ALA FA 92 -102.89 -70.58 5.29
CA ALA FA 92 -102.40 -71.81 5.89
C ALA FA 92 -103.52 -72.81 6.12
N LYS FA 93 -104.68 -72.33 6.59
CA LYS FA 93 -105.85 -73.19 6.68
C LYS FA 93 -106.22 -73.75 5.32
N GLU FA 94 -105.98 -72.97 4.26
CA GLU FA 94 -106.09 -73.51 2.91
C GLU FA 94 -104.96 -74.48 2.59
N VAL FA 95 -103.79 -74.28 3.18
CA VAL FA 95 -102.65 -75.15 2.91
C VAL FA 95 -102.60 -76.29 3.93
N GLY FA 96 -102.45 -75.95 5.21
CA GLY FA 96 -102.42 -76.96 6.26
C GLY FA 96 -101.09 -77.14 6.94
N ASP FA 97 -100.34 -76.06 7.12
CA ASP FA 97 -99.03 -76.11 7.75
C ASP FA 97 -99.10 -75.50 9.14
N PRO FA 98 -98.88 -76.27 10.21
CA PRO FA 98 -98.94 -75.69 11.56
C PRO FA 98 -97.74 -74.83 11.91
N GLU FA 99 -96.55 -75.16 11.40
CA GLU FA 99 -95.40 -74.28 11.62
C GLU FA 99 -95.61 -72.93 10.97
N LEU FA 100 -96.30 -72.91 9.83
CA LEU FA 100 -96.67 -71.64 9.21
C LEU FA 100 -97.62 -70.86 10.10
N GLU FA 101 -98.58 -71.54 10.72
CA GLU FA 101 -99.49 -70.84 11.64
C GLU FA 101 -98.73 -70.29 12.85
N ARG FA 102 -97.77 -71.06 13.36
CA ARG FA 102 -96.95 -70.59 14.46
C ARG FA 102 -96.14 -69.36 14.06
N LEU FA 103 -95.54 -69.40 12.87
CA LEU FA 103 -94.75 -68.25 12.40
C LEU FA 103 -95.64 -67.04 12.17
N ALA FA 104 -96.87 -67.25 11.69
CA ALA FA 104 -97.78 -66.14 11.47
C ALA FA 104 -98.22 -65.52 12.79
N LEU FA 105 -98.57 -66.35 13.77
CA LEU FA 105 -98.92 -65.84 15.08
C LEU FA 105 -97.75 -65.12 15.72
N LEU FA 106 -96.53 -65.62 15.49
CA LEU FA 106 -95.34 -64.98 16.05
C LEU FA 106 -95.09 -63.63 15.38
N ALA FA 107 -95.34 -63.53 14.08
CA ALA FA 107 -95.20 -62.25 13.39
C ALA FA 107 -96.26 -61.27 13.87
N ALA FA 108 -97.47 -61.76 14.15
CA ALA FA 108 -98.52 -60.90 14.67
C ALA FA 108 -98.18 -60.41 16.08
N VAL FA 109 -97.60 -61.28 16.91
CA VAL FA 109 -97.26 -60.90 18.27
C VAL FA 109 -96.07 -59.95 18.29
N LEU FA 110 -95.01 -60.27 17.53
CA LEU FA 110 -93.87 -59.37 17.43
C LEU FA 110 -94.24 -58.10 16.68
N GLY FA 111 -95.38 -58.09 16.02
CA GLY FA 111 -95.81 -56.94 15.26
C GLY FA 111 -94.99 -56.68 14.02
N ASP FA 112 -94.20 -57.66 13.59
CA ASP FA 112 -93.34 -57.52 12.43
C ASP FA 112 -94.18 -57.72 11.18
N SER FA 113 -94.62 -56.60 10.59
CA SER FA 113 -95.41 -56.67 9.36
C SER FA 113 -94.60 -57.28 8.23
N GLU FA 114 -93.28 -57.10 8.26
CA GLU FA 114 -92.42 -57.80 7.30
C GLU FA 114 -92.49 -59.30 7.51
N LYS FA 115 -92.36 -59.75 8.76
CA LYS FA 115 -92.49 -61.18 9.05
C LYS FA 115 -93.91 -61.66 8.80
N ALA FA 116 -94.90 -60.78 8.94
CA ALA FA 116 -96.28 -61.16 8.68
C ALA FA 116 -96.52 -61.37 7.18
N LYS FA 117 -96.02 -60.47 6.35
CA LYS FA 117 -96.07 -60.69 4.91
C LYS FA 117 -95.24 -61.89 4.51
N ALA FA 118 -94.14 -62.14 5.23
CA ALA FA 118 -93.37 -63.35 5.02
C ALA FA 118 -94.20 -64.60 5.29
N ILE FA 119 -94.96 -64.59 6.38
CA ILE FA 119 -95.80 -65.73 6.72
C ILE FA 119 -96.91 -65.89 5.68
N LEU FA 120 -97.46 -64.78 5.21
CA LEU FA 120 -98.50 -64.86 4.17
C LEU FA 120 -97.94 -65.47 2.89
N LEU FA 121 -96.79 -64.95 2.42
CA LEU FA 121 -96.17 -65.49 1.22
C LEU FA 121 -95.70 -66.93 1.42
N ALA FA 122 -95.33 -67.29 2.65
CA ALA FA 122 -94.88 -68.65 2.92
C ALA FA 122 -96.05 -69.62 2.97
N ALA FA 123 -97.19 -69.19 3.49
CA ALA FA 123 -98.39 -70.02 3.44
C ALA FA 123 -98.85 -70.19 2.00
N GLU FA 124 -98.79 -69.10 1.21
CA GLU FA 124 -99.09 -69.22 -0.21
C GLU FA 124 -98.10 -70.15 -0.91
N ALA FA 125 -96.83 -70.07 -0.54
CA ALA FA 125 -95.81 -70.94 -1.13
C ALA FA 125 -96.07 -72.39 -0.77
N ALA FA 126 -96.43 -72.66 0.48
CA ALA FA 126 -96.74 -74.03 0.90
C ALA FA 126 -97.97 -74.55 0.17
N ARG FA 127 -98.99 -73.70 0.00
CA ARG FA 127 -100.17 -74.12 -0.75
C ARG FA 127 -99.83 -74.42 -2.20
N VAL FA 128 -99.02 -73.55 -2.83
CA VAL FA 128 -98.66 -73.74 -4.22
C VAL FA 128 -97.77 -74.96 -4.39
N ALA FA 129 -96.94 -75.26 -3.37
CA ALA FA 129 -96.09 -76.43 -3.43
C ALA FA 129 -96.90 -77.71 -3.25
N LYS FA 130 -97.86 -77.71 -2.32
CA LYS FA 130 -98.74 -78.85 -2.14
C LYS FA 130 -99.58 -79.09 -3.40
N GLU FA 131 -99.98 -78.01 -4.06
CA GLU FA 131 -100.73 -78.15 -5.31
C GLU FA 131 -99.84 -78.64 -6.44
N VAL FA 132 -98.59 -78.20 -6.48
CA VAL FA 132 -97.64 -78.61 -7.52
C VAL FA 132 -96.96 -79.91 -7.15
N GLY FA 133 -96.62 -80.09 -5.87
CA GLY FA 133 -95.93 -81.27 -5.42
C GLY FA 133 -94.44 -81.01 -5.28
N ASP FA 134 -94.07 -79.75 -5.07
CA ASP FA 134 -92.68 -79.35 -5.00
C ASP FA 134 -92.21 -79.36 -3.56
N PRO FA 135 -91.51 -80.41 -3.11
CA PRO FA 135 -91.06 -80.43 -1.71
C PRO FA 135 -89.98 -79.42 -1.41
N GLU FA 136 -89.13 -79.07 -2.38
CA GLU FA 136 -88.16 -78.01 -2.17
C GLU FA 136 -88.85 -76.67 -1.94
N LEU FA 137 -89.94 -76.43 -2.66
CA LEU FA 137 -90.69 -75.19 -2.48
C LEU FA 137 -91.32 -75.14 -1.10
N ILE FA 138 -91.90 -76.25 -0.63
CA ILE FA 138 -92.49 -76.27 0.71
C ILE FA 138 -91.42 -76.12 1.78
N LYS FA 139 -90.25 -76.71 1.55
CA LYS FA 139 -89.15 -76.57 2.50
C LYS FA 139 -88.67 -75.12 2.57
N LEU FA 140 -88.54 -74.47 1.42
CA LEU FA 140 -88.15 -73.07 1.40
C LEU FA 140 -89.22 -72.19 2.05
N ALA FA 141 -90.49 -72.54 1.85
CA ALA FA 141 -91.57 -71.79 2.49
C ALA FA 141 -91.51 -71.92 4.01
N LEU FA 142 -91.30 -73.13 4.51
CA LEU FA 142 -91.18 -73.33 5.96
C LEU FA 142 -89.96 -72.62 6.51
N GLU FA 143 -88.85 -72.65 5.77
CA GLU FA 143 -87.64 -71.96 6.21
C GLU FA 143 -87.85 -70.45 6.26
N ALA FA 144 -88.56 -69.90 5.28
CA ALA FA 144 -88.84 -68.47 5.29
C ALA FA 144 -89.81 -68.11 6.41
N ALA FA 145 -90.79 -68.97 6.68
CA ALA FA 145 -91.72 -68.71 7.77
C ALA FA 145 -91.01 -68.72 9.12
N GLU FA 146 -90.12 -69.69 9.33
CA GLU FA 146 -89.32 -69.70 10.56
C GLU FA 146 -88.36 -68.51 10.61
N ARG FA 147 -87.85 -68.09 9.45
CA ARG FA 147 -86.93 -66.96 9.41
C ARG FA 147 -87.68 -65.63 9.35
N GLY FA 148 -88.84 -65.60 8.71
CA GLY FA 148 -89.59 -64.37 8.58
C GLY FA 148 -89.13 -63.54 7.39
N ASP FA 149 -88.63 -64.20 6.36
CA ASP FA 149 -88.09 -63.53 5.17
C ASP FA 149 -89.17 -63.48 4.11
N SER FA 150 -89.71 -62.27 3.86
CA SER FA 150 -90.74 -62.12 2.84
C SER FA 150 -90.20 -62.37 1.45
N GLU FA 151 -88.94 -61.98 1.20
CA GLU FA 151 -88.33 -62.26 -0.09
C GLU FA 151 -88.19 -63.76 -0.33
N LYS FA 152 -87.74 -64.49 0.69
CA LYS FA 152 -87.58 -65.94 0.55
C LYS FA 152 -88.92 -66.63 0.41
N ALA FA 153 -89.94 -66.16 1.14
CA ALA FA 153 -91.26 -66.77 1.03
C ALA FA 153 -91.89 -66.50 -0.33
N LYS FA 154 -91.75 -65.28 -0.83
CA LYS FA 154 -92.23 -64.96 -2.18
C LYS FA 154 -91.46 -65.75 -3.22
N ALA FA 155 -90.16 -65.98 -3.00
CA ALA FA 155 -89.39 -66.81 -3.91
C ALA FA 155 -89.85 -68.25 -3.90
N ILE FA 156 -90.18 -68.77 -2.71
CA ILE FA 156 -90.70 -70.13 -2.62
C ILE FA 156 -92.05 -70.22 -3.32
N LEU FA 157 -92.88 -69.19 -3.19
CA LEU FA 157 -94.18 -69.19 -3.86
C LEU FA 157 -94.00 -69.15 -5.38
N LEU FA 158 -93.15 -68.25 -5.87
CA LEU FA 158 -92.91 -68.15 -7.30
C LEU FA 158 -92.25 -69.42 -7.83
N ALA FA 159 -91.42 -70.08 -7.03
CA ALA FA 159 -90.79 -71.32 -7.47
C ALA FA 159 -91.78 -72.47 -7.50
N ALA FA 160 -92.70 -72.51 -6.54
CA ALA FA 160 -93.77 -73.51 -6.60
C ALA FA 160 -94.67 -73.28 -7.80
N GLU FA 161 -94.96 -72.01 -8.10
CA GLU FA 161 -95.76 -71.70 -9.29
C GLU FA 161 -95.01 -72.06 -10.57
N ALA FA 162 -93.70 -71.80 -10.61
CA ALA FA 162 -92.90 -72.16 -11.76
C ALA FA 162 -92.84 -73.68 -11.93
N ALA FA 163 -92.72 -74.41 -10.82
CA ALA FA 163 -92.72 -75.86 -10.88
C ALA FA 163 -94.08 -76.39 -11.34
N ARG FA 164 -95.17 -75.74 -10.91
CA ARG FA 164 -96.49 -76.14 -11.39
C ARG FA 164 -96.63 -75.90 -12.89
N VAL FA 165 -96.18 -74.73 -13.36
CA VAL FA 165 -96.24 -74.42 -14.78
C VAL FA 165 -95.35 -75.37 -15.58
N ALA FA 166 -94.23 -75.79 -14.99
CA ALA FA 166 -93.34 -76.72 -15.67
C ALA FA 166 -93.94 -78.12 -15.74
N LYS FA 167 -94.53 -78.59 -14.64
CA LYS FA 167 -95.16 -79.90 -14.64
C LYS FA 167 -96.36 -79.93 -15.58
N GLU FA 168 -97.12 -78.82 -15.65
CA GLU FA 168 -98.21 -78.74 -16.61
C GLU FA 168 -97.70 -78.65 -18.03
N VAL FA 169 -96.54 -78.03 -18.23
CA VAL FA 169 -95.91 -77.96 -19.55
C VAL FA 169 -95.09 -79.21 -19.83
N GLY FA 170 -94.41 -79.74 -18.81
CA GLY FA 170 -93.55 -80.88 -18.99
C GLY FA 170 -92.11 -80.43 -19.17
N ASP FA 171 -91.79 -79.24 -18.69
CA ASP FA 171 -90.47 -78.65 -18.87
C ASP FA 171 -89.62 -78.96 -17.65
N PRO FA 172 -88.84 -80.04 -17.66
CA PRO FA 172 -87.98 -80.33 -16.51
C PRO FA 172 -86.87 -79.31 -16.32
N GLU FA 173 -86.44 -78.62 -17.39
CA GLU FA 173 -85.52 -77.51 -17.23
C GLU FA 173 -86.16 -76.38 -16.43
N LEU FA 174 -87.43 -76.09 -16.70
CA LEU FA 174 -88.13 -75.06 -15.94
C LEU FA 174 -88.33 -75.50 -14.49
N ILE FA 175 -88.63 -76.77 -14.25
CA ILE FA 175 -88.79 -77.26 -12.89
C ILE FA 175 -87.45 -77.19 -12.15
N LYS FA 176 -86.36 -77.50 -12.85
CA LYS FA 176 -85.03 -77.41 -12.22
C LYS FA 176 -84.67 -75.97 -11.92
N LEU FA 177 -85.00 -75.04 -12.83
CA LEU FA 177 -84.75 -73.63 -12.55
C LEU FA 177 -85.59 -73.14 -11.37
N ALA FA 178 -86.83 -73.63 -11.26
CA ALA FA 178 -87.67 -73.27 -10.13
C ALA FA 178 -87.09 -73.79 -8.82
N LEU FA 179 -86.61 -75.04 -8.82
CA LEU FA 179 -85.99 -75.58 -7.61
C LEU FA 179 -84.72 -74.83 -7.26
N GLU FA 180 -83.93 -74.45 -8.27
CA GLU FA 180 -82.71 -73.70 -8.03
C GLU FA 180 -83.01 -72.32 -7.49
N ALA FA 181 -84.08 -71.68 -7.97
CA ALA FA 181 -84.48 -70.38 -7.45
C ALA FA 181 -85.01 -70.50 -6.03
N ALA FA 182 -85.74 -71.58 -5.73
CA ALA FA 182 -86.22 -71.82 -4.38
C ALA FA 182 -85.06 -72.02 -3.42
N ARG FA 183 -84.06 -72.81 -3.82
CA ARG FA 183 -82.86 -72.98 -3.00
C ARG FA 183 -82.09 -71.68 -2.87
N ARG FA 184 -82.08 -70.85 -3.93
CA ARG FA 184 -81.39 -69.56 -3.89
C ARG FA 184 -82.25 -68.49 -3.24
N GLY FA 185 -83.57 -68.66 -3.26
CA GLY FA 185 -84.45 -67.66 -2.70
C GLY FA 185 -84.60 -66.47 -3.63
N ASP FA 186 -84.34 -66.69 -4.91
CA ASP FA 186 -84.44 -65.64 -5.93
C ASP FA 186 -85.83 -65.67 -6.52
N SER FA 187 -86.70 -64.77 -6.04
CA SER FA 187 -88.05 -64.67 -6.60
C SER FA 187 -88.00 -64.24 -8.06
N GLU FA 188 -86.98 -63.46 -8.44
CA GLU FA 188 -86.83 -63.07 -9.84
C GLU FA 188 -86.54 -64.29 -10.71
N LYS FA 189 -85.62 -65.14 -10.28
CA LYS FA 189 -85.32 -66.34 -11.04
C LYS FA 189 -86.51 -67.29 -11.08
N ALA FA 190 -87.26 -67.37 -9.98
CA ALA FA 190 -88.43 -68.25 -9.96
C ALA FA 190 -89.53 -67.73 -10.87
N LYS FA 191 -89.73 -66.41 -10.91
CA LYS FA 191 -90.71 -65.84 -11.83
C LYS FA 191 -90.26 -66.00 -13.28
N ALA FA 192 -88.95 -65.89 -13.52
CA ALA FA 192 -88.43 -66.16 -14.86
C ALA FA 192 -88.66 -67.60 -15.25
N ILE FA 193 -88.52 -68.53 -14.29
CA ILE FA 193 -88.77 -69.94 -14.57
C ILE FA 193 -90.25 -70.16 -14.84
N LEU FA 194 -91.12 -69.45 -14.14
CA LEU FA 194 -92.55 -69.57 -14.38
C LEU FA 194 -92.93 -69.05 -15.76
N LEU FA 195 -92.41 -67.88 -16.12
CA LEU FA 195 -92.66 -67.34 -17.46
C LEU FA 195 -92.07 -68.23 -18.55
N ALA FA 196 -90.92 -68.84 -18.28
CA ALA FA 196 -90.32 -69.73 -19.25
C ALA FA 196 -91.12 -71.02 -19.39
N ALA FA 197 -91.66 -71.53 -18.28
CA ALA FA 197 -92.51 -72.71 -18.36
C ALA FA 197 -93.80 -72.40 -19.11
N GLU FA 198 -94.34 -71.20 -18.91
CA GLU FA 198 -95.53 -70.80 -19.67
C GLU FA 198 -95.22 -70.67 -21.15
N ALA FA 199 -94.08 -70.06 -21.48
CA ALA FA 199 -93.68 -69.94 -22.89
C ALA FA 199 -93.44 -71.30 -23.52
N ALA FA 200 -92.84 -72.23 -22.76
CA ALA FA 200 -92.62 -73.58 -23.27
C ALA FA 200 -93.95 -74.33 -23.44
N ARG FA 201 -94.90 -74.10 -22.53
CA ARG FA 201 -96.22 -74.69 -22.69
C ARG FA 201 -96.90 -74.17 -23.96
N VAL FA 202 -96.79 -72.86 -24.21
CA VAL FA 202 -97.38 -72.30 -25.41
C VAL FA 202 -96.68 -72.82 -26.65
N ALA FA 203 -95.36 -73.01 -26.58
CA ALA FA 203 -94.61 -73.54 -27.71
C ALA FA 203 -94.99 -74.99 -28.00
N LYS FA 204 -95.17 -75.79 -26.95
CA LYS FA 204 -95.60 -77.17 -27.13
C LYS FA 204 -97.03 -77.25 -27.66
N GLU FA 205 -97.92 -76.39 -27.17
CA GLU FA 205 -99.30 -76.40 -27.65
C GLU FA 205 -99.39 -75.91 -29.08
N VAL FA 206 -98.51 -75.00 -29.49
CA VAL FA 206 -98.49 -74.51 -30.86
C VAL FA 206 -97.60 -75.40 -31.73
N GLY FA 207 -96.38 -75.67 -31.27
CA GLY FA 207 -95.45 -76.46 -32.05
C GLY FA 207 -94.23 -75.65 -32.43
N ASP FA 208 -93.90 -74.64 -31.63
CA ASP FA 208 -92.78 -73.76 -31.91
C ASP FA 208 -91.57 -74.25 -31.13
N PRO FA 209 -90.80 -75.19 -31.68
CA PRO FA 209 -89.63 -75.70 -30.94
C PRO FA 209 -88.58 -74.65 -30.68
N GLU FA 210 -88.44 -73.65 -31.55
CA GLU FA 210 -87.53 -72.55 -31.25
C GLU FA 210 -88.02 -71.75 -30.06
N LEU FA 211 -89.34 -71.60 -29.92
CA LEU FA 211 -89.88 -70.90 -28.76
C LEU FA 211 -89.64 -71.69 -27.48
N ILE FA 212 -89.86 -73.01 -27.52
CA ILE FA 212 -89.58 -73.83 -26.34
C ILE FA 212 -88.10 -73.81 -26.01
N LYS FA 213 -87.25 -73.74 -27.05
CA LYS FA 213 -85.81 -73.67 -26.83
C LYS FA 213 -85.42 -72.36 -26.17
N LEU FA 214 -85.98 -71.24 -26.64
CA LEU FA 214 -85.71 -69.95 -26.01
C LEU FA 214 -86.25 -69.93 -24.58
N ALA FA 215 -87.38 -70.59 -24.35
CA ALA FA 215 -87.93 -70.66 -22.99
C ALA FA 215 -87.00 -71.45 -22.07
N LEU FA 216 -86.48 -72.59 -22.54
CA LEU FA 216 -85.53 -73.34 -21.73
C LEU FA 216 -84.25 -72.55 -21.51
N GLU FA 217 -83.80 -71.81 -22.52
CA GLU FA 217 -82.59 -70.99 -22.38
C GLU FA 217 -82.81 -69.89 -21.35
N ALA FA 218 -83.99 -69.26 -21.36
CA ALA FA 218 -84.29 -68.23 -20.38
C ALA FA 218 -84.42 -68.83 -18.98
N ALA FA 219 -85.00 -70.03 -18.88
CA ALA FA 219 -85.10 -70.70 -17.58
C ALA FA 219 -83.72 -71.02 -17.02
N ARG FA 220 -82.81 -71.49 -17.89
CA ARG FA 220 -81.43 -71.71 -17.46
C ARG FA 220 -80.75 -70.39 -17.12
N ARG FA 221 -81.13 -69.31 -17.80
CA ARG FA 221 -80.52 -68.00 -17.52
C ARG FA 221 -81.25 -67.28 -16.38
N GLY FA 222 -82.57 -67.30 -16.39
CA GLY FA 222 -83.34 -66.62 -15.35
C GLY FA 222 -83.72 -65.20 -15.73
N ASP FA 223 -83.97 -64.97 -17.02
CA ASP FA 223 -84.34 -63.67 -17.53
C ASP FA 223 -85.85 -63.59 -17.67
N SER FA 224 -86.50 -62.94 -16.70
CA SER FA 224 -87.95 -62.81 -16.74
C SER FA 224 -88.40 -61.94 -17.91
N ARG FA 225 -87.58 -60.96 -18.29
CA ARG FA 225 -87.92 -60.13 -19.45
C ARG FA 225 -87.88 -60.94 -20.74
N LYS FA 226 -86.80 -61.68 -20.96
CA LYS FA 226 -86.70 -62.50 -22.16
C LYS FA 226 -87.75 -63.61 -22.15
N ALA FA 227 -88.03 -64.18 -20.97
CA ALA FA 227 -89.04 -65.22 -20.89
C ALA FA 227 -90.43 -64.68 -21.18
N GLU FA 228 -90.73 -63.47 -20.68
CA GLU FA 228 -92.02 -62.85 -20.97
C GLU FA 228 -92.13 -62.48 -22.45
N ALA FA 229 -91.02 -62.03 -23.05
CA ALA FA 229 -91.04 -61.75 -24.48
C ALA FA 229 -91.26 -63.02 -25.28
N ILE FA 230 -90.65 -64.13 -24.85
CA ILE FA 230 -90.85 -65.40 -25.53
C ILE FA 230 -92.29 -65.87 -25.38
N LEU FA 231 -92.89 -65.64 -24.20
CA LEU FA 231 -94.28 -66.01 -24.00
C LEU FA 231 -95.20 -65.15 -24.86
N LEU FA 232 -94.91 -63.85 -24.97
CA LEU FA 232 -95.70 -62.98 -25.82
C LEU FA 232 -95.58 -63.40 -27.29
N ALA FA 233 -94.37 -63.73 -27.72
CA ALA FA 233 -94.18 -64.19 -29.09
C ALA FA 233 -94.85 -65.53 -29.33
N ALA FA 234 -94.89 -66.39 -28.30
CA ALA FA 234 -95.56 -67.67 -28.43
C ALA FA 234 -97.06 -67.49 -28.55
N GLU FA 235 -97.64 -66.59 -27.74
CA GLU FA 235 -99.06 -66.29 -27.88
C GLU FA 235 -99.35 -65.66 -29.23
N ALA FA 236 -98.45 -64.81 -29.72
CA ALA FA 236 -98.64 -64.21 -31.03
C ALA FA 236 -98.59 -65.26 -32.13
N ALA FA 237 -97.65 -66.21 -32.03
CA ALA FA 237 -97.57 -67.27 -33.02
C ALA FA 237 -98.76 -68.22 -32.92
N ARG FA 238 -99.30 -68.41 -31.71
CA ARG FA 238 -100.50 -69.21 -31.55
C ARG FA 238 -101.69 -68.53 -32.21
N ILE FA 239 -101.83 -67.21 -32.02
CA ILE FA 239 -102.88 -66.47 -32.71
C ILE FA 239 -102.66 -66.52 -34.22
N ALA FA 240 -101.39 -66.52 -34.65
CA ALA FA 240 -101.09 -66.59 -36.07
C ALA FA 240 -101.50 -67.94 -36.66
N LYS FA 241 -101.18 -69.03 -35.95
CA LYS FA 241 -101.60 -70.35 -36.40
C LYS FA 241 -103.12 -70.48 -36.40
N GLU FA 242 -103.77 -69.86 -35.40
CA GLU FA 242 -105.23 -69.83 -35.39
C GLU FA 242 -105.77 -69.05 -36.58
N ALA FA 243 -105.02 -68.04 -37.04
CA ALA FA 243 -105.40 -67.26 -38.21
C ALA FA 243 -104.80 -67.83 -39.49
N GLY FA 244 -103.52 -68.20 -39.47
CA GLY FA 244 -102.87 -68.72 -40.67
C GLY FA 244 -101.77 -67.81 -41.18
N ASP FA 245 -101.10 -67.09 -40.28
CA ASP FA 245 -100.02 -66.19 -40.66
C ASP FA 245 -98.69 -66.79 -40.25
N PRO FA 246 -98.09 -67.65 -41.07
CA PRO FA 246 -96.81 -68.26 -40.69
C PRO FA 246 -95.69 -67.23 -40.66
N GLU FA 247 -95.82 -66.20 -41.48
CA GLU FA 247 -94.88 -65.08 -41.42
C GLU FA 247 -94.94 -64.40 -40.06
N ALA FA 248 -96.13 -64.28 -39.49
CA ALA FA 248 -96.25 -63.74 -38.15
C ALA FA 248 -95.59 -64.65 -37.11
N ARG FA 249 -95.77 -65.96 -37.26
CA ARG FA 249 -95.11 -66.88 -36.34
C ARG FA 249 -93.59 -66.80 -36.46
N LYS FA 250 -93.09 -66.62 -37.68
CA LYS FA 250 -91.66 -66.50 -37.88
C LYS FA 250 -91.13 -65.19 -37.30
N LYS FA 251 -91.88 -64.09 -37.47
CA LYS FA 251 -91.48 -62.83 -36.87
C LYS FA 251 -91.51 -62.93 -35.35
N ALA FA 252 -92.48 -63.67 -34.81
CA ALA FA 252 -92.52 -63.88 -33.36
C ALA FA 252 -91.31 -64.69 -32.90
N LEU FA 253 -90.92 -65.70 -33.67
CA LEU FA 253 -89.71 -66.44 -33.35
C LEU FA 253 -88.49 -65.54 -33.38
N GLU FA 254 -88.40 -64.66 -34.38
CA GLU FA 254 -87.27 -63.74 -34.47
C GLU FA 254 -87.25 -62.77 -33.30
N ALA FA 255 -88.41 -62.27 -32.89
CA ALA FA 255 -88.47 -61.36 -31.76
C ALA FA 255 -88.16 -62.05 -30.44
N ALA FA 256 -88.64 -63.28 -30.26
CA ALA FA 256 -88.33 -64.03 -29.05
C ALA FA 256 -86.85 -64.36 -28.99
N ARG FA 257 -86.23 -64.66 -30.14
CA ARG FA 257 -84.78 -64.81 -30.19
C ARG FA 257 -84.10 -63.49 -29.87
N ARG FA 258 -84.72 -62.37 -30.23
CA ARG FA 258 -84.19 -61.07 -29.87
C ARG FA 258 -84.44 -60.75 -28.41
N GLY FA 259 -85.51 -61.28 -27.82
CA GLY FA 259 -85.79 -61.10 -26.41
C GLY FA 259 -86.67 -59.92 -26.07
N ASP FA 260 -87.11 -59.16 -27.06
CA ASP FA 260 -88.01 -58.03 -26.81
C ASP FA 260 -89.47 -58.46 -26.95
N ARG FA 261 -90.33 -57.83 -26.16
CA ARG FA 261 -91.76 -58.11 -26.20
C ARG FA 261 -92.57 -57.05 -26.91
N GLU FA 262 -91.98 -55.89 -27.24
CA GLU FA 262 -92.72 -54.86 -27.96
C GLU FA 262 -93.08 -55.32 -29.36
N LEU FA 263 -92.10 -55.87 -30.08
CA LEU FA 263 -92.38 -56.39 -31.42
C LEU FA 263 -93.33 -57.59 -31.36
N ALA FA 264 -93.18 -58.43 -30.34
CA ALA FA 264 -94.11 -59.56 -30.18
C ALA FA 264 -95.53 -59.07 -29.96
N THR FA 265 -95.70 -58.03 -29.14
CA THR FA 265 -97.03 -57.48 -28.91
C THR FA 265 -97.58 -56.82 -30.17
N ARG FA 266 -96.72 -56.13 -30.93
CA ARG FA 266 -97.18 -55.52 -32.17
C ARG FA 266 -97.62 -56.57 -33.17
N ILE FA 267 -96.89 -57.67 -33.26
CA ILE FA 267 -97.26 -58.75 -34.17
C ILE FA 267 -98.55 -59.41 -33.71
N LEU FA 268 -98.69 -59.62 -32.39
CA LEU FA 268 -99.93 -60.17 -31.87
C LEU FA 268 -101.10 -59.24 -32.16
N ILE FA 269 -100.85 -57.93 -32.12
CA ILE FA 269 -101.90 -56.97 -32.41
C ILE FA 269 -102.28 -57.03 -33.88
N GLU FA 270 -101.30 -57.15 -34.77
CA GLU FA 270 -101.61 -57.26 -36.20
C GLU FA 270 -102.39 -58.54 -36.49
N ALA FA 271 -101.98 -59.65 -35.86
CA ALA FA 271 -102.70 -60.91 -36.04
C ALA FA 271 -104.11 -60.81 -35.49
N LEU FA 272 -104.27 -60.15 -34.34
CA LEU FA 272 -105.59 -59.98 -33.77
C LEU FA 272 -106.44 -59.07 -34.65
N LEU FA 273 -105.83 -58.09 -35.31
CA LEU FA 273 -106.58 -57.24 -36.23
C LEU FA 273 -107.05 -58.03 -37.44
N ARG FA 274 -106.19 -58.87 -37.99
CA ARG FA 274 -106.61 -59.72 -39.10
C ARG FA 274 -107.72 -60.68 -38.68
N LEU FA 275 -107.54 -61.32 -37.52
CA LEU FA 275 -108.57 -62.23 -37.02
C LEU FA 275 -109.86 -61.49 -36.71
N LEU FA 276 -109.75 -60.21 -36.32
CA LEU FA 276 -110.93 -59.43 -36.02
C LEU FA 276 -111.66 -59.05 -37.29
N LYS FA 277 -110.93 -58.72 -38.35
CA LYS FA 277 -111.58 -58.50 -39.63
C LYS FA 277 -112.27 -59.76 -40.12
N LYS FA 278 -111.62 -60.91 -39.94
CA LYS FA 278 -112.24 -62.18 -40.32
C LYS FA 278 -113.49 -62.45 -39.50
N SER FA 279 -113.42 -62.22 -38.19
CA SER FA 279 -114.57 -62.45 -37.33
C SER FA 279 -115.68 -61.45 -37.63
N THR FA 280 -115.33 -60.25 -38.08
CA THR FA 280 -116.34 -59.28 -38.46
C THR FA 280 -117.06 -59.71 -39.73
N ALA FA 281 -116.31 -60.22 -40.71
CA ALA FA 281 -116.94 -60.79 -41.89
C ALA FA 281 -117.84 -61.96 -41.52
N GLU FA 282 -117.37 -62.83 -40.63
CA GLU FA 282 -118.17 -63.98 -40.21
C GLU FA 282 -119.42 -63.54 -39.47
N LEU FA 283 -119.31 -62.49 -38.66
CA LEU FA 283 -120.46 -62.00 -37.91
C LEU FA 283 -121.47 -61.32 -38.82
N LYS FA 284 -120.98 -60.59 -39.83
CA LYS FA 284 -121.90 -60.03 -40.82
C LYS FA 284 -122.63 -61.13 -41.58
N ARG FA 285 -121.90 -62.20 -41.95
CA ARG FA 285 -122.55 -63.33 -42.61
C ARG FA 285 -123.56 -63.99 -41.69
N ALA FA 286 -123.24 -64.13 -40.41
CA ALA FA 286 -124.16 -64.76 -39.46
C ALA FA 286 -125.40 -63.90 -39.25
N THR FA 287 -125.21 -62.57 -39.21
CA THR FA 287 -126.36 -61.67 -39.08
C THR FA 287 -127.24 -61.73 -40.31
N ALA FA 288 -126.64 -61.80 -41.50
CA ALA FA 288 -127.41 -61.95 -42.72
C ALA FA 288 -128.19 -63.27 -42.71
N SER FA 289 -127.55 -64.35 -42.24
CA SER FA 289 -128.22 -65.64 -42.19
C SER FA 289 -129.36 -65.62 -41.17
N LEU FA 290 -129.16 -64.95 -40.04
CA LEU FA 290 -130.22 -64.84 -39.04
C LEU FA 290 -131.38 -64.02 -39.56
N ARG FA 291 -131.09 -62.93 -40.27
CA ARG FA 291 -132.16 -62.13 -40.87
C ARG FA 291 -132.90 -62.93 -41.94
N ALA FA 292 -132.17 -63.77 -42.70
CA ALA FA 292 -132.81 -64.59 -43.71
C ALA FA 292 -133.72 -65.64 -43.06
N ILE FA 293 -133.25 -66.27 -41.98
CA ILE FA 293 -134.09 -67.25 -41.28
C ILE FA 293 -135.29 -66.56 -40.66
N THR FA 294 -135.12 -65.32 -40.19
CA THR FA 294 -136.25 -64.56 -39.66
C THR FA 294 -137.26 -64.26 -40.74
N GLU FA 295 -136.80 -63.85 -41.93
CA GLU FA 295 -137.71 -63.60 -43.04
C GLU FA 295 -138.41 -64.89 -43.48
N GLU FA 296 -137.71 -66.01 -43.40
CA GLU FA 296 -138.32 -67.29 -43.75
C GLU FA 296 -139.40 -67.68 -42.76
N LEU FA 297 -139.11 -67.51 -41.46
CA LEU FA 297 -140.12 -67.77 -40.43
C LEU FA 297 -141.27 -66.78 -40.55
N LYS FA 298 -141.01 -65.57 -41.05
CA LYS FA 298 -142.06 -64.60 -41.25
C LYS FA 298 -142.96 -64.95 -42.41
N LYS FA 299 -142.38 -65.41 -43.52
CA LYS FA 299 -143.19 -65.73 -44.70
C LYS FA 299 -144.07 -66.95 -44.47
N ASN FA 300 -143.59 -67.93 -43.71
CA ASN FA 300 -144.37 -69.12 -43.41
C ASN FA 300 -143.96 -69.67 -42.05
N PRO FA 301 -144.58 -69.19 -40.97
CA PRO FA 301 -144.19 -69.65 -39.63
C PRO FA 301 -144.77 -71.01 -39.31
N SER FA 302 -143.94 -71.85 -38.69
CA SER FA 302 -144.32 -73.21 -38.34
C SER FA 302 -143.30 -73.73 -37.33
N GLU FA 303 -143.37 -75.03 -37.06
CA GLU FA 303 -142.40 -75.65 -36.17
C GLU FA 303 -140.99 -75.54 -36.74
N ASP FA 304 -140.81 -75.94 -38.00
CA ASP FA 304 -139.50 -75.86 -38.63
C ASP FA 304 -139.06 -74.42 -38.80
N ALA FA 305 -139.99 -73.52 -39.12
CA ALA FA 305 -139.64 -72.12 -39.33
C ALA FA 305 -139.15 -71.47 -38.04
N LEU FA 306 -139.93 -71.60 -36.96
CA LEU FA 306 -139.49 -71.05 -35.68
C LEU FA 306 -138.21 -71.74 -35.20
N VAL FA 307 -138.09 -73.04 -35.47
CA VAL FA 307 -136.88 -73.78 -35.09
C VAL FA 307 -135.66 -73.19 -35.78
N GLU FA 308 -135.75 -72.97 -37.10
CA GLU FA 308 -134.63 -72.43 -37.85
C GLU FA 308 -134.33 -71.00 -37.46
N HIS FA 309 -135.38 -70.21 -37.20
CA HIS FA 309 -135.15 -68.82 -36.80
C HIS FA 309 -134.45 -68.74 -35.45
N ASN FA 310 -134.89 -69.55 -34.48
CA ASN FA 310 -134.25 -69.56 -33.17
C ASN FA 310 -132.84 -70.14 -33.25
N ARG FA 311 -132.63 -71.15 -34.10
CA ARG FA 311 -131.30 -71.70 -34.27
C ARG FA 311 -130.35 -70.68 -34.89
N ALA FA 312 -130.84 -69.91 -35.86
CA ALA FA 312 -130.02 -68.86 -36.46
C ALA FA 312 -129.72 -67.75 -35.46
N ILE FA 313 -130.70 -67.41 -34.62
CA ILE FA 313 -130.46 -66.41 -33.58
C ILE FA 313 -129.40 -66.89 -32.60
N VAL FA 314 -129.47 -68.16 -32.21
CA VAL FA 314 -128.49 -68.71 -31.28
C VAL FA 314 -127.12 -68.80 -31.95
N GLU FA 315 -127.09 -69.12 -33.24
CA GLU FA 315 -125.82 -69.16 -33.97
C GLU FA 315 -125.20 -67.79 -34.08
N HIS FA 316 -126.02 -66.77 -34.33
CA HIS FA 316 -125.52 -65.40 -34.34
C HIS FA 316 -125.02 -64.98 -32.97
N ASN FA 317 -125.73 -65.37 -31.91
CA ASN FA 317 -125.27 -65.06 -30.56
C ASN FA 317 -123.95 -65.76 -30.25
N ALA FA 318 -123.80 -67.01 -30.70
CA ALA FA 318 -122.55 -67.73 -30.46
C ALA FA 318 -121.40 -67.14 -31.26
N ILE FA 319 -121.68 -66.70 -32.50
CA ILE FA 319 -120.65 -66.07 -33.31
C ILE FA 319 -120.24 -64.74 -32.69
N ILE FA 320 -121.21 -64.00 -32.15
CA ILE FA 320 -120.91 -62.75 -31.47
C ILE FA 320 -120.10 -63.02 -30.22
N VAL FA 321 -120.42 -64.09 -29.51
CA VAL FA 321 -119.65 -64.45 -28.32
C VAL FA 321 -118.22 -64.81 -28.69
N GLU FA 322 -118.05 -65.52 -29.81
CA GLU FA 322 -116.70 -65.87 -30.26
C GLU FA 322 -115.92 -64.64 -30.68
N ASN FA 323 -116.56 -63.73 -31.40
CA ASN FA 323 -115.89 -62.49 -31.80
C ASN FA 323 -115.54 -61.66 -30.57
N ASN FA 324 -116.43 -61.63 -29.58
CA ASN FA 324 -116.15 -60.92 -28.34
C ASN FA 324 -115.01 -61.57 -27.57
N ARG FA 325 -114.93 -62.90 -27.62
CA ARG FA 325 -113.82 -63.58 -26.98
C ARG FA 325 -112.50 -63.26 -27.66
N ILE FA 326 -112.52 -63.19 -28.99
CA ILE FA 326 -111.32 -62.80 -29.74
C ILE FA 326 -110.93 -61.37 -29.38
N ILE FA 327 -111.92 -60.47 -29.30
CA ILE FA 327 -111.63 -59.09 -28.94
C ILE FA 327 -111.10 -59.02 -27.52
N ALA FA 328 -111.63 -59.85 -26.62
CA ALA FA 328 -111.16 -59.87 -25.25
C ALA FA 328 -109.74 -60.38 -25.16
N MET FA 329 -109.41 -61.40 -25.95
CA MET FA 329 -108.03 -61.88 -25.99
C MET FA 329 -107.09 -60.80 -26.51
N VAL FA 330 -107.52 -60.09 -27.56
CA VAL FA 330 -106.70 -59.01 -28.10
C VAL FA 330 -106.52 -57.91 -27.07
N LEU FA 331 -107.58 -57.57 -26.34
CA LEU FA 331 -107.49 -56.54 -25.33
C LEU FA 331 -106.61 -56.97 -24.16
N GLU FA 332 -106.68 -58.24 -23.79
CA GLU FA 332 -105.81 -58.76 -22.73
C GLU FA 332 -104.36 -58.73 -23.18
N ALA FA 333 -104.11 -58.99 -24.47
CA ALA FA 333 -102.76 -58.87 -25.00
C ALA FA 333 -102.28 -57.43 -24.94
N ILE FA 334 -103.15 -56.49 -25.32
CA ILE FA 334 -102.78 -55.08 -25.25
C ILE FA 334 -102.52 -54.67 -23.81
N VAL FA 335 -103.28 -55.21 -22.87
CA VAL FA 335 -103.10 -54.87 -21.47
C VAL FA 335 -101.78 -55.43 -20.94
N ARG FA 336 -101.49 -56.69 -21.26
CA ARG FA 336 -100.22 -57.28 -20.86
C ARG FA 336 -99.06 -56.55 -21.52
N ALA FA 337 -99.29 -55.95 -22.69
CA ALA FA 337 -98.26 -55.15 -23.34
C ALA FA 337 -98.20 -53.73 -22.80
N ILE FA 338 -99.34 -53.10 -22.54
CA ILE FA 338 -99.35 -51.75 -22.01
C ILE FA 338 -99.17 -51.81 -20.50
N SER GA 2 6.60 39.29 103.30
CA SER GA 2 5.69 40.21 103.97
C SER GA 2 4.47 39.47 104.52
N THR GA 3 4.43 38.16 104.30
CA THR GA 3 3.30 37.36 104.78
C THR GA 3 3.33 37.21 106.30
N LYS GA 4 4.48 36.84 106.85
CA LYS GA 4 4.59 36.64 108.30
C LYS GA 4 4.45 37.96 109.05
N GLU GA 5 5.00 39.04 108.50
CA GLU GA 5 4.87 40.34 109.15
C GLU GA 5 3.43 40.83 109.15
N LYS GA 6 2.74 40.73 108.00
CA LYS GA 6 1.34 41.10 107.95
C LYS GA 6 0.50 40.21 108.86
N ALA GA 7 0.88 38.93 108.97
CA ALA GA 7 0.18 38.04 109.88
C ALA GA 7 0.34 38.48 111.33
N ARG GA 8 1.58 38.75 111.75
CA ARG GA 8 1.81 39.19 113.12
C ARG GA 8 1.09 40.50 113.40
N GLN GA 9 1.08 41.42 112.44
CA GLN GA 9 0.42 42.70 112.66
C GLN GA 9 -1.10 42.55 112.76
N LEU GA 10 -1.72 41.88 111.78
CA LEU GA 10 -3.17 41.69 111.82
C LEU GA 10 -3.58 40.86 113.02
N ALA GA 11 -2.72 39.96 113.49
CA ALA GA 11 -3.07 39.15 114.65
C ALA GA 11 -2.91 39.94 115.95
N GLU GA 12 -1.92 40.82 116.02
CA GLU GA 12 -1.83 41.73 117.16
C GLU GA 12 -3.05 42.64 117.23
N GLU GA 13 -3.47 43.17 116.07
CA GLU GA 13 -4.71 43.95 116.02
C GLU GA 13 -5.91 43.10 116.40
N ALA GA 14 -5.90 41.83 116.00
CA ALA GA 14 -6.97 40.91 116.37
C ALA GA 14 -7.04 40.74 117.89
N LYS GA 15 -5.89 40.52 118.52
CA LYS GA 15 -5.86 40.36 119.97
C LYS GA 15 -6.29 41.64 120.67
N GLU GA 16 -5.89 42.80 120.14
CA GLU GA 16 -6.28 44.07 120.75
C GLU GA 16 -7.78 44.29 120.65
N THR GA 17 -8.35 44.09 119.46
CA THR GA 17 -9.79 44.27 119.31
C THR GA 17 -10.57 43.19 120.06
N ALA GA 18 -9.92 42.05 120.33
CA ALA GA 18 -10.56 41.02 121.14
C ALA GA 18 -10.61 41.42 122.60
N GLU GA 19 -9.49 41.90 123.13
CA GLU GA 19 -9.46 42.40 124.50
C GLU GA 19 -10.40 43.59 124.67
N LYS GA 20 -10.52 44.42 123.63
CA LYS GA 20 -11.48 45.52 123.68
C LYS GA 20 -12.92 45.00 123.57
N VAL GA 21 -13.13 43.93 122.83
CA VAL GA 21 -14.43 43.29 122.73
C VAL GA 21 -14.77 42.55 124.02
N GLY GA 22 -13.76 42.19 124.79
CA GLY GA 22 -13.93 41.44 126.02
C GLY GA 22 -13.53 39.99 125.85
N ASP GA 23 -12.70 39.71 124.85
CA ASP GA 23 -12.32 38.35 124.53
C ASP GA 23 -10.82 38.17 124.75
N PRO GA 24 -10.41 37.56 125.85
CA PRO GA 24 -8.98 37.21 126.00
C PRO GA 24 -8.67 35.91 125.29
N GLU GA 25 -9.71 35.09 125.09
CA GLU GA 25 -9.56 33.86 124.33
C GLU GA 25 -9.27 34.16 122.86
N LEU GA 26 -10.03 35.10 122.27
CA LEU GA 26 -9.74 35.52 120.91
C LEU GA 26 -8.40 36.25 120.85
N ILE GA 27 -8.01 36.91 121.94
CA ILE GA 27 -6.71 37.55 121.99
C ILE GA 27 -5.59 36.50 121.94
N LYS GA 28 -5.76 35.40 122.66
CA LYS GA 28 -4.76 34.34 122.64
C LYS GA 28 -4.75 33.62 121.29
N LEU GA 29 -5.93 33.39 120.71
CA LEU GA 29 -5.99 32.80 119.37
C LEU GA 29 -5.31 33.71 118.35
N ALA GA 30 -5.43 35.02 118.54
CA ALA GA 30 -4.75 35.97 117.67
C ALA GA 30 -3.24 35.92 117.87
N GLU GA 31 -2.79 35.86 119.12
CA GLU GA 31 -1.36 35.68 119.38
C GLU GA 31 -0.85 34.41 118.72
N GLN GA 32 -1.67 33.36 118.71
CA GLN GA 32 -1.29 32.12 118.04
C GLN GA 32 -1.24 32.30 116.53
N ALA GA 33 -2.18 33.06 115.98
CA ALA GA 33 -2.16 33.35 114.54
C ALA GA 33 -0.91 34.14 114.17
N SER GA 34 -0.46 35.03 115.06
CA SER GA 34 0.78 35.76 114.84
C SER GA 34 1.98 34.84 114.91
N GLN GA 35 2.04 33.99 115.93
CA GLN GA 35 3.17 33.08 116.09
C GLN GA 35 3.25 32.10 114.93
N GLU GA 36 2.10 31.68 114.38
CA GLU GA 36 2.11 30.76 113.25
C GLU GA 36 2.43 31.49 111.95
N GLY GA 37 2.10 32.76 111.87
CA GLY GA 37 2.32 33.53 110.66
C GLY GA 37 1.24 33.41 109.61
N ASP GA 38 -0.02 33.24 110.01
CA ASP GA 38 -1.12 33.12 109.08
C ASP GA 38 -1.86 34.45 109.00
N SER GA 39 -1.63 35.19 107.93
CA SER GA 39 -2.33 36.46 107.75
C SER GA 39 -3.82 36.25 107.57
N GLU GA 40 -4.21 35.12 106.97
CA GLU GA 40 -5.62 34.79 106.87
C GLU GA 40 -6.23 34.58 108.26
N LYS GA 41 -5.59 33.76 109.09
CA LYS GA 41 -6.09 33.54 110.44
C LYS GA 41 -5.99 34.81 111.28
N ALA GA 42 -4.98 35.64 111.01
CA ALA GA 42 -4.84 36.90 111.74
C ALA GA 42 -6.00 37.84 111.43
N LYS GA 43 -6.27 38.07 110.14
CA LYS GA 43 -7.40 38.91 109.76
C LYS GA 43 -8.72 38.28 110.18
N ALA GA 44 -8.77 36.95 110.24
CA ALA GA 44 -9.97 36.28 110.73
C ALA GA 44 -10.21 36.60 112.20
N ILE GA 45 -9.18 36.47 113.02
CA ILE GA 45 -9.32 36.81 114.44
C ILE GA 45 -9.61 38.29 114.60
N LEU GA 46 -9.11 39.12 113.68
CA LEU GA 46 -9.37 40.56 113.76
C LEU GA 46 -10.83 40.88 113.46
N LEU GA 47 -11.36 40.32 112.37
CA LEU GA 47 -12.76 40.51 112.03
C LEU GA 47 -13.67 39.90 113.10
N ALA GA 48 -13.25 38.78 113.71
CA ALA GA 48 -14.05 38.18 114.77
C ALA GA 48 -14.00 39.03 116.04
N ALA GA 49 -12.87 39.66 116.31
CA ALA GA 49 -12.78 40.55 117.46
C ALA GA 49 -13.63 41.79 117.26
N GLU GA 50 -13.62 42.34 116.03
CA GLU GA 50 -14.51 43.44 115.71
C GLU GA 50 -15.97 43.01 115.79
N ALA GA 51 -16.26 41.77 115.38
CA ALA GA 51 -17.61 41.23 115.50
C ALA GA 51 -18.04 41.16 116.96
N ALA GA 52 -17.14 40.68 117.83
CA ALA GA 52 -17.45 40.58 119.25
C ALA GA 52 -17.62 41.97 119.86
N ARG GA 53 -16.85 42.94 119.40
CA ARG GA 53 -17.03 44.31 119.88
C ARG GA 53 -18.39 44.87 119.47
N VAL GA 54 -18.75 44.70 118.19
CA VAL GA 54 -20.04 45.19 117.71
C VAL GA 54 -21.18 44.43 118.37
N ALA GA 55 -20.92 43.18 118.78
CA ALA GA 55 -21.94 42.41 119.47
C ALA GA 55 -22.11 42.88 120.91
N LYS GA 56 -21.00 43.08 121.63
CA LYS GA 56 -21.07 43.68 122.95
C LYS GA 56 -21.75 45.03 122.90
N GLU GA 57 -21.58 45.75 121.79
CA GLU GA 57 -22.36 46.96 121.57
C GLU GA 57 -23.83 46.65 121.30
N VAL GA 58 -24.12 45.53 120.65
CA VAL GA 58 -25.49 45.15 120.35
C VAL GA 58 -26.09 44.33 121.49
N GLY GA 59 -25.41 43.26 121.89
CA GLY GA 59 -25.85 42.47 123.03
C GLY GA 59 -26.34 41.08 122.72
N ALA GA 60 -25.72 40.40 121.76
CA ALA GA 60 -26.10 39.04 121.39
C ALA GA 60 -24.97 38.08 121.69
N PRO GA 61 -25.09 37.20 122.70
CA PRO GA 61 -24.01 36.25 122.98
C PRO GA 61 -23.89 35.16 121.94
N ASP GA 62 -24.90 34.96 121.09
CA ASP GA 62 -24.80 33.98 120.03
C ASP GA 62 -23.69 34.35 119.05
N LEU GA 63 -23.77 35.54 118.46
CA LEU GA 63 -22.71 35.99 117.56
C LEU GA 63 -21.41 36.19 118.32
N ILE GA 64 -21.49 36.46 119.62
CA ILE GA 64 -20.27 36.61 120.41
C ILE GA 64 -19.50 35.30 120.47
N ARG GA 65 -20.17 34.21 120.87
CA ARG GA 65 -19.52 32.91 120.88
C ARG GA 65 -19.17 32.46 119.46
N LEU GA 66 -19.96 32.88 118.47
CA LEU GA 66 -19.65 32.56 117.09
C LEU GA 66 -18.33 33.16 116.66
N ALA GA 67 -18.12 34.45 116.96
CA ALA GA 67 -16.85 35.08 116.65
C ALA GA 67 -15.73 34.51 117.50
N ARG GA 68 -16.02 34.13 118.74
CA ARG GA 68 -15.01 33.50 119.57
C ARG GA 68 -14.50 32.20 118.94
N ILE GA 69 -15.43 31.37 118.47
CA ILE GA 69 -15.05 30.11 117.83
C ILE GA 69 -14.37 30.39 116.49
N ALA GA 70 -14.83 31.40 115.76
CA ALA GA 70 -14.21 31.73 114.48
C ALA GA 70 -12.77 32.18 114.66
N ALA GA 71 -12.50 32.92 115.74
CA ALA GA 71 -11.14 33.34 116.03
C ALA GA 71 -10.30 32.17 116.52
N ARG GA 72 -10.88 31.31 117.37
CA ARG GA 72 -10.17 30.12 117.81
C ARG GA 72 -9.81 29.21 116.66
N VAL GA 73 -10.64 29.18 115.61
CA VAL GA 73 -10.34 28.36 114.45
C VAL GA 73 -9.59 29.16 113.39
N GLY GA 74 -9.93 30.43 113.24
CA GLY GA 74 -9.32 31.26 112.20
C GLY GA 74 -10.15 31.30 110.93
N ALA GA 75 -11.47 31.42 111.09
CA ALA GA 75 -12.40 31.44 109.97
C ALA GA 75 -12.66 32.89 109.56
N SER GA 76 -12.12 33.28 108.40
CA SER GA 76 -12.27 34.65 107.94
C SER GA 76 -13.69 34.92 107.44
N GLU GA 77 -14.27 33.99 106.69
CA GLU GA 77 -15.64 34.16 106.23
C GLU GA 77 -16.61 34.21 107.39
N ALA GA 78 -16.44 33.31 108.37
CA ALA GA 78 -17.32 33.31 109.54
C ALA GA 78 -17.12 34.57 110.38
N ALA GA 79 -15.89 35.07 110.46
CA ALA GA 79 -15.63 36.28 111.22
C ALA GA 79 -16.26 37.50 110.54
N LYS GA 80 -16.12 37.61 109.22
CA LYS GA 80 -16.77 38.71 108.50
C LYS GA 80 -18.29 38.60 108.59
N ALA GA 81 -18.81 37.37 108.54
CA ALA GA 81 -20.23 37.16 108.72
C ALA GA 81 -20.68 37.59 110.10
N ILE GA 82 -19.90 37.27 111.13
CA ILE GA 82 -20.25 37.66 112.49
C ILE GA 82 -20.17 39.17 112.65
N LEU GA 83 -19.23 39.81 111.96
CA LEU GA 83 -19.12 41.27 112.04
C LEU GA 83 -20.30 41.96 111.37
N LEU GA 84 -20.60 41.56 110.13
CA LEU GA 84 -21.76 42.12 109.44
C LEU GA 84 -23.05 41.77 110.15
N ALA GA 85 -23.09 40.63 110.84
CA ALA GA 85 -24.29 40.24 111.57
C ALA GA 85 -24.42 41.02 112.87
N ALA GA 86 -23.30 41.39 113.49
CA ALA GA 86 -23.37 42.26 114.66
C ALA GA 86 -23.79 43.67 114.24
N GLU GA 87 -23.33 44.12 113.06
CA GLU GA 87 -23.85 45.36 112.51
C GLU GA 87 -25.34 45.25 112.24
N ALA GA 88 -25.78 44.12 111.68
CA ALA GA 88 -27.20 43.87 111.47
C ALA GA 88 -27.97 43.87 112.78
N ALA GA 89 -27.36 43.34 113.84
CA ALA GA 89 -28.02 43.27 115.13
C ALA GA 89 -28.15 44.65 115.74
N ARG GA 90 -27.12 45.48 115.59
CA ARG GA 90 -27.24 46.87 116.02
C ARG GA 90 -28.32 47.60 115.23
N VAL GA 91 -28.34 47.40 113.91
CA VAL GA 91 -29.33 48.06 113.07
C VAL GA 91 -30.74 47.57 113.40
N ALA GA 92 -30.85 46.30 113.82
CA ALA GA 92 -32.15 45.75 114.18
C ALA GA 92 -32.60 46.24 115.55
N LYS GA 93 -31.69 46.30 116.51
CA LYS GA 93 -32.01 46.91 117.80
C LYS GA 93 -32.43 48.36 117.62
N GLU GA 94 -31.86 49.03 116.61
CA GLU GA 94 -32.36 50.35 116.23
C GLU GA 94 -33.70 50.26 115.54
N VAL GA 95 -33.97 49.15 114.83
CA VAL GA 95 -35.23 49.00 114.12
C VAL GA 95 -36.25 48.28 115.00
N GLY GA 96 -35.95 47.04 115.40
CA GLY GA 96 -36.84 46.29 116.27
C GLY GA 96 -37.51 45.10 115.61
N ASP GA 97 -36.81 44.41 114.72
CA ASP GA 97 -37.35 43.25 114.02
C ASP GA 97 -36.70 41.98 114.54
N PRO GA 98 -37.45 41.07 115.18
CA PRO GA 98 -36.83 39.83 115.68
C PRO GA 98 -36.51 38.82 114.60
N GLU GA 99 -37.30 38.76 113.53
CA GLU GA 99 -36.95 37.89 112.41
C GLU GA 99 -35.65 38.34 111.77
N LEU GA 100 -35.41 39.64 111.74
CA LEU GA 100 -34.13 40.15 111.25
C LEU GA 100 -32.99 39.69 112.15
N GLU GA 101 -33.20 39.71 113.47
CA GLU GA 101 -32.18 39.23 114.39
C GLU GA 101 -31.91 37.74 114.20
N ARG GA 102 -32.98 36.98 113.97
CA ARG GA 102 -32.82 35.55 113.70
C ARG GA 102 -32.03 35.32 112.42
N LEU GA 103 -32.37 36.07 111.36
CA LEU GA 103 -31.65 35.93 110.10
C LEU GA 103 -30.19 36.34 110.23
N ALA GA 104 -29.91 37.37 111.03
CA ALA GA 104 -28.54 37.81 111.23
C ALA GA 104 -27.74 36.77 112.01
N LEU GA 105 -28.33 36.22 113.08
CA LEU GA 105 -27.66 35.16 113.83
C LEU GA 105 -27.44 33.94 112.95
N LEU GA 106 -28.39 33.65 112.06
CA LEU GA 106 -28.25 32.50 111.16
C LEU GA 106 -27.15 32.74 110.14
N ALA GA 107 -27.02 33.97 109.66
CA ALA GA 107 -25.93 34.29 108.75
C ALA GA 107 -24.58 34.22 109.46
N ALA GA 108 -24.54 34.62 110.73
CA ALA GA 108 -23.31 34.52 111.50
C ALA GA 108 -22.94 33.06 111.74
N VAL GA 109 -23.93 32.22 112.02
CA VAL GA 109 -23.66 30.81 112.30
C VAL GA 109 -23.27 30.08 111.01
N LEU GA 110 -24.01 30.30 109.93
CA LEU GA 110 -23.65 29.69 108.65
C LEU GA 110 -22.36 30.30 108.10
N GLY GA 111 -21.93 31.43 108.67
CA GLY GA 111 -20.73 32.08 108.21
C GLY GA 111 -20.88 32.74 106.86
N ASP GA 112 -22.10 32.90 106.38
CA ASP GA 112 -22.37 33.48 105.06
C ASP GA 112 -22.28 34.99 105.17
N SER GA 113 -21.10 35.53 104.84
CA SER GA 113 -20.91 36.98 104.87
C SER GA 113 -21.83 37.67 103.88
N GLU GA 114 -22.19 37.00 102.79
CA GLU GA 114 -23.21 37.53 101.90
C GLU GA 114 -24.55 37.63 102.61
N LYS GA 115 -24.96 36.57 103.30
CA LYS GA 115 -26.21 36.61 104.06
C LYS GA 115 -26.09 37.57 105.23
N ALA GA 116 -24.89 37.77 105.76
CA ALA GA 116 -24.70 38.72 106.86
C ALA GA 116 -24.87 40.16 106.38
N LYS GA 117 -24.27 40.50 105.24
CA LYS GA 117 -24.51 41.80 104.65
C LYS GA 117 -25.96 41.96 104.24
N ALA GA 118 -26.60 40.85 103.82
CA ALA GA 118 -28.02 40.88 103.54
C ALA GA 118 -28.82 41.23 104.79
N ILE GA 119 -28.46 40.65 105.92
CA ILE GA 119 -29.16 40.94 107.17
C ILE GA 119 -28.91 42.37 107.60
N LEU GA 120 -27.70 42.87 107.38
CA LEU GA 120 -27.40 44.27 107.71
C LEU GA 120 -28.24 45.21 106.86
N LEU GA 121 -28.25 45.00 105.54
CA LEU GA 121 -29.03 45.84 104.65
C LEU GA 121 -30.52 45.68 104.90
N ALA GA 122 -30.96 44.50 105.35
CA ALA GA 122 -32.37 44.28 105.62
C ALA GA 122 -32.80 44.94 106.92
N ALA GA 123 -31.92 44.94 107.94
CA ALA GA 123 -32.20 45.69 109.15
C ALA GA 123 -32.23 47.19 108.87
N GLU GA 124 -31.30 47.66 108.03
CA GLU GA 124 -31.35 49.06 107.60
C GLU GA 124 -32.63 49.35 106.82
N ALA GA 125 -33.05 48.41 105.97
CA ALA GA 125 -34.27 48.59 105.20
C ALA GA 125 -35.49 48.64 106.11
N ALA GA 126 -35.54 47.77 107.12
CA ALA GA 126 -36.64 47.78 108.05
C ALA GA 126 -36.66 49.07 108.86
N ARG GA 127 -35.49 49.56 109.26
CA ARG GA 127 -35.44 50.83 109.98
C ARG GA 127 -35.90 51.98 109.09
N VAL GA 128 -35.46 52.00 107.83
CA VAL GA 128 -35.83 53.07 106.92
C VAL GA 128 -37.32 52.99 106.58
N ALA GA 129 -37.87 51.78 106.55
CA ALA GA 129 -39.29 51.62 106.28
C ALA GA 129 -40.13 52.06 107.48
N LYS GA 130 -39.71 51.68 108.69
CA LYS GA 130 -40.41 52.15 109.88
C LYS GA 130 -40.34 53.66 110.01
N GLU GA 131 -39.22 54.26 109.60
CA GLU GA 131 -39.10 55.71 109.62
C GLU GA 131 -39.96 56.36 108.53
N VAL GA 132 -40.05 55.72 107.37
CA VAL GA 132 -40.84 56.25 106.27
C VAL GA 132 -42.30 55.81 106.38
N GLY GA 133 -42.53 54.58 106.82
CA GLY GA 133 -43.88 54.06 106.92
C GLY GA 133 -44.22 53.20 105.73
N ASP GA 134 -43.21 52.64 105.08
CA ASP GA 134 -43.40 51.85 103.86
C ASP GA 134 -43.52 50.38 104.23
N PRO GA 135 -44.74 49.84 104.28
CA PRO GA 135 -44.89 48.41 104.63
C PRO GA 135 -44.37 47.47 103.55
N GLU GA 136 -44.44 47.87 102.28
CA GLU GA 136 -43.85 47.05 101.23
C GLU GA 136 -42.34 46.96 101.39
N LEU GA 137 -41.70 48.06 101.81
CA LEU GA 137 -40.26 48.04 102.04
C LEU GA 137 -39.89 47.13 103.21
N ILE GA 138 -40.66 47.18 104.30
CA ILE GA 138 -40.40 46.32 105.44
C ILE GA 138 -40.64 44.85 105.06
N LYS GA 139 -41.66 44.59 104.26
CA LYS GA 139 -41.92 43.23 103.80
C LYS GA 139 -40.78 42.71 102.94
N LEU GA 140 -40.29 43.55 102.01
CA LEU GA 140 -39.16 43.14 101.19
C LEU GA 140 -37.91 42.94 102.03
N ALA GA 141 -37.72 43.76 103.06
CA ALA GA 141 -36.58 43.60 103.96
C ALA GA 141 -36.66 42.27 104.70
N LEU GA 142 -37.83 41.94 105.23
CA LEU GA 142 -37.99 40.66 105.93
C LEU GA 142 -37.81 39.49 104.97
N GLU GA 143 -38.31 39.62 103.75
CA GLU GA 143 -38.14 38.55 102.76
C GLU GA 143 -36.67 38.36 102.40
N ALA GA 144 -35.92 39.46 102.29
CA ALA GA 144 -34.50 39.35 101.99
C ALA GA 144 -33.73 38.77 103.17
N ALA GA 145 -34.12 39.13 104.40
CA ALA GA 145 -33.47 38.58 105.58
C ALA GA 145 -33.71 37.09 105.68
N GLU GA 146 -34.94 36.64 105.44
CA GLU GA 146 -35.21 35.20 105.43
C GLU GA 146 -34.50 34.52 104.27
N ARG GA 147 -34.37 35.21 103.13
CA ARG GA 147 -33.70 34.62 101.97
C ARG GA 147 -32.19 34.81 102.04
N GLY GA 148 -31.72 35.91 102.63
CA GLY GA 148 -30.30 36.18 102.70
C GLY GA 148 -29.78 36.85 101.45
N ASP GA 149 -30.63 37.62 100.78
CA ASP GA 149 -30.29 38.28 99.53
C ASP GA 149 -29.85 39.72 99.83
N SER GA 150 -28.55 39.97 99.69
CA SER GA 150 -28.03 41.32 99.95
C SER GA 150 -28.54 42.32 98.92
N GLU GA 151 -28.69 41.88 97.67
CA GLU GA 151 -29.25 42.76 96.64
C GLU GA 151 -30.68 43.14 96.97
N LYS GA 152 -31.50 42.16 97.38
CA LYS GA 152 -32.89 42.45 97.71
C LYS GA 152 -33.00 43.31 98.95
N ALA GA 153 -32.13 43.09 99.94
CA ALA GA 153 -32.17 43.91 101.15
C ALA GA 153 -31.73 45.34 100.87
N LYS GA 154 -30.69 45.50 100.07
CA LYS GA 154 -30.27 46.84 99.66
C LYS GA 154 -31.34 47.52 98.83
N ALA GA 155 -32.05 46.75 98.01
CA ALA GA 155 -33.16 47.31 97.24
C ALA GA 155 -34.29 47.75 98.14
N ILE GA 156 -34.59 46.96 99.18
CA ILE GA 156 -35.63 47.35 100.13
C ILE GA 156 -35.21 48.61 100.88
N LEU GA 157 -33.92 48.72 101.22
CA LEU GA 157 -33.43 49.91 101.91
C LEU GA 157 -33.52 51.14 101.01
N LEU GA 158 -33.07 51.01 99.76
CA LEU GA 158 -33.14 52.13 98.83
C LEU GA 158 -34.58 52.49 98.50
N ALA GA 159 -35.48 51.51 98.50
CA ALA GA 159 -36.89 51.78 98.23
C ALA GA 159 -37.54 52.48 99.41
N ALA GA 160 -37.18 52.08 100.64
CA ALA GA 160 -37.68 52.79 101.81
C ALA GA 160 -37.16 54.22 101.84
N GLU GA 161 -35.89 54.42 101.45
CA GLU GA 161 -35.34 55.77 101.38
C GLU GA 161 -36.02 56.59 100.29
N ALA GA 162 -36.31 55.96 99.14
CA ALA GA 162 -37.01 56.65 98.06
C ALA GA 162 -38.43 57.01 98.49
N ALA GA 163 -39.09 56.11 99.21
CA ALA GA 163 -40.43 56.41 99.72
C ALA GA 163 -40.40 57.52 100.76
N ARG GA 164 -39.35 57.56 101.59
CA ARG GA 164 -39.20 58.66 102.53
C ARG GA 164 -38.99 59.98 101.81
N VAL GA 165 -38.13 59.98 100.79
CA VAL GA 165 -37.88 61.20 100.02
C VAL GA 165 -39.14 61.64 99.28
N ALA GA 166 -39.94 60.67 98.84
CA ALA GA 166 -41.18 60.98 98.13
C ALA GA 166 -42.22 61.56 99.09
N LYS GA 167 -42.37 60.96 100.27
CA LYS GA 167 -43.32 61.48 101.25
C LYS GA 167 -42.92 62.86 101.73
N GLU GA 168 -41.61 63.08 101.89
CA GLU GA 168 -41.13 64.42 102.25
C GLU GA 168 -41.31 65.40 101.10
N VAL GA 169 -41.22 64.92 99.87
CA VAL GA 169 -41.46 65.76 98.70
C VAL GA 169 -42.95 65.82 98.37
N GLY GA 170 -43.64 64.70 98.52
CA GLY GA 170 -45.05 64.64 98.17
C GLY GA 170 -45.23 64.04 96.79
N ASP GA 171 -44.22 63.28 96.35
CA ASP GA 171 -44.23 62.73 95.00
C ASP GA 171 -44.79 61.31 95.04
N PRO GA 172 -46.10 61.14 94.83
CA PRO GA 172 -46.66 59.78 94.81
C PRO GA 172 -46.15 58.94 93.66
N GLU GA 173 -45.74 59.54 92.55
CA GLU GA 173 -45.08 58.78 91.49
C GLU GA 173 -43.76 58.21 91.98
N LEU GA 174 -43.00 59.00 92.75
CA LEU GA 174 -41.75 58.50 93.31
C LEU GA 174 -42.00 57.40 94.33
N ILE GA 175 -43.03 57.56 95.15
CA ILE GA 175 -43.37 56.52 96.12
C ILE GA 175 -43.80 55.24 95.42
N LYS GA 176 -44.55 55.38 94.33
CA LYS GA 176 -44.97 54.21 93.56
C LYS GA 176 -43.78 53.53 92.90
N LEU GA 177 -42.83 54.32 92.37
CA LEU GA 177 -41.63 53.73 91.79
C LEU GA 177 -40.80 53.03 92.86
N ALA GA 178 -40.75 53.59 94.06
CA ALA GA 178 -40.03 52.95 95.16
C ALA GA 178 -40.69 51.63 95.54
N LEU GA 179 -42.01 51.60 95.63
CA LEU GA 179 -42.72 50.35 95.94
C LEU GA 179 -42.51 49.33 94.83
N GLU GA 180 -42.52 49.78 93.57
CA GLU GA 180 -42.31 48.87 92.46
C GLU GA 180 -40.89 48.31 92.45
N ALA GA 181 -39.91 49.13 92.83
CA ALA GA 181 -38.54 48.65 92.92
C ALA GA 181 -38.37 47.69 94.10
N ALA GA 182 -39.07 47.96 95.21
CA ALA GA 182 -39.02 47.04 96.34
C ALA GA 182 -39.64 45.69 95.98
N ARG GA 183 -40.77 45.70 95.27
CA ARG GA 183 -41.37 44.47 94.81
C ARG GA 183 -40.48 43.77 93.78
N ARG GA 184 -39.77 44.54 92.95
CA ARG GA 184 -38.87 43.98 91.96
C ARG GA 184 -37.51 43.64 92.57
N GLY GA 185 -37.15 44.31 93.66
CA GLY GA 185 -35.85 44.08 94.27
C GLY GA 185 -34.74 44.76 93.49
N ASP GA 186 -35.10 45.78 92.72
CA ASP GA 186 -34.14 46.53 91.92
C ASP GA 186 -33.64 47.72 92.73
N SER GA 187 -32.45 47.56 93.32
CA SER GA 187 -31.85 48.65 94.07
C SER GA 187 -31.53 49.83 93.15
N GLU GA 188 -31.24 49.56 91.88
CA GLU GA 188 -31.01 50.64 90.93
C GLU GA 188 -32.27 51.46 90.71
N LYS GA 189 -33.40 50.78 90.50
CA LYS GA 189 -34.66 51.50 90.33
C LYS GA 189 -35.05 52.25 91.60
N ALA GA 190 -34.78 51.66 92.76
CA ALA GA 190 -35.11 52.34 94.01
C ALA GA 190 -34.25 53.56 94.23
N LYS GA 191 -32.96 53.48 93.89
CA LYS GA 191 -32.09 54.64 94.00
C LYS GA 191 -32.48 55.70 92.99
N ALA GA 192 -32.90 55.30 91.79
CA ALA GA 192 -33.42 56.25 90.82
C ALA GA 192 -34.66 56.93 91.34
N ILE GA 193 -35.53 56.19 92.03
CA ILE GA 193 -36.73 56.77 92.61
C ILE GA 193 -36.36 57.74 93.72
N LEU GA 194 -35.33 57.42 94.50
CA LEU GA 194 -34.87 58.32 95.55
C LEU GA 194 -34.32 59.62 94.97
N LEU GA 195 -33.46 59.49 93.95
CA LEU GA 195 -32.92 60.68 93.29
C LEU GA 195 -34.02 61.49 92.62
N ALA GA 196 -35.02 60.82 92.06
CA ALA GA 196 -36.13 61.52 91.43
C ALA GA 196 -37.00 62.24 92.46
N ALA GA 197 -37.21 61.62 93.62
CA ALA GA 197 -37.94 62.27 94.69
C ALA GA 197 -37.18 63.47 95.22
N GLU GA 198 -35.86 63.37 95.31
CA GLU GA 198 -35.06 64.51 95.72
C GLU GA 198 -35.12 65.64 94.69
N ALA GA 199 -35.03 65.29 93.40
CA ALA GA 199 -35.13 66.30 92.36
C ALA GA 199 -36.51 66.95 92.35
N ALA GA 200 -37.56 66.16 92.60
CA ALA GA 200 -38.91 66.72 92.66
C ALA GA 200 -39.08 67.62 93.89
N ARG GA 201 -38.45 67.24 95.01
CA ARG GA 201 -38.47 68.10 96.19
C ARG GA 201 -37.78 69.42 95.91
N VAL GA 202 -36.64 69.38 95.21
CA VAL GA 202 -35.93 70.60 94.87
C VAL GA 202 -36.75 71.44 93.89
N ALA GA 203 -37.45 70.78 92.96
CA ALA GA 203 -38.28 71.50 92.00
C ALA GA 203 -39.46 72.17 92.69
N LYS GA 204 -40.08 71.47 93.65
CA LYS GA 204 -41.18 72.06 94.40
C LYS GA 204 -40.71 73.21 95.29
N GLU GA 205 -39.54 73.06 95.93
CA GLU GA 205 -39.03 74.12 96.78
C GLU GA 205 -38.61 75.33 95.96
N VAL GA 206 -38.13 75.12 94.73
CA VAL GA 206 -37.77 76.22 93.85
C VAL GA 206 -38.97 76.70 93.05
N GLY GA 207 -39.68 75.78 92.41
CA GLY GA 207 -40.81 76.13 91.59
C GLY GA 207 -40.57 75.77 90.13
N ASP GA 208 -39.74 74.75 89.91
CA ASP GA 208 -39.38 74.32 88.56
C ASP GA 208 -40.29 73.16 88.17
N PRO GA 209 -41.48 73.43 87.64
CA PRO GA 209 -42.38 72.32 87.28
C PRO GA 209 -41.83 71.42 86.18
N GLU GA 210 -41.00 71.95 85.28
CA GLU GA 210 -40.34 71.08 84.30
C GLU GA 210 -39.35 70.14 84.99
N LEU GA 211 -38.69 70.63 86.05
CA LEU GA 211 -37.78 69.76 86.80
C LEU GA 211 -38.55 68.67 87.53
N ILE GA 212 -39.67 69.01 88.16
CA ILE GA 212 -40.49 68.00 88.83
C ILE GA 212 -41.04 67.02 87.81
N LYS GA 213 -41.36 67.50 86.61
CA LYS GA 213 -41.86 66.62 85.56
C LYS GA 213 -40.78 65.65 85.10
N LEU GA 214 -39.56 66.14 84.89
CA LEU GA 214 -38.46 65.26 84.53
C LEU GA 214 -38.15 64.28 85.65
N ALA GA 215 -38.31 64.71 86.90
CA ALA GA 215 -38.09 63.80 88.03
C ALA GA 215 -39.14 62.70 88.04
N LEU GA 216 -40.40 63.04 87.82
CA LEU GA 216 -41.45 62.02 87.74
C LEU GA 216 -41.22 61.09 86.55
N GLU GA 217 -40.77 61.64 85.43
CA GLU GA 217 -40.49 60.81 84.27
C GLU GA 217 -39.34 59.84 84.54
N ALA GA 218 -38.31 60.30 85.23
CA ALA GA 218 -37.20 59.42 85.58
C ALA GA 218 -37.63 58.37 86.59
N ALA GA 219 -38.50 58.75 87.54
CA ALA GA 219 -39.01 57.78 88.50
C ALA GA 219 -39.84 56.71 87.80
N ARG GA 220 -40.66 57.10 86.84
CA ARG GA 220 -41.39 56.13 86.04
C ARG GA 220 -40.45 55.29 85.19
N ARG GA 221 -39.32 55.87 84.75
CA ARG GA 221 -38.36 55.14 83.95
C ARG GA 221 -37.37 54.37 84.81
N GLY GA 222 -36.85 55.00 85.86
CA GLY GA 222 -35.89 54.36 86.73
C GLY GA 222 -34.45 54.64 86.33
N ASP GA 223 -34.20 55.84 85.81
CA ASP GA 223 -32.87 56.24 85.36
C ASP GA 223 -32.20 57.05 86.45
N SER GA 224 -31.32 56.42 87.21
CA SER GA 224 -30.63 57.12 88.28
C SER GA 224 -29.70 58.19 87.74
N ARG GA 225 -29.14 57.98 86.55
CA ARG GA 225 -28.29 59.00 85.94
C ARG GA 225 -29.10 60.23 85.56
N LYS GA 226 -30.23 60.03 84.86
CA LYS GA 226 -31.07 61.16 84.50
C LYS GA 226 -31.66 61.83 85.74
N ALA GA 227 -32.02 61.03 86.74
CA ALA GA 227 -32.57 61.61 87.96
C ALA GA 227 -31.53 62.43 88.72
N GLU GA 228 -30.29 61.94 88.76
CA GLU GA 228 -29.22 62.69 89.40
C GLU GA 228 -28.90 63.96 88.62
N ALA GA 229 -28.95 63.89 87.29
CA ALA GA 229 -28.76 65.09 86.49
C ALA GA 229 -29.87 66.10 86.73
N ILE GA 230 -31.10 65.62 86.87
CA ILE GA 230 -32.22 66.51 87.15
C ILE GA 230 -32.07 67.13 88.54
N LEU GA 231 -31.57 66.36 89.50
CA LEU GA 231 -31.34 66.90 90.84
C LEU GA 231 -30.23 67.94 90.82
N LEU GA 232 -29.16 67.69 90.06
CA LEU GA 232 -28.08 68.66 89.94
C LEU GA 232 -28.58 69.93 89.28
N ALA GA 233 -29.38 69.79 88.23
CA ALA GA 233 -29.94 70.97 87.57
C ALA GA 233 -30.91 71.71 88.48
N ALA GA 234 -31.64 70.98 89.31
CA ALA GA 234 -32.56 71.61 90.25
C ALA GA 234 -31.80 72.39 91.32
N GLU GA 235 -30.71 71.82 91.84
CA GLU GA 235 -29.87 72.55 92.78
C GLU GA 235 -29.24 73.77 92.12
N ALA GA 236 -28.83 73.62 90.86
CA ALA GA 236 -28.26 74.75 90.13
C ALA GA 236 -29.30 75.85 89.93
N ALA GA 237 -30.53 75.48 89.58
CA ALA GA 237 -31.58 76.48 89.41
C ALA GA 237 -31.97 77.10 90.74
N ARG GA 238 -31.88 76.34 91.84
CA ARG GA 238 -32.12 76.90 93.16
C ARG GA 238 -31.06 77.92 93.52
N ILE GA 239 -29.79 77.60 93.25
CA ILE GA 239 -28.72 78.57 93.46
C ILE GA 239 -28.92 79.79 92.55
N ALA GA 240 -29.44 79.56 91.34
CA ALA GA 240 -29.70 80.66 90.42
C ALA GA 240 -30.78 81.58 90.96
N LYS GA 241 -31.89 81.01 91.44
CA LYS GA 241 -32.95 81.81 92.03
C LYS GA 241 -32.46 82.54 93.28
N GLU GA 242 -31.60 81.88 94.06
CA GLU GA 242 -30.99 82.56 95.21
C GLU GA 242 -30.09 83.71 94.76
N ALA GA 243 -29.50 83.59 93.57
CA ALA GA 243 -28.68 84.66 93.00
C ALA GA 243 -29.49 85.59 92.10
N GLY GA 244 -30.35 85.03 91.24
CA GLY GA 244 -31.13 85.83 90.32
C GLY GA 244 -30.75 85.62 88.87
N ASP GA 245 -30.33 84.41 88.52
CA ASP GA 245 -29.94 84.08 87.16
C ASP GA 245 -31.01 83.19 86.53
N PRO GA 246 -32.07 83.76 85.97
CA PRO GA 246 -33.12 82.93 85.37
C PRO GA 246 -32.63 82.21 84.13
N GLU GA 247 -31.65 82.81 83.44
CA GLU GA 247 -31.01 82.14 82.33
C GLU GA 247 -30.30 80.88 82.79
N ALA GA 248 -29.70 80.92 83.98
CA ALA GA 248 -29.09 79.73 84.54
C ALA GA 248 -30.13 78.66 84.87
N ARG GA 249 -31.28 79.08 85.41
CA ARG GA 249 -32.35 78.14 85.69
C ARG GA 249 -32.88 77.51 84.40
N LYS GA 250 -32.96 78.31 83.33
CA LYS GA 250 -33.44 77.78 82.06
C LYS GA 250 -32.42 76.82 81.46
N LYS GA 251 -31.13 77.14 81.55
CA LYS GA 251 -30.10 76.22 81.08
C LYS GA 251 -30.10 74.94 81.90
N ALA GA 252 -30.38 75.05 83.19
CA ALA GA 252 -30.50 73.85 84.02
C ALA GA 252 -31.69 73.02 83.60
N LEU GA 253 -32.81 73.66 83.28
CA LEU GA 253 -33.96 72.94 82.76
C LEU GA 253 -33.63 72.23 81.45
N GLU GA 254 -32.90 72.92 80.57
CA GLU GA 254 -32.51 72.31 79.30
C GLU GA 254 -31.58 71.12 79.51
N ALA GA 255 -30.64 71.24 80.44
CA ALA GA 255 -29.72 70.14 80.71
C ALA GA 255 -30.43 68.96 81.37
N ALA GA 256 -31.36 69.23 82.29
CA ALA GA 256 -32.12 68.16 82.91
C ALA GA 256 -33.00 67.46 81.91
N ARG GA 257 -33.57 68.22 80.96
CA ARG GA 257 -34.29 67.60 79.86
C ARG GA 257 -33.35 66.78 78.99
N ARG GA 258 -32.09 67.22 78.89
CA ARG GA 258 -31.09 66.44 78.17
C ARG GA 258 -30.62 65.23 78.98
N GLY GA 259 -30.67 65.32 80.30
CA GLY GA 259 -30.33 64.20 81.16
C GLY GA 259 -28.88 64.11 81.58
N ASP GA 260 -28.05 65.06 81.17
CA ASP GA 260 -26.65 65.08 81.59
C ASP GA 260 -26.47 65.96 82.82
N ARG GA 261 -25.51 65.57 83.67
CA ARG GA 261 -25.20 66.33 84.88
C ARG GA 261 -23.94 67.16 84.78
N GLU GA 262 -23.12 66.97 83.73
CA GLU GA 262 -21.92 67.78 83.58
C GLU GA 262 -22.26 69.23 83.33
N LEU GA 263 -23.19 69.49 82.40
CA LEU GA 263 -23.60 70.87 82.15
C LEU GA 263 -24.32 71.46 83.37
N ALA GA 264 -25.11 70.65 84.07
CA ALA GA 264 -25.77 71.12 85.28
C ALA GA 264 -24.75 71.52 86.33
N THR GA 265 -23.69 70.72 86.49
CA THR GA 265 -22.64 71.05 87.45
C THR GA 265 -21.88 72.30 87.02
N ARG GA 266 -21.62 72.45 85.72
CA ARG GA 266 -20.92 73.64 85.23
C ARG GA 266 -21.75 74.88 85.47
N ILE GA 267 -23.07 74.79 85.25
CA ILE GA 267 -23.95 75.93 85.49
C ILE GA 267 -24.02 76.24 86.98
N LEU GA 268 -24.09 75.21 87.81
CA LEU GA 268 -24.09 75.42 89.26
C LEU GA 268 -22.78 76.08 89.69
N ILE GA 269 -21.68 75.71 89.03
CA ILE GA 269 -20.38 76.31 89.36
C ILE GA 269 -20.35 77.77 88.96
N GLU GA 270 -20.89 78.09 87.78
CA GLU GA 270 -20.94 79.49 87.37
C GLU GA 270 -21.81 80.32 88.30
N ALA GA 271 -22.97 79.77 88.70
CA ALA GA 271 -23.84 80.47 89.63
C ALA GA 271 -23.17 80.63 90.99
N LEU GA 272 -22.45 79.61 91.43
CA LEU GA 272 -21.73 79.71 92.70
C LEU GA 272 -20.61 80.72 92.60
N LEU GA 273 -19.98 80.85 91.43
CA LEU GA 273 -18.95 81.86 91.25
C LEU GA 273 -19.52 83.26 91.32
N ARG GA 274 -20.67 83.47 90.67
CA ARG GA 274 -21.33 84.77 90.76
C ARG GA 274 -21.74 85.07 92.19
N LEU GA 275 -22.36 84.10 92.86
CA LEU GA 275 -22.76 84.29 94.25
C LEU GA 275 -21.55 84.51 95.15
N LEU GA 276 -20.42 83.91 94.79
CA LEU GA 276 -19.20 84.08 95.59
C LEU GA 276 -18.62 85.47 95.40
N LYS GA 277 -18.66 85.99 94.17
CA LYS GA 277 -18.26 87.37 93.96
C LYS GA 277 -19.16 88.32 94.74
N LYS GA 278 -20.47 88.05 94.73
CA LYS GA 278 -21.40 88.88 95.49
C LYS GA 278 -21.12 88.80 96.98
N SER GA 279 -20.87 87.59 97.49
CA SER GA 279 -20.59 87.42 98.90
C SER GA 279 -19.24 88.05 99.27
N THR GA 280 -18.30 88.07 98.32
CA THR GA 280 -17.02 88.72 98.57
C THR GA 280 -17.19 90.23 98.67
N ALA GA 281 -18.00 90.81 97.78
CA ALA GA 281 -18.32 92.22 97.90
C ALA GA 281 -19.02 92.51 99.23
N GLU GA 282 -19.97 91.67 99.61
CA GLU GA 282 -20.69 91.86 100.87
C GLU GA 282 -19.75 91.73 102.06
N LEU GA 283 -18.80 90.81 102.00
CA LEU GA 283 -17.86 90.62 103.10
C LEU GA 283 -16.88 91.77 103.19
N LYS GA 284 -16.45 92.31 102.04
CA LYS GA 284 -15.61 93.50 102.07
C LYS GA 284 -16.36 94.68 102.67
N ARG GA 285 -17.63 94.84 102.30
CA ARG GA 285 -18.44 95.90 102.90
C ARG GA 285 -18.60 95.69 104.40
N ALA GA 286 -18.82 94.45 104.82
CA ALA GA 286 -18.98 94.17 106.24
C ALA GA 286 -17.69 94.42 107.00
N THR GA 287 -16.54 94.09 106.40
CA THR GA 287 -15.26 94.35 107.04
C THR GA 287 -15.01 95.85 107.14
N ALA GA 288 -15.37 96.61 106.11
CA ALA GA 288 -15.26 98.06 106.17
C ALA GA 288 -16.16 98.62 107.26
N SER GA 289 -17.38 98.10 107.38
CA SER GA 289 -18.30 98.57 108.42
C SER GA 289 -17.78 98.23 109.81
N LEU GA 290 -17.19 97.04 109.97
CA LEU GA 290 -16.64 96.66 111.26
C LEU GA 290 -15.43 97.53 111.62
N ARG GA 291 -14.58 97.82 110.63
CA ARG GA 291 -13.45 98.72 110.89
C ARG GA 291 -13.94 100.13 111.23
N ALA GA 292 -15.02 100.57 110.59
CA ALA GA 292 -15.57 101.88 110.90
C ALA GA 292 -16.15 101.92 112.31
N ILE GA 293 -16.86 100.87 112.71
CA ILE GA 293 -17.40 100.81 114.07
C ILE GA 293 -16.26 100.73 115.08
N THR GA 294 -15.17 100.04 114.72
CA THR GA 294 -14.01 99.98 115.60
C THR GA 294 -13.36 101.36 115.75
N GLU GA 295 -13.23 102.10 114.65
CA GLU GA 295 -12.69 103.44 114.72
C GLU GA 295 -13.61 104.36 115.52
N GLU GA 296 -14.91 104.16 115.42
CA GLU GA 296 -15.86 104.96 116.19
C GLU GA 296 -15.73 104.66 117.69
N LEU GA 297 -15.64 103.38 118.04
CA LEU GA 297 -15.43 103.01 119.44
C LEU GA 297 -14.07 103.48 119.93
N LYS GA 298 -13.10 103.60 119.02
CA LYS GA 298 -11.79 104.10 119.40
C LYS GA 298 -11.82 105.59 119.67
N LYS GA 299 -12.51 106.37 118.83
CA LYS GA 299 -12.53 107.81 118.99
C LYS GA 299 -13.29 108.23 120.24
N ASN GA 300 -14.34 107.49 120.59
CA ASN GA 300 -15.11 107.81 121.80
C ASN GA 300 -15.71 106.52 122.36
N PRO GA 301 -14.98 105.80 123.21
CA PRO GA 301 -15.50 104.54 123.72
C PRO GA 301 -16.51 104.75 124.84
N SER GA 302 -17.57 103.95 124.80
CA SER GA 302 -18.66 104.05 125.76
C SER GA 302 -19.50 102.78 125.65
N GLU GA 303 -20.64 102.79 126.33
CA GLU GA 303 -21.57 101.66 126.22
C GLU GA 303 -22.05 101.48 124.79
N ASP GA 304 -22.54 102.56 124.18
CA ASP GA 304 -23.02 102.47 122.80
C ASP GA 304 -21.89 102.18 121.83
N ALA GA 305 -20.70 102.74 122.09
CA ALA GA 305 -19.57 102.53 121.20
C ALA GA 305 -19.10 101.07 121.21
N LEU GA 306 -18.87 100.52 122.40
CA LEU GA 306 -18.50 99.12 122.50
C LEU GA 306 -19.61 98.21 121.98
N VAL GA 307 -20.87 98.60 122.22
CA VAL GA 307 -22.00 97.82 121.73
C VAL GA 307 -21.97 97.76 120.21
N GLU GA 308 -21.80 98.91 119.55
CA GLU GA 308 -21.78 98.95 118.10
C GLU GA 308 -20.57 98.23 117.53
N HIS GA 309 -19.41 98.37 118.18
CA HIS GA 309 -18.22 97.68 117.70
C HIS GA 309 -18.37 96.16 117.79
N ASN GA 310 -18.89 95.67 118.92
CA ASN GA 310 -19.10 94.23 119.07
C ASN GA 310 -20.19 93.74 118.13
N ARG GA 311 -21.23 94.54 117.91
CA ARG GA 311 -22.29 94.14 116.98
C ARG GA 311 -21.75 94.07 115.55
N ALA GA 312 -20.88 95.02 115.18
CA ALA GA 312 -20.28 94.98 113.85
C ALA GA 312 -19.33 93.80 113.71
N ILE GA 313 -18.61 93.47 114.77
CA ILE GA 313 -17.73 92.30 114.73
C ILE GA 313 -18.55 91.03 114.56
N VAL GA 314 -19.68 90.93 115.28
CA VAL GA 314 -20.53 89.75 115.15
C VAL GA 314 -21.18 89.70 113.78
N GLU GA 315 -21.53 90.87 113.23
CA GLU GA 315 -22.12 90.90 111.89
C GLU GA 315 -21.11 90.48 110.84
N HIS GA 316 -19.86 90.91 111.00
CA HIS GA 316 -18.81 90.47 110.09
C HIS GA 316 -18.57 88.97 110.22
N ASN GA 317 -18.60 88.45 111.44
CA ASN GA 317 -18.44 87.01 111.65
C ASN GA 317 -19.59 86.24 111.01
N ALA GA 318 -20.81 86.76 111.13
CA ALA GA 318 -21.96 86.09 110.53
C ALA GA 318 -21.90 86.15 109.01
N ILE GA 319 -21.45 87.27 108.46
CA ILE GA 319 -21.32 87.39 107.01
C ILE GA 319 -20.23 86.45 106.50
N ILE GA 320 -19.15 86.31 107.27
CA ILE GA 320 -18.09 85.38 106.91
C ILE GA 320 -18.60 83.95 106.99
N VAL GA 321 -19.43 83.65 107.99
CA VAL GA 321 -20.02 82.32 108.11
C VAL GA 321 -20.93 82.04 106.94
N GLU GA 322 -21.69 83.04 106.50
CA GLU GA 322 -22.57 82.85 105.35
C GLU GA 322 -21.78 82.64 104.07
N ASN GA 323 -20.71 83.43 103.88
CA ASN GA 323 -19.87 83.24 102.71
C ASN GA 323 -19.18 81.88 102.74
N ASN GA 324 -18.77 81.44 103.92
CA ASN GA 324 -18.16 80.13 104.05
C ASN GA 324 -19.18 79.03 103.78
N ARG GA 325 -20.44 79.25 104.17
CA ARG GA 325 -21.49 78.27 103.87
C ARG GA 325 -21.74 78.20 102.37
N ILE GA 326 -21.72 79.35 101.70
CA ILE GA 326 -21.87 79.36 100.25
C ILE GA 326 -20.71 78.64 99.59
N ILE GA 327 -19.50 78.89 100.08
CA ILE GA 327 -18.32 78.21 99.53
C ILE GA 327 -18.40 76.72 99.80
N ALA GA 328 -18.92 76.33 100.95
CA ALA GA 328 -19.05 74.91 101.27
C ALA GA 328 -20.10 74.25 100.38
N MET GA 329 -21.19 74.95 100.10
CA MET GA 329 -22.18 74.42 99.17
C MET GA 329 -21.58 74.26 97.78
N VAL GA 330 -20.81 75.25 97.34
CA VAL GA 330 -20.17 75.15 96.02
C VAL GA 330 -19.18 73.99 95.99
N LEU GA 331 -18.43 73.81 97.07
CA LEU GA 331 -17.47 72.72 97.13
C LEU GA 331 -18.16 71.37 97.17
N GLU GA 332 -19.29 71.28 97.88
CA GLU GA 332 -20.06 70.04 97.89
C GLU GA 332 -20.62 69.74 96.52
N ALA GA 333 -21.03 70.78 95.79
CA ALA GA 333 -21.48 70.59 94.41
C ALA GA 333 -20.34 70.08 93.54
N ILE GA 334 -19.15 70.66 93.69
CA ILE GA 334 -18.00 70.20 92.93
C ILE GA 334 -17.67 68.75 93.28
N VAL GA 335 -17.82 68.38 94.55
CA VAL GA 335 -17.51 67.03 94.98
C VAL GA 335 -18.52 66.05 94.40
N ARG GA 336 -19.81 66.40 94.47
CA ARG GA 336 -20.84 65.55 93.88
C ARG GA 336 -20.67 65.45 92.37
N ALA GA 337 -20.08 66.48 91.76
CA ALA GA 337 -19.78 66.43 90.34
C ALA GA 337 -18.48 65.69 90.04
N ILE GA 338 -17.44 65.91 90.84
CA ILE GA 338 -16.17 65.23 90.62
C ILE GA 338 -16.23 63.84 91.24
N SER HA 2 -41.39 -82.99 61.36
CA SER HA 2 -42.13 -82.90 62.61
C SER HA 2 -43.58 -82.55 62.36
N THR HA 3 -43.95 -82.39 61.08
CA THR HA 3 -45.32 -82.05 60.73
C THR HA 3 -46.26 -83.22 60.95
N LYS HA 4 -45.89 -84.41 60.44
CA LYS HA 4 -46.75 -85.58 60.57
C LYS HA 4 -46.85 -86.03 62.04
N GLU HA 5 -45.75 -85.93 62.79
CA GLU HA 5 -45.78 -86.32 64.19
C GLU HA 5 -46.66 -85.37 65.00
N LYS HA 6 -46.49 -84.06 64.80
CA LYS HA 6 -47.34 -83.09 65.48
C LYS HA 6 -48.80 -83.28 65.08
N ALA HA 7 -49.04 -83.63 63.81
CA ALA HA 7 -50.40 -83.90 63.37
C ALA HA 7 -51.00 -85.10 64.10
N ARG HA 8 -50.27 -86.21 64.14
CA ARG HA 8 -50.76 -87.39 64.83
C ARG HA 8 -51.01 -87.11 66.30
N GLN HA 9 -50.13 -86.34 66.94
CA GLN HA 9 -50.29 -86.05 68.36
C GLN HA 9 -51.49 -85.15 68.62
N LEU HA 10 -51.58 -84.03 67.91
CA LEU HA 10 -52.71 -83.12 68.10
C LEU HA 10 -54.02 -83.78 67.71
N ALA HA 11 -53.99 -84.72 66.77
CA ALA HA 11 -55.21 -85.41 66.37
C ALA HA 11 -55.61 -86.48 67.38
N GLU HA 12 -54.63 -87.15 68.00
CA GLU HA 12 -54.95 -88.05 69.09
C GLU HA 12 -55.55 -87.28 70.27
N GLU HA 13 -54.97 -86.12 70.59
CA GLU HA 13 -55.56 -85.26 71.62
C GLU HA 13 -56.95 -84.79 71.21
N ALA HA 14 -57.15 -84.53 69.92
CA ALA HA 14 -58.46 -84.15 69.41
C ALA HA 14 -59.47 -85.26 69.63
N LYS HA 15 -59.11 -86.50 69.30
CA LYS HA 15 -60.01 -87.63 69.49
C LYS HA 15 -60.29 -87.85 70.97
N GLU HA 16 -59.29 -87.67 71.83
CA GLU HA 16 -59.48 -87.86 73.26
C GLU HA 16 -60.43 -86.80 73.82
N THR HA 17 -60.21 -85.53 73.48
CA THR HA 17 -61.09 -84.47 73.97
C THR HA 17 -62.47 -84.57 73.34
N ALA HA 18 -62.57 -85.23 72.17
CA ALA HA 18 -63.87 -85.45 71.56
C ALA HA 18 -64.65 -86.53 72.31
N GLU HA 19 -63.98 -87.65 72.60
CA GLU HA 19 -64.62 -88.69 73.40
C GLU HA 19 -64.98 -88.18 74.79
N LYS HA 20 -64.16 -87.29 75.35
CA LYS HA 20 -64.50 -86.67 76.62
C LYS HA 20 -65.65 -85.68 76.48
N VAL HA 21 -65.73 -85.00 75.33
CA VAL HA 21 -66.84 -84.11 75.03
C VAL HA 21 -68.11 -84.89 74.74
N GLY HA 22 -67.96 -86.15 74.33
CA GLY HA 22 -69.09 -86.98 73.98
C GLY HA 22 -69.20 -87.15 72.48
N ASP HA 23 -68.09 -86.93 71.76
CA ASP HA 23 -68.09 -86.98 70.31
C ASP HA 23 -67.22 -88.11 69.83
N PRO HA 24 -67.78 -89.24 69.41
CA PRO HA 24 -66.96 -90.28 68.78
C PRO HA 24 -66.77 -89.98 67.31
N GLU HA 25 -67.68 -89.18 66.75
CA GLU HA 25 -67.53 -88.73 65.37
C GLU HA 25 -66.34 -87.78 65.23
N LEU HA 26 -66.21 -86.81 66.14
CA LEU HA 26 -65.04 -85.96 66.14
C LEU HA 26 -63.79 -86.76 66.48
N ILE HA 27 -63.94 -87.82 67.27
CA ILE HA 27 -62.80 -88.69 67.55
C ILE HA 27 -62.32 -89.40 66.29
N LYS HA 28 -63.27 -89.87 65.46
CA LYS HA 28 -62.89 -90.53 64.22
C LYS HA 28 -62.32 -89.53 63.22
N LEU HA 29 -62.91 -88.33 63.15
CA LEU HA 29 -62.35 -87.29 62.29
C LEU HA 29 -60.94 -86.92 62.73
N ALA HA 30 -60.69 -86.96 64.04
CA ALA HA 30 -59.34 -86.71 64.55
C ALA HA 30 -58.39 -87.84 64.18
N GLU HA 31 -58.85 -89.09 64.30
CA GLU HA 31 -58.03 -90.21 63.85
C GLU HA 31 -57.70 -90.07 62.36
N GLN HA 32 -58.65 -89.56 61.58
CA GLN HA 32 -58.40 -89.33 60.16
C GLN HA 32 -57.39 -88.20 59.95
N ALA HA 33 -57.48 -87.15 60.77
CA ALA HA 33 -56.50 -86.06 60.69
C ALA HA 33 -55.11 -86.56 61.03
N SER HA 34 -55.02 -87.51 61.97
CA SER HA 34 -53.73 -88.12 62.30
C SER HA 34 -53.22 -88.98 61.14
N GLN HA 35 -54.09 -89.82 60.59
CA GLN HA 35 -53.68 -90.70 59.49
C GLN HA 35 -53.27 -89.90 58.26
N GLU HA 36 -53.91 -88.75 58.02
CA GLU HA 36 -53.55 -87.91 56.88
C GLU HA 36 -52.28 -87.11 57.17
N GLY HA 37 -52.03 -86.79 58.43
CA GLY HA 37 -50.89 -86.00 58.80
C GLY HA 37 -51.07 -84.51 58.70
N ASP HA 38 -52.28 -83.99 58.94
CA ASP HA 38 -52.55 -82.57 58.88
C ASP HA 38 -52.59 -82.01 60.30
N SER HA 39 -51.51 -81.32 60.68
CA SER HA 39 -51.47 -80.69 62.00
C SER HA 39 -52.52 -79.60 62.13
N GLU HA 40 -52.83 -78.92 61.02
CA GLU HA 40 -53.90 -77.94 61.03
C GLU HA 40 -55.25 -78.60 61.32
N LYS HA 41 -55.57 -79.67 60.60
CA LYS HA 41 -56.82 -80.40 60.84
C LYS HA 41 -56.80 -81.06 62.21
N ALA HA 42 -55.63 -81.49 62.67
CA ALA HA 42 -55.53 -82.10 63.99
C ALA HA 42 -55.85 -81.09 65.09
N LYS HA 43 -55.19 -79.93 65.06
CA LYS HA 43 -55.49 -78.89 66.04
C LYS HA 43 -56.91 -78.37 65.88
N ALA HA 44 -57.45 -78.41 64.66
CA ALA HA 44 -58.84 -78.03 64.45
C ALA HA 44 -59.78 -78.98 65.16
N ILE HA 45 -59.57 -80.28 64.99
CA ILE HA 45 -60.41 -81.26 65.68
C ILE HA 45 -60.21 -81.16 67.18
N LEU HA 46 -59.00 -80.76 67.61
CA LEU HA 46 -58.74 -80.60 69.05
C LEU HA 46 -59.51 -79.43 69.62
N LEU HA 47 -59.42 -78.27 68.96
CA LEU HA 47 -60.17 -77.11 69.41
C LEU HA 47 -61.68 -77.35 69.33
N ALA HA 48 -62.12 -78.10 68.33
CA ALA HA 48 -63.54 -78.42 68.21
C ALA HA 48 -63.98 -79.39 69.31
N ALA HA 49 -63.10 -80.32 69.69
CA ALA HA 49 -63.42 -81.23 70.78
C ALA HA 49 -63.48 -80.48 72.10
N GLU HA 50 -62.56 -79.55 72.31
CA GLU HA 50 -62.63 -78.70 73.50
C GLU HA 50 -63.88 -77.83 73.47
N ALA HA 51 -64.27 -77.36 72.28
CA ALA HA 51 -65.49 -76.60 72.13
C ALA HA 51 -66.71 -77.43 72.52
N ALA HA 52 -66.75 -78.69 72.07
CA ALA HA 52 -67.86 -79.57 72.41
C ALA HA 52 -67.87 -79.89 73.89
N ARG HA 53 -66.70 -80.01 74.50
CA ARG HA 53 -66.63 -80.22 75.95
C ARG HA 53 -67.18 -79.02 76.70
N VAL HA 54 -66.74 -77.82 76.33
CA VAL HA 54 -67.21 -76.61 76.99
C VAL HA 54 -68.69 -76.39 76.72
N ALA HA 55 -69.18 -76.90 75.59
CA ALA HA 55 -70.60 -76.79 75.28
C ALA HA 55 -71.42 -77.76 76.11
N LYS HA 56 -70.98 -79.02 76.19
CA LYS HA 56 -71.62 -79.98 77.10
C LYS HA 56 -71.61 -79.46 78.53
N GLU HA 57 -70.58 -78.69 78.88
CA GLU HA 57 -70.59 -78.00 80.17
C GLU HA 57 -71.59 -76.86 80.17
N VAL HA 58 -71.79 -76.21 79.03
CA VAL HA 58 -72.74 -75.09 78.94
C VAL HA 58 -74.13 -75.60 78.60
N GLY HA 59 -74.26 -76.37 77.52
CA GLY HA 59 -75.53 -76.97 77.17
C GLY HA 59 -76.19 -76.45 75.90
N ALA HA 60 -75.39 -76.14 74.88
CA ALA HA 60 -75.91 -75.64 73.61
C ALA HA 60 -75.62 -76.64 72.50
N PRO HA 61 -76.62 -77.34 71.96
CA PRO HA 61 -76.33 -78.29 70.87
C PRO HA 61 -76.00 -77.61 69.56
N ASP HA 62 -76.29 -76.31 69.42
CA ASP HA 62 -75.90 -75.59 68.22
C ASP HA 62 -74.40 -75.55 68.05
N LEU HA 63 -73.69 -75.01 69.04
CA LEU HA 63 -72.23 -75.00 68.99
C LEU HA 63 -71.67 -76.41 69.03
N ILE HA 64 -72.41 -77.35 69.62
CA ILE HA 64 -71.96 -78.74 69.65
C ILE HA 64 -71.89 -79.31 68.24
N ARG HA 65 -72.99 -79.22 67.49
CA ARG HA 65 -72.97 -79.68 66.11
C ARG HA 65 -72.03 -78.83 65.26
N LEU HA 66 -71.86 -77.56 65.61
CA LEU HA 66 -70.93 -76.71 64.89
C LEU HA 66 -69.50 -77.23 65.02
N ALA HA 67 -69.09 -77.56 66.25
CA ALA HA 67 -67.76 -78.13 66.46
C ALA HA 67 -67.66 -79.52 65.85
N ARG HA 68 -68.76 -80.28 65.87
CA ARG HA 68 -68.74 -81.59 65.22
C ARG HA 68 -68.45 -81.46 63.73
N ILE HA 69 -69.12 -80.52 63.06
CA ILE HA 69 -68.89 -80.32 61.63
C ILE HA 69 -67.51 -79.73 61.40
N ALA HA 70 -67.04 -78.85 62.28
CA ALA HA 70 -65.72 -78.26 62.13
C ALA HA 70 -64.63 -79.32 62.25
N ALA HA 71 -64.83 -80.31 63.13
CA ALA HA 71 -63.87 -81.40 63.26
C ALA HA 71 -63.97 -82.34 62.07
N ARG HA 72 -65.20 -82.63 61.61
CA ARG HA 72 -65.37 -83.47 60.43
C ARG HA 72 -64.72 -82.83 59.20
N VAL HA 73 -64.70 -81.51 59.13
CA VAL HA 73 -64.07 -80.83 58.01
C VAL HA 73 -62.62 -80.49 58.32
N GLY HA 74 -62.33 -80.12 59.56
CA GLY HA 74 -60.99 -79.70 59.93
C GLY HA 74 -60.81 -78.20 59.87
N ALA HA 75 -61.81 -77.46 60.34
CA ALA HA 75 -61.80 -76.01 60.32
C ALA HA 75 -61.24 -75.49 61.64
N SER HA 76 -60.03 -74.94 61.59
CA SER HA 76 -59.38 -74.45 62.81
C SER HA 76 -60.01 -73.15 63.29
N GLU HA 77 -60.31 -72.23 62.37
CA GLU HA 77 -60.95 -70.98 62.77
C GLU HA 77 -62.34 -71.25 63.33
N ALA HA 78 -63.12 -72.12 62.69
CA ALA HA 78 -64.45 -72.44 63.18
C ALA HA 78 -64.37 -73.18 64.52
N ALA HA 79 -63.36 -74.02 64.70
CA ALA HA 79 -63.22 -74.73 65.96
C ALA HA 79 -62.84 -73.79 67.10
N LYS HA 80 -61.91 -72.86 66.85
CA LYS HA 80 -61.57 -71.87 67.86
C LYS HA 80 -62.74 -70.96 68.15
N ALA HA 81 -63.53 -70.63 67.12
CA ALA HA 81 -64.73 -69.83 67.32
C ALA HA 81 -65.73 -70.59 68.18
N ILE HA 82 -65.90 -71.88 67.92
CA ILE HA 82 -66.83 -72.68 68.71
C ILE HA 82 -66.35 -72.80 70.15
N LEU HA 83 -65.03 -72.88 70.35
CA LEU HA 83 -64.50 -72.98 71.71
C LEU HA 83 -64.71 -71.68 72.48
N LEU HA 84 -64.31 -70.55 71.88
CA LEU HA 84 -64.54 -69.27 72.53
C LEU HA 84 -66.03 -68.98 72.69
N ALA HA 85 -66.87 -69.51 71.79
CA ALA HA 85 -68.30 -69.31 71.90
C ALA HA 85 -68.90 -70.18 72.98
N ALA HA 86 -68.34 -71.37 73.21
CA ALA HA 86 -68.80 -72.19 74.33
C ALA HA 86 -68.36 -71.57 75.65
N GLU HA 87 -67.17 -70.97 75.67
CA GLU HA 87 -66.77 -70.17 76.83
C GLU HA 87 -67.73 -68.99 77.04
N ALA HA 88 -68.10 -68.33 75.94
CA ALA HA 88 -69.08 -67.25 76.02
C ALA HA 88 -70.42 -67.75 76.52
N ALA HA 89 -70.81 -68.96 76.12
CA ALA HA 89 -72.09 -69.52 76.54
C ALA HA 89 -72.06 -69.88 78.02
N ARG HA 90 -70.94 -70.40 78.51
CA ARG HA 90 -70.81 -70.62 79.95
C ARG HA 90 -70.86 -69.29 80.69
N VAL HA 91 -70.15 -68.28 80.20
CA VAL HA 91 -70.13 -66.97 80.86
C VAL HA 91 -71.52 -66.34 80.82
N ALA HA 92 -72.29 -66.62 79.77
CA ALA HA 92 -73.63 -66.06 79.65
C ALA HA 92 -74.60 -66.80 80.57
N LYS HA 93 -74.51 -68.13 80.62
CA LYS HA 93 -75.30 -68.88 81.58
C LYS HA 93 -74.99 -68.43 83.01
N GLU HA 94 -73.75 -68.02 83.25
CA GLU HA 94 -73.42 -67.37 84.52
C GLU HA 94 -74.01 -65.97 84.60
N VAL HA 95 -74.16 -65.30 83.46
CA VAL HA 95 -74.71 -63.94 83.45
C VAL HA 95 -76.21 -63.97 83.23
N GLY HA 96 -76.66 -64.49 82.10
CA GLY HA 96 -78.08 -64.61 81.83
C GLY HA 96 -78.59 -63.70 80.72
N ASP HA 97 -77.79 -63.50 79.69
CA ASP HA 97 -78.15 -62.65 78.56
C ASP HA 97 -78.43 -63.50 77.33
N PRO HA 98 -79.67 -63.51 76.82
CA PRO HA 98 -79.95 -64.34 75.63
C PRO HA 98 -79.42 -63.75 74.34
N GLU HA 99 -79.38 -62.43 74.21
CA GLU HA 99 -78.75 -61.82 73.04
C GLU HA 99 -77.27 -62.16 72.98
N LEU HA 100 -76.63 -62.25 74.15
CA LEU HA 100 -75.24 -62.70 74.18
C LEU HA 100 -75.12 -64.13 73.70
N GLU HA 101 -76.05 -65.00 74.08
CA GLU HA 101 -76.03 -66.38 73.60
C GLU HA 101 -76.24 -66.44 72.10
N ARG HA 102 -77.14 -65.60 71.58
CA ARG HA 102 -77.34 -65.53 70.14
C ARG HA 102 -76.09 -65.07 69.42
N LEU HA 103 -75.44 -64.04 69.94
CA LEU HA 103 -74.21 -63.54 69.32
C LEU HA 103 -73.11 -64.58 69.38
N ALA HA 104 -73.03 -65.33 70.48
CA ALA HA 104 -72.01 -66.36 70.60
C ALA HA 104 -72.26 -67.50 69.61
N LEU HA 105 -73.51 -67.95 69.50
CA LEU HA 105 -73.83 -68.98 68.53
C LEU HA 105 -73.58 -68.48 67.12
N LEU HA 106 -73.83 -67.19 66.87
CA LEU HA 106 -73.59 -66.64 65.54
C LEU HA 106 -72.11 -66.56 65.24
N ALA HA 107 -71.30 -66.25 66.24
CA ALA HA 107 -69.84 -66.25 66.05
C ALA HA 107 -69.32 -67.66 65.82
N ALA HA 108 -69.92 -68.64 66.50
CA ALA HA 108 -69.53 -70.04 66.28
C ALA HA 108 -69.92 -70.50 64.89
N VAL HA 109 -71.09 -70.09 64.41
CA VAL HA 109 -71.54 -70.51 63.08
C VAL HA 109 -70.75 -69.81 61.99
N LEU HA 110 -70.55 -68.50 62.11
CA LEU HA 110 -69.73 -67.77 61.14
C LEU HA 110 -68.26 -68.16 61.27
N GLY HA 111 -67.91 -68.85 62.35
CA GLY HA 111 -66.53 -69.26 62.56
C GLY HA 111 -65.61 -68.12 62.88
N ASP HA 112 -66.14 -66.95 63.22
CA ASP HA 112 -65.35 -65.76 63.52
C ASP HA 112 -64.82 -65.87 64.94
N SER HA 113 -63.59 -66.35 65.06
CA SER HA 113 -62.97 -66.47 66.39
C SER HA 113 -62.80 -65.11 67.03
N GLU HA 114 -62.64 -64.05 66.22
CA GLU HA 114 -62.65 -62.70 66.76
C GLU HA 114 -64.01 -62.37 67.35
N LYS HA 115 -65.10 -62.66 66.62
CA LYS HA 115 -66.43 -62.43 67.15
C LYS HA 115 -66.72 -63.38 68.32
N ALA HA 116 -66.10 -64.56 68.33
CA ALA HA 116 -66.30 -65.48 69.44
C ALA HA 116 -65.63 -64.98 70.72
N LYS HA 117 -64.40 -64.48 70.60
CA LYS HA 117 -63.76 -63.85 71.76
C LYS HA 117 -64.52 -62.59 72.15
N ALA HA 118 -65.10 -61.89 71.17
CA ALA HA 118 -65.95 -60.75 71.48
C ALA HA 118 -67.15 -61.18 72.31
N ILE HA 119 -67.78 -62.29 71.95
CA ILE HA 119 -68.94 -62.78 72.70
C ILE HA 119 -68.51 -63.23 74.09
N LEU HA 120 -67.33 -63.85 74.20
CA LEU HA 120 -66.83 -64.25 75.52
C LEU HA 120 -66.61 -63.03 76.41
N LEU HA 121 -65.90 -62.03 75.89
CA LEU HA 121 -65.64 -60.81 76.66
C LEU HA 121 -66.92 -60.04 76.93
N ALA HA 122 -67.90 -60.14 76.03
CA ALA HA 122 -69.17 -59.44 76.25
C ALA HA 122 -70.02 -60.14 77.30
N ALA HA 123 -70.00 -61.48 77.33
CA ALA HA 123 -70.67 -62.20 78.40
C ALA HA 123 -70.00 -61.92 79.73
N GLU HA 124 -68.67 -61.87 79.74
CA GLU HA 124 -67.96 -61.48 80.96
C GLU HA 124 -68.30 -60.05 81.37
N ALA HA 125 -68.43 -59.15 80.39
CA ALA HA 125 -68.78 -57.78 80.67
C ALA HA 125 -70.19 -57.67 81.23
N ALA HA 126 -71.14 -58.43 80.67
CA ALA HA 126 -72.49 -58.44 81.19
C ALA HA 126 -72.55 -59.00 82.59
N ARG HA 127 -71.77 -60.06 82.87
CA ARG HA 127 -71.72 -60.60 84.21
C ARG HA 127 -71.13 -59.59 85.19
N VAL HA 128 -70.05 -58.92 84.80
CA VAL HA 128 -69.40 -57.95 85.68
C VAL HA 128 -70.30 -56.74 85.89
N ALA HA 129 -71.09 -56.39 84.88
CA ALA HA 129 -72.01 -55.26 85.01
C ALA HA 129 -73.18 -55.63 85.91
N LYS HA 130 -73.74 -56.83 85.76
CA LYS HA 130 -74.79 -57.28 86.65
C LYS HA 130 -74.30 -57.38 88.09
N GLU HA 131 -73.04 -57.79 88.27
CA GLU HA 131 -72.46 -57.83 89.61
C GLU HA 131 -72.21 -56.43 90.16
N VAL HA 132 -71.79 -55.50 89.32
CA VAL HA 132 -71.52 -54.13 89.74
C VAL HA 132 -72.79 -53.30 89.72
N GLY HA 133 -73.65 -53.51 88.73
CA GLY HA 133 -74.86 -52.72 88.59
C GLY HA 133 -74.69 -51.61 87.58
N ASP HA 134 -73.76 -51.80 86.65
CA ASP HA 134 -73.44 -50.77 85.67
C ASP HA 134 -74.26 -51.00 84.40
N PRO HA 135 -75.36 -50.27 84.21
CA PRO HA 135 -76.16 -50.48 82.99
C PRO HA 135 -75.47 -50.02 81.72
N GLU HA 136 -74.62 -48.99 81.79
CA GLU HA 136 -73.84 -48.59 80.62
C GLU HA 136 -72.88 -49.70 80.21
N LEU HA 137 -72.31 -50.40 81.19
CA LEU HA 137 -71.40 -51.51 80.87
C LEU HA 137 -72.16 -52.65 80.21
N ILE HA 138 -73.35 -52.98 80.71
CA ILE HA 138 -74.14 -54.05 80.11
C ILE HA 138 -74.60 -53.65 78.71
N LYS HA 139 -74.94 -52.37 78.51
CA LYS HA 139 -75.33 -51.90 77.19
C LYS HA 139 -74.17 -51.98 76.21
N LEU HA 140 -72.97 -51.59 76.65
CA LEU HA 140 -71.79 -51.70 75.79
C LEU HA 140 -71.47 -53.16 75.49
N ALA HA 141 -71.66 -54.04 76.47
CA ALA HA 141 -71.44 -55.46 76.25
C ALA HA 141 -72.40 -56.01 75.22
N LEU HA 142 -73.68 -55.67 75.32
CA LEU HA 142 -74.65 -56.13 74.32
C LEU HA 142 -74.35 -55.55 72.95
N GLU HA 143 -73.93 -54.29 72.90
CA GLU HA 143 -73.60 -53.68 71.62
C GLU HA 143 -72.38 -54.36 70.99
N ALA HA 144 -71.39 -54.72 71.80
CA ALA HA 144 -70.23 -55.42 71.28
C ALA HA 144 -70.58 -56.83 70.83
N ALA HA 145 -71.48 -57.50 71.57
CA ALA HA 145 -71.90 -58.84 71.17
C ALA HA 145 -72.65 -58.81 69.86
N GLU HA 146 -73.55 -57.84 69.68
CA GLU HA 146 -74.23 -57.69 68.41
C GLU HA 146 -73.26 -57.28 67.30
N ARG HA 147 -72.25 -56.49 67.63
CA ARG HA 147 -71.28 -56.06 66.64
C ARG HA 147 -70.16 -57.08 66.46
N GLY HA 148 -69.80 -57.79 67.51
CA GLY HA 148 -68.72 -58.77 67.43
C GLY HA 148 -67.36 -58.13 67.63
N ASP HA 149 -67.30 -57.05 68.40
CA ASP HA 149 -66.07 -56.30 68.64
C ASP HA 149 -65.45 -56.78 69.94
N SER HA 150 -64.34 -57.51 69.83
CA SER HA 150 -63.65 -58.00 71.02
C SER HA 150 -63.06 -56.86 71.84
N GLU HA 151 -62.57 -55.81 71.16
CA GLU HA 151 -62.05 -54.66 71.87
C GLU HA 151 -63.15 -53.96 72.67
N LYS HA 152 -64.32 -53.77 72.05
CA LYS HA 152 -65.42 -53.11 72.75
C LYS HA 152 -65.95 -53.97 73.89
N ALA HA 153 -66.00 -55.29 73.70
CA ALA HA 153 -66.47 -56.17 74.76
C ALA HA 153 -65.49 -56.20 75.93
N LYS HA 154 -64.19 -56.26 75.64
CA LYS HA 154 -63.19 -56.19 76.69
C LYS HA 154 -63.23 -54.84 77.39
N ALA HA 155 -63.52 -53.77 76.64
CA ALA HA 155 -63.65 -52.46 77.25
C ALA HA 155 -64.86 -52.40 78.17
N ILE HA 156 -65.97 -53.02 77.76
CA ILE HA 156 -67.15 -53.07 78.61
C ILE HA 156 -66.87 -53.88 79.86
N LEU HA 157 -66.11 -54.97 79.73
CA LEU HA 157 -65.76 -55.77 80.89
C LEU HA 157 -64.86 -54.99 81.85
N LEU HA 158 -63.82 -54.34 81.31
CA LEU HA 158 -62.92 -53.55 82.15
C LEU HA 158 -63.64 -52.36 82.77
N ALA HA 159 -64.63 -51.80 82.07
CA ALA HA 159 -65.39 -50.69 82.61
C ALA HA 159 -66.33 -51.14 83.72
N ALA HA 160 -66.95 -52.32 83.56
CA ALA HA 160 -67.76 -52.88 84.63
C ALA HA 160 -66.90 -53.20 85.85
N GLU HA 161 -65.70 -53.71 85.62
CA GLU HA 161 -64.78 -53.98 86.74
C GLU HA 161 -64.34 -52.68 87.40
N ALA HA 162 -64.07 -51.64 86.61
CA ALA HA 162 -63.69 -50.35 87.17
C ALA HA 162 -64.85 -49.75 87.97
N ALA HA 163 -66.08 -49.90 87.46
CA ALA HA 163 -67.24 -49.40 88.19
C ALA HA 163 -67.45 -50.19 89.49
N ARG HA 164 -67.19 -51.50 89.46
CA ARG HA 164 -67.27 -52.29 90.69
C ARG HA 164 -66.22 -51.83 91.70
N VAL HA 165 -64.99 -51.61 91.24
CA VAL HA 165 -63.93 -51.16 92.14
C VAL HA 165 -64.24 -49.77 92.67
N ALA HA 166 -64.89 -48.93 91.85
CA ALA HA 166 -65.25 -47.59 92.28
C ALA HA 166 -66.37 -47.63 93.32
N LYS HA 167 -67.40 -48.44 93.08
CA LYS HA 167 -68.50 -48.56 94.03
C LYS HA 167 -68.01 -49.17 95.35
N GLU HA 168 -67.08 -50.13 95.28
CA GLU HA 168 -66.50 -50.68 96.50
C GLU HA 168 -65.60 -49.66 97.19
N VAL HA 169 -64.95 -48.78 96.41
CA VAL HA 169 -64.14 -47.72 96.97
C VAL HA 169 -64.99 -46.50 97.32
N GLY HA 170 -65.98 -46.20 96.49
CA GLY HA 170 -66.80 -45.02 96.68
C GLY HA 170 -66.30 -43.87 95.83
N ASP HA 171 -65.57 -44.20 94.76
CA ASP HA 171 -64.96 -43.19 93.92
C ASP HA 171 -65.88 -42.89 92.74
N PRO HA 172 -66.75 -41.88 92.85
CA PRO HA 172 -67.62 -41.55 91.71
C PRO HA 172 -66.86 -41.02 90.52
N GLU HA 173 -65.68 -40.43 90.71
CA GLU HA 173 -64.84 -40.06 89.58
C GLU HA 173 -64.37 -41.30 88.84
N LEU HA 174 -64.02 -42.36 89.57
CA LEU HA 174 -63.62 -43.60 88.92
C LEU HA 174 -64.79 -44.25 88.20
N ILE HA 175 -65.98 -44.21 88.80
CA ILE HA 175 -67.16 -44.76 88.15
C ILE HA 175 -67.49 -43.98 86.89
N LYS HA 176 -67.34 -42.65 86.94
CA LYS HA 176 -67.58 -41.83 85.76
C LYS HA 176 -66.56 -42.12 84.67
N LEU HA 177 -65.29 -42.31 85.05
CA LEU HA 177 -64.28 -42.65 84.06
C LEU HA 177 -64.56 -44.02 83.45
N ALA HA 178 -65.06 -44.96 84.26
CA ALA HA 178 -65.41 -46.28 83.74
C ALA HA 178 -66.57 -46.18 82.76
N LEU HA 179 -67.59 -45.39 83.09
CA LEU HA 179 -68.71 -45.20 82.16
C LEU HA 179 -68.26 -44.51 80.88
N GLU HA 180 -67.35 -43.54 81.00
CA GLU HA 180 -66.84 -42.85 79.82
C GLU HA 180 -66.02 -43.79 78.95
N ALA HA 181 -65.25 -44.68 79.57
CA ALA HA 181 -64.49 -45.65 78.80
C ALA HA 181 -65.39 -46.68 78.14
N ALA HA 182 -66.47 -47.07 78.83
CA ALA HA 182 -67.44 -47.98 78.24
C ALA HA 182 -68.13 -47.35 77.04
N ARG HA 183 -68.53 -46.07 77.16
CA ARG HA 183 -69.10 -45.36 76.03
C ARG HA 183 -68.08 -45.19 74.91
N ARG HA 184 -66.81 -44.98 75.26
CA ARG HA 184 -65.76 -44.83 74.27
C ARG HA 184 -65.26 -46.18 73.76
N GLY HA 185 -65.42 -47.23 74.56
CA GLY HA 185 -64.93 -48.54 74.17
C GLY HA 185 -63.42 -48.64 74.34
N ASP HA 186 -62.87 -47.80 75.21
CA ASP HA 186 -61.44 -47.78 75.47
C ASP HA 186 -61.15 -48.70 76.66
N SER HA 187 -60.71 -49.92 76.36
CA SER HA 187 -60.34 -50.85 77.43
C SER HA 187 -59.16 -50.33 78.23
N GLU HA 188 -58.27 -49.56 77.59
CA GLU HA 188 -57.16 -48.96 78.31
C GLU HA 188 -57.66 -47.94 79.34
N LYS HA 189 -58.59 -47.07 78.95
CA LYS HA 189 -59.14 -46.11 79.89
C LYS HA 189 -59.93 -46.79 80.99
N ALA HA 190 -60.63 -47.88 80.66
CA ALA HA 190 -61.40 -48.60 81.67
C ALA HA 190 -60.47 -49.30 82.66
N LYS HA 191 -59.37 -49.87 82.18
CA LYS HA 191 -58.40 -50.49 83.08
C LYS HA 191 -57.70 -49.44 83.93
N ALA HA 192 -57.44 -48.26 83.36
CA ALA HA 192 -56.90 -47.17 84.14
C ALA HA 192 -57.87 -46.73 85.22
N ILE HA 193 -59.17 -46.72 84.91
CA ILE HA 193 -60.18 -46.37 85.90
C ILE HA 193 -60.25 -47.44 86.98
N LEU HA 194 -60.08 -48.70 86.61
CA LEU HA 194 -60.07 -49.78 87.60
C LEU HA 194 -58.87 -49.65 88.54
N LEU HA 195 -57.69 -49.43 87.97
CA LEU HA 195 -56.49 -49.25 88.78
C LEU HA 195 -56.59 -48.00 89.65
N ALA HA 196 -57.22 -46.94 89.14
CA ALA HA 196 -57.40 -45.73 89.92
C ALA HA 196 -58.39 -45.94 91.05
N ALA HA 197 -59.46 -46.71 90.80
CA ALA HA 197 -60.40 -47.02 91.86
C ALA HA 197 -59.75 -47.89 92.93
N GLU HA 198 -58.89 -48.82 92.52
CA GLU HA 198 -58.16 -49.62 93.49
C GLU HA 198 -57.20 -48.77 94.31
N ALA HA 199 -56.49 -47.85 93.66
CA ALA HA 199 -55.58 -46.95 94.36
C ALA HA 199 -56.35 -46.04 95.32
N ALA HA 200 -57.52 -45.57 94.91
CA ALA HA 200 -58.34 -44.74 95.79
C ALA HA 200 -58.89 -45.53 96.95
N ARG HA 201 -59.24 -46.80 96.72
CA ARG HA 201 -59.66 -47.67 97.81
C ARG HA 201 -58.54 -47.87 98.82
N VAL HA 202 -57.32 -48.08 98.32
CA VAL HA 202 -56.18 -48.25 99.22
C VAL HA 202 -55.89 -46.95 99.97
N ALA HA 203 -56.06 -45.80 99.30
CA ALA HA 203 -55.84 -44.52 99.94
C ALA HA 203 -56.87 -44.26 101.03
N LYS HA 204 -58.14 -44.61 100.77
CA LYS HA 204 -59.17 -44.45 101.78
C LYS HA 204 -58.98 -45.40 102.94
N GLU HA 205 -58.57 -46.65 102.67
CA GLU HA 205 -58.33 -47.60 103.74
C GLU HA 205 -57.12 -47.21 104.58
N VAL HA 206 -56.12 -46.60 103.96
CA VAL HA 206 -54.95 -46.13 104.69
C VAL HA 206 -55.16 -44.74 105.24
N GLY HA 207 -55.62 -43.81 104.41
CA GLY HA 207 -55.82 -42.44 104.82
C GLY HA 207 -54.89 -41.51 104.06
N ASP HA 208 -54.51 -41.89 102.85
CA ASP HA 208 -53.60 -41.10 102.03
C ASP HA 208 -54.41 -40.25 101.07
N PRO HA 209 -54.87 -39.07 101.48
CA PRO HA 209 -55.67 -38.24 100.57
C PRO HA 209 -54.93 -37.80 99.33
N GLU HA 210 -53.61 -37.62 99.40
CA GLU HA 210 -52.85 -37.33 98.19
C GLU HA 210 -52.88 -38.52 97.24
N LEU HA 211 -52.86 -39.74 97.78
CA LEU HA 211 -52.96 -40.92 96.93
C LEU HA 211 -54.33 -41.01 96.26
N ILE HA 212 -55.40 -40.75 97.02
CA ILE HA 212 -56.73 -40.76 96.44
C ILE HA 212 -56.87 -39.66 95.40
N LYS HA 213 -56.21 -38.52 95.65
CA LYS HA 213 -56.24 -37.42 94.69
C LYS HA 213 -55.52 -37.79 93.40
N LEU HA 214 -54.35 -38.42 93.51
CA LEU HA 214 -53.65 -38.87 92.32
C LEU HA 214 -54.44 -39.94 91.60
N ALA HA 215 -55.15 -40.79 92.34
CA ALA HA 215 -55.98 -41.81 91.71
C ALA HA 215 -57.13 -41.17 90.93
N LEU HA 216 -57.79 -40.18 91.52
CA LEU HA 216 -58.85 -39.47 90.81
C LEU HA 216 -58.29 -38.73 89.59
N GLU HA 217 -57.10 -38.16 89.72
CA GLU HA 217 -56.49 -37.47 88.59
C GLU HA 217 -56.16 -38.44 87.46
N ALA HA 218 -55.67 -39.63 87.81
CA ALA HA 218 -55.39 -40.64 86.79
C ALA HA 218 -56.67 -41.15 86.16
N ALA HA 219 -57.73 -41.31 86.96
CA ALA HA 219 -59.02 -41.73 86.41
C ALA HA 219 -59.56 -40.70 85.44
N ARG HA 220 -59.44 -39.42 85.78
CA ARG HA 220 -59.82 -38.37 84.85
C ARG HA 220 -58.93 -38.35 83.62
N ARG HA 221 -57.66 -38.73 83.79
CA ARG HA 221 -56.73 -38.76 82.66
C ARG HA 221 -56.79 -40.07 81.91
N GLY HA 222 -56.83 -41.20 82.62
CA GLY HA 222 -56.88 -42.50 81.99
C GLY HA 222 -55.51 -43.11 81.80
N ASP HA 223 -54.60 -42.85 82.73
CA ASP HA 223 -53.22 -43.35 82.68
C ASP HA 223 -53.13 -44.59 83.55
N SER HA 224 -53.15 -45.77 82.90
CA SER HA 224 -53.06 -47.01 83.65
C SER HA 224 -51.69 -47.18 84.30
N ARG HA 225 -50.65 -46.62 83.67
CA ARG HA 225 -49.32 -46.68 84.28
C ARG HA 225 -49.24 -45.84 85.54
N LYS HA 226 -49.71 -44.59 85.46
CA LYS HA 226 -49.71 -43.74 86.65
C LYS HA 226 -50.65 -44.27 87.71
N ALA HA 227 -51.79 -44.84 87.30
CA ALA HA 227 -52.72 -45.39 88.28
C ALA HA 227 -52.13 -46.62 88.96
N GLU HA 228 -51.43 -47.46 88.21
CA GLU HA 228 -50.79 -48.63 88.81
C GLU HA 228 -49.65 -48.20 89.73
N ALA HA 229 -48.92 -47.16 89.35
CA ALA HA 229 -47.87 -46.64 90.23
C ALA HA 229 -48.47 -46.08 91.51
N ILE HA 230 -49.61 -45.40 91.41
CA ILE HA 230 -50.28 -44.87 92.59
C ILE HA 230 -50.79 -46.00 93.47
N LEU HA 231 -51.28 -47.09 92.85
CA LEU HA 231 -51.72 -48.24 93.63
C LEU HA 231 -50.55 -48.92 94.32
N LEU HA 232 -49.42 -49.04 93.63
CA LEU HA 232 -48.23 -49.61 94.25
C LEU HA 232 -47.74 -48.76 95.41
N ALA HA 233 -47.75 -47.44 95.22
CA ALA HA 233 -47.34 -46.54 96.31
C ALA HA 233 -48.34 -46.59 97.45
N ALA HA 234 -49.62 -46.78 97.15
CA ALA HA 234 -50.62 -46.88 98.21
C ALA HA 234 -50.44 -48.16 99.01
N GLU HA 235 -50.17 -49.28 98.33
CA GLU HA 235 -49.88 -50.52 99.04
C GLU HA 235 -48.60 -50.39 99.85
N ALA HA 236 -47.60 -49.70 99.32
CA ALA HA 236 -46.36 -49.48 100.06
C ALA HA 236 -46.61 -48.63 101.30
N ALA HA 237 -47.42 -47.58 101.17
CA ALA HA 237 -47.74 -46.74 102.32
C ALA HA 237 -48.60 -47.49 103.32
N ARG HA 238 -49.45 -48.40 102.85
CA ARG HA 238 -50.23 -49.24 103.76
C ARG HA 238 -49.32 -50.18 104.55
N ILE HA 239 -48.35 -50.79 103.87
CA ILE HA 239 -47.37 -51.62 104.57
C ILE HA 239 -46.55 -50.77 105.53
N ALA HA 240 -46.29 -49.52 105.16
CA ALA HA 240 -45.53 -48.63 106.03
C ALA HA 240 -46.32 -48.30 107.29
N LYS HA 241 -47.60 -47.97 107.14
CA LYS HA 241 -48.45 -47.71 108.30
C LYS HA 241 -48.59 -48.96 109.16
N GLU HA 242 -48.66 -50.14 108.52
CA GLU HA 242 -48.68 -51.39 109.29
C GLU HA 242 -47.37 -51.58 110.04
N ALA HA 243 -46.26 -51.07 109.50
CA ALA HA 243 -44.96 -51.14 110.15
C ALA HA 243 -44.69 -49.90 111.01
N GLY HA 244 -44.98 -48.71 110.48
CA GLY HA 244 -44.72 -47.48 111.21
C GLY HA 244 -43.65 -46.62 110.56
N ASP HA 245 -43.56 -46.67 109.23
CA ASP HA 245 -42.57 -45.88 108.50
C ASP HA 245 -43.27 -44.74 107.79
N PRO HA 246 -43.50 -43.60 108.45
CA PRO HA 246 -44.19 -42.49 107.77
C PRO HA 246 -43.34 -41.88 106.68
N GLU HA 247 -42.01 -41.98 106.83
CA GLU HA 247 -41.11 -41.56 105.77
C GLU HA 247 -41.32 -42.41 104.53
N ALA HA 248 -41.58 -43.71 104.71
CA ALA HA 248 -41.89 -44.56 103.57
C ALA HA 248 -43.20 -44.16 102.92
N ARG HA 249 -44.22 -43.82 103.72
CA ARG HA 249 -45.48 -43.37 103.17
C ARG HA 249 -45.30 -42.06 102.40
N LYS HA 250 -44.45 -41.17 102.91
CA LYS HA 250 -44.21 -39.91 102.22
C LYS HA 250 -43.45 -40.13 100.92
N LYS HA 251 -42.46 -41.03 100.93
CA LYS HA 251 -41.75 -41.36 99.70
C LYS HA 251 -42.69 -42.00 98.69
N ALA HA 252 -43.63 -42.82 99.17
CA ALA HA 252 -44.63 -43.40 98.28
C ALA HA 252 -45.52 -42.33 97.69
N LEU HA 253 -45.91 -41.34 98.51
CA LEU HA 253 -46.69 -40.22 97.98
C LEU HA 253 -45.90 -39.47 96.92
N GLU HA 254 -44.61 -39.24 97.16
CA GLU HA 254 -43.77 -38.54 96.19
C GLU HA 254 -43.65 -39.33 94.90
N ALA HA 255 -43.48 -40.65 94.99
CA ALA HA 255 -43.36 -41.48 93.81
C ALA HA 255 -44.68 -41.55 93.03
N ALA HA 256 -45.81 -41.65 93.74
CA ALA HA 256 -47.10 -41.66 93.08
C ALA HA 256 -47.38 -40.33 92.40
N ARG HA 257 -46.95 -39.23 93.02
CA ARG HA 257 -47.02 -37.94 92.35
C ARG HA 257 -46.10 -37.91 91.14
N ARG HA 258 -44.99 -38.64 91.22
CA ARG HA 258 -44.10 -38.76 90.06
C ARG HA 258 -44.67 -39.70 89.01
N GLY HA 259 -45.47 -40.69 89.42
CA GLY HA 259 -46.13 -41.59 88.49
C GLY HA 259 -45.36 -42.85 88.16
N ASP HA 260 -44.18 -43.05 88.74
CA ASP HA 260 -43.42 -44.27 88.52
C ASP HA 260 -43.73 -45.30 89.59
N ARG HA 261 -43.68 -46.58 89.20
CA ARG HA 261 -43.92 -47.68 90.12
C ARG HA 261 -42.66 -48.40 90.57
N GLU HA 262 -41.51 -48.13 89.93
CA GLU HA 262 -40.27 -48.77 90.36
C GLU HA 262 -39.86 -48.32 91.75
N LEU HA 263 -39.88 -47.02 91.99
CA LEU HA 263 -39.56 -46.52 93.33
C LEU HA 263 -40.60 -46.96 94.34
N ALA HA 264 -41.87 -47.01 93.95
CA ALA HA 264 -42.91 -47.49 94.86
C ALA HA 264 -42.67 -48.95 95.23
N THR HA 265 -42.28 -49.77 94.26
CA THR HA 265 -41.98 -51.17 94.54
C THR HA 265 -40.74 -51.30 95.42
N ARG HA 266 -39.73 -50.47 95.17
CA ARG HA 266 -38.52 -50.53 96.01
C ARG HA 266 -38.83 -50.14 97.44
N ILE HA 267 -39.68 -49.12 97.63
CA ILE HA 267 -40.06 -48.71 98.97
C ILE HA 267 -40.90 -49.78 99.64
N LEU HA 268 -41.81 -50.40 98.89
CA LEU HA 268 -42.59 -51.50 99.45
C LEU HA 268 -41.68 -52.65 99.83
N ILE HA 269 -40.63 -52.88 99.06
CA ILE HA 269 -39.68 -53.94 99.38
C ILE HA 269 -38.91 -53.62 100.65
N GLU HA 270 -38.49 -52.37 100.80
CA GLU HA 270 -37.79 -51.99 102.02
C GLU HA 270 -38.70 -52.11 103.24
N ALA HA 271 -39.95 -51.68 103.10
CA ALA HA 271 -40.90 -51.81 104.20
C ALA HA 271 -41.17 -53.27 104.52
N LEU HA 272 -41.28 -54.11 103.49
CA LEU HA 272 -41.48 -55.52 103.71
C LEU HA 272 -40.27 -56.16 104.37
N LEU HA 273 -39.07 -55.67 104.05
CA LEU HA 273 -37.86 -56.17 104.69
C LEU HA 273 -37.83 -55.80 106.16
N ARG HA 274 -38.20 -54.57 106.48
CA ARG HA 274 -38.27 -54.17 107.89
C ARG HA 274 -39.34 -54.99 108.63
N LEU HA 275 -40.52 -55.14 108.02
CA LEU HA 275 -41.57 -55.92 108.64
C LEU HA 275 -41.16 -57.38 108.76
N LEU HA 276 -40.34 -57.87 107.83
CA LEU HA 276 -39.89 -59.25 107.89
C LEU HA 276 -38.87 -59.45 109.00
N LYS HA 277 -37.98 -58.47 109.20
CA LYS HA 277 -37.09 -58.54 110.34
C LYS HA 277 -37.87 -58.52 111.64
N LYS HA 278 -38.90 -57.68 111.71
CA LYS HA 278 -39.74 -57.63 112.91
C LYS HA 278 -40.47 -58.95 113.13
N SER HA 279 -41.02 -59.53 112.05
CA SER HA 279 -41.71 -60.81 112.17
C SER HA 279 -40.75 -61.92 112.52
N THR HA 280 -39.50 -61.82 112.07
CA THR HA 280 -38.50 -62.82 112.42
C THR HA 280 -38.15 -62.75 113.91
N ALA HA 281 -38.01 -61.53 114.43
CA ALA HA 281 -37.81 -61.37 115.87
C ALA HA 281 -39.01 -61.93 116.63
N GLU HA 282 -40.22 -61.62 116.17
CA GLU HA 282 -41.43 -62.12 116.84
C GLU HA 282 -41.52 -63.63 116.77
N LEU HA 283 -41.10 -64.23 115.66
CA LEU HA 283 -41.16 -65.67 115.52
C LEU HA 283 -40.10 -66.35 116.37
N LYS HA 284 -38.92 -65.74 116.49
CA LYS HA 284 -37.91 -66.27 117.40
C LYS HA 284 -38.41 -66.21 118.84
N ARG HA 285 -39.06 -65.11 119.21
CA ARG HA 285 -39.63 -65.00 120.55
C ARG HA 285 -40.72 -66.05 120.77
N ALA HA 286 -41.56 -66.26 119.75
CA ALA HA 286 -42.63 -67.25 119.88
C ALA HA 286 -42.06 -68.66 119.97
N THR HA 287 -40.99 -68.96 119.24
CA THR HA 287 -40.36 -70.26 119.33
C THR HA 287 -39.72 -70.47 120.70
N ALA HA 288 -39.09 -69.41 121.24
CA ALA HA 288 -38.55 -69.50 122.60
C ALA HA 288 -39.66 -69.74 123.61
N SER HA 289 -40.80 -69.05 123.45
CA SER HA 289 -41.91 -69.24 124.37
C SER HA 289 -42.49 -70.64 124.26
N LEU HA 290 -42.57 -71.17 123.03
CA LEU HA 290 -43.08 -72.53 122.85
C LEU HA 290 -42.13 -73.55 123.46
N ARG HA 291 -40.82 -73.36 123.29
CA ARG HA 291 -39.85 -74.25 123.91
C ARG HA 291 -39.92 -74.15 125.42
N ALA HA 292 -40.17 -72.96 125.96
CA ALA HA 292 -40.30 -72.81 127.40
C ALA HA 292 -41.54 -73.51 127.92
N ILE HA 293 -42.66 -73.38 127.21
CA ILE HA 293 -43.88 -74.07 127.61
C ILE HA 293 -43.70 -75.57 127.51
N THR HA 294 -42.92 -76.03 126.51
CA THR HA 294 -42.64 -77.44 126.38
C THR HA 294 -41.79 -77.94 127.54
N GLU HA 295 -40.78 -77.16 127.94
CA GLU HA 295 -39.96 -77.54 129.08
C GLU HA 295 -40.78 -77.53 130.36
N GLU HA 296 -41.74 -76.61 130.47
CA GLU HA 296 -42.61 -76.57 131.65
C GLU HA 296 -43.52 -77.80 131.69
N LEU HA 297 -44.11 -78.16 130.55
CA LEU HA 297 -44.93 -79.37 130.49
C LEU HA 297 -44.07 -80.62 130.72
N LYS HA 298 -42.79 -80.55 130.36
CA LYS HA 298 -41.90 -81.68 130.60
C LYS HA 298 -41.56 -81.82 132.08
N LYS HA 299 -41.29 -80.71 132.76
CA LYS HA 299 -40.90 -80.78 134.17
C LYS HA 299 -42.05 -81.23 135.06
N ASN HA 300 -43.28 -80.84 134.72
CA ASN HA 300 -44.45 -81.25 135.49
C ASN HA 300 -45.67 -81.32 134.57
N PRO HA 301 -45.90 -82.46 133.92
CA PRO HA 301 -47.03 -82.55 132.99
C PRO HA 301 -48.34 -82.75 133.71
N SER HA 302 -49.36 -82.05 133.21
CA SER HA 302 -50.69 -82.08 133.80
C SER HA 302 -51.66 -81.48 132.80
N GLU HA 303 -52.89 -81.26 133.25
CA GLU HA 303 -53.89 -80.61 132.40
C GLU HA 303 -53.44 -79.21 132.00
N ASP HA 304 -53.06 -78.39 132.98
CA ASP HA 304 -52.61 -77.03 132.68
C ASP HA 304 -51.30 -77.05 131.89
N ALA HA 305 -50.41 -78.00 132.19
CA ALA HA 305 -49.13 -78.05 131.50
C ALA HA 305 -49.31 -78.40 130.02
N LEU HA 306 -50.05 -79.47 129.73
CA LEU HA 306 -50.31 -79.82 128.34
C LEU HA 306 -51.12 -78.74 127.64
N VAL HA 307 -52.04 -78.10 128.38
CA VAL HA 307 -52.83 -77.00 127.81
C VAL HA 307 -51.92 -75.87 127.38
N GLU HA 308 -51.01 -75.45 128.25
CA GLU HA 308 -50.11 -74.35 127.93
C GLU HA 308 -49.14 -74.73 126.82
N HIS HA 309 -48.66 -75.97 126.82
CA HIS HA 309 -47.74 -76.39 125.77
C HIS HA 309 -48.43 -76.40 124.40
N ASN HA 310 -49.64 -76.94 124.35
CA ASN HA 310 -50.38 -76.95 123.09
C ASN HA 310 -50.77 -75.54 122.66
N ARG HA 311 -51.12 -74.69 123.62
CA ARG HA 311 -51.45 -73.30 123.28
C ARG HA 311 -50.24 -72.56 122.74
N ALA HA 312 -49.06 -72.80 123.32
CA ALA HA 312 -47.85 -72.19 122.81
C ALA HA 312 -47.49 -72.72 121.44
N ILE HA 313 -47.72 -74.01 121.21
CA ILE HA 313 -47.46 -74.58 119.88
C ILE HA 313 -48.39 -73.95 118.85
N VAL HA 314 -49.66 -73.78 119.21
CA VAL HA 314 -50.61 -73.17 118.28
C VAL HA 314 -50.28 -71.69 118.07
N GLU HA 315 -49.80 -71.01 119.11
CA GLU HA 315 -49.41 -69.61 118.96
C GLU HA 315 -48.20 -69.48 118.06
N HIS HA 316 -47.24 -70.40 118.19
CA HIS HA 316 -46.08 -70.40 117.30
C HIS HA 316 -46.52 -70.69 115.87
N ASN HA 317 -47.45 -71.62 115.69
CA ASN HA 317 -47.95 -71.91 114.35
C ASN HA 317 -48.66 -70.71 113.75
N ALA HA 318 -49.43 -69.99 114.56
CA ALA HA 318 -50.14 -68.80 114.08
C ALA HA 318 -49.17 -67.69 113.74
N ILE HA 319 -48.12 -67.52 114.56
CA ILE HA 319 -47.11 -66.50 114.28
C ILE HA 319 -46.35 -66.85 113.01
N ILE HA 320 -46.08 -68.14 112.81
CA ILE HA 320 -45.43 -68.57 111.57
C ILE HA 320 -46.34 -68.34 110.38
N VAL HA 321 -47.64 -68.57 110.56
CA VAL HA 321 -48.59 -68.32 109.48
C VAL HA 321 -48.64 -66.84 109.15
N GLU HA 322 -48.58 -65.99 110.18
CA GLU HA 322 -48.60 -64.54 109.94
C GLU HA 322 -47.31 -64.09 109.24
N ASN HA 323 -46.17 -64.62 109.66
CA ASN HA 323 -44.92 -64.28 109.00
C ASN HA 323 -44.91 -64.78 107.57
N ASN HA 324 -45.47 -65.96 107.33
CA ASN HA 324 -45.58 -66.47 105.97
C ASN HA 324 -46.52 -65.64 105.13
N ARG HA 325 -47.59 -65.12 105.74
CA ARG HA 325 -48.50 -64.24 105.01
C ARG HA 325 -47.81 -62.94 104.65
N ILE HA 326 -47.00 -62.41 105.56
CA ILE HA 326 -46.24 -61.21 105.26
C ILE HA 326 -45.25 -61.47 104.13
N ILE HA 327 -44.58 -62.62 104.18
CA ILE HA 327 -43.63 -62.99 103.12
C ILE HA 327 -44.37 -63.18 101.80
N ALA HA 328 -45.57 -63.73 101.85
CA ALA HA 328 -46.36 -63.92 100.64
C ALA HA 328 -46.80 -62.60 100.05
N MET HA 329 -47.17 -61.65 100.91
CA MET HA 329 -47.52 -60.32 100.43
C MET HA 329 -46.31 -59.64 99.79
N VAL HA 330 -45.14 -59.78 100.42
CA VAL HA 330 -43.93 -59.20 99.86
C VAL HA 330 -43.60 -59.84 98.52
N LEU HA 331 -43.77 -61.16 98.42
CA LEU HA 331 -43.48 -61.86 97.17
C LEU HA 331 -44.47 -61.46 96.09
N GLU HA 332 -45.75 -61.28 96.46
CA GLU HA 332 -46.73 -60.83 95.49
C GLU HA 332 -46.42 -59.43 95.02
N ALA HA 333 -45.91 -58.58 95.91
CA ALA HA 333 -45.48 -57.25 95.52
C ALA HA 333 -44.32 -57.33 94.55
N ILE HA 334 -43.34 -58.19 94.83
CA ILE HA 334 -42.21 -58.37 93.92
C ILE HA 334 -42.69 -58.89 92.57
N VAL HA 335 -43.69 -59.77 92.58
CA VAL HA 335 -44.19 -60.32 91.33
C VAL HA 335 -44.92 -59.26 90.52
N ARG HA 336 -45.78 -58.48 91.18
CA ARG HA 336 -46.45 -57.38 90.49
C ARG HA 336 -45.45 -56.35 89.99
N ALA HA 337 -44.30 -56.24 90.67
CA ALA HA 337 -43.25 -55.35 90.21
C ALA HA 337 -42.39 -55.98 89.12
N ILE HA 338 -42.04 -57.25 89.26
CA ILE HA 338 -41.23 -57.92 88.25
C ILE HA 338 -42.13 -58.40 87.11
N SER IA 2 -58.19 -29.62 90.59
CA SER IA 2 -57.73 -30.42 91.72
C SER IA 2 -56.90 -29.58 92.68
N THR IA 3 -56.75 -28.29 92.36
CA THR IA 3 -55.97 -27.41 93.22
C THR IA 3 -56.72 -27.07 94.50
N LYS IA 4 -57.99 -26.69 94.39
CA LYS IA 4 -58.75 -26.34 95.59
C LYS IA 4 -59.01 -27.56 96.47
N GLU IA 5 -59.25 -28.72 95.85
CA GLU IA 5 -59.47 -29.93 96.64
C GLU IA 5 -58.21 -30.35 97.38
N LYS IA 6 -57.06 -30.35 96.69
CA LYS IA 6 -55.81 -30.67 97.36
C LYS IA 6 -55.49 -29.65 98.44
N ALA IA 7 -55.85 -28.38 98.21
CA ALA IA 7 -55.65 -27.35 99.22
C ALA IA 7 -56.49 -27.65 100.46
N ARG IA 8 -57.78 -27.92 100.28
CA ARG IA 8 -58.65 -28.21 101.41
C ARG IA 8 -58.17 -29.44 102.17
N GLN IA 9 -57.71 -30.47 101.44
CA GLN IA 9 -57.25 -31.69 102.10
C GLN IA 9 -55.97 -31.46 102.88
N LEU IA 10 -54.95 -30.88 102.25
CA LEU IA 10 -53.69 -30.62 102.93
C LEU IA 10 -53.89 -29.65 104.08
N ALA IA 11 -54.85 -28.74 103.98
CA ALA IA 11 -55.09 -27.79 105.05
C ALA IA 11 -55.85 -28.42 106.21
N GLU IA 12 -56.77 -29.34 105.91
CA GLU IA 12 -57.40 -30.11 106.97
C GLU IA 12 -56.37 -30.96 107.71
N GLU IA 13 -55.46 -31.59 106.96
CA GLU IA 13 -54.37 -32.32 107.60
C GLU IA 13 -53.47 -31.39 108.39
N ALA IA 14 -53.27 -30.17 107.89
CA ALA IA 14 -52.50 -29.17 108.62
C ALA IA 14 -53.15 -28.83 109.95
N LYS IA 15 -54.46 -28.59 109.94
CA LYS IA 15 -55.17 -28.26 111.17
C LYS IA 15 -55.15 -29.44 112.13
N GLU IA 16 -55.27 -30.67 111.61
CA GLU IA 16 -55.24 -31.85 112.49
C GLU IA 16 -53.87 -32.01 113.14
N THR IA 17 -52.80 -31.92 112.35
CA THR IA 17 -51.46 -32.05 112.91
C THR IA 17 -51.12 -30.86 113.81
N ALA IA 18 -51.80 -29.74 113.61
CA ALA IA 18 -51.60 -28.59 114.48
C ALA IA 18 -52.26 -28.81 115.84
N GLU IA 19 -53.51 -29.28 115.82
CA GLU IA 19 -54.19 -29.63 117.07
C GLU IA 19 -53.46 -30.75 117.80
N LYS IA 20 -52.87 -31.69 117.05
CA LYS IA 20 -52.06 -32.72 117.68
C LYS IA 20 -50.75 -32.16 118.20
N VAL IA 21 -50.19 -31.17 117.53
CA VAL IA 21 -48.99 -30.49 117.99
C VAL IA 21 -49.29 -29.60 119.18
N GLY IA 22 -50.55 -29.20 119.33
CA GLY IA 22 -50.96 -28.31 120.40
C GLY IA 22 -51.21 -26.91 119.89
N ASP IA 23 -51.46 -26.78 118.59
CA ASP IA 23 -51.62 -25.48 117.96
C ASP IA 23 -53.05 -25.34 117.43
N PRO IA 24 -53.93 -24.62 118.11
CA PRO IA 24 -55.24 -24.33 117.54
C PRO IA 24 -55.16 -23.14 116.61
N GLU IA 25 -54.14 -22.30 116.83
CA GLU IA 25 -53.90 -21.17 115.94
C GLU IA 25 -53.45 -21.65 114.56
N LEU IA 26 -52.52 -22.59 114.52
CA LEU IA 26 -52.14 -23.18 113.24
C LEU IA 26 -53.30 -23.98 112.64
N ILE IA 27 -54.16 -24.53 113.49
CA ILE IA 27 -55.35 -25.21 113.00
C ILE IA 27 -56.28 -24.24 112.30
N LYS IA 28 -56.47 -23.05 112.88
CA LYS IA 28 -57.32 -22.04 112.25
C LYS IA 28 -56.68 -21.48 110.98
N LEU IA 29 -55.36 -21.26 111.01
CA LEU IA 29 -54.66 -20.83 109.80
C LEU IA 29 -54.79 -21.87 108.70
N ALA IA 30 -54.80 -23.15 109.08
CA ALA IA 30 -54.99 -24.22 108.11
C ALA IA 30 -56.41 -24.21 107.57
N GLU IA 31 -57.41 -24.02 108.43
CA GLU IA 31 -58.78 -23.89 107.97
C GLU IA 31 -58.90 -22.72 106.99
N GLN IA 32 -58.16 -21.64 107.24
CA GLN IA 32 -58.16 -20.50 106.33
C GLN IA 32 -57.48 -20.85 105.01
N ALA IA 33 -56.40 -21.63 105.06
CA ALA IA 33 -55.74 -22.08 103.84
C ALA IA 33 -56.67 -22.97 103.02
N SER IA 34 -57.50 -23.76 103.68
CA SER IA 34 -58.50 -24.57 102.99
C SER IA 34 -59.57 -23.70 102.37
N GLN IA 35 -60.10 -22.74 103.14
CA GLN IA 35 -61.16 -21.87 102.64
C GLN IA 35 -60.67 -21.02 101.47
N GLU IA 36 -59.39 -20.63 101.48
CA GLU IA 36 -58.84 -19.84 100.38
C GLU IA 36 -58.52 -20.71 99.18
N GLY IA 37 -58.20 -21.98 99.41
CA GLY IA 37 -57.84 -22.89 98.36
C GLY IA 37 -56.40 -22.85 97.93
N ASP IA 38 -55.48 -22.57 98.85
CA ASP IA 38 -54.05 -22.51 98.54
C ASP IA 38 -53.39 -23.80 99.00
N SER IA 39 -53.09 -24.68 98.04
CA SER IA 39 -52.41 -25.93 98.36
C SER IA 39 -51.01 -25.67 98.89
N GLU IA 40 -50.37 -24.60 98.41
CA GLU IA 40 -49.07 -24.22 98.96
C GLU IA 40 -49.19 -23.84 100.43
N LYS IA 41 -50.14 -22.95 100.75
CA LYS IA 41 -50.33 -22.56 102.15
C LYS IA 41 -50.85 -23.73 102.98
N ALA IA 42 -51.62 -24.62 102.37
CA ALA IA 42 -52.11 -25.80 103.08
C ALA IA 42 -50.96 -26.72 103.47
N LYS IA 43 -50.11 -27.08 102.50
CA LYS IA 43 -48.95 -27.92 102.81
C LYS IA 43 -47.97 -27.19 103.73
N ALA IA 44 -47.93 -25.85 103.65
CA ALA IA 44 -47.10 -25.09 104.56
C ALA IA 44 -47.59 -25.22 105.99
N ILE IA 45 -48.89 -25.05 106.20
CA ILE IA 45 -49.44 -25.22 107.55
C ILE IA 45 -49.28 -26.66 108.01
N LEU IA 46 -49.30 -27.61 107.07
CA LEU IA 46 -49.13 -29.01 107.43
C LEU IA 46 -47.72 -29.29 107.90
N LEU IA 47 -46.72 -28.84 107.12
CA LEU IA 47 -45.33 -29.01 107.53
C LEU IA 47 -45.03 -28.24 108.81
N ALA IA 48 -45.67 -27.09 109.01
CA ALA IA 48 -45.46 -26.33 110.24
C ALA IA 48 -46.12 -27.04 111.42
N ALA IA 49 -47.26 -27.68 111.21
CA ALA IA 49 -47.90 -28.44 112.27
C ALA IA 49 -47.06 -29.66 112.65
N GLU IA 50 -46.51 -30.34 111.64
CA GLU IA 50 -45.58 -31.44 111.92
C GLU IA 50 -44.33 -30.92 112.63
N ALA IA 51 -43.86 -29.73 112.26
CA ALA IA 51 -42.73 -29.13 112.93
C ALA IA 51 -43.05 -28.86 114.40
N ALA IA 52 -44.24 -28.33 114.67
CA ALA IA 52 -44.63 -28.07 116.05
C ALA IA 52 -44.80 -29.37 116.84
N ARG IA 53 -45.27 -30.42 116.18
CA ARG IA 53 -45.37 -31.72 116.84
C ARG IA 53 -43.98 -32.25 117.20
N VAL IA 54 -43.06 -32.22 116.24
CA VAL IA 54 -41.70 -32.71 116.49
C VAL IA 54 -41.00 -31.82 117.51
N ALA IA 55 -41.40 -30.55 117.60
CA ALA IA 55 -40.82 -29.66 118.59
C ALA IA 55 -41.37 -29.96 119.98
N LYS IA 56 -42.68 -30.12 120.11
CA LYS IA 56 -43.26 -30.56 121.37
C LYS IA 56 -42.66 -31.88 121.81
N GLU IA 57 -42.28 -32.73 120.84
CA GLU IA 57 -41.53 -33.93 121.16
C GLU IA 57 -40.11 -33.58 121.59
N VAL IA 58 -39.52 -32.53 121.02
CA VAL IA 58 -38.16 -32.12 121.37
C VAL IA 58 -38.17 -31.16 122.55
N GLY IA 59 -38.94 -30.08 122.45
CA GLY IA 59 -39.07 -29.15 123.56
C GLY IA 59 -38.47 -27.77 123.36
N ALA IA 60 -38.56 -27.24 122.13
CA ALA IA 60 -38.02 -25.91 121.83
C ALA IA 60 -39.15 -24.97 121.45
N PRO IA 61 -39.50 -23.99 122.29
CA PRO IA 61 -40.57 -23.06 121.90
C PRO IA 61 -40.17 -22.10 120.80
N ASP IA 62 -38.88 -21.96 120.52
CA ASP IA 62 -38.45 -21.11 119.42
C ASP IA 62 -38.96 -21.63 118.09
N LEU IA 63 -38.62 -22.88 117.75
CA LEU IA 63 -39.13 -23.47 116.52
C LEU IA 63 -40.64 -23.63 116.58
N ILE IA 64 -41.20 -23.76 117.79
CA ILE IA 64 -42.65 -23.87 117.92
C ILE IA 64 -43.33 -22.60 117.45
N ARG IA 65 -42.92 -21.45 117.99
CA ARG IA 65 -43.48 -20.18 117.53
C ARG IA 65 -43.10 -19.91 116.08
N LEU IA 66 -41.94 -20.41 115.64
CA LEU IA 66 -41.55 -20.24 114.25
C LEU IA 66 -42.53 -20.95 113.32
N ALA IA 67 -42.87 -22.20 113.63
CA ALA IA 67 -43.84 -22.93 112.84
C ALA IA 67 -45.23 -22.31 112.98
N ARG IA 68 -45.56 -21.77 114.16
CA ARG IA 68 -46.84 -21.10 114.34
C ARG IA 68 -46.95 -19.91 113.39
N ILE IA 69 -45.90 -19.09 113.31
CA ILE IA 69 -45.92 -17.94 112.42
C ILE IA 69 -45.89 -18.38 110.96
N ALA IA 70 -45.15 -19.45 110.66
CA ALA IA 70 -45.08 -19.95 109.30
C ALA IA 70 -46.45 -20.45 108.83
N ALA IA 71 -47.21 -21.07 109.73
CA ALA IA 71 -48.55 -21.51 109.39
C ALA IA 71 -49.50 -20.32 109.28
N ARG IA 72 -49.37 -19.36 110.19
CA ARG IA 72 -50.20 -18.15 110.11
C ARG IA 72 -49.95 -17.39 108.81
N VAL IA 73 -48.73 -17.45 108.29
CA VAL IA 73 -48.42 -16.78 107.02
C VAL IA 73 -48.59 -17.73 105.85
N GLY IA 74 -48.24 -18.99 106.03
CA GLY IA 74 -48.29 -19.96 104.94
C GLY IA 74 -46.97 -20.11 104.23
N ALA IA 75 -45.88 -20.14 105.00
CA ALA IA 75 -44.53 -20.26 104.47
C ALA IA 75 -44.13 -21.73 104.41
N SER IA 76 -44.06 -22.27 103.18
CA SER IA 76 -43.72 -23.68 103.01
C SER IA 76 -42.25 -23.95 103.29
N GLU IA 77 -41.37 -23.07 102.80
CA GLU IA 77 -39.95 -23.24 103.07
C GLU IA 77 -39.64 -23.10 104.55
N ALA IA 78 -40.24 -22.11 105.21
CA ALA IA 78 -40.03 -21.94 106.64
C ALA IA 78 -40.62 -23.11 107.43
N ALA IA 79 -41.75 -23.64 106.98
CA ALA IA 79 -42.35 -24.77 107.66
C ALA IA 79 -41.50 -26.03 107.53
N LYS IA 80 -40.99 -26.30 106.32
CA LYS IA 80 -40.11 -27.44 106.13
C LYS IA 80 -38.81 -27.25 106.90
N ALA IA 81 -38.31 -26.01 106.97
CA ALA IA 81 -37.13 -25.74 107.77
C ALA IA 81 -37.40 -25.99 109.25
N ILE IA 82 -38.57 -25.58 109.74
CA ILE IA 82 -38.91 -25.80 111.13
C ILE IA 82 -39.08 -27.30 111.41
N LEU IA 83 -39.59 -28.05 110.44
CA LEU IA 83 -39.75 -29.48 110.64
C LEU IA 83 -38.41 -30.19 110.68
N LEU IA 84 -37.54 -29.92 109.70
CA LEU IA 84 -36.22 -30.51 109.71
C LEU IA 84 -35.40 -30.02 110.90
N ALA IA 85 -35.68 -28.81 111.39
CA ALA IA 85 -34.97 -28.29 112.55
C ALA IA 85 -35.47 -28.91 113.83
N ALA IA 86 -36.77 -29.26 113.90
CA ALA IA 86 -37.27 -29.99 115.04
C ALA IA 86 -36.73 -31.42 115.05
N GLU IA 87 -36.59 -32.01 113.87
CA GLU IA 87 -35.88 -33.29 113.77
C GLU IA 87 -34.43 -33.14 114.23
N ALA IA 88 -33.77 -32.06 113.81
CA ALA IA 88 -32.41 -31.79 114.27
C ALA IA 88 -32.36 -31.61 115.77
N ALA IA 89 -33.39 -30.97 116.35
CA ALA IA 89 -33.42 -30.74 117.78
C ALA IA 89 -33.62 -32.04 118.55
N ARG IA 90 -34.47 -32.93 118.03
CA ARG IA 90 -34.59 -34.24 118.63
C ARG IA 90 -33.28 -35.01 118.54
N VAL IA 91 -32.63 -34.96 117.36
CA VAL IA 91 -31.37 -35.66 117.18
C VAL IA 91 -30.28 -35.08 118.08
N ALA IA 92 -30.36 -33.78 118.35
CA ALA IA 92 -29.37 -33.13 119.20
C ALA IA 92 -29.63 -33.45 120.67
N LYS IA 93 -30.89 -33.43 121.09
CA LYS IA 93 -31.24 -33.87 122.44
C LYS IA 93 -30.80 -35.32 122.65
N GLU IA 94 -30.84 -36.12 121.59
CA GLU IA 94 -30.24 -37.45 121.65
C GLU IA 94 -28.72 -37.38 121.67
N VAL IA 95 -28.14 -36.35 121.05
CA VAL IA 95 -26.69 -36.22 121.01
C VAL IA 95 -26.19 -35.36 122.17
N GLY IA 96 -26.63 -34.10 122.22
CA GLY IA 96 -26.25 -33.22 123.32
C GLY IA 96 -25.33 -32.08 122.92
N ASP IA 97 -25.52 -31.53 121.72
CA ASP IA 97 -24.69 -30.43 121.24
C ASP IA 97 -25.49 -29.15 121.23
N PRO IA 98 -25.11 -28.13 122.03
CA PRO IA 98 -25.88 -26.88 122.02
C PRO IA 98 -25.64 -26.01 120.82
N GLU IA 99 -24.43 -26.03 120.25
CA GLU IA 99 -24.20 -25.31 119.00
C GLU IA 99 -25.03 -25.88 117.87
N LEU IA 100 -25.25 -27.20 117.89
CA LEU IA 100 -26.16 -27.81 116.92
C LEU IA 100 -27.58 -27.30 117.11
N GLU IA 101 -28.02 -27.16 118.36
CA GLU IA 101 -29.36 -26.63 118.62
C GLU IA 101 -29.47 -25.19 118.15
N ARG IA 102 -28.41 -24.40 118.36
CA ARG IA 102 -28.40 -23.03 117.88
C ARG IA 102 -28.48 -22.98 116.36
N LEU IA 103 -27.70 -23.82 115.69
CA LEU IA 103 -27.73 -23.86 114.23
C LEU IA 103 -29.08 -24.31 113.71
N ALA IA 104 -29.71 -25.25 114.40
CA ALA IA 104 -31.04 -25.73 113.98
C ALA IA 104 -32.09 -24.65 114.15
N LEU IA 105 -32.08 -23.96 115.30
CA LEU IA 105 -33.00 -22.85 115.50
C LEU IA 105 -32.76 -21.74 114.50
N LEU IA 106 -31.49 -21.52 114.13
CA LEU IA 106 -31.17 -20.48 113.15
C LEU IA 106 -31.66 -20.88 111.76
N ALA IA 107 -31.56 -22.17 111.42
CA ALA IA 107 -32.09 -22.63 110.14
C ALA IA 107 -33.61 -22.54 110.13
N ALA IA 108 -34.25 -22.80 111.26
CA ALA IA 108 -35.71 -22.67 111.33
C ALA IA 108 -36.13 -21.21 111.20
N VAL IA 109 -35.37 -20.30 111.82
CA VAL IA 109 -35.72 -18.88 111.75
C VAL IA 109 -35.44 -18.31 110.36
N LEU IA 110 -34.28 -18.62 109.79
CA LEU IA 110 -33.98 -18.18 108.43
C LEU IA 110 -34.86 -18.90 107.41
N GLY IA 111 -35.53 -19.97 107.85
CA GLY IA 111 -36.37 -20.73 106.96
C GLY IA 111 -35.61 -21.52 105.92
N ASP IA 112 -34.31 -21.69 106.10
CA ASP IA 112 -33.46 -22.40 105.15
C ASP IA 112 -33.62 -23.89 105.39
N SER IA 113 -34.50 -24.51 104.60
CA SER IA 113 -34.71 -25.95 104.71
C SER IA 113 -33.44 -26.72 104.37
N GLU IA 114 -32.59 -26.15 103.51
CA GLU IA 114 -31.28 -26.74 103.27
C GLU IA 114 -30.44 -26.70 104.54
N LYS IA 115 -30.38 -25.54 105.21
CA LYS IA 115 -29.65 -25.45 106.47
C LYS IA 115 -30.33 -26.28 107.55
N ALA IA 116 -31.65 -26.46 107.46
CA ALA IA 116 -32.34 -27.29 108.45
C ALA IA 116 -31.99 -28.76 108.28
N LYS IA 117 -31.98 -29.26 107.05
CA LYS IA 117 -31.51 -30.61 106.80
C LYS IA 117 -30.03 -30.74 107.15
N ALA IA 118 -29.26 -29.67 106.95
CA ALA IA 118 -27.88 -29.66 107.39
C ALA IA 118 -27.78 -29.84 108.89
N ILE IA 119 -28.62 -29.14 109.65
CA ILE IA 119 -28.60 -29.27 111.10
C ILE IA 119 -29.05 -30.66 111.52
N LEU IA 120 -30.02 -31.23 110.82
CA LEU IA 120 -30.46 -32.58 111.14
C LEU IA 120 -29.33 -33.59 110.91
N LEU IA 121 -28.69 -33.52 109.73
CA LEU IA 121 -27.59 -34.42 109.43
C LEU IA 121 -26.39 -34.16 110.33
N ALA IA 122 -26.21 -32.92 110.79
CA ALA IA 122 -25.10 -32.62 111.67
C ALA IA 122 -25.35 -33.11 113.09
N ALA IA 123 -26.60 -33.04 113.55
CA ALA IA 123 -26.94 -33.64 114.83
C ALA IA 123 -26.80 -35.15 114.78
N GLU IA 124 -27.23 -35.76 113.67
CA GLU IA 124 -27.01 -37.18 113.48
C GLU IA 124 -25.52 -37.51 113.44
N ALA IA 125 -24.73 -36.66 112.79
CA ALA IA 125 -23.29 -36.86 112.71
C ALA IA 125 -22.64 -36.75 114.09
N ALA IA 126 -23.08 -35.78 114.89
CA ALA IA 126 -22.55 -35.63 116.23
C ALA IA 126 -22.93 -36.82 117.10
N ARG IA 127 -24.16 -37.32 116.95
CA ARG IA 127 -24.57 -38.50 117.70
C ARG IA 127 -23.75 -39.71 117.29
N VAL IA 128 -23.54 -39.90 115.98
CA VAL IA 128 -22.80 -41.06 115.50
C VAL IA 128 -21.33 -40.95 115.89
N ALA IA 129 -20.81 -39.72 115.97
CA ALA IA 129 -19.42 -39.53 116.40
C ALA IA 129 -19.27 -39.79 117.89
N LYS IA 130 -20.21 -39.31 118.71
CA LYS IA 130 -20.17 -39.60 120.13
C LYS IA 130 -20.31 -41.09 120.39
N GLU IA 131 -21.12 -41.78 119.58
CA GLU IA 131 -21.25 -43.23 119.71
C GLU IA 131 -19.98 -43.94 119.25
N VAL IA 132 -19.34 -43.45 118.20
CA VAL IA 132 -18.13 -44.07 117.68
C VAL IA 132 -16.90 -43.56 118.42
N GLY IA 133 -16.88 -42.27 118.76
CA GLY IA 133 -15.73 -41.69 119.42
C GLY IA 133 -14.85 -40.94 118.44
N ASP IA 134 -15.43 -40.50 117.33
CA ASP IA 134 -14.67 -39.86 116.26
C ASP IA 134 -14.71 -38.35 116.47
N PRO IA 135 -13.66 -37.74 117.03
CA PRO IA 135 -13.68 -36.28 117.22
C PRO IA 135 -13.60 -35.50 115.93
N GLU IA 136 -12.95 -36.03 114.89
CA GLU IA 136 -12.95 -35.36 113.60
C GLU IA 136 -14.36 -35.33 113.02
N LEU IA 137 -15.13 -36.39 113.22
CA LEU IA 137 -16.51 -36.41 112.73
C LEU IA 137 -17.37 -35.39 113.47
N ILE IA 138 -17.21 -35.29 114.78
CA ILE IA 138 -17.97 -34.31 115.55
C ILE IA 138 -17.57 -32.89 115.16
N LYS IA 139 -16.27 -32.68 114.92
CA LYS IA 139 -15.82 -31.36 114.48
C LYS IA 139 -16.39 -31.00 113.12
N LEU IA 140 -16.41 -31.95 112.18
CA LEU IA 140 -16.99 -31.70 110.88
C LEU IA 140 -18.49 -31.45 111.00
N ALA IA 141 -19.16 -32.17 111.90
CA ALA IA 141 -20.58 -31.94 112.12
C ALA IA 141 -20.85 -30.55 112.65
N LEU IA 142 -20.06 -30.10 113.64
CA LEU IA 142 -20.23 -28.75 114.17
C LEU IA 142 -19.93 -27.70 113.11
N GLU IA 143 -18.90 -27.94 112.28
CA GLU IA 143 -18.57 -27.00 111.22
C GLU IA 143 -19.68 -26.91 110.19
N ALA IA 144 -20.30 -28.05 109.86
CA ALA IA 144 -21.42 -28.04 108.92
C ALA IA 144 -22.64 -27.37 109.52
N ALA IA 145 -22.88 -27.57 110.81
CA ALA IA 145 -24.02 -26.92 111.47
C ALA IA 145 -23.84 -25.42 111.49
N GLU IA 146 -22.63 -24.95 111.82
CA GLU IA 146 -22.37 -23.51 111.76
C GLU IA 146 -22.42 -22.99 110.33
N ARG IA 147 -22.01 -23.81 109.36
CA ARG IA 147 -22.04 -23.39 107.96
C ARG IA 147 -23.41 -23.63 107.33
N GLY IA 148 -24.11 -24.68 107.75
CA GLY IA 148 -25.40 -25.00 107.18
C GLY IA 148 -25.28 -25.82 105.91
N ASP IA 149 -24.23 -26.63 105.82
CA ASP IA 149 -23.94 -27.44 104.64
C ASP IA 149 -24.49 -28.85 104.87
N SER IA 150 -25.57 -29.18 104.17
CA SER IA 150 -26.17 -30.51 104.31
C SER IA 150 -25.24 -31.59 103.77
N GLU IA 151 -24.51 -31.29 102.69
CA GLU IA 151 -23.54 -32.25 102.18
C GLU IA 151 -22.44 -32.54 103.19
N LYS IA 152 -21.90 -31.48 103.81
CA LYS IA 152 -20.85 -31.67 104.79
C LYS IA 152 -21.36 -32.38 106.04
N ALA IA 153 -22.58 -32.09 106.46
CA ALA IA 153 -23.14 -32.75 107.63
C ALA IA 153 -23.41 -34.23 107.35
N LYS IA 154 -23.96 -34.53 106.16
CA LYS IA 154 -24.16 -35.92 105.78
C LYS IA 154 -22.82 -36.64 105.64
N ALA IA 155 -21.79 -35.94 105.17
CA ALA IA 155 -20.47 -36.54 105.08
C ALA IA 155 -19.90 -36.83 106.47
N ILE IA 156 -20.11 -35.92 107.41
CA ILE IA 156 -19.66 -36.15 108.78
C ILE IA 156 -20.41 -37.33 109.39
N LEU IA 157 -21.70 -37.45 109.09
CA LEU IA 157 -22.48 -38.58 109.60
C LEU IA 157 -21.98 -39.90 109.01
N LEU IA 158 -21.80 -39.93 107.69
CA LEU IA 158 -21.31 -41.14 107.04
C LEU IA 158 -19.89 -41.47 107.48
N ALA IA 159 -19.08 -40.46 107.79
CA ALA IA 159 -17.72 -40.70 108.25
C ALA IA 159 -17.71 -41.23 109.68
N ALA IA 160 -18.61 -40.71 110.53
CA ALA IA 160 -18.74 -41.27 111.87
C ALA IA 160 -19.24 -42.70 111.83
N GLU IA 161 -20.17 -43.00 110.91
CA GLU IA 161 -20.64 -44.37 110.74
C GLU IA 161 -19.53 -45.28 110.22
N ALA IA 162 -18.73 -44.77 109.28
CA ALA IA 162 -17.61 -45.55 108.75
C ALA IA 162 -16.57 -45.79 109.83
N ALA IA 163 -16.32 -44.79 110.68
CA ALA IA 163 -15.38 -44.97 111.78
C ALA IA 163 -15.92 -45.96 112.81
N ARG IA 164 -17.23 -45.95 113.04
CA ARG IA 164 -17.83 -46.94 113.93
C ARG IA 164 -17.70 -48.35 113.36
N VAL IA 165 -17.97 -48.51 112.06
CA VAL IA 165 -17.85 -49.81 111.43
C VAL IA 165 -16.39 -50.27 111.41
N ALA IA 166 -15.46 -49.32 111.29
CA ALA IA 166 -14.04 -49.66 111.31
C ALA IA 166 -13.59 -50.09 112.70
N LYS IA 167 -14.00 -49.34 113.72
CA LYS IA 167 -13.64 -49.70 115.10
C LYS IA 167 -14.26 -51.04 115.49
N GLU IA 168 -15.48 -51.30 115.04
CA GLU IA 168 -16.09 -52.61 115.29
C GLU IA 168 -15.40 -53.70 114.49
N VAL IA 169 -14.89 -53.38 113.31
CA VAL IA 169 -14.14 -54.33 112.50
C VAL IA 169 -12.67 -54.36 112.93
N GLY IA 170 -12.11 -53.21 113.27
CA GLY IA 170 -10.71 -53.12 113.61
C GLY IA 170 -9.89 -52.67 112.42
N ASP IA 171 -10.55 -52.01 111.46
CA ASP IA 171 -9.90 -51.61 110.22
C ASP IA 171 -9.40 -50.18 110.36
N PRO IA 172 -8.15 -49.98 110.77
CA PRO IA 172 -7.63 -48.60 110.85
C PRO IA 172 -7.51 -47.92 109.52
N GLU IA 173 -7.35 -48.66 108.42
CA GLU IA 173 -7.41 -48.06 107.10
C GLU IA 173 -8.80 -47.49 106.83
N LEU IA 174 -9.85 -48.21 107.24
CA LEU IA 174 -11.21 -47.71 107.06
C LEU IA 174 -11.45 -46.50 107.95
N ILE IA 175 -10.94 -46.51 109.17
CA ILE IA 175 -11.10 -45.36 110.06
C ILE IA 175 -10.36 -44.15 109.48
N LYS IA 176 -9.17 -44.37 108.91
CA LYS IA 176 -8.43 -43.28 108.30
C LYS IA 176 -9.16 -42.74 107.08
N LEU IA 177 -9.74 -43.62 106.26
CA LEU IA 177 -10.52 -43.16 105.12
C LEU IA 177 -11.74 -42.38 105.57
N ALA IA 178 -12.37 -42.80 106.68
CA ALA IA 178 -13.51 -42.07 107.21
C ALA IA 178 -13.10 -40.68 107.69
N LEU IA 179 -11.97 -40.60 108.40
CA LEU IA 179 -11.48 -39.29 108.84
C LEU IA 179 -11.11 -38.40 107.66
N GLU IA 180 -10.53 -39.00 106.62
CA GLU IA 180 -10.16 -38.22 105.43
C GLU IA 180 -11.40 -37.73 104.69
N ALA IA 181 -12.45 -38.55 104.65
CA ALA IA 181 -13.70 -38.11 104.03
C ALA IA 181 -14.39 -37.04 104.86
N ALA IA 182 -14.31 -37.15 106.19
CA ALA IA 182 -14.87 -36.12 107.06
C ALA IA 182 -14.14 -34.79 106.87
N ARG IA 183 -12.81 -34.83 106.79
CA ARG IA 183 -12.03 -33.63 106.51
C ARG IA 183 -12.33 -33.09 105.11
N ARG IA 184 -12.56 -33.99 104.15
CA ARG IA 184 -12.88 -33.57 102.79
C ARG IA 184 -14.36 -33.23 102.64
N GLY IA 185 -15.21 -33.78 103.49
CA GLY IA 185 -16.63 -33.54 103.38
C GLY IA 185 -17.25 -34.36 102.26
N ASP IA 186 -16.59 -35.44 101.88
CA ASP IA 186 -17.05 -36.32 100.81
C ASP IA 186 -17.90 -37.43 101.42
N SER IA 187 -19.23 -37.25 101.37
CA SER IA 187 -20.12 -38.29 101.87
C SER IA 187 -19.99 -39.57 101.06
N GLU IA 188 -19.64 -39.45 99.77
CA GLU IA 188 -19.41 -40.65 98.96
C GLU IA 188 -18.20 -41.43 99.47
N LYS IA 189 -17.10 -40.74 99.74
CA LYS IA 189 -15.92 -41.41 100.27
C LYS IA 189 -16.19 -42.00 101.65
N ALA IA 190 -16.97 -41.30 102.47
CA ALA IA 190 -17.28 -41.80 103.81
C ALA IA 190 -18.18 -43.04 103.73
N LYS IA 191 -19.14 -43.04 102.81
CA LYS IA 191 -19.97 -44.22 102.63
C LYS IA 191 -19.17 -45.38 102.06
N ALA IA 192 -18.22 -45.08 101.17
CA ALA IA 192 -17.32 -46.13 100.68
C ALA IA 192 -16.48 -46.68 101.81
N ILE IA 193 -16.03 -45.82 102.73
CA ILE IA 193 -15.27 -46.30 103.87
C ILE IA 193 -16.14 -47.14 104.79
N LEU IA 194 -17.41 -46.78 104.93
CA LEU IA 194 -18.32 -47.58 105.75
C LEU IA 194 -18.55 -48.96 105.13
N LEU IA 195 -18.81 -48.99 103.82
CA LEU IA 195 -19.00 -50.26 103.13
C LEU IA 195 -17.73 -51.10 103.16
N ALA IA 196 -16.56 -50.45 103.07
CA ALA IA 196 -15.30 -51.18 103.13
C ALA IA 196 -15.05 -51.72 104.52
N ALA IA 197 -15.41 -50.97 105.56
CA ALA IA 197 -15.27 -51.47 106.92
C ALA IA 197 -16.21 -52.64 107.16
N GLU IA 198 -17.41 -52.58 106.60
CA GLU IA 198 -18.34 -53.71 106.72
C GLU IA 198 -17.81 -54.93 105.99
N ALA IA 199 -17.27 -54.74 104.79
CA ALA IA 199 -16.69 -55.85 104.03
C ALA IA 199 -15.48 -56.43 104.76
N ALA IA 200 -14.67 -55.59 105.38
CA ALA IA 200 -13.53 -56.08 106.14
C ALA IA 200 -13.97 -56.81 107.39
N ARG IA 201 -15.05 -56.34 108.03
CA ARG IA 201 -15.60 -57.05 109.17
C ARG IA 201 -16.10 -58.44 108.76
N VAL IA 202 -16.77 -58.52 107.61
CA VAL IA 202 -17.26 -59.81 107.12
C VAL IA 202 -16.08 -60.71 106.76
N ALA IA 203 -15.02 -60.13 106.20
CA ALA IA 203 -13.84 -60.92 105.84
C ALA IA 203 -13.13 -61.45 107.08
N LYS IA 204 -13.04 -60.63 108.13
CA LYS IA 204 -12.43 -61.09 109.37
C LYS IA 204 -13.28 -62.13 110.06
N GLU IA 205 -14.61 -61.97 110.05
CA GLU IA 205 -15.49 -62.95 110.67
C GLU IA 205 -15.49 -64.26 109.90
N VAL IA 206 -15.33 -64.21 108.59
CA VAL IA 206 -15.25 -65.42 107.78
C VAL IA 206 -13.81 -65.93 107.70
N GLY IA 207 -12.87 -65.06 107.38
CA GLY IA 207 -11.49 -65.46 107.23
C GLY IA 207 -11.01 -65.27 105.80
N ASP IA 208 -11.61 -64.32 105.10
CA ASP IA 208 -11.27 -64.06 103.69
C ASP IA 208 -10.28 -62.91 103.64
N PRO IA 209 -8.98 -63.18 103.78
CA PRO IA 209 -8.00 -62.08 103.75
C PRO IA 209 -7.95 -61.34 102.43
N GLU IA 210 -8.26 -62.00 101.31
CA GLU IA 210 -8.36 -61.28 100.04
C GLU IA 210 -9.54 -60.31 100.07
N LEU IA 211 -10.63 -60.69 100.74
CA LEU IA 211 -11.78 -59.80 100.85
C LEU IA 211 -11.44 -58.59 101.73
N ILE IA 212 -10.75 -58.82 102.85
CA ILE IA 212 -10.34 -57.71 103.70
C ILE IA 212 -9.34 -56.82 102.96
N LYS IA 213 -8.50 -57.42 102.12
CA LYS IA 213 -7.55 -56.64 101.33
C LYS IA 213 -8.26 -55.78 100.31
N LEU IA 214 -9.25 -56.34 99.61
CA LEU IA 214 -10.03 -55.56 98.65
C LEU IA 214 -10.82 -54.46 99.37
N ALA IA 215 -11.29 -54.74 100.59
CA ALA IA 215 -12.00 -53.73 101.36
C ALA IA 215 -11.07 -52.58 101.74
N LEU IA 216 -9.85 -52.90 102.18
CA LEU IA 216 -8.88 -51.84 102.49
C LEU IA 216 -8.50 -51.07 101.24
N GLU IA 217 -8.38 -51.76 100.10
CA GLU IA 217 -8.05 -51.08 98.85
C GLU IA 217 -9.18 -50.14 98.43
N ALA IA 218 -10.43 -50.56 98.60
CA ALA IA 218 -11.55 -49.69 98.28
C ALA IA 218 -11.63 -48.52 99.24
N ALA IA 219 -11.33 -48.75 100.52
CA ALA IA 219 -11.32 -47.66 101.49
C ALA IA 219 -10.24 -46.63 101.15
N ARG IA 220 -9.06 -47.10 100.74
CA ARG IA 220 -8.03 -46.19 100.27
C ARG IA 220 -8.45 -45.50 98.98
N ARG IA 221 -9.23 -46.17 98.14
CA ARG IA 221 -9.69 -45.57 96.89
C ARG IA 221 -10.95 -44.76 97.09
N GLY IA 222 -11.93 -45.29 97.83
CA GLY IA 222 -13.18 -44.60 98.05
C GLY IA 222 -14.25 -44.98 97.06
N ASP IA 223 -14.24 -46.24 96.62
CA ASP IA 223 -15.20 -46.75 95.65
C ASP IA 223 -16.33 -47.47 96.40
N SER IA 224 -17.45 -46.78 96.55
CA SER IA 224 -18.59 -47.38 97.25
C SER IA 224 -19.16 -48.55 96.46
N ARG IA 225 -19.08 -48.51 95.13
CA ARG IA 225 -19.55 -49.62 94.33
C ARG IA 225 -18.68 -50.85 94.52
N LYS IA 226 -17.36 -50.68 94.43
CA LYS IA 226 -16.46 -51.82 94.64
C LYS IA 226 -16.53 -52.30 96.08
N ALA IA 227 -16.69 -51.39 97.04
CA ALA IA 227 -16.79 -51.80 98.43
C ALA IA 227 -18.08 -52.57 98.69
N GLU IA 228 -19.18 -52.13 98.08
CA GLU IA 228 -20.44 -52.86 98.23
C GLU IA 228 -20.37 -54.22 97.55
N ALA IA 229 -19.69 -54.30 96.41
CA ALA IA 229 -19.49 -55.59 95.75
C ALA IA 229 -18.66 -56.51 96.61
N ILE IA 230 -17.62 -55.97 97.25
CA ILE IA 230 -16.79 -56.78 98.14
C ILE IA 230 -17.59 -57.24 99.35
N LEU IA 231 -18.47 -56.38 99.87
CA LEU IA 231 -19.32 -56.79 100.99
C LEU IA 231 -20.31 -57.87 100.57
N LEU IA 232 -20.88 -57.75 99.37
CA LEU IA 232 -21.79 -58.77 98.87
C LEU IA 232 -21.06 -60.09 98.68
N ALA IA 233 -19.85 -60.03 98.13
CA ALA IA 233 -19.05 -61.25 97.95
C ALA IA 233 -18.65 -61.84 99.29
N ALA IA 234 -18.40 -60.98 100.29
CA ALA IA 234 -18.05 -61.48 101.62
C ALA IA 234 -19.24 -62.16 102.28
N GLU IA 235 -20.42 -61.58 102.15
CA GLU IA 235 -21.62 -62.24 102.66
C GLU IA 235 -21.89 -63.55 101.93
N ALA IA 236 -21.64 -63.56 100.61
CA ALA IA 236 -21.80 -64.79 99.85
C ALA IA 236 -20.82 -65.86 100.29
N ALA IA 237 -19.57 -65.48 100.53
CA ALA IA 237 -18.58 -66.44 101.01
C ALA IA 237 -18.87 -66.89 102.43
N ARG IA 238 -19.47 -66.01 103.24
CA ARG IA 238 -19.89 -66.42 104.58
C ARG IA 238 -21.01 -67.44 104.51
N ILE IA 239 -21.99 -67.21 103.63
CA ILE IA 239 -23.05 -68.19 103.43
C ILE IA 239 -22.46 -69.48 102.88
N ALA IA 240 -21.43 -69.38 102.05
CA ALA IA 240 -20.78 -70.56 101.50
C ALA IA 240 -20.09 -71.37 102.58
N LYS IA 241 -19.34 -70.70 103.46
CA LYS IA 241 -18.70 -71.38 104.57
C LYS IA 241 -19.74 -71.98 105.52
N GLU IA 242 -20.86 -71.28 105.71
CA GLU IA 242 -21.95 -71.85 106.50
C GLU IA 242 -22.53 -73.08 105.82
N ALA IA 243 -22.50 -73.13 104.49
CA ALA IA 243 -22.96 -74.29 103.74
C ALA IA 243 -21.82 -75.27 103.45
N GLY IA 244 -20.66 -74.78 103.04
CA GLY IA 244 -19.55 -75.64 102.71
C GLY IA 244 -19.18 -75.61 101.23
N ASP IA 245 -19.38 -74.47 100.58
CA ASP IA 245 -19.06 -74.32 99.17
C ASP IA 245 -17.81 -73.46 99.02
N PRO IA 246 -16.62 -74.04 99.11
CA PRO IA 246 -15.40 -73.23 98.98
C PRO IA 246 -15.23 -72.68 97.57
N GLU IA 247 -15.77 -73.40 96.59
CA GLU IA 247 -15.80 -72.88 95.23
C GLU IA 247 -16.62 -71.60 95.14
N ALA IA 248 -17.72 -71.55 95.91
CA ALA IA 248 -18.51 -70.32 95.96
C ALA IA 248 -17.72 -69.19 96.62
N ARG IA 249 -16.98 -69.49 97.68
CA ARG IA 249 -16.16 -68.47 98.32
C ARG IA 249 -15.07 -67.97 97.37
N LYS IA 250 -14.49 -68.88 96.57
CA LYS IA 250 -13.47 -68.48 95.62
C LYS IA 250 -14.07 -67.64 94.50
N LYS IA 251 -15.25 -68.00 94.01
CA LYS IA 251 -15.92 -67.19 93.00
C LYS IA 251 -16.27 -65.82 93.56
N ALA IA 252 -16.66 -65.77 94.83
CA ALA IA 252 -16.93 -64.48 95.47
C ALA IA 252 -15.66 -63.65 95.57
N LEU IA 253 -14.54 -64.29 95.89
CA LEU IA 253 -13.27 -63.57 95.90
C LEU IA 253 -12.93 -63.03 94.52
N GLU IA 254 -13.16 -63.84 93.48
CA GLU IA 254 -12.89 -63.40 92.12
C GLU IA 254 -13.78 -62.24 91.73
N ALA IA 255 -15.06 -62.29 92.09
CA ALA IA 255 -15.98 -61.20 91.77
C ALA IA 255 -15.65 -59.94 92.54
N ALA IA 256 -15.28 -60.06 93.82
CA ALA IA 256 -14.88 -58.89 94.60
C ALA IA 256 -13.61 -58.28 94.05
N ARG IA 257 -12.67 -59.11 93.59
CA ARG IA 257 -11.51 -58.59 92.88
C ARG IA 257 -11.92 -57.92 91.58
N ARG IA 258 -12.99 -58.41 90.95
CA ARG IA 258 -13.52 -57.76 89.76
C ARG IA 258 -14.28 -56.49 90.10
N GLY IA 259 -14.88 -56.42 91.29
CA GLY IA 259 -15.57 -55.23 91.74
C GLY IA 259 -17.04 -55.17 91.41
N ASP IA 260 -17.60 -56.20 90.77
CA ASP IA 260 -19.02 -56.22 90.48
C ASP IA 260 -19.78 -56.96 91.57
N ARG IA 261 -21.01 -56.53 91.82
CA ARG IA 261 -21.88 -57.15 92.81
C ARG IA 261 -22.96 -58.05 92.22
N GLU IA 262 -23.17 -58.00 90.90
CA GLU IA 262 -24.17 -58.88 90.30
C GLU IA 262 -23.77 -60.35 90.41
N LEU IA 263 -22.52 -60.66 90.08
CA LEU IA 263 -22.06 -62.03 90.22
C LEU IA 263 -22.01 -62.46 91.68
N ALA IA 264 -21.64 -61.53 92.57
CA ALA IA 264 -21.64 -61.84 94.00
C ALA IA 264 -23.05 -62.16 94.48
N THR IA 265 -24.04 -61.40 94.02
CA THR IA 265 -25.42 -61.67 94.41
C THR IA 265 -25.91 -62.99 93.82
N ARG IA 266 -25.52 -63.28 92.57
CA ARG IA 266 -25.93 -64.55 91.97
C ARG IA 266 -25.32 -65.73 92.73
N ILE IA 267 -24.06 -65.61 93.14
CA ILE IA 267 -23.42 -66.68 93.90
C ILE IA 267 -24.06 -66.81 95.27
N LEU IA 268 -24.38 -65.69 95.91
CA LEU IA 268 -25.08 -65.75 97.19
C LEU IA 268 -26.44 -66.40 97.03
N ILE IA 269 -27.10 -66.16 95.89
CA ILE IA 269 -28.40 -66.76 95.63
C ILE IA 269 -28.26 -68.26 95.44
N GLU IA 270 -27.23 -68.70 94.72
CA GLU IA 270 -27.02 -70.13 94.54
C GLU IA 270 -26.70 -70.80 95.87
N ALA IA 271 -25.87 -70.16 96.69
CA ALA IA 271 -25.55 -70.71 98.01
C ALA IA 271 -26.78 -70.76 98.88
N LEU IA 272 -27.62 -69.72 98.82
CA LEU IA 272 -28.84 -69.71 99.59
C LEU IA 272 -29.82 -70.78 99.10
N LEU IA 273 -29.81 -71.06 97.80
CA LEU IA 273 -30.65 -72.13 97.27
C LEU IA 273 -30.19 -73.48 97.76
N ARG IA 274 -28.88 -73.72 97.77
CA ARG IA 274 -28.36 -74.96 98.31
C ARG IA 274 -28.68 -75.09 99.79
N LEU IA 275 -28.44 -74.02 100.56
CA LEU IA 275 -28.75 -74.04 101.98
C LEU IA 275 -30.24 -74.20 102.22
N LEU IA 276 -31.07 -73.70 101.30
CA LEU IA 276 -32.52 -73.83 101.44
C LEU IA 276 -32.96 -75.25 101.16
N LYS IA 277 -32.35 -75.91 100.17
CA LYS IA 277 -32.63 -77.33 99.97
C LYS IA 277 -32.21 -78.14 101.19
N LYS IA 278 -31.06 -77.81 101.77
CA LYS IA 278 -30.61 -78.51 102.96
C LYS IA 278 -31.57 -78.27 104.12
N SER IA 279 -32.00 -77.03 104.31
CA SER IA 279 -32.93 -76.72 105.39
C SER IA 279 -34.29 -77.35 105.14
N THR IA 280 -34.67 -77.52 103.88
CA THR IA 280 -35.93 -78.19 103.57
C THR IA 280 -35.85 -79.67 103.91
N ALA IA 281 -34.73 -80.31 103.59
CA ALA IA 281 -34.52 -81.69 104.02
C ALA IA 281 -34.54 -81.81 105.54
N GLU IA 282 -33.87 -80.87 106.22
CA GLU IA 282 -33.83 -80.90 107.68
C GLU IA 282 -35.22 -80.68 108.26
N LEU IA 283 -36.02 -79.81 107.64
CA LEU IA 283 -37.37 -79.54 108.14
C LEU IA 283 -38.29 -80.71 107.89
N LYS IA 284 -38.13 -81.39 106.75
CA LYS IA 284 -38.91 -82.61 106.51
C LYS IA 284 -38.54 -83.68 107.54
N ARG IA 285 -37.25 -83.82 107.84
CA ARG IA 285 -36.84 -84.78 108.86
C ARG IA 285 -37.40 -84.40 110.23
N ALA IA 286 -37.40 -83.10 110.56
CA ALA IA 286 -37.93 -82.65 111.84
C ALA IA 286 -39.44 -82.88 111.92
N THR IA 287 -40.15 -82.67 110.81
CA THR IA 287 -41.59 -82.92 110.80
C THR IA 287 -41.88 -84.40 110.94
N ALA IA 288 -41.08 -85.25 110.30
CA ALA IA 288 -41.23 -86.69 110.48
C ALA IA 288 -40.96 -87.09 111.92
N SER IA 289 -39.94 -86.50 112.54
CA SER IA 289 -39.64 -86.81 113.94
C SER IA 289 -40.74 -86.34 114.87
N LEU IA 290 -41.32 -85.17 114.59
CA LEU IA 290 -42.41 -84.67 115.40
C LEU IA 290 -43.65 -85.54 115.25
N ARG IA 291 -43.95 -85.99 114.02
CA ARG IA 291 -45.07 -86.89 113.82
C ARG IA 291 -44.83 -88.23 114.52
N ALA IA 292 -43.58 -88.70 114.52
CA ALA IA 292 -43.26 -89.94 115.21
C ALA IA 292 -43.43 -89.79 116.72
N ILE IA 293 -42.97 -88.67 117.28
CA ILE IA 293 -43.15 -88.44 118.71
C ILE IA 293 -44.63 -88.29 119.04
N THR IA 294 -45.40 -87.70 118.13
CA THR IA 294 -46.84 -87.60 118.34
C THR IA 294 -47.50 -88.97 118.33
N GLU IA 295 -47.10 -89.83 117.39
CA GLU IA 295 -47.64 -91.19 117.37
C GLU IA 295 -47.23 -91.97 118.60
N GLU IA 296 -46.02 -91.72 119.12
CA GLU IA 296 -45.58 -92.39 120.34
C GLU IA 296 -46.38 -91.92 121.54
N LEU IA 297 -46.62 -90.62 121.65
CA LEU IA 297 -47.46 -90.10 122.72
C LEU IA 297 -48.90 -90.58 122.57
N LYS IA 298 -49.33 -90.83 121.33
CA LYS IA 298 -50.66 -91.35 121.10
C LYS IA 298 -50.79 -92.80 121.53
N LYS IA 299 -49.80 -93.63 121.22
CA LYS IA 299 -49.88 -95.04 121.54
C LYS IA 299 -49.81 -95.28 123.04
N ASN IA 300 -49.05 -94.47 123.76
CA ASN IA 300 -48.93 -94.61 125.21
C ASN IA 300 -48.66 -93.25 125.83
N PRO IA 301 -49.69 -92.47 126.14
CA PRO IA 301 -49.46 -91.13 126.69
C PRO IA 301 -49.10 -91.18 128.17
N SER IA 302 -48.13 -90.35 128.53
CA SER IA 302 -47.64 -90.28 129.90
C SER IA 302 -46.84 -89.00 130.05
N GLU IA 303 -46.14 -88.88 131.19
CA GLU IA 303 -45.27 -87.74 131.40
C GLU IA 303 -44.16 -87.70 130.36
N ASP IA 304 -43.45 -88.81 130.18
CA ASP IA 304 -42.37 -88.85 129.19
C ASP IA 304 -42.92 -88.73 127.77
N ALA IA 305 -44.08 -89.30 127.51
CA ALA IA 305 -44.65 -89.25 126.17
C ALA IA 305 -45.05 -87.82 125.78
N LEU IA 306 -45.81 -87.15 126.65
CA LEU IA 306 -46.16 -85.76 126.38
C LEU IA 306 -44.92 -84.87 126.35
N VAL IA 307 -43.94 -85.17 127.21
CA VAL IA 307 -42.69 -84.41 127.21
C VAL IA 307 -41.99 -84.52 125.87
N GLU IA 308 -41.85 -85.74 125.36
CA GLU IA 308 -41.17 -85.94 124.08
C GLU IA 308 -41.97 -85.34 122.93
N HIS IA 309 -43.29 -85.45 122.97
CA HIS IA 309 -44.10 -84.89 121.90
C HIS IA 309 -43.99 -83.36 121.87
N ASN IA 310 -44.06 -82.72 123.03
CA ASN IA 310 -43.93 -81.27 123.09
C ASN IA 310 -42.52 -80.84 122.73
N ARG IA 311 -41.50 -81.61 123.13
CA ARG IA 311 -40.13 -81.28 122.76
C ARG IA 311 -39.91 -81.40 121.26
N ALA IA 312 -40.52 -82.41 120.64
CA ALA IA 312 -40.42 -82.56 119.19
C ALA IA 312 -41.16 -81.43 118.48
N ILE IA 313 -42.31 -81.02 119.02
CA ILE IA 313 -43.04 -79.90 118.44
C ILE IA 313 -42.21 -78.62 118.52
N VAL IA 314 -41.56 -78.39 119.67
CA VAL IA 314 -40.74 -77.20 119.83
C VAL IA 314 -39.51 -77.28 118.93
N GLU IA 315 -38.94 -78.48 118.75
CA GLU IA 315 -37.80 -78.64 117.87
C GLU IA 315 -38.19 -78.38 116.42
N HIS IA 316 -39.37 -78.84 116.02
CA HIS IA 316 -39.85 -78.56 114.67
C HIS IA 316 -40.11 -77.07 114.49
N ASN IA 317 -40.65 -76.41 115.52
CA ASN IA 317 -40.87 -74.97 115.44
C ASN IA 317 -39.54 -74.23 115.34
N ALA IA 318 -38.53 -74.67 116.09
CA ALA IA 318 -37.22 -74.02 116.02
C ALA IA 318 -36.55 -74.25 114.67
N ILE IA 319 -36.70 -75.46 114.12
CA ILE IA 319 -36.14 -75.74 112.80
C ILE IA 319 -36.84 -74.91 111.74
N ILE IA 320 -38.15 -74.73 111.87
CA ILE IA 320 -38.90 -73.90 110.95
C ILE IA 320 -38.47 -72.44 111.09
N VAL IA 321 -38.20 -72.00 112.32
CA VAL IA 321 -37.73 -70.65 112.54
C VAL IA 321 -36.35 -70.45 111.91
N GLU IA 322 -35.50 -71.46 112.01
CA GLU IA 322 -34.17 -71.37 111.40
C GLU IA 322 -34.27 -71.34 109.89
N ASN IA 323 -35.13 -72.18 109.31
CA ASN IA 323 -35.30 -72.18 107.86
C ASN IA 323 -35.90 -70.85 107.40
N ASN IA 324 -36.82 -70.30 108.19
CA ASN IA 324 -37.39 -69.00 107.85
C ASN IA 324 -36.35 -67.89 107.97
N ARG IA 325 -35.43 -68.02 108.93
CA ARG IA 325 -34.36 -67.04 109.05
C ARG IA 325 -33.42 -67.13 107.85
N ILE IA 326 -33.13 -68.35 107.40
CA ILE IA 326 -32.31 -68.51 106.20
C ILE IA 326 -33.01 -67.92 104.99
N ILE IA 327 -34.31 -68.16 104.87
CA ILE IA 327 -35.08 -67.61 103.76
C ILE IA 327 -35.12 -66.08 103.84
N ALA IA 328 -35.20 -65.54 105.05
CA ALA IA 328 -35.21 -64.11 105.23
C ALA IA 328 -33.87 -63.49 104.87
N MET IA 329 -32.77 -64.17 105.22
CA MET IA 329 -31.46 -63.71 104.83
C MET IA 329 -31.32 -63.73 103.30
N VAL IA 330 -31.80 -64.79 102.66
CA VAL IA 330 -31.74 -64.88 101.21
C VAL IA 330 -32.57 -63.77 100.58
N LEU IA 331 -33.75 -63.51 101.14
CA LEU IA 331 -34.60 -62.46 100.61
C LEU IA 331 -33.99 -61.09 100.81
N GLU IA 332 -33.34 -60.86 101.95
CA GLU IA 332 -32.64 -59.60 102.18
C GLU IA 332 -31.49 -59.43 101.21
N ALA IA 333 -30.81 -60.53 100.89
CA ALA IA 333 -29.75 -60.47 99.88
C ALA IA 333 -30.33 -60.12 98.51
N ILE IA 334 -31.46 -60.73 98.16
CA ILE IA 334 -32.09 -60.41 96.88
C ILE IA 334 -32.53 -58.95 96.86
N VAL IA 335 -33.00 -58.43 98.00
CA VAL IA 335 -33.44 -57.04 98.07
C VAL IA 335 -32.27 -56.09 97.92
N ARG IA 336 -31.18 -56.37 98.64
CA ARG IA 336 -29.98 -55.55 98.51
C ARG IA 336 -29.41 -55.64 97.10
N ALA IA 337 -29.66 -56.75 96.41
CA ALA IA 337 -29.25 -56.88 95.02
C ALA IA 337 -30.22 -56.24 94.06
N ILE IA 338 -31.52 -56.41 94.28
CA ILE IA 338 -32.53 -55.81 93.41
C ILE IA 338 -32.75 -54.36 93.82
N SER JA 2 -1.33 -49.91 97.79
CA SER JA 2 -2.10 -51.06 98.21
C SER JA 2 -1.48 -52.36 97.68
N THR JA 3 -0.38 -52.23 96.95
CA THR JA 3 0.28 -53.40 96.38
C THR JA 3 0.98 -54.22 97.47
N LYS JA 4 1.77 -53.56 98.31
CA LYS JA 4 2.50 -54.27 99.36
C LYS JA 4 1.55 -54.85 100.41
N GLU JA 5 0.48 -54.13 100.73
CA GLU JA 5 -0.48 -54.63 101.70
C GLU JA 5 -1.22 -55.85 101.16
N LYS JA 6 -1.70 -55.78 99.91
CA LYS JA 6 -2.34 -56.92 99.30
C LYS JA 6 -1.38 -58.09 99.18
N ALA JA 7 -0.11 -57.80 98.91
CA ALA JA 7 0.90 -58.85 98.85
C ALA JA 7 1.06 -59.55 100.19
N ARG JA 8 1.23 -58.76 101.26
CA ARG JA 8 1.38 -59.34 102.59
C ARG JA 8 0.16 -60.15 102.98
N GLN JA 9 -1.04 -59.66 102.65
CA GLN JA 9 -2.27 -60.37 103.01
C GLN JA 9 -2.40 -61.67 102.24
N LEU JA 10 -2.28 -61.62 100.91
CA LEU JA 10 -2.40 -62.84 100.11
C LEU JA 10 -1.30 -63.83 100.43
N ALA JA 11 -0.13 -63.34 100.85
CA ALA JA 11 0.96 -64.24 101.20
C ALA JA 11 0.77 -64.86 102.57
N GLU JA 12 0.19 -64.11 103.52
CA GLU JA 12 -0.19 -64.71 104.79
C GLU JA 12 -1.25 -65.79 104.58
N GLU JA 13 -2.24 -65.51 103.73
CA GLU JA 13 -3.23 -66.53 103.39
C GLU JA 13 -2.56 -67.71 102.69
N ALA JA 14 -1.56 -67.44 101.86
CA ALA JA 14 -0.81 -68.50 101.20
C ALA JA 14 -0.12 -69.40 102.22
N LYS JA 15 0.55 -68.79 103.19
CA LYS JA 15 1.24 -69.57 104.22
C LYS JA 15 0.25 -70.36 105.07
N GLU JA 16 -0.91 -69.77 105.36
CA GLU JA 16 -1.92 -70.47 106.15
C GLU JA 16 -2.46 -71.67 105.40
N THR JA 17 -2.84 -71.48 104.13
CA THR JA 17 -3.36 -72.60 103.33
C THR JA 17 -2.27 -73.62 103.04
N ALA JA 18 -1.01 -73.20 103.10
CA ALA JA 18 0.09 -74.14 102.93
C ALA JA 18 0.26 -75.01 104.17
N GLU JA 19 0.25 -74.39 105.35
CA GLU JA 19 0.31 -75.15 106.59
C GLU JA 19 -0.91 -76.06 106.73
N LYS JA 20 -2.07 -75.62 106.25
CA LYS JA 20 -3.25 -76.48 106.24
C LYS JA 20 -3.11 -77.59 105.21
N VAL JA 21 -2.46 -77.31 104.09
CA VAL JA 21 -2.19 -78.32 103.08
C VAL JA 21 -1.11 -79.29 103.55
N GLY JA 22 -0.30 -78.86 104.50
CA GLY JA 22 0.80 -79.67 105.00
C GLY JA 22 2.14 -79.19 104.48
N ASP JA 23 2.19 -77.95 104.04
CA ASP JA 23 3.39 -77.39 103.43
C ASP JA 23 3.95 -76.27 104.29
N PRO JA 24 5.00 -76.51 105.06
CA PRO JA 24 5.65 -75.41 105.77
C PRO JA 24 6.64 -74.70 104.86
N GLU JA 25 7.10 -75.43 103.84
CA GLU JA 25 7.96 -74.83 102.82
C GLU JA 25 7.20 -73.79 102.00
N LEU JA 26 5.99 -74.12 101.56
CA LEU JA 26 5.17 -73.14 100.88
C LEU JA 26 4.76 -72.02 101.83
N ILE JA 27 4.64 -72.33 103.12
CA ILE JA 27 4.36 -71.29 104.11
C ILE JA 27 5.52 -70.31 104.20
N LYS JA 28 6.75 -70.81 104.19
CA LYS JA 28 7.90 -69.93 104.25
C LYS JA 28 8.07 -69.14 102.94
N LEU JA 29 7.81 -69.78 101.80
CA LEU JA 29 7.84 -69.08 100.53
C LEU JA 29 6.78 -67.98 100.50
N ALA JA 30 5.63 -68.23 101.14
CA ALA JA 30 4.61 -67.21 101.24
C ALA JA 30 5.04 -66.07 102.15
N GLU JA 31 5.66 -66.39 103.29
CA GLU JA 31 6.20 -65.35 104.14
C GLU JA 31 7.22 -64.50 103.38
N GLN JA 32 8.00 -65.14 102.50
CA GLN JA 32 8.95 -64.41 101.68
C GLN JA 32 8.24 -63.53 100.66
N ALA JA 33 7.15 -64.03 100.07
CA ALA JA 33 6.37 -63.22 99.14
C ALA JA 33 5.77 -62.01 99.84
N SER JA 34 5.39 -62.17 101.11
CA SER JA 34 4.90 -61.04 101.90
C SER JA 34 6.02 -60.05 102.18
N GLN JA 35 7.17 -60.54 102.62
CA GLN JA 35 8.29 -59.66 102.93
C GLN JA 35 8.78 -58.91 101.70
N GLU JA 36 8.72 -59.54 100.52
CA GLU JA 36 9.13 -58.87 99.30
C GLU JA 36 8.07 -57.91 98.80
N GLY JA 37 6.80 -58.19 99.10
CA GLY JA 37 5.71 -57.36 98.64
C GLY JA 37 5.20 -57.66 97.25
N ASP JA 38 5.25 -58.92 96.82
CA ASP JA 38 4.79 -59.32 95.50
C ASP JA 38 3.40 -59.94 95.63
N SER JA 39 2.38 -59.17 95.26
CA SER JA 39 1.01 -59.69 95.30
C SER JA 39 0.84 -60.83 94.31
N GLU JA 40 1.55 -60.78 93.18
CA GLU JA 40 1.52 -61.89 92.24
C GLU JA 40 2.10 -63.16 92.87
N LYS JA 41 3.28 -63.06 93.48
CA LYS JA 41 3.87 -64.22 94.14
C LYS JA 41 3.05 -64.64 95.34
N ALA JA 42 2.42 -63.68 96.02
CA ALA JA 42 1.56 -64.02 97.16
C ALA JA 42 0.35 -64.84 96.72
N LYS JA 43 -0.37 -64.35 95.72
CA LYS JA 43 -1.52 -65.11 95.21
C LYS JA 43 -1.07 -66.42 94.58
N ALA JA 44 0.14 -66.44 94.03
CA ALA JA 44 0.68 -67.69 93.49
C ALA JA 44 0.88 -68.72 94.59
N ILE JA 45 1.52 -68.32 95.69
CA ILE JA 45 1.71 -69.23 96.81
C ILE JA 45 0.35 -69.62 97.41
N LEU JA 46 -0.63 -68.72 97.33
CA LEU JA 46 -1.96 -69.03 97.86
C LEU JA 46 -2.66 -70.08 97.01
N LEU JA 47 -2.67 -69.90 95.69
CA LEU JA 47 -3.25 -70.88 94.80
C LEU JA 47 -2.50 -72.20 94.87
N ALA JA 48 -1.18 -72.16 95.06
CA ALA JA 48 -0.40 -73.39 95.19
C ALA JA 48 -0.70 -74.09 96.51
N ALA JA 49 -0.93 -73.32 97.58
CA ALA JA 49 -1.30 -73.92 98.85
C ALA JA 49 -2.68 -74.55 98.77
N GLU JA 50 -3.63 -73.88 98.11
CA GLU JA 50 -4.92 -74.49 97.87
C GLU JA 50 -4.80 -75.73 97.00
N ALA JA 51 -3.89 -75.70 96.02
CA ALA JA 51 -3.63 -76.86 95.19
C ALA JA 51 -3.12 -78.02 96.02
N ALA JA 52 -2.19 -77.75 96.93
CA ALA JA 52 -1.65 -78.80 97.78
C ALA JA 52 -2.71 -79.32 98.74
N ARG JA 53 -3.61 -78.46 99.20
CA ARG JA 53 -4.70 -78.92 100.04
C ARG JA 53 -5.64 -79.84 99.27
N VAL JA 54 -6.03 -79.43 98.06
CA VAL JA 54 -6.93 -80.25 97.24
C VAL JA 54 -6.22 -81.53 96.82
N ALA JA 55 -4.90 -81.51 96.73
CA ALA JA 55 -4.15 -82.71 96.39
C ALA JA 55 -4.09 -83.67 97.58
N LYS JA 56 -3.77 -83.15 98.77
CA LYS JA 56 -3.83 -83.97 99.98
C LYS JA 56 -5.23 -84.55 100.15
N GLU JA 57 -6.25 -83.82 99.71
CA GLU JA 57 -7.59 -84.38 99.66
C GLU JA 57 -7.72 -85.45 98.57
N VAL JA 58 -7.00 -85.27 97.47
CA VAL JA 58 -7.05 -86.23 96.37
C VAL JA 58 -6.02 -87.34 96.56
N GLY JA 59 -4.76 -86.97 96.76
CA GLY JA 59 -3.71 -87.93 97.06
C GLY JA 59 -2.67 -88.13 95.98
N ALA JA 60 -2.27 -87.04 95.29
CA ALA JA 60 -1.26 -87.12 94.25
C ALA JA 60 -0.03 -86.31 94.67
N PRO JA 61 1.09 -86.94 94.98
CA PRO JA 61 2.29 -86.17 95.35
C PRO JA 61 2.92 -85.45 94.18
N ASP JA 62 2.57 -85.81 92.94
CA ASP JA 62 3.10 -85.09 91.78
C ASP JA 62 2.64 -83.64 91.78
N LEU JA 63 1.31 -83.42 91.79
CA LEU JA 63 0.81 -82.07 91.87
C LEU JA 63 1.18 -81.41 93.19
N ILE JA 64 1.39 -82.20 94.24
CA ILE JA 64 1.80 -81.64 95.52
C ILE JA 64 3.17 -80.98 95.40
N ARG JA 65 4.16 -81.73 94.91
CA ARG JA 65 5.47 -81.14 94.69
C ARG JA 65 5.44 -80.05 93.63
N LEU JA 66 4.53 -80.17 92.66
CA LEU JA 66 4.38 -79.14 91.65
C LEU JA 66 3.95 -77.82 92.29
N ALA JA 67 2.94 -77.86 93.14
CA ALA JA 67 2.51 -76.66 93.84
C ALA JA 67 3.58 -76.18 94.81
N ARG JA 68 4.32 -77.10 95.42
CA ARG JA 68 5.41 -76.69 96.30
C ARG JA 68 6.45 -75.89 95.54
N ILE JA 69 6.84 -76.35 94.36
CA ILE JA 69 7.82 -75.64 93.56
C ILE JA 69 7.23 -74.34 93.03
N ALA JA 70 5.94 -74.35 92.67
CA ALA JA 70 5.30 -73.14 92.17
C ALA JA 70 5.26 -72.07 93.25
N ALA JA 71 5.05 -72.47 94.51
CA ALA JA 71 5.06 -71.51 95.60
C ALA JA 71 6.48 -71.05 95.90
N ARG JA 72 7.44 -71.97 95.87
CA ARG JA 72 8.83 -71.59 96.07
C ARG JA 72 9.31 -70.61 95.01
N VAL JA 73 8.77 -70.72 93.80
CA VAL JA 73 9.16 -69.79 92.73
C VAL JA 73 8.20 -68.61 92.67
N GLY JA 74 6.91 -68.85 92.91
CA GLY JA 74 5.92 -67.80 92.81
C GLY JA 74 5.23 -67.78 91.46
N ALA JA 75 4.91 -68.96 90.93
CA ALA JA 75 4.28 -69.12 89.63
C ALA JA 75 2.77 -69.15 89.81
N SER JA 76 2.10 -68.07 89.38
CA SER JA 76 0.65 -67.99 89.54
C SER JA 76 -0.07 -68.90 88.54
N GLU JA 77 0.39 -68.93 87.29
CA GLU JA 77 -0.23 -69.81 86.32
C GLU JA 77 -0.05 -71.28 86.70
N ALA JA 78 1.16 -71.64 87.13
CA ALA JA 78 1.41 -73.02 87.55
C ALA JA 78 0.62 -73.37 88.81
N ALA JA 79 0.45 -72.40 89.71
CA ALA JA 79 -0.31 -72.67 90.92
C ALA JA 79 -1.80 -72.86 90.61
N LYS JA 80 -2.36 -72.01 89.74
CA LYS JA 80 -3.75 -72.19 89.34
C LYS JA 80 -3.93 -73.48 88.57
N ALA JA 81 -2.95 -73.85 87.75
CA ALA JA 81 -3.00 -75.13 87.05
C ALA JA 81 -2.97 -76.29 88.04
N ILE JA 82 -2.13 -76.19 89.07
CA ILE JA 82 -2.06 -77.26 90.07
C ILE JA 82 -3.37 -77.34 90.86
N LEU JA 83 -4.00 -76.19 91.10
CA LEU JA 83 -5.26 -76.19 91.84
C LEU JA 83 -6.38 -76.81 91.01
N LEU JA 84 -6.54 -76.36 89.77
CA LEU JA 84 -7.54 -76.96 88.90
C LEU JA 84 -7.23 -78.42 88.60
N ALA JA 85 -5.95 -78.79 88.61
CA ALA JA 85 -5.57 -80.18 88.38
C ALA JA 85 -5.84 -81.04 89.61
N ALA JA 86 -5.70 -80.48 90.80
CA ALA JA 86 -6.09 -81.21 92.00
C ALA JA 86 -7.60 -81.38 92.07
N GLU JA 87 -8.34 -80.36 91.63
CA GLU JA 87 -9.78 -80.52 91.46
C GLU JA 87 -10.10 -81.60 90.44
N ALA JA 88 -9.36 -81.62 89.33
CA ALA JA 88 -9.52 -82.67 88.33
C ALA JA 88 -9.19 -84.03 88.91
N ALA JA 89 -8.20 -84.10 89.78
CA ALA JA 89 -7.80 -85.37 90.38
C ALA JA 89 -8.85 -85.87 91.35
N ARG JA 90 -9.45 -84.96 92.12
CA ARG JA 90 -10.56 -85.35 92.97
C ARG JA 90 -11.75 -85.82 92.12
N VAL JA 91 -12.05 -85.10 91.04
CA VAL JA 91 -13.17 -85.48 90.18
C VAL JA 91 -12.89 -86.80 89.49
N ALA JA 92 -11.61 -87.10 89.21
CA ALA JA 92 -11.25 -88.35 88.57
C ALA JA 92 -11.30 -89.50 89.57
N LYS JA 93 -10.80 -89.28 90.78
CA LYS JA 93 -10.95 -90.29 91.84
C LYS JA 93 -12.42 -90.59 92.09
N GLU JA 94 -13.27 -89.58 91.92
CA GLU JA 94 -14.71 -89.83 91.94
C GLU JA 94 -15.16 -90.56 90.68
N VAL JA 95 -14.47 -90.34 89.56
CA VAL JA 95 -14.86 -90.99 88.31
C VAL JA 95 -14.10 -92.30 88.13
N GLY JA 96 -12.76 -92.24 88.06
CA GLY JA 96 -11.95 -93.43 87.93
C GLY JA 96 -11.25 -93.58 86.60
N ASP JA 97 -10.81 -92.48 86.01
CA ASP JA 97 -10.13 -92.50 84.71
C ASP JA 97 -8.65 -92.20 84.91
N PRO JA 98 -7.75 -93.15 84.60
CA PRO JA 98 -6.31 -92.87 84.79
C PRO JA 98 -5.72 -91.97 83.73
N GLU JA 99 -6.23 -92.02 82.48
CA GLU JA 99 -5.77 -91.09 81.47
C GLU JA 99 -6.15 -89.66 81.84
N LEU JA 100 -7.30 -89.48 82.50
CA LEU JA 100 -7.66 -88.17 83.01
C LEU JA 100 -6.69 -87.70 84.08
N GLU JA 101 -6.26 -88.62 84.96
CA GLU JA 101 -5.27 -88.26 85.98
C GLU JA 101 -3.94 -87.88 85.34
N ARG JA 102 -3.55 -88.62 84.29
CA ARG JA 102 -2.33 -88.28 83.58
C ARG JA 102 -2.43 -86.91 82.93
N LEU JA 103 -3.56 -86.62 82.29
CA LEU JA 103 -3.74 -85.32 81.65
C LEU JA 103 -3.76 -84.20 82.69
N ALA JA 104 -4.36 -84.46 83.86
CA ALA JA 104 -4.38 -83.44 84.91
C ALA JA 104 -2.99 -83.18 85.46
N LEU JA 105 -2.23 -84.23 85.72
CA LEU JA 105 -0.85 -84.05 86.19
C LEU JA 105 -0.01 -83.35 85.12
N LEU JA 106 -0.28 -83.63 83.85
CA LEU JA 106 0.46 -82.97 82.77
C LEU JA 106 0.09 -81.50 82.68
N ALA JA 107 -1.17 -81.16 82.91
CA ALA JA 107 -1.57 -79.77 82.92
C ALA JA 107 -0.95 -79.04 84.11
N ALA JA 108 -0.85 -79.73 85.26
CA ALA JA 108 -0.22 -79.13 86.42
C ALA JA 108 1.27 -78.91 86.19
N VAL JA 109 1.93 -79.87 85.52
CA VAL JA 109 3.37 -79.74 85.27
C VAL JA 109 3.64 -78.68 84.22
N LEU JA 110 2.89 -78.69 83.12
CA LEU JA 110 3.04 -77.65 82.10
C LEU JA 110 2.55 -76.31 82.60
N GLY JA 111 1.84 -76.30 83.73
CA GLY JA 111 1.32 -75.08 84.28
C GLY JA 111 0.20 -74.47 83.48
N ASP JA 112 -0.38 -75.22 82.54
CA ASP JA 112 -1.44 -74.74 81.68
C ASP JA 112 -2.75 -74.77 82.45
N SER JA 113 -3.13 -73.62 83.03
CA SER JA 113 -4.38 -73.54 83.76
C SER JA 113 -5.58 -73.78 82.84
N GLU JA 114 -5.43 -73.45 81.56
CA GLU JA 114 -6.45 -73.81 80.59
C GLU JA 114 -6.57 -75.33 80.46
N LYS JA 115 -5.43 -76.01 80.31
CA LYS JA 115 -5.45 -77.47 80.26
C LYS JA 115 -5.87 -78.06 81.61
N ALA JA 116 -5.60 -77.36 82.70
CA ALA JA 116 -6.01 -77.85 84.01
C ALA JA 116 -7.53 -77.77 84.18
N LYS JA 117 -8.14 -76.65 83.78
CA LYS JA 117 -9.59 -76.56 83.77
C LYS JA 117 -10.18 -77.56 82.77
N ALA JA 118 -9.46 -77.81 81.67
CA ALA JA 118 -9.88 -78.84 80.73
C ALA JA 118 -9.91 -80.20 81.40
N ILE JA 119 -8.89 -80.52 82.19
CA ILE JA 119 -8.84 -81.80 82.87
C ILE JA 119 -9.94 -81.89 83.93
N LEU JA 120 -10.21 -80.77 84.61
CA LEU JA 120 -11.29 -80.76 85.59
C LEU JA 120 -12.64 -81.02 84.92
N LEU JA 121 -12.93 -80.28 83.85
CA LEU JA 121 -14.19 -80.47 83.13
C LEU JA 121 -14.26 -81.84 82.48
N ALA JA 122 -13.11 -82.40 82.09
CA ALA JA 122 -13.10 -83.72 81.47
C ALA JA 122 -13.32 -84.81 82.50
N ALA JA 123 -12.77 -84.65 83.70
CA ALA JA 123 -13.06 -85.59 84.77
C ALA JA 123 -14.52 -85.51 85.18
N GLU JA 124 -15.07 -84.30 85.24
CA GLU JA 124 -16.51 -84.14 85.48
C GLU JA 124 -17.32 -84.78 84.37
N ALA JA 125 -16.87 -84.63 83.11
CA ALA JA 125 -17.57 -85.21 81.99
C ALA JA 125 -17.53 -86.73 82.04
N ALA JA 126 -16.39 -87.30 82.41
CA ALA JA 126 -16.28 -88.75 82.55
C ALA JA 126 -17.15 -89.26 83.68
N ARG JA 127 -17.21 -88.53 84.79
CA ARG JA 127 -18.08 -88.92 85.89
C ARG JA 127 -19.55 -88.86 85.47
N VAL JA 128 -19.94 -87.78 84.77
CA VAL JA 128 -21.33 -87.63 84.35
C VAL JA 128 -21.69 -88.67 83.29
N ALA JA 129 -20.71 -89.07 82.47
CA ALA JA 129 -20.96 -90.09 81.46
C ALA JA 129 -21.09 -91.46 82.11
N LYS JA 130 -20.23 -91.78 83.08
CA LYS JA 130 -20.35 -93.03 83.80
C LYS JA 130 -21.66 -93.10 84.57
N GLU JA 131 -22.11 -91.96 85.09
CA GLU JA 131 -23.40 -91.93 85.78
C GLU JA 131 -24.56 -92.07 84.80
N VAL JA 132 -24.44 -91.47 83.61
CA VAL JA 132 -25.49 -91.53 82.61
C VAL JA 132 -25.36 -92.79 81.75
N GLY JA 133 -24.12 -93.18 81.44
CA GLY JA 133 -23.90 -94.33 80.60
C GLY JA 133 -23.62 -93.93 79.17
N ASP JA 134 -23.14 -92.71 78.98
CA ASP JA 134 -22.92 -92.15 77.65
C ASP JA 134 -21.48 -92.42 77.23
N PRO JA 135 -21.21 -93.44 76.40
CA PRO JA 135 -19.83 -93.70 75.99
C PRO JA 135 -19.28 -92.64 75.06
N GLU JA 136 -20.10 -92.00 74.24
CA GLU JA 136 -19.63 -90.89 73.42
C GLU JA 136 -19.17 -89.73 74.29
N LEU JA 137 -19.88 -89.48 75.40
CA LEU JA 137 -19.48 -88.41 76.30
C LEU JA 137 -18.15 -88.72 76.97
N ILE JA 138 -17.96 -89.97 77.41
CA ILE JA 138 -16.69 -90.35 78.04
C ILE JA 138 -15.56 -90.29 77.02
N LYS JA 139 -15.84 -90.68 75.77
CA LYS JA 139 -14.82 -90.60 74.73
C LYS JA 139 -14.43 -89.15 74.46
N LEU JA 140 -15.41 -88.26 74.38
CA LEU JA 140 -15.12 -86.85 74.17
C LEU JA 140 -14.36 -86.27 75.36
N ALA JA 141 -14.70 -86.72 76.57
CA ALA JA 141 -13.99 -86.27 77.76
C ALA JA 141 -12.53 -86.70 77.72
N LEU JA 142 -12.27 -87.96 77.37
CA LEU JA 142 -10.89 -88.44 77.27
C LEU JA 142 -10.14 -87.71 76.15
N GLU JA 143 -10.81 -87.45 75.04
CA GLU JA 143 -10.17 -86.72 73.94
C GLU JA 143 -9.83 -85.30 74.35
N ALA JA 144 -10.71 -84.65 75.11
CA ALA JA 144 -10.42 -83.30 75.58
C ALA JA 144 -9.31 -83.30 76.62
N ALA JA 145 -9.27 -84.32 77.48
CA ALA JA 145 -8.19 -84.42 78.47
C ALA JA 145 -6.85 -84.61 77.79
N GLU JA 146 -6.78 -85.48 76.79
CA GLU JA 146 -5.55 -85.66 76.04
C GLU JA 146 -5.21 -84.39 75.25
N ARG JA 147 -6.22 -83.68 74.77
CA ARG JA 147 -5.98 -82.46 74.00
C ARG JA 147 -5.81 -81.25 74.91
N GLY JA 148 -6.49 -81.23 76.05
CA GLY JA 148 -6.41 -80.10 76.95
C GLY JA 148 -7.37 -78.99 76.57
N ASP JA 149 -8.49 -79.35 75.96
CA ASP JA 149 -9.48 -78.39 75.48
C ASP JA 149 -10.57 -78.24 76.53
N SER JA 150 -10.59 -77.10 77.21
CA SER JA 150 -11.61 -76.86 78.23
C SER JA 150 -13.00 -76.75 77.63
N GLU JA 151 -13.09 -76.16 76.43
CA GLU JA 151 -14.39 -76.08 75.76
C GLU JA 151 -14.91 -77.47 75.41
N LYS JA 152 -14.04 -78.34 74.89
CA LYS JA 152 -14.47 -79.68 74.53
C LYS JA 152 -14.82 -80.50 75.77
N ALA JA 153 -14.07 -80.32 76.86
CA ALA JA 153 -14.37 -81.05 78.08
C ALA JA 153 -15.68 -80.58 78.70
N LYS JA 154 -15.91 -79.27 78.71
CA LYS JA 154 -17.18 -78.75 79.19
C LYS JA 154 -18.33 -79.20 78.30
N ALA JA 155 -18.08 -79.31 76.99
CA ALA JA 155 -19.10 -79.82 76.09
C ALA JA 155 -19.41 -81.27 76.36
N ILE JA 156 -18.38 -82.07 76.64
CA ILE JA 156 -18.60 -83.48 76.99
C ILE JA 156 -19.37 -83.59 78.29
N LEU JA 157 -19.07 -82.71 79.26
CA LEU JA 157 -19.80 -82.73 80.52
C LEU JA 157 -21.26 -82.36 80.31
N LEU JA 158 -21.52 -81.28 79.57
CA LEU JA 158 -22.88 -80.85 79.30
C LEU JA 158 -23.63 -81.87 78.47
N ALA JA 159 -22.93 -82.59 77.59
CA ALA JA 159 -23.57 -83.62 76.79
C ALA JA 159 -23.90 -84.84 77.61
N ALA JA 160 -23.02 -85.21 78.55
CA ALA JA 160 -23.33 -86.30 79.47
C ALA JA 160 -24.51 -85.93 80.36
N GLU JA 161 -24.56 -84.68 80.81
CA GLU JA 161 -25.70 -84.22 81.61
C GLU JA 161 -26.99 -84.21 80.78
N ALA JA 162 -26.90 -83.79 79.52
CA ALA JA 162 -28.06 -83.80 78.65
C ALA JA 162 -28.53 -85.22 78.37
N ALA JA 163 -27.59 -86.15 78.20
CA ALA JA 163 -27.95 -87.55 78.01
C ALA JA 163 -28.58 -88.14 79.26
N ARG JA 164 -28.08 -87.73 80.44
CA ARG JA 164 -28.70 -88.17 81.69
C ARG JA 164 -30.12 -87.65 81.81
N VAL JA 165 -30.33 -86.36 81.50
CA VAL JA 165 -31.66 -85.77 81.58
C VAL JA 165 -32.58 -86.41 80.55
N ALA JA 166 -32.03 -86.80 79.39
CA ALA JA 166 -32.84 -87.45 78.36
C ALA JA 166 -33.23 -88.87 78.78
N LYS JA 167 -32.28 -89.63 79.33
CA LYS JA 167 -32.59 -90.97 79.78
C LYS JA 167 -33.57 -90.95 80.94
N GLU JA 168 -33.45 -89.97 81.83
CA GLU JA 168 -34.42 -89.82 82.91
C GLU JA 168 -35.78 -89.36 82.37
N VAL JA 169 -35.78 -88.59 81.29
CA VAL JA 169 -37.01 -88.17 80.65
C VAL JA 169 -37.51 -89.21 79.66
N GLY JA 170 -36.58 -89.85 78.95
CA GLY JA 170 -36.95 -90.81 77.93
C GLY JA 170 -36.95 -90.17 76.56
N ASP JA 171 -36.22 -89.06 76.42
CA ASP JA 171 -36.20 -88.29 75.19
C ASP JA 171 -35.03 -88.73 74.33
N PRO JA 172 -35.22 -89.70 73.42
CA PRO JA 172 -34.11 -90.10 72.55
C PRO JA 172 -33.67 -89.01 71.59
N GLU JA 173 -34.53 -88.07 71.24
CA GLU JA 173 -34.09 -86.92 70.48
C GLU JA 173 -33.12 -86.06 71.28
N LEU JA 174 -33.40 -85.89 72.57
CA LEU JA 174 -32.48 -85.14 73.43
C LEU JA 174 -31.16 -85.89 73.60
N ILE JA 175 -31.21 -87.21 73.74
CA ILE JA 175 -29.99 -87.99 73.86
C ILE JA 175 -29.18 -87.91 72.57
N LYS JA 176 -29.86 -87.94 71.43
CA LYS JA 176 -29.16 -87.81 70.15
C LYS JA 176 -28.55 -86.43 69.98
N LEU JA 177 -29.26 -85.39 70.41
CA LEU JA 177 -28.69 -84.04 70.36
C LEU JA 177 -27.49 -83.91 71.28
N ALA JA 178 -27.54 -84.58 72.45
CA ALA JA 178 -26.41 -84.56 73.36
C ALA JA 178 -25.21 -85.27 72.75
N LEU JA 179 -25.43 -86.42 72.12
CA LEU JA 179 -24.33 -87.13 71.46
C LEU JA 179 -23.77 -86.31 70.30
N GLU JA 180 -24.64 -85.63 69.56
CA GLU JA 180 -24.18 -84.80 68.45
C GLU JA 180 -23.38 -83.61 68.94
N ALA JA 181 -23.78 -83.03 70.08
CA ALA JA 181 -23.02 -81.92 70.66
C ALA JA 181 -21.69 -82.40 71.21
N ALA JA 182 -21.67 -83.61 71.79
CA ALA JA 182 -20.41 -84.18 72.27
C ALA JA 182 -19.45 -84.43 71.11
N ARG JA 183 -19.95 -84.99 70.02
CA ARG JA 183 -19.13 -85.18 68.83
C ARG JA 183 -18.70 -83.84 68.24
N ARG JA 184 -19.55 -82.82 68.31
CA ARG JA 184 -19.21 -81.51 67.80
C ARG JA 184 -18.41 -80.70 68.82
N GLY JA 185 -18.53 -81.03 70.10
CA GLY JA 185 -17.82 -80.28 71.12
C GLY JA 185 -18.50 -78.95 71.41
N ASP JA 186 -19.78 -78.86 71.08
CA ASP JA 186 -20.56 -77.64 71.28
C ASP JA 186 -21.23 -77.71 72.66
N SER JA 187 -20.62 -77.06 73.65
CA SER JA 187 -21.22 -77.02 74.97
C SER JA 187 -22.55 -76.28 74.95
N GLU JA 188 -22.71 -75.32 74.04
CA GLU JA 188 -23.99 -74.63 73.91
C GLU JA 188 -25.08 -75.59 73.43
N LYS JA 189 -24.78 -76.40 72.41
CA LYS JA 189 -25.76 -77.37 71.92
C LYS JA 189 -26.05 -78.42 72.99
N ALA JA 190 -25.04 -78.82 73.75
CA ALA JA 190 -25.25 -79.82 74.79
C ALA JA 190 -26.10 -79.27 75.93
N LYS JA 191 -25.89 -78.01 76.29
CA LYS JA 191 -26.71 -77.38 77.32
C LYS JA 191 -28.13 -77.18 76.81
N ALA JA 192 -28.28 -76.85 75.52
CA ALA JA 192 -29.62 -76.77 74.94
C ALA JA 192 -30.31 -78.12 74.97
N ILE JA 193 -29.55 -79.19 74.72
CA ILE JA 193 -30.12 -80.53 74.78
C ILE JA 193 -30.52 -80.88 76.21
N LEU JA 194 -29.72 -80.44 77.19
CA LEU JA 194 -30.06 -80.69 78.58
C LEU JA 194 -31.33 -79.94 78.98
N LEU JA 195 -31.42 -78.66 78.62
CA LEU JA 195 -32.62 -77.89 78.90
C LEU JA 195 -33.84 -78.45 78.17
N ALA JA 196 -33.65 -78.95 76.95
CA ALA JA 196 -34.75 -79.54 76.21
C ALA JA 196 -35.18 -80.86 76.84
N ALA JA 197 -34.25 -81.67 77.32
CA ALA JA 197 -34.60 -82.90 78.01
C ALA JA 197 -35.34 -82.60 79.31
N GLU JA 198 -34.93 -81.54 80.02
CA GLU JA 198 -35.65 -81.14 81.23
C GLU JA 198 -37.06 -80.66 80.89
N ALA JA 199 -37.20 -79.87 79.83
CA ALA JA 199 -38.51 -79.40 79.42
C ALA JA 199 -39.40 -80.56 78.98
N ALA JA 200 -38.82 -81.55 78.29
CA ALA JA 200 -39.58 -82.72 77.88
C ALA JA 200 -39.97 -83.57 79.08
N ARG JA 201 -39.08 -83.66 80.08
CA ARG JA 201 -39.44 -84.36 81.31
C ARG JA 201 -40.60 -83.68 82.02
N VAL JA 202 -40.57 -82.34 82.08
CA VAL JA 202 -41.67 -81.61 82.70
C VAL JA 202 -42.95 -81.78 81.90
N ALA JA 203 -42.85 -81.82 80.57
CA ALA JA 203 -44.02 -82.00 79.73
C ALA JA 203 -44.62 -83.38 79.92
N LYS JA 204 -43.77 -84.40 80.01
CA LYS JA 204 -44.26 -85.76 80.25
C LYS JA 204 -44.86 -85.90 81.63
N GLU JA 205 -44.25 -85.28 82.65
CA GLU JA 205 -44.80 -85.36 83.99
C GLU JA 205 -46.11 -84.60 84.11
N VAL JA 206 -46.27 -83.52 83.36
CA VAL JA 206 -47.52 -82.77 83.36
C VAL JA 206 -48.49 -83.32 82.34
N GLY JA 207 -48.04 -83.54 81.11
CA GLY JA 207 -48.91 -84.02 80.06
C GLY JA 207 -49.05 -83.00 78.95
N ASP JA 208 -48.04 -82.15 78.78
CA ASP JA 208 -48.07 -81.09 77.77
C ASP JA 208 -47.35 -81.58 76.53
N PRO JA 209 -48.03 -82.29 75.62
CA PRO JA 209 -47.36 -82.79 74.42
C PRO JA 209 -46.82 -81.70 73.52
N GLU JA 210 -47.46 -80.52 73.49
CA GLU JA 210 -46.90 -79.41 72.75
C GLU JA 210 -45.59 -78.94 73.38
N LEU JA 211 -45.50 -79.00 74.70
CA LEU JA 211 -44.25 -78.63 75.37
C LEU JA 211 -43.15 -79.63 75.06
N ILE JA 212 -43.47 -80.93 75.10
CA ILE JA 212 -42.47 -81.93 74.75
C ILE JA 212 -42.06 -81.80 73.29
N LYS JA 213 -43.02 -81.42 72.43
CA LYS JA 213 -42.71 -81.21 71.02
C LYS JA 213 -41.78 -80.02 70.83
N LEU JA 214 -42.05 -78.92 71.51
CA LEU JA 214 -41.14 -77.77 71.44
C LEU JA 214 -39.78 -78.10 72.02
N ALA JA 215 -39.74 -78.93 73.06
CA ALA JA 215 -38.46 -79.36 73.62
C ALA JA 215 -37.67 -80.20 72.63
N LEU JA 216 -38.33 -81.14 71.95
CA LEU JA 216 -37.66 -81.92 70.92
C LEU JA 216 -37.20 -81.05 69.76
N GLU JA 217 -38.01 -80.05 69.39
CA GLU JA 217 -37.63 -79.15 68.31
C GLU JA 217 -36.41 -78.31 68.70
N ALA JA 218 -36.37 -77.86 69.95
CA ALA JA 218 -35.21 -77.10 70.41
C ALA JA 218 -33.98 -77.99 70.50
N ALA JA 219 -34.15 -79.25 70.91
CA ALA JA 219 -33.03 -80.18 70.96
C ALA JA 219 -32.48 -80.44 69.56
N ARG JA 220 -33.36 -80.60 68.58
CA ARG JA 220 -32.93 -80.72 67.20
C ARG JA 220 -32.28 -79.44 66.71
N ARG JA 221 -32.74 -78.29 67.20
CA ARG JA 221 -32.17 -77.01 66.78
C ARG JA 221 -30.94 -76.64 67.63
N GLY JA 222 -31.02 -76.82 68.94
CA GLY JA 222 -29.92 -76.47 69.81
C GLY JA 222 -30.03 -75.07 70.38
N ASP JA 223 -31.25 -74.61 70.62
CA ASP JA 223 -31.50 -73.27 71.14
C ASP JA 223 -31.70 -73.36 72.65
N SER JA 224 -30.66 -73.02 73.41
CA SER JA 224 -30.74 -73.07 74.86
C SER JA 224 -31.73 -72.03 75.38
N ARG JA 225 -31.86 -70.90 74.69
CA ARG JA 225 -32.83 -69.90 75.11
C ARG JA 225 -34.26 -70.40 74.93
N LYS JA 226 -34.57 -70.94 73.75
CA LYS JA 226 -35.91 -71.47 73.51
C LYS JA 226 -36.18 -72.67 74.41
N ALA JA 227 -35.16 -73.51 74.64
CA ALA JA 227 -35.35 -74.66 75.50
C ALA JA 227 -35.60 -74.24 76.94
N GLU JA 228 -34.88 -73.22 77.42
CA GLU JA 228 -35.10 -72.72 78.76
C GLU JA 228 -36.47 -72.07 78.89
N ALA JA 229 -36.91 -71.37 77.84
CA ALA JA 229 -38.25 -70.80 77.84
C ALA JA 229 -39.31 -71.88 77.87
N ILE JA 230 -39.08 -72.98 77.14
CA ILE JA 230 -40.03 -74.08 77.15
C ILE JA 230 -40.04 -74.76 78.52
N LEU JA 231 -38.88 -74.86 79.17
CA LEU JA 231 -38.83 -75.43 80.51
C LEU JA 231 -39.55 -74.53 81.52
N LEU JA 232 -39.37 -73.21 81.40
CA LEU JA 232 -40.07 -72.28 82.26
C LEU JA 232 -41.58 -72.37 82.06
N ALA JA 233 -42.01 -72.45 80.79
CA ALA JA 233 -43.43 -72.58 80.51
C ALA JA 233 -43.97 -73.92 81.00
N ALA JA 234 -43.15 -74.97 80.93
CA ALA JA 234 -43.57 -76.27 81.44
C ALA JA 234 -43.73 -76.25 82.95
N GLU JA 235 -42.79 -75.63 83.65
CA GLU JA 235 -42.93 -75.48 85.10
C GLU JA 235 -44.15 -74.63 85.44
N ALA JA 236 -44.40 -73.58 84.65
CA ALA JA 236 -45.57 -72.74 84.88
C ALA JA 236 -46.86 -73.53 84.66
N ALA JA 237 -46.90 -74.35 83.61
CA ALA JA 237 -48.08 -75.17 83.36
C ALA JA 237 -48.24 -76.25 84.40
N ARG JA 238 -47.13 -76.75 84.95
CA ARG JA 238 -47.20 -77.71 86.04
C ARG JA 238 -47.77 -77.07 87.30
N ILE JA 239 -47.32 -75.86 87.61
CA ILE JA 239 -47.90 -75.12 88.73
C ILE JA 239 -49.38 -74.82 88.46
N ALA JA 240 -49.73 -74.58 87.20
CA ALA JA 240 -51.12 -74.31 86.85
C ALA JA 240 -51.99 -75.54 87.06
N LYS JA 241 -51.51 -76.71 86.61
CA LYS JA 241 -52.24 -77.94 86.84
C LYS JA 241 -52.34 -78.25 88.33
N GLU JA 242 -51.29 -77.96 89.09
CA GLU JA 242 -51.35 -78.11 90.54
C GLU JA 242 -52.37 -77.16 91.15
N ALA JA 243 -52.57 -76.00 90.53
CA ALA JA 243 -53.58 -75.04 90.98
C ALA JA 243 -54.91 -75.24 90.27
N GLY JA 244 -54.90 -75.46 88.95
CA GLY JA 244 -56.14 -75.62 88.20
C GLY JA 244 -56.40 -74.50 87.23
N ASP JA 245 -55.34 -73.91 86.68
CA ASP JA 245 -55.47 -72.82 85.73
C ASP JA 245 -55.12 -73.32 84.34
N PRO JA 246 -56.06 -73.91 83.60
CA PRO JA 246 -55.74 -74.42 82.26
C PRO JA 246 -55.45 -73.30 81.29
N GLU JA 247 -56.04 -72.13 81.54
CA GLU JA 247 -55.70 -70.95 80.76
C GLU JA 247 -54.24 -70.58 80.93
N ALA JA 248 -53.72 -70.74 82.16
CA ALA JA 248 -52.30 -70.49 82.38
C ALA JA 248 -51.44 -71.51 81.64
N ARG JA 249 -51.86 -72.78 81.63
CA ARG JA 249 -51.11 -73.79 80.88
C ARG JA 249 -51.13 -73.49 79.38
N LYS JA 250 -52.26 -73.00 78.88
CA LYS JA 250 -52.35 -72.65 77.47
C LYS JA 250 -51.49 -71.44 77.14
N LYS JA 251 -51.48 -70.44 78.01
CA LYS JA 251 -50.61 -69.29 77.81
C LYS JA 251 -49.15 -69.71 77.86
N ALA JA 252 -48.82 -70.66 78.75
CA ALA JA 252 -47.46 -71.18 78.79
C ALA JA 252 -47.10 -71.90 77.50
N LEU JA 253 -48.05 -72.68 76.96
CA LEU JA 253 -47.82 -73.32 75.67
C LEU JA 253 -47.59 -72.29 74.58
N GLU JA 254 -48.38 -71.21 74.58
CA GLU JA 254 -48.22 -70.16 73.58
C GLU JA 254 -46.87 -69.47 73.72
N ALA JA 255 -46.44 -69.21 74.95
CA ALA JA 255 -45.15 -68.56 75.17
C ALA JA 255 -43.99 -69.47 74.80
N ALA JA 256 -44.09 -70.76 75.12
CA ALA JA 256 -43.05 -71.71 74.73
C ALA JA 256 -42.97 -71.86 73.22
N ARG JA 257 -44.13 -71.83 72.55
CA ARG JA 257 -44.13 -71.79 71.09
C ARG JA 257 -43.50 -70.49 70.59
N ARG JA 258 -43.67 -69.41 71.36
CA ARG JA 258 -43.01 -68.15 71.01
C ARG JA 258 -41.53 -68.17 71.34
N GLY JA 259 -41.13 -68.95 72.34
CA GLY JA 259 -39.72 -69.11 72.69
C GLY JA 259 -39.19 -68.14 73.72
N ASP JA 260 -40.03 -67.24 74.24
CA ASP JA 260 -39.60 -66.32 75.28
C ASP JA 260 -39.91 -66.89 76.67
N ARG JA 261 -39.05 -66.55 77.62
CA ARG JA 261 -39.22 -67.00 79.00
C ARG JA 261 -39.75 -65.92 79.93
N GLU JA 262 -39.79 -64.65 79.49
CA GLU JA 262 -40.33 -63.60 80.34
C GLU JA 262 -41.82 -63.79 80.59
N LEU JA 263 -42.59 -64.06 79.54
CA LEU JA 263 -44.01 -64.31 79.71
C LEU JA 263 -44.24 -65.59 80.49
N ALA JA 264 -43.41 -66.61 80.27
CA ALA JA 264 -43.54 -67.85 81.03
C ALA JA 264 -43.31 -67.61 82.51
N THR JA 265 -42.30 -66.79 82.84
CA THR JA 265 -42.03 -66.46 84.23
C THR JA 265 -43.16 -65.64 84.83
N ARG JA 266 -43.71 -64.70 84.06
CA ARG JA 266 -44.82 -63.90 84.56
C ARG JA 266 -46.05 -64.77 84.83
N ILE JA 267 -46.31 -65.72 83.95
CA ILE JA 267 -47.45 -66.63 84.15
C ILE JA 267 -47.20 -67.53 85.35
N LEU JA 268 -45.96 -68.02 85.50
CA LEU JA 268 -45.63 -68.81 86.67
C LEU JA 268 -45.79 -68.00 87.94
N ILE JA 269 -45.48 -66.71 87.87
CA ILE JA 269 -45.61 -65.84 89.04
C ILE JA 269 -47.08 -65.64 89.37
N GLU JA 270 -47.92 -65.45 88.35
CA GLU JA 270 -49.35 -65.30 88.61
C GLU JA 270 -49.94 -66.58 89.20
N ALA JA 271 -49.54 -67.73 88.66
CA ALA JA 271 -50.01 -69.00 89.20
C ALA JA 271 -49.52 -69.21 90.62
N LEU JA 272 -48.28 -68.82 90.91
CA LEU JA 272 -47.76 -68.93 92.26
C LEU JA 272 -48.47 -67.99 93.20
N LEU JA 273 -48.89 -66.81 92.70
CA LEU JA 273 -49.65 -65.89 93.53
C LEU JA 273 -51.02 -66.46 93.86
N ARG JA 274 -51.69 -67.05 92.88
CA ARG JA 274 -52.97 -67.70 93.15
C ARG JA 274 -52.81 -68.85 94.13
N LEU JA 275 -51.80 -69.70 93.91
CA LEU JA 275 -51.56 -70.81 94.81
C LEU JA 275 -51.17 -70.31 96.20
N LEU JA 276 -50.52 -69.15 96.27
CA LEU JA 276 -50.13 -68.60 97.56
C LEU JA 276 -51.34 -68.05 98.30
N LYS JA 277 -52.27 -67.42 97.59
CA LYS JA 277 -53.51 -67.02 98.23
C LYS JA 277 -54.28 -68.24 98.74
N LYS JA 278 -54.31 -69.31 97.93
CA LYS JA 278 -54.97 -70.53 98.37
C LYS JA 278 -54.29 -71.12 99.60
N SER JA 279 -52.96 -71.17 99.59
CA SER JA 279 -52.23 -71.70 100.73
C SER JA 279 -52.38 -70.81 101.95
N THR JA 280 -52.55 -69.51 101.75
CA THR JA 280 -52.78 -68.61 102.87
C THR JA 280 -54.15 -68.85 103.49
N ALA JA 281 -55.16 -69.06 102.65
CA ALA JA 281 -56.48 -69.44 103.17
C ALA JA 281 -56.40 -70.76 103.92
N GLU JA 282 -55.69 -71.73 103.35
CA GLU JA 282 -55.56 -73.03 104.00
C GLU JA 282 -54.80 -72.92 105.33
N LEU JA 283 -53.79 -72.05 105.38
CA LEU JA 283 -53.02 -71.89 106.60
C LEU JA 283 -53.83 -71.16 107.67
N LYS JA 284 -54.64 -70.18 107.26
CA LYS JA 284 -55.54 -69.54 108.21
C LYS JA 284 -56.54 -70.54 108.76
N ARG JA 285 -57.08 -71.40 107.91
CA ARG JA 285 -57.99 -72.44 108.37
C ARG JA 285 -57.30 -73.41 109.32
N ALA JA 286 -56.05 -73.77 109.00
CA ALA JA 286 -55.31 -74.69 109.86
C ALA JA 286 -54.99 -74.05 111.21
N THR JA 287 -54.67 -72.76 111.21
CA THR JA 287 -54.42 -72.05 112.46
C THR JA 287 -55.68 -71.95 113.30
N ALA JA 288 -56.82 -71.70 112.65
CA ALA JA 288 -58.09 -71.70 113.37
C ALA JA 288 -58.39 -73.07 113.96
N SER JA 289 -58.13 -74.13 113.20
CA SER JA 289 -58.36 -75.49 113.69
C SER JA 289 -57.43 -75.82 114.85
N LEU JA 290 -56.18 -75.38 114.77
CA LEU JA 290 -55.23 -75.62 115.86
C LEU JA 290 -55.63 -74.86 117.11
N ARG JA 291 -56.09 -73.61 116.95
CA ARG JA 291 -56.58 -72.84 118.10
C ARG JA 291 -57.82 -73.48 118.69
N ALA JA 292 -58.69 -74.05 117.85
CA ALA JA 292 -59.88 -74.73 118.34
C ALA JA 292 -59.51 -75.98 119.11
N ILE JA 293 -58.57 -76.76 118.60
CA ILE JA 293 -58.12 -77.96 119.31
C ILE JA 293 -57.44 -77.58 120.62
N THR JA 294 -56.73 -76.45 120.62
CA THR JA 294 -56.11 -75.97 121.85
C THR JA 294 -57.16 -75.56 122.88
N GLU JA 295 -58.21 -74.87 122.43
CA GLU JA 295 -59.29 -74.51 123.34
C GLU JA 295 -60.02 -75.74 123.85
N GLU JA 296 -60.15 -76.77 123.01
CA GLU JA 296 -60.78 -78.01 123.43
C GLU JA 296 -59.94 -78.73 124.48
N LEU JA 297 -58.62 -78.81 124.26
CA LEU JA 297 -57.73 -79.40 125.25
C LEU JA 297 -57.70 -78.55 126.52
N LYS JA 298 -57.93 -77.25 126.40
CA LYS JA 298 -57.97 -76.39 127.57
C LYS JA 298 -59.24 -76.61 128.39
N LYS JA 299 -60.39 -76.75 127.72
CA LYS JA 299 -61.65 -76.91 128.44
C LYS JA 299 -61.72 -78.24 129.15
N ASN JA 300 -61.14 -79.29 128.57
CA ASN JA 300 -61.15 -80.61 129.20
C ASN JA 300 -59.90 -81.37 128.76
N PRO JA 301 -58.78 -81.22 129.47
CA PRO JA 301 -57.56 -81.90 129.05
C PRO JA 301 -57.55 -83.36 129.46
N SER JA 302 -57.07 -84.19 128.54
CA SER JA 302 -57.03 -85.63 128.73
C SER JA 302 -56.09 -86.22 127.68
N GLU JA 303 -56.09 -87.56 127.59
CA GLU JA 303 -55.30 -88.22 126.57
C GLU JA 303 -55.75 -87.82 125.17
N ASP JA 304 -57.06 -87.92 124.91
CA ASP JA 304 -57.59 -87.55 123.60
C ASP JA 304 -57.45 -86.06 123.35
N ALA JA 305 -57.61 -85.24 124.39
CA ALA JA 305 -57.52 -83.79 124.22
C ALA JA 305 -56.10 -83.37 123.86
N LEU JA 306 -55.11 -83.82 124.63
CA LEU JA 306 -53.72 -83.50 124.30
C LEU JA 306 -53.32 -84.12 122.97
N VAL JA 307 -53.84 -85.30 122.66
CA VAL JA 307 -53.57 -85.94 121.38
C VAL JA 307 -54.06 -85.07 120.23
N GLU JA 308 -55.30 -84.61 120.32
CA GLU JA 308 -55.87 -83.78 119.25
C GLU JA 308 -55.17 -82.43 119.16
N HIS JA 309 -54.81 -81.85 120.31
CA HIS JA 309 -54.12 -80.55 120.28
C HIS JA 309 -52.75 -80.68 119.63
N ASN JA 310 -51.99 -81.73 119.98
CA ASN JA 310 -50.68 -81.93 119.38
C ASN JA 310 -50.80 -82.29 117.91
N ARG JA 311 -51.83 -83.07 117.55
CA ARG JA 311 -52.03 -83.40 116.14
C ARG JA 311 -52.39 -82.17 115.33
N ALA JA 312 -53.19 -81.27 115.89
CA ALA JA 312 -53.53 -80.04 115.20
C ALA JA 312 -52.31 -79.13 115.08
N ILE JA 313 -51.46 -79.10 116.12
CA ILE JA 313 -50.24 -78.32 116.05
C ILE JA 313 -49.32 -78.86 114.96
N VAL JA 314 -49.19 -80.19 114.87
CA VAL JA 314 -48.36 -80.78 113.84
C VAL JA 314 -48.95 -80.55 112.45
N GLU JA 315 -50.28 -80.59 112.35
CA GLU JA 315 -50.93 -80.34 111.07
C GLU JA 315 -50.72 -78.89 110.63
N HIS JA 316 -50.80 -77.95 111.58
CA HIS JA 316 -50.50 -76.56 111.26
C HIS JA 316 -49.05 -76.38 110.85
N ASN JA 317 -48.13 -77.07 111.53
CA ASN JA 317 -46.73 -77.00 111.16
C ASN JA 317 -46.50 -77.57 109.76
N ALA JA 318 -47.17 -78.67 109.43
CA ALA JA 318 -47.02 -79.26 108.12
C ALA JA 318 -47.63 -78.37 107.03
N ILE JA 319 -48.77 -77.73 107.33
CA ILE JA 319 -49.37 -76.82 106.36
C ILE JA 319 -48.48 -75.61 106.16
N ILE JA 320 -47.85 -75.13 107.24
CA ILE JA 320 -46.91 -74.02 107.12
C ILE JA 320 -45.69 -74.44 106.32
N VAL JA 321 -45.24 -75.68 106.51
CA VAL JA 321 -44.11 -76.17 105.73
C VAL JA 321 -44.47 -76.28 104.26
N GLU JA 322 -45.70 -76.70 103.97
CA GLU JA 322 -46.13 -76.78 102.57
C GLU JA 322 -46.24 -75.40 101.95
N ASN JA 323 -46.80 -74.43 102.68
CA ASN JA 323 -46.90 -73.08 102.18
C ASN JA 323 -45.51 -72.47 101.98
N ASN JA 324 -44.59 -72.78 102.88
CA ASN JA 324 -43.22 -72.30 102.73
C ASN JA 324 -42.54 -72.96 101.55
N ARG JA 325 -42.85 -74.23 101.28
CA ARG JA 325 -42.30 -74.89 100.11
C ARG JA 325 -42.84 -74.28 98.83
N ILE JA 326 -44.13 -73.92 98.82
CA ILE JA 326 -44.70 -73.24 97.66
C ILE JA 326 -44.04 -71.88 97.48
N ILE JA 327 -43.83 -71.15 98.57
CA ILE JA 327 -43.18 -69.85 98.48
C ILE JA 327 -41.75 -70.01 98.01
N ALA JA 328 -41.07 -71.07 98.44
CA ALA JA 328 -39.70 -71.32 98.02
C ALA JA 328 -39.64 -71.66 96.53
N MET JA 329 -40.61 -72.43 96.05
CA MET JA 329 -40.67 -72.72 94.62
C MET JA 329 -40.92 -71.45 93.83
N VAL JA 330 -41.81 -70.59 94.32
CA VAL JA 330 -42.08 -69.33 93.62
C VAL JA 330 -40.84 -68.46 93.63
N LEU JA 331 -40.12 -68.42 94.75
CA LEU JA 331 -38.91 -67.61 94.82
C LEU JA 331 -37.81 -68.17 93.92
N GLU JA 332 -37.71 -69.50 93.83
CA GLU JA 332 -36.73 -70.10 92.93
C GLU JA 332 -37.09 -69.79 91.48
N ALA JA 333 -38.39 -69.75 91.17
CA ALA JA 333 -38.80 -69.36 89.83
C ALA JA 333 -38.43 -67.91 89.55
N ILE JA 334 -38.66 -67.02 90.52
CA ILE JA 334 -38.28 -65.63 90.35
C ILE JA 334 -36.77 -65.50 90.18
N VAL JA 335 -36.01 -66.33 90.89
CA VAL JA 335 -34.55 -66.26 90.80
C VAL JA 335 -34.09 -66.74 89.43
N ARG JA 336 -34.63 -67.87 88.97
CA ARG JA 336 -34.29 -68.35 87.63
C ARG JA 336 -34.73 -67.37 86.56
N ALA JA 337 -35.77 -66.58 86.84
CA ALA JA 337 -36.18 -65.54 85.92
C ALA JA 337 -35.35 -64.27 86.06
N ILE JA 338 -35.04 -63.85 87.28
CA ILE JA 338 -34.25 -62.65 87.48
C ILE JA 338 -32.77 -63.00 87.34
N SER KA 2 66.75 41.26 -79.02
CA SER KA 2 66.64 42.54 -79.70
C SER KA 2 67.24 43.66 -78.86
N THR KA 3 67.77 43.29 -77.69
CA THR KA 3 68.36 44.30 -76.80
C THR KA 3 69.71 44.79 -77.34
N LYS KA 4 70.59 43.86 -77.74
CA LYS KA 4 71.90 44.26 -78.24
C LYS KA 4 71.79 44.97 -79.57
N GLU KA 5 70.85 44.54 -80.44
CA GLU KA 5 70.68 45.21 -81.72
C GLU KA 5 70.14 46.62 -81.55
N LYS KA 6 69.12 46.79 -80.70
CA LYS KA 6 68.60 48.13 -80.42
C LYS KA 6 69.67 48.99 -79.76
N ALA KA 7 70.51 48.39 -78.93
CA ALA KA 7 71.61 49.14 -78.32
C ALA KA 7 72.60 49.63 -79.36
N ARG KA 8 73.03 48.73 -80.25
CA ARG KA 8 73.98 49.14 -81.29
C ARG KA 8 73.38 50.21 -82.19
N GLN KA 9 72.08 50.09 -82.52
CA GLN KA 9 71.45 51.07 -83.39
C GLN KA 9 71.32 52.44 -82.72
N LEU KA 10 70.76 52.47 -81.50
CA LEU KA 10 70.61 53.73 -80.79
C LEU KA 10 71.96 54.36 -80.46
N ALA KA 11 73.00 53.53 -80.29
CA ALA KA 11 74.31 54.06 -79.99
C ALA KA 11 75.00 54.60 -81.25
N GLU KA 12 74.77 53.95 -82.39
CA GLU KA 12 75.24 54.52 -83.66
C GLU KA 12 74.57 55.85 -83.93
N GLU KA 13 73.26 55.93 -83.70
CA GLU KA 13 72.57 57.21 -83.82
C GLU KA 13 73.09 58.23 -82.82
N ALA KA 14 73.45 57.76 -81.62
CA ALA KA 14 74.05 58.63 -80.62
C ALA KA 14 75.36 59.21 -81.11
N LYS KA 15 76.23 58.36 -81.66
CA LYS KA 15 77.51 58.83 -82.17
C LYS KA 15 77.32 59.78 -83.34
N GLU KA 16 76.35 59.50 -84.20
CA GLU KA 16 76.09 60.38 -85.34
C GLU KA 16 75.61 61.75 -84.88
N THR KA 17 74.62 61.78 -83.98
CA THR KA 17 74.12 63.06 -83.48
C THR KA 17 75.16 63.76 -82.63
N ALA KA 18 76.12 63.02 -82.08
CA ALA KA 18 77.21 63.64 -81.34
C ALA KA 18 78.20 64.32 -82.28
N GLU KA 19 78.59 63.62 -83.34
CA GLU KA 19 79.46 64.22 -84.35
C GLU KA 19 78.77 65.41 -85.02
N LYS KA 20 77.46 65.34 -85.19
CA LYS KA 20 76.72 66.50 -85.72
C LYS KA 20 76.63 67.62 -84.69
N VAL KA 21 76.56 67.26 -83.41
CA VAL KA 21 76.57 68.25 -82.34
C VAL KA 21 77.96 68.85 -82.16
N GLY KA 22 78.98 68.13 -82.61
CA GLY KA 22 80.35 68.56 -82.46
C GLY KA 22 81.06 67.80 -81.37
N ASP KA 23 80.55 66.61 -81.04
CA ASP KA 23 81.08 65.82 -79.94
C ASP KA 23 81.66 64.52 -80.49
N PRO KA 24 82.97 64.39 -80.63
CA PRO KA 24 83.55 63.09 -80.98
C PRO KA 24 83.72 62.23 -79.75
N GLU KA 25 83.80 62.89 -78.58
CA GLU KA 25 83.85 62.17 -77.31
C GLU KA 25 82.53 61.45 -77.04
N LEU KA 26 81.41 62.14 -77.24
CA LEU KA 26 80.12 61.48 -77.11
C LEU KA 26 79.94 60.44 -78.20
N ILE KA 27 80.55 60.65 -79.37
CA ILE KA 27 80.51 59.64 -80.43
C ILE KA 27 81.24 58.38 -80.00
N LYS KA 28 82.39 58.53 -79.34
CA LYS KA 28 83.13 57.36 -78.88
C LYS KA 28 82.41 56.68 -77.72
N LEU KA 29 81.83 57.47 -76.81
CA LEU KA 29 81.03 56.88 -75.74
C LEU KA 29 79.83 56.13 -76.30
N ALA KA 30 79.27 56.62 -77.40
CA ALA KA 30 78.17 55.92 -78.06
C ALA KA 30 78.65 54.63 -78.70
N GLU KA 31 79.81 54.66 -79.36
CA GLU KA 31 80.39 53.44 -79.90
C GLU KA 31 80.62 52.42 -78.79
N GLN KA 32 81.02 52.90 -77.60
CA GLN KA 32 81.20 52.01 -76.47
C GLN KA 32 79.86 51.46 -75.98
N ALA KA 33 78.83 52.29 -75.97
CA ALA KA 33 77.49 51.80 -75.60
C ALA KA 33 77.00 50.74 -76.58
N SER KA 34 77.36 50.89 -77.85
CA SER KA 34 77.01 49.87 -78.85
C SER KA 34 77.80 48.59 -78.61
N GLN KA 35 79.11 48.71 -78.38
CA GLN KA 35 79.94 47.54 -78.16
C GLN KA 35 79.53 46.79 -76.90
N GLU KA 36 79.08 47.52 -75.87
CA GLU KA 36 78.63 46.88 -74.64
C GLU KA 36 77.25 46.28 -74.79
N GLY KA 37 76.43 46.86 -75.65
CA GLY KA 37 75.06 46.41 -75.85
C GLY KA 37 74.06 46.96 -74.87
N ASP KA 38 74.24 48.19 -74.40
CA ASP KA 38 73.32 48.82 -73.46
C ASP KA 38 72.41 49.77 -74.22
N SER KA 39 71.16 49.35 -74.45
CA SER KA 39 70.21 50.22 -75.12
C SER KA 39 69.89 51.45 -74.28
N GLU KA 40 69.92 51.30 -72.96
CA GLU KA 40 69.74 52.45 -72.09
C GLU KA 40 70.87 53.45 -72.27
N LYS KA 41 72.13 52.98 -72.22
CA LYS KA 41 73.25 53.88 -72.43
C LYS KA 41 73.29 54.40 -73.87
N ALA KA 42 72.83 53.60 -74.82
CA ALA KA 42 72.77 54.05 -76.20
C ALA KA 42 71.80 55.20 -76.38
N LYS KA 43 70.56 55.02 -75.89
CA LYS KA 43 69.58 56.10 -75.97
C LYS KA 43 70.01 57.29 -75.12
N ALA KA 44 70.75 57.03 -74.05
CA ALA KA 44 71.28 58.13 -73.24
C ALA KA 44 72.27 58.97 -74.04
N ILE KA 45 73.22 58.31 -74.71
CA ILE KA 45 74.18 59.04 -75.52
C ILE KA 45 73.46 59.71 -76.69
N LEU KA 46 72.36 59.13 -77.16
CA LEU KA 46 71.60 59.75 -78.25
C LEU KA 46 70.91 61.02 -77.80
N LEU KA 47 70.21 60.95 -76.66
CA LEU KA 47 69.56 62.15 -76.12
C LEU KA 47 70.59 63.20 -75.73
N ALA KA 48 71.76 62.78 -75.25
CA ALA KA 48 72.80 63.74 -74.91
C ALA KA 48 73.40 64.37 -76.16
N ALA KA 49 73.52 63.61 -77.24
CA ALA KA 49 74.00 64.16 -78.50
C ALA KA 49 73.00 65.16 -79.07
N GLU KA 50 71.72 64.83 -79.00
CA GLU KA 50 70.69 65.78 -79.40
C GLU KA 50 70.70 67.02 -78.51
N ALA KA 51 70.97 66.82 -77.21
CA ALA KA 51 71.10 67.94 -76.29
C ALA KA 51 72.26 68.84 -76.69
N ALA KA 52 73.40 68.25 -77.04
CA ALA KA 52 74.55 69.03 -77.45
C ALA KA 52 74.29 69.74 -78.77
N ARG KA 53 73.53 69.11 -79.67
CA ARG KA 53 73.16 69.77 -80.90
C ARG KA 53 72.27 70.98 -80.64
N VAL KA 54 71.24 70.80 -79.81
CA VAL KA 54 70.33 71.90 -79.49
C VAL KA 54 71.06 72.98 -78.70
N ALA KA 55 72.11 72.59 -77.98
CA ALA KA 55 72.90 73.58 -77.24
C ALA KA 55 73.80 74.37 -78.18
N LYS KA 56 74.50 73.69 -79.09
CA LYS KA 56 75.26 74.38 -80.12
C LYS KA 56 74.36 75.31 -80.93
N GLU KA 57 73.10 74.92 -81.09
CA GLU KA 57 72.12 75.83 -81.68
C GLU KA 57 71.78 76.97 -80.73
N VAL KA 58 71.79 76.72 -79.42
CA VAL KA 58 71.48 77.76 -78.44
C VAL KA 58 72.74 78.51 -78.03
N GLY KA 59 73.78 77.79 -77.61
CA GLY KA 59 75.04 78.41 -77.29
C GLY KA 59 75.44 78.41 -75.82
N ALA KA 60 75.13 77.32 -75.11
CA ALA KA 60 75.47 77.20 -73.70
C ALA KA 60 76.46 76.06 -73.50
N PRO KA 61 77.72 76.34 -73.18
CA PRO KA 61 78.68 75.23 -72.95
C PRO KA 61 78.43 74.47 -71.66
N ASP KA 62 77.64 75.03 -70.75
CA ASP KA 62 77.30 74.30 -69.52
C ASP KA 62 76.51 73.04 -69.83
N LEU KA 63 75.37 73.18 -70.51
CA LEU KA 63 74.60 72.01 -70.91
C LEU KA 63 75.37 71.17 -71.91
N ILE KA 64 76.28 71.78 -72.67
CA ILE KA 64 77.09 71.02 -73.61
C ILE KA 64 77.98 70.02 -72.88
N ARG KA 65 78.76 70.51 -71.91
CA ARG KA 65 79.60 69.61 -71.11
C ARG KA 65 78.73 68.68 -70.28
N LEU KA 66 77.54 69.13 -69.88
CA LEU KA 66 76.63 68.25 -69.13
C LEU KA 66 76.22 67.06 -69.97
N ALA KA 67 75.82 67.29 -71.21
CA ALA KA 67 75.47 66.20 -72.10
C ALA KA 67 76.69 65.35 -72.45
N ARG KA 68 77.86 65.99 -72.56
CA ARG KA 68 79.09 65.23 -72.80
C ARG KA 68 79.34 64.23 -71.69
N ILE KA 69 79.21 64.69 -70.44
CA ILE KA 69 79.43 63.80 -69.30
C ILE KA 69 78.32 62.76 -69.21
N ALA KA 70 77.09 63.15 -69.53
CA ALA KA 70 75.97 62.21 -69.49
C ALA KA 70 76.16 61.10 -70.51
N ALA KA 71 76.72 61.43 -71.68
CA ALA KA 71 76.99 60.41 -72.69
C ALA KA 71 78.19 59.56 -72.27
N ARG KA 72 79.23 60.18 -71.72
CA ARG KA 72 80.37 59.42 -71.23
C ARG KA 72 79.97 58.45 -70.13
N VAL KA 73 78.96 58.80 -69.34
CA VAL KA 73 78.49 57.91 -68.27
C VAL KA 73 77.35 57.04 -68.77
N GLY KA 74 76.46 57.60 -69.60
CA GLY KA 74 75.31 56.87 -70.06
C GLY KA 74 74.07 57.17 -69.23
N ALA KA 75 73.88 58.42 -68.87
CA ALA KA 75 72.76 58.86 -68.03
C ALA KA 75 71.61 59.29 -68.91
N SER KA 76 70.54 58.48 -68.95
CA SER KA 76 69.41 58.78 -69.81
C SER KA 76 68.58 59.93 -69.25
N GLU KA 77 68.36 59.95 -67.93
CA GLU KA 77 67.61 61.05 -67.33
C GLU KA 77 68.36 62.37 -67.49
N ALA KA 78 69.67 62.36 -67.25
CA ALA KA 78 70.47 63.57 -67.40
C ALA KA 78 70.52 64.01 -68.87
N ALA KA 79 70.56 63.05 -69.79
CA ALA KA 79 70.59 63.40 -71.20
C ALA KA 79 69.27 64.01 -71.65
N LYS KA 80 68.15 63.43 -71.23
CA LYS KA 80 66.85 64.01 -71.55
C LYS KA 80 66.68 65.36 -70.90
N ALA KA 81 67.20 65.52 -69.68
CA ALA KA 81 67.17 66.82 -69.02
C ALA KA 81 68.00 67.84 -69.79
N ILE KA 82 69.17 67.44 -70.29
CA ILE KA 82 70.01 68.34 -71.05
C ILE KA 82 69.34 68.70 -72.37
N LEU KA 83 68.61 67.76 -72.97
CA LEU KA 83 67.93 68.04 -74.23
C LEU KA 83 66.78 69.01 -74.03
N LEU KA 84 65.91 68.73 -73.04
CA LEU KA 84 64.83 69.66 -72.75
C LEU KA 84 65.35 71.00 -72.26
N ALA KA 85 66.52 71.01 -71.61
CA ALA KA 85 67.10 72.25 -71.14
C ALA KA 85 67.72 73.03 -72.28
N ALA KA 86 68.26 72.36 -73.29
CA ALA KA 86 68.73 73.06 -74.47
C ALA KA 86 67.57 73.62 -75.27
N GLU KA 87 66.45 72.89 -75.31
CA GLU KA 87 65.22 73.45 -75.87
C GLU KA 87 64.77 74.66 -75.07
N ALA KA 88 64.84 74.57 -73.74
CA ALA KA 88 64.51 75.71 -72.89
C ALA KA 88 65.44 76.88 -73.16
N ALA KA 89 66.71 76.59 -73.42
CA ALA KA 89 67.69 77.65 -73.66
C ALA KA 89 67.44 78.33 -74.99
N ARG KA 90 67.06 77.55 -76.01
CA ARG KA 90 66.66 78.15 -77.28
C ARG KA 90 65.40 79.00 -77.09
N VAL KA 91 64.42 78.49 -76.35
CA VAL KA 91 63.18 79.23 -76.13
C VAL KA 91 63.45 80.49 -75.31
N ALA KA 92 64.45 80.44 -74.43
CA ALA KA 92 64.78 81.60 -73.62
C ALA KA 92 65.56 82.63 -74.44
N LYS KA 93 66.51 82.19 -75.26
CA LYS KA 93 67.17 83.09 -76.18
C LYS KA 93 66.17 83.75 -77.11
N GLU KA 94 65.09 83.04 -77.45
CA GLU KA 94 63.98 83.67 -78.16
C GLU KA 94 63.20 84.60 -77.24
N VAL KA 95 63.16 84.30 -75.95
CA VAL KA 95 62.42 85.14 -75.00
C VAL KA 95 63.32 86.21 -74.39
N GLY KA 96 64.36 85.78 -73.69
CA GLY KA 96 65.31 86.72 -73.10
C GLY KA 96 65.28 86.79 -71.59
N ASP KA 97 65.05 85.66 -70.93
CA ASP KA 97 64.98 85.61 -69.47
C ASP KA 97 66.22 84.91 -68.92
N PRO KA 98 67.08 85.59 -68.16
CA PRO KA 98 68.27 84.93 -67.63
C PRO KA 98 67.99 84.00 -66.46
N GLU KA 99 66.99 84.29 -65.64
CA GLU KA 99 66.60 83.37 -64.58
C GLU KA 99 66.08 82.07 -65.19
N LEU KA 100 65.40 82.15 -66.33
CA LEU KA 100 64.98 80.95 -67.04
C LEU KA 100 66.19 80.15 -67.51
N GLU KA 101 67.22 80.83 -68.00
CA GLU KA 101 68.43 80.12 -68.42
C GLU KA 101 69.11 79.46 -67.24
N ARG KA 102 69.14 80.14 -66.09
CA ARG KA 102 69.70 79.56 -64.88
C ARG KA 102 68.91 78.32 -64.46
N LEU KA 103 67.58 78.41 -64.48
CA LEU KA 103 66.76 77.27 -64.10
C LEU KA 103 66.94 76.12 -65.07
N ALA KA 104 67.10 76.41 -66.35
CA ALA KA 104 67.30 75.36 -67.34
C ALA KA 104 68.64 74.68 -67.16
N LEU KA 105 69.71 75.46 -66.94
CA LEU KA 105 71.01 74.88 -66.68
C LEU KA 105 70.99 74.07 -65.39
N LEU KA 106 70.22 74.52 -64.39
CA LEU KA 106 70.12 73.79 -63.14
C LEU KA 106 69.37 72.48 -63.31
N ALA KA 107 68.34 72.48 -64.16
CA ALA KA 107 67.62 71.25 -64.46
C ALA KA 107 68.51 70.29 -65.24
N ALA KA 108 69.34 70.81 -66.13
CA ALA KA 108 70.28 69.97 -66.87
C ALA KA 108 71.33 69.37 -65.94
N VAL KA 109 71.82 70.16 -64.98
CA VAL KA 109 72.85 69.67 -64.06
C VAL KA 109 72.26 68.67 -63.08
N LEU KA 110 71.10 68.99 -62.48
CA LEU KA 110 70.44 68.05 -61.59
C LEU KA 110 69.91 66.84 -62.36
N GLY KA 111 69.87 66.93 -63.68
CA GLY KA 111 69.37 65.85 -64.49
C GLY KA 111 67.88 65.64 -64.38
N ASP KA 112 67.16 66.60 -63.81
CA ASP KA 112 65.72 66.51 -63.61
C ASP KA 112 65.02 66.82 -64.93
N SER KA 113 64.68 65.77 -65.68
CA SER KA 113 63.98 65.97 -66.94
C SER KA 113 62.61 66.60 -66.72
N GLU KA 114 62.00 66.36 -65.55
CA GLU KA 114 60.78 67.07 -65.20
C GLU KA 114 61.06 68.57 -65.06
N LYS KA 115 62.11 68.93 -64.33
CA LYS KA 115 62.48 70.33 -64.20
C LYS KA 115 62.95 70.90 -65.53
N ALA KA 116 63.52 70.05 -66.39
CA ALA KA 116 63.95 70.52 -67.71
C ALA KA 116 62.76 70.84 -68.61
N LYS KA 117 61.75 69.97 -68.62
CA LYS KA 117 60.52 70.28 -69.33
C LYS KA 117 59.82 71.47 -68.70
N ALA KA 118 59.94 71.62 -67.37
CA ALA KA 118 59.42 72.81 -66.71
C ALA KA 118 60.11 74.06 -67.22
N ILE KA 119 61.43 74.02 -67.38
CA ILE KA 119 62.16 75.18 -67.88
C ILE KA 119 61.80 75.46 -69.33
N LEU KA 120 61.59 74.41 -70.13
CA LEU KA 120 61.17 74.60 -71.51
C LEU KA 120 59.80 75.27 -71.58
N LEU KA 121 58.83 74.75 -70.83
CA LEU KA 121 57.49 75.33 -70.81
C LEU KA 121 57.51 76.72 -70.19
N ALA KA 122 58.42 76.98 -69.26
CA ALA KA 122 58.49 78.30 -68.64
C ALA KA 122 59.12 79.32 -69.58
N ALA KA 123 60.12 78.91 -70.36
CA ALA KA 123 60.66 79.79 -71.38
C ALA KA 123 59.63 80.07 -72.46
N GLU KA 124 58.86 79.05 -72.85
CA GLU KA 124 57.77 79.27 -73.78
C GLU KA 124 56.71 80.20 -73.17
N ALA KA 125 56.44 80.04 -71.88
CA ALA KA 125 55.47 80.90 -71.21
C ALA KA 125 55.95 82.34 -71.15
N ALA KA 126 57.24 82.53 -70.87
CA ALA KA 126 57.80 83.88 -70.85
C ALA KA 126 57.77 84.51 -72.23
N ARG KA 127 58.06 83.73 -73.26
CA ARG KA 127 57.98 84.24 -74.63
C ARG KA 127 56.55 84.62 -74.98
N VAL KA 128 55.59 83.77 -74.63
CA VAL KA 128 54.19 84.02 -74.96
C VAL KA 128 53.67 85.22 -74.17
N ALA KA 129 54.18 85.40 -72.95
CA ALA KA 129 53.77 86.54 -72.13
C ALA KA 129 54.36 87.83 -72.67
N LYS KA 130 55.64 87.81 -73.07
CA LYS KA 130 56.25 88.99 -73.68
C LYS KA 130 55.55 89.35 -74.99
N GLU KA 131 55.12 88.33 -75.74
CA GLU KA 131 54.37 88.59 -76.97
C GLU KA 131 52.98 89.11 -76.69
N VAL KA 132 52.33 88.61 -75.63
CA VAL KA 132 50.99 89.05 -75.27
C VAL KA 132 51.03 90.30 -74.40
N GLY KA 133 52.01 90.36 -73.49
CA GLY KA 133 52.11 91.48 -72.58
C GLY KA 133 51.52 91.15 -71.22
N ASP KA 134 51.49 89.86 -70.89
CA ASP KA 134 50.87 89.39 -69.66
C ASP KA 134 51.92 89.28 -68.57
N PRO KA 135 52.02 90.26 -67.67
CA PRO KA 135 53.04 90.17 -66.61
C PRO KA 135 52.75 89.09 -65.59
N GLU KA 136 51.48 88.77 -65.33
CA GLU KA 136 51.17 87.66 -64.45
C GLU KA 136 51.65 86.34 -65.05
N LEU KA 137 51.52 86.20 -66.37
CA LEU KA 137 52.00 84.98 -67.02
C LEU KA 137 53.52 84.86 -66.93
N ILE KA 138 54.24 85.97 -67.14
CA ILE KA 138 55.69 85.93 -67.04
C ILE KA 138 56.12 85.67 -65.60
N LYS KA 139 55.40 86.21 -64.63
CA LYS KA 139 55.71 85.95 -63.23
C LYS KA 139 55.48 84.49 -62.88
N LEU KA 140 54.37 83.91 -63.36
CA LEU KA 140 54.13 82.49 -63.12
C LEU KA 140 55.17 81.62 -63.82
N ALA KA 141 55.61 82.04 -65.01
CA ALA KA 141 56.66 81.31 -65.71
C ALA KA 141 57.97 81.33 -64.92
N LEU KA 142 58.36 82.50 -64.42
CA LEU KA 142 59.58 82.59 -63.62
C LEU KA 142 59.46 81.79 -62.33
N GLU KA 143 58.28 81.82 -61.70
CA GLU KA 143 58.07 81.04 -60.49
C GLU KA 143 58.16 79.55 -60.76
N ALA KA 144 57.61 79.10 -61.89
CA ALA KA 144 57.72 77.69 -62.24
C ALA KA 144 59.14 77.30 -62.59
N ALA KA 145 59.88 78.18 -63.26
CA ALA KA 145 61.27 77.89 -63.58
C ALA KA 145 62.11 77.77 -62.32
N GLU KA 146 61.92 78.69 -61.36
CA GLU KA 146 62.62 78.58 -60.09
C GLU KA 146 62.16 77.35 -59.31
N ARG KA 147 60.89 76.98 -59.43
CA ARG KA 147 60.37 75.81 -58.73
C ARG KA 147 60.62 74.53 -59.50
N GLY KA 148 60.61 74.59 -60.82
CA GLY KA 148 60.80 73.41 -61.64
C GLY KA 148 59.51 72.63 -61.85
N ASP KA 149 58.38 73.34 -61.85
CA ASP KA 149 57.06 72.73 -61.98
C ASP KA 149 56.64 72.80 -63.44
N SER KA 150 56.63 71.64 -64.11
CA SER KA 150 56.23 71.61 -65.52
C SER KA 150 54.75 71.92 -65.67
N GLU KA 151 53.92 71.49 -64.72
CA GLU KA 151 52.50 71.83 -64.77
C GLU KA 151 52.29 73.33 -64.65
N LYS KA 152 52.99 73.97 -63.71
CA LYS KA 152 52.84 75.42 -63.53
C LYS KA 152 53.39 76.18 -64.73
N ALA KA 153 54.49 75.71 -65.32
CA ALA KA 153 55.04 76.39 -66.49
C ALA KA 153 54.13 76.24 -67.70
N LYS KA 154 53.58 75.04 -67.90
CA LYS KA 154 52.62 74.84 -68.98
C LYS KA 154 51.36 75.67 -68.75
N ALA KA 155 50.96 75.81 -67.48
CA ALA KA 155 49.82 76.66 -67.16
C ALA KA 155 50.10 78.12 -67.47
N ILE KA 156 51.31 78.58 -67.16
CA ILE KA 156 51.69 79.95 -67.48
C ILE KA 156 51.72 80.15 -68.99
N LEU KA 157 52.19 79.15 -69.72
CA LEU KA 157 52.21 79.25 -71.18
C LEU KA 157 50.80 79.31 -71.75
N LEU KA 158 49.93 78.40 -71.29
CA LEU KA 158 48.55 78.40 -71.77
C LEU KA 158 47.80 79.66 -71.34
N ALA KA 159 48.16 80.23 -70.18
CA ALA KA 159 47.52 81.46 -69.75
C ALA KA 159 48.00 82.65 -70.56
N ALA KA 160 49.28 82.68 -70.91
CA ALA KA 160 49.77 83.73 -71.80
C ALA KA 160 49.14 83.62 -73.17
N GLU KA 161 48.96 82.39 -73.67
CA GLU KA 161 48.28 82.20 -74.95
C GLU KA 161 46.82 82.61 -74.87
N ALA KA 162 46.15 82.28 -73.76
CA ALA KA 162 44.77 82.69 -73.57
C ALA KA 162 44.64 84.20 -73.48
N ALA KA 163 45.59 84.85 -72.81
CA ALA KA 163 45.60 86.31 -72.73
C ALA KA 163 45.86 86.93 -74.10
N ARG KA 164 46.73 86.31 -74.89
CA ARG KA 164 46.95 86.78 -76.25
C ARG KA 164 45.68 86.66 -77.09
N VAL KA 165 45.01 85.50 -77.00
CA VAL KA 165 43.78 85.30 -77.77
C VAL KA 165 42.69 86.25 -77.29
N ALA KA 166 42.68 86.58 -75.99
CA ALA KA 166 41.70 87.51 -75.46
C ALA KA 166 41.98 88.93 -75.93
N LYS KA 167 43.24 89.36 -75.88
CA LYS KA 167 43.59 90.70 -76.35
C LYS KA 167 43.33 90.84 -77.85
N GLU KA 168 43.59 89.78 -78.62
CA GLU KA 168 43.27 89.81 -80.04
C GLU KA 168 41.77 89.78 -80.28
N VAL KA 169 41.02 89.14 -79.39
CA VAL KA 169 39.56 89.12 -79.46
C VAL KA 169 38.97 90.35 -78.79
N GLY KA 170 39.56 90.77 -77.67
CA GLY KA 170 39.03 91.88 -76.91
C GLY KA 170 38.19 91.39 -75.76
N ASP KA 171 38.41 90.15 -75.35
CA ASP KA 171 37.60 89.51 -74.32
C ASP KA 171 38.28 89.69 -72.96
N PRO KA 172 37.94 90.74 -72.21
CA PRO KA 172 38.56 90.91 -70.88
C PRO KA 172 38.15 89.84 -69.90
N GLU KA 173 36.99 89.20 -70.08
CA GLU KA 173 36.65 88.04 -69.26
C GLU KA 173 37.62 86.89 -69.54
N LEU KA 174 37.98 86.69 -70.81
CA LEU KA 174 38.94 85.64 -71.13
C LEU KA 174 40.32 85.98 -70.59
N ILE KA 175 40.72 87.24 -70.65
CA ILE KA 175 42.01 87.65 -70.11
C ILE KA 175 42.03 87.47 -68.59
N LYS KA 176 40.91 87.77 -67.94
CA LYS KA 176 40.82 87.59 -66.49
C LYS KA 176 40.87 86.10 -66.14
N LEU KA 177 40.19 85.26 -66.91
CA LEU KA 177 40.26 83.82 -66.67
C LEU KA 177 41.68 83.29 -66.88
N ALA KA 178 42.38 83.84 -67.89
CA ALA KA 178 43.76 83.43 -68.12
C ALA KA 178 44.66 83.84 -66.95
N LEU KA 179 44.48 85.06 -66.44
CA LEU KA 179 45.26 85.50 -65.29
C LEU KA 179 44.94 84.66 -64.06
N GLU KA 180 43.66 84.31 -63.88
CA GLU KA 180 43.27 83.50 -62.74
C GLU KA 180 43.84 82.09 -62.84
N ALA KA 181 43.91 81.54 -64.06
CA ALA KA 181 44.51 80.23 -64.26
C ALA KA 181 46.01 80.28 -64.05
N ALA KA 182 46.65 81.37 -64.48
CA ALA KA 182 48.08 81.54 -64.23
C ALA KA 182 48.38 81.62 -62.75
N ARG KA 183 47.57 82.39 -62.01
CA ARG KA 183 47.74 82.44 -60.56
C ARG KA 183 47.44 81.10 -59.91
N ARG KA 184 46.48 80.35 -60.46
CA ARG KA 184 46.14 79.04 -59.93
C ARG KA 184 47.08 77.97 -60.46
N GLY KA 185 47.70 78.20 -61.62
CA GLY KA 185 48.56 77.20 -62.19
C GLY KA 185 47.78 76.08 -62.85
N ASP KA 186 46.53 76.38 -63.21
CA ASP KA 186 45.64 75.40 -63.85
C ASP KA 186 45.79 75.53 -65.36
N SER KA 187 46.59 74.65 -65.96
CA SER KA 187 46.73 74.65 -67.41
C SER KA 187 45.41 74.32 -68.09
N GLU KA 188 44.57 73.51 -67.44
CA GLU KA 188 43.25 73.21 -67.99
C GLU KA 188 42.39 74.46 -68.06
N LYS KA 189 42.37 75.25 -66.98
CA LYS KA 189 41.59 76.48 -66.98
C LYS KA 189 42.16 77.49 -67.98
N ALA KA 190 43.48 77.53 -68.12
CA ALA KA 190 44.10 78.45 -69.07
C ALA KA 190 43.80 78.05 -70.51
N LYS KA 191 43.80 76.75 -70.80
CA LYS KA 191 43.44 76.29 -72.13
C LYS KA 191 41.96 76.52 -72.40
N ALA KA 192 41.12 76.36 -71.39
CA ALA KA 192 39.71 76.69 -71.54
C ALA KA 192 39.53 78.18 -71.82
N ILE KA 193 40.33 79.02 -71.17
CA ILE KA 193 40.27 80.46 -71.42
C ILE KA 193 40.73 80.78 -72.84
N LEU KA 194 41.75 80.06 -73.32
CA LEU KA 194 42.22 80.25 -74.69
C LEU KA 194 41.15 79.86 -75.70
N LEU KA 195 40.54 78.68 -75.50
CA LEU KA 195 39.48 78.24 -76.39
C LEU KA 195 38.27 79.17 -76.32
N ALA KA 196 37.97 79.71 -75.14
CA ALA KA 196 36.86 80.64 -75.00
C ALA KA 196 37.17 81.97 -75.69
N ALA KA 197 38.42 82.43 -75.60
CA ALA KA 197 38.80 83.65 -76.29
C ALA KA 197 38.74 83.46 -77.80
N GLU KA 198 39.13 82.27 -78.28
CA GLU KA 198 39.02 81.98 -79.70
C GLU KA 198 37.55 81.93 -80.14
N ALA KA 199 36.70 81.30 -79.34
CA ALA KA 199 35.28 81.25 -79.66
C ALA KA 199 34.66 82.63 -79.64
N ALA KA 200 35.08 83.49 -78.70
CA ALA KA 200 34.57 84.85 -78.65
C ALA KA 200 35.07 85.67 -79.83
N ARG KA 201 36.31 85.43 -80.25
CA ARG KA 201 36.83 86.08 -81.45
C ARG KA 201 36.02 85.69 -82.68
N VAL KA 202 35.70 84.39 -82.80
CA VAL KA 202 34.89 83.93 -83.92
C VAL KA 202 33.48 84.52 -83.85
N ALA KA 203 32.93 84.64 -82.64
CA ALA KA 203 31.61 85.20 -82.48
C ALA KA 203 31.59 86.68 -82.86
N LYS KA 204 32.63 87.42 -82.46
CA LYS KA 204 32.71 88.83 -82.83
C LYS KA 204 32.93 89.00 -84.32
N GLU KA 205 33.75 88.15 -84.94
CA GLU KA 205 33.99 88.26 -86.37
C GLU KA 205 32.75 87.88 -87.16
N VAL KA 206 31.95 86.95 -86.65
CA VAL KA 206 30.70 86.56 -87.31
C VAL KA 206 29.56 87.46 -86.87
N GLY KA 207 29.39 87.65 -85.57
CA GLY KA 207 28.30 88.44 -85.05
C GLY KA 207 27.35 87.59 -84.23
N ASP KA 208 27.87 86.52 -83.64
CA ASP KA 208 27.05 85.61 -82.84
C ASP KA 208 27.17 86.00 -81.37
N PRO KA 209 26.37 86.93 -80.88
CA PRO KA 209 26.48 87.34 -79.47
C PRO KA 209 26.17 86.22 -78.50
N GLU KA 210 25.30 85.27 -78.85
CA GLU KA 210 25.09 84.12 -77.99
C GLU KA 210 26.34 83.26 -77.92
N LEU KA 211 27.09 83.17 -79.03
CA LEU KA 211 28.34 82.43 -79.02
C LEU KA 211 29.39 83.11 -78.15
N ILE KA 212 29.50 84.43 -78.25
CA ILE KA 212 30.43 85.17 -77.40
C ILE KA 212 30.01 85.05 -75.95
N LYS KA 213 28.70 85.01 -75.69
CA LYS KA 213 28.21 84.86 -74.32
C LYS KA 213 28.56 83.49 -73.77
N LEU KA 214 28.37 82.44 -74.56
CA LEU KA 214 28.75 81.10 -74.13
C LEU KA 214 30.26 81.00 -73.93
N ALA KA 215 31.03 81.70 -74.76
CA ALA KA 215 32.48 81.71 -74.59
C ALA KA 215 32.88 82.38 -73.29
N LEU KA 216 32.26 83.52 -72.97
CA LEU KA 216 32.54 84.18 -71.71
C LEU KA 216 32.11 83.32 -70.53
N GLU KA 217 30.97 82.63 -70.66
CA GLU KA 217 30.51 81.74 -69.60
C GLU KA 217 31.47 80.59 -69.38
N ALA KA 218 31.99 80.02 -70.47
CA ALA KA 218 32.97 78.94 -70.35
C ALA KA 218 34.28 79.45 -69.76
N ALA KA 219 34.69 80.66 -70.13
CA ALA KA 219 35.90 81.24 -69.56
C ALA KA 219 35.74 81.47 -68.07
N ARG KA 220 34.57 81.95 -67.64
CA ARG KA 220 34.30 82.07 -66.21
C ARG KA 220 34.23 80.71 -65.55
N ARG KA 221 33.78 79.69 -66.27
CA ARG KA 221 33.69 78.35 -65.71
C ARG KA 221 35.00 77.59 -65.85
N GLY KA 222 35.63 77.66 -67.02
CA GLY KA 222 36.87 76.96 -67.25
C GLY KA 222 36.67 75.59 -67.88
N ASP KA 223 35.64 75.46 -68.73
CA ASP KA 223 35.32 74.20 -69.38
C ASP KA 223 35.92 74.20 -70.78
N SER KA 224 37.06 73.52 -70.94
CA SER KA 224 37.70 73.47 -72.24
C SER KA 224 36.85 72.70 -73.25
N ARG KA 225 36.09 71.71 -72.79
CA ARG KA 225 35.21 70.97 -73.69
C ARG KA 225 34.08 71.86 -74.20
N LYS KA 226 33.41 72.56 -73.29
CA LYS KA 226 32.33 73.46 -73.72
C LYS KA 226 32.88 74.61 -74.56
N ALA KA 227 34.06 75.11 -74.21
CA ALA KA 227 34.66 76.19 -74.98
C ALA KA 227 35.05 75.73 -76.39
N GLU KA 228 35.58 74.51 -76.50
CA GLU KA 228 35.91 73.98 -77.80
C GLU KA 228 34.65 73.71 -78.63
N ALA KA 229 33.58 73.25 -77.97
CA ALA KA 229 32.32 73.07 -78.67
C ALA KA 229 31.76 74.40 -79.16
N ILE KA 230 31.90 75.45 -78.34
CA ILE KA 230 31.45 76.77 -78.74
C ILE KA 230 32.28 77.29 -79.90
N LEU KA 231 33.59 77.01 -79.88
CA LEU KA 231 34.44 77.43 -80.99
C LEU KA 231 34.08 76.67 -82.27
N LEU KA 232 33.80 75.37 -82.17
CA LEU KA 232 33.39 74.60 -83.32
C LEU KA 232 32.07 75.10 -83.88
N ALA KA 233 31.12 75.41 -82.99
CA ALA KA 233 29.84 75.95 -83.43
C ALA KA 233 30.01 77.34 -84.03
N ALA KA 234 30.96 78.12 -83.52
CA ALA KA 234 31.21 79.45 -84.09
C ALA KA 234 31.82 79.34 -85.48
N GLU KA 235 32.76 78.42 -85.67
CA GLU KA 235 33.30 78.19 -87.00
C GLU KA 235 32.24 77.67 -87.95
N ALA KA 236 31.35 76.80 -87.44
CA ALA KA 236 30.26 76.30 -88.27
C ALA KA 236 29.31 77.42 -88.67
N ALA KA 237 28.99 78.32 -87.73
CA ALA KA 237 28.12 79.44 -88.05
C ALA KA 237 28.80 80.43 -88.97
N ARG KA 238 30.13 80.56 -88.86
CA ARG KA 238 30.87 81.41 -89.79
C ARG KA 238 30.82 80.84 -91.20
N ILE KA 239 31.01 79.52 -91.33
CA ILE KA 239 30.87 78.87 -92.62
C ILE KA 239 29.44 79.01 -93.14
N ALA KA 240 28.47 78.98 -92.23
CA ALA KA 240 27.08 79.14 -92.62
C ALA KA 240 26.81 80.54 -93.16
N LYS KA 241 27.30 81.56 -92.47
CA LYS KA 241 27.15 82.93 -92.96
C LYS KA 241 27.90 83.11 -94.28
N GLU KA 242 29.06 82.48 -94.43
CA GLU KA 242 29.75 82.51 -95.71
C GLU KA 242 28.93 81.83 -96.80
N ALA KA 243 28.14 80.83 -96.43
CA ALA KA 243 27.26 80.15 -97.37
C ALA KA 243 25.86 80.77 -97.41
N GLY KA 244 25.30 81.07 -96.25
CA GLY KA 244 23.96 81.64 -96.20
C GLY KA 244 22.94 80.72 -95.54
N ASP KA 245 23.39 79.92 -94.58
CA ASP KA 245 22.51 78.99 -93.88
C ASP KA 245 22.27 79.50 -92.47
N PRO KA 246 21.29 80.39 -92.27
CA PRO KA 246 21.04 80.91 -90.91
C PRO KA 246 20.49 79.83 -89.99
N GLU KA 247 19.80 78.85 -90.57
CA GLU KA 247 19.36 77.70 -89.80
C GLU KA 247 20.56 76.93 -89.26
N ALA KA 248 21.64 76.83 -90.05
CA ALA KA 248 22.86 76.19 -89.56
C ALA KA 248 23.48 77.00 -88.43
N ARG KA 249 23.48 78.33 -88.54
CA ARG KA 249 24.02 79.16 -87.47
C ARG KA 249 23.18 79.01 -86.21
N LYS KA 250 21.86 78.89 -86.35
CA LYS KA 250 21.00 78.71 -85.19
C LYS KA 250 21.21 77.34 -84.55
N LYS KA 251 21.37 76.31 -85.37
CA LYS KA 251 21.67 74.99 -84.83
C LYS KA 251 23.03 74.98 -84.13
N ALA KA 252 23.99 75.73 -84.67
CA ALA KA 252 25.28 75.85 -84.01
C ALA KA 252 25.15 76.57 -82.68
N LEU KA 253 24.32 77.61 -82.62
CA LEU KA 253 24.06 78.28 -81.36
C LEU KA 253 23.43 77.32 -80.36
N GLU KA 254 22.48 76.51 -80.81
CA GLU KA 254 21.82 75.54 -79.93
C GLU KA 254 22.81 74.50 -79.42
N ALA KA 255 23.70 74.03 -80.30
CA ALA KA 255 24.68 73.03 -79.88
C ALA KA 255 25.72 73.63 -78.93
N ALA KA 256 26.15 74.87 -79.19
CA ALA KA 256 27.10 75.52 -78.29
C ALA KA 256 26.46 75.77 -76.93
N ARG KA 257 25.18 76.12 -76.91
CA ARG KA 257 24.45 76.21 -75.65
C ARG KA 257 24.35 74.84 -74.99
N ARG KA 258 24.29 73.78 -75.80
CA ARG KA 258 24.30 72.43 -75.25
C ARG KA 258 25.70 72.02 -74.80
N GLY KA 259 26.74 72.56 -75.43
CA GLY KA 259 28.11 72.31 -75.03
C GLY KA 259 28.78 71.14 -75.72
N ASP KA 260 28.10 70.47 -76.63
CA ASP KA 260 28.70 69.38 -77.39
C ASP KA 260 29.28 69.88 -78.70
N ARG KA 261 30.37 69.24 -79.14
CA ARG KA 261 31.02 69.58 -80.38
C ARG KA 261 30.73 68.61 -81.52
N GLU KA 262 30.14 67.46 -81.24
CA GLU KA 262 29.82 66.51 -82.30
C GLU KA 262 28.76 67.08 -83.24
N LEU KA 263 27.68 67.63 -82.68
CA LEU KA 263 26.67 68.25 -83.52
C LEU KA 263 27.21 69.48 -84.23
N ALA KA 264 28.07 70.25 -83.57
CA ALA KA 264 28.69 71.40 -84.22
C ALA KA 264 29.54 70.97 -85.40
N THR KA 265 30.29 69.88 -85.24
CA THR KA 265 31.11 69.38 -86.34
C THR KA 265 30.25 68.84 -87.47
N ARG KA 266 29.15 68.16 -87.12
CA ARG KA 266 28.25 67.65 -88.15
C ARG KA 266 27.61 68.78 -88.95
N ILE KA 267 27.22 69.86 -88.25
CA ILE KA 267 26.65 71.01 -88.93
C ILE KA 267 27.69 71.70 -89.80
N LEU KA 268 28.92 71.82 -89.29
CA LEU KA 268 29.99 72.40 -90.09
C LEU KA 268 30.25 71.54 -91.32
N ILE KA 269 30.11 70.23 -91.19
CA ILE KA 269 30.32 69.32 -92.32
C ILE KA 269 29.21 69.50 -93.35
N GLU KA 270 27.97 69.65 -92.88
CA GLU KA 270 26.87 69.87 -93.82
C GLU KA 270 27.03 71.20 -94.55
N ALA KA 271 27.43 72.24 -93.82
CA ALA KA 271 27.66 73.54 -94.44
C ALA KA 271 28.81 73.48 -95.42
N LEU KA 272 29.87 72.74 -95.08
CA LEU KA 272 30.99 72.59 -95.98
C LEU KA 272 30.60 71.80 -97.21
N LEU KA 273 29.68 70.84 -97.05
CA LEU KA 273 29.20 70.08 -98.20
C LEU KA 273 28.38 70.97 -99.14
N ARG KA 274 27.53 71.80 -98.57
CA ARG KA 274 26.77 72.74 -99.40
C ARG KA 274 27.71 73.72 -100.10
N LEU KA 275 28.66 74.28 -99.36
CA LEU KA 275 29.62 75.20 -99.96
C LEU KA 275 30.48 74.50 -101.00
N LEU KA 276 30.73 73.20 -100.81
CA LEU KA 276 31.53 72.45 -101.78
C LEU KA 276 30.75 72.19 -103.04
N LYS KA 277 29.45 71.90 -102.93
CA LYS KA 277 28.63 71.80 -104.12
C LYS KA 277 28.58 73.12 -104.86
N LYS KA 278 28.46 74.23 -104.12
CA LYS KA 278 28.46 75.55 -104.75
C LYS KA 278 29.79 75.81 -105.44
N SER KA 279 30.90 75.50 -104.79
CA SER KA 279 32.21 75.71 -105.37
C SER KA 279 32.43 74.79 -106.56
N THR KA 280 31.84 73.61 -106.55
CA THR KA 280 31.94 72.71 -107.69
C THR KA 280 31.18 73.26 -108.89
N ALA KA 281 29.99 73.80 -108.65
CA ALA KA 281 29.26 74.48 -109.73
C ALA KA 281 30.06 75.66 -110.26
N GLU KA 282 30.64 76.45 -109.35
CA GLU KA 282 31.44 77.60 -109.78
C GLU KA 282 32.67 77.17 -110.56
N LEU KA 283 33.29 76.06 -110.16
CA LEU KA 283 34.49 75.59 -110.85
C LEU KA 283 34.13 75.01 -112.22
N LYS KA 284 32.99 74.33 -112.32
CA LYS KA 284 32.53 73.88 -113.63
C LYS KA 284 32.25 75.06 -114.55
N ARG KA 285 31.63 76.12 -114.01
CA ARG KA 285 31.39 77.31 -114.81
C ARG KA 285 32.70 77.96 -115.22
N ALA KA 286 33.68 78.01 -114.32
CA ALA KA 286 34.96 78.61 -114.64
C ALA KA 286 35.71 77.78 -115.68
N THR KA 287 35.61 76.46 -115.61
CA THR KA 287 36.24 75.61 -116.62
C THR KA 287 35.57 75.78 -117.97
N ALA KA 288 34.24 75.91 -117.98
CA ALA KA 288 33.55 76.18 -119.23
C ALA KA 288 33.98 77.53 -119.81
N SER KA 289 34.11 78.54 -118.96
CA SER KA 289 34.53 79.86 -119.42
C SER KA 289 35.97 79.82 -119.95
N LEU KA 290 36.84 79.06 -119.29
CA LEU KA 290 38.21 78.95 -119.75
C LEU KA 290 38.28 78.21 -121.08
N ARG KA 291 37.48 77.16 -121.24
CA ARG KA 291 37.44 76.46 -122.52
C ARG KA 291 36.87 77.35 -123.61
N ALA KA 292 35.90 78.21 -123.28
CA ALA KA 292 35.35 79.13 -124.26
C ALA KA 292 36.37 80.18 -124.67
N ILE KA 293 37.12 80.71 -123.70
CA ILE KA 293 38.17 81.67 -124.03
C ILE KA 293 39.27 81.01 -124.85
N THR KA 294 39.55 79.73 -124.58
CA THR KA 294 40.52 78.99 -125.36
C THR KA 294 40.04 78.80 -126.80
N GLU KA 295 38.76 78.46 -126.97
CA GLU KA 295 38.21 78.32 -128.31
C GLU KA 295 38.21 79.66 -129.04
N GLU KA 296 37.98 80.76 -128.31
CA GLU KA 296 38.00 82.08 -128.93
C GLU KA 296 39.41 82.45 -129.36
N LEU KA 297 40.41 82.18 -128.52
CA LEU KA 297 41.80 82.42 -128.91
C LEU KA 297 42.21 81.49 -130.05
N LYS KA 298 41.60 80.31 -130.13
CA LYS KA 298 41.89 79.40 -131.22
C LYS KA 298 41.31 79.87 -132.54
N LYS KA 299 40.08 80.38 -132.52
CA LYS KA 299 39.43 80.81 -133.76
C LYS KA 299 40.09 82.05 -134.33
N ASN KA 300 40.57 82.96 -133.48
CA ASN KA 300 41.24 84.16 -133.94
C ASN KA 300 42.28 84.59 -132.90
N PRO KA 301 43.50 84.08 -132.98
CA PRO KA 301 44.50 84.43 -131.97
C PRO KA 301 45.12 85.80 -132.23
N SER KA 302 45.30 86.54 -131.14
CA SER KA 302 45.83 87.89 -131.21
C SER KA 302 46.25 88.30 -129.80
N GLU KA 303 46.59 89.58 -129.64
CA GLU KA 303 46.92 90.09 -128.32
C GLU KA 303 45.75 89.95 -127.37
N ASP KA 304 44.57 90.43 -127.77
CA ASP KA 304 43.39 90.33 -126.92
C ASP KA 304 42.96 88.89 -126.72
N ALA KA 305 43.12 88.05 -127.75
CA ALA KA 305 42.70 86.66 -127.65
C ALA KA 305 43.58 85.90 -126.66
N LEU KA 306 44.90 85.99 -126.81
CA LEU KA 306 45.80 85.34 -125.86
C LEU KA 306 45.64 85.94 -124.47
N VAL KA 307 45.40 87.25 -124.39
CA VAL KA 307 45.18 87.90 -123.10
C VAL KA 307 43.98 87.29 -122.40
N GLU KA 308 42.86 87.18 -123.11
CA GLU KA 308 41.63 86.64 -122.52
C GLU KA 308 41.79 85.17 -122.18
N HIS KA 309 42.48 84.40 -123.03
CA HIS KA 309 42.68 82.99 -122.74
C HIS KA 309 43.53 82.79 -121.50
N ASN KA 310 44.62 83.56 -121.37
CA ASN KA 310 45.47 83.45 -120.19
C ASN KA 310 44.75 83.96 -118.95
N ARG KA 311 43.94 85.01 -119.09
CA ARG KA 311 43.18 85.52 -117.95
C ARG KA 311 42.14 84.49 -117.50
N ALA KA 312 41.49 83.80 -118.44
CA ALA KA 312 40.54 82.78 -118.07
C ALA KA 312 41.24 81.58 -117.43
N ILE KA 313 42.44 81.24 -117.91
CA ILE KA 313 43.19 80.16 -117.29
C ILE KA 313 43.57 80.52 -115.87
N VAL KA 314 44.00 81.77 -115.64
CA VAL KA 314 44.36 82.21 -114.30
C VAL KA 314 43.13 82.27 -113.41
N GLU KA 315 41.99 82.67 -113.97
CA GLU KA 315 40.75 82.72 -113.19
C GLU KA 315 40.32 81.31 -112.79
N HIS KA 316 40.45 80.35 -113.70
CA HIS KA 316 40.14 78.96 -113.38
C HIS KA 316 41.09 78.43 -112.31
N ASN KA 317 42.37 78.80 -112.41
CA ASN KA 317 43.34 78.38 -111.40
C ASN KA 317 43.01 78.99 -110.04
N ALA KA 318 42.59 80.25 -110.02
CA ALA KA 318 42.23 80.89 -108.76
C ALA KA 318 40.96 80.30 -108.18
N ILE KA 319 39.98 79.98 -109.03
CA ILE KA 319 38.76 79.34 -108.55
C ILE KA 319 39.06 77.96 -108.00
N ILE KA 320 39.97 77.23 -108.66
CA ILE KA 320 40.37 75.92 -108.16
C ILE KA 320 41.11 76.07 -106.83
N VAL KA 321 41.93 77.11 -106.70
CA VAL KA 321 42.62 77.35 -105.44
C VAL KA 321 41.63 77.67 -104.34
N GLU KA 322 40.58 78.44 -104.66
CA GLU KA 322 39.57 78.77 -103.66
C GLU KA 322 38.78 77.52 -103.25
N ASN KA 323 38.41 76.69 -104.23
CA ASN KA 323 37.71 75.45 -103.91
C ASN KA 323 38.58 74.52 -103.09
N ASN KA 324 39.88 74.47 -103.41
CA ASN KA 324 40.80 73.67 -102.63
C ASN KA 324 40.97 74.21 -101.23
N ARG KA 325 40.93 75.54 -101.08
CA ARG KA 325 41.00 76.12 -99.74
C ARG KA 325 39.76 75.79 -98.94
N ILE KA 326 38.60 75.80 -99.59
CA ILE KA 326 37.36 75.41 -98.91
C ILE KA 326 37.44 73.95 -98.50
N ILE KA 327 37.94 73.09 -99.39
CA ILE KA 327 38.08 71.68 -99.08
C ILE KA 327 39.08 71.48 -97.94
N ALA KA 328 40.14 72.28 -97.92
CA ALA KA 328 41.13 72.18 -96.87
C ALA KA 328 40.55 72.62 -95.53
N MET KA 329 39.72 73.67 -95.54
CA MET KA 329 39.06 74.09 -94.32
C MET KA 329 38.12 73.00 -93.82
N VAL KA 330 37.37 72.39 -94.73
CA VAL KA 330 36.46 71.31 -94.35
C VAL KA 330 37.25 70.13 -93.78
N LEU KA 331 38.38 69.81 -94.41
CA LEU KA 331 39.19 68.69 -93.93
C LEU KA 331 39.81 69.01 -92.57
N GLU KA 332 40.23 70.26 -92.36
CA GLU KA 332 40.76 70.66 -91.06
C GLU KA 332 39.67 70.59 -89.99
N ALA KA 333 38.43 70.93 -90.37
CA ALA KA 333 37.32 70.78 -89.43
C ALA KA 333 37.10 69.32 -89.09
N ILE KA 334 37.13 68.44 -90.10
CA ILE KA 334 36.97 67.02 -89.85
C ILE KA 334 38.09 66.50 -88.97
N VAL KA 335 39.31 67.01 -89.16
CA VAL KA 335 40.45 66.57 -88.35
C VAL KA 335 40.29 67.04 -86.92
N ARG KA 336 39.94 68.29 -86.72
CA ARG KA 336 39.69 68.80 -85.37
C ARG KA 336 38.54 68.06 -84.72
N ALA KA 337 37.60 67.55 -85.52
CA ALA KA 337 36.51 66.75 -84.98
C ALA KA 337 36.91 65.30 -84.76
N ILE KA 338 37.65 64.71 -85.69
CA ILE KA 338 38.07 63.32 -85.55
C ILE KA 338 39.31 63.26 -84.68
N SER LA 2 24.29 86.18 -66.28
CA SER LA 2 24.30 86.21 -67.74
C SER LA 2 22.88 86.36 -68.29
N THR LA 3 21.90 86.45 -67.38
CA THR LA 3 20.51 86.58 -67.81
C THR LA 3 20.24 87.98 -68.38
N LYS LA 4 20.66 89.02 -67.66
CA LYS LA 4 20.41 90.39 -68.11
C LYS LA 4 21.21 90.71 -69.38
N GLU LA 5 22.44 90.20 -69.46
CA GLU LA 5 23.24 90.44 -70.66
C GLU LA 5 22.65 89.74 -71.88
N LYS LA 6 22.27 88.47 -71.73
CA LYS LA 6 21.62 87.77 -72.83
C LYS LA 6 20.30 88.43 -73.21
N ALA LA 7 19.58 88.96 -72.22
CA ALA LA 7 18.35 89.69 -72.50
C ALA LA 7 18.62 90.93 -73.32
N ARG LA 8 19.58 91.75 -72.89
CA ARG LA 8 19.90 92.96 -73.65
C ARG LA 8 20.36 92.63 -75.06
N GLN LA 9 21.15 91.57 -75.22
CA GLN LA 9 21.64 91.21 -76.55
C GLN LA 9 20.52 90.71 -77.45
N LEU LA 10 19.73 89.75 -76.97
CA LEU LA 10 18.63 89.23 -77.79
C LEU LA 10 17.59 90.31 -78.06
N ALA LA 11 17.44 91.27 -77.16
CA ALA LA 11 16.48 92.35 -77.38
C ALA LA 11 17.01 93.38 -78.36
N GLU LA 12 18.31 93.66 -78.33
CA GLU LA 12 18.90 94.50 -79.36
C GLU LA 12 18.76 93.85 -80.73
N GLU LA 13 19.01 92.54 -80.82
CA GLU LA 13 18.79 91.82 -82.07
C GLU LA 13 17.32 91.85 -82.47
N ALA LA 14 16.43 91.79 -81.48
CA ALA LA 14 15.00 91.89 -81.73
C ALA LA 14 14.65 93.24 -82.35
N LYS LA 15 15.16 94.31 -81.78
CA LYS LA 15 14.90 95.65 -82.30
C LYS LA 15 15.48 95.82 -83.70
N GLU LA 16 16.67 95.25 -83.93
CA GLU LA 16 17.29 95.35 -85.25
C GLU LA 16 16.47 94.60 -86.31
N THR LA 17 16.08 93.36 -86.01
CA THR LA 17 15.28 92.59 -86.95
C THR LA 17 13.88 93.18 -87.09
N ALA LA 18 13.43 93.94 -86.11
CA ALA LA 18 12.15 94.62 -86.21
C ALA LA 18 12.24 95.80 -87.15
N GLU LA 19 13.27 96.63 -86.98
CA GLU LA 19 13.50 97.74 -87.90
C GLU LA 19 13.74 97.24 -89.32
N LYS LA 20 14.40 96.09 -89.45
CA LYS LA 20 14.58 95.50 -90.78
C LYS LA 20 13.26 94.94 -91.31
N VAL LA 21 12.41 94.43 -90.43
CA VAL LA 21 11.09 93.95 -90.81
C VAL LA 21 10.16 95.12 -91.13
N GLY LA 22 10.48 96.29 -90.60
CA GLY LA 22 9.65 97.47 -90.79
C GLY LA 22 8.86 97.81 -89.55
N ASP LA 23 9.32 97.32 -88.40
CA ASP LA 23 8.60 97.49 -87.15
C ASP LA 23 9.43 98.34 -86.20
N PRO LA 24 9.12 99.63 -86.03
CA PRO LA 24 9.79 100.42 -84.99
C PRO LA 24 9.11 100.20 -83.65
N GLU LA 25 7.85 99.78 -83.69
CA GLU LA 25 7.12 99.44 -82.47
C GLU LA 25 7.70 98.19 -81.83
N LEU LA 26 7.96 97.15 -82.64
CA LEU LA 26 8.63 95.97 -82.11
C LEU LA 26 10.06 96.30 -81.69
N ILE LA 27 10.68 97.28 -82.36
CA ILE LA 27 12.02 97.72 -81.97
C ILE LA 27 11.98 98.36 -80.58
N LYS LA 28 10.97 99.17 -80.30
CA LYS LA 28 10.84 99.79 -79.00
C LYS LA 28 10.47 98.77 -77.92
N LEU LA 29 9.59 97.82 -78.26
CA LEU LA 29 9.28 96.74 -77.33
C LEU LA 29 10.51 95.91 -77.02
N ALA LA 30 11.39 95.74 -78.02
CA ALA LA 30 12.64 95.03 -77.79
C ALA LA 30 13.58 95.84 -76.90
N GLU LA 31 13.68 97.15 -77.13
CA GLU LA 31 14.46 98.00 -76.24
C GLU LA 31 13.94 97.90 -74.81
N GLN LA 32 12.62 97.80 -74.65
CA GLN LA 32 12.02 97.63 -73.33
C GLN LA 32 12.37 96.27 -72.74
N ALA LA 33 12.38 95.22 -73.56
CA ALA LA 33 12.78 93.90 -73.09
C ALA LA 33 14.24 93.90 -72.64
N SER LA 34 15.08 94.68 -73.32
CA SER LA 34 16.47 94.82 -72.90
C SER LA 34 16.57 95.58 -71.59
N GLN LA 35 15.86 96.70 -71.47
CA GLN LA 35 15.91 97.50 -70.26
C GLN LA 35 15.37 96.73 -69.06
N GLU LA 36 14.38 95.87 -69.28
CA GLU LA 36 13.83 95.07 -68.18
C GLU LA 36 14.73 93.88 -67.86
N GLY LA 37 15.46 93.39 -68.84
CA GLY LA 37 16.33 92.25 -68.65
C GLY LA 37 15.66 90.91 -68.78
N ASP LA 38 14.65 90.78 -69.63
CA ASP LA 38 13.94 89.52 -69.84
C ASP LA 38 14.44 88.87 -71.12
N SER LA 39 15.28 87.85 -70.96
CA SER LA 39 15.79 87.12 -72.12
C SER LA 39 14.66 86.41 -72.86
N GLU LA 40 13.63 85.96 -72.11
CA GLU LA 40 12.46 85.37 -72.76
C GLU LA 40 11.75 86.40 -73.63
N LYS LA 41 11.46 87.58 -73.08
CA LYS LA 41 10.81 88.63 -73.86
C LYS LA 41 11.72 89.12 -74.97
N ALA LA 42 13.03 89.11 -74.74
CA ALA LA 42 13.97 89.54 -75.77
C ALA LA 42 13.94 88.58 -76.95
N LYS LA 43 14.08 87.28 -76.70
CA LYS LA 43 14.02 86.30 -77.77
C LYS LA 43 12.63 86.26 -78.40
N ALA LA 44 11.59 86.59 -77.62
CA ALA LA 44 10.26 86.69 -78.17
C ALA LA 44 10.16 87.82 -79.19
N ILE LA 45 10.65 89.00 -78.82
CA ILE LA 45 10.64 90.12 -79.76
C ILE LA 45 11.53 89.81 -80.95
N LEU LA 46 12.58 89.02 -80.75
CA LEU LA 46 13.47 88.66 -81.85
C LEU LA 46 12.77 87.74 -82.84
N LEU LA 47 12.14 86.68 -82.34
CA LEU LA 47 11.39 85.77 -83.19
C LEU LA 47 10.22 86.48 -83.85
N ALA LA 48 9.59 87.43 -83.16
CA ALA LA 48 8.49 88.18 -83.76
C ALA LA 48 9.00 89.13 -84.84
N ALA LA 49 10.19 89.70 -84.63
CA ALA LA 49 10.78 90.56 -85.65
C ALA LA 49 11.15 89.75 -86.89
N GLU LA 50 11.72 88.56 -86.69
CA GLU LA 50 11.98 87.66 -87.81
C GLU LA 50 10.68 87.25 -88.49
N ALA LA 51 9.62 87.03 -87.70
CA ALA LA 51 8.32 86.71 -88.26
C ALA LA 51 7.81 87.84 -89.14
N ALA LA 52 7.95 89.08 -88.66
CA ALA LA 52 7.50 90.23 -89.44
C ALA LA 52 8.34 90.41 -90.69
N ARG LA 53 9.64 90.08 -90.62
CA ARG LA 53 10.48 90.14 -91.81
C ARG LA 53 10.03 89.10 -92.83
N VAL LA 54 9.82 87.86 -92.38
CA VAL LA 54 9.39 86.80 -93.30
C VAL LA 54 8.00 87.08 -93.83
N ALA LA 55 7.19 87.83 -93.06
CA ALA LA 55 5.86 88.20 -93.53
C ALA LA 55 5.93 89.30 -94.57
N LYS LA 56 6.73 90.34 -94.32
CA LYS LA 56 6.97 91.36 -95.34
C LYS LA 56 7.53 90.73 -96.60
N GLU LA 57 8.30 89.65 -96.45
CA GLU LA 57 8.73 88.89 -97.61
C GLU LA 57 7.56 88.11 -98.23
N VAL LA 58 6.61 87.67 -97.40
CA VAL LA 58 5.45 86.92 -97.89
C VAL LA 58 4.31 87.88 -98.26
N GLY LA 59 3.92 88.75 -97.34
CA GLY LA 59 2.92 89.75 -97.63
C GLY LA 59 1.58 89.58 -96.92
N ALA LA 60 1.61 89.13 -95.66
CA ALA LA 60 0.39 88.95 -94.88
C ALA LA 60 0.40 89.89 -93.69
N PRO LA 61 -0.46 90.93 -93.68
CA PRO LA 61 -0.48 91.82 -92.51
C PRO LA 61 -1.09 91.20 -91.28
N ASP LA 62 -1.80 90.08 -91.41
CA ASP LA 62 -2.34 89.39 -90.24
C ASP LA 62 -1.22 88.90 -89.35
N LEU LA 63 -0.32 88.06 -89.88
CA LEU LA 63 0.82 87.61 -89.09
C LEU LA 63 1.74 88.76 -88.74
N ILE LA 64 1.73 89.83 -89.54
CA ILE LA 64 2.55 91.00 -89.22
C ILE LA 64 2.08 91.65 -87.93
N ARG LA 65 0.79 91.97 -87.85
CA ARG LA 65 0.25 92.54 -86.61
C ARG LA 65 0.32 91.52 -85.48
N LEU LA 66 0.23 90.23 -85.80
CA LEU LA 66 0.35 89.19 -84.77
C LEU LA 66 1.73 89.23 -84.13
N ALA LA 67 2.77 89.29 -84.95
CA ALA LA 67 4.13 89.39 -84.41
C ALA LA 67 4.34 90.73 -83.72
N ARG LA 68 3.71 91.79 -84.22
CA ARG LA 68 3.81 93.09 -83.55
C ARG LA 68 3.26 93.02 -82.14
N ILE LA 69 2.09 92.40 -81.98
CA ILE LA 69 1.49 92.27 -80.65
C ILE LA 69 2.30 91.30 -79.79
N ALA LA 70 2.83 90.24 -80.40
CA ALA LA 70 3.63 89.28 -79.64
C ALA LA 70 4.90 89.93 -79.11
N ALA LA 71 5.50 90.84 -79.89
CA ALA LA 71 6.67 91.56 -79.42
C ALA LA 71 6.29 92.60 -78.37
N ARG LA 72 5.17 93.29 -78.58
CA ARG LA 72 4.71 94.25 -77.58
C ARG LA 72 4.40 93.56 -76.25
N VAL LA 73 3.96 92.31 -76.29
CA VAL LA 73 3.69 91.58 -75.05
C VAL LA 73 4.90 90.77 -74.62
N GLY LA 74 5.64 90.21 -75.57
CA GLY LA 74 6.77 89.37 -75.24
C GLY LA 74 6.42 87.89 -75.22
N ALA LA 75 5.62 87.47 -76.20
CA ALA LA 75 5.14 86.09 -76.30
C ALA LA 75 6.10 85.31 -77.19
N SER LA 76 6.88 84.41 -76.58
CA SER LA 76 7.86 83.63 -77.34
C SER LA 76 7.18 82.56 -78.18
N GLU LA 77 6.19 81.87 -77.62
CA GLU LA 77 5.47 80.86 -78.39
C GLU LA 77 4.73 81.49 -79.55
N ALA LA 78 4.05 82.61 -79.32
CA ALA LA 78 3.34 83.29 -80.40
C ALA LA 78 4.30 83.83 -81.44
N ALA LA 79 5.48 84.30 -81.01
CA ALA LA 79 6.46 84.81 -81.96
C ALA LA 79 7.02 83.69 -82.83
N LYS LA 80 7.35 82.55 -82.22
CA LYS LA 80 7.83 81.42 -82.99
C LYS LA 80 6.74 80.89 -83.92
N ALA LA 81 5.49 80.91 -83.45
CA ALA LA 81 4.37 80.53 -84.31
C ALA LA 81 4.22 81.47 -85.48
N ILE LA 82 4.39 82.78 -85.25
CA ILE LA 82 4.28 83.76 -86.33
C ILE LA 82 5.44 83.58 -87.31
N LEU LA 83 6.62 83.21 -86.80
CA LEU LA 83 7.76 83.02 -87.69
C LEU LA 83 7.57 81.78 -88.57
N LEU LA 84 7.22 80.65 -87.95
CA LEU LA 84 6.97 79.44 -88.72
C LEU LA 84 5.76 79.62 -89.64
N ALA LA 85 4.81 80.47 -89.25
CA ALA LA 85 3.64 80.72 -90.08
C ALA LA 85 3.98 81.63 -91.25
N ALA LA 86 4.92 82.57 -91.06
CA ALA LA 86 5.38 83.38 -92.17
C ALA LA 86 6.20 82.53 -93.15
N GLU LA 87 6.98 81.58 -92.61
CA GLU LA 87 7.62 80.59 -93.48
C GLU LA 87 6.58 79.78 -94.23
N ALA LA 88 5.52 79.36 -93.54
CA ALA LA 88 4.43 78.63 -94.18
C ALA LA 88 3.77 79.49 -95.25
N ALA LA 89 3.65 80.79 -95.00
CA ALA LA 89 3.01 81.68 -95.96
C ALA LA 89 3.88 81.87 -97.19
N ARG LA 90 5.19 81.97 -97.00
CA ARG LA 90 6.09 82.00 -98.14
C ARG LA 90 6.01 80.70 -98.93
N VAL LA 91 6.00 79.55 -98.22
CA VAL LA 91 5.94 78.26 -98.89
C VAL LA 91 4.60 78.10 -99.62
N ALA LA 92 3.55 78.69 -99.08
CA ALA LA 92 2.24 78.60 -99.71
C ALA LA 92 2.14 79.52 -100.92
N LYS LA 93 2.67 80.74 -100.81
CA LYS LA 93 2.76 81.61 -101.97
C LYS LA 93 3.58 80.96 -103.08
N GLU LA 94 4.57 80.16 -102.69
CA GLU LA 94 5.27 79.32 -103.67
C GLU LA 94 4.38 78.18 -104.16
N VAL LA 95 3.49 77.69 -103.30
CA VAL LA 95 2.62 76.58 -103.68
C VAL LA 95 1.31 77.10 -104.26
N GLY LA 96 0.54 77.85 -103.48
CA GLY LA 96 -0.71 78.42 -103.95
C GLY LA 96 -1.96 77.84 -103.32
N ASP LA 97 -1.90 77.49 -102.04
CA ASP LA 97 -3.03 76.90 -101.34
C ASP LA 97 -3.61 77.91 -100.35
N PRO LA 98 -4.85 78.37 -100.54
CA PRO LA 98 -5.42 79.34 -99.59
C PRO LA 98 -5.84 78.74 -98.26
N GLU LA 99 -6.28 77.48 -98.24
CA GLU LA 99 -6.56 76.83 -96.97
C GLU LA 99 -5.29 76.69 -96.14
N LEU LA 100 -4.15 76.47 -96.81
CA LEU LA 100 -2.88 76.45 -96.10
C LEU LA 100 -2.57 77.81 -95.49
N GLU LA 101 -2.86 78.89 -96.23
CA GLU LA 101 -2.64 80.23 -95.69
C GLU LA 101 -3.55 80.49 -94.50
N ARG LA 102 -4.80 80.02 -94.58
CA ARG LA 102 -5.71 80.17 -93.46
C ARG LA 102 -5.21 79.40 -92.24
N LEU LA 103 -4.75 78.16 -92.45
CA LEU LA 103 -4.24 77.36 -91.35
C LEU LA 103 -2.99 78.00 -90.74
N ALA LA 104 -2.14 78.59 -91.58
CA ALA LA 104 -0.92 79.23 -91.09
C ALA LA 104 -1.27 80.48 -90.27
N LEU LA 105 -2.18 81.31 -90.78
CA LEU LA 105 -2.61 82.47 -90.02
C LEU LA 105 -3.28 82.05 -88.71
N LEU LA 106 -4.01 80.94 -88.73
CA LEU LA 106 -4.66 80.46 -87.52
C LEU LA 106 -3.64 79.95 -86.51
N ALA LA 107 -2.58 79.30 -86.99
CA ALA LA 107 -1.52 78.86 -86.09
C ALA LA 107 -0.78 80.06 -85.52
N ALA LA 108 -0.60 81.11 -86.32
CA ALA LA 108 0.06 82.32 -85.82
C ALA LA 108 -0.81 83.01 -84.78
N VAL LA 109 -2.13 83.04 -85.00
CA VAL LA 109 -3.03 83.70 -84.05
C VAL LA 109 -3.16 82.89 -82.77
N LEU LA 110 -3.36 81.58 -82.88
CA LEU LA 110 -3.42 80.73 -81.70
C LEU LA 110 -2.05 80.62 -81.03
N GLY LA 111 -1.00 81.06 -81.71
CA GLY LA 111 0.33 81.00 -81.17
C GLY LA 111 0.88 79.59 -81.08
N ASP LA 112 0.25 78.63 -81.74
CA ASP LA 112 0.66 77.23 -81.68
C ASP LA 112 1.84 77.03 -82.64
N SER LA 113 3.05 77.10 -82.08
CA SER LA 113 4.24 76.89 -82.88
C SER LA 113 4.27 75.48 -83.46
N GLU LA 114 3.66 74.52 -82.77
CA GLU LA 114 3.48 73.19 -83.36
C GLU LA 114 2.59 73.25 -84.59
N LYS LA 115 1.45 73.93 -84.48
CA LYS LA 115 0.57 74.09 -85.64
C LYS LA 115 1.22 74.96 -86.70
N ALA LA 116 2.11 75.88 -86.29
CA ALA LA 116 2.79 76.71 -87.28
C ALA LA 116 3.82 75.91 -88.08
N LYS LA 117 4.59 75.06 -87.40
CA LYS LA 117 5.48 74.15 -88.12
C LYS LA 117 4.68 73.16 -88.94
N ALA LA 118 3.49 72.78 -88.46
CA ALA LA 118 2.60 71.95 -89.25
C ALA LA 118 2.19 72.65 -90.54
N ILE LA 119 1.85 73.93 -90.45
CA ILE LA 119 1.47 74.68 -91.63
C ILE LA 119 2.65 74.85 -92.58
N LEU LA 120 3.84 75.04 -92.03
CA LEU LA 120 5.04 75.14 -92.87
C LEU LA 120 5.28 73.84 -93.62
N LEU LA 121 5.27 72.71 -92.90
CA LEU LA 121 5.48 71.42 -93.52
C LEU LA 121 4.34 71.07 -94.47
N ALA LA 122 3.14 71.55 -94.20
CA ALA LA 122 2.01 71.27 -95.08
C ALA LA 122 2.07 72.10 -96.35
N ALA LA 123 2.53 73.35 -96.25
CA ALA LA 123 2.75 74.14 -97.45
C ALA LA 123 3.88 73.54 -98.29
N GLU LA 124 4.94 73.08 -97.63
CA GLU LA 124 5.99 72.37 -98.34
C GLU LA 124 5.46 71.09 -98.99
N ALA LA 125 4.59 70.38 -98.28
CA ALA LA 125 4.01 69.16 -98.82
C ALA LA 125 3.13 69.45 -100.02
N ALA LA 126 2.34 70.52 -99.95
CA ALA LA 126 1.51 70.91 -101.08
C ALA LA 126 2.34 71.32 -102.28
N ARG LA 127 3.44 72.05 -102.03
CA ARG LA 127 4.34 72.42 -103.12
C ARG LA 127 4.97 71.19 -103.74
N VAL LA 128 5.44 70.26 -102.91
CA VAL LA 128 6.10 69.05 -103.42
C VAL LA 128 5.10 68.17 -104.15
N ALA LA 129 3.84 68.18 -103.71
CA ALA LA 129 2.81 67.40 -104.39
C ALA LA 129 2.44 68.02 -105.73
N LYS LA 130 2.30 69.34 -105.77
CA LYS LA 130 2.04 70.02 -107.04
C LYS LA 130 3.20 69.82 -108.02
N GLU LA 131 4.43 69.79 -107.49
CA GLU LA 131 5.57 69.53 -108.35
C GLU LA 131 5.61 68.08 -108.82
N VAL LA 132 5.24 67.15 -107.95
CA VAL LA 132 5.23 65.73 -108.29
C VAL LA 132 3.93 65.34 -108.99
N GLY LA 133 2.81 65.90 -108.54
CA GLY LA 133 1.52 65.56 -109.12
C GLY LA 133 0.80 64.55 -108.26
N ASP LA 134 1.12 64.52 -106.97
CA ASP LA 134 0.57 63.53 -106.05
C ASP LA 134 -0.65 64.13 -105.36
N PRO LA 135 -1.87 63.81 -105.81
CA PRO LA 135 -3.06 64.37 -105.15
C PRO LA 135 -3.29 63.83 -103.74
N GLU LA 136 -2.90 62.59 -103.47
CA GLU LA 136 -2.99 62.07 -102.11
C GLU LA 136 -2.08 62.87 -101.17
N LEU LA 137 -0.89 63.25 -101.66
CA LEU LA 137 0.02 64.04 -100.84
C LEU LA 137 -0.55 65.42 -100.56
N ILE LA 138 -1.15 66.06 -101.56
CA ILE LA 138 -1.76 67.37 -101.35
C ILE LA 138 -2.95 67.28 -100.41
N LYS LA 139 -3.72 66.19 -100.53
CA LYS LA 139 -4.86 65.99 -99.64
C LYS LA 139 -4.39 65.80 -98.19
N LEU LA 140 -3.34 65.00 -98.00
CA LEU LA 140 -2.79 64.82 -96.66
C LEU LA 140 -2.21 66.12 -96.11
N ALA LA 141 -1.60 66.92 -96.98
CA ALA LA 141 -1.08 68.22 -96.56
C ALA LA 141 -2.20 69.15 -96.11
N LEU LA 142 -3.28 69.20 -96.87
CA LEU LA 142 -4.42 70.04 -96.48
C LEU LA 142 -5.06 69.54 -95.19
N GLU LA 143 -5.15 68.21 -95.04
CA GLU LA 143 -5.71 67.64 -93.82
C GLU LA 143 -4.84 67.97 -92.61
N ALA LA 144 -3.52 67.92 -92.77
CA ALA LA 144 -2.62 68.27 -91.68
C ALA LA 144 -2.69 69.76 -91.35
N ALA LA 145 -2.81 70.60 -92.39
CA ALA LA 145 -2.93 72.04 -92.15
C ALA LA 145 -4.21 72.36 -91.40
N GLU LA 146 -5.34 71.75 -91.79
CA GLU LA 146 -6.58 71.94 -91.05
C GLU LA 146 -6.48 71.35 -89.65
N ARG LA 147 -5.74 70.25 -89.49
CA ARG LA 147 -5.60 69.62 -88.18
C ARG LA 147 -4.47 70.26 -87.37
N GLY LA 148 -3.42 70.73 -88.04
CA GLY LA 148 -2.29 71.31 -87.34
C GLY LA 148 -1.29 70.27 -86.87
N ASP LA 149 -1.20 69.16 -87.59
CA ASP LA 149 -0.34 68.04 -87.24
C ASP LA 149 0.98 68.17 -88.00
N SER LA 150 2.05 68.52 -87.28
CA SER LA 150 3.35 68.66 -87.92
C SER LA 150 3.87 67.32 -88.41
N GLU LA 151 3.60 66.25 -87.67
CA GLU LA 151 4.00 64.91 -88.12
C GLU LA 151 3.30 64.53 -89.41
N LYS LA 152 1.99 64.78 -89.50
CA LYS LA 152 1.24 64.44 -90.70
C LYS LA 152 1.67 65.32 -91.88
N ALA LA 153 1.96 66.59 -91.63
CA ALA LA 153 2.39 67.47 -92.71
C ALA LA 153 3.78 67.08 -93.21
N LYS LA 154 4.69 66.75 -92.29
CA LYS LA 154 6.00 66.28 -92.70
C LYS LA 154 5.90 64.94 -93.43
N ALA LA 155 4.95 64.10 -93.03
CA ALA LA 155 4.73 62.84 -93.73
C ALA LA 155 4.21 63.08 -95.13
N ILE LA 156 3.30 64.05 -95.29
CA ILE LA 156 2.79 64.39 -96.61
C ILE LA 156 3.92 64.94 -97.48
N LEU LA 157 4.80 65.75 -96.89
CA LEU LA 157 5.93 66.29 -97.65
C LEU LA 157 6.88 65.19 -98.07
N LEU LA 158 7.24 64.29 -97.15
CA LEU LA 158 8.13 63.19 -97.48
C LEU LA 158 7.48 62.24 -98.47
N ALA LA 159 6.17 62.07 -98.42
CA ALA LA 159 5.47 61.21 -99.37
C ALA LA 159 5.42 61.84 -100.75
N ALA LA 160 5.22 63.15 -100.82
CA ALA LA 160 5.27 63.84 -102.11
C ALA LA 160 6.68 63.76 -102.69
N GLU LA 161 7.70 63.89 -101.85
CA GLU LA 161 9.08 63.75 -102.32
C GLU LA 161 9.36 62.32 -102.78
N ALA LA 162 8.85 61.34 -102.05
CA ALA LA 162 9.03 59.94 -102.45
C ALA LA 162 8.30 59.66 -103.76
N ALA LA 163 7.11 60.22 -103.95
CA ALA LA 163 6.39 60.07 -105.20
C ALA LA 163 7.12 60.75 -106.34
N ARG LA 164 7.74 61.91 -106.08
CA ARG LA 164 8.54 62.56 -107.10
C ARG LA 164 9.74 61.70 -107.49
N VAL LA 165 10.44 61.15 -106.49
CA VAL LA 165 11.60 60.31 -106.76
C VAL LA 165 11.17 59.05 -107.49
N ALA LA 166 9.98 58.54 -107.19
CA ALA LA 166 9.48 57.35 -107.85
C ALA LA 166 9.11 57.63 -109.30
N LYS LA 167 8.42 58.74 -109.55
CA LYS LA 167 8.07 59.12 -110.91
C LYS LA 167 9.30 59.41 -111.74
N GLU LA 168 10.32 60.04 -111.14
CA GLU LA 168 11.58 60.25 -111.84
C GLU LA 168 12.31 58.95 -112.06
N VAL LA 169 12.18 57.99 -111.15
CA VAL LA 169 12.77 56.67 -111.30
C VAL LA 169 11.88 55.76 -112.13
N GLY LA 170 10.57 55.86 -111.94
CA GLY LA 170 9.64 54.99 -112.63
C GLY LA 170 9.24 53.83 -111.74
N ASP LA 171 9.39 54.01 -110.43
CA ASP LA 171 9.14 52.94 -109.47
C ASP LA 171 7.71 53.05 -108.95
N PRO LA 172 6.74 52.37 -109.57
CA PRO LA 172 5.37 52.44 -109.06
C PRO LA 172 5.21 51.81 -107.69
N GLU LA 173 6.07 50.86 -107.32
CA GLU LA 173 6.06 50.36 -105.94
C GLU LA 173 6.45 51.45 -104.97
N LEU LA 174 7.44 52.27 -105.33
CA LEU LA 174 7.83 53.38 -104.47
C LEU LA 174 6.73 54.43 -104.40
N ILE LA 175 6.07 54.70 -105.52
CA ILE LA 175 4.96 55.66 -105.51
C ILE LA 175 3.81 55.14 -104.65
N LYS LA 176 3.55 53.84 -104.73
CA LYS LA 176 2.50 53.24 -103.91
C LYS LA 176 2.86 53.30 -102.42
N LEU LA 177 4.13 53.04 -102.09
CA LEU LA 177 4.56 53.14 -100.71
C LEU LA 177 4.45 54.58 -100.21
N ALA LA 178 4.76 55.55 -101.08
CA ALA LA 178 4.62 56.96 -100.72
C ALA LA 178 3.16 57.31 -100.46
N LEU LA 179 2.26 56.86 -101.33
CA LEU LA 179 0.84 57.12 -101.11
C LEU LA 179 0.34 56.45 -99.84
N GLU LA 180 0.83 55.23 -99.56
CA GLU LA 180 0.42 54.53 -98.35
C GLU LA 180 0.93 55.23 -97.11
N ALA LA 181 2.15 55.78 -97.17
CA ALA LA 181 2.68 56.53 -96.04
C ALA LA 181 1.95 57.85 -95.86
N ALA LA 182 1.56 58.49 -96.96
CA ALA LA 182 0.76 59.72 -96.87
C ALA LA 182 -0.60 59.44 -96.24
N ARG LA 183 -1.25 58.36 -96.64
CA ARG LA 183 -2.52 57.97 -96.03
C ARG LA 183 -2.31 57.58 -94.57
N ARG LA 184 -1.17 56.96 -94.24
CA ARG LA 184 -0.88 56.58 -92.86
C ARG LA 184 -0.31 57.74 -92.07
N GLY LA 185 0.30 58.71 -92.74
CA GLY LA 185 0.91 59.82 -92.06
C GLY LA 185 2.23 59.45 -91.44
N ASP LA 186 2.85 58.39 -91.96
CA ASP LA 186 4.13 57.90 -91.48
C ASP LA 186 5.25 58.56 -92.27
N SER LA 187 5.85 59.61 -91.69
CA SER LA 187 6.97 60.27 -92.34
C SER LA 187 8.16 59.33 -92.47
N GLU LA 188 8.30 58.38 -91.55
CA GLU LA 188 9.37 57.40 -91.65
C GLU LA 188 9.17 56.50 -92.87
N LYS LA 189 7.95 56.01 -93.07
CA LYS LA 189 7.67 55.18 -94.24
C LYS LA 189 7.82 55.97 -95.53
N ALA LA 190 7.42 57.25 -95.51
CA ALA LA 190 7.54 58.07 -96.71
C ALA LA 190 9.01 58.36 -97.04
N LYS LA 191 9.83 58.60 -96.01
CA LYS LA 191 11.26 58.78 -96.24
C LYS LA 191 11.91 57.50 -96.71
N ALA LA 192 11.47 56.36 -96.18
CA ALA LA 192 11.95 55.08 -96.68
C ALA LA 192 11.57 54.88 -98.13
N ILE LA 193 10.37 55.30 -98.52
CA ILE LA 193 9.94 55.19 -99.90
C ILE LA 193 10.77 56.12 -100.78
N LEU LA 194 11.13 57.30 -100.27
CA LEU LA 194 11.97 58.22 -101.03
C LEU LA 194 13.37 57.64 -101.24
N LEU LA 195 13.97 57.10 -100.16
CA LEU LA 195 15.28 56.48 -100.28
C LEU LA 195 15.24 55.26 -101.18
N ALA LA 196 14.14 54.50 -101.14
CA ALA LA 196 14.01 53.34 -102.00
C ALA LA 196 13.84 53.75 -103.46
N ALA LA 197 13.11 54.82 -103.72
CA ALA LA 197 12.98 55.32 -105.09
C ALA LA 197 14.31 55.84 -105.60
N GLU LA 198 15.10 56.49 -104.74
CA GLU LA 198 16.44 56.93 -105.14
C GLU LA 198 17.34 55.74 -105.43
N ALA LA 199 17.29 54.70 -104.58
CA ALA LA 199 18.09 53.52 -104.80
C ALA LA 199 17.67 52.80 -106.08
N ALA LA 200 16.37 52.76 -106.37
CA ALA LA 200 15.88 52.15 -107.60
C ALA LA 200 16.29 52.97 -108.82
N ARG LA 201 16.29 54.30 -108.69
CA ARG LA 201 16.78 55.14 -109.78
C ARG LA 201 18.25 54.88 -110.05
N VAL LA 202 19.05 54.74 -108.99
CA VAL LA 202 20.47 54.46 -109.16
C VAL LA 202 20.66 53.07 -109.78
N ALA LA 203 19.82 52.11 -109.38
CA ALA LA 203 19.93 50.77 -109.93
C ALA LA 203 19.55 50.75 -111.40
N LYS LA 204 18.52 51.50 -111.78
CA LYS LA 204 18.14 51.58 -113.19
C LYS LA 204 19.20 52.30 -114.01
N GLU LA 205 19.78 53.38 -113.47
CA GLU LA 205 20.80 54.11 -114.20
C GLU LA 205 22.08 53.29 -114.33
N VAL LA 206 22.38 52.45 -113.34
CA VAL LA 206 23.55 51.57 -113.42
C VAL LA 206 23.21 50.26 -114.12
N GLY LA 207 22.12 49.61 -113.71
CA GLY LA 207 21.74 48.34 -114.26
C GLY LA 207 21.80 47.23 -113.23
N ASP LA 208 21.63 47.60 -111.97
CA ASP LA 208 21.69 46.64 -110.86
C ASP LA 208 20.28 46.19 -110.53
N PRO LA 209 19.75 45.17 -111.21
CA PRO LA 209 18.38 44.72 -110.92
C PRO LA 209 18.22 44.18 -109.50
N GLU LA 210 19.25 43.60 -108.91
CA GLU LA 210 19.16 43.20 -107.50
C GLU LA 210 19.04 44.42 -106.61
N LEU LA 211 19.71 45.52 -106.96
CA LEU LA 211 19.58 46.74 -106.18
C LEU LA 211 18.17 47.33 -106.30
N ILE LA 212 17.61 47.35 -107.51
CA ILE LA 212 16.24 47.83 -107.68
C ILE LA 212 15.27 46.92 -106.95
N LYS LA 213 15.56 45.61 -106.92
CA LYS LA 213 14.71 44.68 -106.21
C LYS LA 213 14.75 44.92 -104.71
N LEU LA 214 15.95 45.13 -104.16
CA LEU LA 214 16.06 45.46 -102.75
C LEU LA 214 15.40 46.79 -102.42
N ALA LA 215 15.46 47.74 -103.36
CA ALA LA 215 14.80 49.03 -103.15
C ALA LA 215 13.28 48.85 -103.12
N LEU LA 216 12.73 48.06 -104.04
CA LEU LA 216 11.30 47.80 -104.02
C LEU LA 216 10.90 47.05 -102.76
N GLU LA 217 11.74 46.11 -102.31
CA GLU LA 217 11.44 45.37 -101.09
C GLU LA 217 11.45 46.29 -99.87
N ALA LA 218 12.40 47.23 -99.82
CA ALA LA 218 12.43 48.19 -98.72
C ALA LA 218 11.24 49.14 -98.79
N ALA LA 219 10.84 49.54 -100.00
CA ALA LA 219 9.67 50.40 -100.14
C ALA LA 219 8.42 49.68 -99.66
N ARG LA 220 8.27 48.40 -100.01
CA ARG LA 220 7.16 47.62 -99.48
C ARG LA 220 7.27 47.43 -97.98
N ARG LA 221 8.50 47.37 -97.45
CA ARG LA 221 8.67 47.21 -96.01
C ARG LA 221 8.66 48.56 -95.29
N GLY LA 222 9.35 49.55 -95.84
CA GLY LA 222 9.40 50.86 -95.21
C GLY LA 222 10.60 51.04 -94.30
N ASP LA 223 11.73 50.41 -94.66
CA ASP LA 223 12.95 50.46 -93.87
C ASP LA 223 13.87 51.52 -94.47
N SER LA 224 13.89 52.69 -93.83
CA SER LA 224 14.74 53.78 -94.32
C SER LA 224 16.21 53.44 -94.18
N ARG LA 225 16.57 52.64 -93.15
CA ARG LA 225 17.95 52.23 -93.00
C ARG LA 225 18.38 51.29 -94.11
N LYS LA 226 17.58 50.27 -94.39
CA LYS LA 226 17.90 49.35 -95.47
C LYS LA 226 17.85 50.05 -96.82
N ALA LA 227 16.91 50.98 -97.00
CA ALA LA 227 16.82 51.71 -98.26
C ALA LA 227 18.03 52.61 -98.45
N GLU LA 228 18.48 53.27 -97.38
CA GLU LA 228 19.67 54.10 -97.47
C GLU LA 228 20.92 53.27 -97.72
N ALA LA 229 20.99 52.08 -97.11
CA ALA LA 229 22.10 51.18 -97.38
C ALA LA 229 22.09 50.72 -98.83
N ILE LA 230 20.90 50.44 -99.37
CA ILE LA 230 20.80 50.04 -100.77
C ILE LA 230 21.19 51.20 -101.69
N LEU LA 231 20.83 52.43 -101.31
CA LEU LA 231 21.23 53.58 -102.12
C LEU LA 231 22.73 53.79 -102.06
N LEU LA 232 23.34 53.61 -100.89
CA LEU LA 232 24.79 53.72 -100.77
C LEU LA 232 25.49 52.65 -101.59
N ALA LA 233 24.98 51.42 -101.54
CA ALA LA 233 25.55 50.36 -102.34
C ALA LA 233 25.35 50.60 -103.82
N ALA LA 234 24.23 51.21 -104.20
CA ALA LA 234 23.99 51.52 -105.60
C ALA LA 234 24.95 52.60 -106.09
N GLU LA 235 25.18 53.63 -105.28
CA GLU LA 235 26.16 54.65 -105.63
C GLU LA 235 27.55 54.05 -105.71
N ALA LA 236 27.87 53.13 -104.79
CA ALA LA 236 29.17 52.47 -104.82
C ALA LA 236 29.33 51.63 -106.07
N ALA LA 237 28.28 50.91 -106.47
CA ALA LA 237 28.34 50.10 -107.69
C ALA LA 237 28.38 50.98 -108.93
N ARG LA 238 27.76 52.16 -108.87
CA ARG LA 238 27.85 53.11 -109.97
C ARG LA 238 29.28 53.63 -110.11
N ILE LA 239 29.90 53.98 -108.99
CA ILE LA 239 31.31 54.38 -109.03
C ILE LA 239 32.18 53.24 -109.51
N ALA LA 240 31.81 52.00 -109.16
CA ALA LA 240 32.57 50.84 -109.60
C ALA LA 240 32.47 50.66 -111.11
N LYS LA 241 31.27 50.77 -111.66
CA LYS LA 241 31.09 50.69 -113.10
C LYS LA 241 31.80 51.83 -113.80
N GLU LA 242 31.79 53.03 -113.20
CA GLU LA 242 32.56 54.13 -113.75
C GLU LA 242 34.06 53.84 -113.72
N ALA LA 243 34.51 53.06 -112.74
CA ALA LA 243 35.90 52.65 -112.65
C ALA LA 243 36.16 51.31 -113.34
N GLY LA 244 35.28 50.33 -113.13
CA GLY LA 244 35.47 49.03 -113.73
C GLY LA 244 35.74 47.94 -112.71
N ASP LA 245 35.17 48.07 -111.52
CA ASP LA 245 35.33 47.09 -110.45
C ASP LA 245 34.04 46.30 -110.29
N PRO LA 246 33.83 45.23 -111.07
CA PRO LA 246 32.59 44.47 -110.93
C PRO LA 246 32.53 43.72 -109.60
N GLU LA 247 33.70 43.39 -109.06
CA GLU LA 247 33.76 42.80 -107.73
C GLU LA 247 33.23 43.78 -106.70
N ALA LA 248 33.53 45.07 -106.87
CA ALA LA 248 32.98 46.08 -105.98
C ALA LA 248 31.46 46.17 -106.11
N ARG LA 249 30.95 46.10 -107.36
CA ARG LA 249 29.50 46.12 -107.55
C ARG LA 249 28.85 44.91 -106.91
N LYS LA 250 29.51 43.75 -106.99
CA LYS LA 250 28.96 42.54 -106.38
C LYS LA 250 28.98 42.64 -104.86
N LYS LA 251 30.07 43.18 -104.30
CA LYS LA 251 30.12 43.38 -102.86
C LYS LA 251 29.06 44.38 -102.41
N ALA LA 252 28.81 45.40 -103.23
CA ALA LA 252 27.74 46.35 -102.92
C ALA LA 252 26.38 45.67 -102.96
N LEU LA 253 26.17 44.79 -103.93
CA LEU LA 253 24.93 44.02 -103.97
C LEU LA 253 24.78 43.16 -102.72
N GLU LA 254 25.88 42.51 -102.30
CA GLU LA 254 25.83 41.68 -101.10
C GLU LA 254 25.54 42.51 -99.86
N ALA LA 255 26.13 43.69 -99.75
CA ALA LA 255 25.89 44.55 -98.60
C ALA LA 255 24.47 45.11 -98.60
N ALA LA 256 23.95 45.48 -99.77
CA ALA LA 256 22.59 45.97 -99.85
C ALA LA 256 21.60 44.86 -99.52
N ARG LA 257 21.90 43.63 -99.93
CA ARG LA 257 21.10 42.49 -99.49
C ARG LA 257 21.23 42.29 -97.99
N ARG LA 258 22.38 42.62 -97.43
CA ARG LA 258 22.55 42.56 -95.98
C ARG LA 258 21.86 43.74 -95.29
N GLY LA 259 21.74 44.87 -95.96
CA GLY LA 259 21.03 46.02 -95.42
C GLY LA 259 21.88 47.00 -94.65
N ASP LA 260 23.18 46.77 -94.54
CA ASP LA 260 24.06 47.71 -93.86
C ASP LA 260 24.69 48.67 -94.85
N ARG LA 261 24.94 49.90 -94.39
CA ARG LA 261 25.56 50.93 -95.20
C ARG LA 261 27.01 51.17 -94.88
N GLU LA 262 27.54 50.62 -93.78
CA GLU LA 262 28.95 50.79 -93.46
C GLU LA 262 29.84 50.11 -94.49
N LEU LA 263 29.53 48.86 -94.83
CA LEU LA 263 30.30 48.16 -95.85
C LEU LA 263 30.12 48.81 -97.21
N ALA LA 264 28.92 49.30 -97.50
CA ALA LA 264 28.69 49.99 -98.77
C ALA LA 264 29.54 51.25 -98.85
N THR LA 265 29.63 52.00 -97.75
CA THR LA 265 30.45 53.20 -97.73
C THR LA 265 31.92 52.86 -97.85
N ARG LA 266 32.36 51.78 -97.19
CA ARG LA 266 33.76 51.38 -97.29
C ARG LA 266 34.10 50.97 -98.72
N ILE LA 267 33.20 50.26 -99.38
CA ILE LA 267 33.45 49.85 -100.76
C ILE LA 267 33.45 51.07 -101.68
N LEU LA 268 32.53 52.02 -101.45
CA LEU LA 268 32.53 53.25 -102.22
C LEU LA 268 33.82 54.02 -102.00
N ILE LA 269 34.36 53.97 -100.79
CA ILE LA 269 35.60 54.65 -100.49
C ILE LA 269 36.77 53.99 -101.21
N GLU LA 270 36.79 52.66 -101.24
CA GLU LA 270 37.85 51.96 -101.96
C GLU LA 270 37.77 52.24 -103.45
N ALA LA 271 36.56 52.25 -104.01
CA ALA LA 271 36.38 52.56 -105.42
C ALA LA 271 36.79 54.00 -105.72
N LEU LA 272 36.46 54.92 -104.81
CA LEU LA 272 36.85 56.30 -104.99
C LEU LA 272 38.36 56.46 -104.88
N LEU LA 273 39.00 55.65 -104.04
CA LEU LA 273 40.46 55.69 -103.94
C LEU LA 273 41.11 55.20 -105.22
N ARG LA 274 40.58 54.11 -105.79
CA ARG LA 274 41.10 53.63 -107.06
C ARG LA 274 40.88 54.66 -108.17
N LEU LA 275 39.68 55.23 -108.24
CA LEU LA 275 39.38 56.25 -109.24
C LEU LA 275 40.24 57.50 -109.01
N LEU LA 276 40.59 57.77 -107.76
CA LEU LA 276 41.42 58.93 -107.46
C LEU LA 276 42.85 58.70 -107.88
N LYS LA 277 43.37 57.48 -107.69
CA LYS LA 277 44.69 57.16 -108.21
C LYS LA 277 44.70 57.26 -109.73
N LYS LA 278 43.63 56.78 -110.38
CA LYS LA 278 43.55 56.89 -111.83
C LYS LA 278 43.49 58.34 -112.27
N SER LA 279 42.70 59.17 -111.59
CA SER LA 279 42.60 60.57 -111.93
C SER LA 279 43.90 61.30 -111.63
N THR LA 280 44.65 60.85 -110.64
CA THR LA 280 45.94 61.44 -110.35
C THR LA 280 46.94 61.13 -111.46
N ALA LA 281 46.94 59.89 -111.94
CA ALA LA 281 47.78 59.55 -113.09
C ALA LA 281 47.38 60.37 -114.30
N GLU LA 282 46.07 60.51 -114.54
CA GLU LA 282 45.59 61.28 -115.68
C GLU LA 282 45.98 62.75 -115.55
N LEU LA 283 45.93 63.28 -114.33
CA LEU LA 283 46.28 64.69 -114.12
C LEU LA 283 47.77 64.92 -114.26
N LYS LA 284 48.58 63.95 -113.81
CA LYS LA 284 50.02 64.06 -114.05
C LYS LA 284 50.33 64.02 -115.54
N ARG LA 285 49.65 63.15 -116.28
CA ARG LA 285 49.83 63.10 -117.73
C ARG LA 285 49.39 64.41 -118.38
N ALA LA 286 48.27 64.98 -117.91
CA ALA LA 286 47.79 66.24 -118.48
C ALA LA 286 48.74 67.38 -118.16
N THR LA 287 49.32 67.38 -116.96
CA THR LA 287 50.29 68.42 -116.60
C THR LA 287 51.56 68.28 -117.44
N ALA LA 288 52.01 67.04 -117.68
CA ALA LA 288 53.14 66.82 -118.56
C ALA LA 288 52.84 67.31 -119.97
N SER LA 289 51.63 67.02 -120.46
CA SER LA 289 51.26 67.46 -121.80
C SER LA 289 51.18 68.98 -121.89
N LEU LA 290 50.66 69.62 -120.84
CA LEU LA 290 50.60 71.08 -120.82
C LEU LA 290 51.99 71.69 -120.77
N ARG LA 291 52.89 71.11 -119.98
CA ARG LA 291 54.27 71.60 -119.95
C ARG LA 291 54.95 71.39 -121.29
N ALA LA 292 54.64 70.28 -121.98
CA ALA LA 292 55.21 70.05 -123.30
C ALA LA 292 54.70 71.05 -124.31
N ILE LA 293 53.40 71.35 -124.27
CA ILE LA 293 52.84 72.34 -125.19
C ILE LA 293 53.41 73.72 -124.86
N THR LA 294 53.67 74.00 -123.59
CA THR LA 294 54.28 75.26 -123.21
C THR LA 294 55.71 75.35 -123.74
N GLU LA 295 56.47 74.26 -123.64
CA GLU LA 295 57.83 74.26 -124.17
C GLU LA 295 57.81 74.39 -125.69
N GLU LA 296 56.80 73.81 -126.35
CA GLU LA 296 56.69 73.93 -127.79
C GLU LA 296 56.37 75.36 -128.19
N LEU LA 297 55.44 76.01 -127.49
CA LEU LA 297 55.13 77.41 -127.74
C LEU LA 297 56.33 78.30 -127.41
N LYS LA 298 57.16 77.86 -126.46
CA LYS LA 298 58.35 78.63 -126.12
C LYS LA 298 59.42 78.52 -127.20
N LYS LA 299 59.62 77.32 -127.74
CA LYS LA 299 60.66 77.14 -128.75
C LYS LA 299 60.33 77.85 -130.06
N ASN LA 300 59.05 77.89 -130.42
CA ASN LA 300 58.62 78.57 -131.63
C ASN LA 300 57.21 79.11 -131.45
N PRO LA 301 57.06 80.32 -130.92
CA PRO LA 301 55.71 80.84 -130.68
C PRO LA 301 55.08 81.38 -131.95
N SER LA 302 53.79 81.08 -132.10
CA SER LA 302 53.03 81.47 -133.27
C SER LA 302 51.55 81.31 -132.95
N GLU LA 303 50.71 81.44 -133.99
CA GLU LA 303 49.28 81.22 -133.81
C GLU LA 303 49.00 79.79 -133.35
N ASP LA 304 49.54 78.81 -134.07
CA ASP LA 304 49.33 77.42 -133.70
C ASP LA 304 49.98 77.09 -132.36
N ALA LA 305 51.14 77.68 -132.09
CA ALA LA 305 51.84 77.40 -130.84
C ALA LA 305 51.07 77.91 -129.64
N LEU LA 306 50.67 79.19 -129.68
CA LEU LA 306 49.86 79.73 -128.59
C LEU LA 306 48.51 79.03 -128.49
N VAL LA 307 47.95 78.65 -129.63
CA VAL LA 307 46.68 77.91 -129.63
C VAL LA 307 46.84 76.59 -128.90
N GLU LA 308 47.88 75.83 -129.22
CA GLU LA 308 48.08 74.53 -128.58
C GLU LA 308 48.42 74.69 -127.11
N HIS LA 309 49.21 75.72 -126.76
CA HIS LA 309 49.55 75.93 -125.36
C HIS LA 309 48.31 76.27 -124.54
N ASN LA 310 47.47 77.17 -125.06
CA ASN LA 310 46.25 77.54 -124.34
C ASN LA 310 45.27 76.37 -124.29
N ARG LA 311 45.20 75.57 -125.36
CA ARG LA 311 44.33 74.40 -125.36
C ARG LA 311 44.80 73.37 -124.34
N ALA LA 312 46.11 73.18 -124.23
CA ALA LA 312 46.64 72.26 -123.22
C ALA LA 312 46.40 72.78 -121.81
N ILE LA 313 46.52 74.11 -121.62
CA ILE LA 313 46.23 74.68 -120.31
C ILE LA 313 44.76 74.48 -119.95
N VAL LA 314 43.86 74.67 -120.91
CA VAL LA 314 42.44 74.48 -120.65
C VAL LA 314 42.14 73.00 -120.42
N GLU LA 315 42.83 72.11 -121.14
CA GLU LA 315 42.62 70.68 -120.92
C GLU LA 315 43.10 70.26 -119.54
N HIS LA 316 44.23 70.81 -119.10
CA HIS LA 316 44.71 70.53 -117.75
C HIS LA 316 43.74 71.08 -116.71
N ASN LA 317 43.19 72.27 -116.96
CA ASN LA 317 42.20 72.82 -116.03
C ASN LA 317 40.94 71.97 -115.98
N ALA LA 318 40.51 71.45 -117.13
CA ALA LA 318 39.32 70.61 -117.16
C ALA LA 318 39.58 69.27 -116.48
N ILE LA 319 40.78 68.71 -116.66
CA ILE LA 319 41.13 67.46 -116.00
C ILE LA 319 41.20 67.67 -114.49
N ILE LA 320 41.74 68.82 -114.07
CA ILE LA 320 41.78 69.14 -112.66
C ILE LA 320 40.38 69.31 -112.11
N VAL LA 321 39.48 69.92 -112.89
CA VAL LA 321 38.10 70.09 -112.47
C VAL LA 321 37.42 68.73 -112.34
N GLU LA 322 37.72 67.81 -113.25
CA GLU LA 322 37.13 66.48 -113.18
C GLU LA 322 37.66 65.72 -111.97
N ASN LA 323 38.96 65.81 -111.71
CA ASN LA 323 39.52 65.16 -110.54
C ASN LA 323 38.96 65.76 -109.26
N ASN LA 324 38.77 67.08 -109.25
CA ASN LA 324 38.17 67.73 -108.09
C ASN LA 324 36.71 67.32 -107.92
N ARG LA 325 36.00 67.10 -109.02
CA ARG LA 325 34.63 66.62 -108.93
C ARG LA 325 34.59 65.21 -108.38
N ILE LA 326 35.54 64.37 -108.79
CA ILE LA 326 35.61 63.02 -108.24
C ILE LA 326 35.91 63.07 -106.76
N ILE LA 327 36.85 63.95 -106.37
CA ILE LA 327 37.18 64.08 -104.95
C ILE LA 327 36.00 64.62 -104.17
N ALA LA 328 35.23 65.52 -104.78
CA ALA LA 328 34.05 66.06 -104.11
C ALA LA 328 32.97 65.00 -103.94
N MET LA 329 32.81 64.14 -104.95
CA MET LA 329 31.86 63.04 -104.83
C MET LA 329 32.30 62.08 -103.73
N VAL LA 330 33.59 61.78 -103.66
CA VAL LA 330 34.11 60.90 -102.61
C VAL LA 330 33.90 61.53 -101.24
N LEU LA 331 34.14 62.84 -101.13
CA LEU LA 331 33.95 63.52 -99.86
C LEU LA 331 32.49 63.57 -99.47
N GLU LA 332 31.59 63.77 -100.44
CA GLU LA 332 30.17 63.74 -100.15
C GLU LA 332 29.74 62.36 -99.70
N ALA LA 333 30.33 61.32 -100.28
CA ALA LA 333 30.05 59.96 -99.83
C ALA LA 333 30.52 59.76 -98.40
N ILE LA 334 31.72 60.25 -98.08
CA ILE LA 334 32.23 60.14 -96.72
C ILE LA 334 31.34 60.90 -95.75
N VAL LA 335 30.80 62.05 -96.19
CA VAL LA 335 29.95 62.85 -95.32
C VAL LA 335 28.63 62.15 -95.08
N ARG LA 336 28.02 61.61 -96.15
CA ARG LA 336 26.79 60.86 -95.99
C ARG LA 336 27.01 59.61 -95.15
N ALA LA 337 28.24 59.09 -95.15
CA ALA LA 337 28.57 57.95 -94.30
C ALA LA 337 28.91 58.37 -92.87
N ILE LA 338 29.67 59.45 -92.71
CA ILE LA 338 30.01 59.93 -91.38
C ILE LA 338 28.88 60.77 -90.82
N SER MA 2 43.56 -52.34 -88.05
CA SER MA 2 42.84 -52.84 -89.21
C SER MA 2 42.39 -51.71 -90.13
N THR MA 3 42.73 -50.48 -89.73
CA THR MA 3 42.33 -49.31 -90.52
C THR MA 3 43.16 -49.22 -91.80
N LYS MA 4 44.49 -49.34 -91.69
CA LYS MA 4 45.33 -49.22 -92.87
C LYS MA 4 45.13 -50.40 -93.82
N GLU MA 5 44.92 -51.60 -93.27
CA GLU MA 5 44.68 -52.76 -94.12
C GLU MA 5 43.36 -52.64 -94.87
N LYS MA 6 42.29 -52.26 -94.17
CA LYS MA 6 41.01 -52.05 -94.83
C LYS MA 6 41.10 -50.92 -95.86
N ALA MA 7 41.90 -49.90 -95.56
CA ALA MA 7 42.12 -48.82 -96.52
C ALA MA 7 42.80 -49.33 -97.78
N ARG MA 8 43.90 -50.06 -97.63
CA ARG MA 8 44.60 -50.60 -98.78
C ARG MA 8 43.70 -51.52 -99.60
N GLN MA 9 42.89 -52.35 -98.92
CA GLN MA 9 42.02 -53.28 -99.64
C GLN MA 9 40.91 -52.54 -100.40
N LEU MA 10 40.18 -51.66 -99.71
CA LEU MA 10 39.11 -50.92 -100.37
C LEU MA 10 39.66 -50.02 -101.47
N ALA MA 11 40.90 -49.54 -101.32
CA ALA MA 11 41.48 -48.68 -102.35
C ALA MA 11 41.96 -49.49 -103.55
N GLU MA 12 42.47 -50.71 -103.31
CA GLU MA 12 42.78 -51.60 -104.42
C GLU MA 12 41.52 -51.95 -105.20
N GLU MA 13 40.43 -52.25 -104.48
CA GLU MA 13 39.15 -52.49 -105.14
C GLU MA 13 38.67 -51.24 -105.87
N ALA MA 14 38.93 -50.07 -105.29
CA ALA MA 14 38.59 -48.81 -105.95
C ALA MA 14 39.34 -48.66 -107.27
N LYS MA 15 40.64 -48.92 -107.26
CA LYS MA 15 41.43 -48.83 -108.48
C LYS MA 15 40.98 -49.85 -109.52
N GLU MA 16 40.64 -51.05 -109.06
CA GLU MA 16 40.18 -52.09 -109.99
C GLU MA 16 38.86 -51.70 -110.64
N THR MA 17 37.88 -51.26 -109.83
CA THR MA 17 36.60 -50.85 -110.38
C THR MA 17 36.72 -49.58 -111.20
N ALA MA 18 37.78 -48.80 -110.96
CA ALA MA 18 38.02 -47.61 -111.77
C ALA MA 18 38.56 -47.99 -113.14
N GLU MA 19 39.55 -48.89 -113.17
CA GLU MA 19 40.06 -49.39 -114.44
C GLU MA 19 38.98 -50.12 -115.22
N LYS MA 20 38.08 -50.81 -114.51
CA LYS MA 20 36.95 -51.45 -115.19
C LYS MA 20 35.94 -50.41 -115.67
N VAL MA 21 35.78 -49.32 -114.92
CA VAL MA 21 34.92 -48.21 -115.34
C VAL MA 21 35.54 -47.43 -116.48
N GLY MA 22 36.86 -47.52 -116.62
CA GLY MA 22 37.57 -46.79 -117.64
C GLY MA 22 38.33 -45.60 -117.06
N ASP MA 23 38.59 -45.65 -115.76
CA ASP MA 23 39.23 -44.54 -115.07
C ASP MA 23 40.59 -44.97 -114.54
N PRO MA 24 41.68 -44.59 -115.20
CA PRO MA 24 43.00 -44.85 -114.62
C PRO MA 24 43.37 -43.75 -113.63
N GLU MA 25 42.74 -42.58 -113.80
CA GLU MA 25 42.92 -41.50 -112.84
C GLU MA 25 42.31 -41.86 -111.49
N LEU MA 26 41.09 -42.39 -111.48
CA LEU MA 26 40.51 -42.87 -110.23
C LEU MA 26 41.29 -44.07 -109.69
N ILE MA 27 41.89 -44.85 -110.59
CA ILE MA 27 42.74 -45.96 -110.14
C ILE MA 27 43.96 -45.43 -109.41
N LYS MA 28 44.58 -44.36 -109.91
CA LYS MA 28 45.74 -43.78 -109.26
C LYS MA 28 45.34 -43.09 -107.95
N LEU MA 29 44.20 -42.40 -107.95
CA LEU MA 29 43.70 -41.81 -106.71
C LEU MA 29 43.42 -42.89 -105.66
N ALA MA 30 42.95 -44.05 -106.11
CA ALA MA 30 42.74 -45.17 -105.20
C ALA MA 30 44.05 -45.72 -104.68
N GLU MA 31 45.05 -45.86 -105.56
CA GLU MA 31 46.37 -46.27 -105.09
C GLU MA 31 46.91 -45.29 -104.06
N GLN MA 32 46.62 -44.00 -104.24
CA GLN MA 32 47.03 -42.99 -103.27
C GLN MA 32 46.27 -43.14 -101.96
N ALA MA 33 44.97 -43.46 -102.04
CA ALA MA 33 44.19 -43.71 -100.83
C ALA MA 33 44.72 -44.91 -100.07
N SER MA 34 45.20 -45.92 -100.80
CA SER MA 34 45.81 -47.08 -100.16
C SER MA 34 47.14 -46.70 -99.51
N GLN MA 35 47.99 -45.97 -100.23
CA GLN MA 35 49.29 -45.58 -99.69
C GLN MA 35 49.13 -44.68 -98.48
N GLU MA 36 48.11 -43.84 -98.44
CA GLU MA 36 47.87 -42.97 -97.30
C GLU MA 36 47.23 -43.73 -96.14
N GLY MA 37 46.47 -44.77 -96.45
CA GLY MA 37 45.80 -45.54 -95.43
C GLY MA 37 44.46 -44.98 -94.99
N ASP MA 38 43.71 -44.33 -95.87
CA ASP MA 38 42.41 -43.77 -95.55
C ASP MA 38 41.32 -44.70 -96.07
N SER MA 39 40.72 -45.45 -95.15
CA SER MA 39 39.62 -46.34 -95.53
C SER MA 39 38.42 -45.55 -96.03
N GLU MA 40 38.22 -44.35 -95.49
CA GLU MA 40 37.16 -43.49 -96.00
C GLU MA 40 37.42 -43.09 -97.44
N LYS MA 41 38.64 -42.61 -97.73
CA LYS MA 41 38.97 -42.24 -99.11
C LYS MA 41 39.02 -43.47 -100.01
N ALA MA 42 39.41 -44.62 -99.45
CA ALA MA 42 39.42 -45.84 -100.24
C ALA MA 42 38.02 -46.26 -100.66
N LYS MA 43 37.09 -46.32 -99.70
CA LYS MA 43 35.71 -46.65 -100.04
C LYS MA 43 35.08 -45.57 -100.90
N ALA MA 44 35.54 -44.32 -100.75
CA ALA MA 44 35.06 -43.25 -101.61
C ALA MA 44 35.48 -43.48 -103.05
N ILE MA 45 36.74 -43.79 -103.28
CA ILE MA 45 37.21 -44.07 -104.63
C ILE MA 45 36.53 -45.32 -105.17
N LEU MA 46 36.19 -46.26 -104.28
CA LEU MA 46 35.51 -47.48 -104.72
C LEU MA 46 34.09 -47.19 -105.18
N LEU MA 47 33.33 -46.45 -104.37
CA LEU MA 47 31.98 -46.07 -104.77
C LEU MA 47 32.00 -45.17 -106.00
N ALA MA 48 33.02 -44.33 -106.14
CA ALA MA 48 33.13 -43.49 -107.33
C ALA MA 48 33.47 -44.32 -108.56
N ALA MA 49 34.30 -45.34 -108.40
CA ALA MA 49 34.62 -46.24 -109.51
C ALA MA 49 33.40 -47.03 -109.93
N GLU MA 50 32.62 -47.51 -108.96
CA GLU MA 50 31.35 -48.17 -109.28
C GLU MA 50 30.38 -47.20 -109.95
N ALA MA 51 30.39 -45.93 -109.51
CA ALA MA 51 29.58 -44.91 -110.13
C ALA MA 51 29.98 -44.71 -111.58
N ALA MA 52 31.27 -44.65 -111.85
CA ALA MA 52 31.75 -44.46 -113.22
C ALA MA 52 31.43 -45.69 -114.07
N ARG MA 53 31.48 -46.88 -113.48
CA ARG MA 53 31.09 -48.08 -114.22
C ARG MA 53 29.61 -48.04 -114.58
N VAL MA 54 28.76 -47.72 -113.60
CA VAL MA 54 27.32 -47.66 -113.87
C VAL MA 54 27.00 -46.51 -114.83
N ALA MA 55 27.85 -45.48 -114.85
CA ALA MA 55 27.65 -44.38 -115.79
C ALA MA 55 28.05 -44.79 -117.20
N LYS MA 56 29.22 -45.42 -117.35
CA LYS MA 56 29.61 -45.98 -118.64
C LYS MA 56 28.56 -46.95 -119.14
N GLU MA 57 27.89 -47.65 -118.23
CA GLU MA 57 26.74 -48.46 -118.60
C GLU MA 57 25.55 -47.60 -119.00
N VAL MA 58 25.39 -46.44 -118.35
CA VAL MA 58 24.28 -45.53 -118.66
C VAL MA 58 24.66 -44.57 -119.78
N GLY MA 59 25.78 -43.86 -119.64
CA GLY MA 59 26.25 -42.99 -120.70
C GLY MA 59 26.20 -41.50 -120.41
N ALA MA 60 26.46 -41.11 -119.17
CA ALA MA 60 26.45 -39.70 -118.78
C ALA MA 60 27.85 -39.27 -118.36
N PRO MA 61 28.55 -38.44 -119.15
CA PRO MA 61 29.89 -37.99 -118.73
C PRO MA 61 29.87 -37.01 -117.57
N ASP MA 62 28.70 -36.42 -117.27
CA ASP MA 62 28.61 -35.53 -116.11
C ASP MA 62 28.88 -36.27 -114.82
N LEU MA 63 28.10 -37.33 -114.54
CA LEU MA 63 28.36 -38.14 -113.36
C LEU MA 63 29.70 -38.85 -113.45
N ILE MA 64 30.18 -39.10 -114.67
CA ILE MA 64 31.48 -39.73 -114.82
C ILE MA 64 32.59 -38.83 -114.30
N ARG MA 65 32.63 -37.58 -114.76
CA ARG MA 65 33.61 -36.64 -114.24
C ARG MA 65 33.35 -36.32 -112.78
N LEU MA 66 32.09 -36.38 -112.35
CA LEU MA 66 31.77 -36.17 -110.94
C LEU MA 66 32.41 -37.24 -110.07
N ALA MA 67 32.26 -38.51 -110.46
CA ALA MA 67 32.90 -39.59 -109.72
C ALA MA 67 34.41 -39.52 -109.84
N ARG MA 68 34.93 -39.08 -111.00
CA ARG MA 68 36.37 -38.91 -111.14
C ARG MA 68 36.91 -37.91 -110.13
N ILE MA 69 36.23 -36.76 -110.00
CA ILE MA 69 36.67 -35.75 -109.04
C ILE MA 69 36.46 -36.23 -107.61
N ALA MA 70 35.37 -36.96 -107.37
CA ALA MA 70 35.12 -37.48 -106.02
C ALA MA 70 36.19 -38.47 -105.61
N ALA MA 71 36.68 -39.28 -106.56
CA ALA MA 71 37.77 -40.20 -106.25
C ALA MA 71 39.09 -39.46 -106.09
N ARG MA 72 39.34 -38.46 -106.94
CA ARG MA 72 40.55 -37.66 -106.80
C ARG MA 72 40.59 -36.94 -105.46
N VAL MA 73 39.42 -36.57 -104.93
CA VAL MA 73 39.38 -35.90 -103.64
C VAL MA 73 39.17 -36.91 -102.52
N GLY MA 74 38.37 -37.94 -102.76
CA GLY MA 74 38.07 -38.91 -101.72
C GLY MA 74 36.77 -38.61 -101.00
N ALA MA 75 35.75 -38.20 -101.76
CA ALA MA 75 34.45 -37.83 -101.22
C ALA MA 75 33.54 -39.04 -101.23
N SER MA 76 33.26 -39.58 -100.04
CA SER MA 76 32.43 -40.78 -99.95
C SER MA 76 30.96 -40.47 -100.21
N GLU MA 77 30.46 -39.35 -99.67
CA GLU MA 77 29.08 -38.97 -99.92
C GLU MA 77 28.86 -38.66 -101.39
N ALA MA 78 29.79 -37.92 -102.00
CA ALA MA 78 29.67 -37.60 -103.42
C ALA MA 78 29.79 -38.85 -104.29
N ALA MA 79 30.64 -39.80 -103.87
CA ALA MA 79 30.78 -41.03 -104.64
C ALA MA 79 29.52 -41.89 -104.56
N LYS MA 80 28.95 -42.01 -103.35
CA LYS MA 80 27.70 -42.75 -103.22
C LYS MA 80 26.57 -42.06 -103.96
N ALA MA 81 26.57 -40.73 -103.95
CA ALA MA 81 25.57 -39.99 -104.73
C ALA MA 81 25.75 -40.23 -106.21
N ILE MA 82 26.99 -40.26 -106.69
CA ILE MA 82 27.24 -40.52 -108.11
C ILE MA 82 26.84 -41.95 -108.46
N LEU MA 83 27.03 -42.89 -107.55
CA LEU MA 83 26.65 -44.28 -107.83
C LEU MA 83 25.14 -44.43 -107.90
N LEU MA 84 24.43 -43.92 -106.88
CA LEU MA 84 22.97 -43.97 -106.91
C LEU MA 84 22.41 -43.15 -108.06
N ALA MA 85 23.13 -42.10 -108.49
CA ALA MA 85 22.67 -41.28 -109.60
C ALA MA 85 22.92 -41.98 -110.93
N ALA MA 86 23.99 -42.77 -111.03
CA ALA MA 86 24.19 -43.58 -112.22
C ALA MA 86 23.16 -44.70 -112.30
N GLU MA 87 22.80 -45.27 -111.14
CA GLU MA 87 21.67 -46.19 -111.11
C GLU MA 87 20.39 -45.50 -111.54
N ALA MA 88 20.17 -44.27 -111.07
CA ALA MA 88 19.01 -43.49 -111.49
C ALA MA 88 19.04 -43.21 -112.98
N ALA MA 89 20.24 -42.98 -113.53
CA ALA MA 89 20.36 -42.70 -114.95
C ALA MA 89 20.08 -43.93 -115.78
N ARG MA 90 20.53 -45.09 -115.32
CA ARG MA 90 20.16 -46.34 -116.00
C ARG MA 90 18.66 -46.56 -115.93
N VAL MA 91 18.06 -46.33 -114.75
CA VAL MA 91 16.62 -46.53 -114.59
C VAL MA 91 15.84 -45.54 -115.43
N ALA MA 92 16.41 -44.34 -115.64
CA ALA MA 92 15.74 -43.34 -116.45
C ALA MA 92 15.87 -43.65 -117.93
N LYS MA 93 17.06 -44.07 -118.36
CA LYS MA 93 17.21 -44.54 -119.73
C LYS MA 93 16.28 -45.70 -120.02
N GLU MA 94 16.01 -46.52 -119.00
CA GLU MA 94 14.95 -47.53 -119.13
C GLU MA 94 13.57 -46.90 -119.13
N VAL MA 95 13.41 -45.76 -118.45
CA VAL MA 95 12.11 -45.10 -118.38
C VAL MA 95 11.98 -44.06 -119.48
N GLY MA 96 12.85 -43.05 -119.48
CA GLY MA 96 12.83 -42.04 -120.51
C GLY MA 96 12.40 -40.66 -120.05
N ASP MA 97 12.76 -40.28 -118.82
CA ASP MA 97 12.39 -38.99 -118.26
C ASP MA 97 13.61 -38.09 -118.20
N PRO MA 98 13.65 -36.97 -118.94
CA PRO MA 98 14.83 -36.09 -118.88
C PRO MA 98 14.91 -35.26 -117.61
N GLU MA 99 13.77 -34.86 -117.03
CA GLU MA 99 13.81 -34.17 -115.75
C GLU MA 99 14.38 -35.08 -114.66
N LEU MA 100 14.09 -36.38 -114.75
CA LEU MA 100 14.70 -37.34 -113.83
C LEU MA 100 16.21 -37.39 -114.01
N GLU MA 101 16.68 -37.35 -115.26
CA GLU MA 101 18.12 -37.34 -115.51
C GLU MA 101 18.76 -36.06 -114.96
N ARG MA 102 18.06 -34.93 -115.12
CA ARG MA 102 18.56 -33.68 -114.56
C ARG MA 102 18.64 -33.75 -113.04
N LEU MA 103 17.60 -34.29 -112.40
CA LEU MA 103 17.59 -34.40 -110.95
C LEU MA 103 18.69 -35.36 -110.47
N ALA MA 104 18.92 -36.43 -111.22
CA ALA MA 104 19.97 -37.38 -110.85
C ALA MA 104 21.35 -36.75 -110.98
N LEU MA 105 21.60 -36.04 -112.07
CA LEU MA 105 22.87 -35.36 -112.23
C LEU MA 105 23.05 -34.28 -111.16
N LEU MA 106 21.95 -33.63 -110.77
CA LEU MA 106 22.03 -32.61 -109.73
C LEU MA 106 22.32 -33.24 -108.37
N ALA MA 107 21.76 -34.41 -108.10
CA ALA MA 107 22.07 -35.11 -106.86
C ALA MA 107 23.52 -35.59 -106.85
N ALA MA 108 24.03 -36.00 -108.01
CA ALA MA 108 25.43 -36.41 -108.09
C ALA MA 108 26.36 -35.22 -107.89
N VAL MA 109 26.00 -34.07 -108.45
CA VAL MA 109 26.85 -32.88 -108.30
C VAL MA 109 26.78 -32.33 -106.89
N LEU MA 110 25.59 -32.22 -106.31
CA LEU MA 110 25.46 -31.78 -104.93
C LEU MA 110 26.00 -32.83 -103.97
N GLY MA 111 26.23 -34.03 -104.46
CA GLY MA 111 26.72 -35.11 -103.62
C GLY MA 111 25.71 -35.62 -102.63
N ASP MA 112 24.44 -35.28 -102.80
CA ASP MA 112 23.38 -35.67 -101.88
C ASP MA 112 22.98 -37.10 -102.19
N SER MA 113 23.56 -38.05 -101.46
CA SER MA 113 23.22 -39.46 -101.65
C SER MA 113 21.75 -39.72 -101.33
N GLU MA 114 21.18 -38.93 -100.43
CA GLU MA 114 19.73 -39.00 -100.22
C GLU MA 114 18.97 -38.58 -101.46
N LYS MA 115 19.36 -37.45 -102.07
CA LYS MA 115 18.72 -37.03 -103.31
C LYS MA 115 19.05 -37.98 -104.45
N ALA MA 116 20.22 -38.65 -104.39
CA ALA MA 116 20.55 -39.61 -105.42
C ALA MA 116 19.69 -40.86 -105.34
N LYS MA 117 19.49 -41.39 -104.12
CA LYS MA 117 18.54 -42.48 -103.95
C LYS MA 117 17.12 -42.03 -104.28
N ALA MA 118 16.81 -40.77 -104.02
CA ALA MA 118 15.52 -40.22 -104.44
C ALA MA 118 15.38 -40.26 -105.95
N ILE MA 119 16.43 -39.89 -106.67
CA ILE MA 119 16.38 -39.91 -108.13
C ILE MA 119 16.28 -41.34 -108.64
N LEU MA 120 16.97 -42.27 -107.98
CA LEU MA 120 16.87 -43.68 -108.37
C LEU MA 120 15.45 -44.20 -108.18
N LEU MA 121 14.88 -43.97 -107.00
CA LEU MA 121 13.52 -44.42 -106.73
C LEU MA 121 12.50 -43.68 -107.61
N ALA MA 122 12.80 -42.44 -107.99
CA ALA MA 122 11.88 -41.69 -108.83
C ALA MA 122 11.95 -42.17 -110.28
N ALA MA 123 13.14 -42.53 -110.76
CA ALA MA 123 13.25 -43.14 -112.08
C ALA MA 123 12.56 -44.50 -112.10
N GLU MA 124 12.72 -45.28 -111.04
CA GLU MA 124 11.98 -46.54 -110.92
C GLU MA 124 10.48 -46.29 -110.88
N ALA MA 125 10.06 -45.24 -110.17
CA ALA MA 125 8.65 -44.90 -110.09
C ALA MA 125 8.10 -44.49 -111.45
N ALA MA 126 8.87 -43.70 -112.20
CA ALA MA 126 8.44 -43.30 -113.53
C ALA MA 126 8.36 -44.49 -114.47
N ARG MA 127 9.32 -45.41 -114.36
CA ARG MA 127 9.27 -46.62 -115.18
C ARG MA 127 8.05 -47.46 -114.82
N VAL MA 128 7.79 -47.64 -113.52
CA VAL MA 128 6.66 -48.45 -113.09
C VAL MA 128 5.34 -47.79 -113.47
N ALA MA 129 5.30 -46.45 -113.48
CA ALA MA 129 4.10 -45.74 -113.86
C ALA MA 129 3.87 -45.84 -115.37
N LYS MA 130 4.92 -45.70 -116.16
CA LYS MA 130 4.80 -45.88 -117.61
C LYS MA 130 4.38 -47.30 -117.95
N GLU MA 131 4.87 -48.28 -117.18
CA GLU MA 131 4.45 -49.66 -117.40
C GLU MA 131 3.01 -49.89 -116.96
N VAL MA 132 2.59 -49.25 -115.88
CA VAL MA 132 1.23 -49.40 -115.37
C VAL MA 132 0.28 -48.43 -116.07
N GLY MA 133 0.74 -47.21 -116.34
CA GLY MA 133 -0.10 -46.21 -116.96
C GLY MA 133 -0.65 -45.25 -115.93
N ASP MA 134 0.04 -45.12 -114.79
CA ASP MA 134 -0.43 -44.30 -113.69
C ASP MA 134 0.15 -42.90 -113.81
N PRO MA 135 -0.59 -41.92 -114.32
CA PRO MA 135 -0.04 -40.57 -114.43
C PRO MA 135 0.17 -39.87 -113.10
N GLU MA 136 -0.65 -40.18 -112.09
CA GLU MA 136 -0.40 -39.64 -110.76
C GLU MA 136 0.92 -40.16 -110.20
N LEU MA 137 1.24 -41.42 -110.46
CA LEU MA 137 2.51 -41.98 -110.00
C LEU MA 137 3.69 -41.31 -110.68
N ILE MA 138 3.59 -41.08 -111.99
CA ILE MA 138 4.68 -40.41 -112.72
C ILE MA 138 4.82 -38.97 -112.25
N LYS MA 139 3.69 -38.31 -111.96
CA LYS MA 139 3.75 -36.94 -111.45
C LYS MA 139 4.41 -36.90 -110.08
N LEU MA 140 4.06 -37.83 -109.20
CA LEU MA 140 4.70 -37.88 -107.90
C LEU MA 140 6.18 -38.21 -108.02
N ALA MA 141 6.54 -39.07 -108.98
CA ALA MA 141 7.94 -39.38 -109.20
C ALA MA 141 8.72 -38.15 -109.66
N LEU MA 142 8.16 -37.39 -110.60
CA LEU MA 142 8.82 -36.17 -111.05
C LEU MA 142 8.92 -35.14 -109.93
N GLU MA 143 7.87 -35.03 -109.12
CA GLU MA 143 7.90 -34.10 -107.99
C GLU MA 143 8.95 -34.49 -106.98
N ALA MA 144 9.11 -35.79 -106.73
CA ALA MA 144 10.14 -36.24 -105.79
C ALA MA 144 11.54 -36.04 -106.37
N ALA MA 145 11.70 -36.25 -107.68
CA ALA MA 145 12.99 -36.03 -108.31
C ALA MA 145 13.38 -34.55 -108.24
N GLU MA 146 12.44 -33.66 -108.54
CA GLU MA 146 12.72 -32.23 -108.39
C GLU MA 146 12.96 -31.85 -106.94
N ARG MA 147 12.26 -32.51 -106.00
CA ARG MA 147 12.43 -32.21 -104.59
C ARG MA 147 13.61 -32.98 -103.99
N GLY MA 148 13.88 -34.18 -104.48
CA GLY MA 148 14.94 -34.99 -103.94
C GLY MA 148 14.52 -35.78 -102.72
N ASP MA 149 13.24 -36.14 -102.66
CA ASP MA 149 12.66 -36.86 -101.53
C ASP MA 149 12.66 -38.36 -101.84
N SER MA 150 13.54 -39.11 -101.16
CA SER MA 150 13.60 -40.54 -101.39
C SER MA 150 12.34 -41.24 -100.89
N GLU MA 151 11.76 -40.75 -99.80
CA GLU MA 151 10.50 -41.31 -99.32
C GLU MA 151 9.38 -41.11 -100.33
N LYS MA 152 9.28 -39.90 -100.89
CA LYS MA 152 8.23 -39.62 -101.87
C LYS MA 152 8.45 -40.41 -103.16
N ALA MA 153 9.71 -40.56 -103.57
CA ALA MA 153 9.98 -41.32 -104.78
C ALA MA 153 9.69 -42.80 -104.59
N LYS MA 154 10.07 -43.35 -103.43
CA LYS MA 154 9.73 -44.73 -103.12
C LYS MA 154 8.23 -44.92 -103.01
N ALA MA 155 7.53 -43.91 -102.49
CA ALA MA 155 6.08 -43.97 -102.42
C ALA MA 155 5.45 -43.96 -103.81
N ILE MA 156 6.00 -43.14 -104.71
CA ILE MA 156 5.51 -43.12 -106.08
C ILE MA 156 5.77 -44.45 -106.76
N LEU MA 157 6.92 -45.06 -106.48
CA LEU MA 157 7.23 -46.38 -107.06
C LEU MA 157 6.28 -47.44 -106.54
N LEU MA 158 6.08 -47.48 -105.22
CA LEU MA 158 5.18 -48.45 -104.63
C LEU MA 158 3.73 -48.21 -105.07
N ALA MA 159 3.36 -46.95 -105.31
CA ALA MA 159 2.01 -46.65 -105.77
C ALA MA 159 1.82 -47.06 -107.23
N ALA MA 160 2.85 -46.87 -108.06
CA ALA MA 160 2.79 -47.35 -109.43
C ALA MA 160 2.71 -48.87 -109.47
N GLU MA 161 3.46 -49.55 -108.59
CA GLU MA 161 3.39 -51.00 -108.51
C GLU MA 161 2.02 -51.45 -108.01
N ALA MA 162 1.45 -50.75 -107.03
CA ALA MA 162 0.12 -51.08 -106.54
C ALA MA 162 -0.93 -50.86 -107.62
N ALA MA 163 -0.78 -49.79 -108.40
CA ALA MA 163 -1.71 -49.55 -109.50
C ALA MA 163 -1.57 -50.61 -110.59
N ARG MA 164 -0.34 -51.08 -110.84
CA ARG MA 164 -0.15 -52.16 -111.78
C ARG MA 164 -0.80 -53.45 -111.29
N VAL MA 165 -0.62 -53.77 -110.01
CA VAL MA 165 -1.22 -54.97 -109.45
C VAL MA 165 -2.74 -54.85 -109.44
N ALA MA 166 -3.26 -53.64 -109.25
CA ALA MA 166 -4.69 -53.43 -109.26
C ALA MA 166 -5.26 -53.57 -110.67
N LYS MA 167 -4.60 -52.98 -111.67
CA LYS MA 167 -5.06 -53.11 -113.05
C LYS MA 167 -4.97 -54.55 -113.52
N GLU MA 168 -3.93 -55.28 -113.10
CA GLU MA 168 -3.84 -56.70 -113.43
C GLU MA 168 -4.90 -57.51 -112.68
N VAL MA 169 -5.27 -57.08 -111.48
CA VAL MA 169 -6.33 -57.72 -110.72
C VAL MA 169 -7.70 -57.19 -111.12
N GLY MA 170 -7.79 -55.89 -111.38
CA GLY MA 170 -9.05 -55.27 -111.71
C GLY MA 170 -9.66 -54.62 -110.48
N ASP MA 171 -8.81 -54.31 -109.50
CA ASP MA 171 -9.28 -53.76 -108.24
C ASP MA 171 -9.21 -52.25 -108.29
N PRO MA 172 -10.29 -51.56 -108.67
CA PRO MA 172 -10.26 -50.09 -108.68
C PRO MA 172 -10.14 -49.49 -107.29
N GLU MA 173 -10.56 -50.19 -106.25
CA GLU MA 173 -10.29 -49.72 -104.89
C GLU MA 173 -8.79 -49.73 -104.61
N LEU MA 174 -8.09 -50.76 -105.07
CA LEU MA 174 -6.64 -50.81 -104.88
C LEU MA 174 -5.95 -49.72 -105.70
N ILE MA 175 -6.43 -49.48 -106.92
CA ILE MA 175 -5.85 -48.42 -107.74
C ILE MA 175 -6.10 -47.06 -107.10
N LYS MA 176 -7.28 -46.86 -106.51
CA LYS MA 176 -7.57 -45.60 -105.84
C LYS MA 176 -6.71 -45.43 -104.60
N LEU MA 177 -6.49 -46.52 -103.85
CA LEU MA 177 -5.61 -46.44 -102.69
C LEU MA 177 -4.18 -46.14 -103.11
N ALA MA 178 -3.75 -46.71 -104.24
CA ALA MA 178 -2.41 -46.42 -104.75
C ALA MA 178 -2.28 -44.95 -105.15
N LEU MA 179 -3.29 -44.41 -105.84
CA LEU MA 179 -3.25 -43.01 -106.21
C LEU MA 179 -3.28 -42.11 -104.97
N GLU MA 180 -4.05 -42.50 -103.96
CA GLU MA 180 -4.12 -41.71 -102.73
C GLU MA 180 -2.79 -41.75 -101.98
N ALA MA 181 -2.11 -42.91 -102.00
CA ALA MA 181 -0.80 -43.00 -101.37
C ALA MA 181 0.25 -42.21 -102.14
N ALA MA 182 0.15 -42.21 -103.48
CA ALA MA 182 1.05 -41.41 -104.29
C ALA MA 182 0.86 -39.92 -104.01
N ARG MA 183 -0.39 -39.48 -103.93
CA ARG MA 183 -0.66 -38.08 -103.57
C ARG MA 183 -0.20 -37.78 -102.15
N ARG MA 184 -0.33 -38.75 -101.24
CA ARG MA 184 0.11 -38.55 -99.87
C ARG MA 184 1.60 -38.80 -99.71
N GLY MA 185 2.20 -39.57 -100.61
CA GLY MA 185 3.61 -39.88 -100.50
C GLY MA 185 3.87 -40.93 -99.44
N ASP MA 186 2.85 -41.71 -99.12
CA ASP MA 186 2.95 -42.75 -98.10
C ASP MA 186 3.34 -44.06 -98.78
N SER MA 187 4.63 -44.39 -98.73
CA SER MA 187 5.09 -45.66 -99.30
C SER MA 187 4.47 -46.84 -98.56
N GLU MA 188 4.18 -46.68 -97.26
CA GLU MA 188 3.52 -47.74 -96.52
C GLU MA 188 2.12 -47.99 -97.05
N LYS MA 189 1.35 -46.92 -97.27
CA LYS MA 189 0.01 -47.08 -97.83
C LYS MA 189 0.05 -47.65 -99.23
N ALA MA 190 1.05 -47.24 -100.03
CA ALA MA 190 1.16 -47.76 -101.39
C ALA MA 190 1.53 -49.23 -101.40
N LYS MA 191 2.41 -49.65 -100.49
CA LYS MA 191 2.76 -51.06 -100.38
C LYS MA 191 1.58 -51.88 -99.87
N ALA MA 192 0.79 -51.30 -98.95
CA ALA MA 192 -0.42 -51.95 -98.50
C ALA MA 192 -1.41 -52.10 -99.66
N ILE MA 193 -1.50 -51.09 -100.52
CA ILE MA 193 -2.38 -51.17 -101.68
C ILE MA 193 -1.88 -52.23 -102.64
N LEU MA 194 -0.55 -52.36 -102.79
CA LEU MA 194 0.00 -53.40 -103.66
C LEU MA 194 -0.30 -54.79 -103.12
N LEU MA 195 -0.08 -55.00 -101.82
CA LEU MA 195 -0.38 -56.28 -101.20
C LEU MA 195 -1.88 -56.58 -101.27
N ALA MA 196 -2.72 -55.56 -101.11
CA ALA MA 196 -4.16 -55.76 -101.21
C ALA MA 196 -4.58 -56.09 -102.63
N ALA MA 197 -3.96 -55.46 -103.62
CA ALA MA 197 -4.26 -55.80 -105.00
C ALA MA 197 -3.82 -57.22 -105.33
N GLU MA 198 -2.68 -57.64 -104.78
CA GLU MA 198 -2.24 -59.03 -104.97
C GLU MA 198 -3.19 -60.01 -104.29
N ALA MA 199 -3.63 -59.69 -103.07
CA ALA MA 199 -4.58 -60.55 -102.38
C ALA MA 199 -5.92 -60.61 -103.12
N ALA MA 200 -6.35 -59.48 -103.68
CA ALA MA 200 -7.60 -59.47 -104.45
C ALA MA 200 -7.44 -60.25 -105.76
N ARG MA 201 -6.26 -60.18 -106.37
CA ARG MA 201 -6.00 -60.99 -107.56
C ARG MA 201 -6.06 -62.47 -107.22
N VAL MA 202 -5.46 -62.86 -106.10
CA VAL MA 202 -5.50 -64.26 -105.69
C VAL MA 202 -6.93 -64.68 -105.36
N ALA MA 203 -7.70 -63.78 -104.75
CA ALA MA 203 -9.10 -64.10 -104.42
C ALA MA 203 -9.94 -64.26 -105.68
N LYS MA 204 -9.71 -63.41 -106.68
CA LYS MA 204 -10.44 -63.53 -107.94
C LYS MA 204 -10.03 -64.79 -108.69
N GLU MA 205 -8.73 -65.12 -108.68
CA GLU MA 205 -8.27 -66.32 -109.38
C GLU MA 205 -8.77 -67.59 -108.69
N VAL MA 206 -8.91 -67.54 -107.36
CA VAL MA 206 -9.45 -68.68 -106.62
C VAL MA 206 -10.96 -68.64 -106.55
N GLY MA 207 -11.52 -67.48 -106.17
CA GLY MA 207 -12.96 -67.36 -106.02
C GLY MA 207 -13.34 -67.08 -104.59
N ASP MA 208 -12.43 -66.46 -103.83
CA ASP MA 208 -12.67 -66.18 -102.42
C ASP MA 208 -13.16 -64.74 -102.29
N PRO MA 209 -14.47 -64.51 -102.43
CA PRO MA 209 -14.98 -63.13 -102.33
C PRO MA 209 -14.74 -62.49 -100.97
N GLU MA 210 -14.72 -63.28 -99.89
CA GLU MA 210 -14.37 -62.72 -98.59
C GLU MA 210 -12.91 -62.26 -98.58
N LEU MA 211 -12.04 -62.99 -99.27
CA LEU MA 211 -10.65 -62.57 -99.36
C LEU MA 211 -10.51 -61.28 -100.16
N ILE MA 212 -11.21 -61.17 -101.28
CA ILE MA 212 -11.18 -59.94 -102.06
C ILE MA 212 -11.78 -58.79 -101.26
N LYS MA 213 -12.79 -59.08 -100.45
CA LYS MA 213 -13.39 -58.06 -99.60
C LYS MA 213 -12.42 -57.57 -98.54
N LEU MA 214 -11.71 -58.50 -97.89
CA LEU MA 214 -10.70 -58.12 -96.91
C LEU MA 214 -9.57 -57.36 -97.57
N ALA MA 215 -9.23 -57.72 -98.81
CA ALA MA 215 -8.19 -57.00 -99.54
C ALA MA 215 -8.63 -55.56 -99.84
N LEU MA 216 -9.87 -55.38 -100.28
CA LEU MA 216 -10.37 -54.04 -100.52
C LEU MA 216 -10.45 -53.24 -99.22
N GLU MA 217 -10.83 -53.90 -98.12
CA GLU MA 217 -10.89 -53.22 -96.84
C GLU MA 217 -9.50 -52.78 -96.38
N ALA MA 218 -8.50 -53.63 -96.58
CA ALA MA 218 -7.13 -53.27 -96.24
C ALA MA 218 -6.61 -52.15 -97.13
N ALA MA 219 -6.97 -52.18 -98.42
CA ALA MA 219 -6.57 -51.11 -99.33
C ALA MA 219 -7.19 -49.78 -98.91
N ARG MA 220 -8.46 -49.80 -98.52
CA ARG MA 220 -9.08 -48.60 -97.99
C ARG MA 220 -8.45 -48.18 -96.66
N ARG MA 221 -7.99 -49.15 -95.87
CA ARG MA 221 -7.36 -48.83 -94.59
C ARG MA 221 -5.87 -48.53 -94.76
N GLY MA 222 -5.15 -49.34 -95.54
CA GLY MA 222 -3.74 -49.15 -95.75
C GLY MA 222 -2.88 -49.96 -94.79
N ASP MA 223 -3.37 -51.14 -94.43
CA ASP MA 223 -2.67 -52.03 -93.49
C ASP MA 223 -1.89 -53.06 -94.29
N SER MA 224 -0.58 -52.84 -94.43
CA SER MA 224 0.25 -53.79 -95.17
C SER MA 224 0.34 -55.12 -94.45
N ARG MA 225 0.27 -55.12 -93.12
CA ARG MA 225 0.29 -56.38 -92.38
C ARG MA 225 -0.97 -57.18 -92.64
N LYS MA 226 -2.14 -56.55 -92.51
CA LYS MA 226 -3.39 -57.24 -92.77
C LYS MA 226 -3.49 -57.65 -94.24
N ALA MA 227 -3.00 -56.81 -95.15
CA ALA MA 227 -3.04 -57.15 -96.57
C ALA MA 227 -2.13 -58.33 -96.88
N GLU MA 228 -0.95 -58.36 -96.27
CA GLU MA 228 -0.05 -59.49 -96.47
C GLU MA 228 -0.62 -60.76 -95.87
N ALA MA 229 -1.30 -60.65 -94.71
CA ALA MA 229 -1.95 -61.81 -94.13
C ALA MA 229 -3.08 -62.31 -95.02
N ILE MA 230 -3.82 -61.39 -95.64
CA ILE MA 230 -4.89 -61.78 -96.55
C ILE MA 230 -4.30 -62.43 -97.79
N LEU MA 231 -3.16 -61.94 -98.27
CA LEU MA 231 -2.52 -62.56 -99.42
C LEU MA 231 -2.00 -63.96 -99.08
N LEU MA 232 -1.44 -64.12 -97.88
CA LEU MA 232 -0.98 -65.43 -97.45
C LEU MA 232 -2.15 -66.40 -97.32
N ALA MA 233 -3.26 -65.93 -96.74
CA ALA MA 233 -4.44 -66.77 -96.63
C ALA MA 233 -5.03 -67.09 -98.00
N ALA MA 234 -4.94 -66.16 -98.94
CA ALA MA 234 -5.43 -66.41 -100.29
C ALA MA 234 -4.58 -67.45 -101.00
N GLU MA 235 -3.26 -67.36 -100.86
CA GLU MA 235 -2.39 -68.38 -101.42
C GLU MA 235 -2.63 -69.72 -100.76
N ALA MA 236 -2.88 -69.73 -99.45
CA ALA MA 236 -3.18 -70.97 -98.76
C ALA MA 236 -4.49 -71.57 -99.25
N ALA MA 237 -5.51 -70.74 -99.45
CA ALA MA 237 -6.78 -71.24 -99.96
C ALA MA 237 -6.66 -71.69 -101.41
N ARG MA 238 -5.78 -71.04 -102.18
CA ARG MA 238 -5.53 -71.50 -103.55
C ARG MA 238 -4.86 -72.87 -103.55
N ILE MA 239 -3.87 -73.07 -102.68
CA ILE MA 239 -3.26 -74.39 -102.53
C ILE MA 239 -4.29 -75.40 -102.04
N ALA MA 240 -5.22 -74.96 -101.19
CA ALA MA 240 -6.26 -75.85 -100.71
C ALA MA 240 -7.19 -76.28 -101.82
N LYS MA 241 -7.63 -75.33 -102.66
CA LYS MA 241 -8.46 -75.67 -103.80
C LYS MA 241 -7.72 -76.56 -104.78
N GLU MA 242 -6.41 -76.32 -104.95
CA GLU MA 242 -5.61 -77.20 -105.78
C GLU MA 242 -5.53 -78.60 -105.19
N ALA MA 243 -5.59 -78.70 -103.86
CA ALA MA 243 -5.60 -79.99 -103.18
C ALA MA 243 -7.01 -80.50 -102.92
N GLY MA 244 -7.92 -79.63 -102.47
CA GLY MA 244 -9.27 -80.04 -102.17
C GLY MA 244 -9.62 -79.96 -100.69
N ASP MA 245 -9.02 -79.00 -99.99
CA ASP MA 245 -9.27 -78.82 -98.56
C ASP MA 245 -10.11 -77.58 -98.35
N PRO MA 246 -11.44 -77.66 -98.45
CA PRO MA 246 -12.27 -76.47 -98.26
C PRO MA 246 -12.23 -75.98 -96.83
N GLU MA 247 -12.01 -76.90 -95.90
CA GLU MA 247 -11.80 -76.50 -94.51
C GLU MA 247 -10.56 -75.64 -94.36
N ALA MA 248 -9.51 -75.94 -95.14
CA ALA MA 248 -8.33 -75.09 -95.13
C ALA MA 248 -8.64 -73.71 -95.71
N ARG MA 249 -9.43 -73.67 -96.78
CA ARG MA 249 -9.81 -72.38 -97.35
C ARG MA 249 -10.64 -71.56 -96.37
N LYS MA 250 -11.51 -72.23 -95.62
CA LYS MA 250 -12.33 -71.54 -94.63
C LYS MA 250 -11.48 -71.04 -93.47
N LYS MA 251 -10.51 -71.85 -93.02
CA LYS MA 251 -9.60 -71.39 -91.98
C LYS MA 251 -8.75 -70.22 -92.46
N ALA MA 252 -8.37 -70.24 -93.74
CA ALA MA 252 -7.64 -69.12 -94.31
C ALA MA 252 -8.50 -67.87 -94.34
N LEU MA 253 -9.78 -68.03 -94.69
CA LEU MA 253 -10.70 -66.89 -94.64
C LEU MA 253 -10.82 -66.35 -93.22
N GLU MA 254 -10.92 -67.24 -92.23
CA GLU MA 254 -11.03 -66.81 -90.85
C GLU MA 254 -9.76 -66.09 -90.40
N ALA MA 255 -8.59 -66.58 -90.79
CA ALA MA 255 -7.33 -65.94 -90.42
C ALA MA 255 -7.17 -64.59 -91.11
N ALA MA 256 -7.54 -64.51 -92.39
CA ALA MA 256 -7.47 -63.23 -93.10
C ALA MA 256 -8.43 -62.22 -92.50
N ARG MA 257 -9.61 -62.66 -92.08
CA ARG MA 257 -10.51 -61.79 -91.33
C ARG MA 257 -9.89 -61.40 -89.99
N ARG MA 258 -9.08 -62.28 -89.41
CA ARG MA 258 -8.37 -61.94 -88.19
C ARG MA 258 -7.18 -61.03 -88.47
N GLY MA 259 -6.59 -61.12 -89.66
CA GLY MA 259 -5.51 -60.25 -90.05
C GLY MA 259 -4.11 -60.75 -89.75
N ASP MA 260 -3.99 -61.95 -89.17
CA ASP MA 260 -2.67 -62.51 -88.90
C ASP MA 260 -2.23 -63.42 -90.04
N ARG MA 261 -0.93 -63.46 -90.26
CA ARG MA 261 -0.35 -64.30 -91.30
C ARG MA 261 0.32 -65.56 -90.79
N GLU MA 262 0.51 -65.68 -89.47
CA GLU MA 262 1.13 -66.89 -88.93
C GLU MA 262 0.21 -68.09 -89.12
N LEU MA 263 -1.07 -67.94 -88.78
CA LEU MA 263 -2.01 -69.04 -89.00
C LEU MA 263 -2.19 -69.33 -90.48
N ALA MA 264 -2.19 -68.29 -91.31
CA ALA MA 264 -2.28 -68.50 -92.75
C ALA MA 264 -1.10 -69.29 -93.27
N THR MA 265 0.09 -68.98 -92.79
CA THR MA 265 1.29 -69.72 -93.20
C THR MA 265 1.25 -71.15 -92.69
N ARG MA 266 0.77 -71.35 -91.46
CA ARG MA 266 0.67 -72.71 -90.93
C ARG MA 266 -0.33 -73.53 -91.74
N ILE MA 267 -1.45 -72.93 -92.13
CA ILE MA 267 -2.44 -73.65 -92.94
C ILE MA 267 -1.87 -73.93 -94.32
N LEU MA 268 -1.16 -72.97 -94.91
CA LEU MA 268 -0.51 -73.21 -96.20
C LEU MA 268 0.50 -74.33 -96.09
N ILE MA 269 1.19 -74.42 -94.95
CA ILE MA 269 2.17 -75.47 -94.74
C ILE MA 269 1.49 -76.82 -94.63
N GLU MA 270 0.36 -76.88 -93.92
CA GLU MA 270 -0.37 -78.14 -93.82
C GLU MA 270 -0.90 -78.58 -95.17
N ALA MA 271 -1.43 -77.63 -95.94
CA ALA MA 271 -1.91 -77.95 -97.28
C ALA MA 271 -0.78 -78.40 -98.19
N LEU MA 272 0.38 -77.75 -98.06
CA LEU MA 272 1.53 -78.15 -98.86
C LEU MA 272 2.03 -79.52 -98.44
N LEU MA 273 1.91 -79.86 -97.15
CA LEU MA 273 2.30 -81.19 -96.70
C LEU MA 273 1.37 -82.25 -97.26
N ARG MA 274 0.06 -81.97 -97.25
CA ARG MA 274 -0.87 -82.91 -97.87
C ARG MA 274 -0.61 -83.06 -99.36
N LEU MA 275 -0.43 -81.94 -100.05
CA LEU MA 275 -0.13 -82.00 -101.48
C LEU MA 275 1.19 -82.69 -101.74
N LEU MA 276 2.13 -82.58 -100.80
CA LEU MA 276 3.42 -83.23 -100.98
C LEU MA 276 3.31 -84.72 -100.78
N LYS MA 277 2.50 -85.16 -99.82
CA LYS MA 277 2.23 -86.59 -99.70
C LYS MA 277 1.55 -87.13 -100.95
N LYS MA 278 0.60 -86.37 -101.50
CA LYS MA 278 -0.06 -86.78 -102.72
C LYS MA 278 0.92 -86.85 -103.89
N SER MA 279 1.79 -85.84 -104.01
CA SER MA 279 2.78 -85.84 -105.08
C SER MA 279 3.81 -86.95 -104.89
N THR MA 280 4.09 -87.32 -103.64
CA THR MA 280 5.00 -88.42 -103.39
C THR MA 280 4.39 -89.74 -103.81
N ALA MA 281 3.09 -89.94 -103.51
CA ALA MA 281 2.40 -91.11 -104.01
C ALA MA 281 2.40 -91.14 -105.53
N GLU MA 282 2.13 -90.00 -106.15
CA GLU MA 282 2.09 -89.93 -107.61
C GLU MA 282 3.47 -90.20 -108.20
N LEU MA 283 4.53 -89.73 -107.54
CA LEU MA 283 5.88 -89.95 -108.04
C LEU MA 283 6.30 -91.39 -107.87
N LYS MA 284 5.90 -92.03 -106.77
CA LYS MA 284 6.15 -93.45 -106.60
C LYS MA 284 5.43 -94.26 -107.67
N ARG MA 285 4.19 -93.89 -107.98
CA ARG MA 285 3.46 -94.56 -109.05
C ARG MA 285 4.13 -94.35 -110.39
N ALA MA 286 4.62 -93.13 -110.65
CA ALA MA 286 5.28 -92.83 -111.91
C ALA MA 286 6.60 -93.59 -112.02
N THR MA 287 7.33 -93.73 -110.91
CA THR MA 287 8.57 -94.49 -110.93
C THR MA 287 8.29 -95.96 -111.16
N ALA MA 288 7.23 -96.49 -110.56
CA ALA MA 288 6.84 -97.88 -110.81
C ALA MA 288 6.46 -98.07 -112.28
N SER MA 289 5.73 -97.11 -112.85
CA SER MA 289 5.34 -97.21 -114.26
C SER MA 289 6.56 -97.13 -115.18
N LEU MA 290 7.52 -96.27 -114.83
CA LEU MA 290 8.73 -96.17 -115.63
C LEU MA 290 9.56 -97.44 -115.54
N ARG MA 291 9.66 -98.03 -114.36
CA ARG MA 291 10.36 -99.30 -114.21
C ARG MA 291 9.65 -100.40 -114.98
N ALA MA 292 8.32 -100.38 -115.00
CA ALA MA 292 7.56 -101.38 -115.74
C ALA MA 292 7.78 -101.22 -117.25
N ILE MA 293 7.78 -99.98 -117.73
CA ILE MA 293 8.04 -99.75 -119.15
C ILE MA 293 9.48 -100.14 -119.50
N THR MA 294 10.40 -99.94 -118.57
CA THR MA 294 11.78 -100.36 -118.79
C THR MA 294 11.89 -101.87 -118.86
N GLU MA 295 11.19 -102.58 -117.97
CA GLU MA 295 11.18 -104.04 -118.02
C GLU MA 295 10.53 -104.54 -119.30
N GLU MA 296 9.51 -103.83 -119.77
CA GLU MA 296 8.86 -104.22 -121.02
C GLU MA 296 9.78 -104.02 -122.21
N LEU MA 297 10.49 -102.88 -122.26
CA LEU MA 297 11.46 -102.67 -123.31
C LEU MA 297 12.62 -103.65 -123.20
N LYS MA 298 12.92 -104.11 -121.98
CA LYS MA 298 13.97 -105.09 -121.80
C LYS MA 298 13.56 -106.47 -122.30
N LYS MA 299 12.32 -106.88 -122.02
CA LYS MA 299 11.88 -108.21 -122.42
C LYS MA 299 11.73 -108.33 -123.93
N ASN MA 300 11.33 -107.25 -124.60
CA ASN MA 300 11.19 -107.25 -126.06
C ASN MA 300 11.44 -105.86 -126.59
N PRO MA 301 12.69 -105.49 -126.88
CA PRO MA 301 12.98 -104.14 -127.36
C PRO MA 301 12.64 -103.97 -128.82
N SER MA 302 12.06 -102.82 -129.13
CA SER MA 302 11.64 -102.50 -130.48
C SER MA 302 11.35 -101.00 -130.55
N GLU MA 303 10.77 -100.58 -131.67
CA GLU MA 303 10.38 -99.17 -131.81
C GLU MA 303 9.36 -98.79 -130.75
N ASP MA 304 8.29 -99.56 -130.63
CA ASP MA 304 7.26 -99.26 -129.63
C ASP MA 304 7.80 -99.43 -128.21
N ALA MA 305 8.67 -100.41 -128.00
CA ALA MA 305 9.20 -100.64 -126.66
C ALA MA 305 10.09 -99.49 -126.21
N LEU MA 306 11.05 -99.09 -127.05
CA LEU MA 306 11.89 -97.95 -126.71
C LEU MA 306 11.08 -96.67 -126.61
N VAL MA 307 10.06 -96.54 -127.47
CA VAL MA 307 9.19 -95.37 -127.42
C VAL MA 307 8.49 -95.29 -126.07
N GLU MA 308 7.89 -96.40 -125.63
CA GLU MA 308 7.18 -96.41 -124.36
C GLU MA 308 8.12 -96.21 -123.18
N HIS MA 309 9.32 -96.80 -123.25
CA HIS MA 309 10.28 -96.63 -122.15
C HIS MA 309 10.73 -95.19 -122.05
N ASN MA 310 11.04 -94.55 -123.17
CA ASN MA 310 11.45 -93.15 -123.14
C ASN MA 310 10.30 -92.24 -122.74
N ARG MA 311 9.08 -92.57 -123.17
CA ARG MA 311 7.93 -91.78 -122.78
C ARG MA 311 7.67 -91.88 -121.28
N ALA MA 312 7.85 -93.08 -120.72
CA ALA MA 312 7.69 -93.26 -119.27
C ALA MA 312 8.79 -92.53 -118.52
N ILE MA 313 10.02 -92.54 -119.05
CA ILE MA 313 11.10 -91.80 -118.40
C ILE MA 313 10.80 -90.31 -118.41
N VAL MA 314 10.30 -89.79 -119.54
CA VAL MA 314 9.97 -88.38 -119.62
C VAL MA 314 8.80 -88.04 -118.71
N GLU MA 315 7.83 -88.96 -118.59
CA GLU MA 315 6.70 -88.73 -117.71
C GLU MA 315 7.15 -88.71 -116.25
N HIS MA 316 8.06 -89.61 -115.88
CA HIS MA 316 8.61 -89.59 -114.54
C HIS MA 316 9.40 -88.32 -114.28
N ASN MA 317 10.16 -87.85 -115.28
CA ASN MA 317 10.89 -86.60 -115.12
C ASN MA 317 9.94 -85.42 -114.97
N ALA MA 318 8.83 -85.42 -115.71
CA ALA MA 318 7.86 -84.33 -115.60
C ALA MA 318 7.14 -84.37 -114.26
N ILE MA 319 6.82 -85.57 -113.77
CA ILE MA 319 6.19 -85.70 -112.47
C ILE MA 319 7.14 -85.25 -111.37
N ILE MA 320 8.42 -85.57 -111.52
CA ILE MA 320 9.41 -85.12 -110.56
C ILE MA 320 9.55 -83.61 -110.61
N VAL MA 321 9.48 -83.04 -111.82
CA VAL MA 321 9.54 -81.58 -111.95
C VAL MA 321 8.33 -80.94 -111.30
N GLU MA 322 7.16 -81.55 -111.43
CA GLU MA 322 5.96 -81.01 -110.81
C GLU MA 322 6.05 -81.10 -109.29
N ASN MA 323 6.53 -82.23 -108.78
CA ASN MA 323 6.69 -82.37 -107.34
C ASN MA 323 7.73 -81.38 -106.81
N ASN MA 324 8.80 -81.16 -107.58
CA ASN MA 324 9.80 -80.20 -107.18
C ASN MA 324 9.25 -78.78 -107.23
N ARG MA 325 8.36 -78.50 -108.17
CA ARG MA 325 7.72 -77.19 -108.23
C ARG MA 325 6.80 -76.99 -107.03
N ILE MA 326 6.08 -78.03 -106.63
CA ILE MA 326 5.25 -77.95 -105.44
C ILE MA 326 6.12 -77.73 -104.21
N ILE MA 327 7.23 -78.45 -104.12
CA ILE MA 327 8.14 -78.27 -102.99
C ILE MA 327 8.73 -76.88 -102.99
N ALA MA 328 9.02 -76.34 -104.17
CA ALA MA 328 9.57 -74.99 -104.26
C ALA MA 328 8.53 -73.96 -103.85
N MET MA 329 7.28 -74.16 -104.23
CA MET MA 329 6.22 -73.26 -103.78
C MET MA 329 6.07 -73.31 -102.27
N VAL MA 330 6.12 -74.51 -101.69
CA VAL MA 330 6.03 -74.65 -100.24
C VAL MA 330 7.20 -73.97 -99.56
N LEU MA 331 8.39 -74.12 -100.12
CA LEU MA 331 9.58 -73.50 -99.54
C LEU MA 331 9.51 -71.99 -99.67
N GLU MA 332 9.00 -71.48 -100.78
CA GLU MA 332 8.83 -70.04 -100.93
C GLU MA 332 7.81 -69.51 -99.94
N ALA MA 333 6.76 -70.29 -99.67
CA ALA MA 333 5.80 -69.90 -98.65
C ALA MA 333 6.46 -69.86 -97.28
N ILE MA 334 7.27 -70.87 -96.96
CA ILE MA 334 7.98 -70.87 -95.69
C ILE MA 334 8.92 -69.68 -95.59
N VAL MA 335 9.55 -69.31 -96.70
CA VAL MA 335 10.48 -68.19 -96.70
C VAL MA 335 9.74 -66.88 -96.50
N ARG MA 336 8.63 -66.70 -97.22
CA ARG MA 336 7.82 -65.50 -97.01
C ARG MA 336 7.25 -65.45 -95.61
N ALA MA 337 7.06 -66.62 -94.98
CA ALA MA 337 6.61 -66.66 -93.60
C ALA MA 337 7.76 -66.48 -92.62
N ILE MA 338 8.91 -67.10 -92.87
CA ILE MA 338 10.04 -66.97 -91.96
C ILE MA 338 10.80 -65.69 -92.30
N SER NA 2 8.90 -93.26 -60.57
CA SER NA 2 9.62 -93.45 -61.83
C SER NA 2 11.13 -93.61 -61.58
N THR NA 3 11.52 -93.58 -60.29
CA THR NA 3 12.92 -93.72 -59.95
C THR NA 3 13.41 -95.14 -60.15
N LYS NA 4 12.65 -96.13 -59.63
CA LYS NA 4 13.07 -97.52 -59.76
C LYS NA 4 13.00 -97.99 -61.21
N GLU NA 5 12.00 -97.54 -61.95
CA GLU NA 5 11.89 -97.92 -63.35
C GLU NA 5 13.03 -97.35 -64.18
N LYS NA 6 13.33 -96.06 -63.99
CA LYS NA 6 14.46 -95.45 -64.68
C LYS NA 6 15.77 -96.11 -64.28
N ALA NA 7 15.88 -96.51 -63.01
CA ALA NA 7 17.06 -97.22 -62.56
C ALA NA 7 17.22 -98.55 -63.27
N ARG NA 8 16.15 -99.36 -63.29
CA ARG NA 8 16.22 -100.65 -63.97
C ARG NA 8 16.54 -100.48 -65.45
N GLN NA 9 15.96 -99.46 -66.09
CA GLN NA 9 16.21 -99.26 -67.53
C GLN NA 9 17.65 -98.83 -67.79
N LEU NA 10 18.12 -97.80 -67.09
CA LEU NA 10 19.49 -97.33 -67.29
C LEU NA 10 20.50 -98.40 -66.89
N ALA NA 11 20.15 -99.26 -65.94
CA ALA NA 11 21.07 -100.32 -65.53
C ALA NA 11 21.07 -101.47 -66.53
N GLU NA 12 19.92 -101.78 -67.13
CA GLU NA 12 19.91 -102.75 -68.23
C GLU NA 12 20.73 -102.24 -69.40
N GLU NA 13 20.59 -100.95 -69.74
CA GLU NA 13 21.43 -100.36 -70.78
C GLU NA 13 22.90 -100.39 -70.37
N ALA NA 14 23.17 -100.19 -69.08
CA ALA NA 14 24.53 -100.28 -68.58
C ALA NA 14 25.12 -101.67 -68.79
N LYS NA 15 24.35 -102.71 -68.44
CA LYS NA 15 24.82 -104.08 -68.62
C LYS NA 15 25.00 -104.40 -70.08
N GLU NA 16 24.11 -103.90 -70.95
CA GLU NA 16 24.23 -104.15 -72.38
C GLU NA 16 25.50 -103.50 -72.95
N THR NA 17 25.71 -102.22 -72.63
CA THR NA 17 26.90 -101.53 -73.12
C THR NA 17 28.16 -102.09 -72.48
N ALA NA 18 28.04 -102.73 -71.32
CA ALA NA 18 29.18 -103.37 -70.69
C ALA NA 18 29.55 -104.66 -71.42
N GLU NA 19 28.54 -105.49 -71.71
CA GLU NA 19 28.78 -106.70 -72.49
C GLU NA 19 29.28 -106.36 -73.89
N LYS NA 20 28.82 -105.25 -74.46
CA LYS NA 20 29.35 -104.80 -75.74
C LYS NA 20 30.77 -104.26 -75.60
N VAL NA 21 31.07 -103.64 -74.47
CA VAL NA 21 32.42 -103.16 -74.18
C VAL NA 21 33.35 -104.33 -73.87
N GLY NA 22 32.78 -105.45 -73.46
CA GLY NA 22 33.56 -106.61 -73.08
C GLY NA 22 33.61 -106.80 -71.58
N ASP NA 23 32.65 -106.21 -70.87
CA ASP NA 23 32.64 -106.23 -69.42
C ASP NA 23 31.42 -106.99 -68.93
N PRO NA 24 31.57 -108.25 -68.49
CA PRO NA 24 30.45 -108.94 -67.85
C PRO NA 24 30.37 -108.56 -66.38
N GLU NA 25 31.50 -108.12 -65.83
CA GLU NA 25 31.51 -107.62 -64.46
C GLU NA 25 30.73 -106.34 -64.33
N LEU NA 26 30.93 -105.39 -65.25
CA LEU NA 26 30.12 -104.18 -65.26
C LEU NA 26 28.67 -104.51 -65.59
N ILE NA 27 28.44 -105.57 -66.38
CA ILE NA 27 27.08 -106.01 -66.65
C ILE NA 27 26.40 -106.50 -65.38
N LYS NA 28 27.12 -107.25 -64.55
CA LYS NA 28 26.55 -107.72 -63.30
C LYS NA 28 26.36 -106.58 -62.31
N LEU NA 29 27.31 -105.65 -62.25
CA LEU NA 29 27.15 -104.47 -61.41
C LEU NA 29 25.94 -103.64 -61.85
N ALA NA 30 25.69 -103.60 -63.16
CA ALA NA 30 24.51 -102.93 -63.67
C ALA NA 30 23.23 -103.65 -63.29
N GLU NA 31 23.23 -104.99 -63.41
CA GLU NA 31 22.09 -105.76 -62.94
C GLU NA 31 21.82 -105.50 -61.46
N GLN NA 32 22.89 -105.33 -60.68
CA GLN NA 32 22.73 -105.01 -59.26
C GLN NA 32 22.18 -103.61 -59.07
N ALA NA 33 22.61 -102.65 -59.90
CA ALA NA 33 22.06 -101.31 -59.83
C ALA NA 33 20.59 -101.30 -60.17
N SER NA 34 20.17 -102.17 -61.10
CA SER NA 34 18.76 -102.31 -61.42
C SER NA 34 17.99 -102.93 -60.26
N GLN NA 35 18.52 -104.01 -59.69
CA GLN NA 35 17.84 -104.68 -58.58
C GLN NA 35 17.72 -103.78 -57.37
N GLU NA 36 18.72 -102.91 -57.14
CA GLU NA 36 18.67 -101.98 -56.02
C GLU NA 36 17.75 -100.80 -56.31
N GLY NA 37 17.62 -100.43 -57.58
CA GLY NA 37 16.81 -99.31 -57.97
C GLY NA 37 17.49 -97.96 -57.88
N ASP NA 38 18.80 -97.90 -58.12
CA ASP NA 38 19.56 -96.66 -58.08
C ASP NA 38 19.78 -96.16 -59.50
N SER NA 39 19.00 -95.14 -59.90
CA SER NA 39 19.17 -94.55 -61.22
C SER NA 39 20.53 -93.89 -61.36
N GLU NA 40 21.06 -93.34 -60.26
CA GLU NA 40 22.40 -92.79 -60.28
C GLU NA 40 23.43 -93.88 -60.56
N LYS NA 41 23.37 -94.98 -59.83
CA LYS NA 41 24.30 -96.08 -60.06
C LYS NA 41 24.05 -96.73 -61.41
N ALA NA 42 22.80 -96.73 -61.87
CA ALA NA 42 22.50 -97.28 -63.19
C ALA NA 42 23.14 -96.46 -64.29
N LYS NA 43 22.93 -95.14 -64.28
CA LYS NA 43 23.55 -94.28 -65.27
C LYS NA 43 25.07 -94.27 -65.12
N ALA NA 44 25.56 -94.48 -63.90
CA ALA NA 44 27.00 -94.59 -63.68
C ALA NA 44 27.55 -95.82 -64.38
N ILE NA 45 26.91 -96.97 -64.20
CA ILE NA 45 27.37 -98.18 -64.87
C ILE NA 45 27.21 -98.03 -66.38
N LEU NA 46 26.22 -97.26 -66.82
CA LEU NA 46 26.02 -97.04 -68.25
C LEU NA 46 27.14 -96.20 -68.85
N LEU NA 47 27.46 -95.08 -68.20
CA LEU NA 47 28.56 -94.25 -68.66
C LEU NA 47 29.88 -94.98 -68.56
N ALA NA 48 30.05 -95.83 -67.55
CA ALA NA 48 31.28 -96.62 -67.44
C ALA NA 48 31.35 -97.69 -68.52
N ALA NA 49 30.22 -98.27 -68.88
CA ALA NA 49 30.20 -99.24 -69.97
C ALA NA 49 30.51 -98.59 -71.30
N GLU NA 50 29.96 -97.39 -71.53
CA GLU NA 50 30.31 -96.62 -72.71
C GLU NA 50 31.79 -96.24 -72.70
N ALA NA 51 32.31 -95.92 -71.51
CA ALA NA 51 33.73 -95.62 -71.38
C ALA NA 51 34.58 -96.82 -71.75
N ALA NA 52 34.19 -98.00 -71.29
CA ALA NA 52 34.94 -99.21 -71.60
C ALA NA 52 34.83 -99.55 -73.08
N ARG NA 53 33.68 -99.26 -73.70
CA ARG NA 53 33.55 -99.46 -75.14
C ARG NA 53 34.48 -98.52 -75.91
N VAL NA 54 34.47 -97.24 -75.54
CA VAL NA 54 35.32 -96.26 -76.23
C VAL NA 54 36.79 -96.57 -75.95
N ALA NA 55 37.09 -97.19 -74.82
CA ALA NA 55 38.45 -97.57 -74.51
C ALA NA 55 38.89 -98.78 -75.33
N LYS NA 56 38.05 -99.81 -75.39
CA LYS NA 56 38.32 -100.94 -76.28
C LYS NA 56 38.49 -100.47 -77.71
N GLU NA 57 37.78 -99.40 -78.09
CA GLU NA 57 38.02 -98.77 -79.37
C GLU NA 57 39.35 -98.03 -79.40
N VAL NA 58 39.77 -97.47 -78.26
CA VAL NA 58 41.04 -96.75 -78.18
C VAL NA 58 42.18 -97.70 -77.83
N GLY NA 59 42.03 -98.46 -76.75
CA GLY NA 59 43.03 -99.45 -76.38
C GLY NA 59 43.82 -99.18 -75.12
N ALA NA 60 43.17 -98.59 -74.11
CA ALA NA 60 43.84 -98.29 -72.84
C ALA NA 60 43.22 -99.12 -71.72
N PRO NA 61 43.92 -100.11 -71.16
CA PRO NA 61 43.34 -100.89 -70.06
C PRO NA 61 43.26 -100.11 -68.76
N ASP NA 62 43.97 -98.99 -68.64
CA ASP NA 62 43.86 -98.17 -67.44
C ASP NA 62 42.45 -97.61 -67.28
N LEU NA 63 41.98 -96.88 -68.28
CA LEU NA 63 40.61 -96.38 -68.23
C LEU NA 63 39.60 -97.51 -68.26
N ILE NA 64 39.98 -98.65 -68.83
CA ILE NA 64 39.07 -99.81 -68.85
C ILE NA 64 38.82 -100.30 -67.43
N ARG NA 65 39.89 -100.58 -66.68
CA ARG NA 65 39.72 -100.99 -65.30
C ARG NA 65 39.12 -99.87 -64.46
N LEU NA 66 39.40 -98.61 -64.83
CA LEU NA 66 38.80 -97.49 -64.11
C LEU NA 66 37.29 -97.49 -64.25
N ALA NA 67 36.79 -97.67 -65.47
CA ALA NA 67 35.36 -97.76 -65.68
C ALA NA 67 34.78 -99.02 -65.05
N ARG NA 68 35.54 -100.11 -65.05
CA ARG NA 68 35.09 -101.33 -64.39
C ARG NA 68 34.86 -101.09 -62.91
N ILE NA 69 35.81 -100.43 -62.25
CA ILE NA 69 35.66 -100.15 -60.82
C ILE NA 69 34.56 -99.11 -60.59
N ALA NA 70 34.43 -98.14 -61.50
CA ALA NA 70 33.39 -97.14 -61.35
C ALA NA 70 32.01 -97.77 -61.46
N ALA NA 71 31.86 -98.76 -62.33
CA ALA NA 71 30.59 -99.46 -62.44
C ALA NA 71 30.36 -100.38 -61.25
N ARG NA 72 31.42 -101.05 -60.78
CA ARG NA 72 31.29 -101.88 -59.58
C ARG NA 72 30.90 -101.06 -58.37
N VAL NA 73 31.34 -99.80 -58.32
CA VAL NA 73 30.97 -98.94 -57.20
C VAL NA 73 29.73 -98.12 -57.52
N GLY NA 74 29.58 -97.69 -58.76
CA GLY NA 74 28.46 -96.84 -59.14
C GLY NA 74 28.80 -95.37 -59.10
N ALA NA 75 30.00 -95.03 -59.58
CA ALA NA 75 30.48 -93.65 -59.58
C ALA NA 75 30.13 -93.00 -60.91
N SER NA 76 29.17 -92.06 -60.87
CA SER NA 76 28.74 -91.40 -62.09
C SER NA 76 29.77 -90.40 -62.58
N GLU NA 77 30.36 -89.63 -61.68
CA GLU NA 77 31.40 -88.67 -62.09
C GLU NA 77 32.61 -89.40 -62.65
N ALA NA 78 33.04 -90.47 -61.99
CA ALA NA 78 34.18 -91.24 -62.48
C ALA NA 78 33.86 -91.93 -63.80
N ALA NA 79 32.61 -92.37 -63.98
CA ALA NA 79 32.23 -93.01 -65.23
C ALA NA 79 32.21 -92.01 -66.37
N LYS NA 80 31.65 -90.82 -66.14
CA LYS NA 80 31.66 -89.78 -67.17
C LYS NA 80 33.08 -89.33 -67.47
N ALA NA 81 33.93 -89.27 -66.44
CA ALA NA 81 35.32 -88.94 -66.65
C ALA NA 81 36.02 -90.00 -67.49
N ILE NA 82 35.73 -91.28 -67.22
CA ILE NA 82 36.33 -92.35 -68.00
C ILE NA 82 35.83 -92.33 -69.43
N LEU NA 83 34.57 -91.94 -69.64
CA LEU NA 83 34.03 -91.87 -71.00
C LEU NA 83 34.66 -90.73 -71.78
N LEU NA 84 34.68 -89.53 -71.19
CA LEU NA 84 35.33 -88.40 -71.86
C LEU NA 84 36.83 -88.64 -72.02
N ALA NA 85 37.43 -89.41 -71.12
CA ALA NA 85 38.85 -89.72 -71.22
C ALA NA 85 39.12 -90.76 -72.29
N ALA NA 86 38.19 -91.69 -72.50
CA ALA NA 86 38.32 -92.63 -73.61
C ALA NA 86 38.13 -91.91 -74.94
N GLU NA 87 37.22 -90.93 -74.97
CA GLU NA 87 37.12 -90.07 -76.14
C GLU NA 87 38.41 -89.29 -76.36
N ALA NA 88 39.00 -88.77 -75.28
CA ALA NA 88 40.28 -88.10 -75.36
C ALA NA 88 41.37 -89.04 -75.86
N ALA NA 89 41.31 -90.30 -75.44
CA ALA NA 89 42.32 -91.26 -75.85
C ALA NA 89 42.18 -91.61 -77.32
N ARG NA 90 40.95 -91.73 -77.80
CA ARG NA 90 40.74 -91.90 -79.24
C ARG NA 90 41.24 -90.68 -80.01
N VAL NA 91 40.93 -89.48 -79.52
CA VAL NA 91 41.35 -88.26 -80.20
C VAL NA 91 42.87 -88.13 -80.17
N ALA NA 92 43.50 -88.64 -79.11
CA ALA NA 92 44.95 -88.58 -79.01
C ALA NA 92 45.62 -89.61 -79.90
N LYS NA 93 45.07 -90.82 -79.94
CA LYS NA 93 45.56 -91.82 -80.89
C LYS NA 93 45.42 -91.31 -82.32
N GLU NA 94 44.39 -90.50 -82.58
CA GLU NA 94 44.30 -89.80 -83.85
C GLU NA 94 45.33 -88.68 -83.95
N VAL NA 95 45.71 -88.08 -82.82
CA VAL NA 95 46.68 -86.99 -82.82
C VAL NA 95 48.09 -87.53 -82.60
N GLY NA 96 48.33 -88.17 -81.46
CA GLY NA 96 49.63 -88.76 -81.19
C GLY NA 96 50.42 -88.07 -80.09
N ASP NA 97 49.73 -87.59 -79.05
CA ASP NA 97 50.37 -86.90 -77.94
C ASP NA 97 50.35 -87.78 -76.70
N PRO NA 98 51.51 -88.22 -76.19
CA PRO NA 98 51.49 -89.06 -74.99
C PRO NA 98 51.20 -88.32 -73.71
N GLU NA 99 51.60 -87.05 -73.60
CA GLU NA 99 51.23 -86.26 -72.43
C GLU NA 99 49.72 -86.07 -72.37
N LEU NA 100 49.08 -85.95 -73.54
CA LEU NA 100 47.63 -85.90 -73.56
C LEU NA 100 47.02 -87.20 -73.06
N GLU NA 101 47.60 -88.35 -73.43
CA GLU NA 101 47.11 -89.63 -72.94
C GLU NA 101 47.30 -89.73 -71.43
N ARG NA 102 48.43 -89.24 -70.92
CA ARG NA 102 48.65 -89.23 -69.48
C ARG NA 102 47.63 -88.36 -68.77
N LEU NA 103 47.37 -87.17 -69.31
CA LEU NA 103 46.39 -86.28 -68.71
C LEU NA 103 44.99 -86.87 -68.76
N ALA NA 104 44.66 -87.58 -69.84
CA ALA NA 104 43.35 -88.20 -69.95
C ALA NA 104 43.20 -89.34 -68.96
N LEU NA 105 44.22 -90.19 -68.83
CA LEU NA 105 44.17 -91.25 -67.84
C LEU NA 105 44.11 -90.69 -66.43
N LEU NA 106 44.79 -89.56 -66.20
CA LEU NA 106 44.75 -88.94 -64.88
C LEU NA 106 43.38 -88.36 -64.58
N ALA NA 107 42.72 -87.79 -65.59
CA ALA NA 107 41.36 -87.29 -65.41
C ALA NA 107 40.40 -88.44 -65.16
N ALA NA 108 40.61 -89.58 -65.82
CA ALA NA 108 39.77 -90.75 -65.59
C ALA NA 108 39.98 -91.31 -64.18
N VAL NA 109 41.22 -91.31 -63.71
CA VAL NA 109 41.51 -91.85 -62.38
C VAL NA 109 41.00 -90.90 -61.30
N LEU NA 110 41.26 -89.60 -61.44
CA LEU NA 110 40.74 -88.63 -60.49
C LEU NA 110 39.23 -88.50 -60.61
N GLY NA 111 38.66 -89.04 -61.68
CA GLY NA 111 37.23 -88.95 -61.89
C GLY NA 111 36.74 -87.57 -62.22
N ASP NA 112 37.65 -86.66 -62.58
CA ASP NA 112 37.31 -85.28 -62.88
C ASP NA 112 36.77 -85.22 -64.30
N SER NA 113 35.44 -85.25 -64.43
CA SER NA 113 34.82 -85.16 -65.75
C SER NA 113 35.13 -83.83 -66.42
N GLU NA 114 35.33 -82.78 -65.61
CA GLU NA 114 35.81 -81.52 -66.17
C GLU NA 114 37.20 -81.68 -66.77
N LYS NA 115 38.11 -82.31 -66.03
CA LYS NA 115 39.45 -82.57 -66.57
C LYS NA 115 39.40 -83.56 -67.71
N ALA NA 116 38.41 -84.46 -67.71
CA ALA NA 116 38.28 -85.41 -68.81
C ALA NA 116 37.82 -84.73 -70.09
N LYS NA 117 36.83 -83.84 -70.00
CA LYS NA 117 36.45 -83.03 -71.14
C LYS NA 117 37.59 -82.11 -71.56
N ALA NA 118 38.38 -81.64 -70.60
CA ALA NA 118 39.57 -80.87 -70.91
C ALA NA 118 40.55 -81.69 -71.74
N ILE NA 119 40.76 -82.94 -71.36
CA ILE NA 119 41.67 -83.81 -72.10
C ILE NA 119 41.12 -84.10 -73.49
N LEU NA 120 39.81 -84.28 -73.59
CA LEU NA 120 39.20 -84.51 -74.91
C LEU NA 120 39.39 -83.29 -75.81
N LEU NA 121 39.06 -82.10 -75.30
CA LEU NA 121 39.24 -80.88 -76.08
C LEU NA 121 40.71 -80.60 -76.37
N ALA NA 122 41.60 -81.01 -75.47
CA ALA NA 122 43.03 -80.79 -75.69
C ALA NA 122 43.59 -81.75 -76.73
N ALA NA 123 43.11 -83.00 -76.74
CA ALA NA 123 43.50 -83.92 -77.80
C ALA NA 123 42.96 -83.44 -79.14
N GLU NA 124 41.73 -82.95 -79.16
CA GLU NA 124 41.19 -82.35 -80.37
C GLU NA 124 42.00 -81.14 -80.79
N ALA NA 125 42.42 -80.33 -79.82
CA ALA NA 125 43.23 -79.15 -80.12
C ALA NA 125 44.58 -79.54 -80.69
N ALA NA 126 45.21 -80.58 -80.12
CA ALA NA 126 46.49 -81.04 -80.63
C ALA NA 126 46.35 -81.62 -82.03
N ARG NA 127 45.26 -82.34 -82.29
CA ARG NA 127 45.02 -82.85 -83.64
C ARG NA 127 44.80 -81.71 -84.63
N VAL NA 128 44.01 -80.70 -84.24
CA VAL NA 128 43.73 -79.59 -85.14
C VAL NA 128 44.99 -78.76 -85.35
N ALA NA 129 45.86 -78.68 -84.35
CA ALA NA 129 47.11 -77.95 -84.50
C ALA NA 129 48.08 -78.70 -85.40
N LYS NA 130 48.19 -80.02 -85.22
CA LYS NA 130 49.03 -80.81 -86.11
C LYS NA 130 48.53 -80.75 -87.54
N GLU NA 131 47.21 -80.70 -87.72
CA GLU NA 131 46.65 -80.57 -89.06
C GLU NA 131 46.89 -79.17 -89.64
N VAL NA 132 46.81 -78.14 -88.80
CA VAL NA 132 47.03 -76.77 -89.23
C VAL NA 132 48.50 -76.41 -89.22
N GLY NA 133 49.24 -76.89 -88.22
CA GLY NA 133 50.64 -76.58 -88.10
C GLY NA 133 50.86 -75.46 -87.10
N ASP NA 134 49.94 -75.30 -86.17
CA ASP NA 134 49.98 -74.22 -85.20
C ASP NA 134 50.68 -74.70 -83.93
N PRO NA 135 51.96 -74.39 -83.74
CA PRO NA 135 52.65 -74.83 -82.52
C PRO NA 135 52.15 -74.15 -81.26
N GLU NA 136 51.71 -72.90 -81.35
CA GLU NA 136 51.12 -72.24 -80.19
C GLU NA 136 49.83 -72.95 -79.76
N LEU NA 137 49.05 -73.42 -80.73
CA LEU NA 137 47.82 -74.15 -80.39
C LEU NA 137 48.14 -75.49 -79.72
N ILE NA 138 49.14 -76.21 -80.22
CA ILE NA 138 49.52 -77.46 -79.60
C ILE NA 138 50.10 -77.24 -78.21
N LYS NA 139 50.86 -76.15 -78.03
CA LYS NA 139 51.39 -75.82 -76.71
C LYS NA 139 50.26 -75.49 -75.73
N LEU NA 140 49.28 -74.71 -76.18
CA LEU NA 140 48.14 -74.40 -75.32
C LEU NA 140 47.33 -75.66 -75.01
N ALA NA 141 47.21 -76.56 -75.98
CA ALA NA 141 46.52 -77.82 -75.74
C ALA NA 141 47.24 -78.66 -74.69
N LEU NA 142 48.56 -78.77 -74.79
CA LEU NA 142 49.32 -79.52 -73.79
C LEU NA 142 49.23 -78.87 -72.42
N GLU NA 143 49.27 -77.53 -72.38
CA GLU NA 143 49.16 -76.82 -71.12
C GLU NA 143 47.79 -77.05 -70.48
N ALA NA 144 46.73 -77.06 -71.29
CA ALA NA 144 45.40 -77.31 -70.76
C ALA NA 144 45.26 -78.75 -70.30
N ALA NA 145 45.87 -79.70 -71.03
CA ALA NA 145 45.81 -81.10 -70.61
C ALA NA 145 46.53 -81.30 -69.29
N GLU NA 146 47.70 -80.71 -69.12
CA GLU NA 146 48.40 -80.78 -67.85
C GLU NA 146 47.63 -80.05 -66.76
N ARG NA 147 46.95 -78.96 -67.11
CA ARG NA 147 46.18 -78.21 -66.12
C ARG NA 147 44.79 -78.79 -65.92
N GLY NA 148 44.20 -79.36 -66.98
CA GLY NA 148 42.85 -79.90 -66.88
C GLY NA 148 41.79 -78.84 -67.09
N ASP NA 149 42.11 -77.81 -67.87
CA ASP NA 149 41.20 -76.69 -68.12
C ASP NA 149 40.45 -76.94 -69.42
N SER NA 150 39.16 -77.24 -69.31
CA SER NA 150 38.35 -77.49 -70.49
C SER NA 150 38.18 -76.22 -71.32
N GLU NA 151 38.07 -75.07 -70.66
CA GLU NA 151 37.98 -73.81 -71.39
C GLU NA 151 39.25 -73.54 -72.19
N LYS NA 152 40.41 -73.75 -71.57
CA LYS NA 152 41.67 -73.53 -72.27
C LYS NA 152 41.87 -74.53 -73.40
N ALA NA 153 41.46 -75.78 -73.20
CA ALA NA 153 41.61 -76.77 -74.25
C ALA NA 153 40.67 -76.49 -75.42
N LYS NA 154 39.43 -76.10 -75.12
CA LYS NA 154 38.51 -75.70 -76.18
C LYS NA 154 39.01 -74.45 -76.90
N ALA NA 155 39.64 -73.54 -76.16
CA ALA NA 155 40.22 -72.36 -76.79
C ALA NA 155 41.38 -72.73 -77.70
N ILE NA 156 42.21 -73.68 -77.29
CA ILE NA 156 43.30 -74.14 -78.13
C ILE NA 156 42.75 -74.82 -79.38
N LEU NA 157 41.67 -75.57 -79.23
CA LEU NA 157 41.06 -76.23 -80.38
C LEU NA 157 40.48 -75.20 -81.35
N LEU NA 158 39.73 -74.23 -80.83
CA LEU NA 158 39.15 -73.20 -81.68
C LEU NA 158 40.23 -72.33 -82.31
N ALA NA 159 41.36 -72.13 -81.61
CA ALA NA 159 42.45 -71.34 -82.17
C ALA NA 159 43.18 -72.12 -83.26
N ALA NA 160 43.35 -73.43 -83.08
CA ALA NA 160 43.92 -74.24 -84.15
C ALA NA 160 43.01 -74.27 -85.36
N GLU NA 161 41.70 -74.34 -85.13
CA GLU NA 161 40.75 -74.29 -86.25
C GLU NA 161 40.78 -72.93 -86.94
N ALA NA 162 40.88 -71.85 -86.16
CA ALA NA 162 40.97 -70.52 -86.73
C ALA NA 162 42.25 -70.34 -87.53
N ALA NA 163 43.36 -70.90 -87.02
CA ALA NA 163 44.62 -70.85 -87.76
C ALA NA 163 44.54 -71.67 -89.04
N ARG NA 164 43.85 -72.81 -89.00
CA ARG NA 164 43.65 -73.59 -90.21
C ARG NA 164 42.83 -72.82 -91.23
N VAL NA 165 41.74 -72.19 -90.78
CA VAL NA 165 40.90 -71.42 -91.69
C VAL NA 165 41.66 -70.21 -92.23
N ALA NA 166 42.55 -69.64 -91.43
CA ALA NA 166 43.35 -68.51 -91.88
C ALA NA 166 44.39 -68.94 -92.90
N LYS NA 167 45.08 -70.05 -92.65
CA LYS NA 167 46.07 -70.56 -93.61
C LYS NA 167 45.40 -70.97 -94.91
N GLU NA 168 44.21 -71.56 -94.84
CA GLU NA 168 43.47 -71.89 -96.04
C GLU NA 168 42.96 -70.63 -96.75
N VAL NA 169 42.67 -69.58 -95.99
CA VAL NA 169 42.26 -68.31 -96.57
C VAL NA 169 43.47 -67.46 -96.92
N GLY NA 170 44.51 -67.49 -96.10
CA GLY NA 170 45.68 -66.68 -96.30
C GLY NA 170 45.60 -65.42 -95.46
N ASP NA 171 44.82 -65.47 -94.40
CA ASP NA 171 44.58 -64.30 -93.56
C ASP NA 171 45.55 -64.31 -92.39
N PRO NA 172 46.71 -63.67 -92.50
CA PRO NA 172 47.64 -63.63 -91.37
C PRO NA 172 47.11 -62.86 -90.18
N GLU NA 173 46.21 -61.90 -90.39
CA GLU NA 173 45.54 -61.27 -89.26
C GLU NA 173 44.68 -62.26 -88.51
N LEU NA 174 43.99 -63.14 -89.23
CA LEU NA 174 43.18 -64.17 -88.56
C LEU NA 174 44.07 -65.17 -87.84
N ILE NA 175 45.20 -65.54 -88.43
CA ILE NA 175 46.13 -66.46 -87.77
C ILE NA 175 46.70 -65.82 -86.52
N LYS NA 176 47.01 -64.51 -86.58
CA LYS NA 176 47.52 -63.82 -85.41
C LYS NA 176 46.46 -63.73 -84.32
N LEU NA 177 45.21 -63.47 -84.70
CA LEU NA 177 44.14 -63.44 -83.71
C LEU NA 177 43.93 -64.81 -83.09
N ALA NA 178 44.09 -65.88 -83.88
CA ALA NA 178 43.98 -67.23 -83.34
C ALA NA 178 45.10 -67.52 -82.36
N LEU NA 179 46.33 -67.13 -82.70
CA LEU NA 179 47.45 -67.32 -81.78
C LEU NA 179 47.26 -66.51 -80.50
N GLU NA 180 46.73 -65.29 -80.64
CA GLU NA 180 46.50 -64.45 -79.46
C GLU NA 180 45.40 -65.03 -78.59
N ALA NA 181 44.37 -65.62 -79.19
CA ALA NA 181 43.32 -66.26 -78.41
C ALA NA 181 43.83 -67.54 -77.74
N ALA NA 182 44.71 -68.27 -78.43
CA ALA NA 182 45.32 -69.46 -77.82
C ALA NA 182 46.17 -69.08 -76.63
N ARG NA 183 46.98 -68.03 -76.77
CA ARG NA 183 47.77 -67.54 -75.64
C ARG NA 183 46.86 -67.00 -74.53
N ARG NA 184 45.74 -66.39 -74.88
CA ARG NA 184 44.81 -65.87 -73.89
C ARG NA 184 43.89 -66.97 -73.37
N GLY NA 185 43.67 -68.01 -74.16
CA GLY NA 185 42.77 -69.07 -73.75
C GLY NA 185 41.32 -68.66 -73.93
N ASP NA 186 41.08 -67.69 -74.81
CA ASP NA 186 39.73 -67.19 -75.08
C ASP NA 186 39.15 -67.96 -76.25
N SER NA 187 38.32 -68.97 -75.93
CA SER NA 187 37.65 -69.72 -76.99
C SER NA 187 36.72 -68.83 -77.81
N GLU NA 188 36.16 -67.80 -77.18
CA GLU NA 188 35.31 -66.86 -77.91
C GLU NA 188 36.12 -66.10 -78.95
N LYS NA 189 37.29 -65.58 -78.56
CA LYS NA 189 38.14 -64.88 -79.51
C LYS NA 189 38.65 -65.81 -80.60
N ALA NA 190 38.94 -67.06 -80.26
CA ALA NA 190 39.40 -68.01 -81.26
C ALA NA 190 38.30 -68.37 -82.24
N LYS NA 191 37.07 -68.52 -81.75
CA LYS NA 191 35.95 -68.79 -82.64
C LYS NA 191 35.64 -67.57 -83.52
N ALA NA 192 35.80 -66.37 -82.96
CA ALA NA 192 35.66 -65.16 -83.76
C ALA NA 192 36.73 -65.10 -84.84
N ILE NA 193 37.95 -65.52 -84.52
CA ILE NA 193 39.02 -65.55 -85.51
C ILE NA 193 38.71 -66.59 -86.58
N LEU NA 194 38.12 -67.72 -86.19
CA LEU NA 194 37.75 -68.74 -87.18
C LEU NA 194 36.66 -68.22 -88.11
N LEU NA 195 35.62 -67.61 -87.56
CA LEU NA 195 34.56 -67.04 -88.38
C LEU NA 195 35.08 -65.91 -89.26
N ALA NA 196 36.03 -65.13 -88.75
CA ALA NA 196 36.61 -64.05 -89.55
C ALA NA 196 37.47 -64.61 -90.68
N ALA NA 197 38.22 -65.68 -90.41
CA ALA NA 197 38.99 -66.32 -91.47
C ALA NA 197 38.09 -66.92 -92.53
N GLU NA 198 36.95 -67.50 -92.10
CA GLU NA 198 35.99 -68.02 -93.08
C GLU NA 198 35.38 -66.89 -93.91
N ALA NA 199 35.03 -65.78 -93.27
CA ALA NA 199 34.48 -64.64 -93.98
C ALA NA 199 35.51 -64.05 -94.94
N ALA NA 200 36.77 -64.01 -94.54
CA ALA NA 200 37.83 -63.51 -95.42
C ALA NA 200 38.07 -64.47 -96.59
N ARG NA 201 37.97 -65.77 -96.33
CA ARG NA 201 38.07 -66.74 -97.41
C ARG NA 201 36.94 -66.56 -98.42
N VAL NA 202 35.72 -66.34 -97.93
CA VAL NA 202 34.58 -66.11 -98.82
C VAL NA 202 34.77 -64.81 -99.60
N ALA NA 203 35.32 -63.79 -98.93
CA ALA NA 203 35.55 -62.50 -99.60
C ALA NA 203 36.60 -62.64 -100.68
N LYS NA 204 37.66 -63.38 -100.41
CA LYS NA 204 38.70 -63.60 -101.42
C LYS NA 204 38.18 -64.45 -102.57
N GLU NA 205 37.38 -65.47 -102.29
CA GLU NA 205 36.83 -66.30 -103.35
C GLU NA 205 35.82 -65.53 -104.19
N VAL NA 206 35.09 -64.61 -103.59
CA VAL NA 206 34.14 -63.77 -104.32
C VAL NA 206 34.82 -62.54 -104.89
N GLY NA 207 35.57 -61.82 -104.06
CA GLY NA 207 36.22 -60.60 -104.49
C GLY NA 207 35.67 -59.40 -103.75
N ASP NA 208 35.18 -59.62 -102.53
CA ASP NA 208 34.60 -58.55 -101.73
C ASP NA 208 35.66 -58.02 -100.77
N PRO NA 209 36.48 -57.07 -101.20
CA PRO NA 209 37.53 -56.55 -100.30
C PRO NA 209 36.98 -55.87 -99.07
N GLU NA 210 35.80 -55.25 -99.14
CA GLU NA 210 35.19 -54.70 -97.93
C GLU NA 210 34.82 -55.82 -96.96
N LEU NA 211 34.38 -56.97 -97.49
CA LEU NA 211 34.08 -58.10 -96.62
C LEU NA 211 35.33 -58.65 -95.97
N ILE NA 212 36.42 -58.78 -96.72
CA ILE NA 212 37.67 -59.25 -96.13
C ILE NA 212 38.17 -58.23 -95.11
N LYS NA 213 37.95 -56.94 -95.37
CA LYS NA 213 38.35 -55.90 -94.43
C LYS NA 213 37.55 -55.99 -93.13
N LEU NA 214 36.24 -56.18 -93.24
CA LEU NA 214 35.42 -56.36 -92.04
C LEU NA 214 35.80 -57.62 -91.30
N ALA NA 215 36.18 -58.68 -92.03
CA ALA NA 215 36.62 -59.90 -91.39
C ALA NA 215 37.91 -59.69 -90.62
N LEU NA 216 38.88 -58.98 -91.21
CA LEU NA 216 40.11 -58.68 -90.51
C LEU NA 216 39.85 -57.79 -89.30
N GLU NA 217 38.92 -56.83 -89.43
CA GLU NA 217 38.58 -55.96 -88.31
C GLU NA 217 37.94 -56.75 -87.18
N ALA NA 218 37.07 -57.70 -87.52
CA ALA NA 218 36.46 -58.54 -86.49
C ALA NA 218 37.50 -59.46 -85.85
N ALA NA 219 38.44 -59.98 -86.64
CA ALA NA 219 39.50 -60.81 -86.09
C ALA NA 219 40.37 -60.01 -85.13
N ARG NA 220 40.70 -58.77 -85.48
CA ARG NA 220 41.42 -57.90 -84.57
C ARG NA 220 40.57 -57.56 -83.34
N ARG NA 221 39.25 -57.49 -83.51
CA ARG NA 221 38.37 -57.17 -82.38
C ARG NA 221 37.99 -58.44 -81.61
N GLY NA 222 37.64 -59.51 -82.31
CA GLY NA 222 37.24 -60.74 -81.67
C GLY NA 222 35.74 -60.85 -81.46
N ASP NA 223 34.98 -60.30 -82.41
CA ASP NA 223 33.52 -60.31 -82.35
C ASP NA 223 32.99 -61.45 -83.20
N SER NA 224 32.62 -62.56 -82.55
CA SER NA 224 32.11 -63.71 -83.27
C SER NA 224 30.77 -63.39 -83.92
N ARG NA 225 29.98 -62.52 -83.31
CA ARG NA 225 28.71 -62.13 -83.91
C ARG NA 225 28.92 -61.32 -85.18
N LYS NA 226 29.79 -60.31 -85.12
CA LYS NA 226 30.08 -59.51 -86.31
C LYS NA 226 30.77 -60.36 -87.38
N ALA NA 227 31.66 -61.27 -86.95
CA ALA NA 227 32.34 -62.12 -87.92
C ALA NA 227 31.36 -63.08 -88.59
N GLU NA 228 30.42 -63.64 -87.83
CA GLU NA 228 29.42 -64.51 -88.42
C GLU NA 228 28.50 -63.74 -89.35
N ALA NA 229 28.16 -62.50 -88.98
CA ALA NA 229 27.35 -61.67 -89.87
C ALA NA 229 28.10 -61.36 -91.16
N ILE NA 230 29.40 -61.11 -91.06
CA ILE NA 230 30.22 -60.85 -92.25
C ILE NA 230 30.30 -62.10 -93.11
N LEU NA 231 30.39 -63.27 -92.48
CA LEU NA 231 30.42 -64.51 -93.25
C LEU NA 231 29.08 -64.77 -93.93
N LEU NA 232 27.98 -64.48 -93.24
CA LEU NA 232 26.67 -64.63 -93.85
C LEU NA 232 26.49 -63.67 -95.02
N ALA NA 233 26.95 -62.43 -94.85
CA ALA NA 233 26.87 -61.47 -95.94
C ALA NA 233 27.79 -61.86 -97.10
N ALA NA 234 28.93 -62.48 -96.79
CA ALA NA 234 29.83 -62.93 -97.84
C ALA NA 234 29.23 -64.08 -98.63
N GLU NA 235 28.59 -65.03 -97.94
CA GLU NA 235 27.89 -66.10 -98.63
C GLU NA 235 26.74 -65.55 -99.45
N ALA NA 236 26.03 -64.55 -98.92
CA ALA NA 236 24.94 -63.94 -99.66
C ALA NA 236 25.45 -63.24 -100.92
N ALA NA 237 26.58 -62.53 -100.81
CA ALA NA 237 27.16 -61.86 -101.96
C ALA NA 237 27.72 -62.87 -102.96
N ARG NA 238 28.20 -64.02 -102.47
CA ARG NA 238 28.65 -65.07 -103.37
C ARG NA 238 27.47 -65.65 -104.15
N ILE NA 239 26.36 -65.90 -103.46
CA ILE NA 239 25.15 -66.34 -104.14
C ILE NA 239 24.66 -65.28 -105.12
N ALA NA 240 24.84 -64.01 -104.77
CA ALA NA 240 24.44 -62.92 -105.65
C ALA NA 240 25.29 -62.90 -106.91
N LYS NA 241 26.61 -63.03 -106.76
CA LYS NA 241 27.49 -63.09 -107.93
C LYS NA 241 27.20 -64.32 -108.77
N GLU NA 242 26.86 -65.45 -108.13
CA GLU NA 242 26.45 -66.63 -108.86
C GLU NA 242 25.14 -66.38 -109.62
N ALA NA 243 24.29 -65.51 -109.09
CA ALA NA 243 23.04 -65.14 -109.75
C ALA NA 243 23.20 -63.89 -110.61
N GLY NA 244 23.88 -62.87 -110.10
CA GLY NA 244 24.06 -61.63 -110.84
C GLY NA 244 23.34 -60.45 -110.22
N ASP NA 245 23.24 -60.44 -108.89
CA ASP NA 245 22.58 -59.36 -108.17
C ASP NA 245 23.64 -58.52 -107.46
N PRO NA 246 24.24 -57.54 -108.13
CA PRO NA 246 25.26 -56.72 -107.47
C PRO NA 246 24.68 -55.84 -106.39
N GLU NA 247 23.40 -55.48 -106.55
CA GLU NA 247 22.69 -54.77 -105.49
C GLU NA 247 22.60 -55.62 -104.23
N ALA NA 248 22.41 -56.93 -104.39
CA ALA NA 248 22.40 -57.83 -103.24
C ALA NA 248 23.78 -57.89 -102.60
N ARG NA 249 24.84 -57.93 -103.41
CA ARG NA 249 26.19 -57.92 -102.84
C ARG NA 249 26.47 -56.63 -102.10
N LYS NA 250 25.98 -55.50 -102.62
CA LYS NA 250 26.17 -54.22 -101.95
C LYS NA 250 25.39 -54.16 -100.64
N LYS NA 251 24.16 -54.68 -100.65
CA LYS NA 251 23.38 -54.72 -99.42
C LYS NA 251 24.05 -55.64 -98.40
N ALA NA 252 24.64 -56.73 -98.87
CA ALA NA 252 25.39 -57.61 -97.97
C ALA NA 252 26.60 -56.90 -97.39
N LEU NA 253 27.29 -56.12 -98.21
CA LEU NA 253 28.41 -55.33 -97.70
C LEU NA 253 27.93 -54.33 -96.64
N GLU NA 254 26.79 -53.67 -96.89
CA GLU NA 254 26.25 -52.72 -95.94
C GLU NA 254 25.86 -53.41 -94.63
N ALA NA 255 25.26 -54.59 -94.72
CA ALA NA 255 24.86 -55.32 -93.52
C ALA NA 255 26.07 -55.83 -92.74
N ALA NA 256 27.10 -56.31 -93.46
CA ALA NA 256 28.31 -56.76 -92.78
C ALA NA 256 29.03 -55.59 -92.11
N ARG NA 257 29.01 -54.42 -92.76
CA ARG NA 257 29.51 -53.22 -92.10
C ARG NA 257 28.66 -52.87 -90.89
N ARG NA 258 27.37 -53.16 -90.95
CA ARG NA 258 26.49 -52.96 -89.80
C ARG NA 258 26.71 -54.03 -88.74
N GLY NA 259 27.13 -55.23 -89.14
CA GLY NA 259 27.43 -56.29 -88.20
C GLY NA 259 26.28 -57.22 -87.85
N ASP NA 260 25.11 -57.01 -88.44
CA ASP NA 260 23.98 -57.90 -88.19
C ASP NA 260 23.91 -58.99 -89.26
N ARG NA 261 23.43 -60.16 -88.86
CA ARG NA 261 23.28 -61.29 -89.76
C ARG NA 261 21.84 -61.54 -90.20
N GLU NA 262 20.86 -60.89 -89.56
CA GLU NA 262 19.47 -61.08 -89.99
C GLU NA 262 19.24 -60.53 -91.38
N LEU NA 263 19.71 -59.31 -91.65
CA LEU NA 263 19.57 -58.75 -92.98
C LEU NA 263 20.39 -59.53 -94.00
N ALA NA 264 21.58 -60.01 -93.60
CA ALA NA 264 22.39 -60.83 -94.50
C ALA NA 264 21.66 -62.11 -94.87
N THR NA 265 21.01 -62.75 -93.88
CA THR NA 265 20.26 -63.96 -94.14
C THR NA 265 19.05 -63.68 -95.02
N ARG NA 266 18.37 -62.55 -94.79
CA ARG NA 266 17.22 -62.20 -95.62
C ARG NA 266 17.64 -61.96 -97.07
N ILE NA 267 18.79 -61.29 -97.25
CA ILE NA 267 19.28 -61.04 -98.60
C ILE NA 267 19.70 -62.35 -99.26
N LEU NA 268 20.35 -63.23 -98.50
CA LEU NA 268 20.71 -64.54 -99.03
C LEU NA 268 19.46 -65.32 -99.42
N ILE NA 269 18.39 -65.16 -98.65
CA ILE NA 269 17.14 -65.85 -98.94
C ILE NA 269 16.52 -65.30 -100.22
N GLU NA 270 16.55 -63.98 -100.40
CA GLU NA 270 16.02 -63.40 -101.62
C GLU NA 270 16.83 -63.83 -102.83
N ALA NA 271 18.16 -63.86 -102.70
CA ALA NA 271 19.00 -64.31 -103.80
C ALA NA 271 18.76 -65.78 -104.09
N LEU NA 272 18.58 -66.59 -103.06
CA LEU NA 272 18.28 -68.00 -103.26
C LEU NA 272 16.92 -68.19 -103.90
N LEU NA 273 15.96 -67.31 -103.60
CA LEU NA 273 14.66 -67.39 -104.23
C LEU NA 273 14.75 -67.05 -105.71
N ARG NA 274 15.51 -66.02 -106.05
CA ARG NA 274 15.73 -65.69 -107.46
C ARG NA 274 16.43 -66.83 -108.19
N LEU NA 275 17.50 -67.36 -107.58
CA LEU NA 275 18.22 -68.47 -108.19
C LEU NA 275 17.34 -69.70 -108.29
N LEU NA 276 16.40 -69.85 -107.36
CA LEU NA 276 15.50 -71.00 -107.40
C LEU NA 276 14.48 -70.86 -108.50
N LYS NA 277 13.98 -69.64 -108.72
CA LYS NA 277 13.10 -69.42 -109.87
C LYS NA 277 13.86 -69.68 -111.17
N LYS NA 278 15.11 -69.23 -111.24
CA LYS NA 278 15.91 -69.49 -112.43
C LYS NA 278 16.13 -70.99 -112.63
N SER NA 279 16.46 -71.70 -111.56
CA SER NA 279 16.68 -73.14 -111.65
C SER NA 279 15.38 -73.88 -111.99
N THR NA 280 14.25 -73.34 -111.55
CA THR NA 280 12.97 -73.94 -111.89
C THR NA 280 12.67 -73.77 -113.37
N ALA NA 281 12.95 -72.59 -113.92
CA ALA NA 281 12.81 -72.40 -115.36
C ALA NA 281 13.75 -73.33 -116.12
N GLU NA 282 14.99 -73.45 -115.64
CA GLU NA 282 15.96 -74.33 -116.30
C GLU NA 282 15.52 -75.79 -116.22
N LEU NA 283 14.93 -76.19 -115.10
CA LEU NA 283 14.49 -77.57 -114.94
C LEU NA 283 13.26 -77.86 -115.78
N LYS NA 284 12.36 -76.88 -115.91
CA LYS NA 284 11.23 -77.05 -116.83
C LYS NA 284 11.72 -77.18 -118.27
N ARG NA 285 12.70 -76.36 -118.65
CA ARG NA 285 13.27 -76.48 -119.99
C ARG NA 285 13.94 -77.83 -120.19
N ALA NA 286 14.66 -78.31 -119.17
CA ALA NA 286 15.32 -79.61 -119.28
C ALA NA 286 14.31 -80.74 -119.36
N THR NA 287 13.21 -80.64 -118.62
CA THR NA 287 12.17 -81.66 -118.70
C THR NA 287 11.49 -81.64 -120.06
N ALA NA 288 11.26 -80.45 -120.62
CA ALA NA 288 10.72 -80.36 -121.98
C ALA NA 288 11.68 -80.98 -122.99
N SER NA 289 12.98 -80.72 -122.84
CA SER NA 289 13.96 -81.28 -123.75
C SER NA 289 14.03 -82.80 -123.62
N LEU NA 290 13.93 -83.31 -122.39
CA LEU NA 290 13.95 -84.76 -122.19
C LEU NA 290 12.71 -85.41 -122.78
N ARG NA 291 11.54 -84.77 -122.61
CA ARG NA 291 10.32 -85.29 -123.23
C ARG NA 291 10.42 -85.25 -124.75
N ALA NA 292 11.06 -84.21 -125.29
CA ALA NA 292 11.22 -84.13 -126.74
C ALA NA 292 12.15 -85.21 -127.25
N ILE NA 293 13.25 -85.46 -126.53
CA ILE NA 293 14.16 -86.54 -126.93
C ILE NA 293 13.48 -87.89 -126.80
N THR NA 294 12.60 -88.03 -125.80
CA THR NA 294 11.84 -89.27 -125.65
C THR NA 294 10.88 -89.47 -126.81
N GLU NA 295 10.19 -88.39 -127.21
CA GLU NA 295 9.29 -88.49 -128.36
C GLU NA 295 10.06 -88.77 -129.65
N GLU NA 296 11.28 -88.24 -129.76
CA GLU NA 296 12.10 -88.51 -130.94
C GLU NA 296 12.55 -89.97 -130.96
N LEU NA 297 12.98 -90.50 -129.82
CA LEU NA 297 13.33 -91.91 -129.74
C LEU NA 297 12.11 -92.79 -129.96
N LYS NA 298 10.93 -92.29 -129.61
CA LYS NA 298 9.70 -93.05 -129.83
C LYS NA 298 9.32 -93.09 -131.31
N LYS NA 299 9.46 -91.96 -132.01
CA LYS NA 299 9.06 -91.91 -133.41
C LYS NA 299 9.98 -92.73 -134.29
N ASN NA 300 11.27 -92.79 -133.95
CA ASN NA 300 12.23 -93.57 -134.71
C ASN NA 300 13.34 -94.05 -133.79
N PRO NA 301 13.19 -95.19 -133.13
CA PRO NA 301 14.21 -95.65 -132.19
C PRO NA 301 15.39 -96.30 -132.91
N SER NA 302 16.58 -95.97 -132.42
CA SER NA 302 17.82 -96.46 -133.01
C SER NA 302 18.94 -96.23 -132.01
N GLU NA 303 20.17 -96.44 -132.46
CA GLU NA 303 21.33 -96.16 -131.61
C GLU NA 303 21.39 -94.68 -131.23
N ASP NA 304 21.30 -93.80 -132.22
CA ASP NA 304 21.34 -92.37 -131.94
C ASP NA 304 20.11 -91.92 -131.16
N ALA NA 305 18.95 -92.51 -131.45
CA ALA NA 305 17.73 -92.12 -130.75
C ALA NA 305 17.78 -92.49 -129.28
N LEU NA 306 18.12 -93.74 -128.96
CA LEU NA 306 18.25 -94.16 -127.57
C LEU NA 306 19.38 -93.40 -126.89
N VAL NA 307 20.46 -93.13 -127.62
CA VAL NA 307 21.57 -92.35 -127.08
C VAL NA 307 21.11 -90.97 -126.66
N GLU NA 308 20.39 -90.27 -127.54
CA GLU NA 308 19.92 -88.93 -127.23
C GLU NA 308 18.88 -88.94 -126.12
N HIS NA 309 18.00 -89.94 -126.10
CA HIS NA 309 17.00 -90.02 -125.04
C HIS NA 309 17.65 -90.24 -123.68
N ASN NA 310 18.61 -91.16 -123.61
CA ASN NA 310 19.30 -91.41 -122.36
C ASN NA 310 20.15 -90.21 -121.93
N ARG NA 311 20.77 -89.53 -122.91
CA ARG NA 311 21.56 -88.34 -122.59
C ARG NA 311 20.67 -87.23 -122.07
N ALA NA 312 19.47 -87.07 -122.64
CA ALA NA 312 18.54 -86.06 -122.15
C ALA NA 312 18.03 -86.43 -120.76
N ILE NA 313 17.80 -87.72 -120.51
CA ILE NA 313 17.38 -88.15 -119.18
C ILE NA 313 18.46 -87.86 -118.16
N VAL NA 314 19.72 -88.14 -118.51
CA VAL NA 314 20.82 -87.87 -117.59
C VAL NA 314 21.01 -86.37 -117.40
N GLU NA 315 20.79 -85.58 -118.45
CA GLU NA 315 20.90 -84.13 -118.32
C GLU NA 315 19.80 -83.58 -117.42
N HIS NA 316 18.58 -84.11 -117.55
CA HIS NA 316 17.50 -83.71 -116.65
C HIS NA 316 17.81 -84.12 -115.22
N ASN NA 317 18.38 -85.31 -115.02
CA ASN NA 317 18.75 -85.74 -113.68
C ASN NA 317 19.84 -84.84 -113.09
N ALA NA 318 20.81 -84.44 -113.92
CA ALA NA 318 21.87 -83.56 -113.43
C ALA NA 318 21.34 -82.17 -113.13
N ILE NA 319 20.41 -81.68 -113.95
CA ILE NA 319 19.81 -80.37 -113.68
C ILE NA 319 18.98 -80.42 -112.41
N ILE NA 320 18.29 -81.53 -112.19
CA ILE NA 320 17.52 -81.71 -110.95
C ILE NA 320 18.46 -81.78 -109.76
N VAL NA 321 19.61 -82.45 -109.93
CA VAL NA 321 20.59 -82.52 -108.86
C VAL NA 321 21.14 -81.14 -108.55
N GLU NA 322 21.37 -80.33 -109.58
CA GLU NA 322 21.87 -78.98 -109.36
C GLU NA 322 20.84 -78.11 -108.66
N ASN NA 323 19.57 -78.21 -109.09
CA ASN NA 323 18.52 -77.46 -108.43
C ASN NA 323 18.34 -77.91 -106.99
N ASN NA 324 18.48 -79.21 -106.74
CA ASN NA 324 18.39 -79.72 -105.38
C ASN NA 324 19.57 -79.25 -104.55
N ARG NA 325 20.74 -79.13 -105.16
CA ARG NA 325 21.90 -78.61 -104.44
C ARG NA 325 21.70 -77.13 -104.10
N ILE NA 326 21.12 -76.37 -105.02
CA ILE NA 326 20.80 -74.98 -104.72
C ILE NA 326 19.79 -74.88 -103.59
N ILE NA 327 18.77 -75.74 -103.63
CA ILE NA 327 17.77 -75.74 -102.58
C ILE NA 327 18.38 -76.15 -101.25
N ALA NA 328 19.33 -77.08 -101.29
CA ALA NA 328 20.00 -77.52 -100.07
C ALA NA 328 20.88 -76.41 -99.50
N MET NA 329 21.55 -75.67 -100.37
CA MET NA 329 22.33 -74.53 -99.91
C MET NA 329 21.43 -73.47 -99.29
N VAL NA 330 20.28 -73.21 -99.91
CA VAL NA 330 19.33 -72.24 -99.35
C VAL NA 330 18.81 -72.71 -98.01
N LEU NA 331 18.52 -74.01 -97.90
CA LEU NA 331 18.01 -74.54 -96.65
C LEU NA 331 19.08 -74.51 -95.57
N GLU NA 332 20.34 -74.77 -95.93
CA GLU NA 332 21.42 -74.68 -94.97
C GLU NA 332 21.62 -73.24 -94.51
N ALA NA 333 21.42 -72.29 -95.42
CA ALA NA 333 21.47 -70.89 -95.03
C ALA NA 333 20.34 -70.55 -94.06
N ILE NA 334 19.14 -71.04 -94.34
CA ILE NA 334 18.02 -70.80 -93.43
C ILE NA 334 18.29 -71.44 -92.08
N VAL NA 335 18.93 -72.60 -92.07
CA VAL NA 335 19.22 -73.29 -90.81
C VAL NA 335 20.27 -72.52 -90.02
N ARG NA 336 21.33 -72.09 -90.68
CA ARG NA 336 22.35 -71.29 -90.01
C ARG NA 336 21.76 -69.96 -89.54
N ALA NA 337 20.72 -69.47 -90.20
CA ALA NA 337 20.03 -68.27 -89.75
C ALA NA 337 19.01 -68.56 -88.66
N ILE NA 338 18.25 -69.64 -88.78
CA ILE NA 338 17.26 -69.97 -87.77
C ILE NA 338 17.94 -70.71 -86.63
N SER OA 2 79.64 75.41 11.13
CA SER OA 2 81.09 75.22 11.05
C SER OA 2 81.55 75.05 9.61
N THR OA 3 80.60 75.11 8.68
CA THR OA 3 80.93 74.93 7.26
C THR OA 3 81.64 76.16 6.71
N LYS OA 4 81.11 77.36 6.97
CA LYS OA 4 81.73 78.57 6.45
C LYS OA 4 83.07 78.84 7.12
N GLU OA 5 83.19 78.55 8.42
CA GLU OA 5 84.46 78.75 9.10
C GLU OA 5 85.53 77.79 8.59
N LYS OA 6 85.19 76.50 8.44
CA LYS OA 6 86.13 75.55 7.88
C LYS OA 6 86.49 75.92 6.45
N ALA OA 7 85.53 76.45 5.70
CA ALA OA 7 85.81 76.91 4.34
C ALA OA 7 86.81 78.05 4.34
N ARG OA 8 86.58 79.07 5.16
CA ARG OA 8 87.49 80.20 5.21
C ARG OA 8 88.88 79.76 5.65
N GLN OA 9 88.96 78.84 6.62
CA GLN OA 9 90.25 78.38 7.10
C GLN OA 9 91.01 77.57 6.04
N LEU OA 10 90.35 76.56 5.46
CA LEU OA 10 91.00 75.76 4.44
C LEU OA 10 91.34 76.58 3.21
N ALA OA 11 90.56 77.63 2.93
CA ALA OA 11 90.85 78.48 1.78
C ALA OA 11 92.00 79.43 2.07
N GLU OA 12 92.11 79.93 3.30
CA GLU OA 12 93.28 80.71 3.67
C GLU OA 12 94.54 79.86 3.59
N GLU OA 13 94.47 78.62 4.07
CA GLU OA 13 95.59 77.69 3.92
C GLU OA 13 95.87 77.42 2.45
N ALA OA 14 94.82 77.34 1.64
CA ALA OA 14 94.99 77.15 0.20
C ALA OA 14 95.75 78.32 -0.43
N LYS OA 15 95.36 79.54 -0.09
CA LYS OA 15 96.04 80.72 -0.61
C LYS OA 15 97.48 80.78 -0.14
N GLU OA 16 97.73 80.40 1.12
CA GLU OA 16 99.09 80.41 1.64
C GLU OA 16 99.97 79.40 0.92
N THR OA 17 99.48 78.16 0.78
CA THR OA 17 100.26 77.13 0.09
C THR OA 17 100.38 77.45 -1.40
N ALA OA 18 99.46 78.26 -1.93
CA ALA OA 18 99.56 78.68 -3.32
C ALA OA 18 100.65 79.72 -3.49
N GLU OA 19 100.67 80.73 -2.61
CA GLU OA 19 101.74 81.72 -2.63
C GLU OA 19 103.09 81.07 -2.38
N LYS OA 20 103.14 80.03 -1.53
CA LYS OA 20 104.37 79.29 -1.32
C LYS OA 20 104.72 78.45 -2.53
N VAL OA 21 103.72 77.94 -3.24
CA VAL OA 21 103.93 77.19 -4.47
C VAL OA 21 104.34 78.12 -5.61
N GLY OA 22 104.00 79.40 -5.48
CA GLY OA 22 104.28 80.38 -6.51
C GLY OA 22 103.04 80.75 -7.28
N ASP OA 23 101.88 80.52 -6.69
CA ASP OA 23 100.60 80.75 -7.37
C ASP OA 23 99.84 81.85 -6.65
N PRO OA 24 99.82 83.07 -7.18
CA PRO OA 24 98.95 84.10 -6.62
C PRO OA 24 97.54 83.97 -7.18
N GLU OA 25 97.44 83.34 -8.35
CA GLU OA 25 96.13 83.06 -8.93
C GLU OA 25 95.38 82.03 -8.10
N LEU OA 26 96.04 80.95 -7.71
CA LEU OA 26 95.42 79.99 -6.81
C LEU OA 26 95.17 80.61 -5.45
N ILE OA 27 96.00 81.58 -5.04
CA ILE OA 27 95.76 82.29 -3.80
C ILE OA 27 94.47 83.10 -3.87
N LYS OA 28 94.24 83.77 -5.01
CA LYS OA 28 93.01 84.54 -5.18
C LYS OA 28 91.80 83.62 -5.30
N LEU OA 29 91.94 82.51 -6.01
CA LEU OA 29 90.85 81.54 -6.08
C LEU OA 29 90.54 80.99 -4.70
N ALA OA 30 91.55 80.82 -3.85
CA ALA OA 30 91.33 80.38 -2.48
C ALA OA 30 90.62 81.46 -1.67
N GLU OA 31 91.03 82.72 -1.82
CA GLU OA 31 90.32 83.81 -1.16
C GLU OA 31 88.86 83.83 -1.59
N GLN OA 32 88.60 83.52 -2.85
CA GLN OA 32 87.22 83.45 -3.34
C GLN OA 32 86.48 82.27 -2.73
N ALA OA 33 87.17 81.12 -2.57
CA ALA OA 33 86.54 79.98 -1.92
C ALA OA 33 86.21 80.29 -0.46
N SER OA 34 87.05 81.10 0.19
CA SER OA 34 86.76 81.53 1.55
C SER OA 34 85.56 82.48 1.59
N GLN OA 35 85.55 83.47 0.69
CA GLN OA 35 84.45 84.43 0.64
C GLN OA 35 83.13 83.76 0.32
N GLU OA 36 83.15 82.72 -0.52
CA GLU OA 36 81.93 82.00 -0.86
C GLU OA 36 81.51 81.05 0.27
N GLY OA 37 82.47 80.55 1.03
CA GLY OA 37 82.20 79.62 2.09
C GLY OA 37 82.09 78.17 1.67
N ASP OA 38 82.86 77.76 0.65
CA ASP OA 38 82.84 76.38 0.17
C ASP OA 38 84.06 75.65 0.72
N SER OA 39 83.83 74.81 1.73
CA SER OA 39 84.91 74.02 2.30
C SER OA 39 85.46 73.03 1.28
N GLU OA 40 84.59 72.53 0.40
CA GLU OA 40 85.06 71.66 -0.67
C GLU OA 40 86.00 72.41 -1.61
N LYS OA 41 85.59 73.60 -2.07
CA LYS OA 41 86.45 74.39 -2.94
C LYS OA 41 87.69 74.87 -2.18
N ALA OA 42 87.56 75.12 -0.89
CA ALA OA 42 88.70 75.54 -0.09
C ALA OA 42 89.75 74.44 0.00
N LYS OA 43 89.33 73.23 0.38
CA LYS OA 43 90.26 72.11 0.44
C LYS OA 43 90.77 71.75 -0.95
N ALA OA 44 89.96 72.01 -1.99
CA ALA OA 44 90.42 71.78 -3.36
C ALA OA 44 91.56 72.72 -3.70
N ILE OA 45 91.40 74.02 -3.41
CA ILE OA 45 92.47 74.96 -3.67
C ILE OA 45 93.68 74.65 -2.81
N LEU OA 46 93.45 74.09 -1.61
CA LEU OA 46 94.57 73.74 -0.73
C LEU OA 46 95.36 72.57 -1.30
N LEU OA 47 94.68 71.50 -1.71
CA LEU OA 47 95.35 70.36 -2.32
C LEU OA 47 96.01 70.76 -3.63
N ALA OA 48 95.40 71.67 -4.38
CA ALA OA 48 96.01 72.14 -5.63
C ALA OA 48 97.24 72.99 -5.35
N ALA OA 49 97.21 73.79 -4.29
CA ALA OA 49 98.38 74.57 -3.91
C ALA OA 49 99.52 73.67 -3.45
N GLU OA 50 99.20 72.63 -2.68
CA GLU OA 50 100.21 71.64 -2.31
C GLU OA 50 100.73 70.92 -3.54
N ALA OA 51 99.84 70.64 -4.51
CA ALA OA 51 100.25 70.03 -5.76
C ALA OA 51 101.23 70.92 -6.50
N ALA OA 52 100.94 72.21 -6.57
CA ALA OA 52 101.83 73.14 -7.26
C ALA OA 52 103.15 73.28 -6.52
N ARG OA 53 103.13 73.20 -5.19
CA ARG OA 53 104.37 73.23 -4.44
C ARG OA 53 105.21 71.99 -4.72
N VAL OA 54 104.60 70.81 -4.69
CA VAL OA 54 105.32 69.57 -4.97
C VAL OA 54 105.78 69.54 -6.42
N ALA OA 55 105.06 70.23 -7.30
CA ALA OA 55 105.48 70.29 -8.70
C ALA OA 55 106.66 71.23 -8.88
N LYS OA 56 106.60 72.42 -8.27
CA LYS OA 56 107.76 73.31 -8.27
C LYS OA 56 108.98 72.61 -7.67
N GLU OA 57 108.74 71.72 -6.71
CA GLU OA 57 109.81 70.87 -6.21
C GLU OA 57 110.23 69.83 -7.25
N VAL OA 58 109.29 69.35 -8.06
CA VAL OA 58 109.59 68.36 -9.08
C VAL OA 58 110.00 69.04 -10.40
N GLY OA 59 109.17 69.95 -10.89
CA GLY OA 59 109.51 70.72 -12.08
C GLY OA 59 108.69 70.42 -13.31
N ALA OA 60 107.40 70.17 -13.15
CA ALA OA 60 106.51 69.89 -14.28
C ALA OA 60 105.45 70.99 -14.39
N PRO OA 61 105.51 71.85 -15.41
CA PRO OA 61 104.47 72.89 -15.54
C PRO OA 61 103.13 72.35 -15.96
N ASP OA 62 103.07 71.12 -16.47
CA ASP OA 62 101.78 70.52 -16.81
C ASP OA 62 100.90 70.36 -15.57
N LEU OA 63 101.39 69.63 -14.57
CA LEU OA 63 100.64 69.50 -13.33
C LEU OA 63 100.50 70.83 -12.61
N ILE OA 64 101.44 71.75 -12.85
CA ILE OA 64 101.34 73.08 -12.24
C ILE OA 64 100.12 73.81 -12.75
N ARG OA 65 99.99 73.92 -14.08
CA ARG OA 65 98.80 74.55 -14.65
C ARG OA 65 97.55 73.74 -14.35
N LEU OA 66 97.69 72.42 -14.23
CA LEU OA 66 96.54 71.58 -13.86
C LEU OA 66 96.02 71.95 -12.49
N ALA OA 67 96.91 72.07 -11.51
CA ALA OA 67 96.49 72.47 -10.17
C ALA OA 67 96.00 73.92 -10.16
N ARG OA 68 96.59 74.77 -11.00
CA ARG OA 68 96.11 76.15 -11.10
C ARG OA 68 94.66 76.18 -11.56
N ILE OA 69 94.33 75.40 -12.59
CA ILE OA 69 92.96 75.36 -13.09
C ILE OA 69 92.05 74.68 -12.08
N ALA OA 70 92.55 73.66 -11.39
CA ALA OA 70 91.73 72.97 -10.40
C ALA OA 70 91.38 73.90 -9.25
N ALA OA 71 92.32 74.77 -8.86
CA ALA OA 71 92.04 75.74 -7.81
C ALA OA 71 91.11 76.84 -8.32
N ARG OA 72 91.32 77.30 -9.56
CA ARG OA 72 90.42 78.29 -10.14
C ARG OA 72 89.01 77.77 -10.24
N VAL OA 73 88.83 76.46 -10.45
CA VAL OA 73 87.50 75.88 -10.53
C VAL OA 73 87.06 75.36 -9.17
N GLY OA 74 87.98 74.81 -8.38
CA GLY OA 74 87.62 74.22 -7.11
C GLY OA 74 87.38 72.73 -7.19
N ALA OA 75 88.23 72.04 -7.95
CA ALA OA 75 88.11 70.59 -8.16
C ALA OA 75 88.96 69.86 -7.14
N SER OA 76 88.29 69.21 -6.18
CA SER OA 76 89.02 68.52 -5.11
C SER OA 76 89.66 67.23 -5.63
N GLU OA 77 88.94 66.47 -6.45
CA GLU OA 77 89.51 65.25 -7.01
C GLU OA 77 90.69 65.56 -7.92
N ALA OA 78 90.55 66.58 -8.77
CA ALA OA 78 91.65 66.97 -9.64
C ALA OA 78 92.83 67.52 -8.84
N ALA OA 79 92.56 68.23 -7.76
CA ALA OA 79 93.64 68.75 -6.93
C ALA OA 79 94.39 67.64 -6.22
N LYS OA 80 93.66 66.67 -5.66
CA LYS OA 80 94.31 65.54 -5.02
C LYS OA 80 95.08 64.70 -6.05
N ALA OA 81 94.52 64.58 -7.26
CA ALA OA 81 95.23 63.89 -8.33
C ALA OA 81 96.51 64.62 -8.70
N ILE OA 82 96.45 65.96 -8.77
CA ILE OA 82 97.64 66.73 -9.09
C ILE OA 82 98.68 66.62 -7.98
N LEU OA 83 98.23 66.53 -6.72
CA LEU OA 83 99.16 66.42 -5.61
C LEU OA 83 99.84 65.05 -5.62
N LEU OA 84 99.06 63.97 -5.72
CA LEU OA 84 99.65 62.65 -5.81
C LEU OA 84 100.49 62.49 -7.06
N ALA OA 85 100.14 63.21 -8.13
CA ALA OA 85 100.91 63.12 -9.37
C ALA OA 85 102.21 63.91 -9.25
N ALA OA 86 102.21 65.00 -8.50
CA ALA OA 86 103.47 65.71 -8.24
C ALA OA 86 104.37 64.88 -7.33
N GLU OA 87 103.77 64.17 -6.37
CA GLU OA 87 104.54 63.20 -5.60
C GLU OA 87 105.10 62.10 -6.51
N ALA OA 88 104.29 61.62 -7.45
CA ALA OA 88 104.74 60.64 -8.41
C ALA OA 88 105.86 61.20 -9.27
N ALA OA 89 105.79 62.48 -9.62
CA ALA OA 89 106.80 63.10 -10.45
C ALA OA 89 108.11 63.26 -9.70
N ARG OA 90 108.03 63.61 -8.41
CA ARG OA 90 109.23 63.62 -7.59
C ARG OA 90 109.84 62.23 -7.47
N VAL OA 91 108.98 61.22 -7.23
CA VAL OA 91 109.47 59.85 -7.10
C VAL OA 91 110.05 59.35 -8.41
N ALA OA 92 109.53 59.84 -9.54
CA ALA OA 92 110.04 59.43 -10.84
C ALA OA 92 111.36 60.14 -11.15
N LYS OA 93 111.45 61.44 -10.86
CA LYS OA 93 112.72 62.14 -10.98
C LYS OA 93 113.78 61.47 -10.11
N GLU OA 94 113.37 60.92 -8.97
CA GLU OA 94 114.28 60.09 -8.19
C GLU OA 94 114.54 58.76 -8.87
N VAL OA 95 113.57 58.24 -9.63
CA VAL OA 95 113.74 56.95 -10.30
C VAL OA 95 114.27 57.15 -11.72
N GLY OA 96 113.54 57.86 -12.57
CA GLY OA 96 113.99 58.15 -13.91
C GLY OA 96 113.21 57.45 -15.00
N ASP OA 97 111.89 57.30 -14.82
CA ASP OA 97 111.04 56.64 -15.80
C ASP OA 97 110.16 57.67 -16.49
N PRO OA 98 110.30 57.87 -17.80
CA PRO OA 98 109.46 58.86 -18.49
C PRO OA 98 108.03 58.40 -18.72
N GLU OA 99 107.81 57.09 -18.93
CA GLU OA 99 106.45 56.58 -19.03
C GLU OA 99 105.71 56.78 -17.71
N LEU OA 100 106.41 56.67 -16.59
CA LEU OA 100 105.81 56.97 -15.30
C LEU OA 100 105.42 58.44 -15.22
N GLU OA 101 106.27 59.34 -15.72
CA GLU OA 101 105.93 60.76 -15.72
C GLU OA 101 104.72 61.02 -16.62
N ARG OA 102 104.64 60.35 -17.76
CA ARG OA 102 103.48 60.49 -18.62
C ARG OA 102 102.22 60.01 -17.93
N LEU OA 103 102.29 58.85 -17.27
CA LEU OA 103 101.13 58.32 -16.56
C LEU OA 103 100.71 59.24 -15.42
N ALA OA 104 101.68 59.83 -14.73
CA ALA OA 104 101.37 60.74 -13.63
C ALA OA 104 100.70 62.01 -14.14
N LEU OA 105 101.24 62.59 -15.22
CA LEU OA 105 100.61 63.76 -15.81
C LEU OA 105 99.22 63.43 -16.34
N LEU OA 106 99.04 62.22 -16.86
CA LEU OA 106 97.72 61.81 -17.35
C LEU OA 106 96.74 61.63 -16.21
N ALA OA 107 97.21 61.12 -15.07
CA ALA OA 107 96.34 61.00 -13.90
C ALA OA 107 95.99 62.37 -13.36
N ALA OA 108 96.93 63.31 -13.41
CA ALA OA 108 96.64 64.68 -12.97
C ALA OA 108 95.64 65.35 -13.89
N VAL OA 109 95.76 65.13 -15.20
CA VAL OA 109 94.85 65.75 -16.16
C VAL OA 109 93.47 65.13 -16.07
N LEU OA 110 93.39 63.80 -16.03
CA LEU OA 110 92.10 63.12 -15.88
C LEU OA 110 91.53 63.35 -14.49
N GLY OA 111 92.35 63.86 -13.57
CA GLY OA 111 91.90 64.10 -12.22
C GLY OA 111 91.65 62.85 -11.42
N ASP OA 112 92.13 61.70 -11.90
CA ASP OA 112 91.92 60.42 -11.25
C ASP OA 112 92.92 60.29 -10.11
N SER OA 113 92.47 60.64 -8.90
CA SER OA 113 93.34 60.52 -7.73
C SER OA 113 93.73 59.08 -7.47
N GLU OA 114 92.87 58.13 -7.86
CA GLU OA 114 93.26 56.72 -7.82
C GLU OA 114 94.41 56.45 -8.78
N LYS OA 115 94.30 56.93 -10.02
CA LYS OA 115 95.41 56.77 -10.96
C LYS OA 115 96.63 57.58 -10.54
N ALA OA 116 96.41 58.68 -9.81
CA ALA OA 116 97.55 59.47 -9.34
C ALA OA 116 98.30 58.75 -8.23
N LYS OA 117 97.58 58.15 -7.28
CA LYS OA 117 98.23 57.32 -6.27
C LYS OA 117 98.86 56.10 -6.93
N ALA OA 118 98.25 55.58 -8.00
CA ALA OA 118 98.85 54.51 -8.77
C ALA OA 118 100.18 54.94 -9.36
N ILE OA 119 100.24 56.15 -9.91
CA ILE OA 119 101.48 56.64 -10.50
C ILE OA 119 102.52 56.87 -9.41
N LEU OA 120 102.09 57.35 -8.23
CA LEU OA 120 103.03 57.52 -7.13
C LEU OA 120 103.61 56.19 -6.68
N LEU OA 121 102.75 55.20 -6.45
CA LEU OA 121 103.22 53.87 -6.04
C LEU OA 121 104.02 53.21 -7.15
N ALA OA 122 103.73 53.51 -8.41
CA ALA OA 122 104.48 52.90 -9.52
C ALA OA 122 105.85 53.55 -9.66
N ALA OA 123 105.95 54.86 -9.44
CA ALA OA 123 107.26 55.50 -9.42
C ALA OA 123 108.08 54.99 -8.25
N GLU OA 124 107.46 54.81 -7.09
CA GLU OA 124 108.14 54.20 -5.96
C GLU OA 124 108.58 52.78 -6.28
N ALA OA 125 107.71 52.03 -6.98
CA ALA OA 125 108.03 50.66 -7.36
C ALA OA 125 109.20 50.62 -8.33
N ALA OA 126 109.22 51.54 -9.30
CA ALA OA 126 110.32 51.60 -10.24
C ALA OA 126 111.62 51.99 -9.55
N ARG OA 127 111.55 52.92 -8.59
CA ARG OA 127 112.74 53.28 -7.83
C ARG OA 127 113.24 52.10 -7.01
N VAL OA 128 112.33 51.38 -6.35
CA VAL OA 128 112.72 50.26 -5.51
C VAL OA 128 113.26 49.11 -6.37
N ALA OA 129 112.73 48.98 -7.59
CA ALA OA 129 113.23 47.94 -8.49
C ALA OA 129 114.60 48.29 -9.03
N LYS OA 130 114.81 49.56 -9.41
CA LYS OA 130 116.13 49.99 -9.85
C LYS OA 130 117.15 49.86 -8.73
N GLU OA 131 116.74 50.10 -7.49
CA GLU OA 131 117.63 49.92 -6.36
C GLU OA 131 117.90 48.45 -6.07
N VAL OA 132 116.89 47.60 -6.25
CA VAL OA 132 117.04 46.17 -6.01
C VAL OA 132 117.58 45.46 -7.24
N GLY OA 133 117.13 45.88 -8.42
CA GLY OA 133 117.55 45.25 -9.66
C GLY OA 133 116.51 44.26 -10.15
N ASP OA 134 115.27 44.47 -9.76
CA ASP OA 134 114.19 43.55 -10.08
C ASP OA 134 113.49 44.02 -11.36
N PRO OA 135 113.80 43.43 -12.51
CA PRO OA 135 113.13 43.87 -13.75
C PRO OA 135 111.66 43.50 -13.81
N GLU OA 136 111.25 42.41 -13.18
CA GLU OA 136 109.83 42.09 -13.11
C GLU OA 136 109.08 43.14 -12.32
N LEU OA 137 109.70 43.65 -11.24
CA LEU OA 137 109.05 44.70 -10.45
C LEU OA 137 108.92 45.99 -11.25
N ILE OA 138 109.96 46.37 -12.01
CA ILE OA 138 109.87 47.57 -12.82
C ILE OA 138 108.85 47.40 -13.93
N LYS OA 139 108.76 46.20 -14.50
CA LYS OA 139 107.76 45.94 -15.54
C LYS OA 139 106.36 46.04 -14.96
N LEU OA 140 106.13 45.47 -13.78
CA LEU OA 140 104.82 45.57 -13.14
C LEU OA 140 104.50 47.02 -12.79
N ALA OA 141 105.51 47.79 -12.36
CA ALA OA 141 105.31 49.20 -12.07
C ALA OA 141 104.89 49.97 -13.32
N LEU OA 142 105.58 49.74 -14.43
CA LEU OA 142 105.23 50.41 -15.68
C LEU OA 142 103.83 49.99 -16.14
N GLU OA 143 103.50 48.71 -15.99
CA GLU OA 143 102.17 48.23 -16.38
C GLU OA 143 101.09 48.87 -15.53
N ALA OA 144 101.34 49.03 -14.23
CA ALA OA 144 100.37 49.68 -13.36
C ALA OA 144 100.25 51.17 -13.67
N ALA OA 145 101.37 51.82 -14.00
CA ALA OA 145 101.32 53.23 -14.36
C ALA OA 145 100.52 53.44 -15.64
N GLU OA 146 100.74 52.59 -16.65
CA GLU OA 146 99.94 52.67 -17.87
C GLU OA 146 98.48 52.32 -17.60
N ARG OA 147 98.24 51.39 -16.67
CA ARG OA 147 96.87 51.00 -16.35
C ARG OA 147 96.24 51.92 -15.31
N GLY OA 148 97.04 52.46 -14.40
CA GLY OA 148 96.51 53.33 -13.36
C GLY OA 148 95.98 52.55 -12.17
N ASP OA 149 96.56 51.38 -11.92
CA ASP OA 149 96.12 50.49 -10.85
C ASP OA 149 96.99 50.73 -9.63
N SER OA 150 96.41 51.36 -8.60
CA SER OA 150 97.15 51.63 -7.37
C SER OA 150 97.50 50.34 -6.64
N GLU OA 151 96.61 49.35 -6.68
CA GLU OA 151 96.91 48.06 -6.06
C GLU OA 151 98.08 47.38 -6.76
N LYS OA 152 98.09 47.39 -8.09
CA LYS OA 152 99.19 46.75 -8.82
C LYS OA 152 100.50 47.51 -8.61
N ALA OA 153 100.44 48.84 -8.55
CA ALA OA 153 101.66 49.61 -8.34
C ALA OA 153 102.21 49.41 -6.93
N LYS OA 154 101.32 49.38 -5.93
CA LYS OA 154 101.77 49.08 -4.57
C LYS OA 154 102.30 47.65 -4.47
N ALA OA 155 101.72 46.72 -5.23
CA ALA OA 155 102.23 45.36 -5.26
C ALA OA 155 103.61 45.30 -5.88
N ILE OA 156 103.83 46.07 -6.96
CA ILE OA 156 105.14 46.12 -7.58
C ILE OA 156 106.16 46.73 -6.62
N LEU OA 157 105.74 47.75 -5.87
CA LEU OA 157 106.64 48.37 -4.90
C LEU OA 157 106.99 47.38 -3.77
N LEU OA 158 105.99 46.71 -3.23
CA LEU OA 158 106.23 45.74 -2.17
C LEU OA 158 107.04 44.55 -2.67
N ALA OA 159 106.86 44.19 -3.94
CA ALA OA 159 107.63 43.09 -4.51
C ALA OA 159 109.08 43.50 -4.75
N ALA OA 160 109.31 44.73 -5.19
CA ALA OA 160 110.68 45.22 -5.31
C ALA OA 160 111.35 45.30 -3.94
N GLU OA 161 110.61 45.72 -2.93
CA GLU OA 161 111.16 45.75 -1.58
C GLU OA 161 111.45 44.35 -1.06
N ALA OA 162 110.55 43.41 -1.35
CA ALA OA 162 110.78 42.01 -0.95
C ALA OA 162 111.98 41.43 -1.66
N ALA OA 163 112.15 41.75 -2.95
CA ALA OA 163 113.31 41.29 -3.69
C ALA OA 163 114.59 41.92 -3.16
N ARG OA 164 114.53 43.18 -2.74
CA ARG OA 164 115.69 43.81 -2.13
C ARG OA 164 116.04 43.13 -0.82
N VAL OA 165 115.04 42.86 0.02
CA VAL OA 165 115.28 42.20 1.30
C VAL OA 165 115.80 40.78 1.07
N ALA OA 166 115.34 40.13 0.01
CA ALA OA 166 115.81 38.79 -0.30
C ALA OA 166 117.25 38.80 -0.79
N LYS OA 167 117.59 39.73 -1.68
CA LYS OA 167 118.96 39.83 -2.16
C LYS OA 167 119.91 40.21 -1.04
N GLU OA 168 119.47 41.08 -0.12
CA GLU OA 168 120.30 41.40 1.04
C GLU OA 168 120.39 40.22 1.99
N VAL OA 169 119.35 39.40 2.06
CA VAL OA 169 119.38 38.20 2.88
C VAL OA 169 120.01 37.03 2.13
N GLY OA 170 119.74 36.94 0.84
CA GLY OA 170 120.22 35.83 0.04
C GLY OA 170 119.17 34.76 -0.09
N ASP OA 171 117.90 35.14 0.08
CA ASP OA 171 116.80 34.20 0.07
C ASP OA 171 116.19 34.14 -1.32
N PRO OA 172 116.65 33.23 -2.18
CA PRO OA 172 116.04 33.13 -3.52
C PRO OA 172 114.60 32.67 -3.49
N GLU OA 173 114.16 31.95 -2.46
CA GLU OA 173 112.74 31.66 -2.30
C GLU OA 173 111.94 32.94 -2.07
N LEU OA 174 112.49 33.86 -1.26
CA LEU OA 174 111.82 35.12 -1.03
C LEU OA 174 111.80 35.97 -2.30
N ILE OA 175 112.90 35.97 -3.06
CA ILE OA 175 112.93 36.71 -4.32
C ILE OA 175 111.93 36.12 -5.31
N LYS OA 176 111.81 34.79 -5.34
CA LYS OA 176 110.84 34.16 -6.23
C LYS OA 176 109.41 34.48 -5.80
N LEU OA 177 109.15 34.50 -4.50
CA LEU OA 177 107.83 34.87 -4.03
C LEU OA 177 107.52 36.33 -4.36
N ALA OA 178 108.52 37.20 -4.28
CA ALA OA 178 108.34 38.60 -4.65
C ALA OA 178 108.03 38.74 -6.13
N LEU OA 179 108.75 38.01 -6.98
CA LEU OA 179 108.48 38.05 -8.41
C LEU OA 179 107.09 37.50 -8.72
N GLU OA 180 106.69 36.43 -8.01
CA GLU OA 180 105.37 35.86 -8.22
C GLU OA 180 104.26 36.81 -7.78
N ALA OA 181 104.50 37.54 -6.69
CA ALA OA 181 103.52 38.52 -6.24
C ALA OA 181 103.46 39.71 -7.20
N ALA OA 182 104.61 40.11 -7.75
CA ALA OA 182 104.62 41.18 -8.74
C ALA OA 182 103.85 40.77 -10.00
N ARG OA 183 104.07 39.54 -10.47
CA ARG OA 183 103.31 39.04 -11.61
C ARG OA 183 101.83 38.90 -11.27
N ARG OA 184 101.51 38.54 -10.02
CA ARG OA 184 100.12 38.42 -9.60
C ARG OA 184 99.54 39.77 -9.20
N GLY OA 185 100.38 40.71 -8.81
CA GLY OA 185 99.89 42.01 -8.39
C GLY OA 185 99.33 41.95 -6.98
N ASP OA 186 99.75 40.95 -6.21
CA ASP OA 186 99.29 40.76 -4.84
C ASP OA 186 100.25 41.49 -3.90
N SER OA 187 99.86 42.70 -3.48
CA SER OA 187 100.68 43.43 -2.52
C SER OA 187 100.77 42.70 -1.19
N GLU OA 188 99.74 41.94 -0.83
CA GLU OA 188 99.80 41.14 0.39
C GLU OA 188 100.87 40.07 0.29
N LYS OA 189 100.91 39.34 -0.83
CA LYS OA 189 101.93 38.32 -1.02
C LYS OA 189 103.32 38.94 -1.08
N ALA OA 190 103.44 40.11 -1.69
CA ALA OA 190 104.75 40.77 -1.78
C ALA OA 190 105.21 41.25 -0.41
N LYS OA 191 104.29 41.77 0.41
CA LYS OA 191 104.66 42.17 1.77
C LYS OA 191 104.99 40.95 2.62
N ALA OA 192 104.29 39.84 2.42
CA ALA OA 192 104.64 38.61 3.10
C ALA OA 192 106.03 38.13 2.69
N ILE OA 193 106.37 38.28 1.41
CA ILE OA 193 107.70 37.91 0.94
C ILE OA 193 108.75 38.83 1.54
N LEU OA 194 108.43 40.12 1.70
CA LEU OA 194 109.36 41.05 2.33
C LEU OA 194 109.60 40.69 3.80
N LEU OA 195 108.51 40.43 4.53
CA LEU OA 195 108.64 40.03 5.92
C LEU OA 195 109.36 38.70 6.06
N ALA OA 196 109.14 37.78 5.13
CA ALA OA 196 109.83 36.50 5.16
C ALA OA 196 111.32 36.66 4.86
N ALA OA 197 111.66 37.54 3.92
CA ALA OA 197 113.06 37.81 3.64
C ALA OA 197 113.74 38.46 4.83
N GLU OA 198 113.03 39.35 5.53
CA GLU OA 198 113.59 39.96 6.74
C GLU OA 198 113.78 38.91 7.83
N ALA OA 199 112.80 38.02 8.01
CA ALA OA 199 112.93 36.96 9.00
C ALA OA 199 114.06 36.02 8.66
N ALA OA 200 114.25 35.72 7.36
CA ALA OA 200 115.34 34.86 6.95
C ALA OA 200 116.68 35.55 7.13
N ARG OA 201 116.73 36.87 6.90
CA ARG OA 201 117.96 37.62 7.17
C ARG OA 201 118.30 37.57 8.65
N VAL OA 202 117.30 37.74 9.52
CA VAL OA 202 117.54 37.67 10.95
C VAL OA 202 117.98 36.27 11.36
N ALA OA 203 117.39 35.24 10.73
CA ALA OA 203 117.76 33.86 11.05
C ALA OA 203 119.20 33.57 10.61
N LYS OA 204 119.60 34.07 9.44
CA LYS OA 204 120.96 33.88 8.99
C LYS OA 204 121.95 34.66 9.84
N GLU OA 205 121.60 35.88 10.25
CA GLU OA 205 122.49 36.66 11.10
C GLU OA 205 122.61 36.06 12.49
N VAL OA 206 121.55 35.44 12.98
CA VAL OA 206 121.59 34.77 14.29
C VAL OA 206 122.08 33.33 14.16
N GLY OA 207 121.51 32.58 13.22
CA GLY OA 207 121.86 31.19 13.05
C GLY OA 207 120.70 30.28 13.37
N ASP OA 208 119.48 30.78 13.18
CA ASP OA 208 118.27 30.01 13.48
C ASP OA 208 117.77 29.38 12.19
N PRO OA 209 118.27 28.20 11.82
CA PRO OA 209 117.82 27.57 10.57
C PRO OA 209 116.34 27.22 10.57
N GLU OA 210 115.75 26.92 11.72
CA GLU OA 210 114.31 26.71 11.78
C GLU OA 210 113.57 28.01 11.47
N LEU OA 211 114.12 29.14 11.92
CA LEU OA 211 113.50 30.42 11.61
C LEU OA 211 113.59 30.73 10.12
N ILE OA 212 114.75 30.49 9.51
CA ILE OA 212 114.88 30.70 8.07
C ILE OA 212 113.97 29.75 7.31
N LYS OA 213 113.78 28.53 7.83
CA LYS OA 213 112.89 27.57 7.19
C LYS OA 213 111.45 28.03 7.27
N LEU OA 214 111.02 28.52 8.43
CA LEU OA 214 109.66 29.05 8.56
C LEU OA 214 109.48 30.29 7.69
N ALA OA 215 110.53 31.10 7.54
CA ALA OA 215 110.46 32.26 6.66
C ALA OA 215 110.28 31.85 5.20
N LEU OA 216 111.06 30.85 4.76
CA LEU OA 216 110.89 30.34 3.40
C LEU OA 216 109.51 29.72 3.21
N GLU OA 217 109.00 29.02 4.22
CA GLU OA 217 107.68 28.43 4.13
C GLU OA 217 106.60 29.50 4.02
N ALA OA 218 106.75 30.58 4.78
CA ALA OA 218 105.79 31.68 4.70
C ALA OA 218 105.89 32.39 3.36
N ALA OA 219 107.11 32.55 2.84
CA ALA OA 219 107.28 33.16 1.52
C ALA OA 219 106.63 32.32 0.44
N ARG OA 220 106.78 30.99 0.52
CA ARG OA 220 106.07 30.11 -0.41
C ARG OA 220 104.57 30.17 -0.19
N ARG OA 221 104.13 30.40 1.05
CA ARG OA 221 102.69 30.48 1.32
C ARG OA 221 102.17 31.89 1.10
N GLY OA 222 102.88 32.90 1.57
CA GLY OA 222 102.43 34.27 1.42
C GLY OA 222 101.65 34.78 2.62
N ASP OA 223 102.01 34.30 3.81
CA ASP OA 223 101.34 34.68 5.04
C ASP OA 223 102.13 35.79 5.72
N SER OA 224 101.66 37.02 5.57
CA SER OA 224 102.35 38.16 6.18
C SER OA 224 102.27 38.09 7.69
N ARG OA 225 101.18 37.54 8.23
CA ARG OA 225 101.07 37.39 9.69
C ARG OA 225 102.08 36.38 10.21
N LYS OA 226 102.16 35.21 9.59
CA LYS OA 226 103.13 34.21 10.03
C LYS OA 226 104.55 34.70 9.79
N ALA OA 227 104.78 35.41 8.68
CA ALA OA 227 106.12 35.93 8.41
C ALA OA 227 106.52 36.99 9.42
N GLU OA 228 105.58 37.86 9.80
CA GLU OA 228 105.87 38.86 10.81
C GLU OA 228 106.10 38.23 12.17
N ALA OA 229 105.35 37.17 12.48
CA ALA OA 229 105.58 36.44 13.73
C ALA OA 229 106.95 35.79 13.73
N ILE OA 230 107.36 35.24 12.59
CA ILE OA 230 108.68 34.62 12.49
C ILE OA 230 109.76 35.68 12.62
N LEU OA 231 109.53 36.87 12.06
CA LEU OA 231 110.50 37.95 12.20
C LEU OA 231 110.60 38.42 13.65
N LEU OA 232 109.45 38.52 14.33
CA LEU OA 232 109.45 38.91 15.74
C LEU OA 232 110.18 37.86 16.58
N ALA OA 233 109.93 36.58 16.30
CA ALA OA 233 110.62 35.52 17.03
C ALA OA 233 112.11 35.52 16.71
N ALA OA 234 112.48 35.86 15.48
CA ALA OA 234 113.89 35.93 15.12
C ALA OA 234 114.59 37.07 15.84
N GLU OA 235 113.94 38.23 15.92
CA GLU OA 235 114.49 39.34 16.68
C GLU OA 235 114.58 38.99 18.16
N ALA OA 236 113.59 38.27 18.68
CA ALA OA 236 113.62 37.84 20.07
C ALA OA 236 114.77 36.87 20.31
N ALA OA 237 114.98 35.93 19.40
CA ALA OA 237 116.08 34.98 19.54
C ALA OA 237 117.43 35.68 19.36
N ARG OA 238 117.48 36.72 18.54
CA ARG OA 238 118.70 37.50 18.41
C ARG OA 238 119.02 38.24 19.71
N ILE OA 239 118.00 38.84 20.32
CA ILE OA 239 118.19 39.48 21.62
C ILE OA 239 118.58 38.43 22.66
N ALA OA 240 118.05 37.22 22.53
CA ALA OA 240 118.38 36.16 23.47
C ALA OA 240 119.84 35.74 23.33
N LYS OA 241 120.31 35.56 22.09
CA LYS OA 241 121.72 35.25 21.86
C LYS OA 241 122.62 36.38 22.33
N GLU OA 242 122.18 37.62 22.14
CA GLU OA 242 122.93 38.76 22.67
C GLU OA 242 122.97 38.74 24.19
N ALA OA 243 121.93 38.20 24.82
CA ALA OA 243 121.89 38.05 26.27
C ALA OA 243 122.41 36.69 26.72
N GLY OA 244 122.02 35.61 26.05
CA GLY OA 244 122.44 34.29 26.45
C GLY OA 244 121.31 33.41 26.95
N ASP OA 245 120.10 33.62 26.42
CA ASP OA 245 118.94 32.85 26.82
C ASP OA 245 118.58 31.88 25.70
N PRO OA 246 119.18 30.70 25.64
CA PRO OA 246 118.86 29.75 24.57
C PRO OA 246 117.44 29.21 24.72
N GLU OA 247 116.95 29.15 25.95
CA GLU OA 247 115.56 28.79 26.18
C GLU OA 247 114.63 29.81 25.53
N ALA OA 248 114.99 31.09 25.58
CA ALA OA 248 114.21 32.11 24.90
C ALA OA 248 114.25 31.92 23.39
N ARG OA 249 115.41 31.58 22.84
CA ARG OA 249 115.50 31.33 21.41
C ARG OA 249 114.67 30.12 21.02
N LYS OA 250 114.64 29.09 21.86
CA LYS OA 250 113.83 27.91 21.58
C LYS OA 250 112.34 28.22 21.66
N LYS OA 251 111.95 29.02 22.65
CA LYS OA 251 110.55 29.43 22.73
C LYS OA 251 110.16 30.30 21.54
N ALA OA 252 111.08 31.13 21.07
CA ALA OA 252 110.84 31.91 19.87
C ALA OA 252 110.67 31.01 18.65
N LEU OA 253 111.50 29.96 18.55
CA LEU OA 253 111.35 29.00 17.47
C LEU OA 253 109.98 28.32 17.55
N GLU OA 254 109.57 27.94 18.75
CA GLU OA 254 108.27 27.30 18.92
C GLU OA 254 107.13 28.23 18.54
N ALA OA 255 107.22 29.51 18.93
CA ALA OA 255 106.17 30.46 18.59
C ALA OA 255 106.15 30.76 17.10
N ALA OA 256 107.32 30.88 16.46
CA ALA OA 256 107.36 31.09 15.01
C ALA OA 256 106.80 29.89 14.27
N ARG OA 257 107.08 28.68 14.76
CA ARG OA 257 106.44 27.50 14.20
C ARG OA 257 104.94 27.54 14.43
N ARG OA 258 104.50 28.14 15.54
CA ARG OA 258 103.09 28.33 15.79
C ARG OA 258 102.50 29.45 14.94
N GLY OA 259 103.31 30.44 14.58
CA GLY OA 259 102.88 31.52 13.71
C GLY OA 259 102.30 32.73 14.40
N ASP OA 260 102.26 32.74 15.72
CA ASP OA 260 101.77 33.90 16.46
C ASP OA 260 102.94 34.81 16.85
N ARG OA 261 102.65 36.12 16.90
CA ARG OA 261 103.65 37.10 17.28
C ARG OA 261 103.47 37.63 18.69
N GLU OA 262 102.35 37.35 19.35
CA GLU OA 262 102.17 37.81 20.72
C GLU OA 262 103.15 37.14 21.66
N LEU OA 263 103.29 35.82 21.57
CA LEU OA 263 104.27 35.13 22.40
C LEU OA 263 105.69 35.54 22.04
N ALA OA 264 105.96 35.76 20.76
CA ALA OA 264 107.28 36.22 20.35
C ALA OA 264 107.60 37.58 20.95
N THR OA 265 106.61 38.48 20.96
CA THR OA 265 106.81 39.79 21.55
C THR OA 265 106.99 39.70 23.06
N ARG OA 266 106.23 38.82 23.70
CA ARG OA 266 106.37 38.65 25.15
C ARG OA 266 107.75 38.11 25.50
N ILE OA 267 108.26 37.16 24.71
CA ILE OA 267 109.58 36.62 24.94
C ILE OA 267 110.65 37.67 24.68
N LEU OA 268 110.48 38.46 23.62
CA LEU OA 268 111.40 39.56 23.36
C LEU OA 268 111.39 40.56 24.50
N ILE OA 269 110.22 40.77 25.10
CA ILE OA 269 110.11 41.70 26.22
C ILE OA 269 110.82 41.14 27.43
N GLU OA 270 110.68 39.85 27.70
CA GLU OA 270 111.37 39.25 28.83
C GLU OA 270 112.88 39.30 28.62
N ALA OA 271 113.34 39.02 27.40
CA ALA OA 271 114.76 39.08 27.11
C ALA OA 271 115.28 40.51 27.24
N LEU OA 272 114.48 41.48 26.79
CA LEU OA 272 114.87 42.88 26.92
C LEU OA 272 114.90 43.30 28.38
N LEU OA 273 114.00 42.74 29.20
CA LEU OA 273 114.03 43.05 30.62
C LEU OA 273 115.27 42.49 31.29
N ARG OA 274 115.64 41.26 30.94
CA ARG OA 274 116.88 40.70 31.47
C ARG OA 274 118.10 41.52 31.02
N LEU OA 275 118.15 41.84 29.73
CA LEU OA 275 119.25 42.65 29.21
C LEU OA 275 119.26 44.04 29.84
N LEU OA 276 118.07 44.55 30.19
CA LEU OA 276 118.00 45.87 30.81
C LEU OA 276 118.49 45.83 32.25
N LYS OA 277 118.17 44.75 32.97
CA LYS OA 277 118.75 44.59 34.30
C LYS OA 277 120.26 44.47 34.22
N LYS OA 278 120.76 43.73 33.23
CA LYS OA 278 122.21 43.61 33.05
C LYS OA 278 122.83 44.95 32.71
N SER OA 279 122.21 45.72 31.82
CA SER OA 279 122.72 47.02 31.45
C SER OA 279 122.63 48.00 32.61
N THR OA 280 121.63 47.83 33.48
CA THR OA 280 121.53 48.68 34.67
C THR OA 280 122.65 48.37 35.65
N ALA OA 281 122.96 47.10 35.84
CA ALA OA 281 124.12 46.74 36.66
C ALA OA 281 125.40 47.30 36.06
N GLU OA 282 125.56 47.18 34.74
CA GLU OA 282 126.75 47.69 34.08
C GLU OA 282 126.84 49.21 34.19
N LEU OA 283 125.71 49.90 34.12
CA LEU OA 283 125.70 51.35 34.21
C LEU OA 283 125.99 51.81 35.64
N LYS OA 284 125.48 51.08 36.63
CA LYS OA 284 125.83 51.39 38.01
C LYS OA 284 127.32 51.19 38.24
N ARG OA 285 127.89 50.11 37.69
CA ARG OA 285 129.33 49.90 37.81
C ARG OA 285 130.11 51.00 37.11
N ALA OA 286 129.64 51.43 35.94
CA ALA OA 286 130.33 52.49 35.21
C ALA OA 286 130.24 53.81 35.95
N THR OA 287 129.09 54.09 36.59
CA THR OA 287 128.96 55.31 37.36
C THR OA 287 129.86 55.28 38.59
N ALA OA 288 129.96 54.11 39.23
CA ALA OA 288 130.89 53.98 40.36
C ALA OA 288 132.33 54.18 39.91
N SER OA 289 132.68 53.63 38.74
CA SER OA 289 134.04 53.81 38.23
C SER OA 289 134.32 55.26 37.88
N LEU OA 290 133.33 55.95 37.30
CA LEU OA 290 133.50 57.36 36.98
C LEU OA 290 133.63 58.20 38.23
N ARG OA 291 132.84 57.91 39.26
CA ARG OA 291 132.98 58.61 40.54
C ARG OA 291 134.33 58.34 41.17
N ALA OA 292 134.84 57.11 41.03
CA ALA OA 292 136.15 56.78 41.58
C ALA OA 292 137.25 57.53 40.84
N ILE OA 293 137.16 57.60 39.51
CA ILE OA 293 138.15 58.34 38.74
C ILE OA 293 138.06 59.83 39.06
N THR OA 294 136.85 60.33 39.32
CA THR OA 294 136.69 61.72 39.73
C THR OA 294 137.33 61.98 41.08
N GLU OA 295 137.14 61.07 42.03
CA GLU OA 295 137.77 61.21 43.34
C GLU OA 295 139.29 61.12 43.22
N GLU OA 296 139.78 60.29 42.31
CA GLU OA 296 141.23 60.18 42.10
C GLU OA 296 141.79 61.47 41.50
N LEU OA 297 141.11 62.03 40.51
CA LEU OA 297 141.51 63.31 39.95
C LEU OA 297 141.39 64.43 40.98
N LYS OA 298 140.46 64.29 41.92
CA LYS OA 298 140.31 65.28 42.97
C LYS OA 298 141.44 65.21 43.98
N LYS OA 299 141.85 64.00 44.37
CA LYS OA 299 142.89 63.85 45.38
C LYS OA 299 144.24 64.29 44.86
N ASN OA 300 144.52 64.07 43.57
CA ASN OA 300 145.78 64.48 42.98
C ASN OA 300 145.57 64.79 41.50
N PRO OA 301 145.18 66.02 41.16
CA PRO OA 301 144.92 66.33 39.75
C PRO OA 301 146.20 66.57 38.97
N SER OA 302 146.21 66.03 37.76
CA SER OA 302 147.37 66.11 36.88
C SER OA 302 146.92 65.75 35.46
N GLU OA 303 147.89 65.59 34.57
CA GLU OA 303 147.59 65.15 33.21
C GLU OA 303 146.93 63.78 33.22
N ASP OA 304 147.54 62.81 33.89
CA ASP OA 304 146.97 61.47 33.94
C ASP OA 304 145.66 61.45 34.72
N ALA OA 305 145.55 62.27 35.77
CA ALA OA 305 144.33 62.28 36.57
C ALA OA 305 143.16 62.83 35.76
N LEU OA 306 143.33 64.00 35.15
CA LEU OA 306 142.27 64.56 34.30
C LEU OA 306 141.98 63.65 33.12
N VAL OA 307 143.02 63.01 32.57
CA VAL OA 307 142.83 62.08 31.46
C VAL OA 307 141.93 60.92 31.88
N GLU OA 308 142.23 60.31 33.03
CA GLU OA 308 141.44 59.18 33.50
C GLU OA 308 140.03 59.60 33.88
N HIS OA 309 139.88 60.78 34.48
CA HIS OA 309 138.55 61.25 34.85
C HIS OA 309 137.69 61.49 33.61
N ASN OA 310 138.26 62.15 32.59
CA ASN OA 310 137.51 62.39 31.37
C ASN OA 310 137.23 61.10 30.62
N ARG OA 311 138.18 60.16 30.64
CA ARG OA 311 137.96 58.87 29.99
C ARG OA 311 136.86 58.09 30.69
N ALA OA 312 136.81 58.14 32.02
CA ALA OA 312 135.74 57.49 32.75
C ALA OA 312 134.40 58.16 32.50
N ILE OA 313 134.39 59.49 32.39
CA ILE OA 313 133.15 60.18 32.06
C ILE OA 313 132.65 59.79 30.68
N VAL OA 314 133.57 59.69 29.71
CA VAL OA 314 133.18 59.29 28.36
C VAL OA 314 132.73 57.84 28.34
N GLU OA 315 133.37 56.98 29.14
CA GLU OA 315 132.95 55.58 29.21
C GLU OA 315 131.58 55.46 29.83
N HIS OA 316 131.28 56.25 30.86
CA HIS OA 316 129.95 56.25 31.44
C HIS OA 316 128.92 56.77 30.44
N ASN OA 317 129.28 57.80 29.68
CA ASN OA 317 128.37 58.31 28.65
C ASN OA 317 128.11 57.26 27.57
N ALA OA 318 129.15 56.53 27.18
CA ALA OA 318 128.99 55.49 26.17
C ALA OA 318 128.15 54.33 26.70
N ILE OA 319 128.35 53.96 27.97
CA ILE OA 319 127.55 52.90 28.56
C ILE OA 319 126.10 53.33 28.68
N ILE OA 320 125.87 54.61 29.02
CA ILE OA 320 124.51 55.13 29.08
C ILE OA 320 123.90 55.14 27.68
N VAL OA 321 124.69 55.47 26.66
CA VAL OA 321 124.18 55.45 25.29
C VAL OA 321 123.83 54.03 24.88
N GLU OA 322 124.63 53.06 25.28
CA GLU OA 322 124.34 51.66 24.95
C GLU OA 322 123.08 51.19 25.66
N ASN OA 323 122.93 51.53 26.95
CA ASN OA 323 121.73 51.16 27.67
C ASN OA 323 120.50 51.84 27.08
N ASN OA 324 120.65 53.09 26.65
CA ASN OA 324 119.55 53.79 26.01
C ASN OA 324 119.22 53.17 24.66
N ARG OA 325 120.22 52.67 23.95
CA ARG OA 325 119.97 51.99 22.68
C ARG OA 325 119.23 50.68 22.92
N ILE OA 326 119.60 49.96 23.98
CA ILE OA 326 118.89 48.73 24.33
C ILE OA 326 117.45 49.06 24.69
N ILE OA 327 117.25 50.13 25.47
CA ILE OA 327 115.89 50.52 25.85
C ILE OA 327 115.10 50.95 24.62
N ALA OA 328 115.76 51.60 23.67
CA ALA OA 328 115.08 52.03 22.45
C ALA OA 328 114.71 50.83 21.60
N MET OA 329 115.57 49.82 21.53
CA MET OA 329 115.24 48.61 20.82
C MET OA 329 114.05 47.91 21.47
N VAL OA 330 114.04 47.85 22.80
CA VAL OA 330 112.92 47.23 23.51
C VAL OA 330 111.64 48.01 23.26
N LEU OA 331 111.72 49.33 23.27
CA LEU OA 331 110.55 50.15 23.03
C LEU OA 331 110.05 50.00 21.60
N GLU OA 332 110.96 49.90 20.64
CA GLU OA 332 110.57 49.68 19.26
C GLU OA 332 109.92 48.31 19.10
N ALA OA 333 110.40 47.31 19.84
CA ALA OA 333 109.75 46.01 19.83
C ALA OA 333 108.34 46.10 20.40
N ILE OA 334 108.18 46.83 21.52
CA ILE OA 334 106.86 47.00 22.09
C ILE OA 334 105.94 47.74 21.13
N VAL OA 335 106.48 48.70 20.39
CA VAL OA 335 105.68 49.46 19.45
C VAL OA 335 105.25 48.58 18.27
N ARG OA 336 106.19 47.81 17.72
CA ARG OA 336 105.84 46.88 16.66
C ARG OA 336 104.86 45.83 17.15
N ALA OA 337 104.88 45.52 18.44
CA ALA OA 337 103.91 44.60 19.01
C ALA OA 337 102.59 45.28 19.35
N ILE OA 338 102.62 46.48 19.90
CA ILE OA 338 101.40 47.20 20.23
C ILE OA 338 100.87 47.90 18.99
N SER PA 2 -20.00 -51.22 -96.70
CA SER PA 2 -19.64 -52.58 -97.09
C SER PA 2 -20.61 -53.59 -96.52
N THR PA 3 -21.61 -53.11 -95.78
CA THR PA 3 -22.59 -54.00 -95.17
C THR PA 3 -23.55 -54.58 -96.22
N LYS PA 4 -24.09 -53.73 -97.09
CA LYS PA 4 -25.03 -54.20 -98.09
C LYS PA 4 -24.33 -55.07 -99.13
N GLU PA 5 -23.10 -54.74 -99.49
CA GLU PA 5 -22.36 -55.54 -100.46
C GLU PA 5 -22.03 -56.91 -99.89
N LYS PA 6 -21.53 -56.96 -98.65
CA LYS PA 6 -21.26 -58.24 -98.01
C LYS PA 6 -22.54 -59.04 -97.84
N ALA PA 7 -23.65 -58.36 -97.57
CA ALA PA 7 -24.93 -59.05 -97.47
C ALA PA 7 -25.33 -59.68 -98.79
N ARG PA 8 -25.27 -58.91 -99.88
CA ARG PA 8 -25.63 -59.45 -101.18
C ARG PA 8 -24.72 -60.61 -101.57
N GLN PA 9 -23.42 -60.51 -101.26
CA GLN PA 9 -22.49 -61.58 -101.61
C GLN PA 9 -22.75 -62.85 -100.81
N LEU PA 10 -22.82 -62.72 -99.47
CA LEU PA 10 -23.08 -63.89 -98.64
C LEU PA 10 -24.44 -64.49 -98.93
N ALA PA 11 -25.41 -63.67 -99.34
CA ALA PA 11 -26.73 -64.19 -99.65
C ALA PA 11 -26.77 -64.88 -101.01
N GLU PA 12 -26.00 -64.37 -101.98
CA GLU PA 12 -25.85 -65.09 -103.24
C GLU PA 12 -25.18 -66.44 -103.02
N GLU PA 13 -24.14 -66.47 -102.18
CA GLU PA 13 -23.51 -67.74 -101.82
C GLU PA 13 -24.49 -68.64 -101.08
N ALA PA 14 -25.35 -68.04 -100.25
CA ALA PA 14 -26.38 -68.79 -99.56
C ALA PA 14 -27.33 -69.45 -100.53
N LYS PA 15 -27.81 -68.70 -101.52
CA LYS PA 15 -28.72 -69.25 -102.52
C LYS PA 15 -28.04 -70.33 -103.35
N GLU PA 16 -26.76 -70.13 -103.67
CA GLU PA 16 -26.04 -71.13 -104.44
C GLU PA 16 -25.88 -72.43 -103.66
N THR PA 17 -25.43 -72.33 -102.40
CA THR PA 17 -25.28 -73.54 -101.58
C THR PA 17 -26.62 -74.16 -101.25
N ALA PA 18 -27.70 -73.37 -101.31
CA ALA PA 18 -29.03 -73.91 -101.10
C ALA PA 18 -29.49 -74.72 -102.30
N GLU PA 19 -29.32 -74.16 -103.51
CA GLU PA 19 -29.62 -74.89 -104.73
C GLU PA 19 -28.76 -76.14 -104.85
N LYS PA 20 -27.51 -76.07 -104.39
CA LYS PA 20 -26.67 -77.25 -104.37
C LYS PA 20 -27.11 -78.24 -103.31
N VAL PA 21 -27.63 -77.75 -102.19
CA VAL PA 21 -28.19 -78.60 -101.14
C VAL PA 21 -29.52 -79.20 -101.57
N GLY PA 22 -30.18 -78.55 -102.54
CA GLY PA 22 -31.48 -78.99 -103.00
C GLY PA 22 -32.58 -78.11 -102.47
N ASP PA 23 -32.25 -76.89 -102.07
CA ASP PA 23 -33.20 -75.97 -101.46
C ASP PA 23 -33.39 -74.76 -102.35
N PRO PA 24 -34.48 -74.68 -103.11
CA PRO PA 24 -34.77 -73.44 -103.84
C PRO PA 24 -35.47 -72.44 -102.93
N GLU PA 25 -36.11 -72.96 -101.88
CA GLU PA 25 -36.72 -72.10 -100.89
C GLU PA 25 -35.67 -71.32 -100.10
N LEU PA 26 -34.60 -72.02 -99.66
CA LEU PA 26 -33.50 -71.31 -99.02
C LEU PA 26 -32.79 -70.40 -100.01
N ILE PA 27 -32.79 -70.77 -101.29
CA ILE PA 27 -32.22 -69.90 -102.31
C ILE PA 27 -33.01 -68.61 -102.43
N LYS PA 28 -34.34 -68.69 -102.39
CA LYS PA 28 -35.16 -67.49 -102.45
C LYS PA 28 -35.04 -66.66 -101.18
N LEU PA 29 -34.99 -67.33 -100.02
CA LEU PA 29 -34.76 -66.61 -98.77
C LEU PA 29 -33.42 -65.90 -98.78
N ALA PA 30 -32.41 -66.51 -99.42
CA ALA PA 30 -31.12 -65.87 -99.56
C ALA PA 30 -31.19 -64.67 -100.50
N GLU PA 31 -31.90 -64.82 -101.62
CA GLU PA 31 -32.11 -63.68 -102.50
C GLU PA 31 -32.80 -62.54 -101.76
N GLN PA 32 -33.72 -62.88 -100.86
CA GLN PA 32 -34.38 -61.86 -100.05
C GLN PA 32 -33.41 -61.23 -99.06
N ALA PA 33 -32.52 -62.03 -98.47
CA ALA PA 33 -31.50 -61.48 -97.57
C ALA PA 33 -30.57 -60.54 -98.31
N SER PA 34 -30.28 -60.84 -99.58
CA SER PA 34 -29.48 -59.95 -100.40
C SER PA 34 -30.23 -58.66 -100.70
N GLN PA 35 -31.50 -58.77 -101.12
CA GLN PA 35 -32.29 -57.60 -101.44
C GLN PA 35 -32.50 -56.70 -100.23
N GLU PA 36 -32.60 -57.29 -99.04
CA GLU PA 36 -32.77 -56.50 -97.82
C GLU PA 36 -31.44 -55.90 -97.37
N GLY PA 37 -30.34 -56.56 -97.67
CA GLY PA 37 -29.03 -56.11 -97.25
C GLY PA 37 -28.63 -56.52 -95.86
N ASP PA 38 -29.05 -57.69 -95.40
CA ASP PA 38 -28.71 -58.19 -94.07
C ASP PA 38 -27.59 -59.21 -94.19
N SER PA 39 -26.37 -58.80 -93.86
CA SER PA 39 -25.23 -59.72 -93.89
C SER PA 39 -25.40 -60.83 -92.87
N GLU PA 40 -26.06 -60.52 -91.74
CA GLU PA 40 -26.35 -61.57 -90.77
C GLU PA 40 -27.30 -62.61 -91.35
N LYS PA 41 -28.41 -62.15 -91.95
CA LYS PA 41 -29.35 -63.09 -92.56
C LYS PA 41 -28.72 -63.78 -93.77
N ALA PA 42 -27.83 -63.09 -94.48
CA ALA PA 42 -27.15 -63.69 -95.61
C ALA PA 42 -26.26 -64.84 -95.17
N LYS PA 43 -25.39 -64.59 -94.19
CA LYS PA 43 -24.52 -65.64 -93.67
C LYS PA 43 -25.34 -66.74 -92.99
N ALA PA 44 -26.51 -66.37 -92.43
CA ALA PA 44 -27.39 -67.36 -91.85
C ALA PA 44 -27.93 -68.31 -92.92
N ILE PA 45 -28.42 -67.75 -94.03
CA ILE PA 45 -28.91 -68.60 -95.11
C ILE PA 45 -27.76 -69.40 -95.71
N LEU PA 46 -26.54 -68.85 -95.68
CA LEU PA 46 -25.39 -69.58 -96.20
C LEU PA 46 -25.04 -70.78 -95.33
N LEU PA 47 -24.95 -70.56 -94.02
CA LEU PA 47 -24.68 -71.66 -93.11
C LEU PA 47 -25.82 -72.68 -93.13
N ALA PA 48 -27.06 -72.23 -93.31
CA ALA PA 48 -28.18 -73.16 -93.39
C ALA PA 48 -28.14 -73.95 -94.70
N ALA PA 49 -27.70 -73.32 -95.79
CA ALA PA 49 -27.56 -74.03 -97.04
C ALA PA 49 -26.45 -75.07 -96.97
N GLU PA 50 -25.34 -74.71 -96.33
CA GLU PA 50 -24.28 -75.68 -96.09
C GLU PA 50 -24.77 -76.81 -95.17
N ALA PA 51 -25.60 -76.46 -94.19
CA ALA PA 51 -26.19 -77.47 -93.32
C ALA PA 51 -27.06 -78.43 -94.11
N ALA PA 52 -27.88 -77.90 -95.01
CA ALA PA 52 -28.74 -78.74 -95.83
C ALA PA 52 -27.92 -79.61 -96.79
N ARG PA 53 -26.80 -79.08 -97.28
CA ARG PA 53 -25.92 -79.88 -98.13
C ARG PA 53 -25.30 -81.03 -97.33
N VAL PA 54 -24.78 -80.73 -96.14
CA VAL PA 54 -24.18 -81.76 -95.31
C VAL PA 54 -25.23 -82.75 -94.84
N ALA PA 55 -26.48 -82.30 -94.74
CA ALA PA 55 -27.56 -83.21 -94.36
C ALA PA 55 -27.94 -84.13 -95.52
N LYS PA 56 -28.10 -83.57 -96.71
CA LYS PA 56 -28.33 -84.39 -97.90
C LYS PA 56 -27.19 -85.39 -98.07
N GLU PA 57 -25.98 -85.00 -97.66
CA GLU PA 57 -24.88 -85.96 -97.61
C GLU PA 57 -25.06 -86.98 -96.49
N VAL PA 58 -25.67 -86.57 -95.38
CA VAL PA 58 -25.91 -87.47 -94.26
C VAL PA 58 -27.24 -88.19 -94.41
N GLY PA 59 -28.32 -87.45 -94.60
CA GLY PA 59 -29.62 -88.06 -94.85
C GLY PA 59 -30.66 -87.87 -93.76
N ALA PA 60 -30.68 -86.71 -93.11
CA ALA PA 60 -31.64 -86.43 -92.05
C ALA PA 60 -32.56 -85.29 -92.47
N PRO PA 61 -33.83 -85.55 -92.76
CA PRO PA 61 -34.73 -84.45 -93.14
C PRO PA 61 -35.09 -83.53 -91.98
N ASP PA 62 -34.85 -83.96 -90.74
CA ASP PA 62 -35.09 -83.09 -89.59
C ASP PA 62 -34.20 -81.85 -89.64
N LEU PA 63 -32.88 -82.06 -89.68
CA LEU PA 63 -31.97 -80.93 -89.79
C LEU PA 63 -32.15 -80.22 -91.13
N ILE PA 64 -32.62 -80.94 -92.15
CA ILE PA 64 -32.86 -80.31 -93.45
C ILE PA 64 -33.96 -79.26 -93.34
N ARG PA 65 -35.11 -79.64 -92.80
CA ARG PA 65 -36.18 -78.67 -92.60
C ARG PA 65 -35.78 -77.61 -91.57
N LEU PA 66 -34.93 -77.99 -90.60
CA LEU PA 66 -34.45 -77.03 -89.63
C LEU PA 66 -33.64 -75.93 -90.30
N ALA PA 67 -32.71 -76.30 -91.18
CA ALA PA 67 -31.94 -75.31 -91.92
C ALA PA 67 -32.82 -74.54 -92.89
N ARG PA 68 -33.83 -75.20 -93.46
CA ARG PA 68 -34.76 -74.51 -94.33
C ARG PA 68 -35.48 -73.39 -93.60
N ILE PA 69 -35.97 -73.69 -92.39
CA ILE PA 69 -36.66 -72.68 -91.60
C ILE PA 69 -35.68 -71.62 -91.11
N ALA PA 70 -34.46 -72.02 -90.78
CA ALA PA 70 -33.46 -71.06 -90.32
C ALA PA 70 -33.10 -70.08 -91.43
N ALA PA 71 -33.05 -70.55 -92.67
CA ALA PA 71 -32.78 -69.67 -93.80
C ALA PA 71 -33.99 -68.80 -94.10
N ARG PA 72 -35.20 -69.38 -94.03
CA ARG PA 72 -36.40 -68.58 -94.22
C ARG PA 72 -36.53 -67.47 -93.19
N VAL PA 73 -36.03 -67.71 -91.97
CA VAL PA 73 -36.08 -66.69 -90.93
C VAL PA 73 -34.80 -65.86 -90.92
N GLY PA 74 -33.66 -66.50 -91.17
CA GLY PA 74 -32.38 -65.82 -91.11
C GLY PA 74 -31.70 -65.97 -89.76
N ALA PA 75 -31.76 -67.18 -89.22
CA ALA PA 75 -31.18 -67.49 -87.91
C ALA PA 75 -29.76 -68.01 -88.10
N SER PA 76 -28.77 -67.18 -87.71
CA SER PA 76 -27.38 -67.56 -87.89
C SER PA 76 -26.96 -68.62 -86.88
N GLU PA 77 -27.38 -68.49 -85.62
CA GLU PA 77 -27.05 -69.49 -84.63
C GLU PA 77 -27.69 -70.83 -84.96
N ALA PA 78 -28.96 -70.81 -85.37
CA ALA PA 78 -29.63 -72.05 -85.75
C ALA PA 78 -29.01 -72.66 -87.00
N ALA PA 79 -28.57 -71.82 -87.94
CA ALA PA 79 -27.95 -72.34 -89.15
C ALA PA 79 -26.60 -72.98 -88.85
N LYS PA 80 -25.78 -72.32 -88.01
CA LYS PA 80 -24.51 -72.91 -87.62
C LYS PA 80 -24.72 -74.19 -86.81
N ALA PA 81 -25.76 -74.20 -85.97
CA ALA PA 81 -26.09 -75.42 -85.24
C ALA PA 81 -26.51 -76.53 -86.18
N ILE PA 82 -27.29 -76.21 -87.21
CA ILE PA 82 -27.71 -77.22 -88.17
C ILE PA 82 -26.51 -77.72 -88.98
N LEU PA 83 -25.56 -76.84 -89.26
CA LEU PA 83 -24.37 -77.26 -90.01
C LEU PA 83 -23.49 -78.18 -89.18
N LEU PA 84 -23.17 -77.77 -87.95
CA LEU PA 84 -22.39 -78.63 -87.07
C LEU PA 84 -23.14 -79.91 -86.73
N ALA PA 85 -24.47 -79.86 -86.72
CA ALA PA 85 -25.25 -81.06 -86.43
C ALA PA 85 -25.30 -81.98 -87.64
N ALA PA 86 -25.27 -81.44 -88.85
CA ALA PA 86 -25.16 -82.29 -90.03
C ALA PA 86 -23.78 -82.91 -90.12
N GLU PA 87 -22.75 -82.18 -89.70
CA GLU PA 87 -21.43 -82.77 -89.55
C GLU PA 87 -21.45 -83.88 -88.51
N ALA PA 88 -22.13 -83.63 -87.38
CA ALA PA 88 -22.29 -84.65 -86.36
C ALA PA 88 -23.03 -85.86 -86.89
N ALA PA 89 -24.03 -85.63 -87.75
CA ALA PA 89 -24.81 -86.73 -88.30
C ALA PA 89 -23.98 -87.55 -89.27
N ARG PA 90 -23.15 -86.90 -90.07
CA ARG PA 90 -22.22 -87.64 -90.93
C ARG PA 90 -21.24 -88.43 -90.07
N VAL PA 91 -20.69 -87.82 -89.03
CA VAL PA 91 -19.74 -88.51 -88.16
C VAL PA 91 -20.41 -89.66 -87.43
N ALA PA 92 -21.70 -89.53 -87.13
CA ALA PA 92 -22.42 -90.60 -86.46
C ALA PA 92 -22.76 -91.73 -87.41
N LYS PA 93 -23.19 -91.40 -88.63
CA LYS PA 93 -23.39 -92.42 -89.64
C LYS PA 93 -22.09 -93.17 -89.91
N GLU PA 94 -20.96 -92.48 -89.78
CA GLU PA 94 -19.67 -93.16 -89.80
C GLU PA 94 -19.45 -93.98 -88.53
N VAL PA 95 -20.01 -93.52 -87.41
CA VAL PA 95 -19.82 -94.23 -86.14
C VAL PA 95 -20.95 -95.23 -85.92
N GLY PA 96 -22.19 -94.74 -85.83
CA GLY PA 96 -23.34 -95.61 -85.66
C GLY PA 96 -24.03 -95.52 -84.32
N ASP PA 97 -24.09 -94.31 -83.75
CA ASP PA 97 -24.72 -94.08 -82.45
C ASP PA 97 -26.03 -93.34 -82.64
N PRO PA 98 -27.17 -93.95 -82.30
CA PRO PA 98 -28.46 -93.24 -82.48
C PRO PA 98 -28.71 -92.17 -81.43
N GLU PA 99 -28.22 -92.35 -80.20
CA GLU PA 99 -28.34 -91.30 -79.20
C GLU PA 99 -27.55 -90.07 -79.63
N LEU PA 100 -26.41 -90.28 -80.31
CA LEU PA 100 -25.66 -89.16 -80.86
C LEU PA 100 -26.47 -88.44 -81.93
N GLU PA 101 -27.18 -89.20 -82.78
CA GLU PA 101 -28.03 -88.57 -83.79
C GLU PA 101 -29.16 -87.78 -83.15
N ARG PA 102 -29.74 -88.33 -82.08
CA ARG PA 102 -30.78 -87.61 -81.36
C ARG PA 102 -30.24 -86.32 -80.76
N LEU PA 103 -29.07 -86.39 -80.14
CA LEU PA 103 -28.47 -85.19 -79.55
C LEU PA 103 -28.12 -84.17 -80.61
N ALA PA 104 -27.67 -84.61 -81.78
CA ALA PA 104 -27.34 -83.70 -82.86
C ALA PA 104 -28.59 -83.02 -83.41
N LEU PA 105 -29.65 -83.79 -83.63
CA LEU PA 105 -30.90 -83.20 -84.07
C LEU PA 105 -31.46 -82.24 -83.03
N LEU PA 106 -31.28 -82.57 -81.75
CA LEU PA 106 -31.75 -81.69 -80.69
C LEU PA 106 -30.94 -80.39 -80.64
N ALA PA 107 -29.63 -80.48 -80.89
CA ALA PA 107 -28.82 -79.27 -80.95
C ALA PA 107 -29.20 -78.42 -82.16
N ALA PA 108 -29.54 -79.07 -83.27
CA ALA PA 108 -29.97 -78.33 -84.46
C ALA PA 108 -31.32 -77.65 -84.21
N VAL PA 109 -32.23 -78.33 -83.51
CA VAL PA 109 -33.55 -77.76 -83.25
C VAL PA 109 -33.45 -76.64 -82.22
N LEU PA 110 -32.72 -76.85 -81.12
CA LEU PA 110 -32.52 -75.80 -80.14
C LEU PA 110 -31.64 -74.69 -80.69
N GLY PA 111 -30.99 -74.94 -81.82
CA GLY PA 111 -30.13 -73.94 -82.42
C GLY PA 111 -28.85 -73.70 -81.64
N ASP PA 112 -28.52 -74.58 -80.70
CA ASP PA 112 -27.35 -74.43 -79.85
C ASP PA 112 -26.12 -74.89 -80.64
N SER PA 113 -25.43 -73.93 -81.25
CA SER PA 113 -24.22 -74.25 -82.01
C SER PA 113 -23.15 -74.83 -81.10
N GLU PA 114 -23.15 -74.44 -79.82
CA GLU PA 114 -22.27 -75.09 -78.85
C GLU PA 114 -22.65 -76.56 -78.68
N LYS PA 115 -23.93 -76.85 -78.50
CA LYS PA 115 -24.37 -78.24 -78.41
C LYS PA 115 -24.17 -78.97 -79.73
N ALA PA 116 -24.24 -78.24 -80.84
CA ALA PA 116 -24.02 -78.88 -82.15
C ALA PA 116 -22.56 -79.28 -82.33
N LYS PA 117 -21.63 -78.39 -81.97
CA LYS PA 117 -20.23 -78.76 -81.98
C LYS PA 117 -19.95 -79.87 -80.97
N ALA PA 118 -20.69 -79.85 -79.84
CA ALA PA 118 -20.59 -80.93 -78.89
C ALA PA 118 -21.01 -82.26 -79.51
N ILE PA 119 -22.09 -82.26 -80.28
CA ILE PA 119 -22.55 -83.48 -80.92
C ILE PA 119 -21.55 -83.93 -81.98
N LEU PA 120 -20.96 -82.98 -82.70
CA LEU PA 120 -19.95 -83.32 -83.70
C LEU PA 120 -18.74 -83.97 -83.04
N LEU PA 121 -18.21 -83.34 -81.98
CA LEU PA 121 -17.06 -83.90 -81.28
C LEU PA 121 -17.42 -85.20 -80.58
N ALA PA 122 -18.68 -85.37 -80.17
CA ALA PA 122 -19.08 -86.60 -79.51
C ALA PA 122 -19.23 -87.74 -80.50
N ALA PA 123 -19.73 -87.44 -81.71
CA ALA PA 123 -19.77 -88.45 -82.76
C ALA PA 123 -18.37 -88.85 -83.18
N GLU PA 124 -17.46 -87.86 -83.28
CA GLU PA 124 -16.06 -88.17 -83.54
C GLU PA 124 -15.46 -89.00 -82.42
N ALA PA 125 -15.82 -88.68 -81.17
CA ALA PA 125 -15.31 -89.43 -80.03
C ALA PA 125 -15.83 -90.86 -80.04
N ALA PA 126 -17.09 -91.05 -80.38
CA ALA PA 126 -17.65 -92.39 -80.46
C ALA PA 126 -17.01 -93.18 -81.59
N ARG PA 127 -16.75 -92.53 -82.73
CA ARG PA 127 -16.06 -93.21 -83.82
C ARG PA 127 -14.64 -93.59 -83.42
N VAL PA 128 -13.93 -92.69 -82.76
CA VAL PA 128 -12.55 -92.96 -82.36
C VAL PA 128 -12.52 -94.04 -81.27
N ALA PA 129 -13.55 -94.08 -80.43
CA ALA PA 129 -13.61 -95.11 -79.40
C ALA PA 129 -13.93 -96.47 -80.00
N LYS PA 130 -14.87 -96.52 -80.95
CA LYS PA 130 -15.16 -97.78 -81.64
C LYS PA 130 -13.95 -98.26 -82.42
N GLU PA 131 -13.17 -97.35 -82.99
CA GLU PA 131 -11.95 -97.74 -83.68
C GLU PA 131 -10.87 -98.20 -82.71
N VAL PA 132 -10.78 -97.56 -81.55
CA VAL PA 132 -9.78 -97.92 -80.55
C VAL PA 132 -10.28 -99.05 -79.66
N GLY PA 133 -11.57 -99.04 -79.32
CA GLY PA 133 -12.13 -100.04 -78.44
C GLY PA 133 -12.24 -99.54 -77.02
N ASP PA 134 -12.31 -98.22 -76.86
CA ASP PA 134 -12.32 -97.59 -75.55
C ASP PA 134 -13.76 -97.38 -75.10
N PRO PA 135 -14.32 -98.25 -74.25
CA PRO PA 135 -15.70 -98.05 -73.81
C PRO PA 135 -15.88 -96.85 -72.90
N GLU PA 136 -14.87 -96.48 -72.11
CA GLU PA 136 -14.96 -95.26 -71.33
C GLU PA 136 -15.06 -94.04 -72.23
N LEU PA 137 -14.32 -94.04 -73.34
CA LEU PA 137 -14.38 -92.92 -74.27
C LEU PA 137 -15.76 -92.82 -74.93
N ILE PA 138 -16.34 -93.96 -75.32
CA ILE PA 138 -17.67 -93.94 -75.91
C ILE PA 138 -18.72 -93.50 -74.89
N LYS PA 139 -18.55 -93.93 -73.64
CA LYS PA 139 -19.47 -93.51 -72.58
C LYS PA 139 -19.38 -92.01 -72.35
N LEU PA 140 -18.16 -91.46 -72.30
CA LEU PA 140 -18.00 -90.03 -72.14
C LEU PA 140 -18.55 -89.27 -73.34
N ALA PA 141 -18.40 -89.82 -74.54
CA ALA PA 141 -18.97 -89.21 -75.74
C ALA PA 141 -20.49 -89.15 -75.67
N LEU PA 142 -21.11 -90.27 -75.26
CA LEU PA 142 -22.57 -90.28 -75.14
C LEU PA 142 -23.04 -89.33 -74.05
N GLU PA 143 -22.30 -89.26 -72.94
CA GLU PA 143 -22.65 -88.34 -71.86
C GLU PA 143 -22.55 -86.90 -72.31
N ALA PA 144 -21.52 -86.58 -73.10
CA ALA PA 144 -21.38 -85.21 -73.61
C ALA PA 144 -22.46 -84.89 -74.62
N ALA PA 145 -22.83 -85.87 -75.46
CA ALA PA 145 -23.90 -85.64 -76.44
C ALA PA 145 -25.23 -85.39 -75.74
N GLU PA 146 -25.54 -86.19 -74.71
CA GLU PA 146 -26.74 -85.94 -73.93
C GLU PA 146 -26.67 -84.62 -73.18
N ARG PA 147 -25.47 -84.24 -72.73
CA ARG PA 147 -25.29 -82.98 -72.00
C ARG PA 147 -25.10 -81.80 -72.94
N GLY PA 148 -24.47 -82.03 -74.09
CA GLY PA 148 -24.21 -80.96 -75.03
C GLY PA 148 -22.95 -80.19 -74.69
N ASP PA 149 -21.98 -80.87 -74.08
CA ASP PA 149 -20.73 -80.25 -73.64
C ASP PA 149 -19.67 -80.49 -74.72
N SER PA 150 -19.30 -79.42 -75.43
CA SER PA 150 -18.29 -79.54 -76.46
C SER PA 150 -16.92 -79.85 -75.87
N GLU PA 151 -16.62 -79.29 -74.70
CA GLU PA 151 -15.36 -79.61 -74.04
C GLU PA 151 -15.29 -81.08 -73.66
N LYS PA 152 -16.38 -81.63 -73.09
CA LYS PA 152 -16.38 -83.03 -72.71
C LYS PA 152 -16.33 -83.94 -73.93
N ALA PA 153 -17.01 -83.56 -75.01
CA ALA PA 153 -16.98 -84.38 -76.21
C ALA PA 153 -15.59 -84.36 -76.86
N LYS PA 154 -14.97 -83.19 -76.92
CA LYS PA 154 -13.60 -83.11 -77.43
C LYS PA 154 -12.64 -83.87 -76.54
N ALA PA 155 -12.88 -83.86 -75.22
CA ALA PA 155 -12.05 -84.64 -74.32
C ALA PA 155 -12.23 -86.12 -74.55
N ILE PA 156 -13.46 -86.57 -74.80
CA ILE PA 156 -13.70 -87.98 -75.09
C ILE PA 156 -13.02 -88.36 -76.40
N LEU PA 157 -13.05 -87.46 -77.39
CA LEU PA 157 -12.39 -87.74 -78.66
C LEU PA 157 -10.87 -87.83 -78.48
N LEU PA 158 -10.29 -86.86 -77.78
CA LEU PA 158 -8.85 -86.89 -77.54
C LEU PA 158 -8.45 -88.08 -76.69
N ALA PA 159 -9.32 -88.51 -75.77
CA ALA PA 159 -9.01 -89.67 -74.94
C ALA PA 159 -9.10 -90.96 -75.74
N ALA PA 160 -10.07 -91.05 -76.65
CA ALA PA 160 -10.13 -92.20 -77.54
C ALA PA 160 -8.92 -92.24 -78.46
N GLU PA 161 -8.48 -91.09 -78.95
CA GLU PA 161 -7.27 -91.03 -79.77
C GLU PA 161 -6.03 -91.41 -78.96
N ALA PA 162 -5.96 -90.94 -77.71
CA ALA PA 162 -4.84 -91.30 -76.85
C ALA PA 162 -4.84 -92.78 -76.54
N ALA PA 163 -6.02 -93.37 -76.33
CA ALA PA 163 -6.11 -94.81 -76.09
C ALA PA 163 -5.73 -95.59 -77.35
N ARG PA 164 -6.08 -95.08 -78.52
CA ARG PA 164 -5.67 -95.72 -79.76
C ARG PA 164 -4.15 -95.67 -79.91
N VAL PA 165 -3.56 -94.50 -79.65
CA VAL PA 165 -2.10 -94.37 -79.76
C VAL PA 165 -1.40 -95.24 -78.72
N ALA PA 166 -2.03 -95.41 -77.55
CA ALA PA 166 -1.44 -96.25 -76.51
C ALA PA 166 -1.52 -97.73 -76.89
N LYS PA 167 -2.67 -98.17 -77.40
CA LYS PA 167 -2.81 -99.56 -77.82
C LYS PA 167 -1.89 -99.87 -78.99
N GLU PA 168 -1.72 -98.92 -79.91
CA GLU PA 168 -0.77 -99.10 -81.00
C GLU PA 168 0.67 -99.08 -80.49
N VAL PA 169 0.94 -98.32 -79.44
CA VAL PA 169 2.25 -98.29 -78.82
C VAL PA 169 2.42 -99.41 -77.81
N GLY PA 170 1.35 -99.71 -77.07
CA GLY PA 170 1.41 -100.71 -76.02
C GLY PA 170 1.64 -100.06 -74.67
N ASP PA 171 1.30 -98.79 -74.56
CA ASP PA 171 1.56 -98.03 -73.35
C ASP PA 171 0.32 -98.05 -72.47
N PRO PA 172 0.21 -99.00 -71.53
CA PRO PA 172 -0.95 -99.01 -70.63
C PRO PA 172 -1.02 -97.83 -69.70
N GLU PA 173 0.12 -97.19 -69.40
CA GLU PA 173 0.08 -95.94 -68.65
C GLU PA 173 -0.60 -94.85 -69.47
N LEU PA 174 -0.31 -94.80 -70.77
CA LEU PA 174 -0.96 -93.82 -71.64
C LEU PA 174 -2.46 -94.12 -71.77
N ILE PA 175 -2.82 -95.40 -71.88
CA ILE PA 175 -4.23 -95.75 -71.96
C ILE PA 175 -4.95 -95.40 -70.66
N LYS PA 176 -4.29 -95.60 -69.52
CA LYS PA 176 -4.88 -95.23 -68.24
C LYS PA 176 -5.04 -93.73 -68.12
N LEU PA 177 -4.04 -92.97 -68.59
CA LEU PA 177 -4.15 -91.51 -68.56
C LEU PA 177 -5.27 -91.05 -69.48
N ALA PA 178 -5.46 -91.71 -70.62
CA ALA PA 178 -6.55 -91.37 -71.51
C ALA PA 178 -7.89 -91.65 -70.87
N LEU PA 179 -8.03 -92.79 -70.21
CA LEU PA 179 -9.28 -93.10 -69.52
C LEU PA 179 -9.54 -92.12 -68.39
N GLU PA 180 -8.49 -91.73 -67.67
CA GLU PA 180 -8.64 -90.77 -66.58
C GLU PA 180 -9.04 -89.40 -67.11
N ALA PA 181 -8.49 -89.01 -68.26
CA ALA PA 181 -8.88 -87.74 -68.86
C ALA PA 181 -10.31 -87.79 -69.39
N ALA PA 182 -10.73 -88.94 -69.94
CA ALA PA 182 -12.10 -89.10 -70.37
C ALA PA 182 -13.07 -89.01 -69.21
N ARG PA 183 -12.74 -89.67 -68.10
CA ARG PA 183 -13.56 -89.56 -66.89
C ARG PA 183 -13.55 -88.14 -66.35
N ARG PA 184 -12.41 -87.44 -66.46
CA ARG PA 184 -12.32 -86.06 -65.98
C ARG PA 184 -12.85 -85.09 -67.01
N GLY PA 185 -12.86 -85.46 -68.28
CA GLY PA 185 -13.31 -84.56 -69.32
C GLY PA 185 -12.27 -83.51 -69.64
N ASP PA 186 -11.01 -83.82 -69.34
CA ASP PA 186 -9.89 -82.92 -69.59
C ASP PA 186 -9.31 -83.23 -70.96
N SER PA 187 -9.70 -82.44 -71.97
CA SER PA 187 -9.15 -82.61 -73.30
C SER PA 187 -7.65 -82.33 -73.31
N GLU PA 188 -7.18 -81.45 -72.43
CA GLU PA 188 -5.75 -81.20 -72.34
C GLU PA 188 -5.00 -82.43 -71.85
N LYS PA 189 -5.51 -83.07 -70.80
CA LYS PA 189 -4.89 -84.30 -70.30
C LYS PA 189 -4.96 -85.42 -71.32
N ALA PA 190 -6.07 -85.50 -72.07
CA ALA PA 190 -6.19 -86.54 -73.08
C ALA PA 190 -5.23 -86.31 -74.25
N LYS PA 191 -5.06 -85.05 -74.65
CA LYS PA 191 -4.09 -84.74 -75.69
C LYS PA 191 -2.66 -84.98 -75.21
N ALA PA 192 -2.39 -84.68 -73.94
CA ALA PA 192 -1.09 -85.01 -73.37
C ALA PA 192 -0.86 -86.51 -73.37
N ILE PA 193 -1.91 -87.29 -73.08
CA ILE PA 193 -1.79 -88.74 -73.10
C ILE PA 193 -1.55 -89.23 -74.53
N LEU PA 194 -2.19 -88.59 -75.50
CA LEU PA 194 -1.97 -88.96 -76.90
C LEU PA 194 -0.53 -88.67 -77.33
N LEU PA 195 -0.04 -87.46 -77.01
CA LEU PA 195 1.34 -87.11 -77.33
C LEU PA 195 2.32 -88.01 -76.60
N ALA PA 196 2.01 -88.40 -75.36
CA ALA PA 196 2.89 -89.29 -74.61
C ALA PA 196 2.88 -90.70 -75.20
N ALA PA 197 1.72 -91.16 -75.66
CA ALA PA 197 1.66 -92.47 -76.31
C ALA PA 197 2.44 -92.45 -77.62
N GLU PA 198 2.35 -91.34 -78.37
CA GLU PA 198 3.15 -91.21 -79.59
C GLU PA 198 4.64 -91.19 -79.29
N ALA PA 199 5.04 -90.45 -78.25
CA ALA PA 199 6.45 -90.41 -77.87
C ALA PA 199 6.93 -91.78 -77.40
N ALA PA 200 6.08 -92.51 -76.68
CA ALA PA 200 6.45 -93.85 -76.24
C ALA PA 200 6.53 -94.82 -77.42
N ARG PA 201 5.65 -94.65 -78.40
CA ARG PA 201 5.73 -95.46 -79.62
C ARG PA 201 7.03 -95.19 -80.36
N VAL PA 202 7.43 -93.92 -80.46
CA VAL PA 202 8.68 -93.58 -81.12
C VAL PA 202 9.87 -94.12 -80.32
N ALA PA 203 9.78 -94.08 -78.99
CA ALA PA 203 10.85 -94.61 -78.16
C ALA PA 203 10.99 -96.12 -78.31
N LYS PA 204 9.85 -96.82 -78.37
CA LYS PA 204 9.89 -98.26 -78.57
C LYS PA 204 10.40 -98.63 -79.96
N GLU PA 205 9.99 -97.87 -80.98
CA GLU PA 205 10.45 -98.15 -82.33
C GLU PA 205 11.94 -97.85 -82.49
N VAL PA 206 12.44 -96.85 -81.77
CA VAL PA 206 13.86 -96.52 -81.80
C VAL PA 206 14.64 -97.34 -80.78
N GLY PA 207 14.16 -97.37 -79.54
CA GLY PA 207 14.85 -98.07 -78.48
C GLY PA 207 15.34 -97.12 -77.41
N ASP PA 208 14.64 -95.99 -77.26
CA ASP PA 208 15.02 -94.98 -76.28
C ASP PA 208 14.20 -95.18 -75.02
N PRO PA 209 14.66 -96.04 -74.10
CA PRO PA 209 13.88 -96.28 -72.87
C PRO PA 209 13.74 -95.05 -72.00
N GLU PA 210 14.71 -94.13 -72.01
CA GLU PA 210 14.53 -92.88 -71.29
C GLU PA 210 13.43 -92.04 -71.92
N LEU PA 211 13.29 -92.09 -73.25
CA LEU PA 211 12.22 -91.38 -73.91
C LEU PA 211 10.87 -91.97 -73.56
N ILE PA 212 10.75 -93.31 -73.56
CA ILE PA 212 9.50 -93.94 -73.17
C ILE PA 212 9.19 -93.64 -71.70
N LYS PA 213 10.23 -93.56 -70.87
CA LYS PA 213 10.03 -93.24 -69.46
C LYS PA 213 9.51 -91.82 -69.30
N LEU PA 214 10.11 -90.86 -70.02
CA LEU PA 214 9.61 -89.49 -69.97
C LEU PA 214 8.19 -89.39 -70.52
N ALA PA 215 7.88 -90.20 -71.53
CA ALA PA 215 6.52 -90.22 -72.07
C ALA PA 215 5.53 -90.74 -71.04
N LEU PA 216 5.88 -91.81 -70.34
CA LEU PA 216 5.01 -92.33 -69.29
C LEU PA 216 4.88 -91.32 -68.16
N GLU PA 217 5.97 -90.63 -67.82
CA GLU PA 217 5.91 -89.62 -66.76
C GLU PA 217 5.00 -88.46 -67.16
N ALA PA 218 5.07 -88.04 -68.43
CA ALA PA 218 4.20 -86.98 -68.90
C ALA PA 218 2.75 -87.43 -68.94
N ALA PA 219 2.52 -88.69 -69.33
CA ALA PA 219 1.16 -89.22 -69.33
C ALA PA 219 0.58 -89.26 -67.92
N ARG PA 220 1.39 -89.66 -66.94
CA ARG PA 220 0.96 -89.61 -65.55
C ARG PA 220 0.76 -88.17 -65.09
N ARG PA 221 1.54 -87.24 -65.63
CA ARG PA 221 1.41 -85.84 -65.25
C ARG PA 221 0.36 -85.13 -66.08
N GLY PA 222 0.35 -85.35 -67.39
CA GLY PA 222 -0.61 -84.70 -68.26
C GLY PA 222 -0.09 -83.42 -68.86
N ASP PA 223 1.22 -83.37 -69.14
CA ASP PA 223 1.87 -82.19 -69.70
C ASP PA 223 2.00 -82.38 -71.21
N SER PA 224 1.10 -81.74 -71.96
CA SER PA 224 1.14 -81.85 -73.42
C SER PA 224 2.39 -81.20 -73.98
N ARG PA 225 2.88 -80.14 -73.32
CA ARG PA 225 4.11 -79.50 -73.78
C ARG PA 225 5.31 -80.42 -73.60
N LYS PA 226 5.46 -81.00 -72.41
CA LYS PA 226 6.56 -81.92 -72.18
C LYS PA 226 6.43 -83.18 -73.03
N ALA PA 227 5.20 -83.65 -73.23
CA ALA PA 227 5.00 -84.83 -74.06
C ALA PA 227 5.33 -84.54 -75.53
N GLU PA 228 4.96 -83.36 -76.01
CA GLU PA 228 5.31 -82.98 -77.38
C GLU PA 228 6.81 -82.80 -77.53
N ALA PA 229 7.46 -82.24 -76.51
CA ALA PA 229 8.92 -82.13 -76.55
C ALA PA 229 9.58 -83.49 -76.56
N ILE PA 230 9.04 -84.43 -75.79
CA ILE PA 230 9.58 -85.79 -75.77
C ILE PA 230 9.37 -86.46 -77.12
N LEU PA 231 8.22 -86.21 -77.76
CA LEU PA 231 7.97 -86.77 -79.08
C LEU PA 231 8.91 -86.17 -80.12
N LEU PA 232 9.15 -84.86 -80.04
CA LEU PA 232 10.10 -84.22 -80.94
C LEU PA 232 11.50 -84.76 -80.74
N ALA PA 233 11.91 -84.94 -79.49
CA ALA PA 233 13.22 -85.50 -79.22
C ALA PA 233 13.30 -86.96 -79.66
N ALA PA 234 12.20 -87.69 -79.57
CA ALA PA 234 12.18 -89.08 -80.02
C ALA PA 234 12.31 -89.15 -81.55
N GLU PA 235 11.60 -88.28 -82.26
CA GLU PA 235 11.75 -88.22 -83.71
C GLU PA 235 13.16 -87.80 -84.09
N ALA PA 236 13.74 -86.87 -83.34
CA ALA PA 236 15.12 -86.44 -83.60
C ALA PA 236 16.10 -87.58 -83.37
N ALA PA 237 15.91 -88.35 -82.30
CA ALA PA 237 16.78 -89.49 -82.03
C ALA PA 237 16.56 -90.60 -83.06
N ARG PA 238 15.35 -90.74 -83.57
CA ARG PA 238 15.09 -91.70 -84.64
C ARG PA 238 15.82 -91.30 -85.91
N ILE PA 239 15.76 -90.01 -86.27
CA ILE PA 239 16.52 -89.52 -87.41
C ILE PA 239 18.01 -89.69 -87.16
N ALA PA 240 18.44 -89.53 -85.91
CA ALA PA 240 19.86 -89.71 -85.58
C ALA PA 240 20.29 -91.16 -85.77
N LYS PA 241 19.48 -92.10 -85.28
CA LYS PA 241 19.79 -93.52 -85.48
C LYS PA 241 19.75 -93.87 -86.96
N GLU PA 242 18.83 -93.28 -87.72
CA GLU PA 242 18.82 -93.48 -89.17
C GLU PA 242 20.07 -92.92 -89.81
N ALA PA 243 20.64 -91.87 -89.22
CA ALA PA 243 21.89 -91.29 -89.71
C ALA PA 243 23.11 -91.88 -89.02
N GLY PA 244 23.06 -92.04 -87.70
CA GLY PA 244 24.18 -92.57 -86.96
C GLY PA 244 24.81 -91.56 -86.01
N ASP PA 245 24.00 -90.65 -85.48
CA ASP PA 245 24.48 -89.63 -84.55
C ASP PA 245 24.02 -89.97 -83.15
N PRO PA 246 24.74 -90.80 -82.40
CA PRO PA 246 24.30 -91.15 -81.04
C PRO PA 246 24.39 -89.97 -80.11
N GLU PA 247 25.32 -89.05 -80.39
CA GLU PA 247 25.38 -87.80 -79.65
C GLU PA 247 24.11 -86.99 -79.82
N ALA PA 248 23.54 -87.02 -81.03
CA ALA PA 248 22.26 -86.35 -81.25
C ALA PA 248 21.15 -87.02 -80.46
N ARG PA 249 21.14 -88.37 -80.42
CA ARG PA 249 20.14 -89.07 -79.63
C ARG PA 249 20.28 -88.75 -78.15
N LYS PA 250 21.52 -88.63 -77.67
CA LYS PA 250 21.73 -88.30 -76.27
C LYS PA 250 21.30 -86.87 -75.97
N LYS PA 251 21.59 -85.94 -76.88
CA LYS PA 251 21.13 -84.56 -76.70
C LYS PA 251 19.61 -84.50 -76.72
N ALA PA 252 18.97 -85.33 -77.56
CA ALA PA 252 17.52 -85.39 -77.59
C ALA PA 252 16.98 -85.94 -76.27
N LEU PA 253 17.65 -86.95 -75.72
CA LEU PA 253 17.26 -87.46 -74.40
C LEU PA 253 17.39 -86.38 -73.35
N GLU PA 254 18.47 -85.61 -73.39
CA GLU PA 254 18.67 -84.54 -72.41
C GLU PA 254 17.61 -83.46 -72.56
N ALA PA 255 17.25 -83.11 -73.79
CA ALA PA 255 16.22 -82.09 -74.01
C ALA PA 255 14.84 -82.59 -73.60
N ALA PA 256 14.53 -83.85 -73.89
CA ALA PA 256 13.25 -84.41 -73.47
C ALA PA 256 13.16 -84.49 -71.96
N ARG PA 257 14.27 -84.82 -71.29
CA ARG PA 257 14.32 -84.73 -69.83
C ARG PA 257 14.15 -83.29 -69.37
N ARG PA 258 14.62 -82.34 -70.16
CA ARG PA 258 14.40 -80.93 -69.85
C ARG PA 258 12.98 -80.50 -70.16
N GLY PA 259 12.33 -81.13 -71.13
CA GLY PA 259 10.95 -80.85 -71.46
C GLY PA 259 10.73 -79.79 -72.51
N ASP PA 260 11.80 -79.23 -73.07
CA ASP PA 260 11.65 -78.24 -74.13
C ASP PA 260 11.74 -78.90 -75.51
N ARG PA 261 11.01 -78.34 -76.47
CA ARG PA 261 11.02 -78.85 -77.83
C ARG PA 261 11.83 -78.01 -78.79
N GLU PA 262 12.27 -76.81 -78.39
CA GLU PA 262 13.09 -76.00 -79.28
C GLU PA 262 14.44 -76.66 -79.55
N LEU PA 263 15.11 -77.12 -78.48
CA LEU PA 263 16.38 -77.82 -78.67
C LEU PA 263 16.18 -79.13 -79.42
N ALA PA 264 15.08 -79.83 -79.15
CA ALA PA 264 14.80 -81.06 -79.87
C ALA PA 264 14.62 -80.79 -81.36
N THR PA 265 13.92 -79.71 -81.70
CA THR PA 265 13.74 -79.36 -83.11
C THR PA 265 15.06 -78.94 -83.74
N ARG PA 266 15.89 -78.20 -83.00
CA ARG PA 266 17.19 -77.80 -83.54
C ARG PA 266 18.07 -79.01 -83.80
N ILE PA 267 18.04 -79.99 -82.89
CA ILE PA 267 18.83 -81.20 -83.08
C ILE PA 267 18.28 -82.01 -84.25
N LEU PA 268 16.96 -82.09 -84.37
CA LEU PA 268 16.37 -82.78 -85.51
C LEU PA 268 16.75 -82.08 -86.81
N ILE PA 269 16.86 -80.76 -86.77
CA ILE PA 269 17.24 -80.00 -87.97
C ILE PA 269 18.70 -80.28 -88.32
N GLU PA 270 19.56 -80.34 -87.32
CA GLU PA 270 20.96 -80.65 -87.60
C GLU PA 270 21.12 -82.06 -88.15
N ALA PA 271 20.38 -83.02 -87.57
CA ALA PA 271 20.43 -84.38 -88.08
C ALA PA 271 19.87 -84.46 -89.49
N LEU PA 272 18.80 -83.71 -89.77
CA LEU PA 272 18.24 -83.69 -91.11
C LEU PA 272 19.21 -83.04 -92.09
N LEU PA 273 19.98 -82.05 -91.63
CA LEU PA 273 20.97 -81.43 -92.50
C LEU PA 273 22.09 -82.41 -92.83
N ARG PA 274 22.55 -83.16 -91.84
CA ARG PA 274 23.57 -84.17 -92.10
C ARG PA 274 23.03 -85.24 -93.05
N LEU PA 275 21.81 -85.73 -92.78
CA LEU PA 275 21.21 -86.73 -93.66
C LEU PA 275 20.97 -86.17 -95.05
N LEU PA 276 20.72 -84.87 -95.15
CA LEU PA 276 20.49 -84.25 -96.44
C LEU PA 276 21.80 -84.13 -97.23
N LYS PA 277 22.89 -83.81 -96.54
CA LYS PA 277 24.19 -83.82 -97.21
C LYS PA 277 24.53 -85.23 -97.68
N LYS PA 278 24.23 -86.24 -96.85
CA LYS PA 278 24.47 -87.62 -97.25
C LYS PA 278 23.62 -88.00 -98.45
N SER PA 279 22.34 -87.62 -98.43
CA SER PA 279 21.45 -87.93 -99.54
C SER PA 279 21.85 -87.17 -100.80
N THR PA 280 22.42 -85.98 -100.63
CA THR PA 280 22.90 -85.22 -101.79
C THR PA 280 24.11 -85.90 -102.41
N ALA PA 281 25.03 -86.39 -101.58
CA ALA PA 281 26.14 -87.17 -102.11
C ALA PA 281 25.64 -88.42 -102.82
N GLU PA 282 24.67 -89.11 -102.21
CA GLU PA 282 24.13 -90.32 -102.82
C GLU PA 282 23.42 -90.01 -104.13
N LEU PA 283 22.74 -88.88 -104.20
CA LEU PA 283 22.03 -88.51 -105.42
C LEU PA 283 23.01 -88.09 -106.51
N LYS PA 284 24.09 -87.41 -106.15
CA LYS PA 284 25.12 -87.10 -107.13
C LYS PA 284 25.76 -88.38 -107.66
N ARG PA 285 26.01 -89.35 -106.78
CA ARG PA 285 26.54 -90.63 -107.22
C ARG PA 285 25.56 -91.35 -108.13
N ALA PA 286 24.27 -91.30 -107.80
CA ALA PA 286 23.26 -91.96 -108.62
C ALA PA 286 23.13 -91.28 -109.98
N THR PA 287 23.23 -89.96 -110.01
CA THR PA 287 23.19 -89.25 -111.29
C THR PA 287 24.40 -89.56 -112.14
N ALA PA 288 25.58 -89.67 -111.52
CA ALA PA 288 26.76 -90.08 -112.25
C ALA PA 288 26.61 -91.50 -112.80
N SER PA 289 26.05 -92.40 -112.00
CA SER PA 289 25.84 -93.77 -112.46
C SER PA 289 24.83 -93.82 -113.59
N LEU PA 290 23.77 -93.01 -113.52
CA LEU PA 290 22.78 -92.97 -114.59
C LEU PA 290 23.39 -92.41 -115.86
N ARG PA 291 24.20 -91.36 -115.75
CA ARG PA 291 24.88 -90.81 -116.92
C ARG PA 291 25.85 -91.83 -117.51
N ALA PA 292 26.51 -92.61 -116.66
CA ALA PA 292 27.42 -93.64 -117.15
C ALA PA 292 26.67 -94.74 -117.87
N ILE PA 293 25.53 -95.17 -117.33
CA ILE PA 293 24.73 -96.18 -118.00
C ILE PA 293 24.17 -95.64 -119.31
N THR PA 294 23.85 -94.35 -119.34
CA THR PA 294 23.39 -93.73 -120.57
C THR PA 294 24.49 -93.70 -121.62
N GLU PA 295 25.71 -93.35 -121.22
CA GLU PA 295 26.83 -93.38 -122.14
C GLU PA 295 27.13 -94.79 -122.62
N GLU PA 296 26.94 -95.78 -121.75
CA GLU PA 296 27.16 -97.17 -122.15
C GLU PA 296 26.11 -97.61 -123.17
N LEU PA 297 24.84 -97.27 -122.92
CA LEU PA 297 23.79 -97.57 -123.88
C LEU PA 297 23.99 -96.80 -125.18
N LYS PA 298 24.63 -95.63 -125.10
CA LYS PA 298 24.91 -94.85 -126.30
C LYS PA 298 26.02 -95.48 -127.12
N LYS PA 299 27.09 -95.96 -126.46
CA LYS PA 299 28.22 -96.52 -127.20
C LYS PA 299 27.86 -97.83 -127.87
N ASN PA 300 26.99 -98.63 -127.24
CA ASN PA 300 26.57 -99.90 -127.83
C ASN PA 300 25.15 -100.22 -127.36
N PRO PA 301 24.13 -99.74 -128.06
CA PRO PA 301 22.76 -99.99 -127.61
C PRO PA 301 22.29 -101.38 -127.97
N SER PA 302 21.59 -102.00 -127.03
CA SER PA 302 21.10 -103.36 -127.17
C SER PA 302 20.05 -103.60 -126.10
N GLU PA 303 19.62 -104.86 -125.97
CA GLU PA 303 18.69 -105.22 -124.92
C GLU PA 303 19.28 -104.94 -123.54
N ASP PA 304 20.49 -105.44 -123.29
CA ASP PA 304 21.13 -105.23 -121.99
C ASP PA 304 21.47 -103.76 -121.79
N ALA PA 305 21.86 -103.06 -122.85
CA ALA PA 305 22.23 -101.65 -122.72
C ALA PA 305 21.02 -100.80 -122.36
N LEU PA 306 19.92 -100.93 -123.11
CA LEU PA 306 18.70 -100.19 -122.78
C LEU PA 306 18.16 -100.61 -121.42
N VAL PA 307 18.29 -101.90 -121.08
CA VAL PA 307 17.86 -102.39 -119.77
C VAL PA 307 18.62 -101.69 -118.66
N GLU PA 308 19.95 -101.63 -118.78
CA GLU PA 308 20.77 -101.00 -117.74
C GLU PA 308 20.52 -99.50 -117.68
N HIS PA 309 20.35 -98.86 -118.84
CA HIS PA 309 20.09 -97.43 -118.85
C HIS PA 309 18.76 -97.09 -118.18
N ASN PA 310 17.71 -97.85 -118.49
CA ASN PA 310 16.42 -97.62 -117.87
C ASN PA 310 16.44 -97.97 -116.39
N ARG PA 311 17.18 -99.01 -116.01
CA ARG PA 311 17.30 -99.37 -114.60
C ARG PA 311 18.04 -98.28 -113.83
N ALA PA 312 19.08 -97.70 -114.43
CA ALA PA 312 19.79 -96.61 -113.78
C ALA PA 312 18.92 -95.36 -113.68
N ILE PA 313 18.10 -95.11 -114.70
CA ILE PA 313 17.19 -93.97 -114.64
C ILE PA 313 16.17 -94.17 -113.53
N VAL PA 314 15.64 -95.39 -113.40
CA VAL PA 314 14.67 -95.67 -112.33
C VAL PA 314 15.34 -95.60 -110.97
N GLU PA 315 16.59 -96.05 -110.87
CA GLU PA 315 17.31 -95.97 -109.61
C GLU PA 315 17.57 -94.52 -109.21
N HIS PA 316 17.92 -93.68 -110.19
CA HIS PA 316 18.09 -92.26 -109.91
C HIS PA 316 16.78 -91.63 -109.49
N ASN PA 317 15.68 -92.02 -110.14
CA ASN PA 317 14.37 -91.50 -109.75
C ASN PA 317 14.00 -91.94 -108.34
N ALA PA 318 14.31 -93.18 -107.98
CA ALA PA 318 14.00 -93.67 -106.65
C ALA PA 318 14.87 -92.98 -105.60
N ILE PA 319 16.15 -92.74 -105.92
CA ILE PA 319 17.02 -92.03 -105.00
C ILE PA 319 16.56 -90.59 -104.82
N ILE PA 320 16.09 -89.97 -105.90
CA ILE PA 320 15.56 -88.62 -105.81
C ILE PA 320 14.28 -88.62 -104.98
N VAL PA 321 13.46 -89.66 -105.13
CA VAL PA 321 12.24 -89.76 -104.33
C VAL PA 321 12.59 -89.93 -102.86
N GLU PA 322 13.63 -90.70 -102.55
CA GLU PA 322 14.04 -90.89 -101.17
C GLU PA 322 14.59 -89.60 -100.59
N ASN PA 323 15.41 -88.88 -101.36
CA ASN PA 323 15.93 -87.60 -100.88
C ASN PA 323 14.81 -86.60 -100.69
N ASN PA 324 13.82 -86.61 -101.59
CA ASN PA 324 12.67 -85.73 -101.44
C ASN PA 324 11.84 -86.11 -100.22
N ARG PA 325 11.75 -87.40 -99.92
CA ARG PA 325 11.04 -87.83 -98.72
C ARG PA 325 11.77 -87.38 -97.47
N ILE PA 326 13.10 -87.45 -97.48
CA ILE PA 326 13.89 -86.96 -96.36
C ILE PA 326 13.69 -85.45 -96.20
N ILE PA 327 13.69 -84.73 -97.32
CA ILE PA 327 13.48 -83.29 -97.26
C ILE PA 327 12.08 -82.97 -96.77
N ALA PA 328 11.10 -83.79 -97.15
CA ALA PA 328 9.74 -83.57 -96.71
C ALA PA 328 9.60 -83.84 -95.22
N MET PA 329 10.29 -84.87 -94.72
CA MET PA 329 10.28 -85.12 -93.29
C MET PA 329 10.93 -83.98 -92.53
N VAL PA 330 12.04 -83.46 -93.06
CA VAL PA 330 12.70 -82.32 -92.41
C VAL PA 330 11.79 -81.10 -92.42
N LEU PA 331 11.10 -80.87 -93.54
CA LEU PA 331 10.20 -79.73 -93.62
C LEU PA 331 9.00 -79.90 -92.70
N GLU PA 332 8.49 -81.11 -92.56
CA GLU PA 332 7.40 -81.36 -91.63
C GLU PA 332 7.85 -81.15 -90.20
N ALA PA 333 9.11 -81.51 -89.90
CA ALA PA 333 9.65 -81.23 -88.58
C ALA PA 333 9.76 -79.73 -88.34
N ILE PA 334 10.22 -78.98 -89.34
CA ILE PA 334 10.31 -77.53 -89.21
C ILE PA 334 8.92 -76.94 -89.02
N VAL PA 335 7.92 -77.50 -89.70
CA VAL PA 335 6.57 -76.98 -89.58
C VAL PA 335 6.00 -77.26 -88.21
N ARG PA 336 6.17 -78.49 -87.71
CA ARG PA 336 5.74 -78.82 -86.37
C ARG PA 336 6.48 -77.99 -85.33
N ALA PA 337 7.70 -77.56 -85.65
CA ALA PA 337 8.44 -76.68 -84.75
C ALA PA 337 8.04 -75.22 -84.92
N ILE PA 338 7.86 -74.76 -86.15
CA ILE PA 338 7.47 -73.37 -86.38
C ILE PA 338 5.97 -73.24 -86.21
N SER QA 2 -67.21 65.78 -57.98
CA SER QA 2 -67.66 67.13 -57.66
C SER QA 2 -66.60 68.17 -58.07
N THR QA 3 -65.50 67.69 -58.64
CA THR QA 3 -64.43 68.60 -59.05
C THR QA 3 -64.83 69.39 -60.29
N LYS QA 4 -65.36 68.71 -61.32
CA LYS QA 4 -65.73 69.40 -62.55
C LYS QA 4 -66.92 70.32 -62.33
N GLU QA 5 -67.87 69.90 -61.49
CA GLU QA 5 -69.03 70.75 -61.21
C GLU QA 5 -68.63 72.00 -60.44
N LYS QA 6 -67.80 71.85 -59.39
CA LYS QA 6 -67.31 73.00 -58.66
C LYS QA 6 -66.48 73.90 -59.57
N ALA QA 7 -65.72 73.30 -60.49
CA ALA QA 7 -64.96 74.10 -61.45
C ALA QA 7 -65.87 74.92 -62.34
N ARG QA 8 -66.88 74.30 -62.94
CA ARG QA 8 -67.81 75.02 -63.79
C ARG QA 8 -68.52 76.13 -63.03
N GLN QA 9 -68.91 75.85 -61.77
CA GLN QA 9 -69.62 76.87 -60.99
C GLN QA 9 -68.71 78.04 -60.63
N LEU QA 10 -67.53 77.76 -60.06
CA LEU QA 10 -66.62 78.84 -59.70
C LEU QA 10 -66.15 79.61 -60.93
N ALA QA 11 -66.08 78.94 -62.08
CA ALA QA 11 -65.65 79.63 -63.30
C ALA QA 11 -66.77 80.48 -63.88
N GLU QA 12 -68.02 80.02 -63.78
CA GLU QA 12 -69.14 80.87 -64.15
C GLU QA 12 -69.20 82.10 -63.27
N GLU QA 13 -69.01 81.92 -61.95
CA GLU QA 13 -68.93 83.08 -61.06
C GLU QA 13 -67.74 83.97 -61.40
N ALA QA 14 -66.64 83.36 -61.83
CA ALA QA 14 -65.47 84.12 -62.27
C ALA QA 14 -65.81 84.99 -63.47
N LYS QA 15 -66.47 84.41 -64.47
CA LYS QA 15 -66.85 85.16 -65.66
C LYS QA 15 -67.84 86.26 -65.32
N GLU QA 16 -68.77 85.98 -64.40
CA GLU QA 16 -69.74 87.00 -64.01
C GLU QA 16 -69.07 88.16 -63.30
N THR QA 17 -68.20 87.88 -62.32
CA THR QA 17 -67.51 88.94 -61.61
C THR QA 17 -66.51 89.65 -62.52
N ALA QA 18 -66.07 88.98 -63.58
CA ALA QA 18 -65.19 89.63 -64.55
C ALA QA 18 -65.97 90.61 -65.42
N GLU QA 19 -67.12 90.19 -65.92
CA GLU QA 19 -67.98 91.10 -66.69
C GLU QA 19 -68.44 92.26 -65.81
N LYS QA 20 -68.68 92.01 -64.53
CA LYS QA 20 -69.02 93.10 -63.61
C LYS QA 20 -67.81 93.99 -63.33
N VAL QA 21 -66.62 93.41 -63.30
CA VAL QA 21 -65.39 94.18 -63.15
C VAL QA 21 -65.06 94.95 -64.41
N GLY QA 22 -65.60 94.50 -65.55
CA GLY QA 22 -65.32 95.12 -66.83
C GLY QA 22 -64.36 94.29 -67.66
N ASP QA 23 -64.26 93.01 -67.34
CA ASP QA 23 -63.31 92.12 -68.00
C ASP QA 23 -64.05 91.06 -68.79
N PRO QA 24 -64.17 91.17 -70.10
CA PRO QA 24 -64.73 90.07 -70.89
C PRO QA 24 -63.65 89.04 -71.20
N GLU QA 25 -62.39 89.49 -71.16
CA GLU QA 25 -61.27 88.58 -71.33
C GLU QA 25 -61.17 87.61 -70.15
N LEU QA 26 -61.27 88.13 -68.93
CA LEU QA 26 -61.31 87.25 -67.76
C LEU QA 26 -62.58 86.40 -67.76
N ILE QA 27 -63.66 86.93 -68.34
CA ILE QA 27 -64.88 86.14 -68.47
C ILE QA 27 -64.66 84.95 -69.40
N LYS QA 28 -63.95 85.17 -70.51
CA LYS QA 28 -63.66 84.07 -71.43
C LYS QA 28 -62.68 83.08 -70.83
N LEU QA 29 -61.66 83.59 -70.12
CA LEU QA 29 -60.73 82.70 -69.42
C LEU QA 29 -61.46 81.87 -68.37
N ALA QA 30 -62.48 82.46 -67.74
CA ALA QA 30 -63.29 81.71 -66.78
C ALA QA 30 -64.13 80.65 -67.48
N GLU QA 31 -64.74 81.00 -68.61
CA GLU QA 31 -65.46 80.00 -69.39
C GLU QA 31 -64.54 78.85 -69.78
N GLN QA 32 -63.28 79.17 -70.09
CA GLN QA 32 -62.30 78.13 -70.41
C GLN QA 32 -61.97 77.29 -69.19
N ALA QA 33 -61.86 77.92 -68.02
CA ALA QA 33 -61.62 77.17 -66.79
C ALA QA 33 -62.79 76.23 -66.49
N SER QA 34 -64.00 76.66 -66.82
CA SER QA 34 -65.16 75.79 -66.65
C SER QA 34 -65.13 74.63 -67.64
N GLN QA 35 -64.85 74.93 -68.91
CA GLN QA 35 -64.80 73.88 -69.93
C GLN QA 35 -63.70 72.87 -69.65
N GLU QA 36 -62.58 73.32 -69.08
CA GLU QA 36 -61.50 72.41 -68.74
C GLU QA 36 -61.79 71.63 -67.46
N GLY QA 37 -62.58 72.21 -66.56
CA GLY QA 37 -62.90 71.57 -65.31
C GLY QA 37 -61.87 71.76 -64.21
N ASP QA 38 -61.19 72.91 -64.17
CA ASP QA 38 -60.18 73.20 -63.17
C ASP QA 38 -60.79 74.12 -62.11
N SER QA 39 -61.13 73.55 -60.96
CA SER QA 39 -61.68 74.35 -59.86
C SER QA 39 -60.64 75.33 -59.35
N GLU QA 40 -59.37 74.96 -59.39
CA GLU QA 40 -58.31 75.89 -59.02
C GLU QA 40 -58.28 77.08 -59.97
N LYS QA 41 -58.27 76.83 -61.28
CA LYS QA 41 -58.28 77.92 -62.25
C LYS QA 41 -59.59 78.69 -62.20
N ALA QA 42 -60.69 78.00 -61.88
CA ALA QA 42 -61.98 78.68 -61.77
C ALA QA 42 -61.98 79.66 -60.61
N LYS QA 43 -61.57 79.21 -59.42
CA LYS QA 43 -61.49 80.10 -58.27
C LYS QA 43 -60.44 81.18 -58.48
N ALA QA 44 -59.40 80.85 -59.26
CA ALA QA 44 -58.40 81.87 -59.59
C ALA QA 44 -58.99 82.98 -60.43
N ILE QA 45 -59.73 82.61 -61.48
CA ILE QA 45 -60.39 83.63 -62.30
C ILE QA 45 -61.44 84.38 -61.49
N LEU QA 46 -62.04 83.71 -60.50
CA LEU QA 46 -63.03 84.38 -59.67
C LEU QA 46 -62.39 85.43 -58.76
N LEU QA 47 -61.31 85.05 -58.08
CA LEU QA 47 -60.59 85.99 -57.24
C LEU QA 47 -59.99 87.11 -58.08
N ALA QA 48 -59.54 86.81 -59.30
CA ALA QA 48 -59.01 87.85 -60.17
C ALA QA 48 -60.11 88.79 -60.66
N ALA QA 49 -61.30 88.25 -60.90
CA ALA QA 49 -62.42 89.10 -61.29
C ALA QA 49 -62.85 90.00 -60.14
N GLU QA 50 -62.87 89.46 -58.92
CA GLU QA 50 -63.13 90.29 -57.75
C GLU QA 50 -62.04 91.33 -57.56
N ALA QA 51 -60.79 90.95 -57.85
CA ALA QA 51 -59.68 91.89 -57.79
C ALA QA 51 -59.87 93.03 -58.77
N ALA QA 52 -60.28 92.71 -60.00
CA ALA QA 52 -60.51 93.73 -61.01
C ALA QA 52 -61.69 94.60 -60.65
N ARG QA 53 -62.71 94.03 -60.00
CA ARG QA 53 -63.83 94.85 -59.54
C ARG QA 53 -63.39 95.81 -58.44
N VAL QA 54 -62.64 95.32 -57.46
CA VAL QA 54 -62.16 96.18 -56.38
C VAL QA 54 -61.17 97.20 -56.91
N ALA QA 55 -60.49 96.88 -58.01
CA ALA QA 55 -59.56 97.83 -58.62
C ALA QA 55 -60.31 98.92 -59.38
N LYS QA 56 -61.31 98.53 -60.18
CA LYS QA 56 -62.18 99.51 -60.83
C LYS QA 56 -62.84 100.41 -59.79
N GLU QA 57 -63.11 99.86 -58.60
CA GLU QA 57 -63.56 100.68 -57.49
C GLU QA 57 -62.44 101.56 -56.96
N VAL QA 58 -61.20 101.09 -57.00
CA VAL QA 58 -60.06 101.86 -56.52
C VAL QA 58 -59.49 102.72 -57.64
N GLY QA 59 -59.15 102.13 -58.77
CA GLY QA 59 -58.69 102.88 -59.92
C GLY QA 59 -57.24 102.67 -60.31
N ALA QA 60 -56.73 101.44 -60.18
CA ALA QA 60 -55.35 101.14 -60.53
C ALA QA 60 -55.32 100.15 -61.69
N PRO QA 61 -54.91 100.57 -62.89
CA PRO QA 61 -54.85 99.62 -64.01
C PRO QA 61 -53.73 98.61 -63.90
N ASP QA 62 -52.76 98.85 -63.01
CA ASP QA 62 -51.69 97.88 -62.80
C ASP QA 62 -52.25 96.57 -62.23
N LEU QA 63 -52.93 96.65 -61.09
CA LEU QA 63 -53.55 95.46 -60.53
C LEU QA 63 -54.66 94.94 -61.43
N ILE QA 64 -55.26 95.82 -62.23
CA ILE QA 64 -56.30 95.38 -63.17
C ILE QA 64 -55.71 94.44 -64.20
N ARG QA 65 -54.66 94.87 -64.88
CA ARG QA 65 -54.00 93.99 -65.85
C ARG QA 65 -53.37 92.78 -65.16
N LEU QA 66 -52.94 92.96 -63.90
CA LEU QA 66 -52.39 91.83 -63.16
C LEU QA 66 -53.44 90.75 -62.95
N ALA QA 67 -54.64 91.14 -62.52
CA ALA QA 67 -55.72 90.17 -62.36
C ALA QA 67 -56.17 89.61 -63.71
N ARG QA 68 -56.12 90.44 -64.76
CA ARG QA 68 -56.46 89.95 -66.10
C ARG QA 68 -55.51 88.83 -66.51
N ILE QA 69 -54.22 89.02 -66.30
CA ILE QA 69 -53.24 88.00 -66.67
C ILE QA 69 -53.38 86.79 -65.74
N ALA QA 70 -53.66 87.02 -64.46
CA ALA QA 70 -53.83 85.92 -63.52
C ALA QA 70 -55.03 85.05 -63.90
N ALA QA 71 -56.09 85.68 -64.39
CA ALA QA 71 -57.26 84.92 -64.84
C ALA QA 71 -56.97 84.21 -66.16
N ARG QA 72 -56.26 84.89 -67.07
CA ARG QA 72 -55.88 84.25 -68.33
C ARG QA 72 -54.98 83.04 -68.09
N VAL QA 73 -54.17 83.07 -67.04
CA VAL QA 73 -53.30 81.95 -66.73
C VAL QA 73 -53.98 81.00 -65.73
N GLY QA 74 -54.73 81.54 -64.78
CA GLY QA 74 -55.35 80.73 -63.75
C GLY QA 74 -54.52 80.67 -62.49
N ALA QA 75 -53.95 81.79 -62.09
CA ALA QA 75 -53.09 81.88 -60.92
C ALA QA 75 -53.93 82.26 -59.70
N SER QA 76 -54.14 81.31 -58.79
CA SER QA 76 -54.97 81.56 -57.62
C SER QA 76 -54.24 82.45 -56.61
N GLU QA 77 -52.96 82.19 -56.38
CA GLU QA 77 -52.20 83.03 -55.46
C GLU QA 77 -52.09 84.46 -55.98
N ALA QA 78 -51.81 84.63 -57.27
CA ALA QA 78 -51.73 85.96 -57.85
C ALA QA 78 -53.09 86.65 -57.85
N ALA QA 79 -54.16 85.90 -58.04
CA ALA QA 79 -55.49 86.49 -58.02
C ALA QA 79 -55.88 86.95 -56.61
N LYS QA 80 -55.60 86.13 -55.61
CA LYS QA 80 -55.85 86.53 -54.23
C LYS QA 80 -54.98 87.70 -53.84
N ALA QA 81 -53.74 87.72 -54.32
CA ALA QA 81 -52.86 88.86 -54.07
C ALA QA 81 -53.41 90.12 -54.72
N ILE QA 82 -53.92 90.01 -55.94
CA ILE QA 82 -54.49 91.16 -56.62
C ILE QA 82 -55.75 91.64 -55.90
N LEU QA 83 -56.53 90.71 -55.35
CA LEU QA 83 -57.74 91.10 -54.64
C LEU QA 83 -57.41 91.82 -53.33
N LEU QA 84 -56.53 91.24 -52.53
CA LEU QA 84 -56.11 91.89 -51.29
C LEU QA 84 -55.37 93.19 -51.58
N ALA QA 85 -54.70 93.27 -52.73
CA ALA QA 85 -54.00 94.49 -53.09
C ALA QA 85 -54.96 95.56 -53.58
N ALA QA 86 -56.05 95.17 -54.23
CA ALA QA 86 -57.08 96.15 -54.59
C ALA QA 86 -57.80 96.64 -53.33
N GLU QA 87 -58.00 95.76 -52.36
CA GLU QA 87 -58.50 96.19 -51.07
C GLU QA 87 -57.52 97.15 -50.41
N ALA QA 88 -56.23 96.85 -50.48
CA ALA QA 88 -55.20 97.74 -49.97
C ALA QA 88 -55.22 99.08 -50.69
N ALA QA 89 -55.48 99.06 -52.00
CA ALA QA 89 -55.51 100.28 -52.78
C ALA QA 89 -56.71 101.14 -52.42
N ARG QA 90 -57.86 100.50 -52.19
CA ARG QA 90 -59.01 101.25 -51.70
C ARG QA 90 -58.72 101.83 -50.32
N VAL QA 91 -58.11 101.04 -49.44
CA VAL QA 91 -57.81 101.51 -48.08
C VAL QA 91 -56.78 102.63 -48.14
N ALA QA 92 -55.88 102.60 -49.12
CA ALA QA 92 -54.87 103.63 -49.26
C ALA QA 92 -55.47 104.91 -49.84
N LYS QA 93 -56.32 104.77 -50.86
CA LYS QA 93 -57.05 105.93 -51.37
C LYS QA 93 -57.88 106.57 -50.28
N GLU QA 94 -58.38 105.76 -49.34
CA GLU QA 94 -59.00 106.31 -48.15
C GLU QA 94 -57.96 106.93 -47.20
N VAL QA 95 -56.74 106.41 -47.21
CA VAL QA 95 -55.69 106.93 -46.33
C VAL QA 95 -54.87 108.00 -47.05
N GLY QA 96 -54.21 107.63 -48.15
CA GLY QA 96 -53.45 108.59 -48.91
C GLY QA 96 -51.94 108.39 -48.87
N ASP QA 97 -51.50 107.14 -48.82
CA ASP QA 97 -50.07 106.81 -48.76
C ASP QA 97 -49.62 106.24 -50.10
N PRO QA 98 -48.72 106.91 -50.83
CA PRO QA 98 -48.28 106.36 -52.12
C PRO QA 98 -47.31 105.20 -51.99
N GLU QA 99 -46.46 105.18 -50.94
CA GLU QA 99 -45.61 104.02 -50.71
C GLU QA 99 -46.45 102.78 -50.42
N LEU QA 100 -47.58 102.97 -49.74
CA LEU QA 100 -48.51 101.85 -49.53
C LEU QA 100 -49.07 101.36 -50.85
N GLU QA 101 -49.40 102.28 -51.76
CA GLU QA 101 -49.90 101.86 -53.08
C GLU QA 101 -48.81 101.13 -53.86
N ARG QA 102 -47.56 101.59 -53.76
CA ARG QA 102 -46.47 100.89 -54.41
C ARG QA 102 -46.29 99.49 -53.84
N LEU QA 103 -46.34 99.36 -52.51
CA LEU QA 103 -46.19 98.06 -51.89
C LEU QA 103 -47.35 97.13 -52.27
N ALA QA 104 -48.56 97.68 -52.37
CA ALA QA 104 -49.71 96.87 -52.75
C ALA QA 104 -49.60 96.39 -54.20
N LEU QA 105 -49.21 97.29 -55.11
CA LEU QA 105 -49.00 96.88 -56.49
C LEU QA 105 -47.88 95.87 -56.60
N LEU QA 106 -46.84 96.01 -55.77
CA LEU QA 106 -45.74 95.06 -55.78
C LEU QA 106 -46.18 93.70 -55.26
N ALA QA 107 -47.05 93.67 -54.25
CA ALA QA 107 -47.57 92.41 -53.75
C ALA QA 107 -48.48 91.76 -54.79
N ALA QA 108 -49.24 92.57 -55.53
CA ALA QA 108 -50.08 92.03 -56.59
C ALA QA 108 -49.23 91.47 -57.73
N VAL QA 109 -48.14 92.15 -58.07
CA VAL QA 109 -47.28 91.67 -59.16
C VAL QA 109 -46.51 90.43 -58.75
N LEU QA 110 -45.92 90.44 -57.55
CA LEU QA 110 -45.22 89.25 -57.05
C LEU QA 110 -46.20 88.14 -56.73
N GLY QA 111 -47.49 88.45 -56.68
CA GLY QA 111 -48.50 87.47 -56.37
C GLY QA 111 -48.48 87.00 -54.93
N ASP QA 112 -47.78 87.72 -54.06
CA ASP QA 112 -47.64 87.35 -52.66
C ASP QA 112 -48.90 87.78 -51.93
N SER QA 113 -49.84 86.84 -51.77
CA SER QA 113 -51.08 87.13 -51.05
C SER QA 113 -50.79 87.49 -49.60
N GLU QA 114 -49.71 86.94 -49.03
CA GLU QA 114 -49.28 87.38 -47.71
C GLU QA 114 -48.86 88.84 -47.73
N LYS QA 115 -48.04 89.23 -48.71
CA LYS QA 115 -47.66 90.64 -48.83
C LYS QA 115 -48.86 91.50 -49.21
N ALA QA 116 -49.84 90.93 -49.91
CA ALA QA 116 -51.03 91.70 -50.27
C ALA QA 116 -51.90 91.97 -49.03
N LYS QA 117 -52.10 90.95 -48.19
CA LYS QA 117 -52.79 91.18 -46.93
C LYS QA 117 -51.98 92.12 -46.03
N ALA QA 118 -50.65 92.04 -46.12
CA ALA QA 118 -49.80 92.98 -45.41
C ALA QA 118 -50.05 94.41 -45.88
N ILE QA 119 -50.18 94.61 -47.20
CA ILE QA 119 -50.44 95.95 -47.72
C ILE QA 119 -51.83 96.41 -47.32
N LEU QA 120 -52.80 95.51 -47.29
CA LEU QA 120 -54.14 95.87 -46.86
C LEU QA 120 -54.14 96.31 -45.39
N LEU QA 121 -53.53 95.50 -44.53
CA LEU QA 121 -53.46 95.85 -43.11
C LEU QA 121 -52.60 97.08 -42.88
N ALA QA 122 -51.62 97.33 -43.74
CA ALA QA 122 -50.77 98.51 -43.58
C ALA QA 122 -51.49 99.77 -44.04
N ALA QA 123 -52.29 99.67 -45.09
CA ALA QA 123 -53.13 100.80 -45.49
C ALA QA 123 -54.17 101.10 -44.42
N GLU QA 124 -54.76 100.05 -43.84
CA GLU QA 124 -55.68 100.24 -42.72
C GLU QA 124 -54.96 100.87 -41.53
N ALA QA 125 -53.72 100.44 -41.28
CA ALA QA 125 -52.94 100.99 -40.18
C ALA QA 125 -52.62 102.45 -40.41
N ALA QA 126 -52.26 102.81 -41.65
CA ALA QA 126 -51.98 104.20 -41.97
C ALA QA 126 -53.23 105.05 -41.85
N ARG QA 127 -54.38 104.52 -42.28
CA ARG QA 127 -55.62 105.25 -42.11
C ARG QA 127 -55.96 105.45 -40.63
N VAL QA 128 -55.80 104.40 -39.83
CA VAL QA 128 -56.13 104.49 -38.41
C VAL QA 128 -55.15 105.41 -37.69
N ALA QA 129 -53.90 105.46 -38.16
CA ALA QA 129 -52.92 106.35 -37.57
C ALA QA 129 -53.20 107.80 -37.93
N LYS QA 130 -53.55 108.06 -39.20
CA LYS QA 130 -53.93 109.41 -39.60
C LYS QA 130 -55.17 109.87 -38.86
N GLU QA 131 -56.11 108.95 -38.61
CA GLU QA 131 -57.30 109.31 -37.84
C GLU QA 131 -56.97 109.53 -36.37
N VAL QA 132 -56.05 108.75 -35.81
CA VAL QA 132 -55.66 108.89 -34.42
C VAL QA 132 -54.58 109.94 -34.24
N GLY QA 133 -53.64 110.01 -35.19
CA GLY QA 133 -52.54 110.95 -35.10
C GLY QA 133 -51.29 110.28 -34.57
N ASP QA 134 -51.20 108.97 -34.75
CA ASP QA 134 -50.09 108.20 -34.21
C ASP QA 134 -49.00 108.08 -35.27
N PRO QA 135 -47.93 108.88 -35.20
CA PRO QA 135 -46.87 108.76 -36.21
C PRO QA 135 -46.07 107.48 -36.11
N GLU QA 136 -45.91 106.92 -34.90
CA GLU QA 136 -45.25 105.63 -34.78
C GLU QA 136 -46.06 104.54 -35.47
N LEU QA 137 -47.38 104.62 -35.38
CA LEU QA 137 -48.22 103.63 -36.05
C LEU QA 137 -48.11 103.74 -37.58
N ILE QA 138 -48.09 104.98 -38.09
CA ILE QA 138 -47.95 105.17 -39.54
C ILE QA 138 -46.57 104.71 -40.00
N LYS QA 139 -45.54 104.96 -39.18
CA LYS QA 139 -44.19 104.51 -39.53
C LYS QA 139 -44.12 102.99 -39.55
N LEU QA 140 -44.73 102.32 -38.57
CA LEU QA 140 -44.75 100.86 -38.55
C LEU QA 140 -45.55 100.32 -39.73
N ALA QA 141 -46.63 101.01 -40.10
CA ALA QA 141 -47.41 100.60 -41.27
C ALA QA 141 -46.60 100.70 -42.55
N LEU QA 142 -45.88 101.80 -42.73
CA LEU QA 142 -45.04 101.95 -43.92
C LEU QA 142 -43.92 100.92 -43.93
N GLU QA 143 -43.33 100.64 -42.75
CA GLU QA 143 -42.27 99.64 -42.67
C GLU QA 143 -42.80 98.25 -43.01
N ALA QA 144 -44.02 97.93 -42.56
CA ALA QA 144 -44.60 96.64 -42.89
C ALA QA 144 -44.96 96.55 -44.37
N ALA QA 145 -45.44 97.65 -44.95
CA ALA QA 145 -45.76 97.67 -46.37
C ALA QA 145 -44.51 97.46 -47.21
N GLU QA 146 -43.42 98.14 -46.86
CA GLU QA 146 -42.16 97.92 -47.56
C GLU QA 146 -41.62 96.52 -47.32
N ARG QA 147 -41.86 95.97 -46.12
CA ARG QA 147 -41.38 94.63 -45.81
C ARG QA 147 -42.36 93.56 -46.28
N GLY QA 148 -43.65 93.86 -46.25
CA GLY QA 148 -44.66 92.89 -46.65
C GLY QA 148 -45.05 91.96 -45.51
N ASP QA 149 -44.96 92.46 -44.28
CA ASP QA 149 -45.24 91.68 -43.08
C ASP QA 149 -46.68 91.94 -42.66
N SER QA 150 -47.54 90.94 -42.85
CA SER QA 150 -48.94 91.07 -42.47
C SER QA 150 -49.10 91.17 -40.95
N GLU QA 151 -48.26 90.45 -40.21
CA GLU QA 151 -48.30 90.56 -38.74
C GLU QA 151 -47.93 91.96 -38.28
N LYS QA 152 -46.87 92.53 -38.86
CA LYS QA 152 -46.44 93.86 -38.47
C LYS QA 152 -47.47 94.92 -38.89
N ALA QA 153 -48.09 94.74 -40.06
CA ALA QA 153 -49.11 95.70 -40.50
C ALA QA 153 -50.35 95.62 -39.63
N LYS QA 154 -50.78 94.41 -39.29
CA LYS QA 154 -51.91 94.25 -38.37
C LYS QA 154 -51.58 94.80 -37.00
N ALA QA 155 -50.32 94.65 -36.57
CA ALA QA 155 -49.90 95.22 -35.30
C ALA QA 155 -49.93 96.74 -35.34
N ILE QA 156 -49.51 97.33 -36.45
CA ILE QA 156 -49.56 98.78 -36.60
C ILE QA 156 -51.01 99.25 -36.60
N LEU QA 157 -51.90 98.49 -37.23
CA LEU QA 157 -53.32 98.85 -37.25
C LEU QA 157 -53.91 98.78 -35.85
N LEU QA 158 -53.65 97.68 -35.14
CA LEU QA 158 -54.16 97.53 -33.78
C LEU QA 158 -53.56 98.55 -32.84
N ALA QA 159 -52.31 98.95 -33.08
CA ALA QA 159 -51.67 99.96 -32.24
C ALA QA 159 -52.25 101.35 -32.52
N ALA QA 160 -52.55 101.65 -33.78
CA ALA QA 160 -53.22 102.90 -34.10
C ALA QA 160 -54.62 102.93 -33.49
N GLU QA 161 -55.32 101.80 -33.52
CA GLU QA 161 -56.63 101.74 -32.89
C GLU QA 161 -56.53 101.88 -31.38
N ALA QA 162 -55.52 101.26 -30.78
CA ALA QA 162 -55.32 101.39 -29.34
C ALA QA 162 -54.97 102.82 -28.97
N ALA QA 163 -54.15 103.49 -29.79
CA ALA QA 163 -53.83 104.89 -29.54
C ALA QA 163 -55.06 105.78 -29.71
N ARG QA 164 -55.92 105.46 -30.67
CA ARG QA 164 -57.16 106.20 -30.81
C ARG QA 164 -58.06 106.02 -29.60
N VAL QA 165 -58.19 104.78 -29.13
CA VAL QA 165 -59.01 104.51 -27.95
C VAL QA 165 -58.42 105.17 -26.71
N ALA QA 166 -57.09 105.26 -26.65
CA ALA QA 166 -56.44 105.91 -25.52
C ALA QA 166 -56.64 107.41 -25.55
N LYS QA 167 -56.48 108.03 -26.73
CA LYS QA 167 -56.69 109.47 -26.85
C LYS QA 167 -58.14 109.83 -26.58
N GLU QA 168 -59.08 108.99 -27.02
CA GLU QA 168 -60.49 109.21 -26.70
C GLU QA 168 -60.77 108.99 -25.22
N VAL QA 169 -60.03 108.07 -24.59
CA VAL QA 169 -60.16 107.84 -23.16
C VAL QA 169 -59.30 108.80 -22.36
N GLY QA 170 -58.11 109.11 -22.88
CA GLY QA 170 -57.18 109.96 -22.16
C GLY QA 170 -56.17 109.14 -21.40
N ASP QA 171 -55.97 107.90 -21.83
CA ASP QA 171 -55.09 106.97 -21.14
C ASP QA 171 -53.71 107.01 -21.76
N PRO QA 172 -52.79 107.84 -21.26
CA PRO QA 172 -51.44 107.87 -21.82
C PRO QA 172 -50.67 106.57 -21.60
N GLU QA 173 -51.00 105.81 -20.57
CA GLU QA 173 -50.42 104.48 -20.43
C GLU QA 173 -50.85 103.58 -21.57
N LEU QA 174 -52.12 103.66 -21.97
CA LEU QA 174 -52.61 102.86 -23.09
C LEU QA 174 -51.95 103.32 -24.40
N ILE QA 175 -51.79 104.63 -24.57
CA ILE QA 175 -51.13 105.13 -25.77
C ILE QA 175 -49.68 104.68 -25.81
N LYS QA 176 -49.01 104.69 -24.65
CA LYS QA 176 -47.62 104.22 -24.60
C LYS QA 176 -47.53 102.74 -24.89
N LEU QA 177 -48.47 101.94 -24.38
CA LEU QA 177 -48.48 100.52 -24.68
C LEU QA 177 -48.74 100.28 -26.16
N ALA QA 178 -49.59 101.10 -26.77
CA ALA QA 178 -49.85 100.98 -28.21
C ALA QA 178 -48.60 101.31 -29.01
N LEU QA 179 -47.89 102.38 -28.63
CA LEU QA 179 -46.66 102.72 -29.33
C LEU QA 179 -45.60 101.64 -29.13
N GLU QA 180 -45.53 101.06 -27.94
CA GLU QA 180 -44.57 99.99 -27.68
C GLU QA 180 -44.91 98.74 -28.48
N ALA QA 181 -46.19 98.44 -28.63
CA ALA QA 181 -46.60 97.30 -29.45
C ALA QA 181 -46.34 97.55 -30.92
N ALA QA 182 -46.53 98.80 -31.38
CA ALA QA 182 -46.22 99.15 -32.75
C ALA QA 182 -44.73 99.01 -33.03
N ARG QA 183 -43.89 99.49 -32.11
CA ARG QA 183 -42.46 99.31 -32.25
C ARG QA 183 -42.06 97.85 -32.18
N ARG QA 184 -42.76 97.07 -31.36
CA ARG QA 184 -42.49 95.63 -31.25
C ARG QA 184 -43.16 94.85 -32.36
N GLY QA 185 -44.24 95.38 -32.93
CA GLY QA 185 -44.96 94.65 -33.95
C GLY QA 185 -45.83 93.56 -33.37
N ASP QA 186 -46.17 93.70 -32.09
CA ASP QA 186 -47.00 92.72 -31.39
C ASP QA 186 -48.46 93.15 -31.51
N SER QA 187 -49.18 92.53 -32.46
CA SER QA 187 -50.60 92.82 -32.61
C SER QA 187 -51.38 92.39 -31.35
N GLU QA 188 -50.90 91.36 -30.66
CA GLU QA 188 -51.55 90.96 -29.41
C GLU QA 188 -51.43 92.04 -28.35
N LYS QA 189 -50.22 92.60 -28.18
CA LYS QA 189 -50.04 93.67 -27.22
C LYS QA 189 -50.83 94.92 -27.62
N ALA QA 190 -50.91 95.21 -28.92
CA ALA QA 190 -51.65 96.37 -29.37
C ALA QA 190 -53.15 96.19 -29.14
N LYS QA 191 -53.66 94.98 -29.37
CA LYS QA 191 -55.06 94.70 -29.10
C LYS QA 191 -55.35 94.74 -27.61
N ALA QA 192 -54.40 94.27 -26.79
CA ALA QA 192 -54.54 94.38 -25.34
C ALA QA 192 -54.57 95.85 -24.93
N ILE QA 193 -53.75 96.69 -25.56
CA ILE QA 193 -53.74 98.11 -25.26
C ILE QA 193 -55.07 98.74 -25.68
N LEU QA 194 -55.63 98.29 -26.80
CA LEU QA 194 -56.93 98.81 -27.24
C LEU QA 194 -58.03 98.43 -26.25
N LEU QA 195 -58.06 97.16 -25.85
CA LEU QA 195 -59.06 96.72 -24.87
C LEU QA 195 -58.87 97.41 -23.54
N ALA QA 196 -57.62 97.67 -23.15
CA ALA QA 196 -57.35 98.37 -21.90
C ALA QA 196 -57.78 99.82 -21.99
N ALA QA 197 -57.57 100.47 -23.13
CA ALA QA 197 -58.03 101.84 -23.31
C ALA QA 197 -59.55 101.91 -23.30
N GLU QA 198 -60.22 100.91 -23.88
CA GLU QA 198 -61.68 100.86 -23.82
C GLU QA 198 -62.16 100.65 -22.39
N ALA QA 199 -61.51 99.75 -21.65
CA ALA QA 199 -61.89 99.52 -20.25
C ALA QA 199 -61.64 100.77 -19.41
N ALA QA 200 -60.56 101.49 -19.68
CA ALA QA 200 -60.28 102.72 -18.95
C ALA QA 200 -61.28 103.81 -19.31
N ARG QA 201 -61.70 103.86 -20.58
CA ARG QA 201 -62.75 104.80 -20.98
C ARG QA 201 -64.05 104.49 -20.25
N VAL QA 202 -64.40 103.21 -20.16
CA VAL QA 202 -65.62 102.83 -19.45
C VAL QA 202 -65.50 103.16 -17.96
N ALA QA 203 -64.31 102.96 -17.40
CA ALA QA 203 -64.09 103.26 -15.98
C ALA QA 203 -64.20 104.76 -15.72
N LYS QA 204 -63.65 105.57 -16.62
CA LYS QA 204 -63.76 107.02 -16.48
C LYS QA 204 -65.19 107.50 -16.65
N GLU QA 205 -65.91 106.92 -17.62
CA GLU QA 205 -67.30 107.32 -17.83
C GLU QA 205 -68.19 106.89 -16.68
N VAL QA 206 -67.88 105.76 -16.05
CA VAL QA 206 -68.64 105.31 -14.89
C VAL QA 206 -68.09 105.90 -13.60
N GLY QA 207 -66.78 105.82 -13.41
CA GLY QA 207 -66.17 106.33 -12.19
C GLY QA 207 -65.54 105.21 -11.39
N ASP QA 208 -65.13 104.14 -12.08
CA ASP QA 208 -64.53 102.97 -11.42
C ASP QA 208 -63.02 103.11 -11.48
N PRO QA 209 -62.39 103.80 -10.52
CA PRO QA 209 -60.94 103.96 -10.56
C PRO QA 209 -60.18 102.65 -10.43
N GLU QA 210 -60.73 101.65 -9.74
CA GLU QA 210 -60.09 100.34 -9.72
C GLU QA 210 -60.14 99.70 -11.11
N LEU QA 211 -61.21 99.93 -11.86
CA LEU QA 211 -61.29 99.42 -13.22
C LEU QA 211 -60.28 100.10 -14.13
N ILE QA 212 -60.15 101.41 -14.01
CA ILE QA 212 -59.14 102.13 -14.81
C ILE QA 212 -57.74 101.69 -14.41
N LYS QA 213 -57.54 101.39 -13.12
CA LYS QA 213 -56.24 100.92 -12.66
C LYS QA 213 -55.93 99.54 -13.23
N LEU QA 214 -56.90 98.64 -13.22
CA LEU QA 214 -56.69 97.32 -13.81
C LEU QA 214 -56.47 97.43 -15.31
N ALA QA 215 -57.13 98.39 -15.96
CA ALA QA 215 -56.91 98.60 -17.39
C ALA QA 215 -55.50 99.09 -17.66
N LEU QA 216 -55.01 100.04 -16.87
CA LEU QA 216 -53.64 100.50 -17.03
C LEU QA 216 -52.64 99.38 -16.74
N GLU QA 217 -52.95 98.54 -15.74
CA GLU QA 217 -52.06 97.42 -15.42
C GLU QA 217 -52.03 96.42 -16.56
N ALA QA 218 -53.17 96.15 -17.18
CA ALA QA 218 -53.20 95.25 -18.32
C ALA QA 218 -52.49 95.85 -19.53
N ALA QA 219 -52.64 97.16 -19.73
CA ALA QA 219 -51.93 97.82 -20.82
C ALA QA 219 -50.42 97.74 -20.62
N ARG QA 220 -49.96 97.94 -19.39
CA ARG QA 220 -48.55 97.76 -19.09
C ARG QA 220 -48.13 96.31 -19.24
N ARG QA 221 -49.04 95.37 -18.97
CA ARG QA 221 -48.72 93.96 -19.11
C ARG QA 221 -48.96 93.46 -20.53
N GLY QA 222 -50.07 93.84 -21.14
CA GLY QA 222 -50.38 93.40 -22.49
C GLY QA 222 -51.24 92.16 -22.52
N ASP QA 223 -52.14 92.01 -21.54
CA ASP QA 223 -53.01 90.86 -21.43
C ASP QA 223 -54.37 91.21 -22.02
N SER QA 224 -54.61 90.77 -23.25
CA SER QA 224 -55.88 91.05 -23.91
C SER QA 224 -57.03 90.35 -23.21
N ARG QA 225 -56.77 89.17 -22.63
CA ARG QA 225 -57.81 88.48 -21.89
C ARG QA 225 -58.21 89.25 -20.62
N LYS QA 226 -57.21 89.66 -19.83
CA LYS QA 226 -57.51 90.42 -18.63
C LYS QA 226 -58.11 91.78 -18.98
N ALA QA 227 -57.64 92.40 -20.06
CA ALA QA 227 -58.19 93.68 -20.48
C ALA QA 227 -59.63 93.55 -20.93
N GLU QA 228 -59.94 92.48 -21.67
CA GLU QA 228 -61.32 92.24 -22.09
C GLU QA 228 -62.21 91.93 -20.90
N ALA QA 229 -61.69 91.19 -19.92
CA ALA QA 229 -62.45 90.93 -18.71
C ALA QA 229 -62.72 92.22 -17.94
N ILE QA 230 -61.72 93.11 -17.89
CA ILE QA 230 -61.91 94.39 -17.22
C ILE QA 230 -62.92 95.23 -17.96
N LEU QA 231 -62.91 95.18 -19.30
CA LEU QA 231 -63.90 95.92 -20.07
C LEU QA 231 -65.30 95.36 -19.85
N LEU QA 232 -65.43 94.03 -19.80
CA LEU QA 232 -66.72 93.42 -19.53
C LEU QA 232 -67.22 93.79 -18.14
N ALA QA 233 -66.33 93.77 -17.14
CA ALA QA 233 -66.72 94.17 -15.80
C ALA QA 233 -67.07 95.65 -15.73
N ALA QA 234 -66.39 96.47 -16.53
CA ALA QA 234 -66.70 97.90 -16.56
C ALA QA 234 -68.06 98.14 -17.18
N GLU QA 235 -68.37 97.44 -18.28
CA GLU QA 235 -69.71 97.56 -18.86
C GLU QA 235 -70.77 97.04 -17.89
N ALA QA 236 -70.46 95.97 -17.16
CA ALA QA 236 -71.40 95.45 -16.18
C ALA QA 236 -71.62 96.45 -15.05
N ALA QA 237 -70.56 97.10 -14.57
CA ALA QA 237 -70.70 98.10 -13.53
C ALA QA 237 -71.41 99.34 -14.04
N ARG QA 238 -71.24 99.67 -15.33
CA ARG QA 238 -71.97 100.77 -15.92
C ARG QA 238 -73.47 100.46 -15.98
N ILE QA 239 -73.82 99.24 -16.39
CA ILE QA 239 -75.21 98.82 -16.37
C ILE QA 239 -75.74 98.80 -14.94
N ALA QA 240 -74.88 98.45 -13.98
CA ALA QA 240 -75.29 98.45 -12.58
C ALA QA 240 -75.58 99.86 -12.08
N LYS QA 241 -74.71 100.81 -12.40
CA LYS QA 241 -74.95 102.20 -12.03
C LYS QA 241 -76.20 102.75 -12.73
N GLU QA 242 -76.42 102.34 -13.98
CA GLU QA 242 -77.65 102.71 -14.66
C GLU QA 242 -78.87 102.12 -13.98
N ALA QA 243 -78.71 100.94 -13.36
CA ALA QA 243 -79.78 100.32 -12.61
C ALA QA 243 -79.76 100.69 -11.14
N GLY QA 244 -78.58 100.69 -10.51
CA GLY QA 244 -78.47 101.01 -9.10
C GLY QA 244 -78.03 99.83 -8.25
N ASP QA 245 -77.21 98.95 -8.83
CA ASP QA 245 -76.71 97.79 -8.11
C ASP QA 245 -75.24 97.99 -7.78
N PRO QA 246 -74.91 98.65 -6.66
CA PRO QA 246 -73.51 98.87 -6.33
C PRO QA 246 -72.81 97.58 -5.96
N GLU QA 247 -73.57 96.61 -5.45
CA GLU QA 247 -73.02 95.28 -5.21
C GLU QA 247 -72.59 94.63 -6.51
N ALA QA 248 -73.35 94.86 -7.59
CA ALA QA 248 -72.94 94.36 -8.89
C ALA QA 248 -71.66 95.04 -9.37
N ARG QA 249 -71.55 96.35 -9.15
CA ARG QA 249 -70.32 97.05 -9.53
C ARG QA 249 -69.13 96.55 -8.74
N LYS QA 250 -69.35 96.24 -7.46
CA LYS QA 250 -68.26 95.71 -6.63
C LYS QA 250 -67.87 94.31 -7.07
N LYS QA 251 -68.85 93.47 -7.40
CA LYS QA 251 -68.53 92.15 -7.91
C LYS QA 251 -67.81 92.24 -9.24
N ALA QA 252 -68.17 93.22 -10.07
CA ALA QA 252 -67.46 93.43 -11.33
C ALA QA 252 -66.03 93.87 -11.07
N LEU QA 253 -65.82 94.73 -10.07
CA LEU QA 253 -64.46 95.11 -9.70
C LEU QA 253 -63.67 93.89 -9.23
N GLU QA 254 -64.29 93.03 -8.43
CA GLU QA 254 -63.61 91.84 -7.94
C GLU QA 254 -63.27 90.89 -9.09
N ALA QA 255 -64.18 90.73 -10.05
CA ALA QA 255 -63.91 89.86 -11.19
C ALA QA 255 -62.84 90.43 -12.11
N ALA QA 256 -62.85 91.76 -12.32
CA ALA QA 256 -61.82 92.38 -13.15
C ALA QA 256 -60.47 92.28 -12.47
N ARG QA 257 -60.43 92.40 -11.14
CA ARG QA 257 -59.20 92.14 -10.41
C ARG QA 257 -58.79 90.68 -10.53
N ARG QA 258 -59.77 89.79 -10.66
CA ARG QA 258 -59.47 88.38 -10.89
C ARG QA 258 -59.06 88.14 -12.34
N GLY QA 259 -59.54 88.94 -13.28
CA GLY QA 259 -59.15 88.84 -14.66
C GLY QA 259 -60.01 87.95 -15.52
N ASP QA 260 -61.05 87.35 -14.97
CA ASP QA 260 -61.96 86.52 -15.75
C ASP QA 260 -63.15 87.34 -16.24
N ARG QA 261 -63.65 86.97 -17.42
CA ARG QA 261 -64.79 87.65 -18.01
C ARG QA 261 -66.09 86.85 -17.90
N GLU QA 262 -66.03 85.58 -17.51
CA GLU QA 262 -67.26 84.81 -17.35
C GLU QA 262 -68.12 85.35 -16.22
N LEU QA 263 -67.51 85.61 -15.06
CA LEU QA 263 -68.26 86.20 -13.96
C LEU QA 263 -68.73 87.61 -14.29
N ALA QA 264 -67.91 88.37 -15.01
CA ALA QA 264 -68.32 89.71 -15.43
C ALA QA 264 -69.54 89.64 -16.34
N THR QA 265 -69.55 88.69 -17.27
CA THR QA 265 -70.69 88.53 -18.16
C THR QA 265 -71.92 88.06 -17.40
N ARG QA 266 -71.74 87.16 -16.44
CA ARG QA 266 -72.87 86.70 -15.65
C ARG QA 266 -73.47 87.85 -14.83
N ILE QA 267 -72.61 88.70 -14.26
CA ILE QA 267 -73.10 89.84 -13.50
C ILE QA 267 -73.80 90.83 -14.41
N LEU QA 268 -73.23 91.06 -15.61
CA LEU QA 268 -73.88 91.94 -16.57
C LEU QA 268 -75.24 91.37 -16.98
N ILE QA 269 -75.34 90.05 -17.06
CA ILE QA 269 -76.60 89.41 -17.42
C ILE QA 269 -77.62 89.59 -16.31
N GLU QA 270 -77.19 89.44 -15.06
CA GLU QA 270 -78.10 89.64 -13.94
C GLU QA 270 -78.58 91.09 -13.88
N ALA QA 271 -77.66 92.04 -14.09
CA ALA QA 271 -78.04 93.44 -14.09
C ALA QA 271 -78.98 93.75 -15.25
N LEU QA 272 -78.73 93.15 -16.41
CA LEU QA 272 -79.61 93.34 -17.55
C LEU QA 272 -80.98 92.73 -17.29
N LEU QA 273 -81.02 91.62 -16.56
CA LEU QA 273 -82.31 91.01 -16.21
C LEU QA 273 -83.09 91.90 -15.26
N ARG QA 274 -82.42 92.48 -14.28
CA ARG QA 274 -83.09 93.41 -13.39
C ARG QA 274 -83.58 94.64 -14.14
N LEU QA 275 -82.72 95.20 -14.98
CA LEU QA 275 -83.11 96.36 -15.79
C LEU QA 275 -84.23 96.00 -16.75
N LEU QA 276 -84.26 94.76 -17.21
CA LEU QA 276 -85.31 94.33 -18.13
C LEU QA 276 -86.63 94.18 -17.41
N LYS QA 277 -86.61 93.67 -16.18
CA LYS QA 277 -87.84 93.64 -15.39
C LYS QA 277 -88.34 95.05 -15.12
N LYS QA 278 -87.42 95.97 -14.81
CA LYS QA 278 -87.81 97.36 -14.60
C LYS QA 278 -88.40 97.97 -15.87
N SER QA 279 -87.76 97.73 -17.02
CA SER QA 279 -88.26 98.26 -18.27
C SER QA 279 -89.58 97.61 -18.65
N THR QA 280 -89.80 96.36 -18.26
CA THR QA 280 -91.08 95.71 -18.51
C THR QA 280 -92.18 96.34 -17.68
N ALA QA 281 -91.89 96.63 -16.41
CA ALA QA 281 -92.86 97.35 -15.59
C ALA QA 281 -93.15 98.73 -16.18
N GLU QA 282 -92.10 99.43 -16.63
CA GLU QA 282 -92.29 100.75 -17.21
C GLU QA 282 -93.09 100.67 -18.50
N LEU QA 283 -92.88 99.63 -19.30
CA LEU QA 283 -93.59 99.49 -20.55
C LEU QA 283 -95.05 99.11 -20.31
N LYS QA 284 -95.31 98.29 -19.30
CA LYS QA 284 -96.69 98.01 -18.94
C LYS QA 284 -97.40 99.27 -18.46
N ARG QA 285 -96.71 100.09 -17.66
CA ARG QA 285 -97.29 101.36 -17.23
C ARG QA 285 -97.54 102.28 -18.42
N ALA QA 286 -96.61 102.32 -19.37
CA ALA QA 286 -96.78 103.17 -20.54
C ALA QA 286 -97.92 102.69 -21.42
N THR QA 287 -98.08 101.36 -21.54
CA THR QA 287 -99.20 100.82 -22.31
C THR QA 287 -100.52 101.13 -21.63
N ALA QA 288 -100.56 101.03 -20.30
CA ALA QA 288 -101.77 101.41 -19.58
C ALA QA 288 -102.09 102.89 -19.77
N SER QA 289 -101.07 103.74 -19.73
CA SER QA 289 -101.28 105.18 -19.93
C SER QA 289 -101.75 105.47 -21.34
N LEU QA 290 -101.20 104.76 -22.34
CA LEU QA 290 -101.64 104.96 -23.72
C LEU QA 290 -103.07 104.49 -23.91
N ARG QA 291 -103.44 103.36 -23.29
CA ARG QA 291 -104.82 102.91 -23.37
C ARG QA 291 -105.76 103.88 -22.67
N ALA QA 292 -105.31 104.48 -21.56
CA ALA QA 292 -106.13 105.47 -20.87
C ALA QA 292 -106.32 106.72 -21.71
N ILE QA 293 -105.26 107.19 -22.36
CA ILE QA 293 -105.37 108.35 -23.23
C ILE QA 293 -106.26 108.03 -24.43
N THR QA 294 -106.19 106.79 -24.91
CA THR QA 294 -107.07 106.37 -26.00
C THR QA 294 -108.53 106.38 -25.57
N GLU QA 295 -108.81 105.86 -24.37
CA GLU QA 295 -110.17 105.88 -23.85
C GLU QA 295 -110.65 107.30 -23.62
N GLU QA 296 -109.74 108.19 -23.22
CA GLU QA 296 -110.11 109.60 -23.02
C GLU QA 296 -110.44 110.26 -24.34
N LEU QA 297 -109.62 110.02 -25.37
CA LEU QA 297 -109.91 110.54 -26.70
C LEU QA 297 -111.18 109.92 -27.27
N LYS QA 298 -111.49 108.69 -26.86
CA LYS QA 298 -112.71 108.04 -27.32
C LYS QA 298 -113.95 108.65 -26.66
N LYS QA 299 -113.88 108.93 -25.36
CA LYS QA 299 -115.04 109.46 -24.66
C LYS QA 299 -115.37 110.88 -25.10
N ASN QA 300 -114.36 111.68 -25.42
CA ASN QA 300 -114.57 113.04 -25.88
C ASN QA 300 -113.45 113.45 -26.83
N PRO QA 301 -113.56 113.16 -28.12
CA PRO QA 301 -112.48 113.49 -29.04
C PRO QA 301 -112.48 114.96 -29.42
N SER QA 302 -111.27 115.52 -29.46
CA SER QA 302 -111.08 116.93 -29.77
C SER QA 302 -109.60 117.14 -30.11
N GLU QA 303 -109.22 118.41 -30.22
CA GLU QA 303 -107.81 118.73 -30.46
C GLU QA 303 -106.93 118.23 -29.32
N ASP QA 304 -107.29 118.57 -28.08
CA ASP QA 304 -106.51 118.12 -26.94
C ASP QA 304 -106.58 116.62 -26.76
N ALA QA 305 -107.74 116.03 -27.05
CA ALA QA 305 -107.89 114.58 -26.88
C ALA QA 305 -107.02 113.81 -27.86
N LEU QA 306 -107.11 114.14 -29.15
CA LEU QA 306 -106.26 113.50 -30.15
C LEU QA 306 -104.79 113.80 -29.89
N VAL QA 307 -104.49 115.02 -29.43
CA VAL QA 307 -103.11 115.37 -29.10
C VAL QA 307 -102.57 114.47 -28.00
N GLU QA 308 -103.34 114.30 -26.92
CA GLU QA 308 -102.89 113.48 -25.81
C GLU QA 308 -102.81 112.00 -26.21
N HIS QA 309 -103.76 111.54 -27.02
CA HIS QA 309 -103.71 110.14 -27.45
C HIS QA 309 -102.49 109.87 -28.32
N ASN QA 310 -102.20 110.76 -29.26
CA ASN QA 310 -101.03 110.58 -30.11
C ASN QA 310 -99.74 110.74 -29.31
N ARG QA 311 -99.72 111.65 -28.34
CA ARG QA 311 -98.55 111.81 -27.49
C ARG QA 311 -98.30 110.58 -26.65
N ALA QA 312 -99.38 109.97 -26.12
CA ALA QA 312 -99.23 108.74 -25.36
C ALA QA 312 -98.79 107.59 -26.24
N ILE QA 313 -99.27 107.54 -27.48
CA ILE QA 313 -98.82 106.50 -28.41
C ILE QA 313 -97.34 106.66 -28.71
N VAL QA 314 -96.90 107.90 -28.92
CA VAL QA 314 -95.49 108.14 -29.20
C VAL QA 314 -94.64 107.85 -27.97
N GLU QA 315 -95.15 108.15 -26.78
CA GLU QA 315 -94.43 107.85 -25.56
C GLU QA 315 -94.30 106.35 -25.35
N HIS QA 316 -95.37 105.60 -25.65
CA HIS QA 316 -95.29 104.14 -25.58
C HIS QA 316 -94.30 103.59 -26.61
N ASN QA 317 -94.30 104.17 -27.81
CA ASN QA 317 -93.34 103.74 -28.82
C ASN QA 317 -91.90 104.03 -28.39
N ALA QA 318 -91.68 105.19 -27.76
CA ALA QA 318 -90.35 105.54 -27.30
C ALA QA 318 -89.91 104.64 -26.14
N ILE QA 319 -90.84 104.32 -25.24
CA ILE QA 319 -90.52 103.42 -24.14
C ILE QA 319 -90.23 102.02 -24.66
N ILE QA 320 -90.96 101.59 -25.68
CA ILE QA 320 -90.69 100.30 -26.30
C ILE QA 320 -89.33 100.32 -27.00
N VAL QA 321 -88.99 101.44 -27.62
CA VAL QA 321 -87.69 101.56 -28.26
C VAL QA 321 -86.57 101.51 -27.23
N GLU QA 322 -86.80 102.14 -26.07
CA GLU QA 322 -85.79 102.11 -25.00
C GLU QA 322 -85.64 100.71 -24.44
N ASN QA 323 -86.76 100.01 -24.22
CA ASN QA 323 -86.68 98.65 -23.73
C ASN QA 323 -86.01 97.74 -24.75
N ASN QA 324 -86.28 97.97 -26.03
CA ASN QA 324 -85.64 97.19 -27.08
C ASN QA 324 -84.15 97.50 -27.14
N ARG QA 325 -83.76 98.74 -26.88
CA ARG QA 325 -82.35 99.09 -26.85
C ARG QA 325 -81.65 98.42 -25.67
N ILE QA 326 -82.34 98.36 -24.53
CA ILE QA 326 -81.77 97.65 -23.37
C ILE QA 326 -81.63 96.17 -23.69
N ILE QA 327 -82.64 95.59 -24.33
CA ILE QA 327 -82.58 94.18 -24.70
C ILE QA 327 -81.46 93.94 -25.72
N ALA QA 328 -81.26 94.89 -26.62
CA ALA QA 328 -80.20 94.76 -27.62
C ALA QA 328 -78.84 94.86 -26.97
N MET QA 329 -78.70 95.74 -25.98
CA MET QA 329 -77.43 95.83 -25.25
C MET QA 329 -77.16 94.53 -24.49
N VAL QA 330 -78.20 93.97 -23.87
CA VAL QA 330 -78.04 92.71 -23.15
C VAL QA 330 -77.66 91.60 -24.12
N LEU QA 331 -78.29 91.57 -25.30
CA LEU QA 331 -77.98 90.54 -26.28
C LEU QA 331 -76.58 90.70 -26.83
N GLU QA 332 -76.15 91.95 -27.03
CA GLU QA 332 -74.78 92.18 -27.48
C GLU QA 332 -73.78 91.76 -26.42
N ALA QA 333 -74.12 91.95 -25.14
CA ALA QA 333 -73.28 91.46 -24.07
C ALA QA 333 -73.20 89.94 -24.09
N ILE QA 334 -74.34 89.27 -24.28
CA ILE QA 334 -74.36 87.82 -24.35
C ILE QA 334 -73.54 87.35 -25.55
N VAL QA 335 -73.59 88.08 -26.66
CA VAL QA 335 -72.84 87.69 -27.85
C VAL QA 335 -71.36 87.86 -27.62
N ARG QA 336 -70.95 88.99 -27.05
CA ARG QA 336 -69.54 89.20 -26.73
C ARG QA 336 -69.06 88.18 -25.71
N ALA QA 337 -69.97 87.67 -24.86
CA ALA QA 337 -69.62 86.61 -23.93
C ALA QA 337 -69.65 85.23 -24.56
N ILE QA 338 -70.65 84.94 -25.38
CA ILE QA 338 -70.73 83.65 -26.04
C ILE QA 338 -69.84 83.64 -27.27
N SER RA 2 108.74 19.47 0.57
CA SER RA 2 109.55 20.07 1.62
C SER RA 2 109.90 19.05 2.70
N THR RA 3 109.45 17.81 2.52
CA THR RA 3 109.73 16.76 3.48
C THR RA 3 111.19 16.32 3.42
N LYS RA 4 111.70 16.06 2.22
CA LYS RA 4 113.09 15.60 2.09
C LYS RA 4 114.07 16.72 2.46
N GLU RA 5 113.75 17.95 2.11
CA GLU RA 5 114.63 19.07 2.45
C GLU RA 5 114.68 19.29 3.96
N LYS RA 6 113.51 19.30 4.61
CA LYS RA 6 113.48 19.43 6.06
C LYS RA 6 114.18 18.26 6.73
N ALA RA 7 114.06 17.07 6.14
CA ALA RA 7 114.77 15.90 6.67
C ALA RA 7 116.27 16.09 6.59
N ARG RA 8 116.77 16.47 5.41
CA ARG RA 8 118.21 16.67 5.26
C ARG RA 8 118.71 17.76 6.20
N GLN RA 9 117.94 18.84 6.37
CA GLN RA 9 118.37 19.93 7.25
C GLN RA 9 118.40 19.51 8.72
N LEU RA 10 117.30 18.93 9.20
CA LEU RA 10 117.24 18.49 10.60
C LEU RA 10 118.26 17.40 10.87
N ALA RA 11 118.57 16.58 9.86
CA ALA RA 11 119.55 15.51 10.06
C ALA RA 11 120.98 16.06 10.03
N GLU RA 12 121.25 17.07 9.22
CA GLU RA 12 122.54 17.74 9.29
C GLU RA 12 122.73 18.40 10.66
N GLU RA 13 121.69 19.06 11.15
CA GLU RA 13 121.74 19.62 12.50
C GLU RA 13 121.92 18.52 13.55
N ALA RA 14 121.29 17.37 13.31
CA ALA RA 14 121.45 16.22 14.20
C ALA RA 14 122.89 15.76 14.25
N LYS RA 15 123.52 15.63 13.08
CA LYS RA 15 124.91 15.20 13.02
C LYS RA 15 125.83 16.23 13.66
N GLU RA 16 125.53 17.52 13.47
CA GLU RA 16 126.36 18.56 14.06
C GLU RA 16 126.25 18.54 15.58
N THR RA 17 125.03 18.48 16.12
CA THR RA 17 124.86 18.44 17.56
C THR RA 17 125.37 17.11 18.14
N ALA RA 18 125.45 16.07 17.32
CA ALA RA 18 126.02 14.81 17.76
C ALA RA 18 127.54 14.91 17.87
N GLU RA 19 128.18 15.47 16.85
CA GLU RA 19 129.62 15.70 16.91
C GLU RA 19 129.98 16.66 18.04
N LYS RA 20 129.11 17.63 18.31
CA LYS RA 20 129.33 18.52 19.44
C LYS RA 20 129.09 17.80 20.77
N VAL RA 21 128.15 16.86 20.79
CA VAL RA 21 127.89 16.04 21.96
C VAL RA 21 129.00 15.02 22.18
N GLY RA 22 129.73 14.71 21.10
CA GLY RA 22 130.79 13.72 21.15
C GLY RA 22 130.36 12.42 20.50
N ASP RA 23 129.35 12.48 19.64
CA ASP RA 23 128.79 11.29 19.02
C ASP RA 23 129.03 11.33 17.52
N PRO RA 24 130.01 10.59 17.00
CA PRO RA 24 130.13 10.48 15.55
C PRO RA 24 129.20 9.41 15.01
N GLU RA 25 128.82 8.48 15.89
CA GLU RA 25 127.84 7.46 15.52
C GLU RA 25 126.47 8.08 15.30
N LEU RA 26 126.04 8.96 16.21
CA LEU RA 26 124.79 9.68 15.99
C LEU RA 26 124.91 10.62 14.80
N ILE RA 27 126.12 11.12 14.54
CA ILE RA 27 126.34 11.96 13.36
C ILE RA 27 126.12 11.14 12.08
N LYS RA 28 126.62 9.90 12.06
CA LYS RA 28 126.43 9.05 10.88
C LYS RA 28 124.98 8.62 10.75
N LEU RA 29 124.32 8.31 11.88
CA LEU RA 29 122.89 7.98 11.83
C LEU RA 29 122.09 9.18 11.32
N ALA RA 30 122.52 10.39 11.67
CA ALA RA 30 121.86 11.58 11.16
C ALA RA 30 122.10 11.75 9.67
N GLU RA 31 123.33 11.53 9.21
CA GLU RA 31 123.60 11.55 7.78
C GLU RA 31 122.72 10.54 7.05
N GLN RA 32 122.49 9.38 7.68
CA GLN RA 32 121.61 8.37 7.08
C GLN RA 32 120.16 8.85 7.07
N ALA RA 33 119.73 9.53 8.14
CA ALA RA 33 118.38 10.09 8.16
C ALA RA 33 118.20 11.14 7.07
N SER RA 34 119.26 11.90 6.78
CA SER RA 34 119.22 12.86 5.69
C SER RA 34 119.15 12.17 4.34
N GLN RA 35 120.01 11.16 4.14
CA GLN RA 35 120.03 10.44 2.87
C GLN RA 35 118.70 9.71 2.61
N GLU RA 36 118.05 9.22 3.67
CA GLU RA 36 116.77 8.56 3.51
C GLU RA 36 115.64 9.56 3.32
N GLY RA 37 115.78 10.76 3.87
CA GLY RA 37 114.75 11.76 3.78
C GLY RA 37 113.66 11.67 4.82
N ASP RA 38 113.98 11.21 6.03
CA ASP RA 38 113.01 11.08 7.10
C ASP RA 38 113.17 12.25 8.06
N SER RA 39 112.26 13.22 7.97
CA SER RA 39 112.29 14.36 8.87
C SER RA 39 112.03 13.93 10.31
N GLU RA 40 111.22 12.90 10.49
CA GLU RA 40 111.02 12.35 11.83
C GLU RA 40 112.31 11.78 12.38
N LYS RA 41 113.00 10.94 11.61
CA LYS RA 41 114.27 10.38 12.07
C LYS RA 41 115.33 11.47 12.19
N ALA RA 42 115.26 12.49 11.33
CA ALA RA 42 116.21 13.59 11.42
C ALA RA 42 116.04 14.37 12.72
N LYS RA 43 114.81 14.78 13.03
CA LYS RA 43 114.56 15.49 14.28
C LYS RA 43 114.81 14.57 15.48
N ALA RA 44 114.62 13.27 15.29
CA ALA RA 44 114.93 12.32 16.36
C ALA RA 44 116.43 12.30 16.65
N ILE RA 45 117.25 12.21 15.62
CA ILE RA 45 118.70 12.23 15.82
C ILE RA 45 119.12 13.59 16.36
N LEU RA 46 118.39 14.65 16.01
CA LEU RA 46 118.73 15.98 16.52
C LEU RA 46 118.44 16.09 18.00
N LEU RA 47 117.25 15.67 18.43
CA LEU RA 47 116.92 15.68 19.85
C LEU RA 47 117.82 14.74 20.63
N ALA RA 48 118.22 13.61 20.03
CA ALA RA 48 119.13 12.69 20.70
C ALA RA 48 120.53 13.27 20.81
N ALA RA 49 120.96 14.02 19.80
CA ALA RA 49 122.26 14.68 19.86
C ALA RA 49 122.25 15.78 20.93
N GLU RA 50 121.17 16.54 21.01
CA GLU RA 50 121.03 17.52 22.08
C GLU RA 50 120.98 16.84 23.44
N ALA RA 51 120.33 15.67 23.50
CA ALA RA 51 120.31 14.89 24.74
C ALA RA 51 121.71 14.46 25.14
N ALA RA 52 122.50 13.99 24.18
CA ALA RA 52 123.86 13.58 24.48
C ALA RA 52 124.73 14.77 24.88
N ARG RA 53 124.47 15.94 24.29
CA ARG RA 53 125.20 17.13 24.70
C ARG RA 53 124.86 17.52 26.13
N VAL RA 54 123.56 17.53 26.46
CA VAL RA 54 123.14 17.89 27.82
C VAL RA 54 123.60 16.83 28.81
N ALA RA 55 123.78 15.59 28.34
CA ALA RA 55 124.28 14.54 29.22
C ALA RA 55 125.78 14.69 29.46
N LYS RA 56 126.55 14.93 28.40
CA LYS RA 56 127.97 15.25 28.56
C LYS RA 56 128.15 16.45 29.48
N GLU RA 57 127.20 17.38 29.44
CA GLU RA 57 127.18 18.47 30.41
C GLU RA 57 126.82 17.97 31.80
N VAL RA 58 125.95 16.96 31.89
CA VAL RA 58 125.55 16.41 33.18
C VAL RA 58 126.49 15.30 33.62
N GLY RA 59 126.71 14.31 32.77
CA GLY RA 59 127.66 13.26 33.07
C GLY RA 59 127.08 11.87 33.31
N ALA RA 60 126.03 11.51 32.57
CA ALA RA 60 125.40 10.21 32.72
C ALA RA 60 125.55 9.41 31.44
N PRO RA 61 126.37 8.35 31.42
CA PRO RA 61 126.51 7.55 30.18
C PRO RA 61 125.28 6.72 29.87
N ASP RA 62 124.38 6.52 30.83
CA ASP RA 62 123.15 5.79 30.56
C ASP RA 62 122.30 6.53 29.54
N LEU RA 63 121.93 7.78 29.83
CA LEU RA 63 121.17 8.56 28.86
C LEU RA 63 121.99 8.83 27.60
N ILE RA 64 123.32 8.84 27.73
CA ILE RA 64 124.16 9.04 26.55
C ILE RA 64 123.99 7.88 25.57
N ARG RA 65 124.17 6.65 26.04
CA ARG RA 65 123.95 5.50 25.17
C ARG RA 65 122.49 5.39 24.75
N LEU RA 66 121.58 5.85 25.61
CA LEU RA 66 120.16 5.85 25.25
C LEU RA 66 119.90 6.75 24.04
N ALA RA 67 120.44 7.97 24.07
CA ALA RA 67 120.30 8.86 22.92
C ALA RA 67 121.06 8.34 21.71
N ARG RA 68 122.20 7.68 21.95
CA ARG RA 68 122.93 7.08 20.83
C ARG RA 68 122.08 6.03 20.12
N ILE RA 69 121.42 5.16 20.88
CA ILE RA 69 120.58 4.14 20.29
C ILE RA 69 119.34 4.77 19.67
N ALA RA 70 118.80 5.81 20.30
CA ALA RA 70 117.62 6.48 19.75
C ALA RA 70 117.94 7.13 18.41
N ALA RA 71 119.15 7.69 18.27
CA ALA RA 71 119.55 8.26 16.99
C ALA RA 71 119.84 7.18 15.97
N ARG RA 72 120.48 6.08 16.40
CA ARG RA 72 120.73 4.97 15.49
C ARG RA 72 119.43 4.38 14.98
N VAL RA 73 118.37 4.41 15.79
CA VAL RA 73 117.08 3.88 15.36
C VAL RA 73 116.22 4.99 14.75
N GLY RA 74 116.30 6.20 15.31
CA GLY RA 74 115.45 7.29 14.85
C GLY RA 74 114.20 7.44 15.68
N ALA RA 75 114.32 7.30 16.99
CA ALA RA 75 113.20 7.37 17.91
C ALA RA 75 113.06 8.81 18.42
N SER RA 76 112.01 9.50 17.96
CA SER RA 76 111.81 10.89 18.35
C SER RA 76 111.33 11.00 19.79
N GLU RA 77 110.40 10.14 20.21
CA GLU RA 77 109.93 10.16 21.58
C GLU RA 77 111.06 9.82 22.55
N ALA RA 78 111.85 8.79 22.23
CA ALA RA 78 112.97 8.43 23.08
C ALA RA 78 114.03 9.51 23.11
N ALA RA 79 114.24 10.18 21.98
CA ALA RA 79 115.23 11.26 21.95
C ALA RA 79 114.78 12.46 22.77
N LYS RA 80 113.50 12.84 22.65
CA LYS RA 80 112.99 13.93 23.48
C LYS RA 80 113.00 13.55 24.96
N ALA RA 81 112.71 12.28 25.25
CA ALA RA 81 112.80 11.81 26.63
C ALA RA 81 114.23 11.88 27.14
N ILE RA 82 115.20 11.51 26.31
CA ILE RA 82 116.59 11.57 26.73
C ILE RA 82 117.02 13.01 26.92
N LEU RA 83 116.51 13.93 26.10
CA LEU RA 83 116.87 15.34 26.23
C LEU RA 83 116.29 15.93 27.52
N LEU RA 84 114.99 15.73 27.75
CA LEU RA 84 114.38 16.20 28.98
C LEU RA 84 114.98 15.51 30.19
N ALA RA 85 115.44 14.26 30.04
CA ALA RA 85 116.04 13.55 31.15
C ALA RA 85 117.45 14.03 31.41
N ALA RA 86 118.17 14.46 30.38
CA ALA RA 86 119.48 15.07 30.60
C ALA RA 86 119.32 16.43 31.25
N GLU RA 87 118.28 17.17 30.88
CA GLU RA 87 117.94 18.39 31.61
C GLU RA 87 117.60 18.09 33.06
N ALA RA 88 116.84 17.02 33.29
CA ALA RA 88 116.53 16.59 34.65
C ALA RA 88 117.79 16.21 35.40
N ALA RA 89 118.75 15.59 34.71
CA ALA RA 89 119.98 15.17 35.35
C ALA RA 89 120.84 16.36 35.71
N ARG RA 90 120.88 17.37 34.85
CA ARG RA 90 121.56 18.61 35.21
C ARG RA 90 120.89 19.28 36.39
N VAL RA 91 119.56 19.33 36.38
CA VAL RA 91 118.81 19.97 37.47
C VAL RA 91 119.01 19.19 38.76
N ALA RA 92 119.18 17.86 38.66
CA ALA RA 92 119.38 17.04 39.84
C ALA RA 92 120.80 17.18 40.37
N LYS RA 93 121.79 17.20 39.49
CA LYS RA 93 123.15 17.49 39.90
C LYS RA 93 123.23 18.86 40.57
N GLU RA 94 122.40 19.80 40.12
CA GLU RA 94 122.25 21.05 40.85
C GLU RA 94 121.52 20.86 42.17
N VAL RA 95 120.61 19.90 42.23
CA VAL RA 95 119.84 19.66 43.44
C VAL RA 95 120.52 18.62 44.33
N GLY RA 96 120.70 17.41 43.82
CA GLY RA 96 121.37 16.36 44.56
C GLY RA 96 120.50 15.21 45.02
N ASP RA 97 119.51 14.84 44.20
CA ASP RA 97 118.59 13.77 44.53
C ASP RA 97 118.88 12.55 43.67
N PRO RA 98 119.31 11.42 44.25
CA PRO RA 98 119.59 10.23 43.43
C PRO RA 98 118.36 9.52 42.94
N GLU RA 99 117.26 9.52 43.71
CA GLU RA 99 116.02 8.96 43.21
C GLU RA 99 115.50 9.74 42.02
N LEU RA 100 115.73 11.05 42.00
CA LEU RA 100 115.39 11.85 40.83
C LEU RA 100 116.22 11.43 39.62
N GLU RA 101 117.52 11.16 39.83
CA GLU RA 101 118.36 10.69 38.73
C GLU RA 101 117.90 9.34 38.23
N ARG RA 102 117.50 8.45 39.14
CA ARG RA 102 116.97 7.15 38.74
C ARG RA 102 115.69 7.32 37.92
N LEU RA 103 114.79 8.18 38.38
CA LEU RA 103 113.55 8.41 37.65
C LEU RA 103 113.80 9.02 36.29
N ALA RA 104 114.79 9.92 36.20
CA ALA RA 104 115.12 10.54 34.92
C ALA RA 104 115.71 9.52 33.95
N LEU RA 105 116.64 8.69 34.43
CA LEU RA 105 117.19 7.64 33.58
C LEU RA 105 116.12 6.65 33.16
N LEU RA 106 115.15 6.39 34.05
CA LEU RA 106 114.06 5.47 33.71
C LEU RA 106 113.14 6.08 32.67
N ALA RA 107 112.89 7.39 32.75
CA ALA RA 107 112.10 8.05 31.74
C ALA RA 107 112.82 8.08 30.40
N ALA RA 108 114.15 8.24 30.43
CA ALA RA 108 114.92 8.20 29.19
C ALA RA 108 114.91 6.80 28.58
N VAL RA 109 115.00 5.77 29.41
CA VAL RA 109 115.00 4.40 28.90
C VAL RA 109 113.62 4.00 28.39
N LEU RA 110 112.57 4.30 29.15
CA LEU RA 110 111.21 4.02 28.69
C LEU RA 110 110.83 4.93 27.53
N GLY RA 111 111.62 5.98 27.29
CA GLY RA 111 111.32 6.91 26.24
C GLY RA 111 110.12 7.77 26.50
N ASP RA 112 109.63 7.82 27.73
CA ASP RA 112 108.45 8.58 28.10
C ASP RA 112 108.85 10.03 28.26
N SER RA 113 108.65 10.83 27.20
CA SER RA 113 108.96 12.24 27.26
C SER RA 113 108.09 12.95 28.28
N GLU RA 114 106.88 12.45 28.53
CA GLU RA 114 106.07 12.96 29.62
C GLU RA 114 106.75 12.69 30.97
N LYS RA 115 107.21 11.46 31.18
CA LYS RA 115 107.93 11.15 32.42
C LYS RA 115 109.27 11.87 32.47
N ALA RA 116 109.85 12.16 31.32
CA ALA RA 116 111.11 12.90 31.30
C ALA RA 116 110.91 14.36 31.71
N LYS RA 117 109.87 15.01 31.18
CA LYS RA 117 109.53 16.35 31.64
C LYS RA 117 109.11 16.32 33.11
N ALA RA 118 108.47 15.22 33.53
CA ALA RA 118 108.16 15.06 34.95
C ALA RA 118 109.42 15.03 35.79
N ILE RA 119 110.44 14.31 35.34
CA ILE RA 119 111.69 14.23 36.07
C ILE RA 119 112.40 15.58 36.08
N LEU RA 120 112.32 16.31 34.96
CA LEU RA 120 112.91 17.65 34.92
C LEU RA 120 112.22 18.58 35.91
N LEU RA 121 110.89 18.62 35.88
CA LEU RA 121 110.14 19.47 36.80
C LEU RA 121 110.31 19.01 38.24
N ALA RA 122 110.52 17.71 38.46
CA ALA RA 122 110.70 17.21 39.81
C ALA RA 122 112.09 17.53 40.34
N ALA RA 123 113.11 17.49 39.48
CA ALA RA 123 114.43 17.93 39.90
C ALA RA 123 114.44 19.43 40.18
N GLU RA 124 113.74 20.21 39.35
CA GLU RA 124 113.57 21.62 39.63
C GLU RA 124 112.82 21.84 40.94
N ALA RA 125 111.80 21.03 41.20
CA ALA RA 125 111.03 21.14 42.43
C ALA RA 125 111.89 20.80 43.64
N ALA RA 126 112.71 19.76 43.53
CA ALA RA 126 113.60 19.40 44.63
C ALA RA 126 114.65 20.49 44.87
N ARG RA 127 115.17 21.09 43.80
CA ARG RA 127 116.11 22.19 43.96
C ARG RA 127 115.44 23.39 44.63
N VAL RA 128 114.22 23.73 44.19
CA VAL RA 128 113.51 24.88 44.75
C VAL RA 128 113.12 24.61 46.19
N ALA RA 129 112.84 23.35 46.53
CA ALA RA 129 112.50 23.00 47.91
C ALA RA 129 113.72 23.06 48.80
N LYS RA 130 114.86 22.54 48.32
CA LYS RA 130 116.10 22.63 49.09
C LYS RA 130 116.51 24.08 49.28
N GLU RA 131 116.26 24.93 48.28
CA GLU RA 131 116.56 26.35 48.42
C GLU RA 131 115.58 27.04 49.38
N VAL RA 132 114.32 26.63 49.35
CA VAL RA 132 113.31 27.22 50.23
C VAL RA 132 113.29 26.53 51.59
N GLY RA 133 113.48 25.21 51.60
CA GLY RA 133 113.44 24.46 52.84
C GLY RA 133 112.09 23.80 53.04
N ASP RA 134 111.39 23.54 51.93
CA ASP RA 134 110.04 22.99 51.98
C ASP RA 134 110.12 21.48 51.86
N PRO RA 135 110.03 20.73 52.96
CA PRO RA 135 110.09 19.27 52.85
C PRO RA 135 108.88 18.65 52.19
N GLU RA 136 107.70 19.26 52.32
CA GLU RA 136 106.53 18.77 51.60
C GLU RA 136 106.73 18.92 50.09
N LEU RA 137 107.37 20.01 49.65
CA LEU RA 137 107.63 20.19 48.23
C LEU RA 137 108.62 19.15 47.72
N ILE RA 138 109.68 18.86 48.49
CA ILE RA 138 110.63 17.85 48.07
C ILE RA 138 110.00 16.46 48.06
N LYS RA 139 109.11 16.20 49.02
CA LYS RA 139 108.41 14.92 49.03
C LYS RA 139 107.49 14.77 47.83
N LEU RA 140 106.76 15.84 47.48
CA LEU RA 140 105.91 15.80 46.30
C LEU RA 140 106.74 15.65 45.03
N ALA RA 141 107.91 16.30 45.00
CA ALA RA 141 108.79 16.15 43.84
C ALA RA 141 109.28 14.72 43.69
N LEU RA 142 109.70 14.09 44.79
CA LEU RA 142 110.14 12.70 44.72
C LEU RA 142 108.99 11.78 44.34
N GLU RA 143 107.79 12.04 44.86
CA GLU RA 143 106.62 11.23 44.51
C GLU RA 143 106.29 11.37 43.03
N ALA RA 144 106.40 12.57 42.48
CA ALA RA 144 106.13 12.78 41.06
C ALA RA 144 107.21 12.12 40.21
N ALA RA 145 108.47 12.18 40.65
CA ALA RA 145 109.55 11.53 39.91
C ALA RA 145 109.36 10.02 39.88
N GLU RA 146 109.01 9.42 41.02
CA GLU RA 146 108.71 7.99 41.04
C GLU RA 146 107.46 7.67 40.22
N ARG RA 147 106.49 8.58 40.21
CA ARG RA 147 105.26 8.35 39.45
C ARG RA 147 105.41 8.77 38.00
N GLY RA 148 106.21 9.80 37.73
CA GLY RA 148 106.39 10.29 36.38
C GLY RA 148 105.29 11.27 35.97
N ASP RA 149 104.76 11.99 36.95
CA ASP RA 149 103.66 12.94 36.73
C ASP RA 149 104.24 14.34 36.54
N SER RA 150 104.19 14.83 35.30
CA SER RA 150 104.71 16.17 35.03
C SER RA 150 103.87 17.25 35.71
N GLU RA 151 102.56 17.04 35.78
CA GLU RA 151 101.69 17.98 36.49
C GLU RA 151 102.04 18.04 37.97
N LYS RA 152 102.24 16.89 38.59
CA LYS RA 152 102.57 16.87 40.02
C LYS RA 152 103.96 17.44 40.27
N ALA RA 153 104.91 17.19 39.37
CA ALA RA 153 106.25 17.73 39.56
C ALA RA 153 106.25 19.25 39.37
N LYS RA 154 105.53 19.74 38.37
CA LYS RA 154 105.40 21.18 38.19
C LYS RA 154 104.67 21.81 39.37
N ALA RA 155 103.69 21.10 39.93
CA ALA RA 155 103.01 21.60 41.12
C ALA RA 155 103.95 21.67 42.31
N ILE RA 156 104.80 20.66 42.47
CA ILE RA 156 105.78 20.67 43.55
C ILE RA 156 106.76 21.82 43.36
N LEU RA 157 107.16 22.07 42.11
CA LEU RA 157 108.07 23.18 41.84
C LEU RA 157 107.42 24.52 42.14
N LEU RA 158 106.19 24.72 41.67
CA LEU RA 158 105.47 25.96 41.93
C LEU RA 158 105.18 26.13 43.42
N ALA RA 159 104.96 25.02 44.13
CA ALA RA 159 104.70 25.11 45.57
C ALA RA 159 105.97 25.44 46.33
N ALA RA 160 107.11 24.89 45.91
CA ALA RA 160 108.38 25.26 46.52
C ALA RA 160 108.70 26.73 46.25
N GLU RA 161 108.40 27.21 45.04
CA GLU RA 161 108.59 28.62 44.74
C GLU RA 161 107.65 29.50 45.55
N ALA RA 162 106.40 29.08 45.72
CA ALA RA 162 105.46 29.82 46.53
C ALA RA 162 105.89 29.85 47.99
N ALA RA 163 106.42 28.72 48.49
CA ALA RA 163 106.92 28.69 49.86
C ALA RA 163 108.15 29.58 50.02
N ARG RA 164 109.01 29.63 48.99
CA ARG RA 164 110.14 30.53 49.03
C ARG RA 164 109.69 31.99 49.06
N VAL RA 165 108.72 32.34 48.22
CA VAL RA 165 108.21 33.71 48.18
C VAL RA 165 107.52 34.05 49.49
N ALA RA 166 106.87 33.06 50.12
CA ALA RA 166 106.20 33.29 51.39
C ALA RA 166 107.21 33.49 52.51
N LYS RA 167 108.25 32.65 52.56
CA LYS RA 167 109.28 32.81 53.58
C LYS RA 167 110.03 34.12 53.42
N GLU RA 168 110.27 34.54 52.17
CA GLU RA 168 110.89 35.83 51.94
C GLU RA 168 109.95 36.97 52.28
N VAL RA 169 108.65 36.76 52.11
CA VAL RA 169 107.64 37.75 52.49
C VAL RA 169 107.28 37.62 53.96
N GLY RA 170 107.21 36.40 54.47
CA GLY RA 170 106.80 36.16 55.83
C GLY RA 170 105.33 35.81 55.90
N ASP RA 171 104.78 35.34 54.79
CA ASP RA 171 103.36 35.05 54.69
C ASP RA 171 103.11 33.59 55.01
N PRO RA 172 102.83 33.23 56.26
CA PRO RA 172 102.54 31.82 56.57
C PRO RA 172 101.26 31.31 55.94
N GLU RA 173 100.30 32.19 55.64
CA GLU RA 173 99.14 31.76 54.85
C GLU RA 173 99.56 31.34 53.45
N LEU RA 174 100.48 32.09 52.84
CA LEU RA 174 100.97 31.71 51.52
C LEU RA 174 101.77 30.41 51.57
N ILE RA 175 102.57 30.22 52.63
CA ILE RA 175 103.32 28.98 52.77
C ILE RA 175 102.37 27.81 52.97
N LYS RA 176 101.30 28.02 53.74
CA LYS RA 176 100.31 26.97 53.95
C LYS RA 176 99.58 26.64 52.66
N LEU RA 177 99.24 27.67 51.87
CA LEU RA 177 98.60 27.41 50.58
C LEU RA 177 99.54 26.67 49.64
N ALA RA 178 100.83 26.99 49.69
CA ALA RA 178 101.81 26.28 48.87
C ALA RA 178 101.91 24.82 49.29
N LEU RA 179 101.95 24.56 50.59
CA LEU RA 179 102.00 23.17 51.06
C LEU RA 179 100.73 22.43 50.69
N GLU RA 180 99.57 23.10 50.76
CA GLU RA 180 98.32 22.47 50.41
C GLU RA 180 98.25 22.17 48.91
N ALA RA 181 98.81 23.05 48.09
CA ALA RA 181 98.85 22.80 46.66
C ALA RA 181 99.83 21.68 46.33
N ALA RA 182 100.95 21.61 47.04
CA ALA RA 182 101.89 20.52 46.86
C ALA RA 182 101.26 19.18 47.22
N ARG RA 183 100.54 19.13 48.35
CA ARG RA 183 99.83 17.92 48.71
C ARG RA 183 98.72 17.59 47.71
N ARG RA 184 98.07 18.63 47.15
CA ARG RA 184 97.03 18.42 46.17
C ARG RA 184 97.60 18.21 44.77
N GLY RA 185 98.81 18.71 44.53
CA GLY RA 185 99.40 18.59 43.21
C GLY RA 185 98.80 19.58 42.24
N ASP RA 186 98.24 20.67 42.77
CA ASP RA 186 97.61 21.70 41.96
C ASP RA 186 98.65 22.78 41.66
N SER RA 187 99.24 22.71 40.46
CA SER RA 187 100.20 23.74 40.07
C SER RA 187 99.53 25.11 39.96
N GLU RA 188 98.24 25.13 39.62
CA GLU RA 188 97.51 26.40 39.58
C GLU RA 188 97.41 27.01 40.97
N LYS RA 189 97.05 26.21 41.97
CA LYS RA 189 96.97 26.73 43.34
C LYS RA 189 98.34 27.13 43.85
N ALA RA 190 99.38 26.40 43.48
CA ALA RA 190 100.73 26.75 43.92
C ALA RA 190 101.21 28.04 43.27
N LYS RA 191 100.90 28.24 41.99
CA LYS RA 191 101.24 29.49 41.33
C LYS RA 191 100.44 30.66 41.91
N ALA RA 192 99.17 30.41 42.25
CA ALA RA 192 98.38 31.42 42.92
C ALA RA 192 98.99 31.78 44.28
N ILE RA 193 99.50 30.77 45.00
CA ILE RA 193 100.14 31.02 46.27
C ILE RA 193 101.42 31.82 46.08
N LEU RA 194 102.16 31.53 45.01
CA LEU RA 194 103.38 32.28 44.72
C LEU RA 194 103.06 33.74 44.40
N LEU RA 195 102.07 33.96 43.54
CA LEU RA 195 101.67 35.33 43.21
C LEU RA 195 101.11 36.05 44.43
N ALA RA 196 100.41 35.34 45.31
CA ALA RA 196 99.88 35.96 46.52
C ALA RA 196 101.00 36.29 47.48
N ALA RA 197 102.02 35.43 47.59
CA ALA RA 197 103.17 35.74 48.43
C ALA RA 197 103.93 36.94 47.89
N GLU RA 198 104.05 37.04 46.56
CA GLU RA 198 104.70 38.21 45.97
C GLU RA 198 103.89 39.48 46.22
N ALA RA 199 102.57 39.40 46.09
CA ALA RA 199 101.72 40.56 46.36
C ALA RA 199 101.79 40.96 47.83
N ALA RA 200 101.86 39.98 48.73
CA ALA RA 200 101.98 40.27 50.15
C ALA RA 200 103.35 40.86 50.46
N ARG RA 201 104.39 40.39 49.79
CA ARG RA 201 105.72 41.00 49.96
C ARG RA 201 105.71 42.46 49.51
N VAL RA 202 105.07 42.73 48.38
CA VAL RA 202 104.98 44.11 47.89
C VAL RA 202 104.15 44.96 48.85
N ALA RA 203 103.09 44.39 49.42
CA ALA RA 203 102.26 45.12 50.36
C ALA RA 203 103.02 45.43 51.64
N LYS RA 204 103.81 44.47 52.13
CA LYS RA 204 104.62 44.72 53.31
C LYS RA 204 105.72 45.73 53.04
N GLU RA 205 106.35 45.66 51.87
CA GLU RA 205 107.40 46.62 51.55
C GLU RA 205 106.85 48.01 51.34
N VAL RA 206 105.62 48.13 50.84
CA VAL RA 206 104.97 49.42 50.67
C VAL RA 206 104.24 49.84 51.93
N GLY RA 207 103.43 48.93 52.48
CA GLY RA 207 102.63 49.25 53.65
C GLY RA 207 101.15 49.21 53.35
N ASP RA 208 100.76 48.41 52.35
CA ASP RA 208 99.36 48.32 51.94
C ASP RA 208 98.74 47.12 52.62
N PRO RA 209 98.23 47.27 53.85
CA PRO RA 209 97.63 46.11 54.54
C PRO RA 209 96.41 45.54 53.84
N GLU RA 210 95.65 46.36 53.12
CA GLU RA 210 94.56 45.83 52.32
C GLU RA 210 95.08 44.96 51.19
N LEU RA 211 96.23 45.33 50.62
CA LEU RA 211 96.83 44.51 49.58
C LEU RA 211 97.33 43.18 50.13
N ILE RA 212 97.97 43.21 51.31
CA ILE RA 212 98.41 41.96 51.92
C ILE RA 212 97.20 41.11 52.30
N LYS RA 213 96.11 41.76 52.71
CA LYS RA 213 94.90 41.02 53.05
C LYS RA 213 94.30 40.35 51.82
N LEU RA 214 94.23 41.08 50.70
CA LEU RA 214 93.74 40.48 49.46
C LEU RA 214 94.66 39.37 48.99
N ALA RA 215 95.97 39.51 49.21
CA ALA RA 215 96.91 38.46 48.85
C ALA RA 215 96.68 37.22 49.69
N LEU RA 216 96.49 37.37 50.99
CA LEU RA 216 96.19 36.22 51.84
C LEU RA 216 94.86 35.60 51.46
N GLU RA 217 93.87 36.42 51.10
CA GLU RA 217 92.57 35.89 50.69
C GLU RA 217 92.70 35.09 49.40
N ALA RA 218 93.50 35.58 48.45
CA ALA RA 218 93.71 34.85 47.21
C ALA RA 218 94.50 33.57 47.45
N ALA RA 219 95.47 33.61 48.37
CA ALA RA 219 96.21 32.40 48.71
C ALA RA 219 95.30 31.35 49.33
N ARG RA 220 94.40 31.78 50.21
CA ARG RA 220 93.41 30.86 50.77
C ARG RA 220 92.45 30.38 49.68
N ARG RA 221 92.17 31.22 48.69
CA ARG RA 221 91.27 30.82 47.61
C ARG RA 221 92.00 30.09 46.50
N GLY RA 222 93.18 30.59 46.10
CA GLY RA 222 93.93 29.96 45.03
C GLY RA 222 93.64 30.54 43.67
N ASP RA 223 93.36 31.85 43.63
CA ASP RA 223 93.04 32.55 42.39
C ASP RA 223 94.29 33.25 41.88
N SER RA 224 94.94 32.63 40.89
CA SER RA 224 96.15 33.22 40.33
C SER RA 224 95.85 34.52 39.60
N ARG RA 225 94.65 34.64 39.02
CA ARG RA 225 94.28 35.89 38.36
C ARG RA 225 94.11 37.01 39.37
N LYS RA 226 93.36 36.76 40.44
CA LYS RA 226 93.18 37.79 41.47
C LYS RA 226 94.50 38.09 42.17
N ALA RA 227 95.33 37.07 42.39
CA ALA RA 227 96.62 37.30 43.03
C ALA RA 227 97.55 38.12 42.14
N GLU RA 228 97.54 37.86 40.84
CA GLU RA 228 98.34 38.65 39.91
C GLU RA 228 97.83 40.07 39.82
N ALA RA 229 96.50 40.25 39.86
CA ALA RA 229 95.95 41.60 39.87
C ALA RA 229 96.34 42.33 41.14
N ILE RA 230 96.35 41.64 42.28
CA ILE RA 230 96.75 42.26 43.53
C ILE RA 230 98.23 42.62 43.49
N LEU RA 231 99.05 41.77 42.86
CA LEU RA 231 100.47 42.08 42.73
C LEU RA 231 100.69 43.27 41.81
N LEU RA 232 99.93 43.35 40.72
CA LEU RA 232 100.03 44.50 39.82
C LEU RA 232 99.59 45.78 40.53
N ALA RA 233 98.52 45.71 41.30
CA ALA RA 233 98.07 46.87 42.06
C ALA RA 233 99.07 47.25 43.14
N ALA RA 234 99.73 46.25 43.73
CA ALA RA 234 100.74 46.54 44.74
C ALA RA 234 101.96 47.21 44.12
N GLU RA 235 102.40 46.75 42.96
CA GLU RA 235 103.49 47.41 42.26
C GLU RA 235 103.08 48.83 41.85
N ALA RA 236 101.83 49.00 41.42
CA ALA RA 236 101.34 50.33 41.05
C ALA RA 236 101.32 51.26 42.26
N ALA RA 237 100.88 50.75 43.42
CA ALA RA 237 100.86 51.56 44.63
C ALA RA 237 102.28 51.85 45.11
N ARG RA 238 103.21 50.91 44.89
CA ARG RA 238 104.60 51.16 45.23
C ARG RA 238 105.18 52.27 44.36
N ILE RA 239 104.90 52.23 43.06
CA ILE RA 239 105.32 53.31 42.17
C ILE RA 239 104.66 54.62 42.57
N ALA RA 240 103.41 54.54 43.05
CA ALA RA 240 102.71 55.74 43.49
C ALA RA 240 103.36 56.34 44.73
N LYS RA 241 103.70 55.50 45.72
CA LYS RA 241 104.39 55.99 46.89
C LYS RA 241 105.77 56.54 46.54
N GLU RA 242 106.45 55.90 45.57
CA GLU RA 242 107.71 56.44 45.09
C GLU RA 242 107.52 57.79 44.42
N ALA RA 243 106.35 58.01 43.80
CA ALA RA 243 106.02 59.29 43.19
C ALA RA 243 105.28 60.21 44.15
N GLY RA 244 104.30 59.69 44.89
CA GLY RA 244 103.53 60.51 45.80
C GLY RA 244 102.08 60.65 45.40
N ASP RA 245 101.52 59.62 44.77
CA ASP RA 245 100.13 59.63 44.34
C ASP RA 245 99.32 58.71 45.24
N PRO RA 246 98.83 59.19 46.38
CA PRO RA 246 98.06 58.31 47.27
C PRO RA 246 96.71 57.94 46.66
N GLU RA 247 96.20 58.82 45.80
CA GLU RA 247 94.99 58.48 45.05
C GLU RA 247 95.23 57.29 44.13
N ALA RA 248 96.44 57.22 43.55
CA ALA RA 248 96.77 56.06 42.73
C ALA RA 248 96.86 54.80 43.59
N ARG RA 249 97.43 54.90 44.78
CA ARG RA 249 97.50 53.74 45.67
C ARG RA 249 96.09 53.30 46.08
N LYS RA 250 95.20 54.25 46.31
CA LYS RA 250 93.82 53.91 46.68
C LYS RA 250 93.09 53.27 45.52
N LYS RA 251 93.29 53.78 44.30
CA LYS RA 251 92.69 53.16 43.13
C LYS RA 251 93.24 51.77 42.91
N ALA RA 252 94.53 51.57 43.20
CA ALA RA 252 95.12 50.24 43.11
C ALA RA 252 94.50 49.30 44.14
N LEU RA 253 94.28 49.81 45.36
CA LEU RA 253 93.60 49.00 46.37
C LEU RA 253 92.18 48.63 45.90
N GLU RA 254 91.47 49.58 45.31
CA GLU RA 254 90.12 49.31 44.82
C GLU RA 254 90.13 48.27 43.71
N ALA RA 255 91.11 48.37 42.80
CA ALA RA 255 91.19 47.41 41.70
C ALA RA 255 91.60 46.03 42.19
N ALA RA 256 92.52 45.96 43.15
CA ALA RA 256 92.91 44.67 43.72
C ALA RA 256 91.75 44.04 44.47
N ARG RA 257 90.95 44.85 45.16
CA ARG RA 257 89.72 44.34 45.76
C ARG RA 257 88.75 43.89 44.69
N ARG RA 258 88.77 44.54 43.53
CA ARG RA 258 87.96 44.08 42.41
C ARG RA 258 88.53 42.84 41.74
N GLY RA 259 89.86 42.67 41.80
CA GLY RA 259 90.50 41.48 41.27
C GLY RA 259 90.95 41.56 39.82
N ASP RA 260 90.75 42.71 39.17
CA ASP RA 260 91.21 42.88 37.80
C ASP RA 260 92.59 43.52 37.78
N ARG RA 261 93.37 43.16 36.77
CA ARG RA 261 94.71 43.71 36.59
C ARG RA 261 94.81 44.74 35.49
N GLU RA 262 93.78 44.90 34.66
CA GLU RA 262 93.82 45.91 33.60
C GLU RA 262 93.84 47.32 34.19
N LEU RA 263 92.94 47.58 35.15
CA LEU RA 263 92.94 48.89 35.80
C LEU RA 263 94.21 49.10 36.60
N ALA RA 264 94.74 48.04 37.24
CA ALA RA 264 95.99 48.17 37.98
C ALA RA 264 97.13 48.53 37.03
N THR RA 265 97.17 47.90 35.86
CA THR RA 265 98.20 48.22 34.88
C THR RA 265 98.05 49.63 34.35
N ARG RA 266 96.80 50.07 34.12
CA ARG RA 266 96.58 51.43 33.64
C ARG RA 266 97.02 52.45 34.68
N ILE RA 267 96.74 52.19 35.95
CA ILE RA 267 97.16 53.09 37.02
C ILE RA 267 98.68 53.09 37.14
N LEU RA 268 99.30 51.92 37.04
CA LEU RA 268 100.76 51.86 37.06
C LEU RA 268 101.34 52.63 35.89
N ILE RA 269 100.67 52.59 34.74
CA ILE RA 269 101.14 53.31 33.57
C ILE RA 269 101.03 54.81 33.79
N GLU RA 270 99.92 55.26 34.38
CA GLU RA 270 99.77 56.69 34.66
C GLU RA 270 100.82 57.15 35.68
N ALA RA 271 101.06 56.35 36.71
CA ALA RA 271 102.08 56.70 37.70
C ALA RA 271 103.46 56.71 37.07
N LEU RA 272 103.73 55.76 36.17
CA LEU RA 272 105.01 55.74 35.48
C LEU RA 272 105.15 56.93 34.55
N LEU RA 273 104.05 57.38 33.96
CA LEU RA 273 104.10 58.57 33.11
C LEU RA 273 104.40 59.82 33.93
N ARG RA 274 103.77 59.94 35.09
CA ARG RA 274 104.07 61.07 35.97
C ARG RA 274 105.53 61.02 36.43
N LEU RA 275 105.98 59.84 36.86
CA LEU RA 275 107.36 59.70 37.29
C LEU RA 275 108.33 59.94 36.13
N LEU RA 276 107.90 59.62 34.92
CA LEU RA 276 108.75 59.84 33.75
C LEU RA 276 108.85 61.32 33.42
N LYS RA 277 107.75 62.06 33.55
CA LYS RA 277 107.82 63.50 33.39
C LYS RA 277 108.72 64.12 34.45
N LYS RA 278 108.62 63.64 35.68
CA LYS RA 278 109.49 64.13 36.75
C LYS RA 278 110.94 63.82 36.45
N SER RA 279 111.23 62.59 36.00
CA SER RA 279 112.60 62.21 35.69
C SER RA 279 113.12 62.97 34.48
N THR RA 280 112.23 63.33 33.55
CA THR RA 280 112.63 64.14 32.40
C THR RA 280 113.00 65.55 32.83
N ALA RA 281 112.22 66.13 33.73
CA ALA RA 281 112.59 67.43 34.29
C ALA RA 281 113.92 67.34 35.02
N GLU RA 282 114.11 66.28 35.81
CA GLU RA 282 115.36 66.11 36.56
C GLU RA 282 116.54 65.92 35.61
N LEU RA 283 116.32 65.20 34.51
CA LEU RA 283 117.40 64.97 33.56
C LEU RA 283 117.74 66.24 32.78
N LYS RA 284 116.73 67.04 32.46
CA LYS RA 284 117.00 68.33 31.84
C LYS RA 284 117.79 69.23 32.78
N ARG RA 285 117.42 69.23 34.06
CA ARG RA 285 118.18 70.00 35.05
C ARG RA 285 119.60 69.49 35.17
N ALA RA 286 119.78 68.17 35.16
CA ALA RA 286 121.12 67.60 35.27
C ALA RA 286 121.95 67.92 34.04
N THR RA 287 121.34 67.91 32.85
CA THR RA 287 122.06 68.27 31.64
C THR RA 287 122.45 69.74 31.65
N ALA RA 288 121.55 70.60 32.14
CA ALA RA 288 121.90 72.01 32.28
C ALA RA 288 123.05 72.20 33.26
N SER RA 289 123.03 71.46 34.38
CA SER RA 289 124.10 71.56 35.36
C SER RA 289 125.42 71.06 34.79
N LEU RA 290 125.38 69.97 34.01
CA LEU RA 290 126.58 69.46 33.39
C LEU RA 290 127.14 70.42 32.36
N ARG RA 291 126.26 71.05 31.57
CA ARG RA 291 126.72 72.06 30.62
C ARG RA 291 127.30 73.27 31.33
N ALA RA 292 126.72 73.64 32.48
CA ALA RA 292 127.25 74.75 33.25
C ALA RA 292 128.63 74.43 33.82
N ILE RA 293 128.80 73.21 34.34
CA ILE RA 293 130.10 72.80 34.86
C ILE RA 293 131.11 72.72 33.72
N THR RA 294 130.67 72.32 32.53
CA THR RA 294 131.56 72.29 31.37
C THR RA 294 131.98 73.69 30.98
N GLU RA 295 131.04 74.64 30.98
CA GLU RA 295 131.39 76.03 30.67
C GLU RA 295 132.32 76.60 31.73
N GLU RA 296 132.14 76.20 32.99
CA GLU RA 296 133.02 76.67 34.05
C GLU RA 296 134.43 76.11 33.89
N LEU RA 297 134.54 74.83 33.57
CA LEU RA 297 135.85 74.23 33.29
C LEU RA 297 136.46 74.83 32.05
N LYS RA 298 135.62 75.28 31.10
CA LYS RA 298 136.13 75.92 29.90
C LYS RA 298 136.68 77.31 30.18
N LYS RA 299 135.97 78.09 31.00
CA LYS RA 299 136.40 79.46 31.27
C LYS RA 299 137.69 79.50 32.10
N ASN RA 300 137.87 78.54 33.00
CA ASN RA 300 139.07 78.48 33.82
C ASN RA 300 139.36 77.03 34.18
N PRO RA 301 140.08 76.29 33.34
CA PRO RA 301 140.35 74.88 33.64
C PRO RA 301 141.45 74.71 34.66
N SER RA 302 141.22 73.76 35.57
CA SER RA 302 142.15 73.48 36.65
C SER RA 302 141.77 72.14 37.27
N GLU RA 303 142.40 71.82 38.39
CA GLU RA 303 142.06 70.60 39.11
C GLU RA 303 140.61 70.61 39.55
N ASP RA 304 140.18 71.69 40.22
CA ASP RA 304 138.80 71.78 40.67
C ASP RA 304 137.83 71.88 39.50
N ALA RA 305 138.23 72.57 38.44
CA ALA RA 305 137.35 72.74 37.29
C ALA RA 305 137.11 71.41 36.58
N LEU RA 306 138.18 70.68 36.26
CA LEU RA 306 138.02 69.37 35.64
C LEU RA 306 137.31 68.41 36.58
N VAL RA 307 137.58 68.52 37.88
CA VAL RA 307 136.91 67.67 38.87
C VAL RA 307 135.41 67.90 38.83
N GLU RA 308 134.99 69.17 38.86
CA GLU RA 308 133.56 69.49 38.85
C GLU RA 308 132.92 69.10 37.53
N HIS RA 309 133.62 69.31 36.42
CA HIS RA 309 133.06 68.94 35.12
C HIS RA 309 132.86 67.44 35.01
N ASN RA 310 133.85 66.66 35.43
CA ASN RA 310 133.72 65.21 35.39
C ASN RA 310 132.66 64.72 36.37
N ARG RA 311 132.56 65.35 37.54
CA ARG RA 311 131.54 64.97 38.51
C ARG RA 311 130.15 65.27 37.98
N ALA RA 312 129.99 66.40 37.29
CA ALA RA 312 128.70 66.72 36.69
C ALA RA 312 128.37 65.76 35.55
N ILE RA 313 129.38 65.36 34.78
CA ILE RA 313 129.14 64.39 33.71
C ILE RA 313 128.71 63.05 34.31
N VAL RA 314 129.35 62.63 35.39
CA VAL RA 314 128.99 61.37 36.02
C VAL RA 314 127.61 61.47 36.66
N GLU RA 315 127.27 62.64 37.21
CA GLU RA 315 125.95 62.83 37.79
C GLU RA 315 124.87 62.79 36.73
N HIS RA 316 125.14 63.39 35.57
CA HIS RA 316 124.21 63.32 34.46
C HIS RA 316 124.06 61.89 33.96
N ASN RA 317 125.17 61.15 33.90
CA ASN RA 317 125.10 59.75 33.49
C ASN RA 317 124.29 58.93 34.49
N ALA RA 318 124.46 59.20 35.78
CA ALA RA 318 123.71 58.46 36.80
C ALA RA 318 122.23 58.82 36.75
N ILE RA 319 121.92 60.09 36.51
CA ILE RA 319 120.52 60.50 36.40
C ILE RA 319 119.89 59.88 35.16
N ILE RA 320 120.66 59.79 34.07
CA ILE RA 320 120.16 59.13 32.87
C ILE RA 320 119.95 57.64 33.13
N VAL RA 321 120.85 57.03 33.90
CA VAL RA 321 120.70 55.62 34.23
C VAL RA 321 119.45 55.41 35.09
N GLU RA 322 119.18 56.34 36.01
CA GLU RA 322 117.99 56.22 36.85
C GLU RA 322 116.73 56.40 36.03
N ASN RA 323 116.72 57.38 35.12
CA ASN RA 323 115.57 57.57 34.25
C ASN RA 323 115.36 56.37 33.35
N ASN RA 324 116.46 55.78 32.85
CA ASN RA 324 116.35 54.59 32.04
C ASN RA 324 115.85 53.40 32.85
N ARG RA 325 116.23 53.33 34.12
CA ARG RA 325 115.72 52.26 34.98
C ARG RA 325 114.23 52.44 35.22
N ILE RA 326 113.79 53.68 35.40
CA ILE RA 326 112.35 53.94 35.56
C ILE RA 326 111.61 53.56 34.29
N ILE RA 327 112.18 53.92 33.13
CA ILE RA 327 111.55 53.57 31.86
C ILE RA 327 111.53 52.07 31.68
N ALA RA 328 112.57 51.38 32.12
CA ALA RA 328 112.62 49.92 32.01
C ALA RA 328 111.59 49.28 32.92
N MET RA 329 111.41 49.82 34.11
CA MET RA 329 110.36 49.32 35.00
C MET RA 329 108.99 49.52 34.39
N VAL RA 330 108.76 50.70 33.80
CA VAL RA 330 107.47 50.96 33.15
C VAL RA 330 107.26 50.02 31.98
N LEU RA 331 108.31 49.77 31.20
CA LEU RA 331 108.19 48.87 30.07
C LEU RA 331 107.95 47.43 30.53
N GLU RA 332 108.60 47.02 31.62
CA GLU RA 332 108.36 45.69 32.15
C GLU RA 332 106.93 45.57 32.67
N ALA RA 333 106.39 46.64 33.24
CA ALA RA 333 105.00 46.64 33.65
C ALA RA 333 104.08 46.51 32.45
N ILE RA 334 104.37 47.24 31.38
CA ILE RA 334 103.57 47.14 30.16
C ILE RA 334 103.66 45.73 29.58
N VAL RA 335 104.83 45.11 29.67
CA VAL RA 335 105.00 43.76 29.13
C VAL RA 335 104.23 42.75 29.96
N ARG RA 336 104.33 42.85 31.29
CA ARG RA 336 103.55 41.98 32.15
C ARG RA 336 102.05 42.20 31.97
N ALA RA 337 101.66 43.41 31.56
CA ALA RA 337 100.27 43.68 31.26
C ALA RA 337 99.87 43.25 29.86
N ILE RA 338 100.73 43.49 28.87
CA ILE RA 338 100.42 43.09 27.50
C ILE RA 338 100.78 41.62 27.31
N SER SA 2 -94.33 58.03 -1.14
CA SER SA 2 -94.87 58.87 -2.21
C SER SA 2 -95.55 58.03 -3.28
N THR SA 3 -95.57 56.70 -3.06
CA THR SA 3 -96.20 55.82 -4.03
C THR SA 3 -97.72 55.93 -3.99
N LYS SA 4 -98.30 55.87 -2.79
CA LYS SA 4 -99.75 55.94 -2.66
C LYS SA 4 -100.28 57.33 -3.05
N GLU SA 5 -99.54 58.38 -2.71
CA GLU SA 5 -99.96 59.73 -3.08
C GLU SA 5 -99.92 59.93 -4.58
N LYS SA 6 -98.82 59.52 -5.22
CA LYS SA 6 -98.73 59.61 -6.68
C LYS SA 6 -99.80 58.75 -7.34
N ALA SA 7 -100.12 57.60 -6.74
CA ALA SA 7 -101.19 56.76 -7.27
C ALA SA 7 -102.53 57.47 -7.20
N ARG SA 8 -102.87 58.02 -6.04
CA ARG SA 8 -104.13 58.73 -5.91
C ARG SA 8 -104.22 59.92 -6.86
N GLN SA 9 -103.11 60.63 -7.04
CA GLN SA 9 -103.12 61.80 -7.93
C GLN SA 9 -103.28 61.39 -9.39
N LEU SA 10 -102.45 60.46 -9.86
CA LEU SA 10 -102.55 60.01 -11.25
C LEU SA 10 -103.88 59.33 -11.52
N ALA SA 11 -104.48 58.71 -10.51
CA ALA SA 11 -105.76 58.05 -10.70
C ALA SA 11 -106.91 59.07 -10.70
N GLU SA 12 -106.80 60.12 -9.90
CA GLU SA 12 -107.78 61.20 -10.00
C GLU SA 12 -107.71 61.87 -11.36
N GLU SA 13 -106.49 62.11 -11.87
CA GLU SA 13 -106.33 62.64 -13.22
C GLU SA 13 -106.88 61.66 -14.25
N ALA SA 14 -106.71 60.36 -14.00
CA ALA SA 14 -107.26 59.33 -14.88
C ALA SA 14 -108.77 59.42 -14.94
N LYS SA 15 -109.41 59.52 -13.77
CA LYS SA 15 -110.87 59.62 -13.72
C LYS SA 15 -111.35 60.91 -14.39
N GLU SA 16 -110.62 62.00 -14.20
CA GLU SA 16 -111.01 63.27 -14.82
C GLU SA 16 -110.92 63.19 -16.34
N THR SA 17 -109.79 62.69 -16.86
CA THR SA 17 -109.64 62.57 -18.30
C THR SA 17 -110.58 61.51 -18.87
N ALA SA 18 -111.03 60.58 -18.03
CA ALA SA 18 -112.01 59.60 -18.48
C ALA SA 18 -113.39 60.22 -18.61
N GLU SA 19 -113.81 60.99 -17.60
CA GLU SA 19 -115.07 61.71 -17.68
C GLU SA 19 -115.05 62.72 -18.82
N LYS SA 20 -113.89 63.33 -19.10
CA LYS SA 20 -113.77 64.21 -20.24
C LYS SA 20 -113.80 63.44 -21.55
N VAL SA 21 -113.25 62.22 -21.55
CA VAL SA 21 -113.29 61.35 -22.71
C VAL SA 21 -114.69 60.80 -22.92
N GLY SA 22 -115.49 60.77 -21.86
CA GLY SA 22 -116.83 60.22 -21.91
C GLY SA 22 -116.90 58.86 -21.25
N ASP SA 23 -115.94 58.57 -20.38
CA ASP SA 23 -115.84 57.27 -19.74
C ASP SA 23 -116.06 57.41 -18.24
N PRO SA 24 -117.24 57.07 -17.72
CA PRO SA 24 -117.41 57.03 -16.26
C PRO SA 24 -116.93 55.72 -15.71
N GLU SA 25 -116.90 54.69 -16.57
CA GLU SA 25 -116.35 53.40 -16.19
C GLU SA 25 -114.85 53.49 -15.96
N LEU SA 26 -114.12 54.15 -16.87
CA LEU SA 26 -112.70 54.38 -16.64
C LEU SA 26 -112.49 55.32 -15.46
N ILE SA 27 -113.45 56.23 -15.22
CA ILE SA 27 -113.36 57.09 -14.04
C ILE SA 27 -113.46 56.28 -12.76
N LYS SA 28 -114.36 55.31 -12.73
CA LYS SA 28 -114.49 54.45 -11.54
C LYS SA 28 -113.28 53.54 -11.39
N LEU SA 29 -112.78 52.99 -12.50
CA LEU SA 29 -111.56 52.19 -12.44
C LEU SA 29 -110.39 53.01 -11.94
N ALA SA 30 -110.36 54.29 -12.29
CA ALA SA 30 -109.32 55.19 -11.80
C ALA SA 30 -109.49 55.45 -10.31
N GLU SA 31 -110.73 55.68 -9.87
CA GLU SA 31 -110.98 55.82 -8.43
C GLU SA 31 -110.53 54.57 -7.68
N GLN SA 32 -110.72 53.40 -8.29
CA GLN SA 32 -110.26 52.16 -7.68
C GLN SA 32 -108.74 52.09 -7.66
N ALA SA 33 -108.09 52.55 -8.72
CA ALA SA 33 -106.62 52.59 -8.74
C ALA SA 33 -106.09 53.53 -7.66
N SER SA 34 -106.81 54.62 -7.40
CA SER SA 34 -106.43 55.52 -6.31
C SER SA 34 -106.63 54.86 -4.95
N GLN SA 35 -107.79 54.23 -4.75
CA GLN SA 35 -108.07 53.58 -3.47
C GLN SA 35 -107.09 52.44 -3.20
N GLU SA 36 -106.65 51.73 -4.23
CA GLU SA 36 -105.69 50.66 -4.05
C GLU SA 36 -104.28 51.19 -3.86
N GLY SA 37 -103.98 52.35 -4.42
CA GLY SA 37 -102.67 52.93 -4.34
C GLY SA 37 -101.68 52.44 -5.36
N ASP SA 38 -102.12 52.10 -6.57
CA ASP SA 38 -101.25 51.62 -7.63
C ASP SA 38 -100.98 52.76 -8.61
N SER SA 39 -99.78 53.35 -8.51
CA SER SA 39 -99.41 54.41 -9.42
C SER SA 39 -99.30 53.89 -10.85
N GLU SA 40 -98.92 52.63 -11.02
CA GLU SA 40 -98.90 52.04 -12.34
C GLU SA 40 -100.32 51.95 -12.91
N LYS SA 41 -101.26 51.42 -12.14
CA LYS SA 41 -102.64 51.35 -12.60
C LYS SA 41 -103.25 52.74 -12.74
N ALA SA 42 -102.82 53.68 -11.90
CA ALA SA 42 -103.32 55.04 -12.00
C ALA SA 42 -102.88 55.70 -13.32
N LYS SA 43 -101.58 55.65 -13.61
CA LYS SA 43 -101.09 56.20 -14.87
C LYS SA 43 -101.64 55.42 -16.06
N ALA SA 44 -101.92 54.13 -15.87
CA ALA SA 44 -102.55 53.34 -16.93
C ALA SA 44 -103.95 53.86 -17.23
N ILE SA 45 -104.76 54.07 -16.20
CA ILE SA 45 -106.10 54.60 -16.41
C ILE SA 45 -106.01 56.02 -16.98
N LEU SA 46 -104.95 56.76 -16.63
CA LEU SA 46 -104.79 58.11 -17.16
C LEU SA 46 -104.48 58.09 -18.64
N LEU SA 47 -103.51 57.27 -19.05
CA LEU SA 47 -103.19 57.14 -20.46
C LEU SA 47 -104.36 56.56 -21.25
N ALA SA 48 -105.13 55.67 -20.64
CA ALA SA 48 -106.31 55.12 -21.32
C ALA SA 48 -107.40 56.17 -21.45
N ALA SA 49 -107.55 57.03 -20.45
CA ALA SA 49 -108.52 58.11 -20.53
C ALA SA 49 -108.12 59.12 -21.60
N GLU SA 50 -106.83 59.45 -21.68
CA GLU SA 50 -106.35 60.29 -22.76
C GLU SA 50 -106.54 59.61 -24.12
N ALA SA 51 -106.35 58.29 -24.16
CA ALA SA 51 -106.59 57.54 -25.39
C ALA SA 51 -108.05 57.63 -25.80
N ALA SA 52 -108.96 57.49 -24.85
CA ALA SA 52 -110.39 57.59 -25.15
C ALA SA 52 -110.76 59.00 -25.57
N ARG SA 53 -110.12 60.01 -25.00
CA ARG SA 53 -110.36 61.38 -25.42
C ARG SA 53 -109.90 61.59 -26.86
N VAL SA 54 -108.67 61.15 -27.17
CA VAL SA 54 -108.15 61.31 -28.53
C VAL SA 54 -108.95 60.46 -29.52
N ALA SA 55 -109.56 59.38 -29.04
CA ALA SA 55 -110.40 58.57 -29.90
C ALA SA 55 -111.74 59.23 -30.16
N LYS SA 56 -112.39 59.76 -29.12
CA LYS SA 56 -113.60 60.54 -29.30
C LYS SA 56 -113.33 61.73 -30.23
N GLU SA 57 -112.11 62.25 -30.19
CA GLU SA 57 -111.71 63.26 -31.17
C GLU SA 57 -111.53 62.64 -32.56
N VAL SA 58 -111.08 61.39 -32.63
CA VAL SA 58 -110.89 60.72 -33.90
C VAL SA 58 -112.16 60.01 -34.35
N GLY SA 59 -112.73 59.16 -33.49
CA GLY SA 59 -113.99 58.52 -33.78
C GLY SA 59 -113.94 57.01 -34.01
N ALA SA 60 -113.08 56.31 -33.26
CA ALA SA 60 -112.96 54.86 -33.38
C ALA SA 60 -113.40 54.19 -32.09
N PRO SA 61 -114.54 53.50 -32.07
CA PRO SA 61 -114.95 52.82 -30.83
C PRO SA 61 -114.11 51.61 -30.49
N ASP SA 62 -113.33 51.09 -31.44
CA ASP SA 62 -112.44 49.98 -31.15
C ASP SA 62 -111.39 50.37 -30.12
N LEU SA 63 -110.61 51.40 -30.42
CA LEU SA 63 -109.62 51.88 -29.45
C LEU SA 63 -110.31 52.44 -28.21
N ILE SA 64 -111.54 52.92 -28.35
CA ILE SA 64 -112.27 53.42 -27.19
C ILE SA 64 -112.53 52.29 -26.19
N ARG SA 65 -113.13 51.20 -26.65
CA ARG SA 65 -113.34 50.06 -25.77
C ARG SA 65 -112.01 49.44 -25.33
N LEU SA 66 -110.99 49.53 -26.18
CA LEU SA 66 -109.66 49.03 -25.80
C LEU SA 66 -109.12 49.79 -24.60
N ALA SA 67 -109.19 51.13 -24.65
CA ALA SA 67 -108.75 51.93 -23.52
C ALA SA 67 -109.65 51.73 -22.31
N ARG SA 68 -110.95 51.51 -22.54
CA ARG SA 68 -111.86 51.22 -21.44
C ARG SA 68 -111.44 49.96 -20.70
N ILE SA 69 -111.13 48.90 -21.44
CA ILE SA 69 -110.71 47.65 -20.83
C ILE SA 69 -109.32 47.80 -20.20
N ALA SA 70 -108.45 48.58 -20.84
CA ALA SA 70 -107.12 48.79 -20.28
C ALA SA 70 -107.19 49.53 -18.95
N ALA SA 71 -108.12 50.48 -18.83
CA ALA SA 71 -108.30 51.18 -17.57
C ALA SA 71 -108.96 50.28 -16.54
N ARG SA 72 -109.95 49.49 -16.96
CA ARG SA 72 -110.58 48.54 -16.05
C ARG SA 72 -109.58 47.54 -15.51
N VAL SA 73 -108.57 47.18 -16.30
CA VAL SA 73 -107.56 46.23 -15.85
C VAL SA 73 -106.37 46.97 -15.25
N GLY SA 74 -106.01 48.12 -15.83
CA GLY SA 74 -104.84 48.85 -15.37
C GLY SA 74 -103.60 48.52 -16.18
N ALA SA 75 -103.76 48.42 -17.49
CA ALA SA 75 -102.67 48.08 -18.41
C ALA SA 75 -102.04 49.36 -18.92
N SER SA 76 -100.81 49.64 -18.46
CA SER SA 76 -100.13 50.86 -18.86
C SER SA 76 -99.62 50.78 -20.29
N GLU SA 77 -99.06 49.64 -20.69
CA GLU SA 77 -98.60 49.47 -22.06
C GLU SA 77 -99.77 49.54 -23.03
N ALA SA 78 -100.87 48.86 -22.72
CA ALA SA 78 -102.04 48.90 -23.59
C ALA SA 78 -102.66 50.30 -23.63
N ALA SA 79 -102.62 51.02 -22.51
CA ALA SA 79 -103.16 52.37 -22.49
C ALA SA 79 -102.31 53.33 -23.33
N LYS SA 80 -100.98 53.23 -23.20
CA LYS SA 80 -100.11 54.05 -24.03
C LYS SA 80 -100.24 53.68 -25.50
N ALA SA 81 -100.42 52.39 -25.78
CA ALA SA 81 -100.66 51.96 -27.16
C ALA SA 81 -101.95 52.53 -27.69
N ILE SA 82 -103.01 52.53 -26.86
CA ILE SA 82 -104.28 53.08 -27.30
C ILE SA 82 -104.18 54.59 -27.51
N LEU SA 83 -103.37 55.27 -26.70
CA LEU SA 83 -103.21 56.71 -26.85
C LEU SA 83 -102.45 57.04 -28.13
N LEU SA 84 -101.31 56.39 -28.34
CA LEU SA 84 -100.55 56.60 -29.58
C LEU SA 84 -101.35 56.14 -30.79
N ALA SA 85 -102.22 55.15 -30.63
CA ALA SA 85 -103.04 54.67 -31.73
C ALA SA 85 -104.19 55.63 -32.02
N ALA SA 86 -104.71 56.29 -30.99
CA ALA SA 86 -105.71 57.33 -31.24
C ALA SA 86 -105.08 58.54 -31.90
N GLU SA 87 -103.83 58.86 -31.52
CA GLU SA 87 -103.08 59.88 -32.26
C GLU SA 87 -102.87 59.45 -33.70
N ALA SA 88 -102.53 58.18 -33.92
CA ALA SA 88 -102.39 57.65 -35.26
C ALA SA 88 -103.69 57.73 -36.03
N ALA SA 89 -104.81 57.50 -35.35
CA ALA SA 89 -106.12 57.53 -36.00
C ALA SA 89 -106.49 58.95 -36.39
N ARG SA 90 -106.18 59.93 -35.52
CA ARG SA 90 -106.37 61.32 -35.90
C ARG SA 90 -105.49 61.69 -37.09
N VAL SA 91 -104.22 61.26 -37.06
CA VAL SA 91 -103.30 61.58 -38.15
C VAL SA 91 -103.75 60.89 -39.44
N ALA SA 92 -104.38 59.73 -39.33
CA ALA SA 92 -104.85 59.02 -40.50
C ALA SA 92 -106.12 59.65 -41.06
N LYS SA 93 -107.05 60.03 -40.18
CA LYS SA 93 -108.22 60.78 -40.61
C LYS SA 93 -107.80 62.08 -41.30
N GLU SA 94 -106.69 62.66 -40.84
CA GLU SA 94 -106.10 63.78 -41.57
C GLU SA 94 -105.47 63.32 -42.89
N VAL SA 95 -104.96 62.08 -42.92
CA VAL SA 95 -104.32 61.58 -44.13
C VAL SA 95 -105.33 60.84 -45.01
N GLY SA 96 -105.92 59.77 -44.49
CA GLY SA 96 -106.93 59.03 -45.23
C GLY SA 96 -106.51 57.64 -45.66
N ASP SA 97 -105.72 56.95 -44.84
CA ASP SA 97 -105.24 55.61 -45.15
C ASP SA 97 -105.97 54.58 -44.28
N PRO SA 98 -106.76 53.68 -44.86
CA PRO SA 98 -107.45 52.69 -44.02
C PRO SA 98 -106.55 51.57 -43.51
N GLU SA 99 -105.53 51.18 -44.27
CA GLU SA 99 -104.57 50.21 -43.75
C GLU SA 99 -103.81 50.78 -42.55
N LEU SA 100 -103.56 52.09 -42.56
CA LEU SA 100 -102.97 52.73 -41.38
C LEU SA 100 -103.90 52.66 -40.18
N GLU SA 101 -105.20 52.86 -40.41
CA GLU SA 101 -106.17 52.74 -39.32
C GLU SA 101 -106.22 51.31 -38.79
N ARG SA 102 -106.16 50.32 -39.69
CA ARG SA 102 -106.12 48.94 -39.27
C ARG SA 102 -104.88 48.64 -38.44
N LEU SA 103 -103.72 49.12 -38.90
CA LEU SA 103 -102.48 48.90 -38.16
C LEU SA 103 -102.52 49.59 -36.80
N ALA SA 104 -103.12 50.77 -36.73
CA ALA SA 104 -103.22 51.49 -35.46
C ALA SA 104 -104.14 50.76 -34.49
N LEU SA 105 -105.30 50.30 -34.97
CA LEU SA 105 -106.20 49.53 -34.12
C LEU SA 105 -105.54 48.23 -33.68
N LEU SA 106 -104.73 47.63 -34.55
CA LEU SA 106 -104.05 46.39 -34.19
C LEU SA 106 -102.97 46.65 -33.15
N ALA SA 107 -102.28 47.79 -33.24
CA ALA SA 107 -101.30 48.14 -32.22
C ALA SA 107 -101.98 48.44 -30.90
N ALA SA 108 -103.17 49.06 -30.94
CA ALA SA 108 -103.92 49.31 -29.72
C ALA SA 108 -104.40 48.01 -29.08
N VAL SA 109 -104.84 47.06 -29.90
CA VAL SA 109 -105.33 45.79 -29.38
C VAL SA 109 -104.19 44.94 -28.84
N LEU SA 110 -103.10 44.83 -29.60
CA LEU SA 110 -101.93 44.09 -29.12
C LEU SA 110 -101.26 44.82 -27.98
N GLY SA 111 -101.63 46.08 -27.76
CA GLY SA 111 -101.02 46.86 -26.70
C GLY SA 111 -99.58 47.24 -26.95
N ASP SA 112 -99.11 47.09 -28.18
CA ASP SA 112 -97.73 47.37 -28.54
C ASP SA 112 -97.59 48.88 -28.73
N SER SA 113 -97.13 49.56 -27.67
CA SER SA 113 -96.92 51.00 -27.75
C SER SA 113 -95.84 51.34 -28.78
N GLU SA 114 -94.89 50.43 -28.99
CA GLU SA 114 -93.94 50.60 -30.08
C GLU SA 114 -94.66 50.57 -31.44
N LYS SA 115 -95.53 49.59 -31.64
CA LYS SA 115 -96.30 49.53 -32.88
C LYS SA 115 -97.29 50.68 -32.96
N ALA SA 116 -97.75 51.18 -31.81
CA ALA SA 116 -98.67 52.32 -31.82
C ALA SA 116 -97.95 53.61 -32.25
N LYS SA 117 -96.75 53.84 -31.71
CA LYS SA 117 -95.95 54.97 -32.18
C LYS SA 117 -95.56 54.78 -33.63
N ALA SA 118 -95.35 53.53 -34.05
CA ALA SA 118 -95.11 53.23 -35.45
C ALA SA 118 -96.28 53.65 -36.31
N ILE SA 119 -97.50 53.34 -35.86
CA ILE SA 119 -98.69 53.71 -36.61
C ILE SA 119 -98.87 55.22 -36.64
N LEU SA 120 -98.55 55.89 -35.53
CA LEU SA 120 -98.62 57.34 -35.51
C LEU SA 120 -97.65 57.96 -36.49
N LEU SA 121 -96.38 57.53 -36.45
CA LEU SA 121 -95.38 58.04 -37.38
C LEU SA 121 -95.69 57.65 -38.81
N ALA SA 122 -96.34 56.51 -39.01
CA ALA SA 122 -96.68 56.08 -40.38
C ALA SA 122 -97.86 56.87 -40.92
N ALA SA 123 -98.83 57.20 -40.08
CA ALA SA 123 -99.90 58.09 -40.50
C ALA SA 123 -99.38 59.48 -40.81
N GLU SA 124 -98.45 59.97 -39.98
CA GLU SA 124 -97.80 61.24 -40.27
C GLU SA 124 -97.00 61.15 -41.57
N ALA SA 125 -96.33 60.02 -41.81
CA ALA SA 125 -95.57 59.84 -43.03
C ALA SA 125 -96.48 59.81 -44.24
N ALA SA 126 -97.63 59.14 -44.14
CA ALA SA 126 -98.58 59.11 -45.24
C ALA SA 126 -99.16 60.48 -45.51
N ARG SA 127 -99.44 61.25 -44.45
CA ARG SA 127 -99.92 62.61 -44.64
C ARG SA 127 -98.87 63.47 -45.31
N VAL SA 128 -97.61 63.37 -44.85
CA VAL SA 128 -96.55 64.19 -45.42
C VAL SA 128 -96.26 63.77 -46.86
N ALA SA 129 -96.44 62.49 -47.17
CA ALA SA 129 -96.24 62.02 -48.55
C ALA SA 129 -97.36 62.50 -49.45
N LYS SA 130 -98.61 62.43 -48.98
CA LYS SA 130 -99.73 62.95 -49.76
C LYS SA 130 -99.60 64.44 -49.98
N GLU SA 131 -99.06 65.16 -48.98
CA GLU SA 131 -98.83 66.60 -49.14
C GLU SA 131 -97.67 66.87 -50.09
N VAL SA 132 -96.63 66.05 -50.05
CA VAL SA 132 -95.48 66.22 -50.92
C VAL SA 132 -95.70 65.55 -52.27
N GLY SA 133 -96.35 64.39 -52.27
CA GLY SA 133 -96.56 63.66 -53.51
C GLY SA 133 -95.54 62.55 -53.67
N ASP SA 134 -94.98 62.09 -52.56
CA ASP SA 134 -93.92 61.09 -52.59
C ASP SA 134 -94.53 59.71 -52.45
N PRO SA 135 -94.70 58.96 -53.55
CA PRO SA 135 -95.28 57.61 -53.42
C PRO SA 135 -94.37 56.61 -52.74
N GLU SA 136 -93.05 56.76 -52.87
CA GLU SA 136 -92.14 55.90 -52.12
C GLU SA 136 -92.29 56.12 -50.63
N LEU SA 137 -92.50 57.38 -50.21
CA LEU SA 137 -92.69 57.67 -48.79
C LEU SA 137 -93.99 57.05 -48.27
N ILE SA 138 -95.07 57.14 -49.05
CA ILE SA 138 -96.34 56.55 -48.63
C ILE SA 138 -96.23 55.02 -48.60
N LYS SA 139 -95.49 54.44 -49.55
CA LYS SA 139 -95.29 53.00 -49.54
C LYS SA 139 -94.49 52.56 -48.33
N LEU SA 140 -93.43 53.30 -47.99
CA LEU SA 140 -92.66 52.97 -46.79
C LEU SA 140 -93.50 53.15 -45.54
N ALA SA 141 -94.37 54.17 -45.51
CA ALA SA 141 -95.25 54.37 -44.37
C ALA SA 141 -96.21 53.20 -44.21
N LEU SA 142 -96.82 52.74 -45.30
CA LEU SA 142 -97.72 51.60 -45.24
C LEU SA 142 -96.99 50.34 -44.82
N GLU SA 143 -95.75 50.15 -45.33
CA GLU SA 143 -94.96 48.99 -44.96
C GLU SA 143 -94.61 49.01 -43.47
N ALA SA 144 -94.29 50.19 -42.94
CA ALA SA 144 -93.98 50.29 -41.52
C ALA SA 144 -95.23 50.08 -40.67
N ALA SA 145 -96.38 50.57 -41.14
CA ALA SA 145 -97.62 50.36 -40.40
C ALA SA 145 -97.98 48.88 -40.35
N GLU SA 146 -97.86 48.19 -41.48
CA GLU SA 146 -98.09 46.75 -41.48
C GLU SA 146 -97.05 46.01 -40.65
N ARG SA 147 -95.81 46.51 -40.63
CA ARG SA 147 -94.75 45.88 -39.86
C ARG SA 147 -94.75 46.35 -38.41
N GLY SA 148 -95.14 47.59 -38.16
CA GLY SA 148 -95.13 48.13 -36.81
C GLY SA 148 -93.77 48.66 -36.41
N ASP SA 149 -93.00 49.13 -37.39
CA ASP SA 149 -91.64 49.63 -37.16
C ASP SA 149 -91.69 51.15 -37.00
N SER SA 150 -91.47 51.61 -35.76
CA SER SA 150 -91.49 53.05 -35.51
C SER SA 150 -90.31 53.74 -36.18
N GLU SA 151 -89.16 53.08 -36.25
CA GLU SA 151 -88.02 53.65 -36.95
C GLU SA 151 -88.31 53.81 -38.43
N LYS SA 152 -88.90 52.79 -39.05
CA LYS SA 152 -89.21 52.87 -40.47
C LYS SA 152 -90.29 53.90 -40.75
N ALA SA 153 -91.28 54.01 -39.87
CA ALA SA 153 -92.33 54.99 -40.07
C ALA SA 153 -91.81 56.41 -39.89
N LYS SA 154 -90.95 56.63 -38.89
CA LYS SA 154 -90.33 57.93 -38.72
C LYS SA 154 -89.42 58.25 -39.90
N ALA SA 155 -88.75 57.23 -40.45
CA ALA SA 155 -87.92 57.44 -41.63
C ALA SA 155 -88.76 57.81 -42.84
N ILE SA 156 -89.92 57.17 -43.00
CA ILE SA 156 -90.82 57.52 -44.09
C ILE SA 156 -91.34 58.95 -43.92
N LEU SA 157 -91.62 59.35 -42.68
CA LEU SA 157 -92.08 60.71 -42.43
C LEU SA 157 -90.99 61.72 -42.74
N LEU SA 158 -89.78 61.47 -42.26
CA LEU SA 158 -88.66 62.37 -42.52
C LEU SA 158 -88.32 62.40 -44.00
N ALA SA 159 -88.50 61.28 -44.70
CA ALA SA 159 -88.22 61.25 -46.13
C ALA SA 159 -89.29 62.01 -46.92
N ALA SA 160 -90.55 61.90 -46.50
CA ALA SA 160 -91.59 62.70 -47.13
C ALA SA 160 -91.37 64.18 -46.89
N GLU SA 161 -90.93 64.54 -45.67
CA GLU SA 161 -90.62 65.94 -45.39
C GLU SA 161 -89.42 66.41 -46.20
N ALA SA 162 -88.40 65.56 -46.34
CA ALA SA 162 -87.24 65.92 -47.16
C ALA SA 162 -87.63 66.07 -48.62
N ALA SA 163 -88.51 65.20 -49.12
CA ALA SA 163 -88.99 65.34 -50.48
C ALA SA 163 -89.82 66.60 -50.67
N ARG SA 164 -90.61 66.97 -49.66
CA ARG SA 164 -91.36 68.22 -49.72
C ARG SA 164 -90.41 69.41 -49.76
N VAL SA 165 -89.39 69.40 -48.91
CA VAL SA 165 -88.42 70.50 -48.87
C VAL SA 165 -87.64 70.55 -50.18
N ALA SA 166 -87.39 69.39 -50.79
CA ALA SA 166 -86.67 69.35 -52.06
C ALA SA 166 -87.53 69.89 -53.19
N LYS SA 167 -88.80 69.47 -53.25
CA LYS SA 167 -89.71 69.96 -54.28
C LYS SA 167 -89.93 71.46 -54.14
N GLU SA 168 -90.02 71.95 -52.90
CA GLU SA 168 -90.15 73.39 -52.68
C GLU SA 168 -88.85 74.12 -53.03
N VAL SA 169 -87.71 73.45 -52.84
CA VAL SA 169 -86.43 74.02 -53.22
C VAL SA 169 -86.11 73.75 -54.69
N GLY SA 170 -86.48 72.57 -55.17
CA GLY SA 170 -86.17 72.19 -56.54
C GLY SA 170 -84.92 71.34 -56.59
N ASP SA 171 -84.58 70.71 -55.46
CA ASP SA 171 -83.36 69.95 -55.34
C ASP SA 171 -83.64 68.48 -55.64
N PRO SA 172 -83.50 68.03 -56.88
CA PRO SA 172 -83.73 66.61 -57.18
C PRO SA 172 -82.73 65.68 -56.53
N GLU SA 173 -81.51 66.17 -56.22
CA GLU SA 173 -80.59 65.37 -55.42
C GLU SA 173 -81.14 65.15 -54.02
N LEU SA 174 -81.74 66.18 -53.44
CA LEU SA 174 -82.35 66.02 -52.11
C LEU SA 174 -83.55 65.08 -52.16
N ILE SA 175 -84.36 65.19 -53.22
CA ILE SA 175 -85.50 64.28 -53.36
C ILE SA 175 -85.03 62.85 -53.54
N LYS SA 176 -83.95 62.65 -54.29
CA LYS SA 176 -83.40 61.31 -54.48
C LYS SA 176 -82.84 60.77 -53.18
N LEU SA 177 -82.17 61.62 -52.39
CA LEU SA 177 -81.66 61.17 -51.10
C LEU SA 177 -82.81 60.82 -50.16
N ALA SA 178 -83.91 61.58 -50.24
CA ALA SA 178 -85.08 61.27 -49.42
C ALA SA 178 -85.69 59.94 -49.82
N LEU SA 179 -85.81 59.69 -51.13
CA LEU SA 179 -86.34 58.40 -51.57
C LEU SA 179 -85.42 57.26 -51.18
N GLU SA 180 -84.11 57.48 -51.26
CA GLU SA 180 -83.16 56.44 -50.87
C GLU SA 180 -83.22 56.16 -49.38
N ALA SA 181 -83.42 57.21 -48.57
CA ALA SA 181 -83.57 57.01 -47.13
C ALA SA 181 -84.88 56.31 -46.79
N ALA SA 182 -85.95 56.63 -47.54
CA ALA SA 182 -87.22 55.94 -47.34
C ALA SA 182 -87.10 54.46 -47.70
N ARG SA 183 -86.44 54.15 -48.81
CA ARG SA 183 -86.20 52.76 -49.15
C ARG SA 183 -85.29 52.08 -48.14
N ARG SA 184 -84.32 52.81 -47.59
CA ARG SA 184 -83.42 52.26 -46.58
C ARG SA 184 -84.04 52.29 -45.19
N GLY SA 185 -85.00 53.19 -44.97
CA GLY SA 185 -85.60 53.31 -43.65
C GLY SA 185 -84.70 54.03 -42.69
N ASP SA 186 -83.78 54.83 -43.22
CA ASP SA 186 -82.83 55.60 -42.41
C ASP SA 186 -83.42 56.97 -42.14
N SER SA 187 -84.01 57.14 -40.95
CA SER SA 187 -84.55 58.44 -40.57
C SER SA 187 -83.43 59.49 -40.47
N GLU SA 188 -82.22 59.06 -40.12
CA GLU SA 188 -81.09 59.98 -40.08
C GLU SA 188 -80.76 60.51 -41.47
N LYS SA 189 -80.70 59.61 -42.47
CA LYS SA 189 -80.44 60.05 -43.83
C LYS SA 189 -81.56 60.90 -44.36
N ALA SA 190 -82.81 60.59 -44.00
CA ALA SA 190 -83.94 61.39 -44.46
C ALA SA 190 -83.92 62.78 -43.83
N LYS SA 191 -83.57 62.87 -42.56
CA LYS SA 191 -83.46 64.17 -41.90
C LYS SA 191 -82.30 64.97 -42.48
N ALA SA 192 -81.20 64.28 -42.81
CA ALA SA 192 -80.09 64.95 -43.48
C ALA SA 192 -80.52 65.47 -44.85
N ILE SA 193 -81.34 64.70 -45.56
CA ILE SA 193 -81.84 65.15 -46.85
C ILE SA 193 -82.76 66.34 -46.68
N LEU SA 194 -83.56 66.36 -45.61
CA LEU SA 194 -84.44 67.50 -45.35
C LEU SA 194 -83.62 68.75 -45.04
N LEU SA 195 -82.62 68.62 -44.16
CA LEU SA 195 -81.76 69.75 -43.85
C LEU SA 195 -80.98 70.22 -45.07
N ALA SA 196 -80.57 69.29 -45.92
CA ALA SA 196 -79.85 69.66 -47.15
C ALA SA 196 -80.77 70.37 -48.12
N ALA SA 197 -82.03 69.92 -48.23
CA ALA SA 197 -82.98 70.61 -49.09
C ALA SA 197 -83.28 72.00 -48.56
N GLU SA 198 -83.37 72.16 -47.24
CA GLU SA 198 -83.55 73.49 -46.67
C GLU SA 198 -82.35 74.38 -46.93
N ALA SA 199 -81.14 73.84 -46.78
CA ALA SA 199 -79.93 74.62 -47.05
C ALA SA 199 -79.85 74.99 -48.52
N ALA SA 200 -80.25 74.09 -49.41
CA ALA SA 200 -80.25 74.39 -50.84
C ALA SA 200 -81.31 75.42 -51.18
N ARG SA 201 -82.47 75.38 -50.51
CA ARG SA 201 -83.48 76.40 -50.70
C ARG SA 201 -82.96 77.76 -50.26
N VAL SA 202 -82.26 77.81 -49.13
CA VAL SA 202 -81.70 79.07 -48.65
C VAL SA 202 -80.61 79.56 -49.61
N ALA SA 203 -79.83 78.64 -50.15
CA ALA SA 203 -78.78 79.02 -51.10
C ALA SA 203 -79.38 79.56 -52.39
N LYS SA 204 -80.45 78.94 -52.88
CA LYS SA 204 -81.11 79.44 -54.08
C LYS SA 204 -81.78 80.78 -53.84
N GLU SA 205 -82.40 80.96 -52.66
CA GLU SA 205 -83.05 82.23 -52.37
C GLU SA 205 -82.03 83.34 -52.16
N VAL SA 206 -80.86 83.01 -51.65
CA VAL SA 206 -79.79 84.00 -51.49
C VAL SA 206 -78.94 84.10 -52.74
N GLY SA 207 -78.49 82.97 -53.28
CA GLY SA 207 -77.64 82.96 -54.44
C GLY SA 207 -76.26 82.41 -54.12
N ASP SA 208 -76.19 81.54 -53.12
CA ASP SA 208 -74.93 80.95 -52.68
C ASP SA 208 -74.77 79.60 -53.34
N PRO SA 209 -74.23 79.54 -54.57
CA PRO SA 209 -74.07 78.24 -55.24
C PRO SA 209 -73.14 77.29 -54.52
N GLU SA 210 -72.14 77.80 -53.79
CA GLU SA 210 -71.31 76.92 -52.97
C GLU SA 210 -72.13 76.30 -51.85
N LEU SA 211 -73.07 77.07 -51.29
CA LEU SA 211 -73.94 76.53 -50.25
C LEU SA 211 -74.86 75.46 -50.80
N ILE SA 212 -75.46 75.70 -51.97
CA ILE SA 212 -76.30 74.68 -52.59
C ILE SA 212 -75.48 73.45 -52.95
N LYS SA 213 -74.21 73.65 -53.34
CA LYS SA 213 -73.34 72.53 -53.66
C LYS SA 213 -73.02 71.72 -52.42
N LEU SA 214 -72.72 72.38 -51.31
CA LEU SA 214 -72.48 71.67 -50.05
C LEU SA 214 -73.74 70.95 -49.59
N ALA SA 215 -74.90 71.57 -49.82
CA ALA SA 215 -76.17 70.92 -49.46
C ALA SA 215 -76.39 69.65 -50.28
N LEU SA 216 -76.15 69.72 -51.59
CA LEU SA 216 -76.26 68.53 -52.43
C LEU SA 216 -75.25 67.47 -52.02
N GLU SA 217 -74.04 67.89 -51.66
CA GLU SA 217 -73.01 66.94 -51.23
C GLU SA 217 -73.43 66.25 -49.92
N ALA SA 218 -74.00 67.02 -48.99
CA ALA SA 218 -74.48 66.42 -47.74
C ALA SA 218 -75.66 65.50 -47.99
N ALA SA 219 -76.55 65.87 -48.92
CA ALA SA 219 -77.68 65.01 -49.26
C ALA SA 219 -77.19 63.69 -49.86
N ARG SA 220 -76.18 63.76 -50.73
CA ARG SA 220 -75.59 62.54 -51.26
C ARG SA 220 -74.87 61.76 -50.16
N ARG SA 221 -74.31 62.46 -49.17
CA ARG SA 221 -73.61 61.78 -48.08
C ARG SA 221 -74.58 61.37 -46.97
N GLY SA 222 -75.49 62.26 -46.59
CA GLY SA 222 -76.43 61.96 -45.52
C GLY SA 222 -75.96 62.43 -44.17
N ASP SA 223 -75.23 63.55 -44.13
CA ASP SA 223 -74.70 64.10 -42.90
C ASP SA 223 -75.62 65.21 -42.41
N SER SA 224 -76.45 64.88 -41.42
CA SER SA 224 -77.39 65.86 -40.88
C SER SA 224 -76.64 66.99 -40.17
N ARG SA 225 -75.49 66.67 -39.57
CA ARG SA 225 -74.69 67.72 -38.91
C ARG SA 225 -74.13 68.70 -39.94
N LYS SA 226 -73.51 68.18 -41.00
CA LYS SA 226 -72.98 69.06 -42.03
C LYS SA 226 -74.09 69.80 -42.75
N ALA SA 227 -75.23 69.14 -42.96
CA ALA SA 227 -76.35 69.80 -43.63
C ALA SA 227 -76.92 70.91 -42.75
N GLU SA 228 -77.02 70.67 -41.45
CA GLU SA 228 -77.50 71.72 -40.54
C GLU SA 228 -76.52 72.86 -40.46
N ALA SA 229 -75.22 72.56 -40.48
CA ALA SA 229 -74.22 73.62 -40.51
C ALA SA 229 -74.31 74.44 -41.78
N ILE SA 230 -74.55 73.77 -42.91
CA ILE SA 230 -74.71 74.48 -44.18
C ILE SA 230 -75.96 75.34 -44.16
N LEU SA 231 -77.03 74.84 -43.53
CA LEU SA 231 -78.25 75.64 -43.42
C LEU SA 231 -78.03 76.86 -42.52
N LEU SA 232 -77.30 76.67 -41.41
CA LEU SA 232 -76.99 77.78 -40.53
C LEU SA 232 -76.14 78.82 -41.25
N ALA SA 233 -75.14 78.36 -42.00
CA ALA SA 233 -74.30 79.28 -42.77
C ALA SA 233 -75.10 79.97 -43.86
N ALA SA 234 -76.07 79.27 -44.45
CA ALA SA 234 -76.91 79.88 -45.48
C ALA SA 234 -77.80 80.96 -44.89
N GLU SA 235 -78.39 80.69 -43.72
CA GLU SA 235 -79.17 81.72 -43.04
C GLU SA 235 -78.30 82.89 -42.64
N ALA SA 236 -77.07 82.61 -42.20
CA ALA SA 236 -76.14 83.68 -41.84
C ALA SA 236 -75.79 84.53 -43.05
N ALA SA 237 -75.55 83.89 -44.20
CA ALA SA 237 -75.22 84.63 -45.42
C ALA SA 237 -76.45 85.38 -45.93
N ARG SA 238 -77.65 84.84 -45.70
CA ARG SA 238 -78.86 85.57 -46.06
C ARG SA 238 -79.02 86.82 -45.21
N ILE SA 239 -78.77 86.70 -43.91
CA ILE SA 239 -78.79 87.87 -43.03
C ILE SA 239 -77.70 88.86 -43.44
N ALA SA 240 -76.56 88.33 -43.90
CA ALA SA 240 -75.47 89.20 -44.35
C ALA SA 240 -75.86 89.97 -45.60
N LYS SA 241 -76.47 89.30 -46.58
CA LYS SA 241 -76.93 89.99 -47.77
C LYS SA 241 -78.03 90.99 -47.43
N GLU SA 242 -78.90 90.65 -46.48
CA GLU SA 242 -79.88 91.61 -46.01
C GLU SA 242 -79.23 92.81 -45.34
N ALA SA 243 -78.06 92.61 -44.72
CA ALA SA 243 -77.30 93.69 -44.12
C ALA SA 243 -76.28 94.29 -45.08
N GLY SA 244 -75.55 93.44 -45.80
CA GLY SA 244 -74.52 93.92 -46.71
C GLY SA 244 -73.12 93.54 -46.29
N ASP SA 245 -72.98 92.38 -45.65
CA ASP SA 245 -71.68 91.90 -45.20
C ASP SA 245 -71.24 90.74 -46.07
N PRO SA 246 -70.60 90.99 -47.22
CA PRO SA 246 -70.18 89.89 -48.09
C PRO SA 246 -69.07 89.08 -47.46
N GLU SA 247 -68.27 89.73 -46.61
CA GLU SA 247 -67.27 89.00 -45.85
C GLU SA 247 -67.93 87.98 -44.92
N ALA SA 248 -69.08 88.35 -44.35
CA ALA SA 248 -69.82 87.39 -43.53
C ALA SA 248 -70.34 86.23 -44.36
N ARG SA 249 -70.83 86.52 -45.57
CA ARG SA 249 -71.29 85.45 -46.44
C ARG SA 249 -70.14 84.53 -46.83
N LYS SA 250 -68.96 85.10 -47.07
CA LYS SA 250 -67.80 84.28 -47.41
C LYS SA 250 -67.35 83.43 -46.23
N LYS SA 251 -67.36 84.01 -45.02
CA LYS SA 251 -67.03 83.22 -43.85
C LYS SA 251 -68.04 82.12 -43.62
N ALA SA 252 -69.32 82.39 -43.92
CA ALA SA 252 -70.34 81.35 -43.82
C ALA SA 252 -70.09 80.25 -44.84
N LEU SA 253 -69.68 80.62 -46.05
CA LEU SA 253 -69.33 79.62 -47.05
C LEU SA 253 -68.15 78.78 -46.57
N GLU SA 254 -67.14 79.42 -45.97
CA GLU SA 254 -65.99 78.69 -45.47
C GLU SA 254 -66.37 77.75 -44.34
N ALA SA 255 -67.25 78.19 -43.44
CA ALA SA 255 -67.69 77.35 -42.34
C ALA SA 255 -68.55 76.19 -42.82
N ALA SA 256 -69.44 76.44 -43.79
CA ALA SA 256 -70.25 75.36 -44.35
C ALA SA 256 -69.39 74.35 -45.08
N ARG SA 257 -68.35 74.82 -45.77
CA ARG SA 257 -67.37 73.90 -46.36
C ARG SA 257 -66.64 73.13 -45.27
N ARG SA 258 -66.44 73.76 -44.11
CA ARG SA 258 -65.84 73.07 -42.97
C ARG SA 258 -66.83 72.13 -42.31
N GLY SA 259 -68.13 72.43 -42.37
CA GLY SA 259 -69.16 71.56 -41.83
C GLY SA 259 -69.55 71.82 -40.41
N ASP SA 260 -68.97 72.82 -39.75
CA ASP SA 260 -69.34 73.16 -38.40
C ASP SA 260 -70.41 74.26 -38.39
N ARG SA 261 -71.27 74.20 -37.39
CA ARG SA 261 -72.33 75.19 -37.23
C ARG SA 261 -72.06 76.22 -36.14
N GLU SA 262 -71.05 76.00 -35.29
CA GLU SA 262 -70.73 76.98 -34.26
C GLU SA 262 -70.24 78.29 -34.86
N LEU SA 263 -69.31 78.21 -35.81
CA LEU SA 263 -68.84 79.42 -36.48
C LEU SA 263 -69.95 80.07 -37.30
N ALA SA 264 -70.80 79.26 -37.92
CA ALA SA 264 -71.92 79.80 -38.68
C ALA SA 264 -72.87 80.56 -37.75
N THR SA 265 -73.14 80.01 -36.57
CA THR SA 265 -74.00 80.68 -35.61
C THR SA 265 -73.35 81.95 -35.09
N ARG SA 266 -72.04 81.92 -34.85
CA ARG SA 266 -71.35 83.12 -34.38
C ARG SA 266 -71.39 84.22 -35.43
N ILE SA 267 -71.22 83.85 -36.70
CA ILE SA 267 -71.27 84.83 -37.78
C ILE SA 267 -72.69 85.37 -37.93
N LEU SA 268 -73.69 84.50 -37.82
CA LEU SA 268 -75.07 84.96 -37.86
C LEU SA 268 -75.37 85.90 -36.70
N ILE SA 269 -74.75 85.65 -35.54
CA ILE SA 269 -74.95 86.51 -34.39
C ILE SA 269 -74.30 87.87 -34.61
N GLU SA 270 -73.10 87.88 -35.20
CA GLU SA 270 -72.46 89.16 -35.49
C GLU SA 270 -73.25 89.95 -36.52
N ALA SA 271 -73.76 89.27 -37.56
CA ALA SA 271 -74.58 89.95 -38.55
C ALA SA 271 -75.87 90.46 -37.94
N LEU SA 272 -76.48 89.68 -37.04
CA LEU SA 272 -77.68 90.13 -36.38
C LEU SA 272 -77.40 91.30 -35.45
N LEU SA 273 -76.21 91.34 -34.85
CA LEU SA 273 -75.84 92.47 -34.01
C LEU SA 273 -75.67 93.74 -34.85
N ARG SA 274 -75.03 93.61 -36.01
CA ARG SA 274 -74.91 94.76 -36.90
C ARG SA 274 -76.27 95.23 -37.37
N LEU SA 275 -77.12 94.29 -37.80
CA LEU SA 275 -78.46 94.64 -38.24
C LEU SA 275 -79.28 95.22 -37.10
N LEU SA 276 -79.01 94.80 -35.87
CA LEU SA 276 -79.73 95.31 -34.72
C LEU SA 276 -79.30 96.73 -34.40
N LYS SA 277 -78.00 97.03 -34.53
CA LYS SA 277 -77.56 98.40 -34.38
C LYS SA 277 -78.18 99.29 -35.45
N LYS SA 278 -78.24 98.78 -36.69
CA LYS SA 278 -78.87 99.54 -37.76
C LYS SA 278 -80.35 99.78 -37.48
N SER SA 279 -81.05 98.73 -37.03
CA SER SA 279 -82.47 98.87 -36.72
C SER SA 279 -82.68 99.78 -35.53
N THR SA 280 -81.73 99.81 -34.60
CA THR SA 280 -81.84 100.72 -33.45
C THR SA 280 -81.68 102.16 -33.91
N ALA SA 281 -80.73 102.42 -34.80
CA ALA SA 281 -80.62 103.76 -35.38
C ALA SA 281 -81.89 104.14 -36.13
N GLU SA 282 -82.43 103.21 -36.91
CA GLU SA 282 -83.65 103.49 -37.67
C GLU SA 282 -84.83 103.73 -36.73
N LEU SA 283 -84.89 103.01 -35.62
CA LEU SA 283 -85.99 103.18 -34.68
C LEU SA 283 -85.86 104.49 -33.92
N LYS SA 284 -84.64 104.90 -33.59
CA LYS SA 284 -84.43 106.20 -32.99
C LYS SA 284 -84.84 107.31 -33.95
N ARG SA 285 -84.49 107.17 -35.22
CA ARG SA 285 -84.91 108.15 -36.23
C ARG SA 285 -86.43 108.17 -36.36
N ALA SA 286 -87.06 107.00 -36.34
CA ALA SA 286 -88.52 106.94 -36.46
C ALA SA 286 -89.19 107.55 -35.25
N THR SA 287 -88.63 107.34 -34.05
CA THR SA 287 -89.18 107.95 -32.85
C THR SA 287 -89.02 109.46 -32.88
N ALA SA 288 -87.87 109.95 -33.37
CA ALA SA 288 -87.69 111.38 -33.52
C ALA SA 288 -88.70 111.96 -34.53
N SER SA 289 -88.93 111.24 -35.63
CA SER SA 289 -89.89 111.71 -36.62
C SER SA 289 -91.31 111.70 -36.07
N LEU SA 290 -91.65 110.69 -35.27
CA LEU SA 290 -92.98 110.64 -34.66
C LEU SA 290 -93.16 111.77 -33.65
N ARG SA 291 -92.13 112.05 -32.85
CA ARG SA 291 -92.19 113.16 -31.92
C ARG SA 291 -92.30 114.48 -32.65
N ALA SA 292 -91.62 114.62 -33.79
CA ALA SA 292 -91.72 115.84 -34.58
C ALA SA 292 -93.11 116.00 -35.17
N ILE SA 293 -93.70 114.93 -35.68
CA ILE SA 293 -95.06 115.00 -36.20
C ILE SA 293 -96.04 115.30 -35.08
N THR SA 294 -95.78 114.78 -33.88
CA THR SA 294 -96.63 115.09 -32.74
C THR SA 294 -96.53 116.56 -32.36
N GLU SA 295 -95.32 117.12 -32.35
CA GLU SA 295 -95.15 118.53 -32.07
C GLU SA 295 -95.80 119.39 -33.15
N GLU SA 296 -95.77 118.93 -34.40
CA GLU SA 296 -96.42 119.67 -35.48
C GLU SA 296 -97.93 119.65 -35.32
N LEU SA 297 -98.50 118.49 -35.00
CA LEU SA 297 -99.93 118.41 -34.73
C LEU SA 297 -100.30 119.20 -33.49
N LYS SA 298 -99.37 119.34 -32.54
CA LYS SA 298 -99.63 120.13 -31.35
C LYS SA 298 -99.64 121.62 -31.65
N LYS SA 299 -98.70 122.09 -32.47
CA LYS SA 299 -98.61 123.52 -32.76
C LYS SA 299 -99.79 124.00 -33.59
N ASN SA 300 -100.29 123.15 -34.50
CA ASN SA 300 -101.43 123.51 -35.33
C ASN SA 300 -102.22 122.26 -35.68
N PRO SA 301 -103.16 121.84 -34.84
CA PRO SA 301 -103.90 120.61 -35.12
C PRO SA 301 -104.99 120.82 -36.16
N SER SA 302 -105.10 119.85 -37.05
CA SER SA 302 -106.06 119.90 -38.15
C SER SA 302 -106.19 118.51 -38.73
N GLU SA 303 -106.88 118.42 -39.87
CA GLU SA 303 -106.99 117.14 -40.57
C GLU SA 303 -105.61 116.63 -40.99
N ASP SA 304 -104.84 117.48 -41.67
CA ASP SA 304 -103.51 117.06 -42.12
C ASP SA 304 -102.58 116.83 -40.94
N ALA SA 305 -102.72 117.64 -39.88
CA ALA SA 305 -101.84 117.48 -38.72
C ALA SA 305 -102.09 116.17 -37.99
N LEU SA 306 -103.36 115.87 -37.67
CA LEU SA 306 -103.68 114.60 -37.04
C LEU SA 306 -103.35 113.44 -37.97
N VAL SA 307 -103.55 113.62 -39.28
CA VAL SA 307 -103.22 112.57 -40.24
C VAL SA 307 -101.74 112.26 -40.19
N GLU SA 308 -100.89 113.29 -40.22
CA GLU SA 308 -99.45 113.08 -40.21
C GLU SA 308 -98.99 112.51 -38.88
N HIS SA 309 -99.58 112.97 -37.77
CA HIS SA 309 -99.20 112.44 -36.46
C HIS SA 309 -99.54 110.96 -36.33
N ASN SA 310 -100.75 110.59 -36.76
CA ASN SA 310 -101.14 109.19 -36.70
C ASN SA 310 -100.32 108.33 -37.67
N ARG SA 311 -100.00 108.89 -38.85
CA ARG SA 311 -99.17 108.16 -39.80
C ARG SA 311 -97.77 107.94 -39.25
N ALA SA 312 -97.21 108.95 -38.58
CA ALA SA 312 -95.90 108.80 -37.96
C ALA SA 312 -95.94 107.80 -36.81
N ILE SA 313 -97.03 107.80 -36.04
CA ILE SA 313 -97.16 106.81 -34.96
C ILE SA 313 -97.23 105.41 -35.54
N VAL SA 314 -97.98 105.23 -36.62
CA VAL SA 314 -98.08 103.91 -37.25
C VAL SA 314 -96.75 103.50 -37.87
N GLU SA 315 -96.02 104.47 -38.43
CA GLU SA 315 -94.71 104.16 -38.99
C GLU SA 315 -93.73 103.76 -37.90
N HIS SA 316 -93.77 104.44 -36.76
CA HIS SA 316 -92.93 104.05 -35.64
C HIS SA 316 -93.31 102.67 -35.12
N ASN SA 317 -94.60 102.37 -35.08
CA ASN SA 317 -95.04 101.05 -34.65
C ASN SA 317 -94.57 99.98 -35.63
N ALA SA 318 -94.63 100.27 -36.92
CA ALA SA 318 -94.18 99.31 -37.93
C ALA SA 318 -92.67 99.11 -37.87
N ILE SA 319 -91.93 100.19 -37.64
CA ILE SA 319 -90.47 100.08 -37.50
C ILE SA 319 -90.12 99.28 -36.26
N ILE SA 320 -90.87 99.49 -35.18
CA ILE SA 320 -90.65 98.71 -33.97
C ILE SA 320 -90.98 97.25 -34.20
N VAL SA 321 -92.04 96.98 -34.98
CA VAL SA 321 -92.38 95.61 -35.30
C VAL SA 321 -91.30 94.97 -36.14
N GLU SA 322 -90.71 95.71 -37.07
CA GLU SA 322 -89.64 95.18 -37.89
C GLU SA 322 -88.39 94.90 -37.05
N ASN SA 323 -88.05 95.82 -36.15
CA ASN SA 323 -86.90 95.60 -35.28
C ASN SA 323 -87.15 94.42 -34.35
N ASN SA 324 -88.38 94.27 -33.88
CA ASN SA 324 -88.72 93.13 -33.04
C ASN SA 324 -88.66 91.83 -33.84
N ARG SA 325 -89.03 91.88 -35.11
CA ARG SA 325 -88.93 90.70 -35.96
C ARG SA 325 -87.47 90.32 -36.18
N ILE SA 326 -86.62 91.32 -36.37
CA ILE SA 326 -85.19 91.05 -36.51
C ILE SA 326 -84.64 90.46 -35.22
N ILE SA 327 -85.05 91.00 -34.08
CA ILE SA 327 -84.60 90.48 -32.80
C ILE SA 327 -85.10 89.06 -32.60
N ALA SA 328 -86.33 88.79 -33.05
CA ALA SA 328 -86.88 87.45 -32.93
C ALA SA 328 -86.15 86.46 -33.81
N MET SA 329 -85.77 86.89 -35.02
CA MET SA 329 -84.98 86.03 -35.89
C MET SA 329 -83.62 85.74 -35.25
N VAL SA 330 -82.99 86.77 -34.68
CA VAL SA 330 -81.70 86.57 -34.02
C VAL SA 330 -81.85 85.63 -32.83
N LEU SA 331 -82.92 85.77 -32.07
CA LEU SA 331 -83.14 84.91 -30.91
C LEU SA 331 -83.43 83.47 -31.36
N GLU SA 332 -84.17 83.31 -32.45
CA GLU SA 332 -84.41 81.97 -32.98
C GLU SA 332 -83.12 81.34 -33.47
N ALA SA 333 -82.24 82.14 -34.05
CA ALA SA 333 -80.92 81.64 -34.44
C ALA SA 333 -80.11 81.20 -33.22
N ILE SA 334 -80.14 82.02 -32.16
CA ILE SA 334 -79.44 81.65 -30.95
C ILE SA 334 -80.02 80.37 -30.35
N VAL SA 335 -81.33 80.21 -30.44
CA VAL SA 335 -81.98 79.02 -29.90
C VAL SA 335 -81.61 77.78 -30.70
N ARG SA 336 -81.66 77.90 -32.03
CA ARG SA 336 -81.24 76.79 -32.88
C ARG SA 336 -79.76 76.47 -32.68
N ALA SA 337 -78.97 77.46 -32.28
CA ALA SA 337 -77.57 77.23 -31.97
C ALA SA 337 -77.37 76.71 -30.55
N ILE SA 338 -78.09 77.25 -29.57
CA ILE SA 338 -77.96 76.78 -28.21
C ILE SA 338 -78.81 75.54 -28.01
N SER TA 2 -76.16 -76.77 -24.73
CA SER TA 2 -77.40 -76.59 -25.49
C SER TA 2 -77.13 -76.57 -26.99
N THR TA 3 -75.85 -76.72 -27.36
CA THR TA 3 -75.49 -76.71 -28.77
C THR TA 3 -75.93 -77.98 -29.48
N LYS TA 4 -75.64 -79.14 -28.88
CA LYS TA 4 -76.00 -80.41 -29.52
C LYS TA 4 -77.52 -80.60 -29.53
N GLU TA 5 -78.20 -80.17 -28.47
CA GLU TA 5 -79.66 -80.30 -28.43
C GLU TA 5 -80.32 -79.40 -29.48
N LYS TA 6 -79.88 -78.14 -29.57
CA LYS TA 6 -80.41 -77.24 -30.58
C LYS TA 6 -80.10 -77.77 -31.98
N ALA TA 7 -78.91 -78.38 -32.15
CA ALA TA 7 -78.57 -78.97 -33.43
C ALA TA 7 -79.50 -80.11 -33.79
N ARG TA 8 -79.72 -81.04 -32.86
CA ARG TA 8 -80.62 -82.15 -33.13
C ARG TA 8 -82.03 -81.67 -33.43
N GLN TA 9 -82.50 -80.64 -32.71
CA GLN TA 9 -83.85 -80.13 -32.93
C GLN TA 9 -83.98 -79.45 -34.29
N LEU TA 10 -83.09 -78.50 -34.58
CA LEU TA 10 -83.14 -77.80 -35.87
C LEU TA 10 -82.92 -78.77 -37.02
N ALA TA 11 -82.15 -79.83 -36.81
CA ALA TA 11 -81.93 -80.79 -37.88
C ALA TA 11 -83.12 -81.72 -38.08
N GLU TA 12 -83.81 -82.08 -36.99
CA GLU TA 12 -85.06 -82.81 -37.14
C GLU TA 12 -86.09 -81.97 -37.87
N GLU TA 13 -86.19 -80.68 -37.53
CA GLU TA 13 -87.07 -79.79 -38.27
C GLU TA 13 -86.63 -79.66 -39.73
N ALA TA 14 -85.32 -79.67 -39.97
CA ALA TA 14 -84.79 -79.64 -41.32
C ALA TA 14 -85.24 -80.86 -42.11
N LYS TA 15 -85.11 -82.05 -41.52
CA LYS TA 15 -85.53 -83.27 -42.19
C LYS TA 15 -87.03 -83.28 -42.44
N GLU TA 16 -87.81 -82.76 -41.47
CA GLU TA 16 -89.25 -82.72 -41.65
C GLU TA 16 -89.65 -81.79 -42.79
N THR TA 17 -89.09 -80.57 -42.80
CA THR TA 17 -89.41 -79.63 -43.86
C THR TA 17 -88.84 -80.09 -45.20
N ALA TA 18 -87.82 -80.95 -45.17
CA ALA TA 18 -87.29 -81.52 -46.40
C ALA TA 18 -88.24 -82.58 -46.96
N GLU TA 19 -88.71 -83.49 -46.11
CA GLU TA 19 -89.69 -84.47 -46.53
C GLU TA 19 -90.98 -83.79 -46.99
N LYS TA 20 -91.35 -82.68 -46.35
CA LYS TA 20 -92.51 -81.92 -46.81
C LYS TA 20 -92.21 -81.21 -48.13
N VAL TA 21 -90.98 -80.77 -48.32
CA VAL TA 21 -90.56 -80.16 -49.58
C VAL TA 21 -90.44 -81.20 -50.68
N GLY TA 22 -90.26 -82.46 -50.29
CA GLY TA 22 -90.09 -83.54 -51.25
C GLY TA 22 -88.64 -84.00 -51.31
N ASP TA 23 -87.87 -83.70 -50.27
CA ASP TA 23 -86.45 -84.00 -50.25
C ASP TA 23 -86.15 -85.02 -49.17
N PRO TA 24 -85.96 -86.29 -49.52
CA PRO TA 24 -85.49 -87.26 -48.52
C PRO TA 24 -83.99 -87.19 -48.37
N GLU TA 25 -83.33 -86.69 -49.41
CA GLU TA 25 -81.89 -86.47 -49.35
C GLU TA 25 -81.54 -85.36 -48.36
N LEU TA 26 -82.27 -84.25 -48.43
CA LEU TA 26 -82.08 -83.20 -47.43
C LEU TA 26 -82.51 -83.68 -46.05
N ILE TA 27 -83.49 -84.59 -46.00
CA ILE TA 27 -83.89 -85.18 -44.72
C ILE TA 27 -82.75 -85.98 -44.12
N LYS TA 28 -82.06 -86.76 -44.95
CA LYS TA 28 -80.93 -87.55 -44.45
C LYS TA 28 -79.75 -86.66 -44.07
N LEU TA 29 -79.50 -85.62 -44.88
CA LEU TA 29 -78.45 -84.67 -44.52
C LEU TA 29 -78.78 -83.97 -43.20
N ALA TA 30 -80.06 -83.72 -42.95
CA ALA TA 30 -80.48 -83.14 -41.68
C ALA TA 30 -80.28 -84.13 -40.54
N GLU TA 31 -80.64 -85.39 -40.74
CA GLU TA 31 -80.37 -86.40 -39.73
C GLU TA 31 -78.88 -86.48 -39.43
N GLN TA 32 -78.04 -86.29 -40.45
CA GLN TA 32 -76.59 -86.28 -40.24
C GLN TA 32 -76.17 -85.04 -39.47
N ALA TA 33 -76.78 -83.89 -39.76
CA ALA TA 33 -76.48 -82.68 -39.00
C ALA TA 33 -76.87 -82.84 -37.53
N SER TA 34 -77.95 -83.57 -37.27
CA SER TA 34 -78.34 -83.86 -35.90
C SER TA 34 -77.35 -84.80 -35.23
N GLN TA 35 -76.97 -85.87 -35.92
CA GLN TA 35 -76.03 -86.84 -35.36
C GLN TA 35 -74.67 -86.21 -35.09
N GLU TA 36 -74.26 -85.26 -35.93
CA GLU TA 36 -72.98 -84.59 -35.73
C GLU TA 36 -73.08 -83.52 -34.64
N GLY TA 37 -74.26 -82.94 -34.46
CA GLY TA 37 -74.45 -81.90 -33.48
C GLY TA 37 -74.09 -80.51 -33.94
N ASP TA 38 -74.28 -80.20 -35.23
CA ASP TA 38 -73.98 -78.89 -35.78
C ASP TA 38 -75.27 -78.10 -35.92
N SER TA 39 -75.50 -77.16 -34.99
CA SER TA 39 -76.68 -76.31 -35.08
C SER TA 39 -76.65 -75.43 -36.32
N GLU TA 40 -75.44 -75.04 -36.74
CA GLU TA 40 -75.33 -74.28 -37.99
C GLU TA 40 -75.76 -75.12 -39.18
N LYS TA 41 -75.25 -76.35 -39.29
CA LYS TA 41 -75.65 -77.23 -40.38
C LYS TA 41 -77.11 -77.63 -40.25
N ALA TA 42 -77.61 -77.74 -39.01
CA ALA TA 42 -79.01 -78.08 -38.81
C ALA TA 42 -79.92 -76.96 -39.31
N LYS TA 43 -79.66 -75.72 -38.89
CA LYS TA 43 -80.45 -74.60 -39.39
C LYS TA 43 -80.25 -74.40 -40.87
N ALA TA 44 -79.07 -74.75 -41.39
CA ALA TA 44 -78.84 -74.68 -42.82
C ALA TA 44 -79.73 -75.65 -43.58
N ILE TA 45 -79.79 -76.90 -43.13
CA ILE TA 45 -80.67 -77.88 -43.76
C ILE TA 45 -82.12 -77.47 -43.59
N LEU TA 46 -82.44 -76.78 -42.49
CA LEU TA 46 -83.81 -76.33 -42.26
C LEU TA 46 -84.20 -75.24 -43.24
N LEU TA 47 -83.35 -74.22 -43.37
CA LEU TA 47 -83.61 -73.15 -44.33
C LEU TA 47 -83.60 -73.69 -45.76
N ALA TA 48 -82.76 -74.68 -46.06
CA ALA TA 48 -82.76 -75.27 -47.39
C ALA TA 48 -84.01 -76.09 -47.64
N ALA TA 49 -84.52 -76.76 -46.61
CA ALA TA 49 -85.77 -77.50 -46.75
C ALA TA 49 -86.94 -76.56 -46.96
N GLU TA 50 -86.96 -75.44 -46.23
CA GLU TA 50 -87.97 -74.42 -46.46
C GLU TA 50 -87.83 -73.83 -47.86
N ALA TA 51 -86.59 -73.65 -48.32
CA ALA TA 51 -86.35 -73.18 -49.67
C ALA TA 51 -86.91 -74.14 -50.70
N ALA TA 52 -86.69 -75.43 -50.51
CA ALA TA 52 -87.21 -76.43 -51.43
C ALA TA 52 -88.72 -76.49 -51.39
N ARG TA 53 -89.32 -76.27 -50.21
CA ARG TA 53 -90.77 -76.21 -50.12
C ARG TA 53 -91.31 -75.01 -50.88
N VAL TA 54 -90.72 -73.83 -50.67
CA VAL TA 54 -91.18 -72.63 -51.37
C VAL TA 54 -90.91 -72.75 -52.87
N ALA TA 55 -89.90 -73.53 -53.25
CA ALA TA 55 -89.63 -73.75 -54.66
C ALA TA 55 -90.65 -74.69 -55.29
N LYS TA 56 -90.93 -75.81 -54.61
CA LYS TA 56 -92.00 -76.69 -55.07
C LYS TA 56 -93.32 -75.94 -55.16
N GLU TA 57 -93.51 -74.94 -54.29
CA GLU TA 57 -94.65 -74.05 -54.43
C GLU TA 57 -94.48 -73.13 -55.64
N VAL TA 58 -93.25 -72.73 -55.96
CA VAL TA 58 -93.00 -71.86 -57.10
C VAL TA 58 -92.79 -72.66 -58.37
N GLY TA 59 -91.86 -73.63 -58.34
CA GLY TA 59 -91.66 -74.52 -59.48
C GLY TA 59 -90.35 -74.35 -60.21
N ALA TA 60 -89.26 -74.09 -59.48
CA ALA TA 60 -87.94 -73.93 -60.09
C ALA TA 60 -87.02 -75.04 -59.60
N PRO TA 61 -86.64 -76.00 -60.44
CA PRO TA 61 -85.72 -77.05 -59.98
C PRO TA 61 -84.29 -76.56 -59.78
N ASP TA 62 -83.95 -75.38 -60.31
CA ASP TA 62 -82.62 -74.83 -60.07
C ASP TA 62 -82.40 -74.54 -58.58
N LEU TA 63 -83.27 -73.72 -58.00
CA LEU TA 63 -83.16 -73.44 -56.57
C LEU TA 63 -83.44 -74.70 -55.75
N ILE TA 64 -84.21 -75.63 -56.31
CA ILE TA 64 -84.48 -76.88 -55.60
C ILE TA 64 -83.18 -77.67 -55.42
N ARG TA 65 -82.46 -77.93 -56.51
CA ARG TA 65 -81.18 -78.61 -56.41
C ARG TA 65 -80.17 -77.77 -55.64
N LEU TA 66 -80.29 -76.45 -55.71
CA LEU TA 66 -79.39 -75.58 -54.95
C LEU TA 66 -79.58 -75.80 -53.45
N ALA TA 67 -80.83 -75.81 -52.99
CA ALA TA 67 -81.10 -76.08 -51.58
C ALA TA 67 -80.74 -77.51 -51.22
N ARG TA 68 -80.92 -78.45 -52.14
CA ARG TA 68 -80.52 -79.83 -51.89
C ARG TA 68 -79.02 -79.91 -51.61
N ILE TA 69 -78.22 -79.25 -52.45
CA ILE TA 69 -76.77 -79.27 -52.25
C ILE TA 69 -76.39 -78.49 -50.99
N ALA TA 70 -77.10 -77.39 -50.72
CA ALA TA 70 -76.81 -76.60 -49.52
C ALA TA 70 -77.08 -77.41 -48.26
N ALA TA 71 -78.13 -78.23 -48.28
CA ALA TA 71 -78.41 -79.08 -47.14
C ALA TA 71 -77.41 -80.23 -47.05
N ARG TA 72 -77.04 -80.81 -48.19
CA ARG TA 72 -76.04 -81.86 -48.20
C ARG TA 72 -74.70 -81.36 -47.67
N VAL TA 73 -74.39 -80.07 -47.90
CA VAL TA 73 -73.14 -79.51 -47.41
C VAL TA 73 -73.35 -78.85 -46.05
N GLY TA 74 -74.50 -78.22 -45.85
CA GLY TA 74 -74.75 -77.50 -44.61
C GLY TA 74 -74.42 -76.03 -44.71
N ALA TA 75 -74.79 -75.42 -45.83
CA ALA TA 75 -74.51 -74.01 -46.10
C ALA TA 75 -75.70 -73.17 -45.66
N SER TA 76 -75.53 -72.42 -44.56
CA SER TA 76 -76.61 -71.62 -44.03
C SER TA 76 -76.88 -70.39 -44.90
N GLU TA 77 -75.83 -69.72 -45.36
CA GLU TA 77 -76.01 -68.57 -46.22
C GLU TA 77 -76.66 -68.98 -47.54
N ALA TA 78 -76.20 -70.08 -48.14
CA ALA TA 78 -76.78 -70.55 -49.39
C ALA TA 78 -78.22 -71.01 -49.18
N ALA TA 79 -78.52 -71.61 -48.02
CA ALA TA 79 -79.88 -72.05 -47.76
C ALA TA 79 -80.81 -70.85 -47.57
N LYS TA 80 -80.39 -69.83 -46.84
CA LYS TA 80 -81.20 -68.64 -46.69
C LYS TA 80 -81.36 -67.92 -48.02
N ALA TA 81 -80.30 -67.93 -48.84
CA ALA TA 81 -80.41 -67.34 -50.17
C ALA TA 81 -81.40 -68.11 -51.03
N ILE TA 82 -81.39 -69.44 -50.93
CA ILE TA 82 -82.33 -70.25 -51.71
C ILE TA 82 -83.76 -70.02 -51.21
N LEU TA 83 -83.93 -69.81 -49.91
CA LEU TA 83 -85.27 -69.56 -49.37
C LEU TA 83 -85.80 -68.22 -49.82
N LEU TA 84 -85.00 -67.15 -49.65
CA LEU TA 84 -85.42 -65.84 -50.12
C LEU TA 84 -85.57 -65.81 -51.63
N ALA TA 85 -84.81 -66.64 -52.34
CA ALA TA 85 -84.92 -66.69 -53.79
C ALA TA 85 -86.16 -67.45 -54.23
N ALA TA 86 -86.57 -68.46 -53.46
CA ALA TA 86 -87.83 -69.14 -53.74
C ALA TA 86 -89.01 -68.22 -53.45
N GLU TA 87 -88.89 -67.41 -52.39
CA GLU TA 87 -89.87 -66.36 -52.16
C GLU TA 87 -89.90 -65.38 -53.32
N ALA TA 88 -88.72 -64.99 -53.81
CA ALA TA 88 -88.63 -64.12 -54.97
C ALA TA 88 -89.26 -64.76 -56.19
N ALA TA 89 -89.09 -66.08 -56.34
CA ALA TA 89 -89.64 -66.77 -57.49
C ALA TA 89 -91.15 -66.85 -57.42
N ARG TA 90 -91.69 -67.06 -56.22
CA ARG TA 90 -93.14 -67.00 -56.05
C ARG TA 90 -93.65 -65.59 -56.35
N VAL TA 91 -92.95 -64.57 -55.85
CA VAL TA 91 -93.38 -63.19 -56.08
C VAL TA 91 -93.27 -62.83 -57.56
N ALA TA 92 -92.31 -63.43 -58.25
CA ALA TA 92 -92.14 -63.17 -59.67
C ALA TA 92 -93.19 -63.90 -60.50
N LYS TA 93 -93.48 -65.16 -60.16
CA LYS TA 93 -94.59 -65.86 -60.79
C LYS TA 93 -95.89 -65.11 -60.58
N GLU TA 94 -96.02 -64.44 -59.44
CA GLU TA 94 -97.15 -63.53 -59.25
C GLU TA 94 -97.00 -62.28 -60.10
N VAL TA 95 -95.76 -61.85 -60.36
CA VAL TA 95 -95.53 -60.65 -61.15
C VAL TA 95 -95.37 -60.98 -62.62
N GLY TA 96 -94.36 -61.78 -62.96
CA GLY TA 96 -94.15 -62.21 -64.33
C GLY TA 96 -92.91 -61.63 -65.00
N ASP TA 97 -91.84 -61.46 -64.24
CA ASP TA 97 -90.59 -60.90 -64.76
C ASP TA 97 -89.54 -62.01 -64.88
N PRO TA 98 -89.08 -62.34 -66.08
CA PRO TA 98 -88.06 -63.40 -66.20
C PRO TA 98 -86.67 -62.97 -65.78
N GLU TA 99 -86.31 -61.69 -65.98
CA GLU TA 99 -85.04 -61.20 -65.48
C GLU TA 99 -85.00 -61.26 -63.96
N LEU TA 100 -86.13 -61.03 -63.32
CA LEU TA 100 -86.21 -61.20 -61.87
C LEU TA 100 -85.98 -62.65 -61.47
N GLU TA 101 -86.54 -63.59 -62.23
CA GLU TA 101 -86.30 -65.00 -61.95
C GLU TA 101 -84.84 -65.37 -62.14
N ARG TA 102 -84.21 -64.81 -63.18
CA ARG TA 102 -82.79 -65.05 -63.39
C ARG TA 102 -81.96 -64.50 -62.24
N LEU TA 103 -82.28 -63.27 -61.79
CA LEU TA 103 -81.55 -62.67 -60.68
C LEU TA 103 -81.75 -63.47 -59.40
N ALA TA 104 -82.96 -63.98 -59.19
CA ALA TA 104 -83.23 -64.77 -57.99
C ALA TA 104 -82.48 -66.09 -58.01
N LEU TA 105 -82.48 -66.78 -59.16
CA LEU TA 105 -81.71 -68.00 -59.27
C LEU TA 105 -80.22 -67.73 -59.12
N LEU TA 106 -79.75 -66.58 -59.60
CA LEU TA 106 -78.34 -66.23 -59.48
C LEU TA 106 -77.99 -65.93 -58.02
N ALA TA 107 -78.91 -65.30 -57.29
CA ALA TA 107 -78.67 -65.06 -55.87
C ALA TA 107 -78.68 -66.38 -55.09
N ALA TA 108 -79.53 -67.32 -55.49
CA ALA TA 108 -79.56 -68.62 -54.84
C ALA TA 108 -78.27 -69.39 -55.13
N VAL TA 109 -77.77 -69.30 -56.36
CA VAL TA 109 -76.55 -70.03 -56.72
C VAL TA 109 -75.33 -69.40 -56.05
N LEU TA 110 -75.21 -68.07 -56.11
CA LEU TA 110 -74.11 -67.39 -55.45
C LEU TA 110 -74.26 -67.47 -53.93
N GLY TA 111 -75.43 -67.88 -53.46
CA GLY TA 111 -75.66 -67.98 -52.03
C GLY TA 111 -75.76 -66.65 -51.34
N ASP TA 112 -75.90 -65.56 -52.08
CA ASP TA 112 -75.96 -64.21 -51.54
C ASP TA 112 -77.36 -63.96 -51.00
N SER TA 113 -77.54 -64.18 -49.69
CA SER TA 113 -78.84 -63.94 -49.08
C SER TA 113 -79.23 -62.47 -49.17
N GLU TA 114 -78.24 -61.57 -49.20
CA GLU TA 114 -78.53 -60.17 -49.48
C GLU TA 114 -79.10 -59.99 -50.88
N LYS TA 115 -78.45 -60.61 -51.88
CA LYS TA 115 -78.99 -60.55 -53.24
C LYS TA 115 -80.31 -61.31 -53.36
N ALA TA 116 -80.50 -62.33 -52.52
CA ALA TA 116 -81.77 -63.07 -52.55
C ALA TA 116 -82.91 -62.22 -51.99
N LYS TA 117 -82.68 -61.53 -50.87
CA LYS TA 117 -83.68 -60.59 -50.37
C LYS TA 117 -83.87 -59.44 -51.35
N ALA TA 118 -82.80 -59.05 -52.05
CA ALA TA 118 -82.93 -58.06 -53.10
C ALA TA 118 -83.86 -58.55 -54.21
N ILE TA 119 -83.72 -59.81 -54.62
CA ILE TA 119 -84.58 -60.36 -55.65
C ILE TA 119 -86.02 -60.47 -55.16
N LEU TA 120 -86.20 -60.82 -53.89
CA LEU TA 120 -87.55 -60.88 -53.33
C LEU TA 120 -88.20 -59.51 -53.34
N LEU TA 121 -87.49 -58.50 -52.83
CA LEU TA 121 -88.03 -57.15 -52.81
C LEU TA 121 -88.20 -56.58 -54.21
N ALA TA 122 -87.37 -57.02 -55.16
CA ALA TA 122 -87.49 -56.55 -56.53
C ALA TA 122 -88.67 -57.20 -57.24
N ALA TA 123 -88.93 -58.47 -56.96
CA ALA TA 123 -90.13 -59.10 -57.50
C ALA TA 123 -91.38 -58.48 -56.90
N GLU TA 124 -91.35 -58.18 -55.60
CA GLU TA 124 -92.45 -57.45 -54.98
C GLU TA 124 -92.60 -56.06 -55.60
N ALA TA 125 -91.49 -55.40 -55.88
CA ALA TA 125 -91.53 -54.08 -56.50
C ALA TA 125 -92.12 -54.14 -57.90
N ALA TA 126 -91.73 -55.16 -58.67
CA ALA TA 126 -92.27 -55.32 -60.02
C ALA TA 126 -93.76 -55.62 -59.97
N ARG TA 127 -94.19 -56.45 -59.01
CA ARG TA 127 -95.61 -56.72 -58.86
C ARG TA 127 -96.38 -55.47 -58.47
N VAL TA 128 -95.84 -54.69 -57.53
CA VAL TA 128 -96.52 -53.47 -57.08
C VAL TA 128 -96.54 -52.43 -58.19
N ALA TA 129 -95.50 -52.42 -59.03
CA ALA TA 129 -95.46 -51.49 -60.16
C ALA TA 129 -96.46 -51.89 -61.24
N LYS TA 130 -96.53 -53.18 -61.55
CA LYS TA 130 -97.51 -53.66 -62.51
C LYS TA 130 -98.93 -53.40 -62.01
N GLU TA 131 -99.15 -53.53 -60.70
CA GLU TA 131 -100.46 -53.23 -60.14
C GLU TA 131 -100.74 -51.73 -60.15
N VAL TA 132 -99.74 -50.90 -59.91
CA VAL TA 132 -99.90 -49.46 -59.90
C VAL TA 132 -99.77 -48.88 -61.31
N GLY TA 133 -98.86 -49.43 -62.10
CA GLY TA 133 -98.62 -48.92 -63.45
C GLY TA 133 -97.43 -48.00 -63.48
N ASP TA 134 -96.51 -48.16 -62.53
CA ASP TA 134 -95.36 -47.29 -62.41
C ASP TA 134 -94.19 -47.89 -63.16
N PRO TA 135 -93.89 -47.42 -64.38
CA PRO TA 135 -92.76 -47.99 -65.12
C PRO TA 135 -91.40 -47.64 -64.53
N GLU TA 136 -91.27 -46.48 -63.89
CA GLU TA 136 -90.03 -46.15 -63.19
C GLU TA 136 -89.79 -47.12 -62.04
N LEU TA 137 -90.85 -47.52 -61.34
CA LEU TA 137 -90.71 -48.47 -60.24
C LEU TA 137 -90.28 -49.85 -60.77
N ILE TA 138 -90.87 -50.29 -61.87
CA ILE TA 138 -90.48 -51.58 -62.45
C ILE TA 138 -89.05 -51.53 -62.97
N LYS TA 139 -88.65 -50.39 -63.54
CA LYS TA 139 -87.28 -50.25 -64.01
C LYS TA 139 -86.29 -50.28 -62.84
N LEU TA 140 -86.62 -49.59 -61.75
CA LEU TA 140 -85.76 -49.63 -60.57
C LEU TA 140 -85.72 -51.03 -59.98
N ALA TA 141 -86.84 -51.75 -60.00
CA ALA TA 141 -86.86 -53.12 -59.51
C ALA TA 141 -85.96 -54.03 -60.34
N LEU TA 142 -86.04 -53.91 -61.67
CA LEU TA 142 -85.18 -54.71 -62.54
C LEU TA 142 -83.72 -54.34 -62.35
N GLU TA 143 -83.42 -53.05 -62.17
CA GLU TA 143 -82.05 -52.63 -61.94
C GLU TA 143 -81.52 -53.17 -60.63
N ALA TA 144 -82.36 -53.19 -59.59
CA ALA TA 144 -81.92 -53.74 -58.31
C ALA TA 144 -81.74 -55.25 -58.39
N ALA TA 145 -82.62 -55.94 -59.14
CA ALA TA 145 -82.47 -57.38 -59.31
C ALA TA 145 -81.18 -57.72 -60.04
N GLU TA 146 -80.88 -56.99 -61.11
CA GLU TA 146 -79.61 -57.20 -61.80
C GLU TA 146 -78.43 -56.82 -60.93
N ARG TA 147 -78.59 -55.80 -60.07
CA ARG TA 147 -77.50 -55.37 -59.19
C ARG TA 147 -77.47 -56.19 -57.91
N GLY TA 148 -78.63 -56.62 -57.42
CA GLY TA 148 -78.69 -57.38 -56.19
C GLY TA 148 -78.73 -56.48 -54.97
N ASP TA 149 -79.30 -55.28 -55.12
CA ASP TA 149 -79.36 -54.29 -54.05
C ASP TA 149 -80.70 -54.40 -53.36
N SER TA 150 -80.69 -54.91 -52.12
CA SER TA 150 -81.93 -55.05 -51.37
C SER TA 150 -82.52 -53.69 -51.00
N GLU TA 151 -81.66 -52.72 -50.71
CA GLU TA 151 -82.13 -51.37 -50.42
C GLU TA 151 -82.83 -50.77 -51.64
N LYS TA 152 -82.23 -50.91 -52.83
CA LYS TA 152 -82.83 -50.35 -54.03
C LYS TA 152 -84.12 -51.08 -54.39
N ALA TA 153 -84.17 -52.40 -54.19
CA ALA TA 153 -85.38 -53.15 -54.50
C ALA TA 153 -86.50 -52.79 -53.52
N LYS TA 154 -86.19 -52.65 -52.24
CA LYS TA 154 -87.18 -52.21 -51.27
C LYS TA 154 -87.63 -50.79 -51.57
N ALA TA 155 -86.72 -49.94 -52.05
CA ALA TA 155 -87.09 -48.59 -52.44
C ALA TA 155 -88.02 -48.60 -53.63
N ILE TA 156 -87.75 -49.48 -54.61
CA ILE TA 156 -88.64 -49.59 -55.77
C ILE TA 156 -90.01 -50.10 -55.33
N LEU TA 157 -90.04 -51.03 -54.38
CA LEU TA 157 -91.32 -51.53 -53.89
C LEU TA 157 -92.09 -50.45 -53.16
N LEU TA 158 -91.43 -49.72 -52.27
CA LEU TA 158 -92.08 -48.64 -51.54
C LEU TA 158 -92.50 -47.52 -52.47
N ALA TA 159 -91.74 -47.28 -53.54
CA ALA TA 159 -92.11 -46.24 -54.50
C ALA TA 159 -93.30 -46.67 -55.35
N ALA TA 160 -93.36 -47.95 -55.73
CA ALA TA 160 -94.54 -48.44 -56.42
C ALA TA 160 -95.77 -48.38 -55.53
N GLU TA 161 -95.61 -48.70 -54.24
CA GLU TA 161 -96.73 -48.58 -53.31
C GLU TA 161 -97.14 -47.13 -53.13
N ALA TA 162 -96.17 -46.21 -53.04
CA ALA TA 162 -96.48 -44.80 -52.92
C ALA TA 162 -97.19 -44.29 -54.17
N ALA TA 163 -96.77 -44.74 -55.35
CA ALA TA 163 -97.43 -44.36 -56.59
C ALA TA 163 -98.84 -44.92 -56.65
N ARG TA 164 -99.04 -46.14 -56.14
CA ARG TA 164 -100.38 -46.71 -56.07
C ARG TA 164 -101.27 -45.89 -55.14
N VAL TA 165 -100.75 -45.54 -53.97
CA VAL TA 165 -101.52 -44.74 -53.02
C VAL TA 165 -101.80 -43.35 -53.59
N ALA TA 166 -100.88 -42.82 -54.38
CA ALA TA 166 -101.08 -41.51 -54.99
C ALA TA 166 -102.14 -41.58 -56.09
N LYS TA 167 -102.07 -42.59 -56.95
CA LYS TA 167 -103.07 -42.75 -58.00
C LYS TA 167 -104.44 -43.01 -57.42
N GLU TA 168 -104.51 -43.77 -56.33
CA GLU TA 168 -105.80 -43.97 -55.65
C GLU TA 168 -106.27 -42.70 -54.96
N VAL TA 169 -105.33 -41.87 -54.50
CA VAL TA 169 -105.68 -40.58 -53.90
C VAL TA 169 -105.83 -39.50 -54.96
N GLY TA 170 -104.99 -39.55 -55.99
CA GLY TA 170 -105.00 -38.53 -57.02
C GLY TA 170 -103.94 -37.49 -56.74
N ASP TA 171 -102.93 -37.85 -55.97
CA ASP TA 171 -101.90 -36.92 -55.54
C ASP TA 171 -100.72 -37.00 -56.50
N PRO TA 172 -100.67 -36.17 -57.55
CA PRO TA 172 -99.52 -36.22 -58.46
C PRO TA 172 -98.22 -35.78 -57.81
N GLU TA 173 -98.28 -34.95 -56.76
CA GLU TA 173 -97.09 -34.65 -56.00
C GLU TA 173 -96.55 -35.89 -55.30
N LEU TA 174 -97.44 -36.71 -54.76
CA LEU TA 174 -97.02 -37.95 -54.13
C LEU TA 174 -96.46 -38.93 -55.15
N ILE TA 175 -97.08 -39.00 -56.33
CA ILE TA 175 -96.57 -39.87 -57.39
C ILE TA 175 -95.19 -39.40 -57.85
N LYS TA 176 -95.00 -38.08 -57.94
CA LYS TA 176 -93.71 -37.54 -58.33
C LYS TA 176 -92.66 -37.82 -57.27
N LEU TA 177 -93.03 -37.70 -55.99
CA LEU TA 177 -92.09 -38.03 -54.93
C LEU TA 177 -91.74 -39.51 -54.94
N ALA TA 178 -92.71 -40.36 -55.26
CA ALA TA 178 -92.45 -41.80 -55.37
C ALA TA 178 -91.49 -42.09 -56.51
N LEU TA 179 -91.70 -41.45 -57.67
CA LEU TA 179 -90.80 -41.65 -58.80
C LEU TA 179 -89.40 -41.13 -58.47
N GLU TA 180 -89.33 -40.00 -57.77
CA GLU TA 180 -88.03 -39.44 -57.40
C GLU TA 180 -87.30 -40.34 -56.40
N ALA TA 181 -88.05 -40.96 -55.49
CA ALA TA 181 -87.44 -41.89 -54.54
C ALA TA 181 -87.01 -43.18 -55.25
N ALA TA 182 -87.78 -43.63 -56.23
CA ALA TA 182 -87.39 -44.80 -57.02
C ALA TA 182 -86.11 -44.52 -57.80
N ARG TA 183 -86.03 -43.35 -58.42
CA ARG TA 183 -84.80 -42.98 -59.12
C ARG TA 183 -83.64 -42.80 -58.15
N ARG TA 184 -83.92 -42.31 -56.93
CA ARG TA 184 -82.88 -42.15 -55.93
C ARG TA 184 -82.60 -43.44 -55.18
N GLY TA 185 -83.58 -44.35 -55.15
CA GLY TA 185 -83.41 -45.59 -54.42
C GLY TA 185 -83.55 -45.38 -52.92
N ASP TA 186 -84.24 -44.31 -52.54
CA ASP TA 186 -84.46 -43.98 -51.14
C ASP TA 186 -85.77 -44.60 -50.69
N SER TA 187 -85.69 -45.75 -50.02
CA SER TA 187 -86.88 -46.39 -49.49
C SER TA 187 -87.54 -45.52 -48.43
N GLU TA 188 -86.76 -44.73 -47.71
CA GLU TA 188 -87.34 -43.81 -46.73
C GLU TA 188 -88.18 -42.74 -47.42
N LYS TA 189 -87.66 -42.14 -48.49
CA LYS TA 189 -88.44 -41.15 -49.22
C LYS TA 189 -89.67 -41.76 -49.86
N ALA TA 190 -89.55 -43.00 -50.36
CA ALA TA 190 -90.70 -43.65 -50.97
C ALA TA 190 -91.77 -43.99 -49.94
N LYS TA 191 -91.36 -44.41 -48.74
CA LYS TA 191 -92.33 -44.67 -47.68
C LYS TA 191 -92.96 -43.37 -47.20
N ALA TA 192 -92.18 -42.29 -47.16
CA ALA TA 192 -92.75 -40.99 -46.83
C ALA TA 192 -93.76 -40.57 -47.88
N ILE TA 193 -93.48 -40.84 -49.15
CA ILE TA 193 -94.42 -40.53 -50.22
C ILE TA 193 -95.68 -41.37 -50.08
N LEU TA 194 -95.54 -42.63 -49.68
CA LEU TA 194 -96.70 -43.49 -49.48
C LEU TA 194 -97.56 -42.97 -48.33
N LEU TA 195 -96.93 -42.65 -47.20
CA LEU TA 195 -97.66 -42.11 -46.06
C LEU TA 195 -98.30 -40.77 -46.40
N ALA TA 196 -97.62 -39.95 -47.22
CA ALA TA 196 -98.19 -38.67 -47.62
C ALA TA 196 -99.37 -38.86 -48.57
N ALA TA 197 -99.29 -39.84 -49.47
CA ALA TA 197 -100.41 -40.13 -50.34
C ALA TA 197 -101.59 -40.66 -49.54
N GLU TA 198 -101.34 -41.47 -48.52
CA GLU TA 198 -102.42 -41.94 -47.66
C GLU TA 198 -103.04 -40.78 -46.87
N ALA TA 199 -102.21 -39.88 -46.35
CA ALA TA 199 -102.73 -38.72 -45.62
C ALA TA 199 -103.53 -37.82 -46.56
N ALA TA 200 -103.08 -37.65 -47.80
CA ALA TA 200 -103.81 -36.84 -48.76
C ALA TA 200 -105.12 -37.52 -49.16
N ARG TA 201 -105.12 -38.84 -49.26
CA ARG TA 201 -106.36 -39.56 -49.52
C ARG TA 201 -107.36 -39.36 -48.38
N VAL TA 202 -106.87 -39.43 -47.14
CA VAL TA 202 -107.75 -39.21 -45.98
C VAL TA 202 -108.25 -37.77 -45.96
N ALA TA 203 -107.40 -36.83 -46.34
CA ALA TA 203 -107.80 -35.42 -46.36
C ALA TA 203 -108.85 -35.18 -47.44
N LYS TA 204 -108.69 -35.80 -48.60
CA LYS TA 204 -109.68 -35.66 -49.67
C LYS TA 204 -110.99 -36.33 -49.29
N GLU TA 205 -110.93 -37.50 -48.65
CA GLU TA 205 -112.14 -38.19 -48.25
C GLU TA 205 -112.87 -37.45 -47.14
N VAL TA 206 -112.12 -36.77 -46.26
CA VAL TA 206 -112.74 -35.97 -45.20
C VAL TA 206 -113.03 -34.56 -45.68
N GLY TA 207 -112.06 -33.91 -46.31
CA GLY TA 207 -112.22 -32.54 -46.76
C GLY TA 207 -111.30 -31.60 -46.02
N ASP TA 208 -110.16 -32.12 -45.56
CA ASP TA 208 -109.18 -31.34 -44.82
C ASP TA 208 -108.11 -30.84 -45.78
N PRO TA 209 -108.32 -29.71 -46.44
CA PRO TA 209 -107.31 -29.21 -47.39
C PRO TA 209 -105.99 -28.86 -46.75
N GLU TA 210 -105.99 -28.44 -45.48
CA GLU TA 210 -104.72 -28.23 -44.78
C GLU TA 210 -103.99 -29.55 -44.57
N LEU TA 211 -104.73 -30.63 -44.34
CA LEU TA 211 -104.11 -31.95 -44.21
C LEU TA 211 -103.52 -32.41 -45.53
N ILE TA 212 -104.25 -32.23 -46.63
CA ILE TA 212 -103.71 -32.59 -47.94
C ILE TA 212 -102.51 -31.72 -48.27
N LYS TA 213 -102.52 -30.46 -47.85
CA LYS TA 213 -101.40 -29.58 -48.08
C LYS TA 213 -100.17 -30.03 -47.29
N LEU TA 214 -100.35 -30.39 -46.03
CA LEU TA 214 -99.24 -30.91 -45.24
C LEU TA 214 -98.73 -32.23 -45.81
N ALA TA 215 -99.64 -33.05 -46.36
CA ALA TA 215 -99.23 -34.30 -46.98
C ALA TA 215 -98.38 -34.04 -48.23
N LEU TA 216 -98.80 -33.09 -49.06
CA LEU TA 216 -98.00 -32.74 -50.24
C LEU TA 216 -96.66 -32.14 -49.82
N GLU TA 217 -96.65 -31.34 -48.76
CA GLU TA 217 -95.40 -30.75 -48.28
C GLU TA 217 -94.45 -31.83 -47.77
N ALA TA 218 -94.99 -32.82 -47.06
CA ALA TA 218 -94.15 -33.93 -46.60
C ALA TA 218 -93.67 -34.79 -47.75
N ALA TA 219 -94.51 -34.99 -48.77
CA ALA TA 219 -94.09 -35.73 -49.95
C ALA TA 219 -92.96 -35.01 -50.67
N ARG TA 220 -93.07 -33.69 -50.81
CA ARG TA 220 -91.97 -32.91 -51.37
C ARG TA 220 -90.74 -32.95 -50.48
N ARG TA 221 -90.93 -33.04 -49.17
CA ARG TA 221 -89.80 -33.09 -48.25
C ARG TA 221 -89.29 -34.52 -48.07
N GLY TA 222 -90.20 -35.48 -47.89
CA GLY TA 222 -89.81 -36.86 -47.68
C GLY TA 222 -89.68 -37.23 -46.22
N ASP TA 223 -90.53 -36.64 -45.38
CA ASP TA 223 -90.53 -36.89 -43.95
C ASP TA 223 -91.59 -37.91 -43.61
N SER TA 224 -91.17 -39.16 -43.42
CA SER TA 224 -92.12 -40.21 -43.10
C SER TA 224 -92.74 -40.00 -41.72
N ARG TA 225 -92.01 -39.39 -40.80
CA ARG TA 225 -92.57 -39.09 -39.49
C ARG TA 225 -93.65 -38.03 -39.58
N LYS TA 226 -93.38 -36.93 -40.28
CA LYS TA 226 -94.39 -35.89 -40.43
C LYS TA 226 -95.56 -36.39 -41.26
N ALA TA 227 -95.30 -37.22 -42.28
CA ALA TA 227 -96.38 -37.76 -43.09
C ALA TA 227 -97.25 -38.72 -42.29
N GLU TA 228 -96.63 -39.54 -41.44
CA GLU TA 228 -97.41 -40.44 -40.58
C GLU TA 228 -98.21 -39.65 -39.56
N ALA TA 229 -97.63 -38.57 -39.02
CA ALA TA 229 -98.38 -37.72 -38.10
C ALA TA 229 -99.56 -37.06 -38.80
N ILE TA 230 -99.37 -36.63 -40.05
CA ILE TA 230 -100.46 -36.04 -40.81
C ILE TA 230 -101.54 -37.08 -41.09
N LEU TA 231 -101.14 -38.31 -41.37
CA LEU TA 231 -102.12 -39.37 -41.60
C LEU TA 231 -102.89 -39.69 -40.32
N LEU TA 232 -102.19 -39.72 -39.18
CA LEU TA 232 -102.87 -39.94 -37.91
C LEU TA 232 -103.84 -38.82 -37.59
N ALA TA 233 -103.43 -37.58 -37.84
CA ALA TA 233 -104.32 -36.44 -37.63
C ALA TA 233 -105.49 -36.46 -38.59
N ALA TA 234 -105.26 -36.94 -39.82
CA ALA TA 234 -106.35 -37.05 -40.78
C ALA TA 234 -107.36 -38.11 -40.37
N GLU TA 235 -106.88 -39.25 -39.90
CA GLU TA 235 -107.78 -40.27 -39.37
C GLU TA 235 -108.53 -39.77 -38.15
N ALA TA 236 -107.84 -39.01 -37.29
CA ALA TA 236 -108.50 -38.43 -36.13
C ALA TA 236 -109.57 -37.44 -36.53
N ALA TA 237 -109.29 -36.60 -37.53
CA ALA TA 237 -110.29 -35.63 -38.00
C ALA TA 237 -111.44 -36.34 -38.71
N ARG TA 238 -111.15 -37.47 -39.37
CA ARG TA 238 -112.22 -38.26 -39.98
C ARG TA 238 -113.13 -38.85 -38.91
N ILE TA 239 -112.55 -39.39 -37.84
CA ILE TA 239 -113.34 -39.89 -36.73
C ILE TA 239 -114.12 -38.74 -36.08
N ALA TA 240 -113.52 -37.54 -36.06
CA ALA TA 240 -114.21 -36.38 -35.50
C ALA TA 240 -115.41 -35.99 -36.34
N LYS TA 241 -115.25 -35.95 -37.66
CA LYS TA 241 -116.36 -35.65 -38.54
C LYS TA 241 -117.43 -36.73 -38.45
N GLU TA 242 -117.02 -37.99 -38.30
CA GLU TA 242 -117.99 -39.06 -38.08
C GLU TA 242 -118.72 -38.87 -36.76
N ALA TA 243 -118.07 -38.26 -35.76
CA ALA TA 243 -118.68 -37.97 -34.49
C ALA TA 243 -119.30 -36.57 -34.45
N GLY TA 244 -118.58 -35.57 -34.96
CA GLY TA 244 -119.07 -34.20 -34.93
C GLY TA 244 -118.26 -33.29 -34.04
N ASP TA 245 -116.96 -33.56 -33.94
CA ASP TA 245 -116.07 -32.74 -33.11
C ASP TA 245 -115.18 -31.89 -34.02
N PRO TA 246 -115.64 -30.72 -34.46
CA PRO TA 246 -114.80 -29.90 -35.34
C PRO TA 246 -113.59 -29.35 -34.62
N GLU TA 247 -113.73 -29.16 -33.30
CA GLU TA 247 -112.58 -28.78 -32.48
C GLU TA 247 -111.51 -29.86 -32.53
N ALA TA 248 -111.92 -31.13 -32.53
CA ALA TA 248 -110.96 -32.22 -32.67
C ALA TA 248 -110.29 -32.19 -34.04
N ARG TA 249 -111.05 -31.90 -35.10
CA ARG TA 249 -110.46 -31.81 -36.43
C ARG TA 249 -109.47 -30.65 -36.49
N LYS TA 250 -109.79 -29.54 -35.83
CA LYS TA 250 -108.88 -28.39 -35.82
C LYS TA 250 -107.62 -28.70 -35.03
N LYS TA 251 -107.77 -29.39 -33.89
CA LYS TA 251 -106.59 -29.78 -33.13
C LYS TA 251 -105.73 -30.76 -33.92
N ALA TA 252 -106.38 -31.64 -34.69
CA ALA TA 252 -105.64 -32.55 -35.56
C ALA TA 252 -104.89 -31.78 -36.64
N LEU TA 253 -105.53 -30.76 -37.21
CA LEU TA 253 -104.84 -29.92 -38.18
C LEU TA 253 -103.64 -29.22 -37.55
N GLU TA 254 -103.80 -28.73 -36.32
CA GLU TA 254 -102.70 -28.07 -35.63
C GLU TA 254 -101.56 -29.04 -35.35
N ALA TA 255 -101.89 -30.26 -34.94
CA ALA TA 255 -100.86 -31.25 -34.66
C ALA TA 255 -100.15 -31.71 -35.94
N ALA TA 256 -100.90 -31.88 -37.02
CA ALA TA 256 -100.28 -32.26 -38.29
C ALA TA 256 -99.39 -31.15 -38.80
N ARG TA 257 -99.80 -29.89 -38.61
CA ARG TA 257 -98.92 -28.77 -38.92
C ARG TA 257 -97.68 -28.78 -38.01
N ARG TA 258 -97.85 -29.27 -36.78
CA ARG TA 258 -96.71 -29.43 -35.88
C ARG TA 258 -95.86 -30.63 -36.26
N GLY TA 259 -96.46 -31.66 -36.86
CA GLY TA 259 -95.73 -32.82 -37.33
C GLY TA 259 -95.60 -33.95 -36.33
N ASP TA 260 -96.17 -33.83 -35.15
CA ASP TA 260 -96.14 -34.91 -34.18
C ASP TA 260 -97.40 -35.76 -34.28
N ARG TA 261 -97.23 -37.05 -33.98
CA ARG TA 261 -98.34 -38.00 -34.03
C ARG TA 261 -98.86 -38.38 -32.65
N GLU TA 262 -98.16 -38.02 -31.57
CA GLU TA 262 -98.65 -38.34 -30.23
C GLU TA 262 -99.93 -37.58 -29.92
N LEU TA 263 -99.94 -36.27 -30.19
CA LEU TA 263 -101.16 -35.49 -29.98
C LEU TA 263 -102.27 -35.94 -30.91
N ALA TA 264 -101.93 -36.30 -32.15
CA ALA TA 264 -102.93 -36.80 -33.08
C ALA TA 264 -103.56 -38.08 -32.57
N THR TA 265 -102.73 -38.97 -32.03
CA THR TA 265 -103.25 -40.23 -31.48
C THR TA 265 -104.09 -39.97 -30.24
N ARG TA 266 -103.68 -39.02 -29.40
CA ARG TA 266 -104.46 -38.71 -28.21
C ARG TA 266 -105.82 -38.13 -28.60
N ILE TA 267 -105.85 -37.26 -29.61
CA ILE TA 267 -107.12 -36.70 -30.07
C ILE TA 267 -107.98 -37.78 -30.70
N LEU TA 268 -107.39 -38.68 -31.48
CA LEU TA 268 -108.14 -39.78 -32.04
C LEU TA 268 -108.70 -40.67 -30.93
N ILE TA 269 -107.95 -40.82 -29.84
CA ILE TA 269 -108.42 -41.62 -28.72
C ILE TA 269 -109.58 -40.94 -28.03
N GLU TA 270 -109.51 -39.62 -27.85
CA GLU TA 270 -110.62 -38.90 -27.24
C GLU TA 270 -111.87 -38.98 -28.11
N ALA TA 271 -111.70 -38.82 -29.42
CA ALA TA 271 -112.83 -38.93 -30.34
C ALA TA 271 -113.41 -40.32 -30.34
N LEU TA 272 -112.54 -41.34 -30.27
CA LEU TA 272 -113.02 -42.71 -30.20
C LEU TA 272 -113.74 -42.98 -28.89
N LEU TA 273 -113.30 -42.33 -27.81
CA LEU TA 273 -113.98 -42.49 -26.54
C LEU TA 273 -115.37 -41.86 -26.58
N ARG TA 274 -115.48 -40.68 -27.17
CA ARG TA 274 -116.79 -40.07 -27.33
C ARG TA 274 -117.69 -40.92 -28.21
N LEU TA 275 -117.17 -41.38 -29.35
CA LEU TA 275 -117.95 -42.24 -30.24
C LEU TA 275 -118.30 -43.55 -29.56
N LEU TA 276 -117.45 -44.02 -28.66
CA LEU TA 276 -117.74 -45.27 -27.95
C LEU TA 276 -118.83 -45.07 -26.92
N LYS TA 277 -118.83 -43.93 -26.23
CA LYS TA 277 -119.95 -43.62 -25.35
C LYS TA 277 -121.24 -43.52 -26.13
N LYS TA 278 -121.20 -42.87 -27.30
CA LYS TA 278 -122.39 -42.78 -28.14
C LYS TA 278 -122.85 -44.16 -28.59
N SER TA 279 -121.92 -45.01 -29.03
CA SER TA 279 -122.27 -46.35 -29.47
C SER TA 279 -122.78 -47.19 -28.31
N THR TA 280 -122.29 -46.93 -27.10
CA THR TA 280 -122.79 -47.65 -25.93
C THR TA 280 -124.21 -47.24 -25.62
N ALA TA 281 -124.52 -45.96 -25.71
CA ALA TA 281 -125.90 -45.51 -25.55
C ALA TA 281 -126.79 -46.13 -26.63
N GLU TA 282 -126.31 -46.15 -27.87
CA GLU TA 282 -127.08 -46.73 -28.97
C GLU TA 282 -127.30 -48.22 -28.77
N LEU TA 283 -126.29 -48.92 -28.24
CA LEU TA 283 -126.40 -50.35 -28.02
C LEU TA 283 -127.33 -50.66 -26.86
N LYS TA 284 -127.31 -49.82 -25.82
CA LYS TA 284 -128.27 -49.99 -24.74
C LYS TA 284 -129.70 -49.77 -25.23
N ARG TA 285 -129.88 -48.75 -26.09
CA ARG TA 285 -131.20 -48.52 -26.67
C ARG TA 285 -131.62 -49.70 -27.55
N ALA TA 286 -130.69 -50.25 -28.33
CA ALA TA 286 -131.01 -51.38 -29.19
C ALA TA 286 -131.34 -52.62 -28.37
N THR TA 287 -130.64 -52.83 -27.25
CA THR TA 287 -130.95 -53.96 -26.39
C THR TA 287 -132.30 -53.79 -25.73
N ALA TA 288 -132.64 -52.56 -25.31
CA ALA TA 288 -133.96 -52.30 -24.77
C ALA TA 288 -135.04 -52.55 -25.82
N SER TA 289 -134.80 -52.14 -27.06
CA SER TA 289 -135.77 -52.36 -28.12
C SER TA 289 -135.92 -53.84 -28.44
N LEU TA 290 -134.81 -54.59 -28.41
CA LEU TA 290 -134.89 -56.03 -28.65
C LEU TA 290 -135.63 -56.74 -27.53
N ARG TA 291 -135.39 -56.33 -26.28
CA ARG TA 291 -136.13 -56.90 -25.16
C ARG TA 291 -137.61 -56.56 -25.25
N ALA TA 292 -137.94 -55.35 -25.72
CA ALA TA 292 -139.33 -54.97 -25.88
C ALA TA 292 -140.00 -55.79 -26.97
N ILE TA 293 -139.31 -55.99 -28.10
CA ILE TA 293 -139.87 -56.82 -29.17
C ILE TA 293 -140.01 -58.26 -28.70
N THR TA 294 -139.09 -58.73 -27.86
CA THR TA 294 -139.19 -60.07 -27.30
C THR TA 294 -140.41 -60.18 -26.38
N GLU TA 295 -140.62 -59.18 -25.54
CA GLU TA 295 -141.80 -59.19 -24.68
C GLU TA 295 -143.09 -59.10 -25.48
N GLU TA 296 -143.05 -58.38 -26.60
CA GLU TA 296 -144.23 -58.28 -27.47
C GLU TA 296 -144.52 -59.63 -28.13
N LEU TA 297 -143.48 -60.29 -28.63
CA LEU TA 297 -143.66 -61.63 -29.21
C LEU TA 297 -144.08 -62.62 -28.13
N LYS TA 298 -143.68 -62.39 -26.88
CA LYS TA 298 -144.08 -63.27 -25.80
C LYS TA 298 -145.55 -63.08 -25.44
N LYS TA 299 -146.02 -61.83 -25.39
CA LYS TA 299 -147.40 -61.58 -25.00
C LYS TA 299 -148.39 -62.07 -26.05
N ASN TA 300 -148.02 -61.99 -27.33
CA ASN TA 300 -148.89 -62.46 -28.41
C ASN TA 300 -148.03 -62.93 -29.57
N PRO TA 301 -147.60 -64.18 -29.59
CA PRO TA 301 -146.74 -64.65 -30.67
C PRO TA 301 -147.52 -64.95 -31.94
N SER TA 302 -146.94 -64.56 -33.06
CA SER TA 302 -147.56 -64.72 -34.37
C SER TA 302 -146.49 -64.51 -35.43
N GLU TA 303 -146.94 -64.45 -36.69
CA GLU TA 303 -146.02 -64.16 -37.78
C GLU TA 303 -145.36 -62.79 -37.61
N ASP TA 304 -146.17 -61.76 -37.38
CA ASP TA 304 -145.62 -60.41 -37.20
C ASP TA 304 -144.82 -60.32 -35.91
N ALA TA 305 -145.25 -61.02 -34.85
CA ALA TA 305 -144.54 -60.95 -33.59
C ALA TA 305 -143.15 -61.59 -33.69
N LEU TA 306 -143.08 -62.81 -34.21
CA LEU TA 306 -141.79 -63.45 -34.40
C LEU TA 306 -140.93 -62.67 -35.40
N VAL TA 307 -141.56 -62.10 -36.43
CA VAL TA 307 -140.84 -61.29 -37.40
C VAL TA 307 -140.18 -60.10 -36.72
N GLU TA 308 -140.94 -59.37 -35.90
CA GLU TA 308 -140.41 -58.19 -35.23
C GLU TA 308 -139.36 -58.58 -34.21
N HIS TA 309 -139.55 -59.69 -33.49
CA HIS TA 309 -138.56 -60.12 -32.50
C HIS TA 309 -137.25 -60.49 -33.18
N ASN TA 310 -137.32 -61.25 -34.27
CA ASN TA 310 -136.11 -61.62 -34.99
C ASN TA 310 -135.45 -60.42 -35.63
N ARG TA 311 -136.25 -59.48 -36.15
CA ARG TA 311 -135.69 -58.26 -36.73
C ARG TA 311 -134.99 -57.42 -35.67
N ALA TA 312 -135.57 -57.33 -34.48
CA ALA TA 312 -134.92 -56.59 -33.39
C ALA TA 312 -133.65 -57.30 -32.94
N ILE TA 313 -133.66 -58.63 -32.92
CA ILE TA 313 -132.45 -59.36 -32.55
C ILE TA 313 -131.35 -59.10 -33.58
N VAL TA 314 -131.71 -59.12 -34.86
CA VAL TA 314 -130.72 -58.86 -35.91
C VAL TA 314 -130.24 -57.41 -35.86
N GLU TA 315 -131.13 -56.48 -35.52
CA GLU TA 315 -130.73 -55.09 -35.41
C GLU TA 315 -129.78 -54.89 -34.23
N HIS TA 316 -130.04 -55.57 -33.11
CA HIS TA 316 -129.14 -55.52 -31.98
C HIS TA 316 -127.78 -56.14 -32.33
N ASN TA 317 -127.80 -57.24 -33.08
CA ASN TA 317 -126.55 -57.86 -33.52
C ASN TA 317 -125.77 -56.93 -34.44
N ALA TA 318 -126.47 -56.23 -35.34
CA ALA TA 318 -125.80 -55.32 -36.24
C ALA TA 318 -125.25 -54.10 -35.50
N ILE TA 319 -125.99 -53.61 -34.51
CA ILE TA 319 -125.51 -52.49 -33.71
C ILE TA 319 -124.30 -52.91 -32.89
N ILE TA 320 -124.32 -54.13 -32.38
CA ILE TA 320 -123.17 -54.65 -31.65
C ILE TA 320 -121.97 -54.81 -32.58
N VAL TA 321 -122.23 -55.25 -33.82
CA VAL TA 321 -121.15 -55.37 -34.79
C VAL TA 321 -120.57 -54.01 -35.12
N GLU TA 322 -121.42 -52.99 -35.23
CA GLU TA 322 -120.94 -51.64 -35.51
C GLU TA 322 -120.13 -51.10 -34.34
N ASN TA 323 -120.61 -51.30 -33.12
CA ASN TA 323 -119.86 -50.87 -31.94
C ASN TA 323 -118.53 -51.60 -31.85
N ASN TA 324 -118.52 -52.89 -32.17
CA ASN TA 324 -117.28 -53.66 -32.17
C ASN TA 324 -116.33 -53.17 -33.26
N ARG TA 325 -116.88 -52.76 -34.41
CA ARG TA 325 -116.04 -52.21 -35.45
C ARG TA 325 -115.43 -50.89 -35.03
N ILE TA 326 -116.21 -50.06 -34.33
CA ILE TA 326 -115.67 -48.80 -33.81
C ILE TA 326 -114.58 -49.09 -32.78
N ILE TA 327 -114.81 -50.06 -31.91
CA ILE TA 327 -113.82 -50.42 -30.91
C ILE TA 327 -112.57 -50.98 -31.58
N ALA TA 328 -112.74 -51.73 -32.66
CA ALA TA 328 -111.60 -52.29 -33.39
C ALA TA 328 -110.81 -51.19 -34.07
N MET TA 329 -111.51 -50.19 -34.63
CA MET TA 329 -110.81 -49.05 -35.21
C MET TA 329 -110.03 -48.28 -34.15
N VAL TA 330 -110.63 -48.09 -32.98
CA VAL TA 330 -109.94 -47.40 -31.89
C VAL TA 330 -108.73 -48.19 -31.45
N LEU TA 331 -108.87 -49.52 -31.36
CA LEU TA 331 -107.75 -50.36 -30.94
C LEU TA 331 -106.65 -50.37 -31.98
N GLU TA 332 -107.01 -50.36 -33.27
CA GLU TA 332 -106.02 -50.28 -34.33
C GLU TA 332 -105.29 -48.95 -34.28
N ALA TA 333 -106.01 -47.87 -33.95
CA ALA TA 333 -105.37 -46.58 -33.78
C ALA TA 333 -104.39 -46.61 -32.60
N ILE TA 334 -104.80 -47.22 -31.49
CA ILE TA 334 -103.90 -47.33 -30.34
C ILE TA 334 -102.69 -48.17 -30.70
N VAL TA 335 -102.87 -49.20 -31.52
CA VAL TA 335 -101.76 -50.06 -31.91
C VAL TA 335 -100.80 -49.31 -32.82
N ARG TA 336 -101.33 -48.60 -33.80
CA ARG TA 336 -100.49 -47.78 -34.67
C ARG TA 336 -99.78 -46.69 -33.89
N ALA TA 337 -100.39 -46.24 -32.78
CA ALA TA 337 -99.74 -45.27 -31.91
C ALA TA 337 -98.76 -45.91 -30.95
N ILE TA 338 -99.11 -47.05 -30.36
CA ILE TA 338 -98.21 -47.73 -29.44
C ILE TA 338 -97.21 -48.56 -30.22
N SER UA 2 85.68 -69.99 -10.19
CA SER UA 2 85.86 -71.29 -9.55
C SER UA 2 85.09 -72.38 -10.31
N THR UA 3 84.42 -71.98 -11.39
CA THR UA 3 83.66 -72.94 -12.19
C THR UA 3 84.58 -73.86 -12.99
N LYS UA 4 85.56 -73.29 -13.69
CA LYS UA 4 86.46 -74.10 -14.50
C LYS UA 4 87.35 -74.99 -13.62
N GLU UA 5 87.79 -74.46 -12.48
CA GLU UA 5 88.62 -75.26 -11.58
C GLU UA 5 87.84 -76.42 -10.99
N LYS UA 6 86.62 -76.16 -10.51
CA LYS UA 6 85.79 -77.24 -10.00
C LYS UA 6 85.46 -78.25 -11.09
N ALA UA 7 85.28 -77.76 -12.33
CA ALA UA 7 85.04 -78.66 -13.44
C ALA UA 7 86.24 -79.57 -13.69
N ARG UA 8 87.44 -79.00 -13.77
CA ARG UA 8 88.63 -79.81 -14.00
C ARG UA 8 88.83 -80.81 -12.86
N GLN UA 9 88.57 -80.40 -11.62
CA GLN UA 9 88.77 -81.31 -10.49
C GLN UA 9 87.75 -82.45 -10.50
N LEU UA 10 86.46 -82.13 -10.61
CA LEU UA 10 85.43 -83.16 -10.64
C LEU UA 10 85.58 -84.07 -11.86
N ALA UA 11 86.12 -83.53 -12.96
CA ALA UA 11 86.30 -84.35 -14.15
C ALA UA 11 87.53 -85.25 -14.02
N GLU UA 12 88.59 -84.77 -13.36
CA GLU UA 12 89.72 -85.64 -13.06
C GLU UA 12 89.28 -86.77 -12.14
N GLU UA 13 88.48 -86.45 -11.12
CA GLU UA 13 87.93 -87.50 -10.26
C GLU UA 13 87.03 -88.44 -11.05
N ALA UA 14 86.28 -87.89 -12.02
CA ALA UA 14 85.45 -88.71 -12.89
C ALA UA 14 86.29 -89.70 -13.68
N LYS UA 15 87.38 -89.23 -14.29
CA LYS UA 15 88.26 -90.10 -15.05
C LYS UA 15 88.91 -91.15 -14.16
N GLU UA 16 89.28 -90.76 -12.94
CA GLU UA 16 89.90 -91.71 -12.02
C GLU UA 16 88.92 -92.81 -11.61
N THR UA 17 87.71 -92.41 -11.22
CA THR UA 17 86.70 -93.40 -10.83
C THR UA 17 86.24 -94.22 -12.04
N ALA UA 18 86.41 -93.68 -13.25
CA ALA UA 18 86.08 -94.44 -14.45
C ALA UA 18 87.13 -95.50 -14.71
N GLU UA 19 88.41 -95.13 -14.64
CA GLU UA 19 89.48 -96.11 -14.79
C GLU UA 19 89.41 -97.15 -13.69
N LYS UA 20 89.00 -96.77 -12.48
CA LYS UA 20 88.81 -97.74 -11.41
C LYS UA 20 87.59 -98.61 -11.67
N VAL UA 21 86.56 -98.05 -12.30
CA VAL UA 21 85.37 -98.80 -12.68
C VAL UA 21 85.66 -99.71 -13.86
N GLY UA 22 86.70 -99.38 -14.62
CA GLY UA 22 87.06 -100.15 -15.80
C GLY UA 22 86.67 -99.43 -17.08
N ASP UA 23 86.48 -98.11 -16.98
CA ASP UA 23 86.01 -97.32 -18.11
C ASP UA 23 87.09 -96.33 -18.53
N PRO UA 24 87.82 -96.60 -19.60
CA PRO UA 24 88.74 -95.57 -20.13
C PRO UA 24 88.01 -94.61 -21.02
N GLU UA 25 86.86 -95.06 -21.56
CA GLU UA 25 86.01 -94.17 -22.34
C GLU UA 25 85.39 -93.09 -21.47
N LEU UA 26 84.86 -93.48 -20.30
CA LEU UA 26 84.36 -92.47 -19.37
C LEU UA 26 85.51 -91.61 -18.84
N ILE UA 27 86.71 -92.19 -18.76
CA ILE UA 27 87.88 -91.40 -18.35
C ILE UA 27 88.19 -90.32 -19.38
N LYS UA 28 88.10 -90.67 -20.67
CA LYS UA 28 88.35 -89.68 -21.72
C LYS UA 28 87.23 -88.65 -21.78
N LEU UA 29 85.98 -89.08 -21.61
CA LEU UA 29 84.87 -88.13 -21.54
C LEU UA 29 85.03 -87.19 -20.36
N ALA UA 30 85.58 -87.68 -19.26
CA ALA UA 30 85.86 -86.83 -18.11
C ALA UA 30 86.97 -85.85 -18.41
N GLU UA 31 88.04 -86.31 -19.06
CA GLU UA 31 89.10 -85.39 -19.49
C GLU UA 31 88.53 -84.30 -20.40
N GLN UA 32 87.57 -84.67 -21.24
CA GLN UA 32 86.92 -83.69 -22.10
C GLN UA 32 86.07 -82.72 -21.29
N ALA UA 33 85.37 -83.21 -20.27
CA ALA UA 33 84.60 -82.34 -19.40
C ALA UA 33 85.51 -81.36 -18.66
N SER UA 34 86.72 -81.81 -18.30
CA SER UA 34 87.70 -80.92 -17.68
C SER UA 34 88.18 -79.87 -18.68
N GLN UA 35 88.55 -80.31 -19.88
CA GLN UA 35 89.05 -79.38 -20.89
C GLN UA 35 88.00 -78.36 -21.28
N GLU UA 36 86.73 -78.75 -21.29
CA GLU UA 36 85.65 -77.82 -21.63
C GLU UA 36 85.33 -76.90 -20.45
N GLY UA 37 85.54 -77.37 -19.23
CA GLY UA 37 85.24 -76.60 -18.06
C GLY UA 37 83.80 -76.69 -17.59
N ASP UA 38 83.14 -77.83 -17.77
CA ASP UA 38 81.75 -78.01 -17.35
C ASP UA 38 81.73 -78.80 -16.06
N SER UA 39 81.50 -78.10 -14.95
CA SER UA 39 81.40 -78.78 -13.66
C SER UA 39 80.20 -79.71 -13.61
N GLU UA 40 79.12 -79.36 -14.32
CA GLU UA 40 77.99 -80.26 -14.42
C GLU UA 40 78.37 -81.55 -15.14
N LYS UA 41 79.02 -81.43 -16.30
CA LYS UA 41 79.44 -82.62 -17.03
C LYS UA 41 80.53 -83.37 -16.26
N ALA UA 42 81.36 -82.64 -15.52
CA ALA UA 42 82.39 -83.28 -14.71
C ALA UA 42 81.80 -84.13 -13.61
N LYS UA 43 80.88 -83.56 -12.82
CA LYS UA 43 80.22 -84.32 -11.78
C LYS UA 43 79.35 -85.43 -12.38
N ALA UA 44 78.84 -85.21 -13.59
CA ALA UA 44 78.08 -86.26 -14.26
C ALA UA 44 78.97 -87.44 -14.58
N ILE UA 45 80.13 -87.20 -15.17
CA ILE UA 45 81.06 -88.28 -15.46
C ILE UA 45 81.54 -88.93 -14.17
N LEU UA 46 81.62 -88.15 -13.09
CA LEU UA 46 82.04 -88.70 -11.80
C LEU UA 46 80.99 -89.65 -11.24
N LEU UA 47 79.73 -89.21 -11.20
CA LEU UA 47 78.66 -90.07 -10.74
C LEU UA 47 78.49 -91.28 -11.64
N ALA UA 48 78.71 -91.12 -12.95
CA ALA UA 48 78.63 -92.26 -13.86
C ALA UA 48 79.78 -93.24 -13.65
N ALA UA 49 80.97 -92.71 -13.33
CA ALA UA 49 82.09 -93.58 -13.03
C ALA UA 49 81.87 -94.35 -11.74
N GLU UA 50 81.32 -93.68 -10.73
CA GLU UA 50 80.95 -94.37 -9.50
C GLU UA 50 79.84 -95.40 -9.77
N ALA UA 51 78.92 -95.07 -10.67
CA ALA UA 51 77.88 -96.01 -11.06
C ALA UA 51 78.47 -97.24 -11.71
N ALA UA 52 79.45 -97.04 -12.59
CA ALA UA 52 80.09 -98.18 -13.25
C ALA UA 52 80.91 -98.99 -12.28
N ARG UA 53 81.50 -98.35 -11.28
CA ARG UA 53 82.22 -99.08 -10.25
C ARG UA 53 81.26 -99.94 -9.42
N VAL UA 54 80.15 -99.35 -8.98
CA VAL UA 54 79.18 -100.09 -8.19
C VAL UA 54 78.52 -101.18 -9.03
N ALA UA 55 78.47 -100.98 -10.35
CA ALA UA 55 77.92 -102.01 -11.23
C ALA UA 55 78.90 -103.16 -11.42
N LYS UA 56 80.17 -102.85 -11.67
CA LYS UA 56 81.20 -103.89 -11.70
C LYS UA 56 81.24 -104.65 -10.38
N GLU UA 57 80.92 -103.97 -9.28
CA GLU UA 57 80.73 -104.66 -8.01
C GLU UA 57 79.46 -105.50 -8.01
N VAL UA 58 78.42 -105.04 -8.71
CA VAL UA 58 77.16 -105.78 -8.76
C VAL UA 58 77.16 -106.76 -9.93
N GLY UA 59 77.45 -106.30 -11.14
CA GLY UA 59 77.57 -107.18 -12.28
C GLY UA 59 76.51 -107.03 -13.34
N ALA UA 60 76.06 -105.80 -13.60
CA ALA UA 60 75.03 -105.55 -14.62
C ALA UA 60 75.62 -104.70 -15.74
N PRO UA 61 75.84 -105.25 -16.94
CA PRO UA 61 76.36 -104.43 -18.03
C PRO UA 61 75.37 -103.42 -18.58
N ASP UA 62 74.08 -103.57 -18.27
CA ASP UA 62 73.09 -102.60 -18.71
C ASP UA 62 73.37 -101.24 -18.07
N LEU UA 63 73.39 -101.18 -16.74
CA LEU UA 63 73.71 -99.92 -16.07
C LEU UA 63 75.14 -99.50 -16.37
N ILE UA 64 76.03 -100.45 -16.67
CA ILE UA 64 77.40 -100.11 -17.01
C ILE UA 64 77.43 -99.29 -18.30
N ARG UA 65 76.83 -99.80 -19.37
CA ARG UA 65 76.77 -99.03 -20.61
C ARG UA 65 75.93 -97.78 -20.44
N LEU UA 66 74.94 -97.81 -19.55
CA LEU UA 66 74.15 -96.61 -19.27
C LEU UA 66 75.01 -95.51 -18.71
N ALA UA 67 75.83 -95.83 -17.70
CA ALA UA 67 76.73 -94.84 -17.14
C ALA UA 67 77.80 -94.44 -18.14
N ARG UA 68 78.24 -95.37 -18.99
CA ARG UA 68 79.20 -95.03 -20.02
C ARG UA 68 78.63 -93.96 -20.96
N ILE UA 69 77.39 -94.15 -21.41
CA ILE UA 69 76.76 -93.18 -22.29
C ILE UA 69 76.48 -91.88 -21.55
N ALA UA 70 76.10 -91.97 -20.28
CA ALA UA 70 75.84 -90.76 -19.50
C ALA UA 70 77.09 -89.94 -19.32
N ALA UA 71 78.25 -90.59 -19.16
CA ALA UA 71 79.51 -89.87 -19.07
C ALA UA 71 79.93 -89.32 -20.42
N ARG UA 72 79.73 -90.10 -21.49
CA ARG UA 72 80.04 -89.61 -22.82
C ARG UA 72 79.19 -88.40 -23.18
N VAL UA 73 77.97 -88.32 -22.65
CA VAL UA 73 77.11 -87.17 -22.93
C VAL UA 73 77.26 -86.12 -21.83
N GLY UA 74 77.42 -86.55 -20.59
CA GLY UA 74 77.50 -85.62 -19.48
C GLY UA 74 76.16 -85.42 -18.79
N ALA UA 75 75.42 -86.51 -18.61
CA ALA UA 75 74.09 -86.47 -18.00
C ALA UA 75 74.22 -86.72 -16.51
N SER UA 76 74.00 -85.67 -15.71
CA SER UA 76 74.14 -85.78 -14.26
C SER UA 76 72.98 -86.56 -13.65
N GLU UA 77 71.75 -86.29 -14.10
CA GLU UA 77 70.60 -87.03 -13.60
C GLU UA 77 70.70 -88.51 -13.95
N ALA UA 78 71.09 -88.82 -15.20
CA ALA UA 78 71.23 -90.21 -15.61
C ALA UA 78 72.38 -90.88 -14.86
N ALA UA 79 73.46 -90.14 -14.59
CA ALA UA 79 74.58 -90.72 -13.86
C ALA UA 79 74.20 -91.02 -12.41
N LYS UA 80 73.50 -90.08 -11.75
CA LYS UA 80 73.04 -90.34 -10.39
C LYS UA 80 72.04 -91.47 -10.36
N ALA UA 81 71.18 -91.55 -11.38
CA ALA UA 81 70.25 -92.67 -11.48
C ALA UA 81 70.99 -93.99 -11.65
N ILE UA 82 72.04 -94.00 -12.46
CA ILE UA 82 72.82 -95.22 -12.66
C ILE UA 82 73.55 -95.60 -11.37
N LEU UA 83 74.00 -94.61 -10.61
CA LEU UA 83 74.69 -94.90 -9.36
C LEU UA 83 73.73 -95.48 -8.32
N LEU UA 84 72.60 -94.81 -8.11
CA LEU UA 84 71.60 -95.34 -7.18
C LEU UA 84 71.04 -96.67 -7.66
N ALA UA 85 71.01 -96.89 -8.98
CA ALA UA 85 70.52 -98.15 -9.51
C ALA UA 85 71.55 -99.26 -9.35
N ALA UA 86 72.83 -98.92 -9.42
CA ALA UA 86 73.86 -99.91 -9.12
C ALA UA 86 73.86 -100.26 -7.65
N GLU UA 87 73.61 -99.27 -6.79
CA GLU UA 87 73.38 -99.56 -5.38
C GLU UA 87 72.17 -100.46 -5.20
N ALA UA 88 71.09 -100.17 -5.92
CA ALA UA 88 69.91 -101.02 -5.89
C ALA UA 88 70.21 -102.42 -6.37
N ALA UA 89 71.08 -102.55 -7.37
CA ALA UA 89 71.43 -103.85 -7.92
C ALA UA 89 72.26 -104.65 -6.94
N ARG UA 90 73.18 -103.97 -6.23
CA ARG UA 90 73.91 -104.64 -5.17
C ARG UA 90 72.96 -105.09 -4.05
N VAL UA 91 72.04 -104.21 -3.66
CA VAL UA 91 71.10 -104.53 -2.60
C VAL UA 91 70.17 -105.67 -3.03
N ALA UA 92 69.88 -105.74 -4.32
CA ALA UA 92 69.01 -106.80 -4.83
C ALA UA 92 69.76 -108.12 -4.93
N LYS UA 93 71.00 -108.09 -5.40
CA LYS UA 93 71.84 -109.29 -5.37
C LYS UA 93 72.01 -109.80 -3.95
N GLU UA 94 72.01 -108.88 -2.97
CA GLU UA 94 71.95 -109.30 -1.58
C GLU UA 94 70.56 -109.82 -1.22
N VAL UA 95 69.52 -109.31 -1.87
CA VAL UA 95 68.16 -109.75 -1.57
C VAL UA 95 67.74 -110.89 -2.47
N GLY UA 96 67.72 -110.66 -3.79
CA GLY UA 96 67.38 -111.71 -4.74
C GLY UA 96 66.06 -111.51 -5.45
N ASP UA 97 65.71 -110.27 -5.76
CA ASP UA 97 64.45 -109.96 -6.44
C ASP UA 97 64.73 -109.54 -7.88
N PRO UA 98 64.27 -110.30 -8.87
CA PRO UA 98 64.53 -109.89 -10.27
C PRO UA 98 63.67 -108.74 -10.74
N GLU UA 99 62.43 -108.62 -10.25
CA GLU UA 99 61.63 -107.45 -10.59
C GLU UA 99 62.27 -106.17 -10.05
N LEU UA 100 62.92 -106.27 -8.88
CA LEU UA 100 63.67 -105.13 -8.37
C LEU UA 100 64.83 -104.78 -9.29
N GLU UA 101 65.52 -105.79 -9.82
CA GLU UA 101 66.61 -105.52 -10.76
C GLU UA 101 66.08 -104.88 -12.04
N ARG UA 102 64.93 -105.34 -12.52
CA ARG UA 102 64.31 -104.74 -13.69
C ARG UA 102 63.95 -103.28 -13.42
N LEU UA 103 63.35 -103.01 -12.26
CA LEU UA 103 62.97 -101.64 -11.92
C LEU UA 103 64.20 -100.75 -11.78
N ALA UA 104 65.29 -101.29 -11.23
CA ALA UA 104 66.51 -100.51 -11.08
C ALA UA 104 67.13 -100.20 -12.43
N LEU UA 105 67.20 -101.20 -13.31
CA LEU UA 105 67.72 -100.95 -14.65
C LEU UA 105 66.84 -99.96 -15.40
N LEU UA 106 65.52 -100.02 -15.17
CA LEU UA 106 64.61 -99.09 -15.82
C LEU UA 106 64.79 -97.68 -15.29
N ALA UA 107 65.05 -97.54 -13.99
CA ALA UA 107 65.33 -96.22 -13.43
C ALA UA 107 66.66 -95.68 -13.95
N ALA UA 108 67.64 -96.55 -14.15
CA ALA UA 108 68.91 -96.12 -14.71
C ALA UA 108 68.76 -95.70 -16.16
N VAL UA 109 67.95 -96.42 -16.93
CA VAL UA 109 67.75 -96.08 -18.34
C VAL UA 109 66.92 -94.81 -18.48
N LEU UA 110 65.82 -94.69 -17.73
CA LEU UA 110 65.03 -93.47 -17.76
C LEU UA 110 65.78 -92.32 -17.12
N GLY UA 111 66.86 -92.61 -16.42
CA GLY UA 111 67.63 -91.59 -15.75
C GLY UA 111 66.93 -90.96 -14.56
N ASP UA 112 65.86 -91.59 -14.08
CA ASP UA 112 65.09 -91.07 -12.96
C ASP UA 112 65.80 -91.40 -11.67
N SER UA 113 66.59 -90.44 -11.17
CA SER UA 113 67.30 -90.64 -9.92
C SER UA 113 66.33 -90.83 -8.75
N GLU UA 114 65.13 -90.24 -8.86
CA GLU UA 114 64.08 -90.54 -7.88
C GLU UA 114 63.67 -92.00 -7.96
N LYS UA 115 63.42 -92.51 -9.16
CA LYS UA 115 63.09 -93.92 -9.31
C LYS UA 115 64.27 -94.80 -8.97
N ALA UA 116 65.49 -94.30 -9.15
CA ALA UA 116 66.67 -95.09 -8.80
C ALA UA 116 66.82 -95.22 -7.28
N LYS UA 117 66.63 -94.12 -6.55
CA LYS UA 117 66.60 -94.20 -5.09
C LYS UA 117 65.43 -95.03 -4.63
N ALA UA 118 64.31 -94.98 -5.36
CA ALA UA 118 63.18 -95.86 -5.06
C ALA UA 118 63.57 -97.31 -5.20
N ILE UA 119 64.30 -97.66 -6.25
CA ILE UA 119 64.73 -99.04 -6.45
C ILE UA 119 65.73 -99.45 -5.38
N LEU UA 120 66.61 -98.53 -4.97
CA LEU UA 120 67.54 -98.83 -3.90
C LEU UA 120 66.81 -99.10 -2.59
N LEU UA 121 65.89 -98.22 -2.21
CA LEU UA 121 65.13 -98.40 -0.99
C LEU UA 121 64.22 -99.62 -1.08
N ALA UA 122 63.75 -99.96 -2.28
CA ALA UA 122 62.90 -101.13 -2.44
C ALA UA 122 63.68 -102.42 -2.36
N ALA UA 123 64.91 -102.43 -2.89
CA ALA UA 123 65.78 -103.59 -2.71
C ALA UA 123 66.16 -103.75 -1.25
N GLU UA 124 66.44 -102.64 -0.56
CA GLU UA 124 66.67 -102.71 0.88
C GLU UA 124 65.44 -103.20 1.62
N ALA UA 125 64.26 -102.76 1.18
CA ALA UA 125 63.02 -103.20 1.82
C ALA UA 125 62.79 -104.68 1.60
N ALA UA 126 63.06 -105.18 0.40
CA ALA UA 126 62.92 -106.60 0.12
C ALA UA 126 63.90 -107.42 0.93
N ARG UA 127 65.14 -106.93 1.06
CA ARG UA 127 66.11 -107.62 1.89
C ARG UA 127 65.68 -107.65 3.35
N VAL UA 128 65.20 -106.51 3.86
CA VAL UA 128 64.79 -106.45 5.26
C VAL UA 128 63.54 -107.29 5.49
N ALA UA 129 62.68 -107.40 4.48
CA ALA UA 129 61.49 -108.24 4.61
C ALA UA 129 61.85 -109.72 4.58
N LYS UA 130 62.76 -110.11 3.69
CA LYS UA 130 63.23 -111.49 3.65
C LYS UA 130 63.94 -111.85 4.94
N GLU UA 131 64.66 -110.90 5.54
CA GLU UA 131 65.32 -111.16 6.82
C GLU UA 131 64.30 -111.22 7.95
N VAL UA 132 63.27 -110.40 7.90
CA VAL UA 132 62.23 -110.39 8.94
C VAL UA 132 61.16 -111.43 8.65
N GLY UA 133 60.81 -111.61 7.39
CA GLY UA 133 59.76 -112.55 7.03
C GLY UA 133 58.44 -111.84 6.81
N ASP UA 134 58.50 -110.55 6.47
CA ASP UA 134 57.30 -109.74 6.32
C ASP UA 134 56.87 -109.74 4.86
N PRO UA 135 55.88 -110.55 4.48
CA PRO UA 135 55.44 -110.56 3.07
C PRO UA 135 54.76 -109.29 2.64
N GLU UA 136 54.05 -108.60 3.55
CA GLU UA 136 53.48 -107.31 3.20
C GLU UA 136 54.57 -106.29 2.89
N LEU UA 137 55.68 -106.34 3.61
CA LEU UA 137 56.78 -105.43 3.34
C LEU UA 137 57.42 -105.71 1.99
N ILE UA 138 57.60 -106.99 1.65
CA ILE UA 138 58.16 -107.33 0.34
C ILE UA 138 57.21 -106.95 -0.77
N LYS UA 139 55.90 -107.12 -0.55
CA LYS UA 139 54.92 -106.72 -1.54
C LYS UA 139 54.93 -105.21 -1.76
N LEU UA 140 55.01 -104.44 -0.67
CA LEU UA 140 55.09 -102.99 -0.79
C LEU UA 140 56.38 -102.57 -1.48
N ALA UA 141 57.48 -103.28 -1.21
CA ALA UA 141 58.74 -102.99 -1.87
C ALA UA 141 58.66 -103.24 -3.37
N LEU UA 142 58.07 -104.36 -3.77
CA LEU UA 142 57.91 -104.65 -5.19
C LEU UA 142 56.98 -103.63 -5.85
N GLU UA 143 55.91 -103.24 -5.15
CA GLU UA 143 54.99 -102.25 -5.69
C GLU UA 143 55.68 -100.90 -5.88
N ALA UA 144 56.53 -100.52 -4.92
CA ALA UA 144 57.26 -99.26 -5.05
C ALA UA 144 58.29 -99.33 -6.16
N ALA UA 145 58.95 -100.49 -6.31
CA ALA UA 145 59.92 -100.65 -7.40
C ALA UA 145 59.24 -100.55 -8.76
N GLU UA 146 58.10 -101.21 -8.92
CA GLU UA 146 57.35 -101.08 -10.16
C GLU UA 146 56.82 -99.66 -10.36
N ARG UA 147 56.47 -98.99 -9.26
CA ARG UA 147 55.97 -97.63 -9.36
C ARG UA 147 57.09 -96.61 -9.39
N GLY UA 148 58.20 -96.89 -8.71
CA GLY UA 148 59.30 -95.95 -8.66
C GLY UA 148 59.13 -94.90 -7.58
N ASP UA 149 58.43 -95.26 -6.50
CA ASP UA 149 58.13 -94.35 -5.40
C ASP UA 149 59.17 -94.54 -4.30
N SER UA 150 60.06 -93.56 -4.15
CA SER UA 150 61.08 -93.64 -3.11
C SER UA 150 60.47 -93.57 -1.73
N GLU UA 151 59.41 -92.78 -1.55
CA GLU UA 151 58.73 -92.72 -0.26
C GLU UA 151 58.12 -94.07 0.09
N LYS UA 152 57.45 -94.72 -0.87
CA LYS UA 152 56.84 -96.00 -0.60
C LYS UA 152 57.88 -97.08 -0.36
N ALA UA 153 59.00 -97.03 -1.08
CA ALA UA 153 60.05 -98.02 -0.87
C ALA UA 153 60.73 -97.83 0.48
N LYS UA 154 60.99 -96.58 0.87
CA LYS UA 154 61.54 -96.32 2.20
C LYS UA 154 60.55 -96.71 3.28
N ALA UA 155 59.25 -96.53 3.02
CA ALA UA 155 58.24 -96.97 3.97
C ALA UA 155 58.23 -98.48 4.11
N ILE UA 156 58.36 -99.20 2.99
CA ILE UA 156 58.42 -100.65 3.04
C ILE UA 156 59.67 -101.10 3.80
N LEU UA 157 60.79 -100.40 3.61
CA LEU UA 157 62.01 -100.74 4.33
C LEU UA 157 61.85 -100.51 5.82
N LEU UA 158 61.33 -99.34 6.20
CA LEU UA 158 61.12 -99.04 7.61
C LEU UA 158 60.08 -99.96 8.23
N ALA UA 159 59.10 -100.40 7.45
CA ALA UA 159 58.09 -101.32 7.97
C ALA UA 159 58.67 -102.72 8.15
N ALA UA 160 59.52 -103.16 7.23
CA ALA UA 160 60.21 -104.43 7.42
C ALA UA 160 61.14 -104.38 8.62
N GLU UA 161 61.82 -103.25 8.83
CA GLU UA 161 62.66 -103.10 10.01
C GLU UA 161 61.83 -103.08 11.29
N ALA UA 162 60.68 -102.41 11.25
CA ALA UA 162 59.79 -102.38 12.41
C ALA UA 162 59.24 -103.77 12.71
N ALA UA 163 58.91 -104.53 11.67
CA ALA UA 163 58.44 -105.90 11.85
C ALA UA 163 59.54 -106.78 12.41
N ARG UA 164 60.79 -106.56 11.97
CA ARG UA 164 61.91 -107.31 12.52
C ARG UA 164 62.10 -106.98 14.00
N VAL UA 165 62.05 -105.69 14.34
CA VAL UA 165 62.20 -105.29 15.74
C VAL UA 165 61.05 -105.82 16.58
N ALA UA 166 59.85 -105.91 16.00
CA ALA UA 166 58.70 -106.44 16.72
C ALA UA 166 58.83 -107.93 16.94
N LYS UA 167 59.24 -108.68 15.91
CA LYS UA 167 59.42 -110.12 16.05
C LYS UA 167 60.54 -110.43 17.04
N GLU UA 168 61.61 -109.63 17.02
CA GLU UA 168 62.67 -109.81 18.01
C GLU UA 168 62.20 -109.41 19.41
N VAL UA 169 61.30 -108.45 19.51
CA VAL UA 169 60.71 -108.06 20.79
C VAL UA 169 59.53 -108.94 21.15
N GLY UA 170 58.73 -109.31 20.16
CA GLY UA 170 57.54 -110.10 20.41
C GLY UA 170 56.32 -109.20 20.48
N ASP UA 171 56.41 -108.02 19.89
CA ASP UA 171 55.35 -107.03 19.97
C ASP UA 171 54.45 -107.15 18.76
N PRO UA 172 53.37 -107.94 18.83
CA PRO UA 172 52.46 -108.04 17.67
C PRO UA 172 51.74 -106.74 17.36
N GLU UA 173 51.56 -105.85 18.34
CA GLU UA 173 51.04 -104.53 18.04
C GLU UA 173 52.02 -103.75 17.17
N LEU UA 174 53.32 -103.86 17.47
CA LEU UA 174 54.31 -103.18 16.64
C LEU UA 174 54.36 -103.79 15.24
N ILE UA 175 54.25 -105.12 15.14
CA ILE UA 175 54.24 -105.76 13.82
C ILE UA 175 53.01 -105.33 13.04
N LYS UA 176 51.86 -105.22 13.71
CA LYS UA 176 50.65 -104.77 13.05
C LYS UA 176 50.77 -103.32 12.59
N LEU UA 177 51.38 -102.46 13.42
CA LEU UA 177 51.60 -101.08 13.02
C LEU UA 177 52.55 -101.00 11.83
N ALA UA 178 53.57 -101.88 11.81
CA ALA UA 178 54.49 -101.91 10.68
C ALA UA 178 53.78 -102.34 9.40
N LEU UA 179 52.93 -103.37 9.49
CA LEU UA 179 52.18 -103.80 8.33
C LEU UA 179 51.21 -102.72 7.86
N GLU UA 180 50.59 -102.01 8.80
CA GLU UA 180 49.67 -100.93 8.45
C GLU UA 180 50.41 -99.77 7.79
N ALA UA 181 51.62 -99.48 8.25
CA ALA UA 181 52.42 -98.42 7.63
C ALA UA 181 52.91 -98.85 6.25
N ALA UA 182 53.24 -100.13 6.08
CA ALA UA 182 53.62 -100.64 4.77
C ALA UA 182 52.46 -100.55 3.79
N ARG UA 183 51.27 -100.93 4.23
CA ARG UA 183 50.09 -100.79 3.38
C ARG UA 183 49.77 -99.32 3.11
N ARG UA 184 50.02 -98.44 4.08
CA ARG UA 184 49.78 -97.01 3.90
C ARG UA 184 50.95 -96.34 3.19
N GLY UA 185 52.14 -96.92 3.27
CA GLY UA 185 53.30 -96.31 2.67
C GLY UA 185 53.82 -95.15 3.48
N ASP UA 186 53.50 -95.14 4.77
CA ASP UA 186 53.92 -94.09 5.69
C ASP UA 186 55.23 -94.50 6.34
N SER UA 187 56.34 -93.99 5.82
CA SER UA 187 57.64 -94.27 6.41
C SER UA 187 57.73 -93.71 7.83
N GLU UA 188 57.02 -92.60 8.10
CA GLU UA 188 56.99 -92.06 9.44
C GLU UA 188 56.32 -93.03 10.41
N LYS UA 189 55.17 -93.58 10.03
CA LYS UA 189 54.48 -94.54 10.88
C LYS UA 189 55.31 -95.81 11.05
N ALA UA 190 56.01 -96.24 9.99
CA ALA UA 190 56.83 -97.44 10.08
C ALA UA 190 58.03 -97.21 11.00
N LYS UA 191 58.64 -96.02 10.92
CA LYS UA 191 59.75 -95.72 11.82
C LYS UA 191 59.26 -95.58 13.26
N ALA UA 192 58.06 -95.03 13.45
CA ALA UA 192 57.48 -94.99 14.78
C ALA UA 192 57.22 -96.39 15.31
N ILE UA 193 56.79 -97.30 14.44
CA ILE UA 193 56.58 -98.69 14.84
C ILE UA 193 57.91 -99.35 15.19
N LEU UA 194 58.97 -99.02 14.45
CA LEU UA 194 60.29 -99.57 14.76
C LEU UA 194 60.78 -99.07 16.11
N LEU UA 195 60.67 -97.76 16.35
CA LEU UA 195 61.08 -97.20 17.63
C LEU UA 195 60.23 -97.75 18.76
N ALA UA 196 58.94 -97.98 18.52
CA ALA UA 196 58.07 -98.54 19.55
C ALA UA 196 58.42 -100.00 19.83
N ALA UA 197 58.77 -100.76 18.79
CA ALA UA 197 59.20 -102.13 19.00
C ALA UA 197 60.52 -102.18 19.78
N GLU UA 198 61.42 -101.24 19.49
CA GLU UA 198 62.66 -101.17 20.25
C GLU UA 198 62.40 -100.80 21.71
N ALA UA 199 61.51 -99.84 21.94
CA ALA UA 199 61.18 -99.45 23.31
C ALA UA 199 60.49 -100.60 24.04
N ALA UA 200 59.64 -101.36 23.35
CA ALA UA 200 59.00 -102.51 23.97
C ALA UA 200 59.99 -103.62 24.25
N ARG UA 201 60.98 -103.80 23.37
CA ARG UA 201 62.05 -104.76 23.64
C ARG UA 201 62.84 -104.37 24.86
N VAL UA 202 63.16 -103.08 24.99
CA VAL UA 202 63.89 -102.61 26.17
C VAL UA 202 63.05 -102.77 27.43
N ALA UA 203 61.74 -102.53 27.32
CA ALA UA 203 60.85 -102.68 28.46
C ALA UA 203 60.75 -104.14 28.89
N LYS UA 204 60.67 -105.06 27.93
CA LYS UA 204 60.63 -106.47 28.26
C LYS UA 204 61.95 -106.95 28.85
N GLU UA 205 63.07 -106.47 28.30
CA GLU UA 205 64.37 -106.87 28.83
C GLU UA 205 64.61 -106.31 30.23
N VAL UA 206 64.07 -105.13 30.51
CA VAL UA 206 64.18 -104.53 31.84
C VAL UA 206 63.06 -104.99 32.75
N GLY UA 207 61.82 -104.92 32.27
CA GLY UA 207 60.68 -105.28 33.08
C GLY UA 207 59.79 -104.08 33.35
N ASP UA 208 59.80 -103.11 32.44
CA ASP UA 208 59.02 -101.89 32.59
C ASP UA 208 57.72 -102.04 31.82
N PRO UA 209 56.69 -102.63 32.41
CA PRO UA 209 55.42 -102.81 31.69
C PRO UA 209 54.77 -101.51 31.29
N GLU UA 210 54.94 -100.43 32.06
CA GLU UA 210 54.44 -99.14 31.63
C GLU UA 210 55.17 -98.65 30.39
N LEU UA 211 56.47 -98.95 30.30
CA LEU UA 211 57.22 -98.58 29.10
C LEU UA 211 56.75 -99.37 27.88
N ILE UA 212 56.53 -100.68 28.05
CA ILE UA 212 56.01 -101.47 26.94
C ILE UA 212 54.61 -101.01 26.56
N LYS UA 213 53.82 -100.58 27.55
CA LYS UA 213 52.49 -100.07 27.27
C LYS UA 213 52.55 -98.77 26.48
N LEU UA 214 53.43 -97.86 26.87
CA LEU UA 214 53.59 -96.62 26.12
C LEU UA 214 54.13 -96.90 24.72
N ALA UA 215 54.99 -97.91 24.59
CA ALA UA 215 55.48 -98.28 23.26
C ALA UA 215 54.36 -98.81 22.38
N LEU UA 216 53.50 -99.68 22.93
CA LEU UA 216 52.36 -100.17 22.16
C LEU UA 216 51.40 -99.04 21.82
N GLU UA 217 51.22 -98.09 22.74
CA GLU UA 217 50.34 -96.95 22.47
C GLU UA 217 50.90 -96.08 21.36
N ALA UA 218 52.22 -95.87 21.36
CA ALA UA 218 52.85 -95.08 20.30
C ALA UA 218 52.79 -95.82 18.97
N ALA UA 219 52.95 -97.16 18.99
CA ALA UA 219 52.84 -97.94 17.77
C ALA UA 219 51.43 -97.85 17.19
N ARG UA 220 50.42 -97.93 18.06
CA ARG UA 220 49.04 -97.73 17.61
C ARG UA 220 48.83 -96.31 17.12
N ARG UA 221 49.52 -95.33 17.71
CA ARG UA 221 49.38 -93.94 17.29
C ARG UA 221 50.30 -93.61 16.12
N GLY UA 222 51.55 -94.03 16.18
CA GLY UA 222 52.49 -93.75 15.12
C GLY UA 222 53.32 -92.51 15.39
N ASP UA 223 53.62 -92.24 16.66
CA ASP UA 223 54.38 -91.07 17.06
C ASP UA 223 55.84 -91.47 17.25
N SER UA 224 56.66 -91.16 16.26
CA SER UA 224 58.08 -91.51 16.34
C SER UA 224 58.78 -90.72 17.44
N ARG UA 225 58.32 -89.49 17.70
CA ARG UA 225 58.89 -88.70 18.78
C ARG UA 225 58.59 -89.32 20.14
N LYS UA 226 57.32 -89.65 20.38
CA LYS UA 226 56.95 -90.29 21.65
C LYS UA 226 57.60 -91.66 21.78
N ALA UA 227 57.69 -92.41 20.66
CA ALA UA 227 58.31 -93.72 20.72
C ALA UA 227 59.80 -93.61 21.01
N GLU UA 228 60.47 -92.63 20.42
CA GLU UA 228 61.89 -92.43 20.69
C GLU UA 228 62.10 -91.97 22.13
N ALA UA 229 61.20 -91.14 22.66
CA ALA UA 229 61.29 -90.74 24.05
C ALA UA 229 61.09 -91.93 24.98
N ILE UA 230 60.16 -92.82 24.62
CA ILE UA 230 59.93 -94.02 25.43
C ILE UA 230 61.15 -94.94 25.36
N LEU UA 231 61.79 -95.02 24.20
CA LEU UA 231 63.00 -95.83 24.09
C LEU UA 231 64.14 -95.23 24.90
N LEU UA 232 64.28 -93.91 24.88
CA LEU UA 232 65.30 -93.25 25.69
C LEU UA 232 65.04 -93.47 27.17
N ALA UA 233 63.79 -93.35 27.59
CA ALA UA 233 63.44 -93.59 28.99
C ALA UA 233 63.65 -95.05 29.36
N ALA UA 234 63.41 -95.97 28.42
CA ALA UA 234 63.64 -97.39 28.69
C ALA UA 234 65.11 -97.68 28.84
N GLU UA 235 65.96 -97.10 27.99
CA GLU UA 235 67.40 -97.26 28.14
C GLU UA 235 67.88 -96.63 29.45
N ALA UA 236 67.30 -95.49 29.82
CA ALA UA 236 67.65 -94.85 31.08
C ALA UA 236 67.25 -95.72 32.27
N ALA UA 237 66.08 -96.32 32.22
CA ALA UA 237 65.64 -97.20 33.30
C ALA UA 237 66.45 -98.48 33.32
N ARG UA 238 66.92 -98.94 32.16
CA ARG UA 238 67.81 -100.11 32.12
C ARG UA 238 69.14 -99.78 32.77
N ILE UA 239 69.70 -98.61 32.46
CA ILE UA 239 70.92 -98.17 33.12
C ILE UA 239 70.69 -98.01 34.62
N ALA UA 240 69.49 -97.57 34.99
CA ALA UA 240 69.17 -97.39 36.41
C ALA UA 240 69.12 -98.73 37.12
N LYS UA 241 68.47 -99.72 36.51
CA LYS UA 241 68.44 -101.07 37.10
C LYS UA 241 69.83 -101.66 37.15
N GLU UA 242 70.66 -101.40 36.14
CA GLU UA 242 72.05 -101.83 36.18
C GLU UA 242 72.80 -101.15 37.31
N ALA UA 243 72.42 -99.92 37.65
CA ALA UA 243 73.02 -99.20 38.76
C ALA UA 243 72.26 -99.41 40.07
N GLY UA 244 70.93 -99.36 40.03
CA GLY UA 244 70.13 -99.52 41.23
C GLY UA 244 69.39 -98.26 41.63
N ASP UA 245 68.99 -97.46 40.65
CA ASP UA 245 68.26 -96.23 40.90
C ASP UA 245 66.80 -96.41 40.49
N PRO UA 246 65.95 -96.94 41.37
CA PRO UA 246 64.55 -97.14 40.99
C PRO UA 246 63.81 -95.83 40.83
N GLU UA 247 64.27 -94.81 41.55
CA GLU UA 247 63.74 -93.47 41.36
C GLU UA 247 64.02 -92.97 39.95
N ALA UA 248 65.19 -93.30 39.42
CA ALA UA 248 65.49 -92.95 38.04
C ALA UA 248 64.59 -93.69 37.07
N ARG UA 249 64.32 -94.98 37.33
CA ARG UA 249 63.42 -95.73 36.47
C ARG UA 249 62.00 -95.15 36.53
N LYS UA 250 61.58 -94.70 37.71
CA LYS UA 250 60.25 -94.10 37.84
C LYS UA 250 60.19 -92.76 37.12
N LYS UA 251 61.24 -91.96 37.23
CA LYS UA 251 61.27 -90.70 36.51
C LYS UA 251 61.29 -90.93 35.00
N ALA UA 252 61.97 -92.00 34.57
CA ALA UA 252 61.94 -92.36 33.15
C ALA UA 252 60.55 -92.77 32.72
N LEU UA 253 59.85 -93.53 33.56
CA LEU UA 253 58.47 -93.88 33.26
C LEU UA 253 57.60 -92.64 33.16
N GLU UA 254 57.79 -91.68 34.07
CA GLU UA 254 57.02 -90.45 34.04
C GLU UA 254 57.31 -89.64 32.78
N ALA UA 255 58.58 -89.57 32.38
CA ALA UA 255 58.95 -88.83 31.17
C ALA UA 255 58.43 -89.53 29.91
N ALA UA 256 58.49 -90.85 29.87
CA ALA UA 256 57.96 -91.58 28.71
C ALA UA 256 56.45 -91.42 28.62
N ARG UA 257 55.77 -91.40 29.77
CA ARG UA 257 54.35 -91.07 29.78
C ARG UA 257 54.12 -89.64 29.31
N ARG UA 258 55.07 -88.75 29.60
CA ARG UA 258 54.99 -87.38 29.10
C ARG UA 258 55.34 -87.29 27.62
N GLY UA 259 56.19 -88.21 27.13
CA GLY UA 259 56.52 -88.26 25.73
C GLY UA 259 57.73 -87.45 25.31
N ASP UA 260 58.40 -86.79 26.25
CA ASP UA 260 59.60 -86.04 25.92
C ASP UA 260 60.85 -86.90 26.16
N ARG UA 261 61.88 -86.65 25.35
CA ARG UA 261 63.13 -87.37 25.47
C ARG UA 261 64.24 -86.56 26.12
N GLU UA 262 64.05 -85.25 26.31
CA GLU UA 262 65.08 -84.45 26.96
C GLU UA 262 65.25 -84.86 28.41
N LEU UA 263 64.15 -85.00 29.15
CA LEU UA 263 64.24 -85.44 30.53
C LEU UA 263 64.76 -86.88 30.61
N ALA UA 264 64.36 -87.73 29.67
CA ALA UA 264 64.86 -89.09 29.64
C ALA UA 264 66.37 -89.11 29.45
N THR UA 265 66.87 -88.27 28.54
CA THR UA 265 68.30 -88.20 28.31
C THR UA 265 69.03 -87.64 29.52
N ARG UA 266 68.44 -86.64 30.18
CA ARG UA 266 69.07 -86.08 31.38
C ARG UA 266 69.14 -87.12 32.49
N ILE UA 267 68.08 -87.92 32.66
CA ILE UA 267 68.08 -88.96 33.67
C ILE UA 267 69.09 -90.04 33.32
N LEU UA 268 69.17 -90.41 32.02
CA LEU UA 268 70.17 -91.38 31.60
C LEU UA 268 71.57 -90.84 31.86
N ILE UA 269 71.76 -89.54 31.69
CA ILE UA 269 73.06 -88.93 31.94
C ILE UA 269 73.40 -88.97 33.42
N GLU UA 270 72.42 -88.69 34.28
CA GLU UA 270 72.67 -88.76 35.71
C GLU UA 270 72.99 -90.18 36.15
N ALA UA 271 72.25 -91.16 35.61
CA ALA UA 271 72.52 -92.55 35.92
C ALA UA 271 73.89 -92.97 35.42
N LEU UA 272 74.26 -92.50 34.23
CA LEU UA 272 75.58 -92.82 33.69
C LEU UA 272 76.67 -92.16 34.53
N LEU UA 273 76.40 -90.97 35.08
CA LEU UA 273 77.38 -90.32 35.94
C LEU UA 273 77.56 -91.10 37.23
N ARG UA 274 76.47 -91.56 37.81
CA ARG UA 274 76.58 -92.39 39.02
C ARG UA 274 77.33 -93.69 38.72
N LEU UA 275 76.96 -94.35 37.63
CA LEU UA 275 77.64 -95.59 37.25
C LEU UA 275 79.11 -95.32 36.92
N LEU UA 276 79.42 -94.13 36.41
CA LEU UA 276 80.79 -93.79 36.08
C LEU UA 276 81.60 -93.55 37.34
N LYS UA 277 81.00 -92.90 38.34
CA LYS UA 277 81.69 -92.78 39.63
C LYS UA 277 81.93 -94.15 40.25
N LYS UA 278 80.94 -95.04 40.15
CA LYS UA 278 81.11 -96.39 40.67
C LYS UA 278 82.22 -97.13 39.92
N SER UA 279 82.23 -97.02 38.59
CA SER UA 279 83.26 -97.68 37.79
C SER UA 279 84.63 -97.07 38.05
N THR UA 280 84.67 -95.78 38.37
CA THR UA 280 85.94 -95.14 38.71
C THR UA 280 86.47 -95.65 40.04
N ALA UA 281 85.60 -95.81 41.03
CA ALA UA 281 86.00 -96.43 42.28
C ALA UA 281 86.49 -97.86 42.05
N GLU UA 282 85.75 -98.62 41.22
CA GLU UA 282 86.14 -99.99 40.94
C GLU UA 282 87.48 -100.05 40.21
N LEU UA 283 87.72 -99.11 39.30
CA LEU UA 283 88.97 -99.09 38.55
C LEU UA 283 90.14 -98.67 39.44
N LYS UA 284 89.91 -97.74 40.37
CA LYS UA 284 90.95 -97.41 41.32
C LYS UA 284 91.27 -98.60 42.21
N ARG UA 285 90.25 -99.34 42.65
CA ARG UA 285 90.49 -100.55 43.43
C ARG UA 285 91.25 -101.59 42.62
N ALA UA 286 90.89 -101.74 41.34
CA ALA UA 286 91.57 -102.72 40.49
C ALA UA 286 93.03 -102.31 40.25
N THR UA 287 93.28 -101.02 40.08
CA THR UA 287 94.65 -100.55 39.91
C THR UA 287 95.46 -100.76 41.18
N ALA UA 288 94.86 -100.53 42.34
CA ALA UA 288 95.54 -100.81 43.60
C ALA UA 288 95.84 -102.29 43.73
N SER UA 289 94.89 -103.15 43.35
CA SER UA 289 95.12 -104.59 43.43
C SER UA 289 96.21 -105.03 42.47
N LEU UA 290 96.24 -104.44 41.26
CA LEU UA 290 97.28 -104.78 40.31
C LEU UA 290 98.65 -104.33 40.80
N ARG UA 291 98.72 -103.13 41.39
CA ARG UA 291 99.99 -102.67 41.96
C ARG UA 291 100.42 -103.54 43.12
N ALA UA 292 99.46 -104.03 43.91
CA ALA UA 292 99.79 -104.92 45.02
C ALA UA 292 100.31 -106.26 44.51
N ILE UA 293 99.68 -106.81 43.48
CA ILE UA 293 100.15 -108.06 42.89
C ILE UA 293 101.52 -107.87 42.26
N THR UA 294 101.76 -106.68 41.69
CA THR UA 294 103.08 -106.38 41.12
C THR UA 294 104.13 -106.31 42.22
N GLU UA 295 103.81 -105.67 43.34
CA GLU UA 295 104.75 -105.62 44.45
C GLU UA 295 105.00 -107.00 45.03
N GLU UA 296 103.97 -107.86 45.04
CA GLU UA 296 104.14 -109.22 45.53
C GLU UA 296 105.04 -110.02 44.60
N LEU UA 297 104.83 -109.90 43.29
CA LEU UA 297 105.71 -110.56 42.33
C LEU UA 297 107.12 -109.99 42.40
N LYS UA 298 107.25 -108.72 42.78
CA LYS UA 298 108.56 -108.11 42.91
C LYS UA 298 109.30 -108.64 44.14
N LYS UA 299 108.59 -108.77 45.27
CA LYS UA 299 109.24 -109.21 46.50
C LYS UA 299 109.68 -110.67 46.42
N ASN UA 300 108.91 -111.51 45.73
CA ASN UA 300 109.27 -112.91 45.58
C ASN UA 300 108.73 -113.42 44.25
N PRO UA 301 109.47 -113.29 43.15
CA PRO UA 301 108.96 -113.73 41.85
C PRO UA 301 109.08 -115.22 41.68
N SER UA 302 108.03 -115.80 41.10
CA SER UA 302 107.94 -117.23 40.89
C SER UA 302 106.82 -117.50 39.90
N GLU UA 303 106.47 -118.78 39.74
CA GLU UA 303 105.35 -119.13 38.87
C GLU UA 303 104.05 -118.53 39.39
N ASP UA 304 103.76 -118.72 40.67
CA ASP UA 304 102.52 -118.17 41.23
C ASP UA 304 102.57 -116.66 41.26
N ALA UA 305 103.75 -116.08 41.52
CA ALA UA 305 103.86 -114.63 41.59
C ALA UA 305 103.61 -113.98 40.24
N LEU UA 306 104.31 -114.45 39.20
CA LEU UA 306 104.08 -113.93 37.86
C LEU UA 306 102.66 -114.21 37.40
N VAL UA 307 102.12 -115.37 37.78
CA VAL UA 307 100.74 -115.71 37.42
C VAL UA 307 99.77 -114.70 38.02
N GLU UA 308 99.92 -114.40 39.31
CA GLU UA 308 99.02 -113.46 39.97
C GLU UA 308 99.21 -112.05 39.44
N HIS UA 309 100.45 -111.65 39.15
CA HIS UA 309 100.69 -110.32 38.62
C HIS UA 309 100.05 -110.16 37.24
N ASN UA 310 100.22 -111.15 36.36
CA ASN UA 310 99.62 -111.08 35.04
C ASN UA 310 98.10 -111.16 35.11
N ARG UA 311 97.58 -111.97 36.05
CA ARG UA 311 96.13 -112.04 36.21
C ARG UA 311 95.56 -110.72 36.71
N ALA UA 312 96.27 -110.06 37.62
CA ALA UA 312 95.82 -108.75 38.09
C ALA UA 312 95.91 -107.70 36.99
N ILE UA 313 96.95 -107.78 36.15
CA ILE UA 313 97.05 -106.86 35.03
C ILE UA 313 95.90 -107.07 34.06
N VAL UA 314 95.56 -108.33 33.78
CA VAL UA 314 94.45 -108.62 32.86
C VAL UA 314 93.13 -108.20 33.49
N GLU UA 315 92.98 -108.36 34.80
CA GLU UA 315 91.77 -107.94 35.48
C GLU UA 315 91.63 -106.42 35.44
N HIS UA 316 92.73 -105.70 35.63
CA HIS UA 316 92.69 -104.25 35.51
C HIS UA 316 92.36 -103.83 34.08
N ASN UA 317 92.91 -104.53 33.09
CA ASN UA 317 92.59 -104.23 31.70
C ASN UA 317 91.12 -104.48 31.40
N ALA UA 318 90.56 -105.57 31.96
CA ALA UA 318 89.16 -105.87 31.74
C ALA UA 318 88.26 -104.87 32.44
N ILE UA 319 88.64 -104.43 33.64
CA ILE UA 319 87.86 -103.43 34.35
C ILE UA 319 87.92 -102.10 33.60
N ILE UA 320 89.08 -101.77 33.04
CA ILE UA 320 89.20 -100.56 32.23
C ILE UA 320 88.35 -100.67 30.98
N VAL UA 321 88.32 -101.86 30.38
CA VAL UA 321 87.48 -102.07 29.20
C VAL UA 321 86.01 -101.92 29.55
N GLU UA 322 85.61 -102.41 30.72
CA GLU UA 322 84.22 -102.28 31.14
C GLU UA 322 83.88 -100.82 31.42
N ASN UA 323 84.77 -100.10 32.09
CA ASN UA 323 84.53 -98.68 32.34
C ASN UA 323 84.48 -97.90 31.04
N ASN UA 324 85.33 -98.26 30.08
CA ASN UA 324 85.30 -97.61 28.78
C ASN UA 324 84.03 -97.94 28.03
N ARG UA 325 83.52 -99.15 28.19
CA ARG UA 325 82.25 -99.51 27.56
C ARG UA 325 81.10 -98.72 28.17
N ILE UA 326 81.13 -98.53 29.49
CA ILE UA 326 80.12 -97.71 30.14
C ILE UA 326 80.21 -96.27 29.65
N ILE UA 327 81.43 -95.75 29.53
CA ILE UA 327 81.62 -94.39 29.03
C ILE UA 327 81.14 -94.29 27.59
N ALA UA 328 81.38 -95.33 26.80
CA ALA UA 328 80.94 -95.32 25.41
C ALA UA 328 79.43 -95.37 25.31
N MET UA 329 78.78 -96.13 26.18
CA MET UA 329 77.33 -96.15 26.20
C MET UA 329 76.79 -94.78 26.60
N VAL UA 330 77.41 -94.15 27.59
CA VAL UA 330 76.97 -92.81 28.01
C VAL UA 330 77.16 -91.82 26.87
N LEU UA 331 78.29 -91.92 26.16
CA LEU UA 331 78.55 -91.01 25.06
C LEU UA 331 77.58 -91.24 23.91
N GLU UA 332 77.24 -92.50 23.64
CA GLU UA 332 76.25 -92.81 22.61
C GLU UA 332 74.89 -92.27 23.00
N ALA UA 333 74.56 -92.32 24.29
CA ALA UA 333 73.31 -91.73 24.75
C ALA UA 333 73.32 -90.22 24.55
N ILE UA 334 74.45 -89.57 24.88
CA ILE UA 334 74.56 -88.13 24.67
C ILE UA 334 74.44 -87.80 23.19
N VAL UA 335 75.00 -88.66 22.33
CA VAL UA 335 74.95 -88.40 20.89
C VAL UA 335 73.53 -88.56 20.38
N ARG UA 336 72.85 -89.63 20.79
CA ARG UA 336 71.45 -89.80 20.40
C ARG UA 336 70.58 -88.69 20.95
N ALA UA 337 70.99 -88.09 22.07
CA ALA UA 337 70.26 -86.94 22.60
C ALA UA 337 70.66 -85.64 21.93
N ILE UA 338 71.96 -85.43 21.67
CA ILE UA 338 72.40 -84.21 21.01
C ILE UA 338 72.23 -84.35 19.51
N SER VA 2 86.93 37.45 57.52
CA SER VA 2 87.83 38.57 57.19
C SER VA 2 87.20 39.90 57.58
N THR VA 3 85.99 39.84 58.16
CA THR VA 3 85.31 41.07 58.56
C THR VA 3 85.96 41.69 59.79
N LYS VA 4 86.21 40.88 60.83
CA LYS VA 4 86.82 41.41 62.05
C LYS VA 4 88.25 41.85 61.82
N GLU VA 5 89.00 41.13 60.99
CA GLU VA 5 90.38 41.51 60.70
C GLU VA 5 90.43 42.82 59.91
N LYS VA 6 89.60 42.94 58.87
CA LYS VA 6 89.53 44.19 58.14
C LYS VA 6 89.07 45.33 59.02
N ALA VA 7 88.16 45.05 59.95
CA ALA VA 7 87.71 46.07 60.90
C ALA VA 7 88.86 46.54 61.78
N ARG VA 8 89.59 45.60 62.38
CA ARG VA 8 90.71 45.97 63.24
C ARG VA 8 91.77 46.75 62.47
N GLN VA 9 92.03 46.35 61.22
CA GLN VA 9 93.04 47.04 60.42
C GLN VA 9 92.60 48.45 60.05
N LEU VA 10 91.40 48.59 59.48
CA LEU VA 10 90.91 49.92 59.11
C LEU VA 10 90.75 50.81 60.32
N ALA VA 11 90.45 50.23 61.48
CA ALA VA 11 90.28 51.03 62.69
C ALA VA 11 91.64 51.44 63.27
N GLU VA 12 92.65 50.58 63.17
CA GLU VA 12 93.99 50.99 63.54
C GLU VA 12 94.48 52.13 62.64
N GLU VA 13 94.23 52.01 61.34
CA GLU VA 13 94.56 53.11 60.43
C GLU VA 13 93.76 54.36 60.76
N ALA VA 14 92.50 54.18 61.19
CA ALA VA 14 91.68 55.30 61.61
C ALA VA 14 92.30 56.02 62.80
N LYS VA 15 92.71 55.25 63.82
CA LYS VA 15 93.33 55.84 65.00
C LYS VA 15 94.65 56.52 64.65
N GLU VA 16 95.42 55.93 63.73
CA GLU VA 16 96.68 56.53 63.35
C GLU VA 16 96.46 57.86 62.61
N THR VA 17 95.55 57.87 61.64
CA THR VA 17 95.27 59.10 60.91
C THR VA 17 94.57 60.12 61.80
N ALA VA 18 93.93 59.67 62.88
CA ALA VA 18 93.33 60.59 63.84
C ALA VA 18 94.40 61.25 64.69
N GLU VA 19 95.34 60.46 65.21
CA GLU VA 19 96.46 61.03 65.96
C GLU VA 19 97.30 61.94 65.08
N LYS VA 20 97.42 61.61 63.80
CA LYS VA 20 98.12 62.51 62.87
C LYS VA 20 97.30 63.76 62.59
N VAL VA 21 95.98 63.63 62.56
CA VAL VA 21 95.09 64.77 62.39
C VAL VA 21 95.05 65.62 63.65
N GLY VA 22 95.40 65.02 64.79
CA GLY VA 22 95.36 65.72 66.06
C GLY VA 22 94.17 65.29 66.89
N ASP VA 23 93.63 64.10 66.60
CA ASP VA 23 92.43 63.62 67.26
C ASP VA 23 92.76 62.36 68.06
N PRO VA 24 92.92 62.45 69.37
CA PRO VA 24 93.06 61.23 70.18
C PRO VA 24 91.69 60.64 70.49
N GLU VA 25 90.66 61.50 70.45
CA GLU VA 25 89.30 61.02 70.62
C GLU VA 25 88.86 60.15 69.45
N LEU VA 26 89.15 60.59 68.22
CA LEU VA 26 88.87 59.74 67.07
C LEU VA 26 89.77 58.50 67.08
N ILE VA 27 90.97 58.61 67.65
CA ILE VA 27 91.84 57.46 67.79
C ILE VA 27 91.22 56.43 68.73
N LYS VA 28 90.63 56.89 69.84
CA LYS VA 28 89.98 55.97 70.77
C LYS VA 28 88.70 55.38 70.18
N LEU VA 29 87.94 56.20 69.46
CA LEU VA 29 86.76 55.69 68.77
C LEU VA 29 87.15 54.64 67.73
N ALA VA 30 88.30 54.83 67.09
CA ALA VA 30 88.80 53.84 66.15
C ALA VA 30 89.22 52.57 66.86
N GLU VA 31 89.92 52.69 67.99
CA GLU VA 31 90.25 51.51 68.78
C GLU VA 31 88.98 50.77 69.19
N GLN VA 32 87.91 51.50 69.49
CA GLN VA 32 86.65 50.87 69.82
C GLN VA 32 86.03 50.18 68.60
N ALA VA 33 86.15 50.80 67.42
CA ALA VA 33 85.67 50.17 66.20
C ALA VA 33 86.42 48.88 65.91
N SER VA 34 87.71 48.86 66.24
CA SER VA 34 88.51 47.64 66.09
C SER VA 34 88.07 46.58 67.09
N GLN VA 35 87.91 46.96 68.36
CA GLN VA 35 87.51 46.02 69.38
C GLN VA 35 86.12 45.44 69.10
N GLU VA 36 85.23 46.24 68.52
CA GLU VA 36 83.89 45.76 68.20
C GLU VA 36 83.91 44.90 66.94
N GLY VA 37 84.83 45.17 66.02
CA GLY VA 37 84.91 44.46 64.78
C GLY VA 37 84.01 44.99 63.68
N ASP VA 38 83.77 46.29 63.63
CA ASP VA 38 82.93 46.90 62.61
C ASP VA 38 83.81 47.54 61.55
N SER VA 39 83.94 46.87 60.40
CA SER VA 39 84.73 47.42 59.31
C SER VA 39 84.10 48.70 58.77
N GLU VA 40 82.77 48.80 58.82
CA GLU VA 40 82.11 50.04 58.44
C GLU VA 40 82.49 51.17 59.38
N LYS VA 41 82.39 50.95 60.69
CA LYS VA 41 82.78 51.98 61.65
C LYS VA 41 84.28 52.24 61.59
N ALA VA 42 85.07 51.21 61.28
CA ALA VA 42 86.51 51.40 61.16
C ALA VA 42 86.85 52.32 59.99
N LYS VA 43 86.32 52.01 58.80
CA LYS VA 43 86.55 52.87 57.65
C LYS VA 43 85.93 54.25 57.85
N ALA VA 44 84.85 54.32 58.62
CA ALA VA 44 84.25 55.61 58.95
C ALA VA 44 85.21 56.46 59.78
N ILE VA 45 85.78 55.87 60.83
CA ILE VA 45 86.73 56.60 61.65
C ILE VA 45 87.97 56.93 60.83
N LEU VA 46 88.32 56.09 59.85
CA LEU VA 46 89.48 56.36 59.01
C LEU VA 46 89.23 57.56 58.09
N LEU VA 47 88.09 57.56 57.40
CA LEU VA 47 87.74 58.69 56.56
C LEU VA 47 87.56 59.96 57.38
N ALA VA 48 87.04 59.85 58.61
CA ALA VA 48 86.90 61.02 59.47
C ALA VA 48 88.26 61.52 59.94
N ALA VA 49 89.20 60.61 60.20
CA ALA VA 49 90.54 61.01 60.58
C ALA VA 49 91.25 61.70 59.42
N GLU VA 50 91.09 61.18 58.21
CA GLU VA 50 91.62 61.84 57.03
C GLU VA 50 90.95 63.20 56.83
N ALA VA 51 89.65 63.28 57.12
CA ALA VA 51 88.94 64.55 57.04
C ALA VA 51 89.52 65.56 58.02
N ALA VA 52 89.78 65.12 59.25
CA ALA VA 52 90.35 66.02 60.25
C ALA VA 52 91.77 66.42 59.88
N ARG VA 53 92.53 65.52 59.25
CA ARG VA 53 93.86 65.89 58.77
C ARG VA 53 93.78 66.95 57.67
N VAL VA 54 92.90 66.74 56.69
CA VAL VA 54 92.75 67.70 55.60
C VAL VA 54 92.17 69.01 56.12
N ALA VA 55 91.42 68.95 57.22
CA ALA VA 55 90.89 70.17 57.81
C ALA VA 55 91.97 70.93 58.56
N LYS VA 56 92.77 70.23 59.37
CA LYS VA 56 93.92 70.86 60.00
C LYS VA 56 94.85 71.46 58.96
N GLU VA 57 94.92 70.84 57.79
CA GLU VA 57 95.62 71.44 56.67
C GLU VA 57 94.88 72.65 56.12
N VAL VA 58 93.55 72.64 56.17
CA VAL VA 58 92.75 73.75 55.68
C VAL VA 58 92.51 74.78 56.78
N GLY VA 59 91.99 74.33 57.92
CA GLY VA 59 91.82 75.22 59.07
C GLY VA 59 90.38 75.53 59.45
N ALA VA 60 89.48 74.56 59.33
CA ALA VA 60 88.08 74.75 59.68
C ALA VA 60 87.72 73.85 60.86
N PRO VA 61 87.49 74.40 62.05
CA PRO VA 61 87.10 73.53 63.18
C PRO VA 61 85.70 72.98 63.06
N ASP VA 62 84.86 73.54 62.19
CA ASP VA 62 83.52 72.98 61.98
C ASP VA 62 83.60 71.56 61.43
N LEU VA 63 84.26 71.39 60.28
CA LEU VA 63 84.42 70.05 59.73
C LEU VA 63 85.29 69.18 60.64
N ILE VA 64 86.16 69.81 61.44
CA ILE VA 64 86.98 69.05 62.37
C ILE VA 64 86.11 68.38 63.42
N ARG VA 65 85.27 69.15 64.10
CA ARG VA 65 84.35 68.57 65.07
C ARG VA 65 83.34 67.65 64.40
N LEU VA 66 82.99 67.94 63.14
CA LEU VA 66 82.09 67.07 62.40
C LEU VA 66 82.69 65.69 62.21
N ALA VA 67 83.95 65.64 61.78
CA ALA VA 67 84.64 64.36 61.63
C ALA VA 67 84.86 63.69 62.98
N ARG VA 68 85.11 64.50 64.02
CA ARG VA 68 85.25 63.93 65.36
C ARG VA 68 83.98 63.22 65.79
N ILE VA 69 82.83 63.85 65.58
CA ILE VA 69 81.56 63.22 65.94
C ILE VA 69 81.26 62.03 65.04
N ALA VA 70 81.61 62.14 63.75
CA ALA VA 70 81.39 61.04 62.83
C ALA VA 70 82.20 59.82 63.21
N ALA VA 71 83.43 60.03 63.71
CA ALA VA 71 84.25 58.92 64.17
C ALA VA 71 83.73 58.38 65.49
N ARG VA 72 83.31 59.27 66.39
CA ARG VA 72 82.73 58.81 67.66
C ARG VA 72 81.47 57.99 67.42
N VAL VA 73 80.72 58.28 66.36
CA VAL VA 73 79.52 57.52 66.07
C VAL VA 73 79.82 56.40 65.09
N GLY VA 74 80.71 56.63 64.13
CA GLY VA 74 81.01 55.65 63.11
C GLY VA 74 80.21 55.86 61.85
N ALA VA 75 80.06 57.12 61.43
CA ALA VA 75 79.28 57.48 60.26
C ALA VA 75 80.20 57.53 59.04
N SER VA 76 80.06 56.56 58.15
CA SER VA 76 80.93 56.50 56.97
C SER VA 76 80.56 57.57 55.95
N GLU VA 77 79.27 57.78 55.72
CA GLU VA 77 78.84 58.82 54.79
C GLU VA 77 79.24 60.19 55.29
N ALA VA 78 79.04 60.46 56.59
CA ALA VA 78 79.42 61.75 57.15
C ALA VA 78 80.93 61.92 57.14
N ALA VA 79 81.68 60.84 57.35
CA ALA VA 79 83.14 60.94 57.32
C ALA VA 79 83.64 61.22 55.92
N LYS VA 80 83.10 60.53 54.91
CA LYS VA 80 83.49 60.81 53.53
C LYS VA 80 83.07 62.22 53.13
N ALA VA 81 81.91 62.67 53.60
CA ALA VA 81 81.49 64.04 53.34
C ALA VA 81 82.44 65.04 53.97
N ILE VA 82 82.88 64.76 55.20
CA ILE VA 82 83.82 65.66 55.87
C ILE VA 82 85.16 65.67 55.16
N LEU VA 83 85.57 64.52 54.62
CA LEU VA 83 86.85 64.45 53.90
C LEU VA 83 86.78 65.22 52.58
N LEU VA 84 85.74 64.97 51.78
CA LEU VA 84 85.58 65.72 50.55
C LEU VA 84 85.34 67.20 50.82
N ALA VA 85 84.73 67.53 51.96
CA ALA VA 85 84.50 68.92 52.32
C ALA VA 85 85.77 69.59 52.79
N ALA VA 86 86.67 68.85 53.44
CA ALA VA 86 87.97 69.40 53.79
C ALA VA 86 88.81 69.62 52.54
N GLU VA 87 88.70 68.69 51.58
CA GLU VA 87 89.31 68.93 50.27
C GLU VA 87 88.73 70.16 49.61
N ALA VA 88 87.40 70.32 49.68
CA ALA VA 88 86.75 71.51 49.16
C ALA VA 88 87.23 72.76 49.87
N ALA VA 89 87.48 72.66 51.17
CA ALA VA 89 87.92 73.82 51.94
C ALA VA 89 89.34 74.20 51.58
N ARG VA 90 90.20 73.20 51.36
CA ARG VA 90 91.53 73.49 50.85
C ARG VA 90 91.47 74.13 49.48
N VAL VA 91 90.63 73.58 48.60
CA VAL VA 91 90.51 74.13 47.24
C VAL VA 91 89.93 75.54 47.27
N ALA VA 92 89.07 75.82 48.26
CA ALA VA 92 88.48 77.15 48.38
C ALA VA 92 89.48 78.13 48.96
N LYS VA 93 90.24 77.72 49.98
CA LYS VA 93 91.32 78.56 50.49
C LYS VA 93 92.33 78.87 49.37
N GLU VA 94 92.51 77.92 48.45
CA GLU VA 94 93.28 78.21 47.24
C GLU VA 94 92.53 79.15 46.31
N VAL VA 95 91.19 79.07 46.31
CA VAL VA 95 90.40 79.91 45.43
C VAL VA 95 90.00 81.21 46.13
N GLY VA 96 89.26 81.11 47.23
CA GLY VA 96 88.87 82.28 47.99
C GLY VA 96 87.39 82.61 47.94
N ASP VA 97 86.53 81.59 47.91
CA ASP VA 97 85.09 81.79 47.84
C ASP VA 97 84.46 81.42 49.18
N PRO VA 98 83.86 82.37 49.91
CA PRO VA 98 83.25 82.02 51.20
C PRO VA 98 81.94 81.27 51.07
N GLU VA 99 81.14 81.52 50.03
CA GLU VA 99 79.93 80.74 49.81
C GLU VA 99 80.29 79.28 49.53
N LEU VA 100 81.41 79.05 48.85
CA LEU VA 100 81.90 77.69 48.66
C LEU VA 100 82.26 77.04 49.99
N GLU VA 101 82.89 77.79 50.89
CA GLU VA 101 83.21 77.25 52.21
C GLU VA 101 81.94 76.94 53.00
N ARG VA 102 80.94 77.81 52.88
CA ARG VA 102 79.66 77.54 53.54
C ARG VA 102 79.01 76.28 52.99
N LEU VA 103 79.01 76.13 51.66
CA LEU VA 103 78.42 74.95 51.05
C LEU VA 103 79.18 73.69 51.44
N ALA VA 104 80.50 73.78 51.55
CA ALA VA 104 81.30 72.62 51.93
C ALA VA 104 81.03 72.24 53.38
N LEU VA 105 80.98 73.22 54.28
CA LEU VA 105 80.65 72.92 55.67
C LEU VA 105 79.25 72.36 55.79
N LEU VA 106 78.32 72.84 54.95
CA LEU VA 106 76.96 72.33 54.98
C LEU VA 106 76.89 70.90 54.46
N ALA VA 107 77.70 70.57 53.46
CA ALA VA 107 77.75 69.19 52.98
C ALA VA 107 78.38 68.28 54.03
N ALA VA 108 79.37 68.79 54.76
CA ALA VA 108 79.98 68.00 55.83
C ALA VA 108 78.99 67.77 56.96
N VAL VA 109 78.20 68.79 57.31
CA VAL VA 109 77.23 68.65 58.39
C VAL VA 109 76.08 67.76 57.99
N LEU VA 110 75.52 67.96 56.79
CA LEU VA 110 74.46 67.08 56.30
C LEU VA 110 74.99 65.69 56.00
N GLY VA 111 76.31 65.55 55.95
CA GLY VA 111 76.91 64.26 55.65
C GLY VA 111 76.73 63.82 54.22
N ASP VA 112 76.31 64.72 53.34
CA ASP VA 112 76.06 64.42 51.94
C ASP VA 112 77.39 64.37 51.20
N SER VA 113 77.94 63.16 51.06
CA SER VA 113 79.21 63.00 50.34
C SER VA 113 79.06 63.42 48.88
N GLU VA 114 77.85 63.28 48.32
CA GLU VA 114 77.60 63.82 46.99
C GLU VA 114 77.71 65.34 46.99
N LYS VA 115 77.08 66.00 47.96
CA LYS VA 115 77.21 67.45 48.07
C LYS VA 115 78.64 67.85 48.44
N ALA VA 116 79.35 66.98 49.15
CA ALA VA 116 80.74 67.29 49.51
C ALA VA 116 81.65 67.24 48.27
N LYS VA 117 81.48 66.20 47.44
CA LYS VA 117 82.21 66.17 46.17
C LYS VA 117 81.77 67.31 45.27
N ALA VA 118 80.49 67.71 45.36
CA ALA VA 118 80.03 68.88 44.64
C ALA VA 118 80.76 70.13 45.09
N ILE VA 119 80.95 70.29 46.40
CA ILE VA 119 81.66 71.46 46.91
C ILE VA 119 83.13 71.41 46.51
N LEU VA 120 83.72 70.21 46.50
CA LEU VA 120 85.10 70.09 46.06
C LEU VA 120 85.25 70.49 44.60
N LEU VA 121 84.40 69.94 43.73
CA LEU VA 121 84.45 70.26 42.32
C LEU VA 121 84.08 71.73 42.07
N ALA VA 122 83.23 72.31 42.92
CA ALA VA 122 82.85 73.70 42.75
C ALA VA 122 83.97 74.63 43.20
N ALA VA 123 84.69 74.27 44.25
CA ALA VA 123 85.86 75.05 44.64
C ALA VA 123 86.94 74.95 43.58
N GLU VA 124 87.13 73.77 43.01
CA GLU VA 124 88.05 73.62 41.88
C GLU VA 124 87.59 74.44 40.69
N ALA VA 125 86.28 74.46 40.43
CA ALA VA 125 85.74 75.23 39.33
C ALA VA 125 85.94 76.72 39.54
N ALA VA 126 85.74 77.20 40.78
CA ALA VA 126 85.95 78.60 41.08
C ALA VA 126 87.43 78.97 40.96
N ARG VA 127 88.32 78.08 41.39
CA ARG VA 127 89.75 78.33 41.22
C ARG VA 127 90.13 78.38 39.74
N VAL VA 128 89.62 77.44 38.95
CA VAL VA 128 89.95 77.40 37.53
C VAL VA 128 89.34 78.59 36.80
N ALA VA 129 88.19 79.07 37.27
CA ALA VA 129 87.58 80.24 36.66
C ALA VA 129 88.35 81.51 37.01
N LYS VA 130 88.77 81.64 38.27
CA LYS VA 130 89.59 82.78 38.66
C LYS VA 130 90.91 82.78 37.92
N GLU VA 131 91.47 81.59 37.68
CA GLU VA 131 92.71 81.49 36.92
C GLU VA 131 92.48 81.81 35.44
N VAL VA 132 91.34 81.39 34.89
CA VAL VA 132 91.03 81.64 33.49
C VAL VA 132 90.38 83.01 33.31
N GLY VA 133 89.52 83.41 34.25
CA GLY VA 133 88.82 84.67 34.15
C GLY VA 133 87.42 84.47 33.62
N ASP VA 134 86.87 83.27 33.81
CA ASP VA 134 85.56 82.92 33.27
C ASP VA 134 84.49 83.20 34.33
N PRO VA 135 83.77 84.32 34.26
CA PRO VA 135 82.74 84.59 35.26
C PRO VA 135 81.54 83.67 35.17
N GLU VA 136 81.21 83.19 33.97
CA GLU VA 136 80.13 82.20 33.86
C GLU VA 136 80.51 80.91 34.57
N LEU VA 137 81.78 80.51 34.49
CA LEU VA 137 82.23 79.31 35.17
C LEU VA 137 82.16 79.48 36.68
N ILE VA 138 82.58 80.63 37.20
CA ILE VA 138 82.51 80.88 38.64
C ILE VA 138 81.06 80.94 39.09
N LYS VA 139 80.17 81.52 38.28
CA LYS VA 139 78.76 81.56 38.62
C LYS VA 139 78.16 80.16 38.66
N LEU VA 140 78.50 79.32 37.68
CA LEU VA 140 78.02 77.95 37.69
C LEU VA 140 78.58 77.17 38.87
N ALA VA 141 79.83 77.45 39.24
CA ALA VA 141 80.42 76.79 40.40
C ALA VA 141 79.69 77.18 41.68
N LEU VA 142 79.40 78.47 41.85
CA LEU VA 142 78.67 78.91 43.03
C LEU VA 142 77.26 78.34 43.05
N GLU VA 143 76.61 78.27 41.88
CA GLU VA 143 75.28 77.70 41.81
C GLU VA 143 75.28 76.22 42.17
N ALA VA 144 76.31 75.49 41.72
CA ALA VA 144 76.41 74.08 42.06
C ALA VA 144 76.72 73.88 43.54
N ALA VA 145 77.56 74.76 44.11
CA ALA VA 145 77.86 74.67 45.53
C ALA VA 145 76.62 74.92 46.38
N GLU VA 146 75.84 75.94 46.02
CA GLU VA 146 74.58 76.18 46.72
C GLU VA 146 73.59 75.05 46.49
N ARG VA 147 73.62 74.44 45.30
CA ARG VA 147 72.71 73.34 45.00
C ARG VA 147 73.26 72.00 45.48
N GLY VA 148 74.58 71.84 45.46
CA GLY VA 148 75.17 70.58 45.86
C GLY VA 148 75.21 69.57 44.74
N ASP VA 149 75.31 70.05 43.50
CA ASP VA 149 75.30 69.21 42.31
C ASP VA 149 76.74 68.95 41.89
N SER VA 150 77.19 67.70 42.08
CA SER VA 150 78.56 67.35 41.70
C SER VA 150 78.73 67.37 40.19
N GLU VA 151 77.70 66.98 39.44
CA GLU VA 151 77.76 67.04 37.99
C GLU VA 151 77.90 68.49 37.52
N LYS VA 152 77.11 69.39 38.09
CA LYS VA 152 77.18 70.79 37.68
C LYS VA 152 78.50 71.42 38.09
N ALA VA 153 79.03 71.06 39.26
CA ALA VA 153 80.31 71.61 39.69
C ALA VA 153 81.45 71.10 38.82
N LYS VA 154 81.44 69.80 38.50
CA LYS VA 154 82.43 69.26 37.59
C LYS VA 154 82.30 69.87 36.20
N ALA VA 155 81.08 70.16 35.77
CA ALA VA 155 80.88 70.83 34.50
C ALA VA 155 81.45 72.24 34.53
N ILE VA 156 81.25 72.96 35.63
CA ILE VA 156 81.81 74.30 35.76
C ILE VA 156 83.32 74.24 35.76
N LEU VA 157 83.90 73.22 36.41
CA LEU VA 157 85.35 73.07 36.41
C LEU VA 157 85.88 72.78 35.02
N LEU VA 158 85.25 71.83 34.32
CA LEU VA 158 85.68 71.49 32.97
C LEU VA 158 85.46 72.67 32.01
N ALA VA 159 84.42 73.47 32.25
CA ALA VA 159 84.19 74.63 31.40
C ALA VA 159 85.21 75.73 31.66
N ALA VA 160 85.59 75.92 32.93
CA ALA VA 160 86.66 76.88 33.23
C ALA VA 160 87.97 76.41 32.62
N GLU VA 161 88.25 75.11 32.67
CA GLU VA 161 89.46 74.58 32.05
C GLU VA 161 89.41 74.73 30.53
N ALA VA 162 88.24 74.50 29.93
CA ALA VA 162 88.09 74.67 28.49
C ALA VA 162 88.26 76.14 28.10
N ALA VA 163 87.74 77.05 28.91
CA ALA VA 163 87.91 78.47 28.65
C ALA VA 163 89.37 78.88 28.82
N ARG VA 164 90.07 78.30 29.78
CA ARG VA 164 91.50 78.56 29.92
C ARG VA 164 92.27 78.07 28.71
N VAL VA 165 91.97 76.86 28.25
CA VAL VA 165 92.65 76.31 27.07
C VAL VA 165 92.31 77.12 25.83
N ALA VA 166 91.10 77.66 25.77
CA ALA VA 166 90.71 78.48 24.63
C ALA VA 166 91.42 79.83 24.65
N LYS VA 167 91.48 80.47 25.81
CA LYS VA 167 92.18 81.75 25.92
C LYS VA 167 93.67 81.58 25.65
N GLU VA 168 94.25 80.47 26.09
CA GLU VA 168 95.65 80.19 25.78
C GLU VA 168 95.83 79.86 24.31
N VAL VA 169 94.83 79.26 23.69
CA VAL VA 169 94.86 78.97 22.26
C VAL VA 169 94.39 80.18 21.44
N GLY VA 170 93.38 80.88 21.95
CA GLY VA 170 92.81 82.00 21.23
C GLY VA 170 91.57 81.57 20.48
N ASP VA 171 90.95 80.48 20.92
CA ASP VA 171 89.81 79.90 20.23
C ASP VA 171 88.53 80.42 20.85
N PRO VA 172 87.96 81.52 20.34
CA PRO VA 172 86.69 82.02 20.91
C PRO VA 172 85.53 81.08 20.69
N GLU VA 173 85.56 80.22 19.66
CA GLU VA 173 84.56 79.17 19.54
C GLU VA 173 84.65 78.19 20.69
N LEU VA 174 85.88 77.83 21.08
CA LEU VA 174 86.04 76.93 22.22
C LEU VA 174 85.60 77.60 23.52
N ILE VA 175 85.90 78.89 23.69
CA ILE VA 175 85.46 79.60 24.88
C ILE VA 175 83.94 79.69 24.92
N LYS VA 176 83.32 79.90 23.76
CA LYS VA 176 81.86 79.95 23.70
C LYS VA 176 81.26 78.59 24.01
N LEU VA 177 81.86 77.52 23.51
CA LEU VA 177 81.38 76.19 23.82
C LEU VA 177 81.53 75.88 25.30
N ALA VA 178 82.63 76.36 25.91
CA ALA VA 178 82.82 76.17 27.35
C ALA VA 178 81.77 76.92 28.14
N LEU VA 179 81.47 78.17 27.75
CA LEU VA 179 80.43 78.92 28.44
C LEU VA 179 79.07 78.27 28.26
N GLU VA 180 78.80 77.74 27.07
CA GLU VA 180 77.53 77.08 26.82
C GLU VA 180 77.41 75.79 27.64
N ALA VA 181 78.51 75.07 27.80
CA ALA VA 181 78.50 73.87 28.63
C ALA VA 181 78.35 74.22 30.10
N ALA VA 182 78.96 75.32 30.54
CA ALA VA 182 78.80 75.76 31.91
C ALA VA 182 77.35 76.16 32.18
N ARG VA 183 76.73 76.89 31.26
CA ARG VA 183 75.32 77.22 31.39
C ARG VA 183 74.44 75.98 31.34
N ARG VA 184 74.83 74.99 30.53
CA ARG VA 184 74.07 73.75 30.43
C ARG VA 184 74.43 72.78 31.55
N GLY VA 185 75.63 72.92 32.12
CA GLY VA 185 76.05 72.00 33.15
C GLY VA 185 76.48 70.67 32.57
N ASP VA 186 76.86 70.67 31.30
CA ASP VA 186 77.29 69.45 30.61
C ASP VA 186 78.80 69.34 30.73
N SER VA 187 79.26 68.53 31.68
CA SER VA 187 80.70 68.31 31.82
C SER VA 187 81.27 67.63 30.59
N GLU VA 188 80.48 66.82 29.90
CA GLU VA 188 80.94 66.20 28.65
C GLU VA 188 81.19 67.25 27.59
N LYS VA 189 80.26 68.19 27.41
CA LYS VA 189 80.46 69.25 26.44
C LYS VA 189 81.63 70.15 26.82
N ALA VA 190 81.80 70.41 28.12
CA ALA VA 190 82.91 71.24 28.57
C ALA VA 190 84.26 70.55 28.34
N LYS VA 191 84.31 69.24 28.58
CA LYS VA 191 85.54 68.49 28.32
C LYS VA 191 85.81 68.41 26.82
N ALA VA 192 84.76 68.28 26.02
CA ALA VA 192 84.93 68.33 24.57
C ALA VA 192 85.46 69.70 24.13
N ILE VA 193 84.98 70.77 24.77
CA ILE VA 193 85.48 72.09 24.45
C ILE VA 193 86.94 72.24 24.86
N LEU VA 194 87.31 71.63 25.98
CA LEU VA 194 88.71 71.68 26.42
C LEU VA 194 89.61 70.92 25.44
N LEU VA 195 89.20 69.72 25.05
CA LEU VA 195 89.97 68.94 24.08
C LEU VA 195 90.03 69.66 22.74
N ALA VA 196 88.95 70.32 22.34
CA ALA VA 196 88.94 71.06 21.08
C ALA VA 196 89.85 72.27 21.15
N ALA VA 197 89.88 72.97 22.30
CA ALA VA 197 90.79 74.09 22.46
C ALA VA 197 92.24 73.63 22.45
N GLU VA 198 92.51 72.46 23.04
CA GLU VA 198 93.87 71.91 22.98
C GLU VA 198 94.24 71.53 21.57
N ALA VA 199 93.32 70.91 20.83
CA ALA VA 199 93.59 70.55 19.44
C ALA VA 199 93.80 71.79 18.58
N ALA VA 200 93.03 72.85 18.83
CA ALA VA 200 93.19 74.09 18.09
C ALA VA 200 94.51 74.77 18.45
N ARG VA 201 94.93 74.68 19.72
CA ARG VA 201 96.23 75.20 20.11
C ARG VA 201 97.35 74.46 19.39
N VAL VA 202 97.23 73.13 19.31
CA VAL VA 202 98.24 72.35 18.60
C VAL VA 202 98.24 72.67 17.12
N ALA VA 203 97.06 72.90 16.55
CA ALA VA 203 96.95 73.25 15.13
C ALA VA 203 97.57 74.62 14.86
N LYS VA 204 97.34 75.58 15.74
CA LYS VA 204 97.94 76.90 15.58
C LYS VA 204 99.46 76.85 15.77
N GLU VA 205 99.93 76.07 16.74
CA GLU VA 205 101.37 75.96 16.95
C GLU VA 205 102.06 75.24 15.81
N VAL VA 206 101.37 74.28 15.18
CA VAL VA 206 101.92 73.57 14.03
C VAL VA 206 101.61 74.31 12.74
N GLY VA 207 100.36 74.70 12.53
CA GLY VA 207 99.96 75.36 11.31
C GLY VA 207 98.98 74.52 10.53
N ASP VA 208 98.22 73.68 11.22
CA ASP VA 208 97.25 72.79 10.58
C ASP VA 208 95.88 73.43 10.64
N PRO VA 209 95.54 74.29 9.67
CA PRO VA 209 94.23 74.94 9.69
C PRO VA 209 93.06 73.97 9.59
N GLU VA 210 93.23 72.84 8.90
CA GLU VA 210 92.18 71.83 8.90
C GLU VA 210 92.00 71.23 10.29
N LEU VA 211 93.09 71.09 11.04
CA LEU VA 211 92.98 70.59 12.40
C LEU VA 211 92.27 71.58 13.30
N ILE VA 212 92.61 72.87 13.18
CA ILE VA 212 91.92 73.89 13.96
C ILE VA 212 90.45 73.95 13.56
N LYS VA 213 90.15 73.74 12.28
CA LYS VA 213 88.78 73.74 11.81
C LYS VA 213 88.00 72.56 12.40
N LEU VA 214 88.60 71.37 12.40
CA LEU VA 214 87.95 70.22 13.01
C LEU VA 214 87.77 70.42 14.51
N ALA VA 215 88.73 71.09 15.15
CA ALA VA 215 88.61 71.39 16.57
C ALA VA 215 87.45 72.33 16.84
N LEU VA 216 87.33 73.39 16.03
CA LEU VA 216 86.20 74.30 16.19
C LEU VA 216 84.87 73.59 15.91
N GLU VA 217 84.86 72.69 14.92
CA GLU VA 217 83.65 71.94 14.61
C GLU VA 217 83.26 71.02 15.76
N ALA VA 218 84.25 70.38 16.38
CA ALA VA 218 83.97 69.53 17.53
C ALA VA 218 83.51 70.35 18.73
N ALA VA 219 84.09 71.54 18.91
CA ALA VA 219 83.66 72.42 20.00
C ALA VA 219 82.22 72.86 19.80
N ARG VA 220 81.86 73.20 18.57
CA ARG VA 220 80.47 73.51 18.26
C ARG VA 220 79.58 72.30 18.43
N ARG VA 221 80.10 71.10 18.18
CA ARG VA 221 79.31 69.88 18.32
C ARG VA 221 79.36 69.35 19.75
N GLY VA 222 80.54 69.33 20.36
CA GLY VA 222 80.69 68.82 21.71
C GLY VA 222 81.06 67.36 21.76
N ASP VA 223 81.83 66.90 20.78
CA ASP VA 223 82.26 65.51 20.69
C ASP VA 223 83.66 65.38 21.28
N SER VA 224 83.73 64.90 22.52
CA SER VA 224 85.02 64.74 23.17
C SER VA 224 85.86 63.66 22.48
N ARG VA 225 85.21 62.65 21.91
CA ARG VA 225 85.95 61.62 21.17
C ARG VA 225 86.58 62.20 19.91
N LYS VA 226 85.78 62.91 19.11
CA LYS VA 226 86.33 63.52 17.90
C LYS VA 226 87.37 64.58 18.24
N ALA VA 227 87.14 65.34 19.32
CA ALA VA 227 88.10 66.37 19.71
C ALA VA 227 89.41 65.74 20.17
N GLU VA 228 89.33 64.64 20.91
CA GLU VA 228 90.53 63.94 21.35
C GLU VA 228 91.26 63.33 20.17
N ALA VA 229 90.51 62.81 19.19
CA ALA VA 229 91.15 62.28 17.98
C ALA VA 229 91.83 63.38 17.20
N ILE VA 230 91.21 64.57 17.14
CA ILE VA 230 91.82 65.70 16.45
C ILE VA 230 93.07 66.15 17.20
N LEU VA 231 93.04 66.12 18.53
CA LEU VA 231 94.23 66.48 19.30
C LEU VA 231 95.35 65.46 19.09
N LEU VA 232 95.01 64.17 19.04
CA LEU VA 232 96.01 63.14 18.79
C LEU VA 232 96.61 63.30 17.39
N ALA VA 233 95.77 63.59 16.40
CA ALA VA 233 96.25 63.81 15.05
C ALA VA 233 97.10 65.08 14.98
N ALA VA 234 96.75 66.10 15.76
CA ALA VA 234 97.53 67.32 15.77
C ALA VA 234 98.90 67.09 16.40
N GLU VA 235 98.96 66.33 17.49
CA GLU VA 235 100.25 65.98 18.08
C GLU VA 235 101.06 65.12 17.12
N ALA VA 236 100.39 64.21 16.40
CA ALA VA 236 101.10 63.39 15.42
C ALA VA 236 101.65 64.23 14.29
N ALA VA 237 100.88 65.21 13.81
CA ALA VA 237 101.35 66.09 12.75
C ALA VA 237 102.46 67.02 13.25
N ARG VA 238 102.40 67.38 14.54
CA ARG VA 238 103.49 68.17 15.12
C ARG VA 238 104.77 67.37 15.18
N ILE VA 239 104.68 66.11 15.60
CA ILE VA 239 105.84 65.23 15.59
C ILE VA 239 106.33 65.02 14.16
N ALA VA 240 105.40 64.98 13.20
CA ALA VA 240 105.78 64.82 11.80
C ALA VA 240 106.55 66.03 11.29
N LYS VA 241 106.05 67.23 11.60
CA LYS VA 241 106.76 68.45 11.22
C LYS VA 241 108.12 68.53 11.91
N GLU VA 242 108.19 68.08 13.17
CA GLU VA 242 109.48 68.02 13.85
C GLU VA 242 110.41 67.02 13.18
N ALA VA 243 109.85 65.97 12.57
CA ALA VA 243 110.64 65.00 11.83
C ALA VA 243 110.75 65.35 10.35
N GLY VA 244 109.64 65.75 9.73
CA GLY VA 244 109.65 66.07 8.31
C GLY VA 244 108.82 65.12 7.47
N ASP VA 245 107.75 64.58 8.05
CA ASP VA 245 106.87 63.65 7.34
C ASP VA 245 105.57 64.35 7.00
N PRO VA 246 105.50 65.07 5.89
CA PRO VA 246 104.24 65.76 5.55
C PRO VA 246 103.13 64.78 5.19
N GLU VA 247 103.52 63.61 4.68
CA GLU VA 247 102.55 62.55 4.46
C GLU VA 247 101.92 62.11 5.77
N ALA VA 248 102.70 62.07 6.85
CA ALA VA 248 102.15 61.75 8.16
C ALA VA 248 101.19 62.84 8.62
N ARG VA 249 101.54 64.11 8.39
CA ARG VA 249 100.64 65.19 8.76
C ARG VA 249 99.33 65.13 7.96
N LYS VA 250 99.42 64.76 6.69
CA LYS VA 250 98.22 64.63 5.86
C LYS VA 250 97.37 63.45 6.32
N LYS VA 251 98.00 62.32 6.66
CA LYS VA 251 97.25 61.20 7.19
C LYS VA 251 96.60 61.55 8.52
N ALA VA 252 97.28 62.34 9.34
CA ALA VA 252 96.69 62.81 10.59
C ALA VA 252 95.50 63.71 10.31
N LEU VA 253 95.61 64.58 9.31
CA LEU VA 253 94.46 65.40 8.93
C LEU VA 253 93.29 64.54 8.48
N GLU VA 254 93.58 63.50 7.69
CA GLU VA 254 92.52 62.61 7.22
C GLU VA 254 91.87 61.86 8.37
N ALA VA 255 92.67 61.41 9.33
CA ALA VA 255 92.13 60.69 10.48
C ALA VA 255 91.32 61.61 11.38
N ALA VA 256 91.80 62.85 11.59
CA ALA VA 256 91.05 63.80 12.40
C ALA VA 256 89.73 64.17 11.73
N ARG VA 257 89.75 64.29 10.39
CA ARG VA 257 88.49 64.46 9.66
C ARG VA 257 87.61 63.23 9.80
N ARG VA 258 88.22 62.05 9.93
CA ARG VA 258 87.45 60.84 10.19
C ARG VA 258 86.97 60.77 11.64
N GLY VA 259 87.72 61.38 12.57
CA GLY VA 259 87.31 61.43 13.96
C GLY VA 259 87.81 60.30 14.83
N ASP VA 260 88.58 59.37 14.28
CA ASP VA 260 89.14 58.29 15.07
C ASP VA 260 90.54 58.65 15.55
N ARG VA 261 90.89 58.14 16.74
CA ARG VA 261 92.19 58.38 17.33
C ARG VA 261 93.13 57.19 17.23
N GLU VA 262 92.64 56.02 16.84
CA GLU VA 262 93.52 54.85 16.70
C GLU VA 262 94.52 55.06 15.56
N LEU VA 263 94.03 55.51 14.41
CA LEU VA 263 94.94 55.78 13.29
C LEU VA 263 95.87 56.94 13.61
N ALA VA 264 95.37 57.95 14.32
CA ALA VA 264 96.22 59.07 14.72
C ALA VA 264 97.34 58.59 15.64
N THR VA 265 97.02 57.70 16.58
CA THR VA 265 98.02 57.16 17.48
C THR VA 265 99.02 56.29 16.73
N ARG VA 266 98.54 55.50 15.77
CA ARG VA 266 99.44 54.67 14.98
C ARG VA 266 100.39 55.53 14.16
N ILE VA 267 99.89 56.61 13.58
CA ILE VA 267 100.75 57.51 12.80
C ILE VA 267 101.74 58.21 13.72
N LEU VA 268 101.30 58.64 14.90
CA LEU VA 268 102.22 59.23 15.86
C LEU VA 268 103.28 58.24 16.28
N ILE VA 269 102.92 56.97 16.38
CA ILE VA 269 103.89 55.94 16.74
C ILE VA 269 104.89 55.73 15.62
N GLU VA 270 104.44 55.73 14.38
CA GLU VA 270 105.37 55.59 13.26
C GLU VA 270 106.31 56.78 13.18
N ALA VA 271 105.78 57.99 13.39
CA ALA VA 271 106.62 59.18 13.37
C ALA VA 271 107.61 59.15 14.53
N LEU VA 272 107.17 58.69 15.70
CA LEU VA 272 108.08 58.58 16.84
C LEU VA 272 109.14 57.53 16.59
N LEU VA 273 108.79 56.46 15.87
CA LEU VA 273 109.79 55.45 15.53
C LEU VA 273 110.83 56.00 14.58
N ARG VA 274 110.39 56.75 13.57
CA ARG VA 274 111.35 57.39 12.68
C ARG VA 274 112.24 58.38 13.43
N LEU VA 275 111.64 59.22 14.27
CA LEU VA 275 112.40 60.17 15.05
C LEU VA 275 113.32 59.47 16.02
N LEU VA 276 112.93 58.28 16.50
CA LEU VA 276 113.76 57.53 17.41
C LEU VA 276 114.96 56.92 16.70
N LYS VA 277 114.75 56.44 15.48
CA LYS VA 277 115.89 55.98 14.69
C LYS VA 277 116.84 57.13 14.40
N LYS VA 278 116.30 58.31 14.09
CA LYS VA 278 117.14 59.47 13.86
C LYS VA 278 117.92 59.85 15.12
N SER VA 279 117.24 59.86 16.27
CA SER VA 279 117.88 60.19 17.53
C SER VA 279 118.91 59.14 17.92
N THR VA 280 118.68 57.88 17.53
CA THR VA 280 119.64 56.83 17.80
C THR VA 280 120.90 57.02 16.96
N ALA VA 281 120.72 57.38 15.69
CA ALA VA 281 121.88 57.72 14.87
C ALA VA 281 122.63 58.91 15.44
N GLU VA 282 121.89 59.94 15.87
CA GLU VA 282 122.53 61.13 16.45
C GLU VA 282 123.25 60.78 17.75
N LEU VA 283 122.69 59.89 18.55
CA LEU VA 283 123.32 59.52 19.81
C LEU VA 283 124.55 58.66 19.58
N LYS VA 284 124.51 57.79 18.57
CA LYS VA 284 125.71 57.04 18.21
C LYS VA 284 126.81 57.97 17.72
N ARG VA 285 126.45 58.97 16.91
CA ARG VA 285 127.43 59.96 16.48
C ARG VA 285 127.99 60.75 17.66
N ALA VA 286 127.13 61.12 18.60
CA ALA VA 286 127.58 61.87 19.77
C ALA VA 286 128.48 61.03 20.65
N THR VA 287 128.19 59.74 20.79
CA THR VA 287 129.05 58.85 21.56
C THR VA 287 130.39 58.67 20.88
N ALA VA 288 130.40 58.55 19.55
CA ALA VA 288 131.66 58.48 18.82
C ALA VA 288 132.47 59.75 19.00
N SER VA 289 131.80 60.91 18.95
CA SER VA 289 132.49 62.18 19.14
C SER VA 289 133.04 62.31 20.56
N LEU VA 290 132.29 61.84 21.55
CA LEU VA 290 132.76 61.89 22.93
C LEU VA 290 133.95 60.95 23.13
N ARG VA 291 133.91 59.77 22.53
CA ARG VA 291 135.04 58.85 22.62
C ARG VA 291 136.26 59.44 21.90
N ALA VA 292 136.04 60.15 20.79
CA ALA VA 292 137.15 60.78 20.09
C ALA VA 292 137.76 61.90 20.92
N ILE VA 293 136.93 62.72 21.55
CA ILE VA 293 137.44 63.78 22.42
C ILE VA 293 138.17 63.18 23.62
N THR VA 294 137.68 62.04 24.12
CA THR VA 294 138.36 61.36 25.22
C THR VA 294 139.72 60.85 24.78
N GLU VA 295 139.80 60.26 23.59
CA GLU VA 295 141.09 59.80 23.07
C GLU VA 295 142.04 60.96 22.83
N GLU VA 296 141.50 62.11 22.41
CA GLU VA 296 142.33 63.29 22.21
C GLU VA 296 142.86 63.82 23.53
N LEU VA 297 142.00 63.89 24.55
CA LEU VA 297 142.47 64.29 25.87
C LEU VA 297 143.44 63.27 26.46
N LYS VA 298 143.30 62.01 26.06
CA LYS VA 298 144.23 60.97 26.52
C LYS VA 298 145.59 61.11 25.87
N LYS VA 299 145.63 61.39 24.56
CA LYS VA 299 146.90 61.48 23.86
C LYS VA 299 147.70 62.70 24.29
N ASN VA 300 147.03 63.80 24.60
CA ASN VA 300 147.71 65.01 25.05
C ASN VA 300 146.79 65.79 25.98
N PRO VA 301 146.80 65.49 27.28
CA PRO VA 301 145.90 66.19 28.19
C PRO VA 301 146.41 67.57 28.55
N SER VA 302 145.47 68.52 28.60
CA SER VA 302 145.78 69.91 28.88
C SER VA 302 144.47 70.62 29.22
N GLU VA 303 144.55 71.94 29.32
CA GLU VA 303 143.34 72.74 29.55
C GLU VA 303 142.35 72.56 28.41
N ASP VA 304 142.80 72.74 27.17
CA ASP VA 304 141.91 72.59 26.02
C ASP VA 304 141.45 71.14 25.86
N ALA VA 305 142.33 70.19 26.17
CA ALA VA 305 141.97 68.78 26.01
C ALA VA 305 140.90 68.37 27.00
N LEU VA 306 141.10 68.67 28.28
CA LEU VA 306 140.07 68.36 29.28
C LEU VA 306 138.80 69.15 29.02
N VAL VA 307 138.94 70.39 28.54
CA VAL VA 307 137.78 71.21 28.21
C VAL VA 307 136.95 70.53 27.11
N GLU VA 308 137.61 70.09 26.04
CA GLU VA 308 136.90 69.47 24.94
C GLU VA 308 136.32 68.12 25.35
N HIS VA 309 137.04 67.35 26.17
CA HIS VA 309 136.51 66.07 26.62
C HIS VA 309 135.28 66.25 27.48
N ASN VA 310 135.32 67.19 28.42
CA ASN VA 310 134.16 67.45 29.26
C ASN VA 310 133.00 68.03 28.46
N ARG VA 311 133.30 68.89 27.48
CA ARG VA 311 132.25 69.43 26.63
C ARG VA 311 131.60 68.35 25.80
N ALA VA 312 132.39 67.40 25.29
CA ALA VA 312 131.83 66.29 24.53
C ALA VA 312 131.00 65.38 25.42
N ILE VA 313 131.45 65.17 26.67
CA ILE VA 313 130.68 64.36 27.60
C ILE VA 313 129.34 65.03 27.90
N VAL VA 314 129.36 66.35 28.10
CA VAL VA 314 128.11 67.07 28.37
C VAL VA 314 127.21 67.07 27.14
N GLU VA 315 127.81 67.17 25.94
CA GLU VA 315 127.01 67.13 24.73
C GLU VA 315 126.37 65.76 24.54
N HIS VA 316 127.10 64.69 24.85
CA HIS VA 316 126.53 63.35 24.78
C HIS VA 316 125.42 63.19 25.81
N ASN VA 317 125.61 63.75 27.02
CA ASN VA 317 124.57 63.69 28.03
C ASN VA 317 123.33 64.45 27.59
N ALA VA 318 123.52 65.60 26.95
CA ALA VA 318 122.37 66.39 26.48
C ALA VA 318 121.66 65.69 25.34
N ILE VA 319 122.43 65.05 24.44
CA ILE VA 319 121.81 64.31 23.34
C ILE VA 319 121.04 63.11 23.89
N ILE VA 320 121.58 62.45 24.91
CA ILE VA 320 120.89 61.35 25.54
C ILE VA 320 119.62 61.84 26.23
N VAL VA 321 119.69 63.02 26.84
CA VAL VA 321 118.50 63.60 27.48
C VAL VA 321 117.45 63.93 26.44
N GLU VA 322 117.87 64.42 25.28
CA GLU VA 322 116.92 64.74 24.22
C GLU VA 322 116.28 63.47 23.66
N ASN VA 323 117.10 62.43 23.45
CA ASN VA 323 116.55 61.16 22.97
C ASN VA 323 115.61 60.55 24.01
N ASN VA 324 115.94 60.68 25.29
CA ASN VA 324 115.06 60.19 26.34
C ASN VA 324 113.78 60.99 26.40
N ARG VA 325 113.86 62.30 26.12
CA ARG VA 325 112.65 63.12 26.08
C ARG VA 325 111.76 62.72 24.91
N ILE VA 326 112.38 62.41 23.77
CA ILE VA 326 111.60 61.93 22.63
C ILE VA 326 110.95 60.59 22.95
N ILE VA 327 111.70 59.70 23.60
CA ILE VA 327 111.15 58.41 23.98
C ILE VA 327 110.03 58.58 25.00
N ALA VA 328 110.17 59.55 25.90
CA ALA VA 328 109.14 59.81 26.89
C ALA VA 328 107.89 60.37 26.23
N MET VA 329 108.05 61.24 25.25
CA MET VA 329 106.90 61.74 24.50
C MET VA 329 106.20 60.62 23.77
N VAL VA 330 106.98 59.72 23.14
CA VAL VA 330 106.39 58.59 22.44
C VAL VA 330 105.65 57.67 23.43
N LEU VA 331 106.23 57.45 24.60
CA LEU VA 331 105.59 56.61 25.59
C LEU VA 331 104.33 57.26 26.14
N GLU VA 332 104.35 58.58 26.33
CA GLU VA 332 103.15 59.27 26.76
C GLU VA 332 102.06 59.20 25.71
N ALA VA 333 102.45 59.25 24.43
CA ALA VA 333 101.48 59.07 23.36
C ALA VA 333 100.89 57.68 23.40
N ILE VA 334 101.73 56.67 23.59
CA ILE VA 334 101.24 55.30 23.69
C ILE VA 334 100.30 55.14 24.88
N VAL VA 335 100.61 55.83 25.99
CA VAL VA 335 99.78 55.73 27.17
C VAL VA 335 98.43 56.40 26.94
N ARG VA 336 98.45 57.60 26.36
CA ARG VA 336 97.20 58.27 26.03
C ARG VA 336 96.40 57.47 25.02
N ALA VA 337 97.07 56.68 24.19
CA ALA VA 337 96.38 55.81 23.26
C ALA VA 337 95.93 54.50 23.90
N ILE VA 338 96.76 53.90 24.74
CA ILE VA 338 96.40 52.65 25.40
C ILE VA 338 95.56 52.97 26.64
#